data_6RVW
#
_entry.id   6RVW
#
_cell.length_a   1.00
_cell.length_b   1.00
_cell.length_c   1.00
_cell.angle_alpha   90.00
_cell.angle_beta   90.00
_cell.angle_gamma   90.00
#
_symmetry.space_group_name_H-M   'P 1'
#
loop_
_entity.id
_entity.type
_entity.pdbx_description
1 polymer 'Transcription attenuation protein MtrB'
2 non-polymer 'GOLD ION'
#
_entity_poly.entity_id   1
_entity_poly.type   'polypeptide(L)'
_entity_poly.pdbx_seq_one_letter_code
;MYTNSDFVVIKALEDGVNVIGLTRGADTRFHHSECLDKGEVLIAQFTEHTSAIKVRGKAYIQTSHGVIESEGKK
;
_entity_poly.pdbx_strand_id   AA,AB,AC,AD,AE,AF,AG,AH,AI,AJ,AK,BA,BB,BC,BD,BE,BF,BG,BH,BI,BJ,BK,CA,CB,CC,CD,CE,CF,CG,CH,CI,CJ,CK,DA,DB,DC,DD,DE,DF,DG,DH,DI,DJ,DK,EA,EB,EC,ED,EE,EF,EG,EH,EI,EJ,EK,FA,FB,FC,FD,FE,FF,FG,FH,FI,FJ,FK,GA,GB,GC,GD,GE,GF,GG,GH,GI,GJ,GK,HA,HB,HC,HD,HE,HF,HG,HH,HI,HJ,HK,IA,IB,IC,ID,IE,IF,IG,IH,II,IJ,IK,JA,JB,JC,JD,JE,JF,JG,JH,JI,JJ,JK,KA,KB,KC,KD,KE,KF,KG,KH,KI,KJ,KK,LA,LB,LC,LD,LE,LF,LG,LH,LI,LJ,LK,MA,MB,MC,MD,ME,MF,MG,MH,MI,MJ,MK,NA,NB,NC,ND,NE,NF,NG,NH,NI,NJ,NK,OA,OB,OC,OD,OE,OF,OG,OH,OI,OJ,OK,PA,PB,PC,PD,PE,PF,PG,PH,PI,PJ,PK,QA,QB,QC,QD,QE,QF,QG,QH,QI,QJ,QK,RA,RB,RC,RD,RE,RF,RG,RH,RI,RJ,RK,SA,SB,SC,SD,SE,SF,SG,SH,SI,SJ,SK,TA,TB,TC,TD,TE,TF,TG,TH,TI,TJ,TK,UA,UB,UC,UD,UE,UF,UG,UH,UI,UJ,UK,VA,VB,VC,VD,VE,VF,VG,VH,VI,VJ,VK,WA,WB,WC,WD,WE,WF,WG,WH,WI,WJ,WK,XA,XB,XC,XD,XE,XF,XG,XH,XI,XJ,XK
#
loop_
_chem_comp.id
_chem_comp.type
_chem_comp.name
_chem_comp.formula
AU non-polymer 'GOLD ION' 'Au 1'
#
# COMPACT_ATOMS: atom_id res chain seq x y z
N ASP A 6 7.35 82.63 -51.59
CA ASP A 6 8.09 81.53 -50.98
C ASP A 6 9.59 81.65 -51.18
N PHE A 7 10.01 82.51 -52.11
CA PHE A 7 11.41 82.61 -52.45
C PHE A 7 11.77 84.04 -52.83
N VAL A 8 13.05 84.36 -52.67
CA VAL A 8 13.57 85.69 -52.94
C VAL A 8 14.67 85.58 -53.98
N VAL A 9 14.93 86.70 -54.67
CA VAL A 9 15.93 86.76 -55.71
C VAL A 9 16.90 87.88 -55.39
N ILE A 10 18.17 87.53 -55.20
CA ILE A 10 19.18 88.50 -54.79
C ILE A 10 20.22 88.60 -55.89
N LYS A 11 20.33 89.75 -56.52
CA LYS A 11 21.36 90.01 -57.50
C LYS A 11 22.46 90.80 -56.83
N ALA A 12 23.66 90.23 -56.75
CA ALA A 12 24.74 90.91 -56.06
C ALA A 12 25.38 91.95 -56.97
N LEU A 13 25.13 93.22 -56.69
CA LEU A 13 25.63 94.31 -57.51
C LEU A 13 27.07 94.65 -57.20
N GLU A 14 27.65 94.12 -56.13
CA GLU A 14 29.05 94.35 -55.80
C GLU A 14 29.61 93.07 -55.23
N ASP A 15 30.93 93.02 -55.12
CA ASP A 15 31.59 91.81 -54.67
C ASP A 15 31.42 91.61 -53.18
N GLY A 16 31.55 90.37 -52.74
CA GLY A 16 31.54 90.05 -51.34
C GLY A 16 30.22 90.25 -50.63
N VAL A 17 29.10 90.09 -51.33
CA VAL A 17 27.81 90.27 -50.68
C VAL A 17 27.49 89.04 -49.85
N ASN A 18 27.23 89.24 -48.58
CA ASN A 18 26.97 88.13 -47.66
C ASN A 18 25.48 87.90 -47.55
N VAL A 19 25.09 86.63 -47.47
CA VAL A 19 23.71 86.24 -47.26
C VAL A 19 23.70 85.26 -46.10
N ILE A 20 23.00 85.59 -45.03
CA ILE A 20 23.06 84.84 -43.78
C ILE A 20 21.75 84.11 -43.58
N GLY A 21 21.83 82.79 -43.42
CA GLY A 21 20.65 81.98 -43.20
C GLY A 21 20.55 80.81 -44.14
N SER A 33 25.90 80.73 -43.87
CA SER A 33 26.38 81.93 -44.54
C SER A 33 26.86 81.61 -45.95
N GLU A 34 26.57 82.51 -46.89
CA GLU A 34 27.01 82.38 -48.27
C GLU A 34 27.57 83.70 -48.75
N CYS A 35 28.51 83.65 -49.69
CA CYS A 35 29.11 84.86 -50.25
C CYS A 35 28.87 84.88 -51.75
N LEU A 36 28.59 86.06 -52.29
CA LEU A 36 28.34 86.24 -53.71
C LEU A 36 29.28 87.29 -54.27
N ASP A 37 29.68 87.09 -55.51
CA ASP A 37 30.47 88.06 -56.25
C ASP A 37 29.57 88.91 -57.12
N LYS A 38 30.17 89.89 -57.79
CA LYS A 38 29.39 90.84 -58.59
C LYS A 38 28.82 90.17 -59.83
N GLY A 39 27.52 90.32 -60.02
CA GLY A 39 26.84 89.79 -61.17
C GLY A 39 26.14 88.47 -60.93
N GLU A 40 26.43 87.79 -59.84
CA GLU A 40 25.74 86.55 -59.55
C GLU A 40 24.34 86.84 -59.03
N VAL A 41 23.48 85.83 -59.12
CA VAL A 41 22.10 85.91 -58.67
C VAL A 41 21.79 84.66 -57.89
N LEU A 42 21.33 84.83 -56.66
CA LEU A 42 20.94 83.72 -55.81
C LEU A 42 19.43 83.73 -55.63
N ILE A 43 18.78 82.62 -55.96
CA ILE A 43 17.36 82.45 -55.73
C ILE A 43 17.21 81.53 -54.53
N ALA A 44 16.65 82.05 -53.45
CA ALA A 44 16.65 81.34 -52.18
C ALA A 44 15.22 81.10 -51.73
N GLN A 45 14.92 79.85 -51.42
CA GLN A 45 13.63 79.48 -50.86
C GLN A 45 13.74 79.37 -49.34
N PHE A 46 12.60 79.55 -48.68
CA PHE A 46 12.57 79.44 -47.24
C PHE A 46 12.28 78.01 -46.81
N THR A 47 13.22 77.42 -46.08
CA THR A 47 13.02 76.10 -45.52
C THR A 47 12.39 76.25 -44.15
N GLU A 48 12.35 75.14 -43.41
CA GLU A 48 11.99 75.21 -42.01
C GLU A 48 13.12 75.86 -41.21
N HIS A 49 14.36 75.50 -41.53
CA HIS A 49 15.52 76.05 -40.86
C HIS A 49 15.74 77.53 -41.16
N THR A 50 15.85 77.88 -42.43
CA THR A 50 16.06 79.26 -42.84
C THR A 50 14.74 80.01 -42.67
N SER A 51 14.59 80.65 -41.52
CA SER A 51 13.41 81.46 -41.24
C SER A 51 13.70 82.94 -41.29
N ALA A 52 14.94 83.33 -41.51
CA ALA A 52 15.31 84.73 -41.60
C ALA A 52 16.55 84.84 -42.47
N ILE A 53 16.58 85.85 -43.32
CA ILE A 53 17.67 86.05 -44.26
C ILE A 53 18.15 87.49 -44.13
N LYS A 54 19.43 87.66 -43.85
CA LYS A 54 20.04 88.96 -43.72
C LYS A 54 21.00 89.18 -44.87
N VAL A 55 20.95 90.36 -45.47
CA VAL A 55 21.73 90.68 -46.66
C VAL A 55 22.60 91.88 -46.36
N ARG A 56 23.91 91.74 -46.55
CA ARG A 56 24.85 92.83 -46.37
C ARG A 56 25.35 93.30 -47.72
N GLY A 57 25.94 94.48 -47.76
CA GLY A 57 26.55 95.00 -48.97
C GLY A 57 25.51 95.46 -49.98
N LYS A 58 26.01 95.88 -51.13
CA LYS A 58 25.14 96.41 -52.16
C LYS A 58 24.56 95.26 -52.97
N ALA A 59 23.24 95.10 -52.90
CA ALA A 59 22.57 94.04 -53.62
C ALA A 59 21.17 94.51 -53.98
N TYR A 60 20.57 93.82 -54.94
CA TYR A 60 19.26 94.17 -55.47
C TYR A 60 18.33 92.98 -55.27
N ILE A 61 17.32 93.15 -54.43
CA ILE A 61 16.48 92.05 -53.98
C ILE A 61 15.09 92.21 -54.59
N GLN A 62 14.57 91.11 -55.13
CA GLN A 62 13.19 91.01 -55.56
C GLN A 62 12.49 89.99 -54.68
N THR A 63 11.41 90.41 -54.04
CA THR A 63 10.55 89.53 -53.27
C THR A 63 9.15 89.57 -53.88
N SER A 64 8.21 88.93 -53.18
CA SER A 64 6.83 89.01 -53.60
C SER A 64 6.25 90.40 -53.37
N HIS A 65 6.74 91.09 -52.35
CA HIS A 65 6.26 92.43 -52.01
C HIS A 65 6.84 93.50 -52.92
N GLY A 66 7.80 93.18 -53.77
CA GLY A 66 8.39 94.15 -54.65
C GLY A 66 9.89 94.05 -54.62
N VAL A 67 10.56 95.13 -55.00
CA VAL A 67 12.00 95.18 -55.08
C VAL A 67 12.53 96.12 -54.01
N ILE A 68 13.82 95.96 -53.71
CA ILE A 68 14.49 96.76 -52.70
C ILE A 68 15.99 96.69 -52.99
N GLU A 69 16.75 97.63 -52.44
CA GLU A 69 18.17 97.73 -52.73
C GLU A 69 18.96 97.85 -51.44
N SER A 70 19.57 96.75 -51.03
CA SER A 70 20.39 96.75 -49.83
C SER A 70 21.73 97.39 -50.14
N GLU A 71 22.30 98.06 -49.15
CA GLU A 71 23.61 98.68 -49.31
C GLU A 71 24.59 98.25 -48.22
N ASP B 6 6.96 78.19 -58.17
CA ASP B 6 7.57 76.91 -57.84
C ASP B 6 8.77 76.59 -58.71
N PHE B 7 8.94 77.31 -59.81
CA PHE B 7 9.98 77.00 -60.77
C PHE B 7 10.49 78.26 -61.43
N VAL B 8 11.74 78.19 -61.89
CA VAL B 8 12.43 79.31 -62.52
C VAL B 8 12.84 78.90 -63.93
N VAL B 9 13.05 79.91 -64.77
CA VAL B 9 13.42 79.69 -66.16
C VAL B 9 14.70 80.46 -66.43
N ILE B 10 15.77 79.76 -66.80
CA ILE B 10 17.07 80.37 -67.00
C ILE B 10 17.47 80.17 -68.45
N LYS B 11 17.58 81.27 -69.20
CA LYS B 11 18.07 81.23 -70.56
C LYS B 11 19.53 81.64 -70.54
N ALA B 12 20.42 80.73 -70.94
CA ALA B 12 21.84 81.05 -70.88
C ALA B 12 22.23 81.87 -72.10
N LEU B 13 22.50 83.15 -71.89
CA LEU B 13 22.86 84.07 -72.96
C LEU B 13 24.32 83.96 -73.38
N GLU B 14 25.14 83.25 -72.62
CA GLU B 14 26.54 83.05 -72.99
C GLU B 14 26.93 81.64 -72.58
N ASP B 15 28.07 81.20 -73.08
CA ASP B 15 28.50 79.84 -72.83
C ASP B 15 29.00 79.67 -71.41
N GLY B 16 28.96 78.42 -70.94
CA GLY B 16 29.51 78.08 -69.64
C GLY B 16 28.78 78.66 -68.45
N VAL B 17 27.47 78.86 -68.55
CA VAL B 17 26.73 79.39 -67.42
C VAL B 17 26.50 78.29 -66.40
N ASN B 18 26.93 78.52 -65.17
CA ASN B 18 26.84 77.52 -64.12
C ASN B 18 25.56 77.73 -63.33
N VAL B 19 24.92 76.64 -62.93
CA VAL B 19 23.74 76.67 -62.08
C VAL B 19 24.01 75.70 -60.94
N ILE B 20 23.99 76.21 -59.71
CA ILE B 20 24.41 75.44 -58.56
C ILE B 20 23.21 75.12 -57.70
N GLY B 21 22.99 73.85 -57.45
CA GLY B 21 21.88 73.42 -56.62
C GLY B 21 21.03 72.34 -57.29
N SER B 33 25.64 70.67 -59.43
CA SER B 33 26.06 71.69 -60.38
C SER B 33 25.74 71.28 -61.80
N GLU B 34 25.31 72.26 -62.61
CA GLU B 34 25.00 72.03 -64.02
C GLU B 34 25.63 73.14 -64.84
N CYS B 35 25.97 72.84 -66.09
CA CYS B 35 26.54 73.82 -66.99
C CYS B 35 25.66 73.95 -68.22
N LEU B 36 25.49 75.18 -68.70
CA LEU B 36 24.67 75.46 -69.87
C LEU B 36 25.50 76.20 -70.91
N ASP B 37 25.21 75.92 -72.18
CA ASP B 37 25.81 76.64 -73.29
C ASP B 37 24.87 77.74 -73.75
N LYS B 38 25.33 78.51 -74.73
CA LYS B 38 24.58 79.66 -75.20
C LYS B 38 23.34 79.22 -75.98
N GLY B 39 22.19 79.76 -75.57
CA GLY B 39 20.94 79.48 -76.24
C GLY B 39 20.09 78.43 -75.56
N GLU B 40 20.66 77.67 -74.64
CA GLU B 40 19.87 76.68 -73.93
C GLU B 40 19.00 77.35 -72.88
N VAL B 41 17.97 76.64 -72.45
CA VAL B 41 17.02 77.13 -71.45
C VAL B 41 16.78 76.00 -70.47
N LEU B 42 17.00 76.27 -69.20
CA LEU B 42 16.77 75.31 -68.14
C LEU B 42 15.59 75.76 -67.31
N ILE B 43 14.58 74.90 -67.18
CA ILE B 43 13.44 75.16 -66.32
C ILE B 43 13.62 74.30 -65.09
N ALA B 44 13.79 74.93 -63.93
CA ALA B 44 14.16 74.22 -62.73
C ALA B 44 13.11 74.40 -61.65
N GLN B 45 12.65 73.28 -61.10
CA GLN B 45 11.72 73.30 -59.99
C GLN B 45 12.48 73.13 -58.68
N PHE B 46 11.89 73.62 -57.60
CA PHE B 46 12.49 73.49 -56.29
C PHE B 46 12.04 72.20 -55.63
N THR B 47 13.02 71.34 -55.34
CA THR B 47 12.75 70.12 -54.60
C THR B 47 12.88 70.41 -53.11
N GLU B 48 12.88 69.35 -52.31
CA GLU B 48 13.25 69.50 -50.92
C GLU B 48 14.75 69.76 -50.78
N HIS B 49 15.55 69.05 -51.57
CA HIS B 49 16.99 69.22 -51.57
C HIS B 49 17.43 70.56 -52.10
N THR B 50 17.05 70.91 -53.32
CA THR B 50 17.41 72.17 -53.94
C THR B 50 16.60 73.27 -53.29
N SER B 51 17.15 73.90 -52.27
CA SER B 51 16.52 75.00 -51.59
C SER B 51 17.14 76.34 -51.93
N ALA B 52 18.20 76.35 -52.72
CA ALA B 52 18.86 77.58 -53.14
C ALA B 52 19.54 77.34 -54.47
N ILE B 53 19.44 78.32 -55.36
CA ILE B 53 19.99 78.21 -56.71
C ILE B 53 20.85 79.44 -56.97
N LYS B 54 22.10 79.21 -57.31
CA LYS B 54 23.04 80.28 -57.62
C LYS B 54 23.37 80.22 -59.09
N VAL B 55 23.38 81.38 -59.75
CA VAL B 55 23.57 81.48 -61.18
C VAL B 55 24.78 82.37 -61.45
N ARG B 56 25.75 81.85 -62.18
CA ARG B 56 26.93 82.61 -62.57
C ARG B 56 26.85 82.94 -64.04
N GLY B 57 27.66 83.89 -64.48
CA GLY B 57 27.76 84.24 -65.87
C GLY B 57 26.55 85.00 -66.36
N LYS B 58 26.55 85.30 -67.66
CA LYS B 58 25.49 86.09 -68.26
C LYS B 58 24.31 85.18 -68.57
N ALA B 59 23.19 85.42 -67.91
CA ALA B 59 21.99 84.63 -68.11
C ALA B 59 20.77 85.50 -67.86
N TYR B 60 19.64 85.04 -68.37
CA TYR B 60 18.38 85.77 -68.29
C TYR B 60 17.36 84.91 -67.56
N ILE B 61 16.95 85.36 -66.38
CA ILE B 61 16.14 84.55 -65.49
C ILE B 61 14.73 85.11 -65.42
N GLN B 62 13.75 84.24 -65.54
CA GLN B 62 12.35 84.57 -65.29
C GLN B 62 11.89 83.77 -64.08
N THR B 63 11.39 84.48 -63.07
CA THR B 63 10.77 83.88 -61.90
C THR B 63 9.34 84.34 -61.82
N SER B 64 8.68 83.99 -60.71
CA SER B 64 7.34 84.49 -60.47
C SER B 64 7.35 85.97 -60.17
N HIS B 65 8.43 86.48 -59.57
CA HIS B 65 8.54 87.88 -59.21
C HIS B 65 8.91 88.77 -60.39
N GLY B 66 9.23 88.19 -61.54
CA GLY B 66 9.59 88.97 -62.70
C GLY B 66 10.84 88.42 -63.33
N VAL B 67 11.53 89.27 -64.09
CA VAL B 67 12.72 88.88 -64.81
C VAL B 67 13.93 89.60 -64.21
N ILE B 68 15.09 89.05 -64.50
CA ILE B 68 16.35 89.60 -64.00
C ILE B 68 17.46 89.10 -64.91
N GLU B 69 18.61 89.75 -64.88
CA GLU B 69 19.71 89.44 -65.78
C GLU B 69 21.00 89.27 -65.01
N SER B 70 21.40 88.03 -64.79
CA SER B 70 22.65 87.76 -64.10
C SER B 70 23.81 87.97 -65.04
N GLU B 71 24.94 88.42 -64.49
CA GLU B 71 26.14 88.62 -65.29
C GLU B 71 27.34 87.91 -64.71
N ASP C 6 2.30 74.39 -63.40
CA ASP C 6 2.59 72.97 -63.25
C ASP C 6 3.11 72.34 -64.53
N PHE C 7 2.95 73.03 -65.65
CA PHE C 7 3.31 72.45 -66.94
C PHE C 7 3.82 73.54 -67.88
N VAL C 8 4.62 73.11 -68.84
CA VAL C 8 5.24 74.00 -69.82
C VAL C 8 4.83 73.56 -71.21
N VAL C 9 4.91 74.48 -72.16
CA VAL C 9 4.53 74.23 -73.54
C VAL C 9 5.71 74.59 -74.42
N ILE C 10 6.23 73.61 -75.16
CA ILE C 10 7.41 73.80 -75.99
C ILE C 10 7.03 73.57 -77.43
N LYS C 11 7.11 74.62 -78.25
CA LYS C 11 6.88 74.49 -79.68
C LYS C 11 8.24 74.44 -80.36
N ALA C 12 8.53 73.33 -81.01
CA ALA C 12 9.84 73.20 -81.64
C ALA C 12 9.86 73.91 -82.99
N LEU C 13 10.55 75.04 -83.04
CA LEU C 13 10.64 75.85 -84.24
C LEU C 13 11.63 75.33 -85.25
N GLU C 14 12.47 74.37 -84.88
CA GLU C 14 13.42 73.77 -85.81
C GLU C 14 13.52 72.29 -85.48
N ASP C 15 14.13 71.54 -86.40
CA ASP C 15 14.21 70.11 -86.24
C ASP C 15 15.22 69.72 -85.18
N GLY C 16 15.04 68.53 -84.62
CA GLY C 16 15.99 67.98 -83.68
C GLY C 16 16.09 68.68 -82.36
N VAL C 17 15.00 69.28 -81.87
CA VAL C 17 15.06 69.96 -80.59
C VAL C 17 15.00 68.92 -79.47
N ASN C 18 16.00 68.96 -78.59
CA ASN C 18 16.10 67.99 -77.52
C ASN C 18 15.45 68.55 -76.27
N VAL C 19 14.77 67.68 -75.52
CA VAL C 19 14.18 68.02 -74.24
C VAL C 19 14.65 66.97 -73.26
N ILE C 20 15.34 67.39 -72.21
CA ILE C 20 16.00 66.47 -71.30
C ILE C 20 15.28 66.50 -69.96
N GLY C 21 14.83 65.34 -69.50
CA GLY C 21 14.16 65.24 -68.23
C GLY C 21 12.82 64.50 -68.33
N SER C 33 15.24 61.61 -72.14
CA SER C 33 15.46 62.50 -73.28
C SER C 33 14.41 62.28 -74.36
N GLU C 34 13.97 63.37 -74.98
CA GLU C 34 13.00 63.32 -76.07
C GLU C 34 13.48 64.22 -77.19
N CYS C 35 13.10 63.89 -78.42
CA CYS C 35 13.46 64.70 -79.57
C CYS C 35 12.20 65.15 -80.29
N LEU C 36 12.20 66.39 -80.76
CA LEU C 36 11.05 66.97 -81.46
C LEU C 36 11.48 67.46 -82.82
N ASP C 37 10.59 67.34 -83.80
CA ASP C 37 10.79 67.90 -85.12
C ASP C 37 10.11 69.26 -85.22
N LYS C 38 10.28 69.90 -86.37
CA LYS C 38 9.77 71.25 -86.57
C LYS C 38 8.25 71.24 -86.65
N GLY C 39 7.63 72.08 -85.84
CA GLY C 39 6.19 72.23 -85.84
C GLY C 39 5.48 71.46 -84.75
N GLU C 40 6.15 70.51 -84.12
CA GLU C 40 5.52 69.78 -83.03
C GLU C 40 5.48 70.64 -81.77
N VAL C 41 4.59 70.25 -80.86
CA VAL C 41 4.40 70.95 -79.60
C VAL C 41 4.31 69.91 -78.51
N LEU C 42 5.16 70.04 -77.50
CA LEU C 42 5.16 69.14 -76.36
C LEU C 42 4.68 69.89 -75.14
N ILE C 43 3.64 69.38 -74.49
CA ILE C 43 3.15 69.92 -73.24
C ILE C 43 3.61 68.98 -72.14
N ALA C 44 4.46 69.49 -71.26
CA ALA C 44 5.12 68.64 -70.28
C ALA C 44 4.78 69.08 -68.87
N GLN C 45 4.32 68.13 -68.06
CA GLN C 45 4.06 68.38 -66.66
C GLN C 45 5.24 67.93 -65.82
N PHE C 46 5.37 68.52 -64.65
CA PHE C 46 6.44 68.14 -63.74
C PHE C 46 5.99 67.02 -62.82
N THR C 47 6.69 65.89 -62.91
CA THR C 47 6.45 64.77 -62.01
C THR C 47 7.33 64.94 -60.79
N GLU C 48 7.38 63.89 -59.97
CA GLU C 48 8.38 63.85 -58.91
C GLU C 48 9.76 63.65 -59.49
N HIS C 49 9.88 62.76 -60.48
CA HIS C 49 11.13 62.47 -61.14
C HIS C 49 11.66 63.65 -61.94
N THR C 50 10.87 64.16 -62.89
CA THR C 50 11.27 65.28 -63.73
C THR C 50 11.19 66.54 -62.89
N SER C 51 12.33 66.92 -62.30
CA SER C 51 12.41 68.14 -61.51
C SER C 51 13.17 69.23 -62.23
N ALA C 52 13.71 68.96 -63.42
CA ALA C 52 14.43 69.94 -64.20
C ALA C 52 14.31 69.57 -65.67
N ILE C 53 14.12 70.58 -66.51
CA ILE C 53 13.93 70.37 -67.93
C ILE C 53 14.88 71.28 -68.67
N LYS C 54 15.73 70.71 -69.51
CA LYS C 54 16.68 71.46 -70.31
C LYS C 54 16.27 71.38 -71.77
N VAL C 55 16.32 72.51 -72.46
CA VAL C 55 15.86 72.60 -73.84
C VAL C 55 17.01 73.09 -74.70
N ARG C 56 17.33 72.34 -75.73
CA ARG C 56 18.37 72.72 -76.69
C ARG C 56 17.73 73.13 -78.00
N GLY C 57 18.49 73.81 -78.84
CA GLY C 57 18.03 74.18 -80.16
C GLY C 57 17.02 75.31 -80.12
N LYS C 58 16.52 75.64 -81.30
CA LYS C 58 15.58 76.74 -81.43
C LYS C 58 14.18 76.27 -81.10
N ALA C 59 13.61 76.79 -80.03
CA ALA C 59 12.28 76.40 -79.60
C ALA C 59 11.62 77.60 -78.92
N TYR C 60 10.31 77.54 -78.81
CA TYR C 60 9.50 78.62 -78.25
C TYR C 60 8.73 78.07 -77.06
N ILE C 61 9.04 78.57 -75.88
CA ILE C 61 8.53 77.99 -74.63
C ILE C 61 7.56 78.96 -74.00
N GLN C 62 6.41 78.43 -73.58
CA GLN C 62 5.46 79.15 -72.76
C GLN C 62 5.39 78.48 -71.39
N THR C 63 5.63 79.26 -70.35
CA THR C 63 5.48 78.81 -68.98
C THR C 63 4.43 79.69 -68.30
N SER C 64 4.29 79.50 -67.00
CA SER C 64 3.42 80.38 -66.22
C SER C 64 4.00 81.77 -66.11
N HIS C 65 5.32 81.90 -66.10
CA HIS C 65 5.99 83.18 -65.98
C HIS C 65 6.02 83.96 -67.27
N GLY C 66 5.60 83.37 -68.39
CA GLY C 66 5.59 84.05 -69.65
C GLY C 66 6.21 83.19 -70.73
N VAL C 67 6.68 83.83 -71.79
CA VAL C 67 7.24 83.13 -72.92
C VAL C 67 8.73 83.41 -73.01
N ILE C 68 9.43 82.54 -73.73
CA ILE C 68 10.88 82.66 -73.91
C ILE C 68 11.23 81.89 -75.16
N GLU C 69 12.41 82.16 -75.72
CA GLU C 69 12.83 81.58 -76.97
C GLU C 69 14.22 80.98 -76.85
N SER C 70 14.30 79.67 -76.72
CA SER C 70 15.59 79.01 -76.64
C SER C 70 16.20 78.89 -78.02
N GLU C 71 17.52 78.95 -78.07
CA GLU C 71 18.23 78.82 -79.34
C GLU C 71 19.29 77.74 -79.30
N ASP D 6 -5.12 72.53 -65.71
CA ASP D 6 -5.20 71.08 -65.55
C ASP D 6 -5.52 70.37 -66.85
N PHE D 7 -5.98 71.10 -67.85
CA PHE D 7 -6.43 70.48 -69.09
C PHE D 7 -6.13 71.40 -70.27
N VAL D 8 -6.01 70.78 -71.43
CA VAL D 8 -5.69 71.47 -72.67
C VAL D 8 -6.79 71.21 -73.68
N VAL D 9 -6.90 72.09 -74.67
CA VAL D 9 -7.92 72.01 -75.70
C VAL D 9 -7.23 72.03 -77.05
N ILE D 10 -7.40 70.95 -77.82
CA ILE D 10 -6.73 70.81 -79.10
C ILE D 10 -7.78 70.75 -80.19
N LYS D 11 -7.80 71.75 -81.07
CA LYS D 11 -8.68 71.74 -82.22
C LYS D 11 -7.86 71.30 -83.42
N ALA D 12 -8.22 70.17 -84.02
CA ALA D 12 -7.44 69.67 -85.14
C ALA D 12 -7.84 70.38 -86.42
N LEU D 13 -6.96 71.25 -86.91
CA LEU D 13 -7.21 72.03 -88.10
C LEU D 13 -6.98 71.27 -89.39
N GLU D 14 -6.38 70.08 -89.32
CA GLU D 14 -6.17 69.26 -90.50
C GLU D 14 -6.35 67.81 -90.08
N ASP D 15 -6.46 66.94 -91.08
CA ASP D 15 -6.74 65.55 -90.81
C ASP D 15 -5.50 64.85 -90.27
N GLY D 16 -5.73 63.74 -89.57
CA GLY D 16 -4.65 62.90 -89.10
C GLY D 16 -3.77 63.51 -88.04
N VAL D 17 -4.30 64.39 -87.19
CA VAL D 17 -3.47 64.98 -86.16
C VAL D 17 -3.30 63.98 -85.03
N ASN D 18 -2.05 63.68 -84.69
CA ASN D 18 -1.74 62.69 -83.67
C ASN D 18 -1.57 63.39 -82.34
N VAL D 19 -2.04 62.73 -81.27
CA VAL D 19 -1.85 63.21 -79.91
C VAL D 19 -1.31 62.03 -79.11
N ILE D 20 -0.12 62.19 -78.54
CA ILE D 20 0.60 61.09 -77.92
C ILE D 20 0.61 61.30 -76.42
N GLY D 21 0.11 60.31 -75.69
CA GLY D 21 0.09 60.38 -74.25
C GLY D 21 -1.28 60.08 -73.66
N SER D 33 -1.81 56.71 -77.79
CA SER D 33 -1.89 57.53 -79.00
C SER D 33 -3.33 57.67 -79.47
N GLU D 34 -3.68 58.86 -79.94
CA GLU D 34 -5.00 59.13 -80.48
C GLU D 34 -4.87 59.89 -81.79
N CYS D 35 -5.84 59.72 -82.67
CA CYS D 35 -5.84 60.42 -83.95
C CYS D 35 -7.10 61.25 -84.08
N LEU D 36 -6.97 62.45 -84.64
CA LEU D 36 -8.09 63.36 -84.82
C LEU D 36 -8.21 63.75 -86.27
N ASP D 37 -9.45 63.94 -86.72
CA ASP D 37 -9.72 64.44 -88.06
C ASP D 37 -9.96 65.94 -87.99
N LYS D 38 -10.17 66.54 -89.17
CA LYS D 38 -10.31 67.98 -89.26
C LYS D 38 -11.63 68.44 -88.66
N GLY D 39 -11.54 69.41 -87.76
CA GLY D 39 -12.71 69.98 -87.13
C GLY D 39 -13.03 69.42 -85.77
N GLU D 40 -12.44 68.30 -85.40
CA GLU D 40 -12.68 67.76 -84.07
C GLU D 40 -11.90 68.55 -83.03
N VAL D 41 -12.34 68.43 -81.78
CA VAL D 41 -11.73 69.11 -80.66
C VAL D 41 -11.60 68.11 -79.52
N LEU D 42 -10.39 67.95 -79.02
CA LEU D 42 -10.12 67.05 -77.90
C LEU D 42 -9.75 67.89 -76.69
N ILE D 43 -10.47 67.68 -75.60
CA ILE D 43 -10.16 68.32 -74.33
C ILE D 43 -9.54 67.26 -73.45
N ALA D 44 -8.27 67.45 -73.09
CA ALA D 44 -7.51 66.41 -72.43
C ALA D 44 -7.03 66.89 -71.07
N GLN D 45 -7.31 66.10 -70.04
CA GLN D 45 -6.82 66.37 -68.71
C GLN D 45 -5.57 65.55 -68.44
N PHE D 46 -4.75 66.04 -67.52
CA PHE D 46 -3.54 65.34 -67.15
C PHE D 46 -3.81 64.37 -66.00
N THR D 47 -3.58 63.09 -66.27
CA THR D 47 -3.70 62.07 -65.24
C THR D 47 -2.35 61.93 -64.56
N GLU D 48 -2.22 60.89 -63.74
CA GLU D 48 -0.91 60.52 -63.23
C GLU D 48 -0.06 59.92 -64.35
N HIS D 49 -0.67 59.07 -65.17
CA HIS D 49 0.00 58.44 -66.30
C HIS D 49 0.42 59.43 -67.37
N THR D 50 -0.53 60.18 -67.91
CA THR D 50 -0.27 61.15 -68.97
C THR D 50 0.41 62.35 -68.32
N SER D 51 1.73 62.36 -68.35
CA SER D 51 2.52 63.46 -67.82
C SER D 51 3.13 64.30 -68.92
N ALA D 52 2.96 63.90 -70.19
CA ALA D 52 3.50 64.66 -71.31
C ALA D 52 2.62 64.38 -72.52
N ILE D 53 2.35 65.42 -73.29
CA ILE D 53 1.49 65.33 -74.46
C ILE D 53 2.21 65.93 -75.64
N LYS D 54 2.37 65.16 -76.69
CA LYS D 54 3.02 65.60 -77.92
C LYS D 54 1.98 65.69 -79.01
N VAL D 55 2.03 66.77 -79.78
CA VAL D 55 1.04 67.05 -80.81
C VAL D 55 1.75 67.20 -82.15
N ARG D 56 1.34 66.42 -83.13
CA ARG D 56 1.89 66.49 -84.47
C ARG D 56 0.86 67.12 -85.40
N GLY D 57 1.31 67.56 -86.57
CA GLY D 57 0.42 68.09 -87.57
C GLY D 57 -0.10 69.47 -87.21
N LYS D 58 -0.97 69.97 -88.08
CA LYS D 58 -1.51 71.31 -87.90
C LYS D 58 -2.68 71.27 -86.94
N ALA D 59 -2.51 71.91 -85.78
CA ALA D 59 -3.55 71.93 -84.76
C ALA D 59 -3.45 73.24 -84.00
N TYR D 60 -4.54 73.58 -83.31
CA TYR D 60 -4.65 74.83 -82.59
C TYR D 60 -4.92 74.51 -81.12
N ILE D 61 -3.97 74.86 -80.25
CA ILE D 61 -3.99 74.42 -78.87
C ILE D 61 -4.25 75.61 -77.98
N GLN D 62 -5.17 75.45 -77.03
CA GLN D 62 -5.40 76.40 -75.96
C GLN D 62 -5.02 75.74 -74.65
N THR D 63 -4.12 76.38 -73.92
CA THR D 63 -3.75 75.95 -72.57
C THR D 63 -4.07 77.09 -71.61
N SER D 64 -3.65 76.91 -70.36
CA SER D 64 -3.78 77.99 -69.39
C SER D 64 -2.85 79.14 -69.70
N HIS D 65 -1.69 78.84 -70.30
CA HIS D 65 -0.71 79.87 -70.62
C HIS D 65 -1.06 80.65 -71.88
N GLY D 66 -2.09 80.24 -72.61
CA GLY D 66 -2.48 80.93 -73.82
C GLY D 66 -2.70 79.95 -74.94
N VAL D 67 -2.60 80.45 -76.17
CA VAL D 67 -2.85 79.64 -77.35
C VAL D 67 -1.55 79.48 -78.12
N ILE D 68 -1.53 78.46 -78.98
CA ILE D 68 -0.37 78.14 -79.79
C ILE D 68 -0.86 77.33 -80.98
N GLU D 69 -0.03 77.26 -82.03
CA GLU D 69 -0.43 76.61 -83.27
C GLU D 69 0.64 75.62 -83.70
N SER D 70 0.39 74.34 -83.47
CA SER D 70 1.33 73.32 -83.90
C SER D 70 1.18 73.07 -85.38
N GLU D 71 2.28 72.73 -86.03
CA GLU D 71 2.26 72.43 -87.46
C GLU D 71 2.88 71.08 -87.77
N ASP E 6 -12.92 73.21 -64.22
CA ASP E 6 -13.35 71.86 -63.85
C ASP E 6 -14.44 71.32 -64.77
N PHE E 7 -15.06 72.19 -65.56
CA PHE E 7 -16.18 71.78 -66.38
C PHE E 7 -16.19 72.57 -67.68
N VAL E 8 -16.81 71.96 -68.69
CA VAL E 8 -16.90 72.54 -70.02
C VAL E 8 -18.36 72.68 -70.41
N VAL E 9 -18.64 73.58 -71.35
CA VAL E 9 -19.98 73.86 -71.81
C VAL E 9 -20.01 73.68 -73.31
N ILE E 10 -20.83 72.74 -73.79
CA ILE E 10 -20.90 72.40 -75.20
C ILE E 10 -22.29 72.71 -75.71
N LYS E 11 -22.41 73.69 -76.61
CA LYS E 11 -23.67 73.99 -77.25
C LYS E 11 -23.67 73.33 -78.62
N ALA E 12 -24.58 72.39 -78.84
CA ALA E 12 -24.58 71.70 -80.12
C ALA E 12 -25.28 72.53 -81.18
N LEU E 13 -24.51 73.08 -82.10
CA LEU E 13 -25.04 73.93 -83.16
C LEU E 13 -25.66 73.16 -84.31
N GLU E 14 -25.47 71.85 -84.35
CA GLU E 14 -26.09 71.02 -85.39
C GLU E 14 -26.48 69.70 -84.76
N ASP E 15 -27.29 68.94 -85.49
CA ASP E 15 -27.81 67.69 -84.94
C ASP E 15 -26.74 66.62 -84.92
N GLY E 16 -26.94 65.64 -84.04
CA GLY E 16 -26.07 64.48 -83.99
C GLY E 16 -24.67 64.75 -83.51
N VAL E 17 -24.46 65.73 -82.64
CA VAL E 17 -23.12 66.00 -82.16
C VAL E 17 -22.76 64.97 -81.10
N ASN E 18 -21.64 64.28 -81.30
CA ASN E 18 -21.22 63.21 -80.41
C ASN E 18 -20.26 63.78 -79.38
N VAL E 19 -20.36 63.30 -78.15
CA VAL E 19 -19.45 63.65 -77.07
C VAL E 19 -18.98 62.35 -76.46
N ILE E 20 -17.67 62.11 -76.49
CA ILE E 20 -17.11 60.81 -76.11
C ILE E 20 -16.36 60.98 -74.80
N GLY E 21 -16.74 60.18 -73.81
CA GLY E 21 -16.08 60.22 -72.52
C GLY E 21 -17.05 60.38 -71.37
N SER E 33 -20.37 57.45 -74.38
CA SER E 33 -20.76 58.27 -75.53
C SER E 33 -22.14 58.89 -75.33
N GLU E 34 -22.29 60.13 -75.75
CA GLU E 34 -23.56 60.83 -75.68
C GLU E 34 -23.82 61.54 -77.01
N CYS E 35 -25.09 61.71 -77.35
CA CYS E 35 -25.46 62.40 -78.58
C CYS E 35 -26.33 63.61 -78.24
N LEU E 36 -26.11 64.71 -78.95
CA LEU E 36 -26.87 65.93 -78.73
C LEU E 36 -27.52 66.37 -80.02
N ASP E 37 -28.70 66.96 -79.91
CA ASP E 37 -29.39 67.56 -81.04
C ASP E 37 -29.11 69.05 -81.08
N LYS E 38 -29.64 69.71 -82.10
CA LYS E 38 -29.37 71.13 -82.31
C LYS E 38 -30.07 71.97 -81.26
N GLY E 39 -29.30 72.84 -80.61
CA GLY E 39 -29.81 73.75 -79.63
C GLY E 39 -29.64 73.29 -78.20
N GLU E 40 -29.30 72.03 -77.98
CA GLU E 40 -29.06 71.56 -76.62
C GLU E 40 -27.70 72.04 -76.14
N VAL E 41 -27.53 72.03 -74.82
CA VAL E 41 -26.30 72.46 -74.18
C VAL E 41 -25.98 71.44 -73.10
N LEU E 42 -24.79 70.88 -73.16
CA LEU E 42 -24.31 69.93 -72.17
C LEU E 42 -23.20 70.56 -71.36
N ILE E 43 -23.37 70.58 -70.04
CA ILE E 43 -22.34 71.05 -69.13
C ILE E 43 -21.73 69.82 -68.49
N ALA E 44 -20.46 69.59 -68.75
CA ALA E 44 -19.82 68.34 -68.36
C ALA E 44 -18.66 68.61 -67.43
N GLN E 45 -18.66 67.94 -66.29
CA GLN E 45 -17.57 68.00 -65.34
C GLN E 45 -16.63 66.82 -65.55
N PHE E 46 -15.38 67.00 -65.15
CA PHE E 46 -14.40 65.93 -65.25
C PHE E 46 -14.40 65.08 -64.01
N THR E 47 -14.71 63.79 -64.17
CA THR E 47 -14.64 62.85 -63.07
C THR E 47 -13.24 62.26 -63.05
N GLU E 48 -13.07 61.22 -62.23
CA GLU E 48 -11.86 60.43 -62.31
C GLU E 48 -11.83 59.60 -63.59
N HIS E 49 -12.97 59.03 -63.95
CA HIS E 49 -13.09 58.24 -65.16
C HIS E 49 -12.95 59.07 -66.43
N THR E 50 -13.78 60.09 -66.59
CA THR E 50 -13.74 60.95 -67.77
C THR E 50 -12.52 61.85 -67.65
N SER E 51 -11.42 61.42 -68.25
CA SER E 51 -10.19 62.21 -68.27
C SER E 51 -9.92 62.82 -69.63
N ALA E 52 -10.76 62.54 -70.62
CA ALA E 52 -10.61 63.10 -71.95
C ALA E 52 -11.97 63.15 -72.62
N ILE E 53 -12.24 64.24 -73.32
CA ILE E 53 -13.52 64.46 -73.96
C ILE E 53 -13.28 64.82 -75.41
N LYS E 54 -13.86 64.05 -76.32
CA LYS E 54 -13.74 64.30 -77.75
C LYS E 54 -15.08 64.75 -78.28
N VAL E 55 -15.07 65.77 -79.12
CA VAL E 55 -16.28 66.38 -79.64
C VAL E 55 -16.24 66.31 -81.16
N ARG E 56 -17.28 65.73 -81.76
CA ARG E 56 -17.41 65.65 -83.20
C ARG E 56 -18.50 66.60 -83.66
N GLY E 57 -18.53 66.89 -84.94
CA GLY E 57 -19.57 67.70 -85.52
C GLY E 57 -19.43 69.17 -85.15
N LYS E 58 -20.41 69.96 -85.61
CA LYS E 58 -20.38 71.39 -85.39
C LYS E 58 -20.93 71.70 -84.01
N ALA E 59 -20.08 72.23 -83.14
CA ALA E 59 -20.47 72.57 -81.78
C ALA E 59 -19.66 73.76 -81.32
N TYR E 60 -20.15 74.41 -80.27
CA TYR E 60 -19.54 75.61 -79.73
C TYR E 60 -19.19 75.36 -78.28
N ILE E 61 -17.90 75.36 -77.97
CA ILE E 61 -17.41 74.93 -76.67
C ILE E 61 -16.88 76.13 -75.91
N GLN E 62 -17.26 76.24 -74.64
CA GLN E 62 -16.68 77.19 -73.72
C GLN E 62 -15.96 76.42 -72.63
N THR E 63 -14.68 76.71 -72.45
CA THR E 63 -13.89 76.16 -71.36
C THR E 63 -13.38 77.31 -70.51
N SER E 64 -12.50 76.98 -69.56
CA SER E 64 -11.86 78.01 -68.77
C SER E 64 -10.87 78.81 -69.61
N HIS E 65 -10.26 78.18 -70.61
CA HIS E 65 -9.29 78.83 -71.46
C HIS E 65 -9.92 79.71 -72.52
N GLY E 66 -11.23 79.68 -72.68
CA GLY E 66 -11.91 80.48 -73.67
C GLY E 66 -12.89 79.65 -74.45
N VAL E 67 -13.22 80.13 -75.64
CA VAL E 67 -14.21 79.48 -76.48
C VAL E 67 -13.52 78.90 -77.72
N ILE E 68 -14.20 77.96 -78.36
CA ILE E 68 -13.69 77.29 -79.55
C ILE E 68 -14.88 76.71 -80.29
N GLU E 69 -14.69 76.40 -81.56
CA GLU E 69 -15.77 75.94 -82.41
C GLU E 69 -15.37 74.67 -83.15
N SER E 70 -15.86 73.54 -82.66
CA SER E 70 -15.57 72.28 -83.32
C SER E 70 -16.46 72.12 -84.54
N GLU E 71 -15.92 71.46 -85.56
CA GLU E 71 -16.69 71.21 -86.78
C GLU E 71 -16.71 69.74 -87.16
N ASP F 6 -18.75 75.91 -59.28
CA ASP F 6 -19.34 74.73 -58.65
C ASP F 6 -20.82 74.59 -58.95
N PHE F 7 -21.45 75.64 -59.46
CA PHE F 7 -22.88 75.62 -59.68
C PHE F 7 -23.24 76.45 -60.90
N VAL F 8 -24.38 76.12 -61.49
CA VAL F 8 -24.88 76.77 -62.69
C VAL F 8 -26.25 77.36 -62.40
N VAL F 9 -26.63 78.34 -63.21
CA VAL F 9 -27.90 79.04 -63.05
C VAL F 9 -28.65 78.96 -64.37
N ILE F 10 -29.83 78.34 -64.36
CA ILE F 10 -30.61 78.12 -65.57
C ILE F 10 -31.92 78.85 -65.44
N LYS F 11 -32.13 79.86 -66.27
CA LYS F 11 -33.40 80.56 -66.32
C LYS F 11 -34.20 80.02 -67.50
N ALA F 12 -35.33 79.40 -67.22
CA ALA F 12 -36.10 78.81 -68.30
C ALA F 12 -36.93 79.87 -69.01
N LEU F 13 -36.52 80.22 -70.23
CA LEU F 13 -37.18 81.24 -71.01
C LEU F 13 -38.44 80.75 -71.70
N GLU F 14 -38.69 79.44 -71.72
CA GLU F 14 -39.90 78.90 -72.31
C GLU F 14 -40.34 77.72 -71.46
N ASP F 15 -41.57 77.28 -71.70
CA ASP F 15 -42.13 76.22 -70.88
C ASP F 15 -41.53 74.87 -71.24
N GLY F 16 -41.59 73.95 -70.29
CA GLY F 16 -41.17 72.58 -70.52
C GLY F 16 -39.69 72.40 -70.73
N VAL F 17 -38.85 73.23 -70.12
CA VAL F 17 -37.42 73.05 -70.29
C VAL F 17 -36.94 71.90 -69.42
N ASN F 18 -36.29 70.94 -70.03
CA ASN F 18 -35.84 69.74 -69.33
C ASN F 18 -34.40 69.94 -68.87
N VAL F 19 -34.08 69.45 -67.69
CA VAL F 19 -32.73 69.45 -67.15
C VAL F 19 -32.44 68.03 -66.70
N ILE F 20 -31.42 67.41 -67.28
CA ILE F 20 -31.15 65.99 -67.07
C ILE F 20 -29.88 65.85 -66.25
N GLY F 21 -30.00 65.15 -65.12
CA GLY F 21 -28.85 64.91 -64.26
C GLY F 21 -29.13 65.29 -62.82
N SER F 33 -34.13 63.66 -63.82
CA SER F 33 -34.71 64.62 -64.75
C SER F 33 -35.63 65.60 -64.02
N GLU F 34 -35.58 66.86 -64.43
CA GLU F 34 -36.42 67.91 -63.87
C GLU F 34 -37.03 68.72 -65.01
N CYS F 35 -38.20 69.28 -64.77
CA CYS F 35 -38.87 70.12 -65.76
C CYS F 35 -39.10 71.50 -65.18
N LEU F 36 -38.92 72.53 -66.00
CA LEU F 36 -39.10 73.91 -65.58
C LEU F 36 -40.10 74.60 -66.50
N ASP F 37 -40.88 75.50 -65.93
CA ASP F 37 -41.79 76.34 -66.69
C ASP F 37 -41.14 77.68 -66.96
N LYS F 38 -41.86 78.52 -67.71
CA LYS F 38 -41.31 79.81 -68.13
C LYS F 38 -41.19 80.76 -66.95
N GLY F 39 -40.00 81.32 -66.78
CA GLY F 39 -39.74 82.28 -65.74
C GLY F 39 -39.09 81.72 -64.50
N GLU F 40 -39.07 80.40 -64.35
CA GLU F 40 -38.40 79.81 -63.21
C GLU F 40 -36.90 79.83 -63.40
N VAL F 41 -36.17 79.70 -62.30
CA VAL F 41 -34.73 79.71 -62.30
C VAL F 41 -34.27 78.58 -61.39
N LEU F 42 -33.44 77.71 -61.92
CA LEU F 42 -32.88 76.60 -61.15
C LEU F 42 -31.39 76.83 -60.96
N ILE F 43 -30.95 76.82 -59.72
CA ILE F 43 -29.54 76.91 -59.39
C ILE F 43 -29.10 75.53 -58.98
N ALA F 44 -28.19 74.94 -59.75
CA ALA F 44 -27.84 73.54 -59.57
C ALA F 44 -26.37 73.40 -59.27
N GLN F 45 -26.06 72.69 -58.19
CA GLN F 45 -24.70 72.38 -57.83
C GLN F 45 -24.34 70.99 -58.33
N PHE F 46 -23.04 70.76 -58.53
CA PHE F 46 -22.58 69.46 -58.96
C PHE F 46 -22.26 68.57 -57.77
N THR F 47 -22.97 67.46 -57.68
CA THR F 47 -22.71 66.47 -56.65
C THR F 47 -21.67 65.49 -57.18
N GLU F 48 -21.48 64.40 -56.44
CA GLU F 48 -20.70 63.30 -56.97
C GLU F 48 -21.48 62.58 -58.07
N HIS F 49 -22.78 62.38 -57.85
CA HIS F 49 -23.65 61.73 -58.81
C HIS F 49 -23.85 62.55 -60.08
N THR F 50 -24.32 63.78 -59.95
CA THR F 50 -24.56 64.65 -61.09
C THR F 50 -23.21 65.15 -61.58
N SER F 51 -22.66 64.44 -62.57
CA SER F 51 -21.41 64.83 -63.19
C SER F 51 -21.61 65.42 -64.57
N ALA F 52 -22.83 65.45 -65.08
CA ALA F 52 -23.13 66.01 -66.39
C ALA F 52 -24.56 66.50 -66.38
N ILE F 53 -24.78 67.66 -66.99
CA ILE F 53 -26.09 68.28 -67.02
C ILE F 53 -26.42 68.64 -68.45
N LYS F 54 -27.53 68.13 -68.95
CA LYS F 54 -27.99 68.40 -70.30
C LYS F 54 -29.23 69.26 -70.23
N VAL F 55 -29.30 70.28 -71.08
CA VAL F 55 -30.39 71.25 -71.06
C VAL F 55 -31.05 71.26 -72.42
N ARG F 56 -32.35 71.04 -72.47
CA ARG F 56 -33.12 71.09 -73.70
C ARG F 56 -33.98 72.34 -73.70
N GLY F 57 -34.48 72.71 -74.87
CA GLY F 57 -35.39 73.82 -75.00
C GLY F 57 -34.68 75.15 -74.85
N LYS F 58 -35.48 76.21 -74.90
CA LYS F 58 -34.95 77.56 -74.83
C LYS F 58 -34.71 77.95 -73.38
N ALA F 59 -33.45 78.15 -73.02
CA ALA F 59 -33.09 78.51 -71.67
C ALA F 59 -31.85 79.38 -71.70
N TYR F 60 -31.62 80.09 -70.60
CA TYR F 60 -30.51 81.03 -70.48
C TYR F 60 -29.64 80.60 -69.31
N ILE F 61 -28.42 80.20 -69.60
CA ILE F 61 -27.55 79.57 -68.61
C ILE F 61 -26.41 80.51 -68.27
N GLN F 62 -26.15 80.66 -66.97
CA GLN F 62 -24.98 81.35 -66.48
C GLN F 62 -24.11 80.34 -65.75
N THR F 63 -22.85 80.22 -66.17
CA THR F 63 -21.86 79.41 -65.51
C THR F 63 -20.72 80.30 -65.06
N SER F 64 -19.66 79.68 -64.56
CA SER F 64 -18.46 80.43 -64.23
C SER F 64 -17.77 80.94 -65.48
N HIS F 65 -17.86 80.22 -66.58
CA HIS F 65 -17.23 80.60 -67.83
C HIS F 65 -17.98 81.68 -68.57
N GLY F 66 -19.17 82.05 -68.13
CA GLY F 66 -19.94 83.07 -68.80
C GLY F 66 -21.36 82.61 -68.99
N VAL F 67 -22.04 83.23 -69.96
CA VAL F 67 -23.43 82.94 -70.23
C VAL F 67 -23.56 82.27 -71.58
N ILE F 68 -24.70 81.60 -71.78
CA ILE F 68 -24.98 80.89 -73.02
C ILE F 68 -26.48 80.73 -73.11
N GLU F 69 -26.97 80.45 -74.31
CA GLU F 69 -28.41 80.37 -74.56
C GLU F 69 -28.76 79.09 -75.29
N SER F 70 -29.28 78.12 -74.55
CA SER F 70 -29.70 76.87 -75.15
C SER F 70 -31.03 77.06 -75.86
N GLU F 71 -31.22 76.31 -76.94
CA GLU F 71 -32.48 76.38 -77.69
C GLU F 71 -33.09 75.00 -77.89
N ASP G 6 -20.39 79.96 -52.88
CA ASP G 6 -20.95 79.03 -51.92
C ASP G 6 -22.38 79.38 -51.52
N PHE G 7 -22.81 80.59 -51.82
CA PHE G 7 -24.11 81.04 -51.36
C PHE G 7 -24.73 81.98 -52.38
N VAL G 8 -26.06 82.06 -52.35
CA VAL G 8 -26.83 82.88 -53.27
C VAL G 8 -27.66 83.87 -52.47
N VAL G 9 -28.06 84.95 -53.13
CA VAL G 9 -28.84 86.01 -52.51
C VAL G 9 -30.10 86.22 -53.33
N ILE G 10 -31.25 86.00 -52.73
CA ILE G 10 -32.53 86.09 -53.43
C ILE G 10 -33.35 87.20 -52.81
N LYS G 11 -33.61 88.25 -53.56
CA LYS G 11 -34.49 89.33 -53.12
C LYS G 11 -35.85 89.11 -53.75
N ALA G 12 -36.86 88.88 -52.92
CA ALA G 12 -38.17 88.61 -53.46
C ALA G 12 -38.87 89.89 -53.86
N LEU G 13 -38.99 90.13 -55.15
CA LEU G 13 -39.60 91.35 -55.67
C LEU G 13 -41.11 91.31 -55.67
N GLU G 14 -41.72 90.15 -55.41
CA GLU G 14 -43.17 90.05 -55.33
C GLU G 14 -43.50 89.05 -54.23
N ASP G 15 -44.76 89.03 -53.84
CA ASP G 15 -45.18 88.18 -52.74
C ASP G 15 -45.24 86.73 -53.17
N GLY G 16 -45.14 85.84 -52.18
CA GLY G 16 -45.30 84.43 -52.41
C GLY G 16 -44.22 83.77 -53.23
N VAL G 17 -42.98 84.27 -53.18
CA VAL G 17 -41.91 83.65 -53.95
C VAL G 17 -41.45 82.38 -53.24
N ASN G 18 -41.50 81.26 -53.96
CA ASN G 18 -41.15 79.97 -53.40
C ASN G 18 -39.68 79.69 -53.67
N VAL G 19 -39.02 79.07 -52.70
CA VAL G 19 -37.65 78.62 -52.83
C VAL G 19 -37.61 77.17 -52.38
N ILE G 20 -37.21 76.28 -53.28
CA ILE G 20 -37.32 74.84 -53.05
C ILE G 20 -35.93 74.27 -52.86
N GLY G 21 -35.71 73.61 -51.73
CA GLY G 21 -34.43 72.99 -51.45
C GLY G 21 -33.87 73.39 -50.09
N SER G 33 -39.01 73.49 -48.54
CA SER G 33 -39.64 74.61 -49.22
C SER G 33 -39.76 75.80 -48.29
N GLU G 34 -39.54 77.01 -48.83
CA GLU G 34 -39.67 78.24 -48.08
C GLU G 34 -40.45 79.25 -48.92
N CYS G 35 -41.16 80.15 -48.24
CA CYS G 35 -41.91 81.18 -48.94
C CYS G 35 -41.43 82.55 -48.48
N LEU G 36 -41.34 83.49 -49.41
CA LEU G 36 -40.89 84.84 -49.12
C LEU G 36 -41.94 85.84 -49.57
N ASP G 37 -42.06 86.93 -48.82
CA ASP G 37 -42.91 88.05 -49.19
C ASP G 37 -42.10 89.11 -49.89
N LYS G 38 -42.78 90.17 -50.33
CA LYS G 38 -42.14 91.22 -51.10
C LYS G 38 -41.21 92.05 -50.23
N GLY G 39 -39.97 92.19 -50.68
CA GLY G 39 -38.99 92.97 -49.99
C GLY G 39 -38.04 92.20 -49.12
N GLU G 40 -38.34 90.93 -48.83
CA GLU G 40 -37.44 90.12 -48.04
C GLU G 40 -36.27 89.68 -48.90
N VAL G 41 -35.19 89.27 -48.22
CA VAL G 41 -33.97 88.81 -48.86
C VAL G 41 -33.52 87.57 -48.13
N LEU G 42 -33.33 86.48 -48.86
CA LEU G 42 -32.85 85.24 -48.31
C LEU G 42 -31.45 84.97 -48.83
N ILE G 43 -30.50 84.78 -47.92
CA ILE G 43 -29.15 84.40 -48.27
C ILE G 43 -29.00 82.93 -47.94
N ALA G 44 -28.79 82.11 -48.96
CA ALA G 44 -28.83 80.66 -48.80
C ALA G 44 -27.50 80.05 -49.16
N GLN G 45 -26.96 79.24 -48.26
CA GLN G 45 -25.75 78.50 -48.51
C GLN G 45 -26.10 77.08 -48.95
N PHE G 46 -25.18 76.46 -49.68
CA PHE G 46 -25.38 75.09 -50.11
C PHE G 46 -24.83 74.12 -49.08
N THR G 47 -25.72 73.28 -48.56
CA THR G 47 -25.31 72.23 -47.64
C THR G 47 -24.99 70.99 -48.46
N GLU G 48 -24.81 69.87 -47.76
CA GLU G 48 -24.74 68.59 -48.45
C GLU G 48 -26.12 68.20 -48.97
N HIS G 49 -27.15 68.43 -48.18
CA HIS G 49 -28.52 68.12 -48.57
C HIS G 49 -29.03 69.00 -49.70
N THR G 50 -29.00 70.31 -49.52
CA THR G 50 -29.45 71.26 -50.52
C THR G 50 -28.41 71.31 -51.64
N SER G 51 -28.62 70.50 -52.67
CA SER G 51 -27.75 70.48 -53.83
C SER G 51 -28.38 71.14 -55.03
N ALA G 52 -29.62 71.58 -54.94
CA ALA G 52 -30.30 72.26 -56.03
C ALA G 52 -31.35 73.18 -55.44
N ILE G 53 -31.46 74.37 -56.02
CA ILE G 53 -32.39 75.38 -55.53
C ILE G 53 -33.22 75.87 -56.70
N LYS G 54 -34.54 75.77 -56.58
CA LYS G 54 -35.46 76.21 -57.61
C LYS G 54 -36.21 77.42 -57.10
N VAL G 55 -36.34 78.45 -57.93
CA VAL G 55 -36.95 79.71 -57.56
C VAL G 55 -38.13 79.98 -58.48
N ARG G 56 -39.30 80.19 -57.90
CA ARG G 56 -40.50 80.52 -58.64
C ARG G 56 -40.84 81.98 -58.42
N GLY G 57 -41.69 82.52 -59.27
CA GLY G 57 -42.18 83.88 -59.12
C GLY G 57 -41.12 84.91 -59.46
N LYS G 58 -41.49 86.17 -59.27
CA LYS G 58 -40.60 87.28 -59.62
C LYS G 58 -39.62 87.52 -58.48
N ALA G 59 -38.34 87.29 -58.76
CA ALA G 59 -37.31 87.46 -57.75
C ALA G 59 -36.03 87.89 -58.45
N TYR G 60 -35.11 88.45 -57.67
CA TYR G 60 -33.86 88.98 -58.17
C TYR G 60 -32.72 88.26 -57.47
N ILE G 61 -31.95 87.49 -58.22
CA ILE G 61 -30.96 86.58 -57.66
C ILE G 61 -29.57 87.10 -57.98
N GLN G 62 -28.70 87.11 -56.97
CA GLN G 62 -27.28 87.37 -57.14
C GLN G 62 -26.53 86.10 -56.76
N THR G 63 -25.72 85.61 -57.68
CA THR G 63 -24.82 84.49 -57.44
C THR G 63 -23.39 84.96 -57.66
N SER G 64 -22.47 84.01 -57.62
CA SER G 64 -21.09 84.32 -57.95
C SER G 64 -20.93 84.63 -59.43
N HIS G 65 -21.74 84.01 -60.28
CA HIS G 65 -21.67 84.21 -61.71
C HIS G 65 -22.32 85.49 -62.17
N GLY G 66 -23.00 86.21 -61.29
CA GLY G 66 -23.65 87.45 -61.65
C GLY G 66 -25.06 87.49 -61.13
N VAL G 67 -25.88 88.31 -61.76
CA VAL G 67 -27.26 88.51 -61.34
C VAL G 67 -28.19 87.95 -62.40
N ILE G 68 -29.42 87.69 -61.99
CA ILE G 68 -30.45 87.14 -62.87
C ILE G 68 -31.80 87.49 -62.26
N GLU G 69 -32.85 87.42 -63.08
CA GLU G 69 -34.17 87.83 -62.64
C GLU G 69 -35.19 86.75 -62.98
N SER G 70 -35.58 85.97 -61.97
CA SER G 70 -36.58 84.95 -62.17
C SER G 70 -37.96 85.56 -62.22
N GLU G 71 -38.85 84.96 -63.00
CA GLU G 71 -40.21 85.45 -63.11
C GLU G 71 -41.24 84.36 -62.85
N ASP H 6 -17.75 84.25 -46.77
CA ASP H 6 -18.06 83.47 -45.59
C ASP H 6 -18.98 84.19 -44.62
N PHE H 7 -19.13 85.50 -44.80
CA PHE H 7 -19.90 86.30 -43.85
C PHE H 7 -20.59 87.44 -44.56
N VAL H 8 -21.68 87.90 -43.94
CA VAL H 8 -22.50 88.97 -44.48
C VAL H 8 -22.56 90.10 -43.49
N VAL H 9 -22.87 91.30 -43.99
CA VAL H 9 -22.94 92.50 -43.16
C VAL H 9 -24.31 93.13 -43.37
N ILE H 10 -25.09 93.23 -42.29
CA ILE H 10 -26.45 93.74 -42.35
C ILE H 10 -26.54 95.00 -41.53
N LYS H 11 -26.79 96.13 -42.18
CA LYS H 11 -27.01 97.38 -41.49
C LYS H 11 -28.51 97.62 -41.42
N ALA H 12 -29.06 97.65 -40.21
CA ALA H 12 -30.49 97.82 -40.09
C ALA H 12 -30.88 99.28 -40.23
N LEU H 13 -31.50 99.62 -41.35
CA LEU H 13 -31.88 100.98 -41.65
C LEU H 13 -33.17 101.41 -40.96
N GLU H 14 -33.91 100.47 -40.37
CA GLU H 14 -35.12 100.80 -39.64
C GLU H 14 -35.21 99.88 -38.44
N ASP H 15 -36.10 100.22 -37.53
CA ASP H 15 -36.21 99.46 -36.29
C ASP H 15 -36.87 98.11 -36.53
N GLY H 16 -36.61 97.18 -35.62
CA GLY H 16 -37.26 95.89 -35.64
C GLY H 16 -36.91 95.00 -36.80
N VAL H 17 -35.70 95.11 -37.33
CA VAL H 17 -35.33 94.25 -38.45
C VAL H 17 -35.00 92.86 -37.93
N ASN H 18 -35.67 91.85 -38.46
CA ASN H 18 -35.51 90.48 -38.01
C ASN H 18 -34.48 89.78 -38.86
N VAL H 19 -33.66 88.95 -38.25
CA VAL H 19 -32.69 88.11 -38.94
C VAL H 19 -32.89 86.69 -38.44
N ILE H 20 -33.22 85.78 -39.34
CA ILE H 20 -33.62 84.43 -38.98
C ILE H 20 -32.53 83.45 -39.38
N GLY H 21 -32.04 82.70 -38.42
CA GLY H 21 -31.01 81.71 -38.68
C GLY H 21 -29.82 81.83 -37.75
N SER H 33 -33.44 83.35 -34.10
CA SER H 33 -33.93 84.66 -34.51
C SER H 33 -33.27 85.78 -33.73
N GLU H 34 -32.97 86.88 -34.40
CA GLU H 34 -32.39 88.06 -33.77
C GLU H 34 -33.13 89.30 -34.26
N CYS H 35 -33.16 90.34 -33.42
CA CYS H 35 -33.80 91.59 -33.78
C CYS H 35 -32.78 92.71 -33.69
N LEU H 36 -32.86 93.65 -34.64
CA LEU H 36 -31.95 94.78 -34.70
C LEU H 36 -32.74 96.07 -34.71
N ASP H 37 -32.18 97.09 -34.08
CA ASP H 37 -32.75 98.43 -34.12
C ASP H 37 -32.06 99.25 -35.19
N LYS H 38 -32.52 100.48 -35.36
CA LYS H 38 -32.02 101.34 -36.43
C LYS H 38 -30.60 101.79 -36.13
N GLY H 39 -29.72 101.59 -37.10
CA GLY H 39 -28.34 102.02 -36.98
C GLY H 39 -27.38 100.92 -36.57
N GLU H 40 -27.89 99.80 -36.07
CA GLU H 40 -27.00 98.71 -35.70
C GLU H 40 -26.52 97.98 -36.95
N VAL H 41 -25.43 97.25 -36.79
CA VAL H 41 -24.82 96.47 -37.86
C VAL H 41 -24.47 95.11 -37.32
N LEU H 42 -24.97 94.07 -37.96
CA LEU H 42 -24.67 92.70 -37.58
C LEU H 42 -23.81 92.06 -38.65
N ILE H 43 -22.66 91.54 -38.24
CA ILE H 43 -21.77 90.81 -39.13
C ILE H 43 -21.94 89.34 -38.77
N ALA H 44 -22.46 88.56 -39.72
CA ALA H 44 -22.84 87.19 -39.43
C ALA H 44 -22.06 86.22 -40.30
N GLN H 45 -21.44 85.23 -39.66
CA GLN H 45 -20.74 84.18 -40.37
C GLN H 45 -21.65 82.96 -40.49
N PHE H 46 -21.38 82.14 -41.50
CA PHE H 46 -22.15 80.93 -41.68
C PHE H 46 -21.51 79.77 -40.94
N THR H 47 -22.27 79.21 -39.99
CA THR H 47 -21.83 78.02 -39.27
C THR H 47 -22.29 76.80 -40.05
N GLU H 48 -22.15 75.64 -39.41
CA GLU H 48 -22.78 74.44 -39.96
C GLU H 48 -24.29 74.51 -39.79
N HIS H 49 -24.74 74.99 -38.63
CA HIS H 49 -26.16 75.13 -38.34
C HIS H 49 -26.84 76.18 -39.20
N THR H 50 -26.34 77.41 -39.16
CA THR H 50 -26.90 78.51 -39.93
C THR H 50 -26.51 78.32 -41.38
N SER H 51 -27.39 77.67 -42.15
CA SER H 51 -27.17 77.46 -43.56
C SER H 51 -28.04 78.36 -44.42
N ALA H 52 -28.92 79.15 -43.81
CA ALA H 52 -29.79 80.06 -44.54
C ALA H 52 -30.15 81.21 -43.62
N ILE H 53 -30.15 82.41 -44.18
CA ILE H 53 -30.41 83.63 -43.43
C ILE H 53 -31.50 84.41 -44.15
N LYS H 54 -32.58 84.69 -43.44
CA LYS H 54 -33.69 85.46 -43.99
C LYS H 54 -33.74 86.80 -43.29
N VAL H 55 -33.93 87.87 -44.07
CA VAL H 55 -33.90 89.23 -43.56
C VAL H 55 -35.23 89.89 -43.88
N ARG H 56 -35.90 90.41 -42.85
CA ARG H 56 -37.15 91.13 -43.02
C ARG H 56 -36.91 92.61 -42.78
N GLY H 57 -37.85 93.43 -43.21
CA GLY H 57 -37.79 94.86 -42.96
C GLY H 57 -36.74 95.55 -43.83
N LYS H 58 -36.61 96.85 -43.60
CA LYS H 58 -35.69 97.66 -44.38
C LYS H 58 -34.29 97.52 -43.83
N ALA H 59 -33.39 96.94 -44.62
CA ALA H 59 -32.01 96.74 -44.20
C ALA H 59 -31.12 96.80 -45.43
N TYR H 60 -29.84 97.02 -45.18
CA TYR H 60 -28.85 97.18 -46.23
C TYR H 60 -27.78 96.11 -46.06
N ILE H 61 -27.69 95.19 -47.01
CA ILE H 61 -26.87 94.00 -46.87
C ILE H 61 -25.68 94.09 -47.81
N GLN H 62 -24.50 93.79 -47.30
CA GLN H 62 -23.31 93.62 -48.10
C GLN H 62 -22.87 92.17 -48.00
N THR H 63 -22.74 91.51 -49.14
CA THR H 63 -22.20 90.17 -49.23
C THR H 63 -20.96 90.21 -50.09
N SER H 64 -20.44 89.01 -50.40
CA SER H 64 -19.32 88.92 -51.34
C SER H 64 -19.76 89.25 -52.74
N HIS H 65 -21.02 88.96 -53.09
CA HIS H 65 -21.54 89.21 -54.42
C HIS H 65 -21.91 90.67 -54.65
N GLY H 66 -21.88 91.50 -53.61
CA GLY H 66 -22.22 92.89 -53.75
C GLY H 66 -23.18 93.31 -52.66
N VAL H 67 -23.91 94.39 -52.93
CA VAL H 67 -24.83 94.95 -51.95
C VAL H 67 -26.25 94.77 -52.45
N ILE H 68 -27.19 94.87 -51.50
CA ILE H 68 -28.60 94.70 -51.79
C ILE H 68 -29.37 95.40 -50.68
N GLU H 69 -30.64 95.70 -50.93
CA GLU H 69 -31.46 96.45 -49.98
C GLU H 69 -32.78 95.75 -49.74
N SER H 70 -32.88 95.07 -48.62
CA SER H 70 -34.12 94.39 -48.26
C SER H 70 -35.13 95.41 -47.74
N GLU H 71 -36.40 95.14 -48.01
CA GLU H 71 -37.46 96.02 -47.53
C GLU H 71 -38.53 95.26 -46.75
N ASP I 6 -11.56 87.09 -42.82
CA ASP I 6 -11.51 86.39 -41.55
C ASP I 6 -11.62 87.34 -40.36
N PHE I 7 -11.45 88.63 -40.59
CA PHE I 7 -11.42 89.58 -39.49
C PHE I 7 -12.00 90.92 -39.94
N VAL I 8 -12.50 91.67 -38.97
CA VAL I 8 -13.13 92.95 -39.20
C VAL I 8 -12.39 94.02 -38.41
N VAL I 9 -12.53 95.27 -38.84
CA VAL I 9 -11.87 96.39 -38.22
C VAL I 9 -12.92 97.42 -37.84
N ILE I 10 -13.05 97.72 -36.56
CA ILE I 10 -14.07 98.63 -36.06
C ILE I 10 -13.40 99.83 -35.43
N LYS I 11 -13.58 100.99 -36.02
CA LYS I 11 -13.09 102.24 -35.44
C LYS I 11 -14.25 102.92 -34.74
N ALA I 12 -14.14 103.07 -33.42
CA ALA I 12 -15.25 103.67 -32.68
C ALA I 12 -15.21 105.18 -32.81
N LEU I 13 -16.14 105.73 -33.57
CA LEU I 13 -16.20 107.17 -33.80
C LEU I 13 -16.85 107.94 -32.66
N GLU I 14 -17.47 107.26 -31.71
CA GLU I 14 -18.05 107.91 -30.56
C GLU I 14 -17.85 107.02 -29.35
N ASP I 15 -18.09 107.58 -28.17
CA ASP I 15 -17.82 106.85 -26.95
C ASP I 15 -18.88 105.79 -26.71
N GLY I 16 -18.51 104.78 -25.92
CA GLY I 16 -19.45 103.75 -25.50
C GLY I 16 -19.95 102.84 -26.60
N VAL I 17 -19.15 102.59 -27.63
CA VAL I 17 -19.60 101.70 -28.68
C VAL I 17 -19.48 100.26 -28.22
N ASN I 18 -20.59 99.53 -28.28
CA ASN I 18 -20.64 98.16 -27.79
C ASN I 18 -20.37 97.21 -28.95
N VAL I 19 -19.65 96.14 -28.67
CA VAL I 19 -19.39 95.07 -29.63
C VAL I 19 -19.74 93.77 -28.93
N ILE I 20 -20.69 93.04 -29.49
CA ILE I 20 -21.26 91.87 -28.84
C ILE I 20 -20.82 90.62 -29.58
N GLY I 21 -20.18 89.70 -28.85
CA GLY I 21 -19.72 88.46 -29.44
C GLY I 21 -18.27 88.17 -29.16
N SER I 33 -19.18 90.60 -24.47
CA SER I 33 -19.41 92.01 -24.76
C SER I 33 -18.17 92.85 -24.47
N GLU I 34 -17.91 93.82 -25.34
CA GLU I 34 -16.78 94.74 -25.17
C GLU I 34 -17.26 96.16 -25.40
N CYS I 35 -16.60 97.12 -24.76
CA CYS I 35 -16.94 98.53 -24.93
C CYS I 35 -15.72 99.28 -25.43
N LEU I 36 -15.95 100.22 -26.34
CA LEU I 36 -14.88 101.03 -26.92
C LEU I 36 -15.18 102.49 -26.72
N ASP I 37 -14.13 103.27 -26.53
CA ASP I 37 -14.23 104.72 -26.45
C ASP I 37 -13.89 105.33 -27.80
N LYS I 38 -14.01 106.65 -27.89
CA LYS I 38 -13.83 107.34 -29.15
C LYS I 38 -12.36 107.33 -29.57
N GLY I 39 -12.12 106.89 -30.79
CA GLY I 39 -10.80 106.87 -31.35
C GLY I 39 -10.12 105.53 -31.29
N GLU I 40 -10.63 104.59 -30.50
CA GLU I 40 -10.04 103.27 -30.45
C GLU I 40 -10.43 102.48 -31.68
N VAL I 41 -9.65 101.43 -31.97
CA VAL I 41 -9.86 100.56 -33.10
C VAL I 41 -9.70 99.13 -32.62
N LEU I 42 -10.73 98.32 -32.86
CA LEU I 42 -10.70 96.91 -32.50
C LEU I 42 -10.65 96.08 -33.76
N ILE I 43 -9.64 95.21 -33.86
CA ILE I 43 -9.53 94.27 -34.96
C ILE I 43 -9.93 92.92 -34.42
N ALA I 44 -11.01 92.37 -34.93
CA ALA I 44 -11.61 91.18 -34.36
C ALA I 44 -11.63 90.05 -35.37
N GLN I 45 -11.11 88.90 -34.98
CA GLN I 45 -11.16 87.71 -35.79
C GLN I 45 -12.33 86.83 -35.36
N PHE I 46 -12.80 86.01 -36.29
CA PHE I 46 -13.88 85.09 -35.99
C PHE I 46 -13.35 83.77 -35.47
N THR I 47 -13.71 83.43 -34.25
CA THR I 47 -13.36 82.15 -33.67
C THR I 47 -14.45 81.16 -34.02
N GLU I 48 -14.39 79.99 -33.38
CA GLU I 48 -15.51 79.06 -33.45
C GLU I 48 -16.68 79.58 -32.63
N HIS I 49 -16.39 80.13 -31.46
CA HIS I 49 -17.41 80.70 -30.58
C HIS I 49 -18.06 81.93 -31.16
N THR I 50 -17.27 82.96 -31.48
CA THR I 50 -17.77 84.20 -32.04
C THR I 50 -18.16 83.95 -33.47
N SER I 51 -19.44 83.64 -33.69
CA SER I 51 -19.97 83.42 -35.03
C SER I 51 -20.84 84.58 -35.49
N ALA I 52 -21.07 85.58 -34.65
CA ALA I 52 -21.86 86.73 -35.01
C ALA I 52 -21.41 87.91 -34.17
N ILE I 53 -21.32 89.07 -34.79
CA ILE I 53 -20.84 90.28 -34.13
C ILE I 53 -21.85 91.38 -34.37
N LYS I 54 -22.36 91.96 -33.30
CA LYS I 54 -23.31 93.05 -33.36
C LYS I 54 -22.64 94.33 -32.87
N VAL I 55 -22.84 95.42 -33.59
CA VAL I 55 -22.20 96.69 -33.30
C VAL I 55 -23.26 97.74 -33.07
N ARG I 56 -23.21 98.40 -31.92
CA ARG I 56 -24.12 99.48 -31.58
C ARG I 56 -23.39 100.80 -31.65
N GLY I 57 -24.12 101.89 -31.69
CA GLY I 57 -23.55 103.22 -31.66
C GLY I 57 -22.87 103.58 -32.96
N LYS I 58 -22.27 104.76 -32.96
CA LYS I 58 -21.62 105.28 -34.16
C LYS I 58 -20.23 104.70 -34.28
N ALA I 59 -20.02 103.90 -35.32
CA ALA I 59 -18.73 103.27 -35.55
C ALA I 59 -18.51 103.10 -37.04
N TYR I 60 -17.26 102.89 -37.42
CA TYR I 60 -16.86 102.78 -38.80
C TYR I 60 -16.20 101.43 -39.01
N ILE I 61 -16.82 100.57 -39.80
CA ILE I 61 -16.42 99.18 -39.91
C ILE I 61 -15.84 98.93 -41.29
N GLN I 62 -14.70 98.26 -41.33
CA GLN I 62 -14.11 97.75 -42.56
C GLN I 62 -14.11 96.24 -42.49
N THR I 63 -14.72 95.62 -43.50
CA THR I 63 -14.69 94.18 -43.67
C THR I 63 -14.04 93.86 -45.01
N SER I 64 -14.09 92.58 -45.38
CA SER I 64 -13.61 92.18 -46.69
C SER I 64 -14.53 92.69 -47.79
N HIS I 65 -15.83 92.81 -47.50
CA HIS I 65 -16.81 93.27 -48.47
C HIS I 65 -16.80 94.78 -48.66
N GLY I 66 -16.05 95.51 -47.85
CA GLY I 66 -16.00 96.94 -47.98
C GLY I 66 -16.18 97.60 -46.63
N VAL I 67 -16.60 98.85 -46.65
CA VAL I 67 -16.76 99.64 -45.44
C VAL I 67 -18.24 99.92 -45.22
N ILE I 68 -18.57 100.28 -43.98
CA ILE I 68 -19.94 100.56 -43.58
C ILE I 68 -19.86 101.42 -42.33
N GLU I 69 -20.96 102.11 -42.02
CA GLU I 69 -21.00 103.03 -40.90
C GLU I 69 -22.20 102.76 -40.01
N SER I 70 -21.96 102.11 -38.89
CA SER I 70 -23.04 101.84 -37.95
C SER I 70 -23.34 103.09 -37.15
N GLU I 71 -24.61 103.24 -36.78
CA GLU I 71 -25.03 104.39 -35.99
C GLU I 71 -25.79 103.97 -34.74
N ASP J 6 -3.49 87.82 -42.30
CA ASP J 6 -3.10 87.09 -41.11
C ASP J 6 -2.41 87.98 -40.09
N PHE J 7 -1.98 89.16 -40.50
CA PHE J 7 -1.19 90.01 -39.62
C PHE J 7 -1.49 91.48 -39.91
N VAL J 8 -1.25 92.31 -38.90
CA VAL J 8 -1.52 93.73 -38.98
C VAL J 8 -0.22 94.48 -38.69
N VAL J 9 -0.16 95.73 -39.14
CA VAL J 9 1.01 96.58 -38.99
C VAL J 9 0.57 97.87 -38.31
N ILE J 10 1.12 98.13 -37.13
CA ILE J 10 0.73 99.29 -36.34
C ILE J 10 1.94 100.19 -36.18
N LYS J 11 1.86 101.39 -36.75
CA LYS J 11 2.90 102.39 -36.56
C LYS J 11 2.43 103.37 -35.50
N ALA J 12 3.14 103.44 -34.39
CA ALA J 12 2.70 104.31 -33.32
C ALA J 12 3.13 105.74 -33.59
N LEU J 13 2.17 106.59 -33.94
CA LEU J 13 2.43 107.98 -34.26
C LEU J 13 2.61 108.87 -33.05
N GLU J 14 2.30 108.37 -31.86
CA GLU J 14 2.49 109.14 -30.64
C GLU J 14 2.94 108.17 -29.55
N ASP J 15 3.41 108.74 -28.45
CA ASP J 15 3.95 107.91 -27.39
C ASP J 15 2.85 107.22 -26.61
N GLY J 16 3.20 106.12 -25.96
CA GLY J 16 2.29 105.42 -25.08
C GLY J 16 1.12 104.75 -25.75
N VAL J 17 1.28 104.31 -26.99
CA VAL J 17 0.17 103.64 -27.66
C VAL J 17 0.05 102.22 -27.14
N ASN J 18 -1.13 101.87 -26.65
CA ASN J 18 -1.38 100.56 -26.06
C ASN J 18 -1.93 99.62 -27.11
N VAL J 19 -1.51 98.37 -27.06
CA VAL J 19 -2.03 97.33 -27.92
C VAL J 19 -2.41 96.16 -27.01
N ILE J 20 -3.68 95.79 -27.04
CA ILE J 20 -4.22 94.83 -26.08
C ILE J 20 -4.52 93.53 -26.81
N GLY J 21 -3.95 92.43 -26.35
CA GLY J 21 -4.19 91.13 -26.94
C GLY J 21 -2.91 90.40 -27.27
N SER J 33 -0.92 92.81 -22.92
CA SER J 33 -0.82 94.22 -23.23
C SER J 33 0.60 94.62 -23.59
N GLU J 34 0.75 95.50 -24.57
CA GLU J 34 2.04 96.01 -24.99
C GLU J 34 1.96 97.53 -25.15
N CYS J 35 3.07 98.21 -24.94
CA CYS J 35 3.13 99.65 -25.09
C CYS J 35 4.16 100.01 -26.15
N LEU J 36 3.85 101.02 -26.96
CA LEU J 36 4.74 101.46 -28.02
C LEU J 36 5.02 102.94 -27.86
N ASP J 37 6.23 103.35 -28.21
CA ASP J 37 6.60 104.75 -28.26
C ASP J 37 6.48 105.28 -29.68
N LYS J 38 6.73 106.58 -29.83
CA LYS J 38 6.54 107.23 -31.12
C LYS J 38 7.59 106.78 -32.12
N GLY J 39 7.14 106.33 -33.28
CA GLY J 39 8.01 105.92 -34.34
C GLY J 39 8.22 104.43 -34.44
N GLU J 40 7.85 103.68 -33.42
CA GLU J 40 7.98 102.24 -33.49
C GLU J 40 6.88 101.65 -34.35
N VAL J 41 7.11 100.43 -34.82
CA VAL J 41 6.18 99.71 -35.67
C VAL J 41 6.09 98.28 -35.15
N LEU J 42 4.89 97.83 -34.85
CA LEU J 42 4.65 96.48 -34.40
C LEU J 42 3.89 95.72 -35.47
N ILE J 43 4.44 94.59 -35.90
CA ILE J 43 3.78 93.71 -36.83
C ILE J 43 3.28 92.51 -36.03
N ALA J 44 1.97 92.36 -35.98
CA ALA J 44 1.37 91.38 -35.09
C ALA J 44 0.57 90.36 -35.87
N GLN J 45 0.84 89.09 -35.63
CA GLN J 45 0.09 88.00 -36.23
C GLN J 45 -0.96 87.51 -35.24
N PHE J 46 -2.02 86.93 -35.79
CA PHE J 46 -3.08 86.38 -34.96
C PHE J 46 -2.78 84.94 -34.60
N THR J 47 -2.66 84.68 -33.30
CA THR J 47 -2.49 83.33 -32.80
C THR J 47 -3.87 82.74 -32.54
N GLU J 48 -3.88 81.58 -31.89
CA GLU J 48 -5.14 81.06 -31.37
C GLU J 48 -5.62 81.89 -30.19
N HIS J 49 -4.70 82.27 -29.31
CA HIS J 49 -5.01 83.08 -28.15
C HIS J 49 -5.45 84.49 -28.52
N THR J 50 -4.61 85.23 -29.25
CA THR J 50 -4.92 86.59 -29.66
C THR J 50 -5.96 86.52 -30.77
N SER J 51 -7.23 86.64 -30.39
CA SER J 51 -8.32 86.65 -31.34
C SER J 51 -8.92 88.04 -31.50
N ALA J 52 -8.46 89.02 -30.75
CA ALA J 52 -8.94 90.37 -30.85
C ALA J 52 -7.84 91.32 -30.41
N ILE J 53 -7.70 92.42 -31.13
CA ILE J 53 -6.65 93.39 -30.86
C ILE J 53 -7.28 94.77 -30.76
N LYS J 54 -7.07 95.43 -29.63
CA LYS J 54 -7.59 96.77 -29.40
C LYS J 54 -6.43 97.74 -29.38
N VAL J 55 -6.60 98.88 -30.04
CA VAL J 55 -5.54 99.86 -30.19
C VAL J 55 -6.03 101.19 -29.63
N ARG J 56 -5.29 101.75 -28.69
CA ARG J 56 -5.60 103.04 -28.12
C ARG J 56 -4.61 104.08 -28.62
N GLY J 57 -4.94 105.35 -28.45
CA GLY J 57 -4.04 106.42 -28.81
C GLY J 57 -3.93 106.61 -30.31
N LYS J 58 -3.07 107.54 -30.68
CA LYS J 58 -2.89 107.88 -32.09
C LYS J 58 -1.93 106.91 -32.73
N ALA J 59 -2.44 106.13 -33.67
CA ALA J 59 -1.63 105.13 -34.36
C ALA J 59 -2.14 104.96 -35.78
N TYR J 60 -1.31 104.39 -36.63
CA TYR J 60 -1.61 104.21 -38.04
C TYR J 60 -1.53 102.73 -38.37
N ILE J 61 -2.67 102.14 -38.72
CA ILE J 61 -2.79 100.69 -38.85
C ILE J 61 -2.96 100.34 -40.31
N GLN J 62 -2.21 99.35 -40.77
CA GLN J 62 -2.39 98.73 -42.07
C GLN J 62 -2.82 97.30 -41.86
N THR J 63 -3.96 96.93 -42.43
CA THR J 63 -4.44 95.56 -42.45
C THR J 63 -4.56 95.11 -43.89
N SER J 64 -5.13 93.93 -44.08
CA SER J 64 -5.42 93.45 -45.43
C SER J 64 -6.53 94.26 -46.06
N HIS J 65 -7.48 94.76 -45.27
CA HIS J 65 -8.60 95.54 -45.78
C HIS J 65 -8.23 96.97 -46.11
N GLY J 66 -7.02 97.41 -45.77
CA GLY J 66 -6.61 98.76 -46.05
C GLY J 66 -5.97 99.39 -44.83
N VAL J 67 -5.98 100.72 -44.80
CA VAL J 67 -5.36 101.46 -43.73
C VAL J 67 -6.43 102.18 -42.92
N ILE J 68 -6.06 102.57 -41.70
CA ILE J 68 -6.96 103.25 -40.79
C ILE J 68 -6.11 103.99 -39.78
N GLU J 69 -6.69 104.97 -39.10
CA GLU J 69 -5.96 105.82 -38.19
C GLU J 69 -6.67 105.90 -36.85
N SER J 70 -6.18 105.16 -35.87
CA SER J 70 -6.76 105.20 -34.54
C SER J 70 -6.30 106.45 -33.81
N GLU J 71 -7.17 106.98 -32.96
CA GLU J 71 -6.84 108.17 -32.18
C GLU J 71 -7.07 107.96 -30.69
N ASP K 6 3.46 86.11 -45.64
CA ASP K 6 4.12 85.22 -44.70
C ASP K 6 5.44 85.80 -44.19
N PHE K 7 5.96 86.82 -44.86
CA PHE K 7 7.27 87.34 -44.52
C PHE K 7 7.32 88.84 -44.76
N VAL K 8 8.22 89.49 -44.04
CA VAL K 8 8.38 90.94 -44.10
C VAL K 8 9.82 91.25 -44.50
N VAL K 9 10.02 92.45 -45.04
CA VAL K 9 11.33 92.89 -45.51
C VAL K 9 11.65 94.20 -44.81
N ILE K 10 12.73 94.22 -44.04
CA ILE K 10 13.11 95.40 -43.26
C ILE K 10 14.46 95.88 -43.75
N LYS K 11 14.49 97.07 -44.33
CA LYS K 11 15.73 97.71 -44.72
C LYS K 11 16.12 98.72 -43.65
N ALA K 12 17.24 98.50 -42.99
CA ALA K 12 17.63 99.40 -41.91
C ALA K 12 18.28 100.65 -42.47
N LEU K 13 17.56 101.76 -42.42
CA LEU K 13 18.03 103.03 -42.95
C LEU K 13 19.00 103.74 -42.02
N GLU K 14 19.15 103.29 -40.78
CA GLU K 14 20.10 103.88 -39.86
C GLU K 14 20.69 102.76 -39.02
N ASP K 15 21.77 103.08 -38.30
CA ASP K 15 22.46 102.07 -37.55
C ASP K 15 21.69 101.70 -36.29
N GLY K 16 21.96 100.50 -35.78
CA GLY K 16 21.40 100.05 -34.53
C GLY K 16 19.92 99.81 -34.54
N VAL K 17 19.34 99.41 -35.67
CA VAL K 17 17.92 99.15 -35.70
C VAL K 17 17.63 97.80 -35.07
N ASN K 18 16.77 97.79 -34.06
CA ASN K 18 16.46 96.58 -33.31
C ASN K 18 15.23 95.92 -33.91
N VAL K 19 15.25 94.60 -33.95
CA VAL K 19 14.10 93.81 -34.39
C VAL K 19 13.86 92.76 -33.31
N ILE K 20 12.68 92.78 -32.72
CA ILE K 20 12.38 91.96 -31.55
C ILE K 20 11.40 90.87 -31.94
N GLY K 21 11.79 89.62 -31.69
CA GLY K 21 10.93 88.50 -32.01
C GLY K 21 11.63 87.44 -32.83
N SER K 33 16.01 88.85 -30.08
CA SER K 33 16.38 90.20 -30.52
C SER K 33 17.52 90.17 -31.53
N GLU K 34 17.43 91.03 -32.53
CA GLU K 34 18.47 91.16 -33.54
C GLU K 34 18.78 92.64 -33.76
N CYS K 35 20.01 92.94 -34.15
CA CYS K 35 20.40 94.31 -34.43
C CYS K 35 20.89 94.41 -35.88
N LEU K 36 20.55 95.50 -36.54
CA LEU K 36 20.94 95.74 -37.92
C LEU K 36 21.68 97.06 -38.03
N ASP K 37 22.65 97.10 -38.93
CA ASP K 37 23.36 98.32 -39.26
C ASP K 37 22.75 98.96 -40.50
N LYS K 38 23.27 100.13 -40.86
CA LYS K 38 22.72 100.89 -41.97
C LYS K 38 23.00 100.21 -43.30
N GLY K 39 21.95 99.99 -44.08
CA GLY K 39 22.07 99.41 -45.39
C GLY K 39 21.76 97.92 -45.45
N GLU K 40 21.70 97.26 -44.31
CA GLU K 40 21.36 95.85 -44.31
C GLU K 40 19.87 95.68 -44.53
N VAL K 41 19.48 94.48 -44.94
CA VAL K 41 18.10 94.12 -45.20
C VAL K 41 17.85 92.76 -44.58
N LEU K 42 16.85 92.67 -43.73
CA LEU K 42 16.46 91.42 -43.10
C LEU K 42 15.11 90.99 -43.64
N ILE K 43 15.05 89.78 -44.18
CA ILE K 43 13.80 89.19 -44.64
C ILE K 43 13.40 88.16 -43.59
N ALA K 44 12.28 88.39 -42.93
CA ALA K 44 11.90 87.60 -41.77
C ALA K 44 10.57 86.91 -42.03
N GLN K 45 10.55 85.60 -41.83
CA GLN K 45 9.32 84.83 -41.91
C GLN K 45 8.74 84.62 -40.53
N PHE K 46 7.43 84.41 -40.48
CA PHE K 46 6.77 84.15 -39.21
C PHE K 46 6.75 82.66 -38.90
N THR K 47 7.38 82.30 -37.79
CA THR K 47 7.36 80.93 -37.31
C THR K 47 6.15 80.76 -36.40
N GLU K 48 6.10 79.62 -35.72
CA GLU K 48 5.13 79.47 -34.64
C GLU K 48 5.52 80.32 -33.45
N HIS K 49 6.80 80.36 -33.13
CA HIS K 49 7.32 81.16 -32.02
C HIS K 49 7.19 82.65 -32.27
N THR K 50 7.77 83.15 -33.35
CA THR K 50 7.74 84.56 -33.69
C THR K 50 6.34 84.89 -34.19
N SER K 51 5.48 85.34 -33.28
CA SER K 51 4.12 85.75 -33.63
C SER K 51 3.95 87.25 -33.61
N ALA K 52 4.98 88.00 -33.24
CA ALA K 52 4.92 89.45 -33.23
C ALA K 52 6.33 89.99 -33.42
N ILE K 53 6.44 91.04 -34.22
CA ILE K 53 7.73 91.63 -34.55
C ILE K 53 7.64 93.12 -34.28
N LYS K 54 8.53 93.62 -33.44
CA LYS K 54 8.60 95.04 -33.10
C LYS K 54 9.87 95.62 -33.69
N VAL K 55 9.76 96.79 -34.30
CA VAL K 55 10.86 97.43 -35.00
C VAL K 55 11.09 98.80 -34.39
N ARG K 56 12.32 99.05 -33.95
CA ARG K 56 12.70 100.34 -33.41
C ARG K 56 13.61 101.06 -34.40
N GLY K 57 13.77 102.36 -34.21
CA GLY K 57 14.67 103.13 -35.02
C GLY K 57 14.13 103.37 -36.42
N LYS K 58 14.96 104.03 -37.22
CA LYS K 58 14.56 104.39 -38.57
C LYS K 58 14.78 103.21 -39.50
N ALA K 59 13.69 102.67 -40.04
CA ALA K 59 13.76 101.53 -40.94
C ALA K 59 12.62 101.61 -41.93
N TYR K 60 12.77 100.87 -43.02
CA TYR K 60 11.81 100.88 -44.12
C TYR K 60 11.29 99.47 -44.32
N ILE K 61 10.00 99.27 -44.06
CA ILE K 61 9.42 97.94 -44.00
C ILE K 61 8.49 97.74 -45.19
N GLN K 62 8.63 96.60 -45.85
CA GLN K 62 7.69 96.15 -46.86
C GLN K 62 7.01 94.90 -46.36
N THR K 63 5.68 94.93 -46.32
CA THR K 63 4.87 93.77 -46.00
C THR K 63 3.97 93.47 -47.18
N SER K 64 3.05 92.52 -46.98
CA SER K 64 2.06 92.25 -48.00
C SER K 64 1.06 93.39 -48.12
N HIS K 65 0.80 94.09 -47.04
CA HIS K 65 -0.15 95.20 -47.04
C HIS K 65 0.43 96.48 -47.62
N GLY K 66 1.72 96.51 -47.91
CA GLY K 66 2.33 97.69 -48.46
C GLY K 66 3.61 98.03 -47.72
N VAL K 67 4.01 99.29 -47.82
CA VAL K 67 5.25 99.74 -47.21
C VAL K 67 4.93 100.70 -46.07
N ILE K 68 5.91 100.87 -45.19
CA ILE K 68 5.78 101.74 -44.03
C ILE K 68 7.18 102.13 -43.58
N GLU K 69 7.29 103.19 -42.80
CA GLU K 69 8.58 103.73 -42.39
C GLU K 69 8.62 103.93 -40.89
N SER K 70 9.26 103.01 -40.19
CA SER K 70 9.40 103.14 -38.75
C SER K 70 10.48 104.15 -38.42
N GLU K 71 10.30 104.86 -37.31
CA GLU K 71 11.29 105.84 -36.88
C GLU K 71 11.72 105.61 -35.44
N ASP L 6 51.65 81.08 17.80
CA ASP L 6 50.32 80.56 17.52
C ASP L 6 49.25 81.64 17.48
N PHE L 7 49.56 82.82 17.99
CA PHE L 7 48.57 83.87 18.09
C PHE L 7 49.22 85.23 17.91
N VAL L 8 48.41 86.19 17.49
CA VAL L 8 48.84 87.54 17.20
C VAL L 8 48.04 88.50 18.07
N VAL L 9 48.61 89.70 18.28
CA VAL L 9 48.00 90.72 19.11
C VAL L 9 47.89 91.99 18.29
N ILE L 10 46.67 92.47 18.07
CA ILE L 10 46.41 93.63 17.23
C ILE L 10 45.80 94.72 18.09
N LYS L 11 46.52 95.82 18.25
CA LYS L 11 45.98 96.98 18.95
C LYS L 11 45.53 97.98 17.90
N ALA L 12 44.23 98.27 17.88
CA ALA L 12 43.72 99.18 16.86
C ALA L 12 43.97 100.62 17.27
N LEU L 13 44.92 101.27 16.59
CA LEU L 13 45.29 102.64 16.90
C LEU L 13 44.33 103.66 16.32
N GLU L 14 43.43 103.25 15.44
CA GLU L 14 42.44 104.17 14.87
C GLU L 14 41.14 103.40 14.72
N ASP L 15 40.07 104.15 14.48
CA ASP L 15 38.75 103.53 14.40
C ASP L 15 38.58 102.77 13.10
N GLY L 16 37.65 101.80 13.12
CA GLY L 16 37.29 101.07 11.93
C GLY L 16 38.36 100.17 11.38
N VAL L 17 39.23 99.61 12.22
CA VAL L 17 40.25 98.72 11.71
C VAL L 17 39.65 97.36 11.43
N ASN L 18 39.80 96.90 10.20
CA ASN L 18 39.22 95.63 9.77
C ASN L 18 40.22 94.51 9.94
N VAL L 19 39.74 93.35 10.35
CA VAL L 19 40.55 92.15 10.47
C VAL L 19 39.81 91.05 9.74
N ILE L 20 40.43 90.48 8.72
CA ILE L 20 39.76 89.54 7.81
C ILE L 20 40.31 88.16 8.05
N GLY L 21 39.42 87.22 8.36
CA GLY L 21 39.82 85.84 8.58
C GLY L 21 39.29 85.28 9.88
N SER L 33 35.04 88.41 8.98
CA SER L 33 35.48 89.79 9.13
C SER L 33 35.09 90.36 10.48
N GLU L 34 35.99 91.14 11.07
CA GLU L 34 35.73 91.80 12.35
C GLU L 34 36.17 93.26 12.25
N CYS L 35 35.53 94.12 13.03
CA CYS L 35 35.87 95.53 13.05
C CYS L 35 36.25 95.94 14.47
N LEU L 36 37.27 96.78 14.58
CA LEU L 36 37.75 97.25 15.87
C LEU L 36 37.73 98.77 15.91
N ASP L 37 37.46 99.31 17.08
CA ASP L 37 37.53 100.74 17.31
C ASP L 37 38.87 101.10 17.95
N LYS L 38 39.09 102.39 18.15
CA LYS L 38 40.37 102.87 18.65
C LYS L 38 40.55 102.47 20.11
N GLY L 39 41.70 101.85 20.40
CA GLY L 39 42.05 101.46 21.74
C GLY L 39 41.76 100.02 22.07
N GLU L 40 40.97 99.33 21.25
CA GLU L 40 40.71 97.93 21.51
C GLU L 40 41.91 97.09 21.10
N VAL L 41 41.97 95.88 21.64
CA VAL L 41 43.04 94.94 21.38
C VAL L 41 42.42 93.58 21.13
N LEU L 42 42.74 92.99 19.99
CA LEU L 42 42.25 91.66 19.64
C LEU L 42 43.41 90.69 19.65
N ILE L 43 43.27 89.63 20.43
CA ILE L 43 44.25 88.55 20.45
C ILE L 43 43.65 87.39 19.69
N ALA L 44 44.27 87.03 18.57
CA ALA L 44 43.68 86.08 17.65
C ALA L 44 44.59 84.88 17.49
N GLN L 45 44.02 83.69 17.68
CA GLN L 45 44.72 82.45 17.45
C GLN L 45 44.39 81.91 16.07
N PHE L 46 45.30 81.11 15.53
CA PHE L 46 45.07 80.50 14.23
C PHE L 46 44.36 79.16 14.38
N THR L 47 43.18 79.06 13.79
CA THR L 47 42.45 77.82 13.76
C THR L 47 42.86 77.05 12.51
N GLU L 48 42.12 75.98 12.23
CA GLU L 48 42.27 75.33 10.94
C GLU L 48 41.69 76.19 9.83
N HIS L 49 40.54 76.81 10.09
CA HIS L 49 39.88 77.68 9.13
C HIS L 49 40.66 78.95 8.86
N THR L 50 40.95 79.72 9.90
CA THR L 50 41.69 80.98 9.78
C THR L 50 43.15 80.64 9.52
N SER L 51 43.52 80.59 8.25
CA SER L 51 44.89 80.34 7.86
C SER L 51 45.59 81.59 7.35
N ALA L 52 44.88 82.70 7.25
CA ALA L 52 45.46 83.96 6.80
C ALA L 52 44.66 85.10 7.42
N ILE L 53 45.38 86.13 7.85
CA ILE L 53 44.76 87.27 8.51
C ILE L 53 45.26 88.53 7.83
N LYS L 54 44.32 89.34 7.34
CA LYS L 54 44.64 90.59 6.68
C LYS L 54 44.16 91.74 7.57
N VAL L 55 45.01 92.75 7.71
CA VAL L 55 44.73 93.87 8.60
C VAL L 55 44.76 95.15 7.79
N ARG L 56 43.68 95.92 7.85
CA ARG L 56 43.59 97.20 7.18
C ARG L 56 43.65 98.32 8.22
N GLY L 57 43.92 99.53 7.75
CA GLY L 57 43.92 100.68 8.62
C GLY L 57 45.14 100.74 9.52
N LYS L 58 45.15 101.74 10.38
CA LYS L 58 46.29 101.96 11.27
C LYS L 58 46.14 101.07 12.50
N ALA L 59 47.06 100.13 12.65
CA ALA L 59 47.02 99.20 13.77
C ALA L 59 48.45 98.80 14.12
N TYR L 60 48.62 98.29 15.33
CA TYR L 60 49.91 97.92 15.86
C TYR L 60 49.89 96.44 16.21
N ILE L 61 50.68 95.65 15.50
CA ILE L 61 50.61 94.20 15.58
C ILE L 61 51.85 93.67 16.26
N GLN L 62 51.66 92.76 17.20
CA GLN L 62 52.73 91.99 17.81
C GLN L 62 52.54 90.53 17.44
N THR L 63 53.57 89.94 16.83
CA THR L 63 53.59 88.52 16.54
C THR L 63 54.77 87.91 17.26
N SER L 64 55.03 86.64 16.96
CA SER L 64 56.22 85.98 17.49
C SER L 64 57.48 86.55 16.86
N HIS L 65 57.40 86.98 15.61
CA HIS L 65 58.55 87.51 14.90
C HIS L 65 58.88 88.94 15.28
N GLY L 66 58.04 89.59 16.07
CA GLY L 66 58.28 90.95 16.46
C GLY L 66 57.04 91.79 16.29
N VAL L 67 57.25 93.10 16.17
CA VAL L 67 56.15 94.05 16.05
C VAL L 67 56.17 94.67 14.67
N ILE L 68 55.04 95.23 14.28
CA ILE L 68 54.87 95.87 12.97
C ILE L 68 53.70 96.83 13.09
N GLU L 69 53.62 97.77 12.15
CA GLU L 69 52.61 98.81 12.20
C GLU L 69 51.90 98.93 10.87
N SER L 70 50.70 98.38 10.79
CA SER L 70 49.91 98.46 9.58
C SER L 70 49.28 99.85 9.47
N GLU L 71 49.12 100.32 8.24
CA GLU L 71 48.51 101.61 8.01
C GLU L 71 47.35 101.53 7.02
N ASP M 6 50.05 79.98 25.56
CA ASP M 6 48.75 79.33 25.63
C ASP M 6 47.72 80.14 26.40
N PHE M 7 48.18 81.14 27.15
CA PHE M 7 47.28 81.90 28.01
C PHE M 7 47.74 83.34 28.11
N VAL M 8 46.79 84.22 28.41
CA VAL M 8 47.03 85.65 28.51
C VAL M 8 46.63 86.11 29.90
N VAL M 9 47.19 87.24 30.32
CA VAL M 9 46.94 87.82 31.63
C VAL M 9 46.45 89.24 31.45
N ILE M 10 45.24 89.53 31.90
CA ILE M 10 44.62 90.82 31.71
C ILE M 10 44.38 91.45 33.07
N LYS M 11 45.06 92.55 33.36
CA LYS M 11 44.82 93.30 34.58
C LYS M 11 43.94 94.48 34.24
N ALA M 12 42.74 94.52 34.80
CA ALA M 12 41.83 95.60 34.47
C ALA M 12 42.17 96.86 35.26
N LEU M 13 42.72 97.85 34.58
CA LEU M 13 43.14 99.08 35.20
C LEU M 13 41.99 100.06 35.44
N GLU M 14 40.83 99.80 34.89
CA GLU M 14 39.67 100.64 35.12
C GLU M 14 38.44 99.75 35.18
N ASP M 15 37.34 100.31 35.65
CA ASP M 15 36.14 99.53 35.85
C ASP M 15 35.46 99.21 34.53
N GLY M 16 34.67 98.15 34.52
CA GLY M 16 33.87 97.79 33.38
C GLY M 16 34.64 97.33 32.16
N VAL M 17 35.80 96.70 32.35
CA VAL M 17 36.56 96.22 31.20
C VAL M 17 35.93 94.95 30.69
N ASN M 18 35.59 94.94 29.40
CA ASN M 18 34.91 93.80 28.79
C ASN M 18 35.94 92.89 28.15
N VAL M 19 35.71 91.60 28.24
CA VAL M 19 36.54 90.59 27.59
C VAL M 19 35.59 89.67 26.84
N ILE M 20 35.76 89.59 25.52
CA ILE M 20 34.81 88.91 24.67
C ILE M 20 35.45 87.63 24.14
N GLY M 21 34.81 86.50 24.38
CA GLY M 21 35.30 85.22 23.90
C GLY M 21 35.39 84.19 25.00
N SER M 33 31.04 86.60 26.98
CA SER M 33 31.46 87.91 27.46
C SER M 33 31.64 87.92 28.97
N GLU M 34 32.67 88.63 29.43
CA GLU M 34 32.95 88.77 30.85
C GLU M 34 33.26 90.23 31.15
N CYS M 35 32.95 90.66 32.37
CA CYS M 35 33.23 92.02 32.78
C CYS M 35 34.16 92.00 33.99
N LEU M 36 35.10 92.94 34.04
CA LEU M 36 36.05 93.04 35.12
C LEU M 36 36.00 94.44 35.73
N ASP M 37 36.21 94.50 37.03
CA ASP M 37 36.32 95.76 37.74
C ASP M 37 37.79 96.14 37.91
N LYS M 38 38.03 97.31 38.48
CA LYS M 38 39.38 97.82 38.61
C LYS M 38 40.17 97.02 39.63
N GLY M 39 41.35 96.55 39.22
CA GLY M 39 42.23 95.82 40.08
C GLY M 39 42.16 94.32 39.95
N GLU M 40 41.13 93.81 39.28
CA GLU M 40 41.05 92.38 39.07
C GLU M 40 42.01 91.95 37.97
N VAL M 41 42.32 90.67 37.95
CA VAL M 41 43.23 90.07 36.97
C VAL M 41 42.60 88.78 36.49
N LEU M 42 42.43 88.66 35.19
CA LEU M 42 41.89 87.46 34.58
C LEU M 42 42.98 86.77 33.79
N ILE M 43 43.22 85.50 34.11
CA ILE M 43 44.16 84.67 33.36
C ILE M 43 43.34 83.74 32.50
N ALA M 44 43.45 83.89 31.18
CA ALA M 44 42.57 83.20 30.27
C ALA M 44 43.36 82.30 29.34
N GLN M 45 42.97 81.04 29.27
CA GLN M 45 43.56 80.09 28.36
C GLN M 45 42.70 79.97 27.10
N PHE M 46 43.33 79.57 26.01
CA PHE M 46 42.62 79.39 24.76
C PHE M 46 42.08 77.97 24.65
N THR M 47 40.76 77.86 24.55
CA THR M 47 40.12 76.58 24.35
C THR M 47 40.01 76.35 22.84
N GLU M 48 39.26 75.32 22.47
CA GLU M 48 38.88 75.15 21.08
C GLU M 48 37.87 76.22 20.67
N HIS M 49 36.91 76.48 21.55
CA HIS M 49 35.88 77.49 21.31
C HIS M 49 36.44 78.90 21.26
N THR M 50 37.10 79.34 22.33
CA THR M 50 37.67 80.66 22.42
C THR M 50 38.90 80.71 21.53
N SER M 51 38.73 81.14 20.29
CA SER M 51 39.82 81.29 19.35
C SER M 51 40.20 82.75 19.13
N ALA M 52 39.48 83.68 19.73
CA ALA M 52 39.77 85.10 19.60
C ALA M 52 39.26 85.81 20.83
N ILE M 53 40.06 86.75 21.33
CA ILE M 53 39.73 87.48 22.54
C ILE M 53 39.85 88.96 22.25
N LYS M 54 38.78 89.70 22.48
CA LYS M 54 38.74 91.13 22.28
C LYS M 54 38.65 91.82 23.62
N VAL M 55 39.43 92.87 23.82
CA VAL M 55 39.52 93.57 25.09
C VAL M 55 39.16 95.03 24.87
N ARG M 56 38.18 95.51 25.61
CA ARG M 56 37.77 96.91 25.55
C ARG M 56 38.22 97.62 26.82
N GLY M 57 38.22 98.94 26.79
CA GLY M 57 38.55 99.73 27.95
C GLY M 57 40.02 99.70 28.29
N LYS M 58 40.36 100.37 29.38
CA LYS M 58 41.74 100.47 29.80
C LYS M 58 42.16 99.23 30.56
N ALA M 59 43.09 98.47 30.00
CA ALA M 59 43.56 97.24 30.62
C ALA M 59 45.00 97.02 30.25
N TYR M 60 45.67 96.18 31.02
CA TYR M 60 47.09 95.91 30.84
C TYR M 60 47.26 94.42 30.60
N ILE M 61 47.72 94.05 29.40
CA ILE M 61 47.73 92.67 28.96
C ILE M 61 49.17 92.18 28.87
N GLN M 62 49.41 90.99 29.41
CA GLN M 62 50.66 90.29 29.24
C GLN M 62 50.39 89.02 28.46
N THR M 63 51.08 88.86 27.34
CA THR M 63 51.04 87.64 26.54
C THR M 63 52.44 87.06 26.49
N SER M 64 52.60 86.02 25.66
CA SER M 64 53.91 85.46 25.43
C SER M 64 54.79 86.42 24.64
N HIS M 65 54.18 87.21 23.76
CA HIS M 65 54.91 88.15 22.92
C HIS M 65 55.31 89.41 23.66
N GLY M 66 54.85 89.61 24.89
CA GLY M 66 55.19 90.79 25.65
C GLY M 66 53.95 91.39 26.27
N VAL M 67 54.05 92.68 26.59
CA VAL M 67 52.97 93.39 27.25
C VAL M 67 52.40 94.43 26.28
N ILE M 68 51.18 94.86 26.59
CA ILE M 68 50.48 95.85 25.78
C ILE M 68 49.43 96.50 26.67
N GLU M 69 48.94 97.66 26.25
CA GLU M 69 47.99 98.43 27.06
C GLU M 69 46.79 98.83 26.24
N SER M 70 45.69 98.13 26.41
CA SER M 70 44.47 98.46 25.71
C SER M 70 43.80 99.65 26.37
N GLU M 71 43.14 100.47 25.56
CA GLU M 71 42.43 101.63 26.08
C GLU M 71 40.98 101.66 25.63
N ASP N 6 52.05 76.28 32.33
CA ASP N 6 50.94 75.39 32.66
C ASP N 6 50.31 75.71 34.00
N PHE N 7 50.99 76.50 34.82
CA PHE N 7 50.52 76.76 36.17
C PHE N 7 50.90 78.16 36.60
N VAL N 8 50.14 78.69 37.55
CA VAL N 8 50.32 80.04 38.07
C VAL N 8 50.54 79.96 39.57
N VAL N 9 51.16 81.00 40.11
CA VAL N 9 51.49 81.08 41.52
C VAL N 9 50.90 82.36 42.07
N ILE N 10 49.98 82.24 43.03
CA ILE N 10 49.28 83.38 43.59
C ILE N 10 49.62 83.49 45.06
N LYS N 11 50.29 84.56 45.45
CA LYS N 11 50.58 84.84 46.84
C LYS N 11 49.57 85.87 47.33
N ALA N 12 48.75 85.49 48.29
CA ALA N 12 47.71 86.41 48.75
C ALA N 12 48.30 87.40 49.75
N LEU N 13 48.45 88.64 49.31
CA LEU N 13 49.04 89.69 50.13
C LEU N 13 48.07 90.28 51.14
N GLU N 14 46.78 89.98 51.03
CA GLU N 14 45.79 90.46 51.98
C GLU N 14 44.77 89.35 52.19
N ASP N 15 43.95 89.51 53.22
CA ASP N 15 43.00 88.47 53.57
C ASP N 15 41.84 88.45 52.59
N GLY N 16 41.18 87.30 52.51
CA GLY N 16 39.97 87.16 51.72
C GLY N 16 40.16 87.26 50.22
N VAL N 17 41.33 86.85 49.71
CA VAL N 17 41.53 86.91 48.27
C VAL N 17 40.80 85.75 47.61
N ASN N 18 39.94 86.07 46.66
CA ASN N 18 39.12 85.07 45.99
C ASN N 18 39.82 84.63 44.71
N VAL N 19 39.72 83.34 44.40
CA VAL N 19 40.23 82.78 43.16
C VAL N 19 39.10 81.96 42.55
N ILE N 20 38.69 82.33 41.35
CA ILE N 20 37.49 81.75 40.74
C ILE N 20 37.91 80.87 39.58
N GLY N 21 37.50 79.61 39.63
CA GLY N 21 37.81 78.67 38.57
C GLY N 21 38.41 77.39 39.08
N SER N 33 35.24 78.13 43.33
CA SER N 33 35.75 79.29 44.06
C SER N 33 36.57 78.87 45.26
N GLU N 34 37.67 79.60 45.50
CA GLU N 34 38.53 79.36 46.66
C GLU N 34 38.85 80.69 47.32
N CYS N 35 39.10 80.65 48.62
CA CYS N 35 39.45 81.85 49.37
C CYS N 35 40.81 81.65 50.02
N LEU N 36 41.62 82.69 50.04
CA LEU N 36 42.96 82.65 50.62
C LEU N 36 43.09 83.75 51.66
N ASP N 37 43.85 83.46 52.71
CA ASP N 37 44.19 84.44 53.73
C ASP N 37 45.56 85.02 53.43
N LYS N 38 45.96 85.99 54.25
CA LYS N 38 47.21 86.70 54.02
C LYS N 38 48.41 85.81 54.29
N GLY N 39 49.30 85.74 53.31
CA GLY N 39 50.52 84.97 53.43
C GLY N 39 50.47 83.61 52.79
N GLU N 40 49.28 83.12 52.44
CA GLU N 40 49.20 81.83 51.78
C GLU N 40 49.60 81.97 50.31
N VAL N 41 49.94 80.85 49.71
CA VAL N 41 50.36 80.78 48.32
C VAL N 41 49.65 79.60 47.68
N LEU N 42 48.94 79.86 46.60
CA LEU N 42 48.25 78.82 45.86
C LEU N 42 48.94 78.64 44.51
N ILE N 43 49.34 77.42 44.22
CA ILE N 43 49.91 77.07 42.93
C ILE N 43 48.84 76.30 42.18
N ALA N 44 48.37 76.86 41.07
CA ALA N 44 47.21 76.32 40.38
C ALA N 44 47.57 75.92 38.97
N GLN N 45 47.25 74.69 38.60
CA GLN N 45 47.43 74.21 37.26
C GLN N 45 46.12 74.31 36.48
N PHE N 46 46.23 74.41 35.16
CA PHE N 46 45.05 74.47 34.33
C PHE N 46 44.60 73.08 33.92
N THR N 47 43.38 72.73 34.32
CA THR N 47 42.77 71.48 33.91
C THR N 47 42.03 71.70 32.61
N GLU N 48 41.25 70.70 32.21
CA GLU N 48 40.31 70.91 31.11
C GLU N 48 39.18 71.81 31.56
N HIS N 49 38.68 71.59 32.77
CA HIS N 49 37.59 72.39 33.33
C HIS N 49 38.01 73.83 33.59
N THR N 50 39.04 74.04 34.39
CA THR N 50 39.52 75.37 34.73
C THR N 50 40.24 75.94 33.51
N SER N 51 39.51 76.68 32.69
CA SER N 51 40.08 77.33 31.53
C SER N 51 40.24 78.82 31.72
N ALA N 52 39.81 79.36 32.85
CA ALA N 52 39.95 80.78 33.14
C ALA N 52 39.99 80.96 34.64
N ILE N 53 40.87 81.85 35.09
CA ILE N 53 41.07 82.10 36.52
C ILE N 53 40.96 83.58 36.77
N LYS N 54 40.06 83.98 37.64
CA LYS N 54 39.86 85.37 38.01
C LYS N 54 40.33 85.57 39.43
N VAL N 55 41.06 86.65 39.68
CA VAL N 55 41.66 86.92 40.98
C VAL N 55 41.16 88.27 41.45
N ARG N 56 40.58 88.30 42.65
CA ARG N 56 40.12 89.54 43.27
C ARG N 56 41.03 89.89 44.42
N GLY N 57 40.96 91.14 44.87
CA GLY N 57 41.71 91.58 46.02
C GLY N 57 43.19 91.74 45.71
N LYS N 58 43.92 92.09 46.76
CA LYS N 58 45.35 92.35 46.61
C LYS N 58 46.12 91.04 46.64
N ALA N 59 46.75 90.71 45.53
CA ALA N 59 47.51 89.47 45.42
C ALA N 59 48.66 89.68 44.46
N TYR N 60 49.64 88.79 44.54
CA TYR N 60 50.85 88.87 43.75
C TYR N 60 50.98 87.59 42.93
N ILE N 61 50.89 87.72 41.61
CA ILE N 61 50.77 86.57 40.72
C ILE N 61 52.05 86.44 39.92
N GLN N 62 52.58 85.22 39.85
CA GLN N 62 53.66 84.87 38.95
C GLN N 62 53.13 83.87 37.93
N THR N 63 53.29 84.21 36.66
CA THR N 63 52.96 83.31 35.56
C THR N 63 54.23 83.07 34.76
N SER N 64 54.06 82.38 33.62
CA SER N 64 55.17 82.21 32.71
C SER N 64 55.56 83.52 32.05
N HIS N 65 54.59 84.41 31.83
CA HIS N 65 54.84 85.68 31.19
C HIS N 65 55.45 86.71 32.11
N GLY N 66 55.56 86.42 33.40
CA GLY N 66 56.14 87.35 34.34
C GLY N 66 55.26 87.48 35.56
N VAL N 67 55.42 88.60 36.26
CA VAL N 67 54.69 88.84 37.50
C VAL N 67 53.72 89.98 37.29
N ILE N 68 52.73 90.04 38.18
CA ILE N 68 51.69 91.07 38.12
C ILE N 68 51.10 91.18 39.52
N GLU N 69 50.41 92.28 39.78
CA GLU N 69 49.89 92.56 41.11
C GLU N 69 48.42 92.94 41.04
N SER N 70 47.55 92.01 41.35
CA SER N 70 46.13 92.29 41.36
C SER N 70 45.74 93.06 42.60
N GLU N 71 44.75 93.93 42.47
CA GLU N 71 44.29 94.71 43.61
C GLU N 71 42.78 94.58 43.81
N ASP O 6 56.95 71.16 35.93
CA ASP O 6 56.10 70.03 36.30
C ASP O 6 56.07 69.78 37.80
N PHE O 7 57.00 70.38 38.53
CA PHE O 7 57.11 70.10 39.95
C PHE O 7 57.59 71.34 40.70
N VAL O 8 57.25 71.38 41.98
CA VAL O 8 57.58 72.50 42.85
C VAL O 8 58.40 71.99 44.02
N VAL O 9 59.15 72.90 44.63
CA VAL O 9 60.02 72.58 45.76
C VAL O 9 59.66 73.48 46.92
N ILE O 10 59.22 72.89 48.03
CA ILE O 10 58.76 73.65 49.18
C ILE O 10 59.68 73.35 50.35
N LYS O 11 60.41 74.34 50.82
CA LYS O 11 61.23 74.21 52.01
C LYS O 11 60.48 74.82 53.18
N ALA O 12 60.13 74.02 54.16
CA ALA O 12 59.35 74.53 55.27
C ALA O 12 60.26 75.24 56.26
N LEU O 13 60.16 76.57 56.29
CA LEU O 13 61.00 77.38 57.17
C LEU O 13 60.50 77.43 58.60
N GLU O 14 59.29 76.95 58.87
CA GLU O 14 58.76 76.91 60.22
C GLU O 14 57.96 75.63 60.37
N ASP O 15 57.63 75.30 61.61
CA ASP O 15 56.95 74.05 61.88
C ASP O 15 55.49 74.12 61.47
N GLY O 16 54.90 72.96 61.22
CA GLY O 16 53.49 72.86 60.94
C GLY O 16 53.04 73.47 59.63
N VAL O 17 53.90 73.46 58.60
CA VAL O 17 53.49 74.03 57.33
C VAL O 17 52.60 73.03 56.60
N ASN O 18 51.41 73.47 56.23
CA ASN O 18 50.43 72.61 55.59
C ASN O 18 50.56 72.72 54.08
N VAL O 19 50.40 71.61 53.40
CA VAL O 19 50.38 71.58 51.94
C VAL O 19 49.13 70.81 51.53
N ILE O 20 48.24 71.45 50.79
CA ILE O 20 46.93 70.90 50.50
C ILE O 20 46.86 70.53 49.04
N GLY O 21 46.55 69.27 48.76
CA GLY O 21 46.43 68.79 47.40
C GLY O 21 47.24 67.54 47.14
N SER O 33 46.07 66.29 52.23
CA SER O 33 46.78 67.23 53.08
C SER O 33 48.05 66.61 53.65
N GLU O 34 49.11 67.40 53.71
CA GLU O 34 50.38 66.96 54.29
C GLU O 34 50.90 68.04 55.23
N CYS O 35 51.66 67.64 56.24
CA CYS O 35 52.25 68.58 57.18
C CYS O 35 53.76 68.43 57.17
N LEU O 36 54.46 69.55 57.26
CA LEU O 36 55.92 69.57 57.26
C LEU O 36 56.42 70.28 58.49
N ASP O 37 57.56 69.81 59.00
CA ASP O 37 58.25 70.46 60.09
C ASP O 37 59.36 71.35 59.55
N LYS O 38 60.02 72.06 60.46
CA LYS O 38 61.03 73.03 60.07
C LYS O 38 62.27 72.33 59.52
N GLY O 39 62.70 72.74 58.33
CA GLY O 39 63.88 72.21 57.71
C GLY O 39 63.62 71.14 56.68
N GLU O 40 62.42 70.58 56.64
CA GLU O 40 62.11 69.58 55.63
C GLU O 40 61.87 70.25 54.29
N VAL O 41 61.97 69.46 53.23
CA VAL O 41 61.79 69.92 51.87
C VAL O 41 60.93 68.89 51.15
N LEU O 42 59.83 69.36 50.58
CA LEU O 42 58.94 68.49 49.82
C LEU O 42 59.01 68.88 48.35
N ILE O 43 59.32 67.91 47.50
CA ILE O 43 59.31 68.10 46.07
C ILE O 43 58.06 67.44 45.54
N ALA O 44 57.15 68.22 44.98
CA ALA O 44 55.84 67.73 44.62
C ALA O 44 55.60 67.89 43.13
N GLN O 45 55.20 66.80 42.49
CA GLN O 45 54.83 66.81 41.09
C GLN O 45 53.32 66.92 40.96
N PHE O 46 52.88 67.45 39.82
CA PHE O 46 51.46 67.56 39.57
C PHE O 46 50.93 66.31 38.88
N THR O 47 49.99 65.65 39.54
CA THR O 47 49.33 64.50 38.95
C THR O 47 48.11 64.99 38.20
N GLU O 48 47.27 64.04 37.78
CA GLU O 48 45.95 64.41 37.26
C GLU O 48 45.06 64.90 38.39
N HIS O 49 45.11 64.22 39.54
CA HIS O 49 44.33 64.59 40.70
C HIS O 49 44.75 65.92 41.30
N THR O 50 46.02 66.05 41.68
CA THR O 50 46.55 67.26 42.28
C THR O 50 46.69 68.30 41.18
N SER O 51 45.65 69.13 41.02
CA SER O 51 45.67 70.21 40.05
C SER O 51 45.84 71.57 40.70
N ALA O 52 45.89 71.62 42.03
CA ALA O 52 46.07 72.88 42.74
C ALA O 52 46.73 72.57 44.08
N ILE O 53 47.67 73.41 44.46
CA ILE O 53 48.43 73.22 45.70
C ILE O 53 48.39 74.50 46.49
N LYS O 54 47.91 74.42 47.72
CA LYS O 54 47.83 75.57 48.61
C LYS O 54 48.83 75.38 49.73
N VAL O 55 49.56 76.45 50.07
CA VAL O 55 50.62 76.38 51.05
C VAL O 55 50.32 77.40 52.14
N ARG O 56 50.27 76.94 53.39
CA ARG O 56 50.06 77.81 54.54
C ARG O 56 51.35 77.93 55.32
N GLY O 57 51.42 78.94 56.19
CA GLY O 57 52.56 79.11 57.05
C GLY O 57 53.77 79.64 56.30
N LYS O 58 54.87 79.77 57.05
CA LYS O 58 56.09 80.32 56.49
C LYS O 58 56.85 79.22 55.76
N ALA O 59 56.98 79.38 54.45
CA ALA O 59 57.67 78.40 53.63
C ALA O 59 58.33 79.11 52.46
N TYR O 60 59.29 78.44 51.85
CA TYR O 60 60.06 78.99 50.75
C TYR O 60 59.88 78.10 49.53
N ILE O 61 59.26 78.61 48.48
CA ILE O 61 58.83 77.81 47.35
C ILE O 61 59.68 78.17 46.14
N GLN O 62 60.17 77.16 45.44
CA GLN O 62 60.80 77.31 44.14
C GLN O 62 59.95 76.62 43.10
N THR O 63 59.55 77.37 42.09
CA THR O 63 58.84 76.83 40.94
C THR O 63 59.66 77.08 39.69
N SER O 64 59.08 76.79 38.54
CA SER O 64 59.73 77.11 37.28
C SER O 64 59.75 78.62 37.05
N HIS O 65 58.75 79.33 37.55
CA HIS O 65 58.66 80.78 37.37
C HIS O 65 59.56 81.55 38.31
N GLY O 66 60.21 80.88 39.27
CA GLY O 66 61.07 81.55 40.20
C GLY O 66 60.79 81.13 41.61
N VAL O 67 61.16 81.97 42.56
CA VAL O 67 61.00 81.67 43.97
C VAL O 67 59.98 82.62 44.58
N ILE O 68 59.45 82.21 45.72
CA ILE O 68 58.43 82.98 46.43
C ILE O 68 58.47 82.53 47.89
N GLU O 69 57.90 83.35 48.77
CA GLU O 69 57.96 83.08 50.20
C GLU O 69 56.58 83.21 50.82
N SER O 70 55.95 82.07 51.07
CA SER O 70 54.64 82.07 51.70
C SER O 70 54.78 82.32 53.19
N GLU O 71 53.79 82.99 53.76
CA GLU O 71 53.80 83.27 55.20
C GLU O 71 52.52 82.81 55.87
N ASP P 6 63.01 66.31 35.42
CA ASP P 6 62.47 64.97 35.60
C ASP P 6 63.11 64.25 36.78
N PHE P 7 64.22 64.76 37.29
CA PHE P 7 64.95 64.08 38.34
C PHE P 7 65.61 65.08 39.27
N VAL P 8 65.85 64.63 40.50
CA VAL P 8 66.45 65.45 41.54
C VAL P 8 67.72 64.79 42.02
N VAL P 9 68.60 65.59 42.61
CA VAL P 9 69.89 65.11 43.11
C VAL P 9 70.00 65.49 44.58
N ILE P 10 70.12 64.50 45.45
CA ILE P 10 70.15 64.74 46.89
C ILE P 10 71.49 64.27 47.42
N LYS P 11 72.29 65.20 47.92
CA LYS P 11 73.54 64.86 48.57
C LYS P 11 73.32 64.89 50.07
N ALA P 12 73.48 63.75 50.72
CA ALA P 12 73.21 63.70 52.15
C ALA P 12 74.41 64.23 52.93
N LEU P 13 74.26 65.42 53.50
CA LEU P 13 75.33 66.07 54.24
C LEU P 13 75.48 65.55 55.65
N GLU P 14 74.54 64.75 56.15
CA GLU P 14 74.65 64.16 57.46
C GLU P 14 74.07 62.76 57.40
N ASP P 15 74.32 61.99 58.45
CA ASP P 15 73.90 60.60 58.45
C ASP P 15 72.40 60.49 58.68
N GLY P 16 71.84 59.37 58.23
CA GLY P 16 70.45 59.06 58.48
C GLY P 16 69.45 59.94 57.78
N VAL P 17 69.79 60.45 56.60
CA VAL P 17 68.84 61.30 55.88
C VAL P 17 67.79 60.42 55.21
N ASN P 18 66.52 60.69 55.51
CA ASN P 18 65.42 59.89 55.01
C ASN P 18 64.89 60.52 53.74
N VAL P 19 64.52 59.67 52.78
CA VAL P 19 63.88 60.11 51.55
C VAL P 19 62.64 59.26 51.37
N ILE P 20 61.48 59.90 51.33
CA ILE P 20 60.20 59.21 51.36
C ILE P 20 59.54 59.31 49.99
N GLY P 21 59.22 58.17 49.40
CA GLY P 21 58.57 58.15 48.11
C GLY P 21 59.27 57.26 47.11
N SER P 33 60.46 54.21 51.36
CA SER P 33 61.40 54.96 52.17
C SER P 33 62.82 54.48 51.95
N GLU P 34 63.77 55.42 51.92
CA GLU P 34 65.18 55.10 51.76
C GLU P 34 65.98 55.91 52.78
N CYS P 35 67.12 55.37 53.19
CA CYS P 35 68.00 56.06 54.13
C CYS P 35 69.37 56.25 53.50
N LEU P 36 69.97 57.41 53.74
CA LEU P 36 71.27 57.74 53.20
C LEU P 36 72.22 58.11 54.33
N ASP P 37 73.49 57.76 54.16
CA ASP P 37 74.54 58.16 55.08
C ASP P 37 75.25 59.39 54.55
N LYS P 38 76.19 59.89 55.34
CA LYS P 38 76.88 61.13 54.99
C LYS P 38 77.80 60.93 53.81
N GLY P 39 77.65 61.79 52.81
CA GLY P 39 78.49 61.75 51.63
C GLY P 39 77.88 61.04 50.45
N GLU P 40 76.81 60.28 50.65
CA GLU P 40 76.18 59.62 49.53
C GLU P 40 75.35 60.62 48.74
N VAL P 41 75.03 60.26 47.50
CA VAL P 41 74.26 61.09 46.60
C VAL P 41 73.24 60.19 45.92
N LEU P 42 71.97 60.55 46.02
CA LEU P 42 70.90 59.81 45.39
C LEU P 42 70.32 60.66 44.27
N ILE P 43 70.29 60.10 43.07
CA ILE P 43 69.66 60.75 41.92
C ILE P 43 68.34 60.02 41.69
N ALA P 44 67.25 60.73 41.85
CA ALA P 44 65.93 60.12 41.86
C ALA P 44 65.07 60.68 40.74
N GLN P 45 64.51 59.81 39.93
CA GLN P 45 63.58 60.19 38.89
C GLN P 45 62.15 60.00 39.38
N PHE P 46 61.23 60.75 38.80
CA PHE P 46 59.83 60.64 39.15
C PHE P 46 59.14 59.59 38.29
N THR P 47 58.63 58.56 38.93
CA THR P 47 57.84 57.55 38.24
C THR P 47 56.39 57.98 38.25
N GLU P 48 55.52 57.06 37.85
CA GLU P 48 54.08 57.28 38.04
C GLU P 48 53.73 57.17 39.51
N HIS P 49 54.31 56.19 40.20
CA HIS P 49 54.08 55.99 41.62
C HIS P 49 54.64 57.10 42.48
N THR P 50 55.93 57.37 42.38
CA THR P 50 56.58 58.42 43.15
C THR P 50 56.17 59.76 42.57
N SER P 51 55.12 60.35 43.14
CA SER P 51 54.66 61.66 42.73
C SER P 51 55.00 62.74 43.74
N ALA P 52 55.60 62.38 44.87
CA ALA P 52 56.00 63.34 45.88
C ALA P 52 57.18 62.76 46.64
N ILE P 53 58.15 63.62 46.95
CA ILE P 53 59.37 63.22 47.62
C ILE P 53 59.58 64.13 48.81
N LYS P 54 59.68 63.56 50.00
CA LYS P 54 59.92 64.30 51.22
C LYS P 54 61.31 63.99 51.72
N VAL P 55 62.04 65.02 52.13
CA VAL P 55 63.42 64.88 52.56
C VAL P 55 63.55 65.39 53.98
N ARG P 56 64.07 64.56 54.87
CA ARG P 56 64.31 64.94 56.25
C ARG P 56 65.80 65.09 56.48
N GLY P 57 66.17 65.74 57.57
CA GLY P 57 67.56 65.87 57.94
C GLY P 57 68.31 66.86 57.06
N LYS P 58 69.59 66.98 57.34
CA LYS P 58 70.43 67.93 56.63
C LYS P 58 70.88 67.33 55.30
N ALA P 59 70.42 67.91 54.20
CA ALA P 59 70.76 67.43 52.87
C ALA P 59 70.80 68.60 51.91
N TYR P 60 71.45 68.39 50.78
CA TYR P 60 71.65 69.43 49.77
C TYR P 60 71.03 68.95 48.47
N ILE P 61 69.98 69.63 48.02
CA ILE P 61 69.16 69.17 46.91
C ILE P 61 69.39 70.07 45.72
N GLN P 62 69.59 69.48 44.55
CA GLN P 62 69.61 70.17 43.28
C GLN P 62 68.44 69.69 42.45
N THR P 63 67.60 70.62 42.02
CA THR P 63 66.49 70.33 41.12
C THR P 63 66.70 71.15 39.86
N SER P 64 65.69 71.12 38.98
CA SER P 64 65.72 71.97 37.81
C SER P 64 65.55 73.44 38.18
N HIS P 65 64.81 73.72 39.25
CA HIS P 65 64.57 75.08 39.69
C HIS P 65 65.73 75.68 40.44
N GLY P 66 66.76 74.90 40.75
CA GLY P 66 67.90 75.42 41.47
C GLY P 66 68.27 74.49 42.61
N VAL P 67 68.96 75.05 43.59
CA VAL P 67 69.44 74.28 44.73
C VAL P 67 68.72 74.73 45.98
N ILE P 68 68.75 73.87 47.00
CA ILE P 68 68.09 74.14 48.27
C ILE P 68 68.76 73.26 49.31
N GLU P 69 68.59 73.61 50.59
CA GLU P 69 69.26 72.92 51.67
C GLU P 69 68.27 72.53 52.75
N SER P 70 67.88 71.26 52.76
CA SER P 70 66.96 70.78 53.78
C SER P 70 67.72 70.56 55.09
N GLU P 71 67.02 70.78 56.20
CA GLU P 71 67.62 70.57 57.51
C GLU P 71 66.79 69.64 58.39
N ASP Q 6 68.68 63.00 30.63
CA ASP Q 6 68.34 61.59 30.55
C ASP Q 6 69.44 60.69 31.07
N PHE Q 7 70.64 61.23 31.25
CA PHE Q 7 71.78 60.41 31.62
C PHE Q 7 72.73 61.21 32.50
N VAL Q 8 73.50 60.49 33.31
CA VAL Q 8 74.44 61.06 34.25
C VAL Q 8 75.82 60.54 33.95
N VAL Q 9 76.84 61.28 34.39
CA VAL Q 9 78.23 60.94 34.15
C VAL Q 9 78.93 60.89 35.50
N ILE Q 10 79.46 59.72 35.86
CA ILE Q 10 80.09 59.52 37.15
C ILE Q 10 81.56 59.19 36.93
N LYS Q 11 82.45 60.06 37.37
CA LYS Q 11 83.87 59.79 37.33
C LYS Q 11 84.31 59.34 38.71
N ALA Q 12 84.79 58.11 38.81
CA ALA Q 12 85.17 57.59 40.12
C ALA Q 12 86.55 58.10 40.51
N LEU Q 13 86.60 59.01 41.47
CA LEU Q 13 87.85 59.61 41.90
C LEU Q 13 88.62 58.74 42.87
N GLU Q 14 88.01 57.68 43.38
CA GLU Q 14 88.71 56.76 44.27
C GLU Q 14 88.22 55.35 43.97
N ASP Q 15 88.94 54.37 44.49
CA ASP Q 15 88.62 52.99 44.18
C ASP Q 15 87.36 52.53 44.91
N GLY Q 16 86.74 51.50 44.37
CA GLY Q 16 85.59 50.87 45.02
C GLY Q 16 84.36 51.72 45.10
N VAL Q 17 84.13 52.61 44.13
CA VAL Q 17 82.93 53.43 44.18
C VAL Q 17 81.74 52.61 43.71
N ASN Q 18 80.72 52.53 44.55
CA ASN Q 18 79.54 51.72 44.26
C ASN Q 18 78.48 52.58 43.59
N VAL Q 19 77.78 52.00 42.63
CA VAL Q 19 76.65 52.65 41.97
C VAL Q 19 75.50 51.67 42.01
N ILE Q 20 74.40 52.05 42.64
CA ILE Q 20 73.29 51.16 42.92
C ILE Q 20 72.11 51.53 42.04
N GLY Q 21 71.63 50.57 41.27
CA GLY Q 21 70.48 50.80 40.41
C GLY Q 21 70.73 50.38 38.97
N SER Q 33 73.77 46.52 41.10
CA SER Q 33 74.94 47.17 41.69
C SER Q 33 76.15 47.04 40.78
N GLU Q 34 76.94 48.12 40.71
CA GLU Q 34 78.16 48.13 39.93
C GLU Q 34 79.28 48.74 40.77
N CYS Q 35 80.51 48.34 40.49
CA CYS Q 35 81.67 48.87 41.20
C CYS Q 35 82.62 49.50 40.20
N LEU Q 36 83.22 50.62 40.57
CA LEU Q 36 84.15 51.34 39.72
C LEU Q 36 85.47 51.53 40.45
N ASP Q 37 86.56 51.49 39.69
CA ASP Q 37 87.88 51.79 40.20
C ASP Q 37 88.24 53.24 39.91
N LYS Q 38 89.40 53.66 40.39
CA LYS Q 38 89.81 55.05 40.25
C LYS Q 38 90.15 55.38 38.81
N GLY Q 39 89.54 56.44 38.31
CA GLY Q 39 89.79 56.92 36.97
C GLY Q 39 88.78 56.49 35.94
N GLU Q 40 87.94 55.51 36.27
CA GLU Q 40 86.91 55.10 35.33
C GLU Q 40 85.78 56.11 35.32
N VAL Q 41 85.00 56.07 34.25
CA VAL Q 41 83.86 56.96 34.06
C VAL Q 41 82.69 56.12 33.56
N LEU Q 42 81.58 56.19 34.27
CA LEU Q 42 80.37 55.49 33.89
C LEU Q 42 79.33 56.50 33.45
N ILE Q 43 78.82 56.32 32.24
CA ILE Q 43 77.73 57.14 31.72
C ILE Q 43 76.47 56.28 31.78
N ALA Q 44 75.51 56.70 32.59
CA ALA Q 44 74.37 55.86 32.88
C ALA Q 44 73.09 56.56 32.46
N GLN Q 45 72.28 55.87 31.67
CA GLN Q 45 70.97 56.35 31.28
C GLN Q 45 69.90 55.77 32.20
N PHE Q 46 68.79 56.47 32.30
CA PHE Q 46 67.68 55.99 33.11
C PHE Q 46 66.74 55.14 32.28
N THR Q 47 66.59 53.88 32.68
CA THR Q 47 65.65 52.98 32.04
C THR Q 47 64.32 53.12 32.75
N GLU Q 48 63.39 52.21 32.43
CA GLU Q 48 62.19 52.09 33.22
C GLU Q 48 62.50 51.49 34.59
N HIS Q 49 63.36 50.48 34.61
CA HIS Q 49 63.77 49.82 35.85
C HIS Q 49 64.58 50.72 36.75
N THR Q 50 65.69 51.26 36.26
CA THR Q 50 66.57 52.13 37.02
C THR Q 50 65.87 53.48 37.15
N SER Q 51 65.15 53.67 38.24
CA SER Q 51 64.49 54.93 38.52
C SER Q 51 65.17 55.71 39.62
N ALA Q 52 66.22 55.16 40.22
CA ALA Q 52 66.96 55.84 41.27
C ALA Q 52 68.37 55.30 41.28
N ILE Q 53 69.34 56.20 41.45
CA ILE Q 53 70.75 55.84 41.42
C ILE Q 53 71.40 56.41 42.67
N LYS Q 54 72.03 55.54 43.45
CA LYS Q 54 72.72 55.92 44.67
C LYS Q 54 74.22 55.74 44.45
N VAL Q 55 75.00 56.73 44.87
CA VAL Q 55 76.44 56.74 44.65
C VAL Q 55 77.14 56.83 46.00
N ARG Q 56 78.03 55.88 46.27
CA ARG Q 56 78.82 55.88 47.49
C ARG Q 56 80.26 56.24 47.15
N GLY Q 57 81.02 56.61 48.18
CA GLY Q 57 82.43 56.88 48.01
C GLY Q 57 82.68 58.20 47.31
N LYS Q 58 83.95 58.48 47.09
CA LYS Q 58 84.36 59.73 46.47
C LYS Q 58 84.21 59.63 44.96
N ALA Q 59 83.32 60.42 44.41
CA ALA Q 59 83.07 60.42 42.97
C ALA Q 59 82.64 61.81 42.54
N TYR Q 60 82.75 62.06 41.24
CA TYR Q 60 82.45 63.36 40.67
C TYR Q 60 81.36 63.18 39.62
N ILE Q 61 80.19 63.75 39.88
CA ILE Q 61 79.00 63.49 39.08
C ILE Q 61 78.64 64.73 38.29
N GLN Q 62 78.37 64.55 37.00
CA GLN Q 62 77.81 65.57 36.15
C GLN Q 62 76.41 65.14 35.73
N THR Q 63 75.42 65.97 36.01
CA THR Q 63 74.06 65.77 35.55
C THR Q 63 73.66 66.95 34.68
N SER Q 64 72.38 66.99 34.31
CA SER Q 64 71.87 68.13 33.59
C SER Q 64 71.80 69.36 34.47
N HIS Q 65 71.58 69.17 35.77
CA HIS Q 65 71.47 70.27 36.70
C HIS Q 65 72.82 70.84 37.11
N GLY Q 66 73.92 70.21 36.71
CA GLY Q 66 75.23 70.70 37.07
C GLY Q 66 76.09 69.56 37.58
N VAL Q 67 77.12 69.93 38.34
CA VAL Q 67 78.07 68.97 38.87
C VAL Q 67 77.92 68.90 40.38
N ILE Q 68 78.43 67.80 40.93
CA ILE Q 68 78.36 67.55 42.37
C ILE Q 68 79.46 66.55 42.70
N GLU Q 69 79.84 66.47 43.97
CA GLU Q 69 80.94 65.63 44.41
C GLU Q 69 80.52 64.77 45.58
N SER Q 70 80.24 63.50 45.31
CA SER Q 70 79.88 62.58 46.37
C SER Q 70 81.11 62.14 47.12
N GLU Q 71 80.95 61.88 48.41
CA GLU Q 71 82.06 61.42 49.22
C GLU Q 71 81.73 60.14 49.98
N ASP R 6 71.70 62.49 23.36
CA ASP R 6 71.45 61.14 22.87
C ASP R 6 72.72 60.37 22.55
N PHE R 7 73.85 61.08 22.48
CA PHE R 7 75.09 60.45 22.06
C PHE R 7 76.26 61.10 22.76
N VAL R 8 77.34 60.34 22.88
CA VAL R 8 78.56 60.76 23.55
C VAL R 8 79.72 60.68 22.58
N VAL R 9 80.77 61.44 22.86
CA VAL R 9 81.95 61.50 22.02
C VAL R 9 83.16 61.18 22.88
N ILE R 10 83.87 60.10 22.55
CA ILE R 10 85.00 59.63 23.33
C ILE R 10 86.24 59.71 22.48
N LYS R 11 87.18 60.57 22.86
CA LYS R 11 88.47 60.64 22.18
C LYS R 11 89.47 59.87 23.02
N ALA R 12 90.04 58.81 22.46
CA ALA R 12 90.96 58.00 23.23
C ALA R 12 92.34 58.63 23.24
N LEU R 13 92.73 59.18 24.38
CA LEU R 13 94.01 59.85 24.53
C LEU R 13 95.17 58.90 24.72
N GLU R 14 94.91 57.62 24.97
CA GLU R 14 95.96 56.64 25.12
C GLU R 14 95.48 55.34 24.49
N ASP R 15 96.41 54.42 24.30
CA ASP R 15 96.09 53.18 23.62
C ASP R 15 95.30 52.25 24.54
N GLY R 16 94.56 51.34 23.91
CA GLY R 16 93.84 50.32 24.64
C GLY R 16 92.69 50.80 25.49
N VAL R 17 92.02 51.88 25.10
CA VAL R 17 90.91 52.36 25.90
C VAL R 17 89.69 51.50 25.62
N ASN R 18 89.12 50.93 26.68
CA ASN R 18 87.99 50.03 26.56
C ASN R 18 86.70 50.81 26.72
N VAL R 19 85.69 50.43 25.94
CA VAL R 19 84.36 51.00 26.04
C VAL R 19 83.40 49.83 26.13
N ILE R 20 82.64 49.75 27.22
CA ILE R 20 81.82 48.59 27.52
C ILE R 20 80.36 48.97 27.36
N GLY R 21 79.65 48.23 26.52
CA GLY R 21 78.23 48.48 26.29
C GLY R 21 77.88 48.61 24.82
N SER R 33 81.77 45.01 24.03
CA SER R 33 83.04 45.67 24.34
C SER R 33 83.75 46.11 23.08
N GLU R 34 84.38 47.29 23.14
CA GLU R 34 85.15 47.82 22.03
C GLU R 34 86.48 48.35 22.56
N CYS R 35 87.49 48.34 21.72
CA CYS R 35 88.80 48.85 22.09
C CYS R 35 89.21 49.95 21.13
N LEU R 36 89.83 51.01 21.66
CA LEU R 36 90.26 52.14 20.87
C LEU R 36 91.75 52.37 21.07
N ASP R 37 92.42 52.81 20.01
CA ASP R 37 93.81 53.21 20.08
C ASP R 37 93.91 54.71 20.25
N LYS R 38 95.15 55.19 20.38
CA LYS R 38 95.37 56.60 20.66
C LYS R 38 95.05 57.45 19.44
N GLY R 39 94.22 58.47 19.64
CA GLY R 39 93.85 59.38 18.60
C GLY R 39 92.53 59.10 17.94
N GLU R 40 91.96 57.91 18.14
CA GLU R 40 90.67 57.62 17.57
C GLU R 40 89.57 58.30 18.38
N VAL R 41 88.41 58.45 17.74
CA VAL R 41 87.25 59.08 18.34
C VAL R 41 86.05 58.22 18.03
N LEU R 42 85.33 57.82 19.07
CA LEU R 42 84.12 57.03 18.91
C LEU R 42 82.92 57.88 19.32
N ILE R 43 81.96 58.00 18.41
CA ILE R 43 80.70 58.68 18.69
C ILE R 43 79.66 57.61 18.87
N ALA R 44 79.11 57.52 20.08
CA ALA R 44 78.24 56.40 20.43
C ALA R 44 76.86 56.91 20.81
N GLN R 45 75.85 56.34 20.18
CA GLN R 45 74.46 56.64 20.52
C GLN R 45 73.92 55.58 21.45
N PHE R 46 72.91 55.95 22.23
CA PHE R 46 72.28 55.01 23.14
C PHE R 46 71.14 54.28 22.45
N THR R 47 71.26 52.97 22.37
CA THR R 47 70.19 52.15 21.83
C THR R 47 69.28 51.75 22.98
N GLU R 48 68.36 50.82 22.69
CA GLU R 48 67.62 50.18 23.76
C GLU R 48 68.51 49.26 24.57
N HIS R 49 69.36 48.51 23.89
CA HIS R 49 70.29 47.59 24.53
C HIS R 49 71.36 48.31 25.34
N THR R 50 72.11 49.20 24.72
CA THR R 50 73.18 49.94 25.38
C THR R 50 72.53 51.00 26.26
N SER R 51 72.31 50.67 27.53
CA SER R 51 71.75 51.59 28.50
C SER R 51 72.80 52.11 29.47
N ALA R 52 74.03 51.62 29.38
CA ALA R 52 75.10 52.07 30.26
C ALA R 52 76.41 51.89 29.53
N ILE R 53 77.31 52.86 29.67
CA ILE R 53 78.58 52.85 28.99
C ILE R 53 79.68 53.11 30.02
N LYS R 54 80.62 52.19 30.11
CA LYS R 54 81.74 52.31 31.03
C LYS R 54 83.00 52.53 30.23
N VAL R 55 83.84 53.47 30.68
CA VAL R 55 85.03 53.85 29.96
C VAL R 55 86.23 53.66 30.88
N ARG R 56 87.21 52.88 30.42
CA ARG R 56 88.44 52.66 31.16
C ARG R 56 89.58 53.41 30.48
N GLY R 57 90.67 53.57 31.20
CA GLY R 57 91.86 54.19 30.65
C GLY R 57 91.70 55.69 30.47
N LYS R 58 92.75 56.29 29.91
CA LYS R 58 92.77 57.73 29.73
C LYS R 58 92.02 58.10 28.47
N ALA R 59 90.91 58.82 28.62
CA ALA R 59 90.08 59.22 27.50
C ALA R 59 89.43 60.55 27.83
N TYR R 60 88.97 61.23 26.78
CA TYR R 60 88.37 62.55 26.90
C TYR R 60 86.95 62.49 26.35
N ILE R 61 85.97 62.67 27.22
CA ILE R 61 84.57 62.43 26.88
C ILE R 61 83.83 63.75 26.82
N GLN R 62 83.05 63.94 25.77
CA GLN R 62 82.11 65.04 25.65
C GLN R 62 80.71 64.47 25.63
N THR R 63 79.88 64.95 26.56
CA THR R 63 78.47 64.61 26.60
C THR R 63 77.67 65.88 26.45
N SER R 64 76.35 65.75 26.63
CA SER R 64 75.50 66.94 26.64
C SER R 64 75.74 67.78 27.89
N HIS R 65 76.10 67.14 29.00
CA HIS R 65 76.33 67.82 30.26
C HIS R 65 77.68 68.50 30.31
N GLY R 66 78.55 68.29 29.33
CA GLY R 66 79.86 68.91 29.33
C GLY R 66 80.92 67.89 29.03
N VAL R 67 82.14 68.20 29.42
CA VAL R 67 83.29 67.35 29.15
C VAL R 67 83.80 66.77 30.45
N ILE R 68 84.56 65.68 30.32
CA ILE R 68 85.13 64.98 31.46
C ILE R 68 86.32 64.18 30.95
N GLU R 69 87.20 63.79 31.87
CA GLU R 69 88.44 63.10 31.50
C GLU R 69 88.61 61.83 32.32
N SER R 70 88.32 60.70 31.71
CA SER R 70 88.50 59.43 32.39
C SER R 70 89.97 59.04 32.39
N GLU R 71 90.38 58.35 33.45
CA GLU R 71 91.77 57.91 33.55
C GLU R 71 91.86 56.42 33.83
N ASP S 6 71.53 65.06 15.90
CA ASP S 6 71.15 63.90 15.11
C ASP S 6 72.19 63.51 14.07
N PHE S 7 73.13 64.40 13.80
CA PHE S 7 74.09 64.16 12.73
C PHE S 7 75.43 64.79 13.09
N VAL S 8 76.48 64.24 12.49
CA VAL S 8 77.85 64.68 12.72
C VAL S 8 78.46 65.10 11.41
N VAL S 9 79.50 65.92 11.49
CA VAL S 9 80.19 66.45 10.32
C VAL S 9 81.67 66.12 10.45
N ILE S 10 82.19 65.34 9.52
CA ILE S 10 83.57 64.88 9.57
C ILE S 10 84.31 65.44 8.37
N LYS S 11 85.28 66.31 8.62
CA LYS S 11 86.14 66.81 7.56
C LYS S 11 87.45 66.03 7.60
N ALA S 12 87.75 65.30 6.54
CA ALA S 12 88.96 64.49 6.54
C ALA S 12 90.16 65.34 6.21
N LEU S 13 91.00 65.60 7.22
CA LEU S 13 92.17 66.43 7.06
C LEU S 13 93.35 65.70 6.43
N GLU S 14 93.28 64.38 6.31
CA GLU S 14 94.33 63.61 5.67
C GLU S 14 93.68 62.48 4.90
N ASP S 15 94.47 61.85 4.04
CA ASP S 15 93.93 60.82 3.17
C ASP S 15 93.66 59.54 3.95
N GLY S 16 92.77 58.72 3.40
CA GLY S 16 92.49 57.41 3.95
C GLY S 16 91.82 57.40 5.30
N VAL S 17 90.99 58.41 5.61
CA VAL S 17 90.31 58.42 6.89
C VAL S 17 89.14 57.46 6.85
N ASN S 18 89.13 56.52 7.78
CA ASN S 18 88.10 55.50 7.83
C ASN S 18 86.97 55.94 8.74
N VAL S 19 85.75 55.63 8.35
CA VAL S 19 84.56 55.88 9.17
C VAL S 19 83.79 54.58 9.23
N ILE S 20 83.59 54.04 10.43
CA ILE S 20 83.04 52.72 10.61
C ILE S 20 81.64 52.83 11.19
N GLY S 21 80.67 52.26 10.50
CA GLY S 21 79.30 52.29 10.96
C GLY S 21 78.32 52.78 9.91
N SER S 33 81.62 50.35 6.44
CA SER S 33 82.86 51.12 6.42
C SER S 33 82.94 52.04 5.22
N GLU S 34 83.47 53.25 5.42
CA GLU S 34 83.65 54.21 4.35
C GLU S 34 85.05 54.80 4.45
N CYS S 35 85.59 55.22 3.32
CA CYS S 35 86.91 55.84 3.30
C CYS S 35 86.80 57.23 2.70
N LEU S 36 87.55 58.17 3.25
CA LEU S 36 87.55 59.56 2.80
C LEU S 36 88.96 59.99 2.46
N ASP S 37 89.07 60.83 1.44
CA ASP S 37 90.34 61.45 1.08
C ASP S 37 90.43 62.83 1.70
N LYS S 38 91.58 63.48 1.49
CA LYS S 38 91.85 64.77 2.11
C LYS S 38 90.98 65.85 1.49
N GLY S 39 90.28 66.59 2.34
CA GLY S 39 89.46 67.69 1.92
C GLY S 39 87.98 67.36 1.79
N GLU S 40 87.63 66.09 1.79
CA GLU S 40 86.22 65.73 1.72
C GLU S 40 85.56 65.94 3.07
N VAL S 41 84.24 66.03 3.04
CA VAL S 41 83.43 66.24 4.24
C VAL S 41 82.25 65.29 4.16
N LEU S 42 82.08 64.48 5.19
CA LEU S 42 80.96 63.56 5.28
C LEU S 42 80.03 64.01 6.38
N ILE S 43 78.77 64.21 6.04
CA ILE S 43 77.73 64.54 7.01
C ILE S 43 76.91 63.28 7.22
N ALA S 44 76.95 62.74 8.43
CA ALA S 44 76.38 61.43 8.69
C ALA S 44 75.29 61.53 9.75
N GLN S 45 74.12 61.00 9.42
CA GLN S 45 73.01 60.92 10.36
C GLN S 45 72.99 59.55 11.02
N PHE S 46 72.41 59.48 12.20
CA PHE S 46 72.29 58.22 12.90
C PHE S 46 70.98 57.53 12.53
N THR S 47 71.11 56.34 11.96
CA THR S 47 69.95 55.52 11.65
C THR S 47 69.65 54.64 12.85
N GLU S 48 68.75 53.68 12.65
CA GLU S 48 68.58 52.64 13.66
C GLU S 48 69.77 51.70 13.66
N HIS S 49 70.27 51.36 12.48
CA HIS S 49 71.43 50.49 12.34
C HIS S 49 72.72 51.12 12.85
N THR S 50 73.08 52.27 12.33
CA THR S 50 74.29 52.98 12.72
C THR S 50 74.04 53.60 14.09
N SER S 51 74.44 52.87 15.13
CA SER S 51 74.31 53.35 16.50
C SER S 51 75.65 53.75 17.09
N ALA S 52 76.74 53.55 16.36
CA ALA S 52 78.07 53.92 16.83
C ALA S 52 78.94 54.20 15.62
N ILE S 53 79.75 55.25 15.71
CA ILE S 53 80.60 55.68 14.61
C ILE S 53 82.02 55.82 15.14
N LYS S 54 82.96 55.11 14.53
CA LYS S 54 84.35 55.16 14.91
C LYS S 54 85.13 55.84 13.79
N VAL S 55 86.03 56.74 14.17
CA VAL S 55 86.78 57.54 13.21
C VAL S 55 88.26 57.31 13.44
N ARG S 56 88.96 56.91 12.40
CA ARG S 56 90.41 56.71 12.46
C ARG S 56 91.10 57.82 11.68
N GLY S 57 92.39 57.98 11.91
CA GLY S 57 93.19 58.94 11.18
C GLY S 57 92.90 60.36 11.61
N LYS S 58 93.57 61.29 10.92
CA LYS S 58 93.44 62.70 11.25
C LYS S 58 92.20 63.28 10.60
N ALA S 59 91.25 63.69 11.42
CA ALA S 59 90.00 64.25 10.93
C ALA S 59 89.49 65.27 11.94
N TYR S 60 88.59 66.12 11.47
CA TYR S 60 88.05 67.21 12.26
C TYR S 60 86.53 67.05 12.33
N ILE S 61 86.02 66.79 13.54
CA ILE S 61 84.64 66.40 13.72
C ILE S 61 83.89 67.52 14.41
N GLN S 62 82.71 67.85 13.89
CA GLN S 62 81.77 68.74 14.54
C GLN S 62 80.53 67.96 14.90
N THR S 63 80.17 67.97 16.18
CA THR S 63 78.94 67.38 16.66
C THR S 63 78.10 68.47 17.30
N SER S 64 77.00 68.05 17.93
CA SER S 64 76.20 69.00 18.69
C SER S 64 76.92 69.46 19.94
N HIS S 65 77.76 68.61 20.52
CA HIS S 65 78.49 68.93 21.73
C HIS S 65 79.71 69.82 21.47
N GLY S 66 80.06 70.06 20.22
CA GLY S 66 81.20 70.88 19.91
C GLY S 66 82.07 70.21 18.87
N VAL S 67 83.32 70.62 18.83
CA VAL S 67 84.27 70.11 17.85
C VAL S 67 85.33 69.28 18.55
N ILE S 68 86.01 68.45 17.75
CA ILE S 68 87.05 67.56 18.26
C ILE S 68 87.92 67.18 17.08
N GLU S 69 89.13 66.71 17.37
CA GLU S 69 90.11 66.41 16.33
C GLU S 69 90.67 65.02 16.52
N SER S 70 90.19 64.07 15.72
CA SER S 70 90.71 62.72 15.80
C SER S 70 92.04 62.63 15.08
N GLU S 71 92.91 61.75 15.57
CA GLU S 71 94.21 61.57 14.95
C GLU S 71 94.49 60.10 14.65
N ASP T 6 67.94 69.52 10.50
CA ASP T 6 67.32 68.61 9.55
C ASP T 6 67.83 68.79 8.13
N PHE T 7 68.52 69.89 7.86
CA PHE T 7 68.95 70.20 6.51
C PHE T 7 70.27 70.93 6.53
N VAL T 8 71.00 70.80 5.42
CA VAL T 8 72.31 71.40 5.27
C VAL T 8 72.30 72.33 4.07
N VAL T 9 73.23 73.28 4.05
CA VAL T 9 73.33 74.27 2.98
C VAL T 9 74.74 74.20 2.41
N ILE T 10 74.86 73.89 1.13
CA ILE T 10 76.15 73.71 0.49
C ILE T 10 76.29 74.75 -0.61
N LYS T 11 77.23 75.67 -0.45
CA LYS T 11 77.53 76.64 -1.48
C LYS T 11 78.76 76.16 -2.24
N ALA T 12 78.61 75.88 -3.52
CA ALA T 12 79.74 75.35 -4.27
C ALA T 12 80.65 76.49 -4.70
N LEU T 13 81.82 76.56 -4.07
CA LEU T 13 82.78 77.62 -4.34
C LEU T 13 83.61 77.37 -5.59
N GLU T 14 83.55 76.17 -6.16
CA GLU T 14 84.27 75.86 -7.39
C GLU T 14 83.40 74.93 -8.22
N ASP T 15 83.78 74.77 -9.48
CA ASP T 15 82.97 73.99 -10.39
C ASP T 15 83.11 72.50 -10.10
N GLY T 16 82.10 71.74 -10.53
CA GLY T 16 82.14 70.30 -10.43
C GLY T 16 82.11 69.74 -9.04
N VAL T 17 81.45 70.41 -8.09
CA VAL T 17 81.39 69.89 -6.74
C VAL T 17 80.35 68.78 -6.69
N ASN T 18 80.77 67.60 -6.23
CA ASN T 18 79.90 66.43 -6.19
C ASN T 18 79.26 66.33 -4.83
N VAL T 19 78.00 65.92 -4.80
CA VAL T 19 77.26 65.67 -3.57
C VAL T 19 76.64 64.30 -3.71
N ILE T 20 77.00 63.39 -2.81
CA ILE T 20 76.63 61.98 -2.94
C ILE T 20 75.61 61.64 -1.87
N GLY T 21 74.46 61.13 -2.29
CA GLY T 21 73.42 60.75 -1.37
C GLY T 21 72.07 61.34 -1.71
N SER T 33 73.68 60.85 -6.80
CA SER T 33 74.76 61.80 -7.01
C SER T 33 74.27 63.06 -7.71
N GLU T 34 74.79 64.20 -7.30
CA GLU T 34 74.45 65.48 -7.91
C GLU T 34 75.74 66.27 -8.14
N CYS T 35 75.74 67.12 -9.16
CA CYS T 35 76.89 67.96 -9.44
C CYS T 35 76.48 69.43 -9.40
N LEU T 36 77.34 70.27 -8.86
CA LEU T 36 77.09 71.69 -8.73
C LEU T 36 78.20 72.48 -9.40
N ASP T 37 77.84 73.61 -10.00
CA ASP T 37 78.80 74.54 -10.55
C ASP T 37 79.09 75.65 -9.56
N LYS T 38 80.00 76.54 -9.93
CA LYS T 38 80.45 77.58 -9.03
C LYS T 38 79.37 78.62 -8.82
N GLY T 39 79.06 78.90 -7.55
CA GLY T 39 78.09 79.89 -7.20
C GLY T 39 76.72 79.34 -6.87
N GLU T 40 76.45 78.09 -7.20
CA GLU T 40 75.17 77.51 -6.86
C GLU T 40 75.14 77.14 -5.38
N VAL T 41 73.92 76.98 -4.87
CA VAL T 41 73.69 76.64 -3.48
C VAL T 41 72.63 75.55 -3.44
N LEU T 42 72.95 74.44 -2.81
CA LEU T 42 72.02 73.34 -2.64
C LEU T 42 71.62 73.23 -1.18
N ILE T 43 70.33 73.28 -0.92
CA ILE T 43 69.79 73.06 0.42
C ILE T 43 69.20 71.67 0.44
N ALA T 44 69.77 70.80 1.25
CA ALA T 44 69.42 69.39 1.21
C ALA T 44 68.88 68.94 2.55
N GLN T 45 67.70 68.32 2.52
CA GLN T 45 67.11 67.73 3.71
C GLN T 45 67.43 66.25 3.76
N PHE T 46 67.40 65.69 4.97
CA PHE T 46 67.65 64.28 5.14
C PHE T 46 66.34 63.49 5.06
N THR T 47 66.26 62.60 4.09
CA THR T 47 65.12 61.71 3.96
C THR T 47 65.40 60.46 4.77
N GLU T 48 64.54 59.46 4.59
CA GLU T 48 64.87 58.14 5.12
C GLU T 48 65.98 57.50 4.33
N HIS T 49 65.95 57.65 3.00
CA HIS T 49 66.98 57.11 2.13
C HIS T 49 68.33 57.78 2.31
N THR T 50 68.38 59.09 2.15
CA THR T 50 69.62 59.86 2.29
C THR T 50 69.95 59.95 3.76
N SER T 51 70.77 59.01 4.24
CA SER T 51 71.23 59.01 5.61
C SER T 51 72.67 59.45 5.75
N ALA T 52 73.35 59.72 4.65
CA ALA T 52 74.73 60.17 4.67
C ALA T 52 74.98 60.98 3.42
N ILE T 53 75.72 62.08 3.58
CA ILE T 53 76.01 62.98 2.48
C ILE T 53 77.51 63.22 2.45
N LYS T 54 78.12 62.94 1.31
CA LYS T 54 79.54 63.15 1.11
C LYS T 54 79.74 64.27 0.12
N VAL T 55 80.67 65.17 0.43
CA VAL T 55 80.90 66.37 -0.37
C VAL T 55 82.36 66.37 -0.82
N ARG T 56 82.58 66.46 -2.13
CA ARG T 56 83.91 66.55 -2.70
C ARG T 56 84.16 67.95 -3.20
N GLY T 57 85.41 68.28 -3.44
CA GLY T 57 85.78 69.55 -4.01
C GLY T 57 85.64 70.69 -3.02
N LYS T 58 85.91 71.89 -3.50
CA LYS T 58 85.88 73.07 -2.66
C LYS T 58 84.45 73.57 -2.52
N ALA T 59 83.92 73.51 -1.31
CA ALA T 59 82.56 73.94 -1.03
C ALA T 59 82.49 74.47 0.38
N TYR T 60 81.43 75.23 0.65
CA TYR T 60 81.22 75.88 1.92
C TYR T 60 79.91 75.42 2.50
N ILE T 61 79.96 74.70 3.62
CA ILE T 61 78.81 74.00 4.16
C ILE T 61 78.38 74.68 5.45
N GLN T 62 77.07 74.93 5.57
CA GLN T 62 76.47 75.36 6.81
C GLN T 62 75.53 74.27 7.30
N THR T 63 75.75 73.82 8.52
CA THR T 63 74.86 72.87 9.18
C THR T 63 74.33 73.51 10.45
N SER T 64 73.63 72.72 11.25
CA SER T 64 73.18 73.20 12.54
C SER T 64 74.34 73.37 13.50
N HIS T 65 75.38 72.56 13.36
CA HIS T 65 76.54 72.62 14.23
C HIS T 65 77.50 73.75 13.88
N GLY T 66 77.27 74.44 12.77
CA GLY T 66 78.13 75.53 12.37
C GLY T 66 78.50 75.41 10.92
N VAL T 67 79.61 76.04 10.55
CA VAL T 67 80.07 76.06 9.17
C VAL T 67 81.35 75.28 9.05
N ILE T 68 81.67 74.88 7.82
CA ILE T 68 82.86 74.10 7.52
C ILE T 68 83.18 74.31 6.05
N GLU T 69 84.40 74.01 5.65
CA GLU T 69 84.86 74.25 4.29
C GLU T 69 85.52 73.01 3.72
N SER T 70 84.78 72.29 2.89
CA SER T 70 85.33 71.11 2.24
C SER T 70 86.24 71.51 1.09
N GLU T 71 87.27 70.71 0.86
CA GLU T 71 88.20 70.99 -0.23
C GLU T 71 88.38 69.78 -1.14
N ASP U 6 62.04 74.77 8.71
CA ASP U 6 61.13 74.08 7.81
C ASP U 6 61.00 74.77 6.46
N PHE U 7 61.45 76.02 6.37
CA PHE U 7 61.25 76.79 5.16
C PHE U 7 62.43 77.73 4.95
N VAL U 8 62.63 78.11 3.69
CA VAL U 8 63.72 78.97 3.29
C VAL U 8 63.14 80.19 2.59
N VAL U 9 63.93 81.27 2.56
CA VAL U 9 63.51 82.53 1.97
C VAL U 9 64.56 82.93 0.94
N ILE U 10 64.15 83.04 -0.32
CA ILE U 10 65.07 83.33 -1.42
C ILE U 10 64.66 84.66 -2.03
N LYS U 11 65.53 85.66 -1.91
CA LYS U 11 65.32 86.94 -2.57
C LYS U 11 66.16 86.96 -3.84
N ALA U 12 65.50 87.06 -4.98
CA ALA U 12 66.24 87.02 -6.24
C ALA U 12 66.83 88.39 -6.54
N LEU U 13 68.14 88.51 -6.39
CA LEU U 13 68.84 89.77 -6.61
C LEU U 13 69.09 90.08 -8.08
N GLU U 14 68.87 89.11 -8.97
CA GLU U 14 69.03 89.35 -10.40
C GLU U 14 67.96 88.56 -11.12
N ASP U 15 67.79 88.86 -12.39
CA ASP U 15 66.72 88.23 -13.16
C ASP U 15 67.07 86.79 -13.49
N GLY U 16 66.02 86.01 -13.76
CA GLY U 16 66.19 84.65 -14.21
C GLY U 16 66.77 83.69 -13.20
N VAL U 17 66.52 83.91 -11.91
CA VAL U 17 67.06 83.00 -10.92
C VAL U 17 66.21 81.73 -10.87
N ASN U 18 66.85 80.59 -11.06
CA ASN U 18 66.16 79.32 -11.12
C ASN U 18 66.15 78.68 -9.74
N VAL U 19 65.04 78.04 -9.40
CA VAL U 19 64.90 77.28 -8.17
C VAL U 19 64.37 75.91 -8.54
N ILE U 20 65.13 74.87 -8.23
CA ILE U 20 64.83 73.53 -8.70
C ILE U 20 64.36 72.68 -7.54
N GLY U 21 63.17 72.10 -7.66
CA GLY U 21 62.64 71.25 -6.62
C GLY U 21 61.24 71.65 -6.20
N SER U 33 60.61 73.03 -11.34
CA SER U 33 61.45 74.19 -11.58
C SER U 33 60.63 75.48 -11.56
N GLU U 34 61.20 76.53 -10.98
CA GLU U 34 60.56 77.84 -10.93
C GLU U 34 61.58 78.91 -11.32
N CYS U 35 61.11 80.00 -11.89
CA CYS U 35 61.98 81.11 -12.26
C CYS U 35 61.53 82.37 -11.54
N LEU U 36 62.49 83.17 -11.11
CA LEU U 36 62.21 84.41 -10.39
C LEU U 36 62.90 85.56 -11.10
N ASP U 37 62.26 86.72 -11.06
CA ASP U 37 62.83 87.96 -11.57
C ASP U 37 63.44 88.74 -10.43
N LYS U 38 64.06 89.87 -10.78
CA LYS U 38 64.77 90.67 -9.79
C LYS U 38 63.81 91.36 -8.84
N GLY U 39 64.04 91.17 -7.55
CA GLY U 39 63.24 91.79 -6.52
C GLY U 39 62.18 90.91 -5.93
N GLU U 40 61.87 89.78 -6.57
CA GLU U 40 60.88 88.88 -6.01
C GLU U 40 61.49 88.10 -4.86
N VAL U 41 60.62 87.54 -4.02
CA VAL U 41 61.01 86.75 -2.86
C VAL U 41 60.13 85.52 -2.84
N LEU U 42 60.75 84.36 -2.80
CA LEU U 42 60.04 83.10 -2.71
C LEU U 42 60.29 82.47 -1.35
N ILE U 43 59.23 82.17 -0.63
CA ILE U 43 59.31 81.48 0.64
C ILE U 43 58.86 80.04 0.38
N ALA U 44 59.78 79.10 0.56
CA ALA U 44 59.53 77.73 0.14
C ALA U 44 59.62 76.80 1.33
N GLN U 45 58.59 75.99 1.52
CA GLN U 45 58.58 74.96 2.55
C GLN U 45 58.98 73.63 1.95
N PHE U 46 59.50 72.75 2.80
CA PHE U 46 59.88 71.41 2.36
C PHE U 46 58.71 70.45 2.49
N THR U 47 58.29 69.90 1.37
CA THR U 47 57.26 68.88 1.36
C THR U 47 57.93 67.52 1.51
N GLU U 48 57.14 66.47 1.31
CA GLU U 48 57.73 65.14 1.18
C GLU U 48 58.46 65.02 -0.15
N HIS U 49 57.87 65.54 -1.21
CA HIS U 49 58.47 65.51 -2.54
C HIS U 49 59.73 66.35 -2.64
N THR U 50 59.63 67.64 -2.33
CA THR U 50 60.76 68.56 -2.39
C THR U 50 61.67 68.27 -1.22
N SER U 51 62.67 67.43 -1.45
CA SER U 51 63.65 67.10 -0.43
C SER U 51 64.99 67.76 -0.69
N ALA U 52 65.13 68.47 -1.79
CA ALA U 52 66.37 69.16 -2.12
C ALA U 52 66.03 70.35 -3.00
N ILE U 53 66.70 71.47 -2.74
CA ILE U 53 66.44 72.71 -3.47
C ILE U 53 67.77 73.24 -3.96
N LYS U 54 67.87 73.44 -5.27
CA LYS U 54 69.07 73.98 -5.89
C LYS U 54 68.77 75.38 -6.40
N VAL U 55 69.69 76.31 -6.17
CA VAL U 55 69.49 77.70 -6.52
C VAL U 55 70.62 78.14 -7.44
N ARG U 56 70.27 78.66 -8.60
CA ARG U 56 71.24 79.17 -9.55
C ARG U 56 71.17 80.69 -9.59
N GLY U 57 72.19 81.31 -10.14
CA GLY U 57 72.20 82.76 -10.30
C GLY U 57 72.42 83.48 -8.99
N LYS U 58 72.38 84.81 -9.08
CA LYS U 58 72.63 85.65 -7.92
C LYS U 58 71.36 85.78 -7.10
N ALA U 59 71.39 85.25 -5.88
CA ALA U 59 70.23 85.30 -5.00
C ALA U 59 70.72 85.35 -3.57
N TYR U 60 69.83 85.77 -2.68
CA TYR U 60 70.13 85.96 -1.27
C TYR U 60 69.21 85.08 -0.46
N ILE U 61 69.77 84.08 0.22
CA ILE U 61 68.98 83.04 0.87
C ILE U 61 69.09 83.20 2.37
N GLN U 62 67.95 83.13 3.05
CA GLN U 62 67.87 83.04 4.50
C GLN U 62 67.30 81.69 4.86
N THR U 63 68.03 80.93 5.68
CA THR U 63 67.56 79.68 6.23
C THR U 63 67.56 79.80 7.74
N SER U 64 67.30 78.67 8.40
CA SER U 64 67.41 78.63 9.85
C SER U 64 68.86 78.75 10.31
N HIS U 65 69.78 78.24 9.51
CA HIS U 65 71.21 78.27 9.85
C HIS U 65 71.84 79.62 9.60
N GLY U 66 71.14 80.55 8.98
CA GLY U 66 71.68 81.86 8.71
C GLY U 66 71.43 82.26 7.27
N VAL U 67 72.23 83.19 6.78
CA VAL U 67 72.07 83.72 5.44
C VAL U 67 73.25 83.28 4.58
N ILE U 68 73.04 83.34 3.28
CA ILE U 68 74.05 82.94 2.30
C ILE U 68 73.71 83.64 0.99
N GLU U 69 74.69 83.73 0.09
CA GLU U 69 74.52 84.45 -1.15
C GLU U 69 74.95 83.60 -2.33
N SER U 70 73.99 83.04 -3.04
CA SER U 70 74.29 82.24 -4.21
C SER U 70 74.62 83.14 -5.39
N GLU U 71 75.50 82.68 -6.25
CA GLU U 71 75.88 83.44 -7.44
C GLU U 71 75.73 82.63 -8.71
N ASP V 6 56.02 79.06 11.50
CA ASP V 6 54.84 78.52 10.86
C ASP V 6 54.09 79.54 10.02
N PHE V 7 54.41 80.82 10.20
CA PHE V 7 53.66 81.87 9.53
C PHE V 7 54.58 83.04 9.22
N VAL V 8 54.19 83.80 8.21
CA VAL V 8 54.94 84.95 7.73
C VAL V 8 54.08 86.19 7.82
N VAL V 9 54.72 87.35 7.86
CA VAL V 9 54.03 88.63 7.98
C VAL V 9 54.50 89.51 6.83
N ILE V 10 53.57 89.92 5.97
CA ILE V 10 53.90 90.70 4.79
C ILE V 10 53.21 92.04 4.90
N LYS V 11 53.99 93.10 5.00
CA LYS V 11 53.46 94.46 4.99
C LYS V 11 53.65 95.03 3.59
N ALA V 12 52.55 95.33 2.91
CA ALA V 12 52.67 95.82 1.54
C ALA V 12 53.01 97.30 1.54
N LEU V 13 54.24 97.62 1.19
CA LEU V 13 54.70 99.00 1.17
C LEU V 13 54.27 99.78 -0.06
N GLU V 14 53.73 99.10 -1.07
CA GLU V 14 53.23 99.78 -2.26
C GLU V 14 51.98 99.06 -2.72
N ASP V 15 51.25 99.69 -3.63
CA ASP V 15 49.99 99.14 -4.07
C ASP V 15 50.21 97.96 -5.00
N GLY V 16 49.18 97.10 -5.08
CA GLY V 16 49.18 95.99 -6.01
C GLY V 16 50.20 94.92 -5.73
N VAL V 17 50.55 94.67 -4.47
CA VAL V 17 51.50 93.63 -4.16
C VAL V 17 50.81 92.28 -4.24
N ASN V 18 51.35 91.39 -5.06
CA ASN V 18 50.75 90.08 -5.29
C ASN V 18 51.38 89.07 -4.34
N VAL V 19 50.56 88.16 -3.84
CA VAL V 19 51.02 87.05 -3.01
C VAL V 19 50.43 85.79 -3.60
N ILE V 20 51.29 84.86 -4.01
CA ILE V 20 50.87 83.69 -4.77
C ILE V 20 51.01 82.45 -3.90
N GLY V 21 49.91 81.72 -3.73
CA GLY V 21 49.93 80.52 -2.94
C GLY V 21 48.84 80.49 -1.89
N SER V 33 45.95 83.21 -5.49
CA SER V 33 46.55 84.53 -5.61
C SER V 33 45.77 85.57 -4.81
N GLU V 34 46.49 86.49 -4.18
CA GLU V 34 45.88 87.57 -3.41
C GLU V 34 46.58 88.88 -3.77
N CYS V 35 45.87 89.98 -3.67
CA CYS V 35 46.43 91.30 -3.94
C CYS V 35 46.29 92.17 -2.71
N LEU V 36 47.31 92.97 -2.43
CA LEU V 36 47.33 93.86 -1.28
C LEU V 36 47.58 95.29 -1.74
N ASP V 37 46.97 96.23 -1.05
CA ASP V 37 47.21 97.64 -1.27
C ASP V 37 48.23 98.15 -0.26
N LYS V 38 48.58 99.42 -0.41
CA LYS V 38 49.63 100.01 0.43
C LYS V 38 49.15 100.18 1.87
N GLY V 39 49.95 99.66 2.80
CA GLY V 39 49.66 99.78 4.20
C GLY V 39 48.99 98.57 4.82
N GLU V 40 48.48 97.65 4.00
CA GLU V 40 47.89 96.45 4.54
C GLU V 40 48.97 95.49 5.00
N VAL V 41 48.58 94.56 5.85
CA VAL V 41 49.48 93.55 6.40
C VAL V 41 48.76 92.21 6.34
N LEU V 42 49.37 91.23 5.70
CA LEU V 42 48.83 89.89 5.61
C LEU V 42 49.68 88.96 6.44
N ILE V 43 49.06 88.24 7.36
CA ILE V 43 49.72 87.23 8.15
C ILE V 43 49.27 85.89 7.61
N ALA V 44 50.20 85.13 7.06
CA ALA V 44 49.86 83.93 6.32
C ALA V 44 50.51 82.71 6.96
N GLN V 45 49.71 81.71 7.24
CA GLN V 45 50.19 80.43 7.75
C GLN V 45 50.34 79.44 6.61
N PHE V 46 51.22 78.47 6.80
CA PHE V 46 51.42 77.44 5.80
C PHE V 46 50.47 76.27 6.05
N THR V 47 49.62 76.00 5.06
CA THR V 47 48.74 74.86 5.10
C THR V 47 49.46 73.68 4.48
N GLU V 48 48.71 72.60 4.26
CA GLU V 48 49.23 71.52 3.44
C GLU V 48 49.31 71.93 1.97
N HIS V 49 48.28 72.64 1.50
CA HIS V 49 48.24 73.12 0.13
C HIS V 49 49.28 74.18 -0.15
N THR V 50 49.27 75.27 0.61
CA THR V 50 50.22 76.37 0.43
C THR V 50 51.57 75.91 0.95
N SER V 51 52.40 75.39 0.06
CA SER V 51 53.74 74.96 0.40
C SER V 51 54.81 75.91 -0.11
N ALA V 52 54.41 76.95 -0.85
CA ALA V 52 55.34 77.93 -1.37
C ALA V 52 54.61 79.24 -1.56
N ILE V 53 55.26 80.33 -1.21
CA ILE V 53 54.67 81.65 -1.28
C ILE V 53 55.62 82.56 -2.04
N LYS V 54 55.12 83.17 -3.11
CA LYS V 54 55.90 84.09 -3.93
C LYS V 54 55.35 85.48 -3.75
N VAL V 55 56.23 86.45 -3.58
CA VAL V 55 55.85 87.83 -3.30
C VAL V 55 56.43 88.73 -4.38
N ARG V 56 55.58 89.50 -5.03
CA ARG V 56 56.01 90.45 -6.05
C ARG V 56 55.86 91.86 -5.50
N GLY V 57 56.51 92.82 -6.15
CA GLY V 57 56.39 94.20 -5.79
C GLY V 57 57.13 94.54 -4.50
N LYS V 58 57.00 95.79 -4.10
CA LYS V 58 57.70 96.28 -2.93
C LYS V 58 56.92 95.91 -1.68
N ALA V 59 57.51 95.05 -0.84
CA ALA V 59 56.86 94.60 0.38
C ALA V 59 57.93 94.31 1.42
N TYR V 60 57.50 94.27 2.67
CA TYR V 60 58.39 94.08 3.81
C TYR V 60 57.95 92.83 4.55
N ILE V 61 58.81 91.81 4.55
CA ILE V 61 58.43 90.48 5.04
C ILE V 61 59.18 90.20 6.32
N GLN V 62 58.46 89.71 7.33
CA GLN V 62 59.05 89.18 8.54
C GLN V 62 58.75 87.70 8.61
N THR V 63 59.79 86.89 8.72
CA THR V 63 59.66 85.46 8.95
C THR V 63 60.33 85.11 10.26
N SER V 64 60.44 83.81 10.52
CA SER V 64 61.18 83.36 11.70
C SER V 64 62.66 83.60 11.53
N HIS V 65 63.17 83.55 10.31
CA HIS V 65 64.58 83.75 10.05
C HIS V 65 65.00 85.21 10.05
N GLY V 66 64.05 86.14 10.14
CA GLY V 66 64.36 87.54 10.16
C GLY V 66 63.48 88.29 9.19
N VAL V 67 63.95 89.46 8.78
CA VAL V 67 63.20 90.33 7.90
C VAL V 67 63.88 90.40 6.55
N ILE V 68 63.12 90.83 5.54
CA ILE V 68 63.61 90.94 4.18
C ILE V 68 62.69 91.93 3.46
N GLU V 69 63.16 92.46 2.34
CA GLU V 69 62.43 93.48 1.61
C GLU V 69 62.34 93.12 0.14
N SER V 70 61.19 92.63 -0.27
CA SER V 70 60.98 92.30 -1.67
C SER V 70 60.71 93.55 -2.46
N GLU V 71 61.14 93.56 -3.72
CA GLU V 71 60.92 94.70 -4.59
C GLU V 71 60.25 94.29 -5.90
N ASP W 6 62.60 7.37 74.80
CA ASP W 6 61.46 6.63 74.26
C ASP W 6 61.00 5.51 75.18
N PHE W 7 61.82 5.15 76.16
CA PHE W 7 61.52 4.00 77.01
C PHE W 7 62.05 4.24 78.41
N VAL W 8 61.42 3.56 79.37
CA VAL W 8 61.76 3.69 80.77
C VAL W 8 62.13 2.31 81.31
N VAL W 9 62.88 2.30 82.40
CA VAL W 9 63.35 1.08 83.03
C VAL W 9 62.92 1.09 84.48
N ILE W 10 62.10 0.12 84.88
CA ILE W 10 61.55 0.06 86.22
C ILE W 10 62.04 -1.20 86.90
N LYS W 11 62.85 -1.05 87.95
CA LYS W 11 63.28 -2.18 88.74
C LYS W 11 62.42 -2.24 89.99
N ALA W 12 61.67 -3.32 90.15
CA ALA W 12 60.76 -3.41 91.28
C ALA W 12 61.53 -3.84 92.52
N LEU W 13 61.73 -2.91 93.45
CA LEU W 13 62.48 -3.17 94.67
C LEU W 13 61.66 -3.88 95.73
N GLU W 14 60.35 -3.99 95.56
CA GLU W 14 59.51 -4.71 96.50
C GLU W 14 58.42 -5.43 95.70
N ASP W 15 57.73 -6.34 96.37
CA ASP W 15 56.74 -7.15 95.70
C ASP W 15 55.49 -6.35 95.40
N GLY W 16 54.74 -6.81 94.40
CA GLY W 16 53.45 -6.23 94.08
C GLY W 16 53.50 -4.82 93.52
N VAL W 17 54.55 -4.46 92.81
CA VAL W 17 54.62 -3.12 92.24
C VAL W 17 53.74 -3.06 91.00
N ASN W 18 52.81 -2.12 90.99
CA ASN W 18 51.86 -1.98 89.90
C ASN W 18 52.38 -0.98 88.89
N VAL W 19 52.16 -1.26 87.61
CA VAL W 19 52.50 -0.35 86.53
C VAL W 19 51.25 -0.22 85.67
N ILE W 20 50.73 1.00 85.55
CA ILE W 20 49.44 1.23 84.91
C ILE W 20 49.67 1.93 83.57
N GLY W 21 49.17 1.33 82.51
CA GLY W 21 49.29 1.91 81.19
C GLY W 21 49.85 0.92 80.17
N SER W 33 47.19 -2.78 82.98
CA SER W 33 47.86 -2.91 84.27
C SER W 33 48.77 -4.13 84.31
N GLU W 34 49.94 -3.97 84.93
CA GLU W 34 50.89 -5.06 85.10
C GLU W 34 51.38 -5.08 86.53
N CYS W 35 51.75 -6.26 87.02
CA CYS W 35 52.27 -6.40 88.37
C CYS W 35 53.67 -6.99 88.31
N LEU W 36 54.57 -6.51 89.17
CA LEU W 36 55.94 -6.98 89.22
C LEU W 36 56.27 -7.44 90.63
N ASP W 37 57.10 -8.47 90.72
CA ASP W 37 57.62 -8.94 91.98
C ASP W 37 59.00 -8.35 92.24
N LYS W 38 59.55 -8.65 93.40
CA LYS W 38 60.83 -8.07 93.80
C LYS W 38 61.97 -8.62 92.97
N GLY W 39 62.76 -7.71 92.40
CA GLY W 39 63.91 -8.08 91.62
C GLY W 39 63.69 -8.08 90.13
N GLU W 40 62.44 -8.05 89.69
CA GLU W 40 62.19 -7.99 88.25
C GLU W 40 62.44 -6.59 87.73
N VAL W 41 62.64 -6.51 86.42
CA VAL W 41 62.91 -5.25 85.73
C VAL W 41 62.04 -5.22 84.48
N LEU W 42 61.25 -4.17 84.34
CA LEU W 42 60.41 -3.99 83.17
C LEU W 42 60.93 -2.81 82.36
N ILE W 43 61.22 -3.05 81.10
CA ILE W 43 61.62 -2.00 80.17
C ILE W 43 60.42 -1.71 79.29
N ALA W 44 59.88 -0.50 79.39
CA ALA W 44 58.62 -0.18 78.75
C ALA W 44 58.80 0.96 77.76
N GLN W 45 58.35 0.74 76.54
CA GLN W 45 58.35 1.76 75.51
C GLN W 45 56.99 2.42 75.44
N PHE W 46 56.97 3.66 74.96
CA PHE W 46 55.72 4.37 74.81
C PHE W 46 55.12 4.12 73.43
N THR W 47 53.92 3.54 73.42
CA THR W 47 53.18 3.33 72.18
C THR W 47 52.34 4.57 71.93
N GLU W 48 51.44 4.45 70.95
CA GLU W 48 50.42 5.47 70.78
C GLU W 48 49.39 5.39 71.91
N HIS W 49 49.01 4.17 72.28
CA HIS W 49 48.06 3.95 73.36
C HIS W 49 48.60 4.34 74.73
N THR W 50 49.73 3.78 75.13
CA THR W 50 50.35 4.07 76.41
C THR W 50 50.98 5.45 76.32
N SER W 51 50.23 6.46 76.74
CA SER W 51 50.72 7.82 76.77
C SER W 51 51.03 8.29 78.19
N ALA W 52 50.75 7.48 79.20
CA ALA W 52 51.03 7.84 80.57
C ALA W 52 51.24 6.55 81.35
N ILE W 53 52.22 6.57 82.25
CA ILE W 53 52.58 5.41 83.04
C ILE W 53 52.63 5.82 84.50
N LYS W 54 51.86 5.13 85.32
CA LYS W 54 51.81 5.39 86.75
C LYS W 54 52.43 4.21 87.48
N VAL W 55 53.27 4.49 88.46
CA VAL W 55 54.01 3.48 89.19
C VAL W 55 53.67 3.58 90.66
N ARG W 56 53.22 2.49 91.26
CA ARG W 56 52.91 2.42 92.68
C ARG W 56 53.97 1.59 93.37
N GLY W 57 54.03 1.71 94.69
CA GLY W 57 54.94 0.90 95.49
C GLY W 57 56.38 1.35 95.35
N LYS W 58 57.25 0.60 96.01
CA LYS W 58 58.67 0.92 96.02
C LYS W 58 59.33 0.38 94.77
N ALA W 59 59.81 1.28 93.91
CA ALA W 59 60.45 0.89 92.67
C ALA W 59 61.51 1.92 92.33
N TYR W 60 62.43 1.53 91.45
CA TYR W 60 63.55 2.35 91.06
C TYR W 60 63.50 2.55 89.55
N ILE W 61 63.28 3.79 89.12
CA ILE W 61 62.99 4.09 87.72
C ILE W 61 64.16 4.84 87.13
N GLN W 62 64.58 4.42 85.94
CA GLN W 62 65.54 5.14 85.13
C GLN W 62 64.84 5.60 83.86
N THR W 63 64.88 6.91 83.62
CA THR W 63 64.38 7.49 82.39
C THR W 63 65.52 8.19 81.68
N SER W 64 65.19 8.91 80.62
CA SER W 64 66.20 9.73 79.95
C SER W 64 66.61 10.91 80.80
N HIS W 65 65.70 11.43 81.62
CA HIS W 65 65.97 12.57 82.47
C HIS W 65 66.76 12.21 83.72
N GLY W 66 66.98 10.93 83.99
CA GLY W 66 67.72 10.51 85.15
C GLY W 66 66.99 9.41 85.88
N VAL W 67 67.30 9.26 87.16
CA VAL W 67 66.72 8.21 87.98
C VAL W 67 65.82 8.82 89.03
N ILE W 68 64.94 7.99 89.57
CA ILE W 68 63.98 8.41 90.59
C ILE W 68 63.54 7.17 91.34
N GLU W 69 62.98 7.35 92.52
CA GLU W 69 62.62 6.24 93.39
C GLU W 69 61.18 6.39 93.87
N SER W 70 60.28 5.65 93.25
CA SER W 70 58.89 5.69 93.67
C SER W 70 58.70 4.86 94.94
N GLU W 71 57.78 5.29 95.78
CA GLU W 71 57.48 4.57 97.01
C GLU W 71 56.00 4.24 97.15
N ASP X 6 67.29 2.08 70.98
CA ASP X 6 66.40 1.21 70.23
C ASP X 6 66.52 -0.24 70.62
N PHE X 7 67.58 -0.59 71.36
CA PHE X 7 67.83 -1.98 71.68
C PHE X 7 68.50 -2.09 73.05
N VAL X 8 68.31 -3.25 73.66
CA VAL X 8 68.83 -3.53 74.99
C VAL X 8 69.74 -4.75 74.92
N VAL X 9 70.62 -4.87 75.90
CA VAL X 9 71.59 -5.95 75.97
C VAL X 9 71.45 -6.63 77.32
N ILE X 10 71.09 -7.91 77.31
CA ILE X 10 70.84 -8.66 78.53
C ILE X 10 71.85 -9.79 78.63
N LYS X 11 72.71 -9.73 79.62
CA LYS X 11 73.65 -10.81 79.90
C LYS X 11 73.08 -11.64 81.03
N ALA X 12 72.79 -12.90 80.76
CA ALA X 12 72.19 -13.73 81.78
C ALA X 12 73.27 -14.26 82.73
N LEU X 13 73.29 -13.73 83.95
CA LEU X 13 74.28 -14.11 84.94
C LEU X 13 73.96 -15.41 85.65
N GLU X 14 72.75 -15.94 85.47
CA GLU X 14 72.39 -17.22 86.07
C GLU X 14 71.50 -17.95 85.08
N ASP X 15 71.29 -19.23 85.35
CA ASP X 15 70.53 -20.06 84.43
C ASP X 15 69.04 -19.75 84.51
N GLY X 16 68.33 -20.07 83.43
CA GLY X 16 66.90 -19.95 83.40
C GLY X 16 66.36 -18.54 83.46
N VAL X 17 67.08 -17.57 82.92
CA VAL X 17 66.59 -16.21 82.94
C VAL X 17 65.54 -16.03 81.85
N ASN X 18 64.36 -15.59 82.24
CA ASN X 18 63.24 -15.45 81.33
C ASN X 18 63.20 -14.03 80.79
N VAL X 19 62.86 -13.89 79.52
CA VAL X 19 62.67 -12.59 78.88
C VAL X 19 61.33 -12.65 78.18
N ILE X 20 60.41 -11.77 78.56
CA ILE X 20 59.03 -11.83 78.11
C ILE X 20 58.77 -10.68 77.17
N GLY X 21 58.32 -10.99 75.96
CA GLY X 21 58.01 -9.98 74.97
C GLY X 21 58.67 -10.22 73.64
N SER X 33 57.98 -15.41 74.79
CA SER X 33 58.87 -15.73 75.90
C SER X 33 60.14 -16.42 75.42
N GLU X 34 61.27 -16.08 76.02
CA GLU X 34 62.55 -16.70 75.72
C GLU X 34 63.26 -17.04 77.01
N CYS X 35 64.10 -18.08 76.98
CA CYS X 35 64.87 -18.48 78.14
C CYS X 35 66.34 -18.43 77.81
N LEU X 36 67.16 -17.99 78.76
CA LEU X 36 68.60 -17.87 78.58
C LEU X 36 69.30 -18.65 79.69
N ASP X 37 70.44 -19.24 79.33
CA ASP X 37 71.30 -19.90 80.29
C ASP X 37 72.41 -18.96 80.72
N LYS X 38 73.25 -19.42 81.65
CA LYS X 38 74.28 -18.58 82.22
C LYS X 38 75.38 -18.31 81.21
N GLY X 39 75.70 -17.03 81.03
CA GLY X 39 76.75 -16.62 80.14
C GLY X 39 76.29 -16.17 78.78
N GLU X 40 75.04 -16.45 78.42
CA GLU X 40 74.54 -15.99 77.14
C GLU X 40 74.21 -14.51 77.21
N VAL X 41 74.12 -13.89 76.04
CA VAL X 41 73.82 -12.48 75.91
C VAL X 41 72.79 -12.33 74.80
N LEU X 42 71.68 -11.69 75.11
CA LEU X 42 70.63 -11.44 74.14
C LEU X 42 70.57 -9.94 73.86
N ILE X 43 70.69 -9.57 72.59
CA ILE X 43 70.54 -8.19 72.16
C ILE X 43 69.18 -8.09 71.50
N ALA X 44 68.29 -7.31 72.10
CA ALA X 44 66.90 -7.29 71.66
C ALA X 44 66.51 -5.90 71.21
N GLN X 45 65.96 -5.81 70.01
CA GLN X 45 65.42 -4.56 69.49
C GLN X 45 63.92 -4.51 69.73
N PHE X 46 63.39 -3.29 69.79
CA PHE X 46 61.96 -3.10 69.96
C PHE X 46 61.25 -3.05 68.61
N THR X 47 60.35 -3.99 68.41
CA THR X 47 59.53 -4.01 67.21
C THR X 47 58.27 -3.19 67.49
N GLU X 48 57.31 -3.28 66.57
CA GLU X 48 55.99 -2.75 66.86
C GLU X 48 55.27 -3.61 67.88
N HIS X 49 55.40 -4.93 67.74
CA HIS X 49 54.79 -5.88 68.66
C HIS X 49 55.40 -5.83 70.05
N THR X 50 56.70 -6.03 70.16
CA THR X 50 57.40 -6.01 71.44
C THR X 50 57.49 -4.56 71.90
N SER X 51 56.54 -4.13 72.71
CA SER X 51 56.53 -2.80 73.28
C SER X 51 56.90 -2.79 74.75
N ALA X 52 57.10 -3.96 75.36
CA ALA X 52 57.47 -4.05 76.76
C ALA X 52 58.25 -5.34 76.95
N ILE X 53 59.30 -5.27 77.74
CA ILE X 53 60.17 -6.41 77.99
C ILE X 53 60.33 -6.58 79.50
N LYS X 54 60.00 -7.75 79.99
CA LYS X 54 60.12 -8.06 81.40
C LYS X 54 61.21 -9.10 81.58
N VAL X 55 62.06 -8.88 82.58
CA VAL X 55 63.22 -9.73 82.81
C VAL X 55 63.14 -10.30 84.21
N ARG X 56 63.20 -11.63 84.32
CA ARG X 56 63.20 -12.30 85.60
C ARG X 56 64.58 -12.86 85.89
N GLY X 57 64.83 -13.21 87.14
CA GLY X 57 66.08 -13.83 87.51
C GLY X 57 67.23 -12.86 87.52
N LYS X 58 68.40 -13.40 87.81
CA LYS X 58 69.61 -12.57 87.92
C LYS X 58 70.18 -12.33 86.53
N ALA X 59 70.17 -11.07 86.10
CA ALA X 59 70.67 -10.71 84.79
C ALA X 59 71.24 -9.30 84.86
N TYR X 60 72.07 -8.98 83.89
CA TYR X 60 72.75 -7.70 83.82
C TYR X 60 72.37 -7.00 82.53
N ILE X 61 71.67 -5.88 82.64
CA ILE X 61 71.05 -5.23 81.49
C ILE X 61 71.77 -3.92 81.21
N GLN X 62 72.09 -3.69 79.94
CA GLN X 62 72.59 -2.41 79.46
C GLN X 62 71.57 -1.84 78.51
N THR X 63 71.11 -0.62 78.81
CA THR X 63 70.23 0.13 77.93
C THR X 63 70.93 1.42 77.54
N SER X 64 70.19 2.29 76.86
CA SER X 64 70.72 3.61 76.55
C SER X 64 70.84 4.47 77.80
N HIS X 65 69.96 4.25 78.77
CA HIS X 65 69.98 5.02 80.02
C HIS X 65 71.06 4.56 80.99
N GLY X 66 71.74 3.47 80.71
CA GLY X 66 72.76 2.98 81.59
C GLY X 66 72.60 1.49 81.83
N VAL X 67 73.16 1.02 82.94
CA VAL X 67 73.14 -0.39 83.28
C VAL X 67 72.28 -0.58 84.51
N ILE X 68 71.84 -1.83 84.69
CA ILE X 68 71.00 -2.22 85.81
C ILE X 68 71.15 -3.71 86.02
N GLU X 69 70.78 -4.19 87.19
CA GLU X 69 70.97 -5.60 87.54
C GLU X 69 69.68 -6.19 88.08
N SER X 70 68.99 -6.95 87.24
CA SER X 70 67.77 -7.60 87.67
C SER X 70 68.10 -8.83 88.51
N GLU X 71 67.25 -9.13 89.48
CA GLU X 71 67.44 -10.30 90.32
C GLU X 71 66.22 -11.20 90.35
N ASP Y 6 72.81 0.85 65.51
CA ASP Y 6 72.19 0.06 64.46
C ASP Y 6 72.88 -1.28 64.24
N PHE Y 7 74.09 -1.43 64.76
CA PHE Y 7 74.87 -2.62 64.49
C PHE Y 7 75.73 -2.96 65.70
N VAL Y 8 76.07 -4.25 65.79
CA VAL Y 8 76.86 -4.78 66.89
C VAL Y 8 78.12 -5.42 66.33
N VAL Y 9 79.13 -5.54 67.19
CA VAL Y 9 80.42 -6.10 66.80
C VAL Y 9 80.74 -7.25 67.76
N ILE Y 10 80.87 -8.45 67.23
CA ILE Y 10 81.09 -9.64 68.04
C ILE Y 10 82.44 -10.23 67.67
N LYS Y 11 83.37 -10.22 68.61
CA LYS Y 11 84.66 -10.87 68.42
C LYS Y 11 84.62 -12.22 69.12
N ALA Y 12 84.76 -13.29 68.36
CA ALA Y 12 84.66 -14.60 68.96
C ALA Y 12 85.98 -14.99 69.60
N LEU Y 13 86.01 -14.98 70.93
CA LEU Y 13 87.21 -15.29 71.68
C LEU Y 13 87.49 -16.78 71.80
N GLU Y 14 86.54 -17.63 71.42
CA GLU Y 14 86.76 -19.07 71.45
C GLU Y 14 86.04 -19.66 70.24
N ASP Y 15 86.34 -20.92 69.96
CA ASP Y 15 85.80 -21.56 68.78
C ASP Y 15 84.34 -21.91 68.98
N GLY Y 16 83.63 -22.05 67.86
CA GLY Y 16 82.25 -22.50 67.88
C GLY Y 16 81.27 -21.54 68.50
N VAL Y 17 81.51 -20.24 68.41
CA VAL Y 17 80.56 -19.29 68.98
C VAL Y 17 79.36 -19.15 68.05
N ASN Y 18 78.17 -19.39 68.59
CA ASN Y 18 76.95 -19.36 67.80
C ASN Y 18 76.33 -17.98 67.89
N VAL Y 19 75.78 -17.52 66.78
CA VAL Y 19 75.04 -16.27 66.73
C VAL Y 19 73.71 -16.57 66.06
N ILE Y 20 72.61 -16.33 66.76
CA ILE Y 20 71.30 -16.74 66.32
C ILE Y 20 70.49 -15.52 65.93
N GLY Y 21 70.00 -15.51 64.69
CA GLY Y 21 69.19 -14.41 64.21
C GLY Y 21 69.69 -13.85 62.89
N SER Y 33 71.08 -18.92 61.82
CA SER Y 33 72.19 -19.25 62.72
C SER Y 33 73.53 -19.17 62.00
N GLU Y 34 74.55 -18.66 62.70
CA GLU Y 34 75.90 -18.57 62.16
C GLU Y 34 76.88 -19.07 63.21
N CYS Y 35 78.01 -19.59 62.76
CA CYS Y 35 79.05 -20.08 63.66
C CYS Y 35 80.33 -19.33 63.38
N LEU Y 36 81.07 -19.01 64.44
CA LEU Y 36 82.33 -18.28 64.33
C LEU Y 36 83.43 -19.08 65.02
N ASP Y 37 84.63 -18.98 64.46
CA ASP Y 37 85.82 -19.57 65.07
C ASP Y 37 86.57 -18.51 65.86
N LYS Y 38 87.63 -18.93 66.52
CA LYS Y 38 88.39 -18.04 67.38
C LYS Y 38 89.15 -16.99 66.57
N GLY Y 39 88.95 -15.72 66.93
CA GLY Y 39 89.63 -14.64 66.30
C GLY Y 39 88.83 -13.92 65.24
N GLU Y 40 87.73 -14.51 64.78
CA GLU Y 40 86.90 -13.83 63.80
C GLU Y 40 86.08 -12.75 64.47
N VAL Y 41 85.60 -11.81 63.65
CA VAL Y 41 84.79 -10.70 64.11
C VAL Y 41 83.62 -10.56 63.15
N LEU Y 42 82.42 -10.57 63.69
CA LEU Y 42 81.21 -10.40 62.90
C LEU Y 42 80.59 -9.06 63.25
N ILE Y 43 80.36 -8.23 62.24
CA ILE Y 43 79.66 -6.97 62.41
C ILE Y 43 78.27 -7.16 61.85
N ALA Y 44 77.26 -7.07 62.70
CA ALA Y 44 75.90 -7.44 62.32
C ALA Y 44 74.97 -6.25 62.47
N GLN Y 45 74.25 -5.94 61.41
CA GLN Y 45 73.24 -4.91 61.43
C GLN Y 45 71.86 -5.52 61.67
N PHE Y 46 70.96 -4.73 62.22
CA PHE Y 46 69.60 -5.20 62.44
C PHE Y 46 68.72 -4.93 61.23
N THR Y 47 68.20 -5.99 60.66
CA THR Y 47 67.25 -5.88 59.56
C THR Y 47 65.85 -5.79 60.14
N GLU Y 48 64.85 -5.89 59.26
CA GLU Y 48 63.49 -6.07 59.74
C GLU Y 48 63.30 -7.45 60.32
N HIS Y 49 63.87 -8.46 59.65
CA HIS Y 49 63.78 -9.85 60.10
C HIS Y 49 64.54 -10.09 61.39
N THR Y 50 65.83 -9.79 61.43
CA THR Y 50 66.67 -9.98 62.60
C THR Y 50 66.30 -8.90 63.61
N SER Y 51 65.39 -9.22 64.51
CA SER Y 51 65.00 -8.32 65.58
C SER Y 51 65.56 -8.72 66.93
N ALA Y 52 66.26 -9.84 67.00
CA ALA Y 52 66.85 -10.31 68.24
C ALA Y 52 68.06 -11.16 67.90
N ILE Y 53 69.13 -10.99 68.66
CA ILE Y 53 70.38 -11.70 68.43
C ILE Y 53 70.82 -12.34 69.72
N LYS Y 54 71.01 -13.66 69.70
CA LYS Y 54 71.45 -14.40 70.87
C LYS Y 54 72.87 -14.91 70.62
N VAL Y 55 73.73 -14.77 71.61
CA VAL Y 55 75.13 -15.11 71.48
C VAL Y 55 75.47 -16.15 72.53
N ARG Y 56 76.02 -17.29 72.10
CA ARG Y 56 76.45 -18.34 72.99
C ARG Y 56 77.97 -18.38 73.03
N GLY Y 57 78.52 -19.04 74.02
CA GLY Y 57 79.95 -19.22 74.12
C GLY Y 57 80.68 -17.96 74.54
N LYS Y 58 81.99 -18.07 74.58
CA LYS Y 58 82.82 -16.94 75.02
C LYS Y 58 83.05 -16.00 73.85
N ALA Y 59 82.52 -14.79 73.97
CA ALA Y 59 82.65 -13.79 72.92
C ALA Y 59 82.68 -12.41 73.56
N TYR Y 60 83.17 -11.44 72.81
CA TYR Y 60 83.34 -10.07 73.28
C TYR Y 60 82.52 -9.15 72.37
N ILE Y 61 81.51 -8.52 72.93
CA ILE Y 61 80.52 -7.79 72.15
C ILE Y 61 80.68 -6.31 72.42
N GLN Y 62 80.69 -5.51 71.36
CA GLN Y 62 80.62 -4.06 71.44
C GLN Y 62 79.32 -3.61 70.81
N THR Y 63 78.51 -2.88 71.57
CA THR Y 63 77.30 -2.26 71.07
C THR Y 63 77.43 -0.76 71.24
N SER Y 64 76.32 -0.06 70.98
CA SER Y 64 76.29 1.38 71.23
C SER Y 64 76.30 1.67 72.72
N HIS Y 65 75.72 0.78 73.53
CA HIS Y 65 75.65 0.97 74.96
C HIS Y 65 76.95 0.64 75.67
N GLY Y 66 77.93 0.09 74.97
CA GLY Y 66 79.19 -0.26 75.58
C GLY Y 66 79.60 -1.66 75.19
N VAL Y 67 80.46 -2.26 76.02
CA VAL Y 67 80.99 -3.57 75.75
C VAL Y 67 80.47 -4.54 76.80
N ILE Y 68 80.54 -5.83 76.45
CA ILE Y 68 80.07 -6.90 77.32
C ILE Y 68 80.78 -8.18 76.90
N GLU Y 69 80.79 -9.17 77.76
CA GLU Y 69 81.52 -10.40 77.53
C GLU Y 69 80.63 -11.61 77.76
N SER Y 70 80.14 -12.20 76.69
CA SER Y 70 79.31 -13.39 76.81
C SER Y 70 80.19 -14.61 77.08
N GLU Y 71 79.65 -15.56 77.83
CA GLU Y 71 80.39 -16.78 78.13
C GLU Y 71 79.58 -18.02 77.79
N ASP Z 6 77.51 4.11 59.72
CA ASP Z 6 77.03 3.57 58.46
C ASP Z 6 78.10 2.77 57.72
N PHE Z 7 79.35 2.93 58.13
CA PHE Z 7 80.45 2.30 57.40
C PHE Z 7 81.56 1.91 58.36
N VAL Z 8 82.33 0.92 57.95
CA VAL Z 8 83.42 0.37 58.74
C VAL Z 8 84.72 0.50 57.95
N VAL Z 9 85.83 0.49 58.67
CA VAL Z 9 87.16 0.62 58.07
C VAL Z 9 88.00 -0.55 58.51
N ILE Z 10 88.45 -1.35 57.55
CA ILE Z 10 89.21 -2.57 57.82
C ILE Z 10 90.59 -2.42 57.24
N LYS Z 11 91.61 -2.40 58.09
CA LYS Z 11 92.99 -2.38 57.64
C LYS Z 11 93.53 -3.79 57.76
N ALA Z 12 93.90 -4.39 56.63
CA ALA Z 12 94.37 -5.76 56.68
C ALA Z 12 95.83 -5.81 57.10
N LEU Z 13 96.07 -6.27 58.32
CA LEU Z 13 97.41 -6.34 58.88
C LEU Z 13 98.21 -7.54 58.40
N GLU Z 14 97.57 -8.49 57.74
CA GLU Z 14 98.26 -9.65 57.19
C GLU Z 14 97.61 -10.01 55.87
N ASP Z 15 98.29 -10.86 55.11
CA ASP Z 15 97.81 -11.20 53.79
C ASP Z 15 96.61 -12.13 53.86
N GLY Z 16 95.82 -12.12 52.79
CA GLY Z 16 94.72 -13.04 52.65
C GLY Z 16 93.56 -12.83 53.62
N VAL Z 17 93.32 -11.58 54.03
CA VAL Z 17 92.21 -11.34 54.95
C VAL Z 17 90.91 -11.36 54.16
N ASN Z 18 89.98 -12.20 54.59
CA ASN Z 18 88.71 -12.36 53.90
C ASN Z 18 87.67 -11.46 54.52
N VAL Z 19 86.82 -10.88 53.70
CA VAL Z 19 85.69 -10.08 54.15
C VAL Z 19 84.46 -10.60 53.43
N ILE Z 20 83.49 -11.07 54.20
CA ILE Z 20 82.33 -11.78 53.65
C ILE Z 20 81.10 -10.90 53.78
N GLY Z 21 80.45 -10.64 52.66
CA GLY Z 21 79.24 -9.84 52.65
C GLY Z 21 79.29 -8.71 51.64
N SER Z 33 82.16 -12.11 48.67
CA SER Z 33 83.45 -12.30 49.34
C SER Z 33 84.53 -11.46 48.69
N GLU Z 34 85.40 -10.89 49.52
CA GLU Z 34 86.53 -10.09 49.03
C GLU Z 34 87.78 -10.52 49.79
N CYS Z 35 88.94 -10.38 49.14
CA CYS Z 35 90.21 -10.71 49.77
C CYS Z 35 91.10 -9.48 49.78
N LEU Z 36 91.84 -9.30 50.87
CA LEU Z 36 92.73 -8.16 51.02
C LEU Z 36 94.13 -8.65 51.34
N ASP Z 37 95.13 -7.92 50.83
CA ASP Z 37 96.52 -8.18 51.15
C ASP Z 37 96.97 -7.26 52.27
N LYS Z 38 98.22 -7.45 52.69
CA LYS Z 38 98.74 -6.70 53.83
C LYS Z 38 98.95 -5.24 53.47
N GLY Z 39 98.39 -4.35 54.30
CA GLY Z 39 98.54 -2.94 54.13
C GLY Z 39 97.38 -2.26 53.44
N GLU Z 40 96.49 -3.02 52.81
CA GLU Z 40 95.33 -2.42 52.18
C GLU Z 40 94.31 -2.05 53.24
N VAL Z 41 93.41 -1.15 52.86
CA VAL Z 41 92.35 -0.66 53.72
C VAL Z 41 91.06 -0.64 52.92
N LEU Z 42 90.04 -1.32 53.43
CA LEU Z 42 88.73 -1.35 52.80
C LEU Z 42 87.75 -0.58 53.65
N ILE Z 43 87.09 0.40 53.06
CA ILE Z 43 86.04 1.15 53.71
C ILE Z 43 84.73 0.65 53.14
N ALA Z 44 83.90 0.04 53.98
CA ALA Z 44 82.71 -0.65 53.51
C ALA Z 44 81.47 -0.04 54.12
N GLN Z 45 80.52 0.31 53.27
CA GLN Z 45 79.23 0.80 53.72
C GLN Z 45 78.22 -0.34 53.72
N PHE Z 46 77.19 -0.20 54.55
CA PHE Z 46 76.14 -1.19 54.60
C PHE Z 46 75.03 -0.87 53.61
N THR Z 47 74.82 -1.79 52.68
CA THR Z 47 73.73 -1.66 51.73
C THR Z 47 72.50 -2.32 52.33
N GLU Z 48 71.47 -2.48 51.49
CA GLU Z 48 70.34 -3.32 51.88
C GLU Z 48 70.75 -4.79 51.88
N HIS Z 49 71.52 -5.20 50.87
CA HIS Z 49 71.99 -6.56 50.74
C HIS Z 49 72.98 -6.93 51.82
N THR Z 50 74.07 -6.20 51.95
CA THR Z 50 75.10 -6.46 52.94
C THR Z 50 74.57 -6.03 54.29
N SER Z 51 73.99 -6.98 55.02
CA SER Z 51 73.48 -6.73 56.36
C SER Z 51 74.36 -7.33 57.43
N ALA Z 52 75.41 -8.06 57.05
CA ALA Z 52 76.32 -8.65 58.01
C ALA Z 52 77.68 -8.80 57.34
N ILE Z 53 78.73 -8.52 58.09
CA ILE Z 53 80.09 -8.56 57.57
C ILE Z 53 80.94 -9.40 58.51
N LYS Z 54 81.55 -10.44 57.98
CA LYS Z 54 82.41 -11.32 58.75
C LYS Z 54 83.85 -11.12 58.30
N VAL Z 55 84.77 -11.03 59.25
CA VAL Z 55 86.16 -10.73 58.98
C VAL Z 55 87.02 -11.87 59.53
N ARG Z 56 87.84 -12.47 58.68
CA ARG Z 56 88.75 -13.51 59.08
C ARG Z 56 90.17 -12.98 59.08
N GLY Z 57 91.07 -13.69 59.73
CA GLY Z 57 92.48 -13.34 59.72
C GLY Z 57 92.77 -12.12 60.58
N LYS Z 58 94.03 -11.72 60.55
CA LYS Z 58 94.47 -10.61 61.37
C LYS Z 58 94.16 -9.30 60.67
N ALA Z 59 93.29 -8.50 61.26
CA ALA Z 59 92.88 -7.23 60.69
C ALA Z 59 92.54 -6.27 61.81
N TYR Z 60 92.54 -4.98 61.48
CA TYR Z 60 92.29 -3.93 62.44
C TYR Z 60 91.08 -3.13 61.98
N ILE Z 61 90.01 -3.18 62.76
CA ILE Z 61 88.72 -2.65 62.34
C ILE Z 61 88.39 -1.42 63.16
N GLN Z 62 87.95 -0.36 62.50
CA GLN Z 62 87.39 0.82 63.14
C GLN Z 62 85.94 0.91 62.75
N THR Z 63 85.07 0.97 63.75
CA THR Z 63 83.65 1.21 63.56
C THR Z 63 83.27 2.48 64.29
N SER Z 64 81.97 2.75 64.34
CA SER Z 64 81.47 3.87 65.14
C SER Z 64 81.63 3.59 66.62
N HIS Z 65 81.54 2.33 67.03
CA HIS Z 65 81.64 1.96 68.43
C HIS Z 65 83.07 1.92 68.93
N GLY Z 66 84.05 2.07 68.05
CA GLY Z 66 85.44 2.04 68.45
C GLY Z 66 86.24 1.15 67.55
N VAL Z 67 87.37 0.67 68.07
CA VAL Z 67 88.28 -0.15 67.29
C VAL Z 67 88.30 -1.55 67.89
N ILE Z 68 88.76 -2.50 67.07
CA ILE Z 68 88.83 -3.90 67.46
C ILE Z 68 89.86 -4.56 66.55
N GLU Z 69 90.36 -5.72 66.97
CA GLU Z 69 91.43 -6.40 66.25
C GLU Z 69 91.06 -7.87 66.02
N SER Z 70 90.63 -8.18 64.82
CA SER Z 70 90.30 -9.55 64.47
C SER Z 70 91.57 -10.34 64.23
N GLU Z 71 91.53 -11.63 64.57
CA GLU Z 71 92.68 -12.49 64.35
C GLU Z 71 92.31 -13.74 63.57
N ASP AA 6 79.83 10.59 56.09
CA ASP AA 6 79.37 10.45 54.72
C ASP AA 6 80.50 10.47 53.71
N PHE AA 7 81.67 10.91 54.13
CA PHE AA 7 82.78 11.08 53.19
C PHE AA 7 84.09 10.80 53.88
N VAL AA 8 85.08 10.43 53.07
CA VAL AA 8 86.40 10.07 53.55
C VAL AA 8 87.43 10.98 52.88
N VAL AA 9 88.58 11.11 53.52
CA VAL AA 9 89.66 11.96 53.02
C VAL AA 9 90.92 11.12 52.90
N ILE AA 10 91.45 11.00 51.68
CA ILE AA 10 92.60 10.15 51.41
C ILE AA 10 93.74 11.03 50.93
N LYS AA 11 94.81 11.12 51.70
CA LYS AA 11 96.00 11.82 51.29
C LYS AA 11 97.00 10.80 50.79
N ALA AA 12 97.36 10.87 49.51
CA ALA AA 12 98.26 9.88 48.96
C ALA AA 12 99.71 10.22 49.32
N LEU AA 13 100.29 9.46 50.22
CA LEU AA 13 101.65 9.70 50.68
C LEU AA 13 102.71 9.17 49.73
N GLU AA 14 102.32 8.38 48.74
CA GLU AA 14 103.27 7.89 47.75
C GLU AA 14 102.56 7.86 46.40
N ASP AA 15 103.35 7.69 45.34
CA ASP AA 15 102.80 7.74 44.01
C ASP AA 15 102.01 6.48 43.69
N GLY AA 16 101.10 6.60 42.73
CA GLY AA 16 100.36 5.46 42.23
C GLY AA 16 99.40 4.84 43.20
N VAL AA 17 98.82 5.61 44.12
CA VAL AA 17 97.87 5.05 45.06
C VAL AA 17 96.53 4.84 44.36
N ASN AA 18 96.03 3.62 44.40
CA ASN AA 18 94.79 3.26 43.70
C ASN AA 18 93.63 3.40 44.68
N VAL AA 19 92.50 3.87 44.18
CA VAL AA 19 91.27 3.94 44.94
C VAL AA 19 90.19 3.31 44.09
N ILE AA 20 89.57 2.25 44.59
CA ILE AA 20 88.65 1.44 43.81
C ILE AA 20 87.23 1.66 44.31
N GLY AA 21 86.35 2.05 43.41
CA GLY AA 21 84.96 2.28 43.76
C GLY AA 21 84.45 3.63 43.33
N SER AA 33 87.76 3.02 39.16
CA SER AA 33 89.12 3.10 39.67
C SER AA 33 89.73 4.46 39.43
N GLU AA 34 90.49 4.95 40.40
CA GLU AA 34 91.18 6.23 40.29
C GLU AA 34 92.62 6.06 40.78
N CYS AA 35 93.52 6.86 40.24
CA CYS AA 35 94.92 6.82 40.65
C CYS AA 35 95.33 8.19 41.18
N LEU AA 36 96.13 8.21 42.23
CA LEU AA 36 96.60 9.44 42.85
C LEU AA 36 98.12 9.43 42.90
N ASP AA 37 98.70 10.61 42.74
CA ASP AA 37 100.14 10.81 42.90
C ASP AA 37 100.43 11.32 44.30
N LYS AA 38 101.72 11.47 44.60
CA LYS AA 38 102.14 11.85 45.93
C LYS AA 38 101.78 13.29 46.24
N GLY AA 39 101.10 13.51 47.36
CA GLY AA 39 100.73 14.82 47.81
C GLY AA 39 99.31 15.22 47.48
N GLU AA 40 98.64 14.48 46.60
CA GLU AA 40 97.25 14.79 46.30
C GLU AA 40 96.36 14.31 47.42
N VAL AA 41 95.15 14.87 47.47
CA VAL AA 41 94.15 14.54 48.47
C VAL AA 41 92.82 14.37 47.76
N LEU AA 42 92.19 13.23 47.95
CA LEU AA 42 90.89 12.95 47.37
C LEU AA 42 89.86 12.89 48.49
N ILE AA 43 88.82 13.70 48.38
CA ILE AA 43 87.71 13.68 49.30
C ILE AA 43 86.56 12.99 48.58
N ALA AA 44 86.15 11.83 49.09
CA ALA AA 44 85.21 10.99 48.38
C ALA AA 44 83.95 10.78 49.22
N GLN AA 45 82.81 11.04 48.61
CA GLN AA 45 81.52 10.79 49.24
C GLN AA 45 80.97 9.45 48.76
N PHE AA 46 80.11 8.86 49.59
CA PHE AA 46 79.49 7.60 49.23
C PHE AA 46 78.20 7.84 48.47
N THR AA 47 78.14 7.36 47.24
CA THR AA 47 76.93 7.41 46.44
C THR AA 47 76.12 6.16 46.73
N GLU AA 48 75.08 5.96 45.91
CA GLU AA 48 74.39 4.68 45.92
C GLU AA 48 75.26 3.61 45.29
N HIS AA 49 75.93 3.94 44.19
CA HIS AA 49 76.82 3.02 43.50
C HIS AA 49 78.05 2.66 44.30
N THR AA 50 78.83 3.65 44.71
CA THR AA 50 80.04 3.43 45.50
C THR AA 50 79.62 3.07 46.91
N SER AA 51 79.53 1.77 47.17
CA SER AA 51 79.21 1.27 48.50
C SER AA 51 80.42 0.68 49.21
N ALA AA 52 81.56 0.62 48.55
CA ALA AA 52 82.78 0.08 49.14
C ALA AA 52 83.97 0.73 48.45
N ILE AA 53 84.97 1.08 49.25
CA ILE AA 53 86.15 1.77 48.74
C ILE AA 53 87.37 1.01 49.23
N LYS AA 54 88.21 0.58 48.30
CA LYS AA 54 89.44 -0.13 48.61
C LYS AA 54 90.62 0.76 48.27
N VAL AA 55 91.60 0.81 49.17
CA VAL AA 55 92.75 1.70 49.02
C VAL AA 55 94.01 0.85 49.04
N ARG AA 56 94.83 0.99 48.01
CA ARG AA 56 96.10 0.30 47.92
C ARG AA 56 97.24 1.29 48.12
N GLY AA 57 98.42 0.78 48.40
CA GLY AA 57 99.59 1.61 48.53
C GLY AA 57 99.60 2.41 49.82
N LYS AA 58 100.63 3.23 49.95
CA LYS AA 58 100.81 4.02 51.16
C LYS AA 58 99.96 5.28 51.09
N ALA AA 59 98.97 5.38 51.97
CA ALA AA 59 98.07 6.52 51.99
C ALA AA 59 97.62 6.77 53.42
N TYR AA 60 97.11 7.96 53.66
CA TYR AA 60 96.69 8.40 54.99
C TYR AA 60 95.22 8.78 54.92
N ILE AA 61 94.38 8.03 55.62
CA ILE AA 61 92.94 8.14 55.48
C ILE AA 61 92.36 8.73 56.75
N GLN AA 62 91.48 9.72 56.60
CA GLN AA 62 90.68 10.24 57.68
C GLN AA 62 89.22 9.93 57.39
N THR AA 63 88.57 9.25 58.33
CA THR AA 63 87.15 8.99 58.27
C THR AA 63 86.49 9.63 59.48
N SER AA 64 85.20 9.34 59.65
CA SER AA 64 84.51 9.78 60.85
C SER AA 64 84.99 9.04 62.08
N HIS AA 65 85.40 7.79 61.92
CA HIS AA 65 85.86 6.96 63.02
C HIS AA 65 87.29 7.28 63.45
N GLY AA 66 88.00 8.13 62.69
CA GLY AA 66 89.36 8.47 63.04
C GLY AA 66 90.24 8.36 61.83
N VAL AA 67 91.54 8.21 62.08
CA VAL AA 67 92.54 8.15 61.02
C VAL AA 67 93.12 6.76 60.96
N ILE AA 68 93.73 6.46 59.82
CA ILE AA 68 94.35 5.16 59.57
C ILE AA 68 95.37 5.34 58.47
N GLU AA 69 96.29 4.40 58.36
CA GLU AA 69 97.39 4.50 57.40
C GLU AA 69 97.50 3.23 56.58
N SER AA 70 97.01 3.27 55.35
CA SER AA 70 97.11 2.12 54.47
C SER AA 70 98.52 2.04 53.90
N GLU AA 71 98.97 0.81 53.66
CA GLU AA 71 100.29 0.60 53.08
C GLU AA 71 100.24 -0.28 51.85
N ASP BA 6 78.98 18.49 55.16
CA ASP BA 6 78.40 18.68 53.83
C ASP BA 6 79.28 19.50 52.90
N PHE BA 7 80.28 20.19 53.47
CA PHE BA 7 81.09 21.08 52.67
C PHE BA 7 82.51 21.11 53.20
N VAL BA 8 83.44 21.46 52.31
CA VAL BA 8 84.86 21.50 52.62
C VAL BA 8 85.38 22.91 52.35
N VAL BA 9 86.49 23.23 53.00
CA VAL BA 9 87.11 24.56 52.87
C VAL BA 9 88.55 24.36 52.44
N ILE BA 10 88.90 24.90 51.27
CA ILE BA 10 90.22 24.72 50.70
C ILE BA 10 90.89 26.08 50.59
N LYS BA 11 91.96 26.28 51.33
CA LYS BA 11 92.76 27.50 51.24
C LYS BA 11 93.97 27.19 50.37
N ALA BA 12 94.08 27.84 49.23
CA ALA BA 12 95.19 27.55 48.34
C ALA BA 12 96.44 28.28 48.80
N LEU BA 13 97.39 27.52 49.34
CA LEU BA 13 98.63 28.08 49.86
C LEU BA 13 99.66 28.38 48.77
N GLU BA 14 99.44 27.93 47.55
CA GLU BA 14 100.33 28.22 46.45
C GLU BA 14 99.49 28.42 45.20
N ASP BA 15 100.13 28.95 44.16
CA ASP BA 15 99.40 29.26 42.95
C ASP BA 15 99.08 28.01 42.16
N GLY BA 16 98.05 28.11 41.32
CA GLY BA 16 97.70 27.03 40.42
C GLY BA 16 97.17 25.78 41.07
N VAL BA 17 96.50 25.89 42.21
CA VAL BA 17 95.96 24.70 42.85
C VAL BA 17 94.70 24.27 42.13
N ASN BA 18 94.66 23.02 41.68
CA ASN BA 18 93.55 22.49 40.92
C ASN BA 18 92.58 21.81 41.86
N VAL BA 19 91.29 21.96 41.58
CA VAL BA 19 90.23 21.27 42.30
C VAL BA 19 89.34 20.62 41.27
N ILE BA 20 89.22 19.30 41.33
CA ILE BA 20 88.55 18.54 40.27
C ILE BA 20 87.24 18.00 40.82
N GLY BA 21 86.14 18.32 40.15
CA GLY BA 21 84.84 17.85 40.56
C GLY BA 21 83.82 18.97 40.68
N SER BA 33 86.48 21.22 36.61
CA SER BA 33 87.78 21.62 37.12
C SER BA 33 87.82 23.11 37.43
N GLU BA 34 88.49 23.47 38.52
CA GLU BA 34 88.66 24.86 38.91
C GLU BA 34 90.11 25.09 39.30
N CYS BA 35 90.59 26.31 39.13
CA CYS BA 35 91.95 26.66 39.49
C CYS BA 35 91.92 27.80 40.51
N LEU BA 36 92.81 27.74 41.48
CA LEU BA 36 92.90 28.75 42.53
C LEU BA 36 94.31 29.31 42.58
N ASP BA 37 94.41 30.59 42.91
CA ASP BA 37 95.68 31.25 43.13
C ASP BA 37 95.98 31.28 44.62
N LYS BA 38 97.16 31.80 44.95
CA LYS BA 38 97.62 31.82 46.33
C LYS BA 38 96.81 32.79 47.16
N GLY BA 39 96.29 32.30 48.28
CA GLY BA 39 95.55 33.11 49.21
C GLY BA 39 94.04 33.02 49.06
N GLU BA 40 93.56 32.46 47.96
CA GLU BA 40 92.13 32.30 47.80
C GLU BA 40 91.63 31.14 48.65
N VAL BA 41 90.32 31.13 48.91
CA VAL BA 41 89.67 30.10 49.70
C VAL BA 41 88.39 29.71 48.99
N LEU BA 42 88.25 28.43 48.71
CA LEU BA 42 87.06 27.90 48.06
C LEU BA 42 86.30 27.05 49.07
N ILE BA 43 85.03 27.38 49.27
CA ILE BA 43 84.14 26.59 50.11
C ILE BA 43 83.22 25.82 49.18
N ALA BA 44 83.33 24.50 49.20
CA ALA BA 44 82.66 23.67 48.22
C ALA BA 44 81.70 22.72 48.90
N GLN BA 45 80.45 22.72 48.44
CA GLN BA 45 79.45 21.79 48.92
C GLN BA 45 79.35 20.61 47.95
N PHE BA 46 78.89 19.48 48.48
CA PHE BA 46 78.71 18.29 47.65
C PHE BA 46 77.31 18.27 47.06
N THR BA 47 77.26 18.29 45.73
CA THR BA 47 76.00 18.16 45.03
C THR BA 47 75.74 16.68 44.78
N GLU BA 48 74.73 16.40 43.96
CA GLU BA 48 74.55 15.05 43.47
C GLU BA 48 75.64 14.70 42.47
N HIS BA 49 75.97 15.64 41.59
CA HIS BA 49 77.02 15.45 40.59
C HIS BA 49 78.40 15.32 41.20
N THR BA 50 78.83 16.32 41.96
CA THR BA 50 80.15 16.32 42.60
C THR BA 50 80.10 15.33 43.76
N SER BA 51 80.51 14.10 43.50
CA SER BA 51 80.59 13.07 44.52
C SER BA 51 82.01 12.78 44.94
N ALA BA 52 83.00 13.41 44.30
CA ALA BA 52 84.40 13.21 44.65
C ALA BA 52 85.16 14.46 44.28
N ILE BA 53 86.08 14.86 45.14
CA ILE BA 53 86.86 16.08 44.95
C ILE BA 53 88.32 15.74 45.11
N LYS BA 54 89.12 16.03 44.09
CA LYS BA 54 90.54 15.78 44.10
C LYS BA 54 91.27 17.12 44.13
N VAL BA 55 92.29 17.21 44.98
CA VAL BA 55 93.02 18.45 45.19
C VAL BA 55 94.48 18.21 44.88
N ARG BA 56 95.03 19.02 43.99
CA ARG BA 56 96.45 18.96 43.63
C ARG BA 56 97.16 20.16 44.21
N GLY BA 57 98.48 20.08 44.28
CA GLY BA 57 99.29 21.20 44.72
C GLY BA 57 99.20 21.42 46.22
N LYS BA 58 99.88 22.46 46.67
CA LYS BA 58 99.94 22.76 48.09
C LYS BA 58 98.69 23.53 48.50
N ALA BA 59 97.88 22.92 49.35
CA ALA BA 59 96.65 23.53 49.82
C ALA BA 59 96.36 23.05 51.22
N TYR BA 60 95.51 23.79 51.92
CA TYR BA 60 95.16 23.51 53.30
C TYR BA 60 93.66 23.30 53.39
N ILE BA 61 93.25 22.09 53.73
CA ILE BA 61 91.86 21.68 53.65
C ILE BA 61 91.30 21.49 55.05
N GLN BA 62 90.13 22.05 55.29
CA GLN BA 62 89.35 21.80 56.49
C GLN BA 62 88.08 21.07 56.10
N THR BA 63 87.86 19.91 56.69
CA THR BA 63 86.62 19.17 56.55
C THR BA 63 85.97 19.01 57.90
N SER BA 64 84.90 18.21 57.94
CA SER BA 64 84.29 17.90 59.22
C SER BA 64 85.18 17.00 60.06
N HIS BA 65 85.98 16.15 59.42
CA HIS BA 65 86.87 15.24 60.12
C HIS BA 65 88.12 15.90 60.64
N GLY BA 66 88.37 17.16 60.29
CA GLY BA 66 89.56 17.85 60.74
C GLY BA 66 90.23 18.54 59.58
N VAL BA 67 91.52 18.81 59.75
CA VAL BA 67 92.30 19.53 58.77
C VAL BA 67 93.34 18.59 58.16
N ILE BA 68 93.83 18.98 56.99
CA ILE BA 68 94.82 18.20 56.26
C ILE BA 68 95.54 19.14 55.32
N GLU BA 69 96.71 18.75 54.84
CA GLU BA 69 97.54 19.59 54.00
C GLU BA 69 97.98 18.87 52.76
N SER BA 70 97.33 19.15 51.64
CA SER BA 70 97.70 18.53 50.38
C SER BA 70 98.94 19.20 49.82
N GLU BA 71 99.76 18.43 49.13
CA GLU BA 71 100.96 18.96 48.52
C GLU BA 71 101.05 18.63 47.04
N ASP CA 6 75.25 25.12 57.35
CA ASP CA 6 74.44 25.57 56.23
C ASP CA 6 74.83 26.95 55.73
N PHE CA 7 75.61 27.69 56.52
CA PHE CA 7 75.93 29.06 56.17
C PHE CA 7 77.32 29.41 56.67
N VAL CA 8 77.92 30.39 56.01
CA VAL CA 8 79.27 30.85 56.31
C VAL CA 8 79.23 32.32 56.65
N VAL CA 9 80.24 32.78 57.37
CA VAL CA 9 80.35 34.16 57.81
C VAL CA 9 81.68 34.72 57.33
N ILE CA 10 81.64 35.74 56.50
CA ILE CA 10 82.83 36.33 55.90
C ILE CA 10 82.97 37.75 56.37
N LYS CA 11 84.00 38.04 57.13
CA LYS CA 11 84.32 39.40 57.54
C LYS CA 11 85.41 39.93 56.64
N ALA CA 12 85.11 40.97 55.88
CA ALA CA 12 86.09 41.48 54.94
C ALA CA 12 87.08 42.39 55.66
N LEU CA 13 88.30 41.90 55.84
CA LEU CA 13 89.33 42.64 56.54
C LEU CA 13 90.02 43.70 55.69
N GLU CA 14 89.78 43.70 54.38
CA GLU CA 14 90.34 44.71 53.50
C GLU CA 14 89.30 45.04 52.45
N ASP CA 15 89.54 46.13 51.73
CA ASP CA 15 88.57 46.59 50.75
C ASP CA 15 88.58 45.71 49.51
N GLY CA 16 87.46 45.73 48.79
CA GLY CA 16 87.37 45.05 47.53
C GLY CA 16 87.41 43.54 47.60
N VAL CA 17 86.92 42.94 48.68
CA VAL CA 17 86.93 41.48 48.76
C VAL CA 17 85.79 40.92 47.93
N ASN CA 18 86.13 40.05 47.00
CA ASN CA 18 85.16 39.47 46.09
C ASN CA 18 84.64 38.16 46.65
N VAL CA 19 83.36 37.91 46.46
CA VAL CA 19 82.72 36.66 46.83
C VAL CA 19 81.96 36.16 45.62
N ILE CA 20 82.30 34.99 45.12
CA ILE CA 20 81.78 34.50 43.86
C ILE CA 20 80.84 33.34 44.13
N GLY CA 21 79.61 33.46 43.64
CA GLY CA 21 78.63 32.41 43.82
C GLY CA 21 77.32 32.92 44.39
N SER CA 33 78.37 37.39 41.64
CA SER CA 33 79.52 38.03 42.26
C SER CA 33 79.09 39.18 43.16
N GLU CA 34 79.76 39.30 44.30
CA GLU CA 34 79.51 40.39 45.25
C GLU CA 34 80.83 40.98 45.70
N CYS CA 35 80.82 42.26 46.05
CA CYS CA 35 82.02 42.93 46.53
C CYS CA 35 81.77 43.48 47.92
N LEU CA 36 82.76 43.39 48.79
CA LEU CA 36 82.66 43.86 50.15
C LEU CA 36 83.79 44.85 50.43
N ASP CA 37 83.48 45.84 51.26
CA ASP CA 37 84.47 46.80 51.74
C ASP CA 37 84.97 46.36 53.11
N LYS CA 38 85.94 47.11 53.63
CA LYS CA 38 86.57 46.77 54.89
C LYS CA 38 85.62 46.96 56.06
N GLY CA 39 85.47 45.92 56.87
CA GLY CA 39 84.65 45.97 58.04
C GLY CA 39 83.27 45.38 57.86
N GLU CA 40 82.83 45.15 56.63
CA GLU CA 40 81.54 44.53 56.42
C GLU CA 40 81.62 43.04 56.71
N VAL CA 41 80.45 42.45 56.94
CA VAL CA 41 80.32 41.02 57.24
C VAL CA 41 79.17 40.49 56.42
N LEU CA 42 79.42 39.46 55.63
CA LEU CA 42 78.40 38.81 54.83
C LEU CA 42 78.14 37.43 55.38
N ILE CA 43 76.89 37.15 55.71
CA ILE CA 43 76.47 35.83 56.14
C ILE CA 43 75.74 35.19 54.97
N ALA CA 44 76.30 34.11 54.44
CA ALA CA 44 75.80 33.55 53.20
C ALA CA 44 75.35 32.11 53.42
N GLN CA 45 74.12 31.83 53.01
CA GLN CA 45 73.60 30.48 53.05
C GLN CA 45 73.75 29.81 51.68
N PHE CA 46 73.80 28.49 51.69
CA PHE CA 46 73.90 27.74 50.45
C PHE CA 46 72.53 27.43 49.89
N THR CA 47 72.26 27.94 48.70
CA THR CA 47 71.03 27.62 48.00
C THR CA 47 71.26 26.37 47.16
N GLU CA 48 70.28 26.07 46.30
CA GLU CA 48 70.52 25.06 45.29
C GLU CA 48 71.48 25.55 44.23
N HIS CA 49 71.33 26.82 43.82
CA HIS CA 49 72.21 27.43 42.84
C HIS CA 49 73.63 27.61 43.35
N THR CA 50 73.81 28.31 44.45
CA THR CA 50 75.11 28.57 45.03
C THR CA 50 75.60 27.28 45.68
N SER CA 51 76.36 26.49 44.93
CA SER CA 51 76.94 25.26 45.43
C SER CA 51 78.43 25.39 45.69
N ALA CA 52 79.04 26.53 45.37
CA ALA CA 52 80.45 26.75 45.61
C ALA CA 52 80.66 28.25 45.79
N ILE CA 53 81.52 28.59 46.74
CA ILE CA 53 81.79 29.99 47.08
C ILE CA 53 83.29 30.19 47.08
N LYS CA 54 83.76 31.13 46.27
CA LYS CA 54 85.17 31.46 46.18
C LYS CA 54 85.39 32.84 46.77
N VAL CA 55 86.43 32.98 47.58
CA VAL CA 55 86.71 34.21 48.29
C VAL CA 55 88.10 34.68 47.91
N ARG CA 56 88.20 35.92 47.44
CA ARG CA 56 89.47 36.53 47.09
C ARG CA 56 89.82 37.60 48.12
N GLY CA 57 91.08 38.00 48.14
CA GLY CA 57 91.51 39.08 49.01
C GLY CA 57 91.59 38.64 50.47
N LYS CA 58 91.93 39.61 51.31
CA LYS CA 58 92.10 39.34 52.73
C LYS CA 58 90.75 39.35 53.42
N ALA CA 59 90.34 38.21 53.94
CA ALA CA 59 89.06 38.08 54.61
C ALA CA 59 89.18 37.02 55.69
N TYR CA 60 88.24 37.05 56.63
CA TYR CA 60 88.23 36.16 57.77
C TYR CA 60 86.92 35.38 57.77
N ILE CA 61 87.02 34.07 57.57
CA ILE CA 61 85.85 33.24 57.32
C ILE CA 61 85.62 32.33 58.52
N GLN CA 62 84.37 32.26 58.97
CA GLN CA 62 83.93 31.30 59.96
C GLN CA 62 82.94 30.36 59.29
N THR CA 63 83.22 29.06 59.36
CA THR CA 63 82.32 28.04 58.90
C THR CA 63 81.98 27.13 60.07
N SER CA 64 81.27 26.04 59.78
CA SER CA 64 81.01 25.05 60.80
C SER CA 64 82.27 24.30 61.20
N HIS CA 65 83.20 24.15 60.27
CA HIS CA 65 84.45 23.43 60.53
C HIS CA 65 85.47 24.26 61.28
N GLY CA 66 85.21 25.56 61.48
CA GLY CA 66 86.13 26.41 62.18
C GLY CA 66 86.35 27.69 61.41
N VAL CA 67 87.48 28.34 61.68
CA VAL CA 67 87.79 29.62 61.09
C VAL CA 67 88.98 29.46 60.15
N ILE CA 68 89.13 30.42 59.25
CA ILE CA 68 90.20 30.42 58.26
C ILE CA 68 90.39 31.85 57.79
N GLU CA 69 91.54 32.14 57.19
CA GLU CA 69 91.89 33.49 56.79
C GLU CA 69 92.35 33.51 55.35
N SER CA 70 91.47 33.94 54.45
CA SER CA 70 91.83 34.05 53.05
C SER CA 70 92.66 35.29 52.83
N GLU CA 71 93.59 35.22 51.87
CA GLU CA 71 94.42 36.36 51.54
C GLU CA 71 94.37 36.69 50.05
N ASP DA 6 70.06 28.44 62.18
CA ASP DA 6 69.00 28.91 61.31
C ASP DA 6 68.78 30.42 61.40
N PHE DA 7 69.34 31.05 62.43
CA PHE DA 7 69.08 32.46 62.66
C PHE DA 7 70.31 33.12 63.26
N VAL DA 8 70.41 34.43 63.04
CA VAL DA 8 71.53 35.24 63.52
C VAL DA 8 71.00 36.34 64.41
N VAL DA 9 71.88 36.86 65.26
CA VAL DA 9 71.53 37.92 66.21
C VAL DA 9 72.48 39.08 66.00
N ILE DA 10 71.94 40.23 65.63
CA ILE DA 10 72.76 41.40 65.33
C ILE DA 10 72.43 42.49 66.33
N LYS DA 11 73.39 42.86 67.15
CA LYS DA 11 73.24 43.98 68.06
C LYS DA 11 73.92 45.19 67.45
N ALA DA 12 73.15 46.23 67.15
CA ALA DA 12 73.74 47.39 66.51
C ALA DA 12 74.42 48.28 67.54
N LEU DA 13 75.75 48.28 67.52
CA LEU DA 13 76.54 49.05 68.47
C LEU DA 13 76.65 50.52 68.11
N GLU DA 14 76.24 50.90 66.91
CA GLU DA 14 76.27 52.30 66.50
C GLU DA 14 75.04 52.56 65.64
N ASP DA 15 74.76 53.83 65.41
CA ASP DA 15 73.56 54.19 64.68
C ASP DA 15 73.72 53.92 63.20
N GLY DA 16 72.58 53.75 62.53
CA GLY DA 16 72.56 53.59 61.09
C GLY DA 16 73.15 52.32 60.56
N VAL DA 17 73.08 51.22 61.33
CA VAL DA 17 73.63 49.97 60.84
C VAL DA 17 72.67 49.35 59.83
N ASN DA 18 73.17 49.08 58.64
CA ASN DA 18 72.36 48.55 57.56
C ASN DA 18 72.44 47.04 57.56
N VAL DA 19 71.31 46.39 57.27
CA VAL DA 19 71.24 44.94 57.12
C VAL DA 19 70.53 44.68 55.80
N ILE DA 20 71.21 44.00 54.89
CA ILE DA 20 70.73 43.84 53.52
C ILE DA 20 70.33 42.40 53.30
N GLY DA 21 69.09 42.19 52.90
CA GLY DA 21 68.58 40.86 52.63
C GLY DA 21 67.28 40.57 53.34
N SER DA 33 66.22 45.77 52.56
CA SER DA 33 67.14 46.52 53.41
C SER DA 33 66.46 46.99 54.68
N GLU DA 34 67.19 46.95 55.79
CA GLU DA 34 66.70 47.42 57.07
C GLU DA 34 67.77 48.28 57.73
N CYS DA 35 67.34 49.23 58.55
CA CYS DA 35 68.27 50.09 59.27
C CYS DA 35 68.03 49.95 60.77
N LEU DA 36 69.11 49.94 61.54
CA LEU DA 36 69.04 49.81 62.99
C LEU DA 36 69.75 50.98 63.65
N ASP DA 37 69.23 51.40 64.80
CA ASP DA 37 69.86 52.40 65.62
C ASP DA 37 70.68 51.74 66.71
N LYS DA 38 71.36 52.57 67.50
CA LYS DA 38 72.25 52.06 68.53
C LYS DA 38 71.48 51.42 69.67
N GLY DA 39 71.84 50.19 70.01
CA GLY DA 39 71.22 49.48 71.10
C GLY DA 39 70.14 48.51 70.69
N GLU DA 40 69.66 48.59 69.46
CA GLU DA 40 68.65 47.65 69.01
C GLU DA 40 69.31 46.31 68.69
N VAL DA 41 68.48 45.27 68.65
CA VAL DA 41 68.92 43.91 68.37
C VAL DA 41 67.93 43.31 67.39
N LEU DA 42 68.44 42.82 66.27
CA LEU DA 42 67.62 42.17 65.27
C LEU DA 42 67.96 40.70 65.23
N ILE DA 43 66.95 39.85 65.40
CA ILE DA 43 67.11 38.41 65.27
C ILE DA 43 66.50 38.01 63.95
N ALA DA 44 67.33 37.52 63.05
CA ALA DA 44 66.91 37.29 61.67
C ALA DA 44 67.04 35.82 61.31
N GLN DA 45 65.97 35.25 60.80
CA GLN DA 45 65.96 33.89 60.30
C GLN DA 45 66.16 33.89 58.79
N PHE DA 46 66.68 32.78 58.29
CA PHE DA 46 66.87 32.65 56.84
C PHE DA 46 65.65 32.05 56.20
N THR DA 47 65.05 32.81 55.29
CA THR DA 47 63.92 32.31 54.51
C THR DA 47 64.48 31.65 53.26
N GLU DA 48 63.57 31.34 52.32
CA GLU DA 48 64.00 30.93 51.00
C GLU DA 48 64.57 32.12 50.23
N HIS DA 49 63.91 33.28 50.35
CA HIS DA 49 64.36 34.50 49.70
C HIS DA 49 65.67 35.03 50.25
N THR DA 50 65.73 35.29 51.55
CA THR DA 50 66.93 35.79 52.21
C THR DA 50 67.93 34.66 52.29
N SER DA 51 68.81 34.57 51.31
CA SER DA 51 69.87 33.57 51.29
C SER DA 51 71.23 34.17 51.60
N ALA DA 52 71.32 35.48 51.76
CA ALA DA 52 72.57 36.14 52.08
C ALA DA 52 72.26 37.41 52.84
N ILE DA 53 73.05 37.70 53.86
CA ILE DA 53 72.84 38.86 54.72
C ILE DA 53 74.15 39.62 54.82
N LYS DA 54 74.12 40.88 54.44
CA LYS DA 54 75.29 41.74 54.51
C LYS DA 54 75.07 42.78 55.59
N VAL DA 55 76.10 43.01 56.41
CA VAL DA 55 76.01 43.91 57.55
C VAL DA 55 77.06 45.00 57.40
N ARG DA 56 76.63 46.25 57.45
CA ARG DA 56 77.54 47.38 57.38
C ARG DA 56 77.61 48.04 58.75
N GLY DA 57 78.62 48.87 58.95
CA GLY DA 57 78.75 49.63 60.17
C GLY DA 57 79.19 48.77 61.34
N LYS DA 58 79.28 49.40 62.50
CA LYS DA 58 79.73 48.72 63.71
C LYS DA 58 78.58 47.96 64.33
N ALA DA 59 78.70 46.64 64.35
CA ALA DA 59 77.66 45.79 64.91
C ALA DA 59 78.31 44.54 65.49
N TYR DA 60 77.57 43.87 66.35
CA TYR DA 60 78.05 42.69 67.05
C TYR DA 60 77.13 41.53 66.73
N ILE DA 61 77.66 40.52 66.03
CA ILE DA 61 76.86 39.45 65.47
C ILE DA 61 77.15 38.16 66.21
N GLN DA 62 76.09 37.45 66.58
CA GLN DA 62 76.17 36.10 67.10
C GLN DA 62 75.51 35.17 66.13
N THR DA 63 76.25 34.16 65.67
CA THR DA 63 75.72 33.10 64.84
C THR DA 63 75.91 31.77 65.56
N SER DA 64 75.62 30.68 64.85
CA SER DA 64 75.88 29.37 65.41
C SER DA 64 77.37 29.09 65.49
N HIS DA 65 78.15 29.66 64.59
CA HIS DA 65 79.59 29.45 64.56
C HIS DA 65 80.33 30.28 65.58
N GLY DA 66 79.66 31.20 66.26
CA GLY DA 66 80.30 32.03 67.26
C GLY DA 66 79.92 33.47 67.07
N VAL DA 67 80.76 34.36 67.59
CA VAL DA 67 80.50 35.79 67.53
C VAL DA 67 81.53 36.45 66.62
N ILE DA 68 81.17 37.65 66.17
CA ILE DA 68 82.02 38.43 65.27
C ILE DA 68 81.60 39.88 65.41
N GLU DA 69 82.48 40.79 64.98
CA GLU DA 69 82.24 42.22 65.15
C GLU DA 69 82.46 42.95 63.83
N SER DA 70 81.37 43.29 63.17
CA SER DA 70 81.47 44.03 61.93
C SER DA 70 81.74 45.50 62.21
N GLU DA 71 82.48 46.14 61.32
CA GLU DA 71 82.78 47.55 61.47
C GLU DA 71 82.41 48.35 60.23
N ASP EA 6 64.75 27.48 67.97
CA ASP EA 6 63.46 27.78 67.37
C ASP EA 6 62.75 28.93 68.06
N PHE EA 7 63.21 29.31 69.25
CA PHE EA 7 62.52 30.32 70.03
C PHE EA 7 63.51 31.14 70.84
N VAL EA 8 63.11 32.36 71.17
CA VAL EA 8 63.93 33.30 71.91
C VAL EA 8 63.21 33.69 73.18
N VAL EA 9 63.97 34.16 74.16
CA VAL EA 9 63.43 34.57 75.45
C VAL EA 9 63.87 35.99 75.73
N ILE EA 10 62.92 36.90 75.86
CA ILE EA 10 63.20 38.31 76.05
C ILE EA 10 62.68 38.75 77.40
N LYS EA 11 63.57 39.13 78.29
CA LYS EA 11 63.18 39.68 79.59
C LYS EA 11 63.29 41.18 79.51
N ALA EA 12 62.17 41.88 79.66
CA ALA EA 12 62.20 43.33 79.52
C ALA EA 12 62.69 43.96 80.82
N LEU EA 13 63.91 44.48 80.80
CA LEU EA 13 64.52 45.08 81.97
C LEU EA 13 64.05 46.51 82.22
N GLU EA 14 63.34 47.12 81.28
CA GLU EA 14 62.80 48.46 81.48
C GLU EA 14 61.45 48.51 80.80
N ASP EA 15 60.70 49.57 81.11
CA ASP EA 15 59.34 49.68 80.60
C ASP EA 15 59.35 50.05 79.12
N GLY EA 16 58.25 49.72 78.45
CA GLY EA 16 58.05 50.11 77.08
C GLY EA 16 58.96 49.45 76.08
N VAL EA 17 59.40 48.22 76.33
CA VAL EA 17 60.27 47.56 75.37
C VAL EA 17 59.44 47.03 74.22
N ASN EA 18 59.80 47.43 73.00
CA ASN EA 18 59.06 47.06 71.82
C ASN EA 18 59.66 45.82 71.20
N VAL EA 19 58.80 44.94 70.69
CA VAL EA 19 59.23 43.75 69.97
C VAL EA 19 58.46 43.73 68.66
N ILE EA 20 59.17 43.77 67.54
CA ILE EA 20 58.55 43.95 66.24
C ILE EA 20 58.66 42.64 65.46
N GLY EA 21 57.51 42.14 65.02
CA GLY EA 21 57.47 40.92 64.24
C GLY EA 21 56.49 39.91 64.79
N SER EA 33 53.56 44.18 66.17
CA SER EA 33 54.29 44.86 67.24
C SER EA 33 53.70 44.54 68.60
N GLU EA 34 54.57 44.37 69.60
CA GLU EA 34 54.15 44.11 70.97
C GLU EA 34 54.95 45.00 71.90
N CYS EA 35 54.35 45.34 73.05
CA CYS EA 35 55.03 46.15 74.05
C CYS EA 35 55.10 45.39 75.35
N LEU EA 36 56.22 45.52 76.06
CA LEU EA 36 56.44 44.84 77.32
C LEU EA 36 56.79 45.87 78.38
N ASP EA 37 56.35 45.60 79.60
CA ASP EA 37 56.72 46.39 80.76
C ASP EA 37 57.88 45.74 81.49
N LYS EA 38 58.35 46.41 82.54
CA LYS EA 38 59.52 45.95 83.27
C LYS EA 38 59.21 44.70 84.06
N GLY EA 39 60.03 43.66 83.87
CA GLY EA 39 59.89 42.43 84.59
C GLY EA 39 59.17 41.34 83.83
N GLU EA 40 58.49 41.68 82.74
CA GLU EA 40 57.83 40.66 81.96
C GLU EA 40 58.84 39.89 81.12
N VAL EA 41 58.44 38.71 80.68
CA VAL EA 41 59.27 37.84 79.87
C VAL EA 41 58.42 37.30 78.74
N LEU EA 42 58.88 37.50 77.51
CA LEU EA 42 58.18 37.00 76.34
C LEU EA 42 59.01 35.90 75.70
N ILE EA 43 58.41 34.74 75.54
CA ILE EA 43 59.04 33.62 74.84
C ILE EA 43 58.40 33.54 73.46
N ALA EA 44 59.19 33.77 72.43
CA ALA EA 44 58.66 33.92 71.09
C ALA EA 44 59.24 32.87 70.17
N GLN EA 45 58.36 32.16 69.48
CA GLN EA 45 58.76 31.19 68.47
C GLN EA 45 58.69 31.82 67.09
N PHE EA 46 59.48 31.28 66.18
CA PHE EA 46 59.47 31.77 64.80
C PHE EA 46 58.43 31.03 63.98
N THR EA 47 57.47 31.76 63.46
CA THR EA 47 56.48 31.21 62.55
C THR EA 47 57.02 31.32 61.14
N GLU EA 48 56.14 31.05 60.17
CA GLU EA 48 56.46 31.36 58.78
C GLU EA 48 56.44 32.86 58.56
N HIS EA 49 55.46 33.54 59.15
CA HIS EA 49 55.32 34.98 59.03
C HIS EA 49 56.44 35.73 59.73
N THR EA 50 56.63 35.50 61.03
CA THR EA 50 57.66 36.16 61.82
C THR EA 50 59.00 35.55 61.43
N SER EA 51 59.67 36.18 60.48
CA SER EA 51 60.99 35.75 60.06
C SER EA 51 62.09 36.66 60.58
N ALA EA 52 61.75 37.75 61.26
CA ALA EA 52 62.72 38.67 61.80
C ALA EA 52 62.11 39.35 63.01
N ILE EA 53 62.90 39.51 64.05
CA ILE EA 53 62.44 40.11 65.31
C ILE EA 53 63.41 41.22 65.69
N LYS EA 54 62.88 42.42 65.86
CA LYS EA 54 63.65 43.58 66.26
C LYS EA 54 63.27 43.96 67.67
N VAL EA 55 64.26 44.26 68.49
CA VAL EA 55 64.05 44.56 69.90
C VAL EA 55 64.62 45.94 70.20
N ARG EA 56 63.79 46.82 70.75
CA ARG EA 56 64.22 48.15 71.14
C ARG EA 56 64.28 48.22 72.66
N GLY EA 57 64.95 49.25 73.16
CA GLY EA 57 65.01 49.49 74.59
C GLY EA 57 65.90 48.50 75.30
N LYS EA 58 65.95 48.64 76.62
CA LYS EA 58 66.80 47.81 77.44
C LYS EA 58 66.11 46.48 77.72
N ALA EA 59 66.69 45.39 77.20
CA ALA EA 59 66.12 44.07 77.38
C ALA EA 59 67.25 43.06 77.41
N TYR EA 60 66.94 41.88 77.93
CA TYR EA 60 67.92 40.82 78.10
C TYR EA 60 67.42 39.59 77.33
N ILE EA 61 68.15 39.21 76.29
CA ILE EA 61 67.69 38.20 75.35
C ILE EA 61 68.53 36.95 75.51
N GLN EA 62 67.86 35.81 75.57
CA GLN EA 62 68.50 34.51 75.51
C GLN EA 62 68.05 33.81 74.23
N THR EA 63 69.02 33.42 73.41
CA THR EA 63 68.77 32.63 72.23
C THR EA 63 69.52 31.31 72.36
N SER EA 64 69.52 30.53 71.27
CA SER EA 64 70.31 29.32 71.24
C SER EA 64 71.80 29.63 71.19
N HIS EA 65 72.18 30.75 70.58
CA HIS EA 65 73.57 31.14 70.46
C HIS EA 65 74.14 31.75 71.74
N GLY EA 66 73.29 32.01 72.74
CA GLY EA 66 73.76 32.59 73.97
C GLY EA 66 72.86 33.74 74.38
N VAL EA 67 73.42 34.62 75.21
CA VAL EA 67 72.67 35.75 75.73
C VAL EA 67 73.23 37.04 75.16
N ILE EA 68 72.41 38.08 75.23
CA ILE EA 68 72.78 39.41 74.72
C ILE EA 68 71.91 40.42 75.43
N GLU EA 69 72.33 41.68 75.40
CA GLU EA 69 71.64 42.74 76.12
C GLU EA 69 71.37 43.93 75.21
N SER EA 70 70.13 44.04 74.75
CA SER EA 70 69.75 45.16 73.91
C SER EA 70 69.54 46.40 74.76
N GLU EA 71 69.86 47.55 74.19
CA GLU EA 71 69.67 48.81 74.91
C GLU EA 71 68.84 49.80 74.09
N ASP FA 6 61.00 22.45 72.89
CA ASP FA 6 59.61 22.43 72.45
C ASP FA 6 58.64 22.88 73.54
N PHE FA 7 59.12 22.92 74.79
CA PHE FA 7 58.23 23.22 75.91
C PHE FA 7 59.00 23.98 76.98
N VAL FA 8 58.25 24.74 77.76
CA VAL FA 8 58.79 25.57 78.83
C VAL FA 8 58.16 25.15 80.15
N VAL FA 9 58.84 25.47 81.24
CA VAL FA 9 58.41 25.13 82.58
C VAL FA 9 58.34 26.39 83.41
N ILE FA 10 57.16 26.74 83.89
CA ILE FA 10 56.96 27.98 84.63
C ILE FA 10 56.53 27.63 86.05
N LYS FA 11 57.35 27.96 87.03
CA LYS FA 11 56.99 27.80 88.42
C LYS FA 11 56.55 29.14 88.97
N ALA FA 12 55.30 29.24 89.37
CA ALA FA 12 54.79 30.53 89.84
C ALA FA 12 55.22 30.76 91.28
N LEU FA 13 56.15 31.67 91.48
CA LEU FA 13 56.68 31.97 92.79
C LEU FA 13 55.79 32.90 93.61
N GLU FA 14 54.77 33.50 92.99
CA GLU FA 14 53.83 34.35 93.70
C GLU FA 14 52.46 34.13 93.10
N ASP FA 15 51.45 34.63 93.80
CA ASP FA 15 50.08 34.39 93.38
C ASP FA 15 49.72 35.26 92.17
N GLY FA 16 48.73 34.81 91.42
CA GLY FA 16 48.20 35.58 90.31
C GLY FA 16 49.13 35.75 89.14
N VAL FA 17 50.00 34.78 88.88
CA VAL FA 17 50.90 34.90 87.74
C VAL FA 17 50.14 34.58 86.47
N ASN FA 18 50.16 35.51 85.52
CA ASN FA 18 49.41 35.36 84.28
C ASN FA 18 50.32 34.77 83.21
N VAL FA 19 49.76 33.90 82.39
CA VAL FA 19 50.46 33.32 81.25
C VAL FA 19 49.55 33.51 80.05
N ILE FA 20 50.04 34.22 79.04
CA ILE FA 20 49.21 34.63 77.91
C ILE FA 20 49.64 33.86 76.68
N GLY FA 21 48.69 33.17 76.06
CA GLY FA 21 48.98 32.41 74.86
C GLY FA 21 48.51 30.98 74.94
N SER FA 33 44.51 32.95 77.92
CA SER FA 33 45.09 33.40 79.17
C SER FA 33 44.88 32.38 80.29
N GLU FA 34 45.88 32.21 81.13
CA GLU FA 34 45.79 31.30 82.28
C GLU FA 34 46.36 32.02 83.51
N CYS FA 35 45.86 31.65 84.68
CA CYS FA 35 46.35 32.22 85.92
C CYS FA 35 46.88 31.11 86.82
N LEU FA 36 47.98 31.39 87.51
CA LEU FA 36 48.61 30.42 88.40
C LEU FA 36 48.73 31.02 89.80
N ASP FA 37 48.60 30.17 90.80
CA ASP FA 37 48.83 30.55 92.19
C ASP FA 37 50.24 30.17 92.59
N LYS FA 38 50.59 30.52 93.82
CA LYS FA 38 51.95 30.31 94.31
C LYS FA 38 52.23 28.83 94.53
N GLY FA 39 53.32 28.34 93.94
CA GLY FA 39 53.74 26.98 94.10
C GLY FA 39 53.33 26.07 92.97
N GLU FA 40 52.43 26.51 92.10
CA GLU FA 40 52.06 25.68 90.97
C GLU FA 40 53.14 25.74 89.90
N VAL FA 41 53.12 24.75 89.01
CA VAL FA 41 54.07 24.64 87.92
C VAL FA 41 53.30 24.28 86.67
N LEU FA 42 53.47 25.09 85.63
CA LEU FA 42 52.83 24.83 84.35
C LEU FA 42 53.89 24.46 83.33
N ILE FA 43 53.72 23.31 82.69
CA ILE FA 43 54.59 22.87 81.61
C ILE FA 43 53.82 23.07 80.33
N ALA FA 44 54.31 23.97 79.47
CA ALA FA 44 53.56 24.38 78.31
C ALA FA 44 54.33 24.06 77.04
N GLN FA 45 53.67 23.38 76.12
CA GLN FA 45 54.23 23.10 74.81
C GLN FA 45 53.74 24.13 73.80
N PHE FA 46 54.52 24.31 72.75
CA PHE FA 46 54.13 25.23 71.69
C PHE FA 46 53.32 24.52 70.62
N THR FA 47 52.08 24.97 70.45
CA THR FA 47 51.23 24.46 69.39
C THR FA 47 51.47 25.29 68.14
N GLU FA 48 50.62 25.09 67.14
CA GLU FA 48 50.59 26.00 66.00
C GLU FA 48 50.02 27.34 66.41
N HIS FA 49 48.95 27.31 67.20
CA HIS FA 49 48.31 28.53 67.69
C HIS FA 49 49.18 29.32 68.64
N THR FA 50 49.62 28.71 69.72
CA THR FA 50 50.47 29.37 70.72
C THR FA 50 51.86 29.50 70.13
N SER FA 51 52.12 30.66 69.53
CA SER FA 51 53.43 30.96 68.98
C SER FA 51 54.20 31.96 69.82
N ALA FA 52 53.60 32.48 70.87
CA ALA FA 52 54.26 33.43 71.75
C ALA FA 52 53.62 33.32 73.13
N ILE FA 53 54.46 33.38 74.15
CA ILE FA 53 54.02 33.23 75.53
C ILE FA 53 54.57 34.39 76.33
N LYS FA 54 53.68 35.13 76.98
CA LYS FA 54 54.06 36.26 77.81
C LYS FA 54 53.77 35.92 79.26
N VAL FA 55 54.72 36.24 80.14
CA VAL FA 55 54.63 35.88 81.54
C VAL FA 55 54.71 37.14 82.37
N ARG FA 56 53.71 37.37 83.23
CA ARG FA 56 53.70 38.51 84.13
C ARG FA 56 53.95 38.03 85.55
N GLY FA 57 54.29 38.97 86.42
CA GLY FA 57 54.47 38.65 87.83
C GLY FA 57 55.76 37.89 88.09
N LYS FA 58 55.94 37.54 89.35
CA LYS FA 58 57.15 36.85 89.77
C LYS FA 58 57.03 35.36 89.48
N ALA FA 59 57.86 34.86 88.58
CA ALA FA 59 57.83 33.46 88.20
C ALA FA 59 59.23 33.02 87.82
N TYR FA 60 59.44 31.72 87.82
CA TYR FA 60 60.73 31.12 87.55
C TYR FA 60 60.60 30.19 86.35
N ILE FA 61 61.25 30.53 85.25
CA ILE FA 61 61.04 29.87 83.98
C ILE FA 61 62.28 29.07 83.62
N GLN FA 62 62.08 27.82 83.22
CA GLN FA 62 63.12 26.99 82.63
C GLN FA 62 62.76 26.72 81.19
N THR FA 63 63.66 27.06 80.29
CA THR FA 63 63.54 26.74 78.88
C THR FA 63 64.72 25.87 78.47
N SER FA 64 64.82 25.62 77.17
CA SER FA 64 65.98 24.91 76.65
C SER FA 64 67.24 25.75 76.75
N HIS FA 65 67.10 27.07 76.64
CA HIS FA 65 68.23 27.98 76.69
C HIS FA 65 68.72 28.24 78.10
N GLY FA 66 68.01 27.76 79.12
CA GLY FA 66 68.42 27.96 80.49
C GLY FA 66 67.25 28.44 81.32
N VAL FA 67 67.57 29.09 82.43
CA VAL FA 67 66.56 29.55 83.37
C VAL FA 67 66.54 31.07 83.36
N ILE FA 68 65.43 31.62 83.85
CA ILE FA 68 65.22 33.06 83.91
C ILE FA 68 64.17 33.32 84.98
N GLU FA 69 64.10 34.56 85.45
CA GLU FA 69 63.21 34.91 86.54
C GLU FA 69 62.40 36.15 86.19
N SER FA 70 61.15 35.94 85.80
CA SER FA 70 60.28 37.06 85.48
C SER FA 70 59.78 37.71 86.76
N GLU FA 71 59.57 39.02 86.71
CA GLU FA 71 59.06 39.74 87.86
C GLU FA 71 57.83 40.57 87.52
N ASP GA 6 60.08 14.88 75.32
CA ASP GA 6 58.73 14.47 74.93
C ASP GA 6 57.88 14.07 76.11
N PHE GA 7 58.49 13.84 77.27
CA PHE GA 7 57.76 13.33 78.41
C PHE GA 7 58.36 13.88 79.69
N VAL GA 8 57.52 13.93 80.72
CA VAL GA 8 57.90 14.45 82.03
C VAL GA 8 57.69 13.37 83.08
N VAL GA 9 58.39 13.51 84.20
CA VAL GA 9 58.34 12.56 85.29
C VAL GA 9 57.96 13.30 86.56
N ILE GA 10 56.82 12.94 87.15
CA ILE GA 10 56.31 13.63 88.33
C ILE GA 10 56.27 12.65 89.49
N LYS GA 11 57.07 12.90 90.50
CA LYS GA 11 57.03 12.10 91.73
C LYS GA 11 56.22 12.87 92.75
N ALA GA 12 55.10 12.30 93.18
CA ALA GA 12 54.25 13.01 94.13
C ALA GA 12 54.80 12.85 95.54
N LEU GA 13 55.36 13.92 96.07
CA LEU GA 13 55.95 13.89 97.41
C LEU GA 13 54.93 14.03 98.52
N GLU GA 14 53.68 14.36 98.20
CA GLU GA 14 52.63 14.44 99.20
C GLU GA 14 51.35 13.93 98.57
N ASP GA 15 50.36 13.68 99.43
CA ASP GA 15 49.11 13.10 98.95
C ASP GA 15 48.28 14.13 98.19
N GLY GA 16 47.40 13.63 97.33
CA GLY GA 16 46.45 14.47 96.64
C GLY GA 16 47.05 15.41 95.61
N VAL GA 17 48.17 15.04 94.98
CA VAL GA 17 48.76 15.92 93.99
C VAL GA 17 47.96 15.81 92.69
N ASN GA 18 47.49 16.95 92.20
CA ASN GA 18 46.65 16.98 91.01
C ASN GA 18 47.53 17.23 89.79
N VAL GA 19 47.19 16.58 88.69
CA VAL GA 19 47.85 16.79 87.41
C VAL GA 19 46.76 17.02 86.38
N ILE GA 20 46.78 18.19 85.75
CA ILE GA 20 45.69 18.62 84.88
C ILE GA 20 46.16 18.59 83.45
N GLY GA 21 45.44 17.86 82.61
CA GLY GA 21 45.78 17.77 81.19
C GLY GA 21 45.88 16.34 80.70
N SER GA 33 41.99 15.32 84.25
CA SER GA 33 42.57 15.48 85.57
C SER GA 33 42.91 14.13 86.19
N GLU GA 34 44.04 14.07 86.89
CA GLU GA 34 44.48 12.86 87.57
C GLU GA 34 44.94 13.24 88.97
N CYS GA 35 44.81 12.29 89.90
CA CYS GA 35 45.25 12.52 91.27
C CYS GA 35 46.28 11.47 91.64
N LEU GA 36 47.31 11.88 92.38
CA LEU GA 36 48.38 10.99 92.81
C LEU GA 36 48.51 11.04 94.32
N ASP GA 37 48.86 9.90 94.90
CA ASP GA 37 49.16 9.81 96.32
C ASP GA 37 50.66 9.90 96.54
N LYS GA 38 51.07 9.89 97.80
CA LYS GA 38 52.46 10.06 98.15
C LYS GA 38 53.28 8.85 97.76
N GLY GA 39 54.36 9.09 97.02
CA GLY GA 39 55.27 8.04 96.61
C GLY GA 39 55.05 7.54 95.21
N GLU GA 40 53.91 7.86 94.60
CA GLU GA 40 53.68 7.44 93.23
C GLU GA 40 54.48 8.31 92.28
N VAL GA 41 54.68 7.79 91.06
CA VAL GA 41 55.41 8.47 90.01
C VAL GA 41 54.62 8.32 88.73
N LEU GA 42 54.31 9.44 88.09
CA LEU GA 42 53.61 9.46 86.83
C LEU GA 42 54.55 9.93 85.74
N ILE GA 43 54.70 9.12 84.70
CA ILE GA 43 55.48 9.50 83.53
C ILE GA 43 54.49 9.83 82.43
N ALA GA 44 54.48 11.09 82.00
CA ALA GA 44 53.45 11.58 81.11
C ALA GA 44 54.07 12.07 79.82
N GLN GA 45 53.55 11.58 78.70
CA GLN GA 45 53.95 12.04 77.39
C GLN GA 45 52.96 13.06 76.87
N PHE GA 46 53.43 13.92 75.98
CA PHE GA 46 52.58 14.93 75.39
C PHE GA 46 51.92 14.40 74.13
N THR GA 47 50.58 14.37 74.15
CA THR GA 47 49.81 13.98 72.98
C THR GA 47 49.53 15.22 72.17
N GLU GA 48 48.66 15.08 71.18
CA GLU GA 48 48.13 16.25 70.51
C GLU GA 48 47.17 17.00 71.42
N HIS GA 49 46.33 16.27 72.14
CA HIS GA 49 45.39 16.86 73.08
C HIS GA 49 46.05 17.53 74.26
N THR GA 50 46.87 16.79 75.01
CA THR GA 50 47.56 17.30 76.18
C THR GA 50 48.69 18.20 75.69
N SER GA 51 48.41 19.49 75.59
CA SER GA 51 49.42 20.47 75.19
C SER GA 51 49.90 21.31 76.37
N ALA GA 52 49.32 21.12 77.55
CA ALA GA 52 49.73 21.87 78.72
C ALA GA 52 49.43 21.02 79.95
N ILE GA 53 50.35 21.02 80.90
CA ILE GA 53 50.21 20.22 82.11
C ILE GA 53 50.44 21.11 83.31
N LYS GA 54 49.46 21.16 84.21
CA LYS GA 54 49.53 21.95 85.41
C LYS GA 54 49.64 21.02 86.61
N VAL GA 55 50.53 21.33 87.53
CA VAL GA 55 50.80 20.48 88.68
C VAL GA 55 50.56 21.29 89.94
N ARG GA 56 49.71 20.77 90.82
CA ARG GA 56 49.42 21.39 92.10
C ARG GA 56 50.06 20.57 93.21
N GLY GA 57 50.19 21.16 94.38
CA GLY GA 57 50.69 20.46 95.54
C GLY GA 57 52.19 20.24 95.46
N LYS GA 58 52.70 19.54 96.48
CA LYS GA 58 54.12 19.30 96.58
C LYS GA 58 54.50 18.10 95.73
N ALA GA 59 55.30 18.33 94.70
CA ALA GA 59 55.71 17.28 93.79
C ALA GA 59 57.09 17.61 93.25
N TYR GA 60 57.77 16.59 92.73
CA TYR GA 60 59.12 16.71 92.23
C TYR GA 60 59.13 16.31 90.76
N ILE GA 61 59.43 17.26 89.89
CA ILE GA 61 59.27 17.08 88.46
C ILE GA 61 60.64 17.03 87.80
N GLN GA 62 60.84 16.05 86.93
CA GLN GA 62 61.99 15.98 86.06
C GLN GA 62 61.52 16.13 84.62
N THR GA 63 62.09 17.11 83.93
CA THR GA 63 61.85 17.31 82.51
C THR GA 63 63.17 17.19 81.79
N SER GA 64 63.14 17.50 80.49
CA SER GA 64 64.38 17.54 79.73
C SER GA 64 65.25 18.72 80.14
N HIS GA 65 64.63 19.82 80.57
CA HIS GA 65 65.34 21.02 80.98
C HIS GA 65 65.94 20.91 82.37
N GLY GA 66 65.62 19.86 83.12
CA GLY GA 66 66.15 19.69 84.45
C GLY GA 66 65.05 19.32 85.41
N VAL GA 67 65.29 19.59 86.69
CA VAL GA 67 64.35 19.23 87.74
C VAL GA 67 63.78 20.51 88.35
N ILE GA 68 62.64 20.34 89.02
CA ILE GA 68 61.94 21.46 89.65
C ILE GA 68 61.05 20.87 90.74
N GLU GA 69 60.62 21.70 91.67
CA GLU GA 69 59.85 21.25 92.81
C GLU GA 69 58.61 22.10 92.99
N SER GA 70 57.47 21.57 92.56
CA SER GA 70 56.22 22.28 92.73
C SER GA 70 55.73 22.16 94.16
N GLU GA 71 55.06 23.20 94.64
CA GLU GA 71 54.52 23.19 95.99
C GLU GA 71 53.03 23.51 96.01
N ASP HA 6 -90.03 -1.83 38.19
CA ASP HA 6 -89.25 -1.65 36.97
C ASP HA 6 -90.12 -1.38 35.76
N PHE HA 7 -91.42 -1.63 35.87
CA PHE HA 7 -92.31 -1.51 34.72
C PHE HA 7 -93.68 -1.06 35.18
N VAL HA 8 -94.40 -0.43 34.24
CA VAL HA 8 -95.73 0.11 34.48
C VAL HA 8 -96.71 -0.53 33.52
N VAL HA 9 -97.98 -0.50 33.89
CA VAL HA 9 -99.05 -1.09 33.10
C VAL HA 9 -100.10 -0.02 32.83
N ILE HA 10 -100.32 0.29 31.57
CA ILE HA 10 -101.24 1.36 31.18
C ILE HA 10 -102.37 0.75 30.38
N LYS HA 11 -103.58 0.80 30.90
CA LYS HA 11 -104.76 0.37 30.18
C LYS HA 11 -105.45 1.60 29.63
N ALA HA 12 -105.53 1.70 28.31
CA ALA HA 12 -106.12 2.89 27.71
C ALA HA 12 -107.63 2.78 27.73
N LEU HA 13 -108.27 3.56 28.59
CA LEU HA 13 -109.72 3.54 28.75
C LEU HA 13 -110.45 4.34 27.68
N GLU HA 14 -109.74 5.12 26.88
CA GLU HA 14 -110.35 5.86 25.79
C GLU HA 14 -109.38 5.88 24.63
N ASP HA 15 -109.88 6.29 23.47
CA ASP HA 15 -109.07 6.25 22.27
C ASP HA 15 -108.04 7.38 22.26
N GLY HA 16 -106.97 7.17 21.50
CA GLY HA 16 -105.98 8.19 21.30
C GLY HA 16 -105.15 8.54 22.51
N VAL HA 17 -104.91 7.58 23.41
CA VAL HA 17 -104.11 7.89 24.59
C VAL HA 17 -102.64 7.90 24.20
N ASN HA 18 -101.97 9.01 24.48
CA ASN HA 18 -100.58 9.17 24.11
C ASN HA 18 -99.69 8.75 25.26
N VAL HA 19 -98.57 8.12 24.94
CA VAL HA 19 -97.55 7.75 25.91
C VAL HA 19 -96.23 8.26 25.37
N ILE HA 20 -95.56 9.12 26.11
CA ILE HA 20 -94.38 9.83 25.64
C ILE HA 20 -93.17 9.31 26.37
N GLY HA 21 -92.19 8.84 25.63
CA GLY HA 21 -90.96 8.33 26.21
C GLY HA 21 -90.59 6.95 25.72
N SER HA 33 -92.78 8.52 21.08
CA SER HA 33 -94.21 8.65 21.31
C SER HA 33 -94.98 7.44 20.78
N GLU HA 34 -95.99 7.02 21.52
CA GLU HA 34 -96.84 5.91 21.13
C GLU HA 34 -98.30 6.30 21.34
N CYS HA 35 -99.19 5.73 20.54
CA CYS HA 35 -100.61 5.98 20.67
C CYS HA 35 -101.35 4.68 20.93
N LEU HA 36 -102.35 4.72 21.79
CA LEU HA 36 -103.13 3.55 22.15
C LEU HA 36 -104.60 3.82 21.90
N ASP HA 37 -105.33 2.79 21.49
CA ASP HA 37 -106.77 2.85 21.34
C ASP HA 37 -107.44 2.29 22.58
N LYS HA 38 -108.77 2.35 22.60
CA LYS HA 38 -109.52 1.94 23.76
C LYS HA 38 -109.47 0.43 23.94
N GLY HA 39 -109.09 0.00 25.15
CA GLY HA 39 -109.05 -1.39 25.49
C GLY HA 39 -107.67 -2.01 25.41
N GLU HA 40 -106.72 -1.34 24.78
CA GLU HA 40 -105.37 -1.87 24.71
C GLU HA 40 -104.67 -1.67 26.04
N VAL HA 41 -103.61 -2.44 26.26
CA VAL HA 41 -102.81 -2.39 27.47
C VAL HA 41 -101.36 -2.41 27.06
N LEU HA 42 -100.60 -1.42 27.51
CA LEU HA 42 -99.18 -1.35 27.25
C LEU HA 42 -98.42 -1.57 28.54
N ILE HA 43 -97.52 -2.55 28.53
CA ILE HA 43 -96.63 -2.81 29.65
C ILE HA 43 -95.27 -2.28 29.27
N ALA HA 44 -94.80 -1.26 29.99
CA ALA HA 44 -93.60 -0.54 29.59
C ALA HA 44 -92.54 -0.66 30.66
N GLN HA 45 -91.35 -1.07 30.27
CA GLN HA 45 -90.21 -1.11 31.16
C GLN HA 45 -89.36 0.13 30.97
N PHE HA 46 -88.61 0.49 32.01
CA PHE HA 46 -87.73 1.64 31.94
C PHE HA 46 -86.36 1.22 31.43
N THR HA 47 -85.97 1.80 30.31
CA THR HA 47 -84.63 1.58 29.77
C THR HA 47 -83.71 2.64 30.35
N GLU HA 48 -82.50 2.71 29.79
CA GLU HA 48 -81.64 3.84 30.09
C GLU HA 48 -82.16 5.11 29.45
N HIS HA 49 -82.63 4.99 28.20
CA HIS HA 49 -83.18 6.12 27.46
C HIS HA 49 -84.48 6.63 28.06
N THR HA 50 -85.48 5.77 28.18
CA THR HA 50 -86.78 6.14 28.73
C THR HA 50 -86.63 6.29 30.23
N SER HA 51 -86.38 7.53 30.66
CA SER HA 51 -86.27 7.84 32.08
C SER HA 51 -87.49 8.59 32.60
N ALA HA 52 -88.45 8.91 31.74
CA ALA HA 52 -89.65 9.61 32.14
C ALA HA 52 -90.75 9.25 31.16
N ILE HA 53 -91.95 9.02 31.70
CA ILE HA 53 -93.10 8.62 30.89
C ILE HA 53 -94.26 9.54 31.22
N LYS HA 54 -94.79 10.20 30.19
CA LYS HA 54 -95.93 11.09 30.35
C LYS HA 54 -97.13 10.47 29.67
N VAL HA 55 -98.28 10.52 30.34
CA VAL HA 55 -99.49 9.88 29.87
C VAL HA 55 -100.58 10.93 29.74
N ARG HA 56 -101.16 11.04 28.56
CA ARG HA 56 -102.27 11.96 28.31
C ARG HA 56 -103.55 11.18 28.16
N GLY HA 57 -104.67 11.87 28.26
CA GLY HA 57 -105.97 11.26 28.05
C GLY HA 57 -106.38 10.37 29.20
N LYS HA 58 -107.53 9.74 29.04
CA LYS HA 58 -108.09 8.90 30.08
C LYS HA 58 -107.46 7.52 30.01
N ALA HA 59 -106.71 7.16 31.05
CA ALA HA 59 -106.04 5.87 31.11
C ALA HA 59 -105.94 5.43 32.56
N TYR HA 60 -105.72 4.14 32.74
CA TYR HA 60 -105.67 3.52 34.07
C TYR HA 60 -104.30 2.88 34.24
N ILE HA 61 -103.51 3.41 35.18
CA ILE HA 61 -102.11 3.04 35.31
C ILE HA 61 -101.93 2.25 36.59
N GLN HA 62 -101.21 1.13 36.49
CA GLN HA 62 -100.75 0.37 37.64
C GLN HA 62 -99.24 0.44 37.68
N THR HA 63 -98.70 0.90 38.80
CA THR HA 63 -97.28 0.90 39.07
C THR HA 63 -97.01 0.05 40.29
N SER HA 64 -95.76 0.08 40.75
CA SER HA 64 -95.41 -0.60 41.99
C SER HA 64 -96.02 0.12 43.19
N HIS HA 65 -96.18 1.43 43.10
CA HIS HA 65 -96.73 2.23 44.19
C HIS HA 65 -98.25 2.14 44.28
N GLY HA 66 -98.90 1.52 43.32
CA GLY HA 66 -100.34 1.40 43.33
C GLY HA 66 -100.92 1.77 42.00
N VAL HA 67 -102.20 2.14 42.01
CA VAL HA 67 -102.91 2.47 40.79
C VAL HA 67 -103.25 3.95 40.78
N ILE HA 68 -103.54 4.46 39.59
CA ILE HA 68 -103.86 5.86 39.40
C ILE HA 68 -104.65 5.97 38.09
N GLU HA 69 -105.35 7.07 37.91
CA GLU HA 69 -106.22 7.26 36.76
C GLU HA 69 -105.95 8.59 36.09
N SER HA 70 -105.22 8.57 34.99
CA SER HA 70 -104.94 9.79 34.25
C SER HA 70 -106.16 10.19 33.43
N GLU HA 71 -106.34 11.48 33.26
CA GLU HA 71 -107.46 11.98 32.47
C GLU HA 71 -107.00 12.95 31.39
N ASP IA 6 -90.23 -9.65 36.46
CA ASP IA 6 -89.42 -9.82 35.27
C ASP IA 6 -90.19 -10.38 34.09
N PHE IA 7 -91.38 -10.93 34.36
CA PHE IA 7 -92.14 -11.59 33.31
C PHE IA 7 -93.63 -11.41 33.55
N VAL IA 8 -94.38 -11.50 32.47
CA VAL IA 8 -95.83 -11.32 32.48
C VAL IA 8 -96.49 -12.57 31.94
N VAL IA 9 -97.75 -12.76 32.30
CA VAL IA 9 -98.53 -13.92 31.91
C VAL IA 9 -99.80 -13.44 31.22
N ILE IA 10 -99.96 -13.80 29.95
CA ILE IA 10 -101.09 -13.34 29.15
C ILE IA 10 -101.92 -14.54 28.75
N LYS IA 11 -103.15 -14.61 29.24
CA LYS IA 11 -104.08 -15.65 28.83
C LYS IA 11 -105.03 -15.05 27.80
N ALA IA 12 -104.98 -15.58 26.59
CA ALA IA 12 -105.82 -15.01 25.54
C ALA IA 12 -107.25 -15.53 25.65
N LEU IA 13 -108.16 -14.67 26.08
CA LEU IA 13 -109.55 -15.05 26.27
C LEU IA 13 -110.34 -15.06 24.99
N GLU IA 14 -109.81 -14.55 23.90
CA GLU IA 14 -110.48 -14.58 22.61
C GLU IA 14 -109.43 -14.81 21.53
N ASP IA 15 -109.90 -15.12 20.34
CA ASP IA 15 -108.99 -15.46 19.26
C ASP IA 15 -108.31 -14.21 18.71
N GLY IA 16 -107.16 -14.42 18.09
CA GLY IA 16 -106.46 -13.35 17.41
C GLY IA 16 -105.89 -12.28 18.30
N VAL IA 17 -105.50 -12.61 19.53
CA VAL IA 17 -104.94 -11.60 20.40
C VAL IA 17 -103.49 -11.34 20.01
N ASN IA 18 -103.18 -10.08 19.72
CA ASN IA 18 -101.86 -9.70 19.27
C ASN IA 18 -101.02 -9.28 20.45
N VAL IA 19 -99.73 -9.63 20.42
CA VAL IA 19 -98.77 -9.22 21.43
C VAL IA 19 -97.58 -8.64 20.67
N ILE IA 20 -97.27 -7.38 20.91
CA ILE IA 20 -96.28 -6.66 20.11
C ILE IA 20 -95.04 -6.42 20.97
N GLY IA 21 -93.89 -6.88 20.49
CA GLY IA 21 -92.65 -6.68 21.20
C GLY IA 21 -91.87 -7.96 21.38
N SER IA 33 -93.91 -9.34 16.62
CA SER IA 33 -95.34 -9.54 16.81
C SER IA 33 -95.69 -11.02 16.92
N GLU IA 34 -96.62 -11.35 17.80
CA GLU IA 34 -97.08 -12.71 17.99
C GLU IA 34 -98.60 -12.71 18.05
N CYS IA 35 -99.22 -13.81 17.63
CA CYS IA 35 -100.66 -13.94 17.68
C CYS IA 35 -101.03 -15.15 18.53
N LEU IA 36 -102.09 -15.02 19.32
CA LEU IA 36 -102.55 -16.08 20.20
C LEU IA 36 -104.01 -16.38 19.90
N ASP IA 37 -104.38 -17.65 20.03
CA ASP IA 37 -105.76 -18.09 19.92
C ASP IA 37 -106.38 -18.20 21.30
N LYS IA 38 -107.66 -18.53 21.32
CA LYS IA 38 -108.40 -18.57 22.59
C LYS IA 38 -107.96 -19.75 23.43
N GLY IA 39 -107.62 -19.47 24.68
CA GLY IA 39 -107.21 -20.48 25.62
C GLY IA 39 -105.72 -20.64 25.79
N GLU IA 40 -104.93 -20.08 24.89
CA GLU IA 40 -103.49 -20.16 25.03
C GLU IA 40 -103.01 -19.19 26.10
N VAL IA 41 -101.82 -19.45 26.60
CA VAL IA 41 -101.20 -18.62 27.63
C VAL IA 41 -99.75 -18.40 27.23
N LEU IA 42 -99.35 -17.15 27.15
CA LEU IA 42 -97.97 -16.79 26.83
C LEU IA 42 -97.32 -16.18 28.05
N ILE IA 43 -96.19 -16.75 28.46
CA ILE IA 43 -95.40 -16.21 29.55
C ILE IA 43 -94.19 -15.54 28.91
N ALA IA 44 -94.09 -14.22 29.08
CA ALA IA 44 -93.10 -13.45 28.35
C ALA IA 44 -92.17 -12.74 29.32
N GLN IA 45 -90.88 -12.93 29.13
CA GLN IA 45 -89.87 -12.24 29.89
C GLN IA 45 -89.38 -11.02 29.13
N PHE IA 46 -88.87 -10.04 29.87
CA PHE IA 46 -88.33 -8.85 29.24
C PHE IA 46 -86.85 -9.02 28.94
N THR IA 47 -86.52 -8.93 27.66
CA THR IA 47 -85.13 -8.97 27.23
C THR IA 47 -84.59 -7.54 27.23
N GLU IA 48 -83.41 -7.37 26.67
CA GLU IA 48 -82.91 -6.03 26.39
C GLU IA 48 -83.70 -5.41 25.25
N HIS IA 49 -83.98 -6.19 24.21
CA HIS IA 49 -84.74 -5.73 23.07
C HIS IA 49 -86.18 -5.42 23.40
N THR IA 50 -86.91 -6.37 23.94
CA THR IA 50 -88.32 -6.20 24.29
C THR IA 50 -88.37 -5.35 25.56
N SER IA 51 -88.52 -4.04 25.37
CA SER IA 51 -88.65 -3.11 26.48
C SER IA 51 -90.07 -2.60 26.64
N ALA IA 52 -90.98 -2.98 25.76
CA ALA IA 52 -92.37 -2.56 25.84
C ALA IA 52 -93.23 -3.63 25.18
N ILE IA 53 -94.36 -3.93 25.78
CA ILE IA 53 -95.26 -4.96 25.30
C ILE IA 53 -96.66 -4.38 25.20
N LYS IA 54 -97.24 -4.43 24.02
CA LYS IA 54 -98.58 -3.94 23.78
C LYS IA 54 -99.49 -5.11 23.51
N VAL IA 55 -100.68 -5.10 24.12
CA VAL IA 55 -101.62 -6.21 24.03
C VAL IA 55 -102.93 -5.69 23.47
N ARG IA 56 -103.40 -6.30 22.38
CA ARG IA 56 -104.67 -5.95 21.78
C ARG IA 56 -105.67 -7.05 22.06
N GLY IA 57 -106.95 -6.74 21.86
CA GLY IA 57 -108.00 -7.73 22.00
C GLY IA 57 -108.27 -8.10 23.45
N LYS IA 58 -109.18 -9.04 23.63
CA LYS IA 58 -109.59 -9.45 24.96
C LYS IA 58 -108.60 -10.46 25.51
N ALA IA 59 -107.90 -10.08 26.57
CA ALA IA 59 -106.91 -10.94 27.19
C ALA IA 59 -106.86 -10.64 28.67
N TYR IA 60 -106.30 -11.58 29.43
CA TYR IA 60 -106.22 -11.50 30.87
C TYR IA 60 -104.76 -11.56 31.28
N ILE IA 61 -104.25 -10.48 31.85
CA ILE IA 61 -102.82 -10.33 32.08
C ILE IA 61 -102.56 -10.37 33.58
N GLN IA 62 -101.56 -11.15 33.97
CA GLN IA 62 -101.04 -11.14 35.33
C GLN IA 62 -99.60 -10.63 35.29
N THR IA 63 -99.34 -9.58 36.06
CA THR IA 63 -98.00 -9.05 36.23
C THR IA 63 -97.64 -9.15 37.71
N SER IA 64 -96.50 -8.55 38.06
CA SER IA 64 -96.12 -8.47 39.46
C SER IA 64 -97.02 -7.50 40.21
N HIS IA 65 -97.52 -6.47 39.54
CA HIS IA 65 -98.38 -5.48 40.16
C HIS IA 65 -99.81 -5.95 40.32
N GLY IA 66 -100.17 -7.11 39.79
CA GLY IA 66 -101.52 -7.61 39.90
C GLY IA 66 -102.04 -8.07 38.56
N VAL IA 67 -103.36 -8.12 38.44
CA VAL IA 67 -104.01 -8.60 37.24
C VAL IA 67 -104.72 -7.44 36.56
N ILE IA 68 -105.02 -7.63 35.28
CA ILE IA 68 -105.69 -6.61 34.47
C ILE IA 68 -106.32 -7.33 33.30
N GLU IA 69 -107.29 -6.68 32.66
CA GLU IA 69 -108.05 -7.30 31.58
C GLU IA 69 -108.09 -6.38 30.36
N SER IA 70 -107.27 -6.69 29.38
CA SER IA 70 -107.26 -5.91 28.15
C SER IA 70 -108.44 -6.30 27.28
N GLU IA 71 -108.96 -5.32 26.54
CA GLU IA 71 -110.07 -5.58 25.64
C GLU IA 71 -109.79 -5.11 24.22
N ASP JA 6 -88.56 -17.11 38.56
CA ASP JA 6 -87.58 -17.58 37.57
C ASP JA 6 -88.05 -18.82 36.84
N PHE JA 7 -89.08 -19.49 37.34
CA PHE JA 7 -89.50 -20.75 36.76
C PHE JA 7 -91.01 -20.91 36.91
N VAL JA 8 -91.57 -21.71 36.01
CA VAL JA 8 -93.00 -21.96 35.97
C VAL JA 8 -93.25 -23.45 36.11
N VAL JA 9 -94.46 -23.80 36.54
CA VAL JA 9 -94.86 -25.18 36.76
C VAL JA 9 -96.11 -25.45 35.94
N ILE JA 10 -96.03 -26.39 35.02
CA ILE JA 10 -97.13 -26.69 34.12
C ILE JA 10 -97.56 -28.13 34.35
N LYS JA 11 -98.78 -28.31 34.84
CA LYS JA 11 -99.36 -29.63 35.00
C LYS JA 11 -100.29 -29.88 33.82
N ALA JA 12 -99.97 -30.88 33.01
CA ALA JA 12 -100.79 -31.12 31.83
C ALA JA 12 -102.04 -31.92 32.21
N LEU JA 13 -103.18 -31.25 32.19
CA LEU JA 13 -104.44 -31.87 32.56
C LEU JA 13 -105.05 -32.71 31.45
N GLU JA 14 -104.53 -32.63 30.23
CA GLU JA 14 -105.02 -33.45 29.14
C GLU JA 14 -103.82 -33.84 28.28
N ASP JA 15 -104.05 -34.80 27.40
CA ASP JA 15 -102.95 -35.32 26.59
C ASP JA 15 -102.56 -34.33 25.50
N GLY JA 16 -101.32 -34.47 25.03
CA GLY JA 16 -100.84 -33.68 23.91
C GLY JA 16 -100.68 -32.21 24.17
N VAL JA 17 -100.38 -31.81 25.40
CA VAL JA 17 -100.20 -30.39 25.67
C VAL JA 17 -98.84 -29.95 25.17
N ASN JA 18 -98.83 -28.93 24.32
CA ASN JA 18 -97.61 -28.45 23.70
C ASN JA 18 -97.05 -27.31 24.53
N VAL JA 19 -95.73 -27.25 24.65
CA VAL JA 19 -95.02 -26.17 25.30
C VAL JA 19 -93.94 -25.70 24.36
N ILE JA 20 -93.99 -24.44 23.95
CA ILE JA 20 -93.15 -23.92 22.90
C ILE JA 20 -92.13 -22.97 23.51
N GLY JA 21 -90.85 -23.25 23.28
CA GLY JA 21 -89.80 -22.40 23.79
C GLY JA 21 -88.74 -23.17 24.55
N SER JA 33 -89.76 -27.11 21.07
CA SER JA 33 -91.10 -27.61 21.36
C SER JA 33 -91.06 -28.89 22.17
N GLU JA 34 -91.98 -29.01 23.13
CA GLU JA 34 -92.10 -30.21 23.94
C GLU JA 34 -93.57 -30.62 24.02
N CYS JA 35 -93.81 -31.91 24.20
CA CYS JA 35 -95.18 -32.41 24.32
C CYS JA 35 -95.31 -33.13 25.66
N LEU JA 36 -96.47 -32.96 26.30
CA LEU JA 36 -96.74 -33.57 27.59
C LEU JA 36 -98.02 -34.38 27.50
N ASP JA 37 -98.06 -35.48 28.24
CA ASP JA 37 -99.26 -36.29 28.37
C ASP JA 37 -99.99 -35.92 29.65
N LYS JA 38 -101.14 -36.55 29.85
CA LYS JA 38 -101.98 -36.22 30.99
C LYS JA 38 -101.36 -36.68 32.29
N GLY JA 39 -101.25 -35.76 33.25
CA GLY JA 39 -100.73 -36.06 34.55
C GLY JA 39 -99.27 -35.70 34.75
N GLU JA 40 -98.55 -35.42 33.67
CA GLU JA 40 -97.16 -35.02 33.81
C GLU JA 40 -97.09 -33.57 34.27
N VAL JA 41 -95.93 -33.21 34.82
CA VAL JA 41 -95.67 -31.87 35.31
C VAL JA 41 -94.30 -31.45 34.82
N LEU JA 42 -94.22 -30.32 34.15
CA LEU JA 42 -92.97 -29.78 33.67
C LEU JA 42 -92.65 -28.52 34.44
N ILE JA 43 -91.47 -28.49 35.05
CA ILE JA 43 -90.98 -27.30 35.73
C ILE JA 43 -89.92 -26.69 34.83
N ALA JA 44 -90.19 -25.48 34.34
CA ALA JA 44 -89.35 -24.89 33.32
C ALA JA 44 -88.76 -23.58 33.81
N GLN JA 45 -87.44 -23.46 33.71
CA GLN JA 45 -86.74 -22.23 34.03
C GLN JA 45 -86.50 -21.43 32.76
N PHE JA 46 -86.36 -20.12 32.94
CA PHE JA 46 -86.07 -19.25 31.80
C PHE JA 46 -84.57 -19.11 31.60
N THR JA 47 -84.12 -19.54 30.42
CA THR JA 47 -82.73 -19.37 30.04
C THR JA 47 -82.58 -18.02 29.35
N GLU JA 48 -81.42 -17.81 28.74
CA GLU JA 48 -81.26 -16.67 27.85
C GLU JA 48 -82.03 -16.90 26.56
N HIS JA 49 -81.97 -18.12 26.03
CA HIS JA 49 -82.69 -18.49 24.82
C HIS JA 49 -84.19 -18.47 24.99
N THR JA 50 -84.71 -19.24 25.94
CA THR JA 50 -86.14 -19.33 26.20
C THR JA 50 -86.57 -18.05 26.89
N SER JA 51 -87.02 -17.07 26.10
CA SER JA 51 -87.52 -15.82 26.63
C SER JA 51 -89.03 -15.71 26.56
N ALA JA 52 -89.70 -16.71 25.98
CA ALA JA 52 -91.14 -16.71 25.89
C ALA JA 52 -91.61 -18.16 25.82
N ILE JA 53 -92.70 -18.45 26.52
CA ILE JA 53 -93.23 -19.80 26.61
C ILE JA 53 -94.71 -19.75 26.27
N LYS JA 54 -95.12 -20.51 25.26
CA LYS JA 54 -96.50 -20.59 24.84
C LYS JA 54 -97.05 -21.96 25.19
N VAL JA 55 -98.25 -22.00 25.74
CA VAL JA 55 -98.86 -23.24 26.21
C VAL JA 55 -100.18 -23.44 25.49
N ARG JA 56 -100.34 -24.59 24.84
CA ARG JA 56 -101.58 -24.94 24.17
C ARG JA 56 -102.28 -26.02 24.96
N GLY JA 57 -103.56 -26.21 24.67
CA GLY JA 57 -104.33 -27.28 25.28
C GLY JA 57 -104.67 -26.98 26.72
N LYS JA 58 -105.32 -27.96 27.35
CA LYS JA 58 -105.77 -27.80 28.72
C LYS JA 58 -104.63 -28.11 29.67
N ALA JA 59 -104.18 -27.10 30.41
CA ALA JA 59 -103.09 -27.25 31.35
C ALA JA 59 -103.29 -26.29 32.50
N TYR JA 60 -102.60 -26.58 33.60
CA TYR JA 60 -102.72 -25.82 34.83
C TYR JA 60 -101.36 -25.26 35.19
N ILE JA 61 -101.22 -23.95 35.16
CA ILE JA 61 -99.92 -23.30 35.27
C ILE JA 61 -99.84 -22.56 36.60
N GLN JA 62 -98.72 -22.76 37.30
CA GLN JA 62 -98.39 -21.97 38.48
C GLN JA 62 -97.14 -21.15 38.16
N THR JA 63 -97.26 -19.84 38.34
CA THR JA 63 -96.13 -18.94 38.22
C THR JA 63 -95.93 -18.23 39.55
N SER JA 64 -95.04 -17.24 39.54
CA SER JA 64 -94.87 -16.42 40.73
C SER JA 64 -96.07 -15.51 40.95
N HIS JA 65 -96.75 -15.11 39.87
CA HIS JA 65 -97.89 -14.23 39.95
C HIS JA 65 -99.16 -14.95 40.35
N GLY JA 66 -99.14 -16.27 40.44
CA GLY JA 66 -100.31 -17.03 40.81
C GLY JA 66 -100.53 -18.18 39.86
N VAL JA 67 -101.77 -18.65 39.80
CA VAL JA 67 -102.13 -19.80 38.98
C VAL JA 67 -103.03 -19.34 37.86
N ILE JA 68 -103.11 -20.18 36.83
CA ILE JA 68 -103.92 -19.90 35.65
C ILE JA 68 -104.20 -21.22 34.97
N GLU JA 69 -105.22 -21.25 34.11
CA GLU JA 69 -105.65 -22.49 33.48
C GLU JA 69 -105.78 -22.29 31.97
N SER JA 70 -104.79 -22.77 31.23
CA SER JA 70 -104.83 -22.68 29.79
C SER JA 70 -105.76 -23.74 29.23
N GLU JA 71 -106.42 -23.42 28.12
CA GLU JA 71 -107.32 -24.37 27.48
C GLU JA 71 -106.99 -24.56 26.00
N ASP KA 6 -84.72 -21.90 43.85
CA ASP KA 6 -83.56 -22.49 43.17
C ASP KA 6 -83.63 -24.00 43.12
N PHE KA 7 -84.50 -24.61 43.91
CA PHE KA 7 -84.54 -26.06 44.00
C PHE KA 7 -85.96 -26.52 44.26
N VAL KA 8 -86.23 -27.76 43.86
CA VAL KA 8 -87.53 -28.38 43.99
C VAL KA 8 -87.41 -29.64 44.82
N VAL KA 9 -88.53 -30.06 45.41
CA VAL KA 9 -88.58 -31.24 46.26
C VAL KA 9 -89.64 -32.18 45.72
N ILE KA 10 -89.24 -33.38 45.33
CA ILE KA 10 -90.14 -34.34 44.72
C ILE KA 10 -90.22 -35.56 45.61
N LYS KA 11 -91.40 -35.82 46.17
CA LYS KA 11 -91.64 -37.02 46.94
C LYS KA 11 -92.36 -38.02 46.06
N ALA KA 12 -91.72 -39.15 45.80
CA ALA KA 12 -92.33 -40.12 44.90
C ALA KA 12 -93.37 -40.95 45.64
N LEU KA 13 -94.64 -40.70 45.36
CA LEU KA 13 -95.73 -41.39 46.02
C LEU KA 13 -96.00 -42.78 45.46
N GLU KA 14 -95.40 -43.13 44.34
CA GLU KA 14 -95.56 -44.45 43.76
C GLU KA 14 -94.23 -44.85 43.14
N ASP KA 15 -94.13 -46.13 42.82
CA ASP KA 15 -92.87 -46.66 42.31
C ASP KA 15 -92.63 -46.21 40.87
N GLY KA 16 -91.37 -46.22 40.47
CA GLY KA 16 -91.00 -45.94 39.11
C GLY KA 16 -91.24 -44.52 38.64
N VAL KA 17 -91.17 -43.54 39.52
CA VAL KA 17 -91.38 -42.17 39.09
C VAL KA 17 -90.12 -41.66 38.40
N ASN KA 18 -90.30 -41.19 37.17
CA ASN KA 18 -89.18 -40.74 36.36
C ASN KA 18 -89.00 -39.24 36.53
N VAL KA 19 -87.76 -38.79 36.57
CA VAL KA 19 -87.42 -37.38 36.61
C VAL KA 19 -86.40 -37.13 35.51
N ILE KA 20 -86.74 -36.27 34.57
CA ILE KA 20 -85.94 -36.08 33.36
C ILE KA 20 -85.26 -34.73 33.42
N GLY KA 21 -83.94 -34.72 33.31
CA GLY KA 21 -83.18 -33.48 33.32
C GLY KA 21 -82.05 -33.51 34.32
N SER KA 33 -81.71 -38.72 33.13
CA SER KA 33 -82.91 -39.36 33.65
C SER KA 33 -82.61 -40.07 34.98
N GLU KA 34 -83.56 -39.98 35.91
CA GLU KA 34 -83.45 -40.66 37.19
C GLU KA 34 -84.76 -41.35 37.50
N CYS KA 35 -84.70 -42.43 38.27
CA CYS KA 35 -85.90 -43.16 38.67
C CYS KA 35 -85.98 -43.19 40.19
N LEU KA 36 -87.19 -43.05 40.71
CA LEU KA 36 -87.42 -43.06 42.15
C LEU KA 36 -88.45 -44.13 42.50
N ASP KA 37 -88.27 -44.74 43.67
CA ASP KA 37 -89.24 -45.68 44.21
C ASP KA 37 -90.15 -44.97 45.19
N LYS KA 38 -91.12 -45.72 45.70
CA LYS KA 38 -92.13 -45.14 46.58
C LYS KA 38 -91.53 -44.76 47.93
N GLY KA 39 -91.75 -43.53 48.34
CA GLY KA 39 -91.29 -43.04 49.61
C GLY KA 39 -90.00 -42.26 49.56
N GLU KA 40 -89.26 -42.32 48.45
CA GLU KA 40 -88.05 -41.55 48.35
C GLU KA 40 -88.39 -40.08 48.07
N VAL KA 41 -87.41 -39.22 48.34
CA VAL KA 41 -87.55 -37.78 48.13
C VAL KA 41 -86.29 -37.29 47.47
N LEU KA 42 -86.43 -36.63 46.34
CA LEU KA 42 -85.31 -36.06 45.61
C LEU KA 42 -85.39 -34.54 45.70
N ILE KA 43 -84.33 -33.92 46.18
CA ILE KA 43 -84.21 -32.48 46.21
C ILE KA 43 -83.27 -32.08 45.09
N ALA KA 44 -83.78 -31.36 44.10
CA ALA KA 44 -83.02 -31.10 42.89
C ALA KA 44 -82.83 -29.61 42.70
N GLN KA 45 -81.58 -29.21 42.50
CA GLN KA 45 -81.26 -27.83 42.19
C GLN KA 45 -81.10 -27.66 40.68
N PHE KA 46 -81.31 -26.43 40.21
CA PHE KA 46 -81.14 -26.15 38.80
C PHE KA 46 -79.72 -25.73 38.49
N THR KA 47 -79.07 -26.51 37.64
CA THR KA 47 -77.73 -26.17 37.18
C THR KA 47 -77.86 -25.31 35.93
N GLU KA 48 -76.73 -25.09 35.26
CA GLU KA 48 -76.78 -24.50 33.94
C GLU KA 48 -77.35 -25.49 32.93
N HIS KA 49 -76.94 -26.75 33.03
CA HIS KA 49 -77.41 -27.80 32.15
C HIS KA 49 -78.88 -28.12 32.35
N THR KA 50 -79.29 -28.47 33.57
CA THR KA 50 -80.66 -28.81 33.88
C THR KA 50 -81.46 -27.51 33.91
N SER KA 51 -82.08 -27.17 32.78
CA SER KA 51 -82.92 -26.00 32.67
C SER KA 51 -84.39 -26.35 32.62
N ALA KA 52 -84.73 -27.63 32.60
CA ALA KA 52 -86.11 -28.07 32.57
C ALA KA 52 -86.19 -29.45 33.20
N ILE KA 53 -87.23 -29.67 34.00
CA ILE KA 53 -87.42 -30.91 34.72
C ILE KA 53 -88.81 -31.42 34.45
N LYS KA 54 -88.92 -32.63 33.94
CA LYS KA 54 -90.19 -33.26 33.65
C LYS KA 54 -90.40 -34.41 34.61
N VAL KA 55 -91.61 -34.51 35.17
CA VAL KA 55 -91.92 -35.51 36.18
C VAL KA 55 -93.08 -36.35 35.69
N ARG KA 56 -92.88 -37.66 35.66
CA ARG KA 56 -93.92 -38.60 35.27
C ARG KA 56 -94.41 -39.35 36.49
N GLY KA 57 -95.56 -39.99 36.37
CA GLY KA 57 -96.09 -40.82 37.44
C GLY KA 57 -96.63 -39.98 38.59
N LYS KA 58 -97.07 -40.69 39.62
CA LYS KA 58 -97.68 -40.05 40.78
C LYS KA 58 -96.59 -39.58 41.72
N ALA KA 59 -96.49 -38.26 41.88
CA ALA KA 59 -95.48 -37.68 42.75
C ALA KA 59 -96.02 -36.39 43.33
N TYR KA 60 -95.40 -35.94 44.41
CA TYR KA 60 -95.82 -34.77 45.14
C TYR KA 60 -94.68 -33.76 45.16
N ILE KA 61 -94.87 -32.62 44.50
CA ILE KA 61 -93.79 -31.67 44.24
C ILE KA 61 -94.02 -30.42 45.07
N GLN KA 62 -92.97 -29.96 45.74
CA GLN KA 62 -92.95 -28.67 46.41
C GLN KA 62 -91.93 -27.80 45.70
N THR KA 63 -92.39 -26.63 45.25
CA THR KA 63 -91.52 -25.61 44.68
C THR KA 63 -91.64 -24.36 45.51
N SER KA 64 -91.02 -23.29 45.02
CA SER KA 64 -91.17 -21.99 45.66
C SER KA 64 -92.58 -21.45 45.48
N HIS KA 65 -93.22 -21.77 44.36
CA HIS KA 65 -94.56 -21.30 44.07
C HIS KA 65 -95.65 -22.06 44.81
N GLY KA 66 -95.29 -23.14 45.50
CA GLY KA 66 -96.27 -23.92 46.22
C GLY KA 66 -96.10 -25.39 45.93
N VAL KA 67 -97.17 -26.14 46.14
CA VAL KA 67 -97.15 -27.59 45.97
C VAL KA 67 -98.04 -27.96 44.79
N ILE KA 68 -97.80 -29.16 44.28
CA ILE KA 68 -98.53 -29.69 43.13
C ILE KA 68 -98.41 -31.20 43.17
N GLU KA 69 -99.30 -31.89 42.45
CA GLU KA 69 -99.34 -33.34 42.49
C GLU KA 69 -99.37 -33.90 41.07
N SER KA 70 -98.24 -34.39 40.61
CA SER KA 70 -98.17 -34.99 39.30
C SER KA 70 -98.74 -36.39 39.33
N GLU KA 71 -99.35 -36.80 38.22
CA GLU KA 71 -99.92 -38.14 38.13
C GLU KA 71 -99.41 -38.89 36.90
N ASP LA 6 -81.03 -22.39 50.85
CA ASP LA 6 -79.69 -22.84 50.51
C ASP LA 6 -79.33 -24.16 51.17
N PHE LA 7 -80.10 -24.56 52.17
CA PHE LA 7 -79.76 -25.75 52.94
C PHE LA 7 -81.02 -26.45 53.41
N VAL LA 8 -80.88 -27.75 53.66
CA VAL LA 8 -81.98 -28.60 54.08
C VAL LA 8 -81.62 -29.24 55.41
N VAL LA 9 -82.65 -29.66 56.14
CA VAL LA 9 -82.49 -30.28 57.44
C VAL LA 9 -83.18 -31.63 57.43
N ILE LA 10 -82.42 -32.70 57.65
CA ILE LA 10 -82.94 -34.05 57.57
C ILE LA 10 -82.80 -34.70 58.94
N LYS LA 11 -83.92 -35.00 59.58
CA LYS LA 11 -83.92 -35.73 60.83
C LYS LA 11 -84.22 -37.19 60.53
N ALA LA 12 -83.27 -38.07 60.82
CA ALA LA 12 -83.48 -39.47 60.50
C ALA LA 12 -84.33 -40.14 61.56
N LEU LA 13 -85.58 -40.44 61.22
CA LEU LA 13 -86.52 -41.04 62.14
C LEU LA 13 -86.33 -42.55 62.31
N GLU LA 14 -85.52 -43.17 61.47
CA GLU LA 14 -85.23 -44.60 61.60
C GLU LA 14 -83.77 -44.81 61.22
N ASP LA 15 -83.28 -46.00 61.53
CA ASP LA 15 -81.87 -46.29 61.31
C ASP LA 15 -81.58 -46.51 59.84
N GLY LA 16 -80.33 -46.30 59.47
CA GLY LA 16 -79.87 -46.58 58.12
C GLY LA 16 -80.43 -45.68 57.05
N VAL LA 17 -80.73 -44.44 57.37
CA VAL LA 17 -81.26 -43.54 56.35
C VAL LA 17 -80.11 -43.06 55.47
N ASN LA 18 -80.25 -43.27 54.16
CA ASN LA 18 -79.19 -42.93 53.22
C ASN LA 18 -79.46 -41.54 52.66
N VAL LA 19 -78.40 -40.77 52.46
CA VAL LA 19 -78.47 -39.46 51.83
C VAL LA 19 -77.42 -39.45 50.73
N ILE LA 20 -77.86 -39.25 49.49
CA ILE LA 20 -76.99 -39.41 48.33
C ILE LA 20 -76.72 -38.04 47.73
N GLY LA 21 -75.45 -37.69 47.61
CA GLY LA 21 -75.06 -36.43 47.02
C GLY LA 21 -74.09 -35.65 47.90
N SER LA 33 -72.21 -40.46 49.30
CA SER LA 33 -73.23 -41.12 50.09
C SER LA 33 -72.94 -41.02 51.58
N GLU LA 34 -73.99 -40.81 52.37
CA GLU LA 34 -73.86 -40.76 53.83
C GLU LA 34 -74.98 -41.59 54.45
N CYS LA 35 -74.71 -42.12 55.64
CA CYS LA 35 -75.71 -42.91 56.36
C CYS LA 35 -75.97 -42.28 57.71
N LEU LA 36 -77.23 -42.28 58.12
CA LEU LA 36 -77.64 -41.71 59.39
C LEU LA 36 -78.37 -42.75 60.21
N ASP LA 37 -78.19 -42.68 61.53
CA ASP LA 37 -78.92 -43.52 62.46
C ASP LA 37 -80.11 -42.75 63.01
N LYS LA 38 -80.90 -43.44 63.84
CA LYS LA 38 -82.14 -42.86 64.36
C LYS LA 38 -81.84 -41.75 65.35
N GLY LA 39 -82.43 -40.59 65.13
CA GLY LA 39 -82.30 -39.47 66.01
C GLY LA 39 -81.27 -38.44 65.59
N GLU LA 40 -80.41 -38.79 64.62
CA GLU LA 40 -79.45 -37.81 64.14
C GLU LA 40 -80.13 -36.82 63.22
N VAL LA 41 -79.47 -35.68 63.03
CA VAL LA 41 -79.96 -34.60 62.18
C VAL LA 41 -78.81 -34.11 61.34
N LEU LA 42 -78.99 -34.11 60.03
CA LEU LA 42 -77.98 -33.62 59.10
C LEU LA 42 -78.48 -32.35 58.46
N ILE LA 43 -77.69 -31.29 58.57
CA ILE LA 43 -77.99 -30.02 57.92
C ILE LA 43 -77.04 -29.93 56.74
N ALA LA 44 -77.60 -29.92 55.53
CA ALA LA 44 -76.79 -30.03 54.32
C ALA LA 44 -76.99 -28.81 53.45
N GLN LA 45 -75.89 -28.19 53.06
CA GLN LA 45 -75.91 -27.08 52.13
C GLN LA 45 -75.61 -27.57 50.72
N PHE LA 46 -76.08 -26.81 49.73
CA PHE LA 46 -75.82 -27.16 48.35
C PHE LA 46 -74.54 -26.52 47.86
N THR LA 47 -73.59 -27.37 47.46
CA THR LA 47 -72.35 -26.90 46.88
C THR LA 47 -72.55 -26.78 45.38
N GLU LA 48 -71.44 -26.56 44.67
CA GLU LA 48 -71.49 -26.69 43.21
C GLU LA 48 -71.63 -28.14 42.81
N HIS LA 49 -70.90 -29.03 43.49
CA HIS LA 49 -70.96 -30.46 43.22
C HIS LA 49 -72.30 -31.08 43.56
N THR LA 50 -72.74 -30.94 44.81
CA THR LA 50 -74.00 -31.49 45.27
C THR LA 50 -75.13 -30.63 44.70
N SER LA 51 -75.65 -31.05 43.55
CA SER LA 51 -76.76 -30.36 42.92
C SER LA 51 -78.07 -31.13 43.05
N ALA LA 52 -78.04 -32.32 43.64
CA ALA LA 52 -79.23 -33.11 43.85
C ALA LA 52 -79.02 -34.00 45.06
N ILE LA 53 -80.05 -34.13 45.88
CA ILE LA 53 -79.98 -34.90 47.10
C ILE LA 53 -81.14 -35.87 47.13
N LYS LA 54 -80.84 -37.16 47.25
CA LYS LA 54 -81.86 -38.19 47.32
C LYS LA 54 -81.86 -38.78 48.72
N VAL LA 55 -83.05 -38.98 49.27
CA VAL LA 55 -83.21 -39.45 50.63
C VAL LA 55 -84.03 -40.73 50.62
N ARG LA 56 -83.47 -41.79 51.21
CA ARG LA 56 -84.17 -43.06 51.33
C ARG LA 56 -84.58 -43.28 52.76
N GLY LA 57 -85.50 -44.21 52.98
CA GLY LA 57 -85.91 -44.58 54.31
C GLY LA 57 -86.80 -43.52 54.94
N LYS LA 58 -87.15 -43.79 56.19
CA LYS LA 58 -88.05 -42.90 56.92
C LYS LA 58 -87.28 -41.74 57.51
N ALA LA 59 -87.55 -40.53 57.03
CA ALA LA 59 -86.86 -39.35 57.50
C ALA LA 59 -87.81 -38.17 57.41
N TYR LA 60 -87.47 -37.11 58.14
CA TYR LA 60 -88.29 -35.92 58.23
C TYR LA 60 -87.47 -34.73 57.76
N ILE LA 61 -87.88 -34.13 56.65
CA ILE LA 61 -87.08 -33.13 55.97
C ILE LA 61 -87.75 -31.78 56.10
N GLN LA 62 -86.96 -30.77 56.45
CA GLN LA 62 -87.38 -29.38 56.43
C GLN LA 62 -86.56 -28.65 55.38
N THR LA 63 -87.24 -28.03 54.44
CA THR LA 63 -86.62 -27.17 53.44
C THR LA 63 -87.19 -25.77 53.58
N SER LA 64 -86.82 -24.91 52.63
CA SER LA 64 -87.41 -23.57 52.59
C SER LA 64 -88.87 -23.63 52.19
N HIS LA 65 -89.25 -24.60 51.38
CA HIS LA 65 -90.62 -24.75 50.91
C HIS LA 65 -91.53 -25.37 51.94
N GLY LA 66 -91.00 -25.87 53.05
CA GLY LA 66 -91.82 -26.48 54.07
C GLY LA 66 -91.21 -27.80 54.51
N VAL LA 67 -92.06 -28.65 55.08
CA VAL LA 67 -91.61 -29.93 55.60
C VAL LA 67 -92.21 -31.05 54.76
N ILE LA 68 -91.58 -32.21 54.86
CA ILE LA 68 -92.00 -33.40 54.12
C ILE LA 68 -91.48 -34.61 54.85
N GLU LA 69 -92.04 -35.78 54.57
CA GLU LA 69 -91.69 -36.99 55.28
C GLU LA 69 -91.39 -38.11 54.31
N SER LA 70 -90.11 -38.39 54.11
CA SER LA 70 -89.71 -39.47 53.23
C SER LA 70 -89.88 -40.81 53.93
N GLU LA 71 -90.21 -41.83 53.15
CA GLU LA 71 -90.38 -43.17 53.72
C GLU LA 71 -89.54 -44.20 52.98
N ASP MA 6 -77.72 -18.48 57.05
CA ASP MA 6 -76.27 -18.67 56.92
C ASP MA 6 -75.67 -19.38 58.12
N PHE MA 7 -76.41 -19.47 59.21
CA PHE MA 7 -75.86 -20.02 60.44
C PHE MA 7 -76.95 -20.74 61.22
N VAL MA 8 -76.52 -21.70 62.04
CA VAL MA 8 -77.41 -22.52 62.85
C VAL MA 8 -77.05 -22.35 64.30
N VAL MA 9 -78.00 -22.65 65.18
CA VAL MA 9 -77.83 -22.52 66.61
C VAL MA 9 -78.16 -23.86 67.26
N ILE MA 10 -77.19 -24.45 67.93
CA ILE MA 10 -77.34 -25.78 68.52
C ILE MA 10 -77.19 -25.67 70.02
N LYS MA 11 -78.26 -25.93 70.76
CA LYS MA 11 -78.20 -25.97 72.21
C LYS MA 11 -78.11 -27.43 72.63
N ALA MA 12 -77.00 -27.79 73.28
CA ALA MA 12 -76.83 -29.18 73.66
C ALA MA 12 -77.60 -29.47 74.94
N LEU MA 13 -78.68 -30.23 74.81
CA LEU MA 13 -79.53 -30.55 75.94
C LEU MA 13 -78.99 -31.70 76.78
N GLU MA 14 -77.98 -32.41 76.30
CA GLU MA 14 -77.37 -33.48 77.08
C GLU MA 14 -75.87 -33.45 76.81
N ASP MA 15 -75.13 -34.19 77.63
CA ASP MA 15 -73.69 -34.16 77.53
C ASP MA 15 -73.21 -34.95 76.32
N GLY MA 16 -72.00 -34.61 75.86
CA GLY MA 16 -71.36 -35.35 74.79
C GLY MA 16 -72.01 -35.24 73.45
N VAL MA 17 -72.65 -34.11 73.14
CA VAL MA 17 -73.28 -33.96 71.83
C VAL MA 17 -72.20 -33.65 70.80
N ASN MA 18 -72.15 -34.46 69.75
CA ASN MA 18 -71.13 -34.32 68.73
C ASN MA 18 -71.67 -33.47 67.59
N VAL MA 19 -70.81 -32.64 67.03
CA VAL MA 19 -71.14 -31.84 65.85
C VAL MA 19 -70.02 -32.05 64.85
N ILE MA 20 -70.37 -32.57 63.68
CA ILE MA 20 -69.38 -33.01 62.70
C ILE MA 20 -69.40 -32.06 61.52
N GLY MA 21 -68.25 -31.49 61.21
CA GLY MA 21 -68.13 -30.57 60.09
C GLY MA 21 -67.47 -29.26 60.46
N SER MA 33 -64.60 -32.20 63.91
CA SER MA 33 -65.52 -32.66 64.95
C SER MA 33 -65.41 -31.82 66.21
N GLU MA 34 -66.54 -31.54 66.84
CA GLU MA 34 -66.58 -30.80 68.09
C GLU MA 34 -67.51 -31.51 69.06
N CYS MA 35 -67.24 -31.36 70.36
CA CYS MA 35 -68.08 -31.96 71.39
C CYS MA 35 -68.63 -30.87 72.29
N LEU MA 36 -69.88 -31.00 72.70
CA LEU MA 36 -70.54 -30.05 73.56
C LEU MA 36 -71.07 -30.74 74.80
N ASP MA 37 -71.03 -30.03 75.92
CA ASP MA 37 -71.63 -30.50 77.16
C ASP MA 37 -73.02 -29.91 77.32
N LYS MA 38 -73.70 -30.32 78.39
CA LYS MA 38 -75.07 -29.92 78.60
C LYS MA 38 -75.17 -28.44 78.96
N GLY MA 39 -76.01 -27.72 78.23
CA GLY MA 39 -76.23 -26.32 78.48
C GLY MA 39 -75.46 -25.39 77.59
N GLU MA 40 -74.45 -25.88 76.89
CA GLU MA 40 -73.71 -25.04 75.97
C GLU MA 40 -74.51 -24.79 74.71
N VAL MA 41 -74.15 -23.74 73.99
CA VAL MA 41 -74.80 -23.35 72.76
C VAL MA 41 -73.72 -23.02 71.74
N LEU MA 42 -73.77 -23.67 70.60
CA LEU MA 42 -72.83 -23.42 69.52
C LEU MA 42 -73.55 -22.76 68.37
N ILE MA 43 -73.07 -21.60 67.95
CA ILE MA 43 -73.60 -20.91 66.78
C ILE MA 43 -72.60 -21.12 65.66
N ALA MA 44 -73.01 -21.81 64.61
CA ALA MA 44 -72.09 -22.24 63.58
C ALA MA 44 -72.49 -21.67 62.24
N GLN MA 45 -71.54 -21.02 61.57
CA GLN MA 45 -71.74 -20.51 60.24
C GLN MA 45 -71.20 -21.50 59.21
N PHE MA 46 -71.74 -21.44 58.00
CA PHE MA 46 -71.27 -22.31 56.93
C PHE MA 46 -70.13 -21.65 56.17
N THR MA 47 -68.97 -22.30 56.18
CA THR MA 47 -67.84 -21.84 55.41
C THR MA 47 -67.91 -22.49 54.04
N GLU MA 48 -66.83 -22.34 53.27
CA GLU MA 48 -66.69 -23.12 52.05
C GLU MA 48 -66.43 -24.59 52.38
N HIS MA 49 -65.58 -24.83 53.38
CA HIS MA 49 -65.26 -26.18 53.82
C HIS MA 49 -66.43 -26.90 54.45
N THR MA 50 -67.02 -26.32 55.49
CA THR MA 50 -68.15 -26.92 56.19
C THR MA 50 -69.38 -26.74 55.31
N SER MA 51 -69.67 -27.77 54.52
CA SER MA 51 -70.85 -27.77 53.67
C SER MA 51 -71.93 -28.70 54.18
N ALA MA 52 -71.67 -29.42 55.27
CA ALA MA 52 -72.65 -30.32 55.85
C ALA MA 52 -72.34 -30.46 57.33
N ILE MA 53 -73.39 -30.47 58.14
CA ILE MA 53 -73.25 -30.54 59.59
C ILE MA 53 -74.14 -31.65 60.10
N LYS MA 54 -73.54 -32.61 60.80
CA LYS MA 54 -74.27 -33.73 61.37
C LYS MA 54 -74.27 -33.58 62.88
N VAL MA 55 -75.42 -33.81 63.50
CA VAL MA 55 -75.60 -33.62 64.93
C VAL MA 55 -76.06 -34.93 65.54
N ARG MA 56 -75.33 -35.41 66.55
CA ARG MA 56 -75.69 -36.62 67.26
C ARG MA 56 -76.19 -36.25 68.65
N GLY MA 57 -76.86 -37.18 69.30
CA GLY MA 57 -77.30 -36.99 70.67
C GLY MA 57 -78.48 -36.04 70.76
N LYS MA 58 -78.88 -35.78 71.99
CA LYS MA 58 -80.04 -34.94 72.24
C LYS MA 58 -79.62 -33.48 72.20
N ALA MA 59 -80.15 -32.74 71.22
CA ALA MA 59 -79.82 -31.35 71.05
C ALA MA 59 -81.02 -30.63 70.44
N TYR MA 60 -81.02 -29.31 70.59
CA TYR MA 60 -82.12 -28.47 70.14
C TYR MA 60 -81.57 -27.47 69.13
N ILE MA 61 -82.00 -27.58 67.88
CA ILE MA 61 -81.40 -26.83 66.78
C ILE MA 61 -82.40 -25.79 66.29
N GLN MA 62 -81.92 -24.57 66.10
CA GLN MA 62 -82.66 -23.50 65.45
C GLN MA 62 -81.94 -23.16 64.15
N THR MA 63 -82.66 -23.24 63.04
CA THR MA 63 -82.17 -22.82 61.75
C THR MA 63 -83.08 -21.72 61.23
N SER MA 64 -82.85 -21.32 59.98
CA SER MA 64 -83.74 -20.36 59.34
C SER MA 64 -85.10 -20.97 59.05
N HIS MA 65 -85.14 -22.29 58.80
CA HIS MA 65 -86.38 -22.97 58.49
C HIS MA 65 -87.22 -23.27 59.73
N GLY MA 66 -86.69 -23.03 60.91
CA GLY MA 66 -87.42 -23.31 62.14
C GLY MA 66 -86.56 -24.06 63.11
N VAL MA 67 -87.22 -24.75 64.04
CA VAL MA 67 -86.53 -25.48 65.09
C VAL MA 67 -86.74 -26.97 64.89
N ILE MA 68 -85.87 -27.75 65.51
CA ILE MA 68 -85.91 -29.20 65.42
C ILE MA 68 -85.17 -29.75 66.63
N GLU MA 69 -85.41 -31.02 66.94
CA GLU MA 69 -84.84 -31.64 68.13
C GLU MA 69 -84.17 -32.96 67.79
N SER MA 70 -82.85 -32.94 67.70
CA SER MA 70 -82.12 -34.16 67.42
C SER MA 70 -82.02 -35.01 68.67
N GLU MA 71 -82.01 -36.32 68.49
CA GLU MA 71 -81.90 -37.25 69.61
C GLU MA 71 -80.75 -38.24 69.42
N ASP NA 6 -76.27 -11.50 60.60
CA ASP NA 6 -74.82 -11.29 60.56
C ASP NA 6 -74.21 -11.17 61.95
N PHE NA 7 -75.03 -10.95 62.97
CA PHE NA 7 -74.52 -10.70 64.30
C PHE NA 7 -75.47 -11.27 65.34
N VAL NA 8 -74.91 -11.57 66.50
CA VAL NA 8 -75.65 -12.15 67.62
C VAL NA 8 -75.53 -11.24 68.82
N VAL NA 9 -76.49 -11.38 69.74
CA VAL NA 9 -76.54 -10.56 70.95
C VAL NA 9 -76.58 -11.49 72.14
N ILE NA 10 -75.58 -11.40 73.01
CA ILE NA 10 -75.45 -12.29 74.16
C ILE NA 10 -75.53 -11.46 75.42
N LYS NA 11 -76.57 -11.66 76.21
CA LYS NA 11 -76.70 -11.02 77.51
C LYS NA 11 -76.28 -12.02 78.56
N ALA NA 12 -75.21 -11.70 79.30
CA ALA NA 12 -74.72 -12.64 80.29
C ALA NA 12 -75.54 -12.54 81.56
N LEU NA 13 -76.36 -13.54 81.82
CA LEU NA 13 -77.23 -13.56 82.98
C LEU NA 13 -76.52 -13.98 84.26
N GLU NA 14 -75.31 -14.48 84.16
CA GLU NA 14 -74.53 -14.85 85.34
C GLU NA 14 -73.07 -14.51 85.07
N ASP NA 15 -72.28 -14.53 86.13
CA ASP NA 15 -70.89 -14.13 86.02
C ASP NA 15 -70.07 -15.20 85.31
N GLY NA 16 -68.96 -14.77 84.74
CA GLY NA 16 -68.00 -15.68 84.15
C GLY NA 16 -68.48 -16.39 82.91
N VAL NA 17 -69.36 -15.78 82.11
CA VAL NA 17 -69.81 -16.43 80.89
C VAL NA 17 -68.74 -16.33 79.82
N ASN NA 18 -68.33 -17.47 79.29
CA ASN NA 18 -67.26 -17.52 78.31
C ASN NA 18 -67.86 -17.49 76.91
N VAL NA 19 -67.19 -16.79 76.00
CA VAL NA 19 -67.57 -16.75 74.60
C VAL NA 19 -66.31 -17.06 73.81
N ILE NA 20 -66.35 -18.13 73.02
CA ILE NA 20 -65.17 -18.65 72.36
C ILE NA 20 -65.29 -18.40 70.87
N GLY NA 21 -64.29 -17.71 70.31
CA GLY NA 21 -64.27 -17.43 68.89
C GLY NA 21 -64.05 -15.96 68.59
N SER NA 33 -60.98 -16.01 72.97
CA SER NA 33 -61.86 -16.19 74.11
C SER NA 33 -62.14 -14.88 74.83
N GLU NA 34 -63.38 -14.70 75.27
CA GLU NA 34 -63.78 -13.51 76.02
C GLU NA 34 -64.60 -13.94 77.22
N CYS NA 35 -64.55 -13.14 78.29
CA CYS NA 35 -65.32 -13.42 79.48
C CYS NA 35 -66.25 -12.26 79.78
N LEU NA 36 -67.47 -12.56 80.22
CA LEU NA 36 -68.46 -11.55 80.53
C LEU NA 36 -68.95 -11.73 81.95
N ASP NA 37 -69.25 -10.61 82.61
CA ASP NA 37 -69.85 -10.62 83.93
C ASP NA 37 -71.36 -10.47 83.81
N LYS NA 38 -72.04 -10.52 84.95
CA LYS NA 38 -73.49 -10.49 84.97
C LYS NA 38 -74.01 -9.12 84.59
N GLY NA 39 -74.91 -9.09 83.61
CA GLY NA 39 -75.54 -7.86 83.18
C GLY NA 39 -74.93 -7.26 81.94
N GLU NA 40 -73.74 -7.70 81.53
CA GLU NA 40 -73.15 -7.18 80.32
C GLU NA 40 -73.82 -7.80 79.11
N VAL NA 41 -73.66 -7.14 77.97
CA VAL NA 41 -74.22 -7.56 76.70
C VAL NA 41 -73.15 -7.42 75.64
N LEU NA 42 -72.87 -8.52 74.93
CA LEU NA 42 -71.90 -8.51 73.86
C LEU NA 42 -72.62 -8.70 72.55
N ILE NA 43 -72.41 -7.77 71.62
CA ILE NA 43 -72.94 -7.88 70.27
C ILE NA 43 -71.79 -8.27 69.37
N ALA NA 44 -71.87 -9.45 68.78
CA ALA NA 44 -70.74 -10.02 68.07
C ALA NA 44 -71.11 -10.26 66.62
N GLN NA 45 -70.28 -9.75 65.72
CA GLN NA 45 -70.43 -9.99 64.29
C GLN NA 45 -69.51 -11.12 63.86
N PHE NA 46 -69.89 -11.78 62.78
CA PHE NA 46 -69.07 -12.85 62.24
C PHE NA 46 -68.06 -12.32 61.23
N THR NA 47 -66.79 -12.52 61.55
CA THR NA 47 -65.72 -12.15 60.63
C THR NA 47 -65.44 -13.34 59.73
N GLU NA 48 -64.36 -13.24 58.97
CA GLU NA 48 -63.85 -14.42 58.26
C GLU NA 48 -63.26 -15.41 59.24
N HIS NA 49 -62.51 -14.92 60.22
CA HIS NA 49 -61.89 -15.75 61.24
C HIS NA 49 -62.92 -16.42 62.16
N THR NA 50 -63.76 -15.63 62.81
CA THR NA 50 -64.77 -16.14 63.72
C THR NA 50 -65.87 -16.76 62.88
N SER NA 51 -65.78 -18.06 62.67
CA SER NA 51 -66.79 -18.81 61.94
C SER NA 51 -67.65 -19.67 62.85
N ALA NA 52 -67.35 -19.71 64.14
CA ALA NA 52 -68.12 -20.49 65.09
C ALA NA 52 -67.98 -19.84 66.45
N ILE NA 53 -69.08 -19.78 67.19
CA ILE NA 53 -69.12 -19.14 68.49
C ILE NA 53 -69.74 -20.11 69.48
N LYS NA 54 -69.01 -20.41 70.55
CA LYS NA 54 -69.47 -21.31 71.59
C LYS NA 54 -69.71 -20.50 72.85
N VAL NA 55 -70.83 -20.75 73.52
CA VAL NA 55 -71.24 -19.99 74.69
C VAL NA 55 -71.41 -20.95 75.85
N ARG NA 56 -70.71 -20.68 76.96
CA ARG NA 56 -70.83 -21.47 78.17
C ARG NA 56 -71.58 -20.67 79.22
N GLY NA 57 -72.05 -21.36 80.24
CA GLY NA 57 -72.70 -20.71 81.36
C GLY NA 57 -74.09 -20.21 81.01
N LYS NA 58 -74.71 -19.56 81.98
CA LYS NA 58 -76.07 -19.07 81.81
C LYS NA 58 -76.06 -17.75 81.06
N ALA NA 59 -76.62 -17.74 79.87
CA ALA NA 59 -76.66 -16.54 79.05
C ALA NA 59 -77.92 -16.57 78.19
N TYR NA 60 -78.30 -15.40 77.70
CA TYR NA 60 -79.50 -15.22 76.91
C TYR NA 60 -79.12 -14.68 75.55
N ILE NA 61 -79.34 -15.46 74.51
CA ILE NA 61 -78.83 -15.17 73.17
C ILE NA 61 -79.98 -14.81 72.26
N GLN NA 62 -79.83 -13.73 71.51
CA GLN NA 62 -80.74 -13.36 70.44
C GLN NA 62 -79.98 -13.44 69.13
N THR NA 63 -80.50 -14.23 68.19
CA THR NA 63 -79.98 -14.32 66.85
C THR NA 63 -81.07 -13.90 65.88
N SER NA 64 -80.79 -14.07 64.59
CA SER NA 64 -81.81 -13.82 63.59
C SER NA 64 -82.91 -14.87 63.64
N HIS NA 65 -82.57 -16.10 64.03
CA HIS NA 65 -83.54 -17.19 64.11
C HIS NA 65 -84.41 -17.12 65.35
N GLY NA 66 -84.13 -16.22 66.28
CA GLY NA 66 -84.90 -16.10 67.49
C GLY NA 66 -84.01 -16.04 68.70
N VAL NA 67 -84.58 -16.39 69.85
CA VAL NA 67 -83.86 -16.31 71.11
C VAL NA 67 -83.64 -17.72 71.64
N ILE NA 68 -82.68 -17.84 72.55
CA ILE NA 68 -82.32 -19.11 73.15
C ILE NA 68 -81.62 -18.80 74.47
N GLU NA 69 -81.55 -19.79 75.35
CA GLU NA 69 -81.00 -19.60 76.69
C GLU NA 69 -79.96 -20.67 77.00
N SER NA 70 -78.70 -20.30 76.90
CA SER NA 70 -77.63 -21.24 77.22
C SER NA 70 -77.48 -21.35 78.72
N GLU NA 71 -77.10 -22.54 79.18
CA GLU NA 71 -76.89 -22.75 80.61
C GLU NA 71 -75.51 -23.34 80.90
N ASP OA 6 -77.15 -3.50 60.42
CA ASP OA 6 -75.80 -2.95 60.26
C ASP OA 6 -75.39 -2.05 61.40
N PHE OA 7 -76.35 -1.63 62.22
CA PHE OA 7 -76.06 -0.66 63.26
C PHE OA 7 -76.96 -0.91 64.47
N VAL OA 8 -76.46 -0.47 65.63
CA VAL OA 8 -77.15 -0.64 66.89
C VAL OA 8 -77.39 0.71 67.52
N VAL OA 9 -78.37 0.77 68.42
CA VAL OA 9 -78.76 2.00 69.09
C VAL OA 9 -78.70 1.76 70.58
N ILE OA 10 -77.84 2.50 71.28
CA ILE OA 10 -77.63 2.32 72.70
C ILE OA 10 -78.05 3.59 73.42
N LYS OA 11 -79.09 3.50 74.24
CA LYS OA 11 -79.52 4.61 75.08
C LYS OA 11 -78.97 4.37 76.48
N ALA OA 12 -78.11 5.26 76.94
CA ALA OA 12 -77.50 5.06 78.25
C ALA OA 12 -78.46 5.52 79.34
N LEU OA 13 -79.03 4.56 80.06
CA LEU OA 13 -79.99 4.85 81.11
C LEU OA 13 -79.35 5.28 82.42
N GLU OA 14 -78.03 5.14 82.54
CA GLU OA 14 -77.32 5.58 83.74
C GLU OA 14 -75.98 6.13 83.31
N ASP OA 15 -75.33 6.82 84.24
CA ASP OA 15 -74.08 7.47 83.91
C ASP OA 15 -72.94 6.46 83.78
N GLY OA 16 -71.91 6.86 83.06
CA GLY OA 16 -70.70 6.07 82.94
C GLY OA 16 -70.86 4.77 82.20
N VAL OA 17 -71.76 4.69 81.23
CA VAL OA 17 -71.92 3.45 80.48
C VAL OA 17 -70.79 3.33 79.46
N ASN OA 18 -70.06 2.23 79.52
CA ASN OA 18 -68.91 2.00 78.67
C ASN OA 18 -69.34 1.23 77.43
N VAL OA 19 -68.77 1.58 76.29
CA VAL OA 19 -68.99 0.87 75.04
C VAL OA 19 -67.61 0.57 74.46
N ILE OA 20 -67.30 -0.70 74.28
CA ILE OA 20 -65.97 -1.14 73.92
C ILE OA 20 -65.98 -1.64 72.49
N GLY OA 21 -65.13 -1.05 71.65
CA GLY OA 21 -65.03 -1.46 70.27
C GLY OA 21 -65.15 -0.31 69.30
N SER OA 33 -62.65 2.51 73.11
CA SER OA 33 -63.58 2.64 74.23
C SER OA 33 -64.24 4.01 74.23
N GLU OA 34 -65.54 4.04 74.56
CA GLU OA 34 -66.30 5.27 74.67
C GLU OA 34 -67.11 5.26 75.95
N CYS OA 35 -67.38 6.43 76.50
CA CYS OA 35 -68.18 6.55 77.71
C CYS OA 35 -69.39 7.41 77.43
N LEU OA 36 -70.53 7.04 77.99
CA LEU OA 36 -71.78 7.77 77.81
C LEU OA 36 -72.35 8.14 79.16
N ASP OA 37 -72.99 9.31 79.22
CA ASP OA 37 -73.71 9.75 80.39
C ASP OA 37 -75.19 9.42 80.25
N LYS OA 38 -75.95 9.73 81.29
CA LYS OA 38 -77.36 9.37 81.32
C LYS OA 38 -78.16 10.22 80.34
N GLY OA 39 -78.93 9.55 79.50
CA GLY OA 39 -79.78 10.22 78.55
C GLY OA 39 -79.20 10.32 77.15
N GLU OA 40 -77.92 10.07 76.98
CA GLU OA 40 -77.34 10.10 75.66
C GLU OA 40 -77.69 8.84 74.89
N VAL OA 41 -77.58 8.92 73.57
CA VAL OA 41 -77.89 7.82 72.67
C VAL OA 41 -76.77 7.74 71.65
N LEU OA 42 -76.16 6.57 71.55
CA LEU OA 42 -75.10 6.33 70.57
C LEU OA 42 -75.62 5.37 69.52
N ILE OA 43 -75.54 5.77 68.26
CA ILE OA 43 -75.88 4.92 67.14
C ILE OA 43 -74.58 4.48 66.50
N ALA OA 44 -74.30 3.19 66.55
CA ALA OA 44 -72.99 2.68 66.16
C ALA OA 44 -73.13 1.71 65.02
N GLN OA 45 -72.36 1.95 63.95
CA GLN OA 45 -72.30 1.05 62.83
C GLN OA 45 -71.09 0.13 62.96
N PHE OA 46 -71.17 -1.03 62.33
CA PHE OA 46 -70.06 -1.97 62.35
C PHE OA 46 -69.11 -1.70 61.20
N THR OA 47 -67.87 -1.39 61.53
CA THR OA 47 -66.83 -1.22 60.52
C THR OA 47 -66.17 -2.56 60.28
N GLU OA 48 -65.06 -2.54 59.56
CA GLU OA 48 -64.22 -3.72 59.47
C GLU OA 48 -63.51 -3.96 60.80
N HIS OA 49 -63.02 -2.88 61.41
CA HIS OA 49 -62.32 -2.95 62.69
C HIS OA 49 -63.24 -3.36 63.83
N THR OA 50 -64.32 -2.62 64.05
CA THR OA 50 -65.27 -2.91 65.12
C THR OA 50 -66.09 -4.11 64.70
N SER OA 51 -65.65 -5.29 65.13
CA SER OA 51 -66.37 -6.53 64.86
C SER OA 51 -67.08 -7.06 66.09
N ALA OA 52 -66.91 -6.41 67.24
CA ALA OA 52 -67.57 -6.83 68.46
C ALA OA 52 -67.74 -5.62 69.35
N ILE OA 53 -68.91 -5.53 69.99
CA ILE OA 53 -69.24 -4.39 70.84
C ILE OA 53 -69.70 -4.92 72.19
N LYS OA 54 -69.04 -4.49 73.25
CA LYS OA 54 -69.38 -4.88 74.60
C LYS OA 54 -69.94 -3.68 75.34
N VAL OA 55 -71.03 -3.89 76.07
CA VAL OA 55 -71.74 -2.81 76.74
C VAL OA 55 -71.79 -3.12 78.23
N ARG OA 56 -71.31 -2.20 79.05
CA ARG OA 56 -71.36 -2.34 80.49
C ARG OA 56 -72.38 -1.38 81.05
N GLY OA 57 -72.79 -1.61 82.29
CA GLY OA 57 -73.70 -0.72 82.98
C GLY OA 57 -75.12 -0.84 82.47
N LYS OA 58 -75.98 -0.01 83.02
CA LYS OA 58 -77.40 -0.04 82.68
C LYS OA 58 -77.62 0.75 81.40
N ALA OA 59 -78.04 0.05 80.35
CA ALA OA 59 -78.29 0.68 79.05
C ALA OA 59 -79.39 -0.08 78.35
N TYR OA 60 -79.98 0.57 77.37
CA TYR OA 60 -81.11 0.03 76.61
C TYR OA 60 -80.73 -0.03 75.14
N ILE OA 61 -80.63 -1.25 74.61
CA ILE OA 61 -80.08 -1.46 73.28
C ILE OA 61 -81.18 -1.90 72.34
N GLN OA 62 -81.22 -1.29 71.16
CA GLN OA 62 -82.06 -1.72 70.06
C GLN OA 62 -81.17 -2.20 68.93
N THR OA 63 -81.38 -3.43 68.51
CA THR OA 63 -80.71 -3.99 67.35
C THR OA 63 -81.75 -4.37 66.32
N SER OA 64 -81.30 -5.04 65.26
CA SER OA 64 -82.24 -5.57 64.28
C SER OA 64 -83.05 -6.73 64.85
N HIS OA 65 -82.46 -7.49 65.77
CA HIS OA 65 -83.13 -8.63 66.37
C HIS OA 65 -84.12 -8.24 67.45
N GLY OA 66 -84.16 -6.96 67.84
CA GLY OA 66 -85.08 -6.52 68.86
C GLY OA 66 -84.37 -5.67 69.88
N VAL OA 67 -84.95 -5.58 71.07
CA VAL OA 67 -84.42 -4.74 72.13
C VAL OA 67 -83.91 -5.63 73.26
N ILE OA 68 -83.06 -5.04 74.09
CA ILE OA 68 -82.47 -5.75 75.22
C ILE OA 68 -82.01 -4.69 76.22
N GLU OA 69 -81.79 -5.10 77.47
CA GLU OA 69 -81.45 -4.17 78.53
C GLU OA 69 -80.24 -4.66 79.29
N SER OA 70 -79.08 -4.05 79.00
CA SER OA 70 -77.87 -4.41 79.70
C SER OA 70 -77.85 -3.76 81.07
N GLU OA 71 -77.24 -4.46 82.03
CA GLU OA 71 -77.14 -3.92 83.39
C GLU OA 71 -75.70 -3.91 83.89
N ASP PA 6 -79.92 2.76 56.45
CA ASP PA 6 -78.76 3.52 56.02
C ASP PA 6 -78.72 4.93 56.58
N PHE PA 7 -79.85 5.40 57.11
CA PHE PA 7 -79.93 6.78 57.56
C PHE PA 7 -80.86 6.88 58.77
N VAL PA 8 -80.64 7.92 59.55
CA VAL PA 8 -81.39 8.16 60.78
C VAL PA 8 -82.04 9.53 60.69
N VAL PA 9 -83.11 9.71 61.47
CA VAL PA 9 -83.87 10.95 61.48
C VAL PA 9 -83.92 11.47 62.90
N ILE PA 10 -83.37 12.66 63.14
CA ILE PA 10 -83.28 13.22 64.47
C ILE PA 10 -84.09 14.50 64.52
N LYS PA 11 -85.16 14.52 65.30
CA LYS PA 11 -85.95 15.72 65.52
C LYS PA 11 -85.52 16.33 66.84
N ALA PA 12 -84.97 17.53 66.80
CA ALA PA 12 -84.50 18.13 68.04
C ALA PA 12 -85.65 18.76 68.80
N LEU PA 13 -86.03 18.13 69.91
CA LEU PA 13 -87.15 18.59 70.72
C LEU PA 13 -86.79 19.74 71.64
N GLU PA 14 -85.50 20.05 71.79
CA GLU PA 14 -85.08 21.17 72.60
C GLU PA 14 -83.88 21.81 71.93
N ASP PA 15 -83.54 23.01 72.41
CA ASP PA 15 -82.47 23.76 71.77
C ASP PA 15 -81.11 23.17 72.11
N GLY PA 16 -80.13 23.45 71.26
CA GLY PA 16 -78.76 23.08 71.51
C GLY PA 16 -78.48 21.58 71.48
N VAL PA 17 -79.22 20.82 70.68
CA VAL PA 17 -78.97 19.39 70.62
C VAL PA 17 -77.74 19.13 69.76
N ASN PA 18 -76.76 18.44 70.33
CA ASN PA 18 -75.50 18.18 69.63
C ASN PA 18 -75.58 16.84 68.94
N VAL PA 19 -74.99 16.76 67.76
CA VAL PA 19 -74.88 15.52 67.00
C VAL PA 19 -73.41 15.38 66.60
N ILE PA 20 -72.77 14.31 67.05
CA ILE PA 20 -71.33 14.16 66.90
C ILE PA 20 -71.05 13.06 65.88
N GLY PA 21 -70.30 13.41 64.84
CA GLY PA 21 -69.94 12.45 63.82
C GLY PA 21 -70.24 12.94 62.42
N SER PA 33 -69.00 17.78 64.37
CA SER PA 33 -70.05 18.15 65.31
C SER PA 33 -71.05 19.11 64.67
N GLU PA 34 -72.32 18.92 64.98
CA GLU PA 34 -73.39 19.80 64.51
C GLU PA 34 -74.31 20.16 65.66
N CYS PA 35 -74.93 21.32 65.59
CA CYS PA 35 -75.87 21.75 66.62
C CYS PA 35 -77.23 22.01 65.99
N LEU PA 36 -78.28 21.64 66.69
CA LEU PA 36 -79.65 21.81 66.21
C LEU PA 36 -80.45 22.59 67.23
N ASP PA 37 -81.37 23.42 66.74
CA ASP PA 37 -82.30 24.14 67.58
C ASP PA 37 -83.62 23.38 67.64
N LYS PA 38 -84.55 23.91 68.44
CA LYS PA 38 -85.81 23.22 68.67
C LYS PA 38 -86.68 23.26 67.43
N GLY PA 39 -87.16 22.09 67.02
CA GLY PA 39 -88.04 21.95 65.89
C GLY PA 39 -87.36 21.56 64.60
N GLU PA 40 -86.04 21.64 64.55
CA GLU PA 40 -85.34 21.21 63.34
C GLU PA 40 -85.28 19.70 63.29
N VAL PA 41 -85.03 19.19 62.09
CA VAL PA 41 -84.94 17.76 61.84
C VAL PA 41 -83.73 17.53 60.94
N LEU PA 42 -82.83 16.67 61.39
CA LEU PA 42 -81.65 16.31 60.63
C LEU PA 42 -81.78 14.87 60.17
N ILE PA 43 -81.66 14.64 58.87
CA ILE PA 43 -81.65 13.31 58.30
C ILE PA 43 -80.21 13.02 57.92
N ALA PA 44 -79.60 12.03 58.57
CA ALA PA 44 -78.18 11.79 58.44
C ALA PA 44 -77.93 10.40 57.90
N GLN PA 45 -77.14 10.32 56.84
CA GLN PA 45 -76.72 9.06 56.28
C GLN PA 45 -75.33 8.70 56.80
N PHE PA 46 -75.04 7.40 56.80
CA PHE PA 46 -73.74 6.94 57.24
C PHE PA 46 -72.76 6.89 56.07
N THR PA 47 -71.69 7.66 56.18
CA THR PA 47 -70.63 7.63 55.19
C THR PA 47 -69.62 6.57 55.61
N GLU PA 48 -68.48 6.56 54.93
CA GLU PA 48 -67.36 5.77 55.40
C GLU PA 48 -66.76 6.39 56.66
N HIS PA 49 -66.64 7.72 56.67
CA HIS PA 49 -66.10 8.44 57.81
C HIS PA 49 -67.00 8.37 59.03
N THR PA 50 -68.25 8.79 58.90
CA THR PA 50 -69.21 8.79 59.99
C THR PA 50 -69.64 7.35 60.23
N SER PA 51 -68.96 6.68 61.16
CA SER PA 51 -69.30 5.32 61.52
C SER PA 51 -69.99 5.24 62.88
N ALA PA 52 -70.12 6.36 63.57
CA ALA PA 52 -70.78 6.39 64.87
C ALA PA 52 -71.36 7.78 65.07
N ILE PA 53 -72.57 7.83 65.63
CA ILE PA 53 -73.28 9.08 65.84
C ILE PA 53 -73.74 9.13 67.28
N LYS PA 54 -73.33 10.17 67.99
CA LYS PA 54 -73.72 10.37 69.37
C LYS PA 54 -74.65 11.57 69.46
N VAL PA 55 -75.72 11.43 70.22
CA VAL PA 55 -76.75 12.45 70.32
C VAL PA 55 -76.89 12.85 71.78
N ARG PA 56 -76.76 14.15 72.05
CA ARG PA 56 -76.93 14.69 73.39
C ARG PA 56 -78.23 15.47 73.44
N GLY PA 57 -78.70 15.74 74.65
CA GLY PA 57 -79.88 16.55 74.86
C GLY PA 57 -81.16 15.81 74.50
N LYS PA 58 -82.26 16.53 74.60
CA LYS PA 58 -83.57 15.94 74.35
C LYS PA 58 -83.85 15.94 72.86
N ALA PA 59 -83.95 14.75 72.28
CA ALA PA 59 -84.20 14.60 70.86
C ALA PA 59 -84.99 13.33 70.62
N TYR PA 60 -85.61 13.25 69.46
CA TYR PA 60 -86.46 12.14 69.09
C TYR PA 60 -85.92 11.51 67.83
N ILE PA 61 -85.46 10.27 67.92
CA ILE PA 61 -84.71 9.63 66.86
C ILE PA 61 -85.55 8.51 66.26
N GLN PA 62 -85.61 8.46 64.94
CA GLN PA 62 -86.18 7.36 64.20
C GLN PA 62 -85.07 6.69 63.41
N THR PA 63 -84.91 5.40 63.63
CA THR PA 63 -83.99 4.57 62.86
C THR PA 63 -84.78 3.48 62.16
N SER PA 64 -84.05 2.54 61.54
CA SER PA 64 -84.71 1.39 60.96
C SER PA 64 -85.25 0.45 62.03
N HIS PA 65 -84.59 0.42 63.19
CA HIS PA 65 -85.00 -0.46 64.28
C HIS PA 65 -86.18 0.10 65.06
N GLY PA 66 -86.60 1.33 64.80
CA GLY PA 66 -87.71 1.92 65.51
C GLY PA 66 -87.36 3.31 65.97
N VAL PA 67 -88.07 3.78 67.00
CA VAL PA 67 -87.89 5.12 67.52
C VAL PA 67 -87.32 5.04 68.91
N ILE PA 68 -86.74 6.15 69.35
CA ILE PA 68 -86.11 6.26 70.65
C ILE PA 68 -86.07 7.74 71.02
N GLU PA 69 -85.89 8.03 72.30
CA GLU PA 69 -85.93 9.40 72.79
C GLU PA 69 -84.71 9.69 73.65
N SER PA 70 -83.74 10.38 73.08
CA SER PA 70 -82.55 10.75 73.84
C SER PA 70 -82.86 11.94 74.74
N GLU PA 71 -82.21 11.97 75.89
CA GLU PA 71 -82.40 13.08 76.82
C GLU PA 71 -81.08 13.72 77.23
N ASP QA 6 -83.75 5.45 49.83
CA ASP QA 6 -82.76 6.21 49.08
C ASP QA 6 -83.14 7.67 48.91
N PHE QA 7 -84.40 8.01 49.19
CA PHE QA 7 -84.87 9.36 48.94
C PHE QA 7 -85.92 9.74 49.97
N VAL QA 8 -86.05 11.04 50.17
CA VAL QA 8 -86.99 11.60 51.15
C VAL QA 8 -87.94 12.54 50.44
N VAL QA 9 -89.09 12.77 51.06
CA VAL QA 9 -90.13 13.63 50.50
C VAL QA 9 -90.46 14.69 51.52
N ILE QA 10 -90.25 15.95 51.17
CA ILE QA 10 -90.46 17.07 52.08
C ILE QA 10 -91.55 17.96 51.53
N LYS QA 11 -92.68 18.03 52.23
CA LYS QA 11 -93.75 18.95 51.87
C LYS QA 11 -93.65 20.17 52.75
N ALA QA 12 -93.40 21.33 52.15
CA ALA QA 12 -93.23 22.53 52.95
C ALA QA 12 -94.59 23.10 53.35
N LEU QA 13 -94.94 22.95 54.62
CA LEU QA 13 -96.21 23.41 55.14
C LEU QA 13 -96.25 24.90 55.41
N GLU QA 14 -95.11 25.58 55.39
CA GLU QA 14 -95.07 27.02 55.58
C GLU QA 14 -93.99 27.58 54.67
N ASP QA 15 -94.00 28.91 54.52
CA ASP QA 15 -93.08 29.55 53.60
C ASP QA 15 -91.67 29.57 54.16
N GLY QA 16 -90.70 29.68 53.26
CA GLY QA 16 -89.32 29.83 53.64
C GLY QA 16 -88.69 28.64 54.31
N VAL QA 17 -89.12 27.43 53.97
CA VAL QA 17 -88.52 26.25 54.58
C VAL QA 17 -87.18 25.98 53.92
N ASN QA 18 -86.13 25.90 54.73
CA ASN QA 18 -84.78 25.71 54.23
C ASN QA 18 -84.44 24.24 54.24
N VAL QA 19 -83.72 23.79 53.22
CA VAL QA 19 -83.22 22.42 53.14
C VAL QA 19 -81.73 22.53 52.83
N ILE QA 20 -80.91 21.99 53.71
CA ILE QA 20 -79.46 22.18 53.64
C ILE QA 20 -78.81 20.87 53.24
N GLY QA 21 -78.04 20.89 52.16
CA GLY QA 21 -77.35 19.71 51.70
C GLY QA 21 -77.60 19.42 50.24
N SER QA 33 -77.81 24.74 49.68
CA SER QA 33 -79.02 25.20 50.34
C SER QA 33 -80.14 25.46 49.35
N GLU QA 34 -81.36 25.10 49.73
CA GLU QA 34 -82.54 25.33 48.91
C GLU QA 34 -83.65 25.91 49.79
N CYS QA 35 -84.52 26.71 49.18
CA CYS QA 35 -85.65 27.28 49.90
C CYS QA 35 -86.95 26.85 49.24
N LEU QA 36 -87.96 26.56 50.04
CA LEU QA 36 -89.25 26.13 49.56
C LEU QA 36 -90.34 27.05 50.11
N ASP QA 37 -91.36 27.27 49.30
CA ASP QA 37 -92.54 28.01 49.72
C ASP QA 37 -93.63 27.04 50.15
N LYS QA 38 -94.74 27.60 50.61
CA LYS QA 38 -95.82 26.79 51.15
C LYS QA 38 -96.53 26.02 50.06
N GLY QA 39 -96.64 24.71 50.24
CA GLY QA 39 -97.33 23.85 49.31
C GLY QA 39 -96.44 23.11 48.35
N GLU QA 40 -95.17 23.51 48.24
CA GLU QA 40 -94.26 22.79 47.38
C GLU QA 40 -93.82 21.49 48.03
N VAL QA 41 -93.33 20.58 47.21
CA VAL QA 41 -92.86 19.27 47.65
C VAL QA 41 -91.54 19.01 46.95
N LEU QA 42 -90.51 18.71 47.74
CA LEU QA 42 -89.20 18.38 47.22
C LEU QA 42 -88.91 16.93 47.49
N ILE QA 43 -88.60 16.18 46.44
CA ILE QA 43 -88.19 14.79 46.56
C ILE QA 43 -86.70 14.76 46.35
N ALA QA 44 -85.95 14.37 47.38
CA ALA QA 44 -84.51 14.49 47.35
C ALA QA 44 -83.86 13.13 47.51
N GLN QA 45 -82.96 12.80 46.60
CA GLN QA 45 -82.18 11.59 46.69
C GLN QA 45 -80.81 11.89 47.32
N PHE QA 46 -80.22 10.86 47.91
CA PHE QA 46 -78.90 11.02 48.50
C PHE QA 46 -77.82 10.71 47.49
N THR QA 47 -76.99 11.71 47.21
CA THR QA 47 -75.84 11.52 46.33
C THR QA 47 -74.66 11.08 47.18
N GLU QA 48 -73.48 11.07 46.57
CA GLU QA 48 -72.27 10.91 47.34
C GLU QA 48 -71.98 12.17 48.16
N HIS QA 49 -72.19 13.33 47.54
CA HIS QA 49 -71.98 14.62 48.21
C HIS QA 49 -72.97 14.86 49.34
N THR QA 50 -74.27 14.83 49.03
CA THR QA 50 -75.31 15.06 50.01
C THR QA 50 -75.40 13.83 50.90
N SER QA 51 -74.69 13.86 52.02
CA SER QA 51 -74.73 12.77 52.99
C SER QA 51 -75.52 13.14 54.24
N ALA QA 52 -76.01 14.37 54.32
CA ALA QA 52 -76.80 14.80 55.47
C ALA QA 52 -77.72 15.92 55.01
N ILE QA 53 -78.96 15.88 55.49
CA ILE QA 53 -79.98 16.85 55.09
C ILE QA 53 -80.60 17.43 56.35
N LYS QA 54 -80.54 18.74 56.49
CA LYS QA 54 -81.11 19.44 57.63
C LYS QA 54 -82.32 20.24 57.15
N VAL QA 55 -83.41 20.18 57.91
CA VAL QA 55 -84.66 20.82 57.53
C VAL QA 55 -85.06 21.78 58.62
N ARG QA 56 -85.28 23.03 58.26
CA ARG QA 56 -85.73 24.06 59.20
C ARG QA 56 -87.18 24.39 58.90
N GLY QA 57 -87.83 25.05 59.85
CA GLY QA 57 -89.19 25.51 59.66
C GLY QA 57 -90.20 24.38 59.70
N LYS QA 58 -91.45 24.74 59.48
CA LYS QA 58 -92.54 23.77 59.55
C LYS QA 58 -92.64 23.02 58.24
N ALA QA 59 -92.38 21.72 58.28
CA ALA QA 59 -92.42 20.89 57.09
C ALA QA 59 -92.83 19.49 57.49
N TYR QA 60 -93.29 18.72 56.50
CA TYR QA 60 -93.79 17.38 56.71
C TYR QA 60 -92.97 16.42 55.88
N ILE QA 61 -92.23 15.53 56.54
CA ILE QA 61 -91.23 14.70 55.88
C ILE QA 61 -91.71 13.26 55.89
N GLN QA 62 -91.60 12.61 54.74
CA GLN QA 62 -91.79 11.17 54.61
C GLN QA 62 -90.47 10.54 54.21
N THR QA 63 -90.02 9.58 55.01
CA THR QA 63 -88.85 8.79 54.70
C THR QA 63 -89.26 7.33 54.61
N SER QA 64 -88.27 6.46 54.49
CA SER QA 64 -88.54 5.03 54.52
C SER QA 64 -88.95 4.59 55.91
N HIS QA 65 -88.46 5.24 56.94
CA HIS QA 65 -88.77 4.89 58.32
C HIS QA 65 -90.12 5.40 58.78
N GLY QA 66 -90.79 6.21 57.97
CA GLY QA 66 -92.08 6.73 58.33
C GLY QA 66 -92.14 8.22 58.09
N VAL QA 67 -93.06 8.89 58.78
CA VAL QA 67 -93.28 10.31 58.61
C VAL QA 67 -92.85 11.03 59.89
N ILE QA 68 -92.62 12.34 59.73
CA ILE QA 68 -92.20 13.19 60.84
C ILE QA 68 -92.56 14.62 60.46
N GLU QA 69 -92.61 15.49 61.46
CA GLU QA 69 -93.03 16.87 61.25
C GLU QA 69 -92.03 17.84 61.86
N SER QA 70 -91.21 18.43 61.02
CA SER QA 70 -90.24 19.40 61.50
C SER QA 70 -90.93 20.73 61.76
N GLU QA 71 -90.44 21.46 62.74
CA GLU QA 71 -90.99 22.78 63.06
C GLU QA 71 -89.93 23.86 63.09
N ASP RA 6 -87.49 3.75 43.18
CA ASP RA 6 -86.66 4.30 42.11
C ASP RA 6 -87.38 5.32 41.26
N PHE RA 7 -88.69 5.40 41.38
CA PHE RA 7 -89.47 6.28 40.53
C PHE RA 7 -90.68 6.81 41.28
N VAL RA 8 -91.16 7.96 40.83
CA VAL RA 8 -92.29 8.64 41.44
C VAL RA 8 -93.38 8.82 40.40
N VAL RA 9 -94.61 9.00 40.87
CA VAL RA 9 -95.77 9.17 40.01
C VAL RA 9 -96.47 10.46 40.39
N ILE RA 10 -96.55 11.39 39.45
CA ILE RA 10 -97.12 12.71 39.71
C ILE RA 10 -98.34 12.89 38.84
N LYS RA 11 -99.51 12.99 39.45
CA LYS RA 11 -100.74 13.27 38.74
C LYS RA 11 -101.04 14.76 38.91
N ALA RA 12 -101.04 15.49 37.81
CA ALA RA 12 -101.26 16.93 37.91
C ALA RA 12 -102.74 17.23 38.03
N LEU RA 13 -103.16 17.63 39.22
CA LEU RA 13 -104.56 17.92 39.49
C LEU RA 13 -105.01 19.28 39.00
N GLU RA 14 -104.08 20.14 38.60
CA GLU RA 14 -104.43 21.45 38.06
C GLU RA 14 -103.45 21.77 36.94
N ASP RA 15 -103.78 22.79 36.16
CA ASP RA 15 -102.97 23.13 35.00
C ASP RA 15 -101.67 23.79 35.43
N GLY RA 16 -100.68 23.71 34.55
CA GLY RA 16 -99.43 24.40 34.74
C GLY RA 16 -98.58 23.90 35.88
N VAL RA 17 -98.65 22.61 36.21
CA VAL RA 17 -97.83 22.09 37.28
C VAL RA 17 -96.40 21.90 36.80
N ASN RA 18 -95.46 22.51 37.49
CA ASN RA 18 -94.07 22.48 37.09
C ASN RA 18 -93.36 21.34 37.82
N VAL RA 19 -92.46 20.67 37.11
CA VAL RA 19 -91.62 19.63 37.68
C VAL RA 19 -90.19 19.96 37.31
N ILE RA 20 -89.33 20.17 38.30
CA ILE RA 20 -87.99 20.69 38.08
C ILE RA 20 -87.00 19.57 38.36
N GLY RA 21 -86.16 19.27 37.37
CA GLY RA 21 -85.14 18.25 37.52
C GLY RA 21 -85.17 17.23 36.40
N SER RA 33 -86.66 21.34 33.31
CA SER RA 33 -88.02 21.72 33.72
C SER RA 33 -89.06 21.15 32.77
N GLU RA 34 -90.18 20.71 33.33
CA GLU RA 34 -91.30 20.19 32.55
C GLU RA 34 -92.59 20.80 33.07
N CYS RA 35 -93.58 20.93 32.19
CA CYS RA 35 -94.88 21.45 32.59
C CYS RA 35 -95.96 20.43 32.28
N LEU RA 36 -96.93 20.31 33.17
CA LEU RA 36 -98.02 19.36 33.01
C LEU RA 36 -99.35 20.09 33.08
N ASP RA 37 -100.32 19.61 32.31
CA ASP RA 37 -101.68 20.11 32.36
C ASP RA 37 -102.52 19.22 33.25
N LYS RA 38 -103.78 19.62 33.44
CA LYS RA 38 -104.67 18.91 34.35
C LYS RA 38 -105.04 17.55 33.80
N GLY RA 39 -104.84 16.51 34.62
CA GLY RA 39 -105.19 15.16 34.26
C GLY RA 39 -104.05 14.33 33.75
N GLU RA 40 -102.93 14.95 33.41
CA GLU RA 40 -101.78 14.18 32.97
C GLU RA 40 -101.09 13.53 34.15
N VAL RA 41 -100.30 12.51 33.87
CA VAL RA 41 -99.56 11.76 34.88
C VAL RA 41 -98.16 11.55 34.35
N LEU RA 42 -97.16 11.96 35.13
CA LEU RA 42 -95.77 11.79 34.78
C LEU RA 42 -95.14 10.78 35.72
N ILE RA 43 -94.56 9.73 35.16
CA ILE RA 43 -93.82 8.75 35.93
C ILE RA 43 -92.35 9.03 35.69
N ALA RA 44 -91.64 9.40 36.75
CA ALA RA 44 -90.28 9.88 36.61
C ALA RA 44 -89.32 9.00 37.40
N GLN RA 45 -88.28 8.53 36.72
CA GLN RA 45 -87.23 7.77 37.37
C GLN RA 45 -86.06 8.68 37.69
N PHE RA 46 -85.28 8.28 38.70
CA PHE RA 46 -84.11 9.05 39.07
C PHE RA 46 -82.89 8.59 38.29
N THR RA 47 -82.32 9.52 37.53
CA THR RA 47 -81.08 9.24 36.81
C THR RA 47 -79.92 9.61 37.72
N GLU RA 48 -78.72 9.63 37.14
CA GLU RA 48 -77.58 10.19 37.84
C GLU RA 48 -77.71 11.71 37.92
N HIS RA 49 -78.15 12.33 36.82
CA HIS RA 49 -78.35 13.77 36.75
C HIS RA 49 -79.47 14.26 37.66
N THR RA 50 -80.67 13.73 37.47
CA THR RA 50 -81.83 14.12 38.25
C THR RA 50 -81.69 13.49 39.64
N SER RA 51 -81.13 14.25 40.57
CA SER RA 51 -80.98 13.81 41.94
C SER RA 51 -81.95 14.50 42.88
N ALA RA 52 -82.75 15.44 42.37
CA ALA RA 52 -83.73 16.14 43.18
C ALA RA 52 -84.85 16.60 42.28
N ILE RA 53 -86.09 16.47 42.76
CA ILE RA 53 -87.26 16.81 41.99
C ILE RA 53 -88.14 17.73 42.82
N LYS RA 54 -88.43 18.91 42.29
CA LYS RA 54 -89.27 19.88 42.97
C LYS RA 54 -90.58 19.99 42.22
N VAL RA 55 -91.69 20.02 42.95
CA VAL RA 55 -93.02 20.02 42.37
C VAL RA 55 -93.76 21.26 42.85
N ARG RA 56 -94.26 22.07 41.93
CA ARG RA 56 -95.04 23.24 42.26
C ARG RA 56 -96.50 23.00 41.91
N GLY RA 57 -97.38 23.82 42.44
CA GLY RA 57 -98.78 23.74 42.10
C GLY RA 57 -99.47 22.55 42.74
N LYS RA 58 -100.74 22.40 42.42
CA LYS RA 58 -101.55 21.34 43.00
C LYS RA 58 -101.32 20.05 42.23
N ALA RA 59 -100.75 19.06 42.90
CA ALA RA 59 -100.46 17.78 42.27
C ALA RA 59 -100.55 16.70 43.33
N TYR RA 60 -100.69 15.46 42.86
CA TYR RA 60 -100.86 14.30 43.73
C TYR RA 60 -99.73 13.33 43.43
N ILE RA 61 -98.86 13.11 44.42
CA ILE RA 61 -97.62 12.37 44.21
C ILE RA 61 -97.71 11.05 44.94
N GLN RA 62 -97.34 9.97 44.26
CA GLN RA 62 -97.14 8.66 44.87
C GLN RA 62 -95.68 8.30 44.78
N THR RA 63 -95.07 8.01 45.91
CA THR RA 63 -93.71 7.52 45.99
C THR RA 63 -93.73 6.15 46.65
N SER RA 64 -92.54 5.63 46.92
CA SER RA 64 -92.44 4.38 47.66
C SER RA 64 -92.86 4.56 49.11
N HIS RA 65 -92.65 5.75 49.67
CA HIS RA 65 -92.98 6.04 51.05
C HIS RA 65 -94.46 6.32 51.25
N GLY RA 66 -95.24 6.43 50.19
CA GLY RA 66 -96.65 6.70 50.29
C GLY RA 66 -97.06 7.80 49.36
N VAL RA 67 -98.18 8.44 49.68
CA VAL RA 67 -98.74 9.49 48.84
C VAL RA 67 -98.64 10.81 49.56
N ILE RA 68 -98.74 11.89 48.78
CA ILE RA 68 -98.65 13.24 49.31
C ILE RA 68 -99.32 14.16 48.29
N GLU RA 69 -99.69 15.36 48.73
CA GLU RA 69 -100.43 16.29 47.89
C GLU RA 69 -99.77 17.66 47.91
N SER RA 70 -99.05 17.97 46.85
CA SER RA 70 -98.42 19.27 46.75
C SER RA 70 -99.44 20.32 46.34
N GLU RA 71 -99.25 21.53 46.82
CA GLU RA 71 -100.15 22.63 46.47
C GLU RA 71 -99.41 23.83 45.92
N ASP SA 6 23.64 50.30 80.28
CA ASP SA 6 24.08 49.24 79.37
C ASP SA 6 25.41 48.63 79.77
N PHE SA 7 26.14 49.31 80.66
CA PHE SA 7 27.48 48.86 81.00
C PHE SA 7 27.78 49.19 82.45
N VAL SA 8 28.70 48.43 83.02
CA VAL SA 8 29.11 48.56 84.41
C VAL SA 8 30.60 48.84 84.47
N VAL SA 9 31.04 49.42 85.58
CA VAL SA 9 32.43 49.78 85.78
C VAL SA 9 32.91 49.14 87.08
N ILE SA 10 33.89 48.26 87.00
CA ILE SA 10 34.38 47.52 88.15
C ILE SA 10 35.82 47.90 88.39
N LYS SA 11 36.10 48.54 89.52
CA LYS SA 11 37.46 48.85 89.92
C LYS SA 11 37.88 47.80 90.94
N ALA SA 12 38.90 47.02 90.61
CA ALA SA 12 39.32 45.96 91.52
C ALA SA 12 40.21 46.54 92.62
N LEU SA 13 39.68 46.62 93.83
CA LEU SA 13 40.40 47.17 94.96
C LEU SA 13 41.38 46.20 95.59
N GLU SA 14 41.33 44.93 95.22
CA GLU SA 14 42.27 43.95 95.73
C GLU SA 14 42.60 42.98 94.61
N ASP SA 15 43.63 42.19 94.82
CA ASP SA 15 44.10 41.30 93.78
C ASP SA 15 43.16 40.11 93.62
N GLY SA 16 43.20 39.49 92.44
CA GLY SA 16 42.45 38.28 92.19
C GLY SA 16 40.95 38.43 92.17
N VAL SA 17 40.43 39.58 91.77
CA VAL SA 17 38.99 39.75 91.73
C VAL SA 17 38.44 39.06 90.49
N ASN SA 18 37.49 38.16 90.70
CA ASN SA 18 36.93 37.36 89.60
C ASN SA 18 35.67 38.05 89.09
N VAL SA 19 35.48 38.01 87.78
CA VAL SA 19 34.27 38.50 87.14
C VAL SA 19 33.77 37.40 86.23
N ILE SA 20 32.55 36.93 86.48
CA ILE SA 20 32.02 35.75 85.81
C ILE SA 20 30.93 36.17 84.84
N GLY SA 21 31.09 35.82 83.58
CA GLY SA 21 30.10 36.14 82.57
C GLY SA 21 30.69 36.81 81.36
N SER SA 33 34.97 33.73 82.31
CA SER SA 33 35.57 34.21 83.55
C SER SA 33 36.78 35.08 83.27
N GLU SA 34 36.94 36.15 84.06
CA GLU SA 34 38.08 37.05 83.95
C GLU SA 34 38.63 37.33 85.33
N CYS SA 35 39.92 37.61 85.41
CA CYS SA 35 40.55 37.94 86.69
C CYS SA 35 41.18 39.31 86.59
N LEU SA 36 41.08 40.08 87.67
CA LEU SA 36 41.63 41.42 87.73
C LEU SA 36 42.57 41.55 88.91
N ASP SA 37 43.62 42.34 88.74
CA ASP SA 37 44.54 42.67 89.81
C ASP SA 37 44.16 44.00 90.43
N LYS SA 38 44.89 44.38 91.48
CA LYS SA 38 44.56 45.58 92.22
C LYS SA 38 44.87 46.83 91.40
N GLY SA 39 43.87 47.71 91.29
CA GLY SA 39 44.01 48.95 90.59
C GLY SA 39 43.49 48.95 89.17
N GLU SA 40 43.22 47.78 88.61
CA GLU SA 40 42.66 47.73 87.28
C GLU SA 40 41.18 48.08 87.31
N VAL SA 41 40.66 48.46 86.15
CA VAL SA 41 39.26 48.84 86.00
C VAL SA 41 38.74 48.17 84.74
N LEU SA 42 37.67 47.42 84.87
CA LEU SA 42 37.03 46.76 83.75
C LEU SA 42 35.69 47.41 83.49
N ILE SA 43 35.48 47.87 82.26
CA ILE SA 43 34.20 48.41 81.83
C ILE SA 43 33.55 47.36 80.96
N ALA SA 44 32.42 46.83 81.40
CA ALA SA 44 31.81 45.69 80.77
C ALA SA 44 30.42 46.02 80.28
N GLN SA 45 30.18 45.75 79.00
CA GLN SA 45 28.86 45.91 78.42
C GLN SA 45 28.13 44.58 78.41
N PHE SA 46 26.80 44.65 78.40
CA PHE SA 46 25.99 43.45 78.35
C PHE SA 46 25.72 43.05 76.91
N THR SA 47 26.18 41.85 76.55
CA THR SA 47 25.89 41.29 75.24
C THR SA 47 24.59 40.51 75.33
N GLU SA 48 24.30 39.76 74.26
CA GLU SA 48 23.22 38.79 74.33
C GLU SA 48 23.62 37.62 75.22
N HIS SA 49 24.88 37.17 75.09
CA HIS SA 49 25.39 36.07 75.89
C HIS SA 49 25.53 36.42 77.35
N THR SA 50 26.28 37.47 77.67
CA THR SA 50 26.49 37.90 79.04
C THR SA 50 25.21 38.56 79.53
N SER SA 51 24.35 37.78 80.18
CA SER SA 51 23.12 38.29 80.75
C SER SA 51 23.19 38.39 82.27
N ALA SA 52 24.29 37.96 82.88
CA ALA SA 52 24.45 38.04 84.32
C ALA SA 52 25.94 38.12 84.62
N ILE SA 53 26.29 38.96 85.58
CA ILE SA 53 27.67 39.19 85.94
C ILE SA 53 27.81 39.03 87.44
N LYS SA 54 28.69 38.13 87.87
CA LYS SA 54 28.94 37.89 89.28
C LYS SA 54 30.33 38.38 89.62
N VAL SA 55 30.46 39.07 90.74
CA VAL SA 55 31.71 39.69 91.15
C VAL SA 55 32.11 39.15 92.51
N ARG SA 56 33.30 38.60 92.61
CA ARG SA 56 33.83 38.09 93.87
C ARG SA 56 34.93 39.03 94.36
N GLY SA 57 35.28 38.90 95.63
CA GLY SA 57 36.37 39.67 96.19
C GLY SA 57 36.00 41.13 96.40
N LYS SA 58 36.99 41.89 96.86
CA LYS SA 58 36.77 43.28 97.17
C LYS SA 58 36.89 44.11 95.89
N ALA SA 59 35.80 44.73 95.50
CA ALA SA 59 35.76 45.53 94.28
C ALA SA 59 34.75 46.65 94.46
N TYR SA 60 34.88 47.67 93.64
CA TYR SA 60 34.04 48.85 93.70
C TYR SA 60 33.32 49.01 92.36
N ILE SA 61 32.01 48.88 92.38
CA ILE SA 61 31.22 48.80 91.16
C ILE SA 61 30.39 50.06 91.01
N GLN SA 62 30.41 50.63 89.82
CA GLN SA 62 29.50 51.71 89.43
C GLN SA 62 28.59 51.20 88.34
N THR SA 63 27.28 51.30 88.57
CA THR SA 63 26.28 50.99 87.59
C THR SA 63 25.46 52.24 87.32
N SER SA 64 24.38 52.08 86.55
CA SER SA 64 23.46 53.17 86.34
C SER SA 64 22.67 53.48 87.61
N HIS SA 65 22.42 52.47 88.44
CA HIS SA 65 21.66 52.64 89.66
C HIS SA 65 22.49 53.24 90.79
N GLY SA 66 23.79 53.39 90.61
CA GLY SA 66 24.63 53.95 91.64
C GLY SA 66 25.87 53.11 91.83
N VAL SA 67 26.47 53.23 93.00
CA VAL SA 67 27.70 52.53 93.31
C VAL SA 67 27.43 51.50 94.39
N ILE SA 68 28.34 50.53 94.49
CA ILE SA 68 28.24 49.45 95.46
C ILE SA 68 29.64 48.88 95.65
N GLU SA 69 29.84 48.16 96.75
CA GLU SA 69 31.15 47.66 97.11
C GLU SA 69 31.09 46.18 97.43
N SER SA 70 31.51 45.35 96.49
CA SER SA 70 31.53 43.92 96.71
C SER SA 70 32.72 43.54 97.56
N GLU SA 71 32.55 42.51 98.38
CA GLU SA 71 33.64 42.03 99.22
C GLU SA 71 33.90 40.55 99.05
N ASP TA 6 27.51 55.37 75.74
CA ASP TA 6 28.00 54.59 74.61
C ASP TA 6 29.50 54.63 74.48
N PHE TA 7 30.16 55.55 75.17
CA PHE TA 7 31.59 55.74 75.00
C PHE TA 7 32.21 56.19 76.32
N VAL TA 8 33.50 55.89 76.45
CA VAL TA 8 34.27 56.21 77.65
C VAL TA 8 35.44 57.09 77.27
N VAL TA 9 35.96 57.83 78.26
CA VAL TA 9 37.06 58.75 78.06
C VAL TA 9 38.16 58.40 79.04
N ILE TA 10 39.33 58.03 78.52
CA ILE TA 10 40.43 57.59 79.35
C ILE TA 10 41.59 58.55 79.18
N LYS TA 11 41.95 59.26 80.23
CA LYS TA 11 43.12 60.13 80.23
C LYS TA 11 44.26 59.39 80.90
N ALA TA 12 45.31 59.12 80.16
CA ALA TA 12 46.41 58.36 80.73
C ALA TA 12 47.31 59.27 81.56
N LEU TA 13 47.24 59.12 82.87
CA LEU TA 13 48.01 59.95 83.79
C LEU TA 13 49.46 59.50 83.93
N GLU TA 14 49.81 58.33 83.42
CA GLU TA 14 51.19 57.86 83.45
C GLU TA 14 51.46 57.12 82.16
N ASP TA 15 52.74 56.86 81.92
CA ASP TA 15 53.14 56.24 80.66
C ASP TA 15 52.78 54.76 80.65
N GLY TA 16 52.65 54.22 79.44
CA GLY TA 16 52.43 52.80 79.26
C GLY TA 16 51.11 52.29 79.74
N VAL TA 17 50.05 53.10 79.69
CA VAL TA 17 48.75 52.62 80.13
C VAL TA 17 48.14 51.75 79.05
N ASN TA 18 47.78 50.53 79.41
CA ASN TA 18 47.25 49.56 78.45
C ASN TA 18 45.74 49.62 78.46
N VAL TA 19 45.14 49.49 77.29
CA VAL TA 19 43.70 49.42 77.14
C VAL TA 19 43.41 48.20 76.28
N ILE TA 20 42.66 47.25 76.83
CA ILE TA 20 42.47 45.94 76.20
C ILE TA 20 41.04 45.85 75.71
N GLY TA 21 40.88 45.57 74.42
CA GLY TA 21 39.56 45.42 73.83
C GLY TA 21 39.38 46.29 72.60
N SER TA 33 44.57 45.37 71.71
CA SER TA 33 45.32 46.07 72.74
C SER TA 33 45.88 47.39 72.23
N GLU TA 34 45.85 48.42 73.07
CA GLU TA 34 46.40 49.73 72.72
C GLU TA 34 47.23 50.23 73.90
N CYS TA 35 48.23 51.04 73.61
CA CYS TA 35 49.07 51.62 74.65
C CYS TA 35 49.01 53.13 74.56
N LEU TA 36 48.98 53.79 75.72
CA LEU TA 36 48.91 55.24 75.79
C LEU TA 36 50.07 55.76 76.62
N ASP TA 37 50.56 56.94 76.25
CA ASP TA 37 51.58 57.64 77.01
C ASP TA 37 50.92 58.68 77.90
N LYS TA 38 51.74 59.35 78.71
CA LYS TA 38 51.23 60.31 79.67
C LYS TA 38 50.69 61.55 78.99
N GLY TA 39 49.45 61.90 79.33
CA GLY TA 39 48.82 63.08 78.80
C GLY TA 39 47.89 62.83 77.65
N GLU TA 40 47.95 61.66 77.03
CA GLU TA 40 47.04 61.36 75.95
C GLU TA 40 45.65 61.04 76.51
N VAL TA 41 44.66 61.14 75.62
CA VAL TA 41 43.27 60.88 75.97
C VAL TA 41 42.68 60.04 74.86
N LEU TA 42 42.12 58.90 75.22
CA LEU TA 42 41.46 58.02 74.27
C LEU TA 42 39.97 58.02 74.54
N ILE TA 43 39.19 58.34 73.53
CA ILE TA 43 37.74 58.27 73.60
C ILE TA 43 37.31 57.02 72.84
N ALA TA 44 36.73 56.06 73.54
CA ALA TA 44 36.47 54.75 72.96
C ALA TA 44 34.99 54.46 72.99
N GLN TA 45 34.45 54.09 71.84
CA GLN TA 45 33.07 53.66 71.72
C GLN TA 45 32.99 52.14 71.76
N PHE TA 46 31.84 51.63 72.17
CA PHE TA 46 31.64 50.19 72.21
C PHE TA 46 31.08 49.69 70.89
N THR TA 47 31.82 48.82 70.23
CA THR TA 47 31.36 48.19 69.02
C THR TA 47 30.62 46.92 69.39
N GLU TA 48 30.31 46.11 68.38
CA GLU TA 48 29.82 44.77 68.65
C GLU TA 48 30.95 43.88 69.18
N HIS TA 49 32.14 44.02 68.60
CA HIS TA 49 33.31 43.26 69.03
C HIS TA 49 33.78 43.65 70.41
N THR TA 50 34.09 44.92 70.62
CA THR TA 50 34.57 45.42 71.91
C THR TA 50 33.39 45.46 72.87
N SER TA 51 33.21 44.39 73.63
CA SER TA 51 32.17 44.31 74.63
C SER TA 51 32.71 44.45 76.04
N ALA TA 52 34.02 44.55 76.21
CA ALA TA 52 34.63 44.71 77.52
C ALA TA 52 35.95 45.42 77.35
N ILE TA 53 36.23 46.34 78.25
CA ILE TA 53 37.44 47.16 78.19
C ILE TA 53 38.13 47.08 79.54
N LYS TA 54 39.38 46.66 79.53
CA LYS TA 54 40.18 46.55 80.74
C LYS TA 54 41.28 47.61 80.69
N VAL TA 55 41.49 48.29 81.79
CA VAL TA 55 42.44 49.40 81.87
C VAL TA 55 43.46 49.09 82.95
N ARG TA 56 44.73 49.12 82.58
CA ARG TA 56 45.83 48.91 83.52
C ARG TA 56 46.53 50.22 83.78
N GLY TA 57 47.32 50.28 84.85
CA GLY TA 57 48.12 51.45 85.14
C GLY TA 57 47.28 52.60 85.65
N LYS TA 58 47.96 53.72 85.89
CA LYS TA 58 47.32 54.89 86.44
C LYS TA 58 46.64 55.67 85.33
N ALA TA 59 45.32 55.75 85.39
CA ALA TA 59 44.55 56.44 84.38
C ALA TA 59 43.29 57.02 85.02
N TYR TA 60 42.70 57.98 84.35
CA TYR TA 60 41.53 58.69 84.84
C TYR TA 60 40.40 58.51 83.84
N ILE TA 61 39.34 57.82 84.26
CA ILE TA 61 38.29 57.39 83.34
C ILE TA 61 37.02 58.16 83.65
N GLN TA 62 36.38 58.67 82.61
CA GLN TA 62 35.05 59.25 82.69
C GLN TA 62 34.10 58.39 81.88
N THR TA 63 33.05 57.91 82.52
CA THR TA 63 31.98 57.19 81.86
C THR TA 63 30.68 57.96 82.06
N SER TA 64 29.58 57.34 81.65
CA SER TA 64 28.27 57.92 81.91
C SER TA 64 27.92 57.87 83.38
N HIS TA 65 28.42 56.85 84.09
CA HIS TA 65 28.13 56.68 85.50
C HIS TA 65 28.97 57.58 86.39
N GLY TA 66 29.94 58.29 85.83
CA GLY TA 66 30.78 59.17 86.62
C GLY TA 66 32.24 58.95 86.28
N VAL TA 67 33.11 59.33 87.21
CA VAL TA 67 34.54 59.24 87.02
C VAL TA 67 35.10 58.20 87.96
N ILE TA 68 36.31 57.73 87.63
CA ILE TA 68 36.99 56.71 88.41
C ILE TA 68 38.47 56.82 88.08
N GLU TA 69 39.32 56.26 88.94
CA GLU TA 69 40.76 56.38 88.79
C GLU TA 69 41.42 55.02 88.90
N SER TA 70 41.79 54.45 87.76
CA SER TA 70 42.47 53.18 87.75
C SER TA 70 43.93 53.36 88.13
N GLU TA 71 44.49 52.36 88.80
CA GLU TA 71 45.90 52.41 89.19
C GLU TA 71 46.66 51.18 88.72
N ASP UA 6 27.03 61.62 70.92
CA ASP UA 6 27.38 61.15 69.59
C ASP UA 6 28.60 61.86 69.01
N PHE UA 7 29.00 62.97 69.61
CA PHE UA 7 30.08 63.77 69.05
C PHE UA 7 30.86 64.44 70.16
N VAL UA 8 32.11 64.75 69.85
CA VAL UA 8 33.04 65.36 70.79
C VAL UA 8 33.53 66.68 70.22
N VAL UA 9 33.99 67.56 71.10
CA VAL UA 9 34.48 68.88 70.72
C VAL UA 9 35.89 69.04 71.25
N ILE UA 10 36.85 69.23 70.36
CA ILE UA 10 38.25 69.33 70.73
C ILE UA 10 38.77 70.70 70.37
N LYS UA 11 39.13 71.49 71.36
CA LYS UA 11 39.76 72.78 71.14
C LYS UA 11 41.25 72.62 71.31
N ALA UA 12 42.00 72.86 70.24
CA ALA UA 12 43.44 72.66 70.33
C ALA UA 12 44.11 73.86 70.98
N LEU UA 13 44.56 73.69 72.21
CA LEU UA 13 45.18 74.78 72.96
C LEU UA 13 46.63 75.01 72.59
N GLU UA 14 47.23 74.12 71.82
CA GLU UA 14 48.61 74.30 71.37
C GLU UA 14 48.71 73.77 69.95
N ASP UA 15 49.82 74.10 69.30
CA ASP UA 15 49.97 73.73 67.90
C ASP UA 15 50.29 72.24 67.77
N GLY UA 16 49.99 71.72 66.59
CA GLY UA 16 50.33 70.35 66.27
C GLY UA 16 49.58 69.29 67.04
N VAL UA 17 48.35 69.55 67.44
CA VAL UA 17 47.59 68.54 68.17
C VAL UA 17 47.07 67.50 67.20
N ASN UA 18 47.40 66.24 67.46
CA ASN UA 18 47.03 65.15 66.58
C ASN UA 18 45.73 64.53 67.05
N VAL UA 19 44.88 64.16 66.11
CA VAL UA 19 43.64 63.45 66.40
C VAL UA 19 43.62 62.22 65.50
N ILE UA 20 43.57 61.04 66.09
CA ILE UA 20 43.72 59.79 65.35
C ILE UA 20 42.39 59.07 65.31
N GLY UA 21 41.92 58.76 64.11
CA GLY UA 21 40.68 58.05 63.94
C GLY UA 21 39.74 58.74 62.97
N SER UA 33 44.20 60.23 60.40
CA SER UA 33 44.89 61.19 61.25
C SER UA 33 44.65 62.61 60.81
N GLU UA 34 44.48 63.52 61.76
CA GLU UA 34 44.30 64.93 61.48
C GLU UA 34 45.18 65.75 62.41
N CYS UA 35 45.59 66.93 61.96
CA CYS UA 35 46.42 67.82 62.77
C CYS UA 35 45.70 69.14 62.94
N LEU UA 36 45.80 69.71 64.13
CA LEU UA 36 45.17 70.98 64.45
C LEU UA 36 46.21 71.96 64.96
N ASP UA 37 46.01 73.23 64.63
CA ASP UA 37 46.84 74.31 65.16
C ASP UA 37 46.15 74.95 66.35
N LYS UA 38 46.84 75.91 66.96
CA LYS UA 38 46.34 76.53 68.18
C LYS UA 38 45.14 77.41 67.89
N GLY UA 39 44.06 77.18 68.63
CA GLY UA 39 42.87 77.97 68.51
C GLY UA 39 41.79 77.34 67.67
N GLU UA 40 42.11 76.31 66.90
CA GLU UA 40 41.10 75.64 66.11
C GLU UA 40 40.25 74.74 67.00
N VAL UA 41 39.07 74.39 66.50
CA VAL UA 41 38.12 73.55 67.20
C VAL UA 41 37.59 72.53 66.21
N LEU UA 42 37.72 71.26 66.54
CA LEU UA 42 37.21 70.18 65.71
C LEU UA 42 36.04 69.52 66.42
N ILE UA 43 34.90 69.46 65.74
CA ILE UA 43 33.73 68.76 66.25
C ILE UA 43 33.64 67.46 65.47
N ALA UA 44 33.79 66.34 66.16
CA ALA UA 44 33.91 65.05 65.49
C ALA UA 44 32.79 64.13 65.92
N GLN UA 45 32.09 63.57 64.95
CA GLN UA 45 31.07 62.57 65.20
C GLN UA 45 31.64 61.18 65.01
N PHE UA 46 31.03 60.21 65.67
CA PHE UA 46 31.47 58.83 65.54
C PHE UA 46 30.74 58.14 64.40
N THR UA 47 31.51 57.68 63.42
CA THR UA 47 30.97 56.92 62.32
C THR UA 47 30.99 55.45 62.70
N GLU UA 48 30.73 54.59 61.72
CA GLU UA 48 30.97 53.17 61.92
C GLU UA 48 32.46 52.89 61.95
N HIS UA 49 33.21 53.53 61.05
CA HIS UA 49 34.66 53.37 60.98
C HIS UA 49 35.37 53.92 62.20
N THR UA 50 35.18 55.20 62.50
CA THR UA 50 35.82 55.84 63.64
C THR UA 50 35.13 55.36 64.91
N SER UA 51 35.69 54.31 65.51
CA SER UA 51 35.17 53.79 66.75
C SER UA 51 36.05 54.14 67.95
N ALA UA 52 37.17 54.80 67.72
CA ALA UA 52 38.07 55.21 68.79
C ALA UA 52 38.83 56.43 68.34
N ILE UA 53 38.99 57.38 69.24
CA ILE UA 53 39.66 58.64 68.94
C ILE UA 53 40.73 58.88 69.98
N LYS UA 54 41.96 59.05 69.53
CA LYS UA 54 43.09 59.31 70.41
C LYS UA 54 43.56 60.74 70.19
N VAL UA 55 43.83 61.44 71.28
CA VAL UA 55 44.20 62.86 71.23
C VAL UA 55 45.55 63.03 71.89
N ARG UA 56 46.50 63.62 71.16
CA ARG UA 56 47.81 63.90 71.69
C ARG UA 56 47.96 65.40 71.91
N GLY UA 57 48.96 65.78 72.67
CA GLY UA 57 49.25 67.19 72.90
C GLY UA 57 48.25 67.86 73.81
N LYS UA 58 48.44 69.16 73.99
CA LYS UA 58 47.60 69.92 74.89
C LYS UA 58 46.33 70.32 74.18
N ALA UA 59 45.19 69.80 74.64
CA ALA UA 59 43.91 70.09 74.04
C ALA UA 59 42.84 70.05 75.11
N TYR UA 60 41.70 70.66 74.81
CA TYR UA 60 40.60 70.77 75.73
C TYR UA 60 39.37 70.11 75.11
N ILE UA 61 38.90 69.03 75.71
CA ILE UA 61 37.88 68.18 75.11
C ILE UA 61 36.60 68.30 75.90
N GLN UA 62 35.49 68.49 75.20
CA GLN UA 62 34.16 68.42 75.76
C GLN UA 62 33.44 67.23 75.16
N THR UA 63 32.97 66.33 76.01
CA THR UA 63 32.14 65.21 75.60
C THR UA 63 30.79 65.32 76.30
N SER UA 64 29.98 64.28 76.14
CA SER UA 64 28.72 64.23 76.87
C SER UA 64 28.95 64.02 78.37
N HIS UA 65 30.03 63.32 78.73
CA HIS UA 65 30.34 63.04 80.11
C HIS UA 65 30.97 64.23 80.83
N GLY UA 66 31.31 65.29 80.12
CA GLY UA 66 31.93 66.44 80.74
C GLY UA 66 33.13 66.88 79.94
N VAL UA 67 34.02 67.61 80.62
CA VAL UA 67 35.20 68.17 79.98
C VAL UA 67 36.44 67.48 80.54
N ILE UA 68 37.53 67.58 79.79
CA ILE UA 68 38.80 66.98 80.15
C ILE UA 68 39.89 67.73 79.41
N GLU UA 69 41.12 67.60 79.88
CA GLU UA 69 42.24 68.34 79.32
C GLU UA 69 43.40 67.42 79.01
N SER UA 70 43.56 67.08 77.74
CA SER UA 70 44.66 66.23 77.33
C SER UA 70 45.95 67.04 77.26
N GLU UA 71 47.06 66.39 77.57
CA GLU UA 71 48.36 67.06 77.52
C GLU UA 71 49.35 66.29 76.66
N ASP VA 6 22.52 67.28 67.63
CA ASP VA 6 22.53 67.00 66.20
C ASP VA 6 23.06 68.17 65.38
N PHE VA 7 23.15 69.34 65.98
CA PHE VA 7 23.54 70.53 65.24
C PHE VA 7 24.33 71.47 66.13
N VAL VA 8 25.14 72.31 65.49
CA VAL VA 8 26.01 73.26 66.16
C VAL VA 8 25.68 74.65 65.68
N VAL VA 9 26.02 75.65 66.49
CA VAL VA 9 25.75 77.04 66.18
C VAL VA 9 27.07 77.81 66.25
N ILE VA 10 27.49 78.39 65.14
CA ILE VA 10 28.76 79.08 65.05
C ILE VA 10 28.50 80.55 64.76
N LYS VA 11 28.84 81.42 65.70
CA LYS VA 11 28.76 82.86 65.48
C LYS VA 11 30.15 83.37 65.15
N ALA VA 12 30.32 83.89 63.94
CA ALA VA 12 31.64 84.34 63.54
C ALA VA 12 31.93 85.72 64.12
N LEU VA 13 32.82 85.76 65.09
CA LEU VA 13 33.17 87.01 65.77
C LEU VA 13 34.17 87.86 64.99
N GLU VA 14 34.76 87.32 63.95
CA GLU VA 14 35.68 88.08 63.12
C GLU VA 14 35.49 87.64 61.68
N ASP VA 15 36.05 88.42 60.76
CA ASP VA 15 35.85 88.14 59.35
C ASP VA 15 36.66 86.94 58.90
N GLY VA 16 36.22 86.33 57.81
CA GLY VA 16 36.95 85.25 57.20
C GLY VA 16 37.02 83.97 57.99
N VAL VA 17 36.01 83.67 58.81
CA VAL VA 17 36.05 82.44 59.58
C VAL VA 17 35.69 81.27 58.68
N ASN VA 18 36.57 80.28 58.62
CA ASN VA 18 36.39 79.14 57.75
C ASN VA 18 35.71 78.02 58.51
N VAL VA 19 34.82 77.31 57.84
CA VAL VA 19 34.17 76.13 58.39
C VAL VA 19 34.33 75.02 57.37
N ILE VA 20 34.97 73.92 57.77
CA ILE VA 20 35.36 72.87 56.84
C ILE VA 20 34.51 71.64 57.11
N GLY VA 21 33.82 71.17 56.09
CA GLY VA 21 33.00 69.98 56.21
C GLY VA 21 31.58 70.19 55.71
N SER VA 33 33.84 73.47 52.12
CA SER VA 33 34.33 74.63 52.84
C SER VA 33 33.38 75.81 52.72
N GLU VA 34 33.21 76.56 53.81
CA GLU VA 34 32.37 77.75 53.81
C GLU VA 34 33.12 78.87 54.52
N CYS VA 35 32.83 80.11 54.15
CA CYS VA 35 33.44 81.26 54.77
C CYS VA 35 32.36 82.15 55.37
N LEU VA 36 32.64 82.71 56.54
CA LEU VA 36 31.70 83.58 57.23
C LEU VA 36 32.35 84.91 57.53
N ASP VA 37 31.56 85.97 57.48
CA ASP VA 37 32.00 87.30 57.87
C ASP VA 37 31.58 87.58 59.30
N LYS VA 38 31.99 88.75 59.79
CA LYS VA 38 31.75 89.09 61.19
C LYS VA 38 30.27 89.36 61.44
N GLY VA 39 29.72 88.69 62.44
CA GLY VA 39 28.35 88.87 62.82
C GLY VA 39 27.40 87.84 62.29
N GLU VA 40 27.82 87.05 61.30
CA GLU VA 40 26.96 86.01 60.79
C GLU VA 40 26.92 84.83 61.75
N VAL VA 41 25.89 84.01 61.60
CA VAL VA 41 25.70 82.83 62.43
C VAL VA 41 25.31 81.69 61.52
N LEU VA 42 26.05 80.59 61.59
CA LEU VA 42 25.77 79.40 60.82
C LEU VA 42 25.30 78.30 61.76
N ILE VA 43 24.13 77.75 61.47
CA ILE VA 43 23.60 76.61 62.21
C ILE VA 43 23.77 75.40 61.32
N ALA VA 44 24.59 74.46 61.75
CA ALA VA 44 24.99 73.35 60.89
C ALA VA 44 24.58 72.03 61.51
N GLN VA 45 23.88 71.22 60.73
CA GLN VA 45 23.50 69.88 61.14
C GLN VA 45 24.50 68.87 60.57
N PHE VA 46 24.61 67.73 61.24
CA PHE VA 46 25.49 66.68 60.77
C PHE VA 46 24.75 65.74 59.82
N THR VA 47 25.25 65.67 58.59
CA THR VA 47 24.71 64.74 57.62
C THR VA 47 25.46 63.43 57.75
N GLU VA 48 25.25 62.53 56.79
CA GLU VA 48 26.09 61.36 56.68
C GLU VA 48 27.48 61.75 56.18
N HIS VA 49 27.53 62.66 55.20
CA HIS VA 49 28.79 63.14 54.66
C HIS VA 49 29.61 63.95 55.65
N THR VA 50 29.02 65.02 56.19
CA THR VA 50 29.70 65.88 57.15
C THR VA 50 29.76 65.14 58.48
N SER VA 51 30.87 64.44 58.71
CA SER VA 51 31.09 63.75 59.96
C SER VA 51 32.11 64.45 60.85
N ALA VA 52 32.70 65.54 60.37
CA ALA VA 52 33.67 66.29 61.15
C ALA VA 52 33.64 67.73 60.67
N ILE VA 53 33.72 68.65 61.62
CA ILE VA 53 33.66 70.07 61.32
C ILE VA 53 34.84 70.75 61.99
N LYS VA 54 35.65 71.45 61.20
CA LYS VA 54 36.80 72.17 61.70
C LYS VA 54 36.54 73.66 61.56
N VAL VA 55 36.86 74.42 62.60
CA VAL VA 55 36.58 75.85 62.65
C VAL VA 55 37.89 76.59 62.86
N ARG VA 56 38.18 77.53 61.97
CA ARG VA 56 39.36 78.37 62.09
C ARG VA 56 38.95 79.78 62.47
N GLY VA 57 39.91 80.56 62.94
CA GLY VA 57 39.67 81.94 63.26
C GLY VA 57 38.87 82.11 64.53
N LYS VA 58 38.57 83.37 64.84
CA LYS VA 58 37.86 83.69 66.07
C LYS VA 58 36.37 83.50 65.86
N ALA VA 59 35.79 82.54 66.58
CA ALA VA 59 34.37 82.25 66.46
C ALA VA 59 33.87 81.74 67.81
N TYR VA 60 32.56 81.80 67.98
CA TYR VA 60 31.90 81.41 69.21
C TYR VA 60 30.92 80.30 68.92
N ILE VA 61 31.19 79.11 69.46
CA ILE VA 61 30.46 77.90 69.10
C ILE VA 61 29.60 77.47 70.27
N GLN VA 62 28.35 77.15 69.99
CA GLN VA 62 27.45 76.50 70.93
C GLN VA 62 27.11 75.12 70.41
N THR VA 63 27.38 74.11 71.22
CA THR VA 63 27.00 72.74 70.93
C THR VA 63 26.07 72.26 72.03
N SER VA 64 25.75 70.96 71.99
CA SER VA 64 24.97 70.37 73.07
C SER VA 64 25.77 70.28 74.35
N HIS VA 65 27.09 70.12 74.24
CA HIS VA 65 27.96 70.01 75.40
C HIS VA 65 28.26 71.35 76.06
N GLY VA 66 27.87 72.46 75.44
CA GLY VA 66 28.12 73.76 75.99
C GLY VA 66 28.68 74.68 74.94
N VAL VA 67 29.37 75.72 75.40
CA VAL VA 67 29.93 76.73 74.51
C VAL VA 67 31.44 76.65 74.54
N ILE VA 68 32.05 77.22 73.50
CA ILE VA 68 33.50 77.23 73.35
C ILE VA 68 33.85 78.39 72.42
N GLU VA 69 35.11 78.80 72.44
CA GLU VA 69 35.55 79.96 71.68
C GLU VA 69 36.79 79.62 70.88
N SER VA 70 36.62 79.38 69.59
CA SER VA 70 37.74 79.10 68.73
C SER VA 70 38.48 80.39 68.38
N GLU VA 71 39.79 80.28 68.22
CA GLU VA 71 40.59 81.45 67.85
C GLU VA 71 41.44 81.20 66.62
N ASP WA 6 15.21 70.31 66.71
CA ASP WA 6 14.83 70.06 65.33
C ASP WA 6 14.52 71.34 64.57
N PHE WA 7 14.33 72.44 65.28
CA PHE WA 7 13.92 73.68 64.63
C PHE WA 7 14.51 74.87 65.36
N VAL WA 8 14.65 75.97 64.62
CA VAL WA 8 15.23 77.20 65.13
C VAL WA 8 14.22 78.32 64.99
N VAL WA 9 14.39 79.36 65.79
CA VAL WA 9 13.50 80.51 65.80
C VAL WA 9 14.33 81.77 65.56
N ILE WA 10 14.04 82.48 64.47
CA ILE WA 10 14.82 83.65 64.09
C ILE WA 10 13.91 84.86 64.11
N LYS WA 11 14.17 85.79 65.01
CA LYS WA 11 13.44 87.05 65.06
C LYS WA 11 14.29 88.11 64.37
N ALA WA 12 13.80 88.65 63.28
CA ALA WA 12 14.59 89.63 62.54
C ALA WA 12 14.49 91.00 63.20
N LEU WA 13 15.56 91.43 63.84
CA LEU WA 13 15.59 92.69 64.55
C LEU WA 13 15.82 93.89 63.64
N GLU WA 14 16.18 93.65 62.38
CA GLU WA 14 16.35 94.74 61.42
C GLU WA 14 15.85 94.26 60.08
N ASP WA 15 15.69 95.20 59.15
CA ASP WA 15 15.14 94.87 57.86
C ASP WA 15 16.14 94.13 57.00
N GLY WA 16 15.63 93.38 56.03
CA GLY WA 16 16.47 92.72 55.05
C GLY WA 16 17.33 91.60 55.58
N VAL WA 17 16.88 90.90 56.61
CA VAL WA 17 17.69 89.81 57.14
C VAL WA 17 17.54 88.59 56.23
N ASN WA 18 18.66 88.08 55.75
CA ASN WA 18 18.66 86.96 54.82
C ASN WA 18 18.82 85.67 55.59
N VAL WA 19 18.11 84.64 55.13
CA VAL WA 19 18.23 83.29 55.69
C VAL WA 19 18.44 82.36 54.51
N ILE WA 20 19.57 81.66 54.51
CA ILE WA 20 20.00 80.87 53.37
C ILE WA 20 19.87 79.39 53.70
N GLY WA 21 19.12 78.67 52.89
CA GLY WA 21 18.95 77.24 53.09
C GLY WA 21 17.49 76.82 53.10
N SER WA 33 16.81 80.74 49.52
CA SER WA 33 17.01 82.00 50.22
C SER WA 33 15.69 82.66 50.57
N GLU WA 34 15.63 83.25 51.75
CA GLU WA 34 14.45 83.98 52.22
C GLU WA 34 14.87 85.32 52.81
N CYS WA 35 14.00 86.30 52.74
CA CYS WA 35 14.27 87.61 53.30
C CYS WA 35 13.21 87.95 54.34
N LEU WA 36 13.62 88.57 55.43
CA LEU WA 36 12.72 88.95 56.50
C LEU WA 36 12.84 90.45 56.77
N ASP WA 37 11.73 91.05 57.14
CA ASP WA 37 11.70 92.44 57.57
C ASP WA 37 11.74 92.52 59.08
N LYS WA 38 11.79 93.75 59.60
CA LYS WA 38 11.93 93.96 61.02
C LYS WA 38 10.67 93.57 61.77
N GLY WA 39 10.83 92.73 62.78
CA GLY WA 39 9.73 92.30 63.61
C GLY WA 39 9.16 90.96 63.24
N GLU WA 40 9.48 90.42 62.07
CA GLU WA 40 8.99 89.11 61.71
C GLU WA 40 9.78 88.03 62.44
N VAL WA 41 9.19 86.85 62.51
CA VAL WA 41 9.80 85.70 63.17
C VAL WA 41 9.60 84.50 62.27
N LEU WA 42 10.70 83.83 61.94
CA LEU WA 42 10.66 82.64 61.12
C LEU WA 42 11.04 81.44 61.99
N ILE WA 43 10.18 80.44 62.02
CA ILE WA 43 10.45 79.19 62.70
C ILE WA 43 10.77 78.16 61.62
N ALA WA 44 11.99 77.67 61.62
CA ALA WA 44 12.47 76.84 60.53
C ALA WA 44 12.88 75.47 61.04
N GLN WA 45 12.33 74.44 60.42
CA GLN WA 45 12.71 73.06 60.71
C GLN WA 45 13.75 72.58 59.71
N PHE WA 46 14.53 71.61 60.13
CA PHE WA 46 15.54 71.03 59.26
C PHE WA 46 14.97 69.87 58.47
N THR WA 47 14.97 70.01 57.15
CA THR WA 47 14.55 68.94 56.26
C THR WA 47 15.77 68.08 55.94
N GLU WA 48 15.61 67.19 54.98
CA GLU WA 48 16.75 66.49 54.43
C GLU WA 48 17.60 67.44 53.57
N HIS WA 49 16.93 68.27 52.79
CA HIS WA 49 17.61 69.25 51.95
C HIS WA 49 18.31 70.33 52.74
N THR WA 50 17.59 71.05 53.58
CA THR WA 50 18.14 72.12 54.40
C THR WA 50 18.97 71.48 55.51
N SER WA 51 20.26 71.33 55.27
CA SER WA 51 21.17 70.80 56.27
C SER WA 51 22.06 71.86 56.88
N ALA WA 52 21.95 73.11 56.41
CA ALA WA 52 22.75 74.20 56.95
C ALA WA 52 21.98 75.50 56.72
N ILE WA 53 22.00 76.36 57.72
CA ILE WA 53 21.27 77.62 57.67
C ILE WA 53 22.22 78.74 58.02
N LYS WA 54 22.35 79.71 57.13
CA LYS WA 54 23.21 80.87 57.34
C LYS WA 54 22.34 82.09 57.52
N VAL WA 55 22.67 82.92 58.50
CA VAL WA 55 21.88 84.08 58.86
C VAL WA 55 22.75 85.32 58.75
N ARG WA 56 22.31 86.29 57.96
CA ARG WA 56 23.01 87.55 57.82
C ARG WA 56 22.24 88.65 58.53
N GLY WA 57 22.89 89.78 58.77
CA GLY WA 57 22.23 90.92 59.35
C GLY WA 57 21.94 90.73 60.84
N LYS WA 58 21.30 91.73 61.41
CA LYS WA 58 20.99 91.72 62.83
C LYS WA 58 19.74 90.90 63.08
N ALA WA 59 19.90 89.79 63.80
CA ALA WA 59 18.78 88.91 64.10
C ALA WA 59 19.02 88.25 65.43
N TYR WA 60 17.96 87.73 66.02
CA TYR WA 60 18.00 87.11 67.33
C TYR WA 60 17.51 85.67 67.20
N ILE WA 61 18.40 84.72 67.44
CA ILE WA 61 18.16 83.32 67.15
C ILE WA 61 18.01 82.55 68.45
N GLN WA 62 16.98 81.72 68.54
CA GLN WA 62 16.82 80.76 69.62
C GLN WA 62 16.91 79.37 69.03
N THR WA 63 17.83 78.57 69.55
CA THR WA 63 17.97 77.17 69.19
C THR WA 63 17.75 76.34 70.45
N SER WA 64 18.00 75.03 70.32
CA SER WA 64 17.96 74.16 71.48
C SER WA 64 19.12 74.43 72.41
N HIS WA 65 20.25 74.85 71.87
CA HIS WA 65 21.45 75.13 72.66
C HIS WA 65 21.39 76.47 73.37
N GLY WA 66 20.39 77.29 73.09
CA GLY WA 66 20.29 78.58 73.73
C GLY WA 66 20.01 79.65 72.71
N VAL WA 67 20.34 80.89 73.06
CA VAL WA 67 20.08 82.04 72.22
C VAL WA 67 21.40 82.62 71.74
N ILE WA 68 21.32 83.39 70.66
CA ILE WA 68 22.49 84.03 70.06
C ILE WA 68 21.99 85.21 69.25
N GLU WA 69 22.89 86.13 68.94
CA GLU WA 69 22.53 87.36 68.25
C GLU WA 69 23.43 87.60 67.06
N SER WA 70 22.92 87.30 65.87
CA SER WA 70 23.69 87.53 64.66
C SER WA 70 23.67 89.00 64.30
N GLU WA 71 24.75 89.49 63.71
CA GLU WA 71 24.83 90.88 63.30
C GLU WA 71 25.22 91.01 61.82
N ASP XA 6 7.25 69.91 68.58
CA ASP XA 6 6.56 69.55 67.35
C ASP XA 6 5.54 70.59 66.93
N PHE XA 7 5.17 71.49 67.83
CA PHE XA 7 4.10 72.43 67.55
C PHE XA 7 4.38 73.75 68.25
N VAL XA 8 3.80 74.81 67.70
CA VAL XA 8 3.98 76.17 68.21
C VAL XA 8 2.62 76.75 68.55
N VAL XA 9 2.61 77.75 69.42
CA VAL XA 9 1.39 78.40 69.87
C VAL XA 9 1.52 79.89 69.61
N ILE XA 10 0.63 80.42 68.78
CA ILE XA 10 0.70 81.82 68.39
C ILE XA 10 -0.56 82.52 68.88
N LYS XA 11 -0.41 83.46 69.79
CA LYS XA 11 -1.51 84.28 70.25
C LYS XA 11 -1.44 85.61 69.53
N ALA XA 12 -2.46 85.92 68.73
CA ALA XA 12 -2.41 87.15 67.97
C ALA XA 12 -2.83 88.33 68.83
N LEU XA 13 -1.87 89.16 69.19
CA LEU XA 13 -2.12 90.31 70.06
C LEU XA 13 -2.70 91.50 69.32
N GLU XA 14 -2.73 91.48 67.99
CA GLU XA 14 -3.33 92.55 67.22
C GLU XA 14 -4.01 91.93 66.01
N ASP XA 15 -4.83 92.73 65.34
CA ASP XA 15 -5.61 92.21 64.23
C ASP XA 15 -4.74 92.00 63.01
N GLY XA 16 -5.20 91.13 62.12
CA GLY XA 16 -4.55 90.92 60.85
C GLY XA 16 -3.19 90.27 60.92
N VAL XA 17 -2.94 89.42 61.91
CA VAL XA 17 -1.64 88.76 61.99
C VAL XA 17 -1.59 87.63 60.99
N ASN XA 18 -0.58 87.66 60.12
CA ASN XA 18 -0.45 86.67 59.06
C ASN XA 18 0.46 85.55 59.53
N VAL XA 19 0.12 84.32 59.15
CA VAL XA 19 0.94 83.15 59.41
C VAL XA 19 1.12 82.43 58.09
N ILE XA 20 2.35 82.28 57.64
CA ILE XA 20 2.64 81.78 56.32
C ILE XA 20 3.25 80.38 56.42
N GLY XA 21 2.62 79.42 55.77
CA GLY XA 21 3.11 78.06 55.78
C GLY XA 21 2.04 77.06 56.14
N SER XA 33 -1.30 80.37 53.59
CA SER XA 33 -1.40 81.58 54.40
C SER XA 33 -2.68 81.59 55.23
N GLU XA 34 -2.58 82.08 56.46
CA GLU XA 34 -3.72 82.21 57.36
C GLU XA 34 -3.69 83.59 58.01
N CYS XA 35 -4.86 84.10 58.36
CA CYS XA 35 -4.96 85.39 59.03
C CYS XA 35 -5.65 85.21 60.35
N LEU XA 36 -5.19 85.94 61.37
CA LEU XA 36 -5.75 85.86 62.71
C LEU XA 36 -6.15 87.25 63.17
N ASP XA 37 -7.23 87.32 63.94
CA ASP XA 37 -7.67 88.55 64.57
C ASP XA 37 -7.15 88.61 66.00
N LYS XA 38 -7.43 89.72 66.66
CA LYS XA 38 -6.92 89.95 68.01
C LYS XA 38 -7.60 89.03 69.01
N GLY XA 39 -6.78 88.31 69.79
CA GLY XA 39 -7.26 87.45 70.82
C GLY XA 39 -7.34 85.99 70.43
N GLU XA 40 -7.24 85.68 69.14
CA GLU XA 40 -7.25 84.29 68.73
C GLU XA 40 -5.91 83.64 69.02
N VAL XA 41 -5.92 82.32 69.06
CA VAL XA 41 -4.72 81.53 69.33
C VAL XA 41 -4.70 80.38 68.34
N LEU XA 42 -3.61 80.26 67.60
CA LEU XA 42 -3.43 79.18 66.65
C LEU XA 42 -2.34 78.25 67.15
N ILE XA 43 -2.67 76.97 67.27
CA ILE XA 43 -1.70 75.95 67.63
C ILE XA 43 -1.38 75.18 66.36
N ALA XA 44 -0.13 75.27 65.92
CA ALA XA 44 0.23 74.75 64.61
C ALA XA 44 1.30 73.68 64.75
N GLN XA 45 1.04 72.52 64.16
CA GLN XA 45 2.01 71.45 64.10
C GLN XA 45 2.75 71.48 62.78
N PHE XA 46 3.96 70.93 62.79
CA PHE XA 46 4.76 70.86 61.58
C PHE XA 46 4.46 69.58 60.81
N THR XA 47 3.98 69.74 59.59
CA THR XA 47 3.75 68.61 58.70
C THR XA 47 5.02 68.37 57.91
N GLU XA 48 4.92 67.50 56.91
CA GLU XA 48 6.00 67.39 55.93
C GLU XA 48 6.05 68.62 55.05
N HIS XA 49 4.89 69.11 54.62
CA HIS XA 49 4.79 70.30 53.79
C HIS XA 49 5.22 71.57 54.51
N THR XA 50 4.60 71.87 55.64
CA THR XA 50 4.92 73.07 56.42
C THR XA 50 6.24 72.82 57.12
N SER XA 51 7.33 73.25 56.49
CA SER XA 51 8.66 73.14 57.08
C SER XA 51 9.19 74.47 57.57
N ALA XA 52 8.45 75.56 57.35
CA ALA XA 52 8.86 76.87 57.81
C ALA XA 52 7.61 77.71 58.03
N ILE XA 53 7.61 78.49 59.10
CA ILE XA 53 6.47 79.30 59.48
C ILE XA 53 6.96 80.72 59.71
N LYS XA 54 6.38 81.67 58.99
CA LYS XA 54 6.72 83.08 59.12
C LYS XA 54 5.54 83.81 59.74
N VAL XA 55 5.82 84.67 60.71
CA VAL XA 55 4.79 85.37 61.46
C VAL XA 55 5.02 86.87 61.30
N ARG XA 56 3.99 87.57 60.85
CA ARG XA 56 4.03 89.02 60.71
C ARG XA 56 3.16 89.65 61.79
N GLY XA 57 3.35 90.94 62.01
CA GLY XA 57 2.53 91.69 62.94
C GLY XA 57 2.85 91.36 64.38
N LYS XA 58 2.08 91.96 65.27
CA LYS XA 58 2.32 91.81 66.70
C LYS XA 58 1.66 90.52 67.17
N ALA XA 59 2.46 89.57 67.61
CA ALA XA 59 1.97 88.29 68.08
C ALA XA 59 2.90 87.76 69.16
N TYR XA 60 2.38 86.82 69.95
CA TYR XA 60 3.10 86.25 71.07
C TYR XA 60 3.23 84.76 70.85
N ILE XA 61 4.45 84.27 70.67
CA ILE XA 61 4.69 82.90 70.24
C ILE XA 61 5.33 82.13 71.38
N GLN XA 62 4.81 80.93 71.63
CA GLN XA 62 5.40 79.97 72.54
C GLN XA 62 5.84 78.77 71.73
N THR XA 63 7.13 78.43 71.83
CA THR XA 63 7.68 77.23 71.23
C THR XA 63 8.25 76.37 72.33
N SER XA 64 8.94 75.30 71.93
CA SER XA 64 9.64 74.47 72.90
C SER XA 64 10.83 75.20 73.48
N HIS XA 65 11.46 76.08 72.70
CA HIS XA 65 12.63 76.82 73.14
C HIS XA 65 12.28 77.99 74.05
N GLY XA 66 11.00 78.31 74.21
CA GLY XA 66 10.61 79.42 75.05
C GLY XA 66 9.60 80.28 74.34
N VAL XA 67 9.50 81.53 74.78
CA VAL XA 67 8.54 82.47 74.24
C VAL XA 67 9.28 83.58 73.50
N ILE XA 68 8.54 84.26 72.63
CA ILE XA 68 9.08 85.35 71.83
C ILE XA 68 7.92 86.22 71.40
N GLU XA 69 8.21 87.45 70.99
CA GLU XA 69 7.18 88.42 70.65
C GLU XA 69 7.46 89.04 69.30
N SER XA 70 6.75 88.59 68.28
CA SER XA 70 6.90 89.15 66.95
C SER XA 70 6.17 90.47 66.86
N GLU XA 71 6.71 91.38 66.06
CA GLU XA 71 6.08 92.68 65.87
C GLU XA 71 5.87 93.00 64.40
N ASP YA 6 1.85 65.91 72.69
CA ASP YA 6 0.99 65.28 71.70
C ASP YA 6 -0.46 65.75 71.78
N PHE YA 7 -0.82 66.40 72.88
CA PHE YA 7 -2.20 66.78 73.10
C PHE YA 7 -2.27 68.09 73.87
N VAL YA 8 -3.39 68.78 73.70
CA VAL YA 8 -3.63 70.08 74.32
C VAL YA 8 -4.89 69.99 75.15
N VAL YA 9 -5.00 70.89 76.13
CA VAL YA 9 -6.14 70.94 77.04
C VAL YA 9 -6.74 72.32 76.99
N ILE YA 10 -8.00 72.42 76.57
CA ILE YA 10 -8.68 73.70 76.39
C ILE YA 10 -9.83 73.76 77.36
N LYS YA 11 -9.78 74.69 78.31
CA LYS YA 11 -10.89 74.94 79.21
C LYS YA 11 -11.64 76.15 78.72
N ALA YA 12 -12.89 75.98 78.34
CA ALA YA 12 -13.64 77.10 77.79
C ALA YA 12 -14.17 77.97 78.92
N LEU YA 13 -13.58 79.15 79.08
CA LEU YA 13 -13.96 80.07 80.14
C LEU YA 13 -15.20 80.87 79.83
N GLU YA 14 -15.68 80.83 78.58
CA GLU YA 14 -16.90 81.53 78.21
C GLU YA 14 -17.65 80.66 77.21
N ASP YA 15 -18.90 81.02 76.97
CA ASP YA 15 -19.73 80.21 76.09
C ASP YA 15 -19.35 80.40 74.64
N GLY YA 16 -19.68 79.41 73.83
CA GLY YA 16 -19.50 79.50 72.39
C GLY YA 16 -18.07 79.51 71.92
N VAL YA 17 -17.15 78.87 72.65
CA VAL YA 17 -15.77 78.85 72.22
C VAL YA 17 -15.60 77.86 71.08
N ASN YA 18 -15.08 78.32 69.95
CA ASN YA 18 -14.93 77.49 68.77
C ASN YA 18 -13.53 76.89 68.75
N VAL YA 19 -13.44 75.64 68.31
CA VAL YA 19 -12.18 74.95 68.13
C VAL YA 19 -12.20 74.38 66.72
N ILE YA 20 -11.26 74.79 65.89
CA ILE YA 20 -11.27 74.46 64.47
C ILE YA 20 -10.15 73.48 64.17
N GLY YA 21 -10.50 72.33 63.60
CA GLY YA 21 -9.52 71.33 63.25
C GLY YA 21 -9.87 69.96 63.79
N SER YA 33 -14.95 71.43 62.98
CA SER YA 33 -15.26 72.49 63.94
C SER YA 33 -16.04 71.94 65.13
N GLU YA 34 -15.72 72.43 66.32
CA GLU YA 34 -16.42 72.04 67.54
C GLU YA 34 -16.74 73.29 68.35
N CYS YA 35 -17.81 73.23 69.12
CA CYS YA 35 -18.19 74.35 69.98
C CYS YA 35 -18.23 73.89 71.42
N LEU YA 36 -17.78 74.75 72.33
CA LEU YA 36 -17.74 74.45 73.75
C LEU YA 36 -18.50 75.52 74.52
N ASP YA 37 -19.16 75.10 75.59
CA ASP YA 37 -19.82 76.01 76.51
C ASP YA 37 -18.90 76.30 77.69
N LYS YA 38 -19.37 77.18 78.58
CA LYS YA 38 -18.56 77.62 79.70
C LYS YA 38 -18.39 76.50 80.71
N GLY YA 39 -17.14 76.22 81.08
CA GLY YA 39 -16.82 75.23 82.06
C GLY YA 39 -16.42 73.89 81.49
N GLU YA 40 -16.66 73.65 80.22
CA GLU YA 40 -16.24 72.39 79.62
C GLU YA 40 -14.74 72.41 79.37
N VAL YA 41 -14.18 71.23 79.21
CA VAL YA 41 -12.76 71.04 78.95
C VAL YA 41 -12.61 70.02 77.85
N LEU YA 42 -11.91 70.39 76.79
CA LEU YA 42 -11.64 69.50 75.68
C LEU YA 42 -10.17 69.15 75.66
N ILE YA 43 -9.87 67.85 75.68
CA ILE YA 43 -8.51 67.36 75.56
C ILE YA 43 -8.37 66.81 74.16
N ALA YA 44 -7.52 67.44 73.35
CA ALA YA 44 -7.44 67.13 71.94
C ALA YA 44 -6.06 66.64 71.57
N GLN YA 45 -6.01 65.49 70.91
CA GLN YA 45 -4.77 64.95 70.39
C GLN YA 45 -4.62 65.30 68.93
N PHE YA 46 -3.38 65.34 68.46
CA PHE YA 46 -3.11 65.63 67.06
C PHE YA 46 -3.10 64.35 66.24
N THR YA 47 -4.00 64.27 65.28
CA THR YA 47 -4.04 63.15 64.35
C THR YA 47 -3.15 63.50 63.17
N GLU YA 48 -3.23 62.67 62.13
CA GLU YA 48 -2.62 63.04 60.87
C GLU YA 48 -3.40 64.17 60.20
N HIS YA 49 -4.73 64.08 60.25
CA HIS YA 49 -5.60 65.10 59.68
C HIS YA 49 -5.50 66.43 60.41
N THR YA 50 -5.76 66.44 61.71
CA THR YA 50 -5.71 67.65 62.52
C THR YA 50 -4.25 68.02 62.72
N SER YA 51 -3.74 68.88 61.85
CA SER YA 51 -2.37 69.38 61.95
C SER YA 51 -2.31 70.81 62.45
N ALA YA 52 -3.46 71.46 62.65
CA ALA YA 52 -3.50 72.82 63.14
C ALA YA 52 -4.82 73.02 63.87
N ILE YA 53 -4.76 73.72 64.99
CA ILE YA 53 -5.92 73.95 65.83
C ILE YA 53 -6.02 75.44 66.12
N LYS YA 54 -7.15 76.03 65.77
CA LYS YA 54 -7.41 77.44 66.00
C LYS YA 54 -8.47 77.58 67.07
N VAL YA 55 -8.26 78.49 68.01
CA VAL YA 55 -9.14 78.66 69.15
C VAL YA 55 -9.64 80.10 69.16
N ARG YA 56 -10.96 80.27 69.17
CA ARG YA 56 -11.57 81.59 69.25
C ARG YA 56 -12.18 81.78 70.62
N GLY YA 57 -12.48 83.02 70.97
CA GLY YA 57 -13.15 83.32 72.21
C GLY YA 57 -12.23 83.19 73.40
N LYS YA 58 -12.81 83.40 74.58
CA LYS YA 58 -12.05 83.36 75.81
C LYS YA 58 -11.90 81.92 76.28
N ALA YA 59 -10.66 81.42 76.29
CA ALA YA 59 -10.39 80.05 76.69
C ALA YA 59 -9.02 80.00 77.33
N TYR YA 60 -8.78 78.93 78.07
CA TYR YA 60 -7.54 78.75 78.81
C TYR YA 60 -6.89 77.45 78.34
N ILE YA 61 -5.73 77.57 77.71
CA ILE YA 61 -5.11 76.44 77.02
C ILE YA 61 -3.86 76.03 77.77
N GLN YA 62 -3.70 74.73 77.99
CA GLN YA 62 -2.49 74.14 78.50
C GLN YA 62 -1.90 73.25 77.42
N THR YA 63 -0.66 73.51 77.06
CA THR YA 63 0.10 72.67 76.14
C THR YA 63 1.33 72.16 76.85
N SER YA 64 2.20 71.51 76.10
CA SER YA 64 3.47 71.08 76.65
C SER YA 64 4.38 72.26 76.93
N HIS YA 65 4.26 73.32 76.14
CA HIS YA 65 5.09 74.50 76.29
C HIS YA 65 4.63 75.41 77.42
N GLY YA 66 3.49 75.13 78.03
CA GLY YA 66 2.99 75.95 79.11
C GLY YA 66 1.54 76.28 78.89
N VAL YA 67 1.09 77.36 79.54
CA VAL YA 67 -0.30 77.77 79.48
C VAL YA 67 -0.39 79.09 78.71
N ILE YA 68 -1.60 79.37 78.25
CA ILE YA 68 -1.89 80.59 77.48
C ILE YA 68 -3.38 80.85 77.59
N GLU YA 69 -3.78 82.07 77.29
CA GLU YA 69 -5.17 82.49 77.46
C GLU YA 69 -5.67 83.16 76.20
N SER YA 70 -6.44 82.43 75.40
CA SER YA 70 -7.01 83.00 74.19
C SER YA 70 -8.21 83.87 74.54
N GLU YA 71 -8.41 84.92 73.76
CA GLU YA 71 -9.54 85.80 73.98
C GLU YA 71 -10.37 85.99 72.72
N ASP ZA 6 -0.03 59.98 77.52
CA ASP ZA 6 -0.85 59.05 76.75
C ASP ZA 6 -2.23 58.84 77.33
N PHE ZA 7 -2.43 59.24 78.58
CA PHE ZA 7 -3.69 58.96 79.26
C PHE ZA 7 -4.02 60.09 80.22
N VAL ZA 8 -5.31 60.22 80.50
CA VAL ZA 8 -5.83 61.26 81.38
C VAL ZA 8 -6.57 60.62 82.52
N VAL ZA 9 -6.71 61.36 83.61
CA VAL ZA 9 -7.38 60.87 84.81
C VAL ZA 9 -8.48 61.87 85.17
N ILE ZA 10 -9.72 61.39 85.17
CA ILE ZA 10 -10.88 62.25 85.42
C ILE ZA 10 -11.57 61.77 86.68
N LYS ZA 11 -11.58 62.60 87.71
CA LYS ZA 11 -12.31 62.32 88.93
C LYS ZA 11 -13.61 63.10 88.89
N ALA ZA 12 -14.73 62.39 88.88
CA ALA ZA 12 -16.01 63.08 88.77
C ALA ZA 12 -16.44 63.60 90.14
N LEU ZA 13 -16.36 64.92 90.30
CA LEU ZA 13 -16.70 65.55 91.57
C LEU ZA 13 -18.20 65.73 91.77
N GLU ZA 14 -19.00 65.50 90.74
CA GLU ZA 14 -20.45 65.60 90.87
C GLU ZA 14 -21.06 64.51 90.00
N ASP ZA 15 -22.35 64.28 90.20
CA ASP ZA 15 -23.02 63.20 89.49
C ASP ZA 15 -23.27 63.57 88.04
N GLY ZA 16 -23.41 62.55 87.21
CA GLY ZA 16 -23.78 62.73 85.82
C GLY ZA 16 -22.73 63.40 84.95
N VAL ZA 17 -21.45 63.21 85.26
CA VAL ZA 17 -20.42 63.81 84.44
C VAL ZA 17 -20.26 63.02 83.16
N ASN ZA 18 -20.38 63.68 82.03
CA ASN ZA 18 -20.32 63.03 80.73
C ASN ZA 18 -18.90 63.10 80.19
N VAL ZA 19 -18.46 62.03 79.55
CA VAL ZA 19 -17.17 61.98 78.88
C VAL ZA 19 -17.42 61.48 77.48
N ILE ZA 20 -17.07 62.28 76.47
CA ILE ZA 20 -17.44 62.01 75.09
C ILE ZA 20 -16.19 61.63 74.33
N GLY ZA 21 -16.21 60.46 73.71
CA GLY ZA 21 -15.08 60.00 72.91
C GLY ZA 21 -14.64 58.60 73.29
N SER ZA 33 -19.82 57.70 74.28
CA SER ZA 33 -20.18 58.48 75.45
C SER ZA 33 -20.22 57.63 76.70
N GLU ZA 34 -19.74 58.18 77.82
CA GLU ZA 34 -19.76 57.51 79.10
C GLU ZA 34 -20.27 58.47 80.16
N CYS ZA 35 -20.89 57.94 81.20
CA CYS ZA 35 -21.39 58.75 82.31
C CYS ZA 35 -20.75 58.29 83.60
N LEU ZA 36 -20.40 59.24 84.47
CA LEU ZA 36 -19.77 58.95 85.74
C LEU ZA 36 -20.59 59.57 86.86
N ASP ZA 37 -20.62 58.88 88.00
CA ASP ZA 37 -21.23 59.40 89.21
C ASP ZA 37 -20.18 60.03 90.10
N LYS ZA 38 -20.62 60.60 91.22
CA LYS ZA 38 -19.74 61.33 92.10
C LYS ZA 38 -18.80 60.38 92.82
N GLY ZA 39 -17.51 60.68 92.75
CA GLY ZA 39 -16.49 59.91 93.41
C GLY ZA 39 -15.79 58.89 92.55
N GLU ZA 40 -16.33 58.60 91.37
CA GLU ZA 40 -15.66 57.68 90.48
C GLU ZA 40 -14.49 58.36 89.80
N VAL ZA 41 -13.58 57.54 89.28
CA VAL ZA 41 -12.38 58.01 88.60
C VAL ZA 41 -12.22 57.17 87.35
N LEU ZA 42 -12.13 57.85 86.20
CA LEU ZA 42 -11.92 57.17 84.92
C LEU ZA 42 -10.53 57.52 84.41
N ILE ZA 43 -9.74 56.49 84.13
CA ILE ZA 43 -8.43 56.66 83.54
C ILE ZA 43 -8.57 56.25 82.08
N ALA ZA 44 -8.36 57.20 81.18
CA ALA ZA 44 -8.66 56.98 79.77
C ALA ZA 44 -7.41 57.16 78.93
N GLN ZA 45 -7.12 56.17 78.11
CA GLN ZA 45 -6.02 56.24 77.17
C GLN ZA 45 -6.54 56.65 75.80
N PHE ZA 46 -5.66 57.24 75.01
CA PHE ZA 46 -6.03 57.64 73.66
C PHE ZA 46 -5.77 56.52 72.67
N THR ZA 47 -6.83 56.07 72.01
CA THR ZA 47 -6.70 55.07 70.97
C THR ZA 47 -6.50 55.79 69.65
N GLU ZA 48 -6.59 55.03 68.56
CA GLU ZA 48 -6.65 55.66 67.24
C GLU ZA 48 -7.99 56.33 67.04
N HIS ZA 49 -9.07 55.68 67.47
CA HIS ZA 49 -10.41 56.22 67.37
C HIS ZA 49 -10.63 57.43 68.24
N THR ZA 50 -10.41 57.31 69.54
CA THR ZA 50 -10.60 58.40 70.48
C THR ZA 50 -9.44 59.38 70.31
N SER ZA 51 -9.66 60.39 69.48
CA SER ZA 51 -8.67 61.43 69.25
C SER ZA 51 -9.04 62.74 69.93
N ALA ZA 52 -10.20 62.80 70.57
CA ALA ZA 52 -10.64 64.00 71.27
C ALA ZA 52 -11.58 63.59 72.38
N ILE ZA 53 -11.43 64.22 73.53
CA ILE ZA 53 -12.23 63.89 74.71
C ILE ZA 53 -12.83 65.17 75.25
N LYS ZA 54 -14.15 65.21 75.36
CA LYS ZA 54 -14.87 66.36 75.88
C LYS ZA 54 -15.47 65.99 77.23
N VAL ZA 55 -15.34 66.89 78.20
CA VAL ZA 55 -15.77 66.62 79.56
C VAL ZA 55 -16.78 67.70 79.96
N ARG ZA 56 -17.96 67.28 80.39
CA ARG ZA 56 -18.99 68.18 80.86
C ARG ZA 56 -19.12 68.05 82.36
N GLY ZA 57 -19.77 69.03 82.98
CA GLY ZA 57 -20.04 68.99 84.41
C GLY ZA 57 -18.79 69.24 85.23
N LYS ZA 58 -18.97 69.15 86.54
CA LYS ZA 58 -17.90 69.42 87.47
C LYS ZA 58 -17.03 68.19 87.63
N ALA ZA 59 -15.77 68.30 87.19
CA ALA ZA 59 -14.84 67.18 87.26
C ALA ZA 59 -13.45 67.73 87.44
N TYR ZA 60 -12.55 66.86 87.90
CA TYR ZA 60 -11.18 67.23 88.20
C TYR ZA 60 -10.25 66.36 87.35
N ILE ZA 61 -9.53 66.98 86.42
CA ILE ZA 61 -8.78 66.28 85.41
C ILE ZA 61 -7.30 66.44 85.68
N GLN ZA 62 -6.56 65.34 85.62
CA GLN ZA 62 -5.11 65.34 85.64
C GLN ZA 62 -4.61 64.82 84.30
N THR ZA 63 -3.79 65.62 83.63
CA THR ZA 63 -3.12 65.21 82.41
C THR ZA 63 -1.63 65.28 82.63
N SER ZA 64 -0.87 65.09 81.55
CA SER ZA 64 0.57 65.26 81.63
C SER ZA 64 0.95 66.72 81.81
N HIS ZA 65 0.14 67.63 81.28
CA HIS ZA 65 0.40 69.06 81.38
C HIS ZA 65 0.03 69.64 82.72
N GLY ZA 66 -0.62 68.88 83.60
CA GLY ZA 66 -1.01 69.37 84.89
C GLY ZA 66 -2.45 69.03 85.17
N VAL ZA 67 -3.05 69.79 86.08
CA VAL ZA 67 -4.42 69.55 86.51
C VAL ZA 67 -5.30 70.70 86.04
N ILE ZA 68 -6.60 70.42 86.01
CA ILE ZA 68 -7.58 71.40 85.58
C ILE ZA 68 -8.93 70.98 86.16
N GLU ZA 69 -9.88 71.90 86.21
CA GLU ZA 69 -11.16 71.66 86.84
C GLU ZA 69 -12.29 72.06 85.91
N SER ZA 70 -12.92 71.09 85.27
CA SER ZA 70 -14.03 71.37 84.40
C SER ZA 70 -15.28 71.61 85.22
N GLU ZA 71 -16.16 72.47 84.72
CA GLU ZA 71 -17.41 72.76 85.41
C GLU ZA 71 -18.62 72.59 84.51
N ASP AB 6 2.48 53.73 81.77
CA ASP AB 6 1.91 52.53 81.16
C ASP AB 6 1.05 51.74 82.12
N PHE AB 7 1.15 52.02 83.41
CA PHE AB 7 0.45 51.23 84.41
C PHE AB 7 0.04 52.10 85.58
N VAL AB 8 -1.00 51.66 86.28
CA VAL AB 8 -1.56 52.36 87.41
C VAL AB 8 -1.52 51.47 88.63
N VAL AB 9 -1.56 52.08 89.80
CA VAL AB 9 -1.50 51.37 91.07
C VAL AB 9 -2.71 51.77 91.90
N ILE AB 10 -3.56 50.81 92.23
CA ILE AB 10 -4.80 51.07 92.95
C ILE AB 10 -4.74 50.35 94.28
N LYS AB 11 -4.72 51.11 95.37
CA LYS AB 11 -4.79 50.54 96.71
C LYS AB 11 -6.22 50.66 97.19
N ALA AB 12 -6.88 49.54 97.44
CA ALA AB 12 -8.27 49.58 97.85
C ALA AB 12 -8.37 49.88 99.33
N LEU AB 13 -8.79 51.10 99.66
CA LEU AB 13 -8.90 51.54 101.05
C LEU AB 13 -10.16 51.04 101.74
N GLU AB 14 -11.11 50.47 101.00
CA GLU AB 14 -12.31 49.92 101.59
C GLU AB 14 -12.68 48.67 100.82
N ASP AB 15 -13.59 47.89 101.38
CA ASP AB 15 -13.95 46.63 100.77
C ASP AB 15 -14.83 46.84 99.54
N GLY AB 16 -14.82 45.84 98.66
CA GLY AB 16 -15.69 45.84 97.51
C GLY AB 16 -15.39 46.88 96.47
N VAL AB 17 -14.13 47.28 96.31
CA VAL AB 17 -13.80 48.28 95.30
C VAL AB 17 -13.77 47.62 93.94
N ASN AB 18 -14.56 48.15 93.01
CA ASN AB 18 -14.69 47.58 91.68
C ASN AB 18 -13.72 48.27 90.74
N VAL AB 19 -13.13 47.49 89.84
CA VAL AB 19 -12.26 48.00 88.80
C VAL AB 19 -12.75 47.43 87.48
N ILE AB 20 -13.15 48.29 86.55
CA ILE AB 20 -13.82 47.88 85.33
C ILE AB 20 -12.89 48.08 84.17
N GLY AB 21 -12.64 47.02 83.41
CA GLY AB 21 -11.78 47.08 82.25
C GLY AB 21 -10.69 46.03 82.25
N SER AB 33 -14.32 42.95 84.70
CA SER AB 33 -14.55 43.51 86.03
C SER AB 33 -13.78 42.73 87.09
N GLU AB 34 -13.21 43.45 88.06
CA GLU AB 34 -12.50 42.84 89.18
C GLU AB 34 -12.96 43.50 90.47
N CYS AB 35 -12.90 42.75 91.56
CA CYS AB 35 -13.26 43.28 92.87
C CYS AB 35 -12.08 43.16 93.81
N LEU AB 36 -11.88 44.17 94.66
CA LEU AB 36 -10.79 44.20 95.61
C LEU AB 36 -11.33 44.41 97.00
N ASP AB 37 -10.67 43.79 97.97
CA ASP AB 37 -10.98 43.99 99.38
C ASP AB 37 -10.04 45.03 99.97
N LYS AB 38 -10.27 45.35 101.24
CA LYS AB 38 -9.51 46.41 101.89
C LYS AB 38 -8.07 45.98 102.14
N GLY AB 39 -7.14 46.81 101.69
CA GLY AB 39 -5.74 46.57 101.89
C GLY AB 39 -5.03 45.96 100.69
N GLU AB 40 -5.77 45.45 99.73
CA GLU AB 40 -5.14 44.91 98.55
C GLU AB 40 -4.68 46.03 97.63
N VAL AB 41 -3.75 45.69 96.74
CA VAL AB 41 -3.18 46.63 95.78
C VAL AB 41 -3.15 45.94 94.43
N LEU AB 42 -3.74 46.57 93.43
CA LEU AB 42 -3.73 46.06 92.08
C LEU AB 42 -2.89 46.96 91.20
N ILE AB 43 -1.90 46.39 90.54
CA ILE AB 43 -1.08 47.11 89.59
C ILE AB 43 -1.54 46.67 88.21
N ALA AB 44 -2.08 47.61 87.44
CA ALA AB 44 -2.73 47.26 86.18
C ALA AB 44 -2.05 47.97 85.03
N GLN AB 45 -1.68 47.19 84.01
CA GLN AB 45 -1.12 47.73 82.79
C GLN AB 45 -2.21 47.86 81.74
N PHE AB 46 -1.99 48.78 80.80
CA PHE AB 46 -2.94 48.96 79.71
C PHE AB 46 -2.60 48.06 78.54
N THR AB 47 -3.53 47.18 78.20
CA THR AB 47 -3.38 46.33 77.04
C THR AB 47 -3.97 47.05 75.85
N GLU AB 48 -4.10 46.33 74.73
CA GLU AB 48 -4.88 46.84 73.61
C GLU AB 48 -6.36 46.86 73.96
N HIS AB 49 -6.84 45.80 74.61
CA HIS AB 49 -8.23 45.70 75.01
C HIS AB 49 -8.61 46.70 76.07
N THR AB 50 -7.92 46.70 77.21
CA THR AB 50 -8.20 47.60 78.31
C THR AB 50 -7.69 48.98 77.92
N SER AB 51 -8.59 49.80 77.36
CA SER AB 51 -8.26 51.16 76.99
C SER AB 51 -8.88 52.17 77.94
N ALA AB 52 -9.66 51.74 78.91
CA ALA AB 52 -10.27 52.63 79.88
C ALA AB 52 -10.50 51.85 81.17
N ILE AB 53 -10.25 52.49 82.30
CA ILE AB 53 -10.37 51.86 83.60
C ILE AB 53 -11.22 52.75 84.49
N LYS AB 54 -12.29 52.20 85.01
CA LYS AB 54 -13.19 52.93 85.90
C LYS AB 54 -13.07 52.35 87.29
N VAL AB 55 -12.99 53.21 88.29
CA VAL AB 55 -12.77 52.80 89.67
C VAL AB 55 -13.92 53.32 90.52
N ARG AB 56 -14.59 52.42 91.23
CA ARG AB 56 -15.67 52.79 92.14
C ARG AB 56 -15.19 52.63 93.57
N GLY AB 57 -15.92 53.23 94.50
CA GLY AB 57 -15.64 53.08 95.91
C GLY AB 57 -14.41 53.86 96.32
N LYS AB 58 -14.06 53.72 97.60
CA LYS AB 58 -12.94 54.45 98.17
C LYS AB 58 -11.65 53.72 97.85
N ALA AB 59 -10.79 54.36 97.06
CA ALA AB 59 -9.53 53.78 96.66
C ALA AB 59 -8.51 54.88 96.46
N TYR AB 60 -7.24 54.50 96.48
CA TYR AB 60 -6.13 55.44 96.37
C TYR AB 60 -5.30 55.06 95.16
N ILE AB 61 -5.28 55.93 94.16
CA ILE AB 61 -4.70 55.60 92.86
C ILE AB 61 -3.43 56.41 92.67
N GLN AB 62 -2.38 55.74 92.22
CA GLN AB 62 -1.15 56.38 91.77
C GLN AB 62 -0.99 56.12 90.29
N THR AB 63 -0.86 57.19 89.51
CA THR AB 63 -0.57 57.12 88.10
C THR AB 63 0.74 57.83 87.85
N SER AB 64 1.07 57.99 86.56
CA SER AB 64 2.24 58.77 86.20
C SER AB 64 2.01 60.25 86.47
N HIS AB 65 0.78 60.71 86.35
CA HIS AB 65 0.44 62.11 86.57
C HIS AB 65 0.36 62.48 88.04
N GLY AB 66 0.43 61.51 88.95
CA GLY AB 66 0.36 61.80 90.35
C GLY AB 66 -0.61 60.86 91.03
N VAL AB 67 -1.12 61.29 92.19
CA VAL AB 67 -2.01 60.48 92.98
C VAL AB 67 -3.39 61.12 93.00
N ILE AB 68 -4.38 60.30 93.34
CA ILE AB 68 -5.77 60.73 93.39
C ILE AB 68 -6.52 59.77 94.30
N GLU AB 69 -7.67 60.19 94.78
CA GLU AB 69 -8.44 59.41 95.75
C GLU AB 69 -9.88 59.28 95.31
N SER AB 70 -10.22 58.12 94.75
CA SER AB 70 -11.58 57.87 94.33
C SER AB 70 -12.45 57.54 95.55
N GLU AB 71 -13.72 57.93 95.48
CA GLU AB 71 -14.64 57.64 96.57
C GLU AB 71 -15.90 56.95 96.08
N ASP BB 6 8.91 49.06 83.96
CA ASP BB 6 8.68 47.74 83.37
C ASP BB 6 8.57 46.64 84.41
N PHE BB 7 8.99 46.92 85.64
CA PHE BB 7 9.04 45.89 86.66
C PHE BB 7 8.75 46.49 88.02
N VAL BB 8 8.28 45.64 88.92
CA VAL BB 8 7.90 46.03 90.27
C VAL BB 8 8.70 45.21 91.26
N VAL BB 9 8.83 45.74 92.48
CA VAL BB 9 9.59 45.09 93.55
C VAL BB 9 8.69 44.94 94.74
N ILE BB 10 8.45 43.70 95.16
CA ILE BB 10 7.54 43.40 96.26
C ILE BB 10 8.32 42.76 97.38
N LYS BB 11 8.41 43.43 98.51
CA LYS BB 11 9.03 42.86 99.70
C LYS BB 11 7.92 42.37 100.61
N ALA BB 12 7.89 41.06 100.86
CA ALA BB 12 6.82 40.53 101.68
C ALA BB 12 7.12 40.72 103.15
N LEU BB 13 6.40 41.64 103.78
CA LEU BB 13 6.61 41.97 105.18
C LEU BB 13 5.96 40.98 106.14
N GLU BB 14 5.12 40.08 105.64
CA GLU BB 14 4.51 39.07 106.48
C GLU BB 14 4.41 37.79 105.66
N ASP BB 15 4.12 36.69 106.35
CA ASP BB 15 4.11 35.40 105.69
C ASP BB 15 2.85 35.25 104.83
N GLY BB 16 2.94 34.36 103.85
CA GLY BB 16 1.80 34.01 103.02
C GLY BB 16 1.30 35.11 102.12
N VAL BB 17 2.17 36.00 101.65
CA VAL BB 17 1.72 37.06 100.76
C VAL BB 17 1.53 36.49 99.37
N ASN BB 18 0.33 36.66 98.83
CA ASN BB 18 -0.01 36.12 97.52
C ASN BB 18 0.24 37.16 96.45
N VAL BB 19 0.73 36.72 95.30
CA VAL BB 19 0.92 37.57 94.13
C VAL BB 19 0.26 36.86 92.96
N ILE BB 20 -0.71 37.50 92.35
CA ILE BB 20 -1.55 36.86 91.34
C ILE BB 20 -1.23 37.45 89.98
N GLY BB 21 -0.86 36.61 89.04
CA GLY BB 21 -0.55 37.04 87.69
C GLY BB 21 0.79 36.54 87.20
N SER BB 33 -0.28 32.18 90.13
CA SER BB 33 -0.23 32.57 91.53
C SER BB 33 1.08 32.18 92.17
N GLU BB 34 1.61 33.04 93.02
CA GLU BB 34 2.85 32.77 93.75
C GLU BB 34 2.64 33.16 95.21
N CYS BB 35 3.36 32.49 96.10
CA CYS BB 35 3.29 32.78 97.52
C CYS BB 35 4.68 33.17 98.03
N LEU BB 36 4.73 34.14 98.92
CA LEU BB 36 5.99 34.62 99.48
C LEU BB 36 5.92 34.55 101.00
N ASP BB 37 7.05 34.26 101.61
CA ASP BB 37 7.20 34.28 103.06
C ASP BB 37 7.79 35.61 103.49
N LYS BB 38 7.91 35.78 104.81
CA LYS BB 38 8.37 37.05 105.36
C LYS BB 38 9.85 37.26 105.07
N GLY BB 39 10.17 38.41 104.52
CA GLY BB 39 11.53 38.78 104.23
C GLY BB 39 11.97 38.55 102.80
N GLU BB 40 11.20 37.78 102.03
CA GLU BB 40 11.55 37.57 100.64
C GLU BB 40 11.20 38.80 99.83
N VAL BB 41 11.82 38.90 98.65
CA VAL BB 41 11.61 40.00 97.73
C VAL BB 41 11.45 39.42 96.34
N LEU BB 42 10.35 39.75 95.68
CA LEU BB 42 10.09 39.31 94.32
C LEU BB 42 10.16 40.50 93.39
N ILE BB 43 11.01 40.41 92.38
CA ILE BB 43 11.10 41.43 91.34
C ILE BB 43 10.41 40.86 90.12
N ALA BB 44 9.32 41.49 89.70
CA ALA BB 44 8.47 40.93 88.67
C ALA BB 44 8.39 41.87 87.49
N GLN BB 45 8.66 41.34 86.31
CA GLN BB 45 8.51 42.09 85.07
C GLN BB 45 7.17 41.77 84.43
N PHE BB 46 6.68 42.70 83.63
CA PHE BB 46 5.42 42.49 82.92
C PHE BB 46 5.67 41.83 81.58
N THR BB 47 5.09 40.65 81.40
CA THR BB 47 5.14 39.96 80.12
C THR BB 47 3.95 40.40 79.30
N GLU BB 48 3.73 39.69 78.19
CA GLU BB 48 2.49 39.86 77.45
C GLU BB 48 1.34 39.25 78.22
N HIS BB 49 1.56 38.07 78.81
CA HIS BB 49 0.54 37.39 79.60
C HIS BB 49 0.19 38.13 80.88
N THR BB 50 1.18 38.39 81.72
CA THR BB 50 0.97 39.08 82.99
C THR BB 50 0.72 40.55 82.69
N SER BB 51 -0.54 40.93 82.56
CA SER BB 51 -0.93 42.31 82.33
C SER BB 51 -1.52 42.96 83.56
N ALA BB 52 -1.69 42.20 84.65
CA ALA BB 52 -2.22 42.74 85.89
C ALA BB 52 -1.68 41.91 87.04
N ILE BB 53 -1.32 42.59 88.12
CA ILE BB 53 -0.73 41.94 89.28
C ILE BB 53 -1.50 42.38 90.51
N LYS BB 54 -2.04 41.42 91.25
CA LYS BB 54 -2.78 41.69 92.47
C LYS BB 54 -1.97 41.19 93.65
N VAL BB 55 -1.90 42.00 94.70
CA VAL BB 55 -1.08 41.68 95.87
C VAL BB 55 -1.98 41.66 97.10
N ARG BB 56 -1.95 40.56 97.83
CA ARG BB 56 -2.71 40.43 99.07
C ARG BB 56 -1.75 40.46 100.25
N GLY BB 57 -2.29 40.68 101.43
CA GLY BB 57 -1.51 40.64 102.65
C GLY BB 57 -0.62 41.86 102.79
N LYS BB 58 0.17 41.84 103.86
CA LYS BB 58 1.03 42.97 104.17
C LYS BB 58 2.32 42.86 103.36
N ALA BB 59 2.53 43.81 102.46
CA ALA BB 59 3.71 43.82 101.61
C ALA BB 59 4.08 45.25 101.29
N TYR BB 60 5.32 45.43 100.87
CA TYR BB 60 5.87 46.75 100.56
C TYR BB 60 6.32 46.78 99.12
N ILE BB 61 5.65 47.59 98.30
CA ILE BB 61 5.82 47.57 96.86
C ILE BB 61 6.53 48.83 96.42
N GLN BB 62 7.54 48.67 95.57
CA GLN BB 62 8.18 49.77 94.88
C GLN BB 62 7.92 49.63 93.40
N THR BB 63 7.35 50.67 92.80
CA THR BB 63 7.15 50.75 91.37
C THR BB 63 7.89 51.95 90.84
N SER BB 64 7.69 52.25 89.56
CA SER BB 64 8.26 53.46 88.98
C SER BB 64 7.57 54.70 89.54
N HIS BB 65 6.30 54.60 89.89
CA HIS BB 65 5.54 55.73 90.41
C HIS BB 65 5.83 56.01 91.88
N GLY BB 66 6.58 55.15 92.55
CA GLY BB 66 6.89 55.35 93.95
C GLY BB 66 6.65 54.08 94.73
N VAL BB 67 6.45 54.24 96.03
CA VAL BB 67 6.27 53.11 96.93
C VAL BB 67 4.85 53.12 97.46
N ILE BB 68 4.44 51.95 97.96
CA ILE BB 68 3.10 51.76 98.49
C ILE BB 68 3.15 50.56 99.42
N GLU BB 69 2.15 50.45 100.30
CA GLU BB 69 2.14 49.41 101.31
C GLU BB 69 0.80 48.68 101.31
N SER BB 70 0.78 47.50 100.71
CA SER BB 70 -0.44 46.70 100.69
C SER BB 70 -0.63 46.03 102.04
N GLU BB 71 -1.90 45.85 102.43
CA GLU BB 71 -2.20 45.20 103.69
C GLU BB 71 -3.18 44.04 103.49
N ASP CB 6 16.70 47.93 83.36
CA ASP CB 6 16.86 46.65 82.65
C ASP CB 6 17.59 45.61 83.48
N PHE CB 7 18.24 46.03 84.55
CA PHE CB 7 19.06 45.11 85.32
C PHE CB 7 19.03 45.50 86.79
N VAL CB 8 19.29 44.52 87.64
CA VAL CB 8 19.28 44.67 89.08
C VAL CB 8 20.64 44.30 89.64
N VAL CB 9 20.94 44.81 90.83
CA VAL CB 9 22.22 44.56 91.49
C VAL CB 9 21.93 43.99 92.87
N ILE CB 10 22.39 42.78 93.13
CA ILE CB 10 22.12 42.08 94.38
C ILE CB 10 23.44 41.84 95.09
N LYS CB 11 23.62 42.47 96.24
CA LYS CB 11 24.78 42.23 97.09
C LYS CB 11 24.37 41.27 98.19
N ALA CB 12 24.97 40.10 98.22
CA ALA CB 12 24.57 39.11 99.21
C ALA CB 12 25.25 39.41 100.54
N LEU CB 13 24.47 39.89 101.51
CA LEU CB 13 24.99 40.27 102.80
C LEU CB 13 25.19 39.08 103.74
N GLU CB 14 24.69 37.91 103.37
CA GLU CB 14 24.88 36.70 104.17
C GLU CB 14 25.07 35.53 103.22
N ASP CB 15 25.51 34.41 103.77
CA ASP CB 15 25.81 33.25 102.94
C ASP CB 15 24.54 32.57 102.48
N GLY CB 16 24.64 31.84 101.38
CA GLY CB 16 23.55 31.02 100.90
C GLY CB 16 22.36 31.79 100.37
N VAL CB 17 22.56 32.98 99.82
CA VAL CB 17 21.43 33.73 99.30
C VAL CB 17 21.03 33.16 97.95
N ASN CB 18 19.77 32.78 97.82
CA ASN CB 18 19.27 32.16 96.61
C ASN CB 18 18.67 33.21 95.71
N VAL CB 19 18.88 33.06 94.41
CA VAL CB 19 18.28 33.93 93.40
C VAL CB 19 17.63 33.01 92.37
N ILE CB 20 16.33 33.14 92.20
CA ILE CB 20 15.55 32.21 91.39
C ILE CB 20 15.11 32.91 90.11
N GLY CB 21 15.46 32.33 88.98
CA GLY CB 21 15.07 32.88 87.70
C GLY CB 21 16.24 33.05 86.74
N SER CB 33 18.17 28.63 89.09
CA SER CB 33 18.52 28.98 90.46
C SER CB 33 20.02 29.22 90.60
N GLU CB 34 20.38 30.22 91.38
CA GLU CB 34 21.78 30.52 91.66
C GLU CB 34 21.95 30.75 93.16
N CYS CB 35 23.14 30.47 93.67
CA CYS CB 35 23.44 30.68 95.07
C CYS CB 35 24.62 31.63 95.21
N LEU CB 36 24.56 32.52 96.18
CA LEU CB 36 25.61 33.51 96.42
C LEU CB 36 26.10 33.39 97.85
N ASP CB 37 27.39 33.63 98.04
CA ASP CB 37 27.99 33.70 99.36
C ASP CB 37 28.08 35.15 99.81
N LYS CB 38 28.55 35.33 101.04
CA LYS CB 38 28.60 36.66 101.63
C LYS CB 38 29.66 37.52 100.96
N GLY CB 39 29.25 38.71 100.52
CA GLY CB 39 30.15 39.65 99.91
C GLY CB 39 30.12 39.65 98.40
N GLU CB 40 29.54 38.64 97.78
CA GLU CB 40 29.44 38.63 96.34
C GLU CB 40 28.34 39.58 95.87
N VAL CB 41 28.42 39.95 94.60
CA VAL CB 41 27.47 40.87 93.99
C VAL CB 41 27.11 40.29 92.63
N LEU CB 42 25.82 40.11 92.39
CA LEU CB 42 25.33 39.61 91.12
C LEU CB 42 24.57 40.72 90.43
N ILE CB 43 24.97 41.04 89.20
CA ILE CB 43 24.27 41.99 88.37
C ILE CB 43 23.51 41.20 87.33
N ALA CB 44 22.19 41.27 87.37
CA ALA CB 44 21.35 40.40 86.57
C ALA CB 44 20.48 41.22 85.63
N GLN CB 45 20.53 40.90 84.35
CA GLN CB 45 19.66 41.51 83.35
C GLN CB 45 18.46 40.63 83.11
N PHE CB 46 17.37 41.25 82.65
CA PHE CB 46 16.17 40.50 82.33
C PHE CB 46 16.19 40.04 80.88
N THR CB 47 16.15 38.73 80.70
CA THR CB 47 16.05 38.17 79.36
C THR CB 47 14.58 38.02 79.01
N GLU CB 48 14.31 37.31 77.92
CA GLU CB 48 12.94 36.91 77.62
C GLU CB 48 12.49 35.83 78.59
N HIS CB 49 13.38 34.88 78.89
CA HIS CB 49 13.08 33.81 79.81
C HIS CB 49 12.91 34.27 81.24
N THR CB 50 13.92 34.94 81.80
CA THR CB 50 13.88 35.45 83.15
C THR CB 50 12.96 36.66 83.18
N SER CB 51 11.69 36.41 83.51
CA SER CB 51 10.71 37.48 83.65
C SER CB 51 10.36 37.78 85.08
N ALA CB 52 10.91 37.02 86.03
CA ALA CB 52 10.65 37.24 87.44
C ALA CB 52 11.85 36.72 88.22
N ILE CB 53 12.24 37.48 89.24
CA ILE CB 53 13.40 37.15 90.05
C ILE CB 53 12.99 37.18 91.51
N LYS CB 54 13.19 36.07 92.21
CA LYS CB 54 12.87 35.95 93.62
C LYS CB 54 14.17 35.86 94.41
N VAL CB 55 14.25 36.60 95.51
CA VAL CB 55 15.46 36.67 96.31
C VAL CB 55 15.13 36.23 97.73
N ARG CB 56 15.87 35.24 98.22
CA ARG CB 56 15.71 34.77 99.58
C ARG CB 56 16.90 35.20 100.41
N GLY CB 57 16.76 35.15 101.73
CA GLY CB 57 17.86 35.45 102.63
C GLY CB 57 18.13 36.93 102.69
N LYS CB 58 19.17 37.26 103.47
CA LYS CB 58 19.54 38.65 103.68
C LYS CB 58 20.38 39.15 102.52
N ALA CB 59 19.86 40.10 101.77
CA ALA CB 59 20.56 40.65 100.62
C ALA CB 59 20.15 42.11 100.45
N TYR CB 60 20.97 42.84 99.70
CA TYR CB 60 20.78 44.26 99.49
C TYR CB 60 20.65 44.51 97.99
N ILE CB 61 19.47 44.95 97.56
CA ILE CB 61 19.13 45.02 96.15
C ILE CB 61 19.05 46.48 95.73
N GLN CB 62 19.68 46.80 94.60
CA GLN CB 62 19.52 48.08 93.95
C GLN CB 62 18.85 47.85 92.61
N THR CB 63 17.73 48.53 92.39
CA THR CB 63 17.04 48.53 91.12
C THR CB 63 16.98 49.95 90.60
N SER CB 64 16.24 50.14 89.51
CA SER CB 64 16.02 51.48 89.00
C SER CB 64 15.12 52.28 89.93
N HIS CB 65 14.20 51.62 90.62
CA HIS CB 65 13.28 52.27 91.53
C HIS CB 65 13.90 52.62 92.86
N GLY CB 66 15.12 52.18 93.13
CA GLY CB 66 15.78 52.48 94.39
C GLY CB 66 16.37 51.24 94.98
N VAL CB 67 16.59 51.27 96.29
CA VAL CB 67 17.21 50.17 96.99
C VAL CB 67 16.20 49.53 97.92
N ILE CB 68 16.50 48.29 98.32
CA ILE CB 68 15.63 47.51 99.19
C ILE CB 68 16.51 46.45 99.85
N GLU CB 69 16.02 45.89 100.95
CA GLU CB 69 16.78 44.93 101.74
C GLU CB 69 15.96 43.69 102.01
N SER CB 70 16.24 42.62 101.26
CA SER CB 70 15.54 41.37 101.48
C SER CB 70 16.12 40.65 102.69
N GLU CB 71 15.27 39.93 103.40
CA GLU CB 71 15.71 39.17 104.56
C GLU CB 71 15.31 37.71 104.49
N ASP DB 6 -68.28 -68.95 11.94
CA ASP DB 6 -67.15 -68.28 12.57
C ASP DB 6 -66.84 -68.81 13.96
N PHE DB 7 -67.78 -69.56 14.54
CA PHE DB 7 -67.62 -70.00 15.92
C PHE DB 7 -68.25 -71.36 16.11
N VAL DB 8 -67.76 -72.08 17.10
CA VAL DB 8 -68.21 -73.43 17.42
C VAL DB 8 -68.71 -73.47 18.85
N VAL DB 9 -69.55 -74.45 19.14
CA VAL DB 9 -70.16 -74.60 20.46
C VAL DB 9 -69.86 -76.01 20.95
N ILE DB 10 -69.13 -76.10 22.07
CA ILE DB 10 -68.71 -77.39 22.61
C ILE DB 10 -69.34 -77.58 23.97
N LYS DB 11 -70.22 -78.56 24.09
CA LYS DB 11 -70.80 -78.93 25.37
C LYS DB 11 -70.05 -80.13 25.90
N ALA DB 12 -69.38 -79.97 27.04
CA ALA DB 12 -68.60 -81.07 27.57
C ALA DB 12 -69.49 -82.04 28.32
N LEU DB 13 -69.71 -83.21 27.73
CA LEU DB 13 -70.58 -84.23 28.30
C LEU DB 13 -69.91 -85.06 29.38
N GLU DB 14 -68.60 -84.93 29.54
CA GLU DB 14 -67.88 -85.63 30.60
C GLU DB 14 -66.79 -84.71 31.12
N ASP DB 15 -66.21 -85.09 32.25
CA ASP DB 15 -65.23 -84.24 32.89
C ASP DB 15 -63.90 -84.30 32.15
N GLY DB 16 -63.11 -83.26 32.33
CA GLY DB 16 -61.76 -83.22 31.79
C GLY DB 16 -61.66 -83.16 30.29
N VAL DB 17 -62.63 -82.53 29.62
CA VAL DB 17 -62.56 -82.44 28.17
C VAL DB 17 -61.57 -81.35 27.79
N ASN DB 18 -60.58 -81.71 26.99
CA ASN DB 18 -59.53 -80.78 26.60
C ASN DB 18 -59.90 -80.12 25.28
N VAL DB 19 -59.58 -78.84 25.15
CA VAL DB 19 -59.77 -78.10 23.92
C VAL DB 19 -58.45 -77.40 23.62
N ILE DB 20 -57.84 -77.71 22.49
CA ILE DB 20 -56.49 -77.27 22.17
C ILE DB 20 -56.55 -76.23 21.07
N GLY DB 21 -55.99 -75.06 21.33
CA GLY DB 21 -55.96 -74.00 20.36
C GLY DB 21 -56.49 -72.68 20.89
N SER DB 33 -54.34 -74.27 25.54
CA SER DB 33 -55.13 -75.40 26.01
C SER DB 33 -56.12 -74.99 27.09
N GLU DB 34 -57.32 -75.56 27.04
CA GLU DB 34 -58.35 -75.30 28.04
C GLU DB 34 -58.96 -76.61 28.47
N CYS DB 35 -59.46 -76.67 29.70
CA CYS DB 35 -60.10 -77.85 30.22
C CYS DB 35 -61.53 -77.51 30.64
N LEU DB 36 -62.45 -78.43 30.38
CA LEU DB 36 -63.86 -78.24 30.71
C LEU DB 36 -64.34 -79.39 31.57
N ASP DB 37 -65.24 -79.10 32.49
CA ASP DB 37 -65.90 -80.10 33.29
C ASP DB 37 -67.25 -80.44 32.69
N LYS DB 38 -67.93 -81.42 33.31
CA LYS DB 38 -69.18 -81.91 32.77
C LYS DB 38 -70.28 -80.87 32.92
N GLY DB 39 -70.97 -80.59 31.81
CA GLY DB 39 -72.06 -79.67 31.79
C GLY DB 39 -71.72 -78.27 31.34
N GLU DB 40 -70.43 -77.93 31.28
CA GLU DB 40 -70.05 -76.62 30.79
C GLU DB 40 -70.17 -76.57 29.28
N VAL DB 41 -70.24 -75.35 28.76
CA VAL DB 41 -70.36 -75.09 27.33
C VAL DB 41 -69.40 -73.98 26.98
N LEU DB 42 -68.52 -74.24 26.01
CA LEU DB 42 -67.57 -73.25 25.54
C LEU DB 42 -67.95 -72.85 24.12
N ILE DB 43 -68.14 -71.55 23.92
CA ILE DB 43 -68.39 -71.00 22.59
C ILE DB 43 -67.11 -70.34 22.14
N ALA DB 44 -66.50 -70.87 21.09
CA ALA DB 44 -65.17 -70.44 20.69
C ALA DB 44 -65.18 -69.87 19.29
N GLN DB 45 -64.65 -68.67 19.14
CA GLN DB 45 -64.49 -68.05 17.84
C GLN DB 45 -63.08 -68.27 17.32
N PHE DB 46 -62.94 -68.23 15.99
CA PHE DB 46 -61.63 -68.40 15.38
C PHE DB 46 -60.94 -67.05 15.24
N THR DB 47 -59.79 -66.93 15.88
CA THR DB 47 -58.96 -65.75 15.75
C THR DB 47 -58.02 -65.95 14.58
N GLU DB 48 -57.04 -65.05 14.45
CA GLU DB 48 -55.94 -65.29 13.53
C GLU DB 48 -55.03 -66.39 14.06
N HIS DB 49 -54.77 -66.36 15.37
CA HIS DB 49 -53.93 -67.37 16.02
C HIS DB 49 -54.56 -68.74 16.04
N THR DB 50 -55.75 -68.86 16.60
CA THR DB 50 -56.46 -70.14 16.68
C THR DB 50 -56.99 -70.47 15.30
N SER DB 51 -56.22 -71.24 14.54
CA SER DB 51 -56.63 -71.69 13.22
C SER DB 51 -57.02 -73.16 13.21
N ALA DB 52 -56.88 -73.85 14.33
CA ALA DB 52 -57.25 -75.25 14.41
C ALA DB 52 -57.61 -75.56 15.85
N ILE DB 53 -58.66 -76.35 16.03
CA ILE DB 53 -59.17 -76.69 17.35
C ILE DB 53 -59.32 -78.19 17.44
N LYS DB 54 -58.66 -78.79 18.42
CA LYS DB 54 -58.72 -80.23 18.64
C LYS DB 54 -59.48 -80.49 19.93
N VAL DB 55 -60.37 -81.46 19.90
CA VAL DB 55 -61.25 -81.77 21.03
C VAL DB 55 -61.03 -83.21 21.43
N ARG DB 56 -60.71 -83.44 22.70
CA ARG DB 56 -60.54 -84.77 23.24
C ARG DB 56 -61.70 -85.10 24.15
N GLY DB 57 -61.87 -86.37 24.46
CA GLY DB 57 -62.88 -86.80 25.40
C GLY DB 57 -64.28 -86.72 24.81
N LYS DB 58 -65.25 -87.05 25.64
CA LYS DB 58 -66.64 -87.08 25.21
C LYS DB 58 -67.23 -85.68 25.26
N ALA DB 59 -67.57 -85.15 24.10
CA ALA DB 59 -68.13 -83.81 24.00
C ALA DB 59 -69.08 -83.75 22.83
N TYR DB 60 -69.94 -82.75 22.83
CA TYR DB 60 -70.97 -82.57 21.83
C TYR DB 60 -70.77 -81.22 21.16
N ILE DB 61 -70.44 -81.24 19.87
CA ILE DB 61 -70.01 -80.05 19.16
C ILE DB 61 -71.07 -79.66 18.15
N GLN DB 62 -71.41 -78.37 18.13
CA GLN DB 62 -72.25 -77.78 17.10
C GLN DB 62 -71.42 -76.78 16.32
N THR DB 63 -71.35 -76.98 15.01
CA THR DB 63 -70.70 -76.04 14.11
C THR DB 63 -71.75 -75.54 13.12
N SER DB 64 -71.27 -74.79 12.13
CA SER DB 64 -72.15 -74.37 11.05
C SER DB 64 -72.56 -75.54 10.17
N HIS DB 65 -71.69 -76.53 10.04
CA HIS DB 65 -71.96 -77.70 9.21
C HIS DB 65 -72.88 -78.70 9.88
N GLY DB 66 -73.20 -78.52 11.15
CA GLY DB 66 -74.06 -79.44 11.86
C GLY DB 66 -73.47 -79.81 13.19
N VAL DB 67 -73.91 -80.95 13.72
CA VAL DB 67 -73.48 -81.40 15.03
C VAL DB 67 -72.63 -82.66 14.87
N ILE DB 68 -71.86 -82.94 15.91
CA ILE DB 68 -70.97 -84.09 15.93
C ILE DB 68 -70.68 -84.42 17.38
N GLU DB 69 -70.21 -85.64 17.63
CA GLU DB 69 -69.99 -86.11 19.00
C GLU DB 69 -68.60 -86.70 19.14
N SER DB 70 -67.69 -85.93 19.73
CA SER DB 70 -66.34 -86.42 19.95
C SER DB 70 -66.33 -87.35 21.14
N GLU DB 71 -65.45 -88.34 21.10
CA GLU DB 71 -65.32 -89.28 22.20
C GLU DB 71 -63.88 -89.40 22.69
N ASP EB 6 -72.94 -63.30 15.23
CA ASP EB 6 -72.04 -62.36 15.88
C ASP EB 6 -72.28 -62.25 17.38
N PHE EB 7 -73.42 -62.76 17.85
CA PHE EB 7 -73.77 -62.59 19.25
C PHE EB 7 -74.56 -63.81 19.73
N VAL EB 8 -74.50 -64.02 21.04
CA VAL EB 8 -75.15 -65.16 21.69
C VAL EB 8 -76.11 -64.63 22.74
N VAL EB 9 -77.09 -65.46 23.08
CA VAL EB 9 -78.12 -65.10 24.05
C VAL EB 9 -78.13 -66.16 25.14
N ILE EB 10 -77.86 -65.76 26.38
CA ILE EB 10 -77.75 -66.68 27.49
C ILE EB 10 -78.83 -66.34 28.50
N LYS EB 11 -79.78 -67.25 28.70
CA LYS EB 11 -80.80 -67.09 29.72
C LYS EB 11 -80.38 -67.93 30.92
N ALA EB 12 -80.14 -67.27 32.05
CA ALA EB 12 -79.68 -68.01 33.21
C ALA EB 12 -80.86 -68.66 33.92
N LEU EB 13 -80.96 -69.98 33.81
CA LEU EB 13 -82.05 -70.72 34.41
C LEU EB 13 -81.87 -70.99 35.90
N GLU EB 14 -80.69 -70.71 36.44
CA GLU EB 14 -80.45 -70.88 37.87
C GLU EB 14 -79.53 -69.77 38.31
N ASP EB 15 -79.42 -69.61 39.63
CA ASP EB 15 -78.64 -68.52 40.17
C ASP EB 15 -77.15 -68.78 40.03
N GLY EB 16 -76.37 -67.70 40.05
CA GLY EB 16 -74.93 -67.80 40.05
C GLY EB 16 -74.32 -68.35 38.78
N VAL EB 17 -74.93 -68.12 37.63
CA VAL EB 17 -74.36 -68.62 36.39
C VAL EB 17 -73.22 -67.71 35.97
N ASN EB 18 -72.04 -68.29 35.78
CA ASN EB 18 -70.84 -67.54 35.45
C ASN EB 18 -70.68 -67.51 33.93
N VAL EB 19 -70.22 -66.37 33.43
CA VAL EB 19 -69.91 -66.20 32.01
C VAL EB 19 -68.51 -65.60 31.95
N ILE EB 20 -67.58 -66.31 31.32
CA ILE EB 20 -66.17 -65.95 31.35
C ILE EB 20 -65.76 -65.45 29.98
N GLY EB 21 -65.23 -64.24 29.93
CA GLY EB 21 -64.77 -63.67 28.68
C GLY EB 21 -65.34 -62.29 28.42
N SER EB 33 -65.07 -61.71 33.74
CA SER EB 33 -66.07 -62.60 34.32
C SER EB 33 -67.32 -61.84 34.72
N GLU EB 34 -68.48 -62.46 34.49
CA GLU EB 34 -69.76 -61.88 34.87
C GLU EB 34 -70.61 -62.95 35.56
N CYS EB 35 -71.49 -62.53 36.44
CA CYS EB 35 -72.38 -63.44 37.14
C CYS EB 35 -73.82 -63.05 36.86
N LEU EB 36 -74.68 -64.06 36.67
CA LEU EB 36 -76.08 -63.84 36.39
C LEU EB 36 -76.93 -64.58 37.42
N ASP EB 37 -78.08 -63.99 37.75
CA ASP EB 37 -79.05 -64.62 38.62
C ASP EB 37 -80.14 -65.27 37.77
N LYS EB 38 -81.06 -65.94 38.45
CA LYS EB 38 -82.10 -66.70 37.75
C LYS EB 38 -83.08 -65.77 37.07
N GLY EB 39 -83.31 -66.00 35.78
CA GLY EB 39 -84.25 -65.23 35.01
C GLY EB 39 -83.65 -64.12 34.19
N GLU EB 40 -82.40 -63.76 34.45
CA GLU EB 40 -81.76 -62.74 33.64
C GLU EB 40 -81.34 -63.31 32.30
N VAL EB 41 -81.13 -62.42 31.34
CA VAL EB 41 -80.72 -62.78 29.99
C VAL EB 41 -79.61 -61.84 29.58
N LEU EB 42 -78.49 -62.41 29.17
CA LEU EB 42 -77.34 -61.64 28.70
C LEU EB 42 -77.17 -61.88 27.22
N ILE EB 43 -77.16 -60.80 26.45
CA ILE EB 43 -76.89 -60.85 25.03
C ILE EB 43 -75.47 -60.34 24.83
N ALA EB 44 -74.59 -61.21 24.36
CA ALA EB 44 -73.17 -60.90 24.32
C ALA EB 44 -72.66 -60.95 22.89
N GLN EB 45 -72.00 -59.88 22.47
CA GLN EB 45 -71.35 -59.83 21.18
C GLN EB 45 -69.88 -60.16 21.32
N PHE EB 46 -69.28 -60.65 20.24
CA PHE EB 46 -67.86 -60.96 20.24
C PHE EB 46 -67.05 -59.75 19.82
N THR EB 47 -66.18 -59.30 20.72
CA THR EB 47 -65.27 -58.22 20.42
C THR EB 47 -63.99 -58.83 19.84
N GLU EB 48 -62.96 -57.99 19.71
CA GLU EB 48 -61.64 -58.52 19.42
C GLU EB 48 -61.07 -59.23 20.62
N HIS EB 49 -61.27 -58.66 21.81
CA HIS EB 49 -60.79 -59.25 23.05
C HIS EB 49 -61.50 -60.55 23.40
N THR EB 50 -62.83 -60.51 23.52
CA THR EB 50 -63.63 -61.68 23.85
C THR EB 50 -63.67 -62.58 22.63
N SER EB 51 -62.76 -63.54 22.57
CA SER EB 51 -62.72 -64.51 21.49
C SER EB 51 -63.20 -65.88 21.93
N ALA EB 52 -63.53 -66.05 23.20
CA ALA EB 52 -64.03 -67.31 23.71
C ALA EB 52 -64.89 -67.04 24.92
N ILE EB 53 -66.01 -67.75 25.03
CA ILE EB 53 -66.96 -67.55 26.11
C ILE EB 53 -67.25 -68.90 26.73
N LYS EB 54 -67.04 -69.01 28.04
CA LYS EB 54 -67.29 -70.23 28.78
C LYS EB 54 -68.47 -69.99 29.70
N VAL EB 55 -69.38 -70.95 29.76
CA VAL EB 55 -70.61 -70.81 30.53
C VAL EB 55 -70.68 -71.96 31.53
N ARG EB 56 -70.83 -71.63 32.81
CA ARG EB 56 -70.97 -72.61 33.86
C ARG EB 56 -72.41 -72.61 34.36
N GLY EB 57 -72.78 -73.66 35.07
CA GLY EB 57 -74.09 -73.74 35.68
C GLY EB 57 -75.18 -74.00 34.66
N LYS EB 58 -76.41 -74.02 35.17
CA LYS EB 58 -77.56 -74.32 34.32
C LYS EB 58 -78.00 -73.05 33.60
N ALA EB 59 -77.88 -73.06 32.28
CA ALA EB 59 -78.25 -71.92 31.46
C ALA EB 59 -78.73 -72.41 30.11
N TYR EB 60 -79.45 -71.55 29.42
CA TYR EB 60 -80.05 -71.87 28.14
C TYR EB 60 -79.51 -70.90 27.09
N ILE EB 61 -78.76 -71.42 26.13
CA ILE EB 61 -78.01 -70.59 25.20
C ILE EB 61 -78.62 -70.71 23.82
N GLN EB 62 -78.82 -69.57 23.16
CA GLN EB 62 -79.19 -69.50 21.76
C GLN EB 62 -78.06 -68.86 20.99
N THR EB 63 -77.57 -69.57 19.98
CA THR EB 63 -76.57 -69.04 19.06
C THR EB 63 -77.14 -69.05 17.67
N SER EB 64 -76.30 -68.74 16.69
CA SER EB 64 -76.72 -68.85 15.29
C SER EB 64 -76.89 -70.30 14.89
N HIS EB 65 -76.13 -71.21 15.48
CA HIS EB 65 -76.19 -72.62 15.15
C HIS EB 65 -77.37 -73.33 15.81
N GLY EB 66 -78.09 -72.67 16.69
CA GLY EB 66 -79.23 -73.27 17.35
C GLY EB 66 -79.17 -73.02 18.84
N VAL EB 67 -79.84 -73.87 19.59
CA VAL EB 67 -79.94 -73.73 21.04
C VAL EB 67 -79.20 -74.88 21.69
N ILE EB 68 -78.86 -74.67 22.96
CA ILE EB 68 -78.14 -75.65 23.75
C ILE EB 68 -78.40 -75.34 25.23
N GLU EB 69 -78.15 -76.31 26.09
CA GLU EB 69 -78.45 -76.18 27.51
C GLU EB 69 -77.26 -76.57 28.35
N SER EB 70 -76.55 -75.57 28.86
CA SER EB 70 -75.41 -75.84 29.72
C SER EB 70 -75.89 -76.20 31.11
N GLU EB 71 -75.13 -77.06 31.78
CA GLU EB 71 -75.47 -77.46 33.13
C GLU EB 71 -74.31 -77.27 34.10
N ASP FB 6 -78.05 -57.45 14.17
CA ASP FB 6 -77.39 -56.23 14.63
C ASP FB 6 -78.13 -55.53 15.75
N PHE FB 7 -79.39 -55.91 15.98
CA PHE FB 7 -80.21 -55.21 16.94
C PHE FB 7 -81.19 -56.17 17.59
N VAL FB 8 -81.62 -55.83 18.79
CA VAL FB 8 -82.53 -56.63 19.59
C VAL FB 8 -83.77 -55.82 19.91
N VAL FB 9 -84.86 -56.52 20.21
CA VAL FB 9 -86.14 -55.90 20.52
C VAL FB 9 -86.60 -56.40 21.88
N ILE FB 10 -86.76 -55.49 22.83
CA ILE FB 10 -87.12 -55.85 24.19
C ILE FB 10 -88.46 -55.22 24.51
N LYS FB 11 -89.47 -56.06 24.73
CA LYS FB 11 -90.77 -55.59 25.17
C LYS FB 11 -90.87 -55.81 26.67
N ALA FB 12 -91.00 -54.71 27.42
CA ALA FB 12 -91.03 -54.85 28.87
C ALA FB 12 -92.43 -55.26 29.33
N LEU FB 13 -92.56 -56.49 29.76
CA LEU FB 13 -93.84 -57.04 30.19
C LEU FB 13 -94.21 -56.63 31.60
N GLU FB 14 -93.29 -56.05 32.36
CA GLU FB 14 -93.59 -55.58 33.70
C GLU FB 14 -92.82 -54.29 33.93
N ASP FB 15 -93.17 -53.60 34.99
CA ASP FB 15 -92.58 -52.30 35.25
C ASP FB 15 -91.15 -52.46 35.77
N GLY FB 16 -90.36 -51.40 35.60
CA GLY FB 16 -89.03 -51.35 36.15
C GLY FB 16 -88.03 -52.31 35.53
N VAL FB 17 -88.19 -52.65 34.25
CA VAL FB 17 -87.24 -53.55 33.63
C VAL FB 17 -85.97 -52.80 33.29
N ASN FB 18 -84.84 -53.29 33.79
CA ASN FB 18 -83.56 -52.63 33.61
C ASN FB 18 -82.86 -53.21 32.39
N VAL FB 19 -82.19 -52.36 31.64
CA VAL FB 19 -81.38 -52.77 30.50
C VAL FB 19 -80.02 -52.11 30.68
N ILE FB 20 -78.97 -52.92 30.78
CA ILE FB 20 -77.65 -52.44 31.14
C ILE FB 20 -76.74 -52.53 29.92
N GLY FB 21 -76.15 -51.40 29.55
CA GLY FB 21 -75.25 -51.36 28.42
C GLY FB 21 -75.59 -50.28 27.43
N SER FB 33 -77.20 -47.50 31.72
CA SER FB 33 -78.39 -48.17 32.24
C SER FB 33 -79.66 -47.44 31.81
N GLU FB 34 -80.69 -48.21 31.48
CA GLU FB 34 -81.98 -47.66 31.11
C GLU FB 34 -83.08 -48.41 31.84
N CYS FB 35 -84.20 -47.75 32.09
CA CYS FB 35 -85.34 -48.38 32.75
C CYS FB 35 -86.56 -48.28 31.85
N LEU FB 36 -87.35 -49.35 31.82
CA LEU FB 36 -88.55 -49.41 31.00
C LEU FB 36 -89.75 -49.73 31.88
N ASP FB 37 -90.89 -49.16 31.52
CA ASP FB 37 -92.16 -49.47 32.17
C ASP FB 37 -92.91 -50.52 31.36
N LYS FB 38 -94.05 -50.93 31.88
CA LYS FB 38 -94.81 -52.01 31.26
C LYS FB 38 -95.44 -51.55 29.95
N GLY FB 39 -95.20 -52.31 28.90
CA GLY FB 39 -95.76 -52.04 27.60
C GLY FB 39 -94.84 -51.33 26.65
N GLU FB 40 -93.74 -50.76 27.15
CA GLU FB 40 -92.79 -50.12 26.26
C GLU FB 40 -91.96 -51.15 25.53
N VAL FB 41 -91.36 -50.72 24.43
CA VAL FB 41 -90.53 -51.57 23.59
C VAL FB 41 -89.28 -50.78 23.24
N LEU FB 42 -88.13 -51.36 23.53
CA LEU FB 42 -86.85 -50.74 23.21
C LEU FB 42 -86.17 -51.56 22.12
N ILE FB 43 -85.82 -50.90 21.03
CA ILE FB 43 -85.07 -51.52 19.95
C ILE FB 43 -83.65 -51.01 20.06
N ALA FB 44 -82.71 -51.91 20.35
CA ALA FB 44 -81.35 -51.50 20.68
C ALA FB 44 -80.37 -52.10 19.68
N GLN FB 45 -79.54 -51.23 19.11
CA GLN FB 45 -78.47 -51.67 18.23
C GLN FB 45 -77.17 -51.76 19.01
N PHE FB 46 -76.26 -52.59 18.51
CA PHE FB 46 -74.95 -52.74 19.14
C PHE FB 46 -73.96 -51.74 18.56
N THR FB 47 -73.45 -50.87 19.42
CA THR FB 47 -72.42 -49.94 19.03
C THR FB 47 -71.07 -50.60 19.26
N GLU FB 48 -70.01 -49.80 19.14
CA GLU FB 48 -68.71 -50.27 19.57
C GLU FB 48 -68.65 -50.35 21.09
N HIS FB 49 -69.21 -49.36 21.78
CA HIS FB 49 -69.25 -49.33 23.23
C HIS FB 49 -70.13 -50.43 23.81
N THR FB 50 -71.39 -50.48 23.44
CA THR FB 50 -72.33 -51.47 23.94
C THR FB 50 -72.00 -52.80 23.27
N SER FB 51 -71.19 -53.60 23.96
CA SER FB 51 -70.83 -54.92 23.48
C SER FB 51 -71.52 -56.03 24.25
N ALA FB 52 -72.29 -55.68 25.28
CA ALA FB 52 -73.02 -56.66 26.08
C ALA FB 52 -74.24 -55.98 26.66
N ILE FB 53 -75.36 -56.69 26.66
CA ILE FB 53 -76.62 -56.16 27.15
C ILE FB 53 -77.20 -57.14 28.14
N LYS FB 54 -77.46 -56.68 29.35
CA LYS FB 54 -78.04 -57.49 30.41
C LYS FB 54 -79.46 -57.01 30.67
N VAL FB 55 -80.39 -57.93 30.80
CA VAL FB 55 -81.80 -57.62 30.97
C VAL FB 55 -82.29 -58.25 32.26
N ARG FB 56 -82.86 -57.43 33.14
CA ARG FB 56 -83.43 -57.89 34.39
C ARG FB 56 -84.95 -57.82 34.31
N GLY FB 57 -85.62 -58.51 35.21
CA GLY FB 57 -87.06 -58.45 35.30
C GLY FB 57 -87.73 -59.21 34.18
N LYS FB 58 -89.06 -59.15 34.18
CA LYS FB 58 -89.85 -59.88 33.20
C LYS FB 58 -89.93 -59.09 31.91
N ALA FB 59 -89.34 -59.64 30.86
CA ALA FB 59 -89.33 -58.98 29.56
C ALA FB 59 -89.32 -60.03 28.47
N TYR FB 60 -89.69 -59.61 27.27
CA TYR FB 60 -89.82 -60.50 26.12
C TYR FB 60 -88.88 -60.00 25.03
N ILE FB 61 -87.87 -60.80 24.71
CA ILE FB 61 -86.79 -60.36 23.84
C ILE FB 61 -86.88 -61.11 22.52
N GLN FB 62 -86.76 -60.37 21.42
CA GLN FB 62 -86.60 -60.93 20.09
C GLN FB 62 -85.23 -60.56 19.57
N THR FB 63 -84.45 -61.56 19.19
CA THR FB 63 -83.16 -61.37 18.56
C THR FB 63 -83.21 -62.03 17.18
N SER FB 64 -82.05 -62.08 16.54
CA SER FB 64 -81.95 -62.80 15.27
C SER FB 64 -82.06 -64.30 15.48
N HIS FB 65 -81.61 -64.80 16.63
CA HIS FB 65 -81.65 -66.22 16.93
C HIS FB 65 -83.02 -66.69 17.36
N GLY FB 66 -83.97 -65.79 17.57
CA GLY FB 66 -85.30 -66.18 17.99
C GLY FB 66 -85.76 -65.33 19.15
N VAL FB 67 -86.72 -65.85 19.90
CA VAL FB 67 -87.30 -65.13 21.02
C VAL FB 67 -86.93 -65.81 22.31
N ILE FB 68 -87.04 -65.07 23.41
CA ILE FB 68 -86.71 -65.55 24.74
C ILE FB 68 -87.46 -64.68 25.74
N GLU FB 69 -87.60 -65.17 26.96
CA GLU FB 69 -88.38 -64.49 27.98
C GLU FB 69 -87.59 -64.37 29.27
N SER FB 70 -87.05 -63.20 29.51
CA SER FB 70 -86.31 -62.96 30.74
C SER FB 70 -87.27 -62.76 31.89
N GLU FB 71 -86.86 -63.18 33.08
CA GLU FB 71 -87.68 -63.01 34.27
C GLU FB 71 -86.93 -62.33 35.40
N ASP GB 6 -82.00 -52.88 8.96
CA ASP GB 6 -81.45 -51.53 9.10
C ASP GB 6 -82.50 -50.51 9.51
N PHE GB 7 -83.77 -50.86 9.39
CA PHE GB 7 -84.83 -49.89 9.64
C PHE GB 7 -86.04 -50.59 10.22
N VAL GB 8 -86.84 -49.82 10.95
CA VAL GB 8 -88.03 -50.31 11.61
C VAL GB 8 -89.24 -49.53 11.12
N VAL GB 9 -90.42 -50.13 11.26
CA VAL GB 9 -91.66 -49.54 10.81
C VAL GB 9 -92.62 -49.49 12.00
N ILE GB 10 -93.04 -48.30 12.39
CA ILE GB 10 -93.89 -48.10 13.55
C ILE GB 10 -95.20 -47.51 13.10
N LYS GB 11 -96.28 -48.25 13.26
CA LYS GB 11 -97.62 -47.75 12.98
C LYS GB 11 -98.26 -47.35 14.29
N ALA GB 12 -98.56 -46.06 14.45
CA ALA GB 12 -99.12 -45.61 15.72
C ALA GB 12 -100.61 -45.91 15.76
N LEU GB 13 -100.99 -46.88 16.57
CA LEU GB 13 -102.37 -47.30 16.69
C LEU GB 13 -103.19 -46.40 17.60
N GLU GB 14 -102.56 -45.50 18.34
CA GLU GB 14 -103.27 -44.56 19.18
C GLU GB 14 -102.53 -43.23 19.14
N ASP GB 15 -103.19 -42.20 19.64
CA ASP GB 15 -102.61 -40.86 19.56
C ASP GB 15 -101.49 -40.69 20.57
N GLY GB 16 -100.61 -39.74 20.29
CA GLY GB 16 -99.55 -39.37 21.20
C GLY GB 16 -98.49 -40.42 21.42
N VAL GB 17 -98.21 -41.25 20.42
CA VAL GB 17 -97.17 -42.26 20.58
C VAL GB 17 -95.81 -41.61 20.46
N ASN GB 18 -94.98 -41.79 21.47
CA ASN GB 18 -93.66 -41.16 21.52
C ASN GB 18 -92.63 -42.12 20.97
N VAL GB 19 -91.66 -41.59 20.23
CA VAL GB 19 -90.53 -42.35 19.72
C VAL GB 19 -89.28 -41.59 20.10
N ILE GB 20 -88.41 -42.22 20.88
CA ILE GB 20 -87.26 -41.54 21.46
C ILE GB 20 -86.00 -42.03 20.79
N GLY GB 21 -85.22 -41.10 20.25
CA GLY GB 21 -83.98 -41.45 19.60
C GLY GB 21 -83.85 -40.87 18.20
N SER GB 33 -86.66 -36.75 20.16
CA SER GB 33 -88.01 -37.24 20.44
C SER GB 33 -88.97 -36.84 19.34
N GLU GB 34 -89.88 -37.75 18.99
CA GLU GB 34 -90.91 -37.49 17.99
C GLU GB 34 -92.25 -37.98 18.52
N CYS GB 35 -93.33 -37.35 18.08
CA CYS GB 35 -94.66 -37.73 18.48
C CYS GB 35 -95.48 -38.09 17.25
N LEU GB 36 -96.30 -39.14 17.36
CA LEU GB 36 -97.13 -39.61 16.26
C LEU GB 36 -98.58 -39.65 16.69
N ASP GB 37 -99.48 -39.36 15.76
CA ASP GB 37 -100.91 -39.47 15.97
C ASP GB 37 -101.39 -40.81 15.44
N LYS GB 38 -102.69 -41.06 15.64
CA LYS GB 38 -103.26 -42.35 15.27
C LYS GB 38 -103.35 -42.49 13.75
N GLY GB 39 -102.80 -43.59 13.25
CA GLY GB 39 -102.85 -43.90 11.84
C GLY GB 39 -101.58 -43.55 11.09
N GLU GB 40 -100.70 -42.76 11.68
CA GLU GB 40 -99.44 -42.45 11.01
C GLU GB 40 -98.49 -43.63 11.09
N VAL GB 41 -97.51 -43.64 10.21
CA VAL GB 41 -96.50 -44.69 10.14
C VAL GB 41 -95.15 -44.01 9.97
N LEU GB 42 -94.23 -44.34 10.86
CA LEU GB 42 -92.88 -43.81 10.80
C LEU GB 42 -91.93 -44.94 10.45
N ILE GB 43 -91.16 -44.74 9.39
CA ILE GB 43 -90.12 -45.68 9.00
C ILE GB 43 -88.80 -45.06 9.39
N ALA GB 44 -88.09 -45.70 10.32
CA ALA GB 44 -86.91 -45.09 10.93
C ALA GB 44 -85.70 -45.97 10.66
N GLN GB 45 -84.65 -45.35 10.14
CA GLN GB 45 -83.37 -46.01 9.94
C GLN GB 45 -82.44 -45.69 11.11
N PHE GB 46 -81.49 -46.58 11.35
CA PHE GB 46 -80.52 -46.37 12.39
C PHE GB 46 -79.30 -45.62 11.86
N THR GB 47 -79.07 -44.45 12.43
CA THR GB 47 -77.88 -43.67 12.10
C THR GB 47 -76.76 -44.08 13.03
N GLU GB 48 -75.67 -43.32 13.00
CA GLU GB 48 -74.65 -43.48 14.02
C GLU GB 48 -75.14 -42.95 15.36
N HIS GB 49 -75.84 -41.82 15.35
CA HIS GB 49 -76.38 -41.22 16.55
C HIS GB 49 -77.50 -42.04 17.17
N THR GB 50 -78.54 -42.33 16.41
CA THR GB 50 -79.68 -43.11 16.89
C THR GB 50 -79.24 -44.57 16.98
N SER GB 51 -78.78 -44.97 18.16
CA SER GB 51 -78.39 -46.35 18.41
C SER GB 51 -79.40 -47.10 19.26
N ALA GB 52 -80.45 -46.43 19.71
CA ALA GB 52 -81.49 -47.06 20.51
C ALA GB 52 -82.78 -46.30 20.31
N ILE GB 53 -83.88 -47.04 20.19
CA ILE GB 53 -85.18 -46.45 19.94
C ILE GB 53 -86.16 -47.00 20.96
N LYS GB 54 -86.80 -46.10 21.70
CA LYS GB 54 -87.78 -46.47 22.71
C LYS GB 54 -89.15 -46.02 22.23
N VAL GB 55 -90.14 -46.89 22.38
CA VAL GB 55 -91.48 -46.64 21.89
C VAL GB 55 -92.45 -46.73 23.06
N ARG GB 56 -93.23 -45.67 23.27
CA ARG GB 56 -94.25 -45.66 24.31
C ARG GB 56 -95.62 -45.73 23.67
N GLY GB 57 -96.63 -46.04 24.47
CA GLY GB 57 -98.00 -46.07 24.00
C GLY GB 57 -98.28 -47.26 23.12
N LYS GB 58 -99.51 -47.29 22.62
CA LYS GB 58 -99.96 -48.42 21.80
C LYS GB 58 -99.50 -48.21 20.36
N ALA GB 59 -98.63 -49.08 19.89
CA ALA GB 59 -98.10 -49.00 18.54
C ALA GB 59 -97.80 -50.39 18.04
N TYR GB 60 -97.68 -50.51 16.72
CA TYR GB 60 -97.46 -51.78 16.07
C TYR GB 60 -96.16 -51.71 15.28
N ILE GB 61 -95.16 -52.48 15.67
CA ILE GB 61 -93.81 -52.35 15.16
C ILE GB 61 -93.48 -53.56 14.30
N GLN GB 62 -92.92 -53.31 13.14
CA GLN GB 62 -92.35 -54.34 12.29
C GLN GB 62 -90.85 -54.10 12.19
N THR GB 63 -90.07 -55.12 12.55
CA THR GB 63 -88.64 -55.11 12.39
C THR GB 63 -88.24 -56.25 11.47
N SER GB 64 -86.93 -56.48 11.35
CA SER GB 64 -86.45 -57.63 10.61
C SER GB 64 -86.75 -58.92 11.33
N HIS GB 65 -86.79 -58.89 12.66
CA HIS GB 65 -87.04 -60.07 13.48
C HIS GB 65 -88.51 -60.44 13.53
N GLY GB 66 -89.40 -59.60 13.02
CA GLY GB 66 -90.81 -59.89 13.05
C GLY GB 66 -91.58 -58.68 13.53
N VAL GB 67 -92.78 -58.93 14.03
CA VAL GB 67 -93.67 -57.87 14.48
C VAL GB 67 -93.83 -57.95 15.99
N ILE GB 68 -94.27 -56.84 16.56
CA ILE GB 68 -94.47 -56.73 18.00
C ILE GB 68 -95.46 -55.60 18.24
N GLU GB 69 -96.07 -55.57 19.41
CA GLU GB 69 -97.10 -54.59 19.73
C GLU GB 69 -96.81 -53.93 21.05
N SER GB 70 -96.29 -52.71 20.99
CA SER GB 70 -96.02 -51.95 22.21
C SER GB 70 -97.32 -51.37 22.75
N GLU GB 71 -97.39 -51.26 24.07
CA GLU GB 71 -98.57 -50.69 24.72
C GLU GB 71 -98.21 -49.57 25.66
N ASP HB 6 -83.70 -51.27 1.39
CA ASP HB 6 -83.14 -49.95 1.11
C ASP HB 6 -84.18 -48.95 0.66
N PHE HB 7 -85.35 -49.43 0.27
CA PHE HB 7 -86.37 -48.55 -0.29
C PHE HB 7 -87.75 -49.04 0.08
N VAL HB 8 -88.69 -48.10 0.07
CA VAL HB 8 -90.07 -48.36 0.45
C VAL HB 8 -90.98 -47.99 -0.71
N VAL HB 9 -92.17 -48.57 -0.74
CA VAL HB 9 -93.15 -48.34 -1.79
C VAL HB 9 -94.44 -47.88 -1.15
N ILE HB 10 -94.88 -46.66 -1.48
CA ILE HB 10 -96.06 -46.07 -0.89
C ILE HB 10 -97.09 -45.85 -1.97
N LYS HB 11 -98.22 -46.55 -1.88
CA LYS HB 11 -99.34 -46.34 -2.79
C LYS HB 11 -100.36 -45.47 -2.08
N ALA HB 12 -100.61 -44.28 -2.60
CA ALA HB 12 -101.53 -43.39 -1.94
C ALA HB 12 -102.96 -43.75 -2.27
N LEU HB 13 -103.67 -44.33 -1.30
CA LEU HB 13 -105.04 -44.77 -1.50
C LEU HB 13 -106.06 -43.64 -1.41
N GLU HB 14 -105.65 -42.46 -0.97
CA GLU HB 14 -106.54 -41.32 -0.91
C GLU HB 14 -105.74 -40.08 -1.27
N ASP HB 15 -106.45 -38.99 -1.52
CA ASP HB 15 -105.79 -37.78 -1.97
C ASP HB 15 -105.08 -37.09 -0.82
N GLY HB 16 -104.09 -36.28 -1.17
CA GLY HB 16 -103.39 -35.46 -0.20
C GLY HB 16 -102.54 -36.22 0.79
N VAL HB 17 -101.99 -37.37 0.42
CA VAL HB 17 -101.15 -38.10 1.35
C VAL HB 17 -99.78 -37.46 1.42
N ASN HB 18 -99.37 -37.10 2.63
CA ASN HB 18 -98.11 -36.40 2.84
C ASN HB 18 -97.02 -37.41 3.15
N VAL HB 19 -95.83 -37.15 2.64
CA VAL HB 19 -94.65 -37.96 2.92
C VAL HB 19 -93.55 -37.00 3.33
N ILE HB 20 -93.05 -37.16 4.55
CA ILE HB 20 -92.13 -36.18 5.14
C ILE HB 20 -90.75 -36.80 5.23
N GLY HB 21 -89.77 -36.14 4.63
CA GLY HB 21 -88.40 -36.61 4.66
C GLY HB 21 -87.77 -36.69 3.29
N SER HB 33 -90.78 -32.39 2.19
CA SER HB 33 -92.17 -32.83 2.17
C SER HB 33 -92.67 -33.03 0.76
N GLU HB 34 -93.46 -34.08 0.54
CA GLU HB 34 -94.06 -34.37 -0.75
C GLU HB 34 -95.53 -34.70 -0.55
N CYS HB 35 -96.34 -34.42 -1.58
CA CYS HB 35 -97.76 -34.72 -1.52
C CYS HB 35 -98.12 -35.65 -2.67
N LEU HB 36 -99.00 -36.61 -2.40
CA LEU HB 36 -99.43 -37.57 -3.40
C LEU HB 36 -100.94 -37.55 -3.52
N ASP HB 37 -101.43 -37.76 -4.73
CA ASP HB 37 -102.86 -37.91 -4.97
C ASP HB 37 -103.22 -39.38 -5.02
N LYS HB 38 -104.52 -39.64 -5.18
CA LYS HB 38 -105.02 -41.01 -5.14
C LYS HB 38 -104.59 -41.79 -6.36
N GLY HB 39 -103.99 -42.95 -6.12
CA GLY HB 39 -103.56 -43.84 -7.18
C GLY HB 39 -102.10 -43.73 -7.52
N GLU HB 40 -101.41 -42.70 -7.07
CA GLU HB 40 -99.99 -42.58 -7.34
C GLU HB 40 -99.21 -43.53 -6.43
N VAL HB 41 -97.99 -43.81 -6.84
CA VAL HB 41 -97.10 -44.70 -6.11
C VAL HB 41 -95.73 -44.05 -6.07
N LEU HB 42 -95.20 -43.87 -4.88
CA LEU HB 42 -93.87 -43.31 -4.69
C LEU HB 42 -92.93 -44.38 -4.18
N ILE HB 43 -91.83 -44.60 -4.89
CA ILE HB 43 -90.80 -45.51 -4.46
C ILE HB 43 -89.65 -44.67 -3.94
N ALA HB 44 -89.36 -44.78 -2.65
CA ALA HB 44 -88.42 -43.88 -2.01
C ALA HB 44 -87.25 -44.66 -1.43
N GLN HB 45 -86.04 -44.23 -1.78
CA GLN HB 45 -84.84 -44.80 -1.22
C GLN HB 45 -84.34 -43.93 -0.07
N PHE HB 46 -83.60 -44.55 0.84
CA PHE HB 46 -83.02 -43.81 1.96
C PHE HB 46 -81.66 -43.26 1.59
N THR HB 47 -81.55 -41.94 1.65
CA THR HB 47 -80.27 -41.27 1.43
C THR HB 47 -79.58 -41.15 2.77
N GLU HB 48 -78.49 -40.38 2.79
CA GLU HB 48 -77.89 -39.99 4.06
C GLU HB 48 -78.78 -38.99 4.78
N HIS HB 49 -79.34 -38.04 4.04
CA HIS HB 49 -80.23 -37.03 4.59
C HIS HB 49 -81.54 -37.61 5.09
N THR HB 50 -82.28 -38.29 4.23
CA THR HB 50 -83.56 -38.89 4.59
C THR HB 50 -83.28 -40.12 5.44
N SER HB 51 -83.30 -39.93 6.75
CA SER HB 51 -83.11 -41.03 7.69
C SER HB 51 -84.41 -41.43 8.37
N ALA HB 52 -85.50 -40.72 8.11
CA ALA HB 52 -86.78 -41.05 8.69
C ALA HB 52 -87.87 -40.56 7.76
N ILE HB 53 -88.91 -41.37 7.60
CA ILE HB 53 -90.00 -41.07 6.69
C ILE HB 53 -91.30 -41.21 7.45
N LYS HB 54 -92.10 -40.15 7.47
CA LYS HB 54 -93.38 -40.14 8.13
C LYS HB 54 -94.48 -40.07 7.08
N VAL HB 55 -95.52 -40.87 7.25
CA VAL HB 55 -96.58 -40.97 6.26
C VAL HB 55 -97.90 -40.64 6.95
N ARG HB 56 -98.63 -39.68 6.40
CA ARG HB 56 -99.94 -39.30 6.91
C ARG HB 56 -101.01 -39.76 5.95
N GLY HB 57 -102.24 -39.79 6.41
CA GLY HB 57 -103.36 -40.14 5.57
C GLY HB 57 -103.42 -41.61 5.25
N LYS HB 58 -104.40 -41.97 4.42
CA LYS HB 58 -104.61 -43.37 4.06
C LYS HB 58 -103.68 -43.75 2.94
N ALA HB 59 -102.76 -44.66 3.22
CA ALA HB 59 -101.80 -45.11 2.24
C ALA HB 59 -101.43 -46.56 2.52
N TYR HB 60 -100.87 -47.22 1.52
CA TYR HB 60 -100.52 -48.63 1.59
C TYR HB 60 -99.04 -48.77 1.33
N ILE HB 61 -98.30 -49.22 2.35
CA ILE HB 61 -96.84 -49.20 2.32
C ILE HB 61 -96.33 -50.62 2.24
N GLN HB 62 -95.39 -50.86 1.35
CA GLN HB 62 -94.63 -52.10 1.27
C GLN HB 62 -93.19 -51.79 1.60
N THR HB 63 -92.66 -52.48 2.61
CA THR HB 63 -91.25 -52.40 2.96
C THR HB 63 -90.64 -53.80 2.83
N SER HB 64 -89.39 -53.92 3.27
CA SER HB 64 -88.76 -55.23 3.29
C SER HB 64 -89.39 -56.11 4.37
N HIS HB 65 -89.87 -55.51 5.45
CA HIS HB 65 -90.47 -56.26 6.55
C HIS HB 65 -91.90 -56.69 6.26
N GLY HB 66 -92.49 -56.24 5.16
CA GLY HB 66 -93.85 -56.60 4.84
C GLY HB 66 -94.64 -55.39 4.45
N VAL HB 67 -95.96 -55.50 4.56
CA VAL HB 67 -96.88 -54.44 4.18
C VAL HB 67 -97.55 -53.89 5.42
N ILE HB 68 -98.09 -52.68 5.28
CA ILE HB 68 -98.76 -51.98 6.36
C ILE HB 68 -99.68 -50.95 5.73
N GLU HB 69 -100.65 -50.47 6.50
CA GLU HB 69 -101.67 -49.56 5.99
C GLU HB 69 -101.80 -48.35 6.90
N SER HB 70 -101.21 -47.24 6.49
CA SER HB 70 -101.33 -46.02 7.27
C SER HB 70 -102.68 -45.37 7.04
N GLU HB 71 -103.19 -44.73 8.08
CA GLU HB 71 -104.48 -44.04 7.96
C GLU HB 71 -104.39 -42.58 8.39
N ASP IB 6 -82.29 -53.16 -6.37
CA ASP IB 6 -81.59 -52.01 -6.92
C ASP IB 6 -82.33 -51.36 -8.08
N PHE IB 7 -83.32 -52.04 -8.62
CA PHE IB 7 -84.01 -51.54 -9.80
C PHE IB 7 -85.47 -51.96 -9.77
N VAL IB 8 -86.29 -51.18 -10.47
CA VAL IB 8 -87.73 -51.39 -10.53
C VAL IB 8 -88.13 -51.57 -11.99
N VAL IB 9 -89.28 -52.21 -12.19
CA VAL IB 9 -89.80 -52.49 -13.52
C VAL IB 9 -91.21 -51.92 -13.61
N ILE IB 10 -91.42 -50.99 -14.53
CA ILE IB 10 -92.69 -50.30 -14.67
C ILE IB 10 -93.26 -50.60 -16.03
N LYS IB 11 -94.38 -51.31 -16.07
CA LYS IB 11 -95.09 -51.55 -17.32
C LYS IB 11 -96.23 -50.57 -17.42
N ALA IB 12 -96.20 -49.70 -18.42
CA ALA IB 12 -97.24 -48.70 -18.53
C ALA IB 12 -98.49 -49.29 -19.17
N LEU IB 13 -99.53 -49.47 -18.36
CA LEU IB 13 -100.77 -50.08 -18.83
C LEU IB 13 -101.68 -49.09 -19.56
N GLU IB 14 -101.37 -47.80 -19.50
CA GLU IB 14 -102.14 -46.81 -20.23
C GLU IB 14 -101.18 -45.74 -20.74
N ASP IB 15 -101.69 -44.91 -21.63
CA ASP IB 15 -100.83 -43.91 -22.26
C ASP IB 15 -100.52 -42.77 -21.30
N GLY IB 16 -99.42 -42.09 -21.57
CA GLY IB 16 -99.05 -40.91 -20.83
C GLY IB 16 -98.66 -41.14 -19.39
N VAL IB 17 -98.09 -42.29 -19.06
CA VAL IB 17 -97.69 -42.54 -17.69
C VAL IB 17 -96.39 -41.80 -17.40
N ASN IB 18 -96.41 -40.96 -16.38
CA ASN IB 18 -95.26 -40.13 -16.03
C ASN IB 18 -94.42 -40.85 -15.00
N VAL IB 19 -93.10 -40.73 -15.11
CA VAL IB 19 -92.16 -41.26 -14.14
C VAL IB 19 -91.21 -40.12 -13.78
N ILE IB 20 -91.19 -39.75 -12.52
CA ILE IB 20 -90.47 -38.55 -12.08
C ILE IB 20 -89.25 -38.98 -11.28
N GLY IB 21 -88.08 -38.52 -11.70
CA GLY IB 21 -86.85 -38.82 -11.01
C GLY IB 21 -85.78 -39.38 -11.93
N SER IB 33 -87.91 -36.12 -15.61
CA SER IB 33 -89.24 -36.64 -15.94
C SER IB 33 -89.22 -37.43 -17.24
N GLU IB 34 -89.95 -38.54 -17.28
CA GLU IB 34 -90.08 -39.36 -18.48
C GLU IB 34 -91.54 -39.70 -18.69
N CYS IB 35 -91.92 -39.91 -19.95
CA CYS IB 35 -93.29 -40.28 -20.28
C CYS IB 35 -93.28 -41.61 -21.02
N LEU IB 36 -94.26 -42.46 -20.71
CA LEU IB 36 -94.38 -43.77 -21.33
C LEU IB 36 -95.75 -43.91 -21.97
N ASP IB 37 -95.79 -44.63 -23.08
CA ASP IB 37 -97.04 -44.97 -23.74
C ASP IB 37 -97.47 -46.37 -23.33
N LYS IB 38 -98.64 -46.78 -23.81
CA LYS IB 38 -99.21 -48.05 -23.40
C LYS IB 38 -98.44 -49.22 -23.98
N GLY IB 39 -98.03 -50.14 -23.11
CA GLY IB 39 -97.33 -51.32 -23.52
C GLY IB 39 -95.83 -51.25 -23.34
N GLU IB 40 -95.28 -50.06 -23.13
CA GLU IB 40 -93.85 -49.95 -22.90
C GLU IB 40 -93.51 -50.39 -21.50
N VAL IB 41 -92.23 -50.72 -21.29
CA VAL IB 41 -91.72 -51.17 -20.00
C VAL IB 41 -90.41 -50.45 -19.76
N LEU IB 42 -90.32 -49.78 -18.63
CA LEU IB 42 -89.12 -49.07 -18.23
C LEU IB 42 -88.49 -49.79 -17.04
N ILE IB 43 -87.23 -50.17 -17.17
CA ILE IB 43 -86.48 -50.76 -16.08
C ILE IB 43 -85.53 -49.68 -15.58
N ALA IB 44 -85.72 -49.26 -14.34
CA ALA IB 44 -85.01 -48.10 -13.82
C ALA IB 44 -84.18 -48.50 -12.61
N GLN IB 45 -82.90 -48.14 -12.66
CA GLN IB 45 -82.01 -48.34 -11.54
C GLN IB 45 -81.89 -47.06 -10.73
N PHE IB 46 -81.55 -47.21 -9.45
CA PHE IB 46 -81.37 -46.05 -8.60
C PHE IB 46 -79.93 -45.57 -8.64
N THR IB 47 -79.75 -44.33 -9.08
CA THR IB 47 -78.44 -43.71 -9.09
C THR IB 47 -78.26 -43.01 -7.75
N GLU IB 48 -77.20 -42.20 -7.66
CA GLU IB 48 -77.05 -41.31 -6.53
C GLU IB 48 -78.07 -40.18 -6.62
N HIS IB 49 -78.27 -39.64 -7.82
CA HIS IB 49 -79.23 -38.58 -8.06
C HIS IB 49 -80.66 -39.02 -7.87
N THR IB 50 -81.10 -40.04 -8.58
CA THR IB 50 -82.45 -40.55 -8.50
C THR IB 50 -82.58 -41.31 -7.19
N SER IB 51 -83.05 -40.64 -6.15
CA SER IB 51 -83.27 -41.26 -4.86
C SER IB 51 -84.74 -41.46 -4.57
N ALA IB 52 -85.63 -41.01 -5.45
CA ALA IB 52 -87.06 -41.18 -5.27
C ALA IB 52 -87.71 -41.19 -6.63
N ILE IB 53 -88.68 -42.07 -6.82
CA ILE IB 53 -89.36 -42.24 -8.09
C ILE IB 53 -90.85 -42.19 -7.84
N LYS IB 54 -91.53 -41.27 -8.52
CA LYS IB 54 -92.96 -41.11 -8.41
C LYS IB 54 -93.61 -41.54 -9.71
N VAL IB 55 -94.69 -42.30 -9.62
CA VAL IB 55 -95.35 -42.86 -10.79
C VAL IB 55 -96.80 -42.40 -10.80
N ARG IB 56 -97.22 -41.78 -11.90
CA ARG IB 56 -98.59 -41.34 -12.07
C ARG IB 56 -99.29 -42.24 -13.07
N GLY IB 57 -100.61 -42.18 -13.10
CA GLY IB 57 -101.38 -42.92 -14.07
C GLY IB 57 -101.41 -44.41 -13.79
N LYS IB 58 -102.06 -45.14 -14.69
CA LYS IB 58 -102.24 -46.57 -14.51
C LYS IB 58 -100.98 -47.29 -14.99
N ALA IB 59 -100.30 -47.94 -14.07
CA ALA IB 59 -99.07 -48.67 -14.39
C ALA IB 59 -98.93 -49.84 -13.45
N TYR IB 60 -98.11 -50.80 -13.85
CA TYR IB 60 -97.91 -52.04 -13.11
C TYR IB 60 -96.44 -52.14 -12.75
N ILE IB 61 -96.13 -52.09 -11.46
CA ILE IB 61 -94.76 -51.97 -10.98
C ILE IB 61 -94.35 -53.26 -10.30
N GLN IB 62 -93.16 -53.75 -10.65
CA GLN IB 62 -92.52 -54.85 -9.95
C GLN IB 62 -91.26 -54.32 -9.29
N THR IB 63 -91.17 -54.52 -7.98
CA THR IB 63 -89.98 -54.19 -7.22
C THR IB 63 -89.46 -55.47 -6.58
N SER IB 64 -88.46 -55.32 -5.71
CA SER IB 64 -87.97 -56.45 -4.94
C SER IB 64 -88.99 -56.89 -3.91
N HIS IB 65 -89.78 -55.96 -3.39
CA HIS IB 65 -90.77 -56.25 -2.37
C HIS IB 65 -92.04 -56.88 -2.95
N GLY IB 66 -92.17 -56.94 -4.27
CA GLY IB 66 -93.34 -57.52 -4.88
C GLY IB 66 -93.87 -56.63 -5.96
N VAL IB 67 -95.15 -56.79 -6.27
CA VAL IB 67 -95.79 -56.04 -7.34
C VAL IB 67 -96.83 -55.10 -6.74
N ILE IB 68 -97.19 -54.10 -7.53
CA ILE IB 68 -98.16 -53.09 -7.12
C ILE IB 68 -98.73 -52.46 -8.38
N GLU IB 69 -99.88 -51.81 -8.26
CA GLU IB 69 -100.58 -51.25 -9.40
C GLU IB 69 -100.95 -49.80 -9.15
N SER IB 70 -100.17 -48.89 -9.73
CA SER IB 70 -100.47 -47.47 -9.59
C SER IB 70 -101.61 -47.09 -10.51
N GLU IB 71 -102.41 -46.13 -10.07
CA GLU IB 71 -103.53 -45.65 -10.88
C GLU IB 71 -103.50 -44.15 -11.07
N ASP JB 6 -78.39 -57.69 -11.54
CA ASP JB 6 -77.46 -56.83 -12.24
C ASP JB 6 -77.71 -56.79 -13.74
N PHE JB 7 -78.50 -57.72 -14.25
CA PHE JB 7 -78.70 -57.83 -15.69
C PHE JB 7 -80.11 -58.33 -15.98
N VAL JB 8 -80.58 -57.99 -17.17
CA VAL JB 8 -81.91 -58.33 -17.63
C VAL JB 8 -81.80 -59.14 -18.91
N VAL JB 9 -82.85 -59.91 -19.20
CA VAL JB 9 -82.90 -60.77 -20.37
C VAL JB 9 -84.14 -60.42 -21.17
N ILE JB 10 -83.96 -59.97 -22.40
CA ILE JB 10 -85.07 -59.53 -23.24
C ILE JB 10 -85.15 -60.44 -24.46
N LYS JB 11 -86.23 -61.19 -24.57
CA LYS JB 11 -86.48 -62.00 -25.75
C LYS JB 11 -87.46 -61.25 -26.64
N ALA JB 12 -87.02 -60.89 -27.84
CA ALA JB 12 -87.89 -60.11 -28.71
C ALA JB 12 -88.87 -61.03 -29.42
N LEU JB 13 -90.13 -60.96 -29.02
CA LEU JB 13 -91.17 -61.81 -29.58
C LEU JB 13 -91.71 -61.30 -30.90
N GLU JB 14 -91.35 -60.09 -31.31
CA GLU JB 14 -91.76 -59.56 -32.60
C GLU JB 14 -90.62 -58.74 -33.15
N ASP JB 15 -90.72 -58.40 -34.43
CA ASP JB 15 -89.64 -57.69 -35.09
C ASP JB 15 -89.60 -56.23 -34.67
N GLY JB 16 -88.43 -55.62 -34.81
CA GLY JB 16 -88.26 -54.21 -34.56
C GLY JB 16 -88.41 -53.78 -33.13
N VAL JB 17 -88.06 -54.64 -32.18
CA VAL JB 17 -88.17 -54.24 -30.78
C VAL JB 17 -87.01 -53.34 -30.42
N ASN JB 18 -87.33 -52.16 -29.91
CA ASN JB 18 -86.32 -51.17 -29.58
C ASN JB 18 -85.93 -51.30 -28.12
N VAL JB 19 -84.66 -51.12 -27.82
CA VAL JB 19 -84.14 -51.10 -26.46
C VAL JB 19 -83.30 -49.84 -26.33
N ILE JB 20 -83.68 -48.96 -25.41
CA ILE JB 20 -83.08 -47.64 -25.31
C ILE JB 20 -82.24 -47.57 -24.04
N GLY JB 21 -80.97 -47.24 -24.20
CA GLY JB 21 -80.08 -47.12 -23.07
C GLY JB 21 -78.80 -47.91 -23.24
N SER JB 33 -79.31 -46.70 -28.44
CA SER JB 33 -80.47 -47.44 -28.93
C SER JB 33 -80.05 -48.68 -29.69
N GLU JB 34 -80.80 -49.76 -29.50
CA GLU JB 34 -80.56 -51.02 -30.20
C GLU JB 34 -81.88 -51.55 -30.74
N CYS JB 35 -81.82 -52.30 -31.83
CA CYS JB 35 -83.01 -52.90 -32.41
C CYS JB 35 -82.84 -54.41 -32.46
N LEU JB 36 -83.91 -55.14 -32.19
CA LEU JB 36 -83.91 -56.59 -32.19
C LEU JB 36 -84.98 -57.11 -33.12
N ASP JB 37 -84.68 -58.23 -33.77
CA ASP JB 37 -85.65 -58.93 -34.60
C ASP JB 37 -86.29 -60.06 -33.80
N LYS JB 38 -87.25 -60.74 -34.43
CA LYS JB 38 -88.01 -61.77 -33.75
C LYS JB 38 -87.15 -62.99 -33.47
N GLY JB 39 -87.15 -63.42 -32.21
CA GLY JB 39 -86.42 -64.59 -31.81
C GLY JB 39 -85.07 -64.32 -31.19
N GLU JB 40 -84.56 -63.11 -31.33
CA GLU JB 40 -83.30 -62.80 -30.70
C GLU JB 40 -83.49 -62.57 -29.20
N VAL JB 41 -82.39 -62.66 -28.47
CA VAL JB 41 -82.37 -62.49 -27.02
C VAL JB 41 -81.19 -61.61 -26.68
N LEU JB 42 -81.45 -60.51 -25.98
CA LEU JB 42 -80.40 -59.61 -25.54
C LEU JB 42 -80.29 -59.70 -24.03
N ILE JB 43 -79.09 -59.99 -23.55
CA ILE JB 43 -78.79 -59.98 -22.13
C ILE JB 43 -78.00 -58.72 -21.84
N ALA JB 44 -78.58 -57.83 -21.04
CA ALA JB 44 -78.02 -56.50 -20.85
C ALA JB 44 -77.68 -56.28 -19.40
N GLN JB 45 -76.44 -55.87 -19.15
CA GLN JB 45 -76.01 -55.49 -17.82
C GLN JB 45 -76.09 -53.98 -17.64
N PHE JB 46 -76.22 -53.55 -16.39
CA PHE JB 46 -76.27 -52.13 -16.11
C PHE JB 46 -74.88 -51.59 -15.87
N THR JB 47 -74.47 -50.64 -16.69
CA THR JB 47 -73.20 -49.95 -16.52
C THR JB 47 -73.44 -48.74 -15.63
N GLU JB 48 -72.42 -47.89 -15.55
CA GLU JB 48 -72.63 -46.59 -14.93
C GLU JB 48 -73.47 -45.70 -15.82
N HIS JB 49 -73.20 -45.74 -17.13
CA HIS JB 49 -73.94 -44.96 -18.11
C HIS JB 49 -75.39 -45.40 -18.24
N THR JB 50 -75.62 -46.67 -18.56
CA THR JB 50 -76.95 -47.22 -18.73
C THR JB 50 -77.57 -47.37 -17.35
N SER JB 51 -78.31 -46.36 -16.93
CA SER JB 51 -79.01 -46.39 -15.65
C SER JB 51 -80.51 -46.59 -15.83
N ALA JB 52 -81.00 -46.63 -17.05
CA ALA JB 52 -82.41 -46.84 -17.32
C ALA JB 52 -82.55 -47.48 -18.69
N ILE JB 53 -83.46 -48.45 -18.79
CA ILE JB 53 -83.67 -49.19 -20.01
C ILE JB 53 -85.15 -49.17 -20.34
N LYS JB 54 -85.48 -48.69 -21.53
CA LYS JB 54 -86.85 -48.63 -21.99
C LYS JB 54 -87.04 -49.62 -23.13
N VAL JB 55 -88.14 -50.36 -23.09
CA VAL JB 55 -88.40 -51.43 -24.05
C VAL JB 55 -89.71 -51.14 -24.75
N ARG JB 56 -89.69 -51.08 -26.08
CA ARG JB 56 -90.88 -50.88 -26.87
C ARG JB 56 -91.24 -52.18 -27.57
N GLY JB 57 -92.47 -52.26 -28.06
CA GLY JB 57 -92.91 -53.40 -28.83
C GLY JB 57 -93.14 -54.63 -27.97
N LYS JB 58 -93.49 -55.72 -28.64
CA LYS JB 58 -93.80 -56.96 -27.94
C LYS JB 58 -92.52 -57.70 -27.61
N ALA JB 59 -92.23 -57.83 -26.33
CA ALA JB 59 -91.03 -58.51 -25.88
C ALA JB 59 -91.30 -59.17 -24.53
N TYR JB 60 -90.45 -60.13 -24.19
CA TYR JB 60 -90.61 -60.91 -22.98
C TYR JB 60 -89.36 -60.72 -22.12
N ILE JB 61 -89.51 -60.10 -20.96
CA ILE JB 61 -88.38 -59.67 -20.15
C ILE JB 61 -88.33 -60.52 -18.89
N GLN JB 62 -87.13 -61.00 -18.57
CA GLN JB 62 -86.84 -61.64 -17.30
C GLN JB 62 -85.86 -60.78 -16.54
N THR JB 63 -86.23 -60.39 -15.32
CA THR JB 63 -85.36 -59.67 -14.42
C THR JB 63 -85.18 -60.51 -13.16
N SER JB 64 -84.52 -59.91 -12.16
CA SER JB 64 -84.41 -60.57 -10.87
C SER JB 64 -85.75 -60.62 -10.16
N HIS JB 65 -86.61 -59.63 -10.39
CA HIS JB 65 -87.91 -59.57 -9.75
C HIS JB 65 -88.94 -60.49 -10.39
N GLY JB 66 -88.62 -61.10 -11.51
CA GLY JB 66 -89.54 -61.99 -12.18
C GLY JB 66 -89.60 -61.68 -13.65
N VAL JB 67 -90.70 -62.08 -14.27
CA VAL JB 67 -90.88 -61.91 -15.71
C VAL JB 67 -91.99 -60.90 -15.95
N ILE JB 68 -92.00 -60.36 -17.17
CA ILE JB 68 -92.97 -59.36 -17.58
C ILE JB 68 -93.04 -59.38 -19.10
N GLU JB 69 -94.10 -58.84 -19.67
CA GLU JB 69 -94.33 -58.89 -21.10
C GLU JB 69 -94.66 -57.50 -21.63
N SER JB 70 -93.68 -56.85 -22.24
CA SER JB 70 -93.91 -55.55 -22.82
C SER JB 70 -94.63 -55.69 -24.15
N GLU JB 71 -95.47 -54.71 -24.46
CA GLU JB 71 -96.20 -54.72 -25.72
C GLU JB 71 -96.01 -53.43 -26.51
N ASP KB 6 -73.37 -63.74 -12.64
CA ASP KB 6 -72.20 -63.16 -13.27
C ASP KB 6 -71.90 -63.74 -14.63
N PHE KB 7 -72.51 -64.89 -14.95
CA PHE KB 7 -72.20 -65.58 -16.18
C PHE KB 7 -73.43 -66.28 -16.71
N VAL KB 8 -73.43 -66.50 -18.02
CA VAL KB 8 -74.53 -67.14 -18.73
C VAL KB 8 -74.03 -68.38 -19.44
N VAL KB 9 -74.95 -69.29 -19.72
CA VAL KB 9 -74.63 -70.55 -20.38
C VAL KB 9 -75.48 -70.67 -21.63
N ILE KB 10 -74.85 -70.75 -22.79
CA ILE KB 10 -75.55 -70.79 -24.06
C ILE KB 10 -75.25 -72.11 -24.75
N LYS KB 11 -76.26 -72.94 -24.90
CA LYS KB 11 -76.13 -74.19 -25.66
C LYS KB 11 -76.68 -73.96 -27.04
N ALA KB 12 -75.82 -74.07 -28.05
CA ALA KB 12 -76.28 -73.80 -29.41
C ALA KB 12 -77.00 -75.02 -29.97
N LEU KB 13 -78.32 -74.92 -30.09
CA LEU KB 13 -79.14 -76.02 -30.58
C LEU KB 13 -79.13 -76.15 -32.09
N GLU KB 14 -78.59 -75.17 -32.81
CA GLU KB 14 -78.49 -75.25 -34.25
C GLU KB 14 -77.18 -74.61 -34.66
N ASP KB 15 -76.80 -74.83 -35.92
CA ASP KB 15 -75.52 -74.34 -36.40
C ASP KB 15 -75.56 -72.84 -36.62
N GLY KB 16 -74.37 -72.23 -36.59
CA GLY KB 16 -74.23 -70.83 -36.90
C GLY KB 16 -74.85 -69.87 -35.92
N VAL KB 17 -74.92 -70.23 -34.64
CA VAL KB 17 -75.49 -69.33 -33.66
C VAL KB 17 -74.48 -68.25 -33.32
N ASN KB 18 -74.89 -66.99 -33.50
CA ASN KB 18 -74.00 -65.85 -33.28
C ASN KB 18 -74.18 -65.35 -31.86
N VAL KB 19 -73.07 -64.94 -31.24
CA VAL KB 19 -73.08 -64.32 -29.92
C VAL KB 19 -72.27 -63.04 -30.03
N ILE KB 20 -72.90 -61.92 -29.76
CA ILE KB 20 -72.31 -60.61 -30.01
C ILE KB 20 -71.97 -59.96 -28.67
N GLY KB 21 -70.71 -59.59 -28.51
CA GLY KB 21 -70.27 -58.93 -27.29
C GLY KB 21 -69.05 -59.60 -26.67
N SER KB 33 -67.62 -60.65 -31.73
CA SER KB 33 -68.57 -61.63 -32.25
C SER KB 33 -67.98 -63.03 -32.22
N GLU KB 34 -68.81 -64.01 -31.88
CA GLU KB 34 -68.40 -65.41 -31.88
C GLU KB 34 -69.47 -66.24 -32.56
N CYS KB 35 -69.08 -67.35 -33.16
CA CYS KB 35 -70.01 -68.26 -33.81
C CYS KB 35 -69.92 -69.63 -33.17
N LEU KB 36 -71.06 -70.29 -33.01
CA LEU KB 36 -71.13 -71.61 -32.41
C LEU KB 36 -71.83 -72.56 -33.36
N ASP KB 37 -71.39 -73.82 -33.34
CA ASP KB 37 -72.04 -74.88 -34.09
C ASP KB 37 -72.99 -75.65 -33.17
N LYS KB 38 -73.69 -76.61 -33.75
CA LYS KB 38 -74.70 -77.35 -33.03
C LYS KB 38 -74.07 -78.26 -31.99
N GLY KB 39 -74.53 -78.15 -30.75
CA GLY KB 39 -74.07 -78.99 -29.67
C GLY KB 39 -73.02 -78.35 -28.80
N GLU KB 40 -72.41 -77.26 -29.24
CA GLU KB 40 -71.43 -76.59 -28.40
C GLU KB 40 -72.14 -75.80 -27.30
N VAL KB 41 -71.38 -75.48 -26.25
CA VAL KB 41 -71.87 -74.74 -25.11
C VAL KB 41 -70.84 -73.68 -24.77
N LEU KB 42 -71.26 -72.43 -24.72
CA LEU KB 42 -70.39 -71.33 -24.36
C LEU KB 42 -70.82 -70.79 -23.01
N ILE KB 43 -69.88 -70.73 -22.06
CA ILE KB 43 -70.13 -70.14 -20.76
C ILE KB 43 -69.41 -68.80 -20.77
N ALA KB 44 -70.19 -67.73 -20.66
CA ALA KB 44 -69.66 -66.39 -20.86
C ALA KB 44 -69.84 -65.55 -19.61
N GLN KB 45 -68.76 -64.96 -19.13
CA GLN KB 45 -68.80 -64.04 -18.01
C GLN KB 45 -68.85 -62.61 -18.52
N PHE KB 46 -69.39 -61.72 -17.68
CA PHE KB 46 -69.45 -60.32 -18.04
C PHE KB 46 -68.22 -59.59 -17.58
N THR KB 47 -67.48 -59.02 -18.53
CA THR KB 47 -66.33 -58.21 -18.22
C THR KB 47 -66.79 -56.77 -18.06
N GLU KB 48 -65.83 -55.86 -17.98
CA GLU KB 48 -66.17 -54.44 -18.06
C GLU KB 48 -66.58 -54.08 -19.48
N HIS KB 49 -65.87 -54.61 -20.47
CA HIS KB 49 -66.18 -54.37 -21.87
C HIS KB 49 -67.50 -54.97 -22.31
N THR KB 50 -67.67 -56.28 -22.13
CA THR KB 50 -68.89 -56.97 -22.51
C THR KB 50 -69.97 -56.62 -21.50
N SER KB 51 -70.76 -55.60 -21.81
CA SER KB 51 -71.86 -55.19 -20.97
C SER KB 51 -73.20 -55.58 -21.55
N ALA KB 52 -73.23 -56.17 -22.73
CA ALA KB 52 -74.46 -56.60 -23.37
C ALA KB 52 -74.15 -57.75 -24.30
N ILE KB 53 -75.02 -58.75 -24.30
CA ILE KB 53 -74.81 -59.95 -25.10
C ILE KB 53 -76.08 -60.20 -25.90
N LYS KB 54 -75.94 -60.27 -27.21
CA LYS KB 54 -77.06 -60.54 -28.11
C LYS KB 54 -76.88 -61.92 -28.71
N VAL KB 55 -77.96 -62.69 -28.76
CA VAL KB 55 -77.92 -64.07 -29.22
C VAL KB 55 -78.89 -64.22 -30.38
N ARG KB 56 -78.39 -64.70 -31.51
CA ARG KB 56 -79.20 -64.96 -32.68
C ARG KB 56 -79.37 -66.45 -32.87
N GLY KB 57 -80.35 -66.84 -33.68
CA GLY KB 57 -80.54 -68.24 -34.00
C GLY KB 57 -81.13 -69.02 -32.85
N LYS KB 58 -81.29 -70.32 -33.08
CA LYS KB 58 -81.90 -71.20 -32.10
C LYS KB 58 -80.86 -71.61 -31.08
N ALA KB 59 -81.06 -71.19 -29.83
CA ALA KB 59 -80.13 -71.50 -28.75
C ALA KB 59 -80.90 -71.60 -27.45
N TYR KB 60 -80.29 -72.24 -26.48
CA TYR KB 60 -80.90 -72.48 -25.18
C TYR KB 60 -80.03 -71.85 -24.11
N ILE KB 61 -80.56 -70.83 -23.44
CA ILE KB 61 -79.76 -69.99 -22.53
C ILE KB 61 -80.20 -70.25 -21.11
N GLN KB 62 -79.22 -70.45 -20.22
CA GLN KB 62 -79.44 -70.49 -18.79
C GLN KB 62 -78.74 -69.30 -18.17
N THR KB 63 -79.50 -68.49 -17.43
CA THR KB 63 -78.96 -67.40 -16.65
C THR KB 63 -79.29 -67.63 -15.20
N SER KB 64 -79.00 -66.62 -14.37
CA SER KB 64 -79.40 -66.69 -12.97
C SER KB 64 -80.90 -66.58 -12.81
N HIS KB 65 -81.56 -65.85 -13.70
CA HIS KB 65 -83.00 -65.67 -13.65
C HIS KB 65 -83.78 -66.86 -14.16
N GLY KB 66 -83.12 -67.85 -14.74
CA GLY KB 66 -83.79 -69.01 -15.27
C GLY KB 66 -83.31 -69.33 -16.65
N VAL KB 67 -84.14 -70.05 -17.40
CA VAL KB 67 -83.79 -70.50 -18.73
C VAL KB 67 -84.69 -69.79 -19.74
N ILE KB 68 -84.22 -69.78 -20.99
CA ILE KB 68 -84.94 -69.13 -22.09
C ILE KB 68 -84.45 -69.77 -23.38
N GLU KB 69 -85.22 -69.60 -24.45
CA GLU KB 69 -84.91 -70.25 -25.72
C GLU KB 69 -84.97 -69.24 -26.85
N SER KB 70 -83.80 -68.80 -27.29
CA SER KB 70 -83.73 -67.87 -28.40
C SER KB 70 -83.94 -68.59 -29.71
N GLU KB 71 -84.56 -67.91 -30.66
CA GLU KB 71 -84.80 -68.51 -31.98
C GLU KB 71 -84.26 -67.63 -33.10
N ASP LB 6 -68.74 -69.27 -9.37
CA ASP LB 6 -67.38 -68.88 -9.73
C ASP LB 6 -66.66 -69.96 -10.53
N PHE LB 7 -67.19 -71.18 -10.55
CA PHE LB 7 -66.50 -72.28 -11.18
C PHE LB 7 -67.51 -73.24 -11.78
N VAL LB 8 -67.05 -73.98 -12.78
CA VAL LB 8 -67.87 -74.93 -13.51
C VAL LB 8 -67.24 -76.31 -13.41
N VAL LB 9 -68.05 -77.34 -13.61
CA VAL LB 9 -67.60 -78.73 -13.53
C VAL LB 9 -67.96 -79.42 -14.82
N ILE LB 10 -66.96 -79.91 -15.55
CA ILE LB 10 -67.15 -80.52 -16.84
C ILE LB 10 -66.72 -81.97 -16.77
N LYS LB 11 -67.67 -82.89 -16.92
CA LYS LB 11 -67.36 -84.31 -16.99
C LYS LB 11 -67.35 -84.72 -18.45
N ALA LB 12 -66.21 -85.16 -18.95
CA ALA LB 12 -66.12 -85.51 -20.35
C ALA LB 12 -66.68 -86.90 -20.58
N LEU LB 13 -67.85 -86.98 -21.20
CA LEU LB 13 -68.52 -88.25 -21.45
C LEU LB 13 -67.97 -88.98 -22.66
N GLU LB 14 -67.14 -88.34 -23.47
CA GLU LB 14 -66.53 -88.99 -24.61
C GLU LB 14 -65.11 -88.46 -24.76
N ASP LB 15 -64.32 -89.14 -25.58
CA ASP LB 15 -62.93 -88.78 -25.71
C ASP LB 15 -62.77 -87.52 -26.53
N GLY LB 16 -61.64 -86.84 -26.34
CA GLY LB 16 -61.28 -85.68 -27.12
C GLY LB 16 -62.15 -84.47 -26.92
N VAL LB 17 -62.70 -84.28 -25.71
CA VAL LB 17 -63.52 -83.11 -25.47
C VAL LB 17 -62.62 -81.90 -25.27
N ASN LB 18 -62.86 -80.86 -26.08
CA ASN LB 18 -62.03 -79.66 -26.04
C ASN LB 18 -62.66 -78.65 -25.12
N VAL LB 19 -61.83 -77.93 -24.38
CA VAL LB 19 -62.27 -76.82 -23.53
C VAL LB 19 -61.39 -75.64 -23.86
N ILE LB 20 -61.99 -74.55 -24.32
CA ILE LB 20 -61.25 -73.41 -24.85
C ILE LB 20 -61.36 -72.25 -23.89
N GLY LB 21 -60.23 -71.74 -23.44
CA GLY LB 21 -60.20 -70.60 -22.53
C GLY LB 21 -59.36 -70.85 -21.31
N SER LB 33 -56.27 -73.74 -24.59
CA SER LB 33 -57.03 -74.92 -24.97
C SER LB 33 -56.60 -76.14 -24.17
N GLU LB 34 -57.57 -76.97 -23.78
CA GLU LB 34 -57.30 -78.20 -23.05
C GLU LB 34 -58.10 -79.33 -23.67
N CYS LB 35 -57.60 -80.55 -23.56
CA CYS LB 35 -58.29 -81.71 -24.08
C CYS LB 35 -58.54 -82.70 -22.95
N LEU LB 36 -59.71 -83.33 -22.95
CA LEU LB 36 -60.10 -84.29 -21.93
C LEU LB 36 -60.47 -85.61 -22.58
N ASP LB 37 -60.15 -86.70 -21.90
CA ASP LB 37 -60.56 -88.02 -22.31
C ASP LB 37 -61.83 -88.43 -21.57
N LYS LB 38 -62.35 -89.60 -21.92
CA LYS LB 38 -63.61 -90.06 -21.36
C LYS LB 38 -63.46 -90.42 -19.90
N GLY LB 39 -64.33 -89.86 -19.07
CA GLY LB 39 -64.35 -90.14 -17.66
C GLY LB 39 -63.65 -89.11 -16.80
N GLU LB 40 -62.84 -88.24 -17.41
CA GLU LB 40 -62.19 -87.20 -16.62
C GLU LB 40 -63.18 -86.11 -16.28
N VAL LB 41 -62.82 -85.32 -15.27
CA VAL LB 41 -63.64 -84.21 -14.78
C VAL LB 41 -62.73 -83.03 -14.56
N LEU LB 42 -63.05 -81.91 -15.19
CA LEU LB 42 -62.30 -80.69 -15.02
C LEU LB 42 -63.14 -79.67 -14.27
N ILE LB 43 -62.61 -79.17 -13.17
CA ILE LB 43 -63.25 -78.11 -12.41
C ILE LB 43 -62.50 -76.83 -12.71
N ALA LB 44 -63.18 -75.88 -13.34
CA ALA LB 44 -62.50 -74.70 -13.86
C ALA LB 44 -63.08 -73.45 -13.22
N GLN LB 45 -62.19 -72.63 -12.68
CA GLN LB 45 -62.57 -71.34 -12.13
C GLN LB 45 -62.33 -70.24 -13.16
N PHE LB 46 -63.07 -69.14 -13.02
CA PHE LB 46 -62.90 -68.02 -13.92
C PHE LB 46 -61.85 -67.06 -13.39
N THR LB 47 -60.80 -66.87 -14.16
CA THR LB 47 -59.77 -65.90 -13.82
C THR LB 47 -60.16 -64.56 -14.44
N GLU LB 48 -59.23 -63.62 -14.40
CA GLU LB 48 -59.40 -62.40 -15.17
C GLU LB 48 -59.25 -62.68 -16.66
N HIS LB 49 -58.28 -63.51 -17.01
CA HIS LB 49 -58.03 -63.88 -18.40
C HIS LB 49 -59.15 -64.73 -18.99
N THR LB 50 -59.46 -65.85 -18.37
CA THR LB 50 -60.52 -66.75 -18.84
C THR LB 50 -61.85 -66.12 -18.52
N SER LB 51 -62.40 -65.38 -19.48
CA SER LB 51 -63.70 -64.77 -19.34
C SER LB 51 -64.78 -65.48 -20.15
N ALA LB 52 -64.41 -66.49 -20.92
CA ALA LB 52 -65.36 -67.25 -21.70
C ALA LB 52 -64.81 -68.65 -21.90
N ILE LB 53 -65.69 -69.64 -21.80
CA ILE LB 53 -65.31 -71.03 -21.90
C ILE LB 53 -66.20 -71.71 -22.92
N LYS LB 54 -65.61 -72.29 -23.95
CA LYS LB 54 -66.35 -72.99 -24.99
C LYS LB 54 -66.06 -74.47 -24.86
N VAL LB 55 -67.10 -75.29 -24.97
CA VAL LB 55 -67.00 -76.73 -24.78
C VAL LB 55 -67.49 -77.42 -26.04
N ARG LB 56 -66.65 -78.27 -26.62
CA ARG LB 56 -67.02 -79.07 -27.78
C ARG LB 56 -67.20 -80.51 -27.38
N GLY LB 57 -67.85 -81.28 -28.24
CA GLY LB 57 -68.01 -82.70 -28.01
C GLY LB 57 -69.04 -82.99 -26.95
N LYS LB 58 -69.19 -84.28 -26.66
CA LYS LB 58 -70.18 -84.73 -25.69
C LYS LB 58 -69.62 -84.60 -24.28
N ALA LB 59 -70.21 -83.73 -23.49
CA ALA LB 59 -69.77 -83.49 -22.13
C ALA LB 59 -70.95 -83.11 -21.27
N TYR LB 60 -70.78 -83.24 -19.97
CA TYR LB 60 -71.84 -82.99 -19.00
C TYR LB 60 -71.37 -81.90 -18.05
N ILE LB 61 -72.03 -80.75 -18.09
CA ILE LB 61 -71.56 -79.55 -17.40
C ILE LB 61 -72.50 -79.25 -16.25
N GLN LB 62 -71.92 -78.96 -15.08
CA GLN LB 62 -72.65 -78.44 -13.94
C GLN LB 62 -72.14 -77.04 -13.66
N THR LB 63 -73.06 -76.08 -13.64
CA THR LB 63 -72.75 -74.71 -13.25
C THR LB 63 -73.60 -74.36 -12.05
N SER LB 64 -73.56 -73.09 -11.66
CA SER LB 64 -74.43 -72.61 -10.61
C SER LB 64 -75.88 -72.57 -11.06
N HIS LB 65 -76.12 -72.34 -12.34
CA HIS LB 65 -77.47 -72.27 -12.88
C HIS LB 65 -78.09 -73.64 -13.10
N GLY LB 66 -77.34 -74.71 -12.95
CA GLY LB 66 -77.86 -76.03 -13.15
C GLY LB 66 -76.93 -76.85 -14.01
N VAL LB 67 -77.49 -77.88 -14.64
CA VAL LB 67 -76.71 -78.80 -15.45
C VAL LB 67 -77.13 -78.65 -16.91
N ILE LB 68 -76.26 -79.11 -17.79
CA ILE LB 68 -76.47 -79.04 -19.23
C ILE LB 68 -75.60 -80.09 -19.88
N GLU LB 69 -75.92 -80.45 -21.12
CA GLU LB 69 -75.22 -81.53 -21.81
C GLU LB 69 -74.79 -81.07 -23.19
N SER LB 70 -73.51 -80.76 -23.32
CA SER LB 70 -72.98 -80.35 -24.61
C SER LB 70 -72.75 -81.57 -25.48
N GLU LB 71 -72.93 -81.40 -26.79
CA GLU LB 71 -72.72 -82.48 -27.73
C GLU LB 71 -71.76 -82.10 -28.85
N ASP MB 6 -65.54 -72.29 -2.68
CA ASP MB 6 -64.12 -71.97 -2.68
C ASP MB 6 -63.24 -73.21 -2.67
N PHE MB 7 -63.81 -74.36 -2.35
CA PHE MB 7 -63.03 -75.57 -2.19
C PHE MB 7 -63.83 -76.78 -2.63
N VAL MB 8 -63.11 -77.82 -3.01
CA VAL MB 8 -63.70 -79.07 -3.50
C VAL MB 8 -63.23 -80.21 -2.63
N VAL MB 9 -63.99 -81.29 -2.63
CA VAL MB 9 -63.70 -82.48 -1.83
C VAL MB 9 -63.64 -83.68 -2.76
N ILE MB 10 -62.49 -84.33 -2.83
CA ILE MB 10 -62.28 -85.45 -3.74
C ILE MB 10 -61.99 -86.69 -2.91
N LYS MB 11 -62.89 -87.67 -2.98
CA LYS MB 11 -62.67 -88.95 -2.33
C LYS MB 11 -62.19 -89.94 -3.39
N ALA MB 12 -60.98 -90.44 -3.24
CA ALA MB 12 -60.45 -91.33 -4.26
C ALA MB 12 -60.99 -92.74 -4.04
N LEU MB 13 -61.87 -93.16 -4.92
CA LEU MB 13 -62.51 -94.47 -4.83
C LEU MB 13 -61.63 -95.59 -5.36
N GLU MB 14 -60.53 -95.28 -6.04
CA GLU MB 14 -59.61 -96.30 -6.52
C GLU MB 14 -58.20 -95.75 -6.39
N ASP MB 15 -57.23 -96.64 -6.54
CA ASP MB 15 -55.85 -96.25 -6.33
C ASP MB 15 -55.34 -95.43 -7.50
N GLY MB 16 -54.30 -94.65 -7.23
CA GLY MB 16 -53.63 -93.90 -8.27
C GLY MB 16 -54.42 -92.78 -8.89
N VAL MB 17 -55.33 -92.16 -8.15
CA VAL MB 17 -56.11 -91.06 -8.71
C VAL MB 17 -55.25 -89.81 -8.75
N ASN MB 18 -55.12 -89.22 -9.93
CA ASN MB 18 -54.28 -88.06 -10.13
C ASN MB 18 -55.12 -86.80 -9.99
N VAL MB 19 -54.55 -85.78 -9.39
CA VAL MB 19 -55.17 -84.47 -9.28
C VAL MB 19 -54.15 -83.45 -9.77
N ILE MB 20 -54.48 -82.70 -10.81
CA ILE MB 20 -53.53 -81.84 -11.48
C ILE MB 20 -53.90 -80.40 -11.20
N GLY MB 21 -52.94 -79.64 -10.66
CA GLY MB 21 -53.16 -78.24 -10.37
C GLY MB 21 -52.79 -77.88 -8.93
N SER MB 33 -48.98 -81.61 -9.47
CA SER MB 33 -49.64 -82.90 -9.55
C SER MB 33 -49.59 -83.63 -8.21
N GLU MB 34 -50.68 -84.30 -7.85
CA GLU MB 34 -50.76 -85.08 -6.63
C GLU MB 34 -51.39 -86.43 -6.95
N CYS MB 35 -51.03 -87.45 -6.18
CA CYS MB 35 -51.58 -88.77 -6.37
C CYS MB 35 -52.27 -89.21 -5.07
N LEU MB 36 -53.40 -89.89 -5.21
CA LEU MB 36 -54.18 -90.37 -4.07
C LEU MB 36 -54.39 -91.86 -4.19
N ASP MB 37 -54.40 -92.54 -3.05
CA ASP MB 37 -54.74 -93.95 -2.99
C ASP MB 37 -56.20 -94.12 -2.62
N LYS MB 38 -56.65 -95.37 -2.59
CA LYS MB 38 -58.05 -95.66 -2.35
C LYS MB 38 -58.44 -95.37 -0.91
N GLY MB 39 -59.50 -94.57 -0.74
CA GLY MB 39 -60.01 -94.25 0.56
C GLY MB 39 -59.57 -92.90 1.09
N GLU MB 40 -58.55 -92.30 0.49
CA GLU MB 40 -58.13 -90.97 0.92
C GLU MB 40 -59.10 -89.93 0.42
N VAL MB 41 -59.07 -88.76 1.07
CA VAL MB 41 -59.92 -87.64 0.73
C VAL MB 41 -59.06 -86.39 0.73
N LEU MB 42 -59.08 -85.66 -0.38
CA LEU MB 42 -58.34 -84.42 -0.50
C LEU MB 42 -59.32 -83.26 -0.57
N ILE MB 43 -59.16 -82.30 0.33
CA ILE MB 43 -59.95 -81.08 0.31
C ILE MB 43 -59.06 -79.99 -0.23
N ALA MB 44 -59.42 -79.45 -1.39
CA ALA MB 44 -58.53 -78.54 -2.10
C ALA MB 44 -59.20 -77.18 -2.27
N GLN MB 45 -58.50 -76.14 -1.87
CA GLN MB 45 -58.95 -74.77 -2.07
C GLN MB 45 -58.31 -74.19 -3.32
N PHE MB 46 -58.98 -73.21 -3.91
CA PHE MB 46 -58.43 -72.54 -5.09
C PHE MB 46 -57.57 -71.36 -4.69
N THR MB 47 -56.29 -71.42 -5.06
CA THR MB 47 -55.39 -70.32 -4.85
C THR MB 47 -55.46 -69.39 -6.05
N GLU MB 48 -54.52 -68.45 -6.10
CA GLU MB 48 -54.34 -67.68 -7.33
C GLU MB 48 -53.72 -68.55 -8.41
N HIS MB 49 -52.74 -69.37 -8.03
CA HIS MB 49 -52.07 -70.25 -8.97
C HIS MB 49 -52.98 -71.36 -9.49
N THR MB 50 -53.55 -72.15 -8.59
CA THR MB 50 -54.44 -73.24 -8.96
C THR MB 50 -55.76 -72.64 -9.41
N SER MB 51 -55.90 -72.43 -10.72
CA SER MB 51 -57.12 -71.92 -11.29
C SER MB 51 -57.91 -73.00 -12.04
N ALA MB 52 -57.38 -74.20 -12.13
CA ALA MB 52 -58.05 -75.30 -12.80
C ALA MB 52 -57.56 -76.60 -12.19
N ILE MB 53 -58.49 -77.53 -11.99
CA ILE MB 53 -58.18 -78.80 -11.37
C ILE MB 53 -58.73 -79.91 -12.24
N LYS MB 54 -57.86 -80.82 -12.65
CA LYS MB 54 -58.25 -81.95 -13.49
C LYS MB 54 -58.12 -83.22 -12.67
N VAL MB 55 -59.12 -84.09 -12.76
CA VAL MB 55 -59.18 -85.30 -11.96
C VAL MB 55 -59.25 -86.50 -12.90
N ARG MB 56 -58.34 -87.44 -12.74
CA ARG MB 56 -58.33 -88.67 -13.52
C ARG MB 56 -58.74 -89.83 -12.63
N GLY MB 57 -59.11 -90.93 -13.26
CA GLY MB 57 -59.44 -92.15 -12.53
C GLY MB 57 -60.78 -92.05 -11.84
N LYS MB 58 -61.10 -93.11 -11.12
CA LYS MB 58 -62.39 -93.20 -10.44
C LYS MB 58 -62.33 -92.45 -9.13
N ALA MB 59 -63.11 -91.38 -9.02
CA ALA MB 59 -63.13 -90.56 -7.82
C ALA MB 59 -64.51 -89.96 -7.65
N TYR MB 60 -64.80 -89.52 -6.45
CA TYR MB 60 -66.11 -88.98 -6.08
C TYR MB 60 -65.91 -87.56 -5.58
N ILE MB 61 -66.43 -86.58 -6.32
CA ILE MB 61 -66.15 -85.18 -6.08
C ILE MB 61 -67.40 -84.50 -5.56
N GLN MB 62 -67.24 -83.71 -4.50
CA GLN MB 62 -68.27 -82.83 -4.00
C GLN MB 62 -67.80 -81.40 -4.18
N THR MB 63 -68.59 -80.60 -4.87
CA THR MB 63 -68.36 -79.17 -5.01
C THR MB 63 -69.54 -78.42 -4.43
N SER MB 64 -69.54 -77.11 -4.63
CA SER MB 64 -70.69 -76.31 -4.22
C SER MB 64 -71.89 -76.59 -5.11
N HIS MB 65 -71.66 -76.93 -6.37
CA HIS MB 65 -72.73 -77.21 -7.32
C HIS MB 65 -73.34 -78.60 -7.13
N GLY MB 66 -72.76 -79.43 -6.29
CA GLY MB 66 -73.28 -80.76 -6.09
C GLY MB 66 -72.16 -81.79 -6.16
N VAL MB 67 -72.54 -83.03 -6.43
CA VAL MB 67 -71.60 -84.13 -6.48
C VAL MB 67 -71.48 -84.63 -7.91
N ILE MB 68 -70.40 -85.34 -8.17
CA ILE MB 68 -70.11 -85.89 -9.49
C ILE MB 68 -69.13 -87.04 -9.30
N GLU MB 69 -69.04 -87.91 -10.30
CA GLU MB 69 -68.23 -89.12 -10.21
C GLU MB 69 -67.31 -89.24 -11.41
N SER MB 70 -66.05 -88.90 -11.23
CA SER MB 70 -65.09 -89.03 -12.30
C SER MB 70 -64.66 -90.48 -12.46
N GLU MB 71 -64.37 -90.87 -13.70
CA GLU MB 71 -63.93 -92.23 -13.96
C GLU MB 71 -62.62 -92.27 -14.73
N ASP NB 6 -65.41 -72.22 5.21
CA ASP NB 6 -64.07 -71.79 5.58
C ASP NB 6 -63.34 -72.83 6.43
N PHE NB 7 -64.07 -73.81 6.96
CA PHE NB 7 -63.49 -74.77 7.87
C PHE NB 7 -64.16 -76.13 7.72
N VAL NB 8 -63.42 -77.16 8.08
CA VAL NB 8 -63.87 -78.54 7.97
C VAL NB 8 -63.83 -79.18 9.35
N VAL NB 9 -64.62 -80.25 9.51
CA VAL NB 9 -64.72 -80.96 10.77
C VAL NB 9 -64.41 -82.42 10.52
N ILE NB 10 -63.36 -82.94 11.15
CA ILE NB 10 -62.91 -84.30 10.93
C ILE NB 10 -63.03 -85.07 12.22
N LYS NB 11 -63.90 -86.07 12.26
CA LYS NB 11 -64.03 -86.95 13.40
C LYS NB 11 -63.26 -88.23 13.08
N ALA NB 12 -62.23 -88.52 13.86
CA ALA NB 12 -61.42 -89.69 13.57
C ALA NB 12 -62.10 -90.93 14.13
N LEU NB 13 -62.63 -91.76 13.25
CA LEU NB 13 -63.35 -92.97 13.64
C LEU NB 13 -62.42 -94.13 13.98
N GLU NB 14 -61.12 -94.01 13.68
CA GLU NB 14 -60.17 -95.05 14.02
C GLU NB 14 -58.87 -94.36 14.42
N ASP NB 15 -57.97 -95.15 15.01
CA ASP NB 15 -56.74 -94.58 15.51
C ASP NB 15 -55.78 -94.26 14.38
N GLY NB 16 -54.86 -93.34 14.66
CA GLY NB 16 -53.80 -93.02 13.72
C GLY NB 16 -54.24 -92.33 12.45
N VAL NB 17 -55.31 -91.55 12.50
CA VAL NB 17 -55.75 -90.86 11.30
C VAL NB 17 -54.86 -89.65 11.05
N ASN NB 18 -54.26 -89.60 9.87
CA ASN NB 18 -53.32 -88.53 9.53
C ASN NB 18 -54.07 -87.41 8.83
N VAL NB 19 -53.69 -86.18 9.11
CA VAL NB 19 -54.22 -85.00 8.44
C VAL NB 19 -53.02 -84.19 7.99
N ILE NB 20 -52.91 -83.97 6.69
CA ILE NB 20 -51.71 -83.36 6.09
C ILE NB 20 -52.06 -81.96 5.61
N GLY NB 21 -51.32 -80.98 6.10
CA GLY NB 21 -51.52 -79.60 5.70
C GLY NB 21 -51.68 -78.66 6.88
N SER NB 33 -48.20 -81.91 9.33
CA SER NB 33 -48.88 -83.17 9.57
C SER NB 33 -49.37 -83.29 11.01
N GLU NB 34 -50.56 -83.85 11.18
CA GLU NB 34 -51.13 -84.08 12.50
C GLU NB 34 -51.69 -85.49 12.56
N CYS NB 35 -51.71 -86.07 13.75
CA CYS NB 35 -52.25 -87.40 13.95
C CYS NB 35 -53.38 -87.35 14.96
N LEU NB 36 -54.44 -88.11 14.72
CA LEU NB 36 -55.60 -88.15 15.58
C LEU NB 36 -55.86 -89.58 16.02
N ASP NB 37 -56.35 -89.74 17.25
CA ASP NB 37 -56.78 -91.02 17.77
C ASP NB 37 -58.28 -91.16 17.62
N LYS NB 38 -58.79 -92.33 18.00
CA LYS NB 38 -60.21 -92.63 17.81
C LYS NB 38 -61.06 -91.80 18.76
N GLY NB 39 -62.05 -91.12 18.19
CA GLY NB 39 -62.99 -90.33 18.95
C GLY NB 39 -62.67 -88.86 19.00
N GLU NB 40 -61.46 -88.46 18.61
CA GLU NB 40 -61.15 -87.05 18.59
C GLU NB 40 -61.80 -86.38 17.39
N VAL NB 41 -61.91 -85.06 17.46
CA VAL NB 41 -62.50 -84.25 16.42
C VAL NB 41 -61.62 -83.04 16.21
N LEU NB 42 -61.18 -82.84 14.98
CA LEU NB 42 -60.37 -81.68 14.63
C LEU NB 42 -61.17 -80.76 13.74
N ILE NB 43 -61.29 -79.50 14.15
CA ILE NB 43 -61.93 -78.47 13.35
C ILE NB 43 -60.83 -77.61 12.77
N ALA NB 44 -60.70 -77.62 11.44
CA ALA NB 44 -59.56 -77.01 10.79
C ALA NB 44 -60.02 -75.91 9.86
N GLN NB 45 -59.45 -74.73 10.01
CA GLN NB 45 -59.70 -73.61 9.12
C GLN NB 45 -58.60 -73.53 8.07
N PHE NB 46 -58.93 -72.94 6.93
CA PHE NB 46 -57.95 -72.77 5.87
C PHE NB 46 -57.22 -71.45 6.02
N THR NB 47 -55.91 -71.54 6.19
CA THR NB 47 -55.06 -70.36 6.25
C THR NB 47 -54.62 -70.02 4.84
N GLU NB 48 -53.67 -69.10 4.73
CA GLU NB 48 -53.01 -68.88 3.46
C GLU NB 48 -52.09 -70.05 3.13
N HIS NB 49 -51.37 -70.55 4.13
CA HIS NB 49 -50.47 -71.67 3.97
C HIS NB 49 -51.20 -72.97 3.66
N THR NB 50 -52.12 -73.38 4.53
CA THR NB 50 -52.88 -74.61 4.35
C THR NB 50 -53.90 -74.37 3.25
N SER NB 51 -53.53 -74.72 2.01
CA SER NB 51 -54.43 -74.61 0.88
C SER NB 51 -54.95 -75.96 0.42
N ALA NB 52 -54.51 -77.04 1.03
CA ALA NB 52 -54.97 -78.38 0.68
C ALA NB 52 -54.83 -79.27 1.91
N ILE NB 53 -55.82 -80.11 2.12
CA ILE NB 53 -55.86 -80.99 3.29
C ILE NB 53 -56.12 -82.41 2.81
N LYS NB 54 -55.23 -83.32 3.15
CA LYS NB 54 -55.35 -84.72 2.77
C LYS NB 54 -55.63 -85.53 4.03
N VAL NB 55 -56.58 -86.45 3.94
CA VAL NB 55 -57.01 -87.23 5.10
C VAL NB 55 -56.82 -88.70 4.77
N ARG NB 56 -56.10 -89.42 5.62
CA ARG NB 56 -55.89 -90.84 5.48
C ARG NB 56 -56.68 -91.57 6.55
N GLY NB 57 -56.86 -92.87 6.35
CA GLY NB 57 -57.52 -93.70 7.34
C GLY NB 57 -59.01 -93.46 7.39
N LYS NB 58 -59.65 -94.16 8.32
CA LYS NB 58 -61.09 -94.08 8.46
C LYS NB 58 -61.47 -92.85 9.28
N ALA NB 59 -62.16 -91.91 8.64
CA ALA NB 59 -62.56 -90.68 9.30
C ALA NB 59 -63.86 -90.21 8.69
N TYR NB 60 -64.54 -89.34 9.42
CA TYR NB 60 -65.84 -88.82 9.03
C TYR NB 60 -65.75 -87.30 8.93
N ILE NB 61 -65.90 -86.77 7.73
CA ILE NB 61 -65.63 -85.37 7.44
C ILE NB 61 -66.93 -84.65 7.15
N GLN NB 62 -67.12 -83.49 7.78
CA GLN NB 62 -68.19 -82.58 7.46
C GLN NB 62 -67.59 -81.31 6.90
N THR NB 63 -68.02 -80.94 5.69
CA THR NB 63 -67.65 -79.68 5.08
C THR NB 63 -68.91 -78.88 4.83
N SER NB 64 -68.75 -77.76 4.12
CA SER NB 64 -69.90 -76.97 3.72
C SER NB 64 -70.72 -77.70 2.66
N HIS NB 65 -70.07 -78.51 1.83
CA HIS NB 65 -70.74 -79.24 0.77
C HIS NB 65 -71.46 -80.48 1.26
N GLY NB 66 -71.28 -80.86 2.53
CA GLY NB 66 -71.94 -82.02 3.06
C GLY NB 66 -70.95 -82.88 3.83
N VAL NB 67 -71.28 -84.16 3.96
CA VAL NB 67 -70.46 -85.09 4.72
C VAL NB 67 -69.87 -86.12 3.77
N ILE NB 68 -68.81 -86.76 4.25
CA ILE NB 68 -68.10 -87.77 3.47
C ILE NB 68 -67.36 -88.66 4.45
N GLU NB 69 -66.96 -89.84 4.00
CA GLU NB 69 -66.32 -90.81 4.88
C GLU NB 69 -65.04 -91.34 4.24
N SER NB 70 -63.91 -90.84 4.70
CA SER NB 70 -62.63 -91.30 4.20
C SER NB 70 -62.29 -92.64 4.83
N GLU NB 71 -61.59 -93.48 4.06
CA GLU NB 71 -61.18 -94.78 4.56
C GLU NB 71 -59.67 -95.01 4.40
N ASP OB 6 -17.06 11.42 95.63
CA ASP OB 6 -16.37 11.97 94.48
C ASP OB 6 -15.58 13.23 94.81
N PHE OB 7 -15.84 13.82 95.97
CA PHE OB 7 -15.21 15.09 96.32
C PHE OB 7 -14.97 15.17 97.82
N VAL OB 8 -13.99 15.98 98.18
CA VAL OB 8 -13.59 16.17 99.56
C VAL OB 8 -13.72 17.62 99.93
N VAL OB 9 -13.84 17.89 101.23
CA VAL OB 9 -14.00 19.25 101.75
C VAL OB 9 -12.91 19.50 102.77
N ILE OB 10 -12.06 20.48 102.51
CA ILE OB 10 -10.93 20.78 103.36
C ILE OB 10 -11.09 22.17 103.93
N LYS OB 11 -11.26 22.27 105.24
CA LYS OB 11 -11.31 23.56 105.92
C LYS OB 11 -9.94 23.82 106.53
N ALA OB 12 -9.28 24.86 106.08
CA ALA OB 12 -7.94 25.14 106.59
C ALA OB 12 -8.02 25.84 107.93
N LEU OB 13 -7.69 25.13 108.99
CA LEU OB 13 -7.74 25.66 110.34
C LEU OB 13 -6.55 26.53 110.70
N GLU OB 14 -5.50 26.54 109.88
CA GLU OB 14 -4.35 27.38 110.12
C GLU OB 14 -3.84 27.88 108.77
N ASP OB 15 -2.97 28.86 108.82
CA ASP OB 15 -2.48 29.47 107.60
C ASP OB 15 -1.49 28.57 106.89
N GLY OB 16 -1.36 28.78 105.58
CA GLY OB 16 -0.37 28.09 104.79
C GLY OB 16 -0.61 26.61 104.61
N VAL OB 17 -1.86 26.16 104.60
CA VAL OB 17 -2.12 24.74 104.42
C VAL OB 17 -1.96 24.39 102.95
N ASN OB 18 -1.11 23.42 102.66
CA ASN OB 18 -0.81 23.03 101.29
C ASN OB 18 -1.71 21.88 100.90
N VAL OB 19 -2.15 21.89 99.65
CA VAL OB 19 -2.93 20.79 99.07
C VAL OB 19 -2.26 20.43 97.76
N ILE OB 20 -1.81 19.19 97.63
CA ILE OB 20 -0.99 18.76 96.51
C ILE OB 20 -1.81 17.84 95.63
N GLY OB 21 -1.93 18.19 94.36
CA GLY OB 21 -2.66 17.37 93.41
C GLY OB 21 -3.70 18.14 92.63
N SER OB 33 -0.22 22.20 92.97
CA SER OB 33 -0.17 22.62 94.37
C SER OB 33 -1.01 23.86 94.61
N GLU OB 34 -1.70 23.90 95.75
CA GLU OB 34 -2.50 25.05 96.14
C GLU OB 34 -2.22 25.37 97.60
N CYS OB 35 -2.38 26.63 97.96
CA CYS OB 35 -2.17 27.07 99.34
C CYS OB 35 -3.45 27.71 99.86
N LEU OB 36 -3.77 27.44 101.12
CA LEU OB 36 -4.97 27.98 101.75
C LEU OB 36 -4.59 28.73 103.02
N ASP OB 37 -5.33 29.79 103.30
CA ASP OB 37 -5.18 30.54 104.54
C ASP OB 37 -6.22 30.07 105.54
N LYS OB 38 -6.14 30.64 106.75
CA LYS OB 38 -7.01 30.20 107.83
C LYS OB 38 -8.44 30.63 107.59
N GLY OB 39 -9.36 29.67 107.67
CA GLY OB 39 -10.77 29.93 107.51
C GLY OB 39 -11.31 29.63 106.13
N GLU OB 40 -10.45 29.44 105.14
CA GLU OB 40 -10.93 29.09 103.82
C GLU OB 40 -11.33 27.64 103.78
N VAL OB 41 -12.13 27.30 102.78
CA VAL OB 41 -12.64 25.95 102.57
C VAL OB 41 -12.50 25.63 101.09
N LEU OB 42 -11.83 24.53 100.78
CA LEU OB 42 -11.66 24.08 99.42
C LEU OB 42 -12.45 22.80 99.23
N ILE OB 43 -13.33 22.79 98.25
CA ILE OB 43 -14.08 21.60 97.87
C ILE OB 43 -13.46 21.08 96.58
N ALA OB 44 -12.87 19.89 96.64
CA ALA OB 44 -12.08 19.39 95.54
C ALA OB 44 -12.66 18.10 95.01
N GLN OB 45 -12.89 18.04 93.71
CA GLN OB 45 -13.34 16.83 93.05
C GLN OB 45 -12.14 16.10 92.44
N PHE OB 46 -12.30 14.80 92.27
CA PHE OB 46 -11.25 14.00 91.66
C PHE OB 46 -11.42 13.95 90.15
N THR OB 47 -10.41 14.46 89.44
CA THR OB 47 -10.40 14.37 87.99
C THR OB 47 -9.72 13.08 87.59
N GLU OB 48 -9.43 12.95 86.30
CA GLU OB 48 -8.56 11.87 85.86
C GLU OB 48 -7.13 12.11 86.29
N HIS OB 49 -6.68 13.37 86.18
CA HIS OB 49 -5.34 13.76 86.58
C HIS OB 49 -5.11 13.66 88.07
N THR OB 50 -5.92 14.35 88.85
CA THR OB 50 -5.81 14.35 90.31
C THR OB 50 -6.32 13.02 90.82
N SER OB 51 -5.41 12.07 91.00
CA SER OB 51 -5.75 10.77 91.55
C SER OB 51 -5.29 10.60 92.98
N ALA OB 52 -4.60 11.59 93.53
CA ALA OB 52 -4.13 11.53 94.91
C ALA OB 52 -4.01 12.94 95.43
N ILE OB 53 -4.42 13.15 96.67
CA ILE OB 53 -4.42 14.47 97.29
C ILE OB 53 -3.71 14.36 98.63
N LYS OB 54 -2.66 15.15 98.81
CA LYS OB 54 -1.90 15.19 100.04
C LYS OB 54 -2.16 16.51 100.74
N VAL OB 55 -2.38 16.48 102.05
CA VAL OB 55 -2.72 17.65 102.82
C VAL OB 55 -1.70 17.82 103.92
N ARG OB 56 -1.07 18.98 103.99
CA ARG OB 56 -0.12 19.31 105.03
C ARG OB 56 -0.73 20.32 105.98
N GLY OB 57 -0.13 20.47 107.16
CA GLY OB 57 -0.56 21.46 108.11
C GLY OB 57 -1.87 21.08 108.79
N LYS OB 58 -2.34 21.98 109.63
CA LYS OB 58 -3.55 21.73 110.41
C LYS OB 58 -4.76 22.05 109.57
N ALA OB 59 -5.55 21.03 109.27
CA ALA OB 59 -6.75 21.19 108.45
C ALA OB 59 -7.78 20.17 108.89
N TYR OB 60 -9.03 20.42 108.51
CA TYR OB 60 -10.15 19.60 108.90
C TYR OB 60 -10.83 19.09 107.63
N ILE OB 61 -10.79 17.79 107.41
CA ILE OB 61 -11.21 17.20 106.14
C ILE OB 61 -12.49 16.41 106.36
N GLN OB 62 -13.45 16.60 105.48
CA GLN OB 62 -14.65 15.79 105.40
C GLN OB 62 -14.64 15.05 104.08
N THR OB 63 -14.72 13.73 104.14
CA THR OB 63 -14.86 12.88 102.97
C THR OB 63 -16.17 12.12 103.09
N SER OB 64 -16.36 11.18 102.16
CA SER OB 64 -17.52 10.30 102.24
C SER OB 64 -17.38 9.33 103.41
N HIS OB 65 -16.16 8.95 103.75
CA HIS OB 65 -15.92 8.01 104.83
C HIS OB 65 -16.00 8.65 106.20
N GLY OB 66 -16.13 9.97 106.28
CA GLY OB 66 -16.22 10.65 107.55
C GLY OB 66 -15.30 11.82 107.59
N VAL OB 67 -14.94 12.24 108.80
CA VAL OB 67 -14.10 13.41 109.01
C VAL OB 67 -12.76 12.97 109.57
N ILE OB 68 -11.78 13.85 109.43
CA ILE OB 68 -10.43 13.59 109.90
C ILE OB 68 -9.74 14.94 110.08
N GLU OB 69 -8.66 14.96 110.84
CA GLU OB 69 -7.97 16.20 111.18
C GLU OB 69 -6.48 16.08 110.90
N SER OB 70 -6.04 16.64 109.80
CA SER OB 70 -4.63 16.62 109.47
C SER OB 70 -3.89 17.66 110.29
N GLU OB 71 -2.64 17.36 110.63
CA GLU OB 71 -1.82 18.30 111.38
C GLU OB 71 -0.49 18.58 110.71
N ASP PB 6 -23.16 16.04 93.59
CA ASP PB 6 -22.80 16.69 92.33
C ASP PB 6 -22.78 18.20 92.45
N PHE PB 7 -23.36 18.75 93.50
CA PHE PB 7 -23.48 20.19 93.63
C PHE PB 7 -23.40 20.60 95.09
N VAL PB 8 -22.99 21.85 95.29
CA VAL PB 8 -22.81 22.42 96.61
C VAL PB 8 -23.69 23.64 96.76
N VAL PB 9 -23.99 24.01 98.00
CA VAL PB 9 -24.85 25.14 98.31
C VAL PB 9 -24.09 26.06 99.24
N ILE PB 10 -23.85 27.30 98.80
CA ILE PB 10 -23.06 28.26 99.56
C ILE PB 10 -23.95 29.43 99.92
N LYS PB 11 -24.21 29.63 101.19
CA LYS PB 11 -24.95 30.79 101.67
C LYS PB 11 -23.93 31.80 102.19
N ALA PB 12 -23.88 32.96 101.56
CA ALA PB 12 -22.89 33.95 101.97
C ALA PB 12 -23.39 34.72 103.18
N LEU PB 13 -22.79 34.44 104.33
CA LEU PB 13 -23.18 35.07 105.58
C LEU PB 13 -22.62 36.47 105.76
N GLU PB 14 -21.68 36.88 104.92
CA GLU PB 14 -21.13 38.23 104.99
C GLU PB 14 -20.88 38.70 103.57
N ASP PB 15 -20.63 40.00 103.43
CA ASP PB 15 -20.47 40.57 102.11
C ASP PB 15 -19.12 40.20 101.51
N GLY PB 16 -19.05 40.25 100.18
CA GLY PB 16 -17.80 40.06 99.47
C GLY PB 16 -17.24 38.66 99.54
N VAL PB 17 -18.09 37.63 99.64
CA VAL PB 17 -17.58 36.28 99.69
C VAL PB 17 -17.19 35.84 98.29
N ASN PB 18 -15.95 35.41 98.13
CA ASN PB 18 -15.42 35.03 96.83
C ASN PB 18 -15.59 33.53 96.64
N VAL PB 19 -15.91 33.13 95.42
CA VAL PB 19 -16.00 31.71 95.05
C VAL PB 19 -15.18 31.55 93.79
N ILE PB 20 -14.15 30.71 93.84
CA ILE PB 20 -13.17 30.61 92.77
C ILE PB 20 -13.35 29.27 92.07
N GLY PB 21 -13.56 29.31 90.77
CA GLY PB 21 -13.73 28.11 89.98
C GLY PB 21 -14.97 28.12 89.12
N SER PB 33 -14.07 33.38 88.72
CA SER PB 33 -14.31 33.97 90.03
C SER PB 33 -15.68 34.63 90.10
N GLU PB 34 -16.35 34.47 91.25
CA GLU PB 34 -17.65 35.09 91.49
C GLU PB 34 -17.65 35.72 92.86
N CYS PB 35 -18.45 36.77 93.03
CA CYS PB 35 -18.56 37.45 94.32
C CYS PB 35 -20.01 37.42 94.77
N LEU PB 36 -20.21 37.22 96.07
CA LEU PB 36 -21.55 37.16 96.65
C LEU PB 36 -21.67 38.17 97.77
N ASP PB 37 -22.85 38.74 97.91
CA ASP PB 37 -23.17 39.63 99.01
C ASP PB 37 -23.88 38.86 100.12
N LYS PB 38 -24.16 39.55 101.22
CA LYS PB 38 -24.74 38.90 102.38
C LYS PB 38 -26.18 38.49 102.12
N GLY PB 39 -26.48 37.23 102.38
CA GLY PB 39 -27.81 36.70 102.23
C GLY PB 39 -28.06 35.96 100.94
N GLU PB 40 -27.17 36.10 99.96
CA GLU PB 40 -27.34 35.37 98.72
C GLU PB 40 -26.94 33.91 98.92
N VAL PB 41 -27.40 33.07 98.01
CA VAL PB 41 -27.13 31.63 98.04
C VAL PB 41 -26.78 31.21 96.62
N LEU PB 42 -25.63 30.58 96.47
CA LEU PB 42 -25.18 30.08 95.18
C LEU PB 42 -25.20 28.56 95.21
N ILE PB 43 -25.91 27.95 94.27
CA ILE PB 43 -25.92 26.52 94.11
C ILE PB 43 -25.05 26.20 92.91
N ALA PB 44 -23.95 25.51 93.12
CA ALA PB 44 -22.95 25.31 92.09
C ALA PB 44 -22.76 23.84 91.79
N GLN PB 45 -22.87 23.49 90.53
CA GLN PB 45 -22.60 22.14 90.07
C GLN PB 45 -21.17 22.04 89.55
N PHE PB 46 -20.63 20.83 89.58
CA PHE PB 46 -19.30 20.60 89.07
C PHE PB 46 -19.34 20.25 87.59
N THR PB 47 -18.70 21.08 86.77
CA THR PB 47 -18.57 20.79 85.35
C THR PB 47 -17.30 19.99 85.14
N GLU PB 48 -16.93 19.83 83.88
CA GLU PB 48 -15.61 19.29 83.57
C GLU PB 48 -14.52 20.31 83.92
N HIS PB 49 -14.77 21.58 83.60
CA HIS PB 49 -13.83 22.65 83.88
C HIS PB 49 -13.67 22.91 85.37
N THR PB 50 -14.76 23.21 86.07
CA THR PB 50 -14.74 23.48 87.49
C THR PB 50 -14.52 22.16 88.22
N SER PB 51 -13.26 21.86 88.52
CA SER PB 51 -12.92 20.66 89.27
C SER PB 51 -12.51 20.97 90.70
N ALA PB 52 -12.45 22.24 91.07
CA ALA PB 52 -12.09 22.64 92.42
C ALA PB 52 -12.73 23.98 92.70
N ILE PB 53 -13.26 24.13 93.92
CA ILE PB 53 -13.95 25.34 94.32
C ILE PB 53 -13.36 25.81 95.64
N LYS PB 54 -12.88 27.04 95.65
CA LYS PB 54 -12.30 27.65 96.85
C LYS PB 54 -13.22 28.74 97.33
N VAL PB 55 -13.46 28.79 98.64
CA VAL PB 55 -14.40 29.73 99.23
C VAL PB 55 -13.66 30.56 100.27
N ARG PB 56 -13.73 31.88 100.12
CA ARG PB 56 -13.12 32.80 101.07
C ARG PB 56 -14.21 33.48 101.87
N GLY PB 57 -13.84 34.08 102.99
CA GLY PB 57 -14.77 34.85 103.80
C GLY PB 57 -15.72 33.96 104.56
N LYS PB 58 -16.63 34.61 105.28
CA LYS PB 58 -17.58 33.90 106.12
C LYS PB 58 -18.74 33.42 105.28
N ALA PB 59 -18.88 32.11 105.17
CA ALA PB 59 -19.95 31.51 104.38
C ALA PB 59 -20.33 30.18 105.00
N TYR PB 60 -21.52 29.71 104.64
CA TYR PB 60 -22.08 28.49 105.18
C TYR PB 60 -22.35 27.52 104.04
N ILE PB 61 -21.63 26.40 104.01
CA ILE PB 61 -21.62 25.50 102.87
C ILE PB 61 -22.33 24.21 103.25
N GLN PB 62 -23.22 23.76 102.38
CA GLN PB 62 -23.82 22.44 102.47
C GLN PB 62 -23.37 21.62 101.28
N THR PB 63 -22.76 20.47 101.55
CA THR PB 63 -22.40 19.51 100.53
C THR PB 63 -23.13 18.20 100.80
N SER PB 64 -22.77 17.18 100.04
CA SER PB 64 -23.32 15.85 100.30
C SER PB 64 -22.77 15.27 101.59
N HIS PB 65 -21.54 15.63 101.95
CA HIS PB 65 -20.91 15.13 103.16
C HIS PB 65 -21.39 15.82 104.42
N GLY PB 66 -22.17 16.89 104.29
CA GLY PB 66 -22.66 17.61 105.45
C GLY PB 66 -22.46 19.08 105.27
N VAL PB 67 -22.44 19.80 106.39
CA VAL PB 67 -22.32 21.25 106.38
C VAL PB 67 -20.98 21.65 106.96
N ILE PB 68 -20.57 22.88 106.66
CA ILE PB 68 -19.30 23.42 107.11
C ILE PB 68 -19.41 24.93 107.06
N GLU PB 69 -18.53 25.62 107.78
CA GLU PB 69 -18.59 27.07 107.88
C GLU PB 69 -17.24 27.69 107.59
N SER PB 70 -17.09 28.23 106.39
CA SER PB 70 -15.85 28.88 106.02
C SER PB 70 -15.79 30.27 106.64
N GLU PB 71 -14.58 30.71 106.98
CA GLU PB 71 -14.40 32.02 107.56
C GLU PB 71 -13.36 32.84 106.80
N ASP QB 6 -30.64 16.38 91.34
CA ASP QB 6 -30.65 16.92 89.98
C ASP QB 6 -31.44 18.21 89.87
N PHE QB 7 -32.25 18.52 90.88
CA PHE QB 7 -33.11 19.69 90.79
C PHE QB 7 -33.30 20.30 92.17
N VAL QB 8 -33.62 21.58 92.17
CA VAL QB 8 -33.81 22.37 93.38
C VAL QB 8 -35.20 22.94 93.39
N VAL QB 9 -35.68 23.29 94.58
CA VAL QB 9 -37.02 23.82 94.78
C VAL QB 9 -36.90 25.14 95.52
N ILE QB 10 -37.33 26.23 94.90
CA ILE QB 10 -37.19 27.57 95.46
C ILE QB 10 -38.58 28.13 95.69
N LYS QB 11 -38.93 28.36 96.94
CA LYS QB 11 -40.19 29.02 97.28
C LYS QB 11 -39.88 30.48 97.59
N ALA QB 12 -40.43 31.38 96.79
CA ALA QB 12 -40.12 32.78 96.99
C ALA QB 12 -40.99 33.36 98.12
N LEU QB 13 -40.36 33.62 99.25
CA LEU QB 13 -41.06 34.12 100.43
C LEU QB 13 -41.33 35.62 100.36
N GLU QB 14 -40.73 36.33 99.42
CA GLU QB 14 -40.99 37.75 99.26
C GLU QB 14 -40.98 38.06 97.77
N ASP QB 15 -41.45 39.25 97.44
CA ASP QB 15 -41.58 39.62 96.04
C ASP QB 15 -40.23 39.92 95.42
N GLY QB 16 -40.16 39.81 94.09
CA GLY QB 16 -38.98 40.18 93.35
C GLY QB 16 -37.77 39.32 93.58
N VAL QB 17 -37.95 38.03 93.88
CA VAL QB 17 -36.79 37.18 94.10
C VAL QB 17 -36.20 36.79 92.75
N ASN QB 18 -34.91 37.07 92.58
CA ASN QB 18 -34.22 36.83 91.32
C ASN QB 18 -33.57 35.46 91.36
N VAL QB 19 -33.60 34.76 90.24
CA VAL QB 19 -32.91 33.49 90.08
C VAL QB 19 -32.09 33.58 88.81
N ILE QB 20 -30.78 33.43 88.92
CA ILE QB 20 -29.86 33.69 87.82
C ILE QB 20 -29.29 32.38 87.34
N GLY QB 21 -29.46 32.09 86.05
CA GLY QB 21 -28.94 30.88 85.47
C GLY QB 21 -29.98 30.09 84.69
N SER QB 33 -32.00 34.91 83.48
CA SER QB 33 -32.55 35.47 84.70
C SER QB 33 -34.05 35.31 84.76
N GLU QB 34 -34.57 35.01 85.94
CA GLU QB 34 -36.01 34.88 86.17
C GLU QB 34 -36.38 35.63 87.44
N CYS QB 35 -37.61 36.11 87.50
CA CYS QB 35 -38.10 36.81 88.68
C CYS QB 35 -39.32 36.09 89.22
N LEU QB 36 -39.43 36.02 90.54
CA LEU QB 36 -40.55 35.35 91.20
C LEU QB 36 -41.21 36.31 92.17
N ASP QB 37 -42.52 36.18 92.29
CA ASP QB 37 -43.29 36.93 93.27
C ASP QB 37 -43.51 36.08 94.52
N LYS QB 38 -44.15 36.69 95.51
CA LYS QB 38 -44.32 36.01 96.80
C LYS QB 38 -45.33 34.87 96.69
N GLY QB 39 -44.91 33.69 97.14
CA GLY QB 39 -45.75 32.54 97.15
C GLY QB 39 -45.54 31.59 95.99
N GLU QB 40 -44.83 32.02 94.95
CA GLU QB 40 -44.55 31.12 93.85
C GLU QB 40 -43.45 30.15 94.24
N VAL QB 41 -43.38 29.05 93.49
CA VAL QB 41 -42.39 28.00 93.70
C VAL QB 41 -41.83 27.62 92.35
N LEU QB 42 -40.52 27.68 92.22
CA LEU QB 42 -39.84 27.29 91.00
C LEU QB 42 -39.04 26.03 91.24
N ILE QB 43 -39.30 25.00 90.45
CA ILE QB 43 -38.54 23.77 90.50
C ILE QB 43 -37.61 23.77 89.30
N ALA QB 44 -36.31 23.80 89.56
CA ALA QB 44 -35.34 24.02 88.50
C ALA QB 44 -34.39 22.84 88.41
N GLN QB 45 -34.25 22.29 87.21
CA GLN QB 45 -33.30 21.23 86.95
C GLN QB 45 -32.02 21.82 86.35
N PHE QB 46 -30.92 21.09 86.53
CA PHE QB 46 -29.66 21.53 85.97
C PHE QB 46 -29.47 20.98 84.57
N THR QB 47 -29.35 21.89 83.61
CA THR QB 47 -29.05 21.51 82.24
C THR QB 47 -27.54 21.47 82.08
N GLU QB 48 -27.10 21.34 80.82
CA GLU QB 48 -25.70 21.54 80.53
C GLU QB 48 -25.33 23.01 80.65
N HIS QB 49 -26.19 23.89 80.16
CA HIS QB 49 -25.98 25.33 80.24
C HIS QB 49 -26.02 25.85 81.66
N THR QB 50 -27.12 25.63 82.37
CA THR QB 50 -27.28 26.10 83.74
C THR QB 50 -26.42 25.22 84.63
N SER QB 51 -25.20 25.67 84.89
CA SER QB 51 -24.29 24.97 85.79
C SER QB 51 -24.15 25.66 87.13
N ALA QB 52 -24.78 26.81 87.31
CA ALA QB 52 -24.72 27.55 88.57
C ALA QB 52 -25.99 28.38 88.69
N ILE QB 53 -26.54 28.42 89.90
CA ILE QB 53 -27.78 29.12 90.17
C ILE QB 53 -27.56 30.03 91.36
N LYS QB 54 -27.81 31.32 91.17
CA LYS QB 54 -27.67 32.30 92.22
C LYS QB 54 -29.05 32.81 92.60
N VAL QB 55 -29.31 32.92 93.90
CA VAL QB 55 -30.61 33.30 94.40
C VAL QB 55 -30.46 34.55 95.26
N ARG QB 56 -31.21 35.60 94.93
CA ARG QB 56 -31.21 36.83 95.70
C ARG QB 56 -32.52 36.95 96.46
N GLY QB 57 -32.54 37.82 97.45
CA GLY QB 57 -33.75 38.10 98.19
C GLY QB 57 -34.11 36.97 99.14
N LYS QB 58 -35.25 37.15 99.80
CA LYS QB 58 -35.70 36.19 100.79
C LYS QB 58 -36.41 35.03 100.10
N ALA QB 59 -35.83 33.84 100.19
CA ALA QB 59 -36.40 32.67 99.56
C ALA QB 59 -36.04 31.45 100.39
N TYR QB 60 -36.79 30.38 100.18
CA TYR QB 60 -36.63 29.14 100.91
C TYR QB 60 -36.31 28.01 99.94
N ILE QB 61 -35.12 27.46 100.04
CA ILE QB 61 -34.60 26.54 99.04
C ILE QB 61 -34.52 25.14 99.65
N GLN QB 62 -35.01 24.16 98.91
CA GLN QB 62 -34.83 22.76 99.22
C GLN QB 62 -33.98 22.13 98.14
N THR QB 63 -32.87 21.52 98.54
CA THR QB 63 -32.01 20.75 97.65
C THR QB 63 -31.95 19.33 98.14
N SER QB 64 -31.09 18.53 97.52
CA SER QB 64 -30.86 17.18 98.00
C SER QB 64 -30.13 17.18 99.33
N HIS QB 65 -29.28 18.18 99.56
CA HIS QB 65 -28.51 18.28 100.78
C HIS QB 65 -29.31 18.80 101.96
N GLY QB 66 -30.54 19.26 101.73
CA GLY QB 66 -31.36 19.78 102.80
C GLY QB 66 -31.97 21.10 102.39
N VAL QB 67 -32.36 21.88 103.39
CA VAL QB 67 -33.03 23.15 103.17
C VAL QB 67 -32.12 24.28 103.61
N ILE QB 68 -32.42 25.48 103.10
CA ILE QB 68 -31.64 26.67 103.39
C ILE QB 68 -32.54 27.86 103.12
N GLU QB 69 -32.17 29.02 103.68
CA GLU QB 69 -33.00 30.21 103.58
C GLU QB 69 -32.17 31.40 103.13
N SER QB 70 -32.29 31.74 101.85
CA SER QB 70 -31.58 32.88 101.32
C SER QB 70 -32.28 34.17 101.73
N GLU QB 71 -31.49 35.22 101.93
CA GLU QB 71 -32.05 36.51 102.29
C GLU QB 71 -31.58 37.63 101.37
N ASP RB 6 -37.51 12.50 89.66
CA ASP RB 6 -37.75 12.75 88.24
C ASP RB 6 -39.08 13.43 87.98
N PHE RB 7 -39.96 13.44 88.96
CA PHE RB 7 -41.31 13.95 88.76
C PHE RB 7 -41.82 14.60 90.03
N VAL RB 8 -42.76 15.53 89.86
CA VAL RB 8 -43.35 16.28 90.94
C VAL RB 8 -44.85 16.06 90.94
N VAL RB 9 -45.47 16.28 92.09
CA VAL RB 9 -46.91 16.09 92.27
C VAL RB 9 -47.50 17.39 92.79
N ILE RB 10 -48.41 17.98 92.04
CA ILE RB 10 -48.99 19.27 92.39
C ILE RB 10 -50.48 19.08 92.60
N LYS RB 11 -50.94 19.28 93.83
CA LYS RB 11 -52.36 19.26 94.13
C LYS RB 11 -52.86 20.69 94.20
N ALA RB 12 -53.76 21.06 93.30
CA ALA RB 12 -54.23 22.43 93.28
C ALA RB 12 -55.29 22.65 94.35
N LEU RB 13 -54.93 23.37 95.40
CA LEU RB 13 -55.82 23.62 96.52
C LEU RB 13 -56.81 24.74 96.24
N GLU RB 14 -56.63 25.50 95.18
CA GLU RB 14 -57.57 26.55 94.81
C GLU RB 14 -57.68 26.58 93.30
N ASP RB 15 -58.68 27.30 92.82
CA ASP RB 15 -58.93 27.32 91.38
C ASP RB 15 -57.91 28.19 90.66
N GLY RB 16 -57.75 27.91 89.37
CA GLY RB 16 -56.90 28.71 88.52
C GLY RB 16 -55.42 28.64 88.81
N VAL RB 17 -54.93 27.51 89.31
CA VAL RB 17 -53.51 27.40 89.59
C VAL RB 17 -52.76 27.17 88.29
N ASN RB 18 -51.79 28.03 88.01
CA ASN RB 18 -51.04 27.98 86.77
C ASN RB 18 -49.78 27.17 86.98
N VAL RB 19 -49.41 26.39 85.98
CA VAL RB 19 -48.16 25.64 85.98
C VAL RB 19 -47.47 25.94 84.67
N ILE RB 20 -46.27 26.49 84.73
CA ILE RB 20 -45.57 27.01 83.55
C ILE RB 20 -44.40 26.11 83.25
N GLY RB 21 -44.35 25.58 82.03
CA GLY RB 21 -43.26 24.73 81.60
C GLY RB 21 -43.74 23.43 81.01
N SER RB 33 -47.89 26.28 79.19
CA SER RB 33 -48.68 26.67 80.34
C SER RB 33 -49.91 25.77 80.51
N GLU RB 34 -50.22 25.44 81.76
CA GLU RB 34 -51.40 24.63 82.07
C GLU RB 34 -52.15 25.27 83.23
N CYS RB 35 -53.46 25.06 83.28
CA CYS RB 35 -54.27 25.59 84.36
C CYS RB 35 -54.98 24.44 85.06
N LEU RB 36 -55.06 24.53 86.39
CA LEU RB 36 -55.71 23.50 87.20
C LEU RB 36 -56.80 24.12 88.04
N ASP RB 37 -57.86 23.36 88.26
CA ASP RB 37 -58.94 23.75 89.15
C ASP RB 37 -58.73 23.11 90.51
N LYS RB 38 -59.62 23.45 91.44
CA LYS RB 38 -59.48 22.99 92.82
C LYS RB 38 -59.75 21.51 92.93
N GLY RB 39 -58.80 20.79 93.54
CA GLY RB 39 -58.94 19.38 93.76
C GLY RB 39 -58.23 18.51 92.75
N GLU RB 40 -57.81 19.07 91.63
CA GLU RB 40 -57.08 18.28 90.66
C GLU RB 40 -55.65 18.08 91.12
N VAL RB 41 -54.99 17.08 90.54
CA VAL RB 41 -53.62 16.72 90.86
C VAL RB 41 -52.89 16.47 89.55
N LEU RB 42 -51.79 17.17 89.34
CA LEU RB 42 -50.98 17.00 88.16
C LEU RB 42 -49.66 16.38 88.56
N ILE RB 43 -49.33 15.25 87.94
CA ILE RB 43 -48.04 14.60 88.13
C ILE RB 43 -47.20 14.89 86.90
N ALA RB 44 -46.12 15.62 87.08
CA ALA RB 44 -45.36 16.13 85.96
C ALA RB 44 -43.93 15.61 86.00
N GLN RB 45 -43.50 15.03 84.88
CA GLN RB 45 -42.13 14.58 84.73
C GLN RB 45 -41.31 15.63 83.99
N PHE RB 46 -40.01 15.60 84.22
CA PHE RB 46 -39.12 16.54 83.55
C PHE RB 46 -38.63 15.95 82.23
N THR RB 47 -38.96 16.64 81.14
CA THR RB 47 -38.46 16.25 79.83
C THR RB 47 -37.14 16.96 79.60
N GLU RB 48 -36.66 16.88 78.35
CA GLU RB 48 -35.54 17.71 77.96
C GLU RB 48 -35.98 19.17 77.84
N HIS RB 49 -37.16 19.40 77.27
CA HIS RB 49 -37.72 20.74 77.12
C HIS RB 49 -38.06 21.38 78.44
N THR RB 50 -38.92 20.74 79.24
CA THR RB 50 -39.34 21.27 80.53
C THR RB 50 -38.18 21.11 81.50
N SER RB 51 -37.37 22.14 81.64
CA SER RB 51 -36.27 22.15 82.57
C SER RB 51 -36.54 23.02 83.78
N ALA RB 52 -37.68 23.70 83.83
CA ALA RB 52 -38.04 24.54 84.96
C ALA RB 52 -39.55 24.62 85.02
N ILE RB 53 -40.09 24.56 86.23
CA ILE RB 53 -41.52 24.57 86.45
C ILE RB 53 -41.84 25.63 87.49
N LYS RB 54 -42.70 26.57 87.11
CA LYS RB 54 -43.12 27.64 88.00
C LYS RB 54 -44.58 27.42 88.37
N VAL RB 55 -44.91 27.58 89.64
CA VAL RB 55 -46.24 27.32 90.15
C VAL RB 55 -46.76 28.59 90.81
N ARG RB 56 -47.94 29.04 90.37
CA ARG RB 56 -48.59 30.20 90.93
C ARG RB 56 -49.80 29.75 91.73
N GLY RB 57 -50.30 30.63 92.58
CA GLY RB 57 -51.51 30.37 93.34
C GLY RB 57 -51.27 29.38 94.46
N LYS RB 58 -52.36 29.04 95.15
CA LYS RB 58 -52.29 28.15 96.29
C LYS RB 58 -52.29 26.71 95.82
N ALA RB 59 -51.18 26.01 96.05
CA ALA RB 59 -51.04 24.63 95.64
C ALA RB 59 -50.14 23.90 96.62
N TYR RB 60 -50.23 22.59 96.60
CA TYR RB 60 -49.49 21.73 97.52
C TYR RB 60 -48.62 20.79 96.70
N ILE RB 61 -47.29 20.95 96.82
CA ILE RB 61 -46.35 20.28 95.95
C ILE RB 61 -45.60 19.23 96.74
N GLN RB 62 -45.48 18.03 96.19
CA GLN RB 62 -44.62 16.98 96.70
C GLN RB 62 -43.54 16.72 95.68
N THR RB 63 -42.28 16.83 96.11
CA THR RB 63 -41.14 16.48 95.30
C THR RB 63 -40.37 15.38 96.01
N SER RB 64 -39.19 15.05 95.46
CA SER RB 64 -38.32 14.10 96.13
C SER RB 64 -37.74 14.68 97.40
N HIS RB 65 -37.53 15.99 97.44
CA HIS RB 65 -36.96 16.66 98.60
C HIS RB 65 -37.95 16.88 99.72
N GLY RB 66 -39.23 16.60 99.48
CA GLY RB 66 -40.24 16.79 100.51
C GLY RB 66 -41.43 17.52 99.94
N VAL RB 67 -42.19 18.14 100.84
CA VAL RB 67 -43.41 18.85 100.45
C VAL RB 67 -43.21 20.34 100.67
N ILE RB 68 -44.07 21.12 100.00
CA ILE RB 68 -44.02 22.58 100.08
C ILE RB 68 -45.39 23.09 99.68
N GLU RB 69 -45.69 24.34 100.04
CA GLU RB 69 -47.01 24.91 99.81
C GLU RB 69 -46.88 26.26 99.13
N SER RB 70 -47.12 26.29 97.83
CA SER RB 70 -47.08 27.54 97.10
C SER RB 70 -48.35 28.33 97.34
N GLU RB 71 -48.22 29.66 97.34
CA GLU RB 71 -49.37 30.52 97.54
C GLU RB 71 -49.51 31.56 96.43
N ASP SB 6 -41.10 5.46 88.97
CA ASP SB 6 -41.38 5.30 87.54
C ASP SB 6 -42.85 5.12 87.26
N PHE SB 7 -43.64 4.82 88.29
CA PHE SB 7 -45.06 4.52 88.07
C PHE SB 7 -45.87 5.00 89.27
N VAL SB 8 -47.14 5.26 89.00
CA VAL SB 8 -48.08 5.77 89.98
C VAL SB 8 -49.25 4.79 90.11
N VAL SB 9 -49.93 4.85 91.24
CA VAL SB 9 -51.05 3.97 91.54
C VAL SB 9 -52.25 4.83 91.89
N ILE SB 10 -53.31 4.73 91.10
CA ILE SB 10 -54.49 5.56 91.28
C ILE SB 10 -55.67 4.65 91.61
N LYS SB 11 -56.20 4.79 92.82
CA LYS SB 11 -57.41 4.07 93.21
C LYS SB 11 -58.59 5.02 93.07
N ALA SB 12 -59.52 4.70 92.18
CA ALA SB 12 -60.64 5.61 91.97
C ALA SB 12 -61.69 5.41 93.05
N LEU SB 13 -61.80 6.38 93.95
CA LEU SB 13 -62.72 6.31 95.07
C LEU SB 13 -64.15 6.67 94.68
N GLU SB 14 -64.36 7.22 93.49
CA GLU SB 14 -65.69 7.55 93.02
C GLU SB 14 -65.75 7.26 91.54
N ASP SB 15 -66.97 7.26 91.00
CA ASP SB 15 -67.16 6.91 89.61
C ASP SB 15 -66.70 8.04 88.69
N GLY SB 16 -66.39 7.67 87.46
CA GLY SB 16 -66.07 8.64 86.44
C GLY SB 16 -64.78 9.40 86.65
N VAL SB 17 -63.78 8.81 87.29
CA VAL SB 17 -62.53 9.50 87.49
C VAL SB 17 -61.73 9.49 86.20
N ASN SB 18 -61.34 10.67 85.73
CA ASN SB 18 -60.64 10.80 84.47
C ASN SB 18 -59.14 10.83 84.73
N VAL SB 19 -58.38 10.20 83.85
CA VAL SB 19 -56.93 10.22 83.90
C VAL SB 19 -56.46 10.61 82.50
N ILE SB 20 -55.73 11.72 82.41
CA ILE SB 20 -55.38 12.31 81.13
C ILE SB 20 -53.89 12.13 80.89
N GLY SB 21 -53.55 11.50 79.77
CA GLY SB 21 -52.16 11.30 79.42
C GLY SB 21 -51.85 9.85 79.08
N SER SB 33 -56.82 9.75 77.08
CA SER SB 33 -57.74 9.86 78.21
C SER SB 33 -58.31 8.50 78.58
N GLU SB 34 -58.45 8.26 79.89
CA GLU SB 34 -59.03 7.02 80.40
C GLU SB 34 -60.04 7.36 81.48
N CYS SB 35 -61.04 6.51 81.65
CA CYS SB 35 -62.05 6.71 82.68
C CYS SB 35 -62.07 5.50 83.60
N LEU SB 36 -62.23 5.75 84.89
CA LEU SB 36 -62.26 4.69 85.90
C LEU SB 36 -63.55 4.78 86.69
N ASP SB 37 -64.06 3.62 87.09
CA ASP SB 37 -65.21 3.54 87.98
C ASP SB 37 -64.74 3.35 89.42
N LYS SB 38 -65.70 3.32 90.33
CA LYS SB 38 -65.38 3.25 91.74
C LYS SB 38 -64.83 1.88 92.11
N GLY SB 39 -63.68 1.88 92.77
CA GLY SB 39 -63.05 0.66 93.23
C GLY SB 39 -61.96 0.14 92.33
N GLU SB 40 -61.86 0.64 91.10
CA GLU SB 40 -60.79 0.20 90.23
C GLU SB 40 -59.49 0.87 90.63
N VAL SB 41 -58.39 0.26 90.18
CA VAL SB 41 -57.05 0.75 90.47
C VAL SB 41 -56.26 0.69 89.17
N LEU SB 42 -55.67 1.82 88.79
CA LEU SB 42 -54.86 1.91 87.60
C LEU SB 42 -53.42 2.14 88.01
N ILE SB 43 -52.52 1.28 87.55
CA ILE SB 43 -51.09 1.44 87.78
C ILE SB 43 -50.50 1.90 86.47
N ALA SB 44 -49.96 3.11 86.46
CA ALA SB 44 -49.55 3.75 85.22
C ALA SB 44 -48.07 4.06 85.25
N GLN SB 45 -47.35 3.61 84.23
CA GLN SB 45 -45.95 3.93 84.07
C GLN SB 45 -45.79 5.11 83.12
N PHE SB 46 -44.67 5.81 83.27
CA PHE SB 46 -44.39 6.94 82.39
C PHE SB 46 -43.62 6.48 81.16
N THR SB 47 -44.22 6.71 80.00
CA THR SB 47 -43.56 6.41 78.74
C THR SB 47 -42.79 7.66 78.31
N GLU SB 48 -42.31 7.63 77.07
CA GLU SB 48 -41.78 8.86 76.47
C GLU SB 48 -42.92 9.82 76.16
N HIS SB 49 -44.03 9.30 75.64
CA HIS SB 49 -45.19 10.09 75.30
C HIS SB 49 -45.88 10.68 76.53
N THR SB 50 -46.29 9.84 77.47
CA THR SB 50 -46.96 10.27 78.67
C THR SB 50 -45.92 10.90 79.60
N SER SB 51 -45.79 12.22 79.50
CA SER SB 51 -44.88 12.96 80.35
C SER SB 51 -45.61 13.75 81.43
N ALA SB 52 -46.94 13.73 81.43
CA ALA SB 52 -47.72 14.44 82.42
C ALA SB 52 -49.05 13.72 82.57
N ILE SB 53 -49.51 13.59 83.81
CA ILE SB 53 -50.74 12.88 84.11
C ILE SB 53 -51.61 13.78 84.98
N LYS SB 54 -52.82 14.05 84.52
CA LYS SB 54 -53.77 14.87 85.25
C LYS SB 54 -54.91 13.98 85.74
N VAL SB 55 -55.31 14.17 86.98
CA VAL SB 55 -56.32 13.34 87.62
C VAL SB 55 -57.46 14.23 88.08
N ARG SB 56 -58.67 13.92 87.65
CA ARG SB 56 -59.86 14.65 88.06
C ARG SB 56 -60.68 13.77 89.00
N GLY SB 57 -61.60 14.39 89.72
CA GLY SB 57 -62.50 13.66 90.59
C GLY SB 57 -61.82 13.14 91.84
N LYS SB 58 -62.59 12.42 92.63
CA LYS SB 58 -62.10 11.90 93.90
C LYS SB 58 -61.33 10.62 93.67
N ALA SB 59 -60.03 10.66 93.94
CA ALA SB 59 -59.17 9.49 93.75
C ALA SB 59 -58.05 9.53 94.78
N TYR SB 60 -57.43 8.39 94.97
CA TYR SB 60 -56.38 8.21 95.96
C TYR SB 60 -55.12 7.75 95.26
N ILE SB 61 -54.09 8.59 95.28
CA ILE SB 61 -52.90 8.37 94.46
C ILE SB 61 -51.74 8.03 95.38
N GLN SB 62 -50.99 7.00 95.01
CA GLN SB 62 -49.72 6.67 95.62
C GLN SB 62 -48.63 6.84 94.59
N THR SB 63 -47.64 7.66 94.92
CA THR SB 63 -46.45 7.83 94.11
C THR SB 63 -45.24 7.43 94.93
N SER SB 64 -44.06 7.68 94.38
CA SER SB 64 -42.83 7.45 95.14
C SER SB 64 -42.68 8.46 96.26
N HIS SB 65 -43.19 9.67 96.07
CA HIS SB 65 -43.10 10.73 97.07
C HIS SB 65 -44.10 10.58 98.19
N GLY SB 66 -45.04 9.64 98.09
CA GLY SB 66 -46.02 9.44 99.13
C GLY SB 66 -47.40 9.33 98.53
N VAL SB 67 -48.41 9.60 99.35
CA VAL SB 67 -49.79 9.49 98.94
C VAL SB 67 -50.42 10.86 98.91
N ILE SB 68 -51.53 10.96 98.17
CA ILE SB 68 -52.26 12.21 98.01
C ILE SB 68 -53.69 11.85 97.62
N GLU SB 69 -54.60 12.80 97.79
CA GLU SB 69 -56.02 12.56 97.55
C GLU SB 69 -56.60 13.64 96.66
N SER SB 70 -56.78 13.32 95.39
CA SER SB 70 -57.38 14.26 94.47
C SER SB 70 -58.88 14.30 94.66
N GLU SB 71 -59.46 15.47 94.44
CA GLU SB 71 -60.91 15.62 94.57
C GLU SB 71 -61.53 16.23 93.32
N ASP TB 6 -40.41 -2.60 89.36
CA ASP TB 6 -40.55 -3.09 88.00
C ASP TB 6 -41.72 -4.03 87.82
N PHE TB 7 -42.28 -4.52 88.93
CA PHE TB 7 -43.34 -5.52 88.84
C PHE TB 7 -44.30 -5.36 90.00
N VAL TB 8 -45.52 -5.82 89.77
CA VAL TB 8 -46.61 -5.72 90.74
C VAL TB 8 -47.11 -7.11 91.07
N VAL TB 9 -47.75 -7.24 92.23
CA VAL TB 9 -48.27 -8.51 92.70
C VAL TB 9 -49.76 -8.34 93.01
N ILE TB 10 -50.60 -9.08 92.30
CA ILE TB 10 -52.04 -8.96 92.44
C ILE TB 10 -52.60 -10.26 92.96
N LYS TB 11 -53.16 -10.24 94.16
CA LYS TB 11 -53.84 -11.40 94.72
C LYS TB 11 -55.32 -11.21 94.52
N ALA TB 12 -55.95 -12.08 93.75
CA ALA TB 12 -57.37 -11.91 93.48
C ALA TB 12 -58.20 -12.46 94.64
N LEU TB 13 -58.79 -11.55 95.40
CA LEU TB 13 -59.59 -11.91 96.56
C LEU TB 13 -60.99 -12.38 96.22
N GLU TB 14 -61.42 -12.20 94.98
CA GLU TB 14 -62.73 -12.66 94.55
C GLU TB 14 -62.61 -13.15 93.12
N ASP TB 15 -63.64 -13.86 92.67
CA ASP TB 15 -63.59 -14.46 91.36
C ASP TB 15 -63.77 -13.41 90.27
N GLY TB 16 -63.28 -13.73 89.07
CA GLY TB 16 -63.48 -12.90 87.92
C GLY TB 16 -62.76 -11.57 87.94
N VAL TB 17 -61.61 -11.48 88.59
CA VAL TB 17 -60.90 -10.22 88.63
C VAL TB 17 -60.17 -10.02 87.31
N ASN TB 18 -60.43 -8.89 86.65
CA ASN TB 18 -59.88 -8.60 85.35
C ASN TB 18 -58.61 -7.79 85.52
N VAL TB 19 -57.61 -8.08 84.68
CA VAL TB 19 -56.38 -7.32 84.63
C VAL TB 19 -56.14 -6.94 83.18
N ILE TB 20 -56.08 -5.65 82.89
CA ILE TB 20 -56.05 -5.17 81.52
C ILE TB 20 -54.68 -4.61 81.22
N GLY TB 21 -54.04 -5.12 80.18
CA GLY TB 21 -52.72 -4.65 79.79
C GLY TB 21 -51.73 -5.77 79.62
N SER TB 33 -55.92 -8.67 77.96
CA SER TB 33 -56.78 -8.87 79.11
C SER TB 33 -56.59 -10.26 79.70
N GLU TB 34 -56.61 -10.34 81.03
CA GLU TB 34 -56.48 -11.61 81.74
C GLU TB 34 -57.55 -11.67 82.83
N CYS TB 35 -57.98 -12.88 83.17
CA CYS TB 35 -58.97 -13.06 84.22
C CYS TB 35 -58.38 -13.96 85.31
N LEU TB 36 -58.67 -13.65 86.56
CA LEU TB 36 -58.19 -14.41 87.70
C LEU TB 36 -59.35 -14.87 88.55
N ASP TB 37 -59.21 -16.05 89.13
CA ASP TB 37 -60.17 -16.57 90.09
C ASP TB 37 -59.70 -16.29 91.51
N LYS TB 38 -60.53 -16.66 92.47
CA LYS TB 38 -60.25 -16.35 93.87
C LYS TB 38 -59.08 -17.18 94.38
N GLY TB 39 -58.10 -16.49 94.96
CA GLY TB 39 -56.95 -17.15 95.54
C GLY TB 39 -55.73 -17.17 94.65
N GLU TB 40 -55.88 -16.88 93.37
CA GLU TB 40 -54.72 -16.83 92.50
C GLU TB 40 -53.93 -15.56 92.73
N VAL TB 41 -52.67 -15.57 92.31
CA VAL TB 41 -51.77 -14.45 92.44
C VAL TB 41 -51.04 -14.29 91.12
N LEU TB 42 -51.11 -13.10 90.55
CA LEU TB 42 -50.42 -12.78 89.31
C LEU TB 42 -49.31 -11.79 89.61
N ILE TB 43 -48.09 -12.15 89.22
CA ILE TB 43 -46.95 -11.26 89.33
C ILE TB 43 -46.65 -10.74 87.93
N ALA TB 44 -46.81 -9.44 87.73
CA ALA TB 44 -46.75 -8.88 86.39
C ALA TB 44 -45.63 -7.86 86.30
N GLN TB 45 -44.78 -8.03 85.30
CA GLN TB 45 -43.73 -7.08 85.02
C GLN TB 45 -44.17 -6.14 83.91
N PHE TB 46 -43.58 -4.94 83.89
CA PHE TB 46 -43.89 -3.97 82.86
C PHE TB 46 -42.97 -4.15 81.66
N THR TB 47 -43.58 -4.45 80.51
CA THR TB 47 -42.83 -4.54 79.26
C THR TB 47 -42.80 -3.17 78.63
N GLU TB 48 -42.35 -3.13 77.38
CA GLU TB 48 -42.51 -1.91 76.59
C GLU TB 48 -43.97 -1.72 76.20
N HIS TB 49 -44.64 -2.79 75.83
CA HIS TB 49 -46.05 -2.75 75.46
C HIS TB 49 -46.96 -2.42 76.64
N THR TB 50 -46.90 -3.21 77.70
CA THR TB 50 -47.72 -3.01 78.88
C THR TB 50 -47.17 -1.80 79.63
N SER TB 51 -47.73 -0.63 79.36
CA SER TB 51 -47.34 0.58 80.04
C SER TB 51 -48.38 1.05 81.04
N ALA TB 52 -49.52 0.36 81.12
CA ALA TB 52 -50.57 0.70 82.06
C ALA TB 52 -51.35 -0.55 82.38
N ILE TB 53 -51.70 -0.70 83.65
CA ILE TB 53 -52.41 -1.89 84.12
C ILE TB 53 -53.63 -1.44 84.90
N LYS TB 54 -54.80 -1.88 84.49
CA LYS TB 54 -56.05 -1.57 85.15
C LYS TB 54 -56.59 -2.82 85.82
N VAL TB 55 -57.05 -2.68 87.06
CA VAL TB 55 -57.51 -3.81 87.86
C VAL TB 55 -58.95 -3.55 88.27
N ARG TB 56 -59.82 -4.49 87.95
CA ARG TB 56 -61.23 -4.42 88.33
C ARG TB 56 -61.51 -5.43 89.43
N GLY TB 57 -62.62 -5.27 90.10
CA GLY TB 57 -63.05 -6.22 91.11
C GLY TB 57 -62.22 -6.12 92.38
N LYS TB 58 -62.53 -7.01 93.31
CA LYS TB 58 -61.87 -7.01 94.61
C LYS TB 58 -60.55 -7.75 94.51
N ALA TB 59 -59.45 -7.02 94.70
CA ALA TB 59 -58.12 -7.59 94.61
C ALA TB 59 -57.20 -6.85 95.55
N TYR TB 60 -56.08 -7.48 95.87
CA TYR TB 60 -55.11 -6.95 96.82
C TYR TB 60 -53.78 -6.80 96.11
N ILE TB 61 -53.31 -5.57 95.94
CA ILE TB 61 -52.17 -5.27 95.09
C ILE TB 61 -51.00 -4.84 95.97
N GLN TB 62 -49.83 -5.40 95.71
CA GLN TB 62 -48.58 -4.95 96.30
C GLN TB 62 -47.71 -4.40 95.19
N THR TB 63 -47.28 -3.15 95.34
CA THR TB 63 -46.32 -2.52 94.45
C THR TB 63 -45.10 -2.14 95.24
N SER TB 64 -44.20 -1.41 94.59
CA SER TB 64 -43.05 -0.86 95.29
C SER TB 64 -43.45 0.24 96.26
N HIS TB 65 -44.51 0.98 95.94
CA HIS TB 65 -44.98 2.07 96.77
C HIS TB 65 -45.78 1.60 97.97
N GLY TB 66 -46.10 0.31 98.05
CA GLY TB 66 -46.88 -0.20 99.16
C GLY TB 66 -48.00 -1.08 98.66
N VAL TB 67 -49.02 -1.23 99.50
CA VAL TB 67 -50.14 -2.09 99.19
C VAL TB 67 -51.39 -1.24 99.00
N ILE TB 68 -52.37 -1.83 98.34
CA ILE TB 68 -53.64 -1.17 98.04
C ILE TB 68 -54.68 -2.24 97.79
N GLU TB 69 -55.94 -1.88 97.88
CA GLU TB 69 -57.03 -2.84 97.77
C GLU TB 69 -58.07 -2.35 96.78
N SER TB 70 -58.04 -2.90 95.57
CA SER TB 70 -59.01 -2.54 94.56
C SER TB 70 -60.33 -3.23 94.84
N GLU TB 71 -61.42 -2.57 94.49
CA GLU TB 71 -62.75 -3.15 94.68
C GLU TB 71 -63.57 -3.14 93.40
N ASP UB 6 -35.76 -8.75 90.95
CA ASP UB 6 -35.58 -9.44 89.69
C ASP UB 6 -36.09 -10.88 89.72
N PHE UB 7 -36.33 -11.40 90.92
CA PHE UB 7 -36.69 -12.80 91.06
C PHE UB 7 -37.65 -12.98 92.23
N VAL UB 8 -38.43 -14.04 92.15
CA VAL UB 8 -39.44 -14.36 93.15
C VAL UB 8 -39.15 -15.75 93.71
N VAL UB 9 -39.66 -16.01 94.91
CA VAL UB 9 -39.45 -17.27 95.60
C VAL UB 9 -40.81 -17.85 95.96
N ILE UB 10 -41.13 -19.02 95.43
CA ILE UB 10 -42.43 -19.64 95.63
C ILE UB 10 -42.24 -20.94 96.36
N LYS UB 11 -42.75 -21.03 97.58
CA LYS UB 11 -42.74 -22.27 98.35
C LYS UB 11 -44.11 -22.91 98.21
N ALA UB 12 -44.16 -24.09 97.62
CA ALA UB 12 -45.45 -24.73 97.41
C ALA UB 12 -45.90 -25.43 98.68
N LEU UB 13 -46.90 -24.86 99.34
CA LEU UB 13 -47.41 -25.40 100.59
C LEU UB 13 -48.36 -26.57 100.40
N GLU UB 14 -48.80 -26.83 99.17
CA GLU UB 14 -49.65 -27.98 98.90
C GLU UB 14 -49.25 -28.55 97.56
N ASP UB 15 -49.75 -29.75 97.28
CA ASP UB 15 -49.35 -30.44 96.07
C ASP UB 15 -50.03 -29.82 94.84
N GLY UB 16 -49.41 -30.03 93.68
CA GLY UB 16 -49.99 -29.62 92.43
C GLY UB 16 -50.07 -28.13 92.21
N VAL UB 17 -49.15 -27.35 92.79
CA VAL UB 17 -49.20 -25.91 92.58
C VAL UB 17 -48.65 -25.58 91.20
N ASN UB 18 -49.45 -24.88 90.41
CA ASN UB 18 -49.09 -24.55 89.05
C ASN UB 18 -48.43 -23.18 89.01
N VAL UB 19 -47.42 -23.03 88.17
CA VAL UB 19 -46.76 -21.76 87.94
C VAL UB 19 -46.71 -21.56 86.44
N ILE UB 20 -47.32 -20.48 85.95
CA ILE UB 20 -47.52 -20.27 84.52
C ILE UB 20 -46.63 -19.13 84.06
N GLY UB 21 -45.79 -19.40 83.08
CA GLY UB 21 -44.92 -18.38 82.54
C GLY UB 21 -43.47 -18.83 82.49
N SER UB 33 -45.48 -23.71 81.52
CA SER UB 33 -46.14 -24.15 82.75
C SER UB 33 -45.26 -25.12 83.53
N GLU UB 34 -45.28 -24.99 84.85
CA GLU UB 34 -44.53 -25.88 85.72
C GLU UB 34 -45.44 -26.31 86.88
N CYS UB 35 -45.18 -27.49 87.42
CA CYS UB 35 -45.95 -27.99 88.54
C CYS UB 35 -45.01 -28.27 89.71
N LEU UB 36 -45.46 -27.97 90.92
CA LEU UB 36 -44.68 -28.16 92.13
C LEU UB 36 -45.46 -29.02 93.11
N ASP UB 37 -44.74 -29.85 93.85
CA ASP UB 37 -45.30 -30.64 94.93
C ASP UB 37 -45.09 -29.92 96.25
N LYS UB 38 -45.63 -30.51 97.32
CA LYS UB 38 -45.59 -29.89 98.63
C LYS UB 38 -44.18 -29.90 99.19
N GLY UB 39 -43.71 -28.73 99.60
CA GLY UB 39 -42.41 -28.58 100.21
C GLY UB 39 -41.34 -28.11 99.26
N GLU UB 40 -41.57 -28.14 97.96
CA GLU UB 40 -40.59 -27.64 97.02
C GLU UB 40 -40.59 -26.12 97.01
N VAL UB 41 -39.50 -25.55 96.52
CA VAL UB 41 -39.33 -24.11 96.43
C VAL UB 41 -38.75 -23.80 95.07
N LEU UB 42 -39.42 -22.93 94.33
CA LEU UB 42 -38.96 -22.50 93.02
C LEU UB 42 -38.55 -21.05 93.10
N ILE UB 43 -37.31 -20.77 92.69
CA ILE UB 43 -36.80 -19.41 92.60
C ILE UB 43 -36.77 -19.05 91.13
N ALA UB 44 -37.58 -18.07 90.74
CA ALA UB 44 -37.79 -17.78 89.34
C ALA UB 44 -37.37 -16.36 89.03
N GLN UB 45 -36.52 -16.22 88.01
CA GLN UB 45 -36.12 -14.92 87.52
C GLN UB 45 -36.96 -14.52 86.32
N PHE UB 46 -37.07 -13.22 86.09
CA PHE UB 46 -37.81 -12.74 84.95
C PHE UB 46 -36.91 -12.60 83.73
N THR UB 47 -37.24 -13.35 82.68
CA THR UB 47 -36.53 -13.23 81.42
C THR UB 47 -37.20 -12.16 80.59
N GLU UB 48 -36.80 -12.09 79.32
CA GLU UB 48 -37.55 -11.28 78.36
C GLU UB 48 -38.88 -11.92 78.05
N HIS UB 49 -38.89 -13.25 77.88
CA HIS UB 49 -40.10 -14.01 77.59
C HIS UB 49 -41.08 -14.01 78.75
N THR UB 50 -40.64 -14.48 79.92
CA THR UB 50 -41.48 -14.55 81.10
C THR UB 50 -41.66 -13.13 81.64
N SER UB 51 -42.74 -12.48 81.22
CA SER UB 51 -43.07 -11.15 81.69
C SER UB 51 -44.23 -11.15 82.67
N ALA UB 52 -44.83 -12.31 82.91
CA ALA UB 52 -45.93 -12.41 83.85
C ALA UB 52 -45.96 -13.82 84.40
N ILE UB 53 -46.21 -13.93 85.70
CA ILE UB 53 -46.20 -15.22 86.38
C ILE UB 53 -47.50 -15.35 87.17
N LYS UB 54 -48.24 -16.41 86.89
CA LYS UB 54 -49.50 -16.68 87.57
C LYS UB 54 -49.32 -17.90 88.45
N VAL UB 55 -49.82 -17.83 89.68
CA VAL UB 55 -49.65 -18.89 90.66
C VAL UB 55 -51.02 -19.36 91.12
N ARG UB 56 -51.27 -20.66 90.99
CA ARG UB 56 -52.51 -21.27 91.44
C ARG UB 56 -52.25 -22.08 92.69
N GLY UB 57 -53.30 -22.42 93.41
CA GLY UB 57 -53.20 -23.28 94.57
C GLY UB 57 -52.57 -22.56 95.76
N LYS UB 58 -52.40 -23.33 96.83
CA LYS UB 58 -51.87 -22.77 98.06
C LYS UB 58 -50.36 -22.73 97.99
N ALA UB 59 -49.82 -21.51 98.01
CA ALA UB 59 -48.38 -21.32 97.93
C ALA UB 59 -48.01 -20.06 98.69
N TYR UB 60 -46.73 -19.96 99.04
CA TYR UB 60 -46.22 -18.86 99.83
C TYR UB 60 -45.13 -18.16 99.04
N ILE UB 61 -45.38 -16.91 98.65
CA ILE UB 61 -44.53 -16.20 97.71
C ILE UB 61 -43.79 -15.09 98.44
N GLN UB 62 -42.50 -14.99 98.20
CA GLN UB 62 -41.68 -13.87 98.63
C GLN UB 62 -41.19 -13.13 97.41
N THR UB 63 -41.48 -11.84 97.34
CA THR UB 63 -40.98 -10.96 96.31
C THR UB 63 -40.16 -9.86 96.97
N SER UB 64 -39.75 -8.89 96.16
CA SER UB 64 -39.07 -7.72 96.70
C SER UB 64 -40.02 -6.85 97.51
N HIS UB 65 -41.30 -6.84 97.15
CA HIS UB 65 -42.29 -6.03 97.83
C HIS UB 65 -42.77 -6.65 99.13
N GLY UB 66 -42.37 -7.89 99.42
CA GLY UB 66 -42.78 -8.55 100.65
C GLY UB 66 -43.27 -9.95 100.35
N VAL UB 67 -44.08 -10.48 101.26
CA VAL UB 67 -44.59 -11.83 101.16
C VAL UB 67 -46.08 -11.79 100.92
N ILE UB 68 -46.60 -12.90 100.41
CA ILE UB 68 -48.02 -13.04 100.10
C ILE UB 68 -48.33 -14.53 100.07
N GLU UB 69 -49.60 -14.87 100.18
CA GLU UB 69 -50.02 -16.26 100.27
C GLU UB 69 -51.14 -16.55 99.28
N SER UB 70 -50.79 -17.19 98.17
CA SER UB 70 -51.78 -17.54 97.19
C SER UB 70 -52.54 -18.78 97.64
N GLU UB 71 -53.81 -18.84 97.26
CA GLU UB 71 -54.64 -19.99 97.62
C GLU UB 71 -55.31 -20.60 96.40
N ASP VB 6 -28.58 -11.40 93.02
CA ASP VB 6 -28.06 -12.10 91.85
C ASP VB 6 -27.75 -13.56 92.14
N PHE VB 7 -27.69 -13.94 93.42
CA PHE VB 7 -27.29 -15.28 93.78
C PHE VB 7 -28.02 -15.73 95.03
N VAL VB 8 -28.13 -17.04 95.17
CA VAL VB 8 -28.83 -17.67 96.28
C VAL VB 8 -27.88 -18.59 97.01
N VAL VB 9 -28.19 -18.87 98.27
CA VAL VB 9 -27.37 -19.72 99.12
C VAL VB 9 -28.24 -20.84 99.66
N ILE VB 10 -27.89 -22.09 99.33
CA ILE VB 10 -28.68 -23.24 99.71
C ILE VB 10 -27.84 -24.12 100.62
N LYS VB 11 -28.26 -24.25 101.87
CA LYS VB 11 -27.60 -25.16 102.80
C LYS VB 11 -28.44 -26.43 102.87
N ALA VB 12 -27.87 -27.55 102.46
CA ALA VB 12 -28.64 -28.78 102.45
C ALA VB 12 -28.67 -29.39 103.84
N LEU VB 13 -29.84 -29.33 104.47
CA LEU VB 13 -30.01 -29.83 105.82
C LEU VB 13 -30.21 -31.34 105.89
N GLU VB 14 -30.42 -31.99 104.75
CA GLU VB 14 -30.56 -33.44 104.71
C GLU VB 14 -29.90 -33.94 103.44
N ASP VB 15 -29.70 -35.25 103.37
CA ASP VB 15 -29.00 -35.82 102.24
C ASP VB 15 -29.88 -35.85 101.00
N GLY VB 16 -29.23 -35.90 99.84
CA GLY VB 16 -29.92 -36.05 98.59
C GLY VB 16 -30.76 -34.87 98.16
N VAL VB 17 -30.39 -33.65 98.54
CA VAL VB 17 -31.17 -32.50 98.13
C VAL VB 17 -30.86 -32.16 96.69
N ASN VB 18 -31.91 -32.11 95.86
CA ASN VB 18 -31.75 -31.86 94.44
C ASN VB 18 -31.90 -30.38 94.16
N VAL VB 19 -31.10 -29.88 93.23
CA VAL VB 19 -31.20 -28.50 92.76
C VAL VB 19 -31.25 -28.56 91.25
N ILE VB 20 -32.32 -28.05 90.66
CA ILE VB 20 -32.58 -28.21 89.24
C ILE VB 20 -32.41 -26.86 88.56
N GLY VB 21 -31.54 -26.82 87.56
CA GLY VB 21 -31.30 -25.60 86.81
C GLY VB 21 -29.83 -25.24 86.71
N SER VB 33 -29.02 -30.54 86.63
CA SER VB 33 -29.36 -31.05 87.94
C SER VB 33 -28.12 -31.28 88.79
N GLU VB 34 -28.21 -30.96 90.07
CA GLU VB 34 -27.12 -31.19 91.02
C GLU VB 34 -27.68 -31.82 92.28
N CYS VB 35 -26.87 -32.60 92.96
CA CYS VB 35 -27.27 -33.24 94.21
C CYS VB 35 -26.33 -32.81 95.33
N LEU VB 36 -26.89 -32.58 96.51
CA LEU VB 36 -26.13 -32.15 97.67
C LEU VB 36 -26.36 -33.11 98.82
N ASP VB 37 -25.33 -33.31 99.63
CA ASP VB 37 -25.42 -34.09 100.84
C ASP VB 37 -25.62 -33.16 102.03
N LYS VB 38 -25.79 -33.77 103.20
CA LYS VB 38 -26.09 -33.00 104.41
C LYS VB 38 -24.89 -32.19 104.85
N GLY VB 39 -25.10 -30.89 105.05
CA GLY VB 39 -24.07 -30.01 105.53
C GLY VB 39 -23.39 -29.21 104.45
N GLU VB 40 -23.56 -29.58 103.19
CA GLU VB 40 -22.97 -28.80 102.12
C GLU VB 40 -23.76 -27.52 101.89
N VAL VB 41 -23.12 -26.57 101.24
CA VAL VB 41 -23.71 -25.27 100.93
C VAL VB 41 -23.37 -24.95 99.49
N LEU VB 42 -24.38 -24.68 98.68
CA LEU VB 42 -24.20 -24.30 97.30
C LEU VB 42 -24.60 -22.84 97.13
N ILE VB 43 -23.69 -22.04 96.60
CA ILE VB 43 -23.95 -20.65 96.27
C ILE VB 43 -24.10 -20.58 94.77
N ALA VB 44 -25.30 -20.22 94.30
CA ALA VB 44 -25.61 -20.32 92.89
C ALA VB 44 -25.98 -18.96 92.35
N GLN VB 45 -25.33 -18.57 91.26
CA GLN VB 45 -25.65 -17.34 90.56
C GLN VB 45 -26.56 -17.65 89.38
N PHE VB 46 -27.32 -16.64 88.97
CA PHE VB 46 -28.21 -16.80 87.82
C PHE VB 46 -27.49 -16.42 86.54
N THR VB 47 -27.37 -17.38 85.63
CA THR VB 47 -26.80 -17.13 84.33
C THR VB 47 -27.92 -16.71 83.39
N GLU VB 48 -27.61 -16.65 82.10
CA GLU VB 48 -28.66 -16.51 81.10
C GLU VB 48 -29.46 -17.80 80.99
N HIS VB 49 -28.77 -18.94 81.00
CA HIS VB 49 -29.41 -20.24 80.92
C HIS VB 49 -30.25 -20.56 82.14
N THR VB 50 -29.66 -20.54 83.33
CA THR VB 50 -30.35 -20.84 84.57
C THR VB 50 -31.25 -19.65 84.91
N SER VB 51 -32.50 -19.73 84.48
CA SER VB 51 -33.48 -18.69 84.78
C SER VB 51 -34.48 -19.13 85.83
N ALA VB 52 -34.41 -20.38 86.29
CA ALA VB 52 -35.30 -20.88 87.32
C ALA VB 52 -34.59 -21.99 88.07
N ILE VB 53 -34.77 -22.00 89.38
CA ILE VB 53 -34.10 -22.97 90.24
C ILE VB 53 -35.14 -23.62 91.13
N LYS VB 54 -35.24 -24.94 91.07
CA LYS VB 54 -36.18 -25.70 91.87
C LYS VB 54 -35.40 -26.49 92.91
N VAL VB 55 -35.88 -26.49 94.14
CA VAL VB 55 -35.19 -27.12 95.25
C VAL VB 55 -36.12 -28.15 95.87
N ARG VB 56 -35.65 -29.40 95.96
CA ARG VB 56 -36.40 -30.47 96.59
C ARG VB 56 -35.76 -30.82 97.92
N GLY VB 57 -36.50 -31.53 98.76
CA GLY VB 57 -35.98 -32.01 100.01
C GLY VB 57 -35.83 -30.90 101.04
N LYS VB 58 -35.29 -31.28 102.19
CA LYS VB 58 -35.15 -30.34 103.29
C LYS VB 58 -33.88 -29.52 103.10
N ALA VB 59 -34.04 -28.22 102.89
CA ALA VB 59 -32.91 -27.34 102.68
C ALA VB 59 -33.26 -25.96 103.23
N TYR VB 60 -32.23 -25.16 103.46
CA TYR VB 60 -32.36 -23.85 104.03
C TYR VB 60 -31.80 -22.82 103.06
N ILE VB 61 -32.65 -21.96 102.53
CA ILE VB 61 -32.29 -21.07 101.43
C ILE VB 61 -32.24 -19.65 101.93
N GLN VB 62 -31.18 -18.93 101.58
CA GLN VB 62 -31.07 -17.50 101.78
C GLN VB 62 -31.02 -16.82 100.42
N THR VB 63 -31.95 -15.90 100.20
CA THR VB 63 -31.95 -15.07 99.01
C THR VB 63 -31.83 -13.62 99.44
N SER VB 64 -31.98 -12.72 98.47
CA SER VB 64 -32.01 -11.29 98.79
C SER VB 64 -33.28 -10.92 99.53
N HIS VB 65 -34.38 -11.62 99.27
CA HIS VB 65 -35.65 -11.34 99.90
C HIS VB 65 -35.75 -11.90 101.31
N GLY VB 66 -34.77 -12.69 101.75
CA GLY VB 66 -34.80 -13.26 103.08
C GLY VB 66 -34.49 -14.73 103.04
N VAL VB 67 -34.91 -15.45 104.07
CA VAL VB 67 -34.64 -16.86 104.20
C VAL VB 67 -35.94 -17.64 104.07
N ILE VB 68 -35.79 -18.93 103.76
CA ILE VB 68 -36.92 -19.83 103.58
C ILE VB 68 -36.41 -21.24 103.80
N GLU VB 69 -37.34 -22.17 104.06
CA GLU VB 69 -36.98 -23.54 104.38
C GLU VB 69 -37.77 -24.51 103.53
N SER VB 70 -37.12 -25.04 102.50
CA SER VB 70 -37.78 -26.02 101.65
C SER VB 70 -37.80 -27.38 102.34
N GLU VB 71 -38.84 -28.15 102.08
CA GLU VB 71 -38.96 -29.49 102.65
C GLU VB 71 -39.20 -30.55 101.60
N ASP WB 6 -21.03 -9.52 95.05
CA ASP WB 6 -20.18 -10.02 93.97
C ASP WB 6 -19.17 -11.04 94.44
N PHE WB 7 -18.95 -11.15 95.75
CA PHE WB 7 -17.92 -12.00 96.27
C PHE WB 7 -18.34 -12.57 97.61
N VAL WB 8 -17.76 -13.72 97.94
CA VAL WB 8 -18.06 -14.45 99.17
C VAL WB 8 -16.78 -14.62 99.96
N VAL WB 9 -16.93 -14.84 101.26
CA VAL WB 9 -15.81 -14.99 102.18
C VAL WB 9 -15.98 -16.31 102.92
N ILE WB 10 -15.03 -17.22 102.75
CA ILE WB 10 -15.11 -18.55 103.33
C ILE WB 10 -13.96 -18.72 104.30
N LYS WB 11 -14.28 -18.86 105.58
CA LYS WB 11 -13.28 -19.16 106.59
C LYS WB 11 -13.33 -20.64 106.89
N ALA WB 12 -12.24 -21.34 106.61
CA ALA WB 12 -12.26 -22.79 106.81
C ALA WB 12 -12.00 -23.12 108.27
N LEU WB 13 -13.04 -23.57 108.96
CA LEU WB 13 -12.97 -23.88 110.37
C LEU WB 13 -12.36 -25.24 110.65
N GLU WB 14 -12.17 -26.07 109.63
CA GLU WB 14 -11.53 -27.37 109.80
C GLU WB 14 -10.68 -27.64 108.58
N ASP WB 15 -9.83 -28.65 108.69
CA ASP WB 15 -8.90 -28.93 107.61
C ASP WB 15 -9.61 -29.59 106.44
N GLY WB 16 -8.99 -29.47 105.26
CA GLY WB 16 -9.47 -30.15 104.08
C GLY WB 16 -10.80 -29.65 103.55
N VAL WB 17 -11.12 -28.37 103.73
CA VAL WB 17 -12.38 -27.87 103.21
C VAL WB 17 -12.26 -27.64 101.72
N ASN WB 18 -13.15 -28.26 100.95
CA ASN WB 18 -13.11 -28.20 99.50
C ASN WB 18 -14.01 -27.06 99.03
N VAL WB 19 -13.57 -26.36 97.99
CA VAL WB 19 -14.35 -25.32 97.35
C VAL WB 19 -14.32 -25.61 95.85
N ILE WB 20 -15.49 -25.83 95.27
CA ILE WB 20 -15.60 -26.31 93.90
C ILE WB 20 -16.13 -25.20 93.02
N GLY WB 21 -15.39 -24.86 91.98
CA GLY WB 21 -15.80 -23.82 91.05
C GLY WB 21 -14.73 -22.78 90.83
N SER WB 33 -11.28 -26.82 91.43
CA SER WB 33 -11.34 -27.23 92.83
C SER WB 33 -10.18 -26.66 93.63
N GLU WB 34 -10.45 -26.26 94.87
CA GLU WB 34 -9.43 -25.73 95.77
C GLU WB 34 -9.61 -26.37 97.13
N CYS WB 35 -8.52 -26.50 97.87
CA CYS WB 35 -8.57 -27.06 99.22
C CYS WB 35 -8.03 -26.04 100.21
N LEU WB 36 -8.65 -25.97 101.38
CA LEU WB 36 -8.25 -25.03 102.42
C LEU WB 36 -7.98 -25.80 103.70
N ASP WB 37 -7.00 -25.31 104.47
CA ASP WB 37 -6.71 -25.83 105.79
C ASP WB 37 -7.40 -24.98 106.84
N LYS WB 38 -7.26 -25.40 108.10
CA LYS WB 38 -7.94 -24.73 109.20
C LYS WB 38 -7.35 -23.35 109.46
N GLY WB 39 -8.21 -22.34 109.48
CA GLY WB 39 -7.81 -21.00 109.78
C GLY WB 39 -7.61 -20.13 108.56
N GLU WB 40 -7.53 -20.72 107.37
CA GLU WB 40 -7.40 -19.91 106.17
C GLU WB 40 -8.73 -19.29 105.81
N VAL WB 41 -8.68 -18.24 104.99
CA VAL WB 41 -9.85 -17.51 104.54
C VAL WB 41 -9.68 -17.26 103.05
N LEU WB 42 -10.68 -17.68 102.28
CA LEU WB 42 -10.68 -17.48 100.84
C LEU WB 42 -11.77 -16.49 100.49
N ILE WB 43 -11.40 -15.41 99.81
CA ILE WB 43 -12.34 -14.44 99.31
C ILE WB 43 -12.47 -14.67 97.81
N ALA WB 44 -13.66 -15.07 97.37
CA ALA WB 44 -13.84 -15.52 96.01
C ALA WB 44 -14.85 -14.64 95.30
N GLN WB 45 -14.47 -14.13 94.14
CA GLN WB 45 -15.37 -13.38 93.28
C GLN WB 45 -15.96 -14.28 92.21
N PHE WB 46 -17.12 -13.89 91.71
CA PHE WB 46 -17.76 -14.65 90.65
C PHE WB 46 -17.32 -14.15 89.29
N THR WB 47 -16.69 -15.04 88.52
CA THR WB 47 -16.31 -14.73 87.16
C THR WB 47 -17.46 -15.10 86.25
N GLU WB 48 -17.19 -15.07 84.94
CA GLU WB 48 -18.13 -15.65 83.99
C GLU WB 48 -18.14 -17.17 84.11
N HIS WB 49 -16.96 -17.76 84.24
CA HIS WB 49 -16.83 -19.20 84.39
C HIS WB 49 -17.41 -19.73 85.68
N THR WB 50 -16.95 -19.22 86.82
CA THR WB 50 -17.42 -19.65 88.12
C THR WB 50 -18.80 -19.07 88.33
N SER WB 51 -19.83 -19.84 88.00
CA SER WB 51 -21.20 -19.43 88.20
C SER WB 51 -21.85 -20.16 89.36
N ALA WB 52 -21.15 -21.10 89.99
CA ALA WB 52 -21.68 -21.84 91.12
C ALA WB 52 -20.52 -22.29 91.98
N ILE WB 53 -20.69 -22.19 93.29
CA ILE WB 53 -19.64 -22.54 94.24
C ILE WB 53 -20.22 -23.49 95.26
N LYS WB 54 -19.62 -24.66 95.39
CA LYS WB 54 -20.03 -25.67 96.36
C LYS WB 54 -18.98 -25.78 97.44
N VAL WB 55 -19.42 -25.84 98.69
CA VAL WB 55 -18.53 -25.86 99.84
C VAL WB 55 -18.80 -27.11 100.64
N ARG WB 56 -17.77 -27.91 100.88
CA ARG WB 56 -17.86 -29.11 101.69
C ARG WB 56 -17.17 -28.87 103.02
N GLY WB 57 -17.45 -29.73 103.99
CA GLY WB 57 -16.78 -29.67 105.28
C GLY WB 57 -17.26 -28.51 106.12
N LYS WB 58 -16.64 -28.37 107.28
CA LYS WB 58 -17.03 -27.34 108.23
C LYS WB 58 -16.36 -26.03 107.85
N ALA WB 59 -17.17 -25.05 107.48
CA ALA WB 59 -16.67 -23.75 107.08
C ALA WB 59 -17.69 -22.68 107.45
N TYR WB 60 -17.24 -21.45 107.50
CA TYR WB 60 -18.05 -20.32 107.90
C TYR WB 60 -18.08 -19.31 106.76
N ILE WB 61 -19.24 -19.10 106.16
CA ILE WB 61 -19.35 -18.34 104.93
C ILE WB 61 -20.08 -17.03 105.22
N GLN WB 62 -19.53 -15.94 104.72
CA GLN WB 62 -20.19 -14.64 104.71
C GLN WB 62 -20.47 -14.25 103.27
N THR WB 63 -21.74 -13.99 102.98
CA THR WB 63 -22.15 -13.47 101.68
C THR WB 63 -22.81 -12.12 101.89
N SER WB 64 -23.38 -11.58 100.82
CA SER WB 64 -24.15 -10.36 100.93
C SER WB 64 -25.45 -10.59 101.69
N HIS WB 65 -26.01 -11.78 101.59
CA HIS WB 65 -27.27 -12.11 102.25
C HIS WB 65 -27.09 -12.43 103.73
N GLY WB 66 -25.86 -12.52 104.21
CA GLY WB 66 -25.62 -12.81 105.61
C GLY WB 66 -24.59 -13.89 105.75
N VAL WB 67 -24.60 -14.56 106.90
CA VAL WB 67 -23.63 -15.59 107.21
C VAL WB 67 -24.33 -16.94 107.27
N ILE WB 68 -23.53 -17.99 107.14
CA ILE WB 68 -24.03 -19.36 107.15
C ILE WB 68 -22.86 -20.26 107.53
N GLU WB 69 -23.17 -21.48 107.97
CA GLU WB 69 -22.16 -22.39 108.46
C GLU WB 69 -22.30 -23.76 107.80
N SER WB 70 -21.44 -24.03 106.82
CA SER WB 70 -21.47 -25.31 106.16
C SER WB 70 -20.80 -26.36 107.02
N GLU WB 71 -21.29 -27.59 106.93
CA GLU WB 71 -20.71 -28.69 107.70
C GLU WB 71 -20.34 -29.87 106.81
N ASP XB 6 -15.61 -3.70 96.27
CA ASP XB 6 -14.61 -3.85 95.23
C ASP XB 6 -13.22 -4.12 95.77
N PHE XB 7 -13.02 -3.89 97.07
CA PHE XB 7 -11.69 -4.01 97.64
C PHE XB 7 -11.79 -4.51 99.07
N VAL XB 8 -10.71 -5.13 99.53
CA VAL XB 8 -10.62 -5.69 100.87
C VAL XB 8 -9.45 -5.06 101.60
N VAL XB 9 -9.50 -5.12 102.92
CA VAL XB 9 -8.47 -4.53 103.78
C VAL XB 9 -7.96 -5.62 104.71
N ILE XB 10 -6.67 -5.93 104.61
CA ILE XB 10 -6.07 -7.01 105.39
C ILE XB 10 -5.01 -6.41 106.30
N LYS XB 11 -5.24 -6.49 107.61
CA LYS XB 11 -4.25 -6.07 108.58
C LYS XB 11 -3.53 -7.30 109.09
N ALA XB 12 -2.24 -7.39 108.84
CA ALA XB 12 -1.51 -8.57 109.25
C ALA XB 12 -1.15 -8.50 110.72
N LEU XB 13 -1.83 -9.31 111.53
CA LEU XB 13 -1.63 -9.31 112.98
C LEU XB 13 -0.41 -10.10 113.41
N GLU XB 14 0.20 -10.87 112.50
CA GLU XB 14 1.41 -11.60 112.83
C GLU XB 14 2.31 -11.59 111.60
N ASP XB 15 3.55 -11.99 111.80
CA ASP XB 15 4.52 -11.92 110.72
C ASP XB 15 4.28 -13.02 109.70
N GLY XB 16 4.76 -12.79 108.49
CA GLY XB 16 4.72 -13.80 107.44
C GLY XB 16 3.35 -14.15 106.93
N VAL XB 17 2.40 -13.20 106.95
CA VAL XB 17 1.08 -13.50 106.44
C VAL XB 17 1.10 -13.48 104.92
N ASN XB 18 0.67 -14.58 104.31
CA ASN XB 18 0.70 -14.72 102.86
C ASN XB 18 -0.64 -14.30 102.29
N VAL XB 19 -0.60 -13.64 101.15
CA VAL XB 19 -1.79 -13.27 100.40
C VAL XB 19 -1.60 -13.73 98.98
N ILE XB 20 -2.47 -14.61 98.49
CA ILE XB 20 -2.29 -15.28 97.22
C ILE XB 20 -3.30 -14.74 96.22
N GLY XB 21 -2.82 -14.24 95.10
CA GLY XB 21 -3.69 -13.73 94.07
C GLY XB 21 -3.31 -12.32 93.63
N SER XB 33 1.73 -13.88 94.59
CA SER XB 33 1.86 -14.05 96.03
C SER XB 33 2.55 -12.84 96.67
N GLU XB 34 2.07 -12.45 97.84
CA GLU XB 34 2.66 -11.35 98.59
C GLU XB 34 2.81 -11.76 100.05
N CYS XB 35 3.79 -11.19 100.73
CA CYS XB 35 4.01 -11.48 102.14
C CYS XB 35 3.93 -10.19 102.94
N LEU XB 36 3.33 -10.26 104.12
CA LEU XB 36 3.17 -9.11 104.99
C LEU XB 36 3.77 -9.41 106.35
N ASP XB 37 4.33 -8.38 106.97
CA ASP XB 37 4.83 -8.47 108.34
C ASP XB 37 3.78 -7.94 109.30
N LYS XB 38 4.09 -8.02 110.59
CA LYS XB 38 3.14 -7.64 111.61
C LYS XB 38 2.93 -6.13 111.64
N GLY XB 39 1.68 -5.71 111.57
CA GLY XB 39 1.32 -4.32 111.64
C GLY XB 39 1.06 -3.68 110.29
N GLU XB 40 1.46 -4.32 109.21
CA GLU XB 40 1.18 -3.76 107.90
C GLU XB 40 -0.28 -3.98 107.53
N VAL XB 41 -0.74 -3.19 106.58
CA VAL XB 41 -2.12 -3.24 106.09
C VAL XB 41 -2.08 -3.18 104.58
N LEU XB 42 -2.69 -4.17 103.94
CA LEU XB 42 -2.77 -4.21 102.49
C LEU XB 42 -4.21 -3.98 102.07
N ILE XB 43 -4.43 -3.00 101.22
CA ILE XB 43 -5.73 -2.74 100.64
C ILE XB 43 -5.69 -3.23 99.21
N ALA XB 44 -6.49 -4.25 98.91
CA ALA XB 44 -6.39 -4.94 97.63
C ALA XB 44 -7.70 -4.83 96.87
N GLN XB 45 -7.61 -4.39 95.63
CA GLN XB 45 -8.74 -4.33 94.73
C GLN XB 45 -8.76 -5.56 93.84
N PHE XB 46 -9.95 -5.91 93.36
CA PHE XB 46 -10.09 -7.05 92.46
C PHE XB 46 -9.93 -6.60 91.02
N THR XB 47 -8.92 -7.16 90.35
CA THR XB 47 -8.72 -6.91 88.94
C THR XB 47 -9.50 -7.95 88.16
N GLU XB 48 -9.26 -8.01 86.85
CA GLU XB 48 -9.75 -9.12 86.06
C GLU XB 48 -8.98 -10.39 86.38
N HIS XB 49 -7.67 -10.27 86.54
CA HIS XB 49 -6.81 -11.40 86.87
C HIS XB 49 -7.06 -11.93 88.27
N THR XB 50 -6.95 -11.09 89.29
CA THR XB 50 -7.15 -11.49 90.67
C THR XB 50 -8.66 -11.67 90.88
N SER XB 51 -9.12 -12.90 90.73
CA SER XB 51 -10.52 -13.22 90.96
C SER XB 51 -10.72 -14.00 92.24
N ALA XB 52 -9.65 -14.34 92.95
CA ALA XB 52 -9.75 -15.05 94.21
C ALA XB 52 -8.53 -14.71 95.06
N ILE XB 53 -8.76 -14.51 96.35
CA ILE XB 53 -7.71 -14.11 97.27
C ILE XB 53 -7.73 -15.06 98.45
N LYS XB 54 -6.61 -15.70 98.71
CA LYS XB 54 -6.47 -16.63 99.83
C LYS XB 54 -5.53 -16.02 100.85
N VAL XB 55 -5.90 -16.10 102.13
CA VAL XB 55 -5.15 -15.47 103.20
C VAL XB 55 -4.76 -16.54 104.20
N ARG XB 56 -3.46 -16.65 104.48
CA ARG XB 56 -2.95 -17.58 105.47
C ARG XB 56 -2.50 -16.82 106.70
N GLY XB 57 -2.32 -17.54 107.79
CA GLY XB 57 -1.80 -16.95 109.02
C GLY XB 57 -2.84 -16.08 109.71
N LYS XB 58 -2.40 -15.47 110.80
CA LYS XB 58 -3.28 -14.65 111.61
C LYS XB 58 -3.38 -13.25 111.01
N ALA XB 59 -4.58 -12.90 110.55
CA ALA XB 59 -4.81 -11.61 109.94
C ALA XB 59 -6.23 -11.18 110.21
N TYR XB 60 -6.48 -9.89 110.05
CA TYR XB 60 -7.78 -9.29 110.33
C TYR XB 60 -8.28 -8.62 109.07
N ILE XB 61 -9.38 -9.14 108.52
CA ILE XB 61 -9.85 -8.74 107.20
C ILE XB 61 -11.14 -7.97 107.35
N GLN XB 62 -11.23 -6.84 106.65
CA GLN XB 62 -12.46 -6.08 106.51
C GLN XB 62 -12.87 -6.12 105.04
N THR XB 63 -14.09 -6.59 104.79
CA THR XB 63 -14.68 -6.56 103.47
C THR XB 63 -15.94 -5.73 103.51
N SER XB 64 -16.69 -5.74 102.41
CA SER XB 64 -17.99 -5.08 102.40
C SER XB 64 -18.99 -5.82 103.27
N HIS XB 65 -18.86 -7.14 103.37
CA HIS XB 65 -19.78 -7.95 104.15
C HIS XB 65 -19.50 -7.90 105.64
N GLY XB 66 -18.40 -7.27 106.06
CA GLY XB 66 -18.07 -7.18 107.46
C GLY XB 66 -16.63 -7.54 107.70
N VAL XB 67 -16.32 -7.94 108.93
CA VAL XB 67 -14.97 -8.26 109.32
C VAL XB 67 -14.88 -9.75 109.62
N ILE XB 68 -13.64 -10.25 109.59
CA ILE XB 68 -13.37 -11.65 109.83
C ILE XB 68 -11.91 -11.76 110.26
N GLU XB 69 -11.55 -12.88 110.90
CA GLU XB 69 -10.23 -13.06 111.44
C GLU XB 69 -9.63 -14.38 110.99
N SER XB 70 -8.75 -14.33 110.02
CA SER XB 70 -8.08 -15.53 109.55
C SER XB 70 -6.99 -15.94 110.52
N GLU XB 71 -6.77 -17.24 110.63
CA GLU XB 71 -5.73 -17.75 111.51
C GLU XB 71 -4.78 -18.69 110.79
N ASP YB 6 -14.06 3.99 96.32
CA ASP YB 6 -13.09 4.24 95.25
C ASP YB 6 -11.79 4.82 95.74
N PHE YB 7 -11.77 5.31 96.99
CA PHE YB 7 -10.60 5.99 97.49
C PHE YB 7 -10.46 5.75 98.98
N VAL YB 8 -9.22 5.87 99.46
CA VAL YB 8 -8.89 5.63 100.85
C VAL YB 8 -8.25 6.89 101.43
N VAL YB 9 -8.29 7.00 102.75
CA VAL YB 9 -7.75 8.17 103.45
C VAL YB 9 -6.77 7.67 104.50
N ILE YB 10 -5.52 8.07 104.37
CA ILE YB 10 -4.45 7.61 105.25
C ILE YB 10 -3.90 8.79 106.01
N LYS YB 11 -4.08 8.80 107.32
CA LYS YB 11 -3.49 9.83 108.17
C LYS YB 11 -2.24 9.24 108.81
N ALA YB 12 -1.08 9.82 108.51
CA ALA YB 12 0.15 9.27 109.03
C ALA YB 12 0.36 9.73 110.46
N LEU YB 13 0.20 8.82 111.42
CA LEU YB 13 0.33 9.14 112.82
C LEU YB 13 1.78 9.18 113.30
N GLU YB 14 2.72 8.74 112.48
CA GLU YB 14 4.14 8.80 112.82
C GLU YB 14 4.92 9.10 111.56
N ASP YB 15 6.18 9.46 111.74
CA ASP YB 15 6.99 9.87 110.61
C ASP YB 15 7.40 8.67 109.77
N GLY YB 16 7.72 8.94 108.51
CA GLY YB 16 8.24 7.92 107.61
C GLY YB 16 7.27 6.83 107.23
N VAL YB 17 5.98 7.13 107.17
CA VAL YB 17 5.02 6.10 106.79
C VAL YB 17 5.07 5.91 105.28
N ASN YB 18 5.30 4.67 104.85
CA ASN YB 18 5.44 4.35 103.45
C ASN YB 18 4.10 3.91 102.90
N VAL YB 19 3.81 4.32 101.67
CA VAL YB 19 2.62 3.89 100.94
C VAL YB 19 3.08 3.39 99.58
N ILE YB 20 2.81 2.13 99.29
CA ILE YB 20 3.36 1.48 98.11
C ILE YB 20 2.24 1.24 97.11
N GLY YB 21 2.41 1.76 95.90
CA GLY YB 21 1.43 1.57 94.86
C GLY YB 21 1.02 2.88 94.20
N SER YB 33 6.08 4.38 95.09
CA SER YB 33 6.24 4.52 96.53
C SER YB 33 6.18 5.98 96.95
N GLU YB 34 5.53 6.24 98.08
CA GLU YB 34 5.42 7.58 98.64
C GLU YB 34 5.73 7.53 100.14
N CYS YB 35 6.25 8.62 100.67
CA CYS YB 35 6.55 8.70 102.09
C CYS YB 35 5.77 9.86 102.71
N LEU YB 36 5.28 9.66 103.92
CA LEU YB 36 4.51 10.66 104.63
C LEU YB 36 5.14 10.93 105.98
N ASP YB 37 5.05 12.18 106.43
CA ASP YB 37 5.48 12.57 107.75
C ASP YB 37 4.29 12.61 108.69
N LYS YB 38 4.56 12.89 109.96
CA LYS YB 38 3.52 12.86 110.98
C LYS YB 38 2.55 14.01 110.81
N GLY YB 39 1.26 13.69 110.75
CA GLY YB 39 0.23 14.67 110.64
C GLY YB 39 -0.30 14.88 109.25
N GLU YB 40 0.40 14.38 108.23
CA GLU YB 40 -0.09 14.52 106.88
C GLU YB 40 -1.20 13.51 106.63
N VAL YB 41 -2.00 13.78 105.60
CA VAL YB 41 -3.12 12.94 105.21
C VAL YB 41 -3.06 12.79 103.70
N LEU YB 42 -3.05 11.55 103.23
CA LEU YB 42 -3.06 11.25 101.82
C LEU YB 42 -4.39 10.62 101.45
N ILE YB 43 -5.07 11.21 100.48
CA ILE YB 43 -6.31 10.66 99.94
C ILE YB 43 -5.96 10.05 98.59
N ALA YB 44 -6.10 8.73 98.49
CA ALA YB 44 -5.62 8.02 97.31
C ALA YB 44 -6.75 7.32 96.62
N GLN YB 45 -6.88 7.55 95.32
CA GLN YB 45 -7.85 6.86 94.50
C GLN YB 45 -7.20 5.69 93.78
N PHE YB 46 -8.00 4.70 93.43
CA PHE YB 46 -7.49 3.55 92.70
C PHE YB 46 -7.56 3.78 91.21
N THR YB 47 -6.40 3.76 90.57
CA THR YB 47 -6.32 3.86 89.12
C THR YB 47 -6.41 2.46 88.54
N GLU YB 48 -6.14 2.35 87.24
CA GLU YB 48 -5.95 1.04 86.64
C GLU YB 48 -4.62 0.44 87.09
N HIS YB 49 -3.58 1.26 87.15
CA HIS YB 49 -2.26 0.82 87.60
C HIS YB 49 -2.22 0.44 89.07
N THR YB 50 -2.61 1.36 89.94
CA THR YB 50 -2.61 1.12 91.39
C THR YB 50 -3.78 0.21 91.71
N SER YB 51 -3.53 -1.09 91.74
CA SER YB 51 -4.54 -2.07 92.10
C SER YB 51 -4.34 -2.64 93.49
N ALA YB 52 -3.27 -2.25 94.17
CA ALA YB 52 -3.01 -2.72 95.53
C ALA YB 52 -2.18 -1.65 96.24
N ILE YB 53 -2.51 -1.42 97.50
CA ILE YB 53 -1.85 -0.39 98.30
C ILE YB 53 -1.41 -1.03 99.61
N LYS YB 54 -0.12 -0.94 99.89
CA LYS YB 54 0.45 -1.48 101.12
C LYS YB 54 0.90 -0.32 101.98
N VAL YB 55 0.60 -0.39 103.28
CA VAL YB 55 0.87 0.68 104.21
C VAL YB 55 1.75 0.14 105.33
N ARG YB 56 2.89 0.78 105.54
CA ARG YB 56 3.80 0.42 106.62
C ARG YB 56 3.75 1.47 107.71
N GLY YB 57 4.25 1.12 108.88
CA GLY YB 57 4.34 2.07 109.97
C GLY YB 57 2.99 2.35 110.60
N LYS YB 58 3.01 3.26 111.57
CA LYS YB 58 1.80 3.60 112.31
C LYS YB 58 1.00 4.63 111.53
N ALA YB 59 -0.19 4.23 111.09
CA ALA YB 59 -1.06 5.09 110.31
C ALA YB 59 -2.50 4.74 110.60
N TYR YB 60 -3.39 5.67 110.29
CA TYR YB 60 -4.81 5.52 110.56
C TYR YB 60 -5.56 5.63 109.24
N ILE YB 61 -6.20 4.53 108.83
CA ILE YB 61 -6.77 4.42 107.50
C ILE YB 61 -8.29 4.41 107.60
N GLN YB 62 -8.95 5.20 106.77
CA GLN YB 62 -10.38 5.16 106.58
C GLN YB 62 -10.66 4.70 105.17
N THR YB 63 -11.44 3.63 105.05
CA THR YB 63 -11.93 3.14 103.77
C THR YB 63 -13.44 3.18 103.78
N SER YB 64 -14.05 2.62 102.73
CA SER YB 64 -15.48 2.48 102.71
C SER YB 64 -15.97 1.46 103.72
N HIS YB 65 -15.16 0.45 104.00
CA HIS YB 65 -15.53 -0.61 104.93
C HIS YB 65 -15.36 -0.19 106.38
N GLY YB 66 -14.78 0.97 106.65
CA GLY YB 66 -14.59 1.42 108.01
C GLY YB 66 -13.18 1.92 108.20
N VAL YB 67 -12.74 1.93 109.45
CA VAL YB 67 -11.43 2.44 109.82
C VAL YB 67 -10.56 1.28 110.31
N ILE YB 68 -9.25 1.51 110.29
CA ILE YB 68 -8.27 0.52 110.70
C ILE YB 68 -7.00 1.26 111.06
N GLU YB 69 -6.13 0.60 111.82
CA GLU YB 69 -4.92 1.24 112.31
C GLU YB 69 -3.71 0.38 112.02
N SER YB 70 -2.95 0.75 110.99
CA SER YB 70 -1.74 0.02 110.66
C SER YB 70 -0.62 0.40 111.62
N GLU YB 71 0.25 -0.56 111.90
CA GLU YB 71 1.38 -0.30 112.77
C GLU YB 71 2.70 -0.70 112.13
N ASP ZB 6 -47.80 -40.31 -75.01
CA ASP ZB 6 -46.48 -39.96 -74.49
C ASP ZB 6 -45.36 -40.35 -75.42
N PHE ZB 7 -45.65 -41.20 -76.40
CA PHE ZB 7 -44.59 -41.71 -77.27
C PHE ZB 7 -45.14 -41.94 -78.67
N VAL ZB 8 -44.23 -41.91 -79.63
CA VAL ZB 8 -44.56 -42.06 -81.05
C VAL ZB 8 -43.79 -43.24 -81.60
N VAL ZB 9 -44.29 -43.80 -82.70
CA VAL ZB 9 -43.70 -44.96 -83.34
C VAL ZB 9 -43.44 -44.61 -84.80
N ILE ZB 10 -42.17 -44.64 -85.20
CA ILE ZB 10 -41.77 -44.25 -86.55
C ILE ZB 10 -41.17 -45.45 -87.24
N LYS ZB 11 -41.83 -45.93 -88.29
CA LYS ZB 11 -41.30 -47.01 -89.12
C LYS ZB 11 -40.69 -46.38 -90.35
N ALA ZB 12 -39.38 -46.54 -90.53
CA ALA ZB 12 -38.73 -45.90 -91.67
C ALA ZB 12 -38.92 -46.75 -92.92
N LEU ZB 13 -39.75 -46.27 -93.83
CA LEU ZB 13 -40.07 -46.98 -95.05
C LEU ZB 13 -39.00 -46.83 -96.12
N GLU ZB 14 -38.05 -45.94 -95.95
CA GLU ZB 14 -36.96 -45.77 -96.89
C GLU ZB 14 -35.70 -45.45 -96.11
N ASP ZB 15 -34.56 -45.54 -96.80
CA ASP ZB 15 -33.29 -45.36 -96.12
C ASP ZB 15 -33.04 -43.89 -95.80
N GLY ZB 16 -32.20 -43.65 -94.82
CA GLY ZB 16 -31.76 -42.31 -94.48
C GLY ZB 16 -32.84 -41.41 -93.89
N VAL ZB 17 -33.80 -41.97 -93.18
CA VAL ZB 17 -34.83 -41.13 -92.60
C VAL ZB 17 -34.29 -40.45 -91.35
N ASN ZB 18 -34.37 -39.13 -91.32
CA ASN ZB 18 -33.82 -38.35 -90.22
C ASN ZB 18 -34.90 -38.09 -89.20
N VAL ZB 19 -34.53 -38.12 -87.93
CA VAL ZB 19 -35.42 -37.78 -86.84
C VAL ZB 19 -34.69 -36.78 -85.97
N ILE ZB 20 -35.25 -35.58 -85.81
CA ILE ZB 20 -34.56 -34.48 -85.17
C ILE ZB 20 -35.21 -34.20 -83.83
N GLY ZB 21 -34.42 -34.24 -82.77
CA GLY ZB 21 -34.92 -33.97 -81.44
C GLY ZB 21 -34.55 -35.04 -80.44
N SER ZB 33 -30.04 -35.51 -83.30
CA SER ZB 33 -30.40 -36.07 -84.60
C SER ZB 33 -30.11 -37.56 -84.65
N GLU ZB 34 -31.01 -38.32 -85.28
CA GLU ZB 34 -30.83 -39.76 -85.47
C GLU ZB 34 -31.16 -40.11 -86.91
N CYS ZB 35 -30.54 -41.16 -87.42
CA CYS ZB 35 -30.80 -41.63 -88.77
C CYS ZB 35 -31.29 -43.07 -88.72
N LEU ZB 36 -32.25 -43.40 -89.57
CA LEU ZB 36 -32.82 -44.73 -89.64
C LEU ZB 36 -32.71 -45.27 -91.06
N ASP ZB 37 -32.50 -46.57 -91.17
CA ASP ZB 37 -32.52 -47.26 -92.44
C ASP ZB 37 -33.88 -47.88 -92.68
N LYS ZB 38 -34.03 -48.48 -93.86
CA LYS ZB 38 -35.32 -49.03 -94.26
C LYS ZB 38 -35.67 -50.26 -93.44
N GLY ZB 39 -36.87 -50.25 -92.86
CA GLY ZB 39 -37.36 -51.37 -92.09
C GLY ZB 39 -37.19 -51.23 -90.60
N GLU ZB 40 -36.37 -50.28 -90.15
CA GLU ZB 40 -36.23 -50.07 -88.72
C GLU ZB 40 -37.44 -49.33 -88.17
N VAL ZB 41 -37.62 -49.44 -86.86
CA VAL ZB 41 -38.72 -48.81 -86.15
C VAL ZB 41 -38.16 -48.17 -84.89
N LEU ZB 42 -38.40 -46.88 -84.73
CA LEU ZB 42 -37.97 -46.15 -83.56
C LEU ZB 42 -39.19 -45.76 -82.74
N ILE ZB 43 -39.19 -46.15 -81.47
CA ILE ZB 43 -40.23 -45.76 -80.54
C ILE ZB 43 -39.63 -44.68 -79.64
N ALA ZB 44 -40.17 -43.48 -79.72
CA ALA ZB 44 -39.56 -42.33 -79.07
C ALA ZB 44 -40.52 -41.73 -78.06
N GLN ZB 45 -40.05 -41.55 -76.84
CA GLN ZB 45 -40.80 -40.88 -75.80
C GLN ZB 45 -40.38 -39.42 -75.71
N PHE ZB 46 -41.28 -38.59 -75.22
CA PHE ZB 46 -40.98 -37.18 -75.04
C PHE ZB 46 -40.37 -36.92 -73.67
N THR ZB 47 -39.15 -36.42 -73.66
CA THR ZB 47 -38.49 -36.03 -72.44
C THR ZB 47 -38.84 -34.58 -72.15
N GLU ZB 48 -38.14 -34.01 -71.17
CA GLU ZB 48 -38.21 -32.57 -70.99
C GLU ZB 48 -37.48 -31.84 -72.11
N HIS ZB 49 -36.33 -32.37 -72.49
CA HIS ZB 49 -35.53 -31.79 -73.57
C HIS ZB 49 -36.20 -31.91 -74.93
N THR ZB 50 -36.54 -33.13 -75.35
CA THR ZB 50 -37.17 -33.37 -76.63
C THR ZB 50 -38.62 -32.93 -76.52
N SER ZB 51 -38.89 -31.69 -76.92
CA SER ZB 51 -40.24 -31.14 -76.93
C SER ZB 51 -40.80 -31.03 -78.33
N ALA ZB 52 -40.02 -31.35 -79.36
CA ALA ZB 52 -40.48 -31.30 -80.73
C ALA ZB 52 -39.67 -32.30 -81.53
N ILE ZB 53 -40.36 -33.01 -82.43
CA ILE ZB 53 -39.74 -34.05 -83.24
C ILE ZB 53 -40.08 -33.80 -84.70
N LYS ZB 54 -39.06 -33.65 -85.53
CA LYS ZB 54 -39.23 -33.43 -86.95
C LYS ZB 54 -38.78 -34.67 -87.71
N VAL ZB 55 -39.57 -35.09 -88.69
CA VAL ZB 55 -39.30 -36.32 -89.43
C VAL ZB 55 -39.18 -35.97 -90.90
N ARG ZB 56 -38.06 -36.35 -91.50
CA ARG ZB 56 -37.84 -36.15 -92.93
C ARG ZB 56 -37.93 -37.48 -93.64
N GLY ZB 57 -38.07 -37.44 -94.96
CA GLY ZB 57 -38.08 -38.64 -95.78
C GLY ZB 57 -39.37 -39.42 -95.63
N LYS ZB 58 -39.40 -40.55 -96.30
CA LYS ZB 58 -40.60 -41.39 -96.32
C LYS ZB 58 -40.62 -42.27 -95.07
N ALA ZB 59 -41.60 -42.04 -94.22
CA ALA ZB 59 -41.73 -42.79 -92.98
C ALA ZB 59 -43.19 -42.90 -92.61
N TYR ZB 60 -43.50 -43.86 -91.76
CA TYR ZB 60 -44.86 -44.15 -91.35
C TYR ZB 60 -44.97 -43.98 -89.84
N ILE ZB 61 -45.74 -43.01 -89.39
CA ILE ZB 61 -45.76 -42.60 -87.99
C ILE ZB 61 -47.09 -42.99 -87.39
N GLN ZB 62 -47.04 -43.60 -86.21
CA GLN ZB 62 -48.20 -43.84 -85.38
C GLN ZB 62 -48.08 -43.03 -84.11
N THR ZB 63 -49.07 -42.20 -83.84
CA THR ZB 63 -49.16 -41.45 -82.60
C THR ZB 63 -50.44 -41.85 -81.89
N SER ZB 64 -50.75 -41.13 -80.82
CA SER ZB 64 -52.01 -41.34 -80.13
C SER ZB 64 -53.18 -40.85 -80.97
N HIS ZB 65 -52.96 -39.82 -81.77
CA HIS ZB 65 -54.00 -39.23 -82.61
C HIS ZB 65 -54.27 -40.06 -83.86
N GLY ZB 66 -53.47 -41.07 -84.15
CA GLY ZB 66 -53.66 -41.88 -85.32
C GLY ZB 66 -52.36 -42.06 -86.07
N VAL ZB 67 -52.48 -42.37 -87.36
CA VAL ZB 67 -51.32 -42.64 -88.19
C VAL ZB 67 -51.18 -41.54 -89.22
N ILE ZB 68 -49.98 -41.43 -89.77
CA ILE ZB 68 -49.66 -40.43 -90.78
C ILE ZB 68 -48.45 -40.93 -91.55
N GLU ZB 69 -48.22 -40.37 -92.74
CA GLU ZB 69 -47.16 -40.82 -93.61
C GLU ZB 69 -46.32 -39.64 -94.09
N SER ZB 70 -45.15 -39.47 -93.49
CA SER ZB 70 -44.26 -38.42 -93.90
C SER ZB 70 -43.53 -38.80 -95.17
N GLU ZB 71 -43.24 -37.81 -96.01
CA GLU ZB 71 -42.53 -38.06 -97.24
C GLU ZB 71 -41.30 -37.18 -97.39
N ASP AC 6 -47.01 -47.40 -71.38
CA ASP AC 6 -45.76 -47.33 -70.64
C ASP AC 6 -44.75 -48.39 -71.06
N PHE AC 7 -45.22 -49.40 -71.79
CA PHE AC 7 -44.35 -50.51 -72.14
C PHE AC 7 -44.73 -51.05 -73.51
N VAL AC 8 -43.75 -51.68 -74.15
CA VAL AC 8 -43.90 -52.25 -75.49
C VAL AC 8 -43.60 -53.73 -75.43
N VAL AC 9 -44.12 -54.46 -76.42
CA VAL AC 9 -43.95 -55.91 -76.51
C VAL AC 9 -43.36 -56.23 -77.87
N ILE AC 10 -42.17 -56.82 -77.88
CA ILE AC 10 -41.45 -57.12 -79.11
C ILE AC 10 -41.30 -58.62 -79.23
N LYS AC 11 -41.93 -59.21 -80.23
CA LYS AC 11 -41.75 -60.63 -80.52
C LYS AC 11 -40.76 -60.75 -81.67
N ALA AC 12 -39.63 -61.37 -81.41
CA ALA AC 12 -38.62 -61.47 -82.46
C ALA AC 12 -38.95 -62.61 -83.41
N LEU AC 13 -39.38 -62.26 -84.62
CA LEU AC 13 -39.77 -63.24 -85.61
C LEU AC 13 -38.59 -63.86 -86.35
N GLU AC 14 -37.39 -63.31 -86.18
CA GLU AC 14 -36.20 -63.89 -86.80
C GLU AC 14 -35.05 -63.72 -85.82
N ASP AC 15 -33.96 -64.42 -86.11
CA ASP AC 15 -32.83 -64.43 -85.20
C ASP AC 15 -32.07 -63.11 -85.27
N GLY AC 16 -31.34 -62.81 -84.20
CA GLY AC 16 -30.47 -61.66 -84.16
C GLY AC 16 -31.16 -60.31 -84.19
N VAL AC 17 -32.37 -60.21 -83.64
CA VAL AC 17 -33.05 -58.93 -83.64
C VAL AC 17 -32.47 -58.05 -82.54
N ASN AC 18 -32.01 -56.87 -82.93
CA ASN AC 18 -31.35 -55.96 -82.00
C ASN AC 18 -32.39 -54.98 -81.44
N VAL AC 19 -32.25 -54.66 -80.16
CA VAL AC 19 -33.08 -53.67 -79.51
C VAL AC 19 -32.13 -52.70 -78.80
N ILE AC 20 -32.19 -51.43 -79.17
CA ILE AC 20 -31.22 -50.45 -78.72
C ILE AC 20 -31.89 -49.49 -77.74
N GLY AC 21 -31.34 -49.38 -76.55
CA GLY AC 21 -31.87 -48.48 -75.55
C GLY AC 21 -32.12 -49.17 -74.22
N SER AC 33 -27.81 -52.10 -75.45
CA SER AC 33 -28.19 -52.96 -76.56
C SER AC 33 -28.50 -54.37 -76.10
N GLU AC 34 -29.52 -54.97 -76.71
CA GLU AC 34 -29.91 -56.35 -76.40
C GLU AC 34 -30.14 -57.09 -77.72
N CYS AC 35 -29.93 -58.40 -77.69
CA CYS AC 35 -30.15 -59.23 -78.86
C CYS AC 35 -31.18 -60.31 -78.53
N LEU AC 36 -32.06 -60.60 -79.49
CA LEU AC 36 -33.10 -61.60 -79.31
C LEU AC 36 -33.01 -62.63 -80.42
N ASP AC 37 -33.33 -63.87 -80.08
CA ASP AC 37 -33.42 -64.95 -81.06
C ASP AC 37 -34.87 -65.13 -81.48
N LYS AC 38 -35.08 -66.05 -82.41
CA LYS AC 38 -36.40 -66.25 -82.98
C LYS AC 38 -37.33 -66.90 -81.97
N GLY AC 39 -38.50 -66.29 -81.77
CA GLY AC 39 -39.50 -66.81 -80.87
C GLY AC 39 -39.50 -66.18 -79.50
N GLU AC 40 -38.46 -65.45 -79.14
CA GLU AC 40 -38.45 -64.78 -77.85
C GLU AC 40 -39.33 -63.54 -77.90
N VAL AC 41 -39.73 -63.08 -76.72
CA VAL AC 41 -40.57 -61.91 -76.56
C VAL AC 41 -39.99 -61.07 -75.45
N LEU AC 42 -39.72 -59.81 -75.75
CA LEU AC 42 -39.21 -58.87 -74.76
C LEU AC 42 -40.28 -57.84 -74.47
N ILE AC 43 -40.62 -57.69 -73.19
CA ILE AC 43 -41.54 -56.67 -72.74
C ILE AC 43 -40.71 -55.58 -72.07
N ALA AC 44 -40.70 -54.40 -72.65
CA ALA AC 44 -39.78 -53.35 -72.22
C ALA AC 44 -40.55 -52.14 -71.74
N GLN AC 45 -40.23 -51.69 -70.55
CA GLN AC 45 -40.80 -50.47 -70.00
C GLN AC 45 -39.85 -49.30 -70.22
N PHE AC 46 -40.40 -48.10 -70.26
CA PHE AC 46 -39.58 -46.91 -70.43
C PHE AC 46 -39.14 -46.37 -69.08
N THR AC 47 -37.82 -46.33 -68.89
CA THR AC 47 -37.25 -45.74 -67.70
C THR AC 47 -37.03 -44.26 -67.95
N GLU AC 48 -36.31 -43.61 -67.04
CA GLU AC 48 -35.82 -42.26 -67.31
C GLU AC 48 -34.71 -42.30 -68.35
N HIS AC 49 -33.82 -43.27 -68.23
CA HIS AC 49 -32.71 -43.44 -69.17
C HIS AC 49 -33.17 -43.83 -70.55
N THR AC 50 -33.90 -44.94 -70.67
CA THR AC 50 -34.39 -45.43 -71.95
C THR AC 50 -35.54 -44.53 -72.38
N SER AC 51 -35.22 -43.52 -73.18
CA SER AC 51 -36.22 -42.61 -73.73
C SER AC 51 -36.48 -42.86 -75.20
N ALA AC 52 -35.76 -43.78 -75.82
CA ALA AC 52 -35.95 -44.11 -77.22
C ALA AC 52 -35.51 -45.54 -77.44
N ILE AC 53 -36.27 -46.28 -78.25
CA ILE AC 53 -36.01 -47.68 -78.51
C ILE AC 53 -36.01 -47.88 -80.02
N LYS AC 54 -34.91 -48.42 -80.53
CA LYS AC 54 -34.76 -48.70 -81.95
C LYS AC 54 -34.74 -50.20 -82.14
N VAL AC 55 -35.47 -50.68 -83.14
CA VAL AC 55 -35.62 -52.11 -83.39
C VAL AC 55 -35.16 -52.41 -84.80
N ARG AC 56 -34.21 -53.33 -84.93
CA ARG AC 56 -33.72 -53.76 -86.23
C ARG AC 56 -34.23 -55.16 -86.52
N GLY AC 57 -34.15 -55.56 -87.78
CA GLY AC 57 -34.52 -56.91 -88.18
C GLY AC 57 -36.02 -57.11 -88.17
N LYS AC 58 -36.41 -58.34 -88.47
CA LYS AC 58 -37.82 -58.69 -88.56
C LYS AC 58 -38.36 -58.98 -87.18
N ALA AC 59 -39.29 -58.14 -86.73
CA ALA AC 59 -39.89 -58.29 -85.41
C ALA AC 59 -41.31 -57.77 -85.46
N TYR AC 60 -42.11 -58.17 -84.47
CA TYR AC 60 -43.52 -57.83 -84.40
C TYR AC 60 -43.76 -57.10 -83.09
N ILE AC 61 -44.13 -55.82 -83.17
CA ILE AC 61 -44.19 -54.95 -82.03
C ILE AC 61 -45.64 -54.62 -81.72
N GLN AC 62 -46.01 -54.72 -80.45
CA GLN AC 62 -47.29 -54.25 -79.95
C GLN AC 62 -47.02 -53.10 -78.98
N THR AC 63 -47.62 -51.96 -79.26
CA THR AC 63 -47.60 -50.81 -78.36
C THR AC 63 -49.01 -50.48 -77.96
N SER AC 64 -49.16 -49.35 -77.26
CA SER AC 64 -50.49 -48.86 -76.93
C SER AC 64 -51.22 -48.37 -78.17
N HIS AC 65 -50.49 -47.85 -79.15
CA HIS AC 65 -51.09 -47.34 -80.37
C HIS AC 65 -51.47 -48.42 -81.36
N GLY AC 66 -51.11 -49.66 -81.10
CA GLY AC 66 -51.44 -50.75 -81.98
C GLY AC 66 -50.23 -51.61 -82.25
N VAL AC 67 -50.27 -52.33 -83.36
CA VAL AC 67 -49.20 -53.25 -83.73
C VAL AC 67 -48.49 -52.73 -84.96
N ILE AC 68 -47.28 -53.24 -85.17
CA ILE AC 68 -46.44 -52.84 -86.29
C ILE AC 68 -45.43 -53.95 -86.52
N GLU AC 69 -44.84 -53.98 -87.69
CA GLU AC 69 -43.93 -55.06 -88.08
C GLU AC 69 -42.62 -54.48 -88.63
N SER AC 70 -41.59 -54.49 -87.80
CA SER AC 70 -40.29 -54.01 -88.24
C SER AC 70 -39.61 -55.07 -89.09
N GLU AC 71 -38.83 -54.61 -90.06
CA GLU AC 71 -38.09 -55.53 -90.92
C GLU AC 71 -36.61 -55.21 -90.97
N ASP BC 6 -49.76 -52.48 -65.84
CA ASP BC 6 -48.74 -52.57 -64.80
C ASP BC 6 -48.21 -53.98 -64.62
N PHE BC 7 -48.92 -54.97 -65.15
CA PHE BC 7 -48.55 -56.36 -64.92
C PHE BC 7 -48.90 -57.20 -66.14
N VAL BC 8 -48.19 -58.32 -66.27
CA VAL BC 8 -48.34 -59.23 -67.38
C VAL BC 8 -48.70 -60.60 -66.85
N VAL BC 9 -49.31 -61.42 -67.71
CA VAL BC 9 -49.75 -62.75 -67.35
C VAL BC 9 -49.14 -63.74 -68.33
N ILE BC 10 -48.32 -64.66 -67.84
CA ILE BC 10 -47.60 -65.61 -68.67
C ILE BC 10 -48.07 -67.00 -68.33
N LYS BC 11 -48.72 -67.67 -69.27
CA LYS BC 11 -49.10 -69.07 -69.11
C LYS BC 11 -48.09 -69.92 -69.84
N ALA BC 12 -47.38 -70.76 -69.10
CA ALA BC 12 -46.35 -71.56 -69.74
C ALA BC 12 -46.97 -72.79 -70.39
N LEU BC 13 -47.00 -72.78 -71.73
CA LEU BC 13 -47.59 -73.86 -72.49
C LEU BC 13 -46.68 -75.06 -72.64
N GLU BC 14 -45.41 -74.94 -72.29
CA GLU BC 14 -44.49 -76.06 -72.34
C GLU BC 14 -43.55 -75.96 -71.15
N ASP BC 15 -42.83 -77.05 -70.91
CA ASP BC 15 -41.97 -77.09 -69.73
C ASP BC 15 -40.73 -76.24 -69.93
N GLY BC 16 -40.13 -75.83 -68.82
CA GLY BC 16 -38.87 -75.12 -68.83
C GLY BC 16 -38.92 -73.73 -69.42
N VAL BC 17 -40.04 -73.03 -69.30
CA VAL BC 17 -40.12 -71.69 -69.85
C VAL BC 17 -39.41 -70.73 -68.91
N ASN BC 18 -38.44 -70.00 -69.44
CA ASN BC 18 -37.62 -69.09 -68.65
C ASN BC 18 -38.23 -67.70 -68.70
N VAL BC 19 -38.18 -67.00 -67.58
CA VAL BC 19 -38.61 -65.61 -67.49
C VAL BC 19 -37.49 -64.84 -66.82
N ILE BC 20 -36.93 -63.85 -67.51
CA ILE BC 20 -35.73 -63.17 -67.07
C ILE BC 20 -36.09 -61.77 -66.65
N GLY BC 21 -35.75 -61.42 -65.41
CA GLY BC 21 -36.02 -60.09 -64.89
C GLY BC 21 -36.74 -60.12 -63.56
N SER BC 33 -33.92 -64.58 -62.63
CA SER BC 33 -34.43 -65.60 -63.54
C SER BC 33 -35.38 -66.55 -62.82
N GLU BC 34 -36.45 -66.95 -63.51
CA GLU BC 34 -37.42 -67.89 -62.99
C GLU BC 34 -37.73 -68.93 -64.05
N CYS BC 35 -38.09 -70.13 -63.62
CA CYS BC 35 -38.45 -71.20 -64.54
C CYS BC 35 -39.86 -71.66 -64.26
N LEU BC 36 -40.62 -71.96 -65.30
CA LEU BC 36 -41.99 -72.41 -65.19
C LEU BC 36 -42.16 -73.74 -65.90
N ASP BC 37 -43.02 -74.58 -65.35
CA ASP BC 37 -43.40 -75.83 -65.97
C ASP BC 37 -44.70 -75.66 -66.74
N LYS BC 38 -45.11 -76.73 -67.41
CA LYS BC 38 -46.30 -76.66 -68.27
C LYS BC 38 -47.57 -76.54 -67.43
N GLY BC 39 -48.38 -75.54 -67.76
CA GLY BC 39 -49.63 -75.32 -67.10
C GLY BC 39 -49.60 -74.27 -66.02
N GLU BC 40 -48.42 -73.86 -65.57
CA GLU BC 40 -48.35 -72.82 -64.57
C GLU BC 40 -48.61 -71.46 -65.21
N VAL BC 41 -48.96 -70.50 -64.36
CA VAL BC 41 -49.26 -69.14 -64.79
C VAL BC 41 -48.57 -68.20 -63.82
N LEU BC 42 -47.75 -67.31 -64.35
CA LEU BC 42 -47.06 -66.31 -63.56
C LEU BC 42 -47.61 -64.94 -63.87
N ILE BC 43 -48.07 -64.24 -62.85
CA ILE BC 43 -48.54 -62.87 -62.98
C ILE BC 43 -47.45 -61.98 -62.41
N ALA BC 44 -46.85 -61.16 -63.25
CA ALA BC 44 -45.66 -60.41 -62.87
C ALA BC 44 -45.92 -58.92 -62.99
N GLN BC 45 -45.64 -58.19 -61.91
CA GLN BC 45 -45.73 -56.75 -61.90
C GLN BC 45 -44.34 -56.14 -62.14
N PHE BC 46 -44.34 -54.93 -62.66
CA PHE BC 46 -43.07 -54.23 -62.90
C PHE BC 46 -42.68 -53.43 -61.68
N THR BC 47 -41.52 -53.77 -61.12
CA THR BC 47 -40.96 -53.02 -60.02
C THR BC 47 -40.09 -51.91 -60.60
N GLU BC 48 -39.33 -51.26 -59.72
CA GLU BC 48 -38.29 -50.35 -60.18
C GLU BC 48 -37.14 -51.14 -60.79
N HIS BC 49 -36.76 -52.25 -60.16
CA HIS BC 49 -35.70 -53.11 -60.64
C HIS BC 49 -36.04 -53.81 -61.95
N THR BC 50 -37.13 -54.56 -61.97
CA THR BC 50 -37.57 -55.27 -63.16
C THR BC 50 -38.14 -54.26 -64.14
N SER BC 51 -37.30 -53.79 -65.05
CA SER BC 51 -37.73 -52.87 -66.09
C SER BC 51 -37.82 -53.52 -67.45
N ALA BC 52 -37.46 -54.79 -67.56
CA ALA BC 52 -37.54 -55.52 -68.81
C ALA BC 52 -37.71 -57.00 -68.50
N ILE BC 53 -38.57 -57.66 -69.26
CA ILE BC 53 -38.89 -59.06 -69.05
C ILE BC 53 -38.72 -59.79 -70.37
N LYS BC 54 -37.88 -60.81 -70.38
CA LYS BC 54 -37.63 -61.62 -71.56
C LYS BC 54 -38.21 -63.00 -71.33
N VAL BC 55 -38.90 -63.53 -72.33
CA VAL BC 55 -39.59 -64.81 -72.21
C VAL BC 55 -39.07 -65.74 -73.29
N ARG BC 56 -38.60 -66.91 -72.88
CA ARG BC 56 -38.12 -67.93 -73.82
C ARG BC 56 -39.12 -69.07 -73.86
N GLY BC 57 -39.00 -69.90 -74.88
CA GLY BC 57 -39.84 -71.08 -74.99
C GLY BC 57 -41.27 -70.76 -75.37
N LYS BC 58 -42.08 -71.80 -75.42
CA LYS BC 58 -43.46 -71.65 -75.84
C LYS BC 58 -44.31 -71.20 -74.65
N ALA BC 59 -44.85 -70.00 -74.74
CA ALA BC 59 -45.66 -69.44 -73.67
C ALA BC 59 -46.71 -68.53 -74.27
N TYR BC 60 -47.74 -68.25 -73.49
CA TYR BC 60 -48.87 -67.45 -73.93
C TYR BC 60 -48.99 -66.25 -73.01
N ILE BC 61 -48.78 -65.06 -73.54
CA ILE BC 61 -48.65 -63.85 -72.73
C ILE BC 61 -49.86 -62.97 -72.97
N GLN BC 62 -50.45 -62.47 -71.89
CA GLN BC 62 -51.46 -61.44 -71.93
C GLN BC 62 -50.91 -60.18 -71.28
N THR BC 63 -50.92 -59.08 -72.02
CA THR BC 63 -50.56 -57.77 -71.49
C THR BC 63 -51.75 -56.86 -71.63
N SER BC 64 -51.53 -55.58 -71.34
CA SER BC 64 -52.56 -54.58 -71.56
C SER BC 64 -52.81 -54.35 -73.04
N HIS BC 65 -51.78 -54.50 -73.87
CA HIS BC 65 -51.89 -54.29 -75.30
C HIS BC 65 -52.53 -55.47 -76.02
N GLY BC 66 -52.76 -56.59 -75.34
CA GLY BC 66 -53.37 -57.73 -75.97
C GLY BC 66 -52.61 -58.98 -75.62
N VAL BC 67 -52.76 -60.00 -76.46
CA VAL BC 67 -52.14 -61.29 -76.23
C VAL BC 67 -51.08 -61.54 -77.30
N ILE BC 68 -50.17 -62.46 -76.98
CA ILE BC 68 -49.08 -62.81 -77.87
C ILE BC 68 -48.61 -64.21 -77.48
N GLU BC 69 -47.88 -64.86 -78.38
CA GLU BC 69 -47.46 -66.25 -78.17
C GLU BC 69 -45.98 -66.39 -78.44
N SER BC 70 -45.20 -66.44 -77.37
CA SER BC 70 -43.76 -66.63 -77.53
C SER BC 70 -43.45 -68.09 -77.83
N GLU BC 71 -42.41 -68.32 -78.60
CA GLU BC 71 -41.99 -69.67 -78.93
C GLU BC 71 -40.53 -69.92 -78.62
N ASP CC 6 -55.27 -53.99 -60.25
CA ASP CC 6 -54.55 -54.02 -58.98
C ASP CC 6 -54.67 -55.35 -58.26
N PHE CC 7 -55.63 -56.18 -58.67
CA PHE CC 7 -55.90 -57.42 -57.96
C PHE CC 7 -56.35 -58.49 -58.93
N VAL CC 8 -56.14 -59.74 -58.53
CA VAL CC 8 -56.47 -60.90 -59.33
C VAL CC 8 -57.43 -61.77 -58.55
N VAL CC 9 -58.18 -62.61 -59.28
CA VAL CC 9 -59.17 -63.50 -58.70
C VAL CC 9 -58.86 -64.91 -59.15
N ILE CC 10 -58.58 -65.79 -58.19
CA ILE CC 10 -58.18 -67.17 -58.49
C ILE CC 10 -59.22 -68.10 -57.91
N LYS CC 11 -59.93 -68.82 -58.76
CA LYS CC 11 -60.86 -69.84 -58.33
C LYS CC 11 -60.18 -71.19 -58.46
N ALA CC 12 -59.98 -71.88 -57.35
CA ALA CC 12 -59.28 -73.15 -57.41
C ALA CC 12 -60.23 -74.25 -57.83
N LEU CC 13 -60.06 -74.73 -59.07
CA LEU CC 13 -60.91 -75.76 -59.63
C LEU CC 13 -60.55 -77.16 -59.17
N GLU CC 14 -59.40 -77.33 -58.52
CA GLU CC 14 -59.02 -78.63 -57.99
C GLU CC 14 -58.31 -78.40 -56.66
N ASP CC 15 -58.13 -79.48 -55.92
CA ASP CC 15 -57.55 -79.38 -54.59
C ASP CC 15 -56.06 -79.11 -54.66
N GLY CC 16 -55.53 -78.54 -53.59
CA GLY CC 16 -54.11 -78.33 -53.45
C GLY CC 16 -53.50 -77.33 -54.40
N VAL CC 17 -54.25 -76.31 -54.81
CA VAL CC 17 -53.70 -75.32 -55.72
C VAL CC 17 -52.81 -74.37 -54.92
N ASN CC 18 -51.56 -74.24 -55.36
CA ASN CC 18 -50.59 -73.43 -54.65
C ASN CC 18 -50.55 -72.04 -55.26
N VAL CC 19 -50.41 -71.03 -54.42
CA VAL CC 19 -50.25 -69.65 -54.86
C VAL CC 19 -49.02 -69.10 -54.14
N ILE CC 20 -48.02 -68.68 -54.91
CA ILE CC 20 -46.72 -68.32 -54.36
C ILE CC 20 -46.55 -66.81 -54.48
N GLY CC 21 -46.30 -66.16 -53.34
CA GLY CC 21 -46.07 -64.73 -53.32
C GLY CC 21 -46.95 -64.02 -52.30
N SER CC 33 -46.35 -68.46 -49.38
CA SER CC 33 -47.08 -69.53 -50.06
C SER CC 33 -48.42 -69.78 -49.41
N GLU CC 34 -49.44 -70.04 -50.23
CA GLU CC 34 -50.78 -70.34 -49.76
C GLU CC 34 -51.32 -71.55 -50.52
N CYS CC 35 -52.19 -72.31 -49.88
CA CYS CC 35 -52.80 -73.47 -50.52
C CYS CC 35 -54.31 -73.30 -50.53
N LEU CC 36 -54.94 -73.71 -51.61
CA LEU CC 36 -56.39 -73.61 -51.77
C LEU CC 36 -56.97 -74.97 -52.09
N ASP CC 37 -58.17 -75.23 -51.58
CA ASP CC 37 -58.92 -76.42 -51.91
C ASP CC 37 -59.91 -76.13 -53.03
N LYS CC 38 -60.61 -77.18 -53.46
CA LYS CC 38 -61.51 -77.05 -54.59
C LYS CC 38 -62.74 -76.22 -54.23
N GLY CC 39 -63.01 -75.21 -55.04
CA GLY CC 39 -64.16 -74.36 -54.85
C GLY CC 39 -63.88 -73.06 -54.16
N GLU CC 40 -62.72 -72.92 -53.53
CA GLU CC 40 -62.38 -71.66 -52.89
C GLU CC 40 -61.98 -70.64 -53.93
N VAL CC 41 -62.04 -69.38 -53.54
CA VAL CC 41 -61.68 -68.25 -54.39
C VAL CC 41 -60.83 -67.30 -53.58
N LEU CC 42 -59.65 -66.98 -54.09
CA LEU CC 42 -58.75 -66.05 -53.44
C LEU CC 42 -58.66 -64.79 -54.29
N ILE CC 43 -58.94 -63.66 -53.67
CA ILE CC 43 -58.79 -62.36 -54.31
C ILE CC 43 -57.54 -61.73 -53.74
N ALA CC 44 -56.54 -61.53 -54.58
CA ALA CC 44 -55.23 -61.11 -54.10
C ALA CC 44 -54.83 -59.78 -54.71
N GLN CC 45 -54.46 -58.84 -53.85
CA GLN CC 45 -53.95 -57.55 -54.29
C GLN CC 45 -52.43 -57.57 -54.29
N PHE CC 46 -51.84 -56.71 -55.11
CA PHE CC 46 -50.40 -56.60 -55.16
C PHE CC 46 -49.90 -55.58 -54.16
N THR CC 47 -49.07 -56.04 -53.24
CA THR CC 47 -48.43 -55.15 -52.28
C THR CC 47 -47.12 -54.69 -52.87
N GLU CC 48 -46.31 -54.04 -52.04
CA GLU CC 48 -44.93 -53.77 -52.43
C GLU CC 48 -44.12 -55.05 -52.44
N HIS CC 49 -44.33 -55.91 -51.43
CA HIS CC 49 -43.63 -57.18 -51.33
C HIS CC 49 -44.02 -58.16 -52.43
N THR CC 50 -45.31 -58.46 -52.55
CA THR CC 50 -45.81 -59.39 -53.54
C THR CC 50 -45.77 -58.69 -54.90
N SER CC 51 -44.68 -58.89 -55.63
CA SER CC 51 -44.53 -58.33 -56.96
C SER CC 51 -44.68 -59.38 -58.04
N ALA CC 52 -44.84 -60.64 -57.68
CA ALA CC 52 -45.01 -61.72 -58.64
C ALA CC 52 -45.81 -62.82 -57.99
N ILE CC 53 -46.73 -63.40 -58.74
CA ILE CC 53 -47.61 -64.44 -58.23
C ILE CC 53 -47.56 -65.62 -59.19
N LYS CC 54 -47.20 -66.78 -58.67
CA LYS CC 54 -47.14 -68.01 -59.45
C LYS CC 54 -48.25 -68.94 -59.01
N VAL CC 55 -48.94 -69.54 -59.97
CA VAL CC 55 -50.09 -70.38 -59.69
C VAL CC 55 -49.82 -71.77 -60.27
N ARG CC 56 -49.93 -72.79 -59.43
CA ARG CC 56 -49.76 -74.17 -59.85
C ARG CC 56 -51.12 -74.86 -59.85
N GLY CC 57 -51.21 -76.00 -60.51
CA GLY CC 57 -52.40 -76.80 -60.51
C GLY CC 57 -53.50 -76.19 -61.36
N LYS CC 58 -54.65 -76.86 -61.34
CA LYS CC 58 -55.78 -76.43 -62.16
C LYS CC 58 -56.54 -75.33 -61.43
N ALA CC 59 -56.53 -74.13 -62.01
CA ALA CC 59 -57.21 -72.99 -61.43
C ALA CC 59 -57.69 -72.08 -62.53
N TYR CC 60 -58.63 -71.21 -62.19
CA TYR CC 60 -59.26 -70.30 -63.13
C TYR CC 60 -59.03 -68.88 -62.66
N ILE CC 61 -58.27 -68.11 -63.43
CA ILE CC 61 -57.80 -66.81 -63.00
C ILE CC 61 -58.49 -65.73 -63.82
N GLN CC 62 -58.98 -64.70 -63.14
CA GLN CC 62 -59.48 -63.49 -63.76
C GLN CC 62 -58.58 -62.33 -63.36
N THR CC 63 -58.04 -61.65 -64.35
CA THR CC 63 -57.26 -60.44 -64.15
C THR CC 63 -57.95 -59.30 -64.87
N SER CC 64 -57.27 -58.16 -64.91
CA SER CC 64 -57.77 -57.03 -65.68
C SER CC 64 -57.67 -57.31 -67.17
N HIS CC 65 -56.68 -58.08 -67.59
CA HIS CC 65 -56.47 -58.40 -69.00
C HIS CC 65 -57.41 -59.48 -69.50
N GLY CC 66 -58.18 -60.11 -68.63
CA GLY CC 66 -59.09 -61.15 -69.05
C GLY CC 66 -58.96 -62.36 -68.16
N VAL CC 67 -59.38 -63.50 -68.68
CA VAL CC 67 -59.37 -64.74 -67.92
C VAL CC 67 -58.35 -65.69 -68.52
N ILE CC 68 -57.95 -66.68 -67.73
CA ILE CC 68 -56.97 -67.68 -68.13
C ILE CC 68 -57.17 -68.89 -67.24
N GLU CC 69 -56.65 -70.03 -67.68
CA GLU CC 69 -56.86 -71.29 -66.96
C GLU CC 69 -55.53 -72.01 -66.75
N SER CC 70 -55.01 -71.91 -65.54
CA SER CC 70 -53.77 -72.59 -65.22
C SER CC 70 -54.03 -74.06 -64.99
N GLU CC 71 -53.05 -74.89 -65.34
CA GLU CC 71 -53.19 -76.33 -65.14
C GLU CC 71 -52.00 -76.91 -64.36
N ASP DC 6 -61.77 -51.43 -56.30
CA ASP DC 6 -61.36 -51.21 -54.92
C ASP DC 6 -62.13 -52.06 -53.92
N PHE DC 7 -63.25 -52.63 -54.36
CA PHE DC 7 -64.12 -53.35 -53.45
C PHE DC 7 -64.78 -54.51 -54.17
N VAL DC 8 -65.17 -55.51 -53.39
CA VAL DC 8 -65.79 -56.72 -53.89
C VAL DC 8 -67.15 -56.89 -53.23
N VAL DC 9 -68.01 -57.65 -53.89
CA VAL DC 9 -69.37 -57.90 -53.41
C VAL DC 9 -69.58 -59.40 -53.33
N ILE DC 10 -69.85 -59.89 -52.13
CA ILE DC 10 -69.99 -61.32 -51.89
C ILE DC 10 -71.41 -61.59 -51.42
N LYS DC 11 -72.17 -62.32 -52.21
CA LYS DC 11 -73.50 -62.76 -51.81
C LYS DC 11 -73.41 -64.19 -51.35
N ALA DC 12 -73.72 -64.43 -50.07
CA ALA DC 12 -73.59 -65.78 -49.55
C ALA DC 12 -74.80 -66.61 -49.93
N LEU DC 13 -74.61 -67.55 -50.85
CA LEU DC 13 -75.69 -68.39 -51.35
C LEU DC 13 -76.01 -69.55 -50.41
N GLU DC 14 -75.18 -69.80 -49.42
CA GLU DC 14 -75.45 -70.86 -48.45
C GLU DC 14 -74.96 -70.38 -47.09
N ASP DC 15 -75.37 -71.11 -46.06
CA ASP DC 15 -75.05 -70.68 -44.70
C ASP DC 15 -73.60 -70.95 -44.38
N GLY DC 16 -73.08 -70.21 -43.40
CA GLY DC 16 -71.74 -70.43 -42.89
C GLY DC 16 -70.62 -70.10 -43.85
N VAL DC 17 -70.82 -69.13 -44.75
CA VAL DC 17 -69.75 -68.78 -45.67
C VAL DC 17 -68.72 -67.93 -44.94
N ASN DC 18 -67.47 -68.38 -44.98
CA ASN DC 18 -66.39 -67.70 -44.27
C ASN DC 18 -65.70 -66.74 -45.22
N VAL DC 19 -65.31 -65.59 -44.69
CA VAL DC 19 -64.53 -64.60 -45.42
C VAL DC 19 -63.35 -64.23 -44.55
N ILE DC 20 -62.14 -64.47 -45.06
CA ILE DC 20 -60.93 -64.35 -44.26
C ILE DC 20 -60.14 -63.14 -44.73
N GLY DC 21 -59.87 -62.23 -43.81
CA GLY DC 21 -59.09 -61.04 -44.12
C GLY DC 21 -59.77 -59.76 -43.67
N SER DC 33 -61.56 -62.72 -39.57
CA SER DC 33 -62.52 -63.67 -40.12
C SER DC 33 -63.95 -63.23 -39.88
N GLU DC 34 -64.80 -63.43 -40.86
CA GLU DC 34 -66.22 -63.11 -40.76
C GLU DC 34 -67.05 -64.28 -41.28
N CYS DC 35 -68.26 -64.43 -40.76
CA CYS DC 35 -69.15 -65.49 -41.19
C CYS DC 35 -70.44 -64.87 -41.72
N LEU DC 36 -70.97 -65.44 -42.79
CA LEU DC 36 -72.20 -64.96 -43.41
C LEU DC 36 -73.21 -66.09 -43.49
N ASP DC 37 -74.48 -65.74 -43.34
CA ASP DC 37 -75.57 -66.67 -43.53
C ASP DC 37 -76.14 -66.53 -44.94
N LYS DC 38 -77.11 -67.38 -45.25
CA LYS DC 38 -77.67 -67.41 -46.59
C LYS DC 38 -78.50 -66.18 -46.87
N GLY DC 39 -78.19 -65.51 -47.99
CA GLY DC 39 -78.92 -64.35 -48.41
C GLY DC 39 -78.27 -63.04 -48.06
N GLU DC 40 -77.29 -63.04 -47.17
CA GLU DC 40 -76.59 -61.81 -46.83
C GLU DC 40 -75.63 -61.43 -47.94
N VAL DC 41 -75.24 -60.17 -47.96
CA VAL DC 41 -74.33 -59.63 -48.95
C VAL DC 41 -73.32 -58.76 -48.21
N LEU DC 42 -72.05 -59.05 -48.39
CA LEU DC 42 -70.97 -58.27 -47.80
C LEU DC 42 -70.24 -57.52 -48.89
N ILE DC 43 -70.15 -56.21 -48.74
CA ILE DC 43 -69.37 -55.37 -49.64
C ILE DC 43 -68.09 -54.99 -48.91
N ALA DC 44 -66.96 -55.45 -49.42
CA ALA DC 44 -65.70 -55.33 -48.70
C ALA DC 44 -64.71 -54.51 -49.50
N GLN DC 45 -64.16 -53.49 -48.87
CA GLN DC 45 -63.11 -52.69 -49.47
C GLN DC 45 -61.75 -53.18 -49.00
N PHE DC 46 -60.72 -52.93 -49.81
CA PHE DC 46 -59.37 -53.30 -49.44
C PHE DC 46 -58.69 -52.20 -48.65
N THR DC 47 -58.31 -52.50 -47.43
CA THR DC 47 -57.55 -51.58 -46.61
C THR DC 47 -56.07 -51.81 -46.88
N GLU DC 48 -55.24 -51.18 -46.05
CA GLU DC 48 -53.82 -51.52 -46.05
C GLU DC 48 -53.61 -52.90 -45.45
N HIS DC 49 -54.33 -53.19 -44.36
CA HIS DC 49 -54.22 -54.48 -43.69
C HIS DC 49 -54.77 -55.62 -44.52
N THR DC 50 -56.02 -55.53 -44.95
CA THR DC 50 -56.67 -56.57 -45.76
C THR DC 50 -56.11 -56.48 -47.17
N SER DC 51 -55.07 -57.26 -47.43
CA SER DC 51 -54.47 -57.33 -48.75
C SER DC 51 -54.83 -58.61 -49.49
N ALA DC 52 -55.55 -59.52 -48.85
CA ALA DC 52 -55.96 -60.76 -49.47
C ALA DC 52 -57.23 -61.23 -48.81
N ILE DC 53 -58.16 -61.73 -49.62
CA ILE DC 53 -59.47 -62.17 -49.14
C ILE DC 53 -59.71 -63.58 -49.66
N LYS DC 54 -59.96 -64.50 -48.75
CA LYS DC 54 -60.25 -65.89 -49.08
C LYS DC 54 -61.70 -66.17 -48.76
N VAL DC 55 -62.38 -66.85 -49.68
CA VAL DC 55 -63.81 -67.13 -49.55
C VAL DC 55 -64.02 -68.63 -49.60
N ARG DC 56 -64.68 -69.17 -48.58
CA ARG DC 56 -65.02 -70.58 -48.53
C ARG DC 56 -66.50 -70.75 -48.74
N GLY DC 57 -66.91 -71.97 -49.06
CA GLY DC 57 -68.32 -72.29 -49.20
C GLY DC 57 -68.90 -71.73 -50.48
N LYS DC 58 -70.20 -71.95 -50.64
CA LYS DC 58 -70.89 -71.53 -51.84
C LYS DC 58 -71.26 -70.06 -51.74
N ALA DC 59 -70.67 -69.25 -52.60
CA ALA DC 59 -70.93 -67.81 -52.60
C ALA DC 59 -70.79 -67.29 -54.02
N TYR DC 60 -71.35 -66.10 -54.24
CA TYR DC 60 -71.37 -65.48 -55.55
C TYR DC 60 -70.69 -64.14 -55.45
N ILE DC 61 -69.56 -63.99 -56.14
CA ILE DC 61 -68.69 -62.84 -55.97
C ILE DC 61 -68.72 -61.99 -57.23
N GLN DC 62 -68.88 -60.69 -57.05
CA GLN DC 62 -68.72 -59.71 -58.10
C GLN DC 62 -67.52 -58.84 -57.79
N THR DC 63 -66.57 -58.79 -58.72
CA THR DC 63 -65.43 -57.90 -58.63
C THR DC 63 -65.45 -56.96 -59.82
N SER DC 64 -64.37 -56.19 -59.97
CA SER DC 64 -64.24 -55.35 -61.14
C SER DC 64 -63.99 -56.19 -62.39
N HIS DC 65 -63.34 -57.33 -62.24
CA HIS DC 65 -63.02 -58.20 -63.37
C HIS DC 65 -64.21 -59.04 -63.82
N GLY DC 66 -65.31 -59.02 -63.09
CA GLY DC 66 -66.47 -59.79 -63.45
C GLY DC 66 -67.00 -60.56 -62.26
N VAL DC 67 -67.74 -61.63 -62.54
CA VAL DC 67 -68.37 -62.42 -61.50
C VAL DC 67 -67.73 -63.79 -61.47
N ILE DC 68 -67.92 -64.46 -60.33
CA ILE DC 68 -67.36 -65.79 -60.12
C ILE DC 68 -68.18 -66.46 -59.02
N GLU DC 69 -68.10 -67.78 -58.93
CA GLU DC 69 -68.91 -68.54 -58.00
C GLU DC 69 -68.05 -69.50 -57.19
N SER DC 70 -67.77 -69.12 -55.96
CA SER DC 70 -66.98 -69.98 -55.09
C SER DC 70 -67.86 -71.09 -54.55
N GLU DC 71 -67.25 -72.25 -54.32
CA GLU DC 71 -67.99 -73.39 -53.77
C GLU DC 71 -67.30 -73.97 -52.55
N ASP EC 6 -67.14 -45.41 -55.26
CA ASP EC 6 -66.88 -44.87 -53.93
C ASP EC 6 -68.09 -45.00 -53.01
N PHE EC 7 -69.26 -45.28 -53.56
CA PHE EC 7 -70.47 -45.30 -52.78
C PHE EC 7 -71.44 -46.34 -53.32
N VAL EC 8 -72.31 -46.81 -52.44
CA VAL EC 8 -73.30 -47.84 -52.76
C VAL EC 8 -74.68 -47.30 -52.49
N VAL EC 9 -75.67 -47.89 -53.14
CA VAL EC 9 -77.07 -47.49 -53.01
C VAL EC 9 -77.89 -48.70 -52.60
N ILE EC 10 -78.52 -48.62 -51.43
CA ILE EC 10 -79.26 -49.73 -50.88
C ILE EC 10 -80.72 -49.32 -50.76
N LYS EC 11 -81.58 -49.98 -51.52
CA LYS EC 11 -83.03 -49.77 -51.40
C LYS EC 11 -83.59 -50.90 -50.57
N ALA EC 12 -84.17 -50.55 -49.42
CA ALA EC 12 -84.68 -51.59 -48.54
C ALA EC 12 -86.06 -52.04 -49.01
N LEU EC 13 -86.12 -53.25 -49.57
CA LEU EC 13 -87.36 -53.79 -50.09
C LEU EC 13 -88.27 -54.36 -49.03
N GLU EC 14 -87.78 -54.53 -47.80
CA GLU EC 14 -88.60 -55.01 -46.70
C GLU EC 14 -88.19 -54.28 -45.44
N ASP EC 15 -89.01 -54.41 -44.41
CA ASP EC 15 -88.75 -53.68 -43.18
C ASP EC 15 -87.61 -54.29 -42.40
N GLY EC 16 -86.99 -53.46 -41.56
CA GLY EC 16 -85.96 -53.93 -40.66
C GLY EC 16 -84.67 -54.36 -41.32
N VAL EC 17 -84.31 -53.76 -42.45
CA VAL EC 17 -83.06 -54.15 -43.09
C VAL EC 17 -81.90 -53.50 -42.36
N ASN EC 18 -80.96 -54.32 -41.93
CA ASN EC 18 -79.82 -53.84 -41.15
C ASN EC 18 -78.66 -53.57 -42.09
N VAL EC 19 -77.91 -52.51 -41.80
CA VAL EC 19 -76.70 -52.16 -42.52
C VAL EC 19 -75.61 -51.94 -41.48
N ILE EC 20 -74.55 -52.73 -41.54
CA ILE EC 20 -73.53 -52.76 -40.50
C ILE EC 20 -72.26 -52.12 -41.03
N GLY EC 21 -71.77 -51.11 -40.35
CA GLY EC 21 -70.55 -50.44 -40.74
C GLY EC 21 -70.71 -48.93 -40.84
N SER EC 33 -74.16 -49.48 -36.78
CA SER EC 33 -75.32 -50.17 -37.30
C SER EC 33 -76.46 -49.22 -37.60
N GLU EC 34 -77.17 -49.46 -38.69
CA GLU EC 34 -78.33 -48.66 -39.07
C GLU EC 34 -79.46 -49.58 -39.47
N CYS EC 35 -80.69 -49.12 -39.29
CA CYS EC 35 -81.86 -49.90 -39.67
C CYS EC 35 -82.69 -49.10 -40.67
N LEU EC 36 -83.24 -49.80 -41.66
CA LEU EC 36 -84.05 -49.19 -42.70
C LEU EC 36 -85.40 -49.86 -42.76
N ASP EC 37 -86.43 -49.07 -43.07
CA ASP EC 37 -87.77 -49.58 -43.30
C ASP EC 37 -88.00 -49.76 -44.79
N LYS EC 38 -89.17 -50.29 -45.13
CA LYS EC 38 -89.47 -50.61 -46.52
C LYS EC 38 -89.67 -49.34 -47.33
N GLY EC 39 -88.95 -49.25 -48.45
CA GLY EC 39 -89.07 -48.13 -49.35
C GLY EC 39 -88.00 -47.09 -49.18
N GLU EC 40 -87.26 -47.11 -48.09
CA GLU EC 40 -86.18 -46.15 -47.92
C GLU EC 40 -84.98 -46.54 -48.77
N VAL EC 41 -84.12 -45.57 -49.02
CA VAL EC 41 -82.92 -45.76 -49.82
C VAL EC 41 -81.77 -45.08 -49.08
N LEU EC 42 -80.72 -45.83 -48.82
CA LEU EC 42 -79.53 -45.29 -48.17
C LEU EC 42 -78.39 -45.27 -49.17
N ILE EC 43 -77.79 -44.11 -49.36
CA ILE EC 43 -76.61 -43.95 -50.20
C ILE EC 43 -75.43 -43.79 -49.27
N ALA EC 44 -74.51 -44.76 -49.30
CA ALA EC 44 -73.45 -44.82 -48.31
C ALA EC 44 -72.10 -44.72 -48.99
N GLN EC 45 -71.28 -43.80 -48.52
CA GLN EC 45 -69.91 -43.67 -49.00
C GLN EC 45 -68.96 -44.39 -48.05
N PHE EC 46 -67.81 -44.79 -48.58
CA PHE EC 46 -66.81 -45.45 -47.77
C PHE EC 46 -65.86 -44.44 -47.15
N THR EC 47 -65.84 -44.40 -45.82
CA THR EC 47 -64.90 -43.56 -45.10
C THR EC 47 -63.62 -44.35 -44.88
N GLU EC 48 -62.75 -43.79 -44.04
CA GLU EC 48 -61.61 -44.57 -43.56
C GLU EC 48 -62.08 -45.64 -42.58
N HIS EC 49 -63.00 -45.27 -41.69
CA HIS EC 49 -63.55 -46.19 -40.72
C HIS EC 49 -64.39 -47.30 -41.34
N THR EC 50 -65.41 -46.95 -42.11
CA THR EC 50 -66.28 -47.92 -42.75
C THR EC 50 -65.52 -48.52 -43.92
N SER EC 51 -64.87 -49.65 -43.67
CA SER EC 51 -64.16 -50.38 -44.70
C SER EC 51 -64.89 -51.63 -45.14
N ALA EC 52 -66.01 -51.96 -44.52
CA ALA EC 52 -66.79 -53.13 -44.87
C ALA EC 52 -68.23 -52.87 -44.50
N ILE EC 53 -69.15 -53.28 -45.37
CA ILE EC 53 -70.56 -53.06 -45.17
C ILE EC 53 -71.29 -54.38 -45.35
N LYS EC 54 -72.03 -54.78 -44.34
CA LYS EC 54 -72.80 -56.02 -44.36
C LYS EC 54 -74.28 -55.68 -44.40
N VAL EC 55 -75.03 -56.35 -45.25
CA VAL EC 55 -76.43 -56.06 -45.47
C VAL EC 55 -77.24 -57.33 -45.18
N ARG EC 56 -78.21 -57.21 -44.27
CA ARG EC 56 -79.09 -58.32 -43.95
C ARG EC 56 -80.47 -58.04 -44.51
N GLY EC 57 -81.30 -59.08 -44.59
CA GLY EC 57 -82.66 -58.93 -45.04
C GLY EC 57 -82.77 -58.70 -46.53
N LYS EC 58 -84.00 -58.50 -46.98
CA LYS EC 58 -84.27 -58.33 -48.39
C LYS EC 58 -84.01 -56.88 -48.79
N ALA EC 59 -83.01 -56.67 -49.64
CA ALA EC 59 -82.65 -55.34 -50.08
C ALA EC 59 -82.09 -55.41 -51.49
N TYR EC 60 -82.08 -54.27 -52.16
CA TYR EC 60 -81.64 -54.18 -53.55
C TYR EC 60 -80.49 -53.20 -53.62
N ILE EC 61 -79.31 -53.70 -53.97
CA ILE EC 61 -78.08 -52.93 -53.87
C ILE EC 61 -77.57 -52.61 -55.27
N GLN EC 62 -77.21 -51.36 -55.49
CA GLN EC 62 -76.51 -50.93 -56.69
C GLN EC 62 -75.12 -50.47 -56.29
N THR EC 63 -74.10 -51.07 -56.90
CA THR EC 63 -72.72 -50.65 -56.73
C THR EC 63 -72.18 -50.24 -58.09
N SER EC 64 -70.87 -49.98 -58.12
CA SER EC 64 -70.22 -49.71 -59.40
C SER EC 64 -70.14 -50.96 -60.26
N HIS EC 65 -70.05 -52.13 -59.64
CA HIS EC 65 -69.95 -53.39 -60.36
C HIS EC 65 -71.29 -53.88 -60.88
N GLY EC 66 -72.39 -53.23 -60.51
CA GLY EC 66 -73.68 -53.65 -60.97
C GLY EC 66 -74.65 -53.71 -59.82
N VAL EC 67 -75.72 -54.49 -60.00
CA VAL EC 67 -76.77 -54.60 -59.01
C VAL EC 67 -76.76 -56.01 -58.43
N ILE EC 68 -77.38 -56.15 -57.26
CA ILE EC 68 -77.46 -57.41 -56.56
C ILE EC 68 -78.64 -57.33 -55.61
N GLU EC 69 -79.11 -58.48 -55.16
CA GLU EC 69 -80.31 -58.54 -54.32
C GLU EC 69 -80.04 -59.39 -53.08
N SER EC 70 -79.83 -58.72 -51.96
CA SER EC 70 -79.62 -59.43 -50.71
C SER EC 70 -80.94 -59.92 -50.16
N GLU EC 71 -80.90 -61.06 -49.48
CA GLU EC 71 -82.11 -61.61 -48.88
C GLU EC 71 -81.92 -61.91 -47.40
N ASP FC 6 -69.44 -38.28 -57.53
CA ASP FC 6 -69.23 -37.39 -56.41
C ASP FC 6 -70.51 -36.76 -55.89
N PHE FC 7 -71.57 -36.83 -56.68
CA PHE FC 7 -72.80 -36.16 -56.31
C PHE FC 7 -74.01 -36.95 -56.79
N VAL FC 8 -75.13 -36.73 -56.12
CA VAL FC 8 -76.37 -37.43 -56.41
C VAL FC 8 -77.44 -36.41 -56.75
N VAL FC 9 -78.48 -36.85 -57.45
CA VAL FC 9 -79.58 -36.00 -57.87
C VAL FC 9 -80.88 -36.61 -57.39
N ILE FC 10 -81.60 -35.90 -56.54
CA ILE FC 10 -82.82 -36.41 -55.94
C ILE FC 10 -83.98 -35.55 -56.39
N LYS FC 11 -84.90 -36.12 -57.15
CA LYS FC 11 -86.12 -35.44 -57.54
C LYS FC 11 -87.24 -35.90 -56.63
N ALA FC 12 -87.80 -34.98 -55.85
CA ALA FC 12 -88.83 -35.38 -54.91
C ALA FC 12 -90.17 -35.50 -55.62
N LEU FC 13 -90.63 -36.73 -55.79
CA LEU FC 13 -91.88 -37.00 -56.49
C LEU FC 13 -93.11 -36.80 -55.62
N GLU FC 14 -92.94 -36.62 -54.31
CA GLU FC 14 -94.06 -36.37 -53.43
C GLU FC 14 -93.59 -35.39 -52.36
N ASP FC 15 -94.55 -34.84 -51.63
CA ASP FC 15 -94.23 -33.82 -50.65
C ASP FC 15 -93.58 -34.43 -49.42
N GLY FC 16 -92.83 -33.59 -48.70
CA GLY FC 16 -92.24 -33.99 -47.44
C GLY FC 16 -91.15 -35.02 -47.54
N VAL FC 17 -90.40 -35.07 -48.63
CA VAL FC 17 -89.33 -36.04 -48.73
C VAL FC 17 -88.14 -35.58 -47.91
N ASN FC 18 -87.70 -36.43 -46.99
CA ASN FC 18 -86.61 -36.10 -46.08
C ASN FC 18 -85.31 -36.59 -46.66
N VAL FC 19 -84.26 -35.80 -46.47
CA VAL FC 19 -82.90 -36.17 -46.87
C VAL FC 19 -82.01 -35.93 -45.66
N ILE FC 20 -81.37 -36.98 -45.17
CA ILE FC 20 -80.64 -36.94 -43.91
C ILE FC 20 -79.15 -37.01 -44.20
N GLY FC 21 -78.41 -36.02 -43.73
CA GLY FC 21 -76.97 -35.99 -43.91
C GLY FC 21 -76.49 -34.68 -44.48
N SER FC 33 -80.48 -32.48 -41.67
CA SER FC 33 -81.73 -32.90 -42.29
C SER FC 33 -82.31 -31.82 -43.17
N GLU FC 34 -82.86 -32.22 -44.31
CA GLU FC 34 -83.50 -31.29 -45.24
C GLU FC 34 -84.83 -31.88 -45.67
N CYS FC 35 -85.78 -31.01 -46.01
CA CYS FC 35 -87.08 -31.45 -46.48
C CYS FC 35 -87.34 -30.88 -47.87
N LEU FC 36 -87.95 -31.68 -48.73
CA LEU FC 36 -88.25 -31.27 -50.09
C LEU FC 36 -89.73 -31.44 -50.36
N ASP FC 37 -90.28 -30.55 -51.18
CA ASP FC 37 -91.64 -30.65 -51.64
C ASP FC 37 -91.68 -31.29 -53.01
N LYS FC 38 -92.89 -31.50 -53.52
CA LYS FC 38 -93.06 -32.20 -54.79
C LYS FC 38 -92.59 -31.35 -55.95
N GLY FC 39 -91.72 -31.93 -56.78
CA GLY FC 39 -91.22 -31.27 -57.96
C GLY FC 39 -89.86 -30.64 -57.79
N GLU FC 40 -89.38 -30.50 -56.56
CA GLU FC 40 -88.06 -29.95 -56.36
C GLU FC 40 -87.01 -30.99 -56.66
N VAL FC 41 -85.78 -30.53 -56.90
CA VAL FC 41 -84.64 -31.38 -57.22
C VAL FC 41 -83.47 -30.88 -56.40
N LEU FC 42 -82.86 -31.78 -55.63
CA LEU FC 42 -81.70 -31.46 -54.84
C LEU FC 42 -80.50 -32.19 -55.42
N ILE FC 43 -79.45 -31.45 -55.74
CA ILE FC 43 -78.19 -32.02 -56.20
C ILE FC 43 -77.22 -31.91 -55.03
N ALA FC 44 -76.78 -33.05 -54.51
CA ALA FC 44 -76.02 -33.07 -53.28
C ALA FC 44 -74.65 -33.69 -53.52
N GLN FC 45 -73.62 -32.98 -53.12
CA GLN FC 45 -72.26 -33.48 -53.18
C GLN FC 45 -71.87 -34.06 -51.81
N PHE FC 46 -70.91 -34.98 -51.84
CA PHE FC 46 -70.41 -35.57 -50.61
C PHE FC 46 -69.26 -34.76 -50.06
N THR FC 47 -69.44 -34.24 -48.85
CA THR FC 47 -68.37 -33.54 -48.16
C THR FC 47 -67.59 -34.55 -47.35
N GLU FC 48 -66.71 -34.03 -46.48
CA GLU FC 48 -66.09 -34.90 -45.48
C GLU FC 48 -67.10 -35.29 -44.42
N HIS FC 49 -67.93 -34.34 -44.00
CA HIS FC 49 -68.97 -34.58 -43.01
C HIS FC 49 -70.07 -35.51 -43.50
N THR FC 50 -70.72 -35.16 -44.61
CA THR FC 50 -71.79 -35.96 -45.18
C THR FC 50 -71.16 -37.17 -45.84
N SER FC 51 -71.08 -38.27 -45.10
CA SER FC 51 -70.56 -39.53 -45.62
C SER FC 51 -71.65 -40.54 -45.87
N ALA FC 52 -72.91 -40.23 -45.54
CA ALA FC 52 -74.01 -41.12 -45.77
C ALA FC 52 -75.28 -40.29 -45.93
N ILE FC 53 -76.11 -40.68 -46.88
CA ILE FC 53 -77.33 -39.95 -47.19
C ILE FC 53 -78.50 -40.93 -47.19
N LYS FC 54 -79.49 -40.65 -46.37
CA LYS FC 54 -80.68 -41.48 -46.27
C LYS FC 54 -81.86 -40.71 -46.85
N VAL FC 55 -82.66 -41.38 -47.65
CA VAL FC 55 -83.78 -40.76 -48.35
C VAL FC 55 -85.06 -41.47 -47.96
N ARG FC 56 -86.03 -40.72 -47.47
CA ARG FC 56 -87.33 -41.26 -47.12
C ARG FC 56 -88.36 -40.80 -48.13
N GLY FC 57 -89.52 -41.46 -48.15
CA GLY FC 57 -90.61 -41.05 -49.00
C GLY FC 57 -90.35 -41.39 -50.45
N LYS FC 58 -91.30 -40.99 -51.29
CA LYS FC 58 -91.24 -41.29 -52.71
C LYS FC 58 -90.36 -40.27 -53.41
N ALA FC 59 -89.23 -40.73 -53.94
CA ALA FC 59 -88.29 -39.86 -54.62
C ALA FC 59 -87.59 -40.65 -55.71
N TYR FC 60 -87.00 -39.93 -56.64
CA TYR FC 60 -86.34 -40.50 -57.81
C TYR FC 60 -84.88 -40.06 -57.81
N ILE FC 61 -83.97 -41.01 -57.62
CA ILE FC 61 -82.57 -40.70 -57.39
C ILE FC 61 -81.76 -41.13 -58.60
N GLN FC 62 -80.87 -40.25 -59.06
CA GLN FC 62 -79.87 -40.57 -60.05
C GLN FC 62 -78.50 -40.46 -59.41
N THR FC 63 -77.74 -41.54 -59.48
CA THR FC 63 -76.36 -41.56 -59.04
C THR FC 63 -75.47 -41.91 -60.23
N SER FC 64 -74.19 -42.11 -59.94
CA SER FC 64 -73.28 -42.57 -60.99
C SER FC 64 -73.58 -44.01 -61.39
N HIS FC 65 -74.08 -44.81 -60.46
CA HIS FC 65 -74.39 -46.21 -60.72
C HIS FC 65 -75.70 -46.40 -61.45
N GLY FC 66 -76.48 -45.35 -61.64
CA GLY FC 66 -77.74 -45.45 -62.33
C GLY FC 66 -78.83 -44.76 -61.55
N VAL FC 67 -80.07 -45.16 -61.81
CA VAL FC 67 -81.23 -44.55 -61.19
C VAL FC 67 -81.89 -45.54 -60.26
N ILE FC 68 -82.70 -45.01 -59.35
CA ILE FC 68 -83.40 -45.82 -58.35
C ILE FC 68 -84.59 -45.00 -57.87
N GLU FC 69 -85.57 -45.67 -57.27
CA GLU FC 69 -86.79 -45.01 -56.85
C GLU FC 69 -87.11 -45.36 -55.40
N SER FC 70 -86.83 -44.43 -54.51
CA SER FC 70 -87.14 -44.63 -53.10
C SER FC 70 -88.61 -44.42 -52.85
N GLU FC 71 -89.17 -45.16 -51.90
CA GLU FC 71 -90.57 -45.02 -51.55
C GLU FC 71 -90.77 -44.78 -50.07
N ASP GC 6 -68.54 -32.10 -62.30
CA ASP GC 6 -68.17 -30.99 -61.43
C ASP GC 6 -69.13 -29.82 -61.50
N PHE GC 7 -69.98 -29.80 -62.51
CA PHE GC 7 -70.87 -28.66 -62.71
C PHE GC 7 -72.19 -29.12 -63.31
N VAL GC 8 -73.21 -28.31 -63.08
CA VAL GC 8 -74.57 -28.60 -63.53
C VAL GC 8 -75.04 -27.45 -64.41
N VAL GC 9 -76.03 -27.75 -65.25
CA VAL GC 9 -76.58 -26.78 -66.19
C VAL GC 9 -78.08 -26.70 -65.96
N ILE GC 10 -78.58 -25.52 -65.59
CA ILE GC 10 -79.97 -25.34 -65.25
C ILE GC 10 -80.57 -24.36 -66.24
N LYS GC 11 -81.51 -24.81 -67.05
CA LYS GC 11 -82.24 -23.94 -67.96
C LYS GC 11 -83.59 -23.64 -67.33
N ALA GC 12 -83.84 -22.37 -67.01
CA ALA GC 12 -85.08 -22.03 -66.35
C ALA GC 12 -86.21 -21.93 -67.37
N LEU GC 13 -87.11 -22.91 -67.35
CA LEU GC 13 -88.21 -22.97 -68.29
C LEU GC 13 -89.37 -22.06 -67.90
N GLU GC 14 -89.37 -21.51 -66.69
CA GLU GC 14 -90.41 -20.58 -66.28
C GLU GC 14 -89.76 -19.51 -65.41
N ASP GC 15 -90.52 -18.45 -65.17
CA ASP GC 15 -89.97 -17.32 -64.44
C ASP GC 15 -89.84 -17.63 -62.95
N GLY GC 16 -88.94 -16.91 -62.29
CA GLY GC 16 -88.79 -17.00 -60.86
C GLY GC 16 -88.24 -18.31 -60.35
N VAL GC 17 -87.40 -18.99 -61.12
CA VAL GC 17 -86.83 -20.24 -60.65
C VAL GC 17 -85.72 -19.95 -59.66
N ASN GC 18 -85.84 -20.52 -58.47
CA ASN GC 18 -84.89 -20.27 -57.40
C ASN GC 18 -83.82 -21.35 -57.42
N VAL GC 19 -82.59 -20.96 -57.15
CA VAL GC 19 -81.47 -21.89 -57.01
C VAL GC 19 -80.78 -21.55 -55.69
N ILE GC 20 -80.73 -22.51 -54.79
CA ILE GC 20 -80.27 -22.27 -53.43
C ILE GC 20 -78.93 -22.94 -53.23
N GLY GC 21 -77.93 -22.17 -52.83
CA GLY GC 21 -76.60 -22.69 -52.58
C GLY GC 21 -75.52 -21.92 -53.31
N SER GC 33 -78.64 -17.65 -52.47
CA SER GC 33 -79.82 -17.81 -53.29
C SER GC 33 -79.73 -16.98 -54.56
N GLU GC 34 -80.21 -17.55 -55.67
CA GLU GC 34 -80.24 -16.85 -56.95
C GLU GC 34 -81.60 -17.07 -57.59
N CYS GC 35 -82.03 -16.10 -58.40
CA CYS GC 35 -83.30 -16.20 -59.10
C CYS GC 35 -83.05 -16.12 -60.61
N LEU GC 36 -83.78 -16.91 -61.37
CA LEU GC 36 -83.65 -16.94 -62.82
C LEU GC 36 -85.00 -16.68 -63.47
N ASP GC 37 -84.98 -16.00 -64.60
CA ASP GC 37 -86.16 -15.78 -65.41
C ASP GC 37 -86.24 -16.83 -66.51
N LYS GC 38 -87.31 -16.77 -67.28
CA LYS GC 38 -87.55 -17.78 -68.32
C LYS GC 38 -86.57 -17.61 -69.47
N GLY GC 39 -85.91 -18.71 -69.82
CA GLY GC 39 -84.98 -18.73 -70.92
C GLY GC 39 -83.54 -18.59 -70.53
N GLU GC 40 -83.25 -18.18 -69.30
CA GLU GC 40 -81.87 -18.09 -68.87
C GLU GC 40 -81.32 -19.47 -68.56
N VAL GC 41 -80.00 -19.56 -68.55
CA VAL GC 41 -79.28 -20.80 -68.28
C VAL GC 41 -78.16 -20.48 -67.32
N LEU GC 42 -78.13 -21.19 -66.19
CA LEU GC 42 -77.08 -21.02 -65.20
C LEU GC 42 -76.22 -22.27 -65.19
N ILE GC 43 -74.92 -22.10 -65.38
CA ILE GC 43 -73.96 -23.19 -65.27
C ILE GC 43 -73.24 -23.01 -63.95
N ALA GC 44 -73.42 -23.97 -63.05
CA ALA GC 44 -72.95 -23.81 -61.68
C ALA GC 44 -71.95 -24.90 -61.34
N GLN GC 45 -70.79 -24.49 -60.84
CA GLN GC 45 -69.78 -25.41 -60.36
C GLN GC 45 -69.90 -25.57 -58.85
N PHE GC 46 -69.43 -26.70 -58.35
CA PHE GC 46 -69.44 -26.94 -56.92
C PHE GC 46 -68.16 -26.44 -56.28
N THR GC 47 -68.31 -25.50 -55.37
CA THR GC 47 -67.17 -25.00 -54.60
C THR GC 47 -67.03 -25.85 -53.35
N GLU GC 48 -66.19 -25.41 -52.43
CA GLU GC 48 -66.17 -26.00 -51.10
C GLU GC 48 -67.41 -25.62 -50.32
N HIS GC 49 -67.83 -24.36 -50.43
CA HIS GC 49 -69.01 -23.87 -49.77
C HIS GC 49 -70.29 -24.48 -50.29
N THR GC 50 -70.54 -24.36 -51.59
CA THR GC 50 -71.74 -24.89 -52.22
C THR GC 50 -71.58 -26.40 -52.33
N SER GC 51 -72.09 -27.11 -51.34
CA SER GC 51 -72.06 -28.56 -51.34
C SER GC 51 -73.43 -29.17 -51.63
N ALA GC 52 -74.46 -28.34 -51.78
CA ALA GC 52 -75.80 -28.83 -52.09
C ALA GC 52 -76.54 -27.73 -52.82
N ILE GC 53 -77.29 -28.12 -53.84
CA ILE GC 53 -78.02 -27.18 -54.68
C ILE GC 53 -79.46 -27.64 -54.77
N LYS GC 54 -80.39 -26.77 -54.38
CA LYS GC 54 -81.80 -27.05 -54.43
C LYS GC 54 -82.44 -26.19 -55.50
N VAL GC 55 -83.31 -26.77 -56.30
CA VAL GC 55 -83.92 -26.11 -57.43
C VAL GC 55 -85.43 -26.16 -57.27
N ARG GC 56 -86.06 -24.99 -57.29
CA ARG GC 56 -87.52 -24.89 -57.21
C ARG GC 56 -88.07 -24.50 -58.57
N GLY GC 57 -89.36 -24.69 -58.75
CA GLY GC 57 -90.04 -24.26 -59.96
C GLY GC 57 -89.70 -25.16 -61.14
N LYS GC 58 -90.25 -24.79 -62.29
CA LYS GC 58 -90.07 -25.58 -63.50
C LYS GC 58 -88.74 -25.24 -64.15
N ALA GC 59 -87.83 -26.21 -64.19
CA ALA GC 59 -86.51 -26.01 -64.76
C ALA GC 59 -86.04 -27.32 -65.35
N TYR GC 60 -85.05 -27.23 -66.23
CA TYR GC 60 -84.51 -28.38 -66.94
C TYR GC 60 -83.03 -28.49 -66.63
N ILE GC 61 -82.64 -29.56 -65.95
CA ILE GC 61 -81.30 -29.68 -65.40
C ILE GC 61 -80.56 -30.77 -66.16
N GLN GC 62 -79.32 -30.46 -66.55
CA GLN GC 62 -78.39 -31.43 -67.09
C GLN GC 62 -77.23 -31.57 -66.12
N THR GC 63 -76.98 -32.80 -65.69
CA THR GC 63 -75.83 -33.13 -64.87
C THR GC 63 -74.99 -34.15 -65.61
N SER GC 64 -73.98 -34.68 -64.91
CA SER GC 64 -73.18 -35.75 -65.48
C SER GC 64 -73.99 -37.04 -65.56
N HIS GC 65 -74.93 -37.24 -64.65
CA HIS GC 65 -75.74 -38.45 -64.62
C HIS GC 65 -76.87 -38.43 -65.63
N GLY GC 66 -77.09 -37.30 -66.31
CA GLY GC 66 -78.15 -37.22 -67.28
C GLY GC 66 -78.96 -35.97 -67.07
N VAL GC 67 -80.19 -35.99 -67.57
CA VAL GC 67 -81.07 -34.83 -67.50
C VAL GC 67 -82.23 -35.14 -66.59
N ILE GC 68 -82.89 -34.09 -66.11
CA ILE GC 68 -84.02 -34.19 -65.20
C ILE GC 68 -84.82 -32.90 -65.32
N GLU GC 69 -86.07 -32.93 -64.88
CA GLU GC 69 -86.97 -31.81 -65.03
C GLU GC 69 -87.64 -31.48 -63.70
N SER GC 70 -87.15 -30.44 -63.03
CA SER GC 70 -87.74 -30.02 -61.78
C SER GC 70 -89.01 -29.24 -62.05
N GLU GC 71 -89.97 -29.36 -61.15
CA GLU GC 71 -91.22 -28.63 -61.28
C GLU GC 71 -91.55 -27.83 -60.03
N ASP HC 6 -64.14 -28.65 -67.93
CA ASP HC 6 -63.50 -27.50 -67.32
C ASP HC 6 -63.88 -26.19 -67.99
N PHE HC 7 -64.48 -26.26 -69.17
CA PHE HC 7 -64.76 -25.06 -69.94
C PHE HC 7 -66.03 -25.25 -70.74
N VAL HC 8 -66.67 -24.12 -71.05
CA VAL HC 8 -67.92 -24.09 -71.79
C VAL HC 8 -67.74 -23.27 -73.04
N VAL HC 9 -68.60 -23.51 -74.03
CA VAL HC 9 -68.55 -22.83 -75.31
C VAL HC 9 -69.90 -22.19 -75.57
N ILE HC 10 -69.93 -20.87 -75.69
CA ILE HC 10 -71.18 -20.13 -75.85
C ILE HC 10 -71.14 -19.44 -77.21
N LYS HC 11 -72.03 -19.83 -78.10
CA LYS HC 11 -72.19 -19.16 -79.39
C LYS HC 11 -73.38 -18.23 -79.28
N ALA HC 12 -73.14 -16.93 -79.42
CA ALA HC 12 -74.23 -15.98 -79.27
C ALA HC 12 -75.04 -15.90 -80.56
N LEU HC 13 -76.24 -16.45 -80.54
CA LEU HC 13 -77.10 -16.49 -81.71
C LEU HC 13 -77.84 -15.18 -81.95
N GLU HC 14 -77.82 -14.26 -80.99
CA GLU HC 14 -78.44 -12.96 -81.18
C GLU HC 14 -77.57 -11.92 -80.49
N ASP HC 15 -77.86 -10.66 -80.77
CA ASP HC 15 -77.03 -9.59 -80.26
C ASP HC 15 -77.30 -9.36 -78.78
N GLY HC 16 -76.31 -8.77 -78.11
CA GLY HC 16 -76.45 -8.38 -76.73
C GLY HC 16 -76.57 -9.51 -75.74
N VAL HC 17 -75.96 -10.66 -76.00
CA VAL HC 17 -76.05 -11.76 -75.07
C VAL HC 17 -75.09 -11.51 -73.91
N ASN HC 18 -75.62 -11.52 -72.70
CA ASN HC 18 -74.85 -11.23 -71.50
C ASN HC 18 -74.33 -12.52 -70.92
N VAL HC 19 -73.10 -12.49 -70.40
CA VAL HC 19 -72.49 -13.61 -69.70
C VAL HC 19 -71.96 -13.05 -68.39
N ILE HC 20 -72.46 -13.58 -67.27
CA ILE HC 20 -72.17 -13.02 -65.96
C ILE HC 20 -71.28 -13.98 -65.20
N GLY HC 21 -70.12 -13.48 -64.75
CA GLY HC 21 -69.19 -14.28 -64.00
C GLY HC 21 -67.78 -14.22 -64.55
N SER HC 33 -68.99 -9.18 -65.86
CA SER HC 33 -69.99 -9.23 -66.93
C SER HC 33 -69.36 -9.00 -68.29
N GLU HC 34 -69.82 -9.75 -69.29
CA GLU HC 34 -69.36 -9.60 -70.66
C GLU HC 34 -70.56 -9.58 -71.60
N CYS HC 35 -70.42 -8.90 -72.73
CA CYS HC 35 -71.48 -8.84 -73.72
C CYS HC 35 -70.96 -9.39 -75.04
N LEU HC 36 -71.83 -10.12 -75.74
CA LEU HC 36 -71.47 -10.73 -77.02
C LEU HC 36 -72.47 -10.29 -78.08
N ASP HC 37 -71.99 -10.12 -79.30
CA ASP HC 37 -72.83 -9.84 -80.45
C ASP HC 37 -73.13 -11.13 -81.19
N LYS HC 38 -73.95 -11.02 -82.23
CA LYS HC 38 -74.40 -12.19 -82.97
C LYS HC 38 -73.26 -12.79 -83.78
N GLY HC 39 -73.04 -14.09 -83.61
CA GLY HC 39 -72.04 -14.82 -84.34
C GLY HC 39 -70.75 -15.02 -83.59
N GLU HC 40 -70.53 -14.30 -82.50
CA GLU HC 40 -69.33 -14.51 -81.72
C GLU HC 40 -69.44 -15.78 -80.90
N VAL HC 41 -68.30 -16.29 -80.46
CA VAL HC 41 -68.20 -17.50 -79.67
C VAL HC 41 -67.23 -17.24 -78.54
N LEU HC 42 -67.67 -17.45 -77.32
CA LEU HC 42 -66.84 -17.29 -76.14
C LEU HC 42 -66.57 -18.66 -75.53
N ILE HC 43 -65.29 -18.99 -75.37
CA ILE HC 43 -64.89 -20.22 -74.69
C ILE HC 43 -64.40 -19.81 -73.32
N ALA HC 44 -65.10 -20.25 -72.28
CA ALA HC 44 -64.84 -19.77 -70.94
C ALA HC 44 -64.45 -20.92 -70.03
N GLN HC 45 -63.33 -20.76 -69.35
CA GLN HC 45 -62.87 -21.72 -68.36
C GLN HC 45 -63.28 -21.26 -66.96
N PHE HC 46 -63.41 -22.22 -66.05
CA PHE HC 46 -63.76 -21.90 -64.68
C PHE HC 46 -62.51 -21.64 -63.86
N THR HC 47 -62.41 -20.44 -63.32
CA THR HC 47 -61.33 -20.09 -62.42
C THR HC 47 -61.75 -20.43 -61.00
N GLU HC 48 -60.95 -19.97 -60.03
CA GLU HC 48 -61.40 -20.02 -58.65
C GLU HC 48 -62.50 -18.99 -58.42
N HIS HC 49 -62.35 -17.80 -58.97
CA HIS HC 49 -63.33 -16.74 -58.85
C HIS HC 49 -64.63 -17.05 -59.55
N THR HC 50 -64.59 -17.33 -60.84
CA THR HC 50 -65.77 -17.64 -61.63
C THR HC 50 -66.22 -19.04 -61.27
N SER HC 51 -67.15 -19.14 -60.31
CA SER HC 51 -67.70 -20.41 -59.90
C SER HC 51 -69.13 -20.60 -60.40
N ALA HC 52 -69.70 -19.60 -61.08
CA ALA HC 52 -71.04 -19.71 -61.61
C ALA HC 52 -71.14 -18.77 -62.81
N ILE HC 53 -71.80 -19.25 -63.85
CA ILE HC 53 -71.93 -18.49 -65.10
C ILE HC 53 -73.41 -18.45 -65.47
N LYS HC 54 -73.94 -17.25 -65.63
CA LYS HC 54 -75.33 -17.05 -66.02
C LYS HC 54 -75.37 -16.48 -67.42
N VAL HC 55 -76.25 -17.01 -68.25
CA VAL HC 55 -76.34 -16.65 -69.65
C VAL HC 55 -77.73 -16.13 -69.93
N ARG HC 56 -77.83 -14.92 -70.46
CA ARG HC 56 -79.11 -14.33 -70.84
C ARG HC 56 -79.22 -14.30 -72.36
N GLY HC 57 -80.43 -14.12 -72.85
CA GLY HC 57 -80.66 -13.98 -74.28
C GLY HC 57 -80.52 -15.30 -75.01
N LYS HC 58 -80.67 -15.22 -76.32
CA LYS HC 58 -80.62 -16.41 -77.16
C LYS HC 58 -79.19 -16.78 -77.45
N ALA HC 59 -78.77 -17.94 -76.96
CA ALA HC 59 -77.41 -18.40 -77.15
C ALA HC 59 -77.41 -19.93 -77.19
N TYR HC 60 -76.34 -20.48 -77.72
CA TYR HC 60 -76.19 -21.91 -77.91
C TYR HC 60 -74.96 -22.38 -77.15
N ILE HC 61 -75.16 -23.19 -76.13
CA ILE HC 61 -74.10 -23.54 -75.18
C ILE HC 61 -73.74 -25.00 -75.37
N GLN HC 62 -72.45 -25.27 -75.44
CA GLN HC 62 -71.91 -26.63 -75.40
C GLN HC 62 -71.09 -26.77 -74.14
N THR HC 63 -71.44 -27.76 -73.32
CA THR HC 63 -70.69 -28.13 -72.14
C THR HC 63 -70.21 -29.56 -72.28
N SER HC 64 -69.64 -30.09 -71.21
CA SER HC 64 -69.26 -31.50 -71.20
C SER HC 64 -70.49 -32.39 -71.17
N HIS HC 65 -71.57 -31.93 -70.54
CA HIS HC 65 -72.79 -32.70 -70.42
C HIS HC 65 -73.63 -32.69 -71.69
N GLY HC 66 -73.27 -31.88 -72.68
CA GLY HC 66 -74.02 -31.82 -73.91
C GLY HC 66 -74.27 -30.39 -74.30
N VAL HC 67 -75.30 -30.19 -75.12
CA VAL HC 67 -75.63 -28.87 -75.63
C VAL HC 67 -76.97 -28.43 -75.04
N ILE HC 68 -77.20 -27.12 -75.10
CA ILE HC 68 -78.41 -26.51 -74.57
C ILE HC 68 -78.58 -25.17 -75.26
N GLU HC 69 -79.80 -24.63 -75.23
CA GLU HC 69 -80.12 -23.40 -75.93
C GLU HC 69 -80.81 -22.42 -75.01
N SER HC 70 -80.06 -21.44 -74.54
CA SER HC 70 -80.63 -20.42 -73.68
C SER HC 70 -81.41 -19.41 -74.52
N GLU HC 71 -82.47 -18.87 -73.94
CA GLU HC 71 -83.28 -17.88 -74.62
C GLU HC 71 -83.47 -16.62 -73.81
N ASP IC 6 -57.85 -29.15 -72.99
CA ASP IC 6 -56.91 -28.13 -72.55
C ASP IC 6 -56.62 -27.09 -73.63
N PHE IC 7 -56.98 -27.39 -74.86
CA PHE IC 7 -56.63 -26.51 -75.97
C PHE IC 7 -57.71 -26.56 -77.04
N VAL IC 8 -57.78 -25.48 -77.81
CA VAL IC 8 -58.78 -25.32 -78.86
C VAL IC 8 -58.07 -25.10 -80.18
N VAL IC 9 -58.77 -25.38 -81.27
CA VAL IC 9 -58.23 -25.26 -82.61
C VAL IC 9 -59.16 -24.35 -83.41
N ILE IC 10 -58.63 -23.23 -83.89
CA ILE IC 10 -59.43 -22.24 -84.60
C ILE IC 10 -58.89 -22.12 -86.01
N LYS IC 11 -59.70 -22.50 -86.99
CA LYS IC 11 -59.35 -22.32 -88.40
C LYS IC 11 -60.08 -21.09 -88.90
N ALA IC 12 -59.31 -20.07 -89.30
CA ALA IC 12 -59.95 -18.84 -89.73
C ALA IC 12 -60.42 -18.97 -91.18
N LEU IC 13 -61.73 -19.06 -91.36
CA LEU IC 13 -62.33 -19.23 -92.68
C LEU IC 13 -62.42 -17.93 -93.46
N GLU IC 14 -62.19 -16.78 -92.82
CA GLU IC 14 -62.21 -15.51 -93.51
C GLU IC 14 -61.13 -14.64 -92.91
N ASP IC 15 -60.83 -13.53 -93.59
CA ASP IC 15 -59.75 -12.68 -93.16
C ASP IC 15 -60.15 -11.87 -91.94
N GLY IC 16 -59.14 -11.43 -91.19
CA GLY IC 16 -59.35 -10.54 -90.07
C GLY IC 16 -60.08 -11.14 -88.89
N VAL IC 17 -59.93 -12.45 -88.65
CA VAL IC 17 -60.62 -13.05 -87.52
C VAL IC 17 -59.85 -12.72 -86.25
N ASN IC 18 -60.54 -12.14 -85.29
CA ASN IC 18 -59.93 -11.70 -84.04
C ASN IC 18 -60.08 -12.80 -82.99
N VAL IC 19 -59.05 -12.97 -82.19
CA VAL IC 19 -59.07 -13.90 -81.06
C VAL IC 19 -58.60 -13.12 -79.85
N ILE IC 20 -59.43 -13.02 -78.83
CA ILE IC 20 -59.18 -12.15 -77.70
C ILE IC 20 -58.88 -13.01 -76.47
N GLY IC 21 -57.72 -12.78 -75.86
CA GLY IC 21 -57.33 -13.51 -74.68
C GLY IC 21 -55.95 -14.12 -74.79
N SER IC 33 -54.79 -9.76 -77.71
CA SER IC 33 -55.53 -9.87 -78.95
C SER IC 33 -54.64 -10.36 -80.09
N GLU IC 34 -55.19 -11.22 -80.94
CA GLU IC 34 -54.48 -11.73 -82.10
C GLU IC 34 -55.39 -11.66 -83.31
N CYS IC 35 -54.80 -11.51 -84.50
CA CYS IC 35 -55.57 -11.47 -85.73
C CYS IC 35 -55.10 -12.58 -86.65
N LEU IC 36 -56.04 -13.21 -87.35
CA LEU IC 36 -55.75 -14.31 -88.26
C LEU IC 36 -56.30 -13.98 -89.64
N ASP IC 37 -55.58 -14.43 -90.66
CA ASP IC 37 -56.04 -14.32 -92.04
C ASP IC 37 -56.69 -15.62 -92.47
N LYS IC 38 -57.21 -15.63 -93.69
CA LYS IC 38 -57.95 -16.77 -94.19
C LYS IC 38 -57.03 -17.96 -94.44
N GLY IC 39 -57.38 -19.10 -93.87
CA GLY IC 39 -56.64 -20.32 -94.06
C GLY IC 39 -55.68 -20.64 -92.93
N GLU IC 40 -55.39 -19.69 -92.07
CA GLU IC 40 -54.52 -19.99 -90.94
C GLU IC 40 -55.28 -20.78 -89.87
N VAL IC 41 -54.52 -21.44 -89.02
CA VAL IC 41 -55.05 -22.24 -87.93
C VAL IC 41 -54.26 -21.92 -86.68
N LEU IC 42 -54.96 -21.54 -85.63
CA LEU IC 42 -54.33 -21.24 -84.35
C LEU IC 42 -54.74 -22.31 -83.35
N ILE IC 43 -53.77 -22.95 -82.74
CA ILE IC 43 -54.00 -23.92 -81.68
C ILE IC 43 -53.63 -23.23 -80.37
N ALA IC 44 -54.61 -23.02 -79.51
CA ALA IC 44 -54.42 -22.21 -78.32
C ALA IC 44 -54.68 -23.01 -77.07
N GLN IC 45 -53.71 -22.99 -76.16
CA GLN IC 45 -53.86 -23.62 -74.87
C GLN IC 45 -54.29 -22.59 -73.82
N PHE IC 46 -54.93 -23.07 -72.78
CA PHE IC 46 -55.35 -22.19 -71.70
C PHE IC 46 -54.27 -22.07 -70.64
N THR IC 47 -53.79 -20.86 -70.44
CA THR IC 47 -52.82 -20.58 -69.39
C THR IC 47 -53.59 -20.22 -68.13
N GLU IC 48 -52.85 -19.74 -67.13
CA GLU IC 48 -53.51 -19.15 -65.97
C GLU IC 48 -54.13 -17.81 -66.35
N HIS IC 49 -53.42 -17.01 -67.13
CA HIS IC 49 -53.90 -15.72 -67.58
C HIS IC 49 -55.09 -15.83 -68.53
N THR IC 50 -54.94 -16.55 -69.63
CA THR IC 50 -56.00 -16.72 -70.62
C THR IC 50 -57.03 -17.68 -70.03
N SER IC 51 -58.05 -17.13 -69.40
CA SER IC 51 -59.14 -17.91 -68.86
C SER IC 51 -60.41 -17.81 -69.68
N ALA IC 52 -60.40 -16.99 -70.72
CA ALA IC 52 -61.56 -16.83 -71.59
C ALA IC 52 -61.08 -16.41 -72.96
N ILE IC 53 -61.69 -16.98 -73.99
CA ILE IC 53 -61.30 -16.72 -75.36
C ILE IC 53 -62.54 -16.35 -76.16
N LYS IC 54 -62.52 -15.18 -76.77
CA LYS IC 54 -63.62 -14.70 -77.58
C LYS IC 54 -63.19 -14.69 -79.04
N VAL IC 55 -64.06 -15.17 -79.92
CA VAL IC 55 -63.75 -15.31 -81.33
C VAL IC 55 -64.76 -14.51 -82.13
N ARG IC 56 -64.27 -13.61 -82.98
CA ARG IC 56 -65.12 -12.82 -83.85
C ARG IC 56 -64.95 -13.30 -85.28
N GLY IC 57 -65.88 -12.92 -86.15
CA GLY IC 57 -65.79 -13.24 -87.55
C GLY IC 57 -66.07 -14.69 -87.83
N LYS IC 58 -65.95 -15.04 -89.11
CA LYS IC 58 -66.24 -16.40 -89.55
C LYS IC 58 -65.04 -17.29 -89.29
N ALA IC 59 -65.22 -18.27 -88.41
CA ALA IC 59 -64.13 -19.18 -88.06
C ALA IC 59 -64.74 -20.52 -87.69
N TYR IC 60 -63.91 -21.55 -87.73
CA TYR IC 60 -64.32 -22.92 -87.47
C TYR IC 60 -63.52 -23.46 -86.30
N ILE IC 61 -64.20 -23.74 -85.19
CA ILE IC 61 -63.54 -24.05 -83.93
C ILE IC 61 -63.77 -25.52 -83.60
N GLN IC 62 -62.70 -26.20 -83.22
CA GLN IC 62 -62.76 -27.54 -82.66
C GLN IC 62 -62.30 -27.48 -81.22
N THR IC 63 -63.15 -27.95 -80.31
CA THR IC 63 -62.81 -28.09 -78.91
C THR IC 63 -62.94 -29.55 -78.53
N SER IC 64 -62.80 -29.82 -77.23
CA SER IC 64 -63.03 -31.17 -76.74
C SER IC 64 -64.50 -31.55 -76.82
N HIS IC 65 -65.40 -30.57 -76.69
CA HIS IC 65 -66.83 -30.81 -76.73
C HIS IC 65 -67.37 -30.99 -78.14
N GLY IC 66 -66.54 -30.75 -79.16
CA GLY IC 66 -66.99 -30.89 -80.52
C GLY IC 66 -66.57 -29.69 -81.34
N VAL IC 67 -67.28 -29.48 -82.44
CA VAL IC 67 -66.97 -28.40 -83.36
C VAL IC 67 -68.09 -27.37 -83.33
N ILE IC 68 -67.77 -26.16 -83.79
CA ILE IC 68 -68.71 -25.06 -83.83
C ILE IC 68 -68.22 -24.07 -84.87
N GLU IC 69 -69.10 -23.20 -85.33
CA GLU IC 69 -68.77 -22.27 -86.40
C GLU IC 69 -69.16 -20.85 -86.02
N SER IC 70 -68.18 -20.06 -85.63
CA SER IC 70 -68.43 -18.67 -85.29
C SER IC 70 -68.60 -17.85 -86.54
N GLU IC 71 -69.44 -16.82 -86.46
CA GLU IC 71 -69.66 -15.94 -87.60
C GLU IC 71 -69.44 -14.48 -87.24
N ASP JC 6 -51.81 -33.62 -75.65
CA ASP JC 6 -50.60 -32.92 -75.25
C ASP JC 6 -49.73 -32.51 -76.44
N PHE JC 7 -49.99 -33.08 -77.61
CA PHE JC 7 -49.13 -32.85 -78.76
C PHE JC 7 -49.95 -32.89 -80.03
N VAL JC 8 -49.43 -32.21 -81.05
CA VAL JC 8 -50.08 -32.09 -82.34
C VAL JC 8 -49.15 -32.63 -83.41
N VAL JC 9 -49.73 -33.02 -84.54
CA VAL JC 9 -48.98 -33.59 -85.66
C VAL JC 9 -49.30 -32.77 -86.90
N ILE JC 10 -48.28 -32.16 -87.48
CA ILE JC 10 -48.45 -31.28 -88.63
C ILE JC 10 -47.70 -31.87 -89.80
N LYS JC 11 -48.43 -32.26 -90.84
CA LYS JC 11 -47.83 -32.74 -92.08
C LYS JC 11 -47.85 -31.59 -93.07
N ALA JC 12 -46.69 -31.13 -93.49
CA ALA JC 12 -46.65 -30.00 -94.40
C ALA JC 12 -46.90 -30.47 -95.83
N LEU JC 13 -48.07 -30.14 -96.35
CA LEU JC 13 -48.47 -30.56 -97.69
C LEU JC 13 -47.89 -29.68 -98.78
N GLU JC 14 -47.28 -28.55 -98.43
CA GLU JC 14 -46.64 -27.69 -99.42
C GLU JC 14 -45.40 -27.10 -98.77
N ASP JC 15 -44.56 -26.51 -99.61
CA ASP JC 15 -43.29 -25.99 -99.13
C ASP JC 15 -43.48 -24.71 -98.33
N GLY JC 16 -42.51 -24.42 -97.48
CA GLY JC 16 -42.50 -23.18 -96.74
C GLY JC 16 -43.59 -23.02 -95.70
N VAL JC 17 -44.05 -24.10 -95.10
CA VAL JC 17 -45.10 -23.98 -94.10
C VAL JC 17 -44.47 -23.50 -92.79
N ASN JC 18 -44.99 -22.41 -92.26
CA ASN JC 18 -44.44 -21.80 -91.06
C ASN JC 18 -45.21 -22.32 -89.85
N VAL JC 19 -44.49 -22.54 -88.75
CA VAL JC 19 -45.08 -22.93 -87.48
C VAL JC 19 -44.51 -21.99 -86.44
N ILE JC 20 -45.38 -21.24 -85.77
CA ILE JC 20 -44.96 -20.18 -84.87
C ILE JC 20 -45.24 -20.58 -83.44
N GLY JC 21 -44.22 -20.57 -82.61
CA GLY JC 21 -44.37 -20.92 -81.21
C GLY JC 21 -43.37 -21.97 -80.76
N SER JC 33 -40.03 -19.67 -84.25
CA SER JC 33 -40.54 -19.96 -85.59
C SER JC 33 -39.78 -21.10 -86.24
N GLU JC 34 -40.50 -21.95 -86.96
CA GLU JC 34 -39.90 -23.07 -87.69
C GLU JC 34 -40.50 -23.12 -89.09
N CYS JC 35 -39.73 -23.63 -90.04
CA CYS JC 35 -40.20 -23.76 -91.40
C CYS JC 35 -40.12 -25.22 -91.83
N LEU JC 36 -41.12 -25.67 -92.57
CA LEU JC 36 -41.20 -27.05 -93.04
C LEU JC 36 -41.32 -27.07 -94.55
N ASP JC 37 -40.72 -28.09 -95.17
CA ASP JC 37 -40.87 -28.33 -96.59
C ASP JC 37 -41.94 -29.36 -96.84
N LYS JC 38 -42.21 -29.63 -98.11
CA LYS JC 38 -43.29 -30.54 -98.47
C LYS JC 38 -42.95 -31.97 -98.12
N GLY JC 39 -43.84 -32.63 -97.40
CA GLY JC 39 -43.68 -34.01 -97.04
C GLY JC 39 -43.14 -34.23 -95.64
N GLU JC 40 -42.61 -33.20 -95.01
CA GLU JC 40 -42.13 -33.36 -93.64
C GLU JC 40 -43.30 -33.39 -92.68
N VAL JC 41 -43.04 -33.92 -91.48
CA VAL JC 41 -44.04 -34.03 -90.43
C VAL JC 41 -43.39 -33.59 -89.13
N LEU JC 42 -44.00 -32.62 -88.47
CA LEU JC 42 -43.53 -32.14 -87.19
C LEU JC 42 -44.51 -32.55 -86.11
N ILE JC 43 -44.01 -33.23 -85.09
CA ILE JC 43 -44.79 -33.59 -83.93
C ILE JC 43 -44.37 -32.66 -82.80
N ALA JC 44 -45.29 -31.82 -82.34
CA ALA JC 44 -44.95 -30.76 -81.42
C ALA JC 44 -45.72 -30.92 -80.12
N GLN JC 45 -44.99 -30.91 -79.02
CA GLN JC 45 -45.59 -30.94 -77.70
C GLN JC 45 -45.70 -29.52 -77.14
N PHE JC 46 -46.64 -29.33 -76.23
CA PHE JC 46 -46.80 -28.03 -75.59
C PHE JC 46 -45.95 -27.94 -74.34
N THR JC 47 -45.02 -26.98 -74.34
CA THR JC 47 -44.22 -26.71 -73.17
C THR JC 47 -44.95 -25.68 -72.32
N GLU JC 48 -44.24 -25.16 -71.32
CA GLU JC 48 -44.74 -24.00 -70.60
C GLU JC 48 -44.66 -22.76 -71.48
N HIS JC 49 -43.57 -22.61 -72.21
CA HIS JC 49 -43.36 -21.48 -73.11
C HIS JC 49 -44.32 -21.49 -74.29
N THR JC 50 -44.32 -22.57 -75.08
CA THR JC 50 -45.18 -22.70 -76.24
C THR JC 50 -46.60 -22.95 -75.75
N SER JC 51 -47.38 -21.88 -75.60
CA SER JC 51 -48.76 -21.98 -75.20
C SER JC 51 -49.72 -21.74 -76.36
N ALA JC 52 -49.21 -21.40 -77.54
CA ALA JC 52 -50.04 -21.17 -78.71
C ALA JC 52 -49.21 -21.47 -79.95
N ILE JC 53 -49.84 -22.12 -80.92
CA ILE JC 53 -49.16 -22.54 -82.13
C ILE JC 53 -49.99 -22.05 -83.32
N LYS JC 54 -49.37 -21.28 -84.20
CA LYS JC 54 -50.01 -20.76 -85.38
C LYS JC 54 -49.40 -21.42 -86.60
N VAL JC 55 -50.24 -21.85 -87.53
CA VAL JC 55 -49.81 -22.59 -88.71
C VAL JC 55 -50.25 -21.83 -89.95
N ARG JC 56 -49.30 -21.52 -90.82
CA ARG JC 56 -49.58 -20.86 -92.09
C ARG JC 56 -49.40 -21.85 -93.22
N GLY JC 57 -49.94 -21.50 -94.39
CA GLY JC 57 -49.77 -22.31 -95.57
C GLY JC 57 -50.61 -23.57 -95.52
N LYS JC 58 -50.45 -24.38 -96.57
CA LYS JC 58 -51.23 -25.60 -96.69
C LYS JC 58 -50.58 -26.71 -95.88
N ALA JC 59 -51.29 -27.17 -94.85
CA ALA JC 59 -50.78 -28.21 -93.98
C ALA JC 59 -51.96 -29.03 -93.47
N TYR JC 60 -51.65 -30.22 -92.98
CA TYR JC 60 -52.64 -31.17 -92.50
C TYR JC 60 -52.35 -31.49 -91.05
N ILE JC 61 -53.25 -31.09 -90.15
CA ILE JC 61 -52.99 -31.14 -88.72
C ILE JC 61 -53.87 -32.21 -88.10
N GLN JC 62 -53.27 -33.04 -87.25
CA GLN JC 62 -53.99 -33.97 -86.40
C GLN JC 62 -53.77 -33.56 -84.95
N THR JC 63 -54.87 -33.34 -84.25
CA THR JC 63 -54.85 -33.07 -82.81
C THR JC 63 -55.65 -34.15 -82.12
N SER JC 64 -55.85 -33.96 -80.81
CA SER JC 64 -56.71 -34.87 -80.07
C SER JC 64 -58.17 -34.70 -80.47
N HIS JC 65 -58.57 -33.49 -80.87
CA HIS JC 65 -59.94 -33.21 -81.25
C HIS JC 65 -60.26 -33.68 -82.66
N GLY JC 66 -59.27 -34.13 -83.42
CA GLY JC 66 -59.52 -34.60 -84.77
C GLY JC 66 -58.51 -34.00 -85.72
N VAL JC 67 -58.88 -33.96 -87.00
CA VAL JC 67 -57.99 -33.46 -88.04
C VAL JC 67 -58.55 -32.17 -88.60
N ILE JC 68 -57.68 -31.42 -89.26
CA ILE JC 68 -58.04 -30.14 -89.85
C ILE JC 68 -57.01 -29.84 -90.93
N GLU JC 69 -57.34 -28.94 -91.84
CA GLU JC 69 -56.49 -28.63 -92.98
C GLU JC 69 -56.29 -27.13 -93.11
N SER JC 70 -55.13 -26.66 -92.68
CA SER JC 70 -54.81 -25.25 -92.80
C SER JC 70 -54.41 -24.93 -94.23
N GLU JC 71 -54.73 -23.73 -94.67
CA GLU JC 71 -54.36 -23.29 -96.02
C GLU JC 71 -53.61 -21.97 -96.00
N ASP KC 6 2.21 21.81 -95.19
CA ASP KC 6 1.34 21.64 -94.04
C ASP KC 6 -0.12 21.89 -94.37
N PHE KC 7 -0.39 22.50 -95.52
CA PHE KC 7 -1.76 22.88 -95.85
C PHE KC 7 -1.97 22.79 -97.34
N VAL KC 8 -3.23 22.61 -97.73
CA VAL KC 8 -3.64 22.46 -99.11
C VAL KC 8 -4.64 23.56 -99.45
N VAL KC 9 -4.77 23.84 -100.74
CA VAL KC 9 -5.66 24.87 -101.24
C VAL KC 9 -6.58 24.25 -102.28
N ILE KC 10 -7.88 24.27 -102.02
CA ILE KC 10 -8.86 23.64 -102.89
C ILE KC 10 -9.78 24.70 -103.44
N LYS KC 11 -9.74 24.93 -104.74
CA LYS KC 11 -10.67 25.83 -105.40
C LYS KC 11 -11.77 25.00 -106.03
N ALA KC 12 -13.00 25.19 -105.58
CA ALA KC 12 -14.09 24.38 -106.10
C ALA KC 12 -14.56 24.94 -107.42
N LEU KC 13 -14.26 24.24 -108.51
CA LEU KC 13 -14.62 24.67 -109.85
C LEU KC 13 -16.05 24.37 -110.22
N GLU KC 14 -16.75 23.57 -109.41
CA GLU KC 14 -18.15 23.28 -109.66
C GLU KC 14 -18.86 23.19 -108.32
N ASP KC 15 -20.18 23.19 -108.37
CA ASP KC 15 -20.96 23.22 -107.15
C ASP KC 15 -20.94 21.86 -106.47
N GLY KC 16 -21.19 21.87 -105.17
CA GLY KC 16 -21.33 20.65 -104.40
C GLY KC 16 -20.07 19.84 -104.24
N VAL KC 17 -18.91 20.47 -104.22
CA VAL KC 17 -17.67 19.72 -104.05
C VAL KC 17 -17.51 19.34 -102.58
N ASN KC 18 -17.36 18.04 -102.33
CA ASN KC 18 -17.26 17.53 -100.98
C ASN KC 18 -15.81 17.42 -100.58
N VAL KC 19 -15.51 17.73 -99.33
CA VAL KC 19 -14.19 17.58 -98.75
C VAL KC 19 -14.36 16.81 -97.45
N ILE KC 20 -13.73 15.64 -97.36
CA ILE KC 20 -13.96 14.72 -96.26
C ILE KC 20 -12.73 14.69 -95.38
N GLY KC 21 -12.91 14.98 -94.09
CA GLY KC 21 -11.81 14.96 -93.14
C GLY KC 21 -11.71 16.23 -92.33
N SER KC 33 -17.05 16.34 -92.68
CA SER KC 33 -17.39 16.61 -94.07
C SER KC 33 -17.76 18.08 -94.28
N GLU KC 34 -17.32 18.64 -95.40
CA GLU KC 34 -17.65 20.01 -95.76
C GLU KC 34 -18.08 20.05 -97.22
N CYS KC 35 -18.92 21.02 -97.56
CA CYS KC 35 -19.37 21.18 -98.94
C CYS KC 35 -19.01 22.58 -99.41
N LEU KC 36 -18.59 22.67 -100.68
CA LEU KC 36 -18.20 23.93 -101.28
C LEU KC 36 -19.01 24.18 -102.54
N ASP KC 37 -19.31 25.44 -102.79
CA ASP KC 37 -19.97 25.86 -104.03
C ASP KC 37 -18.92 26.35 -105.02
N LYS KC 38 -19.39 26.69 -106.21
CA LYS KC 38 -18.49 27.09 -107.29
C LYS KC 38 -17.86 28.43 -107.01
N GLY KC 39 -16.54 28.48 -107.09
CA GLY KC 39 -15.79 29.70 -106.90
C GLY KC 39 -15.20 29.87 -105.52
N GLU KC 40 -15.65 29.08 -104.55
CA GLU KC 40 -15.07 29.17 -103.22
C GLU KC 40 -13.70 28.50 -103.18
N VAL KC 41 -12.92 28.86 -102.18
CA VAL KC 41 -11.58 28.33 -101.99
C VAL KC 41 -11.43 27.99 -100.52
N LEU KC 42 -11.06 26.74 -100.24
CA LEU KC 42 -10.83 26.29 -98.88
C LEU KC 42 -9.35 26.01 -98.69
N ILE KC 43 -8.76 26.66 -97.69
CA ILE KC 43 -7.38 26.41 -97.33
C ILE KC 43 -7.41 25.56 -96.06
N ALA KC 44 -6.90 24.35 -96.14
CA ALA KC 44 -7.07 23.38 -95.07
C ALA KC 44 -5.71 22.95 -94.55
N GLN KC 45 -5.52 23.05 -93.25
CA GLN KC 45 -4.31 22.56 -92.59
C GLN KC 45 -4.56 21.18 -92.02
N PHE KC 46 -3.49 20.42 -91.86
CA PHE KC 46 -3.59 19.09 -91.29
C PHE KC 46 -3.44 19.15 -89.77
N THR KC 47 -4.48 18.72 -89.07
CA THR KC 47 -4.44 18.62 -87.63
C THR KC 47 -3.92 17.24 -87.27
N GLU KC 48 -4.01 16.91 -85.98
CA GLU KC 48 -3.79 15.53 -85.56
C GLU KC 48 -4.93 14.64 -86.02
N HIS KC 49 -6.16 15.13 -85.90
CA HIS KC 49 -7.35 14.39 -86.31
C HIS KC 49 -7.42 14.20 -87.82
N THR KC 50 -7.40 15.29 -88.58
CA THR KC 50 -7.47 15.24 -90.03
C THR KC 50 -6.13 14.74 -90.56
N SER KC 51 -6.03 13.44 -90.77
CA SER KC 51 -4.83 12.84 -91.32
C SER KC 51 -5.01 12.41 -92.76
N ALA KC 52 -6.20 12.56 -93.33
CA ALA KC 52 -6.47 12.21 -94.70
C ALA KC 52 -7.61 13.07 -95.20
N ILE KC 53 -7.49 13.55 -96.44
CA ILE KC 53 -8.47 14.43 -97.04
C ILE KC 53 -8.86 13.87 -98.39
N LYS KC 54 -10.15 13.62 -98.58
CA LYS KC 54 -10.68 13.10 -99.83
C LYS KC 54 -11.51 14.18 -100.50
N VAL KC 55 -11.32 14.35 -101.79
CA VAL KC 55 -11.97 15.42 -102.55
C VAL KC 55 -12.78 14.79 -103.67
N ARG KC 56 -14.07 15.10 -103.72
CA ARG KC 56 -14.94 14.63 -104.78
C ARG KC 56 -15.29 15.78 -105.70
N GLY KC 57 -15.79 15.46 -106.88
CA GLY KC 57 -16.24 16.46 -107.82
C GLY KC 57 -15.09 17.20 -108.48
N LYS KC 58 -15.45 18.17 -109.30
CA LYS KC 58 -14.46 18.92 -110.06
C LYS KC 58 -13.89 20.03 -109.19
N ALA KC 59 -12.60 19.94 -108.88
CA ALA KC 59 -11.93 20.91 -108.05
C ALA KC 59 -10.49 21.01 -108.48
N TYR KC 60 -9.84 22.11 -108.08
CA TYR KC 60 -8.48 22.41 -108.45
C TYR KC 60 -7.66 22.55 -107.19
N ILE KC 61 -6.71 21.64 -106.99
CA ILE KC 61 -5.99 21.53 -105.72
C ILE KC 61 -4.55 21.97 -105.92
N GLN KC 62 -4.06 22.80 -105.02
CA GLN KC 62 -2.65 23.14 -104.94
C GLN KC 62 -2.11 22.62 -103.62
N THR KC 63 -1.06 21.80 -103.70
CA THR KC 63 -0.35 21.32 -102.54
C THR KC 63 1.10 21.78 -102.65
N SER KC 64 1.93 21.28 -101.73
CA SER KC 64 3.36 21.56 -101.81
C SER KC 64 3.99 20.85 -102.98
N HIS KC 65 3.46 19.69 -103.36
CA HIS KC 65 4.00 18.91 -104.46
C HIS KC 65 3.58 19.44 -105.82
N GLY KC 66 2.69 20.41 -105.88
CA GLY KC 66 2.24 20.96 -107.14
C GLY KC 66 0.74 21.05 -107.17
N VAL KC 67 0.20 21.09 -108.39
CA VAL KC 67 -1.24 21.24 -108.58
C VAL KC 67 -1.79 19.97 -109.18
N ILE KC 68 -3.10 19.81 -109.05
CA ILE KC 68 -3.82 18.64 -109.54
C ILE KC 68 -5.28 19.03 -109.71
N GLU KC 69 -6.01 18.26 -110.50
CA GLU KC 69 -7.39 18.58 -110.83
C GLU KC 69 -8.29 17.38 -110.59
N SER KC 70 -9.01 17.39 -109.47
CA SER KC 70 -9.93 16.31 -109.18
C SER KC 70 -11.20 16.47 -109.99
N GLU KC 71 -11.80 15.36 -110.35
CA GLU KC 71 -13.05 15.39 -111.12
C GLU KC 71 -14.15 14.56 -110.46
N ASP LC 6 3.01 29.36 -93.23
CA ASP LC 6 2.29 29.51 -91.97
C ASP LC 6 1.15 30.51 -92.06
N PHE LC 7 1.13 31.32 -93.11
CA PHE LC 7 0.15 32.39 -93.20
C PHE LC 7 -0.23 32.62 -94.65
N VAL LC 8 -1.42 33.16 -94.83
CA VAL LC 8 -1.98 33.43 -96.15
C VAL LC 8 -2.29 34.91 -96.27
N VAL LC 9 -2.37 35.39 -97.50
CA VAL LC 9 -2.63 36.80 -97.80
C VAL LC 9 -3.84 36.87 -98.71
N ILE LC 10 -4.91 37.51 -98.26
CA ILE LC 10 -6.15 37.59 -99.00
C ILE LC 10 -6.43 39.04 -99.34
N LYS LC 11 -6.41 39.38 -100.61
CA LYS LC 11 -6.79 40.71 -101.06
C LYS LC 11 -8.21 40.66 -101.57
N ALA LC 12 -9.11 41.38 -100.92
CA ALA LC 12 -10.51 41.33 -101.32
C ALA LC 12 -10.75 42.23 -102.52
N LEU LC 13 -10.96 41.61 -103.68
CA LEU LC 13 -11.16 42.34 -104.92
C LEU LC 13 -12.58 42.87 -105.08
N GLU LC 14 -13.50 42.44 -104.23
CA GLU LC 14 -14.88 42.94 -104.29
C GLU LC 14 -15.39 43.05 -102.86
N ASP LC 15 -16.51 43.73 -102.71
CA ASP LC 15 -17.03 43.98 -101.38
C ASP LC 15 -17.66 42.72 -100.79
N GLY LC 16 -17.74 42.69 -99.46
CA GLY LC 16 -18.42 41.62 -98.77
C GLY LC 16 -17.76 40.26 -98.86
N VAL LC 17 -16.45 40.20 -98.97
CA VAL LC 17 -15.77 38.91 -99.04
C VAL LC 17 -15.70 38.31 -97.65
N ASN LC 18 -16.22 37.10 -97.50
CA ASN LC 18 -16.28 36.44 -96.22
C ASN LC 18 -15.06 35.55 -96.05
N VAL LC 19 -14.53 35.50 -94.84
CA VAL LC 19 -13.43 34.61 -94.49
C VAL LC 19 -13.85 33.87 -93.23
N ILE LC 20 -13.92 32.55 -93.31
CA ILE LC 20 -14.49 31.73 -92.24
C ILE LC 20 -13.37 30.96 -91.56
N GLY LC 21 -13.26 31.12 -90.26
CA GLY LC 21 -12.25 30.42 -89.49
C GLY LC 21 -11.40 31.34 -88.63
N SER LC 33 -15.91 34.20 -88.14
CA SER LC 33 -16.19 34.79 -89.44
C SER LC 33 -15.75 36.25 -89.50
N GLU LC 34 -15.20 36.66 -90.64
CA GLU LC 34 -14.79 38.04 -90.86
C GLU LC 34 -15.27 38.49 -92.23
N CYS LC 35 -15.52 39.78 -92.38
CA CYS LC 35 -15.95 40.35 -93.65
C CYS LC 35 -14.96 41.40 -94.09
N LEU LC 36 -14.68 41.45 -95.39
CA LEU LC 36 -13.74 42.40 -95.96
C LEU LC 36 -14.42 43.18 -97.06
N ASP LC 37 -14.05 44.45 -97.19
CA ASP LC 37 -14.50 45.30 -98.28
C ASP LC 37 -13.46 45.31 -99.39
N LYS LC 38 -13.79 46.01 -100.47
CA LYS LC 38 -12.93 46.02 -101.65
C LYS LC 38 -11.66 46.81 -101.38
N GLY LC 39 -10.51 46.19 -101.66
CA GLY LC 39 -9.23 46.82 -101.51
C GLY LC 39 -8.52 46.48 -100.22
N GLU LC 40 -9.21 45.90 -99.26
CA GLU LC 40 -8.54 45.51 -98.03
C GLU LC 40 -7.73 44.24 -98.25
N VAL LC 41 -6.78 44.01 -97.36
CA VAL LC 41 -5.91 42.84 -97.40
C VAL LC 41 -5.82 42.28 -96.00
N LEU LC 42 -6.13 41.00 -95.86
CA LEU LC 42 -6.05 40.31 -94.58
C LEU LC 42 -4.91 39.31 -94.64
N ILE LC 43 -3.98 39.40 -93.70
CA ILE LC 43 -2.90 38.44 -93.57
C ILE LC 43 -3.24 37.57 -92.37
N ALA LC 44 -3.47 36.29 -92.61
CA ALA LC 44 -4.00 35.41 -91.58
C ALA LC 44 -3.03 34.28 -91.31
N GLN LC 45 -2.69 34.10 -90.05
CA GLN LC 45 -1.86 32.99 -89.62
C GLN LC 45 -2.74 31.85 -89.10
N PHE LC 46 -2.21 30.64 -89.16
CA PHE LC 46 -2.94 29.49 -88.65
C PHE LC 46 -2.64 29.26 -87.19
N THR LC 47 -3.67 29.33 -86.37
CA THR LC 47 -3.55 29.03 -84.95
C THR LC 47 -3.80 27.54 -84.76
N GLU LC 48 -3.92 27.13 -83.50
CA GLU LC 48 -4.41 25.80 -83.21
C GLU LC 48 -5.89 25.68 -83.54
N HIS LC 49 -6.66 26.71 -83.20
CA HIS LC 49 -8.09 26.74 -83.47
C HIS LC 49 -8.40 26.82 -84.96
N THR LC 50 -7.89 27.84 -85.65
CA THR LC 50 -8.12 28.02 -87.07
C THR LC 50 -7.30 26.99 -87.83
N SER LC 51 -7.91 25.86 -88.13
CA SER LC 51 -7.26 24.81 -88.90
C SER LC 51 -7.77 24.74 -90.32
N ALA LC 52 -8.77 25.55 -90.68
CA ALA LC 52 -9.31 25.57 -92.02
C ALA LC 52 -9.88 26.95 -92.28
N ILE LC 53 -9.65 27.45 -93.49
CA ILE LC 53 -10.08 28.80 -93.87
C ILE LC 53 -10.83 28.69 -95.19
N LYS LC 54 -12.07 29.17 -95.19
CA LYS LC 54 -12.91 29.16 -96.37
C LYS LC 54 -13.11 30.60 -96.84
N VAL LC 55 -12.99 30.82 -98.13
CA VAL LC 55 -13.06 32.15 -98.71
C VAL LC 55 -14.19 32.18 -99.73
N ARG LC 56 -15.11 33.12 -99.57
CA ARG LC 56 -16.21 33.29 -100.51
C ARG LC 56 -15.99 34.58 -101.30
N GLY LC 57 -16.69 34.72 -102.40
CA GLY LC 57 -16.64 35.93 -103.19
C GLY LC 57 -15.35 36.05 -103.97
N LYS LC 58 -15.23 37.17 -104.66
CA LYS LC 58 -14.07 37.41 -105.52
C LYS LC 58 -12.91 37.94 -104.67
N ALA LC 59 -11.86 37.16 -104.58
CA ALA LC 59 -10.69 37.54 -103.79
C ALA LC 59 -9.45 36.93 -104.43
N TYR LC 60 -8.30 37.50 -104.07
CA TYR LC 60 -7.02 37.10 -104.63
C TYR LC 60 -6.12 36.63 -103.50
N ILE LC 61 -5.78 35.35 -103.50
CA ILE LC 61 -5.11 34.71 -102.37
C ILE LC 61 -3.69 34.38 -102.77
N GLN LC 62 -2.74 34.72 -101.90
CA GLN LC 62 -1.36 34.29 -102.00
C GLN LC 62 -1.05 33.38 -100.83
N THR LC 63 -0.60 32.17 -101.13
CA THR LC 63 -0.12 31.23 -100.12
C THR LC 63 1.32 30.90 -100.41
N SER LC 64 1.85 29.93 -99.67
CA SER LC 64 3.20 29.46 -99.94
C SER LC 64 3.25 28.68 -101.24
N HIS LC 65 2.16 28.01 -101.61
CA HIS LC 65 2.10 27.22 -102.83
C HIS LC 65 1.89 28.07 -104.07
N GLY LC 66 1.63 29.36 -103.93
CA GLY LC 66 1.43 30.21 -105.07
C GLY LC 66 0.20 31.07 -104.87
N VAL LC 67 -0.36 31.55 -105.98
CA VAL LC 67 -1.51 32.43 -105.94
C VAL LC 67 -2.71 31.71 -106.53
N ILE LC 68 -3.89 32.23 -106.20
CA ILE LC 68 -5.16 31.67 -106.65
C ILE LC 68 -6.20 32.77 -106.58
N GLU LC 69 -7.31 32.59 -107.28
CA GLU LC 69 -8.33 33.61 -107.38
C GLU LC 69 -9.70 33.01 -107.08
N SER LC 70 -10.20 33.25 -105.87
CA SER LC 70 -11.51 32.76 -105.50
C SER LC 70 -12.58 33.66 -106.10
N GLU LC 71 -13.72 33.06 -106.44
CA GLU LC 71 -14.83 33.83 -107.00
C GLU LC 71 -16.12 33.59 -106.23
N ASP MC 6 7.86 35.18 -90.93
CA ASP MC 6 7.47 35.53 -89.56
C ASP MC 6 7.03 36.98 -89.44
N PHE MC 7 7.33 37.80 -90.43
CA PHE MC 7 7.05 39.22 -90.34
C PHE MC 7 6.71 39.79 -91.70
N VAL MC 8 5.96 40.88 -91.69
CA VAL MC 8 5.49 41.55 -92.89
C VAL MC 8 6.00 42.98 -92.89
N VAL MC 9 6.06 43.57 -94.08
CA VAL MC 9 6.55 44.93 -94.26
C VAL MC 9 5.48 45.73 -94.99
N ILE MC 10 4.96 46.77 -94.35
CA ILE MC 10 3.88 47.56 -94.90
C ILE MC 10 4.38 48.99 -95.11
N LYS MC 11 4.44 49.41 -96.36
CA LYS MC 11 4.78 50.79 -96.70
C LYS MC 11 3.50 51.54 -96.98
N ALA MC 12 3.19 52.54 -96.18
CA ALA MC 12 1.94 53.25 -96.37
C ALA MC 12 2.09 54.28 -97.48
N LEU MC 13 1.46 54.00 -98.61
CA LEU MC 13 1.55 54.88 -99.77
C LEU MC 13 0.62 56.07 -99.70
N GLU MC 14 -0.31 56.10 -98.74
CA GLU MC 14 -1.19 57.23 -98.56
C GLU MC 14 -1.42 57.41 -97.07
N ASP MC 15 -1.99 58.56 -96.72
CA ASP MC 15 -2.16 58.89 -95.31
C ASP MC 15 -3.29 58.08 -94.70
N GLY MC 16 -3.23 57.94 -93.38
CA GLY MC 16 -4.29 57.31 -92.63
C GLY MC 16 -4.47 55.83 -92.88
N VAL MC 17 -3.40 55.11 -93.19
CA VAL MC 17 -3.53 53.68 -93.42
C VAL MC 17 -3.63 52.96 -92.08
N ASN MC 18 -4.69 52.19 -91.91
CA ASN MC 18 -4.97 51.51 -90.65
C ASN MC 18 -4.39 50.11 -90.72
N VAL MC 19 -3.83 49.65 -89.60
CA VAL MC 19 -3.34 48.29 -89.45
C VAL MC 19 -3.95 47.73 -88.19
N ILE MC 20 -4.72 46.65 -88.30
CA ILE MC 20 -5.52 46.14 -87.20
C ILE MC 20 -4.91 44.83 -86.74
N GLY MC 21 -4.58 44.76 -85.45
CA GLY MC 21 -4.02 43.55 -84.87
C GLY MC 21 -2.74 43.80 -84.11
N SER MC 33 -4.96 48.50 -82.83
CA SER MC 33 -5.02 49.29 -84.05
C SER MC 33 -3.89 50.31 -84.10
N GLU MC 34 -3.33 50.50 -85.30
CA GLU MC 34 -2.28 51.48 -85.52
C GLU MC 34 -2.60 52.27 -86.78
N CYS MC 35 -2.13 53.51 -86.83
CA CYS MC 35 -2.34 54.36 -88.01
C CYS MC 35 -0.99 54.79 -88.55
N LEU MC 36 -0.87 54.83 -89.87
CA LEU MC 36 0.36 55.22 -90.54
C LEU MC 36 0.09 56.37 -91.49
N ASP MC 37 1.06 57.26 -91.62
CA ASP MC 37 1.01 58.35 -92.59
C ASP MC 37 1.77 57.94 -93.84
N LYS MC 38 1.74 58.83 -94.83
CA LYS MC 38 2.34 58.53 -96.12
C LYS MC 38 3.87 58.51 -96.02
N GLY MC 39 4.47 57.42 -96.49
CA GLY MC 39 5.89 57.28 -96.51
C GLY MC 39 6.46 56.47 -95.37
N GLU MC 40 5.67 56.22 -94.33
CA GLU MC 40 6.16 55.40 -93.23
C GLU MC 40 6.15 53.94 -93.63
N VAL MC 41 6.91 53.14 -92.90
CA VAL MC 41 7.03 51.71 -93.13
C VAL MC 41 6.97 51.03 -91.77
N LEU MC 42 6.04 50.09 -91.64
CA LEU MC 42 5.89 49.31 -90.43
C LEU MC 42 6.29 47.88 -90.70
N ILE MC 43 7.23 47.38 -89.91
CA ILE MC 43 7.64 45.98 -89.98
C ILE MC 43 7.03 45.28 -88.78
N ALA MC 44 6.14 44.34 -89.05
CA ALA MC 44 5.34 43.75 -87.98
C ALA MC 44 5.58 42.26 -87.91
N GLN MC 45 5.91 41.78 -86.72
CA GLN MC 45 6.05 40.36 -86.47
C GLN MC 45 4.78 39.80 -85.87
N PHE MC 46 4.57 38.50 -86.06
CA PHE MC 46 3.40 37.84 -85.50
C PHE MC 46 3.70 37.32 -84.11
N THR MC 47 2.96 37.82 -83.13
CA THR MC 47 3.05 37.33 -81.77
C THR MC 47 2.08 36.18 -81.61
N GLU MC 48 1.89 35.76 -80.36
CA GLU MC 48 0.80 34.84 -80.06
C GLU MC 48 -0.55 35.55 -80.17
N HIS MC 49 -0.62 36.78 -79.67
CA HIS MC 49 -1.83 37.59 -79.72
C HIS MC 49 -2.21 37.98 -81.13
N THR MC 50 -1.32 38.65 -81.85
CA THR MC 50 -1.56 39.10 -83.21
C THR MC 50 -1.49 37.89 -84.13
N SER MC 51 -2.64 37.29 -84.39
CA SER MC 51 -2.74 36.15 -85.29
C SER MC 51 -3.36 36.51 -86.62
N ALA MC 52 -3.80 37.76 -86.78
CA ALA MC 52 -4.39 38.21 -88.03
C ALA MC 52 -4.16 39.71 -88.14
N ILE MC 53 -3.83 40.15 -89.35
CA ILE MC 53 -3.53 41.55 -89.61
C ILE MC 53 -4.36 42.01 -90.79
N LYS MC 54 -5.15 43.06 -90.59
CA LYS MC 54 -5.98 43.62 -91.62
C LYS MC 54 -5.44 44.99 -91.99
N VAL MC 55 -5.36 45.27 -93.28
CA VAL MC 55 -4.77 46.50 -93.79
C VAL MC 55 -5.82 47.23 -94.63
N ARG MC 56 -6.09 48.48 -94.29
CA ARG MC 56 -7.01 49.31 -95.04
C ARG MC 56 -6.23 50.37 -95.79
N GLY MC 57 -6.88 50.99 -96.77
CA GLY MC 57 -6.27 52.08 -97.51
C GLY MC 57 -5.20 51.60 -98.47
N LYS MC 58 -4.58 52.56 -99.13
CA LYS MC 58 -3.57 52.26 -100.13
C LYS MC 58 -2.24 52.02 -99.45
N ALA MC 59 -1.73 50.80 -99.55
CA ALA MC 59 -0.48 50.42 -98.94
C ALA MC 59 0.18 49.35 -99.78
N TYR MC 60 1.48 49.18 -99.58
CA TYR MC 60 2.29 48.26 -100.34
C TYR MC 60 2.92 47.26 -99.37
N ILE MC 61 2.53 46.00 -99.49
CA ILE MC 61 2.88 44.98 -98.50
C ILE MC 61 3.86 44.00 -99.12
N GLN MC 62 4.93 43.70 -98.39
CA GLN MC 62 5.85 42.63 -98.72
C GLN MC 62 5.75 41.57 -97.64
N THR MC 63 5.46 40.34 -98.06
CA THR MC 63 5.47 39.19 -97.18
C THR MC 63 6.49 38.19 -97.69
N SER MC 64 6.51 37.01 -97.08
CA SER MC 64 7.36 35.94 -97.58
C SER MC 64 6.85 35.40 -98.91
N HIS MC 65 5.54 35.45 -99.13
CA HIS MC 65 4.94 34.95 -100.36
C HIS MC 65 5.07 35.91 -101.52
N GLY MC 66 5.56 37.13 -101.28
CA GLY MC 66 5.71 38.10 -102.34
C GLY MC 66 5.15 39.43 -101.92
N VAL MC 67 4.82 40.26 -102.91
CA VAL MC 67 4.32 41.60 -102.66
C VAL MC 67 2.86 41.67 -103.09
N ILE MC 68 2.18 42.69 -102.57
CA ILE MC 68 0.77 42.91 -102.85
C ILE MC 68 0.48 44.38 -102.57
N GLU MC 69 -0.62 44.88 -103.11
CA GLU MC 69 -0.96 46.29 -103.00
C GLU MC 69 -2.39 46.46 -102.52
N SER MC 70 -2.56 46.77 -101.25
CA SER MC 70 -3.88 47.00 -100.70
C SER MC 70 -4.37 48.39 -101.10
N GLU MC 71 -5.68 48.51 -101.28
CA GLU MC 71 -6.27 49.79 -101.63
C GLU MC 71 -7.40 50.17 -100.69
N ASP NC 6 15.23 37.46 -89.26
CA ASP NC 6 15.23 37.78 -87.84
C ASP NC 6 15.64 39.22 -87.56
N PHE NC 7 16.22 39.89 -88.55
CA PHE NC 7 16.75 41.22 -88.33
C PHE NC 7 16.60 42.05 -89.60
N VAL NC 8 16.56 43.37 -89.40
CA VAL NC 8 16.39 44.33 -90.49
C VAL NC 8 17.56 45.28 -90.49
N VAL NC 9 17.80 45.91 -91.64
CA VAL NC 9 18.91 46.83 -91.82
C VAL NC 9 18.35 48.15 -92.33
N ILE NC 10 18.53 49.21 -91.57
CA ILE NC 10 17.97 50.52 -91.89
C ILE NC 10 19.11 51.49 -92.11
N LYS NC 11 19.26 51.98 -93.33
CA LYS NC 11 20.24 53.01 -93.64
C LYS NC 11 19.51 54.34 -93.69
N ALA NC 12 19.87 55.25 -92.78
CA ALA NC 12 19.17 56.53 -92.74
C ALA NC 12 19.72 57.46 -93.80
N LEU NC 13 18.93 57.69 -94.85
CA LEU NC 13 19.35 58.54 -95.96
C LEU NC 13 19.18 60.02 -95.67
N GLU NC 14 18.52 60.39 -94.58
CA GLU NC 14 18.39 61.79 -94.21
C GLU NC 14 18.45 61.87 -92.70
N ASP NC 15 18.60 63.09 -92.20
CA ASP NC 15 18.78 63.28 -90.77
C ASP NC 15 17.46 63.10 -90.03
N GLY NC 16 17.57 62.78 -88.74
CA GLY NC 16 16.42 62.69 -87.88
C GLY NC 16 15.46 61.56 -88.18
N VAL NC 17 15.96 60.44 -88.69
CA VAL NC 17 15.08 59.32 -88.98
C VAL NC 17 14.75 58.60 -87.67
N ASN NC 18 13.47 58.46 -87.38
CA ASN NC 18 13.01 57.86 -86.14
C ASN NC 18 12.75 56.39 -86.36
N VAL NC 19 13.09 55.57 -85.38
CA VAL NC 19 12.81 54.14 -85.38
C VAL NC 19 12.13 53.83 -84.06
N ILE NC 20 10.90 53.32 -84.13
CA ILE NC 20 10.07 53.15 -82.94
C ILE NC 20 9.93 51.66 -82.64
N GLY NC 21 10.31 51.27 -81.43
CA GLY NC 21 10.21 49.89 -81.02
C GLY NC 21 11.50 49.35 -80.44
N SER NC 33 12.22 54.32 -78.58
CA SER NC 33 12.46 55.18 -79.74
C SER NC 33 13.94 55.47 -79.91
N GLU NC 34 14.40 55.50 -81.16
CA GLU NC 34 15.78 55.82 -81.49
C GLU NC 34 15.79 56.81 -82.64
N CYS NC 35 16.83 57.64 -82.70
CA CYS NC 35 16.98 58.60 -83.78
C CYS NC 35 18.30 58.35 -84.49
N LEU NC 36 18.28 58.49 -85.82
CA LEU NC 36 19.46 58.28 -86.64
C LEU NC 36 19.73 59.51 -87.47
N ASP NC 37 21.01 59.79 -87.70
CA ASP NC 37 21.44 60.84 -88.59
C ASP NC 37 21.75 60.28 -89.96
N LYS NC 38 22.09 61.18 -90.89
CA LYS NC 38 22.32 60.76 -92.27
C LYS NC 38 23.59 59.96 -92.41
N GLY NC 39 23.49 58.79 -93.02
CA GLY NC 39 24.61 57.93 -93.27
C GLY NC 39 24.78 56.81 -92.27
N GLU NC 40 24.09 56.87 -91.14
CA GLU NC 40 24.19 55.79 -90.18
C GLU NC 40 23.36 54.61 -90.64
N VAL NC 41 23.67 53.44 -90.09
CA VAL NC 41 23.00 52.20 -90.40
C VAL NC 41 22.71 51.48 -89.10
N LEU NC 42 21.45 51.14 -88.89
CA LEU NC 42 21.05 50.41 -87.70
C LEU NC 42 20.61 49.01 -88.11
N ILE NC 43 21.21 48.00 -87.51
CA ILE NC 43 20.83 46.62 -87.71
C ILE NC 43 20.06 46.19 -86.48
N ALA NC 44 18.78 45.89 -86.64
CA ALA NC 44 17.91 45.66 -85.51
C ALA NC 44 17.34 44.25 -85.55
N GLN NC 45 17.48 43.53 -84.45
CA GLN NC 45 16.89 42.21 -84.30
C GLN NC 45 15.57 42.32 -83.55
N PHE NC 46 14.70 41.34 -83.78
CA PHE NC 46 13.42 41.32 -83.08
C PHE NC 46 13.54 40.55 -81.78
N THR NC 47 13.27 41.23 -80.68
CA THR NC 47 13.24 40.59 -79.37
C THR NC 47 11.83 40.10 -79.13
N GLU NC 48 11.57 39.68 -77.89
CA GLU NC 48 10.20 39.42 -77.47
C GLU NC 48 9.42 40.72 -77.33
N HIS NC 49 10.07 41.74 -76.76
CA HIS NC 49 9.46 43.05 -76.59
C HIS NC 49 9.20 43.77 -77.91
N THR NC 50 10.24 43.96 -78.71
CA THR NC 50 10.13 44.64 -79.99
C THR NC 50 9.44 43.69 -80.97
N SER NC 51 8.13 43.80 -81.09
CA SER NC 51 7.36 42.99 -82.02
C SER NC 51 6.89 43.79 -83.22
N ALA NC 52 7.16 45.10 -83.25
CA ALA NC 52 6.77 45.94 -84.36
C ALA NC 52 7.74 47.11 -84.43
N ILE NC 53 8.13 47.47 -85.64
CA ILE NC 53 9.09 48.54 -85.86
C ILE NC 53 8.52 49.50 -86.88
N LYS NC 54 8.41 50.77 -86.50
CA LYS NC 54 7.90 51.81 -87.37
C LYS NC 54 9.04 52.74 -87.74
N VAL NC 55 9.12 53.10 -89.02
CA VAL NC 55 10.21 53.91 -89.53
C VAL NC 55 9.63 55.17 -90.16
N ARG NC 56 10.08 56.32 -89.71
CA ARG NC 56 9.67 57.60 -90.28
C ARG NC 56 10.80 58.19 -91.08
N GLY NC 57 10.49 59.17 -91.92
CA GLY NC 57 11.50 59.88 -92.67
C GLY NC 57 12.05 59.05 -93.81
N LYS NC 58 13.02 59.63 -94.50
CA LYS NC 58 13.61 58.99 -95.66
C LYS NC 58 14.68 58.01 -95.21
N ALA NC 59 14.44 56.73 -95.45
CA ALA NC 59 15.38 55.69 -95.06
C ALA NC 59 15.29 54.54 -96.05
N TYR NC 60 16.32 53.72 -96.06
CA TYR NC 60 16.43 52.60 -96.98
C TYR NC 60 16.55 51.31 -96.19
N ILE NC 61 15.54 50.45 -96.30
CA ILE NC 61 15.41 49.29 -95.43
C ILE NC 61 15.66 48.04 -96.25
N GLN NC 62 16.47 47.14 -95.71
CA GLN NC 62 16.65 45.80 -96.23
C GLN NC 62 16.13 44.81 -95.22
N THR NC 63 15.19 43.96 -95.65
CA THR NC 63 14.69 42.87 -94.84
C THR NC 63 14.98 41.57 -95.56
N SER NC 64 14.42 40.48 -95.02
CA SER NC 64 14.53 39.20 -95.70
C SER NC 64 13.69 39.17 -96.97
N HIS NC 65 12.58 39.91 -96.98
CA HIS NC 65 11.69 39.95 -98.12
C HIS NC 65 12.19 40.85 -99.24
N GLY NC 66 13.26 41.59 -99.02
CA GLY NC 66 13.79 42.48 -100.04
C GLY NC 66 14.06 43.84 -99.46
N VAL NC 67 14.10 44.84 -100.34
CA VAL NC 67 14.42 46.20 -99.95
C VAL NC 67 13.18 47.07 -100.15
N ILE NC 68 13.19 48.22 -99.47
CA ILE NC 68 12.09 49.17 -99.52
C ILE NC 68 12.64 50.52 -99.12
N GLU NC 69 11.92 51.58 -99.46
CA GLU NC 69 12.39 52.94 -99.22
C GLU NC 69 11.31 53.76 -98.52
N SER NC 70 11.47 53.95 -97.21
CA SER NC 70 10.53 54.74 -96.47
C SER NC 70 10.80 56.22 -96.70
N GLU NC 71 9.74 57.02 -96.68
CA GLU NC 71 9.88 58.45 -96.87
C GLU NC 71 9.22 59.24 -95.75
N ASP OC 6 22.92 35.46 -88.64
CA ASP OC 6 23.24 35.53 -87.21
C ASP OC 6 24.35 36.52 -86.91
N PHE OC 7 25.09 36.93 -87.95
CA PHE OC 7 26.26 37.77 -87.73
C PHE OC 7 26.44 38.72 -88.90
N VAL OC 8 27.11 39.84 -88.62
CA VAL OC 8 27.35 40.88 -89.59
C VAL OC 8 28.84 41.11 -89.72
N VAL OC 9 29.25 41.67 -90.85
CA VAL OC 9 30.65 41.92 -91.15
C VAL OC 9 30.81 43.41 -91.47
N ILE OC 10 31.60 44.11 -90.68
CA ILE OC 10 31.78 45.55 -90.83
C ILE OC 10 33.22 45.82 -91.17
N LYS OC 11 33.48 46.34 -92.36
CA LYS OC 11 34.81 46.77 -92.76
C LYS OC 11 34.89 48.26 -92.60
N ALA OC 12 35.75 48.73 -91.71
CA ALA OC 12 35.84 50.17 -91.47
C ALA OC 12 36.67 50.84 -92.55
N LEU OC 13 36.01 51.57 -93.43
CA LEU OC 13 36.68 52.24 -94.53
C LEU OC 13 37.35 53.55 -94.13
N GLU OC 14 37.10 54.05 -92.93
CA GLU OC 14 37.75 55.25 -92.45
C GLU OC 14 38.01 55.08 -90.96
N ASP OC 15 38.83 55.97 -90.42
CA ASP OC 15 39.22 55.84 -89.03
C ASP OC 15 38.10 56.25 -88.10
N GLY OC 16 38.16 55.74 -86.87
CA GLY OC 16 37.22 56.14 -85.84
C GLY OC 16 35.79 55.69 -86.05
N VAL OC 17 35.58 54.56 -86.71
CA VAL OC 17 34.21 54.09 -86.91
C VAL OC 17 33.69 53.47 -85.63
N ASN OC 18 32.57 53.96 -85.14
CA ASN OC 18 32.00 53.51 -83.89
C ASN OC 18 30.99 52.42 -84.17
N VAL OC 19 30.95 51.41 -83.29
CA VAL OC 19 29.97 50.34 -83.35
C VAL OC 19 29.37 50.23 -81.96
N ILE OC 20 28.07 50.43 -81.85
CA ILE OC 20 27.39 50.54 -80.56
C ILE OC 20 26.54 49.31 -80.34
N GLY OC 21 26.77 48.61 -79.23
CA GLY OC 21 26.00 47.43 -78.91
C GLY OC 21 26.88 46.24 -78.58
N SER OC 33 30.29 49.84 -76.55
CA SER OC 33 30.81 50.61 -77.66
C SER OC 33 32.21 50.13 -78.07
N GLU OC 34 32.46 50.10 -79.36
CA GLU OC 34 33.77 49.71 -79.88
C GLU OC 34 34.19 50.72 -80.96
N CYS OC 35 35.49 50.89 -81.13
CA CYS OC 35 36.00 51.79 -82.15
C CYS OC 35 36.91 51.01 -83.09
N LEU OC 36 36.83 51.32 -84.38
CA LEU OC 36 37.63 50.66 -85.39
C LEU OC 36 38.41 51.69 -86.19
N ASP OC 37 39.62 51.31 -86.60
CA ASP OC 37 40.44 52.12 -87.47
C ASP OC 37 40.26 51.67 -88.92
N LYS OC 38 40.91 52.38 -89.83
CA LYS OC 38 40.75 52.12 -91.24
C LYS OC 38 41.40 50.81 -91.63
N GLY OC 39 40.63 49.95 -92.30
CA GLY OC 39 41.11 48.69 -92.78
C GLY OC 39 40.78 47.51 -91.90
N GLU OC 40 40.34 47.75 -90.67
CA GLU OC 40 39.97 46.65 -89.80
C GLU OC 40 38.59 46.12 -90.21
N VAL OC 41 38.31 44.90 -89.78
CA VAL OC 41 37.06 44.22 -90.07
C VAL OC 41 36.58 43.57 -88.79
N LEU OC 42 35.36 43.90 -88.39
CA LEU OC 42 34.75 43.31 -87.21
C LEU OC 42 33.62 42.41 -87.63
N ILE OC 43 33.67 41.16 -87.20
CA ILE OC 43 32.59 40.20 -87.42
C ILE OC 43 31.85 40.05 -86.11
N ALA OC 44 30.59 40.46 -86.09
CA ALA OC 44 29.85 40.55 -84.84
C ALA OC 44 28.64 39.66 -84.89
N GLN OC 45 28.50 38.81 -83.87
CA GLN OC 45 27.32 37.97 -83.71
C GLN OC 45 26.34 38.63 -82.75
N PHE OC 46 25.06 38.27 -82.90
CA PHE OC 46 24.04 38.80 -82.01
C PHE OC 46 23.88 37.89 -80.80
N THR OC 47 24.12 38.47 -79.62
CA THR OC 47 23.90 37.76 -78.37
C THR OC 47 22.48 38.02 -77.94
N GLU OC 48 22.17 37.61 -76.71
CA GLU OC 48 20.92 38.03 -76.09
C GLU OC 48 20.96 39.51 -75.75
N HIS OC 49 22.09 39.97 -75.23
CA HIS OC 49 22.27 41.38 -74.87
C HIS OC 49 22.29 42.29 -76.08
N THR OC 50 23.19 42.05 -77.02
CA THR OC 50 23.31 42.87 -78.23
C THR OC 50 22.15 42.53 -79.14
N SER OC 51 21.07 43.31 -79.03
CA SER OC 51 19.90 43.14 -79.87
C SER OC 51 19.80 44.23 -80.93
N ALA OC 52 20.70 45.21 -80.92
CA ALA OC 52 20.69 46.28 -81.90
C ALA OC 52 22.12 46.79 -82.05
N ILE OC 53 22.51 47.07 -83.27
CA ILE OC 53 23.85 47.52 -83.58
C ILE OC 53 23.76 48.77 -84.43
N LYS OC 54 24.38 49.85 -83.96
CA LYS OC 54 24.39 51.12 -84.66
C LYS OC 54 25.80 51.39 -85.15
N VAL OC 55 25.93 51.83 -86.39
CA VAL OC 55 27.21 52.04 -87.03
C VAL OC 55 27.31 53.48 -87.47
N ARG OC 56 28.35 54.18 -87.03
CA ARG OC 56 28.61 55.55 -87.42
C ARG OC 56 29.79 55.60 -88.37
N GLY OC 57 29.94 56.71 -89.07
CA GLY OC 57 31.09 56.91 -89.94
C GLY OC 57 31.00 56.07 -91.20
N LYS OC 58 32.05 56.18 -92.00
CA LYS OC 58 32.10 55.49 -93.28
C LYS OC 58 32.54 54.06 -93.08
N ALA OC 59 31.65 53.12 -93.36
CA ALA OC 59 31.94 51.70 -93.19
C ALA OC 59 31.16 50.92 -94.23
N TYR OC 60 31.60 49.68 -94.46
CA TYR OC 60 31.02 48.81 -95.46
C TYR OC 60 30.52 47.55 -94.77
N ILE OC 61 29.21 47.34 -94.78
CA ILE OC 61 28.59 46.29 -93.99
C ILE OC 61 28.06 45.21 -94.90
N GLN OC 62 28.34 43.96 -94.57
CA GLN OC 62 27.74 42.81 -95.21
C GLN OC 62 26.88 42.08 -94.18
N THR OC 63 25.61 41.90 -94.51
CA THR OC 63 24.69 41.12 -93.69
C THR OC 63 24.18 39.96 -94.53
N SER OC 64 23.20 39.24 -93.98
CA SER OC 64 22.55 38.20 -94.76
C SER OC 64 21.69 38.78 -95.86
N HIS OC 65 21.14 39.96 -95.66
CA HIS OC 65 20.28 40.61 -96.63
C HIS OC 65 21.06 41.28 -97.76
N GLY OC 66 22.37 41.34 -97.66
CA GLY OC 66 23.18 41.95 -98.69
C GLY OC 66 24.19 42.91 -98.08
N VAL OC 67 24.64 43.85 -98.89
CA VAL OC 67 25.66 44.80 -98.47
C VAL OC 67 25.05 46.19 -98.40
N ILE OC 68 25.72 47.06 -97.67
CA ILE OC 68 25.29 48.44 -97.48
C ILE OC 68 26.50 49.26 -97.08
N GLU OC 69 26.41 50.57 -97.23
CA GLU OC 69 27.54 51.46 -96.98
C GLU OC 69 27.12 52.60 -96.07
N SER OC 70 27.49 52.50 -94.79
CA SER OC 70 27.19 53.55 -93.85
C SER OC 70 28.17 54.71 -94.03
N GLU OC 71 27.68 55.92 -93.79
CA GLU OC 71 28.54 57.09 -93.90
C GLU OC 71 28.50 57.94 -92.64
N ASP PC 6 28.31 29.70 -88.95
CA ASP PC 6 28.79 29.46 -87.59
C ASP PC 6 30.28 29.70 -87.44
N PHE PC 7 31.01 29.78 -88.55
CA PHE PC 7 32.45 29.89 -88.49
C PHE PC 7 32.95 30.73 -89.65
N VAL PC 8 34.13 31.32 -89.44
CA VAL PC 8 34.77 32.20 -90.40
C VAL PC 8 36.14 31.64 -90.76
N VAL PC 9 36.65 32.03 -91.91
CA VAL PC 9 37.93 31.57 -92.42
C VAL PC 9 38.79 32.78 -92.72
N ILE PC 10 39.92 32.91 -92.03
CA ILE PC 10 40.79 34.07 -92.17
C ILE PC 10 42.13 33.60 -92.71
N LYS PC 11 42.47 34.03 -93.91
CA LYS PC 11 43.77 33.76 -94.49
C LYS PC 11 44.64 34.99 -94.30
N ALA PC 12 45.72 34.86 -93.54
CA ALA PC 12 46.55 36.02 -93.28
C ALA PC 12 47.48 36.28 -94.44
N LEU PC 13 47.21 37.34 -95.20
CA LEU PC 13 48.00 37.67 -96.38
C LEU PC 13 49.28 38.41 -96.04
N GLU PC 14 49.46 38.85 -94.79
CA GLU PC 14 50.70 39.49 -94.38
C GLU PC 14 51.00 39.06 -92.96
N ASP PC 15 52.21 39.35 -92.53
CA ASP PC 15 52.64 38.90 -91.21
C ASP PC 15 52.00 39.73 -90.11
N GLY PC 16 51.94 39.14 -88.92
CA GLY PC 16 51.46 39.84 -87.75
C GLY PC 16 50.00 40.21 -87.76
N VAL PC 17 49.16 39.41 -88.40
CA VAL PC 17 47.73 39.73 -88.41
C VAL PC 17 47.12 39.32 -87.09
N ASN PC 18 46.47 40.27 -86.42
CA ASN PC 18 45.90 40.04 -85.10
C ASN PC 18 44.44 39.65 -85.25
N VAL PC 19 44.00 38.72 -84.42
CA VAL PC 19 42.60 38.31 -84.35
C VAL PC 19 42.19 38.37 -82.90
N ILE PC 20 41.19 39.20 -82.58
CA ILE PC 20 40.84 39.50 -81.21
C ILE PC 20 39.50 38.85 -80.90
N GLY PC 21 39.47 38.03 -79.86
CA GLY PC 21 38.25 37.37 -79.45
C GLY PC 21 38.40 35.87 -79.31
N SER PC 33 43.38 37.02 -77.69
CA SER PC 33 44.11 37.53 -78.86
C SER PC 33 44.99 36.45 -79.48
N GLU PC 34 45.05 36.42 -80.80
CA GLU PC 34 45.90 35.49 -81.53
C GLU PC 34 46.64 36.24 -82.62
N CYS PC 35 47.82 35.75 -82.99
CA CYS PC 35 48.61 36.36 -84.05
C CYS PC 35 48.86 35.33 -85.14
N LEU PC 36 48.81 35.77 -86.39
CA LEU PC 36 49.03 34.91 -87.54
C LEU PC 36 50.14 35.46 -88.40
N ASP PC 37 50.91 34.57 -89.01
CA ASP PC 37 51.93 34.94 -89.96
C ASP PC 37 51.38 34.79 -91.37
N LYS PC 38 52.20 35.16 -92.35
CA LYS PC 38 51.76 35.17 -93.74
C LYS PC 38 51.58 33.76 -94.26
N GLY PC 39 50.41 33.49 -94.83
CA GLY PC 39 50.11 32.21 -95.41
C GLY PC 39 49.32 31.28 -94.53
N GLU PC 40 49.23 31.58 -93.24
CA GLU PC 40 48.42 30.74 -92.36
C GLU PC 40 46.95 31.02 -92.57
N VAL PC 41 46.12 30.08 -92.14
CA VAL PC 41 44.68 30.17 -92.25
C VAL PC 41 44.08 29.73 -90.93
N LEU PC 42 43.26 30.58 -90.34
CA LEU PC 42 42.58 30.27 -89.10
C LEU PC 42 41.10 30.12 -89.38
N ILE PC 43 40.54 28.97 -88.99
CA ILE PC 43 39.11 28.73 -89.08
C ILE PC 43 38.56 28.84 -87.67
N ALA PC 44 37.70 29.82 -87.45
CA ALA PC 44 37.26 30.15 -86.10
C ALA PC 44 35.77 30.01 -85.99
N GLN PC 45 35.33 29.25 -84.99
CA GLN PC 45 33.92 29.11 -84.68
C GLN PC 45 33.53 30.07 -83.57
N PHE PC 46 32.25 30.42 -83.52
CA PHE PC 46 31.76 31.30 -82.48
C PHE PC 46 31.29 30.49 -81.28
N THR PC 47 31.93 30.73 -80.14
CA THR PC 47 31.52 30.11 -78.89
C THR PC 47 30.49 31.01 -78.23
N GLU PC 48 30.17 30.69 -76.98
CA GLU PC 48 29.39 31.63 -76.18
C GLU PC 48 30.23 32.84 -75.80
N HIS PC 49 31.49 32.60 -75.44
CA HIS PC 49 32.41 33.67 -75.08
C HIS PC 49 32.76 34.58 -76.24
N THR PC 50 33.29 34.01 -77.32
CA THR PC 50 33.68 34.76 -78.50
C THR PC 50 32.40 35.17 -79.24
N SER PC 51 31.91 36.36 -78.95
CA SER PC 51 30.74 36.90 -79.61
C SER PC 51 31.09 37.99 -80.60
N ALA PC 52 32.36 38.37 -80.70
CA ALA PC 52 32.80 39.39 -81.63
C ALA PC 52 34.26 39.12 -81.98
N ILE PC 53 34.58 39.29 -83.25
CA ILE PC 53 35.93 39.02 -83.75
C ILE PC 53 36.40 40.24 -84.53
N LYS PC 54 37.53 40.79 -84.12
CA LYS PC 54 38.12 41.95 -84.79
C LYS PC 54 39.40 41.51 -85.47
N VAL PC 55 39.59 41.95 -86.71
CA VAL PC 55 40.72 41.54 -87.53
C VAL PC 55 41.50 42.77 -87.94
N ARG PC 56 42.80 42.79 -87.64
CA ARG PC 56 43.67 43.88 -88.03
C ARG PC 56 44.59 43.41 -89.14
N GLY PC 57 45.21 44.35 -89.83
CA GLY PC 57 46.19 44.04 -90.85
C GLY PC 57 45.54 43.50 -92.10
N LYS PC 58 46.39 43.14 -93.05
CA LYS PC 58 45.93 42.66 -94.35
C LYS PC 58 45.58 41.18 -94.25
N ALA PC 59 44.31 40.86 -94.43
CA ALA PC 59 43.84 39.49 -94.34
C ALA PC 59 42.66 39.32 -95.27
N TYR PC 60 42.37 38.07 -95.60
CA TYR PC 60 41.31 37.71 -96.53
C TYR PC 60 40.31 36.81 -95.81
N ILE PC 61 39.09 37.30 -95.63
CA ILE PC 61 38.12 36.65 -94.77
C ILE PC 61 37.00 36.08 -95.63
N GLN PC 62 36.63 34.84 -95.37
CA GLN PC 62 35.45 34.22 -95.95
C GLN PC 62 34.47 33.93 -94.83
N THR PC 63 33.25 34.46 -94.96
CA THR PC 63 32.17 34.16 -94.05
C THR PC 63 31.04 33.53 -94.84
N SER PC 64 29.90 33.34 -94.17
CA SER PC 64 28.71 32.86 -94.86
C SER PC 64 28.17 33.91 -95.81
N HIS PC 65 28.33 35.19 -95.48
CA HIS PC 65 27.83 36.27 -96.30
C HIS PC 65 28.70 36.56 -97.51
N GLY PC 66 29.87 35.94 -97.61
CA GLY PC 66 30.75 36.17 -98.73
C GLY PC 66 32.15 36.41 -98.25
N VAL PC 67 32.95 37.06 -99.10
CA VAL PC 67 34.35 37.31 -98.80
C VAL PC 67 34.55 38.81 -98.61
N ILE PC 68 35.66 39.14 -97.95
CA ILE PC 68 36.03 40.52 -97.66
C ILE PC 68 37.52 40.56 -97.43
N GLU PC 69 38.11 41.75 -97.52
CA GLU PC 69 39.55 41.91 -97.42
C GLU PC 69 39.90 43.00 -96.43
N SER PC 70 40.30 42.59 -95.23
CA SER PC 70 40.70 43.55 -94.23
C SER PC 70 42.10 44.06 -94.51
N GLU PC 71 42.34 45.31 -94.16
CA GLU PC 71 43.66 45.90 -94.37
C GLU PC 71 44.23 46.51 -93.09
N ASP QC 6 29.88 21.81 -90.80
CA ASP QC 6 30.30 21.18 -89.56
C ASP QC 6 31.70 20.61 -89.63
N PHE QC 7 32.24 20.47 -90.83
CA PHE QC 7 33.53 19.82 -91.00
C PHE QC 7 34.28 20.43 -92.17
N VAL QC 8 35.60 20.31 -92.10
CA VAL QC 8 36.50 20.87 -93.10
C VAL QC 8 37.33 19.75 -93.71
N VAL QC 9 37.85 19.99 -94.90
CA VAL QC 9 38.64 19.01 -95.63
C VAL QC 9 39.97 19.65 -95.99
N ILE QC 10 41.06 19.09 -95.49
CA ILE QC 10 42.39 19.65 -95.69
C ILE QC 10 43.23 18.65 -96.46
N LYS QC 11 43.61 19.01 -97.67
CA LYS QC 11 44.52 18.20 -98.47
C LYS QC 11 45.92 18.79 -98.34
N ALA QC 12 46.83 18.02 -97.77
CA ALA QC 12 48.17 18.56 -97.57
C ALA QC 12 48.98 18.45 -98.85
N LEU QC 13 49.22 19.59 -99.49
CA LEU QC 13 49.94 19.66 -100.74
C LEU QC 13 51.45 19.57 -100.57
N GLU QC 14 51.95 19.69 -99.35
CA GLU QC 14 53.39 19.56 -99.10
C GLU QC 14 53.56 18.84 -97.77
N ASP QC 15 54.78 18.41 -97.51
CA ASP QC 15 55.05 17.63 -96.32
C ASP QC 15 55.05 18.50 -95.09
N GLY QC 16 54.81 17.87 -93.94
CA GLY QC 16 54.90 18.55 -92.67
C GLY QC 16 53.85 19.60 -92.41
N VAL QC 17 52.65 19.44 -92.96
CA VAL QC 17 51.61 20.44 -92.74
C VAL QC 17 51.02 20.21 -91.35
N ASN QC 18 51.04 21.25 -90.53
CA ASN QC 18 50.56 21.17 -89.16
C ASN QC 18 49.11 21.59 -89.10
N VAL QC 19 48.33 20.92 -88.27
CA VAL QC 19 46.94 21.27 -88.01
C VAL QC 19 46.79 21.32 -86.49
N ILE QC 20 46.40 22.49 -85.98
CA ILE QC 20 46.39 22.73 -84.54
C ILE QC 20 44.96 22.82 -84.07
N GLY QC 21 44.61 22.00 -83.10
CA GLY QC 21 43.27 22.00 -82.54
C GLY QC 21 42.64 20.62 -82.51
N SER QC 33 47.62 18.85 -81.65
CA SER QC 33 48.37 19.07 -82.88
C SER QC 33 48.50 17.80 -83.70
N GLU QC 34 48.40 17.93 -85.02
CA GLU QC 34 48.56 16.81 -85.93
C GLU QC 34 49.46 17.22 -87.08
N CYS QC 35 50.18 16.26 -87.65
CA CYS QC 35 51.05 16.52 -88.79
C CYS QC 35 50.61 15.67 -89.96
N LEU QC 36 50.67 16.24 -91.17
CA LEU QC 36 50.28 15.55 -92.38
C LEU QC 36 51.43 15.59 -93.38
N ASP QC 37 51.55 14.52 -94.15
CA ASP QC 37 52.51 14.44 -95.24
C ASP QC 37 51.82 14.79 -96.55
N LYS QC 38 52.61 14.83 -97.62
CA LYS QC 38 52.10 15.25 -98.91
C LYS QC 38 51.16 14.20 -99.49
N GLY QC 39 49.96 14.65 -99.88
CA GLY QC 39 48.98 13.79 -100.49
C GLY QC 39 47.92 13.28 -99.55
N GLU QC 40 48.13 13.41 -98.25
CA GLU QC 40 47.10 12.98 -97.31
C GLU QC 40 45.97 14.00 -97.26
N VAL QC 41 44.83 13.55 -96.77
CA VAL QC 41 43.64 14.37 -96.64
C VAL QC 41 43.05 14.12 -95.27
N LEU QC 42 42.85 15.17 -94.50
CA LEU QC 42 42.24 15.09 -93.20
C LEU QC 42 40.88 15.74 -93.24
N ILE QC 43 39.85 15.00 -92.84
CA ILE QC 43 38.50 15.53 -92.72
C ILE QC 43 38.24 15.71 -91.24
N ALA QC 44 38.05 16.95 -90.81
CA ALA QC 44 37.99 17.26 -89.40
C ALA QC 44 36.65 17.89 -89.06
N GLN QC 45 35.99 17.33 -88.06
CA GLN QC 45 34.75 17.88 -87.54
C GLN QC 45 35.04 18.74 -86.30
N PHE QC 46 34.15 19.69 -86.04
CA PHE QC 46 34.30 20.54 -84.87
C PHE QC 46 33.61 19.92 -83.67
N THR QC 47 34.39 19.64 -82.64
CA THR QC 47 33.85 19.15 -81.39
C THR QC 47 33.52 20.35 -80.51
N GLU QC 48 33.20 20.07 -79.24
CA GLU QC 48 33.12 21.15 -78.27
C GLU QC 48 34.49 21.70 -77.96
N HIS QC 49 35.47 20.81 -77.82
CA HIS QC 49 36.85 21.20 -77.53
C HIS QC 49 37.49 21.95 -78.68
N THR QC 50 37.54 21.35 -79.87
CA THR QC 50 38.14 21.97 -81.04
C THR QC 50 37.20 23.05 -81.54
N SER QC 51 37.43 24.28 -81.09
CA SER QC 51 36.65 25.42 -81.53
C SER QC 51 37.41 26.31 -82.50
N ALA QC 52 38.68 26.00 -82.77
CA ALA QC 52 39.48 26.77 -83.69
C ALA QC 52 40.54 25.86 -84.28
N ILE QC 53 40.78 26.01 -85.57
CA ILE QC 53 41.72 25.17 -86.29
C ILE QC 53 42.68 26.06 -87.06
N LYS QC 54 43.96 25.91 -86.81
CA LYS QC 54 45.00 26.69 -87.48
C LYS QC 54 45.78 25.77 -88.39
N VAL QC 55 46.05 26.22 -89.60
CA VAL QC 55 46.71 25.40 -90.62
C VAL QC 55 47.96 26.11 -91.07
N ARG QC 56 49.10 25.44 -90.98
CA ARG QC 56 50.37 25.97 -91.43
C ARG QC 56 50.79 25.26 -92.70
N GLY QC 57 51.74 25.84 -93.42
CA GLY QC 57 52.29 25.21 -94.60
C GLY QC 57 51.34 25.26 -95.78
N LYS QC 58 51.78 24.65 -96.87
CA LYS QC 58 51.00 24.65 -98.09
C LYS QC 58 49.95 23.56 -98.04
N ALA QC 59 48.68 23.96 -98.03
CA ALA QC 59 47.58 23.02 -97.97
C ALA QC 59 46.39 23.60 -98.70
N TYR QC 60 45.46 22.72 -99.05
CA TYR QC 60 44.28 23.10 -99.82
C TYR QC 60 43.05 22.73 -99.02
N ILE QC 61 42.28 23.74 -98.61
CA ILE QC 61 41.20 23.56 -97.65
C ILE QC 61 39.88 23.77 -98.36
N GLN QC 62 38.93 22.86 -98.14
CA GLN QC 62 37.56 23.01 -98.54
C GLN QC 62 36.69 23.10 -97.30
N THR QC 63 35.93 24.19 -97.21
CA THR QC 63 34.94 24.37 -96.15
C THR QC 63 33.57 24.51 -96.79
N SER QC 64 32.58 24.84 -95.97
CA SER QC 64 31.25 25.11 -96.49
C SER QC 64 31.24 26.42 -97.26
N HIS QC 65 32.07 27.38 -96.88
CA HIS QC 65 32.13 28.67 -97.54
C HIS QC 65 32.90 28.64 -98.86
N GLY QC 66 33.54 27.53 -99.18
CA GLY QC 66 34.30 27.44 -100.41
C GLY QC 66 35.66 26.86 -100.15
N VAL QC 67 36.59 27.14 -101.06
CA VAL QC 67 37.94 26.60 -100.99
C VAL QC 67 38.91 27.74 -100.73
N ILE QC 68 40.09 27.37 -100.24
CA ILE QC 68 41.15 28.32 -99.91
C ILE QC 68 42.46 27.55 -99.93
N GLU QC 69 43.56 28.28 -100.04
CA GLU QC 69 44.88 27.68 -100.15
C GLU QC 69 45.85 28.29 -99.16
N SER QC 70 46.11 27.58 -98.08
CA SER QC 70 47.05 28.05 -97.08
C SER QC 70 48.46 27.81 -97.56
N GLU QC 71 49.37 28.71 -97.17
CA GLU QC 71 50.77 28.56 -97.55
C GLU QC 71 51.69 28.63 -96.34
N ASP RC 6 27.00 15.10 -93.07
CA ASP RC 6 27.15 14.23 -91.91
C ASP RC 6 28.02 13.02 -92.19
N PHE RC 7 28.27 12.74 -93.47
CA PHE RC 7 28.98 11.53 -93.83
C PHE RC 7 29.82 11.77 -95.08
N VAL RC 8 30.86 10.96 -95.22
CA VAL RC 8 31.80 11.07 -96.31
C VAL RC 8 31.85 9.74 -97.05
N VAL RC 9 32.27 9.79 -98.31
CA VAL RC 9 32.34 8.62 -99.16
C VAL RC 9 33.76 8.49 -99.70
N ILE RC 10 34.44 7.40 -99.37
CA ILE RC 10 35.83 7.20 -99.74
C ILE RC 10 35.91 5.99 -100.66
N LYS RC 11 36.30 6.21 -101.90
CA LYS RC 11 36.54 5.12 -102.84
C LYS RC 11 38.04 4.88 -102.90
N ALA RC 12 38.47 3.70 -102.49
CA ALA RC 12 39.89 3.43 -102.46
C ALA RC 12 40.39 3.05 -103.86
N LEU RC 13 41.12 3.95 -104.49
CA LEU RC 13 41.62 3.75 -105.83
C LEU RC 13 42.86 2.88 -105.88
N GLU RC 14 43.48 2.58 -104.75
CA GLU RC 14 44.65 1.71 -104.71
C GLU RC 14 44.56 0.88 -103.44
N ASP RC 15 45.38 -0.15 -103.37
CA ASP RC 15 45.32 -1.07 -102.25
C ASP RC 15 45.92 -0.45 -101.00
N GLY RC 16 45.51 -0.98 -99.85
CA GLY RC 16 46.08 -0.57 -98.59
C GLY RC 16 45.79 0.84 -98.16
N VAL RC 17 44.64 1.39 -98.54
CA VAL RC 17 44.31 2.76 -98.13
C VAL RC 17 43.85 2.75 -96.68
N ASN RC 18 44.51 3.54 -95.85
CA ASN RC 18 44.21 3.58 -94.42
C ASN RC 18 43.22 4.70 -94.15
N VAL RC 19 42.30 4.45 -93.23
CA VAL RC 19 41.35 5.44 -92.76
C VAL RC 19 41.41 5.43 -91.24
N ILE RC 20 41.76 6.56 -90.65
CA ILE RC 20 42.04 6.65 -89.23
C ILE RC 20 40.94 7.42 -88.55
N GLY RC 21 40.31 6.80 -87.56
CA GLY RC 21 39.25 7.45 -86.81
C GLY RC 21 37.98 6.62 -86.73
N SER RC 33 41.33 2.43 -86.64
CA SER RC 33 41.95 2.34 -87.96
C SER RC 33 41.29 1.28 -88.82
N GLU RC 34 41.12 1.57 -90.11
CA GLU RC 34 40.56 0.62 -91.06
C GLU RC 34 41.42 0.61 -92.31
N CYS RC 35 41.44 -0.52 -93.00
CA CYS RC 35 42.19 -0.65 -94.24
C CYS RC 35 41.24 -1.03 -95.37
N LEU RC 36 41.46 -0.46 -96.54
CA LEU RC 36 40.64 -0.72 -97.71
C LEU RC 36 41.51 -1.19 -98.86
N ASP RC 37 40.96 -2.09 -99.68
CA ASP RC 37 41.61 -2.54 -100.89
C ASP RC 37 41.08 -1.76 -102.08
N LYS RC 38 41.64 -2.04 -103.25
CA LYS RC 38 41.30 -1.29 -104.44
C LYS RC 38 39.89 -1.62 -104.91
N GLY RC 39 39.07 -0.59 -105.11
CA GLY RC 39 37.73 -0.74 -105.60
C GLY RC 39 36.67 -0.71 -104.52
N GLU RC 40 37.05 -0.83 -103.26
CA GLU RC 40 36.06 -0.75 -102.20
C GLU RC 40 35.67 0.69 -101.96
N VAL RC 41 34.52 0.86 -101.32
CA VAL RC 41 33.97 2.17 -101.00
C VAL RC 41 33.48 2.14 -99.57
N LEU RC 42 33.97 3.06 -98.76
CA LEU RC 42 33.55 3.17 -97.37
C LEU RC 42 32.75 4.45 -97.20
N ILE RC 43 31.53 4.31 -96.68
CA ILE RC 43 30.70 5.46 -96.36
C ILE RC 43 30.73 5.61 -94.85
N ALA RC 44 31.28 6.71 -94.37
CA ALA RC 44 31.55 6.87 -92.95
C ALA RC 44 30.80 8.07 -92.40
N GLN RC 45 30.05 7.85 -91.33
CA GLN RC 45 29.36 8.91 -90.62
C GLN RC 45 30.20 9.36 -89.44
N PHE RC 46 29.97 10.60 -89.03
CA PHE RC 46 30.68 11.14 -87.87
C PHE RC 46 29.91 10.86 -86.59
N THR RC 47 30.52 10.12 -85.68
CA THR RC 47 29.95 9.86 -84.38
C THR RC 47 30.40 10.96 -83.44
N GLU RC 48 30.13 10.76 -82.15
CA GLU RC 48 30.72 11.62 -81.15
C GLU RC 48 32.21 11.34 -81.01
N HIS RC 49 32.58 10.07 -81.04
CA HIS RC 49 33.98 9.65 -80.95
C HIS RC 49 34.80 10.05 -82.17
N THR RC 50 34.39 9.64 -83.35
CA THR RC 50 35.08 9.96 -84.59
C THR RC 50 34.82 11.43 -84.92
N SER RC 51 35.71 12.30 -84.48
CA SER RC 51 35.62 13.72 -84.77
C SER RC 51 36.62 14.17 -85.82
N ALA RC 52 37.49 13.27 -86.27
CA ALA RC 52 38.48 13.59 -87.29
C ALA RC 52 38.82 12.32 -88.04
N ILE RC 53 38.96 12.45 -89.35
CA ILE RC 53 39.22 11.31 -90.22
C ILE RC 53 40.42 11.65 -91.10
N LYS RC 54 41.45 10.83 -91.04
CA LYS RC 54 42.65 11.00 -91.83
C LYS RC 54 42.72 9.90 -92.87
N VAL RC 55 43.05 10.26 -94.10
CA VAL RC 55 43.05 9.32 -95.22
C VAL RC 55 44.45 9.31 -95.83
N ARG RC 56 45.05 8.13 -95.91
CA ARG RC 56 46.35 7.97 -96.53
C ARG RC 56 46.19 7.27 -97.87
N GLY RC 57 47.22 7.33 -98.70
CA GLY RC 57 47.23 6.63 -99.97
C GLY RC 57 46.32 7.28 -100.99
N LYS RC 58 46.24 6.64 -102.14
CA LYS RC 58 45.45 7.18 -103.25
C LYS RC 58 43.99 6.79 -103.07
N ALA RC 59 43.15 7.79 -102.87
CA ALA RC 59 41.73 7.56 -102.66
C ALA RC 59 40.95 8.75 -103.21
N TYR RC 60 39.67 8.52 -103.45
CA TYR RC 60 38.80 9.53 -104.03
C TYR RC 60 37.65 9.80 -103.07
N ILE RC 61 37.59 11.00 -102.52
CA ILE RC 61 36.69 11.33 -101.43
C ILE RC 61 35.61 12.27 -101.93
N GLN RC 62 34.36 11.97 -101.59
CA GLN RC 62 33.24 12.85 -101.80
C GLN RC 62 32.70 13.27 -100.44
N THR RC 63 32.64 14.58 -100.21
CA THR RC 63 32.02 15.14 -99.03
C THR RC 63 30.87 16.03 -99.45
N SER RC 64 30.31 16.74 -98.48
CA SER RC 64 29.29 17.73 -98.80
C SER RC 64 29.88 18.92 -99.54
N HIS RC 65 31.13 19.26 -99.25
CA HIS RC 65 31.80 20.39 -99.89
C HIS RC 65 32.28 20.09 -101.30
N GLY RC 66 32.21 18.84 -101.74
CA GLY RC 66 32.65 18.49 -103.06
C GLY RC 66 33.52 17.25 -103.01
N VAL RC 67 34.35 17.10 -104.05
CA VAL RC 67 35.20 15.93 -104.18
C VAL RC 67 36.65 16.36 -104.03
N ILE RC 68 37.50 15.38 -103.74
CA ILE RC 68 38.93 15.61 -103.54
C ILE RC 68 39.62 14.27 -103.76
N GLU RC 69 40.93 14.32 -104.01
CA GLU RC 69 41.70 13.12 -104.33
C GLU RC 69 42.95 13.05 -103.47
N SER RC 70 42.90 12.20 -102.45
CA SER RC 70 44.05 12.02 -101.59
C SER RC 70 45.07 11.12 -102.28
N GLU RC 71 46.34 11.37 -102.00
CA GLU RC 71 47.40 10.56 -102.57
C GLU RC 71 48.34 10.00 -101.51
N ASP SC 6 20.77 10.74 -94.93
CA ASP SC 6 20.56 9.76 -93.86
C ASP SC 6 20.62 8.32 -94.35
N PHE SC 7 20.55 8.13 -95.66
CA PHE SC 7 20.48 6.79 -96.21
C PHE SC 7 21.18 6.73 -97.56
N VAL SC 8 21.62 5.53 -97.91
CA VAL SC 8 22.35 5.28 -99.14
C VAL SC 8 21.61 4.24 -99.95
N VAL SC 9 21.86 4.23 -101.26
CA VAL SC 9 21.22 3.32 -102.18
C VAL SC 9 22.30 2.55 -102.94
N ILE SC 10 22.32 1.23 -102.79
CA ILE SC 10 23.35 0.40 -103.39
C ILE SC 10 22.69 -0.54 -104.38
N LYS SC 11 23.00 -0.38 -105.65
CA LYS SC 11 22.54 -1.31 -106.68
C LYS SC 11 23.66 -2.27 -107.00
N ALA SC 12 23.45 -3.55 -106.74
CA ALA SC 12 24.51 -4.52 -106.96
C ALA SC 12 24.57 -4.90 -108.42
N LEU SC 13 25.62 -4.42 -109.11
CA LEU SC 13 25.78 -4.67 -110.53
C LEU SC 13 26.37 -6.04 -110.83
N GLU SC 14 26.85 -6.76 -109.82
CA GLU SC 14 27.37 -8.10 -110.02
C GLU SC 14 26.99 -8.93 -108.81
N ASP SC 15 27.16 -10.25 -108.94
CA ASP SC 15 26.74 -11.14 -107.87
C ASP SC 15 27.71 -11.09 -106.70
N GLY SC 16 27.21 -11.47 -105.54
CA GLY SC 16 28.04 -11.60 -104.36
C GLY SC 16 28.57 -10.30 -103.80
N VAL SC 17 27.86 -9.19 -103.96
CA VAL SC 17 28.34 -7.93 -103.43
C VAL SC 17 28.10 -7.89 -101.93
N ASN SC 18 29.15 -7.67 -101.17
CA ASN SC 18 29.08 -7.68 -99.71
C ASN SC 18 28.86 -6.26 -99.21
N VAL SC 19 28.05 -6.13 -98.18
CA VAL SC 19 27.82 -4.85 -97.51
C VAL SC 19 28.03 -5.10 -96.02
N ILE SC 20 28.98 -4.40 -95.42
CA ILE SC 20 29.41 -4.67 -94.06
C ILE SC 20 28.96 -3.53 -93.16
N GLY SC 21 28.20 -3.87 -92.12
CA GLY SC 21 27.73 -2.88 -91.19
C GLY SC 21 26.24 -2.95 -90.95
N SER SC 33 26.86 -8.22 -91.65
CA SER SC 33 27.20 -8.44 -93.05
C SER SC 33 25.99 -8.89 -93.85
N GLU SC 34 25.86 -8.39 -95.08
CA GLU SC 34 24.79 -8.77 -95.98
C GLU SC 34 25.38 -9.05 -97.36
N CYS SC 35 24.73 -9.93 -98.11
CA CYS SC 35 25.17 -10.25 -99.46
C CYS SC 35 24.05 -9.94 -100.44
N LEU SC 36 24.41 -9.41 -101.60
CA LEU SC 36 23.46 -9.05 -102.64
C LEU SC 36 23.82 -9.74 -103.94
N ASP SC 37 22.80 -10.12 -104.69
CA ASP SC 37 22.98 -10.66 -106.03
C ASP SC 37 22.81 -9.56 -107.07
N LYS SC 38 23.02 -9.93 -108.32
CA LYS SC 38 23.00 -8.96 -109.40
C LYS SC 38 21.58 -8.46 -109.65
N GLY SC 39 21.43 -7.14 -109.66
CA GLY SC 39 20.16 -6.51 -109.93
C GLY SC 39 19.40 -6.09 -108.70
N GLU SC 40 19.79 -6.56 -107.53
CA GLU SC 40 19.11 -6.13 -106.32
C GLU SC 40 19.56 -4.74 -105.94
N VAL SC 41 18.75 -4.09 -105.11
CA VAL SC 41 19.01 -2.74 -104.63
C VAL SC 41 18.72 -2.71 -103.14
N LEU SC 42 19.71 -2.29 -102.37
CA LEU SC 42 19.56 -2.16 -100.93
C LEU SC 42 19.57 -0.69 -100.56
N ILE SC 43 18.54 -0.25 -99.86
CA ILE SC 43 18.46 1.10 -99.34
C ILE SC 43 18.72 1.01 -97.85
N ALA SC 44 19.83 1.60 -97.39
CA ALA SC 44 20.29 1.41 -96.04
C ALA SC 44 20.34 2.74 -95.30
N GLN SC 45 19.71 2.77 -94.14
CA GLN SC 45 19.76 3.94 -93.27
C GLN SC 45 20.82 3.73 -92.20
N PHE SC 46 21.34 4.85 -91.69
CA PHE SC 46 22.33 4.78 -90.63
C PHE SC 46 21.66 4.78 -89.26
N THR SC 47 21.90 3.70 -88.52
CA THR SC 47 21.41 3.60 -87.16
C THR SC 47 22.47 4.18 -86.24
N GLU SC 48 22.27 3.98 -84.93
CA GLU SC 48 23.34 4.27 -83.98
C GLU SC 48 24.46 3.25 -84.12
N HIS SC 49 24.09 1.98 -84.27
CA HIS SC 49 25.05 0.90 -84.43
C HIS SC 49 25.84 0.99 -85.73
N THR SC 50 25.14 1.02 -86.86
CA THR SC 50 25.77 1.09 -88.18
C THR SC 50 26.28 2.51 -88.36
N SER SC 51 27.54 2.73 -88.03
CA SER SC 51 28.19 4.02 -88.22
C SER SC 51 29.15 4.02 -89.38
N ALA SC 52 29.37 2.88 -90.02
CA ALA SC 52 30.26 2.79 -91.16
C ALA SC 52 29.81 1.64 -92.04
N ILE SC 53 29.85 1.85 -93.35
CA ILE SC 53 29.38 0.86 -94.31
C ILE SC 53 30.47 0.66 -95.34
N LYS SC 54 30.92 -0.57 -95.50
CA LYS SC 54 31.94 -0.93 -96.46
C LYS SC 54 31.31 -1.76 -97.55
N VAL SC 55 31.65 -1.46 -98.80
CA VAL SC 55 31.05 -2.12 -99.97
C VAL SC 55 32.15 -2.75 -100.78
N ARG SC 56 32.03 -4.05 -101.05
CA ARG SC 56 32.97 -4.77 -101.87
C ARG SC 56 32.33 -5.11 -103.20
N GLY SC 57 33.14 -5.46 -104.19
CA GLY SC 57 32.64 -5.88 -105.46
C GLY SC 57 32.11 -4.74 -106.29
N LYS SC 58 31.59 -5.08 -107.46
CA LYS SC 58 31.09 -4.08 -108.39
C LYS SC 58 29.68 -3.68 -108.00
N ALA SC 59 29.51 -2.42 -107.61
CA ALA SC 59 28.21 -1.91 -107.19
C ALA SC 59 28.12 -0.44 -107.53
N TYR SC 60 26.91 0.06 -107.58
CA TYR SC 60 26.63 1.44 -107.95
C TYR SC 60 25.91 2.11 -106.80
N ILE SC 61 26.55 3.10 -106.19
CA ILE SC 61 26.07 3.69 -104.95
C ILE SC 61 25.60 5.11 -105.21
N GLN SC 62 24.43 5.44 -104.69
CA GLN SC 62 23.93 6.81 -104.67
C GLN SC 62 23.83 7.25 -103.22
N THR SC 63 24.50 8.35 -102.90
CA THR SC 63 24.40 8.99 -101.60
C THR SC 63 23.85 10.40 -101.78
N SER SC 64 23.86 11.16 -100.69
CA SER SC 64 23.48 12.56 -100.79
C SER SC 64 24.52 13.37 -101.54
N HIS SC 65 25.79 12.96 -101.44
CA HIS SC 65 26.88 13.67 -102.10
C HIS SC 65 26.98 13.36 -103.58
N GLY SC 66 26.22 12.40 -104.08
CA GLY SC 66 26.26 12.05 -105.48
C GLY SC 66 26.35 10.55 -105.64
N VAL SC 67 26.85 10.14 -106.81
CA VAL SC 67 26.95 8.73 -107.14
C VAL SC 67 28.42 8.33 -107.20
N ILE SC 68 28.65 7.02 -107.11
CA ILE SC 68 29.99 6.45 -107.13
C ILE SC 68 29.86 5.00 -107.53
N GLU SC 69 30.96 4.40 -107.99
CA GLU SC 69 30.94 3.04 -108.50
C GLU SC 69 32.04 2.22 -107.86
N SER SC 70 31.67 1.40 -106.89
CA SER SC 70 32.63 0.52 -106.24
C SER SC 70 32.94 -0.66 -107.14
N GLU SC 71 34.17 -1.14 -107.05
CA GLU SC 71 34.59 -2.30 -107.84
C GLU SC 71 35.19 -3.39 -106.97
N ASP TC 6 12.63 10.56 -96.13
CA ASP TC 6 12.09 9.70 -95.09
C ASP TC 6 11.37 8.49 -95.64
N PHE TC 7 11.05 8.51 -96.93
CA PHE TC 7 10.25 7.44 -97.52
C PHE TC 7 10.66 7.21 -98.95
N VAL TC 8 10.39 6.00 -99.43
CA VAL TC 8 10.74 5.56 -100.77
C VAL TC 8 9.49 5.12 -101.49
N VAL TC 9 9.54 5.14 -102.82
CA VAL TC 9 8.41 4.78 -103.65
C VAL TC 9 8.87 3.68 -104.61
N ILE TC 10 8.25 2.51 -104.53
CA ILE TC 10 8.64 1.36 -105.32
C ILE TC 10 7.48 0.98 -106.22
N LYS TC 11 7.67 1.11 -107.53
CA LYS TC 11 6.69 0.66 -108.50
C LYS TC 11 7.13 -0.68 -109.03
N ALA TC 12 6.33 -1.72 -108.78
CA ALA TC 12 6.74 -3.05 -109.22
C ALA TC 12 6.42 -3.24 -110.69
N LEU TC 13 7.46 -3.25 -111.52
CA LEU TC 13 7.31 -3.39 -112.96
C LEU TC 13 7.08 -4.82 -113.41
N GLU TC 14 7.27 -5.80 -112.53
CA GLU TC 14 7.01 -7.19 -112.86
C GLU TC 14 6.43 -7.86 -111.63
N ASP TC 15 5.90 -9.06 -111.84
CA ASP TC 15 5.22 -9.75 -110.76
C ASP TC 15 6.22 -10.32 -109.77
N GLY TC 16 5.74 -10.54 -108.55
CA GLY TC 16 6.54 -11.19 -107.52
C GLY TC 16 7.71 -10.40 -107.02
N VAL TC 17 7.63 -9.07 -107.01
CA VAL TC 17 8.75 -8.28 -106.51
C VAL TC 17 8.73 -8.31 -104.99
N ASN TC 18 9.85 -8.72 -104.40
CA ASN TC 18 9.95 -8.86 -102.96
C ASN TC 18 10.53 -7.58 -102.38
N VAL TC 19 10.04 -7.19 -101.22
CA VAL TC 19 10.56 -6.06 -100.46
C VAL TC 19 10.80 -6.54 -99.05
N ILE TC 20 12.04 -6.47 -98.58
CA ILE TC 20 12.44 -7.08 -97.32
C ILE TC 20 12.72 -5.98 -96.32
N GLY TC 21 12.04 -6.02 -95.19
CA GLY TC 21 12.24 -5.04 -94.14
C GLY TC 21 10.95 -4.41 -93.67
N SER TC 33 8.76 -9.19 -94.67
CA SER TC 33 8.77 -9.38 -96.12
C SER TC 33 7.42 -9.08 -96.73
N GLU TC 34 7.42 -8.44 -97.89
CA GLU TC 34 6.19 -8.14 -98.63
C GLU TC 34 6.39 -8.52 -100.08
N CYS TC 35 5.29 -8.87 -100.76
CA CYS TC 35 5.35 -9.20 -102.18
C CYS TC 35 4.42 -8.27 -102.95
N LEU TC 36 4.85 -7.86 -104.13
CA LEU TC 36 4.09 -6.96 -104.97
C LEU TC 36 3.90 -7.58 -106.34
N ASP TC 37 2.75 -7.32 -106.94
CA ASP TC 37 2.46 -7.73 -108.30
C ASP TC 37 2.74 -6.58 -109.25
N LYS TC 38 2.59 -6.85 -110.55
CA LYS TC 38 2.92 -5.86 -111.57
C LYS TC 38 1.93 -4.71 -111.56
N GLY TC 39 2.45 -3.50 -111.49
CA GLY TC 39 1.65 -2.31 -111.52
C GLY TC 39 1.35 -1.71 -110.17
N GLU TC 40 1.59 -2.45 -109.10
CA GLU TC 40 1.37 -1.88 -107.78
C GLU TC 40 2.50 -0.93 -107.42
N VAL TC 41 2.24 -0.07 -106.44
CA VAL TC 41 3.19 0.91 -105.95
C VAL TC 41 3.15 0.89 -104.44
N LEU TC 42 4.29 0.69 -103.82
CA LEU TC 42 4.41 0.70 -102.37
C LEU TC 42 5.20 1.92 -101.95
N ILE TC 43 4.62 2.72 -101.08
CA ILE TC 43 5.29 3.87 -100.49
C ILE TC 43 5.66 3.49 -99.07
N ALA TC 44 6.95 3.42 -98.78
CA ALA TC 44 7.42 2.86 -97.52
C ALA TC 44 8.22 3.90 -96.76
N GLN TC 45 7.83 4.11 -95.50
CA GLN TC 45 8.56 4.99 -94.61
C GLN TC 45 9.51 4.16 -93.74
N PHE TC 46 10.57 4.81 -93.27
CA PHE TC 46 11.52 4.15 -92.39
C PHE TC 46 11.10 4.31 -90.94
N THR TC 47 10.86 3.18 -90.29
CA THR TC 47 10.56 3.18 -88.87
C THR TC 47 11.87 3.05 -88.11
N GLU TC 48 11.76 2.82 -86.80
CA GLU TC 48 12.93 2.44 -86.03
C GLU TC 48 13.37 1.02 -86.39
N HIS TC 49 12.40 0.12 -86.54
CA HIS TC 49 12.67 -1.26 -86.90
C HIS TC 49 13.22 -1.41 -88.30
N THR TC 50 12.50 -0.92 -89.31
CA THR TC 50 12.92 -1.01 -90.70
C THR TC 50 14.04 -0.01 -90.91
N SER TC 51 15.28 -0.47 -90.77
CA SER TC 51 16.44 0.35 -91.01
C SER TC 51 17.14 0.01 -92.31
N ALA TC 52 16.68 -1.00 -93.04
CA ALA TC 52 17.25 -1.38 -94.30
C ALA TC 52 16.18 -2.05 -95.14
N ILE TC 53 16.16 -1.74 -96.42
CA ILE TC 53 15.16 -2.25 -97.34
C ILE TC 53 15.86 -2.84 -98.55
N LYS TC 54 15.60 -4.11 -98.82
CA LYS TC 54 16.18 -4.80 -99.95
C LYS TC 54 15.09 -5.09 -100.97
N VAL TC 55 15.38 -4.85 -102.24
CA VAL TC 55 14.40 -4.97 -103.30
C VAL TC 55 14.92 -5.97 -104.32
N ARG TC 56 14.14 -7.00 -104.61
CA ARG TC 56 14.49 -7.99 -105.61
C ARG TC 56 13.61 -7.81 -106.83
N GLY TC 57 14.00 -8.40 -107.94
CA GLY TC 57 13.20 -8.38 -109.15
C GLY TC 57 13.22 -7.02 -109.82
N LYS TC 58 12.46 -6.93 -110.90
CA LYS TC 58 12.42 -5.72 -111.70
C LYS TC 58 11.45 -4.73 -111.07
N ALA TC 59 11.99 -3.60 -110.60
CA ALA TC 59 11.17 -2.58 -109.96
C ALA TC 59 11.80 -1.22 -110.22
N TYR TC 60 11.00 -0.19 -110.05
CA TYR TC 60 11.41 1.18 -110.31
C TYR TC 60 11.28 1.99 -109.03
N ILE TC 61 12.39 2.45 -108.49
CA ILE TC 61 12.43 3.05 -107.16
C ILE TC 61 12.71 4.53 -107.29
N GLN TC 62 11.93 5.34 -106.57
CA GLN TC 62 12.18 6.76 -106.41
C GLN TC 62 12.50 7.02 -104.95
N THR TC 63 13.66 7.62 -104.70
CA THR TC 63 14.05 8.06 -103.38
C THR TC 63 14.27 9.56 -103.42
N SER TC 64 14.79 10.10 -102.31
CA SER TC 64 15.14 11.50 -102.28
C SER TC 64 16.36 11.78 -103.16
N HIS TC 65 17.26 10.80 -103.29
CA HIS TC 65 18.46 10.95 -104.09
C HIS TC 65 18.22 10.81 -105.58
N GLY TC 66 17.02 10.41 -105.98
CA GLY TC 66 16.71 10.25 -107.38
C GLY TC 66 16.02 8.94 -107.63
N VAL TC 67 16.10 8.46 -108.86
CA VAL TC 67 15.44 7.24 -109.27
C VAL TC 67 16.48 6.18 -109.59
N ILE TC 68 16.04 4.93 -109.58
CA ILE TC 68 16.90 3.78 -109.84
C ILE TC 68 16.01 2.64 -110.28
N GLU TC 69 16.60 1.65 -110.93
CA GLU TC 69 15.84 0.53 -111.49
C GLU TC 69 16.45 -0.79 -111.07
N SER TC 70 15.83 -1.44 -110.10
CA SER TC 70 16.31 -2.74 -109.64
C SER TC 70 15.87 -3.81 -110.63
N GLU TC 71 16.70 -4.84 -110.76
CA GLU TC 71 16.37 -5.95 -111.66
C GLU TC 71 16.46 -7.29 -110.95
N ASP UC 6 5.94 14.71 -96.23
CA ASP UC 6 5.13 14.16 -95.14
C ASP UC 6 3.81 13.58 -95.63
N PHE UC 7 3.42 13.90 -96.85
CA PHE UC 7 2.12 13.49 -97.35
C PHE UC 7 2.19 13.23 -98.84
N VAL UC 8 1.27 12.38 -99.30
CA VAL UC 8 1.20 11.98 -100.70
C VAL UC 8 -0.17 12.35 -101.24
N VAL UC 9 -0.25 12.47 -102.57
CA VAL UC 9 -1.48 12.85 -103.25
C VAL UC 9 -1.79 11.78 -104.30
N ILE UC 10 -2.92 11.11 -104.16
CA ILE UC 10 -3.30 10.02 -105.03
C ILE UC 10 -4.56 10.41 -105.78
N LYS UC 11 -4.47 10.54 -107.09
CA LYS UC 11 -5.63 10.79 -107.92
C LYS UC 11 -6.04 9.48 -108.56
N ALA UC 12 -7.24 9.01 -108.24
CA ALA UC 12 -7.66 7.72 -108.77
C ALA UC 12 -8.18 7.87 -110.18
N LEU UC 13 -7.40 7.39 -111.15
CA LEU UC 13 -7.75 7.51 -112.56
C LEU UC 13 -8.76 6.47 -113.02
N GLU UC 14 -9.04 5.46 -112.20
CA GLU UC 14 -10.03 4.46 -112.54
C GLU UC 14 -10.76 4.08 -111.26
N ASP UC 15 -11.87 3.37 -111.43
CA ASP UC 15 -12.70 3.04 -110.29
C ASP UC 15 -12.07 1.93 -109.47
N GLY UC 16 -12.46 1.86 -108.20
CA GLY UC 16 -12.04 0.79 -107.32
C GLY UC 16 -10.57 0.78 -106.96
N VAL UC 17 -9.93 1.94 -106.90
CA VAL UC 17 -8.52 1.97 -106.54
C VAL UC 17 -8.39 1.79 -105.03
N ASN UC 18 -7.62 0.80 -104.63
CA ASN UC 18 -7.45 0.48 -103.22
C ASN UC 18 -6.22 1.17 -102.68
N VAL UC 19 -6.31 1.65 -101.45
CA VAL UC 19 -5.19 2.25 -100.75
C VAL UC 19 -5.11 1.57 -99.39
N ILE UC 20 -3.98 0.93 -99.11
CA ILE UC 20 -3.85 0.07 -97.94
C ILE UC 20 -2.90 0.75 -96.95
N GLY UC 21 -3.38 0.96 -95.73
CA GLY UC 21 -2.58 1.56 -94.70
C GLY UC 21 -3.27 2.73 -94.03
N SER UC 33 -7.78 -0.03 -94.86
CA SER UC 33 -8.02 -0.04 -96.29
C SER UC 33 -9.06 0.98 -96.70
N GLU UC 34 -8.83 1.64 -97.83
CA GLU UC 34 -9.78 2.62 -98.37
C GLU UC 34 -9.96 2.36 -99.86
N CYS UC 35 -11.13 2.70 -100.37
CA CYS UC 35 -11.41 2.54 -101.80
C CYS UC 35 -11.77 3.89 -102.39
N LEU UC 36 -11.30 4.14 -103.62
CA LEU UC 36 -11.54 5.38 -104.31
C LEU UC 36 -12.18 5.10 -105.66
N ASP UC 37 -13.06 6.00 -106.08
CA ASP UC 37 -13.67 5.94 -107.40
C ASP UC 37 -12.91 6.86 -108.35
N LYS UC 38 -13.32 6.85 -109.61
CA LYS UC 38 -12.62 7.62 -110.63
C LYS UC 38 -12.83 9.11 -110.45
N GLY UC 39 -11.73 9.84 -110.42
CA GLY UC 39 -11.76 11.27 -110.30
C GLY UC 39 -11.55 11.80 -108.90
N GLU UC 40 -11.64 10.94 -107.89
CA GLU UC 40 -11.37 11.39 -106.53
C GLU UC 40 -9.88 11.55 -106.31
N VAL UC 41 -9.54 12.31 -105.28
CA VAL UC 41 -8.17 12.59 -104.91
C VAL UC 41 -8.05 12.45 -103.40
N LEU UC 42 -7.14 11.60 -102.96
CA LEU UC 42 -6.89 11.39 -101.54
C LEU UC 42 -5.53 11.96 -101.19
N ILE UC 43 -5.49 12.86 -100.22
CA ILE UC 43 -4.25 13.41 -99.71
C ILE UC 43 -4.01 12.75 -98.36
N ALA UC 44 -2.94 11.97 -98.27
CA ALA UC 44 -2.71 11.13 -97.10
C ALA UC 44 -1.41 11.50 -96.43
N GLN UC 45 -1.48 11.75 -95.13
CA GLN UC 45 -0.31 12.01 -94.32
C GLN UC 45 0.13 10.73 -93.62
N PHE UC 46 1.42 10.67 -93.28
CA PHE UC 46 1.94 9.51 -92.58
C PHE UC 46 1.83 9.71 -91.07
N THR UC 47 1.08 8.83 -90.43
CA THR UC 47 0.98 8.84 -88.98
C THR UC 47 2.09 7.96 -88.42
N GLU UC 48 2.01 7.69 -87.11
CA GLU UC 48 2.86 6.67 -86.53
C GLU UC 48 2.43 5.29 -86.99
N HIS UC 49 1.12 5.04 -87.03
CA HIS UC 49 0.56 3.78 -87.47
C HIS UC 49 0.80 3.51 -88.94
N THR UC 50 0.36 4.40 -89.82
CA THR UC 50 0.51 4.25 -91.26
C THR UC 50 1.97 4.52 -91.60
N SER UC 51 2.76 3.46 -91.65
CA SER UC 51 4.16 3.57 -92.03
C SER UC 51 4.43 3.05 -93.42
N ALA UC 52 3.42 2.52 -94.10
CA ALA UC 52 3.56 2.01 -95.45
C ALA UC 52 2.22 2.10 -96.14
N ILE UC 53 2.24 2.52 -97.40
CA ILE UC 53 1.04 2.71 -98.18
C ILE UC 53 1.18 1.96 -99.49
N LYS UC 54 0.25 1.06 -99.77
CA LYS UC 54 0.25 0.28 -101.00
C LYS UC 54 -0.93 0.74 -101.85
N VAL UC 55 -0.68 0.91 -103.15
CA VAL UC 55 -1.69 1.43 -104.06
C VAL UC 55 -1.88 0.42 -105.18
N ARG UC 56 -3.12 0.00 -105.38
CA ARG UC 56 -3.47 -0.92 -106.46
C ARG UC 56 -4.24 -0.18 -107.53
N GLY UC 57 -4.34 -0.76 -108.71
CA GLY UC 57 -5.12 -0.19 -109.78
C GLY UC 57 -4.43 1.00 -110.42
N LYS UC 58 -5.14 1.60 -111.37
CA LYS UC 58 -4.60 2.72 -112.12
C LYS UC 58 -4.80 4.00 -111.32
N ALA UC 59 -3.71 4.61 -110.90
CA ALA UC 59 -3.78 5.84 -110.12
C ALA UC 59 -2.55 6.68 -110.41
N TYR UC 60 -2.64 7.96 -110.09
CA TYR UC 60 -1.59 8.93 -110.38
C TYR UC 60 -1.14 9.54 -109.06
N ILE UC 61 0.10 9.29 -108.67
CA ILE UC 61 0.59 9.63 -107.34
C ILE UC 61 1.61 10.76 -107.47
N GLN UC 62 1.47 11.76 -106.63
CA GLN UC 62 2.46 12.81 -106.44
C GLN UC 62 3.02 12.71 -105.04
N THR UC 63 4.33 12.57 -104.94
CA THR UC 63 5.03 12.60 -103.67
C THR UC 63 6.02 13.76 -103.69
N SER UC 64 6.85 13.82 -102.66
CA SER UC 64 7.92 14.81 -102.64
C SER UC 64 8.98 14.49 -103.66
N HIS UC 65 9.21 13.21 -103.95
CA HIS UC 65 10.21 12.78 -104.91
C HIS UC 65 9.76 12.95 -106.35
N GLY UC 66 8.52 13.29 -106.60
CA GLY UC 66 8.02 13.46 -107.94
C GLY UC 66 6.72 12.73 -108.13
N VAL UC 67 6.40 12.43 -109.38
CA VAL UC 67 5.14 11.78 -109.72
C VAL UC 67 5.41 10.38 -110.22
N ILE UC 68 4.37 9.56 -110.19
CA ILE UC 68 4.45 8.16 -110.62
C ILE UC 68 3.04 7.71 -110.96
N GLU UC 69 2.93 6.63 -111.72
CA GLU UC 69 1.65 6.15 -112.20
C GLU UC 69 1.48 4.67 -111.91
N SER UC 70 0.72 4.35 -110.88
CA SER UC 70 0.47 2.96 -110.54
C SER UC 70 -0.58 2.39 -111.48
N GLU UC 71 -0.45 1.10 -111.77
CA GLU UC 71 -1.42 0.43 -112.64
C GLU UC 71 -2.00 -0.82 -111.99
N ASP VC 6 -2.35 97.58 3.81
CA ASP VC 6 -2.30 96.43 2.92
C ASP VC 6 -2.25 96.82 1.45
N PHE VC 7 -2.57 98.07 1.15
CA PHE VC 7 -2.67 98.49 -0.25
C PHE VC 7 -2.25 99.95 -0.38
N VAL VC 8 -1.80 100.28 -1.58
CA VAL VC 8 -1.31 101.62 -1.90
C VAL VC 8 -2.15 102.19 -3.04
N VAL VC 9 -2.14 103.50 -3.15
CA VAL VC 9 -2.91 104.22 -4.17
C VAL VC 9 -1.96 105.12 -4.94
N ILE VC 10 -1.83 104.88 -6.24
CA ILE VC 10 -0.90 105.61 -7.08
C ILE VC 10 -1.68 106.38 -8.12
N LYS VC 11 -1.64 107.70 -8.07
CA LYS VC 11 -2.24 108.54 -9.08
C LYS VC 11 -1.14 109.00 -10.02
N ALA VC 12 -1.23 108.61 -11.28
CA ALA VC 12 -0.17 108.96 -12.22
C ALA VC 12 -0.38 110.39 -12.72
N LEU VC 13 0.47 111.29 -12.27
CA LEU VC 13 0.38 112.70 -12.63
C LEU VC 13 0.96 113.01 -13.99
N GLU VC 14 1.68 112.07 -14.60
CA GLU VC 14 2.23 112.27 -15.93
C GLU VC 14 2.14 110.95 -16.67
N ASP VC 15 2.35 111.00 -17.98
CA ASP VC 15 2.20 109.81 -18.80
C ASP VC 15 3.37 108.88 -18.61
N GLY VC 16 3.13 107.60 -18.92
CA GLY VC 16 4.18 106.61 -18.91
C GLY VC 16 4.74 106.27 -17.55
N VAL VC 17 3.95 106.36 -16.49
CA VAL VC 17 4.46 106.03 -15.18
C VAL VC 17 4.50 104.51 -15.02
N ASN VC 18 5.68 104.00 -14.70
CA ASN VC 18 5.89 102.57 -14.59
C ASN VC 18 5.69 102.14 -13.14
N VAL VC 19 5.09 100.97 -12.95
CA VAL VC 19 4.93 100.36 -11.64
C VAL VC 19 5.43 98.93 -11.75
N ILE VC 20 6.44 98.60 -10.96
CA ILE VC 20 7.15 97.33 -11.11
C ILE VC 20 6.81 96.44 -9.92
N GLY VC 21 6.31 95.26 -10.19
CA GLY VC 21 5.97 94.31 -9.15
C GLY VC 21 4.55 93.79 -9.26
N SER VC 33 5.32 94.20 -14.55
CA SER VC 33 5.39 95.62 -14.86
C SER VC 33 4.08 96.14 -15.43
N GLU VC 34 3.69 97.34 -15.03
CA GLU VC 34 2.49 97.99 -15.53
C GLU VC 34 2.80 99.42 -15.90
N CYS VC 35 2.07 99.96 -16.87
CA CYS VC 35 2.25 101.35 -17.28
C CYS VC 35 0.95 102.11 -17.10
N LEU VC 36 1.05 103.35 -16.65
CA LEU VC 36 -0.11 104.20 -16.42
C LEU VC 36 0.03 105.49 -17.20
N ASP VC 37 -1.09 106.00 -17.68
CA ASP VC 37 -1.15 107.31 -18.34
C ASP VC 37 -1.57 108.37 -17.33
N LYS VC 38 -1.59 109.61 -17.79
CA LYS VC 38 -1.89 110.74 -16.91
C LYS VC 38 -3.35 110.73 -16.50
N GLY VC 39 -3.58 110.80 -15.19
CA GLY VC 39 -4.91 110.86 -14.64
C GLY VC 39 -5.44 109.54 -14.15
N GLU VC 40 -4.81 108.43 -14.50
CA GLU VC 40 -5.25 107.15 -14.00
C GLU VC 40 -4.82 106.96 -12.56
N VAL VC 41 -5.48 106.04 -11.88
CA VAL VC 41 -5.21 105.72 -10.48
C VAL VC 41 -5.20 104.22 -10.35
N LEU VC 42 -4.11 103.69 -9.82
CA LEU VC 42 -3.98 102.26 -9.58
C LEU VC 42 -3.98 102.01 -8.09
N ILE VC 43 -4.88 101.15 -7.63
CA ILE VC 43 -4.92 100.72 -6.25
C ILE VC 43 -4.37 99.31 -6.20
N ALA VC 44 -3.24 99.14 -5.53
CA ALA VC 44 -2.51 97.89 -5.60
C ALA VC 44 -2.40 97.28 -4.21
N GLN VC 45 -2.80 96.02 -4.10
CA GLN VC 45 -2.64 95.27 -2.87
C GLN VC 45 -1.37 94.41 -2.93
N PHE VC 46 -0.83 94.10 -1.77
CA PHE VC 46 0.35 93.26 -1.70
C PHE VC 46 -0.04 91.79 -1.62
N THR VC 47 0.40 91.03 -2.62
CA THR VC 47 0.19 89.60 -2.61
C THR VC 47 1.38 88.94 -1.92
N GLU VC 48 1.45 87.62 -2.03
CA GLU VC 48 2.66 86.93 -1.61
C GLU VC 48 3.79 87.20 -2.59
N HIS VC 49 3.48 87.20 -3.88
CA HIS VC 49 4.45 87.46 -4.94
C HIS VC 49 4.95 88.90 -4.92
N THR VC 50 4.05 89.86 -5.02
CA THR VC 50 4.41 91.28 -5.03
C THR VC 50 4.80 91.67 -3.61
N SER VC 51 6.08 91.61 -3.31
CA SER VC 51 6.60 92.01 -2.01
C SER VC 51 7.33 93.34 -2.06
N ALA VC 52 7.47 93.94 -3.25
CA ALA VC 52 8.13 95.22 -3.40
C ALA VC 52 7.57 95.90 -4.64
N ILE VC 53 7.35 97.19 -4.53
CA ILE VC 53 6.76 97.97 -5.61
C ILE VC 53 7.64 99.18 -5.85
N LYS VC 54 8.11 99.33 -7.09
CA LYS VC 54 8.94 100.46 -7.48
C LYS VC 54 8.15 101.34 -8.42
N VAL VC 55 8.23 102.64 -8.21
CA VAL VC 55 7.45 103.61 -8.98
C VAL VC 55 8.41 104.59 -9.64
N ARG VC 56 8.31 104.72 -10.95
CA ARG VC 56 9.11 105.66 -11.71
C ARG VC 56 8.24 106.81 -12.17
N GLY VC 57 8.87 107.90 -12.58
CA GLY VC 57 8.15 109.03 -13.13
C GLY VC 57 7.40 109.82 -12.07
N LYS VC 58 6.68 110.83 -12.54
CA LYS VC 58 5.95 111.71 -11.63
C LYS VC 58 4.63 111.08 -11.27
N ALA VC 59 4.47 110.75 -9.99
CA ALA VC 59 3.25 110.12 -9.51
C ALA VC 59 3.02 110.55 -8.06
N TYR VC 60 1.78 110.38 -7.62
CA TYR VC 60 1.36 110.80 -6.30
C TYR VC 60 0.85 109.58 -5.54
N ILE VC 61 1.54 109.18 -4.49
CA ILE VC 61 1.28 107.91 -3.82
C ILE VC 61 0.68 108.18 -2.45
N GLN VC 62 -0.37 107.46 -2.12
CA GLN VC 62 -0.95 107.44 -0.78
C GLN VC 62 -0.77 106.04 -0.22
N THR VC 63 -0.13 105.95 0.93
CA THR VC 63 0.00 104.70 1.66
C THR VC 63 -0.65 104.88 3.03
N SER VC 64 -0.49 103.87 3.87
CA SER VC 64 -0.95 103.99 5.24
C SER VC 64 -0.11 104.99 6.04
N HIS VC 65 1.16 105.12 5.70
CA HIS VC 65 2.06 106.03 6.39
C HIS VC 65 1.89 107.47 5.95
N GLY VC 66 1.10 107.74 4.93
CA GLY VC 66 0.88 109.09 4.46
C GLY VC 66 1.03 109.16 2.97
N VAL VC 67 1.32 110.36 2.48
CA VAL VC 67 1.43 110.60 1.05
C VAL VC 67 2.86 110.93 0.70
N ILE VC 68 3.19 110.78 -0.58
CA ILE VC 68 4.52 111.04 -1.09
C ILE VC 68 4.41 111.30 -2.59
N GLU VC 69 5.43 111.91 -3.17
CA GLU VC 69 5.39 112.31 -4.56
C GLU VC 69 6.64 111.84 -5.28
N SER VC 70 6.51 110.76 -6.04
CA SER VC 70 7.63 110.25 -6.81
C SER VC 70 7.83 111.10 -8.06
N GLU VC 71 9.07 111.23 -8.48
CA GLU VC 71 9.38 111.99 -9.68
C GLU VC 71 10.22 111.20 -10.67
N ASP WC 6 -10.26 97.30 3.21
CA ASP WC 6 -10.54 96.11 2.43
C ASP WC 6 -11.32 96.40 1.16
N PHE WC 7 -11.89 97.59 1.07
CA PHE WC 7 -12.76 97.92 -0.05
C PHE WC 7 -12.64 99.39 -0.38
N VAL WC 8 -12.95 99.71 -1.64
CA VAL WC 8 -12.87 101.05 -2.17
C VAL WC 8 -14.23 101.47 -2.70
N VAL WC 9 -14.45 102.77 -2.78
CA VAL WC 9 -15.71 103.34 -3.24
C VAL WC 9 -15.42 104.27 -4.40
N ILE WC 10 -15.98 103.97 -5.56
CA ILE WC 10 -15.72 104.74 -6.77
C ILE WC 10 -17.02 105.36 -7.24
N LYS WC 11 -17.10 106.68 -7.21
CA LYS WC 11 -18.25 107.39 -7.75
C LYS WC 11 -17.88 107.90 -9.14
N ALA WC 12 -18.58 107.42 -10.16
CA ALA WC 12 -18.23 107.82 -11.51
C ALA WC 12 -18.83 109.18 -11.82
N LEU WC 13 -17.98 110.20 -11.89
CA LEU WC 13 -18.41 111.56 -12.15
C LEU WC 13 -18.68 111.84 -13.61
N GLU WC 14 -18.28 110.94 -14.51
CA GLU WC 14 -18.55 111.11 -15.93
C GLU WC 14 -18.86 109.74 -16.51
N ASP WC 15 -19.39 109.75 -17.72
CA ASP WC 15 -19.81 108.50 -18.35
C ASP WC 15 -18.61 107.69 -18.81
N GLY WC 16 -18.83 106.38 -18.94
CA GLY WC 16 -17.83 105.49 -19.49
C GLY WC 16 -16.59 105.30 -18.65
N VAL WC 17 -16.72 105.38 -17.32
CA VAL WC 17 -15.55 105.19 -16.48
C VAL WC 17 -15.25 103.70 -16.37
N ASN WC 18 -14.03 103.32 -16.72
CA ASN WC 18 -13.62 101.93 -16.74
C ASN WC 18 -12.98 101.57 -15.41
N VAL WC 19 -13.24 100.37 -14.94
CA VAL WC 19 -12.62 99.83 -13.73
C VAL WC 19 -12.09 98.46 -14.10
N ILE WC 20 -10.78 98.26 -13.97
CA ILE WC 20 -10.11 97.06 -14.46
C ILE WC 20 -9.66 96.22 -13.28
N GLY WC 21 -10.10 94.98 -13.24
CA GLY WC 21 -9.72 94.07 -12.18
C GLY WC 21 -10.91 93.40 -11.52
N SER WC 33 -13.11 93.56 -16.41
CA SER WC 33 -13.38 94.96 -16.71
C SER WC 33 -14.84 95.30 -16.49
N GLU WC 34 -15.10 96.49 -15.95
CA GLU WC 34 -16.45 96.97 -15.74
C GLU WC 34 -16.55 98.41 -16.21
N CYS WC 35 -17.74 98.82 -16.64
CA CYS WC 35 -17.96 100.18 -17.09
C CYS WC 35 -19.06 100.82 -16.24
N LEU WC 36 -18.88 102.10 -15.91
CA LEU WC 36 -19.84 102.84 -15.10
C LEU WC 36 -20.27 104.09 -15.84
N ASP WC 37 -21.54 104.45 -15.65
CA ASP WC 37 -22.08 105.70 -16.17
C ASP WC 37 -22.03 106.77 -15.09
N LYS WC 38 -22.44 107.97 -15.47
CA LYS WC 38 -22.36 109.12 -14.57
C LYS WC 38 -23.36 108.99 -13.44
N GLY WC 39 -22.87 109.13 -12.21
CA GLY WC 39 -23.71 109.09 -11.04
C GLY WC 39 -23.74 107.76 -10.33
N GLU WC 40 -23.27 106.70 -10.98
CA GLU WC 40 -23.23 105.40 -10.31
C GLU WC 40 -22.08 105.36 -9.33
N VAL WC 41 -22.17 104.41 -8.40
CA VAL WC 41 -21.16 104.22 -7.36
C VAL WC 41 -20.90 102.73 -7.25
N LEU WC 42 -19.65 102.34 -7.38
CA LEU WC 42 -19.25 100.95 -7.25
C LEU WC 42 -18.43 100.79 -5.99
N ILE WC 43 -18.84 99.89 -5.12
CA ILE WC 43 -18.10 99.54 -3.93
C ILE WC 43 -17.45 98.20 -4.18
N ALA WC 44 -16.12 98.18 -4.22
CA ALA WC 44 -15.39 97.01 -4.65
C ALA WC 44 -14.49 96.50 -3.55
N GLN WC 45 -14.61 95.21 -3.24
CA GLN WC 45 -13.74 94.56 -2.29
C GLN WC 45 -12.62 93.84 -3.01
N PHE WC 46 -11.50 93.64 -2.30
CA PHE WC 46 -10.38 92.93 -2.88
C PHE WC 46 -10.50 91.44 -2.61
N THR WC 47 -10.57 90.66 -3.68
CA THR WC 47 -10.57 89.22 -3.58
C THR WC 47 -9.13 88.74 -3.62
N GLU WC 48 -8.96 87.42 -3.74
CA GLU WC 48 -7.65 86.88 -4.05
C GLU WC 48 -7.25 87.20 -5.48
N HIS WC 49 -8.20 87.08 -6.40
CA HIS WC 49 -7.96 87.39 -7.81
C HIS WC 49 -7.70 88.86 -8.06
N THR WC 50 -8.63 89.72 -7.67
CA THR WC 50 -8.49 91.16 -7.86
C THR WC 50 -7.47 91.67 -6.86
N SER WC 51 -6.22 91.76 -7.30
CA SER WC 51 -5.15 92.29 -6.48
C SER WC 51 -4.72 93.68 -6.91
N ALA WC 52 -5.29 94.21 -7.99
CA ALA WC 52 -4.97 95.54 -8.47
C ALA WC 52 -6.17 96.08 -9.22
N ILE WC 53 -6.45 97.36 -9.01
CA ILE WC 53 -7.61 98.01 -9.61
C ILE WC 53 -7.15 99.28 -10.29
N LYS WC 54 -7.42 99.40 -11.57
CA LYS WC 54 -7.05 100.58 -12.35
C LYS WC 54 -8.32 101.31 -12.74
N VAL WC 55 -8.31 102.63 -12.60
CA VAL WC 55 -9.47 103.46 -12.82
C VAL WC 55 -9.13 104.49 -13.89
N ARG WC 56 -9.92 104.53 -14.95
CA ARG WC 56 -9.76 105.50 -16.02
C ARG WC 56 -10.88 106.53 -15.95
N GLY WC 57 -10.68 107.65 -16.62
CA GLY WC 57 -11.71 108.66 -16.72
C GLY WC 57 -11.87 109.43 -15.42
N LYS WC 58 -12.84 110.33 -15.43
CA LYS WC 58 -13.08 111.20 -14.28
C LYS WC 58 -13.93 110.46 -13.25
N ALA WC 59 -13.35 110.20 -12.09
CA ALA WC 59 -14.05 109.49 -11.03
C ALA WC 59 -13.53 109.98 -9.70
N TYR WC 60 -14.32 109.72 -8.66
CA TYR WC 60 -14.01 110.17 -7.31
C TYR WC 60 -13.92 108.95 -6.40
N ILE WC 61 -12.73 108.69 -5.88
CA ILE WC 61 -12.44 107.44 -5.17
C ILE WC 61 -12.24 107.74 -3.69
N GLN WC 62 -12.88 106.95 -2.85
CA GLN WC 62 -12.65 106.94 -1.41
C GLN WC 62 -12.05 105.60 -1.03
N THR WC 63 -10.88 105.65 -0.40
CA THR WC 63 -10.24 104.47 0.15
C THR WC 63 -10.09 104.66 1.65
N SER WC 64 -9.37 103.73 2.28
CA SER WC 64 -9.06 103.89 3.69
C SER WC 64 -8.06 105.01 3.91
N HIS WC 65 -7.18 105.24 2.94
CA HIS WC 65 -6.17 106.29 3.06
C HIS WC 65 -6.70 107.68 2.77
N GLY WC 66 -7.95 107.80 2.33
CA GLY WC 66 -8.53 109.09 2.06
C GLY WC 66 -9.20 109.08 0.71
N VAL WC 67 -9.37 110.27 0.14
CA VAL WC 67 -10.06 110.43 -1.13
C VAL WC 67 -9.06 110.88 -2.18
N ILE WC 68 -9.45 110.69 -3.44
CA ILE WC 68 -8.63 111.03 -4.59
C ILE WC 68 -9.55 111.19 -5.78
N GLU WC 69 -9.08 111.87 -6.82
CA GLU WC 69 -9.90 112.17 -7.99
C GLU WC 69 -9.17 111.79 -9.26
N SER WC 70 -9.56 110.66 -9.84
CA SER WC 70 -8.95 110.22 -11.08
C SER WC 70 -9.56 111.00 -12.25
N GLU WC 71 -8.73 111.23 -13.26
CA GLU WC 71 -9.20 111.94 -14.44
C GLU WC 71 -8.93 111.17 -15.72
N ASP XC 6 -17.06 96.08 6.98
CA ASP XC 6 -17.61 94.82 6.50
C ASP XC 6 -18.97 94.99 5.84
N PHE XC 7 -19.62 96.12 6.07
CA PHE XC 7 -20.99 96.31 5.59
C PHE XC 7 -21.21 97.77 5.22
N VAL XC 8 -22.18 97.97 4.33
CA VAL XC 8 -22.51 99.29 3.83
C VAL XC 8 -23.98 99.56 4.12
N VAL XC 9 -24.34 100.84 4.14
CA VAL XC 9 -25.69 101.28 4.44
C VAL XC 9 -26.17 102.17 3.30
N ILE XC 10 -27.23 101.75 2.62
CA ILE XC 10 -27.73 102.46 1.45
C ILE XC 10 -29.13 102.95 1.75
N LYS XC 11 -29.32 104.26 1.81
CA LYS XC 11 -30.64 104.85 1.96
C LYS XC 11 -31.12 105.30 0.60
N ALA XC 12 -32.21 104.71 0.12
CA ALA XC 12 -32.67 105.05 -1.21
C ALA XC 12 -33.48 106.34 -1.17
N LEU XC 13 -32.90 107.41 -1.69
CA LEU XC 13 -33.53 108.72 -1.69
C LEU XC 13 -34.57 108.89 -2.78
N GLU XC 14 -34.64 107.97 -3.74
CA GLU XC 14 -35.64 108.04 -4.79
C GLU XC 14 -36.08 106.61 -5.10
N ASP XC 15 -37.17 106.50 -5.84
CA ASP XC 15 -37.73 105.19 -6.12
C ASP XC 15 -36.90 104.44 -7.15
N GLY XC 16 -37.02 103.12 -7.13
CA GLY XC 16 -36.39 102.28 -8.12
C GLY XC 16 -34.88 102.23 -8.07
N VAL XC 17 -34.28 102.39 -6.90
CA VAL XC 17 -32.83 102.33 -6.81
C VAL XC 17 -32.39 100.88 -6.87
N ASN XC 18 -31.51 100.57 -7.83
CA ASN XC 18 -31.04 99.21 -8.04
C ASN XC 18 -29.76 99.00 -7.28
N VAL XC 19 -29.61 97.80 -6.71
CA VAL XC 19 -28.39 97.38 -6.04
C VAL XC 19 -28.00 96.04 -6.62
N ILE XC 20 -26.82 95.96 -7.21
CA ILE XC 20 -26.41 94.79 -7.97
C ILE XC 20 -25.31 94.06 -7.21
N GLY XC 21 -25.55 92.79 -6.93
CA GLY XC 21 -24.56 91.98 -6.23
C GLY XC 21 -25.14 91.26 -5.04
N SER XC 33 -29.62 90.95 -7.97
CA SER XC 33 -30.14 92.31 -8.08
C SER XC 33 -31.29 92.55 -7.11
N GLU XC 34 -31.33 93.74 -6.54
CA GLU XC 34 -32.40 94.14 -5.62
C GLU XC 34 -32.87 95.53 -5.99
N CYS XC 35 -34.14 95.82 -5.71
CA CYS XC 35 -34.70 97.13 -5.98
C CYS XC 35 -35.23 97.73 -4.69
N LEU XC 36 -35.02 99.04 -4.52
CA LEU XC 36 -35.46 99.74 -3.32
C LEU XC 36 -36.35 100.92 -3.71
N ASP XC 37 -37.34 101.20 -2.88
CA ASP XC 37 -38.19 102.36 -3.04
C ASP XC 37 -37.68 103.50 -2.18
N LYS XC 38 -38.34 104.65 -2.28
CA LYS XC 38 -37.90 105.83 -1.58
C LYS XC 38 -38.12 105.71 -0.08
N GLY XC 39 -37.07 105.95 0.69
CA GLY XC 39 -37.14 105.92 2.13
C GLY XC 39 -36.66 104.64 2.75
N GLU XC 40 -36.51 103.58 1.96
CA GLU XC 40 -35.99 102.33 2.51
C GLU XC 40 -34.49 102.43 2.72
N VAL XC 41 -33.98 101.55 3.56
CA VAL XC 41 -32.56 101.49 3.90
C VAL XC 41 -32.14 100.04 3.87
N LEU XC 42 -31.12 99.73 3.08
CA LEU XC 42 -30.58 98.40 2.98
C LEU XC 42 -29.19 98.38 3.60
N ILE XC 43 -29.00 97.49 4.57
CA ILE XC 43 -27.69 97.28 5.19
C ILE XC 43 -27.15 95.98 4.62
N ALA XC 44 -26.05 96.06 3.88
CA ALA XC 44 -25.57 94.92 3.13
C ALA XC 44 -24.17 94.55 3.59
N GLN XC 45 -23.98 93.29 3.93
CA GLN XC 45 -22.68 92.76 4.27
C GLN XC 45 -22.06 92.08 3.05
N PHE XC 46 -20.73 92.02 3.05
CA PHE XC 46 -20.02 91.36 1.97
C PHE XC 46 -19.83 89.88 2.26
N THR XC 47 -20.38 89.04 1.41
CA THR XC 47 -20.20 87.60 1.51
C THR XC 47 -18.96 87.23 0.71
N GLU XC 48 -18.77 85.93 0.53
CA GLU XC 48 -17.77 85.47 -0.43
C GLU XC 48 -18.23 85.74 -1.85
N HIS XC 49 -19.52 85.49 -2.13
CA HIS XC 49 -20.10 85.72 -3.43
C HIS XC 49 -20.16 87.19 -3.81
N THR XC 50 -20.80 88.01 -2.98
CA THR XC 50 -20.94 89.43 -3.23
C THR XC 50 -19.59 90.09 -2.94
N SER XC 51 -18.79 90.25 -3.99
CA SER XC 51 -17.50 90.91 -3.88
C SER XC 51 -17.51 92.29 -4.48
N ALA XC 52 -18.61 92.71 -5.09
CA ALA XC 52 -18.72 94.03 -5.68
C ALA XC 52 -20.19 94.43 -5.67
N ILE XC 53 -20.44 95.69 -5.35
CA ILE XC 53 -21.80 96.21 -5.25
C ILE XC 53 -21.90 97.47 -6.08
N LYS XC 54 -22.83 97.50 -7.02
CA LYS XC 54 -23.05 98.64 -7.88
C LYS XC 54 -24.39 99.25 -7.52
N VAL XC 55 -24.42 100.58 -7.43
CA VAL XC 55 -25.62 101.31 -7.00
C VAL XC 55 -26.00 102.28 -8.09
N ARG XC 56 -27.24 102.20 -8.56
CA ARG XC 56 -27.77 103.11 -9.56
C ARG XC 56 -28.76 104.05 -8.91
N GLY XC 57 -29.08 105.14 -9.59
CA GLY XC 57 -30.08 106.06 -9.11
C GLY XC 57 -29.60 106.90 -7.95
N LYS XC 58 -30.50 107.73 -7.45
CA LYS XC 58 -30.17 108.63 -6.36
C LYS XC 58 -30.26 107.89 -5.03
N ALA XC 59 -29.13 107.75 -4.36
CA ALA XC 59 -29.08 107.06 -3.09
C ALA XC 59 -27.97 107.66 -2.24
N TYR XC 60 -28.05 107.41 -0.95
CA TYR XC 60 -27.12 107.96 0.02
C TYR XC 60 -26.43 106.82 0.74
N ILE XC 61 -25.13 106.68 0.55
CA ILE XC 61 -24.38 105.50 1.00
C ILE XC 61 -23.46 105.90 2.13
N GLN XC 62 -23.46 105.11 3.20
CA GLN XC 62 -22.50 105.21 4.28
C GLN XC 62 -21.66 103.95 4.29
N THR XC 63 -20.35 104.12 4.20
CA THR XC 63 -19.39 103.03 4.33
C THR XC 63 -18.49 103.33 5.50
N SER XC 64 -17.46 102.49 5.66
CA SER XC 64 -16.46 102.76 6.68
C SER XC 64 -15.61 103.97 6.31
N HIS XC 65 -15.41 104.21 5.02
CA HIS XC 65 -14.60 105.33 4.55
C HIS XC 65 -15.34 106.65 4.60
N GLY XC 66 -16.63 106.66 4.90
CA GLY XC 66 -17.39 107.87 4.96
C GLY XC 66 -18.68 107.74 4.19
N VAL XC 67 -19.24 108.87 3.79
CA VAL XC 67 -20.51 108.91 3.09
C VAL XC 67 -20.28 109.36 1.66
N ILE XC 68 -21.28 109.06 0.82
CA ILE XC 68 -21.22 109.41 -0.60
C ILE XC 68 -22.65 109.42 -1.11
N GLU XC 69 -22.88 110.06 -2.25
CA GLU XC 69 -24.21 110.24 -2.79
C GLU XC 69 -24.26 109.82 -4.25
N SER XC 70 -24.78 108.63 -4.51
CA SER XC 70 -24.91 108.17 -5.88
C SER XC 70 -26.10 108.83 -6.54
N GLU XC 71 -25.98 109.06 -7.85
CA GLU XC 71 -27.08 109.66 -8.60
C GLU XC 71 -27.47 108.83 -9.82
N ASP YC 6 -20.89 94.65 13.96
CA ASP YC 6 -21.47 93.31 13.83
C ASP YC 6 -22.98 93.33 13.98
N PHE YC 7 -23.54 94.41 14.51
CA PHE YC 7 -24.95 94.45 14.80
C PHE YC 7 -25.49 95.87 14.61
N VAL YC 8 -26.79 95.94 14.35
CA VAL YC 8 -27.48 97.20 14.10
C VAL YC 8 -28.60 97.36 15.11
N VAL YC 9 -29.01 98.60 15.31
CA VAL YC 9 -30.06 98.94 16.28
C VAL YC 9 -31.14 99.71 15.54
N ILE YC 10 -32.35 99.18 15.51
CA ILE YC 10 -33.45 99.78 14.78
C ILE YC 10 -34.54 100.15 15.77
N LYS YC 11 -34.80 101.44 15.91
CA LYS YC 11 -35.90 101.92 16.73
C LYS YC 11 -37.05 102.26 15.81
N ALA YC 12 -38.17 101.55 15.97
CA ALA YC 12 -39.30 101.79 15.07
C ALA YC 12 -40.09 103.00 15.53
N LEU YC 13 -39.97 104.09 14.78
CA LEU YC 13 -40.65 105.33 15.11
C LEU YC 13 -42.10 105.36 14.72
N GLU YC 14 -42.56 104.38 13.94
CA GLU YC 14 -43.97 104.30 13.56
C GLU YC 14 -44.35 102.83 13.53
N ASP YC 15 -45.65 102.59 13.47
CA ASP YC 15 -46.15 101.23 13.52
C ASP YC 15 -45.90 100.50 12.21
N GLY YC 16 -45.86 99.17 12.29
CA GLY YC 16 -45.75 98.34 11.12
C GLY YC 16 -44.44 98.42 10.37
N VAL YC 17 -43.34 98.69 11.07
CA VAL YC 17 -42.05 98.76 10.39
C VAL YC 17 -41.57 97.35 10.10
N ASN YC 18 -41.28 97.07 8.83
CA ASN YC 18 -40.86 95.75 8.41
C ASN YC 18 -39.34 95.68 8.40
N VAL YC 19 -38.81 94.53 8.80
CA VAL YC 19 -37.38 94.27 8.74
C VAL YC 19 -37.21 92.92 8.05
N ILE YC 20 -36.51 92.92 6.92
CA ILE YC 20 -36.44 91.74 6.07
C ILE YC 20 -35.04 91.16 6.14
N GLY YC 21 -34.97 89.88 6.50
CA GLY YC 21 -33.69 89.20 6.59
C GLY YC 21 -33.48 88.50 7.91
N SER YC 33 -38.78 87.66 7.74
CA SER YC 33 -39.41 88.95 7.92
C SER YC 33 -39.91 89.14 9.34
N GLU YC 34 -39.76 90.36 9.85
CA GLU YC 34 -40.24 90.71 11.19
C GLU YC 34 -40.98 92.04 11.12
N CYS YC 35 -41.94 92.23 12.02
CA CYS YC 35 -42.69 93.48 12.08
C CYS YC 35 -42.51 94.10 13.46
N LEU YC 36 -42.40 95.42 13.50
CA LEU YC 36 -42.22 96.15 14.74
C LEU YC 36 -43.29 97.22 14.86
N ASP YC 37 -43.72 97.46 16.09
CA ASP YC 37 -44.65 98.53 16.39
C ASP YC 37 -43.88 99.76 16.87
N LYS YC 38 -44.63 100.84 17.12
CA LYS YC 38 -44.00 102.10 17.48
C LYS YC 38 -43.40 102.04 18.88
N GLY YC 39 -42.14 102.41 18.99
CA GLY YC 39 -41.44 102.45 20.25
C GLY YC 39 -40.58 101.24 20.53
N GLU YC 40 -40.75 100.16 19.78
CA GLU YC 40 -39.90 99.00 19.98
C GLU YC 40 -38.53 99.24 19.38
N VAL YC 41 -37.57 98.45 19.84
CA VAL YC 41 -36.19 98.53 19.39
C VAL YC 41 -35.70 97.11 19.14
N LEU YC 42 -35.21 96.87 17.94
CA LEU YC 42 -34.66 95.57 17.58
C LEU YC 42 -33.16 95.70 17.39
N ILE YC 43 -32.41 94.89 18.11
CA ILE YC 43 -30.96 94.82 17.96
C ILE YC 43 -30.66 93.54 17.20
N ALA YC 44 -30.12 93.68 16.00
CA ALA YC 44 -29.98 92.55 15.10
C ALA YC 44 -28.52 92.32 14.76
N GLN YC 45 -28.06 91.10 14.95
CA GLN YC 45 -26.72 90.70 14.56
C GLN YC 45 -26.75 90.02 13.21
N PHE YC 46 -25.63 90.07 12.51
CA PHE YC 46 -25.52 89.41 11.22
C PHE YC 46 -25.04 87.97 11.37
N THR YC 47 -25.88 87.05 10.94
CA THR YC 47 -25.52 85.64 10.93
C THR YC 47 -24.85 85.33 9.60
N GLU YC 48 -24.64 84.05 9.35
CA GLU YC 48 -24.25 83.63 8.01
C GLU YC 48 -25.40 83.77 7.03
N HIS YC 49 -26.61 83.40 7.48
CA HIS YC 49 -27.81 83.51 6.66
C HIS YC 49 -28.20 84.95 6.37
N THR YC 50 -28.41 85.75 7.41
CA THR YC 50 -28.80 87.15 7.27
C THR YC 50 -27.57 87.92 6.81
N SER YC 51 -27.44 88.09 5.50
CA SER YC 51 -26.36 88.87 4.92
C SER YC 51 -26.82 90.22 4.40
N ALA YC 52 -28.11 90.50 4.46
CA ALA YC 52 -28.66 91.77 4.01
C ALA YC 52 -29.93 92.04 4.79
N ILE YC 53 -30.11 93.30 5.19
CA ILE YC 53 -31.26 93.70 5.98
C ILE YC 53 -31.90 94.91 5.32
N LYS YC 54 -33.17 94.79 5.00
CA LYS YC 54 -33.93 95.87 4.39
C LYS YC 54 -34.94 96.39 5.38
N VAL YC 55 -35.06 97.70 5.48
CA VAL YC 55 -35.92 98.35 6.46
C VAL YC 55 -36.91 99.24 5.73
N ARG YC 56 -38.20 99.01 5.97
CA ARG YC 56 -39.25 99.82 5.39
C ARG YC 56 -39.85 100.71 6.47
N GLY YC 57 -40.59 101.73 6.05
CA GLY YC 57 -41.29 102.59 6.98
C GLY YC 57 -40.36 103.52 7.72
N LYS YC 58 -40.95 104.29 8.63
CA LYS YC 58 -40.19 105.28 9.38
C LYS YC 58 -39.52 104.61 10.56
N ALA YC 59 -38.19 104.61 10.54
CA ALA YC 59 -37.41 103.99 11.60
C ALA YC 59 -36.10 104.73 11.74
N TYR YC 60 -35.46 104.53 12.89
CA TYR YC 60 -34.22 105.22 13.23
C TYR YC 60 -33.15 104.18 13.50
N ILE YC 61 -32.14 104.14 12.64
CA ILE YC 61 -31.15 103.06 12.65
C ILE YC 61 -29.82 103.60 13.14
N GLN YC 62 -29.20 102.88 14.05
CA GLN YC 62 -27.83 103.12 14.46
C GLN YC 62 -26.98 101.93 14.04
N THR YC 63 -25.93 102.21 13.27
CA THR YC 63 -24.95 101.22 12.90
C THR YC 63 -23.59 101.65 13.42
N SER YC 64 -22.55 100.91 13.02
CA SER YC 64 -21.20 101.32 13.36
C SER YC 64 -20.79 102.57 12.61
N HIS YC 65 -21.31 102.76 11.40
CA HIS YC 65 -20.98 103.91 10.58
C HIS YC 65 -21.72 105.17 11.00
N GLY YC 66 -22.67 105.08 11.93
CA GLY YC 66 -23.41 106.24 12.38
C GLY YC 66 -24.88 105.95 12.39
N VAL YC 67 -25.68 107.01 12.34
CA VAL YC 67 -27.13 106.89 12.41
C VAL YC 67 -27.73 107.29 11.07
N ILE YC 68 -28.96 106.85 10.86
CA ILE YC 68 -29.69 107.12 9.63
C ILE YC 68 -31.17 106.99 9.94
N GLU YC 69 -32.02 107.55 9.08
CA GLU YC 69 -33.45 107.58 9.32
C GLU YC 69 -34.20 107.09 8.09
N SER YC 70 -34.66 105.84 8.15
CA SER YC 70 -35.43 105.30 7.05
C SER YC 70 -36.86 105.82 7.09
N GLU YC 71 -37.46 105.98 5.92
CA GLU YC 71 -38.84 106.45 5.85
C GLU YC 71 -39.71 105.53 5.01
N ASP ZC 6 -20.23 93.60 21.75
CA ASP ZC 6 -20.62 92.22 21.97
C ASP ZC 6 -21.80 92.10 22.93
N PHE ZC 7 -22.11 93.16 23.66
CA PHE ZC 7 -23.14 93.09 24.68
C PHE ZC 7 -23.87 94.43 24.78
N VAL ZC 8 -25.10 94.35 25.26
CA VAL ZC 8 -25.97 95.50 25.40
C VAL ZC 8 -26.38 95.64 26.86
N VAL ZC 9 -26.77 96.86 27.23
CA VAL ZC 9 -27.17 97.16 28.60
C VAL ZC 9 -28.57 97.77 28.56
N ILE ZC 10 -29.53 97.12 29.20
CA ILE ZC 10 -30.92 97.54 29.17
C ILE ZC 10 -31.34 97.89 30.59
N LYS ZC 11 -31.64 99.16 30.82
CA LYS ZC 11 -32.18 99.59 32.11
C LYS ZC 11 -33.69 99.74 31.95
N ALA ZC 12 -34.44 98.94 32.70
CA ALA ZC 12 -35.89 98.99 32.56
C ALA ZC 12 -36.45 100.14 33.35
N LEU ZC 13 -36.91 101.18 32.64
CA LEU ZC 13 -37.44 102.38 33.27
C LEU ZC 13 -38.88 102.22 33.72
N GLU ZC 14 -39.55 101.15 33.33
CA GLU ZC 14 -40.91 100.90 33.78
C GLU ZC 14 -41.08 99.41 33.99
N ASP ZC 15 -42.16 99.03 34.64
CA ASP ZC 15 -42.37 97.63 34.98
C ASP ZC 15 -42.77 96.83 33.75
N GLY ZC 16 -42.52 95.52 33.82
CA GLY ZC 16 -42.96 94.61 32.79
C GLY ZC 16 -42.28 94.76 31.46
N VAL ZC 17 -41.02 95.19 31.44
CA VAL ZC 17 -40.32 95.32 30.16
C VAL ZC 17 -39.88 93.96 29.68
N ASN ZC 18 -40.29 93.61 28.47
CA ASN ZC 18 -40.01 92.30 27.90
C ASN ZC 18 -38.74 92.37 27.08
N VAL ZC 19 -37.92 91.32 27.14
CA VAL ZC 19 -36.73 91.19 26.32
C VAL ZC 19 -36.80 89.83 25.67
N ILE ZC 20 -36.81 89.78 24.35
CA ILE ZC 20 -37.07 88.56 23.60
C ILE ZC 20 -35.78 88.12 22.92
N GLY ZC 21 -35.36 86.90 23.19
CA GLY ZC 21 -34.16 86.35 22.59
C GLY ZC 21 -33.19 85.78 23.61
N SER ZC 33 -37.59 84.42 26.35
CA SER ZC 33 -38.21 85.65 26.82
C SER ZC 33 -37.87 85.91 28.29
N GLU ZC 34 -37.63 87.18 28.61
CA GLU ZC 34 -37.35 87.59 29.98
C GLU ZC 34 -38.18 88.83 30.31
N CYS ZC 35 -38.52 89.00 31.58
CA CYS ZC 35 -39.27 90.16 32.02
C CYS ZC 35 -38.47 90.91 33.07
N LEU ZC 36 -38.51 92.24 33.02
CA LEU ZC 36 -37.80 93.09 33.95
C LEU ZC 36 -38.77 94.04 34.63
N ASP ZC 37 -38.50 94.34 35.88
CA ASP ZC 37 -39.24 95.35 36.63
C ASP ZC 37 -38.50 96.67 36.60
N LYS ZC 38 -39.11 97.69 37.18
CA LYS ZC 38 -38.56 99.03 37.13
C LYS ZC 38 -37.30 99.14 37.98
N GLY ZC 39 -36.23 99.64 37.38
CA GLY ZC 39 -34.99 99.86 38.06
C GLY ZC 39 -33.97 98.77 37.85
N GLU ZC 40 -34.38 97.62 37.33
CA GLU ZC 40 -33.41 96.57 37.06
C GLU ZC 40 -32.61 96.89 35.81
N VAL ZC 41 -31.47 96.23 35.68
CA VAL ZC 41 -30.57 96.41 34.55
C VAL ZC 41 -30.11 95.04 34.11
N LEU ZC 42 -30.31 94.74 32.83
CA LEU ZC 42 -29.89 93.48 32.25
C LEU ZC 42 -28.76 93.74 31.27
N ILE ZC 43 -27.64 93.07 31.49
CA ILE ZC 43 -26.51 93.13 30.57
C ILE ZC 43 -26.50 91.83 29.80
N ALA ZC 44 -26.71 91.92 28.49
CA ALA ZC 44 -26.93 90.74 27.68
C ALA ZC 44 -25.87 90.63 26.61
N GLN ZC 45 -25.22 89.47 26.53
CA GLN ZC 45 -24.26 89.18 25.49
C GLN ZC 45 -24.94 88.38 24.38
N PHE ZC 46 -24.36 88.49 23.18
CA PHE ZC 46 -24.90 87.74 22.04
C PHE ZC 46 -24.23 86.38 21.94
N THR ZC 47 -25.05 85.34 22.05
CA THR ZC 47 -24.57 83.98 21.87
C THR ZC 47 -24.69 83.63 20.39
N GLU ZC 48 -24.49 82.36 20.09
CA GLU ZC 48 -24.82 81.86 18.76
C GLU ZC 48 -26.33 81.81 18.57
N HIS ZC 49 -27.04 81.36 19.59
CA HIS ZC 49 -28.51 81.29 19.56
C HIS ZC 49 -29.16 82.65 19.51
N THR ZC 50 -28.89 83.51 20.47
CA THR ZC 50 -29.46 84.85 20.54
C THR ZC 50 -28.78 85.70 19.48
N SER ZC 51 -29.40 85.77 18.31
CA SER ZC 51 -28.91 86.60 17.22
C SER ZC 51 -29.74 87.84 17.02
N ALA ZC 52 -30.82 88.01 17.77
CA ALA ZC 52 -31.67 89.18 17.66
C ALA ZC 52 -32.36 89.39 19.00
N ILE ZC 53 -32.45 90.65 19.41
CA ILE ZC 53 -33.03 91.00 20.69
C ILE ZC 53 -34.07 92.08 20.46
N LYS ZC 54 -35.30 91.81 20.89
CA LYS ZC 54 -36.39 92.76 20.77
C LYS ZC 54 -36.78 93.26 22.15
N VAL ZC 55 -36.98 94.56 22.26
CA VAL ZC 55 -37.25 95.19 23.55
C VAL ZC 55 -38.59 95.91 23.46
N ARG ZC 56 -39.50 95.59 24.36
CA ARG ZC 56 -40.80 96.25 24.44
C ARG ZC 56 -40.84 97.15 25.65
N GLY ZC 57 -41.80 98.06 25.69
CA GLY ZC 57 -42.00 98.92 26.83
C GLY ZC 57 -40.94 100.00 26.93
N LYS ZC 58 -41.05 100.78 28.00
CA LYS ZC 58 -40.14 101.89 28.20
C LYS ZC 58 -38.86 101.40 28.84
N ALA ZC 59 -37.75 101.52 28.10
CA ALA ZC 59 -36.46 101.07 28.58
C ALA ZC 59 -35.38 101.94 27.98
N TYR ZC 60 -34.21 101.91 28.60
CA TYR ZC 60 -33.08 102.74 28.20
C TYR ZC 60 -31.91 101.82 27.86
N ILE ZC 61 -31.51 101.82 26.59
CA ILE ZC 61 -30.56 100.85 26.08
C ILE ZC 61 -29.25 101.55 25.76
N GLN ZC 62 -28.15 100.97 26.20
CA GLN ZC 62 -26.81 101.37 25.80
C GLN ZC 62 -26.18 100.24 25.00
N THR ZC 63 -25.75 100.56 23.78
CA THR ZC 63 -25.01 99.64 22.95
C THR ZC 63 -23.65 100.24 22.65
N SER ZC 64 -22.91 99.58 21.76
CA SER ZC 64 -21.64 100.15 21.31
C SER ZC 64 -21.87 101.37 20.44
N HIS ZC 65 -22.98 101.41 19.71
CA HIS ZC 65 -23.30 102.52 18.82
C HIS ZC 65 -23.84 103.73 19.56
N GLY ZC 66 -24.12 103.62 20.84
CA GLY ZC 66 -24.64 104.73 21.60
C GLY ZC 66 -25.83 104.30 22.42
N VAL ZC 67 -26.65 105.27 22.79
CA VAL ZC 67 -27.81 105.02 23.63
C VAL ZC 67 -29.08 105.24 22.82
N ILE ZC 68 -30.17 104.68 23.33
CA ILE ZC 68 -31.47 104.78 22.69
C ILE ZC 68 -32.53 104.52 23.75
N GLU ZC 69 -33.76 104.92 23.49
CA GLU ZC 69 -34.83 104.83 24.46
C GLU ZC 69 -36.06 104.16 23.84
N SER ZC 70 -36.25 102.89 24.16
CA SER ZC 70 -37.42 102.18 23.66
C SER ZC 70 -38.64 102.56 24.47
N GLU ZC 71 -39.79 102.58 23.81
CA GLU ZC 71 -41.05 102.90 24.48
C GLU ZC 71 -42.10 101.83 24.27
N ASP AD 6 -15.29 92.70 28.14
CA ASP AD 6 -15.39 91.32 28.57
C ASP AD 6 -15.89 91.18 30.00
N PHE AD 7 -15.87 92.27 30.76
CA PHE AD 7 -16.22 92.20 32.17
C PHE AD 7 -16.89 93.48 32.60
N VAL AD 8 -17.68 93.37 33.66
CA VAL AD 8 -18.45 94.48 34.21
C VAL AD 8 -18.06 94.68 35.67
N VAL AD 9 -18.29 95.89 36.17
CA VAL AD 9 -17.95 96.25 37.54
C VAL AD 9 -19.21 96.77 38.21
N ILE AD 10 -19.63 96.10 39.27
CA ILE AD 10 -20.87 96.44 39.97
C ILE AD 10 -20.52 96.85 41.38
N LYS AD 11 -20.77 98.11 41.73
CA LYS AD 11 -20.59 98.59 43.09
C LYS AD 11 -21.96 98.63 43.74
N ALA AD 12 -22.15 97.83 44.78
CA ALA AD 12 -23.45 97.78 45.42
C ALA AD 12 -23.62 98.96 46.36
N LEU AD 13 -24.46 99.91 45.97
CA LEU AD 13 -24.70 101.11 46.76
C LEU AD 13 -25.66 100.90 47.90
N GLU AD 14 -26.36 99.76 47.95
CA GLU AD 14 -27.26 99.46 49.05
C GLU AD 14 -27.16 97.98 49.34
N ASP AD 15 -27.71 97.57 50.48
CA ASP AD 15 -27.59 96.19 50.91
C ASP AD 15 -28.50 95.29 50.08
N GLY AD 16 -28.14 94.01 50.05
CA GLY AD 16 -28.97 93.01 49.41
C GLY AD 16 -29.10 93.11 47.91
N VAL AD 17 -28.08 93.62 47.23
CA VAL AD 17 -28.16 93.72 45.78
C VAL AD 17 -27.92 92.35 45.17
N ASN AD 18 -28.87 91.90 44.35
CA ASN AD 18 -28.80 90.57 43.75
C ASN AD 18 -28.16 90.68 42.38
N VAL AD 19 -27.35 89.68 42.03
CA VAL AD 19 -26.75 89.58 40.72
C VAL AD 19 -27.02 88.17 40.23
N ILE AD 20 -27.72 88.04 39.11
CA ILE AD 20 -28.22 86.76 38.64
C ILE AD 20 -27.45 86.37 37.39
N GLY AD 21 -26.84 85.18 37.44
CA GLY AD 21 -26.09 84.68 36.30
C GLY AD 21 -24.68 84.24 36.68
N SER AD 33 -26.88 82.78 41.34
CA SER AD 33 -27.27 84.00 42.04
C SER AD 33 -26.25 84.37 43.10
N GLU AD 34 -25.98 85.67 43.24
CA GLU AD 34 -25.06 86.18 44.25
C GLU AD 34 -25.70 87.38 44.92
N CYS AD 35 -25.35 87.61 46.18
CA CYS AD 35 -25.85 88.76 46.92
C CYS AD 35 -24.70 89.62 47.38
N LEU AD 36 -24.87 90.93 47.33
CA LEU AD 36 -23.85 91.87 47.74
C LEU AD 36 -24.41 92.81 48.79
N ASP AD 37 -23.54 93.21 49.72
CA ASP AD 37 -23.87 94.21 50.72
C ASP AD 37 -23.38 95.57 50.27
N LYS AD 38 -23.68 96.59 51.08
CA LYS AD 38 -23.36 97.95 50.71
C LYS AD 38 -21.85 98.20 50.79
N GLY AD 39 -21.30 98.72 49.69
CA GLY AD 39 -19.91 99.05 49.62
C GLY AD 39 -19.06 98.02 48.93
N GLU AD 40 -19.57 96.82 48.72
CA GLU AD 40 -18.80 95.81 48.01
C GLU AD 40 -18.81 96.10 46.53
N VAL AD 41 -17.84 95.51 45.83
CA VAL AD 41 -17.68 95.68 44.39
C VAL AD 41 -17.41 94.31 43.80
N LEU AD 42 -18.21 93.91 42.83
CA LEU AD 42 -18.04 92.65 42.14
C LEU AD 42 -17.61 92.91 40.72
N ILE AD 43 -16.50 92.33 40.32
CA ILE AD 43 -16.01 92.40 38.95
C ILE AD 43 -16.30 91.05 38.31
N ALA AD 44 -17.17 91.05 37.31
CA ALA AD 44 -17.67 89.81 36.76
C ALA AD 44 -17.32 89.70 35.29
N GLN AD 45 -16.71 88.58 34.92
CA GLN AD 45 -16.41 88.29 33.54
C GLN AD 45 -17.49 87.38 32.95
N PHE AD 46 -17.64 87.45 31.64
CA PHE AD 46 -18.62 86.60 30.96
C PHE AD 46 -17.99 85.27 30.55
N THR AD 47 -18.54 84.20 31.09
CA THR AD 47 -18.11 82.86 30.72
C THR AD 47 -18.94 82.40 29.53
N GLU AD 48 -18.83 81.13 29.20
CA GLU AD 48 -19.76 80.54 28.24
C GLU AD 48 -21.13 80.38 28.87
N HIS AD 49 -21.18 79.97 30.13
CA HIS AD 49 -22.41 79.79 30.86
C HIS AD 49 -23.12 81.10 31.14
N THR AD 50 -22.45 82.04 31.79
CA THR AD 50 -23.03 83.34 32.13
C THR AD 50 -23.08 84.17 30.85
N SER AD 51 -24.22 84.12 30.17
CA SER AD 51 -24.43 84.90 28.97
C SER AD 51 -25.35 86.09 29.21
N ALA AD 52 -25.90 86.23 30.41
CA ALA AD 52 -26.78 87.34 30.73
C ALA AD 52 -26.68 87.59 32.23
N ILE AD 53 -26.66 88.86 32.60
CA ILE AD 53 -26.51 89.27 33.99
C ILE AD 53 -27.60 90.26 34.31
N LYS AD 54 -28.41 89.95 35.32
CA LYS AD 54 -29.48 90.80 35.77
C LYS AD 54 -29.12 91.37 37.14
N VAL AD 55 -29.36 92.66 37.32
CA VAL AD 55 -28.97 93.36 38.54
C VAL AD 55 -30.22 93.99 39.14
N ARG AD 56 -30.49 93.66 40.41
CA ARG AD 56 -31.61 94.25 41.13
C ARG AD 56 -31.09 95.22 42.17
N GLY AD 57 -31.98 96.06 42.68
CA GLY AD 57 -31.62 96.98 43.74
C GLY AD 57 -30.76 98.12 43.24
N LYS AD 58 -30.36 98.97 44.20
CA LYS AD 58 -29.58 100.15 43.87
C LYS AD 58 -28.11 99.78 43.75
N ALA AD 59 -27.57 99.91 42.55
CA ALA AD 59 -26.19 99.57 42.29
C ALA AD 59 -25.65 100.47 41.19
N TYR AD 60 -24.33 100.55 41.11
CA TYR AD 60 -23.65 101.41 40.17
C TYR AD 60 -22.76 100.56 39.28
N ILE AD 61 -23.08 100.50 37.99
CA ILE AD 61 -22.45 99.56 37.07
C ILE AD 61 -21.57 100.32 36.11
N GLN AD 62 -20.35 99.83 35.91
CA GLN AD 62 -19.46 100.29 34.87
C GLN AD 62 -19.24 99.17 33.88
N THR AD 63 -19.53 99.42 32.62
CA THR AD 63 -19.25 98.50 31.54
C THR AD 63 -18.30 99.17 30.56
N SER AD 64 -18.08 98.50 29.43
CA SER AD 64 -17.29 99.11 28.37
C SER AD 64 -18.03 100.26 27.72
N HIS AD 65 -19.36 100.18 27.67
CA HIS AD 65 -20.19 101.21 27.05
C HIS AD 65 -20.37 102.44 27.93
N GLY AD 66 -19.93 102.38 29.19
CA GLY AD 66 -20.08 103.51 30.08
C GLY AD 66 -20.61 103.06 31.41
N VAL AD 67 -21.22 103.99 32.13
CA VAL AD 67 -21.75 103.73 33.47
C VAL AD 67 -23.26 103.82 33.44
N ILE AD 68 -23.87 103.23 34.46
CA ILE AD 68 -25.33 103.20 34.58
C ILE AD 68 -25.64 102.95 36.05
N GLU AD 69 -26.87 103.26 36.45
CA GLU AD 69 -27.26 103.16 37.85
C GLU AD 69 -28.57 102.39 37.97
N SER AD 70 -28.46 101.13 38.37
CA SER AD 70 -29.66 100.31 38.57
C SER AD 70 -30.31 100.67 39.90
N GLU AD 71 -31.63 100.57 39.93
CA GLU AD 71 -32.36 100.86 41.15
C GLU AD 71 -33.29 99.71 41.55
N ASP BD 6 -7.81 92.73 30.70
CA ASP BD 6 -7.51 91.37 31.14
C ASP BD 6 -7.15 91.28 32.61
N PHE BD 7 -6.86 92.43 33.23
CA PHE BD 7 -6.39 92.42 34.60
C PHE BD 7 -6.87 93.68 35.32
N VAL BD 8 -6.96 93.57 36.64
CA VAL BD 8 -7.43 94.65 37.50
C VAL BD 8 -6.35 94.98 38.51
N VAL BD 9 -6.41 96.20 39.05
CA VAL BD 9 -5.44 96.69 40.01
C VAL BD 9 -6.19 97.15 41.24
N ILE BD 10 -5.91 96.52 42.38
CA ILE BD 10 -6.61 96.80 43.62
C ILE BD 10 -5.62 97.34 44.63
N LYS BD 11 -5.78 98.59 45.03
CA LYS BD 11 -4.97 99.19 46.07
C LYS BD 11 -5.77 99.16 47.37
N ALA BD 12 -5.29 98.42 48.36
CA ALA BD 12 -6.04 98.31 49.59
C ALA BD 12 -5.81 99.53 50.47
N LEU BD 13 -6.83 100.38 50.58
CA LEU BD 13 -6.75 101.61 51.34
C LEU BD 13 -6.93 101.40 52.83
N GLU BD 14 -7.36 100.22 53.25
CA GLU BD 14 -7.50 99.91 54.67
C GLU BD 14 -7.10 98.46 54.89
N ASP BD 15 -6.92 98.11 56.15
CA ASP BD 15 -6.44 96.76 56.46
C ASP BD 15 -7.55 95.74 56.27
N GLY BD 16 -7.13 94.49 56.07
CA GLY BD 16 -8.05 93.38 55.99
C GLY BD 16 -8.96 93.37 54.79
N VAL BD 17 -8.52 93.91 53.66
CA VAL BD 17 -9.37 93.90 52.48
C VAL BD 17 -9.34 92.52 51.85
N ASN BD 18 -10.52 91.93 51.68
CA ASN BD 18 -10.65 90.58 51.16
C ASN BD 18 -10.85 90.64 49.65
N VAL BD 19 -10.24 89.70 48.95
CA VAL BD 19 -10.43 89.54 47.51
C VAL BD 19 -10.77 88.08 47.27
N ILE BD 20 -11.94 87.82 46.69
CA ILE BD 20 -12.47 86.48 46.58
C ILE BD 20 -12.42 86.05 45.12
N GLY BD 21 -11.77 84.94 44.85
CA GLY BD 21 -11.68 84.42 43.50
C GLY BD 21 -10.26 84.12 43.07
N SER BD 33 -9.46 82.82 48.21
CA SER BD 33 -9.55 84.05 48.98
C SER BD 33 -8.18 84.58 49.34
N GLU BD 34 -8.02 85.90 49.28
CA GLU BD 34 -6.77 86.56 49.65
C GLU BD 34 -7.08 87.75 50.54
N CYS BD 35 -6.14 88.09 51.40
CA CYS BD 35 -6.29 89.24 52.28
C CYS BD 35 -5.16 90.23 52.04
N LEU BD 36 -5.48 91.52 52.08
CA LEU BD 36 -4.51 92.57 51.85
C LEU BD 36 -4.52 93.53 53.02
N ASP BD 37 -3.35 94.06 53.35
CA ASP BD 37 -3.20 95.10 54.35
C ASP BD 37 -3.17 96.46 53.68
N LYS BD 38 -3.11 97.50 54.52
CA LYS BD 38 -3.17 98.87 54.01
C LYS BD 38 -1.90 99.23 53.27
N GLY BD 39 -2.08 99.73 52.04
CA GLY BD 39 -0.97 100.17 51.23
C GLY BD 39 -0.51 99.16 50.20
N GLU BD 40 -0.93 97.91 50.32
CA GLU BD 40 -0.54 96.92 49.33
C GLU BD 40 -1.37 97.10 48.06
N VAL BD 41 -0.87 96.55 46.97
CA VAL BD 41 -1.51 96.62 45.66
C VAL BD 41 -1.44 95.24 45.05
N LEU BD 42 -2.60 94.72 44.66
CA LEU BD 42 -2.69 93.42 44.01
C LEU BD 42 -3.10 93.62 42.57
N ILE BD 43 -2.31 93.11 41.64
CA ILE BD 43 -2.65 93.13 40.23
C ILE BD 43 -3.08 91.72 39.87
N ALA BD 44 -4.34 91.57 39.48
CA ALA BD 44 -4.92 90.24 39.30
C ALA BD 44 -5.39 90.07 37.88
N GLN BD 45 -4.95 88.98 37.25
CA GLN BD 45 -5.41 88.61 35.93
C GLN BD 45 -6.53 87.59 36.03
N PHE BD 46 -7.36 87.54 35.00
CA PHE BD 46 -8.44 86.57 34.95
C PHE BD 46 -7.98 85.28 34.31
N THR BD 47 -8.04 84.19 35.07
CA THR BD 47 -7.74 82.88 34.54
C THR BD 47 -9.03 82.28 33.99
N GLU BD 48 -8.96 80.99 33.67
CA GLU BD 48 -10.18 80.26 33.37
C GLU BD 48 -10.99 80.04 34.64
N HIS BD 49 -10.31 79.70 35.74
CA HIS BD 49 -10.96 79.48 37.01
C HIS BD 49 -11.54 80.75 37.60
N THR BD 50 -10.73 81.77 37.79
CA THR BD 50 -11.18 83.05 38.36
C THR BD 50 -11.98 83.77 37.30
N SER BD 51 -13.30 83.59 37.33
CA SER BD 51 -14.20 84.27 36.42
C SER BD 51 -14.98 85.38 37.09
N ALA BD 52 -14.82 85.56 38.40
CA ALA BD 52 -15.50 86.60 39.13
C ALA BD 52 -14.66 86.97 40.33
N ILE BD 53 -14.58 88.27 40.62
CA ILE BD 53 -13.76 88.77 41.71
C ILE BD 53 -14.61 89.70 42.55
N LYS BD 54 -14.71 89.39 43.84
CA LYS BD 54 -15.48 90.19 44.78
C LYS BD 54 -14.52 90.87 45.73
N VAL BD 55 -14.75 92.15 45.99
CA VAL BD 55 -13.86 92.96 46.81
C VAL BD 55 -14.65 93.53 47.98
N ARG BD 56 -14.18 93.27 49.19
CA ARG BD 56 -14.80 93.81 50.39
C ARG BD 56 -13.92 94.89 50.97
N GLY BD 57 -14.47 95.70 51.87
CA GLY BD 57 -13.72 96.71 52.56
C GLY BD 57 -13.38 97.88 51.66
N LYS BD 58 -12.64 98.83 52.24
CA LYS BD 58 -12.28 100.04 51.53
C LYS BD 58 -11.07 99.78 50.65
N ALA BD 59 -11.27 99.88 49.34
CA ALA BD 59 -10.20 99.63 48.38
C ALA BD 59 -10.44 100.49 47.15
N TYR BD 60 -9.37 100.69 46.38
CA TYR BD 60 -9.40 101.53 45.20
C TYR BD 60 -9.03 100.70 44.00
N ILE BD 61 -9.97 100.52 43.07
CA ILE BD 61 -9.82 99.57 41.98
C ILE BD 61 -9.68 100.33 40.68
N GLN BD 62 -8.70 99.93 39.87
CA GLN BD 62 -8.56 100.39 38.50
C GLN BD 62 -8.78 99.22 37.58
N THR BD 63 -9.73 99.37 36.66
CA THR BD 63 -9.96 98.39 35.61
C THR BD 63 -9.76 99.07 34.26
N SER BD 64 -10.10 98.34 33.20
CA SER BD 64 -10.06 98.93 31.87
C SER BD 64 -11.17 99.97 31.70
N HIS BD 65 -12.30 99.78 32.38
CA HIS BD 65 -13.43 100.69 32.28
C HIS BD 65 -13.25 101.95 33.11
N GLY BD 66 -12.21 102.03 33.92
CA GLY BD 66 -11.97 103.19 34.74
C GLY BD 66 -11.67 102.79 36.17
N VAL BD 67 -11.89 103.73 37.08
CA VAL BD 67 -11.60 103.52 38.49
C VAL BD 67 -12.89 103.48 39.27
N ILE BD 68 -12.82 102.90 40.47
CA ILE BD 68 -13.96 102.77 41.36
C ILE BD 68 -13.42 102.60 42.77
N GLU BD 69 -14.28 102.83 43.76
CA GLU BD 69 -13.86 102.79 45.15
C GLU BD 69 -14.80 101.93 45.98
N SER BD 70 -14.36 100.72 46.28
CA SER BD 70 -15.16 99.82 47.09
C SER BD 70 -15.05 100.21 48.55
N GLU BD 71 -16.13 100.01 49.29
CA GLU BD 71 -16.14 100.32 50.72
C GLU BD 71 -16.58 99.13 51.56
N ASP CD 6 -0.24 93.59 29.10
CA ASP CD 6 0.36 92.28 29.34
C ASP CD 6 1.45 92.32 30.40
N PHE CD 7 1.94 93.51 30.73
CA PHE CD 7 3.06 93.62 31.64
C PHE CD 7 2.94 94.88 32.47
N VAL CD 8 3.57 94.85 33.64
CA VAL CD 8 3.54 95.95 34.59
C VAL CD 8 4.96 96.41 34.85
N VAL CD 9 5.09 97.65 35.32
CA VAL CD 9 6.38 98.25 35.60
C VAL CD 9 6.37 98.75 37.04
N ILE CD 10 7.27 98.20 37.86
CA ILE CD 10 7.31 98.52 39.28
C ILE CD 10 8.65 99.18 39.58
N LYS CD 11 8.61 100.44 39.98
CA LYS CD 11 9.81 101.14 40.42
C LYS CD 11 9.81 101.14 41.94
N ALA CD 12 10.82 100.50 42.53
CA ALA CD 12 10.85 100.42 43.98
C ALA CD 12 11.41 101.70 44.57
N LEU CD 13 10.54 102.49 45.18
CA LEU CD 13 10.92 103.77 45.76
C LEU CD 13 11.58 103.64 47.12
N GLU CD 14 11.54 102.46 47.73
CA GLU CD 14 12.21 102.25 49.01
C GLU CD 14 12.78 100.84 49.00
N ASP CD 15 13.63 100.56 49.98
CA ASP CD 15 14.31 99.29 50.02
C ASP CD 15 13.37 98.18 50.47
N GLY CD 16 13.71 96.95 50.10
CA GLY CD 16 12.99 95.79 50.56
C GLY CD 16 11.58 95.65 50.03
N VAL CD 17 11.30 96.14 48.82
CA VAL CD 17 9.96 96.01 48.28
C VAL CD 17 9.76 94.59 47.77
N ASN CD 18 8.73 93.93 48.27
CA ASN CD 18 8.46 92.55 47.92
C ASN CD 18 7.48 92.50 46.76
N VAL CD 19 7.69 91.55 45.85
CA VAL CD 19 6.79 91.30 44.75
C VAL CD 19 6.49 89.81 44.75
N ILE CD 20 5.22 89.45 44.90
CA ILE CD 20 4.83 88.07 45.12
C ILE CD 20 4.11 87.56 43.88
N GLY CD 21 4.61 86.47 43.31
CA GLY CD 21 4.01 85.87 42.14
C GLY CD 21 5.01 85.64 41.02
N SER CD 33 8.52 84.70 44.96
CA SER CD 33 8.75 85.97 45.63
C SER CD 33 10.07 86.60 45.18
N GLU CD 34 10.06 87.92 45.03
CA GLU CD 34 11.25 88.67 44.65
C GLU CD 34 11.36 89.89 45.54
N CYS CD 35 12.59 90.35 45.76
CA CYS CD 35 12.83 91.54 46.57
C CYS CD 35 13.57 92.57 45.74
N LEU CD 36 13.21 93.84 45.91
CA LEU CD 36 13.82 94.93 45.17
C LEU CD 36 14.37 95.96 46.15
N ASP CD 37 15.48 96.58 45.78
CA ASP CD 37 16.05 97.68 46.53
C ASP CD 37 15.61 99.00 45.93
N LYS CD 38 16.02 100.09 46.57
CA LYS CD 38 15.59 101.42 46.16
C LYS CD 38 16.22 101.81 44.83
N GLY CD 39 15.38 102.22 43.89
CA GLY CD 39 15.84 102.67 42.60
C GLY CD 39 15.77 101.63 41.51
N GLU CD 40 15.59 100.37 41.85
CA GLU CD 40 15.45 99.35 40.83
C GLU CD 40 14.07 99.40 40.21
N VAL CD 41 13.96 98.82 39.02
CA VAL CD 41 12.72 98.77 38.27
C VAL CD 41 12.56 97.36 37.74
N LEU CD 42 11.43 96.75 38.04
CA LEU CD 42 11.11 95.41 37.57
C LEU CD 42 9.97 95.51 36.57
N ILE CD 43 10.19 94.97 35.37
CA ILE CD 43 9.16 94.88 34.36
C ILE CD 43 8.71 93.43 34.32
N ALA CD 44 7.46 93.19 34.67
CA ALA CD 44 6.99 91.83 34.86
C ALA CD 44 5.84 91.53 33.91
N GLN CD 45 5.96 90.44 33.17
CA GLN CD 45 4.91 89.96 32.30
C GLN CD 45 4.10 88.88 33.00
N PHE CD 46 2.86 88.72 32.58
CA PHE CD 46 2.01 87.68 33.15
C PHE CD 46 2.16 86.39 32.38
N THR CD 47 2.60 85.35 33.07
CA THR CD 47 2.68 84.02 32.50
C THR CD 47 1.35 83.32 32.74
N GLU CD 48 1.35 82.02 32.45
CA GLU CD 48 0.22 81.20 32.88
C GLU CD 48 0.23 81.01 34.38
N HIS CD 49 1.42 80.77 34.95
CA HIS CD 49 1.58 80.60 36.38
C HIS CD 49 1.29 81.86 37.17
N THR CD 50 1.98 82.95 36.88
CA THR CD 50 1.81 84.21 37.56
C THR CD 50 0.50 84.83 37.09
N SER CD 51 -0.58 84.57 37.82
CA SER CD 51 -1.88 85.13 37.52
C SER CD 51 -2.26 86.24 38.48
N ALA CD 52 -1.44 86.51 39.49
CA ALA CD 52 -1.72 87.56 40.45
C ALA CD 52 -0.39 88.05 41.01
N ILE CD 53 -0.29 89.36 41.18
CA ILE CD 53 0.94 89.98 41.65
C ILE CD 53 0.59 90.90 42.80
N LYS CD 54 1.23 90.67 43.95
CA LYS CD 54 1.02 91.48 45.14
C LYS CD 54 2.27 92.27 45.41
N VAL CD 55 2.11 93.55 45.73
CA VAL CD 55 3.23 94.46 45.92
C VAL CD 55 3.14 95.04 47.33
N ARG CD 56 4.20 94.90 48.10
CA ARG CD 56 4.28 95.47 49.43
C ARG CD 56 5.25 96.64 49.43
N GLY CD 57 5.18 97.46 50.47
CA GLY CD 57 6.10 98.56 50.63
C GLY CD 57 5.82 99.70 49.67
N LYS CD 58 6.68 100.70 49.74
CA LYS CD 58 6.50 101.89 48.92
C LYS CD 58 7.06 101.65 47.53
N ALA CD 59 6.19 101.65 46.53
CA ALA CD 59 6.60 101.42 45.16
C ALA CD 59 5.69 102.19 44.24
N TYR CD 60 6.14 102.39 43.01
CA TYR CD 60 5.42 103.17 42.01
C TYR CD 60 5.16 102.28 40.81
N ILE CD 61 3.90 101.99 40.54
CA ILE CD 61 3.51 100.98 39.56
C ILE CD 61 2.86 101.67 38.36
N GLN CD 62 3.29 101.28 37.17
CA GLN CD 62 2.65 101.67 35.93
C GLN CD 62 2.07 100.42 35.28
N THR CD 63 0.77 100.46 35.02
CA THR CD 63 0.09 99.41 34.28
C THR CD 63 -0.51 100.02 33.03
N SER CD 64 -1.30 99.20 32.32
CA SER CD 64 -2.03 99.72 31.17
C SER CD 64 -3.14 100.68 31.60
N HIS CD 65 -3.71 100.46 32.77
CA HIS CD 65 -4.79 101.30 33.28
C HIS CD 65 -4.30 102.62 33.86
N GLY CD 66 -3.00 102.80 33.99
CA GLY CD 66 -2.46 104.03 34.53
C GLY CD 66 -1.42 103.73 35.58
N VAL CD 67 -1.19 104.71 36.45
CA VAL CD 67 -0.18 104.60 37.48
C VAL CD 67 -0.85 104.54 38.84
N ILE CD 68 -0.09 104.04 39.82
CA ILE CD 68 -0.58 103.89 41.18
C ILE CD 68 0.65 103.83 42.09
N GLU CD 69 0.44 104.08 43.38
CA GLU CD 69 1.53 104.16 44.33
C GLU CD 69 1.25 103.29 45.54
N SER CD 70 1.88 102.12 45.59
CA SER CD 70 1.71 101.24 46.73
C SER CD 70 2.55 101.73 47.89
N GLU CD 71 2.06 101.50 49.10
CA GLU CD 71 2.79 101.89 50.29
C GLU CD 71 2.97 100.74 51.27
N ASP DD 6 5.37 94.71 23.45
CA ASP DD 6 6.13 93.47 23.36
C ASP DD 6 7.61 93.67 23.68
N PHE DD 7 8.07 94.91 23.68
CA PHE DD 7 9.49 95.18 23.86
C PHE DD 7 9.68 96.48 24.61
N VAL DD 8 10.84 96.58 25.26
CA VAL DD 8 11.20 97.73 26.08
C VAL DD 8 12.49 98.33 25.54
N VAL DD 9 12.71 99.60 25.85
CA VAL DD 9 13.89 100.33 25.39
C VAL DD 9 14.59 100.91 26.61
N ILE DD 10 15.83 100.50 26.84
CA ILE DD 10 16.58 100.91 28.02
C ILE DD 10 17.80 101.69 27.57
N LYS DD 11 17.84 102.97 27.89
CA LYS DD 11 19.01 103.79 27.63
C LYS DD 11 19.82 103.90 28.91
N ALA DD 12 21.05 103.39 28.90
CA ALA DD 12 21.84 103.41 30.11
C ALA DD 12 22.49 104.76 30.30
N LEU DD 13 21.99 105.52 31.27
CA LEU DD 13 22.48 106.86 31.53
C LEU DD 13 23.77 106.88 32.34
N GLU DD 14 24.19 105.75 32.90
CA GLU DD 14 25.43 105.67 33.63
C GLU DD 14 26.06 104.31 33.35
N ASP DD 15 27.33 104.17 33.73
CA ASP DD 15 28.05 102.96 33.42
C ASP DD 15 27.61 101.81 34.32
N GLY DD 16 27.83 100.59 33.83
CA GLY DD 16 27.58 99.40 34.62
C GLY DD 16 26.12 99.12 34.92
N VAL DD 17 25.21 99.51 34.04
CA VAL DD 17 23.80 99.23 34.30
C VAL DD 17 23.51 97.77 33.99
N ASN DD 18 22.97 97.06 34.96
CA ASN DD 18 22.71 95.64 34.84
C ASN DD 18 21.27 95.44 34.37
N VAL DD 19 21.08 94.45 33.50
CA VAL DD 19 19.76 94.05 33.04
C VAL DD 19 19.67 92.54 33.22
N ILE DD 20 18.71 92.10 34.03
CA ILE DD 20 18.63 90.71 34.44
C ILE DD 20 17.44 90.06 33.77
N GLY DD 21 17.68 88.98 33.04
CA GLY DD 21 16.62 88.26 32.38
C GLY DD 21 16.89 88.03 30.90
N SER DD 33 22.01 87.64 32.40
CA SER DD 33 22.44 88.97 32.83
C SER DD 33 23.24 89.67 31.74
N GLU DD 34 23.01 90.98 31.59
CA GLU DD 34 23.75 91.80 30.63
C GLU DD 34 24.19 93.09 31.31
N CYS DD 35 25.30 93.65 30.84
CA CYS DD 35 25.79 94.91 31.38
C CYS DD 35 25.88 95.93 30.27
N LEU DD 36 25.54 97.17 30.59
CA LEU DD 36 25.55 98.27 29.63
C LEU DD 36 26.42 99.40 30.16
N ASP DD 37 27.10 100.08 29.25
CA ASP DD 37 27.86 101.27 29.57
C ASP DD 37 27.03 102.51 29.27
N LYS DD 38 27.60 103.67 29.58
CA LYS DD 38 26.87 104.92 29.44
C LYS DD 38 26.68 105.27 27.97
N GLY DD 39 25.43 105.55 27.61
CA GLY DD 39 25.09 105.95 26.27
C GLY DD 39 24.57 104.84 25.39
N GLU DD 40 24.73 103.59 25.81
CA GLU DD 40 24.19 102.50 25.02
C GLU DD 40 22.68 102.40 25.22
N VAL DD 41 22.03 101.72 24.28
CA VAL DD 41 20.59 101.53 24.30
C VAL DD 41 20.32 100.07 23.96
N LEU DD 42 19.59 99.39 24.82
CA LEU DD 42 19.21 98.01 24.60
C LEU DD 42 17.72 97.94 24.36
N ILE DD 43 17.33 97.35 23.24
CA ILE DD 43 15.93 97.11 22.92
C ILE DD 43 15.68 95.63 23.14
N ALA DD 44 14.84 95.30 24.11
CA ALA DD 44 14.68 93.93 24.53
C ALA DD 44 13.24 93.48 24.34
N GLN DD 45 13.07 92.35 23.67
CA GLN DD 45 11.77 91.74 23.49
C GLN DD 45 11.58 90.64 24.53
N PHE DD 46 10.32 90.35 24.83
CA PHE DD 46 10.01 89.30 25.78
C PHE DD 46 9.86 87.96 25.07
N THR DD 47 10.71 87.02 25.44
CA THR DD 47 10.62 85.66 24.93
C THR DD 47 9.69 84.87 25.84
N GLU DD 48 9.67 83.55 25.62
CA GLU DD 48 9.03 82.68 26.59
C GLU DD 48 9.85 82.60 27.86
N HIS DD 49 11.17 82.50 27.72
CA HIS DD 49 12.07 82.43 28.85
C HIS DD 49 12.12 83.72 29.66
N THR DD 50 12.44 84.84 29.02
CA THR DD 50 12.51 86.13 29.68
C THR DD 50 11.09 86.60 29.96
N SER DD 51 10.61 86.30 31.15
CA SER DD 51 9.29 86.74 31.58
C SER DD 51 9.35 87.87 32.59
N ALA DD 52 10.55 88.27 33.01
CA ALA DD 52 10.71 89.36 33.96
C ALA DD 52 12.07 89.99 33.72
N ILE DD 53 12.12 91.31 33.78
CA ILE DD 53 13.33 92.06 33.52
C ILE DD 53 13.55 93.02 34.68
N LYS DD 54 14.71 92.92 35.32
CA LYS DD 54 15.07 93.79 36.43
C LYS DD 54 16.20 94.70 35.98
N VAL DD 55 16.10 95.97 36.32
CA VAL DD 55 17.05 96.99 35.88
C VAL DD 55 17.64 97.66 37.10
N ARG DD 56 18.97 97.65 37.21
CA ARG DD 56 19.68 98.31 38.29
C ARG DD 56 20.36 99.55 37.76
N GLY DD 57 20.76 100.43 38.66
CA GLY DD 57 21.51 101.61 38.29
C GLY DD 57 20.65 102.65 37.61
N LYS DD 58 21.31 103.73 37.20
CA LYS DD 58 20.61 104.84 36.58
C LYS DD 58 20.38 104.55 35.11
N ALA DD 59 19.12 104.42 34.72
CA ALA DD 59 18.77 104.13 33.34
C ALA DD 59 17.42 104.76 33.04
N TYR DD 60 17.15 104.92 31.75
CA TYR DD 60 15.93 105.56 31.27
C TYR DD 60 15.18 104.58 30.40
N ILE DD 61 14.00 104.17 30.85
CA ILE DD 61 13.26 103.07 30.23
C ILE DD 61 12.02 103.62 29.56
N GLN DD 62 11.79 103.19 28.32
CA GLN DD 62 10.56 103.45 27.61
C GLN DD 62 9.85 102.11 27.38
N THR DD 63 8.62 102.02 27.83
CA THR DD 63 7.77 100.87 27.58
C THR DD 63 6.53 101.34 26.83
N SER DD 64 5.58 100.43 26.67
CA SER DD 64 4.31 100.81 26.07
C SER DD 64 3.50 101.69 27.00
N HIS DD 65 3.66 101.52 28.30
CA HIS DD 65 2.92 102.29 29.30
C HIS DD 65 3.50 103.67 29.51
N GLY DD 66 4.65 103.98 28.93
CA GLY DD 66 5.26 105.28 29.08
C GLY DD 66 6.72 105.14 29.42
N VAL DD 67 7.27 106.18 30.04
CA VAL DD 67 8.68 106.23 30.37
C VAL DD 67 8.84 106.20 31.88
N ILE DD 68 10.04 105.84 32.32
CA ILE DD 68 10.36 105.74 33.73
C ILE DD 68 11.88 105.84 33.86
N GLU DD 69 12.35 106.16 35.06
CA GLU DD 69 13.77 106.39 35.28
C GLU DD 69 14.26 105.58 36.48
N SER DD 70 14.93 104.48 36.20
CA SER DD 70 15.47 103.66 37.27
C SER DD 70 16.75 104.28 37.80
N GLU DD 71 16.99 104.11 39.10
CA GLU DD 71 18.19 104.64 39.71
C GLU DD 71 18.97 103.57 40.47
N ASP ED 6 6.92 96.05 15.76
CA ASP ED 6 7.63 94.87 15.30
C ASP ED 6 9.01 95.18 14.77
N PHE ED 7 9.30 96.44 14.51
CA PHE ED 7 10.56 96.81 13.90
C PHE ED 7 11.01 98.17 14.40
N VAL ED 8 12.32 98.39 14.33
CA VAL ED 8 12.95 99.61 14.80
C VAL ED 8 13.70 100.25 13.66
N VAL ED 9 13.93 101.56 13.76
CA VAL ED 9 14.63 102.33 12.74
C VAL ED 9 15.81 103.03 13.38
N ILE ED 10 17.01 102.72 12.93
CA ILE ED 10 18.23 103.26 13.51
C ILE ED 10 18.94 104.09 12.47
N LYS ED 11 19.04 105.38 12.69
CA LYS ED 11 19.81 106.26 11.83
C LYS ED 11 21.16 106.51 12.47
N ALA ED 12 22.22 106.07 11.82
CA ALA ED 12 23.54 106.22 12.43
C ALA ED 12 24.07 107.63 12.20
N LEU ED 13 24.10 108.42 13.27
CA LEU ED 13 24.53 109.80 13.20
C LEU ED 13 26.04 109.96 13.21
N GLU ED 14 26.78 108.90 13.48
CA GLU ED 14 28.24 108.94 13.44
C GLU ED 14 28.73 107.62 12.89
N ASP ED 15 30.01 107.59 12.54
CA ASP ED 15 30.57 106.41 11.92
C ASP ED 15 30.78 105.30 12.93
N GLY ED 16 30.83 104.07 12.44
CA GLY ED 16 31.14 102.92 13.27
C GLY ED 16 30.10 102.56 14.29
N VAL ED 17 28.82 102.82 14.03
CA VAL ED 17 27.80 102.48 15.00
C VAL ED 17 27.53 100.98 14.93
N ASN ED 18 27.65 100.31 16.06
CA ASN ED 18 27.48 98.86 16.12
C ASN ED 18 26.04 98.54 16.49
N VAL ED 19 25.51 97.49 15.88
CA VAL ED 19 24.19 96.97 16.21
C VAL ED 19 24.34 95.48 16.45
N ILE ED 20 24.00 95.03 17.64
CA ILE ED 20 24.28 93.66 18.06
C ILE ED 20 22.98 92.89 18.15
N GLY ED 21 22.90 91.79 17.43
CA GLY ED 21 21.71 90.95 17.44
C GLY ED 21 21.19 90.64 16.06
N SER ED 33 26.34 90.70 14.60
CA SER ED 33 26.81 92.08 14.71
C SER ED 33 26.83 92.75 13.34
N GLU ED 34 26.45 94.03 13.31
CA GLU ED 34 26.48 94.83 12.09
C GLU ED 34 27.10 96.18 12.41
N CYS ED 35 27.73 96.78 11.41
CA CYS ED 35 28.32 98.11 11.56
C CYS ED 35 27.71 99.06 10.56
N LEU ED 36 27.47 100.30 10.99
CA LEU ED 36 26.89 101.32 10.15
C LEU ED 36 27.79 102.53 10.10
N ASP ED 37 27.82 103.20 8.96
CA ASP ED 37 28.52 104.46 8.80
C ASP ED 37 27.55 105.62 8.96
N LYS ED 38 28.10 106.83 8.89
CA LYS ED 38 27.30 108.02 9.14
C LYS ED 38 26.32 108.27 8.00
N GLY ED 39 25.05 108.43 8.34
CA GLY ED 39 24.02 108.72 7.38
C GLY ED 39 23.22 107.52 6.95
N GLU ED 40 23.68 106.31 7.24
CA GLU ED 40 22.91 105.14 6.89
C GLU ED 40 21.76 104.96 7.86
N VAL ED 41 20.78 104.18 7.43
CA VAL ED 41 19.59 103.89 8.21
C VAL ED 41 19.31 102.40 8.10
N LEU ED 42 19.21 101.73 9.24
CA LEU ED 42 18.90 100.31 9.28
C LEU ED 42 17.52 100.13 9.88
N ILE ED 43 16.65 99.45 9.15
CA ILE ED 43 15.32 99.10 9.63
C ILE ED 43 15.36 97.62 9.97
N ALA ED 44 15.20 97.30 11.25
CA ALA ED 44 15.42 95.95 11.74
C ALA ED 44 14.14 95.39 12.34
N GLN ED 45 13.74 94.22 11.87
CA GLN ED 45 12.61 93.51 12.44
C GLN ED 45 13.10 92.47 13.45
N PHE ED 46 12.23 92.12 14.39
CA PHE ED 46 12.55 91.11 15.37
C PHE ED 46 12.18 89.73 14.87
N THR ED 47 13.18 88.87 14.76
CA THR ED 47 12.94 87.48 14.39
C THR ED 47 12.72 86.69 15.68
N GLU ED 48 12.70 85.37 15.53
CA GLU ED 48 12.75 84.52 16.72
C GLU ED 48 14.13 84.57 17.35
N HIS ED 49 15.18 84.55 16.53
CA HIS ED 49 16.55 84.62 17.00
C HIS ED 49 16.89 85.96 17.64
N THR ED 50 16.72 87.05 16.91
CA THR ED 50 17.02 88.38 17.39
C THR ED 50 15.93 88.77 18.37
N SER ED 51 16.17 88.53 19.66
CA SER ED 51 15.25 88.91 20.71
C SER ED 51 15.74 90.10 21.51
N ALA ED 52 16.93 90.60 21.22
CA ALA ED 52 17.47 91.76 21.90
C ALA ED 52 18.44 92.47 20.96
N ILE ED 53 18.38 93.79 20.97
CA ILE ED 53 19.21 94.60 20.08
C ILE ED 53 19.92 95.65 20.92
N LYS ED 54 21.24 95.67 20.85
CA LYS ED 54 22.06 96.63 21.57
C LYS ED 54 22.69 97.58 20.58
N VAL ED 55 22.66 98.87 20.89
CA VAL ED 55 23.14 99.91 19.99
C VAL ED 55 24.23 100.69 20.70
N ARG ED 56 25.41 100.78 20.08
CA ARG ED 56 26.51 101.55 20.60
C ARG ED 56 26.70 102.80 19.76
N GLY ED 57 27.44 103.76 20.29
CA GLY ED 57 27.77 104.96 19.54
C GLY ED 57 26.59 105.90 19.41
N LYS ED 58 26.82 106.99 18.69
CA LYS ED 58 25.81 108.01 18.53
C LYS ED 58 24.85 107.61 17.41
N ALA ED 59 23.60 107.37 17.75
CA ALA ED 59 22.60 106.96 16.78
C ALA ED 59 21.24 107.48 17.22
N TYR ED 60 20.32 107.53 16.28
CA TYR ED 60 18.98 108.06 16.51
C TYR ED 60 17.97 106.97 16.20
N ILE ED 61 17.25 106.52 17.22
CA ILE ED 61 16.40 105.34 17.11
C ILE ED 61 14.95 105.76 17.18
N GLN ED 62 14.14 105.24 16.28
CA GLN ED 62 12.70 105.36 16.32
C GLN ED 62 12.11 103.98 16.53
N THR ED 63 11.31 103.83 17.59
CA THR ED 63 10.57 102.62 17.86
C THR ED 63 9.09 102.95 17.86
N SER ED 64 8.28 101.96 18.24
CA SER ED 64 6.85 102.22 18.41
C SER ED 64 6.59 103.10 19.61
N HIS ED 65 7.42 103.03 20.64
CA HIS ED 65 7.26 103.81 21.85
C HIS ED 65 7.73 105.25 21.69
N GLY ED 66 8.37 105.58 20.57
CA GLY ED 66 8.85 106.93 20.36
C GLY ED 66 10.28 106.92 19.87
N VAL ED 67 10.96 108.03 20.07
CA VAL ED 67 12.33 108.19 19.60
C VAL ED 67 13.26 108.28 20.80
N ILE ED 68 14.54 108.02 20.53
CA ILE ED 68 15.57 108.03 21.56
C ILE ED 68 16.90 108.25 20.86
N GLU ED 69 17.91 108.67 21.61
CA GLU ED 69 19.21 109.01 21.03
C GLU ED 69 20.32 108.32 21.80
N SER ED 70 20.84 107.24 21.24
CA SER ED 70 21.95 106.54 21.85
C SER ED 70 23.24 107.28 21.62
N GLU ED 71 24.14 107.20 22.59
CA GLU ED 71 25.45 107.85 22.46
C GLU ED 71 26.60 106.89 22.70
N ASP FD 6 4.14 96.81 8.29
CA ASP FD 6 4.60 95.68 7.51
C ASP FD 6 5.46 96.08 6.32
N PHE FD 7 5.43 97.35 5.97
CA PHE FD 7 6.13 97.81 4.76
C PHE FD 7 6.65 99.22 4.96
N VAL FD 8 7.69 99.53 4.20
CA VAL FD 8 8.36 100.84 4.28
C VAL FD 8 8.31 101.49 2.91
N VAL FD 9 8.45 102.81 2.89
CA VAL FD 9 8.40 103.59 1.67
C VAL FD 9 9.67 104.42 1.58
N ILE FD 10 10.46 104.19 0.54
CA ILE FD 10 11.74 104.85 0.39
C ILE FD 10 11.71 105.70 -0.87
N LYS FD 11 11.79 107.01 -0.72
CA LYS FD 11 11.89 107.91 -1.85
C LYS FD 11 13.35 108.30 -2.02
N ALA FD 12 13.93 107.94 -3.16
CA ALA FD 12 15.34 108.22 -3.36
C ALA FD 12 15.53 109.65 -3.81
N LEU FD 13 16.06 110.48 -2.92
CA LEU FD 13 16.26 111.90 -3.19
C LEU FD 13 17.51 112.18 -4.00
N GLU FD 14 18.38 111.19 -4.18
CA GLU FD 14 19.57 111.36 -4.99
C GLU FD 14 19.81 110.07 -5.74
N ASP FD 15 20.70 110.13 -6.73
CA ASP FD 15 20.94 108.97 -7.58
C ASP FD 15 21.76 107.93 -6.84
N GLY FD 16 21.65 106.68 -7.30
CA GLY FD 16 22.46 105.61 -6.79
C GLY FD 16 22.18 105.20 -5.37
N VAL FD 17 20.95 105.34 -4.90
CA VAL FD 17 20.64 104.95 -3.52
C VAL FD 17 20.50 103.44 -3.46
N ASN FD 18 21.29 102.82 -2.59
CA ASN FD 18 21.31 101.36 -2.46
C ASN FD 18 20.33 100.93 -1.38
N VAL FD 19 19.66 99.82 -1.61
CA VAL FD 19 18.77 99.21 -0.63
C VAL FD 19 19.16 97.74 -0.54
N ILE FD 20 19.57 97.30 0.65
CA ILE FD 20 20.16 95.99 0.83
C ILE FD 20 19.18 95.12 1.60
N GLY FD 21 18.82 93.98 1.02
CA GLY FD 21 17.91 93.05 1.66
C GLY FD 21 16.76 92.65 0.78
N SER FD 33 20.29 93.08 -3.23
CA SER FD 33 20.61 94.50 -3.37
C SER FD 33 19.84 95.12 -4.53
N GLU FD 34 19.38 96.35 -4.33
CA GLU FD 34 18.68 97.11 -5.37
C GLU FD 34 19.24 98.52 -5.42
N CYS FD 35 19.17 99.13 -6.59
CA CYS FD 35 19.64 100.50 -6.76
C CYS FD 35 18.50 101.36 -7.26
N LEU FD 36 18.41 102.59 -6.76
CA LEU FD 36 17.36 103.53 -7.14
C LEU FD 36 17.99 104.82 -7.65
N ASP FD 37 17.33 105.43 -8.61
CA ASP FD 37 17.72 106.74 -9.12
C ASP FD 37 16.89 107.81 -8.45
N LYS FD 38 17.20 109.06 -8.77
CA LYS FD 38 16.56 110.20 -8.13
C LYS FD 38 15.10 110.31 -8.55
N GLY FD 39 14.21 110.38 -7.57
CA GLY FD 39 12.80 110.55 -7.83
C GLY FD 39 12.00 109.27 -7.78
N GLU FD 40 12.66 108.12 -7.79
CA GLU FD 40 11.93 106.86 -7.69
C GLU FD 40 11.50 106.62 -6.26
N VAL FD 41 10.52 105.75 -6.10
CA VAL FD 41 9.97 105.40 -4.79
C VAL FD 41 9.81 103.88 -4.76
N LEU FD 42 10.41 103.25 -3.76
CA LEU FD 42 10.31 101.82 -3.58
C LEU FD 42 9.48 101.54 -2.34
N ILE FD 43 8.42 100.76 -2.49
CA ILE FD 43 7.61 100.31 -1.37
C ILE FD 43 7.97 98.86 -1.12
N ALA FD 44 8.54 98.59 0.04
CA ALA FD 44 9.10 97.27 0.32
C ALA FD 44 8.41 96.64 1.51
N GLN FD 45 7.95 95.41 1.31
CA GLN FD 45 7.37 94.63 2.40
C GLN FD 45 8.41 93.68 2.96
N PHE FD 46 8.21 93.30 4.22
CA PHE FD 46 9.12 92.35 4.85
C PHE FD 46 8.67 90.93 4.63
N THR FD 47 9.51 90.15 3.98
CA THR FD 47 9.25 88.74 3.78
C THR FD 47 9.84 87.98 4.97
N GLU FD 48 9.87 86.66 4.84
CA GLU FD 48 10.62 85.86 5.80
C GLU FD 48 12.11 86.05 5.59
N HIS FD 49 12.54 86.09 4.34
CA HIS FD 49 13.95 86.29 4.00
C HIS FD 49 14.45 87.68 4.36
N THR FD 50 13.81 88.71 3.85
CA THR FD 50 14.20 90.09 4.12
C THR FD 50 13.78 90.43 5.54
N SER FD 51 14.69 90.26 6.49
CA SER FD 51 14.45 90.59 7.88
C SER FD 51 15.17 91.86 8.30
N ALA FD 52 15.97 92.45 7.41
CA ALA FD 52 16.68 93.68 7.72
C ALA FD 52 16.93 94.42 6.42
N ILE FD 53 16.77 95.74 6.46
CA ILE FD 53 16.90 96.58 5.28
C ILE FD 53 17.86 97.71 5.62
N LYS FD 54 18.93 97.84 4.85
CA LYS FD 54 19.90 98.89 5.04
C LYS FD 54 19.81 99.85 3.86
N VAL FD 55 19.84 101.15 4.16
CA VAL FD 55 19.66 102.18 3.16
C VAL FD 55 20.88 103.09 3.17
N ARG FD 56 21.52 103.25 2.02
CA ARG FD 56 22.66 104.13 1.87
C ARG FD 56 22.25 105.36 1.07
N GLY FD 57 23.06 106.40 1.14
CA GLY FD 57 22.83 107.59 0.35
C GLY FD 57 21.68 108.42 0.89
N LYS FD 58 21.39 109.50 0.17
CA LYS FD 58 20.35 110.42 0.58
C LYS FD 58 19.00 109.90 0.15
N ALA FD 59 18.15 109.57 1.12
CA ALA FD 59 16.83 109.04 0.84
C ALA FD 59 15.88 109.46 1.94
N TYR FD 60 14.59 109.40 1.65
CA TYR FD 60 13.55 109.82 2.56
C TYR FD 60 12.63 108.63 2.84
N ILE FD 61 12.62 108.16 4.08
CA ILE FD 61 11.96 106.91 4.43
C ILE FD 61 10.74 107.22 5.28
N GLN FD 62 9.63 106.59 4.94
CA GLN FD 62 8.43 106.58 5.76
C GLN FD 62 8.18 105.17 6.24
N THR FD 63 8.09 105.00 7.56
CA THR FD 63 7.72 103.74 8.17
C THR FD 63 6.45 103.94 8.97
N SER FD 64 6.07 102.91 9.72
CA SER FD 64 4.95 103.05 10.63
C SER FD 64 5.28 103.96 11.80
N HIS FD 65 6.55 103.99 12.21
CA HIS FD 65 6.99 104.81 13.32
C HIS FD 65 7.16 106.27 12.96
N GLY FD 66 7.07 106.62 11.68
CA GLY FD 66 7.23 107.99 11.27
C GLY FD 66 8.17 108.07 10.08
N VAL FD 67 8.75 109.25 9.89
CA VAL FD 67 9.62 109.50 8.76
C VAL FD 67 11.04 109.71 9.26
N ILE FD 68 11.99 109.56 8.35
CA ILE FD 68 13.41 109.71 8.65
C ILE FD 68 14.13 110.00 7.35
N GLU FD 69 15.34 110.54 7.44
CA GLU FD 69 16.08 110.96 6.27
C GLU FD 69 17.49 110.39 6.31
N SER FD 70 17.72 109.35 5.53
CA SER FD 70 19.05 108.76 5.46
C SER FD 70 19.94 109.61 4.56
N GLU FD 71 21.22 109.64 4.89
CA GLU FD 71 22.18 110.39 4.10
C GLU FD 71 23.37 109.53 3.67
N ASP GD 6 -53.68 17.36 -79.82
CA ASP GD 6 -53.18 16.33 -78.91
C ASP GD 6 -53.62 14.93 -79.32
N PHE GD 7 -54.62 14.83 -80.20
CA PHE GD 7 -55.18 13.54 -80.54
C PHE GD 7 -55.63 13.54 -81.99
N VAL GD 8 -55.67 12.33 -82.56
CA VAL GD 8 -56.04 12.13 -83.95
C VAL GD 8 -57.24 11.20 -84.01
N VAL GD 9 -57.97 11.27 -85.11
CA VAL GD 9 -59.17 10.47 -85.31
C VAL GD 9 -59.01 9.70 -86.61
N ILE GD 10 -59.02 8.37 -86.54
CA ILE GD 10 -58.79 7.52 -87.69
C ILE GD 10 -60.04 6.70 -87.93
N LYS GD 11 -60.70 6.92 -89.06
CA LYS GD 11 -61.84 6.11 -89.46
C LYS GD 11 -61.36 5.10 -90.49
N ALA GD 12 -61.45 3.81 -90.15
CA ALA GD 12 -60.95 2.81 -91.06
C ALA GD 12 -61.97 2.53 -92.15
N LEU GD 13 -61.67 2.98 -93.37
CA LEU GD 13 -62.56 2.82 -94.49
C LEU GD 13 -62.50 1.43 -95.13
N GLU GD 14 -61.53 0.62 -94.76
CA GLU GD 14 -61.42 -0.74 -95.27
C GLU GD 14 -60.93 -1.63 -94.15
N ASP GD 15 -61.03 -2.93 -94.35
CA ASP GD 15 -60.67 -3.87 -93.32
C ASP GD 15 -59.15 -3.97 -93.16
N GLY GD 16 -58.73 -4.41 -91.97
CA GLY GD 16 -57.33 -4.66 -91.73
C GLY GD 16 -56.44 -3.45 -91.70
N VAL GD 17 -56.95 -2.29 -91.31
CA VAL GD 17 -56.11 -1.11 -91.26
C VAL GD 17 -55.22 -1.16 -90.02
N ASN GD 18 -53.92 -1.07 -90.23
CA ASN GD 18 -52.96 -1.18 -89.14
C ASN GD 18 -52.62 0.21 -88.63
N VAL GD 19 -52.46 0.33 -87.32
CA VAL GD 19 -52.03 1.56 -86.68
C VAL GD 19 -50.87 1.19 -85.76
N ILE GD 20 -49.71 1.78 -86.01
CA ILE GD 20 -48.47 1.39 -85.34
C ILE GD 20 -48.06 2.48 -84.39
N GLY GD 21 -47.90 2.13 -83.12
CA GLY GD 21 -47.47 3.07 -82.11
C GLY GD 21 -48.38 3.09 -80.89
N SER GD 33 -48.95 -2.16 -81.85
CA SER GD 33 -49.71 -2.29 -83.09
C SER GD 33 -51.16 -2.60 -82.81
N GLU GD 34 -52.06 -2.00 -83.59
CA GLU GD 34 -53.49 -2.24 -83.48
C GLU GD 34 -54.06 -2.46 -84.87
N CYS GD 35 -55.14 -3.24 -84.95
CA CYS GD 35 -55.81 -3.49 -86.22
C CYS GD 35 -57.25 -3.04 -86.13
N LEU GD 36 -57.76 -2.45 -87.21
CA LEU GD 36 -59.12 -1.95 -87.27
C LEU GD 36 -59.84 -2.58 -88.46
N ASP GD 37 -61.13 -2.82 -88.28
CA ASP GD 37 -61.99 -3.29 -89.35
C ASP GD 37 -62.73 -2.11 -89.97
N LYS GD 38 -63.49 -2.40 -91.01
CA LYS GD 38 -64.17 -1.34 -91.76
C LYS GD 38 -65.30 -0.74 -90.95
N GLY GD 39 -65.29 0.58 -90.83
CA GLY GD 39 -66.31 1.31 -90.13
C GLY GD 39 -65.95 1.70 -88.72
N GLU GD 40 -64.90 1.12 -88.15
CA GLU GD 40 -64.49 1.51 -86.82
C GLU GD 40 -63.77 2.84 -86.85
N VAL GD 41 -63.69 3.48 -85.70
CA VAL GD 41 -63.04 4.77 -85.53
C VAL GD 41 -62.21 4.71 -84.27
N LEU GD 42 -60.92 5.01 -84.41
CA LEU GD 42 -60.00 5.04 -83.29
C LEU GD 42 -59.59 6.47 -83.02
N ILE GD 43 -59.79 6.93 -81.80
CA ILE GD 43 -59.35 8.24 -81.37
C ILE GD 43 -58.12 8.02 -80.49
N ALA GD 44 -56.98 8.51 -80.95
CA ALA GD 44 -55.71 8.19 -80.31
C ALA GD 44 -55.04 9.46 -79.81
N GLN GD 45 -54.67 9.46 -78.54
CA GLN GD 45 -53.91 10.55 -77.96
C GLN GD 45 -52.43 10.20 -77.95
N PHE GD 46 -51.59 11.23 -77.94
CA PHE GD 46 -50.15 11.02 -77.89
C PHE GD 46 -49.67 10.96 -76.45
N THR GD 47 -49.09 9.82 -76.08
CA THR GD 47 -48.49 9.66 -74.77
C THR GD 47 -47.04 10.10 -74.86
N GLU GD 48 -46.29 9.82 -73.80
CA GLU GD 48 -44.84 9.97 -73.87
C GLU GD 48 -44.24 8.89 -74.76
N HIS GD 49 -44.74 7.65 -74.62
CA HIS GD 49 -44.27 6.53 -75.42
C HIS GD 49 -44.62 6.67 -76.89
N THR GD 50 -45.90 6.81 -77.21
CA THR GD 50 -46.36 6.94 -78.58
C THR GD 50 -45.99 8.33 -79.07
N SER GD 51 -44.85 8.45 -79.72
CA SER GD 51 -44.40 9.70 -80.29
C SER GD 51 -44.52 9.72 -81.80
N ALA GD 52 -44.94 8.62 -82.41
CA ALA GD 52 -45.10 8.54 -83.86
C ALA GD 52 -46.16 7.49 -84.16
N ILE GD 53 -47.02 7.80 -85.12
CA ILE GD 53 -48.12 6.92 -85.49
C ILE GD 53 -48.09 6.72 -86.98
N LYS GD 54 -48.00 5.46 -87.41
CA LYS GD 54 -48.00 5.11 -88.82
C LYS GD 54 -49.30 4.41 -89.15
N VAL GD 55 -49.90 4.77 -90.28
CA VAL GD 55 -51.20 4.26 -90.68
C VAL GD 55 -51.05 3.60 -92.05
N ARG GD 56 -51.44 2.34 -92.15
CA ARG GD 56 -51.43 1.61 -93.40
C ARG GD 56 -52.85 1.43 -93.90
N GLY GD 57 -52.99 1.08 -95.17
CA GLY GD 57 -54.29 0.79 -95.73
C GLY GD 57 -55.12 2.03 -95.94
N LYS GD 58 -56.35 1.80 -96.40
CA LYS GD 58 -57.26 2.90 -96.70
C LYS GD 58 -57.94 3.36 -95.44
N ALA GD 59 -57.66 4.59 -95.03
CA ALA GD 59 -58.25 5.15 -93.82
C ALA GD 59 -58.39 6.65 -94.00
N TYR GD 60 -59.24 7.25 -93.16
CA TYR GD 60 -59.56 8.66 -93.23
C TYR GD 60 -59.20 9.30 -91.90
N ILE GD 61 -58.22 10.19 -91.92
CA ILE GD 61 -57.63 10.72 -90.70
C ILE GD 61 -58.01 12.18 -90.55
N GLN GD 62 -58.44 12.55 -89.35
CA GLN GD 62 -58.64 13.94 -88.97
C GLN GD 62 -57.65 14.29 -87.88
N THR GD 63 -56.86 15.31 -88.11
CA THR GD 63 -55.95 15.85 -87.12
C THR GD 63 -56.33 17.31 -86.86
N SER GD 64 -55.49 17.99 -86.09
CA SER GD 64 -55.69 19.41 -85.88
C SER GD 64 -55.39 20.21 -87.14
N HIS GD 65 -54.46 19.71 -87.97
CA HIS GD 65 -54.09 20.40 -89.20
C HIS GD 65 -55.09 20.18 -90.33
N GLY GD 66 -56.07 19.31 -90.15
CA GLY GD 66 -57.05 19.06 -91.17
C GLY GD 66 -57.25 17.58 -91.37
N VAL GD 67 -57.74 17.21 -92.54
CA VAL GD 67 -58.05 15.82 -92.86
C VAL GD 67 -57.10 15.34 -93.93
N ILE GD 68 -56.99 14.01 -94.02
CA ILE GD 68 -56.12 13.37 -95.00
C ILE GD 68 -56.64 11.95 -95.19
N GLU GD 69 -56.23 11.32 -96.29
CA GLU GD 69 -56.74 10.01 -96.65
C GLU GD 69 -55.59 9.07 -96.97
N SER GD 70 -55.26 8.20 -96.02
CA SER GD 70 -54.21 7.22 -96.25
C SER GD 70 -54.73 6.09 -97.11
N GLU GD 71 -53.85 5.52 -97.91
CA GLU GD 71 -54.22 4.39 -98.76
C GLU GD 71 -53.29 3.20 -98.59
N ASP HD 6 -60.06 17.74 -75.08
CA ASP HD 6 -59.81 16.84 -73.97
C ASP HD 6 -60.85 15.75 -73.84
N PHE HD 7 -61.98 15.90 -74.52
CA PHE HD 7 -63.07 14.95 -74.38
C PHE HD 7 -63.83 14.81 -75.68
N VAL HD 8 -64.48 13.67 -75.83
CA VAL HD 8 -65.22 13.32 -77.02
C VAL HD 8 -66.67 13.04 -76.65
N VAL HD 9 -67.56 13.17 -77.62
CA VAL HD 9 -68.98 12.97 -77.43
C VAL HD 9 -69.47 11.92 -78.42
N ILE HD 10 -69.98 10.80 -77.92
CA ILE HD 10 -70.39 9.69 -78.76
C ILE HD 10 -71.88 9.49 -78.58
N LYS HD 11 -72.65 9.71 -79.63
CA LYS HD 11 -74.08 9.42 -79.63
C LYS HD 11 -74.30 8.09 -80.32
N ALA HD 12 -74.80 7.12 -79.57
CA ALA HD 12 -74.98 5.79 -80.16
C ALA HD 12 -76.25 5.76 -80.98
N LEU HD 13 -76.11 5.71 -82.31
CA LEU HD 13 -77.24 5.72 -83.21
C LEU HD 13 -77.88 4.34 -83.38
N GLU HD 14 -77.25 3.29 -82.87
CA GLU HD 14 -77.82 1.96 -82.93
C GLU HD 14 -77.46 1.23 -81.65
N ASP HD 15 -78.11 0.11 -81.41
CA ASP HD 15 -77.92 -0.61 -80.17
C ASP HD 15 -76.59 -1.34 -80.17
N GLY HD 16 -76.09 -1.62 -78.97
CA GLY HD 16 -74.90 -2.41 -78.80
C GLY HD 16 -73.62 -1.77 -79.28
N VAL HD 17 -73.52 -0.44 -79.21
CA VAL HD 17 -72.28 0.21 -79.65
C VAL HD 17 -71.23 0.06 -78.57
N ASN HD 18 -70.08 -0.49 -78.94
CA ASN HD 18 -69.01 -0.76 -78.00
C ASN HD 18 -68.04 0.41 -77.99
N VAL HD 19 -67.53 0.75 -76.82
CA VAL HD 19 -66.51 1.77 -76.66
C VAL HD 19 -65.40 1.15 -75.82
N ILE HD 20 -64.20 1.07 -76.36
CA ILE HD 20 -63.11 0.34 -75.75
C ILE HD 20 -62.07 1.33 -75.24
N GLY HD 21 -61.77 1.24 -73.96
CA GLY HD 21 -60.76 2.12 -73.37
C GLY HD 21 -61.27 2.82 -72.12
N SER HD 33 -64.08 -1.67 -71.27
CA SER HD 33 -65.10 -1.73 -72.32
C SER HD 33 -66.45 -1.28 -71.79
N GLU HD 34 -67.20 -0.55 -72.61
CA GLU HD 34 -68.53 -0.09 -72.26
C GLU HD 34 -69.47 -0.35 -73.43
N CYS HD 35 -70.74 -0.55 -73.14
CA CYS HD 35 -71.74 -0.78 -74.18
C CYS HD 35 -72.83 0.29 -74.07
N LEU HD 36 -73.30 0.76 -75.22
CA LEU HD 36 -74.33 1.79 -75.28
C LEU HD 36 -75.50 1.29 -76.11
N ASP HD 37 -76.69 1.71 -75.72
CA ASP HD 37 -77.90 1.43 -76.48
C ASP HD 37 -78.23 2.62 -77.36
N LYS HD 38 -79.28 2.48 -78.17
CA LYS HD 38 -79.65 3.51 -79.12
C LYS HD 38 -80.21 4.74 -78.42
N GLY HD 39 -79.64 5.89 -78.74
CA GLY HD 39 -80.09 7.15 -78.20
C GLY HD 39 -79.29 7.66 -77.04
N GLU HD 40 -78.45 6.82 -76.44
CA GLU HD 40 -77.61 7.29 -75.36
C GLU HD 40 -76.44 8.10 -75.90
N VAL HD 41 -75.85 8.90 -75.03
CA VAL HD 41 -74.72 9.76 -75.36
C VAL HD 41 -73.69 9.62 -74.26
N LEU HD 42 -72.47 9.27 -74.63
CA LEU HD 42 -71.37 9.16 -73.68
C LEU HD 42 -70.38 10.26 -73.94
N ILE HD 43 -70.08 11.05 -72.91
CA ILE HD 43 -69.06 12.08 -72.98
C ILE HD 43 -67.85 11.55 -72.23
N ALA HD 44 -66.76 11.34 -72.94
CA ALA HD 44 -65.61 10.65 -72.38
C ALA HD 44 -64.39 11.55 -72.40
N GLN HD 45 -63.75 11.69 -71.24
CA GLN HD 45 -62.51 12.43 -71.12
C GLN HD 45 -61.33 11.46 -71.18
N PHE HD 46 -60.18 11.98 -71.59
CA PHE HD 46 -58.98 11.17 -71.64
C PHE HD 46 -58.23 11.24 -70.32
N THR HD 47 -58.08 10.09 -69.68
CA THR HD 47 -57.29 9.99 -68.46
C THR HD 47 -55.85 9.70 -68.85
N GLU HD 48 -55.05 9.36 -67.85
CA GLU HD 48 -53.72 8.83 -68.13
C GLU HD 48 -53.83 7.41 -68.68
N HIS HD 49 -54.72 6.62 -68.10
CA HIS HD 49 -54.95 5.24 -68.55
C HIS HD 49 -55.56 5.17 -69.93
N THR HD 50 -56.71 5.79 -70.13
CA THR HD 50 -57.40 5.79 -71.41
C THR HD 50 -56.65 6.70 -72.36
N SER HD 51 -55.74 6.12 -73.13
CA SER HD 51 -54.98 6.86 -74.13
C SER HD 51 -55.45 6.58 -75.54
N ALA HD 52 -56.41 5.66 -75.72
CA ALA HD 52 -56.93 5.34 -77.03
C ALA HD 52 -58.35 4.84 -76.86
N ILE HD 53 -59.23 5.26 -77.76
CA ILE HD 53 -60.64 4.90 -77.70
C ILE HD 53 -61.05 4.35 -79.05
N LYS HD 54 -61.58 3.14 -79.05
CA LYS HD 54 -62.04 2.50 -80.26
C LYS HD 54 -63.56 2.40 -80.21
N VAL HD 55 -64.22 2.71 -81.32
CA VAL HD 55 -65.67 2.75 -81.38
C VAL HD 55 -66.14 1.79 -82.47
N ARG HD 56 -67.01 0.86 -82.12
CA ARG HD 56 -67.58 -0.07 -83.07
C ARG HD 56 -69.04 0.29 -83.31
N GLY HD 57 -69.61 -0.24 -84.38
CA GLY HD 57 -71.01 -0.05 -84.66
C GLY HD 57 -71.31 1.35 -85.16
N LYS HD 58 -72.59 1.59 -85.39
CA LYS HD 58 -73.04 2.86 -85.93
C LYS HD 58 -73.16 3.89 -84.80
N ALA HD 59 -72.32 4.91 -84.85
CA ALA HD 59 -72.33 5.94 -83.82
C ALA HD 59 -71.91 7.26 -84.46
N TYR HD 60 -72.22 8.34 -83.76
CA TYR HD 60 -71.97 9.69 -84.24
C TYR HD 60 -71.07 10.40 -83.24
N ILE HD 61 -69.85 10.72 -83.65
CA ILE HD 61 -68.82 11.21 -82.74
C ILE HD 61 -68.55 12.67 -83.03
N GLN HD 62 -68.49 13.48 -81.98
CA GLN HD 62 -68.03 14.84 -82.04
C GLN HD 62 -66.75 14.95 -81.23
N THR HD 63 -65.69 15.43 -81.88
CA THR HD 63 -64.43 15.72 -81.22
C THR HD 63 -64.14 17.20 -81.40
N SER HD 64 -62.93 17.60 -80.98
CA SER HD 64 -62.49 18.96 -81.22
C SER HD 64 -62.22 19.21 -82.70
N HIS HD 65 -61.80 18.17 -83.42
CA HIS HD 65 -61.49 18.29 -84.84
C HIS HD 65 -62.73 18.28 -85.71
N GLY HD 66 -63.90 18.03 -85.15
CA GLY HD 66 -65.12 18.00 -85.94
C GLY HD 66 -65.93 16.77 -85.61
N VAL HD 67 -66.80 16.40 -86.55
CA VAL HD 67 -67.69 15.27 -86.36
C VAL HD 67 -67.31 14.16 -87.32
N ILE HD 68 -67.76 12.95 -87.00
CA ILE HD 68 -67.47 11.77 -87.80
C ILE HD 68 -68.55 10.74 -87.48
N GLU HD 69 -68.70 9.75 -88.35
CA GLU HD 69 -69.75 8.77 -88.21
C GLU HD 69 -69.19 7.35 -88.34
N SER HD 70 -69.01 6.69 -87.21
CA SER HD 70 -68.52 5.33 -87.22
C SER HD 70 -69.64 4.38 -87.61
N GLU HD 71 -69.27 3.30 -88.29
CA GLU HD 71 -70.26 2.30 -88.68
C GLU HD 71 -69.86 0.90 -88.24
N ASP ID 6 -64.44 22.21 -70.33
CA ASP ID 6 -64.30 21.63 -68.99
C ASP ID 6 -65.63 21.19 -68.40
N PHE ID 7 -66.73 21.64 -68.99
CA PHE ID 7 -68.04 21.38 -68.42
C PHE ID 7 -69.08 21.24 -69.52
N VAL ID 8 -70.14 20.52 -69.19
CA VAL ID 8 -71.23 20.24 -70.13
C VAL ID 8 -72.53 20.76 -69.54
N VAL ID 9 -73.49 21.00 -70.41
CA VAL ID 9 -74.80 21.52 -70.01
C VAL ID 9 -75.86 20.58 -70.54
N ILE ID 10 -76.65 20.00 -69.63
CA ILE ID 10 -77.66 19.01 -69.99
C ILE ID 10 -79.02 19.56 -69.62
N LYS ID 11 -79.86 19.81 -70.61
CA LYS ID 11 -81.23 20.21 -70.37
C LYS ID 11 -82.12 18.99 -70.53
N ALA ID 12 -82.78 18.59 -69.46
CA ALA ID 12 -83.60 17.38 -69.54
C ALA ID 12 -84.94 17.70 -70.17
N LEU ID 13 -85.14 17.25 -71.40
CA LEU ID 13 -86.36 17.51 -72.14
C LEU ID 13 -87.51 16.60 -71.76
N GLU ID 14 -87.24 15.55 -70.99
CA GLU ID 14 -88.29 14.65 -70.53
C GLU ID 14 -87.95 14.22 -69.12
N ASP ID 15 -88.93 13.61 -68.44
CA ASP ID 15 -88.74 13.25 -67.06
C ASP ID 15 -87.84 12.02 -66.94
N GLY ID 16 -87.24 11.88 -65.76
CA GLY ID 16 -86.44 10.72 -65.45
C GLY ID 16 -85.17 10.56 -66.23
N VAL ID 17 -84.54 11.66 -66.64
CA VAL ID 17 -83.30 11.54 -67.39
C VAL ID 17 -82.16 11.24 -66.43
N ASN ID 18 -81.45 10.15 -66.70
CA ASN ID 18 -80.37 9.69 -65.82
C ASN ID 18 -79.05 10.25 -66.32
N VAL ID 19 -78.19 10.63 -65.39
CA VAL ID 19 -76.84 11.08 -65.68
C VAL ID 19 -75.90 10.27 -64.79
N ILE ID 20 -75.00 9.52 -65.40
CA ILE ID 20 -74.17 8.57 -64.68
C ILE ID 20 -72.74 9.08 -64.64
N GLY ID 21 -72.19 9.22 -63.44
CA GLY ID 21 -70.82 9.67 -63.29
C GLY ID 21 -70.70 10.83 -62.31
N SER ID 33 -74.76 8.50 -59.72
CA SER ID 33 -75.94 8.62 -60.56
C SER ID 33 -76.84 9.76 -60.09
N GLU ID 34 -77.40 10.50 -61.04
CA GLU ID 34 -78.33 11.58 -60.75
C GLU ID 34 -79.54 11.46 -61.66
N CYS ID 35 -80.68 11.95 -61.20
CA CYS ID 35 -81.90 11.93 -62.00
C CYS ID 35 -82.41 13.35 -62.16
N LEU ID 36 -82.92 13.66 -63.35
CA LEU ID 36 -83.44 14.98 -63.66
C LEU ID 36 -84.87 14.86 -64.15
N ASP ID 37 -85.69 15.85 -63.82
CA ASP ID 37 -87.04 15.96 -64.33
C ASP ID 37 -87.08 16.90 -65.52
N LYS ID 38 -88.26 17.03 -66.12
CA LYS ID 38 -88.40 17.81 -67.33
C LYS ID 38 -88.24 19.30 -67.04
N GLY ID 39 -87.36 19.95 -67.79
CA GLY ID 39 -87.14 21.36 -67.67
C GLY ID 39 -85.94 21.74 -66.84
N GLU ID 40 -85.39 20.81 -66.08
CA GLU ID 40 -84.20 21.12 -65.30
C GLU ID 40 -82.98 21.15 -66.20
N VAL ID 41 -81.93 21.79 -65.72
CA VAL ID 41 -80.67 21.93 -66.44
C VAL ID 41 -79.55 21.64 -65.45
N LEU ID 42 -78.69 20.70 -65.79
CA LEU ID 42 -77.54 20.35 -64.98
C LEU ID 42 -76.28 20.78 -65.70
N ILE ID 43 -75.46 21.59 -65.04
CA ILE ID 43 -74.17 21.99 -65.55
C ILE ID 43 -73.13 21.20 -64.78
N ALA ID 44 -72.40 20.34 -65.48
CA ALA ID 44 -71.52 19.39 -64.83
C ALA ID 44 -70.09 19.60 -65.28
N GLN ID 45 -69.20 19.74 -64.30
CA GLN ID 45 -67.77 19.83 -64.57
C GLN ID 45 -67.12 18.48 -64.40
N PHE ID 46 -65.99 18.29 -65.07
CA PHE ID 46 -65.26 17.04 -64.95
C PHE ID 46 -64.25 17.12 -63.82
N THR ID 47 -64.42 16.23 -62.84
CA THR ID 47 -63.47 16.13 -61.75
C THR ID 47 -62.40 15.12 -62.14
N GLU ID 48 -61.58 14.74 -61.17
CA GLU ID 48 -60.68 13.61 -61.37
C GLU ID 48 -61.47 12.32 -61.40
N HIS ID 49 -62.44 12.18 -60.50
CA HIS ID 49 -63.28 11.01 -60.42
C HIS ID 49 -64.19 10.84 -61.62
N THR ID 50 -65.01 11.84 -61.92
CA THR ID 50 -65.92 11.81 -63.04
C THR ID 50 -65.12 11.99 -64.32
N SER ID 51 -64.72 10.88 -64.93
CA SER ID 51 -64.00 10.91 -66.19
C SER ID 51 -64.86 10.50 -67.37
N ALA ID 52 -66.10 10.10 -67.13
CA ALA ID 52 -67.01 9.71 -68.18
C ALA ID 52 -68.44 9.96 -67.71
N ILE ID 53 -69.26 10.48 -68.62
CA ILE ID 53 -70.63 10.82 -68.30
C ILE ID 53 -71.54 10.19 -69.34
N LYS ID 54 -72.49 9.39 -68.87
CA LYS ID 54 -73.45 8.73 -69.74
C LYS ID 54 -74.81 9.33 -69.50
N VAL ID 55 -75.54 9.61 -70.59
CA VAL ID 55 -76.83 10.27 -70.51
C VAL ID 55 -77.87 9.37 -71.17
N ARG ID 56 -78.93 9.07 -70.43
CA ARG ID 56 -80.03 8.28 -70.94
C ARG ID 56 -81.24 9.17 -71.15
N GLY ID 57 -82.21 8.69 -71.91
CA GLY ID 57 -83.45 9.41 -72.11
C GLY ID 57 -83.28 10.60 -73.03
N LYS ID 58 -84.38 11.33 -73.20
CA LYS ID 58 -84.39 12.47 -74.09
C LYS ID 58 -83.84 13.69 -73.39
N ALA ID 59 -82.70 14.18 -73.86
CA ALA ID 59 -82.05 15.33 -73.26
C ALA ID 59 -81.31 16.10 -74.34
N TYR ID 60 -81.00 17.35 -74.04
CA TYR ID 60 -80.35 18.25 -74.98
C TYR ID 60 -79.04 18.72 -74.37
N ILE ID 61 -77.92 18.34 -74.98
CA ILE ID 61 -76.61 18.53 -74.39
C ILE ID 61 -75.85 19.57 -75.19
N GLN ID 62 -75.24 20.52 -74.49
CA GLN ID 62 -74.30 21.47 -75.07
C GLN ID 62 -72.93 21.20 -74.47
N THR ID 63 -71.95 20.96 -75.34
CA THR ID 63 -70.57 20.82 -74.94
C THR ID 63 -69.76 21.90 -75.65
N SER ID 64 -68.44 21.81 -75.52
CA SER ID 64 -67.56 22.70 -76.25
C SER ID 64 -67.57 22.39 -77.74
N HIS ID 65 -67.78 21.13 -78.10
CA HIS ID 65 -67.80 20.71 -79.49
C HIS ID 65 -69.10 21.03 -80.19
N GLY ID 66 -70.11 21.49 -79.47
CA GLY ID 66 -71.39 21.81 -80.07
C GLY ID 66 -72.51 21.21 -79.26
N VAL ID 67 -73.66 21.03 -79.93
CA VAL ID 67 -74.85 20.52 -79.28
C VAL ID 67 -75.18 19.15 -79.83
N ILE ID 68 -75.98 18.41 -79.08
CA ILE ID 68 -76.38 17.06 -79.44
C ILE ID 68 -77.66 16.74 -78.69
N GLU ID 69 -78.39 15.74 -79.15
CA GLU ID 69 -79.69 15.41 -78.58
C GLU ID 69 -79.77 13.92 -78.27
N SER ID 70 -79.61 13.58 -76.99
CA SER ID 70 -79.72 12.19 -76.59
C SER ID 70 -81.18 11.78 -76.51
N GLU ID 71 -81.44 10.52 -76.81
CA GLU ID 71 -82.80 10.00 -76.74
C GLU ID 71 -82.90 8.75 -75.89
N ASP JD 6 -65.38 29.45 -66.73
CA ASP JD 6 -65.19 29.22 -65.30
C ASP JD 6 -66.41 29.59 -64.47
N PHE JD 7 -67.35 30.32 -65.06
CA PHE JD 7 -68.49 30.81 -64.30
C PHE JD 7 -69.72 30.88 -65.18
N VAL JD 8 -70.87 30.81 -64.54
CA VAL JD 8 -72.16 30.82 -65.22
C VAL JD 8 -72.99 31.98 -64.71
N VAL JD 9 -73.95 32.40 -65.51
CA VAL JD 9 -74.82 33.54 -65.18
C VAL JD 9 -76.26 33.07 -65.26
N ILE JD 10 -76.97 33.13 -64.15
CA ILE JD 10 -78.34 32.63 -64.07
C ILE JD 10 -79.25 33.81 -63.75
N LYS JD 11 -80.13 34.15 -64.67
CA LYS JD 11 -81.14 35.17 -64.44
C LYS JD 11 -82.45 34.46 -64.12
N ALA JD 12 -82.96 34.67 -62.91
CA ALA JD 12 -84.17 33.98 -62.51
C ALA JD 12 -85.40 34.70 -63.07
N LEU JD 13 -86.02 34.09 -64.07
CA LEU JD 13 -87.17 34.67 -64.73
C LEU JD 13 -88.47 34.48 -63.96
N GLU JD 14 -88.48 33.65 -62.93
CA GLU JD 14 -89.65 33.46 -62.09
C GLU JD 14 -89.19 33.28 -60.66
N ASP JD 15 -90.14 33.37 -59.74
CA ASP JD 15 -89.80 33.31 -58.33
C ASP JD 15 -89.46 31.90 -57.91
N GLY JD 16 -88.70 31.80 -56.82
CA GLY JD 16 -88.38 30.52 -56.22
C GLY JD 16 -87.49 29.63 -57.04
N VAL JD 17 -86.59 30.19 -57.84
CA VAL JD 17 -85.70 29.35 -58.64
C VAL JD 17 -84.59 28.83 -57.74
N ASN JD 18 -84.45 27.50 -57.72
CA ASN JD 18 -83.47 26.85 -56.85
C ASN JD 18 -82.18 26.63 -57.63
N VAL JD 19 -81.05 26.81 -56.95
CA VAL JD 19 -79.75 26.51 -57.52
C VAL JD 19 -79.02 25.63 -56.51
N ILE JD 20 -78.64 24.44 -56.93
CA ILE JD 20 -78.11 23.43 -56.03
C ILE JD 20 -76.64 23.24 -56.29
N GLY JD 21 -75.82 23.42 -55.27
CA GLY JD 21 -74.39 23.24 -55.40
C GLY JD 21 -73.59 24.42 -54.88
N SER JD 33 -77.53 24.86 -51.27
CA SER JD 33 -78.73 25.28 -51.99
C SER JD 33 -78.98 26.78 -51.83
N GLU JD 34 -79.41 27.43 -52.91
CA GLU JD 34 -79.74 28.84 -52.89
C GLU JD 34 -81.07 29.05 -53.59
N CYS JD 35 -81.79 30.09 -53.20
CA CYS JD 35 -83.07 30.41 -53.82
C CYS JD 35 -83.01 31.82 -54.39
N LEU JD 36 -83.62 32.02 -55.55
CA LEU JD 36 -83.63 33.31 -56.22
C LEU JD 36 -85.07 33.72 -56.51
N ASP JD 37 -85.32 35.01 -56.43
CA ASP JD 37 -86.60 35.58 -56.80
C ASP JD 37 -86.53 36.11 -58.23
N LYS JD 38 -87.68 36.59 -58.72
CA LYS JD 38 -87.77 37.03 -60.10
C LYS JD 38 -86.99 38.31 -60.33
N GLY JD 39 -86.12 38.30 -61.33
CA GLY JD 39 -85.34 39.44 -61.70
C GLY JD 39 -83.93 39.45 -61.16
N GLU JD 40 -83.63 38.59 -60.19
CA GLU JD 40 -82.28 38.52 -59.68
C GLU JD 40 -81.38 37.78 -60.66
N VAL JD 41 -80.08 37.99 -60.51
CA VAL JD 41 -79.07 37.36 -61.36
C VAL JD 41 -77.96 36.88 -60.45
N LEU JD 42 -77.65 35.60 -60.55
CA LEU JD 42 -76.56 35.00 -59.79
C LEU JD 42 -75.43 34.63 -60.72
N ILE JD 43 -74.24 35.13 -60.44
CA ILE JD 43 -73.05 34.76 -61.19
C ILE JD 43 -72.25 33.82 -60.31
N ALA JD 44 -72.11 32.58 -60.76
CA ALA JD 44 -71.54 31.53 -59.92
C ALA JD 44 -70.29 30.97 -60.55
N GLN JD 45 -69.22 30.94 -59.78
CA GLN JD 45 -67.97 30.33 -60.21
C GLN JD 45 -67.88 28.90 -59.67
N PHE JD 46 -67.11 28.08 -60.35
CA PHE JD 46 -66.91 26.70 -59.90
C PHE JD 46 -65.72 26.61 -58.96
N THR JD 47 -65.99 26.17 -57.74
CA THR JD 47 -64.94 25.93 -56.77
C THR JD 47 -64.48 24.49 -56.93
N GLU JD 48 -63.66 24.05 -55.97
CA GLU JD 48 -63.36 22.63 -55.89
C GLU JD 48 -64.58 21.84 -55.41
N HIS JD 49 -65.28 22.39 -54.43
CA HIS JD 49 -66.48 21.77 -53.88
C HIS JD 49 -67.62 21.73 -54.88
N THR JD 50 -68.03 22.87 -55.39
CA THR JD 50 -69.13 22.97 -56.35
C THR JD 50 -68.62 22.46 -57.69
N SER JD 51 -68.85 21.18 -57.94
CA SER JD 51 -68.48 20.57 -59.21
C SER JD 51 -69.68 20.30 -60.10
N ALA JD 52 -70.88 20.57 -59.62
CA ALA JD 52 -72.09 20.37 -60.40
C ALA JD 52 -73.14 21.34 -59.90
N ILE JD 53 -73.89 21.91 -60.83
CA ILE JD 53 -74.90 22.90 -60.51
C ILE JD 53 -76.20 22.50 -61.19
N LYS JD 54 -77.25 22.34 -60.40
CA LYS JD 54 -78.56 21.98 -60.91
C LYS JD 54 -79.49 23.16 -60.75
N VAL JD 55 -80.27 23.45 -61.78
CA VAL JD 55 -81.15 24.62 -61.81
C VAL JD 55 -82.57 24.14 -62.02
N ARG JD 56 -83.47 24.53 -61.13
CA ARG JD 56 -84.88 24.21 -61.24
C ARG JD 56 -85.65 25.47 -61.60
N GLY JD 57 -86.88 25.30 -62.07
CA GLY JD 57 -87.75 26.41 -62.36
C GLY JD 57 -87.35 27.13 -63.63
N LYS JD 58 -88.08 28.20 -63.92
CA LYS JD 58 -87.85 28.97 -65.14
C LYS JD 58 -86.71 29.95 -64.92
N ALA JD 59 -85.62 29.75 -65.64
CA ALA JD 59 -84.45 30.60 -65.51
C ALA JD 59 -83.73 30.66 -66.84
N TYR JD 60 -82.90 31.68 -66.99
CA TYR JD 60 -82.18 31.93 -68.23
C TYR JD 60 -80.69 31.91 -67.94
N ILE JD 61 -79.99 30.94 -68.50
CA ILE JD 61 -78.60 30.66 -68.14
C ILE JD 61 -77.71 31.03 -69.31
N GLN JD 62 -76.63 31.74 -69.02
CA GLN JD 62 -75.55 32.00 -69.95
C GLN JD 62 -74.29 31.31 -69.45
N THR JD 63 -73.72 30.46 -70.28
CA THR JD 63 -72.44 29.82 -70.01
C THR JD 63 -71.47 30.21 -71.09
N SER JD 64 -70.30 29.59 -71.07
CA SER JD 64 -69.33 29.79 -72.14
C SER JD 64 -69.81 29.15 -73.44
N HIS JD 65 -70.56 28.07 -73.35
CA HIS JD 65 -71.06 27.37 -74.52
C HIS JD 65 -72.26 28.04 -75.16
N GLY JD 66 -72.82 29.07 -74.52
CA GLY JD 66 -73.97 29.76 -75.06
C GLY JD 66 -75.03 29.94 -74.01
N VAL JD 67 -76.26 30.13 -74.46
CA VAL JD 67 -77.37 30.38 -73.56
C VAL JD 67 -78.33 29.19 -73.61
N ILE JD 68 -79.16 29.11 -72.58
CA ILE JD 68 -80.14 28.03 -72.44
C ILE JD 68 -81.22 28.52 -71.50
N GLU JD 69 -82.38 27.86 -71.54
CA GLU JD 69 -83.53 28.30 -70.77
C GLU JD 69 -84.11 27.13 -69.99
N SER JD 70 -83.81 27.08 -68.69
CA SER JD 70 -84.36 26.03 -67.85
C SER JD 70 -85.81 26.34 -67.50
N GLU JD 71 -86.61 25.30 -67.35
CA GLU JD 71 -88.01 25.47 -66.98
C GLU JD 71 -88.38 24.65 -65.77
N ASP KD 6 -62.76 36.74 -65.84
CA ASP KD 6 -62.31 36.83 -64.45
C ASP KD 6 -63.04 37.91 -63.66
N PHE KD 7 -63.74 38.79 -64.35
CA PHE KD 7 -64.38 39.92 -63.69
C PHE KD 7 -65.66 40.30 -64.40
N VAL KD 8 -66.55 40.92 -63.65
CA VAL KD 8 -67.87 41.32 -64.14
C VAL KD 8 -68.01 42.83 -63.97
N VAL KD 9 -68.92 43.41 -64.75
CA VAL KD 9 -69.16 44.84 -64.74
C VAL KD 9 -70.65 45.06 -64.49
N ILE KD 10 -70.97 45.74 -63.38
CA ILE KD 10 -72.36 45.95 -62.99
C ILE KD 10 -72.64 47.44 -62.99
N LYS KD 11 -73.52 47.87 -63.87
CA LYS KD 11 -73.97 49.26 -63.90
C LYS KD 11 -75.32 49.33 -63.20
N ALA KD 12 -75.38 50.05 -62.09
CA ALA KD 12 -76.62 50.11 -61.34
C ALA KD 12 -77.57 51.11 -61.98
N LEU KD 13 -78.62 50.61 -62.62
CA LEU KD 13 -79.58 51.45 -63.31
C LEU KD 13 -80.61 52.07 -62.38
N GLU KD 14 -80.67 51.63 -61.13
CA GLU KD 14 -81.59 52.22 -60.15
C GLU KD 14 -80.89 52.23 -58.81
N ASP KD 15 -81.47 52.97 -57.87
CA ASP KD 15 -80.84 53.14 -56.58
C ASP KD 15 -80.97 51.88 -55.73
N GLY KD 16 -80.06 51.75 -54.78
CA GLY KD 16 -80.12 50.66 -53.82
C GLY KD 16 -79.88 49.29 -54.38
N VAL KD 17 -79.07 49.16 -55.42
CA VAL KD 17 -78.79 47.84 -55.96
C VAL KD 17 -77.80 47.12 -55.08
N ASN KD 18 -78.16 45.94 -54.61
CA ASN KD 18 -77.33 45.18 -53.70
C ASN KD 18 -76.48 44.21 -54.49
N VAL KD 19 -75.24 44.03 -54.05
CA VAL KD 19 -74.32 43.05 -54.62
C VAL KD 19 -73.77 42.23 -53.46
N ILE KD 20 -74.01 40.93 -53.48
CA ILE KD 20 -73.70 40.06 -52.35
C ILE KD 20 -72.53 39.18 -52.71
N GLY KD 21 -71.48 39.24 -51.90
CA GLY KD 21 -70.31 38.41 -52.12
C GLY KD 21 -69.02 39.20 -52.13
N SER KD 33 -71.44 42.28 -48.48
CA SER KD 33 -72.51 42.99 -49.17
C SER KD 33 -72.12 44.42 -49.50
N GLU KD 34 -72.52 44.88 -50.67
CA GLU KD 34 -72.26 46.25 -51.11
C GLU KD 34 -73.55 46.84 -51.69
N CYS KD 35 -73.69 48.15 -51.60
CA CYS KD 35 -74.85 48.84 -52.14
C CYS KD 35 -74.39 49.87 -53.16
N LEU KD 36 -75.14 50.00 -54.24
CA LEU KD 36 -74.83 50.94 -55.31
C LEU KD 36 -76.01 51.85 -55.56
N ASP KD 37 -75.72 53.09 -55.91
CA ASP KD 37 -76.73 54.05 -56.30
C ASP KD 37 -76.83 54.09 -57.82
N LYS KD 38 -77.78 54.90 -58.31
CA LYS KD 38 -78.04 54.96 -59.74
C LYS KD 38 -76.91 55.64 -60.48
N GLY KD 39 -76.40 54.97 -61.51
CA GLY KD 39 -75.36 55.51 -62.33
C GLY KD 39 -73.97 55.03 -61.99
N GLU KD 40 -73.79 54.41 -60.83
CA GLU KD 40 -72.49 53.88 -60.48
C GLU KD 40 -72.22 52.59 -61.24
N VAL KD 41 -70.94 52.23 -61.33
CA VAL KD 41 -70.50 51.03 -62.01
C VAL KD 41 -69.48 50.35 -61.13
N LEU KD 42 -69.72 49.08 -60.82
CA LEU KD 42 -68.80 48.29 -60.02
C LEU KD 42 -68.17 47.22 -60.89
N ILE KD 43 -66.85 47.19 -60.94
CA ILE KD 43 -66.12 46.16 -61.64
C ILE KD 43 -65.56 45.22 -60.59
N ALA KD 44 -66.02 43.97 -60.60
CA ALA KD 44 -65.72 43.05 -59.53
C ALA KD 44 -64.97 41.84 -60.06
N GLN KD 45 -63.85 41.53 -59.44
CA GLN KD 45 -63.08 40.35 -59.77
C GLN KD 45 -63.42 39.23 -58.78
N PHE KD 46 -63.22 38.00 -59.22
CA PHE KD 46 -63.47 36.86 -58.36
C PHE KD 46 -62.21 36.49 -57.59
N THR KD 47 -62.31 36.56 -56.27
CA THR KD 47 -61.23 36.13 -55.40
C THR KD 47 -61.41 34.66 -55.10
N GLU KD 48 -60.63 34.16 -54.15
CA GLU KD 48 -60.88 32.84 -53.62
C GLU KD 48 -62.13 32.83 -52.77
N HIS KD 49 -62.31 33.88 -51.95
CA HIS KD 49 -63.48 34.02 -51.10
C HIS KD 49 -64.76 34.24 -51.88
N THR KD 50 -64.81 35.26 -52.72
CA THR KD 50 -65.98 35.58 -53.51
C THR KD 50 -66.07 34.57 -54.65
N SER KD 51 -66.83 33.50 -54.42
CA SER KD 51 -67.05 32.48 -55.42
C SER KD 51 -68.44 32.55 -56.02
N ALA KD 52 -69.29 33.45 -55.54
CA ALA KD 52 -70.63 33.61 -56.06
C ALA KD 52 -71.07 35.05 -55.81
N ILE KD 53 -71.74 35.63 -56.79
CA ILE KD 53 -72.17 37.01 -56.72
C ILE KD 53 -73.65 37.06 -57.07
N LYS KD 54 -74.45 37.61 -56.15
CA LYS KD 54 -75.88 37.75 -56.35
C LYS KD 54 -76.21 39.22 -56.51
N VAL KD 55 -77.05 39.54 -57.47
CA VAL KD 55 -77.38 40.92 -57.81
C VAL KD 55 -78.88 41.10 -57.68
N ARG KD 56 -79.31 42.07 -56.87
CA ARG KD 56 -80.72 42.40 -56.71
C ARG KD 56 -81.01 43.72 -57.40
N GLY KD 57 -82.28 43.99 -57.63
CA GLY KD 57 -82.70 45.26 -58.19
C GLY KD 57 -82.37 45.36 -59.68
N LYS KD 58 -82.68 46.53 -60.22
CA LYS KD 58 -82.48 46.76 -61.65
C LYS KD 58 -81.04 47.15 -61.91
N ALA KD 59 -80.32 46.30 -62.63
CA ALA KD 59 -78.92 46.55 -62.94
C ALA KD 59 -78.60 45.93 -64.29
N TYR KD 60 -77.51 46.38 -64.88
CA TYR KD 60 -77.09 45.96 -66.20
C TYR KD 60 -75.69 45.35 -66.09
N ILE KD 61 -75.59 44.06 -66.35
CA ILE KD 61 -74.38 43.29 -66.09
C ILE KD 61 -73.72 42.91 -67.39
N GLN KD 62 -72.42 43.11 -67.48
CA GLN KD 62 -71.61 42.61 -68.57
C GLN KD 62 -70.64 41.59 -68.01
N THR KD 63 -70.66 40.39 -68.55
CA THR KD 63 -69.70 39.34 -68.22
C THR KD 63 -68.96 38.96 -69.48
N SER KD 64 -68.15 37.90 -69.37
CA SER KD 64 -67.49 37.37 -70.56
C SER KD 64 -68.48 36.70 -71.49
N HIS KD 65 -69.55 36.13 -70.95
CA HIS KD 65 -70.56 35.45 -71.74
C HIS KD 65 -71.52 36.39 -72.43
N GLY KD 66 -71.46 37.68 -72.13
CA GLY KD 66 -72.35 38.64 -72.75
C GLY KD 66 -72.95 39.55 -71.70
N VAL KD 67 -74.08 40.15 -72.04
CA VAL KD 67 -74.76 41.09 -71.17
C VAL KD 67 -76.07 40.49 -70.71
N ILE KD 68 -76.59 41.06 -69.61
CA ILE KD 68 -77.83 40.61 -69.01
C ILE KD 68 -78.38 41.76 -68.18
N GLU KD 69 -79.66 41.70 -67.85
CA GLU KD 69 -80.32 42.79 -67.15
C GLU KD 69 -81.09 42.25 -65.95
N SER KD 70 -80.52 42.41 -64.77
CA SER KD 70 -81.20 41.98 -63.56
C SER KD 70 -82.27 42.98 -63.18
N GLU KD 71 -83.36 42.49 -62.58
CA GLU KD 71 -84.44 43.36 -62.14
C GLU KD 71 -84.78 43.14 -60.68
N ASP LD 6 -57.08 42.16 -67.67
CA ASP LD 6 -56.33 42.41 -66.44
C ASP LD 6 -56.41 43.86 -66.00
N PHE LD 7 -56.83 44.75 -66.88
CA PHE LD 7 -56.82 46.17 -66.57
C PHE LD 7 -57.98 46.87 -67.25
N VAL LD 8 -58.38 48.00 -66.68
CA VAL LD 8 -59.50 48.78 -67.15
C VAL LD 8 -59.01 50.19 -67.48
N VAL LD 9 -59.77 50.88 -68.32
CA VAL LD 9 -59.43 52.22 -68.77
C VAL LD 9 -60.62 53.13 -68.47
N ILE LD 10 -60.41 54.13 -67.63
CA ILE LD 10 -61.48 55.03 -67.21
C ILE LD 10 -61.15 56.43 -67.68
N LYS LD 11 -61.97 56.97 -68.57
CA LYS LD 11 -61.84 58.35 -69.02
C LYS LD 11 -62.86 59.17 -68.26
N ALA LD 12 -62.39 60.11 -67.45
CA ALA LD 12 -63.32 60.90 -66.67
C ALA LD 12 -63.93 62.02 -67.51
N LEU LD 13 -65.20 61.87 -67.85
CA LEU LD 13 -65.88 62.84 -68.69
C LEU LD 13 -66.36 64.06 -67.93
N GLU LD 14 -66.30 64.05 -66.60
CA GLU LD 14 -66.68 65.20 -65.80
C GLU LD 14 -65.74 65.26 -64.61
N ASP LD 15 -65.77 66.40 -63.92
CA ASP LD 15 -64.85 66.61 -62.83
C ASP LD 15 -65.27 65.81 -61.61
N GLY LD 16 -64.30 65.55 -60.73
CA GLY LD 16 -64.56 64.90 -59.47
C GLY LD 16 -64.99 63.46 -59.56
N VAL LD 17 -64.55 62.72 -60.56
CA VAL LD 17 -64.94 61.32 -60.67
C VAL LD 17 -64.12 60.50 -59.68
N ASN LD 18 -64.81 59.77 -58.81
CA ASN LD 18 -64.16 58.99 -57.78
C ASN LD 18 -63.94 57.57 -58.27
N VAL LD 19 -62.81 56.99 -57.92
CA VAL LD 19 -62.49 55.59 -58.20
C VAL LD 19 -62.05 54.96 -56.90
N ILE LD 20 -62.77 53.94 -56.46
CA ILE LD 20 -62.58 53.36 -55.14
C ILE LD 20 -61.95 51.99 -55.29
N GLY LD 21 -60.81 51.78 -54.64
CA GLY LD 21 -60.13 50.51 -54.68
C GLY LD 21 -58.67 50.62 -55.07
N SER LD 33 -58.84 55.30 -52.45
CA SER LD 33 -59.68 56.20 -53.22
C SER LD 33 -58.84 57.16 -54.05
N GLU LD 34 -59.29 57.43 -55.27
CA GLU LD 34 -58.62 58.38 -56.17
C GLU LD 34 -59.68 59.29 -56.78
N CYS LD 35 -59.27 60.51 -57.12
CA CYS LD 35 -60.17 61.46 -57.76
C CYS LD 35 -59.58 61.88 -59.10
N LEU LD 36 -60.45 62.03 -60.10
CA LEU LD 36 -60.05 62.43 -61.44
C LEU LD 36 -60.81 63.66 -61.86
N ASP LD 37 -60.14 64.51 -62.64
CA ASP LD 37 -60.77 65.67 -63.23
C ASP LD 37 -61.17 65.36 -64.66
N LYS LD 38 -61.82 66.33 -65.30
CA LYS LD 38 -62.36 66.11 -66.65
C LYS LD 38 -61.24 66.01 -67.67
N GLY LD 39 -61.27 64.95 -68.46
CA GLY LD 39 -60.31 64.73 -69.51
C GLY LD 39 -59.18 63.80 -69.15
N GLU LD 40 -58.99 63.50 -67.87
CA GLU LD 40 -57.96 62.57 -67.49
C GLU LD 40 -58.39 61.15 -67.79
N VAL LD 41 -57.41 60.26 -67.86
CA VAL LD 41 -57.63 58.85 -68.15
C VAL LD 41 -56.78 58.04 -67.18
N LEU LD 42 -57.41 57.14 -66.45
CA LEU LD 42 -56.72 56.27 -65.52
C LEU LD 42 -56.78 54.85 -66.04
N ILE LD 43 -55.61 54.24 -66.19
CA ILE LD 43 -55.51 52.84 -66.57
C ILE LD 43 -55.14 52.06 -65.32
N ALA LD 44 -56.03 51.19 -64.88
CA ALA LD 44 -55.88 50.55 -63.58
C ALA LD 44 -55.81 49.04 -63.76
N GLN LD 45 -54.77 48.45 -63.18
CA GLN LD 45 -54.62 47.01 -63.15
C GLN LD 45 -55.14 46.45 -61.83
N PHE LD 46 -55.54 45.19 -61.85
CA PHE LD 46 -56.00 44.54 -60.64
C PHE LD 46 -54.85 43.88 -59.90
N THR LD 47 -54.63 44.33 -58.67
CA THR LD 47 -53.62 43.72 -57.81
C THR LD 47 -54.29 42.61 -57.03
N GLU LD 48 -53.56 42.09 -56.04
CA GLU LD 48 -54.18 41.20 -55.08
C GLU LD 48 -55.12 41.97 -54.17
N HIS LD 49 -54.70 43.16 -53.73
CA HIS LD 49 -55.49 44.02 -52.88
C HIS LD 49 -56.73 44.56 -53.56
N THR LD 50 -56.56 45.24 -54.68
CA THR LD 50 -57.66 45.82 -55.44
C THR LD 50 -58.39 44.69 -56.14
N SER LD 51 -59.43 44.17 -55.51
CA SER LD 51 -60.25 43.12 -56.09
C SER LD 51 -61.60 43.63 -56.56
N ALA LD 52 -61.90 44.90 -56.32
CA ALA LD 52 -63.16 45.49 -56.74
C ALA LD 52 -62.94 46.98 -56.94
N ILE LD 53 -63.53 47.51 -58.00
CA ILE LD 53 -63.37 48.92 -58.36
C ILE LD 53 -64.75 49.52 -58.56
N LYS LD 54 -65.05 50.58 -57.82
CA LYS LD 54 -66.32 51.27 -57.93
C LYS LD 54 -66.08 52.64 -58.53
N VAL LD 55 -66.92 53.03 -59.47
CA VAL LD 55 -66.76 54.27 -60.22
C VAL LD 55 -68.00 55.12 -60.02
N ARG LD 56 -67.83 56.34 -59.55
CA ARG LD 56 -68.93 57.28 -59.38
C ARG LD 56 -68.82 58.37 -60.44
N GLY LD 57 -69.92 59.10 -60.63
CA GLY LD 57 -69.92 60.22 -61.55
C GLY LD 57 -69.92 59.78 -63.00
N LYS LD 58 -69.87 60.77 -63.88
CA LYS LD 58 -69.92 60.52 -65.31
C LYS LD 58 -68.54 60.15 -65.81
N ALA LD 59 -68.38 58.92 -66.27
CA ALA LD 59 -67.11 58.43 -66.77
C ALA LD 59 -67.36 57.41 -67.85
N TYR LD 60 -66.34 57.17 -68.66
CA TYR LD 60 -66.41 56.26 -69.79
C TYR LD 60 -65.38 55.16 -69.61
N ILE LD 61 -65.85 53.93 -69.45
CA ILE LD 61 -64.99 52.82 -69.04
C ILE LD 61 -64.86 51.86 -70.20
N GLN LD 62 -63.64 51.44 -70.48
CA GLN LD 62 -63.34 50.36 -71.40
C GLN LD 62 -62.73 49.21 -70.62
N THR LD 63 -63.35 48.05 -70.73
CA THR LD 63 -62.82 46.81 -70.16
C THR LD 63 -62.58 45.82 -71.28
N SER LD 64 -62.25 44.59 -70.90
CA SER LD 64 -62.13 43.53 -71.89
C SER LD 64 -63.48 43.14 -72.45
N HIS LD 65 -64.53 43.26 -71.66
CA HIS LD 65 -65.88 42.90 -72.09
C HIS LD 65 -66.53 43.96 -72.96
N GLY LD 66 -65.91 45.13 -73.11
CA GLY LD 66 -66.47 46.18 -73.93
C GLY LD 66 -66.42 47.49 -73.20
N VAL LD 67 -67.29 48.41 -73.62
CA VAL LD 67 -67.32 49.75 -73.06
C VAL LD 67 -68.63 49.94 -72.29
N ILE LD 68 -68.63 50.93 -71.41
CA ILE LD 68 -69.78 51.24 -70.59
C ILE LD 68 -69.63 52.69 -70.14
N GLU LD 69 -70.74 53.29 -69.70
CA GLU LD 69 -70.76 54.70 -69.34
C GLU LD 69 -71.39 54.90 -67.98
N SER LD 70 -70.55 55.10 -66.96
CA SER LD 70 -71.06 55.34 -65.63
C SER LD 70 -71.54 56.77 -65.50
N GLU LD 71 -72.56 56.97 -64.69
CA GLU LD 71 -73.10 58.31 -64.46
C GLU LD 71 -73.17 58.66 -62.99
N ASP MD 6 -50.49 43.82 -71.58
CA ASP MD 6 -49.43 44.03 -70.59
C ASP MD 6 -48.82 45.42 -70.67
N PHE MD 7 -49.08 46.14 -71.76
CA PHE MD 7 -48.44 47.42 -71.96
C PHE MD 7 -49.36 48.36 -72.72
N VAL MD 8 -49.14 49.65 -72.54
CA VAL MD 8 -49.94 50.70 -73.15
C VAL MD 8 -49.05 51.59 -73.99
N VAL MD 9 -49.65 52.28 -74.94
CA VAL MD 9 -48.93 53.16 -75.85
C VAL MD 9 -49.57 54.55 -75.77
N ILE MD 10 -48.79 55.53 -75.35
CA ILE MD 10 -49.30 56.89 -75.16
C ILE MD 10 -48.57 57.82 -76.12
N LYS MD 11 -49.31 58.39 -77.06
CA LYS MD 11 -48.76 59.39 -77.96
C LYS MD 11 -49.16 60.75 -77.44
N ALA MD 12 -48.19 61.58 -77.07
CA ALA MD 12 -48.52 62.87 -76.51
C ALA MD 12 -48.82 63.86 -77.63
N LEU MD 13 -50.10 64.21 -77.77
CA LEU MD 13 -50.54 65.11 -78.82
C LEU MD 13 -50.30 66.58 -78.49
N GLU MD 14 -49.94 66.89 -77.25
CA GLU MD 14 -49.64 68.27 -76.86
C GLU MD 14 -48.50 68.23 -75.86
N ASP MD 15 -47.92 69.40 -75.62
CA ASP MD 15 -46.75 69.46 -74.75
C ASP MD 15 -47.15 69.29 -73.29
N GLY MD 16 -46.17 68.88 -72.49
CA GLY MD 16 -46.36 68.77 -71.06
C GLY MD 16 -47.32 67.71 -70.59
N VAL MD 17 -47.46 66.61 -71.33
CA VAL MD 17 -48.37 65.57 -70.90
C VAL MD 17 -47.73 64.77 -69.78
N ASN MD 18 -48.42 64.68 -68.65
CA ASN MD 18 -47.89 64.00 -67.47
C ASN MD 18 -48.36 62.56 -67.47
N VAL MD 19 -47.50 61.66 -67.05
CA VAL MD 19 -47.83 60.25 -66.87
C VAL MD 19 -47.37 59.87 -65.47
N ILE MD 20 -48.31 59.44 -64.64
CA ILE MD 20 -48.04 59.21 -63.22
C ILE MD 20 -48.06 57.72 -62.95
N GLY MD 21 -46.97 57.22 -62.39
CA GLY MD 21 -46.87 55.80 -62.05
C GLY MD 21 -45.61 55.16 -62.60
N SER MD 33 -43.32 59.93 -61.75
CA SER MD 33 -43.91 60.86 -62.70
C SER MD 33 -42.99 61.09 -63.89
N GLU MD 34 -43.56 61.19 -65.08
CA GLU MD 34 -42.82 61.46 -66.31
C GLU MD 34 -43.55 62.54 -67.10
N CYS MD 35 -42.80 63.31 -67.87
CA CYS MD 35 -43.38 64.34 -68.71
C CYS MD 35 -43.02 64.09 -70.16
N LEU MD 36 -43.97 64.33 -71.06
CA LEU MD 36 -43.77 64.12 -72.48
C LEU MD 36 -44.08 65.40 -73.24
N ASP MD 37 -43.33 65.63 -74.31
CA ASP MD 37 -43.58 66.74 -75.22
C ASP MD 37 -44.40 66.26 -76.40
N LYS MD 38 -44.75 67.19 -77.27
CA LYS MD 38 -45.63 66.90 -78.39
C LYS MD 38 -44.92 66.04 -79.42
N GLY MD 39 -45.55 64.93 -79.79
CA GLY MD 39 -45.03 64.04 -80.78
C GLY MD 39 -44.30 62.83 -80.24
N GLU MD 40 -43.95 62.84 -78.96
CA GLU MD 40 -43.30 61.69 -78.39
C GLU MD 40 -44.31 60.58 -78.13
N VAL MD 41 -43.80 59.36 -77.99
CA VAL MD 41 -44.61 58.18 -77.74
C VAL MD 41 -43.93 57.38 -76.65
N LEU MD 42 -44.67 57.09 -75.59
CA LEU MD 42 -44.18 56.29 -74.49
C LEU MD 42 -44.90 54.96 -74.48
N ILE MD 43 -44.14 53.88 -74.52
CA ILE MD 43 -44.68 52.53 -74.40
C ILE MD 43 -44.36 52.05 -73.00
N ALA MD 44 -45.39 51.82 -72.20
CA ALA MD 44 -45.19 51.55 -70.79
C ALA MD 44 -45.74 50.19 -70.43
N GLN MD 45 -44.92 49.38 -69.79
CA GLN MD 45 -45.34 48.08 -69.28
C GLN MD 45 -45.70 48.19 -67.80
N PHE MD 46 -46.55 47.29 -67.34
CA PHE MD 46 -46.93 47.27 -65.94
C PHE MD 46 -45.98 46.40 -65.15
N THR MD 47 -45.31 47.01 -64.17
CA THR MD 47 -44.46 46.27 -63.26
C THR MD 47 -45.29 45.83 -62.07
N GLU MD 48 -44.62 45.34 -61.04
CA GLU MD 48 -45.29 45.11 -59.78
C GLU MD 48 -45.60 46.44 -59.10
N HIS MD 49 -44.66 47.38 -59.15
CA HIS MD 49 -44.83 48.69 -58.57
C HIS MD 49 -45.89 49.51 -59.28
N THR MD 50 -45.73 49.73 -60.57
CA THR MD 50 -46.67 50.51 -61.37
C THR MD 50 -47.92 49.67 -61.57
N SER MD 51 -48.91 49.85 -60.69
CA SER MD 51 -50.18 49.17 -60.80
C SER MD 51 -51.29 50.08 -61.27
N ALA MD 52 -51.01 51.37 -61.46
CA ALA MD 52 -52.00 52.32 -61.94
C ALA MD 52 -51.28 53.44 -62.66
N ILE MD 53 -51.84 53.87 -63.78
CA ILE MD 53 -51.25 54.90 -64.60
C ILE MD 53 -52.28 55.97 -64.87
N LYS MD 54 -51.97 57.20 -64.52
CA LYS MD 54 -52.85 58.34 -64.73
C LYS MD 54 -52.25 59.24 -65.79
N VAL MD 55 -53.08 59.69 -66.72
CA VAL MD 55 -52.62 60.49 -67.86
C VAL MD 55 -53.36 61.80 -67.85
N ARG MD 56 -52.61 62.90 -67.85
CA ARG MD 56 -53.18 64.24 -67.91
C ARG MD 56 -52.93 64.84 -69.29
N GLY MD 57 -53.66 65.89 -69.61
CA GLY MD 57 -53.45 66.61 -70.85
C GLY MD 57 -53.96 65.84 -72.05
N LYS MD 58 -53.74 66.43 -73.22
CA LYS MD 58 -54.22 65.84 -74.45
C LYS MD 58 -53.25 64.77 -74.94
N ALA MD 59 -53.71 63.53 -74.96
CA ALA MD 59 -52.89 62.41 -75.38
C ALA MD 59 -53.76 61.36 -76.02
N TYR MD 60 -53.13 60.48 -76.78
CA TYR MD 60 -53.82 59.44 -77.52
C TYR MD 60 -53.29 58.09 -77.07
N ILE MD 61 -54.15 57.29 -76.44
CA ILE MD 61 -53.72 56.07 -75.77
C ILE MD 61 -54.25 54.87 -76.53
N GLN MD 62 -53.38 53.89 -76.77
CA GLN MD 62 -53.76 52.59 -77.28
C GLN MD 62 -53.48 51.55 -76.21
N THR MD 63 -54.51 50.80 -75.84
CA THR MD 63 -54.38 49.67 -74.94
C THR MD 63 -54.83 48.41 -75.67
N SER MD 64 -54.91 47.32 -74.92
CA SER MD 64 -55.45 46.09 -75.49
C SER MD 64 -56.94 46.21 -75.75
N HIS MD 65 -57.65 47.00 -74.95
CA HIS MD 65 -59.09 47.18 -75.08
C HIS MD 65 -59.46 48.13 -76.20
N GLY MD 66 -58.49 48.80 -76.82
CA GLY MD 66 -58.77 49.73 -77.88
C GLY MD 66 -58.05 51.04 -77.66
N VAL MD 67 -58.56 52.09 -78.28
CA VAL MD 67 -57.94 53.40 -78.22
C VAL MD 67 -58.85 54.35 -77.45
N ILE MD 68 -58.25 55.43 -76.97
CA ILE MD 68 -58.95 56.44 -76.19
C ILE MD 68 -58.17 57.73 -76.28
N GLU MD 69 -58.80 58.85 -75.98
CA GLU MD 69 -58.18 60.16 -76.13
C GLU MD 69 -58.35 60.97 -74.85
N SER MD 70 -57.28 61.05 -74.07
CA SER MD 70 -57.32 61.84 -72.85
C SER MD 70 -57.17 63.32 -73.19
N GLU MD 71 -57.81 64.15 -72.39
CA GLU MD 71 -57.71 65.59 -72.60
C GLU MD 71 -57.28 66.33 -71.34
N ASP ND 6 -45.07 41.21 -76.58
CA ASP ND 6 -43.84 41.19 -75.81
C ASP ND 6 -42.76 42.09 -76.40
N PHE ND 7 -42.94 42.51 -77.64
CA PHE ND 7 -41.90 43.28 -78.32
C PHE ND 7 -42.53 44.28 -79.28
N VAL ND 8 -41.78 45.34 -79.56
CA VAL ND 8 -42.22 46.42 -80.42
C VAL ND 8 -41.25 46.56 -81.58
N VAL ND 9 -41.72 47.17 -82.66
CA VAL ND 9 -40.93 47.35 -83.86
C VAL ND 9 -40.93 48.83 -84.21
N ILE ND 10 -39.77 49.45 -84.22
CA ILE ND 10 -39.64 50.87 -84.45
C ILE ND 10 -38.84 51.09 -85.72
N LYS ND 11 -39.47 51.65 -86.74
CA LYS ND 11 -38.77 52.02 -87.96
C LYS ND 11 -38.50 53.52 -87.91
N ALA ND 12 -37.22 53.88 -87.91
CA ALA ND 12 -36.88 55.29 -87.80
C ALA ND 12 -37.00 55.97 -89.15
N LEU ND 13 -38.03 56.79 -89.31
CA LEU ND 13 -38.30 57.48 -90.57
C LEU ND 13 -37.44 58.71 -90.76
N GLU ND 14 -36.73 59.16 -89.74
CA GLU ND 14 -35.84 60.30 -89.87
C GLU ND 14 -34.61 60.04 -89.00
N ASP ND 15 -33.58 60.85 -89.21
CA ASP ND 15 -32.33 60.62 -88.51
C ASP ND 15 -32.43 61.05 -87.06
N GLY ND 16 -31.55 60.47 -86.24
CA GLY ND 16 -31.45 60.86 -84.85
C GLY ND 16 -32.63 60.51 -83.98
N VAL ND 17 -33.34 59.42 -84.29
CA VAL ND 17 -34.47 59.05 -83.46
C VAL ND 17 -33.98 58.39 -82.19
N ASN ND 18 -34.38 58.92 -81.05
CA ASN ND 18 -33.92 58.43 -79.75
C ASN ND 18 -34.91 57.41 -79.22
N VAL ND 19 -34.40 56.37 -78.59
CA VAL ND 19 -35.21 55.36 -77.93
C VAL ND 19 -34.65 55.21 -76.52
N ILE ND 20 -35.48 55.48 -75.52
CA ILE ND 20 -35.02 55.56 -74.14
C ILE ND 20 -35.56 54.36 -73.37
N GLY ND 21 -34.67 53.59 -72.75
CA GLY ND 21 -35.06 52.44 -71.97
C GLY ND 21 -34.32 51.19 -72.37
N SER ND 33 -30.21 54.48 -73.37
CA SER ND 33 -30.57 55.27 -74.53
C SER ND 33 -29.91 54.74 -75.80
N GLU ND 34 -30.65 54.77 -76.89
CA GLU ND 34 -30.15 54.34 -78.19
C GLU ND 34 -30.54 55.36 -79.25
N CYS ND 35 -29.73 55.48 -80.29
CA CYS ND 35 -30.02 56.39 -81.38
C CYS ND 35 -30.12 55.62 -82.68
N LEU ND 36 -31.07 56.00 -83.53
CA LEU ND 36 -31.28 55.35 -84.82
C LEU ND 36 -31.21 56.38 -85.93
N ASP ND 37 -30.69 55.95 -87.07
CA ASP ND 37 -30.67 56.76 -88.28
C ASP ND 37 -31.85 56.40 -89.16
N LYS ND 38 -31.98 57.13 -90.27
CA LYS ND 38 -33.13 56.95 -91.15
C LYS ND 38 -33.05 55.62 -91.88
N GLY ND 39 -34.13 54.84 -91.80
CA GLY ND 39 -34.23 53.58 -92.47
C GLY ND 39 -33.93 52.38 -91.62
N GLU ND 40 -33.35 52.58 -90.44
CA GLU ND 40 -33.09 51.46 -89.57
C GLU ND 40 -34.37 51.03 -88.88
N VAL ND 41 -34.36 49.80 -88.37
CA VAL ND 41 -35.50 49.22 -87.68
C VAL ND 41 -34.97 48.53 -86.43
N LEU ND 42 -35.52 48.90 -85.28
CA LEU ND 42 -35.15 48.29 -84.02
C LEU ND 42 -36.32 47.47 -83.51
N ILE ND 43 -36.07 46.19 -83.23
CA ILE ND 43 -37.06 45.32 -82.62
C ILE ND 43 -36.66 45.14 -81.18
N ALA ND 44 -37.50 45.62 -80.26
CA ALA ND 44 -37.12 45.69 -78.86
C ALA ND 44 -38.08 44.86 -78.02
N GLN ND 45 -37.52 43.98 -77.21
CA GLN ND 45 -38.30 43.20 -76.27
C GLN ND 45 -38.25 43.85 -74.90
N PHE ND 46 -39.27 43.58 -74.10
CA PHE ND 46 -39.31 44.11 -72.74
C PHE ND 46 -38.64 43.17 -71.76
N THR ND 47 -37.59 43.66 -71.12
CA THR ND 47 -36.91 42.89 -70.08
C THR ND 47 -37.58 43.21 -68.76
N GLU ND 48 -36.95 42.76 -67.67
CA GLU ND 48 -37.36 43.21 -66.35
C GLU ND 48 -36.98 44.67 -66.15
N HIS ND 49 -35.78 45.04 -66.58
CA HIS ND 49 -35.29 46.40 -66.47
C HIS ND 49 -36.05 47.38 -67.33
N THR ND 50 -36.12 47.14 -68.63
CA THR ND 50 -36.82 48.01 -69.56
C THR ND 50 -38.31 47.79 -69.37
N SER ND 51 -38.92 48.62 -68.54
CA SER ND 51 -40.36 48.57 -68.31
C SER ND 51 -41.09 49.71 -68.96
N ALA ND 52 -40.38 50.64 -69.60
CA ALA ND 52 -40.99 51.76 -70.29
C ALA ND 52 -40.06 52.20 -71.41
N ILE ND 53 -40.64 52.51 -72.56
CA ILE ND 53 -39.88 52.91 -73.73
C ILE ND 53 -40.45 54.22 -74.25
N LYS ND 54 -39.60 55.22 -74.36
CA LYS ND 54 -39.99 56.52 -74.87
C LYS ND 54 -39.32 56.74 -76.23
N VAL ND 55 -40.08 57.24 -77.18
CA VAL ND 55 -39.62 57.40 -78.56
C VAL ND 55 -39.76 58.87 -78.94
N ARG ND 56 -38.66 59.48 -79.36
CA ARG ND 56 -38.65 60.85 -79.83
C ARG ND 56 -38.48 60.88 -81.34
N GLY ND 57 -38.80 62.01 -81.95
CA GLY ND 57 -38.59 62.19 -83.37
C GLY ND 57 -39.62 61.44 -84.19
N LYS ND 58 -39.43 61.53 -85.50
CA LYS ND 58 -40.37 60.91 -86.43
C LYS ND 58 -40.02 59.44 -86.59
N ALA ND 59 -40.93 58.57 -86.16
CA ALA ND 59 -40.71 57.14 -86.25
C ALA ND 59 -42.05 56.45 -86.42
N TYR ND 60 -42.00 55.21 -86.88
CA TYR ND 60 -43.19 54.43 -87.17
C TYR ND 60 -43.15 53.16 -86.33
N ILE ND 61 -44.09 53.03 -85.40
CA ILE ND 61 -44.05 51.98 -84.40
C ILE ND 61 -45.15 50.98 -84.66
N GLN ND 62 -44.82 49.69 -84.62
CA GLN ND 62 -45.78 48.61 -84.64
C GLN ND 62 -45.71 47.89 -83.31
N THR ND 63 -46.84 47.80 -82.63
CA THR ND 63 -46.97 47.02 -81.41
C THR ND 63 -48.02 45.94 -81.63
N SER ND 64 -48.37 45.25 -80.56
CA SER ND 64 -49.45 44.28 -80.63
C SER ND 64 -50.80 44.97 -80.79
N HIS ND 65 -50.95 46.18 -80.25
CA HIS ND 65 -52.18 46.92 -80.34
C HIS ND 65 -52.38 47.60 -81.68
N GLY ND 66 -51.39 47.59 -82.55
CA GLY ND 66 -51.51 48.22 -83.84
C GLY ND 66 -50.31 49.07 -84.13
N VAL ND 67 -50.48 50.03 -85.04
CA VAL ND 67 -49.40 50.90 -85.47
C VAL ND 67 -49.67 52.31 -84.99
N ILE ND 68 -48.60 53.11 -84.95
CA ILE ND 68 -48.67 54.50 -84.51
C ILE ND 68 -47.47 55.22 -85.10
N GLU ND 69 -47.54 56.54 -85.14
CA GLU ND 69 -46.51 57.34 -85.77
C GLU ND 69 -46.06 58.45 -84.84
N SER ND 70 -44.90 58.27 -84.21
CA SER ND 70 -44.36 59.28 -83.33
C SER ND 70 -43.72 60.39 -84.16
N GLU ND 71 -43.78 61.61 -83.65
CA GLU ND 71 -43.18 62.74 -84.33
C GLU ND 71 -42.24 63.52 -83.43
N ASP OD 6 -42.14 35.16 -81.03
CA ASP OD 6 -40.87 34.78 -80.42
C ASP OD 6 -39.70 34.92 -81.37
N PHE OD 7 -39.97 35.07 -82.66
CA PHE OD 7 -38.92 35.09 -83.65
C PHE OD 7 -39.29 35.99 -84.81
N VAL OD 8 -38.27 36.50 -85.49
CA VAL OD 8 -38.43 37.42 -86.60
C VAL OD 8 -37.78 36.82 -87.83
N VAL OD 9 -38.21 37.28 -89.01
CA VAL OD 9 -37.72 36.80 -90.28
C VAL OD 9 -37.21 37.98 -91.08
N ILE OD 10 -35.93 37.99 -91.40
CA ILE OD 10 -35.30 39.10 -92.10
C ILE OD 10 -34.79 38.61 -93.44
N LYS OD 11 -35.38 39.13 -94.52
CA LYS OD 11 -34.89 38.83 -95.86
C LYS OD 11 -34.05 40.00 -96.32
N ALA OD 12 -32.76 39.74 -96.57
CA ALA OD 12 -31.89 40.83 -96.95
C ALA OD 12 -32.03 41.14 -98.44
N LEU OD 13 -32.66 42.27 -98.75
CA LEU OD 13 -32.92 42.66 -100.12
C LEU OD 13 -31.71 43.30 -100.79
N GLU OD 14 -30.65 43.62 -100.05
CA GLU OD 14 -29.44 44.17 -100.62
C GLU OD 14 -28.27 43.60 -99.85
N ASP OD 15 -27.07 43.78 -100.41
CA ASP OD 15 -25.88 43.20 -99.81
C ASP OD 15 -25.47 43.97 -98.57
N GLY OD 16 -24.73 43.29 -97.70
CA GLY OD 16 -24.16 43.91 -96.53
C GLY OD 16 -25.15 44.35 -95.48
N VAL OD 17 -26.28 43.66 -95.34
CA VAL OD 17 -27.25 44.06 -94.32
C VAL OD 17 -26.77 43.57 -92.97
N ASN OD 18 -26.65 44.49 -92.02
CA ASN OD 18 -26.14 44.18 -90.70
C ASN OD 18 -27.31 43.88 -89.77
N VAL OD 19 -27.11 42.92 -88.88
CA VAL OD 19 -28.08 42.58 -87.85
C VAL OD 19 -27.32 42.54 -86.54
N ILE OD 20 -27.71 43.39 -85.60
CA ILE OD 20 -26.96 43.60 -84.37
C ILE OD 20 -27.73 43.00 -83.21
N GLY OD 21 -27.10 42.09 -82.47
CA GLY OD 21 -27.73 41.47 -81.33
C GLY OD 21 -27.66 39.96 -81.36
N SER OD 33 -22.93 40.70 -83.78
CA SER OD 33 -23.21 41.26 -85.10
C SER OD 33 -23.12 40.20 -86.18
N GLU OD 34 -24.03 40.28 -87.16
CA GLU OD 34 -24.05 39.36 -88.29
C GLU OD 34 -24.23 40.16 -89.57
N CYS OD 35 -23.72 39.65 -90.67
CA CYS OD 35 -23.86 40.30 -91.96
C CYS OD 35 -24.55 39.35 -92.93
N LEU OD 36 -25.44 39.90 -93.76
CA LEU OD 36 -26.18 39.11 -94.73
C LEU OD 36 -25.97 39.69 -96.12
N ASP OD 37 -25.95 38.80 -97.11
CA ASP OD 37 -25.89 39.20 -98.50
C ASP OD 37 -27.29 39.20 -99.11
N LYS OD 38 -27.37 39.61 -100.37
CA LYS OD 38 -28.66 39.75 -101.02
C LYS OD 38 -29.29 38.40 -101.29
N GLY OD 39 -30.54 38.23 -100.86
CA GLY OD 39 -31.29 37.03 -101.08
C GLY OD 39 -31.29 36.07 -99.91
N GLU OD 40 -30.42 36.27 -98.93
CA GLU OD 40 -30.44 35.40 -97.76
C GLU OD 40 -31.59 35.78 -96.85
N VAL OD 41 -31.95 34.85 -95.97
CA VAL OD 41 -33.03 35.03 -95.02
C VAL OD 41 -32.55 34.50 -93.68
N LEU OD 42 -32.62 35.35 -92.66
CA LEU OD 42 -32.24 34.97 -91.31
C LEU OD 42 -33.49 34.93 -90.45
N ILE OD 43 -33.71 33.78 -89.81
CA ILE OD 43 -34.79 33.63 -88.85
C ILE OD 43 -34.17 33.64 -87.47
N ALA OD 44 -34.51 34.65 -86.68
CA ALA OD 44 -33.83 34.90 -85.42
C ALA OD 44 -34.81 34.82 -84.27
N GLN OD 45 -34.48 34.00 -83.27
CA GLN OD 45 -35.26 33.92 -82.05
C GLN OD 45 -34.65 34.80 -80.98
N PHE OD 46 -35.47 35.21 -80.04
CA PHE OD 46 -34.99 36.03 -78.93
C PHE OD 46 -34.54 35.15 -77.77
N THR OD 47 -33.26 35.26 -77.43
CA THR OD 47 -32.73 34.56 -76.28
C THR OD 47 -32.89 35.45 -75.06
N GLU OD 48 -32.25 35.05 -73.96
CA GLU OD 48 -32.13 35.95 -72.82
C GLU OD 48 -31.17 37.08 -73.13
N HIS OD 49 -30.05 36.75 -73.79
CA HIS OD 49 -29.05 37.73 -74.17
C HIS OD 49 -29.55 38.71 -75.22
N THR OD 50 -29.99 38.21 -76.36
CA THR OD 50 -30.49 39.05 -77.45
C THR OD 50 -31.86 39.57 -77.05
N SER OD 51 -31.88 40.77 -76.47
CA SER OD 51 -33.12 41.42 -76.09
C SER OD 51 -33.47 42.57 -77.01
N ALA OD 52 -32.62 42.89 -77.97
CA ALA OD 52 -32.88 43.96 -78.92
C ALA OD 52 -32.14 43.64 -80.20
N ILE OD 53 -32.79 43.89 -81.33
CA ILE OD 53 -32.23 43.59 -82.64
C ILE OD 53 -32.34 44.84 -83.50
N LYS OD 54 -31.21 45.30 -84.01
CA LYS OD 54 -31.16 46.47 -84.87
C LYS OD 54 -30.80 46.02 -86.28
N VAL OD 55 -31.50 46.56 -87.27
CA VAL OD 55 -31.33 46.16 -88.66
C VAL OD 55 -30.96 47.38 -89.48
N ARG OD 56 -29.85 47.30 -90.19
CA ARG OD 56 -29.40 48.37 -91.07
C ARG OD 56 -29.60 47.94 -92.51
N GLY OD 57 -29.56 48.91 -93.42
CA GLY OD 57 -29.64 48.63 -94.83
C GLY OD 57 -31.03 48.23 -95.27
N LYS OD 58 -31.14 47.90 -96.55
CA LYS OD 58 -32.44 47.56 -97.13
C LYS OD 58 -32.74 46.10 -96.85
N ALA OD 59 -33.79 45.86 -96.06
CA ALA OD 59 -34.19 44.52 -95.70
C ALA OD 59 -35.69 44.48 -95.50
N TYR OD 60 -36.25 43.28 -95.54
CA TYR OD 60 -37.68 43.07 -95.45
C TYR OD 60 -37.95 42.17 -94.26
N ILE OD 61 -38.62 42.70 -93.24
CA ILE OD 61 -38.77 42.02 -91.96
C ILE OD 61 -40.22 41.61 -91.78
N GLN OD 62 -40.41 40.36 -91.36
CA GLN OD 62 -41.70 39.85 -90.93
C GLN OD 62 -41.61 39.53 -89.45
N THR OD 63 -42.50 40.13 -88.66
CA THR OD 63 -42.64 39.82 -87.26
C THR OD 63 -44.05 39.31 -87.01
N SER OD 64 -44.39 39.13 -85.74
CA SER OD 64 -45.75 38.77 -85.38
C SER OD 64 -46.71 39.93 -85.63
N HIS OD 65 -46.24 41.16 -85.50
CA HIS OD 65 -47.06 42.34 -85.69
C HIS OD 65 -47.29 42.68 -87.14
N GLY OD 66 -46.61 42.01 -88.06
CA GLY OD 66 -46.76 42.28 -89.47
C GLY OD 66 -45.41 42.40 -90.14
N VAL OD 67 -45.40 43.08 -91.28
CA VAL OD 67 -44.19 43.23 -92.07
C VAL OD 67 -43.76 44.69 -92.06
N ILE OD 68 -42.50 44.90 -92.39
CA ILE OD 68 -41.90 46.24 -92.41
C ILE OD 68 -40.69 46.17 -93.32
N GLU OD 69 -40.23 47.33 -93.77
CA GLU OD 69 -39.15 47.41 -94.74
C GLU OD 69 -38.08 48.39 -94.26
N SER OD 70 -37.00 47.87 -93.73
CA SER OD 70 -35.90 48.71 -93.28
C SER OD 70 -35.09 49.18 -94.48
N GLU OD 71 -34.55 50.38 -94.39
CA GLU OD 71 -33.71 50.91 -95.46
C GLU OD 71 -32.36 51.38 -94.95
N ASP PD 6 -42.96 27.70 -83.31
CA ASP PD 6 -41.83 26.98 -82.73
C ASP PD 6 -40.95 26.31 -83.77
N PHE PD 7 -41.46 26.21 -85.00
CA PHE PD 7 -40.73 25.49 -86.03
C PHE PD 7 -40.99 26.11 -87.40
N VAL PD 8 -40.05 25.90 -88.30
CA VAL PD 8 -40.10 26.44 -89.64
C VAL PD 8 -40.04 25.30 -90.64
N VAL PD 9 -40.52 25.57 -91.86
CA VAL PD 9 -40.57 24.58 -92.92
C VAL PD 9 -39.85 25.15 -94.13
N ILE PD 10 -38.78 24.50 -94.55
CA ILE PD 10 -37.96 24.98 -95.65
C ILE PD 10 -38.01 23.97 -96.79
N LYS PD 11 -38.59 24.37 -97.91
CA LYS PD 11 -38.60 23.54 -99.11
C LYS PD 11 -37.49 24.03 -100.02
N ALA PD 12 -36.50 23.18 -100.29
CA ALA PD 12 -35.39 23.61 -101.11
C ALA PD 12 -35.76 23.54 -102.58
N LEU PD 13 -35.95 24.69 -103.20
CA LEU PD 13 -36.35 24.76 -104.59
C LEU PD 13 -35.18 24.57 -105.56
N GLU PD 14 -33.96 24.59 -105.08
CA GLU PD 14 -32.79 24.36 -105.93
C GLU PD 14 -31.78 23.57 -105.12
N ASP PD 15 -30.78 23.04 -105.82
CA ASP PD 15 -29.80 22.19 -105.17
C ASP PD 15 -28.84 23.00 -104.32
N GLY PD 16 -28.24 22.33 -103.34
CA GLY PD 16 -27.21 22.94 -102.53
C GLY PD 16 -27.68 24.04 -101.61
N VAL PD 17 -28.91 23.99 -101.13
CA VAL PD 17 -29.39 25.03 -100.23
C VAL PD 17 -28.83 24.78 -98.84
N ASN PD 18 -28.15 25.77 -98.29
CA ASN PD 18 -27.49 25.65 -97.00
C ASN PD 18 -28.43 26.16 -95.91
N VAL PD 19 -28.43 25.50 -94.77
CA VAL PD 19 -29.17 25.92 -93.60
C VAL PD 19 -28.20 25.92 -92.43
N ILE PD 20 -28.00 27.07 -91.81
CA ILE PD 20 -26.97 27.25 -90.82
C ILE PD 20 -27.61 27.41 -89.44
N GLY PD 21 -27.22 26.55 -88.52
CA GLY PD 21 -27.75 26.61 -87.16
C GLY PD 21 -28.28 25.28 -86.68
N SER PD 33 -24.35 23.15 -89.64
CA SER PD 33 -24.69 23.39 -91.04
C SER PD 33 -25.29 22.15 -91.68
N GLU PD 34 -26.29 22.36 -92.53
CA GLU PD 34 -26.92 21.26 -93.27
C GLU PD 34 -27.09 21.68 -94.72
N CYS PD 35 -27.09 20.71 -95.61
CA CYS PD 35 -27.27 20.96 -97.04
C CYS PD 35 -28.48 20.20 -97.53
N LEU PD 36 -29.25 20.83 -98.42
CA LEU PD 36 -30.45 20.22 -98.98
C LEU PD 36 -30.37 20.24 -100.49
N ASP PD 37 -30.92 19.20 -101.11
CA ASP PD 37 -31.05 19.13 -102.55
C ASP PD 37 -32.44 19.58 -102.98
N LYS PD 38 -32.65 19.62 -104.29
CA LYS PD 38 -33.90 20.14 -104.82
C LYS PD 38 -35.05 19.19 -104.54
N GLY PD 39 -36.11 19.73 -103.97
CA GLY PD 39 -37.30 18.96 -103.67
C GLY PD 39 -37.41 18.48 -102.25
N GLU PD 40 -36.31 18.53 -101.49
CA GLU PD 40 -36.39 18.11 -100.10
C GLU PD 40 -37.05 19.20 -99.26
N VAL PD 41 -37.53 18.80 -98.09
CA VAL PD 41 -38.20 19.70 -97.16
C VAL PD 41 -37.65 19.41 -95.78
N LEU PD 42 -37.15 20.44 -95.12
CA LEU PD 42 -36.64 20.33 -93.76
C LEU PD 42 -37.56 21.07 -92.83
N ILE PD 43 -38.06 20.37 -91.81
CA ILE PD 43 -38.86 20.98 -90.76
C ILE PD 43 -37.97 21.10 -89.54
N ALA PD 44 -37.70 22.33 -89.12
CA ALA PD 44 -36.70 22.58 -88.09
C ALA PD 44 -37.33 23.27 -86.91
N GLN PD 45 -37.11 22.70 -85.72
CA GLN PD 45 -37.55 23.31 -84.49
C GLN PD 45 -36.41 24.08 -83.85
N PHE PD 46 -36.77 25.06 -83.03
CA PHE PD 46 -35.75 25.84 -82.33
C PHE PD 46 -35.42 25.21 -80.99
N THR PD 47 -34.16 24.84 -80.83
CA THR PD 47 -33.68 24.31 -79.57
C THR PD 47 -33.19 25.49 -78.73
N GLU PD 48 -32.52 25.17 -77.63
CA GLU PD 48 -31.80 26.19 -76.89
C GLU PD 48 -30.57 26.64 -77.67
N HIS PD 49 -29.86 25.69 -78.27
CA HIS PD 49 -28.68 25.98 -79.06
C HIS PD 49 -28.99 26.75 -80.33
N THR PD 50 -29.85 26.20 -81.18
CA THR PD 50 -30.23 26.83 -82.43
C THR PD 50 -31.15 28.00 -82.12
N SER PD 51 -30.58 29.18 -82.00
CA SER PD 51 -31.33 30.39 -81.74
C SER PD 51 -31.41 31.29 -82.97
N ALA PD 52 -30.77 30.90 -84.07
CA ALA PD 52 -30.81 31.67 -85.30
C ALA PD 52 -30.57 30.73 -86.46
N ILE PD 53 -31.32 30.92 -87.53
CA ILE PD 53 -31.25 30.05 -88.70
C ILE PD 53 -31.07 30.94 -89.93
N LYS PD 54 -30.00 30.69 -90.67
CA LYS PD 54 -29.71 31.42 -91.89
C LYS PD 54 -29.90 30.49 -93.07
N VAL PD 55 -30.55 30.99 -94.12
CA VAL PD 55 -30.88 30.18 -95.29
C VAL PD 55 -30.27 30.85 -96.51
N ARG PD 56 -29.47 30.09 -97.27
CA ARG PD 56 -28.87 30.56 -98.50
C ARG PD 56 -29.54 29.89 -99.68
N GLY PD 57 -29.36 30.44 -100.86
CA GLY PD 57 -29.87 29.85 -102.08
C GLY PD 57 -31.37 30.01 -102.21
N LYS PD 58 -31.90 29.43 -103.27
CA LYS PD 58 -33.32 29.54 -103.57
C LYS PD 58 -34.10 28.52 -102.77
N ALA PD 59 -34.93 29.00 -101.85
CA ALA PD 59 -35.72 28.12 -101.01
C ALA PD 59 -37.03 28.82 -100.66
N TYR PD 60 -38.00 28.02 -100.24
CA TYR PD 60 -39.34 28.50 -99.94
C TYR PD 60 -39.64 28.19 -98.48
N ILE PD 61 -39.79 29.21 -97.66
CA ILE PD 61 -39.88 29.05 -96.21
C ILE PD 61 -41.29 29.39 -95.75
N GLN PD 62 -41.85 28.53 -94.92
CA GLN PD 62 -43.09 28.78 -94.22
C GLN PD 62 -42.79 28.87 -92.73
N THR PD 63 -43.17 30.00 -92.12
CA THR PD 63 -43.08 30.19 -90.69
C THR PD 63 -44.47 30.44 -90.15
N SER PD 64 -44.55 30.79 -88.87
CA SER PD 64 -45.81 31.18 -88.28
C SER PD 64 -46.28 32.52 -88.82
N HIS PD 65 -45.35 33.40 -89.17
CA HIS PD 65 -45.68 34.72 -89.68
C HIS PD 65 -46.09 34.71 -91.14
N GLY PD 66 -45.96 33.58 -91.83
CA GLY PD 66 -46.32 33.50 -93.22
C GLY PD 66 -45.24 32.82 -94.02
N VAL PD 67 -45.23 33.08 -95.32
CA VAL PD 67 -44.29 32.46 -96.23
C VAL PD 67 -43.33 33.52 -96.76
N ILE PD 68 -42.19 33.05 -97.26
CA ILE PD 68 -41.16 33.91 -97.81
C ILE PD 68 -40.32 33.07 -98.74
N GLU PD 69 -39.56 33.73 -99.62
CA GLU PD 69 -38.79 33.05 -100.65
C GLU PD 69 -37.35 33.55 -100.65
N SER PD 70 -36.46 32.76 -100.07
CA SER PD 70 -35.06 33.13 -100.06
C SER PD 70 -34.43 32.83 -101.42
N GLU PD 71 -33.46 33.64 -101.81
CA GLU PD 71 -32.77 33.43 -103.07
C GLU PD 71 -31.26 33.37 -102.89
N ASP QD 6 -47.07 20.92 -82.64
CA ASP QD 6 -46.22 19.96 -81.96
C ASP QD 6 -45.95 18.72 -82.80
N PHE QD 7 -46.70 18.52 -83.86
CA PHE QD 7 -46.59 17.31 -84.66
C PHE QD 7 -46.88 17.61 -86.12
N VAL QD 8 -46.34 16.76 -86.97
CA VAL QD 8 -46.47 16.90 -88.42
C VAL QD 8 -47.10 15.64 -88.98
N VAL QD 9 -47.69 15.77 -90.17
CA VAL QD 9 -48.38 14.67 -90.83
C VAL QD 9 -47.79 14.51 -92.22
N ILE QD 10 -47.20 13.36 -92.49
CA ILE QD 10 -46.52 13.12 -93.76
C ILE QD 10 -47.24 11.99 -94.47
N LYS QD 11 -47.84 12.28 -95.62
CA LYS QD 11 -48.45 11.27 -96.45
C LYS QD 11 -47.48 10.95 -97.58
N ALA QD 12 -47.00 9.71 -97.63
CA ALA QD 12 -46.03 9.36 -98.65
C ALA QD 12 -46.72 9.08 -99.96
N LEU QD 13 -46.58 9.98 -100.91
CA LEU QD 13 -47.21 9.86 -102.22
C LEU QD 13 -46.48 8.92 -103.16
N GLU QD 14 -45.27 8.51 -102.83
CA GLU QD 14 -44.52 7.56 -103.64
C GLU QD 14 -43.75 6.65 -102.72
N ASP QD 15 -43.24 5.56 -103.29
CA ASP QD 15 -42.57 4.57 -102.48
C ASP QD 15 -41.19 5.05 -102.04
N GLY QD 16 -40.70 4.46 -100.95
CA GLY QD 16 -39.37 4.73 -100.48
C GLY QD 16 -39.12 6.12 -99.94
N VAL QD 17 -40.14 6.76 -99.38
CA VAL QD 17 -39.93 8.10 -98.83
C VAL QD 17 -39.22 7.99 -97.50
N ASN QD 18 -38.09 8.68 -97.38
CA ASN QD 18 -37.27 8.62 -96.18
C ASN QD 18 -37.65 9.76 -95.26
N VAL QD 19 -37.65 9.48 -93.96
CA VAL QD 19 -37.88 10.49 -92.94
C VAL QD 19 -36.74 10.35 -91.93
N ILE QD 20 -35.96 11.41 -91.75
CA ILE QD 20 -34.75 11.35 -90.97
C ILE QD 20 -34.94 12.14 -89.68
N GLY QD 21 -34.73 11.48 -88.55
CA GLY QD 21 -34.87 12.12 -87.26
C GLY QD 21 -35.76 11.35 -86.31
N SER QD 33 -33.80 6.99 -88.73
CA SER QD 33 -34.32 6.98 -90.09
C SER QD 33 -35.50 6.03 -90.22
N GLU QD 34 -36.50 6.42 -91.00
CA GLU QD 34 -37.67 5.60 -91.26
C GLU QD 34 -37.97 5.64 -92.75
N CYS QD 35 -38.57 4.57 -93.27
CA CYS QD 35 -38.94 4.51 -94.67
C CYS QD 35 -40.44 4.27 -94.77
N LEU QD 36 -41.07 4.93 -95.74
CA LEU QD 36 -42.52 4.81 -95.95
C LEU QD 36 -42.78 4.38 -97.39
N ASP QD 37 -43.83 3.58 -97.57
CA ASP QD 37 -44.30 3.19 -98.89
C ASP QD 37 -45.43 4.10 -99.31
N LYS QD 38 -45.91 3.89 -100.53
CA LYS QD 38 -46.95 4.75 -101.10
C LYS QD 38 -48.27 4.53 -100.41
N GLY QD 39 -48.88 5.62 -99.95
CA GLY QD 39 -50.17 5.59 -99.32
C GLY QD 39 -50.13 5.59 -97.81
N GLU QD 40 -48.97 5.33 -97.21
CA GLU QD 40 -48.89 5.38 -95.77
C GLU QD 40 -48.85 6.83 -95.29
N VAL QD 41 -49.16 7.02 -94.01
CA VAL QD 41 -49.19 8.32 -93.38
C VAL QD 41 -48.51 8.20 -92.04
N LEU QD 42 -47.51 9.02 -91.80
CA LEU QD 42 -46.79 9.04 -90.54
C LEU QD 42 -47.09 10.34 -89.82
N ILE QD 43 -47.58 10.24 -88.60
CA ILE QD 43 -47.81 11.39 -87.74
C ILE QD 43 -46.69 11.41 -86.72
N ALA QD 44 -45.86 12.45 -86.77
CA ALA QD 44 -44.64 12.47 -85.98
C ALA QD 44 -44.65 13.66 -85.03
N GLN QD 45 -44.43 13.38 -83.76
CA GLN QD 45 -44.29 14.43 -82.76
C GLN QD 45 -42.82 14.74 -82.52
N PHE QD 46 -42.55 15.95 -82.06
CA PHE QD 46 -41.19 16.35 -81.75
C PHE QD 46 -40.84 16.01 -80.32
N THR QD 47 -39.83 15.16 -80.15
CA THR QD 47 -39.33 14.83 -78.83
C THR QD 47 -38.23 15.83 -78.49
N GLU QD 48 -37.51 15.54 -77.40
CA GLU QD 48 -36.29 16.29 -77.12
C GLU QD 48 -35.20 15.91 -78.11
N HIS QD 49 -35.09 14.61 -78.41
CA HIS QD 49 -34.10 14.11 -79.37
C HIS QD 49 -34.36 14.58 -80.79
N THR QD 50 -35.54 14.28 -81.32
CA THR QD 50 -35.91 14.67 -82.67
C THR QD 50 -36.19 16.16 -82.68
N SER QD 51 -35.17 16.95 -83.02
CA SER QD 51 -35.30 18.38 -83.12
C SER QD 51 -35.31 18.87 -84.57
N ALA QD 52 -35.12 17.96 -85.53
CA ALA QD 52 -35.14 18.31 -86.93
C ALA QD 52 -35.57 17.09 -87.72
N ILE QD 53 -36.41 17.32 -88.73
CA ILE QD 53 -36.95 16.24 -89.54
C ILE QD 53 -36.72 16.58 -91.01
N LYS QD 54 -36.05 15.70 -91.71
CA LYS QD 54 -35.77 15.88 -93.13
C LYS QD 54 -36.57 14.85 -93.92
N VAL QD 55 -37.19 15.29 -95.01
CA VAL QD 55 -38.08 14.46 -95.80
C VAL QD 55 -37.55 14.43 -97.22
N ARG QD 56 -37.31 13.23 -97.74
CA ARG QD 56 -36.87 13.03 -99.11
C ARG QD 56 -38.01 12.45 -99.93
N GLY QD 57 -37.89 12.54 -101.24
CA GLY QD 57 -38.86 11.93 -102.13
C GLY QD 57 -40.16 12.72 -102.18
N LYS QD 58 -41.10 12.18 -102.94
CA LYS QD 58 -42.38 12.85 -103.13
C LYS QD 58 -43.30 12.53 -101.96
N ALA QD 59 -43.64 13.56 -101.19
CA ALA QD 59 -44.50 13.38 -100.03
C ALA QD 59 -45.31 14.66 -99.83
N TYR QD 60 -46.39 14.53 -99.07
CA TYR QD 60 -47.32 15.62 -98.83
C TYR QD 60 -47.39 15.87 -97.33
N ILE QD 61 -46.92 17.03 -96.90
CA ILE QD 61 -46.73 17.31 -95.48
C ILE QD 61 -47.75 18.34 -95.04
N GLN QD 62 -48.39 18.09 -93.90
CA GLN QD 62 -49.24 19.05 -93.22
C GLN QD 62 -48.59 19.39 -91.89
N THR QD 63 -48.34 20.67 -91.66
CA THR QD 63 -47.86 21.16 -90.39
C THR QD 63 -48.87 22.15 -89.84
N SER QD 64 -48.50 22.82 -88.75
CA SER QD 64 -49.33 23.88 -88.22
C SER QD 64 -49.34 25.09 -89.13
N HIS QD 65 -48.24 25.34 -89.84
CA HIS QD 65 -48.12 26.47 -90.73
C HIS QD 65 -48.82 26.27 -92.06
N GLY QD 66 -49.32 25.07 -92.34
CA GLY QD 66 -49.99 24.79 -93.58
C GLY QD 66 -49.48 23.52 -94.20
N VAL QD 67 -49.67 23.40 -95.51
CA VAL QD 67 -49.28 22.20 -96.24
C VAL QD 67 -48.14 22.54 -97.18
N ILE QD 68 -47.43 21.48 -97.59
CA ILE QD 68 -46.29 21.62 -98.49
C ILE QD 68 -46.08 20.27 -99.16
N GLU QD 69 -45.35 20.27 -100.27
CA GLU QD 69 -45.18 19.07 -101.07
C GLU QD 69 -43.70 18.85 -101.37
N SER QD 70 -43.09 17.93 -100.64
CA SER QD 70 -41.70 17.61 -100.89
C SER QD 70 -41.57 16.72 -102.11
N GLU QD 71 -40.47 16.87 -102.83
CA GLU QD 71 -40.23 16.05 -104.01
C GLU QD 71 -38.87 15.36 -103.96
N ASP RD 6 96.67 4.58 -12.44
CA ASP RD 6 95.43 4.21 -13.07
C ASP RD 6 95.61 3.66 -14.47
N PHE RD 7 96.78 3.87 -15.06
CA PHE RD 7 96.99 3.49 -16.45
C PHE RD 7 98.44 3.07 -16.64
N VAL RD 8 98.65 2.24 -17.67
CA VAL RD 8 99.95 1.69 -18.00
C VAL RD 8 100.30 2.08 -19.42
N VAL RD 9 101.59 2.07 -19.73
CA VAL RD 9 102.10 2.44 -21.04
C VAL RD 9 102.95 1.29 -21.57
N ILE RD 10 102.54 0.72 -22.69
CA ILE RD 10 103.21 -0.44 -23.26
C ILE RD 10 103.77 -0.05 -24.61
N LYS RD 11 105.09 -0.06 -24.74
CA LYS RD 11 105.74 0.17 -26.02
C LYS RD 11 106.14 -1.18 -26.59
N ALA RD 12 105.57 -1.54 -27.73
CA ALA RD 12 105.86 -2.85 -28.29
C ALA RD 12 107.19 -2.82 -29.04
N LEU RD 13 108.21 -3.44 -28.47
CA LEU RD 13 109.54 -3.46 -29.05
C LEU RD 13 109.70 -4.48 -30.16
N GLU RD 14 108.73 -5.37 -30.34
CA GLU RD 14 108.78 -6.34 -31.42
C GLU RD 14 107.36 -6.54 -31.94
N ASP RD 15 107.26 -7.19 -33.09
CA ASP RD 15 105.97 -7.35 -33.72
C ASP RD 15 105.14 -8.40 -33.00
N GLY RD 16 103.82 -8.29 -33.17
CA GLY RD 16 102.90 -9.29 -32.66
C GLY RD 16 102.79 -9.35 -31.16
N VAL RD 17 102.98 -8.23 -30.46
CA VAL RD 17 102.87 -8.26 -29.01
C VAL RD 17 101.40 -8.28 -28.62
N ASN RD 18 101.01 -9.27 -27.83
CA ASN RD 18 99.62 -9.45 -27.44
C ASN RD 18 99.38 -8.78 -26.11
N VAL RD 19 98.22 -8.16 -25.96
CA VAL RD 19 97.78 -7.56 -24.70
C VAL RD 19 96.39 -8.10 -24.42
N ILE RD 20 96.24 -8.77 -23.30
CA ILE RD 20 95.01 -9.50 -23.00
C ILE RD 20 94.28 -8.79 -21.87
N GLY RD 21 93.03 -8.42 -22.12
CA GLY RD 21 92.22 -7.76 -21.12
C GLY RD 21 91.58 -6.48 -21.63
N SER RD 33 91.33 -9.03 -26.33
CA SER RD 33 92.69 -9.19 -26.81
C SER RD 33 93.03 -8.14 -27.87
N GLU RD 34 94.25 -7.63 -27.82
CA GLU RD 34 94.73 -6.66 -28.80
C GLU RD 34 96.14 -7.06 -29.24
N CYS RD 35 96.48 -6.71 -30.47
CA CYS RD 35 97.81 -7.00 -31.01
C CYS RD 35 98.49 -5.70 -31.40
N LEU RD 36 99.79 -5.62 -31.14
CA LEU RD 36 100.58 -4.44 -31.45
C LEU RD 36 101.76 -4.83 -32.31
N ASP RD 37 102.13 -3.93 -33.22
CA ASP RD 37 103.32 -4.09 -34.04
C ASP RD 37 104.48 -3.33 -33.42
N LYS RD 38 105.65 -3.45 -34.05
CA LYS RD 38 106.85 -2.85 -33.50
C LYS RD 38 106.81 -1.33 -33.62
N GLY RD 39 107.05 -0.66 -32.49
CA GLY RD 39 107.09 0.77 -32.44
C GLY RD 39 105.82 1.42 -31.97
N GLU RD 40 104.72 0.69 -31.92
CA GLU RD 40 103.49 1.26 -31.41
C GLU RD 40 103.53 1.36 -29.89
N VAL RD 41 102.67 2.20 -29.35
CA VAL RD 41 102.57 2.43 -27.91
C VAL RD 41 101.10 2.44 -27.55
N LEU RD 42 100.72 1.60 -26.60
CA LEU RD 42 99.35 1.53 -26.13
C LEU RD 42 99.30 2.04 -24.70
N ILE RD 43 98.46 3.04 -24.46
CA ILE RD 43 98.23 3.56 -23.12
C ILE RD 43 96.88 3.03 -22.67
N ALA RD 44 96.87 2.20 -21.64
CA ALA RD 44 95.68 1.48 -21.25
C ALA RD 44 95.27 1.84 -19.84
N GLN RD 45 94.02 2.24 -19.68
CA GLN RD 45 93.45 2.51 -18.37
C GLN RD 45 92.69 1.28 -17.87
N PHE RD 46 92.57 1.17 -16.56
CA PHE RD 46 91.82 0.08 -15.97
C PHE RD 46 90.37 0.44 -15.80
N THR RD 47 89.50 -0.32 -16.46
CA THR RD 47 88.07 -0.16 -16.31
C THR RD 47 87.61 -1.03 -15.16
N GLU RD 48 86.28 -1.15 -15.04
CA GLU RD 48 85.74 -2.16 -14.13
C GLU RD 48 85.95 -3.55 -14.70
N HIS RD 49 85.75 -3.71 -16.01
CA HIS RD 49 85.93 -4.98 -16.68
C HIS RD 49 87.38 -5.43 -16.72
N THR RD 50 88.27 -4.60 -17.27
CA THR RD 50 89.68 -4.92 -17.37
C THR RD 50 90.29 -4.77 -15.98
N SER RD 51 90.36 -5.88 -15.25
CA SER RD 51 90.97 -5.91 -13.94
C SER RD 51 92.32 -6.59 -13.94
N ALA RD 52 92.75 -7.13 -15.08
CA ALA RD 52 94.04 -7.78 -15.18
C ALA RD 52 94.51 -7.67 -16.63
N ILE RD 53 95.79 -7.41 -16.81
CA ILE RD 53 96.38 -7.23 -18.13
C ILE RD 53 97.60 -8.12 -18.24
N LYS RD 54 97.61 -8.98 -19.24
CA LYS RD 54 98.72 -9.89 -19.49
C LYS RD 54 99.41 -9.46 -20.78
N VAL RD 55 100.74 -9.43 -20.75
CA VAL RD 55 101.53 -8.96 -21.88
C VAL RD 55 102.47 -10.07 -22.31
N ARG RD 56 102.41 -10.44 -23.58
CA ARG RD 56 103.30 -11.44 -24.15
C ARG RD 56 104.31 -10.76 -25.06
N GLY RD 57 105.37 -11.47 -25.38
CA GLY RD 57 106.37 -10.98 -26.31
C GLY RD 57 107.23 -9.89 -25.70
N LYS RD 58 108.12 -9.37 -26.53
CA LYS RD 58 109.07 -8.36 -26.08
C LYS RD 58 108.41 -7.00 -26.09
N ALA RD 59 108.25 -6.41 -24.91
CA ALA RD 59 107.61 -5.10 -24.78
C ALA RD 59 108.22 -4.38 -23.60
N TYR RD 60 108.04 -3.07 -23.57
CA TYR RD 60 108.59 -2.21 -22.54
C TYR RD 60 107.46 -1.48 -21.85
N ILE RD 61 107.26 -1.77 -20.57
CA ILE RD 61 106.08 -1.32 -19.85
C ILE RD 61 106.50 -0.28 -18.82
N GLN RD 62 105.76 0.83 -18.77
CA GLN RD 62 105.88 1.81 -17.71
C GLN RD 62 104.59 1.83 -16.93
N THR RD 63 104.69 1.62 -15.62
CA THR RD 63 103.57 1.74 -14.70
C THR RD 63 103.89 2.83 -13.69
N SER RD 64 103.03 2.95 -12.69
CA SER RD 64 103.30 3.87 -11.59
C SER RD 64 104.45 3.37 -10.74
N HIS RD 65 104.61 2.05 -10.63
CA HIS RD 65 105.67 1.47 -9.82
C HIS RD 65 107.03 1.50 -10.50
N GLY RD 66 107.09 1.89 -11.77
CA GLY RD 66 108.36 1.94 -12.48
C GLY RD 66 108.23 1.29 -13.83
N VAL RD 67 109.37 0.87 -14.37
CA VAL RD 67 109.42 0.27 -15.69
C VAL RD 67 109.79 -1.20 -15.56
N ILE RD 68 109.48 -1.93 -16.63
CA ILE RD 68 109.75 -3.37 -16.68
C ILE RD 68 109.80 -3.77 -18.15
N GLU RD 69 110.39 -4.92 -18.43
CA GLU RD 69 110.60 -5.36 -19.80
C GLU RD 69 110.11 -6.79 -19.98
N SER RD 70 108.94 -6.95 -20.56
CA SER RD 70 108.40 -8.27 -20.81
C SER RD 70 109.09 -8.87 -22.03
N GLU RD 71 109.24 -10.19 -22.01
CA GLU RD 71 109.85 -10.89 -23.14
C GLU RD 71 108.98 -12.03 -23.65
N ASP SD 6 95.67 11.82 -15.70
CA ASP SD 6 94.37 11.79 -16.34
C ASP SD 6 94.45 12.07 -17.83
N PHE SD 7 95.57 12.60 -18.30
CA PHE SD 7 95.68 13.00 -19.68
C PHE SD 7 97.11 12.79 -20.18
N VAL SD 8 97.22 12.64 -21.49
CA VAL SD 8 98.50 12.38 -22.15
C VAL SD 8 98.74 13.48 -23.18
N VAL SD 9 100.01 13.66 -23.53
CA VAL SD 9 100.43 14.69 -24.47
C VAL SD 9 101.21 14.02 -25.59
N ILE SD 10 100.73 14.11 -26.81
CA ILE SD 10 101.34 13.45 -27.95
C ILE SD 10 101.80 14.50 -28.93
N LYS SD 11 103.11 14.60 -29.14
CA LYS SD 11 103.67 15.49 -30.14
C LYS SD 11 104.01 14.67 -31.36
N ALA SD 12 103.35 14.94 -32.48
CA ALA SD 12 103.59 14.13 -33.67
C ALA SD 12 104.85 14.60 -34.37
N LEU SD 13 105.91 13.80 -34.28
CA LEU SD 13 107.19 14.13 -34.88
C LEU SD 13 107.26 13.86 -36.37
N GLU SD 14 106.27 13.15 -36.92
CA GLU SD 14 106.24 12.90 -38.36
C GLU SD 14 104.79 12.97 -38.80
N ASP SD 15 104.59 13.01 -40.11
CA ASP SD 15 103.25 13.17 -40.64
C ASP SD 15 102.46 11.88 -40.53
N GLY SD 16 101.14 12.02 -40.53
CA GLY SD 16 100.26 10.87 -40.56
C GLY SD 16 100.26 10.02 -39.31
N VAL SD 17 100.50 10.60 -38.15
CA VAL SD 17 100.50 9.82 -36.92
C VAL SD 17 99.07 9.56 -36.50
N ASN SD 18 98.72 8.29 -36.34
CA ASN SD 18 97.36 7.89 -36.01
C ASN SD 18 97.23 7.75 -34.50
N VAL SD 19 96.08 8.15 -33.98
CA VAL SD 19 95.76 7.99 -32.57
C VAL SD 19 94.38 7.35 -32.52
N ILE SD 20 94.30 6.17 -31.91
CA ILE SD 20 93.10 5.36 -31.95
C ILE SD 20 92.45 5.35 -30.57
N GLY SD 21 91.20 5.76 -30.51
CA GLY SD 21 90.47 5.77 -29.26
C GLY SD 21 89.80 7.10 -28.97
N SER SD 33 89.17 7.40 -34.28
CA SER SD 33 90.50 7.57 -34.86
C SER SD 33 90.77 9.02 -35.23
N GLU SD 34 92.00 9.47 -35.00
CA GLU SD 34 92.42 10.81 -35.34
C GLU SD 34 93.77 10.76 -36.04
N CYS SD 35 94.04 11.72 -36.90
CA CYS SD 35 95.32 11.78 -37.61
C CYS SD 35 95.98 13.11 -37.30
N LEU SD 36 97.30 13.09 -37.13
CA LEU SD 36 98.08 14.27 -36.82
C LEU SD 36 99.19 14.44 -37.84
N ASP SD 37 99.49 15.70 -38.16
CA ASP SD 37 100.62 16.03 -39.01
C ASP SD 37 101.82 16.38 -38.17
N LYS SD 38 102.94 16.65 -38.84
CA LYS SD 38 104.20 16.91 -38.14
C LYS SD 38 104.16 18.25 -37.44
N GLY SD 39 104.49 18.23 -36.15
CA GLY SD 39 104.55 19.44 -35.35
C GLY SD 39 103.32 19.70 -34.52
N GLU SD 40 102.22 19.01 -34.79
CA GLU SD 40 101.03 19.19 -33.97
C GLU SD 40 101.19 18.48 -32.64
N VAL SD 41 100.38 18.88 -31.68
CA VAL SD 41 100.39 18.31 -30.34
C VAL SD 41 98.95 18.09 -29.93
N LEU SD 42 98.62 16.86 -29.55
CA LEU SD 42 97.30 16.51 -29.08
C LEU SD 42 97.37 16.20 -27.60
N ILE SD 43 96.56 16.89 -26.81
CA ILE SD 43 96.42 16.62 -25.39
C ILE SD 43 95.10 15.90 -25.20
N ALA SD 44 95.16 14.64 -24.75
CA ALA SD 44 94.00 13.79 -24.73
C ALA SD 44 93.70 13.34 -23.31
N GLN SD 45 92.47 13.55 -22.88
CA GLN SD 45 92.00 13.07 -21.60
C GLN SD 45 91.27 11.75 -21.77
N PHE SD 46 91.24 10.96 -20.70
CA PHE SD 46 90.53 9.69 -20.73
C PHE SD 46 89.08 9.87 -20.30
N THR SD 47 88.18 9.55 -21.20
CA THR SD 47 86.76 9.57 -20.89
C THR SD 47 86.37 8.21 -20.35
N GLU SD 48 85.06 7.99 -20.22
CA GLU SD 48 84.58 6.64 -19.95
C GLU SD 48 84.73 5.77 -21.17
N HIS SD 49 84.43 6.32 -22.35
CA HIS SD 49 84.55 5.60 -23.60
C HIS SD 49 85.98 5.28 -23.97
N THR SD 50 86.84 6.30 -24.06
CA THR SD 50 88.24 6.12 -24.41
C THR SD 50 88.94 5.53 -23.20
N SER SD 51 89.06 4.21 -23.17
CA SER SD 51 89.77 3.51 -22.11
C SER SD 51 91.11 2.98 -22.57
N ALA SD 52 91.45 3.13 -23.85
CA ALA SD 52 92.73 2.68 -24.36
C ALA SD 52 93.08 3.53 -25.56
N ILE SD 53 94.36 3.90 -25.66
CA ILE SD 53 94.83 4.76 -26.72
C ILE SD 53 96.04 4.11 -27.37
N LYS SD 54 95.97 3.90 -28.68
CA LYS SD 54 97.04 3.30 -29.44
C LYS SD 54 97.64 4.36 -30.34
N VAL SD 55 98.97 4.41 -30.40
CA VAL SD 55 99.68 5.43 -31.16
C VAL SD 55 100.57 4.74 -32.18
N ARG SD 56 100.42 5.10 -33.45
CA ARG SD 56 101.25 4.58 -34.52
C ARG SD 56 102.19 5.66 -34.99
N GLY SD 57 103.23 5.26 -35.72
CA GLY SD 57 104.15 6.21 -36.31
C GLY SD 57 105.07 6.82 -35.28
N LYS SD 58 105.91 7.73 -35.77
CA LYS SD 58 106.90 8.38 -34.92
C LYS SD 58 106.25 9.53 -34.16
N ALA SD 59 106.18 9.41 -32.84
CA ALA SD 59 105.58 10.42 -32.01
C ALA SD 59 106.26 10.42 -30.65
N TYR SD 60 106.10 11.52 -29.93
CA TYR SD 60 106.75 11.74 -28.65
C TYR SD 60 105.67 11.95 -27.60
N ILE SD 61 105.56 11.03 -26.66
CA ILE SD 61 104.44 11.00 -25.72
C ILE SD 61 104.95 11.34 -24.33
N GLN SD 62 104.23 12.24 -23.66
CA GLN SD 62 104.44 12.53 -22.26
C GLN SD 62 103.20 12.08 -21.49
N THR SD 63 103.41 11.22 -20.50
CA THR SD 63 102.35 10.81 -19.58
C THR SD 63 102.76 11.20 -18.17
N SER SD 64 101.97 10.76 -17.20
CA SER SD 64 102.33 10.97 -15.81
C SER SD 64 103.54 10.12 -15.42
N HIS SD 65 103.70 8.96 -16.04
CA HIS SD 65 104.80 8.07 -15.74
C HIS SD 65 106.11 8.49 -16.39
N GLY SD 66 106.10 9.50 -17.25
CA GLY SD 66 107.29 9.95 -17.90
C GLY SD 66 107.06 10.11 -19.39
N VAL SD 67 108.15 10.07 -20.15
CA VAL SD 67 108.10 10.26 -21.59
C VAL SD 67 108.46 8.96 -22.28
N ILE SD 68 108.07 8.87 -23.55
CA ILE SD 68 108.32 7.69 -24.36
C ILE SD 68 108.26 8.13 -25.82
N GLU SD 69 108.82 7.32 -26.72
CA GLU SD 69 108.92 7.67 -28.12
C GLU SD 69 108.41 6.53 -28.99
N SER SD 70 107.18 6.68 -29.49
CA SER SD 70 106.62 5.67 -30.36
C SER SD 70 107.20 5.82 -31.76
N GLU SD 71 107.35 4.69 -32.46
CA GLU SD 71 107.87 4.71 -33.81
C GLU SD 71 106.95 3.99 -34.78
N ASP TD 6 94.68 19.70 -14.54
CA ASP TD 6 93.34 20.02 -15.00
C ASP TD 6 93.31 21.06 -16.11
N PHE TD 7 94.43 21.75 -16.31
CA PHE TD 7 94.46 22.85 -17.26
C PHE TD 7 95.83 22.95 -17.90
N VAL TD 8 95.85 23.52 -19.10
CA VAL TD 8 97.06 23.68 -19.89
C VAL TD 8 97.28 25.15 -20.18
N VAL TD 9 98.53 25.50 -20.47
CA VAL TD 9 98.91 26.88 -20.75
C VAL TD 9 99.60 26.91 -22.10
N ILE TD 10 99.03 27.66 -23.05
CA ILE TD 10 99.54 27.72 -24.41
C ILE TD 10 99.97 29.13 -24.70
N LYS TD 11 101.26 29.34 -24.92
CA LYS TD 11 101.78 30.64 -25.33
C LYS TD 11 102.00 30.59 -26.83
N ALA TD 12 101.28 31.42 -27.58
CA ALA TD 12 101.41 31.38 -29.02
C ALA TD 12 102.63 32.16 -29.46
N LEU TD 13 103.66 31.44 -29.90
CA LEU TD 13 104.92 32.05 -30.31
C LEU TD 13 104.87 32.62 -31.73
N GLU TD 14 103.82 32.33 -32.49
CA GLU TD 14 103.67 32.89 -33.82
C GLU TD 14 102.19 33.17 -34.05
N ASP TD 15 101.91 33.92 -35.11
CA ASP TD 15 100.54 34.33 -35.37
C ASP TD 15 99.72 33.17 -35.91
N GLY TD 16 98.40 33.28 -35.73
CA GLY TD 16 97.48 32.32 -36.30
C GLY TD 16 97.54 30.93 -35.70
N VAL TD 17 97.89 30.81 -34.43
CA VAL TD 17 97.93 29.48 -33.83
C VAL TD 17 96.52 29.02 -33.50
N ASN TD 18 96.15 27.86 -34.02
CA ASN TD 18 94.80 27.34 -33.85
C ASN TD 18 94.78 26.41 -32.65
N VAL TD 19 93.69 26.47 -31.90
CA VAL TD 19 93.44 25.56 -30.78
C VAL TD 19 92.06 24.98 -30.97
N ILE TD 20 91.97 23.67 -31.09
CA ILE TD 20 90.73 23.00 -31.47
C ILE TD 20 90.19 22.25 -30.26
N GLY TD 21 88.96 22.54 -29.89
CA GLY TD 21 88.32 21.88 -28.77
C GLY TD 21 87.73 22.84 -27.77
N SER TD 33 86.74 25.95 -32.02
CA SER TD 33 88.03 26.41 -32.52
C SER TD 33 88.32 27.83 -32.07
N GLU TD 34 89.58 28.10 -31.73
CA GLU TD 34 90.03 29.42 -31.33
C GLU TD 34 91.33 29.75 -32.05
N CYS TD 35 91.57 31.04 -32.28
CA CYS TD 35 92.79 31.47 -32.93
C CYS TD 35 93.53 32.43 -32.02
N LEU TD 36 94.86 32.32 -31.98
CA LEU TD 36 95.70 33.16 -31.15
C LEU TD 36 96.74 33.87 -32.01
N ASP TD 37 97.07 35.09 -31.63
CA ASP TD 37 98.14 35.85 -32.25
C ASP TD 37 99.41 35.69 -31.45
N LYS TD 38 100.49 36.28 -31.96
CA LYS TD 38 101.80 36.14 -31.34
C LYS TD 38 101.87 36.88 -30.02
N GLY TD 39 102.28 36.18 -28.97
CA GLY TD 39 102.44 36.76 -27.66
C GLY TD 39 101.29 36.53 -26.72
N GLU TD 40 100.15 36.08 -27.23
CA GLU TD 40 99.02 35.79 -26.35
C GLU TD 40 99.25 34.47 -25.64
N VAL TD 41 98.52 34.29 -24.54
CA VAL TD 41 98.60 33.09 -23.72
C VAL TD 41 97.18 32.67 -23.38
N LEU TD 42 96.85 31.43 -23.69
CA LEU TD 42 95.55 30.88 -23.39
C LEU TD 42 95.69 29.81 -22.32
N ILE TD 43 94.97 29.96 -21.23
CA ILE TD 43 94.93 28.97 -20.16
C ILE TD 43 93.61 28.25 -20.30
N ALA TD 44 93.65 26.96 -20.60
CA ALA TD 44 92.45 26.22 -20.94
C ALA TD 44 92.24 25.08 -19.97
N GLN TD 45 91.05 25.02 -19.40
CA GLN TD 45 90.66 23.92 -18.54
C GLN TD 45 89.87 22.89 -19.34
N PHE TD 46 89.89 21.65 -18.86
CA PHE TD 46 89.13 20.59 -19.51
C PHE TD 46 87.72 20.51 -18.93
N THR TD 47 86.74 20.71 -19.80
CA THR TD 47 85.35 20.55 -19.42
C THR TD 47 84.95 19.10 -19.66
N GLU TD 48 83.64 18.85 -19.57
CA GLU TD 48 83.13 17.56 -20.03
C GLU TD 48 83.17 17.49 -21.54
N HIS TD 49 82.81 18.58 -22.21
CA HIS TD 49 82.81 18.65 -23.65
C HIS TD 49 84.21 18.59 -24.25
N THR TD 50 85.08 19.50 -23.84
CA THR TD 50 86.45 19.55 -24.34
C THR TD 50 87.22 18.41 -23.69
N SER TD 51 87.29 17.27 -24.39
CA SER TD 51 88.04 16.13 -23.93
C SER TD 51 89.32 15.92 -24.71
N ALA TD 52 89.59 16.75 -25.72
CA ALA TD 52 90.80 16.66 -26.50
C ALA TD 52 91.10 18.02 -27.08
N ILE TD 53 92.38 18.39 -27.07
CA ILE TD 53 92.82 19.69 -27.53
C ILE TD 53 93.95 19.49 -28.51
N LYS TD 54 93.77 20.02 -29.72
CA LYS TD 54 94.77 19.93 -30.77
C LYS TD 54 95.35 21.32 -31.02
N VAL TD 55 96.66 21.40 -31.14
CA VAL TD 55 97.37 22.67 -31.28
C VAL TD 55 98.16 22.65 -32.57
N ARG TD 56 97.93 23.63 -33.43
CA ARG TD 56 98.66 23.76 -34.68
C ARG TD 56 99.61 24.95 -34.58
N GLY TD 57 100.58 25.01 -35.48
CA GLY TD 57 101.49 26.12 -35.54
C GLY TD 57 102.50 26.11 -34.42
N LYS TD 58 103.33 27.13 -34.40
CA LYS TD 58 104.40 27.23 -33.41
C LYS TD 58 103.85 27.78 -32.12
N ALA TD 59 103.88 26.97 -31.07
CA ALA TD 59 103.36 27.37 -29.77
C ALA TD 59 104.15 26.65 -28.69
N TYR TD 60 104.07 27.19 -27.48
CA TYR TD 60 104.81 26.68 -26.34
C TYR TD 60 103.83 26.29 -25.25
N ILE TD 61 103.74 24.99 -24.95
CA ILE TD 61 102.69 24.47 -24.10
C ILE TD 61 103.31 24.01 -22.78
N GLN TD 62 102.67 24.40 -21.69
CA GLN TD 62 102.98 23.89 -20.36
C GLN TD 62 101.79 23.09 -19.86
N THR TD 63 102.03 21.83 -19.50
CA THR TD 63 101.03 20.99 -18.87
C THR TD 63 101.55 20.56 -17.52
N SER TD 64 100.82 19.66 -16.88
CA SER TD 64 101.28 19.09 -15.63
C SER TD 64 102.48 18.18 -15.85
N HIS TD 65 102.55 17.53 -17.00
CA HIS TD 65 103.64 16.63 -17.32
C HIS TD 65 104.92 17.34 -17.74
N GLY TD 66 104.87 18.65 -17.92
CA GLY TD 66 106.04 19.40 -18.32
C GLY TD 66 105.71 20.32 -19.47
N VAL TD 67 106.75 20.70 -20.21
CA VAL TD 67 106.60 21.64 -21.31
C VAL TD 67 106.86 20.92 -22.62
N ILE TD 68 106.39 21.53 -23.70
CA ILE TD 68 106.54 20.98 -25.04
C ILE TD 68 106.39 22.13 -26.02
N GLU TD 69 106.85 21.93 -27.25
CA GLU TD 69 106.86 22.98 -28.25
C GLU TD 69 106.25 22.49 -29.56
N SER TD 70 105.01 22.87 -29.79
CA SER TD 70 104.35 22.49 -31.03
C SER TD 70 104.84 23.37 -32.17
N GLU TD 71 104.89 22.79 -33.37
CA GLU TD 71 105.31 23.54 -34.54
C GLU TD 71 104.30 23.46 -35.67
N ASP UD 6 94.11 25.68 -9.23
CA ASP UD 6 92.75 26.16 -9.36
C ASP UD 6 92.67 27.62 -9.75
N PHE UD 7 93.77 28.34 -9.62
CA PHE UD 7 93.75 29.78 -9.86
C PHE UD 7 95.08 30.24 -10.44
N VAL UD 8 95.03 31.35 -11.15
CA VAL UD 8 96.18 31.93 -11.82
C VAL UD 8 96.40 33.34 -11.30
N VAL UD 9 97.63 33.83 -11.45
CA VAL UD 9 98.01 35.15 -10.99
C VAL UD 9 98.61 35.91 -12.16
N ILE UD 10 97.98 37.02 -12.54
CA ILE UD 10 98.39 37.80 -13.69
C ILE UD 10 98.82 39.17 -13.22
N LYS UD 11 100.10 39.49 -13.38
CA LYS UD 11 100.61 40.82 -13.08
C LYS UD 11 100.72 41.58 -14.39
N ALA UD 12 99.97 42.66 -14.53
CA ALA UD 12 100.00 43.39 -15.79
C ALA UD 12 101.20 44.32 -15.83
N LEU UD 13 102.19 43.97 -16.65
CA LEU UD 13 103.41 44.73 -16.76
C LEU UD 13 103.28 45.95 -17.66
N GLU UD 14 102.18 46.08 -18.39
CA GLU UD 14 101.95 47.25 -19.21
C GLU UD 14 100.46 47.58 -19.17
N ASP UD 15 100.12 48.76 -19.65
CA ASP UD 15 98.74 49.21 -19.56
C ASP UD 15 97.87 48.49 -20.58
N GLY UD 16 96.57 48.45 -20.29
CA GLY UD 16 95.60 47.92 -21.21
C GLY UD 16 95.67 46.43 -21.44
N VAL UD 17 96.11 45.65 -20.45
CA VAL UD 17 96.18 44.21 -20.65
C VAL UD 17 94.78 43.62 -20.52
N ASN UD 18 94.36 42.89 -21.54
CA ASN UD 18 93.03 42.33 -21.58
C ASN UD 18 93.07 40.91 -21.05
N VAL UD 19 92.03 40.53 -20.32
CA VAL UD 19 91.85 39.17 -19.83
C VAL UD 19 90.46 38.74 -20.21
N ILE UD 20 90.34 37.68 -21.00
CA ILE UD 20 89.07 37.28 -21.59
C ILE UD 20 88.61 36.00 -20.93
N GLY UD 21 87.40 36.03 -20.38
CA GLY UD 21 86.83 34.86 -19.75
C GLY UD 21 86.33 35.13 -18.34
N SER UD 33 85.09 39.98 -20.24
CA SER UD 33 86.35 40.68 -20.51
C SER UD 33 86.69 41.65 -19.40
N GLU UD 34 87.97 41.73 -19.05
CA GLU UD 34 88.46 42.66 -18.05
C GLU UD 34 89.71 43.34 -18.57
N CYS UD 35 89.95 44.56 -18.10
CA CYS UD 35 91.14 45.31 -18.50
C CYS UD 35 91.95 45.66 -17.27
N LEU UD 36 93.27 45.59 -17.39
CA LEU UD 36 94.18 45.89 -16.29
C LEU UD 36 95.16 46.96 -16.71
N ASP UD 37 95.54 47.81 -15.77
CA ASP UD 37 96.57 48.80 -15.98
C ASP UD 37 97.90 48.28 -15.44
N LYS UD 38 98.94 49.08 -15.65
CA LYS UD 38 100.29 48.66 -15.28
C LYS UD 38 100.45 48.60 -13.77
N GLY UD 39 100.93 47.47 -13.27
CA GLY UD 39 101.18 47.28 -11.87
C GLY UD 39 100.10 46.56 -11.13
N GLU UD 40 98.92 46.41 -11.71
CA GLU UD 40 97.85 45.68 -11.05
C GLU UD 40 98.11 44.19 -11.16
N VAL UD 41 97.45 43.44 -10.27
CA VAL UD 41 97.57 41.99 -10.22
C VAL UD 41 96.17 41.42 -10.06
N LEU UD 42 95.81 40.52 -10.96
CA LEU UD 42 94.52 39.86 -10.90
C LEU UD 42 94.73 38.39 -10.57
N ILE UD 43 94.09 37.93 -9.51
CA ILE UD 43 94.10 36.52 -9.13
C ILE UD 43 92.76 35.95 -9.53
N ALA UD 44 92.77 35.02 -10.47
CA ALA UD 44 91.54 34.53 -11.08
C ALA UD 44 91.38 33.05 -10.84
N GLN UD 45 90.22 32.66 -10.31
CA GLN UD 45 89.88 31.26 -10.14
C GLN UD 45 89.02 30.79 -11.31
N PHE UD 46 89.06 29.49 -11.56
CA PHE UD 46 88.25 28.91 -12.61
C PHE UD 46 86.89 28.51 -12.09
N THR UD 47 85.85 29.10 -12.64
CA THR UD 47 84.48 28.73 -12.31
C THR UD 47 84.05 27.63 -13.26
N GLU UD 48 82.76 27.32 -13.22
CA GLU UD 48 82.19 26.46 -14.26
C GLU UD 48 82.12 27.19 -15.58
N HIS UD 49 81.73 28.46 -15.55
CA HIS UD 49 81.65 29.29 -16.75
C HIS UD 49 82.99 29.57 -17.37
N THR UD 50 83.91 30.16 -16.60
CA THR UD 50 85.24 30.50 -17.08
C THR UD 50 86.04 29.21 -17.18
N SER UD 51 86.04 28.62 -18.38
CA SER UD 51 86.81 27.42 -18.64
C SER UD 51 88.04 27.68 -19.49
N ALA UD 52 88.24 28.92 -19.93
CA ALA UD 52 89.39 29.28 -20.72
C ALA UD 52 89.67 30.75 -20.50
N ILE UD 53 90.95 31.09 -20.38
CA ILE UD 53 91.37 32.45 -20.11
C ILE UD 53 92.44 32.83 -21.14
N LYS UD 54 92.18 33.91 -21.87
CA LYS UD 54 93.11 34.41 -22.87
C LYS UD 54 93.69 35.73 -22.39
N VAL UD 55 94.99 35.90 -22.53
CA VAL UD 55 95.70 37.07 -22.03
C VAL UD 55 96.40 37.75 -23.19
N ARG UD 56 96.13 39.03 -23.38
CA ARG UD 56 96.77 39.82 -24.41
C ARG UD 56 97.75 40.79 -23.77
N GLY UD 57 98.65 41.35 -24.56
CA GLY UD 57 99.57 42.36 -24.09
C GLY UD 57 100.66 41.77 -23.21
N LYS UD 58 101.49 42.65 -22.71
CA LYS UD 58 102.63 42.25 -21.89
C LYS UD 58 102.18 42.02 -20.46
N ALA UD 59 102.26 40.78 -20.01
CA ALA UD 59 101.85 40.43 -18.66
C ALA UD 59 102.70 39.27 -18.17
N TYR UD 60 102.70 39.08 -16.86
CA TYR UD 60 103.52 38.07 -16.21
C TYR UD 60 102.60 37.14 -15.43
N ILE UD 61 102.52 35.88 -15.85
CA ILE UD 61 101.53 34.95 -15.34
C ILE UD 61 102.22 33.89 -14.50
N GLN UD 62 101.66 33.63 -13.33
CA GLN UD 62 102.06 32.51 -12.50
C GLN UD 62 100.89 31.54 -12.41
N THR UD 63 101.14 30.29 -12.79
CA THR UD 63 100.18 29.21 -12.63
C THR UD 63 100.77 28.15 -11.73
N SER UD 64 100.08 27.02 -11.62
CA SER UD 64 100.61 25.89 -10.89
C SER UD 64 101.78 25.27 -11.63
N HIS UD 65 101.78 25.32 -12.96
CA HIS UD 65 102.83 24.74 -13.77
C HIS UD 65 104.07 25.60 -13.84
N GLY UD 66 104.04 26.82 -13.30
CA GLY UD 66 105.19 27.69 -13.32
C GLY UD 66 104.79 29.07 -13.78
N VAL UD 67 105.78 29.82 -14.28
CA VAL UD 67 105.57 31.18 -14.71
C VAL UD 67 105.74 31.27 -16.22
N ILE UD 68 105.20 32.34 -16.78
CA ILE UD 68 105.25 32.58 -18.22
C ILE UD 68 105.05 34.07 -18.43
N GLU UD 69 105.42 34.56 -19.61
CA GLU UD 69 105.39 35.98 -19.90
C GLU UD 69 104.67 36.24 -21.23
N SER UD 70 103.42 36.65 -21.16
CA SER UD 70 102.68 36.96 -22.37
C SER UD 70 103.10 38.32 -22.90
N GLU UD 71 103.06 38.46 -24.22
CA GLU UD 71 103.41 39.72 -24.84
C GLU UD 71 102.32 40.22 -25.79
N ASP VD 6 94.04 27.75 -1.59
CA ASP VD 6 92.69 28.21 -1.31
C ASP VD 6 92.65 29.65 -0.84
N PHE VD 7 93.78 30.20 -0.45
CA PHE VD 7 93.80 31.54 0.14
C PHE VD 7 95.10 32.24 -0.24
N VAL VD 8 95.03 33.57 -0.22
CA VAL VD 8 96.15 34.42 -0.58
C VAL VD 8 96.47 35.34 0.59
N VAL VD 9 97.71 35.84 0.62
CA VAL VD 9 98.19 36.70 1.68
C VAL VD 9 98.71 37.99 1.06
N ILE VD 10 98.10 39.11 1.40
CA ILE VD 10 98.45 40.40 0.81
C ILE VD 10 98.98 41.30 1.91
N LYS VD 11 100.24 41.66 1.82
CA LYS VD 11 100.83 42.63 2.75
C LYS VD 11 100.87 43.97 2.05
N ALA VD 12 100.15 44.95 2.59
CA ALA VD 12 100.10 46.25 1.93
C ALA VD 12 101.34 47.06 2.28
N LEU VD 13 102.23 47.22 1.31
CA LEU VD 13 103.47 47.94 1.51
C LEU VD 13 103.32 49.44 1.44
N GLU VD 14 102.17 49.94 1.00
CA GLU VD 14 101.91 51.38 0.96
C GLU VD 14 100.45 51.60 1.33
N ASP VD 15 100.12 52.86 1.59
CA ASP VD 15 98.78 53.17 2.04
C ASP VD 15 97.79 53.11 0.90
N GLY VD 16 96.53 52.91 1.25
CA GLY VD 16 95.44 52.95 0.27
C GLY VD 16 95.44 51.82 -0.73
N VAL VD 17 95.93 50.64 -0.36
CA VAL VD 17 95.92 49.53 -1.31
C VAL VD 17 94.52 48.95 -1.39
N ASN VD 18 93.98 48.90 -2.60
CA ASN VD 18 92.61 48.42 -2.81
C ASN VD 18 92.64 46.95 -3.14
N VAL VD 19 91.66 46.22 -2.63
CA VAL VD 19 91.47 44.80 -2.93
C VAL VD 19 90.01 44.64 -3.34
N ILE VD 20 89.79 44.17 -4.57
CA ILE VD 20 88.46 44.14 -5.15
C ILE VD 20 87.99 42.71 -5.26
N GLY VD 21 86.84 42.42 -4.66
CA GLY VD 21 86.28 41.09 -4.71
C GLY VD 21 85.91 40.55 -3.34
N SER VD 33 84.73 45.65 -2.18
CA SER VD 33 85.99 46.39 -2.16
C SER VD 33 86.47 46.60 -0.73
N GLU VD 34 87.77 46.49 -0.52
CA GLU VD 34 88.39 46.73 0.77
C GLU VD 34 89.62 47.61 0.59
N CYS VD 35 89.96 48.39 1.61
CA CYS VD 35 91.14 49.24 1.56
C CYS VD 35 92.06 48.87 2.71
N LEU VD 36 93.37 48.89 2.44
CA LEU VD 36 94.37 48.56 3.43
C LEU VD 36 95.37 49.70 3.55
N ASP VD 37 95.86 49.90 4.76
CA ASP VD 37 96.91 50.86 5.03
C ASP VD 37 98.26 50.15 5.06
N LYS VD 38 99.32 50.94 5.23
CA LYS VD 38 100.67 50.40 5.18
C LYS VD 38 100.97 49.54 6.39
N GLY VD 39 101.43 48.31 6.15
CA GLY VD 39 101.80 47.41 7.19
C GLY VD 39 100.75 46.37 7.53
N GLU VD 40 99.52 46.57 7.08
CA GLU VD 40 98.49 45.58 7.34
C GLU VD 40 98.67 44.38 6.41
N VAL VD 41 98.06 43.27 6.81
CA VAL VD 41 98.13 42.02 6.06
C VAL VD 41 96.72 41.44 6.02
N LEU VD 42 96.23 41.17 4.83
CA LEU VD 42 94.93 40.57 4.64
C LEU VD 42 95.11 39.16 4.10
N ILE VD 43 94.53 38.20 4.80
CA ILE VD 43 94.52 36.81 4.35
C ILE VD 43 93.12 36.53 3.84
N ALA VD 44 93.01 36.25 2.55
CA ALA VD 44 91.71 36.16 1.89
C ALA VD 44 91.51 34.79 1.31
N GLN VD 45 90.38 34.17 1.65
CA GLN VD 45 90.00 32.90 1.08
C GLN VD 45 89.02 33.11 -0.07
N PHE VD 46 88.98 32.16 -0.98
CA PHE VD 46 88.05 32.24 -2.10
C PHE VD 46 86.73 31.60 -1.76
N THR VD 47 85.67 32.39 -1.79
CA THR VD 47 84.33 31.88 -1.58
C THR VD 47 83.76 31.47 -2.93
N GLU VD 48 82.46 31.18 -2.94
CA GLU VD 48 81.77 31.00 -4.21
C GLU VD 48 81.62 32.34 -4.92
N HIS VD 49 81.29 33.38 -4.16
CA HIS VD 49 81.14 34.72 -4.71
C HIS VD 49 82.44 35.32 -5.19
N THR VD 50 83.44 35.41 -4.34
CA THR VD 50 84.74 35.96 -4.68
C THR VD 50 85.47 34.95 -5.55
N SER VD 51 85.34 35.09 -6.86
CA SER VD 51 86.02 34.24 -7.81
C SER VD 51 87.19 34.93 -8.49
N ALA VD 52 87.40 36.21 -8.21
CA ALA VD 52 88.50 36.96 -8.79
C ALA VD 52 88.86 38.08 -7.84
N ILE VD 53 90.16 38.32 -7.68
CA ILE VD 53 90.67 39.32 -6.76
C ILE VD 53 91.64 40.20 -7.51
N LYS VD 54 91.38 41.51 -7.52
CA LYS VD 54 92.23 42.47 -8.17
C LYS VD 54 92.90 43.33 -7.11
N VAL VD 55 94.20 43.56 -7.27
CA VAL VD 55 94.99 44.28 -6.28
C VAL VD 55 95.62 45.49 -6.95
N ARG VD 56 95.39 46.67 -6.39
CA ARG VD 56 95.99 47.90 -6.90
C ARG VD 56 97.04 48.37 -5.92
N GLY VD 57 97.89 49.28 -6.38
CA GLY VD 57 98.90 49.87 -5.53
C GLY VD 57 100.04 48.92 -5.22
N LYS VD 58 100.95 49.40 -4.39
CA LYS VD 58 102.14 48.62 -4.05
C LYS VD 58 101.81 47.65 -2.93
N ALA VD 59 101.87 46.37 -3.23
CA ALA VD 59 101.56 45.34 -2.25
C ALA VD 59 102.40 44.11 -2.56
N TYR VD 60 102.51 43.24 -1.56
CA TYR VD 60 103.33 42.04 -1.65
C TYR VD 60 102.45 40.83 -1.41
N ILE VD 61 102.27 40.00 -2.43
CA ILE VD 61 101.29 38.93 -2.41
C ILE VD 61 102.01 37.60 -2.35
N GLN VD 62 101.55 36.72 -1.46
CA GLN VD 62 101.97 35.34 -1.41
C GLN VD 62 100.77 34.47 -1.75
N THR VD 63 100.93 33.63 -2.76
CA THR VD 63 99.94 32.63 -3.12
C THR VD 63 100.56 31.25 -3.00
N SER VD 64 99.82 30.24 -3.45
CA SER VD 64 100.37 28.90 -3.51
C SER VD 64 101.45 28.79 -4.57
N HIS VD 65 101.32 29.55 -5.65
CA HIS VD 65 102.28 29.52 -6.75
C HIS VD 65 103.56 30.29 -6.46
N GLY VD 66 103.61 31.02 -5.35
CA GLY VD 66 104.79 31.78 -5.01
C GLY VD 66 104.42 33.18 -4.61
N VAL VD 67 105.39 34.08 -4.72
CA VAL VD 67 105.21 35.47 -4.32
C VAL VD 67 105.24 36.36 -5.55
N ILE VD 68 104.71 37.56 -5.38
CA ILE VD 68 104.64 38.54 -6.46
C ILE VD 68 104.49 39.91 -5.81
N GLU VD 69 104.78 40.96 -6.57
CA GLU VD 69 104.77 42.32 -6.04
C GLU VD 69 103.96 43.23 -6.94
N SER VD 70 102.75 43.54 -6.54
CA SER VD 70 101.91 44.44 -7.31
C SER VD 70 102.34 45.87 -7.06
N GLU VD 71 102.19 46.71 -8.08
CA GLU VD 71 102.55 48.11 -7.95
C GLU VD 71 101.41 49.03 -8.37
N ASP WD 6 94.53 25.44 6.16
CA ASP WD 6 93.20 25.68 6.73
C ASP WD 6 93.24 26.65 7.89
N PHE WD 7 94.42 26.92 8.44
CA PHE WD 7 94.52 27.74 9.63
C PHE WD 7 95.82 28.54 9.60
N VAL WD 8 95.80 29.65 10.31
CA VAL WD 8 96.93 30.57 10.39
C VAL WD 8 97.35 30.73 11.84
N VAL WD 9 98.60 31.14 12.04
CA VAL WD 9 99.16 31.31 13.36
C VAL WD 9 99.70 32.74 13.47
N ILE WD 10 99.15 33.51 14.40
CA ILE WD 10 99.51 34.91 14.55
C ILE WD 10 100.13 35.10 15.92
N LYS WD 11 101.41 35.46 15.96
CA LYS WD 11 102.08 35.79 17.21
C LYS WD 11 102.13 37.30 17.32
N ALA WD 12 101.48 37.84 18.33
CA ALA WD 12 101.43 39.29 18.47
C ALA WD 12 102.72 39.81 19.11
N LEU WD 13 103.56 40.44 18.30
CA LEU WD 13 104.84 40.95 18.77
C LEU WD 13 104.74 42.27 19.51
N GLU WD 14 103.58 42.92 19.48
CA GLU WD 14 103.38 44.16 20.22
C GLU WD 14 101.95 44.17 20.74
N ASP WD 15 101.68 45.09 21.64
CA ASP WD 15 100.38 45.12 22.29
C ASP WD 15 99.32 45.67 21.35
N GLY WD 16 98.07 45.33 21.63
CA GLY WD 16 96.94 45.87 20.89
C GLY WD 16 96.84 45.45 19.44
N VAL WD 17 97.30 44.24 19.11
CA VAL WD 17 97.20 43.80 17.73
C VAL WD 17 95.78 43.35 17.44
N ASN WD 18 95.16 43.93 16.43
CA ASN WD 18 93.78 43.66 16.09
C ASN WD 18 93.73 42.57 15.03
N VAL WD 19 92.75 41.68 15.15
CA VAL WD 19 92.50 40.65 14.16
C VAL WD 19 91.02 40.72 13.82
N ILE WD 20 90.70 40.97 12.55
CA ILE WD 20 89.35 41.25 12.13
C ILE WD 20 88.82 40.08 11.32
N GLY WD 21 87.70 39.53 11.75
CA GLY WD 21 87.09 38.42 11.04
C GLY WD 21 86.78 37.25 11.95
N SER WD 33 85.84 40.96 15.69
CA SER WD 33 87.13 41.58 16.01
C SER WD 33 87.70 41.02 17.31
N GLU WD 34 89.01 40.81 17.33
CA GLU WD 34 89.71 40.33 18.52
C GLU WD 34 90.96 41.17 18.74
N CYS WD 35 91.38 41.30 19.99
CA CYS WD 35 92.57 42.04 20.32
C CYS WD 35 93.56 41.13 21.04
N LEU WD 36 94.85 41.28 20.74
CA LEU WD 36 95.89 40.47 21.33
C LEU WD 36 96.93 41.38 21.97
N ASP WD 37 97.50 40.91 23.08
CA ASP WD 37 98.60 41.58 23.73
C ASP WD 37 99.92 40.97 23.30
N LYS WD 38 101.01 41.54 23.79
CA LYS WD 38 102.34 41.11 23.36
C LYS WD 38 102.66 39.74 23.92
N GLY WD 39 103.07 38.83 23.03
CA GLY WD 39 103.46 37.51 23.42
C GLY WD 39 102.40 36.45 23.24
N GLU WD 40 101.16 36.86 23.04
CA GLU WD 40 100.10 35.88 22.81
C GLU WD 40 100.19 35.35 21.39
N VAL WD 41 99.57 34.20 21.17
CA VAL WD 41 99.54 33.53 19.88
C VAL WD 41 98.12 33.06 19.63
N LEU WD 42 97.56 33.46 18.51
CA LEU WD 42 96.22 33.05 18.12
C LEU WD 42 96.32 32.13 16.92
N ILE WD 43 95.74 30.94 17.04
CA ILE WD 43 95.66 30.00 15.93
C ILE WD 43 94.22 30.04 15.44
N ALA WD 44 94.03 30.49 14.20
CA ALA WD 44 92.69 30.75 13.70
C ALA WD 44 92.42 29.89 12.48
N GLN WD 45 91.29 29.18 12.53
CA GLN WD 45 90.82 28.41 11.40
C GLN WD 45 89.79 29.20 10.61
N PHE WD 46 89.67 28.87 9.33
CA PHE WD 46 88.68 29.52 8.49
C PHE WD 46 87.35 28.79 8.54
N THR WD 47 86.33 29.49 8.99
CA THR WD 47 84.98 28.96 9.00
C THR WD 47 84.33 29.31 7.66
N GLU WD 48 83.02 29.07 7.59
CA GLU WD 48 82.25 29.59 6.47
C GLU WD 48 82.11 31.10 6.58
N HIS WD 49 81.85 31.59 7.79
CA HIS WD 49 81.72 33.02 8.05
C HIS WD 49 83.01 33.78 7.86
N THR WD 50 84.07 33.40 8.56
CA THR WD 50 85.36 34.05 8.48
C THR WD 50 86.01 33.64 7.16
N SER WD 51 85.82 34.46 6.14
CA SER WD 51 86.41 34.23 4.84
C SER WD 51 87.56 35.18 4.55
N ALA WD 52 87.82 36.12 5.44
CA ALA WD 52 88.92 37.07 5.27
C ALA WD 52 89.38 37.52 6.64
N ILE WD 53 90.69 37.62 6.81
CA ILE WD 53 91.29 38.00 8.08
C ILE WD 53 92.25 39.14 7.84
N LYS WD 54 92.03 40.25 8.54
CA LYS WD 54 92.89 41.41 8.44
C LYS WD 54 93.64 41.58 9.74
N VAL WD 55 94.94 41.87 9.65
CA VAL WD 55 95.82 41.95 10.81
C VAL WD 55 96.45 43.33 10.83
N ARG WD 56 96.29 44.04 11.94
CA ARG WD 56 96.89 45.34 12.12
C ARG WD 56 98.03 45.24 13.12
N GLY WD 57 98.89 46.25 13.15
CA GLY WD 57 99.95 46.30 14.12
C GLY WD 57 101.06 45.33 13.81
N LYS WD 58 102.05 45.31 14.70
CA LYS WD 58 103.22 44.46 14.51
C LYS WD 58 102.91 43.05 14.97
N ALA WD 59 102.91 42.11 14.03
CA ALA WD 59 102.62 40.72 14.34
C ALA WD 59 103.40 39.83 13.38
N TYR WD 60 103.54 38.57 13.77
CA TYR WD 60 104.30 37.60 13.00
C TYR WD 60 103.39 36.45 12.63
N ILE WD 61 103.14 36.27 11.34
CA ILE WD 61 102.12 35.36 10.86
C ILE WD 61 102.79 34.19 10.16
N GLN WD 62 102.34 32.99 10.49
CA GLN WD 62 102.72 31.77 9.78
C GLN WD 62 101.47 31.22 9.11
N THR WD 63 101.54 31.03 7.80
CA THR WD 63 100.49 30.38 7.04
C THR WD 63 101.08 29.15 6.38
N SER WD 64 100.28 28.52 5.51
CA SER WD 64 100.78 27.41 4.72
C SER WD 64 101.78 27.87 3.68
N HIS WD 65 101.63 29.10 3.18
CA HIS WD 65 102.51 29.64 2.17
C HIS WD 65 103.84 30.14 2.74
N GLY WD 66 103.98 30.18 4.06
CA GLY WD 66 105.20 30.64 4.66
C GLY WD 66 104.90 31.63 5.77
N VAL WD 67 105.90 32.45 6.08
CA VAL WD 67 105.79 33.42 7.16
C VAL WD 67 105.80 34.82 6.58
N ILE WD 68 105.30 35.76 7.39
CA ILE WD 68 105.21 37.16 7.00
C ILE WD 68 105.14 37.98 8.27
N GLU WD 69 105.44 39.27 8.16
CA GLU WD 69 105.51 40.15 9.33
C GLU WD 69 104.69 41.40 9.10
N SER WD 70 103.50 41.44 9.68
CA SER WD 70 102.67 42.62 9.57
C SER WD 70 103.16 43.71 10.50
N GLU WD 71 102.98 44.96 10.08
CA GLU WD 71 103.39 46.09 10.90
C GLU WD 71 102.26 47.08 11.11
N ASP XD 6 95.45 19.46 11.25
CA ASP XD 6 94.19 19.32 11.97
C ASP XD 6 94.34 19.53 13.47
N PHE XD 7 95.57 19.48 13.96
CA PHE XD 7 95.79 19.53 15.40
C PHE XD 7 97.09 20.24 15.70
N VAL XD 8 97.17 20.80 16.90
CA VAL XD 8 98.31 21.55 17.36
C VAL XD 8 98.86 20.92 18.63
N VAL XD 9 100.12 21.19 18.92
CA VAL XD 9 100.81 20.63 20.08
C VAL XD 9 101.38 21.77 20.89
N ILE XD 10 100.93 21.91 22.13
CA ILE XD 10 101.34 23.02 22.98
C ILE XD 10 102.07 22.45 24.18
N LYS XD 11 103.35 22.77 24.30
CA LYS XD 11 104.13 22.39 25.47
C LYS XD 11 104.23 23.60 26.38
N ALA XD 12 103.67 23.49 27.58
CA ALA XD 12 103.68 24.65 28.48
C ALA XD 12 105.02 24.75 29.18
N LEU XD 13 105.81 25.75 28.78
CA LEU XD 13 107.13 25.95 29.34
C LEU XD 13 107.12 26.66 30.68
N GLU XD 14 105.98 27.20 31.11
CA GLU XD 14 105.87 27.83 32.41
C GLU XD 14 104.49 27.52 32.97
N ASP XD 15 104.31 27.80 34.25
CA ASP XD 15 103.07 27.45 34.91
C ASP XD 15 101.96 28.40 34.51
N GLY XD 16 100.72 27.92 34.65
CA GLY XD 16 99.56 28.75 34.42
C GLY XD 16 99.32 29.16 32.99
N VAL XD 17 99.72 28.35 32.02
CA VAL XD 17 99.50 28.73 30.63
C VAL XD 17 98.05 28.46 30.27
N ASN XD 18 97.37 29.49 29.78
CA ASN XD 18 95.95 29.40 29.47
C ASN XD 18 95.79 29.05 28.00
N VAL XD 19 94.81 28.22 27.70
CA VAL XD 19 94.44 27.88 26.33
C VAL XD 19 92.94 28.09 26.21
N ILE XD 20 92.54 28.98 25.30
CA ILE XD 20 91.16 29.41 25.22
C ILE XD 20 90.54 28.86 23.95
N GLY XD 21 89.44 28.12 24.09
CA GLY XD 21 88.75 27.56 22.95
C GLY XD 21 88.49 26.07 23.11
N SER XD 33 87.96 27.16 28.32
CA SER XD 33 89.28 27.53 28.82
C SER XD 33 89.94 26.37 29.56
N GLU XD 34 91.24 26.22 29.36
CA GLU XD 34 92.02 25.19 30.03
C GLU XD 34 93.30 25.82 30.58
N CYS XD 35 93.83 25.25 31.66
CA CYS XD 35 95.07 25.73 32.24
C CYS XD 35 96.08 24.59 32.26
N LEU XD 36 97.34 24.92 31.98
CA LEU XD 36 98.42 23.95 31.96
C LEU XD 36 99.52 24.38 32.91
N ASP XD 37 100.17 23.41 33.53
CA ASP XD 37 101.34 23.65 34.35
C ASP XD 37 102.60 23.40 33.54
N LYS XD 38 103.75 23.64 34.17
CA LYS XD 38 105.02 23.55 33.48
C LYS XD 38 105.37 22.10 33.18
N GLY XD 39 105.68 21.82 31.92
CA GLY XD 39 106.07 20.51 31.49
C GLY XD 39 104.96 19.69 30.85
N GLU XD 40 103.71 20.11 31.01
CA GLU XD 40 102.63 19.40 30.37
C GLU XD 40 102.58 19.71 28.89
N VAL XD 41 101.92 18.84 28.14
CA VAL XD 41 101.77 18.98 26.70
C VAL XD 41 100.32 18.68 26.36
N LEU XD 42 99.68 19.62 25.68
CA LEU XD 42 98.31 19.45 25.24
C LEU XD 42 98.28 19.33 23.73
N ILE XD 43 97.69 18.25 23.22
CA ILE XD 43 97.50 18.05 21.80
C ILE XD 43 96.03 18.31 21.53
N ALA XD 44 95.74 19.35 20.75
CA ALA XD 44 94.38 19.81 20.59
C ALA XD 44 93.97 19.74 19.12
N GLN XD 45 92.85 19.09 18.87
CA GLN XD 45 92.26 19.04 17.54
C GLN XD 45 91.19 20.11 17.39
N PHE XD 46 90.96 20.51 16.16
CA PHE XD 46 89.92 21.50 15.89
C PHE XD 46 88.59 20.82 15.63
N THR XD 47 87.61 21.14 16.48
CA THR XD 47 86.25 20.65 16.31
C THR XD 47 85.50 21.64 15.44
N GLU XD 48 84.20 21.46 15.35
CA GLU XD 48 83.35 22.49 14.76
C GLU XD 48 83.25 23.70 15.68
N HIS XD 49 83.11 23.44 16.98
CA HIS XD 49 83.03 24.50 17.97
C HIS XD 49 84.32 25.27 18.11
N THR XD 50 85.42 24.60 18.42
CA THR XD 50 86.73 25.23 18.59
C THR XD 50 87.23 25.61 17.22
N SER XD 51 86.98 26.85 16.81
CA SER XD 51 87.46 27.37 15.56
C SER XD 51 88.61 28.36 15.73
N ALA XD 52 88.97 28.67 16.97
CA ALA XD 52 90.07 29.59 17.24
C ALA XD 52 90.65 29.24 18.60
N ILE XD 53 91.97 29.27 18.69
CA ILE XD 53 92.68 28.91 19.90
C ILE XD 53 93.65 30.02 20.25
N LYS XD 54 93.51 30.57 21.45
CA LYS XD 54 94.38 31.63 21.93
C LYS XD 54 95.25 31.08 23.04
N VAL XD 55 96.53 31.41 23.01
CA VAL XD 55 97.51 30.87 23.95
C VAL XD 55 98.17 32.04 24.67
N ARG XD 56 98.12 32.03 25.99
CA ARG XD 56 98.77 33.05 26.81
C ARG XD 56 99.98 32.44 27.49
N GLY XD 57 100.86 33.29 28.00
CA GLY XD 57 102.01 32.85 28.75
C GLY XD 57 103.07 32.22 27.87
N LYS XD 58 104.12 31.74 28.52
CA LYS XD 58 105.25 31.16 27.80
C LYS XD 58 104.95 29.73 27.45
N ALA XD 59 104.86 29.44 26.16
CA ALA XD 59 104.56 28.10 25.69
C ALA XD 59 105.22 27.89 24.34
N TYR XD 60 105.37 26.62 23.97
CA TYR XD 60 106.05 26.24 22.75
C TYR XD 60 105.08 25.44 21.89
N ILE XD 61 104.72 26.00 20.73
CA ILE XD 61 103.64 25.46 19.92
C ILE XD 61 104.22 24.87 18.64
N GLN XD 62 103.78 23.67 18.30
CA GLN XD 62 104.06 23.04 17.03
C GLN XD 62 102.75 22.90 16.27
N THR XD 63 102.71 23.46 15.07
CA THR XD 63 101.58 23.30 14.16
C THR XD 63 102.09 22.63 12.89
N SER XD 64 101.21 22.55 11.90
CA SER XD 64 101.62 22.05 10.60
C SER XD 64 102.54 23.03 9.90
N HIS XD 65 102.37 24.33 10.14
CA HIS XD 65 103.18 25.36 9.52
C HIS XD 65 104.55 25.51 10.16
N GLY XD 66 104.81 24.82 11.27
CA GLY XD 66 106.09 24.92 11.93
C GLY XD 66 105.91 25.14 13.41
N VAL XD 67 106.94 25.68 14.04
CA VAL XD 67 106.95 25.91 15.47
C VAL XD 67 106.93 27.41 15.74
N ILE XD 68 106.54 27.75 16.97
CA ILE XD 68 106.45 29.13 17.40
C ILE XD 68 106.50 29.14 18.92
N GLU XD 69 106.81 30.28 19.51
CA GLU XD 69 107.00 30.39 20.95
C GLU XD 69 106.20 31.56 21.50
N SER XD 70 105.06 31.25 22.11
CA SER XD 70 104.24 32.27 22.72
C SER XD 70 104.84 32.70 24.04
N GLU XD 71 104.66 33.97 24.38
CA GLU XD 71 105.16 34.49 25.65
C GLU XD 71 104.08 35.18 26.45
N ASP YD 6 96.53 11.71 12.25
CA ASP YD 6 95.31 11.22 12.87
C ASP YD 6 95.56 10.58 14.23
N PHE YD 7 96.82 10.27 14.53
CA PHE YD 7 97.13 9.53 15.75
C PHE YD 7 98.48 9.97 16.29
N VAL YD 8 98.66 9.78 17.59
CA VAL YD 8 99.86 10.18 18.30
C VAL YD 8 100.46 8.96 18.97
N VAL YD 9 101.74 9.02 19.25
CA VAL YD 9 102.47 7.92 19.88
C VAL YD 9 103.15 8.45 21.14
N ILE YD 10 102.78 7.89 22.29
CA ILE YD 10 103.29 8.36 23.57
C ILE YD 10 104.07 7.24 24.22
N LYS YD 11 105.37 7.44 24.38
CA LYS YD 11 106.21 6.48 25.11
C LYS YD 11 106.42 7.01 26.51
N ALA YD 12 105.93 6.29 27.50
CA ALA YD 12 106.05 6.77 28.87
C ALA YD 12 107.43 6.48 29.42
N LEU YD 13 108.24 7.52 29.56
CA LEU YD 13 109.60 7.38 30.03
C LEU YD 13 109.71 7.26 31.55
N GLU YD 14 108.62 7.50 32.27
CA GLU YD 14 108.62 7.33 33.72
C GLU YD 14 107.27 6.78 34.13
N ASP YD 15 107.18 6.33 35.37
CA ASP YD 15 105.97 5.68 35.84
C ASP YD 15 104.88 6.71 36.09
N GLY YD 16 103.64 6.23 36.06
CA GLY YD 16 102.50 7.06 36.39
C GLY YD 16 102.20 8.18 35.43
N VAL YD 17 102.50 8.02 34.14
CA VAL YD 17 102.21 9.08 33.20
C VAL YD 17 100.73 9.05 32.87
N ASN YD 18 100.06 10.19 33.07
CA ASN YD 18 98.63 10.30 32.86
C ASN YD 18 98.36 10.79 31.45
N VAL YD 19 97.32 10.26 30.83
CA VAL YD 19 96.86 10.71 29.52
C VAL YD 19 95.37 10.96 29.65
N ILE YD 20 94.95 12.19 29.40
CA ILE YD 20 93.58 12.61 29.66
C ILE YD 20 92.86 12.82 28.34
N GLY YD 21 91.74 12.14 28.16
CA GLY YD 21 90.96 12.28 26.96
C GLY YD 21 90.63 10.94 26.30
N SER YD 33 90.48 9.07 31.32
CA SER YD 33 91.84 9.11 31.84
C SER YD 33 92.50 7.73 31.78
N GLU YD 34 93.77 7.70 31.43
CA GLU YD 34 94.55 6.46 31.38
C GLU YD 34 95.89 6.69 32.07
N CYS YD 35 96.45 5.63 32.63
CA CYS YD 35 97.74 5.71 33.29
C CYS YD 35 98.71 4.74 32.62
N LEU YD 36 99.96 5.16 32.46
CA LEU YD 36 100.99 4.34 31.84
C LEU YD 36 102.17 4.20 32.78
N ASP YD 37 102.81 3.04 32.74
CA ASP YD 37 104.03 2.79 33.47
C ASP YD 37 105.23 3.00 32.55
N LYS YD 38 106.43 2.87 33.13
CA LYS YD 38 107.64 3.15 32.39
C LYS YD 38 107.90 2.08 31.33
N GLY YD 39 108.12 2.53 30.10
CA GLY YD 39 108.42 1.65 29.00
C GLY YD 39 107.25 1.32 28.12
N GLU YD 40 106.03 1.59 28.58
CA GLU YD 40 104.88 1.33 27.74
C GLU YD 40 104.75 2.40 26.66
N VAL YD 41 104.00 2.07 25.62
CA VAL YD 41 103.77 2.96 24.49
C VAL YD 41 102.29 2.90 24.16
N LEU YD 42 101.65 4.06 24.14
CA LEU YD 42 100.24 4.16 23.78
C LEU YD 42 100.12 4.87 22.45
N ILE YD 43 99.45 4.23 21.50
CA ILE YD 43 99.16 4.84 20.21
C ILE YD 43 97.69 5.21 20.23
N ALA YD 44 97.41 6.51 20.16
CA ALA YD 44 96.06 6.99 20.37
C ALA YD 44 95.56 7.72 19.14
N GLN YD 45 94.39 7.32 18.66
CA GLN YD 45 93.72 7.99 17.56
C GLN YD 45 92.70 8.98 18.09
N PHE YD 46 92.40 9.98 17.29
CA PHE YD 46 91.39 10.96 17.67
C PHE YD 46 90.02 10.54 17.21
N THR YD 47 89.12 10.36 18.15
CA THR YD 47 87.73 10.05 17.85
C THR YD 47 86.98 11.36 17.71
N GLU YD 48 85.65 11.25 17.64
CA GLU YD 48 84.82 12.44 17.76
C GLU YD 48 84.84 12.97 19.19
N HIS YD 49 84.77 12.06 20.16
CA HIS YD 49 84.80 12.41 21.57
C HIS YD 49 86.13 12.99 22.01
N THR YD 50 87.21 12.24 21.81
CA THR YD 50 88.55 12.67 22.19
C THR YD 50 89.00 13.74 21.20
N SER YD 51 88.77 14.99 21.55
CA SER YD 51 89.20 16.12 20.72
C SER YD 51 90.39 16.84 21.31
N ALA YD 52 90.86 16.44 22.49
CA ALA YD 52 92.01 17.06 23.13
C ALA YD 52 92.65 16.03 24.04
N ILE YD 53 93.98 16.00 24.03
CA ILE YD 53 94.74 15.04 24.81
C ILE YD 53 95.78 15.78 25.62
N LYS YD 54 95.75 15.61 26.93
CA LYS YD 54 96.69 16.24 27.84
C LYS YD 54 97.60 15.17 28.41
N VAL YD 55 98.89 15.45 28.46
CA VAL YD 55 99.90 14.49 28.89
C VAL YD 55 100.66 15.08 30.06
N ARG YD 56 100.69 14.37 31.18
CA ARG YD 56 101.44 14.78 32.35
C ARG YD 56 102.66 13.90 32.52
N GLY YD 57 103.60 14.34 33.33
CA GLY YD 57 104.78 13.55 33.63
C GLY YD 57 105.76 13.49 32.47
N LYS YD 58 106.82 12.73 32.68
CA LYS YD 58 107.88 12.62 31.69
C LYS YD 58 107.49 11.59 30.63
N ALA YD 59 107.29 12.05 29.41
CA ALA YD 59 106.90 11.18 28.32
C ALA YD 59 107.48 11.72 27.02
N TYR YD 60 107.55 10.86 26.02
CA TYR YD 60 108.12 11.19 24.73
C TYR YD 60 107.07 10.97 23.65
N ILE YD 61 106.66 12.06 23.01
CA ILE YD 61 105.51 12.05 22.12
C ILE YD 61 105.98 12.24 20.69
N GLN YD 62 105.46 11.42 19.80
CA GLN YD 62 105.64 11.57 18.36
C GLN YD 62 104.28 11.86 17.75
N THR YD 63 104.19 12.98 17.04
CA THR YD 63 103.00 13.34 16.28
C THR YD 63 103.39 13.46 14.82
N SER YD 64 102.44 13.94 14.01
CA SER YD 64 102.75 14.21 12.61
C SER YD 64 103.68 15.41 12.47
N HIS YD 65 103.59 16.36 13.39
CA HIS YD 65 104.40 17.57 13.35
C HIS YD 65 105.82 17.34 13.86
N GLY YD 66 106.11 16.17 14.42
CA GLY YD 66 107.44 15.88 14.92
C GLY YD 66 107.35 15.27 16.30
N VAL YD 67 108.45 15.40 17.04
CA VAL YD 67 108.55 14.81 18.37
C VAL YD 67 108.63 15.92 19.40
N ILE YD 68 108.32 15.56 20.63
CA ILE YD 68 108.32 16.49 21.75
C ILE YD 68 108.48 15.68 23.03
N GLU YD 69 108.87 16.33 24.11
CA GLU YD 69 109.15 15.65 25.36
C GLU YD 69 108.44 16.33 26.52
N SER YD 70 107.34 15.75 26.95
CA SER YD 70 106.60 16.30 28.07
C SER YD 70 107.30 15.94 29.37
N GLU YD 71 107.20 16.83 30.35
CA GLU YD 71 107.81 16.58 31.65
C GLU YD 71 106.81 16.74 32.79
N ASP ZD 6 97.46 4.57 8.84
CA ASP ZD 6 96.27 3.81 9.19
C ASP ZD 6 96.59 2.54 9.96
N PHE ZD 7 97.85 2.13 9.96
CA PHE ZD 7 98.22 0.87 10.57
C PHE ZD 7 99.62 0.96 11.16
N VAL ZD 8 99.87 0.11 12.15
CA VAL ZD 8 101.13 0.07 12.87
C VAL ZD 8 101.73 -1.32 12.74
N VAL ZD 9 103.04 -1.41 12.93
CA VAL ZD 9 103.78 -2.66 12.82
C VAL ZD 9 104.54 -2.88 14.10
N ILE ZD 10 104.24 -3.97 14.80
CA ILE ZD 10 104.85 -4.24 16.10
C ILE ZD 10 105.63 -5.53 15.99
N LYS ZD 11 106.95 -5.45 16.14
CA LYS ZD 11 107.80 -6.63 16.18
C LYS ZD 11 108.11 -6.93 17.63
N ALA ZD 12 107.67 -8.08 18.11
CA ALA ZD 12 107.89 -8.40 19.51
C ALA ZD 12 109.30 -8.93 19.72
N LEU ZD 13 110.15 -8.11 20.34
CA LEU ZD 13 111.54 -8.47 20.57
C LEU ZD 13 111.74 -9.39 21.77
N GLU ZD 14 110.70 -9.59 22.59
CA GLU ZD 14 110.79 -10.50 23.71
C GLU ZD 14 109.46 -11.20 23.85
N ASP ZD 15 109.44 -12.25 24.66
CA ASP ZD 15 108.24 -13.06 24.79
C ASP ZD 15 107.20 -12.34 25.64
N GLY ZD 16 105.94 -12.73 25.44
CA GLY ZD 16 104.86 -12.23 26.25
C GLY ZD 16 104.53 -10.77 26.06
N VAL ZD 17 104.74 -10.22 24.87
CA VAL ZD 17 104.41 -8.81 24.66
C VAL ZD 17 102.91 -8.67 24.47
N ASN ZD 18 102.30 -7.82 25.29
CA ASN ZD 18 100.85 -7.64 25.28
C ASN ZD 18 100.51 -6.47 24.38
N VAL ZD 19 99.41 -6.60 23.64
CA VAL ZD 19 98.88 -5.52 22.81
C VAL ZD 19 97.41 -5.39 23.16
N ILE ZD 20 97.01 -4.23 23.64
CA ILE ZD 20 95.68 -4.02 24.19
C ILE ZD 20 94.88 -3.14 23.24
N GLY ZD 21 93.74 -3.64 22.80
CA GLY ZD 21 92.87 -2.89 21.91
C GLY ZD 21 92.47 -3.67 20.68
N SER ZD 33 92.60 -7.94 23.90
CA SER ZD 33 93.98 -8.17 24.26
C SER ZD 33 94.59 -9.30 23.43
N GLU ZD 34 95.85 -9.12 23.03
CA GLU ZD 34 96.58 -10.13 22.28
C GLU ZD 34 97.97 -10.29 22.88
N CYS ZD 35 98.54 -11.49 22.75
CA CYS ZD 35 99.87 -11.76 23.25
C CYS ZD 35 100.76 -12.21 22.10
N LEU ZD 36 102.01 -11.76 22.11
CA LEU ZD 36 102.97 -12.10 21.07
C LEU ZD 36 104.21 -12.72 21.70
N ASP ZD 37 104.80 -13.66 21.00
CA ASP ZD 37 106.07 -14.25 21.39
C ASP ZD 37 107.21 -13.57 20.66
N LYS ZD 38 108.43 -13.98 20.98
CA LYS ZD 38 109.61 -13.34 20.43
C LYS ZD 38 109.77 -13.66 18.95
N GLY ZD 39 109.91 -12.62 18.13
CA GLY ZD 39 110.12 -12.77 16.72
C GLY ZD 39 108.88 -12.59 15.89
N GLU ZD 40 107.71 -12.62 16.50
CA GLU ZD 40 106.49 -12.40 15.73
C GLU ZD 40 106.33 -10.93 15.41
N VAL ZD 41 105.50 -10.65 14.40
CA VAL ZD 41 105.23 -9.30 13.95
C VAL ZD 41 103.73 -9.19 13.75
N LEU ZD 42 103.12 -8.21 14.38
CA LEU ZD 42 101.70 -7.94 14.25
C LEU ZD 42 101.51 -6.63 13.52
N ILE ZD 43 100.76 -6.67 12.42
CA ILE ZD 43 100.40 -5.47 11.68
C ILE ZD 43 98.95 -5.18 12.00
N ALA ZD 44 98.70 -4.05 12.64
CA ALA ZD 44 97.38 -3.77 13.18
C ALA ZD 44 96.82 -2.50 12.57
N GLN ZD 45 95.61 -2.60 12.04
CA GLN ZD 45 94.90 -1.45 11.52
C GLN ZD 45 93.93 -0.90 12.56
N PHE ZD 46 93.61 0.37 12.45
CA PHE ZD 46 92.67 0.98 13.36
C PHE ZD 46 91.25 0.86 12.84
N THR ZD 47 90.41 0.18 13.61
CA THR ZD 47 89.00 0.07 13.28
C THR ZD 47 88.27 1.24 13.92
N GLU ZD 48 86.95 1.19 13.90
CA GLU ZD 48 86.16 2.12 14.69
C GLU ZD 48 86.29 1.79 16.17
N HIS ZD 49 86.25 0.50 16.51
CA HIS ZD 49 86.38 0.05 17.89
C HIS ZD 49 87.76 0.31 18.47
N THR ZD 50 88.80 -0.20 17.83
CA THR ZD 50 90.18 -0.02 18.29
C THR ZD 50 90.59 1.41 17.99
N SER ZD 51 90.42 2.28 18.97
CA SER ZD 51 90.83 3.67 18.85
C SER ZD 51 92.08 3.98 19.65
N ALA ZD 52 92.60 3.02 20.40
CA ALA ZD 52 93.81 3.21 21.18
C ALA ZD 52 94.49 1.86 21.34
N ILE ZD 53 95.80 1.85 21.23
CA ILE ZD 53 96.59 0.63 21.31
C ILE ZD 53 97.70 0.84 22.32
N LYS ZD 54 97.75 -0.02 23.33
CA LYS ZD 54 98.77 0.05 24.36
C LYS ZD 54 99.69 -1.15 24.22
N VAL ZD 55 100.98 -0.93 24.31
CA VAL ZD 55 101.99 -1.96 24.10
C VAL ZD 55 102.84 -2.07 25.35
N ARG ZD 56 102.92 -3.28 25.90
CA ARG ZD 56 103.76 -3.56 27.06
C ARG ZD 56 104.96 -4.37 26.63
N GLY ZD 57 105.96 -4.43 27.48
CA GLY ZD 57 107.13 -5.24 27.24
C GLY ZD 57 108.03 -4.66 26.16
N LYS ZD 58 109.08 -5.41 25.86
CA LYS ZD 58 110.07 -4.95 24.89
C LYS ZD 58 109.58 -5.27 23.48
N ALA ZD 59 109.33 -4.22 22.70
CA ALA ZD 59 108.84 -4.38 21.34
C ALA ZD 59 109.34 -3.22 20.50
N TYR ZD 60 109.32 -3.42 19.19
CA TYR ZD 60 109.83 -2.44 18.24
C TYR ZD 60 108.70 -2.05 17.30
N ILE ZD 61 108.28 -0.79 17.37
CA ILE ZD 61 107.07 -0.33 16.70
C ILE ZD 61 107.45 0.60 15.55
N GLN ZD 62 106.85 0.37 14.40
CA GLN ZD 62 106.93 1.28 13.27
C GLN ZD 62 105.55 1.84 13.00
N THR ZD 63 105.45 3.16 13.01
CA THR ZD 63 104.23 3.86 12.64
C THR ZD 63 104.52 4.75 11.45
N SER ZD 64 103.54 5.57 11.09
CA SER ZD 64 103.76 6.56 10.04
C SER ZD 64 104.71 7.65 10.50
N HIS ZD 65 104.70 7.96 11.79
CA HIS ZD 65 105.56 9.01 12.34
C HIS ZD 65 107.00 8.55 12.55
N GLY ZD 66 107.28 7.27 12.36
CA GLY ZD 66 108.63 6.77 12.55
C GLY ZD 66 108.62 5.53 13.39
N VAL ZD 67 109.77 5.25 14.00
CA VAL ZD 67 109.94 4.04 14.79
C VAL ZD 67 110.11 4.43 16.25
N ILE ZD 68 109.87 3.45 17.12
CA ILE ZD 68 109.98 3.64 18.56
C ILE ZD 68 110.19 2.27 19.19
N GLU ZD 69 110.68 2.25 20.42
CA GLU ZD 69 111.02 1.01 21.09
C GLU ZD 69 110.41 0.96 22.48
N SER ZD 70 109.32 0.23 22.61
CA SER ZD 70 108.67 0.08 23.91
C SER ZD 70 109.44 -0.92 24.76
N GLU ZD 71 109.43 -0.70 26.07
CA GLU ZD 71 110.11 -1.59 26.98
C GLU ZD 71 109.19 -2.07 28.09
N ASP AE 6 97.67 0.26 2.18
CA ASP AE 6 96.47 -0.57 2.18
C ASP AE 6 96.78 -2.06 2.14
N PHE AE 7 98.02 -2.41 1.80
CA PHE AE 7 98.37 -3.81 1.62
C PHE AE 7 99.81 -4.05 2.04
N VAL AE 8 100.09 -5.30 2.40
CA VAL AE 8 101.41 -5.71 2.87
C VAL AE 8 101.91 -6.82 1.98
N VAL AE 9 103.23 -6.99 1.97
CA VAL AE 9 103.89 -8.00 1.14
C VAL AE 9 104.74 -8.87 2.04
N ILE AE 10 104.44 -10.16 2.10
CA ILE AE 10 105.12 -11.09 2.99
C ILE AE 10 105.83 -12.13 2.14
N LYS AE 11 107.16 -12.14 2.18
CA LYS AE 11 107.94 -13.16 1.52
C LYS AE 11 108.35 -14.19 2.56
N ALA AE 12 107.89 -15.42 2.40
CA ALA AE 12 108.20 -16.43 3.39
C ALA AE 12 109.59 -17.00 3.16
N LEU AE 13 110.51 -16.65 4.04
CA LEU AE 13 111.90 -17.07 3.92
C LEU AE 13 112.15 -18.49 4.43
N GLU AE 14 111.17 -19.09 5.10
CA GLU AE 14 111.29 -20.46 5.56
C GLU AE 14 109.93 -21.12 5.44
N ASP AE 15 109.93 -22.44 5.56
CA ASP AE 15 108.70 -23.18 5.36
C ASP AE 15 107.77 -23.02 6.54
N GLY AE 16 106.48 -23.25 6.28
CA GLY AE 16 105.48 -23.25 7.32
C GLY AE 16 105.21 -21.91 7.98
N VAL AE 17 105.36 -20.81 7.24
CA VAL AE 17 105.09 -19.51 7.84
C VAL AE 17 103.60 -19.28 7.89
N ASN AE 18 103.09 -19.00 9.08
CA ASN AE 18 101.66 -18.83 9.29
C ASN AE 18 101.31 -17.36 9.18
N VAL AE 19 100.16 -17.08 8.60
CA VAL AE 19 99.62 -15.72 8.51
C VAL AE 19 98.18 -15.79 9.01
N ILE AE 20 97.88 -15.05 10.07
CA ILE AE 20 96.61 -15.17 10.75
C ILE AE 20 95.79 -13.92 10.49
N GLY AE 21 94.58 -14.10 9.96
CA GLY AE 21 93.70 -12.99 9.69
C GLY AE 21 93.17 -12.99 8.27
N SER AE 33 93.31 -18.33 8.72
CA SER AE 33 94.71 -18.72 8.77
C SER AE 33 95.20 -19.23 7.42
N GLU AE 34 96.43 -18.88 7.07
CA GLU AE 34 97.05 -19.33 5.83
C GLU AE 34 98.47 -19.80 6.13
N CYS AE 35 98.97 -20.74 5.34
CA CYS AE 35 100.32 -21.24 5.49
C CYS AE 35 101.10 -21.02 4.21
N LEU AE 36 102.36 -20.64 4.34
CA LEU AE 36 103.22 -20.39 3.20
C LEU AE 36 104.47 -21.24 3.29
N ASP AE 37 104.96 -21.68 2.14
CA ASP AE 37 106.23 -22.39 2.05
C ASP AE 37 107.35 -21.42 1.69
N LYS AE 38 108.57 -21.94 1.64
CA LYS AE 38 109.73 -21.11 1.40
C LYS AE 38 109.75 -20.60 -0.03
N GLY AE 39 109.90 -19.29 -0.18
CA GLY AE 39 109.98 -18.67 -1.48
C GLY AE 39 108.69 -18.07 -1.98
N GLU AE 40 107.57 -18.40 -1.37
CA GLU AE 40 106.32 -17.81 -1.79
C GLU AE 40 106.20 -16.40 -1.27
N VAL AE 41 105.32 -15.62 -1.89
CA VAL AE 41 105.08 -14.24 -1.54
C VAL AE 41 103.58 -14.02 -1.51
N LEU AE 42 103.07 -13.53 -0.40
CA LEU AE 42 101.66 -13.23 -0.25
C LEU AE 42 101.48 -11.73 -0.16
N ILE AE 43 100.66 -11.18 -1.04
CA ILE AE 43 100.30 -9.77 -1.00
C ILE AE 43 98.90 -9.69 -0.45
N ALA AE 44 98.74 -9.08 0.72
CA ALA AE 44 97.49 -9.11 1.45
C ALA AE 44 96.96 -7.71 1.64
N GLN AE 45 95.70 -7.50 1.26
CA GLN AE 45 95.01 -6.25 1.49
C GLN AE 45 94.16 -6.35 2.74
N PHE AE 46 93.89 -5.21 3.35
CA PHE AE 46 93.06 -5.17 4.53
C PHE AE 46 91.60 -4.99 4.15
N THR AE 47 90.78 -5.97 4.52
CA THR AE 47 89.35 -5.88 4.32
C THR AE 47 88.74 -5.24 5.54
N GLU AE 48 87.40 -5.27 5.61
CA GLU AE 48 86.73 -4.89 6.85
C GLU AE 48 86.94 -5.95 7.91
N HIS AE 49 86.88 -7.22 7.51
CA HIS AE 49 87.09 -8.35 8.42
C HIS AE 49 88.51 -8.43 8.93
N THR AE 50 89.48 -8.53 8.03
CA THR AE 50 90.89 -8.63 8.39
C THR AE 50 91.35 -7.26 8.85
N SER AE 51 91.30 -7.04 10.16
CA SER AE 51 91.76 -5.80 10.75
C SER AE 51 93.09 -5.97 11.48
N ALA AE 52 93.61 -7.18 11.55
CA ALA AE 52 94.89 -7.44 12.20
C ALA AE 52 95.50 -8.68 11.57
N ILE AE 53 96.81 -8.62 11.35
CA ILE AE 53 97.54 -9.71 10.70
C ILE AE 53 98.73 -10.07 11.57
N LYS AE 54 98.80 -11.32 11.97
CA LYS AE 54 99.90 -11.82 12.77
C LYS AE 54 100.74 -12.77 11.93
N VAL AE 55 102.07 -12.63 12.02
CA VAL AE 55 102.98 -13.40 11.19
C VAL AE 55 103.92 -14.16 12.11
N ARG AE 56 103.99 -15.48 11.94
CA ARG AE 56 104.89 -16.32 12.69
C ARG AE 56 106.01 -16.79 11.79
N GLY AE 57 107.08 -17.29 12.39
CA GLY AE 57 108.18 -17.86 11.65
C GLY AE 57 109.02 -16.80 10.97
N LYS AE 58 110.01 -17.27 10.22
CA LYS AE 58 110.95 -16.38 9.56
C LYS AE 58 110.34 -15.89 8.25
N ALA AE 59 110.07 -14.60 8.17
CA ALA AE 59 109.49 -14.00 6.98
C ALA AE 59 109.98 -12.57 6.84
N TYR AE 60 109.85 -12.05 5.63
CA TYR AE 60 110.33 -10.71 5.29
C TYR AE 60 109.15 -9.88 4.81
N ILE AE 61 108.81 -8.85 5.57
CA ILE AE 61 107.58 -8.10 5.36
C ILE AE 61 107.92 -6.71 4.85
N GLN AE 62 107.23 -6.29 3.81
CA GLN AE 62 107.27 -4.92 3.32
C GLN AE 62 105.90 -4.30 3.52
N THR AE 63 105.86 -3.18 4.24
CA THR AE 63 104.66 -2.39 4.40
C THR AE 63 104.91 -1.01 3.84
N SER AE 64 103.94 -0.11 4.06
CA SER AE 64 104.13 1.28 3.68
C SER AE 64 105.17 1.96 4.55
N HIS AE 65 105.28 1.53 5.81
CA HIS AE 65 106.21 2.13 6.75
C HIS AE 65 107.64 1.63 6.56
N GLY AE 66 107.86 0.65 5.70
CA GLY AE 66 109.18 0.12 5.47
C GLY AE 66 109.17 -1.38 5.52
N VAL AE 67 110.34 -1.96 5.78
CA VAL AE 67 110.51 -3.40 5.81
C VAL AE 67 110.81 -3.84 7.22
N ILE AE 68 110.60 -5.13 7.46
CA ILE AE 68 110.82 -5.74 8.76
C ILE AE 68 111.00 -7.23 8.55
N GLU AE 69 111.59 -7.91 9.54
CA GLU AE 69 111.91 -9.32 9.42
C GLU AE 69 111.39 -10.09 10.62
N SER AE 70 110.29 -10.78 10.44
CA SER AE 70 109.74 -11.59 11.51
C SER AE 70 110.51 -12.89 11.63
N GLU AE 71 110.62 -13.39 12.86
CA GLU AE 71 111.32 -14.64 13.09
C GLU AE 71 110.46 -15.64 13.86
N ASP BE 6 97.45 0.33 -5.93
CA ASP BE 6 96.23 -0.35 -6.30
C ASP BE 6 96.47 -1.58 -7.16
N PHE BE 7 97.68 -1.71 -7.70
CA PHE BE 7 97.97 -2.79 -8.62
C PHE BE 7 99.41 -3.22 -8.49
N VAL BE 8 99.67 -4.46 -8.87
CA VAL BE 8 100.98 -5.08 -8.79
C VAL BE 8 101.41 -5.53 -10.17
N VAL BE 9 102.71 -5.68 -10.35
CA VAL BE 9 103.29 -6.09 -11.63
C VAL BE 9 104.16 -7.31 -11.38
N ILE BE 10 103.81 -8.42 -12.02
CA ILE BE 10 104.51 -9.69 -11.82
C ILE BE 10 105.13 -10.11 -13.13
N LYS BE 11 106.45 -10.15 -13.17
CA LYS BE 11 107.18 -10.66 -14.34
C LYS BE 11 107.59 -12.09 -14.04
N ALA BE 12 107.08 -13.04 -14.81
CA ALA BE 12 107.40 -14.43 -14.55
C ALA BE 12 108.76 -14.78 -15.12
N LEU BE 13 109.74 -14.96 -14.25
CA LEU BE 13 111.10 -15.26 -14.67
C LEU BE 13 111.31 -16.72 -15.02
N GLU BE 14 110.35 -17.59 -14.71
CA GLU BE 14 110.45 -18.99 -15.07
C GLU BE 14 109.07 -19.48 -15.45
N ASP BE 15 109.02 -20.66 -16.05
CA ASP BE 15 107.75 -21.17 -16.54
C ASP BE 15 106.88 -21.67 -15.40
N GLY BE 16 105.58 -21.71 -15.66
CA GLY BE 16 104.63 -22.27 -14.72
C GLY BE 16 104.44 -21.49 -13.44
N VAL BE 17 104.60 -20.17 -13.48
CA VAL BE 17 104.41 -19.39 -12.26
C VAL BE 17 102.92 -19.23 -12.01
N ASN BE 18 102.49 -19.63 -10.82
CA ASN BE 18 101.08 -19.59 -10.45
C ASN BE 18 100.78 -18.29 -9.74
N VAL BE 19 99.60 -17.73 -10.00
CA VAL BE 19 99.12 -16.55 -9.32
C VAL BE 19 97.71 -16.87 -8.84
N ILE BE 20 97.49 -16.81 -7.54
CA ILE BE 20 96.24 -17.27 -6.95
C ILE BE 20 95.46 -16.08 -6.44
N GLY BE 21 94.23 -15.94 -6.91
CA GLY BE 21 93.37 -14.86 -6.49
C GLY BE 21 92.77 -14.09 -7.65
N SER BE 33 92.74 -18.83 -10.15
CA SER BE 33 94.13 -19.19 -10.41
C SER BE 33 94.52 -18.90 -11.84
N GLU BE 34 95.75 -18.41 -12.03
CA GLU BE 34 96.28 -18.14 -13.35
C GLU BE 34 97.70 -18.70 -13.44
N CYS BE 35 98.12 -19.06 -14.64
CA CYS BE 35 99.46 -19.57 -14.85
C CYS BE 35 100.18 -18.70 -15.87
N LEU BE 36 101.46 -18.45 -15.64
CA LEU BE 36 102.27 -17.63 -16.52
C LEU BE 36 103.50 -18.41 -16.98
N ASP BE 37 103.92 -18.14 -18.20
CA ASP BE 37 105.14 -18.71 -18.74
C ASP BE 37 106.27 -17.70 -18.60
N LYS BE 38 107.46 -18.12 -19.00
CA LYS BE 38 108.65 -17.29 -18.82
C LYS BE 38 108.62 -16.10 -19.75
N GLY BE 39 108.81 -14.91 -19.18
CA GLY BE 39 108.85 -13.69 -19.94
C GLY BE 39 107.57 -12.91 -19.96
N GLU BE 40 106.46 -13.51 -19.56
CA GLU BE 40 105.20 -12.78 -19.52
C GLU BE 40 105.17 -11.87 -18.30
N VAL BE 41 104.29 -10.88 -18.36
CA VAL BE 41 104.12 -9.90 -17.30
C VAL BE 41 102.64 -9.73 -17.08
N LEU BE 42 102.20 -9.91 -15.85
CA LEU BE 42 100.81 -9.73 -15.48
C LEU BE 42 100.69 -8.51 -14.58
N ILE BE 43 99.85 -7.57 -14.97
CA ILE BE 43 99.54 -6.41 -14.15
C ILE BE 43 98.16 -6.63 -13.56
N ALA BE 44 98.10 -6.75 -12.24
CA ALA BE 44 96.88 -7.17 -11.57
C ALA BE 44 96.41 -6.08 -10.61
N GLN BE 45 95.15 -5.71 -10.75
CA GLN BE 45 94.52 -4.77 -9.85
C GLN BE 45 93.73 -5.52 -8.79
N PHE BE 46 93.54 -4.88 -7.64
CA PHE BE 46 92.76 -5.48 -6.58
C PHE BE 46 91.29 -5.12 -6.71
N THR BE 47 90.46 -6.15 -6.88
CA THR BE 47 89.02 -5.96 -6.91
C THR BE 47 88.50 -6.07 -5.50
N GLU BE 48 87.17 -6.12 -5.38
CA GLU BE 48 86.57 -6.47 -4.10
C GLU BE 48 86.81 -7.94 -3.78
N HIS BE 49 86.66 -8.80 -4.79
CA HIS BE 49 86.88 -10.23 -4.64
C HIS BE 49 88.33 -10.59 -4.35
N THR BE 50 89.24 -10.19 -5.22
CA THR BE 50 90.66 -10.47 -5.07
C THR BE 50 91.19 -9.57 -3.97
N SER BE 51 91.22 -10.08 -2.74
CA SER BE 51 91.76 -9.36 -1.60
C SER BE 51 93.11 -9.90 -1.17
N ALA BE 52 93.59 -10.96 -1.79
CA ALA BE 52 94.89 -11.54 -1.46
C ALA BE 52 95.43 -12.24 -2.70
N ILE BE 53 96.72 -12.08 -2.93
CA ILE BE 53 97.37 -12.65 -4.11
C ILE BE 53 98.59 -13.42 -3.65
N LYS BE 54 98.65 -14.70 -4.00
CA LYS BE 54 99.76 -15.56 -3.66
C LYS BE 54 100.52 -15.91 -4.92
N VAL BE 55 101.84 -15.84 -4.86
CA VAL BE 55 102.70 -16.04 -6.02
C VAL BE 55 103.65 -17.19 -5.71
N ARG BE 56 103.66 -18.20 -6.57
CA ARG BE 56 104.57 -19.33 -6.45
C ARG BE 56 105.62 -19.25 -7.53
N GLY BE 57 106.71 -19.99 -7.36
CA GLY BE 57 107.74 -20.07 -8.36
C GLY BE 57 108.59 -18.82 -8.42
N LYS BE 58 109.52 -18.81 -9.35
CA LYS BE 58 110.45 -17.70 -9.50
C LYS BE 58 109.80 -16.59 -10.30
N ALA BE 59 109.58 -15.45 -9.65
CA ALA BE 59 108.95 -14.31 -10.29
C ALA BE 59 109.50 -13.04 -9.68
N TYR BE 60 109.32 -11.94 -10.40
CA TYR BE 60 109.83 -10.64 -9.99
C TYR BE 60 108.66 -9.67 -9.88
N ILE BE 61 108.39 -9.21 -8.66
CA ILE BE 61 107.18 -8.46 -8.37
C ILE BE 61 107.55 -7.02 -8.07
N GLN BE 62 106.82 -6.09 -8.67
CA GLN BE 62 106.90 -4.67 -8.35
C GLN BE 62 105.56 -4.25 -7.76
N THR BE 63 105.60 -3.70 -6.56
CA THR BE 63 104.43 -3.12 -5.91
C THR BE 63 104.70 -1.65 -5.66
N SER BE 64 103.79 -1.01 -4.93
CA SER BE 64 104.01 0.36 -4.53
C SER BE 64 105.11 0.45 -3.48
N HIS BE 65 105.27 -0.57 -2.66
CA HIS BE 65 106.28 -0.59 -1.61
C HIS BE 65 107.67 -0.91 -2.13
N GLY BE 66 107.80 -1.28 -3.39
CA GLY BE 66 109.09 -1.60 -3.95
C GLY BE 66 109.03 -2.90 -4.72
N VAL BE 67 110.20 -3.52 -4.88
CA VAL BE 67 110.31 -4.75 -5.65
C VAL BE 67 110.66 -5.88 -4.71
N ILE BE 68 110.42 -7.11 -5.19
CA ILE BE 68 110.68 -8.32 -4.43
C ILE BE 68 110.80 -9.46 -5.43
N GLU BE 69 111.40 -10.56 -5.00
CA GLU BE 69 111.68 -11.69 -5.87
C GLU BE 69 111.19 -12.98 -5.25
N SER BE 70 110.04 -13.47 -5.71
CA SER BE 70 109.51 -14.72 -5.20
C SER BE 70 110.25 -15.89 -5.84
N GLU BE 71 110.40 -16.97 -5.10
CA GLU BE 71 111.06 -18.15 -5.61
C GLU BE 71 110.21 -19.41 -5.44
N ASP CE 6 61.32 66.03 -37.63
CA ASP CE 6 60.69 65.56 -36.41
C ASP CE 6 61.08 66.37 -35.20
N PHE CE 7 62.13 67.17 -35.31
CA PHE CE 7 62.64 67.89 -34.15
C PHE CE 7 63.21 69.23 -34.58
N VAL CE 8 63.24 70.16 -33.64
CA VAL CE 8 63.72 71.52 -33.87
C VAL CE 8 64.86 71.81 -32.90
N VAL CE 9 65.69 72.78 -33.27
CA VAL CE 9 66.84 73.16 -32.48
C VAL CE 9 66.75 74.65 -32.19
N ILE CE 10 66.67 75.02 -30.92
CA ILE CE 10 66.49 76.40 -30.52
C ILE CE 10 67.71 76.83 -29.71
N LYS CE 11 68.48 77.77 -30.24
CA LYS CE 11 69.59 78.35 -29.51
C LYS CE 11 69.14 79.68 -28.93
N ALA CE 12 69.13 79.79 -27.61
CA ALA CE 12 68.65 81.01 -27.00
C ALA CE 12 69.74 82.06 -27.00
N LEU CE 13 69.58 83.07 -27.85
CA LEU CE 13 70.56 84.13 -27.99
C LEU CE 13 70.46 85.19 -26.90
N GLU CE 14 69.41 85.18 -26.10
CA GLU CE 14 69.28 86.12 -25.00
C GLU CE 14 68.62 85.38 -23.84
N ASP CE 15 68.66 86.01 -22.67
CA ASP CE 15 68.16 85.37 -21.48
C ASP CE 15 66.64 85.36 -21.46
N GLY CE 16 66.09 84.41 -20.70
CA GLY CE 16 64.66 84.34 -20.49
C GLY CE 16 63.84 83.97 -21.71
N VAL CE 17 64.38 83.19 -22.62
CA VAL CE 17 63.61 82.80 -23.80
C VAL CE 17 62.63 81.71 -23.41
N ASN CE 18 61.35 81.95 -23.68
CA ASN CE 18 60.30 81.02 -23.31
C ASN CE 18 60.01 80.10 -24.47
N VAL CE 19 59.73 78.84 -24.18
CA VAL CE 19 59.32 77.85 -25.15
C VAL CE 19 58.06 77.19 -24.62
N ILE CE 20 56.96 77.30 -25.35
CA ILE CE 20 55.67 76.87 -24.86
C ILE CE 20 55.23 75.64 -25.62
N GLY CE 21 54.94 74.57 -24.88
CA GLY CE 21 54.49 73.33 -25.49
C GLY CE 21 55.28 72.12 -25.01
N SER CE 33 55.61 74.74 -20.35
CA SER CE 33 56.46 75.90 -20.56
C SER CE 33 57.87 75.65 -20.05
N GLU CE 34 58.86 76.13 -20.79
CA GLU CE 34 60.27 76.01 -20.41
C GLU CE 34 60.95 77.36 -20.60
N CYS CE 35 61.97 77.63 -19.81
CA CYS CE 35 62.73 78.86 -19.93
C CYS CE 35 64.18 78.54 -20.20
N LEU CE 36 64.81 79.33 -21.07
CA LEU CE 36 66.21 79.14 -21.44
C LEU CE 36 66.99 80.42 -21.18
N ASP CE 37 68.24 80.25 -20.78
CA ASP CE 37 69.16 81.36 -20.62
C ASP CE 37 70.02 81.51 -21.86
N LYS CE 38 70.86 82.54 -21.87
CA LYS CE 38 71.66 82.85 -23.04
C LYS CE 38 72.75 81.80 -23.25
N GLY CE 39 72.80 81.26 -24.46
CA GLY CE 39 73.81 80.29 -24.82
C GLY CE 39 73.35 78.86 -24.76
N GLU CE 40 72.22 78.59 -24.12
CA GLU CE 40 71.72 77.22 -24.08
C GLU CE 40 71.08 76.87 -25.41
N VAL CE 41 70.95 75.56 -25.64
CA VAL CE 41 70.37 75.02 -26.86
C VAL CE 41 69.42 73.91 -26.45
N LEU CE 42 68.17 74.02 -26.89
CA LEU CE 42 67.17 73.01 -26.64
C LEU CE 42 66.82 72.31 -27.93
N ILE CE 43 66.94 70.99 -27.95
CA ILE CE 43 66.54 70.17 -29.08
C ILE CE 43 65.23 69.50 -28.69
N ALA CE 44 64.16 69.84 -29.40
CA ALA CE 44 62.84 69.41 -29.00
C ALA CE 44 62.19 68.58 -30.07
N GLN CE 45 61.71 67.41 -29.69
CA GLN CE 45 60.97 66.54 -30.60
C GLN CE 45 59.48 66.74 -30.39
N PHE CE 46 58.71 66.43 -31.43
CA PHE CE 46 57.27 66.54 -31.34
C PHE CE 46 56.66 65.24 -30.85
N THR CE 47 55.98 65.31 -29.72
CA THR CE 47 55.26 64.16 -29.19
C THR CE 47 53.85 64.20 -29.75
N GLU CE 48 53.00 63.34 -29.20
CA GLU CE 48 51.58 63.45 -29.49
C GLU CE 48 50.99 64.68 -28.81
N HIS CE 49 51.39 64.93 -27.57
CA HIS CE 49 50.93 66.09 -26.82
C HIS CE 49 51.41 67.41 -27.39
N THR CE 50 52.72 67.57 -27.52
CA THR CE 50 53.32 68.79 -28.06
C THR CE 50 53.08 68.81 -29.56
N SER CE 51 51.99 69.46 -29.97
CA SER CE 51 51.67 69.61 -31.38
C SER CE 51 51.93 71.01 -31.89
N ALA CE 52 52.32 71.93 -31.01
CA ALA CE 52 52.61 73.30 -31.41
C ALA CE 52 53.62 73.86 -30.43
N ILE CE 53 54.58 74.61 -30.95
CA ILE CE 53 55.65 75.18 -30.15
C ILE CE 53 55.75 76.67 -30.45
N LYS CE 54 55.63 77.49 -29.42
CA LYS CE 54 55.71 78.93 -29.54
C LYS CE 54 56.99 79.40 -28.88
N VAL CE 55 57.71 80.30 -29.54
CA VAL CE 55 59.00 80.77 -29.08
C VAL CE 55 58.93 82.28 -28.92
N ARG CE 56 59.26 82.77 -27.73
CA ARG CE 56 59.31 84.20 -27.46
C ARG CE 56 60.75 84.64 -27.32
N GLY CE 57 60.99 85.94 -27.40
CA GLY CE 57 62.31 86.49 -27.20
C GLY CE 57 63.23 86.22 -28.36
N LYS CE 58 64.48 86.65 -28.19
CA LYS CE 58 65.47 86.52 -29.26
C LYS CE 58 66.07 85.13 -29.21
N ALA CE 59 65.84 84.36 -30.26
CA ALA CE 59 66.34 82.99 -30.35
C ALA CE 59 66.60 82.65 -31.80
N TYR CE 60 67.40 81.62 -32.01
CA TYR CE 60 67.81 81.19 -33.33
C TYR CE 60 67.38 79.75 -33.53
N ILE CE 61 66.45 79.52 -34.46
CA ILE CE 61 65.80 78.23 -34.61
C ILE CE 61 66.25 77.59 -35.90
N GLN CE 62 66.60 76.32 -35.82
CA GLN CE 62 66.85 75.48 -36.98
C GLN CE 62 65.79 74.40 -37.04
N THR CE 63 65.08 74.32 -38.15
CA THR CE 63 64.13 73.26 -38.42
C THR CE 63 64.57 72.52 -39.67
N SER CE 64 63.70 71.61 -40.13
CA SER CE 64 63.97 70.93 -41.39
C SER CE 64 63.83 71.87 -42.57
N HIS CE 65 62.96 72.87 -42.45
CA HIS CE 65 62.72 73.83 -43.53
C HIS CE 65 63.80 74.90 -43.61
N GLY CE 66 64.72 74.95 -42.66
CA GLY CE 66 65.76 75.95 -42.67
C GLY CE 66 65.89 76.61 -41.32
N VAL CE 67 66.47 77.81 -41.31
CA VAL CE 67 66.71 78.54 -40.08
C VAL CE 67 65.83 79.78 -40.06
N ILE CE 68 65.65 80.31 -38.85
CA ILE CE 68 64.82 81.50 -38.64
C ILE CE 68 65.27 82.13 -37.33
N GLU CE 69 64.93 83.39 -37.12
CA GLU CE 69 65.38 84.13 -35.96
C GLU CE 69 64.21 84.82 -35.28
N SER CE 70 63.75 84.23 -34.19
CA SER CE 70 62.67 84.83 -33.43
C SER CE 70 63.19 85.99 -32.59
N GLU CE 71 62.34 86.99 -32.41
CA GLU CE 71 62.72 88.15 -31.59
C GLU CE 71 61.71 88.44 -30.50
N ASP DE 6 67.28 61.21 -36.02
CA ASP DE 6 66.87 60.46 -34.84
C ASP DE 6 67.83 60.64 -33.67
N PHE DE 7 69.02 61.16 -33.93
CA PHE DE 7 70.04 61.25 -32.90
C PHE DE 7 70.90 62.49 -33.12
N VAL DE 8 71.49 62.96 -32.02
CA VAL DE 8 72.32 64.15 -32.01
C VAL DE 8 73.70 63.78 -31.50
N VAL DE 9 74.69 64.61 -31.86
CA VAL DE 9 76.07 64.39 -31.47
C VAL DE 9 76.57 65.64 -30.77
N ILE DE 10 76.96 65.50 -29.50
CA ILE DE 10 77.38 66.62 -28.69
C ILE DE 10 78.84 66.43 -28.30
N LYS DE 11 79.71 67.30 -28.79
CA LYS DE 11 81.10 67.28 -28.39
C LYS DE 11 81.30 68.36 -27.33
N ALA DE 12 81.68 67.95 -26.13
CA ALA DE 12 81.83 68.93 -25.06
C ALA DE 12 83.17 69.63 -25.17
N LEU DE 13 83.14 70.90 -25.58
CA LEU DE 13 84.36 71.68 -25.77
C LEU DE 13 84.92 72.24 -24.47
N GLU DE 14 84.18 72.16 -23.38
CA GLU DE 14 84.66 72.61 -22.08
C GLU DE 14 84.14 71.66 -21.03
N ASP DE 15 84.70 71.77 -19.83
CA ASP DE 15 84.35 70.85 -18.76
C ASP DE 15 82.97 71.18 -18.20
N GLY DE 16 82.35 70.17 -17.59
CA GLY DE 16 81.10 70.35 -16.90
C GLY DE 16 79.91 70.67 -17.78
N VAL DE 17 79.89 70.19 -19.02
CA VAL DE 17 78.75 70.47 -19.88
C VAL DE 17 77.60 69.57 -19.48
N ASN DE 18 76.45 70.18 -19.18
CA ASN DE 18 75.28 69.45 -18.72
C ASN DE 18 74.40 69.12 -19.91
N VAL DE 19 73.80 67.94 -19.90
CA VAL DE 19 72.83 67.52 -20.90
C VAL DE 19 71.61 67.01 -20.14
N ILE DE 20 70.46 67.63 -20.36
CA ILE DE 20 69.28 67.37 -19.56
C ILE DE 20 68.26 66.64 -20.43
N GLY DE 21 67.83 65.47 -19.97
CA GLY DE 21 66.84 64.70 -20.69
C GLY DE 21 67.26 63.26 -20.90
N SER DE 33 69.69 63.75 -16.14
CA SER DE 33 70.81 64.68 -16.32
C SER DE 33 72.12 63.94 -16.46
N GLU DE 34 72.99 64.43 -17.35
CA GLU DE 34 74.32 63.86 -17.55
C GLU DE 34 75.34 64.99 -17.60
N CYS DE 35 76.56 64.69 -17.20
CA CYS DE 35 77.64 65.67 -17.23
C CYS DE 35 78.77 65.16 -18.10
N LEU DE 36 79.37 66.05 -18.88
CA LEU DE 36 80.47 65.69 -19.77
C LEU DE 36 81.67 66.56 -19.47
N ASP DE 37 82.86 65.98 -19.62
CA ASP DE 37 84.11 66.71 -19.50
C ASP DE 37 84.60 67.12 -20.89
N LYS DE 38 85.70 67.85 -20.91
CA LYS DE 38 86.23 68.39 -22.16
C LYS DE 38 86.79 67.28 -23.03
N GLY DE 39 86.34 67.24 -24.28
CA GLY DE 39 86.81 66.29 -25.24
C GLY DE 39 85.93 65.08 -25.42
N GLU DE 40 84.99 64.85 -24.52
CA GLU DE 40 84.09 63.74 -24.68
C GLU DE 40 83.03 64.05 -25.73
N VAL DE 41 82.41 63.01 -26.25
CA VAL DE 41 81.37 63.12 -27.26
C VAL DE 41 80.25 62.19 -26.87
N LEU DE 42 79.05 62.74 -26.78
CA LEU DE 42 77.86 61.95 -26.46
C LEU DE 42 76.96 61.90 -27.68
N ILE DE 43 76.62 60.69 -28.10
CA ILE DE 43 75.68 60.48 -29.19
C ILE DE 43 74.38 60.03 -28.56
N ALA DE 44 73.33 60.85 -28.69
CA ALA DE 44 72.10 60.62 -27.96
C ALA DE 44 70.95 60.42 -28.93
N GLN DE 45 70.22 59.34 -28.75
CA GLN DE 45 69.01 59.07 -29.51
C GLN DE 45 67.79 59.51 -28.73
N PHE DE 46 66.71 59.81 -29.45
CA PHE DE 46 65.47 60.20 -28.81
C PHE DE 46 64.61 58.99 -28.52
N THR DE 47 64.33 58.77 -27.24
CA THR DE 47 63.43 57.72 -26.83
C THR DE 47 62.02 58.27 -26.81
N GLU DE 48 61.10 57.49 -26.25
CA GLU DE 48 59.77 58.02 -25.95
C GLU DE 48 59.84 59.01 -24.79
N HIS DE 49 60.63 58.67 -23.76
CA HIS DE 49 60.80 59.51 -22.60
C HIS DE 49 61.54 60.81 -22.91
N THR DE 50 62.74 60.71 -23.47
CA THR DE 50 63.55 61.87 -23.82
C THR DE 50 62.94 62.52 -25.05
N SER DE 51 62.08 63.50 -24.84
CA SER DE 51 61.46 64.24 -25.92
C SER DE 51 62.04 65.63 -26.06
N ALA DE 52 62.94 66.03 -25.18
CA ALA DE 52 63.57 67.34 -25.25
C ALA DE 52 64.93 67.25 -24.59
N ILE DE 53 65.92 67.90 -25.20
CA ILE DE 53 67.29 67.86 -24.73
C ILE DE 53 67.80 69.28 -24.60
N LYS DE 54 68.24 69.66 -23.42
CA LYS DE 54 68.77 70.98 -23.16
C LYS DE 54 70.27 70.86 -22.90
N VAL DE 55 71.05 71.75 -23.50
CA VAL DE 55 72.50 71.70 -23.42
C VAL DE 55 73.00 73.01 -22.85
N ARG DE 56 73.77 72.92 -21.76
CA ARG DE 56 74.38 74.09 -21.15
C ARG DE 56 75.87 74.10 -21.43
N GLY DE 57 76.50 75.25 -21.22
CA GLY DE 57 77.94 75.36 -21.37
C GLY DE 57 78.37 75.35 -22.82
N LYS DE 58 79.68 75.39 -23.00
CA LYS DE 58 80.24 75.45 -24.35
C LYS DE 58 80.33 74.05 -24.92
N ALA DE 59 79.57 73.81 -25.98
CA ALA DE 59 79.54 72.51 -26.62
C ALA DE 59 79.26 72.69 -28.11
N TYR DE 60 79.58 71.66 -28.87
CA TYR DE 60 79.46 71.69 -30.32
C TYR DE 60 78.52 70.57 -30.75
N ILE DE 61 77.37 70.93 -31.29
CA ILE DE 61 76.29 69.99 -31.54
C ILE DE 61 76.13 69.79 -33.04
N GLN DE 62 76.03 68.54 -33.46
CA GLN DE 62 75.67 68.18 -34.82
C GLN DE 62 74.33 67.47 -34.78
N THR DE 63 73.37 67.99 -35.53
CA THR DE 63 72.07 67.35 -35.72
C THR DE 63 71.89 67.05 -37.18
N SER DE 64 70.68 66.61 -37.53
CA SER DE 64 70.35 66.42 -38.94
C SER DE 64 70.23 67.75 -39.66
N HIS DE 65 69.82 68.80 -38.97
CA HIS DE 65 69.65 70.12 -39.56
C HIS DE 65 70.96 70.86 -39.73
N GLY DE 66 72.06 70.34 -39.20
CA GLY DE 66 73.34 70.99 -39.32
C GLY DE 66 74.04 71.05 -37.98
N VAL DE 67 74.97 71.99 -37.86
CA VAL DE 67 75.76 72.12 -36.65
C VAL DE 67 75.40 73.42 -35.95
N ILE DE 68 75.74 73.49 -34.67
CA ILE DE 68 75.46 74.65 -33.85
C ILE DE 68 76.42 74.61 -32.67
N GLU DE 69 76.60 75.76 -32.00
CA GLU DE 69 77.57 75.88 -30.93
C GLU DE 69 76.93 76.50 -29.71
N SER DE 70 76.61 75.66 -28.73
CA SER DE 70 76.03 76.16 -27.49
C SER DE 70 77.12 76.76 -26.61
N GLU DE 71 76.75 77.78 -25.86
CA GLU DE 71 77.71 78.42 -24.95
C GLU DE 71 77.18 78.49 -23.53
N ASP EE 6 71.57 54.83 -38.17
CA ASP EE 6 71.29 53.78 -37.20
C ASP EE 6 72.54 53.29 -36.48
N PHE EE 7 73.71 53.62 -37.00
CA PHE EE 7 74.95 53.10 -36.45
C PHE EE 7 76.06 54.12 -36.59
N VAL EE 8 77.05 53.99 -35.72
CA VAL EE 8 78.19 54.89 -35.67
C VAL EE 8 79.46 54.09 -35.86
N VAL EE 9 80.52 54.77 -36.28
CA VAL EE 9 81.81 54.15 -36.53
C VAL EE 9 82.86 54.89 -35.73
N ILE EE 10 83.52 54.19 -34.82
CA ILE EE 10 84.49 54.80 -33.92
C ILE EE 10 85.85 54.18 -34.19
N LYS EE 11 86.79 54.98 -34.68
CA LYS EE 11 88.16 54.53 -34.86
C LYS EE 11 88.98 55.04 -33.69
N ALA EE 12 89.53 54.13 -32.90
CA ALA EE 12 90.27 54.55 -31.73
C ALA EE 12 91.68 54.96 -32.12
N LEU EE 13 91.95 56.26 -32.09
CA LEU EE 13 93.24 56.79 -32.47
C LEU EE 13 94.29 56.67 -31.37
N GLU EE 14 93.90 56.32 -30.16
CA GLU EE 14 94.86 56.12 -29.08
C GLU EE 14 94.37 54.95 -28.24
N ASP EE 15 95.25 54.47 -27.37
CA ASP EE 15 94.92 53.29 -26.58
C ASP EE 15 93.95 53.64 -25.47
N GLY EE 16 93.23 52.61 -25.01
CA GLY EE 16 92.35 52.76 -23.88
C GLY EE 16 91.13 53.63 -24.09
N VAL EE 17 90.61 53.69 -25.31
CA VAL EE 17 89.43 54.51 -25.56
C VAL EE 17 88.20 53.77 -25.05
N ASN EE 18 87.45 54.42 -24.17
CA ASN EE 18 86.28 53.81 -23.55
C ASN EE 18 85.04 54.17 -24.36
N VAL EE 19 84.12 53.22 -24.47
CA VAL EE 19 82.83 53.43 -25.11
C VAL EE 19 81.78 52.92 -24.15
N ILE EE 20 80.89 53.78 -23.71
CA ILE EE 20 79.94 53.48 -22.64
C ILE EE 20 78.55 53.36 -23.24
N GLY EE 21 77.92 52.22 -23.02
CA GLY EE 21 76.57 52.00 -23.51
C GLY EE 21 76.43 50.71 -24.29
N SER EE 33 80.11 48.80 -20.90
CA SER EE 33 81.36 49.48 -21.20
C SER EE 33 82.29 48.61 -22.04
N GLU EE 34 82.98 49.23 -23.00
CA GLU EE 34 83.94 48.53 -23.84
C GLU EE 34 85.20 49.36 -23.93
N CYS EE 35 86.34 48.69 -24.13
CA CYS EE 35 87.61 49.37 -24.26
C CYS EE 35 88.23 49.03 -25.62
N LEU EE 36 88.85 50.01 -26.26
CA LEU EE 36 89.47 49.84 -27.55
C LEU EE 36 90.92 50.26 -27.49
N ASP EE 37 91.77 49.56 -28.24
CA ASP EE 37 93.16 49.92 -28.39
C ASP EE 37 93.35 50.73 -29.66
N LYS EE 38 94.59 51.18 -29.88
CA LYS EE 38 94.88 52.06 -31.00
C LYS EE 38 94.80 51.30 -32.31
N GLY EE 39 94.03 51.83 -33.25
CA GLY EE 39 93.88 51.27 -34.56
C GLY EE 39 92.64 50.43 -34.75
N GLU EE 40 91.97 50.05 -33.67
CA GLU EE 40 90.74 49.30 -33.81
C GLU EE 40 89.60 50.21 -34.23
N VAL EE 41 88.56 49.59 -34.76
CA VAL EE 41 87.37 50.29 -35.23
C VAL EE 41 86.16 49.53 -34.75
N LEU EE 42 85.27 50.22 -34.04
CA LEU EE 42 84.04 49.64 -33.55
C LEU EE 42 82.88 50.24 -34.29
N ILE EE 43 82.06 49.40 -34.91
CA ILE EE 43 80.84 49.83 -35.57
C ILE EE 43 79.69 49.43 -34.65
N ALA EE 44 78.97 50.41 -34.14
CA ALA EE 44 77.98 50.17 -33.10
C ALA EE 44 76.60 50.60 -33.57
N GLN EE 45 75.65 49.70 -33.46
CA GLN EE 45 74.26 50.00 -33.76
C GLN EE 45 73.51 50.33 -32.47
N PHE EE 46 72.43 51.10 -32.62
CA PHE EE 46 71.62 51.45 -31.47
C PHE EE 46 70.53 50.41 -31.26
N THR EE 47 70.56 49.77 -30.09
CA THR EE 47 69.52 48.84 -29.71
C THR EE 47 68.43 49.61 -28.99
N GLU EE 48 67.50 48.87 -28.39
CA GLU EE 48 66.56 49.49 -27.47
C GLU EE 48 67.26 49.90 -26.18
N HIS EE 49 68.15 49.03 -25.68
CA HIS EE 49 68.90 49.30 -24.48
C HIS EE 49 69.90 50.44 -24.64
N THR EE 50 70.80 50.33 -25.61
CA THR EE 50 71.80 51.35 -25.86
C THR EE 50 71.13 52.54 -26.52
N SER EE 51 70.72 53.50 -25.72
CA SER EE 51 70.10 54.73 -26.22
C SER EE 51 71.03 55.91 -26.14
N ALA EE 52 72.22 55.75 -25.58
CA ALA EE 52 73.18 56.82 -25.48
C ALA EE 52 74.58 56.22 -25.45
N ILE EE 53 75.51 56.84 -26.16
CA ILE EE 53 76.87 56.34 -26.26
C ILE EE 53 77.82 57.48 -25.92
N LYS EE 54 78.67 57.25 -24.94
CA LYS EE 54 79.66 58.23 -24.52
C LYS EE 54 81.04 57.73 -24.90
N VAL EE 55 81.86 58.61 -25.44
CA VAL EE 55 83.18 58.25 -25.94
C VAL EE 55 84.22 59.09 -25.22
N ARG EE 56 85.19 58.44 -24.60
CA ARG EE 56 86.29 59.12 -23.93
C ARG EE 56 87.56 58.94 -24.73
N GLY EE 57 88.56 59.76 -24.45
CA GLY EE 57 89.85 59.64 -25.08
C GLY EE 57 89.83 60.12 -26.52
N LYS EE 58 90.98 59.97 -27.17
CA LYS EE 58 91.14 60.43 -28.53
C LYS EE 58 90.60 59.39 -29.49
N ALA EE 59 89.54 59.74 -30.21
CA ALA EE 59 88.92 58.83 -31.15
C ALA EE 59 88.32 59.63 -32.29
N TYR EE 60 88.06 58.96 -33.39
CA TYR EE 60 87.54 59.57 -34.60
C TYR EE 60 86.22 58.93 -34.96
N ILE EE 61 85.14 59.70 -34.89
CA ILE EE 61 83.79 59.15 -34.99
C ILE EE 61 83.18 59.60 -36.30
N GLN EE 62 82.56 58.67 -37.01
CA GLN EE 62 81.73 58.95 -38.18
C GLN EE 62 80.31 58.56 -37.85
N THR EE 63 79.39 59.51 -37.99
CA THR EE 63 77.97 59.28 -37.85
C THR EE 63 77.30 59.63 -39.16
N SER EE 64 75.96 59.60 -39.14
CA SER EE 64 75.21 60.06 -40.30
C SER EE 64 75.33 61.55 -40.50
N HIS EE 65 75.48 62.31 -39.41
CA HIS EE 65 75.59 63.75 -39.47
C HIS EE 65 76.97 64.23 -39.89
N GLY EE 66 77.95 63.33 -40.00
CA GLY EE 66 79.29 63.71 -40.39
C GLY EE 66 80.30 63.09 -39.47
N VAL EE 67 81.48 63.71 -39.41
CA VAL EE 67 82.59 63.19 -38.62
C VAL EE 67 82.87 64.16 -37.48
N ILE EE 68 83.56 63.64 -36.47
CA ILE EE 68 83.91 64.42 -35.28
C ILE EE 68 85.09 63.73 -34.64
N GLU EE 69 85.80 64.46 -33.77
CA GLU EE 69 87.02 63.95 -33.17
C GLU EE 69 86.99 64.15 -31.66
N SER EE 70 86.70 63.08 -30.94
CA SER EE 70 86.69 63.15 -29.48
C SER EE 70 88.10 63.13 -28.95
N GLU EE 71 88.32 63.81 -27.84
CA GLU EE 71 89.64 63.84 -27.21
C GLU EE 71 89.58 63.46 -25.74
N ASP FE 6 72.63 49.02 -43.67
CA ASP FE 6 72.30 47.76 -43.02
C ASP FE 6 73.47 46.79 -42.97
N PHE FE 7 74.49 47.04 -43.77
CA PHE FE 7 75.59 46.10 -43.89
C PHE FE 7 76.90 46.84 -44.14
N VAL FE 8 77.99 46.19 -43.76
CA VAL FE 8 79.32 46.75 -43.88
C VAL FE 8 80.17 45.83 -44.74
N VAL FE 9 81.23 46.38 -45.32
CA VAL FE 9 82.13 45.65 -46.19
C VAL FE 9 83.54 45.79 -45.65
N ILE FE 10 84.17 44.68 -45.28
CA ILE FE 10 85.49 44.69 -44.68
C ILE FE 10 86.44 43.95 -45.59
N LYS FE 11 87.41 44.65 -46.15
CA LYS FE 11 88.46 44.04 -46.93
C LYS FE 11 89.69 43.89 -46.06
N ALA FE 12 90.11 42.65 -45.81
CA ALA FE 12 91.24 42.45 -44.93
C ALA FE 12 92.55 42.66 -45.69
N LEU FE 13 93.22 43.76 -45.37
CA LEU FE 13 94.46 44.12 -46.05
C LEU FE 13 95.67 43.39 -45.50
N GLU FE 14 95.53 42.68 -44.38
CA GLU FE 14 96.62 41.90 -43.83
C GLU FE 14 96.04 40.63 -43.23
N ASP FE 15 96.91 39.69 -42.92
CA ASP FE 15 96.45 38.40 -42.44
C ASP FE 15 95.98 38.50 -41.00
N GLY FE 16 95.12 37.54 -40.62
CA GLY FE 16 94.68 37.43 -39.25
C GLY FE 16 93.80 38.56 -38.75
N VAL FE 17 93.02 39.17 -39.63
CA VAL FE 17 92.15 40.24 -39.17
C VAL FE 17 90.93 39.64 -38.48
N ASN FE 18 90.71 40.07 -37.24
CA ASN FE 18 89.62 39.53 -36.44
C ASN FE 18 88.39 40.41 -36.59
N VAL FE 19 87.22 39.78 -36.63
CA VAL FE 19 85.95 40.48 -36.65
C VAL FE 19 85.09 39.87 -35.55
N ILE FE 20 84.67 40.69 -34.60
CA ILE FE 20 84.01 40.21 -33.40
C ILE FE 20 82.55 40.62 -33.44
N GLY FE 21 81.66 39.64 -33.34
CA GLY FE 21 80.23 39.90 -33.34
C GLY FE 21 79.48 39.07 -34.35
N SER FE 33 83.12 35.29 -33.24
CA SER FE 33 84.41 35.76 -33.77
C SER FE 33 84.72 35.10 -35.11
N GLU FE 34 85.29 35.86 -36.03
CA GLU FE 34 85.70 35.36 -37.32
C GLU FE 34 87.10 35.87 -37.64
N CYS FE 35 87.86 35.11 -38.42
CA CYS FE 35 89.19 35.51 -38.81
C CYS FE 35 89.27 35.58 -40.33
N LEU FE 36 89.97 36.58 -40.85
CA LEU FE 36 90.13 36.78 -42.29
C LEU FE 36 91.60 36.82 -42.63
N ASP FE 37 91.94 36.31 -43.81
CA ASP FE 37 93.28 36.39 -44.36
C ASP FE 37 93.37 37.57 -45.32
N LYS FE 38 94.57 37.79 -45.83
CA LYS FE 38 94.81 38.94 -46.69
C LYS FE 38 94.13 38.78 -48.05
N GLY FE 39 93.36 39.78 -48.43
CA GLY FE 39 92.68 39.78 -49.70
C GLY FE 39 91.24 39.36 -49.65
N GLU FE 40 90.79 38.75 -48.55
CA GLU FE 40 89.40 38.38 -48.44
C GLU FE 40 88.55 39.59 -48.14
N VAL FE 41 87.26 39.46 -48.40
CA VAL FE 41 86.29 40.53 -48.18
C VAL FE 41 85.07 39.90 -47.51
N LEU FE 42 84.68 40.44 -46.37
CA LEU FE 42 83.51 39.99 -45.65
C LEU FE 42 82.45 41.06 -45.71
N ILE FE 43 81.27 40.70 -46.19
CA ILE FE 43 80.12 41.59 -46.20
C ILE FE 43 79.20 41.13 -45.09
N ALA FE 44 79.01 41.97 -44.08
CA ALA FE 44 78.31 41.57 -42.87
C ALA FE 44 77.08 42.43 -42.66
N GLN FE 45 75.95 41.76 -42.47
CA GLN FE 45 74.71 42.44 -42.14
C GLN FE 45 74.48 42.41 -40.63
N PHE FE 46 73.72 43.38 -40.14
CA PHE FE 46 73.40 43.43 -38.72
C PHE FE 46 72.14 42.64 -38.43
N THR FE 47 72.27 41.62 -37.59
CA THR FE 47 71.14 40.86 -37.13
C THR FE 47 70.59 41.51 -35.88
N GLU FE 48 69.68 40.80 -35.22
CA GLU FE 48 69.27 41.22 -33.88
C GLU FE 48 70.39 40.95 -32.89
N HIS FE 49 71.05 39.80 -33.01
CA HIS FE 49 72.16 39.43 -32.14
C HIS FE 49 73.38 40.30 -32.33
N THR FE 50 73.90 40.38 -33.55
CA THR FE 50 75.08 41.19 -33.85
C THR FE 50 74.66 42.65 -33.85
N SER FE 51 74.82 43.31 -32.72
CA SER FE 51 74.52 44.73 -32.58
C SER FE 51 75.77 45.58 -32.51
N ALA FE 52 76.95 44.97 -32.51
CA ALA FE 52 78.20 45.70 -32.47
C ALA FE 52 79.27 44.84 -33.13
N ILE FE 53 80.12 45.49 -33.92
CA ILE FE 53 81.17 44.79 -34.66
C ILE FE 53 82.48 45.49 -34.38
N LYS FE 54 83.45 44.74 -33.88
CA LYS FE 54 84.78 45.26 -33.60
C LYS FE 54 85.77 44.66 -34.58
N VAL FE 55 86.65 45.49 -35.12
CA VAL FE 55 87.59 45.07 -36.15
C VAL FE 55 89.00 45.35 -35.65
N ARG FE 56 89.84 44.33 -35.65
CA ARG FE 56 91.23 44.46 -35.26
C ARG FE 56 92.11 44.34 -36.50
N GLY FE 57 93.36 44.76 -36.37
CA GLY FE 57 94.32 44.62 -37.44
C GLY FE 57 94.06 45.59 -38.57
N LYS FE 58 94.88 45.46 -39.61
CA LYS FE 58 94.81 46.37 -40.75
C LYS FE 58 93.71 45.89 -41.70
N ALA FE 59 92.67 46.70 -41.84
CA ALA FE 59 91.55 46.37 -42.70
C ALA FE 59 90.96 47.65 -43.26
N TYR FE 60 90.21 47.51 -44.34
CA TYR FE 60 89.61 48.63 -45.05
C TYR FE 60 88.10 48.45 -45.06
N ILE FE 61 87.39 49.34 -44.39
CA ILE FE 61 85.97 49.17 -44.13
C ILE FE 61 85.20 50.21 -44.94
N GLN FE 62 84.15 49.75 -45.61
CA GLN FE 62 83.17 50.61 -46.25
C GLN FE 62 81.84 50.44 -45.54
N THR FE 63 81.28 51.54 -45.06
CA THR FE 63 79.96 51.57 -44.49
C THR FE 63 79.09 52.53 -45.30
N SER FE 64 77.89 52.78 -44.79
CA SER FE 64 77.04 53.77 -45.43
C SER FE 64 77.58 55.18 -45.22
N HIS FE 65 78.25 55.42 -44.09
CA HIS FE 65 78.81 56.72 -43.78
C HIS FE 65 80.10 57.01 -44.52
N GLY FE 66 80.66 56.05 -45.23
CA GLY FE 66 81.88 56.26 -45.96
C GLY FE 66 82.86 55.14 -45.69
N VAL FE 67 84.14 55.43 -45.91
CA VAL FE 67 85.19 54.44 -45.75
C VAL FE 67 86.07 54.82 -44.58
N ILE FE 68 86.80 53.82 -44.08
CA ILE FE 68 87.69 54.01 -42.93
C ILE FE 68 88.73 52.89 -42.99
N GLU FE 69 89.83 53.08 -42.29
CA GLU FE 69 90.95 52.14 -42.34
C GLU FE 69 91.38 51.76 -40.93
N SER FE 70 90.98 50.58 -40.49
CA SER FE 70 91.38 50.10 -39.18
C SER FE 70 92.81 49.59 -39.23
N GLU FE 71 93.52 49.74 -38.13
CA GLU FE 71 94.90 49.26 -38.06
C GLU FE 71 95.12 48.36 -36.84
N ASP GE 6 70.44 45.95 -50.58
CA ASP GE 6 69.87 44.64 -50.26
C ASP GE 6 70.60 43.50 -50.95
N PHE GE 7 71.42 43.82 -51.96
CA PHE GE 7 72.05 42.78 -52.75
C PHE GE 7 73.43 43.24 -53.21
N VAL GE 8 74.28 42.27 -53.48
CA VAL GE 8 75.66 42.51 -53.89
C VAL GE 8 75.88 41.85 -55.23
N VAL GE 9 76.89 42.34 -55.95
CA VAL GE 9 77.23 41.83 -57.28
C VAL GE 9 78.69 41.42 -57.28
N ILE GE 10 78.96 40.15 -57.52
CA ILE GE 10 80.31 39.61 -57.47
C ILE GE 10 80.69 39.10 -58.85
N LYS GE 11 81.68 39.73 -59.46
CA LYS GE 11 82.21 39.28 -60.73
C LYS GE 11 83.49 38.50 -60.46
N ALA GE 12 83.49 37.22 -60.78
CA ALA GE 12 84.66 36.41 -60.48
C ALA GE 12 85.73 36.62 -61.54
N LEU GE 13 86.80 37.32 -61.17
CA LEU GE 13 87.88 37.63 -62.10
C LEU GE 13 88.85 36.48 -62.29
N GLU GE 14 88.76 35.44 -61.47
CA GLU GE 14 89.62 34.26 -61.63
C GLU GE 14 88.80 33.04 -61.29
N ASP GE 15 89.34 31.87 -61.63
CA ASP GE 15 88.60 30.64 -61.44
C ASP GE 15 88.57 30.25 -59.96
N GLY GE 16 87.56 29.45 -59.61
CA GLY GE 16 87.47 28.90 -58.28
C GLY GE 16 87.19 29.88 -57.18
N VAL GE 17 86.47 30.96 -57.47
CA VAL GE 17 86.17 31.92 -56.42
C VAL GE 17 85.04 31.39 -55.56
N ASN GE 18 85.29 31.31 -54.26
CA ASN GE 18 84.32 30.76 -53.32
C ASN GE 18 83.49 31.88 -52.74
N VAL GE 19 82.20 31.61 -52.55
CA VAL GE 19 81.29 32.53 -51.88
C VAL GE 19 80.57 31.74 -50.80
N ILE GE 20 80.72 32.16 -49.56
CA ILE GE 20 80.26 31.40 -48.41
C ILE GE 20 79.06 32.11 -47.79
N GLY GE 21 77.95 31.41 -47.68
CA GLY GE 21 76.76 31.96 -47.09
C GLY GE 21 75.53 31.80 -47.96
N SER GE 33 77.79 27.18 -49.47
CA SER GE 33 78.96 27.52 -50.26
C SER GE 33 78.69 27.40 -51.75
N GLU GE 34 79.24 28.33 -52.53
CA GLU GE 34 79.12 28.31 -53.98
C GLU GE 34 80.48 28.58 -54.59
N CYS GE 35 80.70 28.06 -55.79
CA CYS GE 35 81.95 28.26 -56.50
C CYS GE 35 81.66 28.92 -57.85
N LEU GE 36 82.52 29.85 -58.25
CA LEU GE 36 82.37 30.58 -59.50
C LEU GE 36 83.62 30.43 -60.33
N ASP GE 37 83.45 30.37 -61.64
CA ASP GE 37 84.56 30.36 -62.59
C ASP GE 37 84.80 31.78 -63.10
N LYS GE 38 85.84 31.91 -63.92
CA LYS GE 38 86.24 33.23 -64.40
C LYS GE 38 85.22 33.78 -65.40
N GLY GE 39 84.77 35.00 -65.14
CA GLY GE 39 83.85 35.67 -66.01
C GLY GE 39 82.40 35.60 -65.57
N GLU GE 40 82.08 34.72 -64.64
CA GLU GE 40 80.71 34.65 -64.15
C GLU GE 40 80.44 35.80 -63.20
N VAL GE 41 79.15 36.09 -63.00
CA VAL GE 41 78.70 37.16 -62.12
C VAL GE 41 77.55 36.62 -61.30
N LEU GE 42 77.68 36.72 -59.98
CA LEU GE 42 76.65 36.29 -59.06
C LEU GE 42 76.04 37.50 -58.40
N ILE GE 43 74.73 37.65 -58.50
CA ILE GE 43 73.99 38.69 -57.82
C ILE GE 43 73.28 38.04 -56.65
N ALA GE 44 73.66 38.43 -55.44
CA ALA GE 44 73.20 37.74 -54.25
C ALA GE 44 72.43 38.69 -53.35
N GLN GE 45 71.23 38.29 -52.97
CA GLN GE 45 70.43 39.03 -52.02
C GLN GE 45 70.59 38.44 -50.62
N PHE GE 46 70.36 39.27 -49.62
CA PHE GE 46 70.45 38.82 -48.24
C PHE GE 46 69.10 38.29 -47.76
N THR GE 47 69.09 37.02 -47.40
CA THR GE 47 67.90 36.41 -46.81
C THR GE 47 67.96 36.60 -45.31
N GLU GE 48 67.06 35.92 -44.62
CA GLU GE 48 67.17 35.83 -43.17
C GLU GE 48 68.33 34.94 -42.78
N HIS GE 49 68.50 33.82 -43.49
CA HIS GE 49 69.59 32.89 -43.24
C HIS GE 49 70.95 33.46 -43.58
N THR GE 50 71.15 33.92 -44.81
CA THR GE 50 72.41 34.49 -45.26
C THR GE 50 72.53 35.88 -44.65
N SER GE 51 73.20 35.95 -43.51
CA SER GE 51 73.45 37.22 -42.84
C SER GE 51 74.89 37.67 -42.97
N ALA GE 52 75.74 36.86 -43.59
CA ALA GE 52 77.14 37.20 -43.78
C ALA GE 52 77.65 36.47 -45.01
N ILE GE 53 78.44 37.17 -45.81
CA ILE GE 53 78.96 36.62 -47.06
C ILE GE 53 80.46 36.82 -47.09
N LYS GE 54 81.20 35.73 -47.24
CA LYS GE 54 82.65 35.77 -47.30
C LYS GE 54 83.09 35.42 -48.71
N VAL GE 55 84.04 36.17 -49.24
CA VAL GE 55 84.49 36.01 -50.62
C VAL GE 55 85.98 35.74 -50.61
N ARG GE 56 86.38 34.63 -51.23
CA ARG GE 56 87.79 34.28 -51.36
C ARG GE 56 88.23 34.48 -52.79
N GLY GE 57 89.53 34.51 -53.01
CA GLY GE 57 90.08 34.61 -54.34
C GLY GE 57 89.90 35.99 -54.94
N LYS GE 58 90.34 36.10 -56.19
CA LYS GE 58 90.30 37.38 -56.88
C LYS GE 58 88.91 37.60 -57.47
N ALA GE 59 88.21 38.61 -56.97
CA ALA GE 59 86.87 38.92 -57.42
C ALA GE 59 86.63 40.41 -57.29
N TYR GE 60 85.63 40.89 -58.02
CA TYR GE 60 85.31 42.31 -58.08
C TYR GE 60 83.88 42.50 -57.59
N ILE GE 61 83.72 43.17 -56.46
CA ILE GE 61 82.43 43.24 -55.78
C ILE GE 61 81.90 44.66 -55.88
N GLN GE 62 80.62 44.77 -56.23
CA GLN GE 62 79.88 46.01 -56.18
C GLN GE 62 78.79 45.88 -55.12
N THR GE 63 78.79 46.79 -54.16
CA THR GE 63 77.74 46.87 -53.16
C THR GE 63 77.09 48.24 -53.26
N SER GE 64 76.21 48.54 -52.31
CA SER GE 64 75.63 49.87 -52.24
C SER GE 64 76.66 50.90 -51.82
N HIS GE 65 77.64 50.50 -51.00
CA HIS GE 65 78.66 51.40 -50.52
C HIS GE 65 79.75 51.68 -51.55
N GLY GE 66 79.74 50.98 -52.68
CA GLY GE 66 80.75 51.19 -53.70
C GLY GE 66 81.31 49.86 -54.16
N VAL GE 67 82.50 49.92 -54.73
CA VAL GE 67 83.16 48.74 -55.28
C VAL GE 67 84.37 48.41 -54.45
N ILE GE 68 84.82 47.16 -54.59
CA ILE GE 68 85.97 46.65 -53.85
C ILE GE 68 86.51 45.45 -54.62
N GLU GE 69 87.75 45.08 -54.35
CA GLU GE 69 88.41 44.02 -55.09
C GLU GE 69 89.03 43.01 -54.13
N SER GE 70 88.37 41.87 -53.95
CA SER GE 70 88.89 40.83 -53.11
C SER GE 70 89.99 40.07 -53.82
N GLU GE 71 90.97 39.60 -53.07
CA GLU GE 71 92.06 38.83 -53.65
C GLU GE 71 92.26 37.50 -52.95
N ASP HE 6 65.31 46.07 -56.78
CA ASP HE 6 64.48 44.88 -56.69
C ASP HE 6 64.60 43.98 -57.90
N PHE HE 7 65.16 44.49 -59.00
CA PHE HE 7 65.21 43.74 -60.24
C PHE HE 7 66.47 44.08 -61.01
N VAL HE 8 66.88 43.14 -61.85
CA VAL HE 8 68.08 43.27 -62.65
C VAL HE 8 67.72 43.14 -64.12
N VAL HE 9 68.58 43.67 -64.98
CA VAL HE 9 68.37 43.67 -66.41
C VAL HE 9 69.58 43.03 -67.07
N ILE HE 10 69.36 41.91 -67.77
CA ILE HE 10 70.45 41.16 -68.38
C ILE HE 10 70.25 41.17 -69.88
N LYS HE 11 71.17 41.79 -70.61
CA LYS HE 11 71.16 41.75 -72.06
C LYS HE 11 72.17 40.71 -72.52
N ALA HE 12 71.69 39.67 -73.18
CA ALA HE 12 72.60 38.61 -73.59
C ALA HE 12 73.34 39.02 -74.86
N LEU HE 13 74.62 39.32 -74.73
CA LEU HE 13 75.44 39.74 -75.85
C LEU HE 13 75.93 38.60 -76.72
N GLU HE 14 75.76 37.35 -76.27
CA GLU HE 14 76.14 36.20 -77.07
C GLU HE 14 75.12 35.11 -76.83
N ASP HE 15 75.16 34.09 -77.67
CA ASP HE 15 74.16 33.03 -77.60
C ASP HE 15 74.43 32.12 -76.40
N GLY HE 16 73.38 31.44 -75.96
CA GLY HE 16 73.49 30.45 -74.93
C GLY HE 16 73.84 30.98 -73.56
N VAL HE 17 73.45 32.20 -73.22
CA VAL HE 17 73.75 32.73 -71.91
C VAL HE 17 72.80 32.13 -70.89
N ASN HE 18 73.36 31.51 -69.86
CA ASN HE 18 72.58 30.82 -68.84
C ASN HE 18 72.32 31.77 -67.68
N VAL HE 19 71.13 31.68 -67.11
CA VAL HE 19 70.76 32.43 -65.93
C VAL HE 19 70.17 31.43 -64.94
N ILE HE 20 70.78 31.31 -63.77
CA ILE HE 20 70.45 30.27 -62.82
C ILE HE 20 69.76 30.89 -61.62
N GLY HE 21 68.56 30.42 -61.33
CA GLY HE 21 67.80 30.92 -60.19
C GLY HE 21 66.39 31.33 -60.56
N SER HE 33 66.63 27.32 -64.09
CA SER HE 33 67.59 27.70 -65.12
C SER HE 33 66.88 28.22 -66.37
N GLU HE 34 67.44 29.25 -66.98
CA GLU HE 34 66.92 29.81 -68.22
C GLU HE 34 68.07 30.04 -69.19
N CYS HE 35 67.78 29.98 -70.48
CA CYS HE 35 68.78 30.22 -71.51
C CYS HE 35 68.34 31.38 -72.39
N LEU HE 36 69.29 32.22 -72.78
CA LEU HE 36 69.01 33.38 -73.61
C LEU HE 36 69.88 33.33 -74.85
N ASP HE 37 69.34 33.81 -75.96
CA ASP HE 37 70.08 33.97 -77.20
C ASP HE 37 70.59 35.39 -77.33
N LYS HE 38 71.34 35.64 -78.39
CA LYS HE 38 71.96 36.94 -78.58
C LYS HE 38 70.93 38.00 -78.91
N GLY HE 39 70.96 39.09 -78.15
CA GLY HE 39 70.07 40.21 -78.38
C GLY HE 39 68.86 40.24 -77.47
N GLU HE 40 68.56 39.14 -76.79
CA GLU HE 40 67.43 39.15 -75.88
C GLU HE 40 67.80 39.88 -74.60
N VAL HE 41 66.78 40.29 -73.87
CA VAL HE 41 66.93 41.01 -72.62
C VAL HE 41 65.96 40.41 -71.62
N LEU HE 42 66.47 39.98 -70.48
CA LEU HE 42 65.66 39.43 -69.42
C LEU HE 42 65.66 40.39 -68.24
N ILE HE 43 64.47 40.79 -67.81
CA ILE HE 43 64.32 41.63 -66.63
C ILE HE 43 63.81 40.72 -65.52
N ALA HE 44 64.60 40.53 -64.48
CA ALA HE 44 64.30 39.53 -63.47
C ALA HE 44 64.14 40.19 -62.11
N GLN HE 45 63.04 39.90 -61.45
CA GLN HE 45 62.80 40.36 -60.10
C GLN HE 45 63.16 39.27 -59.10
N PHE HE 46 63.48 39.67 -57.89
CA PHE HE 46 63.81 38.72 -56.84
C PHE HE 46 62.56 38.31 -56.09
N THR HE 47 62.26 37.02 -56.14
CA THR HE 47 61.16 36.46 -55.36
C THR HE 47 61.69 36.05 -54.00
N GLU HE 48 60.86 35.33 -53.26
CA GLU HE 48 61.35 34.67 -52.05
C GLU HE 48 62.25 33.51 -52.41
N HIS HE 49 61.86 32.73 -53.42
CA HIS HE 49 62.64 31.60 -53.89
C HIS HE 49 63.95 32.00 -54.52
N THR HE 50 63.92 32.84 -55.54
CA THR HE 50 65.12 33.30 -56.23
C THR HE 50 65.83 34.30 -55.33
N SER HE 51 66.78 33.82 -54.54
CA SER HE 51 67.57 34.66 -53.67
C SER HE 51 68.99 34.86 -54.19
N ALA HE 52 69.35 34.20 -55.29
CA ALA HE 52 70.67 34.33 -55.87
C ALA HE 52 70.56 34.05 -57.36
N ILE HE 53 71.27 34.83 -58.16
CA ILE HE 53 71.23 34.72 -59.60
C ILE HE 53 72.65 34.64 -60.12
N LYS HE 54 72.96 33.58 -60.85
CA LYS HE 54 74.27 33.37 -61.42
C LYS HE 54 74.16 33.51 -62.93
N VAL HE 55 75.11 34.22 -63.53
CA VAL HE 55 75.08 34.51 -64.96
C VAL HE 55 76.36 33.99 -65.59
N ARG HE 56 76.22 33.15 -66.61
CA ARG HE 56 77.36 32.62 -67.34
C ARG HE 56 77.42 33.27 -68.72
N GLY HE 57 78.56 33.15 -69.38
CA GLY HE 57 78.71 33.65 -70.72
C GLY HE 57 78.79 35.15 -70.77
N LYS HE 58 78.88 35.66 -72.00
CA LYS HE 58 79.03 37.09 -72.22
C LYS HE 58 77.67 37.76 -72.16
N ALA HE 59 77.48 38.61 -71.15
CA ALA HE 59 76.23 39.31 -70.96
C ALA HE 59 76.50 40.66 -70.33
N TYR HE 60 75.53 41.55 -70.45
CA TYR HE 60 75.65 42.92 -69.97
C TYR HE 60 74.53 43.17 -68.96
N ILE HE 61 74.91 43.38 -67.70
CA ILE HE 61 73.96 43.42 -66.59
C ILE HE 61 73.86 44.84 -66.08
N GLN HE 62 72.63 45.30 -65.87
CA GLN HE 62 72.35 46.55 -65.18
C GLN HE 62 71.61 46.22 -63.90
N THR HE 63 72.16 46.67 -62.77
CA THR HE 63 71.51 46.56 -61.49
C THR HE 63 71.30 47.96 -60.93
N SER HE 64 70.86 48.03 -59.67
CA SER HE 64 70.76 49.32 -59.01
C SER HE 64 72.12 49.90 -58.71
N HIS HE 65 73.12 49.05 -58.47
CA HIS HE 65 74.47 49.50 -58.16
C HIS HE 65 75.25 49.94 -59.38
N GLY HE 66 74.71 49.73 -60.58
CA GLY HE 66 75.40 50.12 -61.78
C GLY HE 66 75.37 49.00 -62.80
N VAL HE 67 76.33 49.05 -63.73
CA VAL HE 67 76.40 48.08 -64.80
C VAL HE 67 77.65 47.23 -64.62
N ILE HE 68 77.64 46.07 -65.27
CA ILE HE 68 78.74 45.12 -65.20
C ILE HE 68 78.66 44.23 -66.43
N GLU HE 69 79.75 43.55 -66.76
CA GLU HE 69 79.82 42.76 -67.97
C GLU HE 69 80.35 41.37 -67.66
N SER HE 70 79.45 40.40 -67.59
CA SER HE 70 79.86 39.03 -67.34
C SER HE 70 80.42 38.41 -68.61
N GLU HE 71 81.39 37.53 -68.45
CA GLU HE 71 81.98 36.85 -69.60
C GLU HE 71 81.96 35.33 -69.44
N ASP IE 6 59.23 49.75 -60.14
CA ASP IE 6 58.12 48.81 -60.11
C ASP IE 6 57.60 48.46 -61.49
N PHE IE 7 57.98 49.23 -62.50
CA PHE IE 7 57.43 49.03 -63.83
C PHE IE 7 58.48 49.38 -64.88
N VAL IE 8 58.31 48.79 -66.06
CA VAL IE 8 59.22 48.97 -67.18
C VAL IE 8 58.45 49.52 -68.36
N VAL IE 9 59.17 50.14 -69.28
CA VAL IE 9 58.59 50.75 -70.47
C VAL IE 9 59.29 50.18 -71.69
N ILE IE 10 58.54 49.51 -72.55
CA ILE IE 10 59.10 48.85 -73.72
C ILE IE 10 58.52 49.48 -74.97
N LYS IE 11 59.36 50.13 -75.75
CA LYS IE 11 58.95 50.68 -77.04
C LYS IE 11 59.39 49.72 -78.12
N ALA IE 12 58.43 49.15 -78.84
CA ALA IE 12 58.79 48.17 -79.86
C ALA IE 12 59.24 48.87 -81.13
N LEU IE 13 60.54 48.81 -81.40
CA LEU IE 13 61.13 49.48 -82.56
C LEU IE 13 60.95 48.69 -83.85
N GLU IE 14 60.50 47.44 -83.77
CA GLU IE 14 60.24 46.64 -84.96
C GLU IE 14 59.03 45.79 -84.69
N ASP IE 15 58.49 45.19 -85.76
CA ASP IE 15 57.27 44.44 -85.63
C ASP IE 15 57.52 43.10 -84.97
N GLY IE 16 56.47 42.54 -84.38
CA GLY IE 16 56.52 41.21 -83.81
C GLY IE 16 57.38 41.06 -82.58
N VAL IE 17 57.51 42.11 -81.78
CA VAL IE 17 58.32 42.01 -80.58
C VAL IE 17 57.54 41.25 -79.50
N ASN IE 18 58.13 40.18 -78.99
CA ASN IE 18 57.46 39.34 -78.02
C ASN IE 18 57.86 39.78 -76.62
N VAL IE 19 56.91 39.72 -75.70
CA VAL IE 19 57.14 40.01 -74.29
C VAL IE 19 56.54 38.85 -73.52
N ILE IE 20 57.38 38.15 -72.75
CA ILE IE 20 56.98 36.91 -72.11
C ILE IE 20 56.88 37.15 -70.61
N GLY IE 21 55.72 36.86 -70.04
CA GLY IE 21 55.52 37.01 -68.61
C GLY IE 21 54.28 37.82 -68.28
N SER IE 33 52.20 35.58 -72.68
CA SER IE 33 52.91 36.14 -73.83
C SER IE 33 52.11 37.23 -74.50
N GLU IE 34 52.81 38.28 -74.94
CA GLU IE 34 52.18 39.39 -75.66
C GLU IE 34 53.03 39.73 -76.87
N CYS IE 35 52.40 40.25 -77.91
CA CYS IE 35 53.10 40.65 -79.12
C CYS IE 35 52.85 42.12 -79.37
N LEU IE 36 53.89 42.83 -79.82
CA LEU IE 36 53.80 44.25 -80.10
C LEU IE 36 54.24 44.52 -81.54
N ASP IE 37 53.60 45.50 -82.16
CA ASP IE 37 54.00 45.97 -83.48
C ASP IE 37 54.88 47.19 -83.35
N LYS IE 38 55.37 47.68 -84.49
CA LYS IE 38 56.32 48.78 -84.50
C LYS IE 38 55.65 50.07 -84.09
N GLY IE 39 56.24 50.75 -83.11
CA GLY IE 39 55.75 52.02 -82.64
C GLY IE 39 54.91 51.96 -81.39
N GLU IE 40 54.46 50.77 -81.01
CA GLU IE 40 53.69 50.65 -79.79
C GLU IE 40 54.61 50.72 -78.58
N VAL IE 41 54.02 51.02 -77.43
CA VAL IE 41 54.73 51.13 -76.17
C VAL IE 41 53.92 50.40 -75.11
N LEU IE 42 54.55 49.46 -74.43
CA LEU IE 42 53.92 48.72 -73.36
C LEU IE 42 54.56 49.11 -72.04
N ILE IE 43 53.75 49.55 -71.10
CA ILE IE 43 54.19 49.87 -69.75
C ILE IE 43 53.72 48.73 -68.86
N ALA IE 44 54.67 47.98 -68.30
CA ALA IE 44 54.34 46.75 -67.60
C ALA IE 44 54.79 46.83 -66.15
N GLN IE 45 53.86 46.55 -65.25
CA GLN IE 45 54.16 46.48 -63.83
C GLN IE 45 54.40 45.03 -63.42
N PHE IE 46 55.15 44.85 -62.35
CA PHE IE 46 55.42 43.51 -61.84
C PHE IE 46 54.35 43.11 -60.83
N THR IE 47 53.64 42.03 -61.15
CA THR IE 47 52.66 41.47 -60.23
C THR IE 47 53.38 40.45 -59.36
N GLU IE 48 52.59 39.69 -58.61
CA GLU IE 48 53.13 38.53 -57.93
C GLU IE 48 53.46 37.43 -58.93
N HIS IE 49 52.58 37.23 -59.91
CA HIS IE 49 52.78 36.23 -60.94
C HIS IE 49 53.94 36.55 -61.86
N THR IE 50 53.91 37.72 -62.50
CA THR IE 50 54.96 38.15 -63.41
C THR IE 50 56.17 38.54 -62.59
N SER IE 51 57.08 37.59 -62.40
CA SER IE 51 58.31 37.84 -61.68
C SER IE 51 59.52 37.92 -62.61
N ALA IE 52 59.33 37.68 -63.90
CA ALA IE 52 60.41 37.76 -64.86
C ALA IE 52 59.81 38.10 -66.22
N ILE IE 53 60.50 38.98 -66.95
CA ILE IE 53 60.03 39.46 -68.24
C ILE IE 53 61.16 39.29 -69.24
N LYS IE 54 60.88 38.56 -70.31
CA LYS IE 54 61.84 38.32 -71.38
C LYS IE 54 61.38 39.06 -72.62
N VAL IE 55 62.31 39.74 -73.28
CA VAL IE 55 62.00 40.58 -74.44
C VAL IE 55 62.81 40.08 -75.62
N ARG IE 56 62.13 39.77 -76.71
CA ARG IE 56 62.78 39.34 -77.95
C ARG IE 56 62.67 40.45 -78.98
N GLY IE 57 63.49 40.36 -80.02
CA GLY IE 57 63.43 41.30 -81.11
C GLY IE 57 63.99 42.66 -80.74
N LYS IE 58 63.91 43.57 -81.69
CA LYS IE 58 64.46 44.91 -81.51
C LYS IE 58 63.48 45.77 -80.75
N ALA IE 59 63.86 46.17 -79.54
CA ALA IE 59 63.00 46.99 -78.70
C ALA IE 59 63.88 47.89 -77.84
N TYR IE 60 63.26 48.94 -77.31
CA TYR IE 60 63.96 49.94 -76.52
C TYR IE 60 63.31 50.01 -75.14
N ILE IE 61 64.05 49.61 -74.12
CA ILE IE 61 63.51 49.41 -72.79
C ILE IE 61 64.03 50.50 -71.86
N GLN IE 62 63.13 51.09 -71.09
CA GLN IE 62 63.48 51.99 -70.00
C GLN IE 62 63.06 51.35 -68.69
N THR IE 63 64.00 51.19 -67.78
CA THR IE 63 63.73 50.72 -66.44
C THR IE 63 64.16 51.80 -65.46
N SER IE 64 64.12 51.46 -64.17
CA SER IE 64 64.63 52.36 -63.16
C SER IE 64 66.14 52.48 -63.23
N HIS IE 65 66.82 51.42 -63.65
CA HIS IE 65 68.27 51.41 -63.74
C HIS IE 65 68.79 52.12 -64.98
N GLY IE 66 67.93 52.53 -65.90
CA GLY IE 66 68.35 53.21 -67.09
C GLY IE 66 67.69 52.60 -68.30
N VAL IE 67 68.31 52.81 -69.46
CA VAL IE 67 67.76 52.35 -70.73
C VAL IE 67 68.66 51.26 -71.29
N ILE IE 68 68.08 50.48 -72.20
CA ILE IE 68 68.78 49.37 -72.84
C ILE IE 68 68.06 49.09 -74.15
N GLU IE 69 68.74 48.38 -75.05
CA GLU IE 69 68.21 48.13 -76.38
C GLU IE 69 68.32 46.65 -76.72
N SER IE 70 67.20 45.95 -76.62
CA SER IE 70 67.17 44.53 -76.97
C SER IE 70 67.14 44.38 -78.47
N GLU IE 71 67.75 43.31 -78.95
CA GLU IE 71 67.76 43.02 -80.38
C GLU IE 71 67.28 41.62 -80.69
N ASP JE 6 53.98 55.64 -59.91
CA ASP JE 6 52.68 54.99 -59.75
C ASP JE 6 51.72 55.31 -60.87
N PHE JE 7 52.03 56.33 -61.67
CA PHE JE 7 51.10 56.78 -62.69
C PHE JE 7 51.88 57.30 -63.89
N VAL JE 8 51.21 57.26 -65.04
CA VAL JE 8 51.79 57.68 -66.31
C VAL JE 8 50.93 58.79 -66.90
N VAL JE 9 51.52 59.58 -67.79
CA VAL JE 9 50.86 60.70 -68.42
C VAL JE 9 50.98 60.54 -69.92
N ILE JE 10 49.84 60.41 -70.61
CA ILE JE 10 49.83 60.16 -72.05
C ILE JE 10 49.15 61.33 -72.73
N LYS JE 11 49.90 62.07 -73.54
CA LYS JE 11 49.34 63.14 -74.34
C LYS JE 11 49.14 62.62 -75.75
N ALA JE 12 47.90 62.57 -76.20
CA ALA JE 12 47.63 62.01 -77.52
C ALA JE 12 47.91 63.06 -78.59
N LEU JE 13 49.00 62.87 -79.33
CA LEU JE 13 49.41 63.81 -80.37
C LEU JE 13 48.65 63.64 -81.66
N GLU JE 14 47.87 62.57 -81.81
CA GLU JE 14 47.06 62.36 -83.00
C GLU JE 14 45.76 61.72 -82.57
N ASP JE 15 44.80 61.70 -83.48
CA ASP JE 15 43.48 61.20 -83.16
C ASP JE 15 43.48 59.69 -83.07
N GLY JE 16 42.50 59.16 -82.34
CA GLY JE 16 42.30 57.73 -82.25
C GLY JE 16 43.38 56.95 -81.54
N VAL JE 17 44.05 57.56 -80.55
CA VAL JE 17 45.09 56.83 -79.85
C VAL JE 17 44.43 55.89 -78.84
N ASN JE 18 44.77 54.61 -78.93
CA ASN JE 18 44.17 53.59 -78.09
C ASN JE 18 45.06 53.36 -76.87
N VAL JE 19 44.43 53.14 -75.73
CA VAL JE 19 45.13 52.80 -74.50
C VAL JE 19 44.44 51.57 -73.94
N ILE JE 20 45.18 50.48 -73.79
CA ILE JE 20 44.62 49.18 -73.45
C ILE JE 20 45.02 48.83 -72.03
N GLY JE 21 44.03 48.56 -71.20
CA GLY JE 21 44.29 48.19 -69.82
C GLY JE 21 43.50 49.02 -68.83
N SER JE 33 39.69 49.12 -72.59
CA SER JE 33 40.21 49.93 -73.69
C SER JE 33 39.63 51.34 -73.66
N GLU JE 34 40.46 52.32 -73.98
CA GLU JE 34 40.05 53.72 -74.04
C GLU JE 34 40.59 54.34 -75.32
N CYS JE 35 39.88 55.33 -75.84
CA CYS JE 35 40.32 56.03 -77.03
C CYS JE 35 40.48 57.51 -76.72
N LEU JE 36 41.51 58.13 -77.28
CA LEU JE 36 41.80 59.54 -77.07
C LEU JE 36 41.88 60.25 -78.41
N ASP JE 37 41.45 61.50 -78.42
CA ASP JE 37 41.57 62.36 -79.58
C ASP JE 37 42.82 63.25 -79.43
N LYS JE 38 43.08 64.04 -80.46
CA LYS JE 38 44.29 64.85 -80.48
C LYS JE 38 44.19 65.99 -79.48
N GLY JE 39 45.22 66.10 -78.64
CA GLY JE 39 45.30 67.15 -77.67
C GLY JE 39 44.86 66.75 -76.28
N GLU JE 40 44.19 65.63 -76.13
CA GLU JE 40 43.79 65.19 -74.81
C GLU JE 40 44.98 64.60 -74.07
N VAL JE 41 44.86 64.54 -72.75
CA VAL JE 41 45.90 64.01 -71.88
C VAL JE 41 45.22 63.10 -70.87
N LEU JE 42 45.69 61.86 -70.80
CA LEU JE 42 45.18 60.89 -69.83
C LEU JE 42 46.25 60.61 -68.80
N ILE JE 43 45.90 60.79 -67.54
CA ILE JE 43 46.78 60.46 -66.43
C ILE JE 43 46.25 59.17 -65.82
N ALA JE 44 47.03 58.11 -65.90
CA ALA JE 44 46.54 56.79 -65.54
C ALA JE 44 47.37 56.21 -64.41
N GLN JE 45 46.69 55.77 -63.36
CA GLN JE 45 47.34 55.10 -62.25
C GLN JE 45 47.21 53.58 -62.42
N PHE JE 46 48.14 52.86 -61.81
CA PHE JE 46 48.10 51.41 -61.87
C PHE JE 46 47.29 50.85 -60.71
N THR JE 47 46.22 50.14 -61.05
CA THR JE 47 45.41 49.47 -60.06
C THR JE 47 45.98 48.07 -59.86
N GLU JE 48 45.23 47.24 -59.14
CA GLU JE 48 45.55 45.81 -59.10
C GLU JE 48 45.24 45.16 -60.43
N HIS JE 49 44.10 45.53 -61.02
CA HIS JE 49 43.68 45.00 -62.31
C HIS JE 49 44.58 45.44 -63.45
N THR JE 50 44.74 46.74 -63.64
CA THR JE 50 45.57 47.28 -64.70
C THR JE 50 47.02 47.09 -64.32
N SER JE 51 47.61 45.98 -64.77
CA SER JE 51 49.01 45.69 -64.53
C SER JE 51 49.87 45.89 -65.76
N ALA JE 52 49.26 46.22 -66.89
CA ALA JE 52 50.00 46.46 -68.13
C ALA JE 52 49.20 47.42 -68.98
N ILE JE 53 49.89 48.36 -69.61
CA ILE JE 53 49.26 49.38 -70.43
C ILE JE 53 49.94 49.41 -71.78
N LYS JE 54 49.17 49.23 -72.83
CA LYS JE 54 49.68 49.25 -74.19
C LYS JE 54 49.15 50.49 -74.89
N VAL JE 55 50.02 51.19 -75.62
CA VAL JE 55 49.68 52.44 -76.26
C VAL JE 55 49.93 52.30 -77.75
N ARG JE 56 48.92 52.58 -78.55
CA ARG JE 56 49.03 52.56 -80.00
C ARG JE 56 49.00 53.98 -80.54
N GLY JE 57 49.42 54.16 -81.77
CA GLY JE 57 49.35 55.44 -82.43
C GLY JE 57 50.40 56.41 -81.90
N LYS JE 58 50.34 57.62 -82.42
CA LYS JE 58 51.31 58.64 -82.07
C LYS JE 58 50.89 59.31 -80.77
N ALA JE 59 51.70 59.14 -79.74
CA ALA JE 59 51.42 59.70 -78.43
C ALA JE 59 52.73 60.01 -77.72
N TYR JE 60 52.65 60.86 -76.71
CA TYR JE 60 53.80 61.32 -75.97
C TYR JE 60 53.62 60.96 -74.51
N ILE JE 61 54.46 60.07 -74.00
CA ILE JE 61 54.27 59.47 -72.69
C ILE JE 61 55.34 59.99 -71.75
N GLN JE 62 54.92 60.40 -70.55
CA GLN JE 62 55.82 60.71 -69.46
C GLN JE 62 55.59 59.70 -68.35
N THR JE 63 56.65 59.02 -67.94
CA THR JE 63 56.64 58.13 -66.81
C THR JE 63 57.64 58.63 -65.78
N SER JE 64 57.84 57.82 -64.74
CA SER JE 64 58.88 58.14 -63.77
C SER JE 64 60.26 57.99 -64.36
N HIS JE 65 60.44 57.07 -65.30
CA HIS JE 65 61.72 56.83 -65.92
C HIS JE 65 62.07 57.84 -66.98
N GLY JE 66 61.16 58.74 -67.34
CA GLY JE 66 61.43 59.73 -68.34
C GLY JE 66 60.30 59.80 -69.35
N VAL JE 67 60.61 60.31 -70.53
CA VAL JE 67 59.62 60.50 -71.57
C VAL JE 67 59.93 59.56 -72.73
N ILE JE 68 58.91 59.33 -73.56
CA ILE JE 68 59.02 58.45 -74.71
C ILE JE 68 57.93 58.84 -75.68
N GLU JE 69 58.07 58.43 -76.94
CA GLU JE 69 57.15 58.83 -77.98
C GLU JE 69 56.68 57.61 -78.76
N SER JE 70 55.47 57.15 -78.48
CA SER JE 70 54.92 56.02 -79.19
C SER JE 70 54.41 56.47 -80.55
N GLU JE 71 54.51 55.58 -81.53
CA GLU JE 71 54.03 55.89 -82.87
C GLU JE 71 53.06 54.83 -83.39
N ASP KE 6 50.99 62.01 -55.71
CA ASP KE 6 49.65 61.65 -55.29
C ASP KE 6 48.58 62.58 -55.85
N PHE KE 7 48.99 63.73 -56.36
CA PHE KE 7 48.04 64.73 -56.81
C PHE KE 7 48.59 65.50 -57.99
N VAL KE 8 47.68 66.04 -58.79
CA VAL KE 8 48.01 66.78 -60.00
C VAL KE 8 47.43 68.18 -59.89
N VAL KE 9 48.01 69.10 -60.66
CA VAL KE 9 47.61 70.50 -60.65
C VAL KE 9 47.26 70.89 -62.08
N ILE KE 10 46.02 71.29 -62.32
CA ILE KE 10 45.54 71.62 -63.65
C ILE KE 10 45.14 73.08 -63.67
N LYS KE 11 45.85 73.89 -64.45
CA LYS KE 11 45.49 75.28 -64.64
C LYS KE 11 44.77 75.38 -65.97
N ALA KE 12 43.50 75.79 -65.94
CA ALA KE 12 42.74 75.85 -67.18
C ALA KE 12 43.05 77.14 -67.93
N LEU KE 13 43.78 77.01 -69.02
CA LEU KE 13 44.19 78.16 -69.82
C LEU KE 13 43.10 78.68 -70.74
N GLU KE 14 42.01 77.93 -70.91
CA GLU KE 14 40.90 78.38 -71.73
C GLU KE 14 39.62 77.93 -71.07
N ASP KE 15 38.50 78.47 -71.53
CA ASP KE 15 37.23 78.18 -70.92
C ASP KE 15 36.75 76.78 -71.27
N GLY KE 16 35.88 76.23 -70.42
CA GLY KE 16 35.25 74.97 -70.70
C GLY KE 16 36.16 73.77 -70.67
N VAL KE 17 37.22 73.79 -69.88
CA VAL KE 17 38.11 72.63 -69.82
C VAL KE 17 37.47 71.55 -68.98
N ASN KE 18 37.33 70.36 -69.55
CA ASN KE 18 36.67 69.25 -68.89
C ASN KE 18 37.71 68.40 -68.20
N VAL KE 19 37.37 67.89 -67.02
CA VAL KE 19 38.21 66.96 -66.27
C VAL KE 19 37.33 65.79 -65.89
N ILE KE 20 37.68 64.59 -66.34
CA ILE KE 20 36.84 63.43 -66.22
C ILE KE 20 37.45 62.48 -65.20
N GLY KE 21 36.69 62.13 -64.18
CA GLY KE 21 37.15 61.21 -63.16
C GLY KE 21 36.97 61.75 -61.76
N SER KE 33 32.57 64.10 -63.69
CA SER KE 33 33.01 65.14 -64.61
C SER KE 33 32.96 66.51 -63.97
N GLU KE 34 33.96 67.34 -64.26
CA GLU KE 34 34.02 68.71 -63.77
C GLU KE 34 34.38 69.64 -64.91
N CYS KE 35 33.94 70.89 -64.84
CA CYS KE 35 34.26 71.88 -65.85
C CYS KE 35 34.97 73.05 -65.20
N LEU KE 36 35.97 73.60 -65.89
CA LEU KE 36 36.75 74.72 -65.40
C LEU KE 36 36.71 75.85 -66.41
N ASP KE 37 36.72 77.07 -65.89
CA ASP KE 37 36.82 78.26 -66.71
C ASP KE 37 38.27 78.73 -66.78
N LYS KE 38 38.50 79.78 -67.56
CA LYS KE 38 39.86 80.26 -67.78
C LYS KE 38 40.41 80.92 -66.52
N GLY KE 39 41.60 80.47 -66.11
CA GLY KE 39 42.28 81.02 -64.97
C GLY KE 39 42.11 80.24 -63.69
N GLU KE 40 41.16 79.32 -63.65
CA GLU KE 40 41.00 78.50 -62.47
C GLU KE 40 42.09 77.43 -62.41
N VAL KE 41 42.29 76.90 -61.22
CA VAL KE 41 43.29 75.86 -60.97
C VAL KE 41 42.64 74.80 -60.10
N LEU KE 42 42.68 73.56 -60.56
CA LEU KE 42 42.14 72.44 -59.81
C LEU KE 42 43.29 71.56 -59.36
N ILE KE 43 43.37 71.32 -58.06
CA ILE KE 43 44.34 70.39 -57.50
C ILE KE 43 43.60 69.12 -57.14
N ALA KE 44 43.93 68.03 -57.80
CA ALA KE 44 43.14 66.81 -57.69
C ALA KE 44 44.00 65.68 -57.15
N GLN KE 45 43.52 65.03 -56.10
CA GLN KE 45 44.17 63.86 -55.55
C GLN KE 45 43.52 62.60 -56.09
N PHE KE 46 44.28 61.51 -56.10
CA PHE KE 46 43.75 60.24 -56.55
C PHE KE 46 43.13 59.47 -55.40
N THR KE 47 41.83 59.20 -55.52
CA THR KE 47 41.15 58.38 -54.55
C THR KE 47 41.24 56.93 -54.98
N GLU KE 48 40.48 56.07 -54.31
CA GLU KE 48 40.32 54.71 -54.81
C GLU KE 48 39.47 54.70 -56.06
N HIS KE 49 38.40 55.50 -56.07
CA HIS KE 49 37.51 55.61 -57.22
C HIS KE 49 38.18 56.23 -58.42
N THR KE 50 38.70 57.45 -58.28
CA THR KE 50 39.36 58.16 -59.36
C THR KE 50 40.71 57.51 -59.59
N SER KE 51 40.76 56.58 -60.53
CA SER KE 51 41.99 55.92 -60.91
C SER KE 51 42.52 56.39 -62.25
N ALA KE 52 41.78 57.25 -62.93
CA ALA KE 52 42.21 57.77 -64.22
C ALA KE 52 41.57 59.14 -64.42
N ILE KE 53 42.35 60.07 -64.95
CA ILE KE 53 41.90 61.44 -65.15
C ILE KE 53 42.18 61.83 -66.59
N LYS KE 54 41.14 62.24 -67.29
CA LYS KE 54 41.25 62.67 -68.68
C LYS KE 54 41.00 64.17 -68.74
N VAL KE 55 41.82 64.88 -69.49
CA VAL KE 55 41.77 66.33 -69.57
C VAL KE 55 41.56 66.72 -71.03
N ARG KE 56 40.52 67.50 -71.30
CA ARG KE 56 40.23 68.01 -72.63
C ARG KE 56 40.54 69.49 -72.68
N GLY KE 57 40.66 70.03 -73.87
CA GLY KE 57 40.85 71.45 -74.06
C GLY KE 57 42.25 71.89 -73.69
N LYS KE 58 42.46 73.20 -73.78
CA LYS KE 58 43.78 73.77 -73.51
C LYS KE 58 43.96 73.96 -72.02
N ALA KE 59 44.90 73.23 -71.44
CA ALA KE 59 45.17 73.31 -70.02
C ALA KE 59 46.64 73.02 -69.77
N TYR KE 60 47.11 73.43 -68.61
CA TYR KE 60 48.51 73.31 -68.23
C TYR KE 60 48.60 72.46 -66.98
N ILE KE 61 49.20 71.28 -67.08
CA ILE KE 61 49.18 70.29 -66.03
C ILE KE 61 50.57 70.16 -65.43
N GLN KE 62 50.63 70.16 -64.10
CA GLN KE 62 51.83 69.83 -63.36
C GLN KE 62 51.59 68.55 -62.59
N THR KE 63 52.43 67.55 -62.82
CA THR KE 63 52.41 66.31 -62.06
C THR KE 63 53.75 66.16 -61.36
N SER KE 64 53.95 64.99 -60.76
CA SER KE 64 55.25 64.69 -60.16
C SER KE 64 56.31 64.48 -61.24
N HIS KE 65 55.91 63.97 -62.39
CA HIS KE 65 56.83 63.70 -63.49
C HIS KE 65 57.21 64.95 -64.26
N GLY KE 66 56.58 66.09 -63.99
CA GLY KE 66 56.90 67.31 -64.68
C GLY KE 66 55.63 67.99 -65.14
N VAL KE 67 55.77 68.85 -66.16
CA VAL KE 67 54.66 69.63 -66.67
C VAL KE 67 54.34 69.16 -68.08
N ILE KE 68 53.13 69.49 -68.51
CA ILE KE 68 52.63 69.11 -69.82
C ILE KE 68 51.51 70.07 -70.18
N GLU KE 69 51.18 70.15 -71.46
CA GLU KE 69 50.20 71.11 -71.95
C GLU KE 69 49.17 70.41 -72.83
N SER KE 70 48.00 70.15 -72.27
CA SER KE 70 46.94 69.54 -73.03
C SER KE 70 46.27 70.57 -73.92
N GLU KE 71 45.80 70.12 -75.08
CA GLU KE 71 45.12 71.01 -76.02
C GLU KE 71 43.76 70.48 -76.42
N ASP LE 6 51.65 66.57 -49.34
CA ASP LE 6 50.43 66.34 -48.58
C ASP LE 6 49.60 67.59 -48.37
N PHE LE 7 50.19 68.75 -48.63
CA PHE LE 7 49.51 70.01 -48.35
C PHE LE 7 49.93 71.07 -49.36
N VAL LE 8 49.05 72.04 -49.53
CA VAL LE 8 49.24 73.13 -50.48
C VAL LE 8 49.19 74.45 -49.74
N VAL LE 9 49.80 75.47 -50.34
CA VAL LE 9 49.86 76.80 -49.75
C VAL LE 9 49.28 77.79 -50.75
N ILE LE 10 48.21 78.47 -50.36
CA ILE LE 10 47.52 79.39 -51.25
C ILE LE 10 47.61 80.78 -50.66
N LYS LE 11 48.28 81.69 -51.35
CA LYS LE 11 48.34 83.08 -50.95
C LYS LE 11 47.35 83.85 -51.82
N ALA LE 12 46.34 84.43 -51.19
CA ALA LE 12 45.32 85.13 -51.96
C ALA LE 12 45.81 86.52 -52.33
N LEU LE 13 46.13 86.72 -53.61
CA LEU LE 13 46.65 87.98 -54.09
C LEU LE 13 45.56 89.01 -54.34
N GLU LE 14 44.29 88.62 -54.30
CA GLU LE 14 43.20 89.57 -54.47
C GLU LE 14 42.06 89.12 -53.55
N ASP LE 15 41.09 90.01 -53.38
CA ASP LE 15 40.01 89.74 -52.45
C ASP LE 15 39.04 88.72 -53.02
N GLY LE 16 38.32 88.06 -52.13
CA GLY LE 16 37.27 87.14 -52.52
C GLY LE 16 37.72 85.88 -53.22
N VAL LE 17 38.91 85.39 -52.91
CA VAL LE 17 39.38 84.17 -53.56
C VAL LE 17 38.69 82.97 -52.92
N ASN LE 18 38.03 82.17 -53.74
CA ASN LE 18 37.27 81.02 -53.26
C ASN LE 18 38.15 79.78 -53.31
N VAL LE 19 38.00 78.92 -52.31
CA VAL LE 19 38.68 77.64 -52.26
C VAL LE 19 37.61 76.60 -51.96
N ILE LE 20 37.43 75.64 -52.87
CA ILE LE 20 36.33 74.70 -52.80
C ILE LE 20 36.87 73.32 -52.44
N GLY LE 21 36.35 72.75 -51.36
CA GLY LE 21 36.77 71.43 -50.94
C GLY LE 21 37.16 71.38 -49.48
N SER LE 33 33.37 75.10 -48.80
CA SER LE 33 33.84 76.31 -49.45
C SER LE 33 34.40 77.29 -48.44
N GLU LE 34 35.48 77.98 -48.80
CA GLU LE 34 36.10 78.99 -47.97
C GLU LE 34 36.41 80.21 -48.82
N CYS LE 35 36.42 81.38 -48.19
CA CYS LE 35 36.74 82.62 -48.88
C CYS LE 35 37.93 83.28 -48.22
N LEU LE 36 38.82 83.85 -49.02
CA LEU LE 36 40.01 84.52 -48.53
C LEU LE 36 40.06 85.95 -49.04
N ASP LE 37 40.59 86.84 -48.22
CA ASP LE 37 40.82 88.22 -48.60
C ASP LE 37 42.27 88.39 -49.05
N LYS LE 38 42.60 89.60 -49.49
CA LYS LE 38 43.92 89.86 -50.04
C LYS LE 38 44.98 89.84 -48.95
N GLY LE 39 46.02 89.06 -49.17
CA GLY LE 39 47.13 88.97 -48.25
C GLY LE 39 47.08 87.78 -47.32
N GLU LE 40 45.94 87.12 -47.22
CA GLU LE 40 45.87 85.94 -46.37
C GLU LE 40 46.53 84.76 -47.06
N VAL LE 41 46.88 83.76 -46.27
CA VAL LE 41 47.53 82.54 -46.74
C VAL LE 41 46.85 81.37 -46.07
N LEU LE 42 46.37 80.43 -46.87
CA LEU LE 42 45.74 79.23 -46.37
C LEU LE 42 46.63 78.04 -46.68
N ILE LE 43 46.99 77.29 -45.65
CA ILE LE 43 47.75 76.05 -45.80
C ILE LE 43 46.77 74.91 -45.60
N ALA LE 44 46.54 74.14 -46.65
CA ALA LE 44 45.48 73.13 -46.65
C ALA LE 44 46.05 71.75 -46.84
N GLN LE 45 45.71 70.83 -45.95
CA GLN LE 45 46.08 69.44 -46.08
C GLN LE 45 44.94 68.65 -46.70
N PHE LE 46 45.28 67.54 -47.33
CA PHE LE 46 44.29 66.68 -47.93
C PHE LE 46 43.80 65.64 -46.93
N THR LE 47 42.50 65.69 -46.63
CA THR LE 47 41.88 64.69 -45.78
C THR LE 47 41.41 63.54 -46.65
N GLU LE 48 40.63 62.65 -46.05
CA GLU LE 48 39.92 61.66 -46.85
C GLU LE 48 38.80 62.31 -47.63
N HIS LE 49 38.07 63.23 -46.99
CA HIS LE 49 36.98 63.95 -47.63
C HIS LE 49 37.45 64.89 -48.73
N THR LE 50 38.34 65.81 -48.42
CA THR LE 50 38.87 66.76 -49.39
C THR LE 50 39.83 66.02 -50.30
N SER LE 51 39.32 65.55 -51.43
CA SER LE 51 40.13 64.87 -52.42
C SER LE 51 40.39 65.73 -53.65
N ALA LE 52 39.80 66.92 -53.70
CA ALA LE 52 40.00 67.83 -54.83
C ALA LE 52 39.79 69.24 -54.33
N ILE LE 53 40.64 70.15 -54.80
CA ILE LE 53 40.61 71.54 -54.37
C ILE LE 53 40.59 72.41 -55.61
N LYS LE 54 39.58 73.26 -55.72
CA LYS LE 54 39.43 74.18 -56.83
C LYS LE 54 39.65 75.59 -56.33
N VAL LE 55 40.42 76.37 -57.08
CA VAL LE 55 40.79 77.73 -56.67
C VAL LE 55 40.34 78.70 -57.74
N ARG LE 56 39.55 79.69 -57.35
CA ARG LE 56 39.09 80.74 -58.24
C ARG LE 56 39.81 82.03 -57.94
N GLY LE 57 39.76 82.98 -58.86
CA GLY LE 57 40.33 84.29 -58.65
C GLY LE 57 41.84 84.27 -58.71
N LYS LE 58 42.42 85.43 -58.46
CA LYS LE 58 43.86 85.60 -58.54
C LYS LE 58 44.50 85.13 -57.24
N ALA LE 59 45.29 84.08 -57.32
CA ALA LE 59 45.95 83.52 -56.15
C ALA LE 59 47.27 82.90 -56.57
N TYR LE 60 48.14 82.70 -55.60
CA TYR LE 60 49.48 82.18 -55.83
C TYR LE 60 49.65 80.90 -55.03
N ILE LE 61 49.79 79.77 -55.72
CA ILE LE 61 49.75 78.46 -55.10
C ILE LE 61 51.14 77.84 -55.13
N GLN LE 62 51.56 77.31 -54.00
CA GLN LE 62 52.76 76.49 -53.90
C GLN LE 62 52.34 75.07 -53.54
N THR LE 63 52.74 74.11 -54.36
CA THR LE 63 52.54 72.70 -54.08
C THR LE 63 53.91 72.03 -54.01
N SER LE 64 53.89 70.70 -53.91
CA SER LE 64 55.13 69.95 -53.98
C SER LE 64 55.73 69.99 -55.38
N HIS LE 65 54.89 70.08 -56.40
CA HIS LE 65 55.35 70.10 -57.78
C HIS LE 65 55.88 71.47 -58.21
N GLY LE 66 55.73 72.50 -57.38
CA GLY LE 66 56.21 73.81 -57.72
C GLY LE 66 55.14 74.84 -57.44
N VAL LE 67 55.26 75.99 -58.11
CA VAL LE 67 54.35 77.10 -57.91
C VAL LE 67 53.52 77.30 -59.16
N ILE LE 68 52.40 78.00 -58.99
CA ILE LE 68 51.47 78.28 -60.07
C ILE LE 68 50.65 79.49 -59.66
N GLU LE 69 50.03 80.14 -60.64
CA GLU LE 69 49.30 81.38 -60.39
C GLU LE 69 47.91 81.30 -60.99
N SER LE 70 46.92 81.06 -60.15
CA SER LE 70 45.54 81.01 -60.61
C SER LE 70 45.01 82.42 -60.83
N GLU LE 71 44.13 82.57 -61.81
CA GLU LE 71 43.54 83.87 -62.08
C GLU LE 71 42.02 83.81 -62.11
N ASP ME 6 55.31 67.86 -42.48
CA ASP ME 6 54.35 67.60 -41.42
C ASP ME 6 54.07 68.82 -40.56
N PHE ME 7 54.91 69.85 -40.67
CA PHE ME 7 54.78 70.99 -39.80
C PHE ME 7 55.23 72.25 -40.53
N VAL ME 8 54.70 73.38 -40.06
CA VAL ME 8 54.96 74.68 -40.65
C VAL ME 8 55.56 75.59 -39.60
N VAL ME 9 56.26 76.62 -40.05
CA VAL ME 9 56.92 77.57 -39.16
C VAL ME 9 56.46 78.97 -39.53
N ILE ME 10 55.81 79.65 -38.59
CA ILE ME 10 55.23 80.97 -38.83
C ILE ME 10 55.93 81.97 -37.94
N LYS ME 11 56.65 82.91 -38.54
CA LYS ME 11 57.26 84.00 -37.81
C LYS ME 11 56.38 85.22 -37.95
N ALA ME 12 55.83 85.71 -36.85
CA ALA ME 12 54.92 86.85 -36.95
C ALA ME 12 55.71 88.14 -37.05
N LEU ME 13 55.71 88.74 -38.23
CA LEU ME 13 56.45 89.97 -38.48
C LEU ME 13 55.75 91.21 -37.99
N GLU ME 14 54.48 91.10 -37.59
CA GLU ME 14 53.75 92.23 -37.05
C GLU ME 14 52.84 91.72 -35.94
N ASP ME 15 52.31 92.64 -35.16
CA ASP ME 15 51.50 92.26 -34.02
C ASP ME 15 50.12 91.77 -34.45
N GLY ME 16 49.51 90.98 -33.59
CA GLY ME 16 48.15 90.52 -33.81
C GLY ME 16 47.96 89.57 -34.96
N VAL ME 17 48.96 88.76 -35.29
CA VAL ME 17 48.79 87.82 -36.39
C VAL ME 17 47.97 86.63 -35.92
N ASN ME 18 46.88 86.37 -36.63
CA ASN ME 18 45.95 85.31 -36.26
C ASN ME 18 46.32 84.04 -36.99
N VAL ME 19 46.19 82.91 -36.31
CA VAL ME 19 46.39 81.59 -36.90
C VAL ME 19 45.18 80.76 -36.55
N ILE ME 20 44.45 80.29 -37.55
CA ILE ME 20 43.16 79.64 -37.35
C ILE ME 20 43.30 78.17 -37.65
N GLY ME 21 42.95 77.34 -36.68
CA GLY ME 21 43.01 75.89 -36.85
C GLY ME 21 43.76 75.20 -35.73
N SER ME 33 41.73 79.05 -32.61
CA SER ME 33 42.37 80.30 -33.00
C SER ME 33 43.48 80.68 -32.03
N GLU ME 34 44.58 81.21 -32.56
CA GLU ME 34 45.70 81.67 -31.77
C GLU ME 34 46.15 83.03 -32.27
N CYS ME 35 46.71 83.84 -31.37
CA CYS ME 35 47.20 85.15 -31.74
C CYS ME 35 48.69 85.24 -31.41
N LEU ME 36 49.45 85.89 -32.29
CA LEU ME 36 50.89 86.05 -32.11
C LEU ME 36 51.25 87.52 -32.16
N ASP ME 37 52.25 87.89 -31.38
CA ASP ME 37 52.81 89.24 -31.39
C ASP ME 37 54.04 89.26 -32.28
N LYS ME 38 54.61 90.45 -32.44
CA LYS ME 38 55.73 90.64 -33.34
C LYS ME 38 56.99 89.98 -32.78
N GLY ME 39 57.62 89.15 -33.61
CA GLY ME 39 58.85 88.49 -33.24
C GLY ME 39 58.68 87.07 -32.76
N GLU ME 40 57.46 86.66 -32.43
CA GLU ME 40 57.24 85.29 -32.01
C GLU ME 40 57.26 84.35 -33.21
N VAL ME 41 57.48 83.08 -32.93
CA VAL ME 41 57.54 82.04 -33.96
C VAL ME 41 56.73 80.86 -33.45
N LEU ME 42 55.76 80.44 -34.25
CA LEU ME 42 54.94 79.29 -33.93
C LEU ME 42 55.27 78.16 -34.89
N ILE ME 43 55.63 77.00 -34.34
CA ILE ME 43 55.87 75.80 -35.12
C ILE ME 43 54.67 74.90 -34.91
N ALA ME 44 53.92 74.65 -35.97
CA ALA ME 44 52.64 73.98 -35.86
C ALA ME 44 52.65 72.69 -36.67
N GLN ME 45 52.28 71.59 -36.01
CA GLN ME 45 52.14 70.32 -36.67
C GLN ME 45 50.66 70.08 -37.02
N PHE ME 46 50.44 69.25 -38.04
CA PHE ME 46 49.09 68.92 -38.43
C PHE ME 46 48.59 67.69 -37.67
N THR ME 47 47.51 67.89 -36.92
CA THR ME 47 46.87 66.79 -36.23
C THR ME 47 45.83 66.20 -37.16
N GLU ME 48 45.00 65.31 -36.59
CA GLU ME 48 43.81 64.88 -37.31
C GLU ME 48 42.79 66.00 -37.38
N HIS ME 49 42.61 66.73 -36.28
CA HIS ME 49 41.69 67.85 -36.22
C HIS ME 49 42.10 69.01 -37.09
N THR ME 50 43.30 69.55 -36.88
CA THR ME 50 43.82 70.66 -37.65
C THR ME 50 44.19 70.16 -39.03
N SER ME 51 43.26 70.28 -39.97
CA SER ME 51 43.50 69.89 -41.36
C SER ME 51 43.66 71.09 -42.27
N ALA ME 52 43.51 72.30 -41.75
CA ALA ME 52 43.67 73.51 -42.54
C ALA ME 52 44.08 74.63 -41.61
N ILE ME 53 45.02 75.45 -42.07
CA ILE ME 53 45.56 76.54 -41.28
C ILE ME 53 45.49 77.82 -42.10
N LYS ME 54 44.81 78.82 -41.57
CA LYS ME 54 44.67 80.11 -42.22
C LYS ME 54 45.47 81.14 -41.45
N VAL ME 55 46.22 81.98 -42.16
CA VAL ME 55 47.11 82.95 -41.55
C VAL ME 55 46.71 84.34 -42.03
N ARG ME 56 46.44 85.24 -41.10
CA ARG ME 56 46.11 86.62 -41.41
C ARG ME 56 47.27 87.51 -41.03
N GLY ME 57 47.28 88.73 -41.54
CA GLY ME 57 48.28 89.71 -41.19
C GLY ME 57 49.63 89.41 -41.82
N LYS ME 58 50.60 90.25 -41.47
CA LYS ME 58 51.93 90.13 -42.03
C LYS ME 58 52.71 89.07 -41.27
N ALA ME 59 53.06 87.98 -41.95
CA ALA ME 59 53.80 86.90 -41.33
C ALA ME 59 54.67 86.23 -42.39
N TYR ME 60 55.67 85.50 -41.92
CA TYR ME 60 56.64 84.84 -42.78
C TYR ME 60 56.59 83.36 -42.51
N ILE ME 61 56.17 82.58 -43.51
CA ILE ME 61 55.88 81.17 -43.33
C ILE ME 61 56.91 80.34 -44.06
N GLN ME 62 57.44 79.33 -43.39
CA GLN ME 62 58.28 78.31 -43.99
C GLN ME 62 57.55 76.98 -43.93
N THR ME 63 57.36 76.37 -45.08
CA THR ME 63 56.80 75.02 -45.18
C THR ME 63 57.83 74.11 -45.83
N SER ME 64 57.41 72.89 -46.14
CA SER ME 64 58.27 71.99 -46.88
C SER ME 64 58.43 72.44 -48.32
N HIS ME 65 57.42 73.09 -48.88
CA HIS ME 65 57.45 73.57 -50.25
C HIS ME 65 58.26 74.84 -50.43
N GLY ME 66 58.69 75.47 -49.34
CA GLY ME 66 59.45 76.69 -49.43
C GLY ME 66 58.92 77.72 -48.49
N VAL ME 67 59.21 78.99 -48.79
CA VAL ME 67 58.80 80.10 -47.93
C VAL ME 67 57.77 80.94 -48.66
N ILE ME 68 57.04 81.72 -47.88
CA ILE ME 68 55.99 82.59 -48.40
C ILE ME 68 55.75 83.68 -47.37
N GLU ME 69 55.13 84.77 -47.80
CA GLU ME 69 54.94 85.93 -46.96
C GLU ME 69 53.49 86.39 -46.98
N SER ME 70 52.75 86.05 -45.93
CA SER ME 70 51.36 86.47 -45.84
C SER ME 70 51.29 87.93 -45.41
N GLU ME 71 50.27 88.61 -45.90
CA GLU ME 71 50.08 90.01 -45.53
C GLU ME 71 48.68 90.28 -45.00
N ASP NE 6 -31.49 -72.71 56.97
CA ASP NE 6 -30.50 -72.32 55.98
C ASP NE 6 -29.54 -73.45 55.64
N PHE NE 7 -29.51 -74.49 56.46
CA PHE NE 7 -28.54 -75.55 56.28
C PHE NE 7 -29.13 -76.89 56.71
N VAL NE 8 -28.58 -77.96 56.14
CA VAL NE 8 -29.03 -79.31 56.40
C VAL NE 8 -27.87 -80.13 56.94
N VAL NE 9 -28.20 -81.21 57.63
CA VAL NE 9 -27.21 -82.09 58.23
C VAL NE 9 -27.46 -83.50 57.75
N ILE NE 10 -26.48 -84.07 57.06
CA ILE NE 10 -26.62 -85.39 56.45
C ILE NE 10 -25.61 -86.32 57.10
N LYS NE 11 -26.09 -87.33 57.82
CA LYS NE 11 -25.23 -88.36 58.38
C LYS NE 11 -25.29 -89.58 57.48
N ALA NE 12 -24.17 -89.94 56.87
CA ALA NE 12 -24.18 -91.06 55.95
C ALA NE 12 -24.13 -92.37 56.70
N LEU NE 13 -25.25 -93.09 56.73
CA LEU NE 13 -25.36 -94.34 57.45
C LEU NE 13 -24.76 -95.53 56.70
N GLU NE 14 -24.43 -95.36 55.42
CA GLU NE 14 -23.80 -96.41 54.65
C GLU NE 14 -22.79 -95.77 53.72
N ASP NE 15 -21.94 -96.61 53.13
CA ASP NE 15 -20.87 -96.09 52.31
C ASP NE 15 -21.39 -95.62 50.96
N GLY NE 16 -20.64 -94.73 50.32
CA GLY NE 16 -20.94 -94.27 48.99
C GLY NE 16 -22.19 -93.44 48.86
N VAL NE 17 -22.55 -92.68 49.89
CA VAL NE 17 -23.74 -91.85 49.79
C VAL NE 17 -23.42 -90.61 48.97
N ASN NE 18 -24.19 -90.39 47.91
CA ASN NE 18 -23.95 -89.28 47.00
C ASN NE 18 -24.79 -88.09 47.42
N VAL NE 19 -24.22 -86.90 47.30
CA VAL NE 19 -24.93 -85.65 47.55
C VAL NE 19 -24.70 -84.76 46.34
N ILE NE 20 -25.77 -84.37 45.66
CA ILE NE 20 -25.68 -83.69 44.39
C ILE NE 20 -26.11 -82.25 44.57
N GLY NE 21 -25.23 -81.32 44.20
CA GLY NE 21 -25.54 -79.91 44.31
C GLY NE 21 -24.47 -79.13 45.04
N SER NE 33 -21.07 -82.62 42.82
CA SER NE 33 -21.31 -83.91 43.44
C SER NE 33 -20.27 -84.21 44.51
N GLU NE 34 -20.72 -84.82 45.61
CA GLU NE 34 -19.84 -85.21 46.70
C GLU NE 34 -20.20 -86.63 47.13
N CYS NE 35 -19.21 -87.36 47.63
CA CYS NE 35 -19.43 -88.72 48.11
C CYS NE 35 -19.04 -88.80 49.58
N LEU NE 36 -19.83 -89.55 50.35
CA LEU NE 36 -19.59 -89.72 51.78
C LEU NE 36 -19.48 -91.20 52.10
N ASP NE 37 -18.63 -91.51 53.07
CA ASP NE 37 -18.50 -92.85 53.60
C ASP NE 37 -19.34 -93.00 54.86
N LYS NE 38 -19.36 -94.21 55.40
CA LYS NE 38 -20.20 -94.50 56.55
C LYS NE 38 -19.67 -93.82 57.80
N GLY NE 39 -20.54 -93.08 58.48
CA GLY NE 39 -20.21 -92.42 59.71
C GLY NE 39 -19.86 -90.95 59.56
N GLU NE 40 -19.62 -90.49 58.34
CA GLU NE 40 -19.34 -89.08 58.14
C GLU NE 40 -20.62 -88.28 58.23
N VAL NE 41 -20.47 -86.97 58.46
CA VAL NE 41 -21.57 -86.04 58.57
C VAL NE 41 -21.22 -84.81 57.78
N LEU NE 42 -22.09 -84.44 56.85
CA LEU NE 42 -21.90 -83.24 56.05
C LEU NE 42 -22.95 -82.22 56.43
N ILE NE 43 -22.50 -81.03 56.81
CA ILE NE 43 -23.39 -79.91 57.09
C ILE NE 43 -23.31 -78.98 55.91
N ALA NE 44 -24.42 -78.81 55.20
CA ALA NE 44 -24.41 -78.10 53.93
C ALA NE 44 -25.33 -76.90 54.00
N GLN NE 45 -24.80 -75.73 53.64
CA GLN NE 45 -25.59 -74.53 53.54
C GLN NE 45 -26.01 -74.29 52.10
N PHE NE 46 -27.10 -73.56 51.92
CA PHE NE 46 -27.57 -73.24 50.59
C PHE NE 46 -26.96 -71.94 50.10
N THR NE 47 -26.23 -72.04 49.00
CA THR NE 47 -25.66 -70.86 48.36
C THR NE 47 -26.68 -70.35 47.36
N GLU NE 48 -26.23 -69.40 46.53
CA GLU NE 48 -27.03 -69.01 45.38
C GLU NE 48 -27.02 -70.11 44.33
N HIS NE 49 -25.87 -70.73 44.10
CA HIS NE 49 -25.73 -71.81 43.15
C HIS NE 49 -26.48 -73.06 43.56
N THR NE 50 -26.17 -73.59 44.75
CA THR NE 50 -26.81 -74.80 45.26
C THR NE 50 -28.22 -74.43 45.69
N SER NE 51 -29.17 -74.62 44.79
CA SER NE 51 -30.57 -74.37 45.07
C SER NE 51 -31.37 -75.66 45.24
N ALA NE 52 -30.74 -76.81 45.04
CA ALA NE 52 -31.41 -78.09 45.20
C ALA NE 52 -30.37 -79.12 45.56
N ILE NE 53 -30.72 -80.01 46.48
CA ILE NE 53 -29.80 -81.03 46.97
C ILE NE 53 -30.50 -82.37 46.89
N LYS NE 54 -29.89 -83.31 46.19
CA LYS NE 54 -30.42 -84.66 46.04
C LYS NE 54 -29.53 -85.63 46.78
N VAL NE 55 -30.13 -86.54 47.53
CA VAL NE 55 -29.40 -87.46 48.38
C VAL NE 55 -29.76 -88.88 47.97
N ARG NE 56 -28.76 -89.68 47.64
CA ARG NE 56 -28.94 -91.08 47.29
C ARG NE 56 -28.44 -91.96 48.42
N GLY NE 57 -28.83 -93.22 48.41
CA GLY NE 57 -28.35 -94.18 49.38
C GLY NE 57 -28.96 -93.97 50.75
N LYS NE 58 -28.51 -94.78 51.69
CA LYS NE 58 -29.03 -94.75 53.04
C LYS NE 58 -28.35 -93.65 53.83
N ALA NE 59 -29.11 -92.64 54.21
CA ALA NE 59 -28.57 -91.51 54.97
C ALA NE 59 -29.66 -90.97 55.88
N TYR NE 60 -29.23 -90.22 56.88
CA TYR NE 60 -30.12 -89.67 57.89
C TYR NE 60 -30.00 -88.15 57.88
N ILE NE 61 -31.07 -87.48 57.51
CA ILE NE 61 -31.04 -86.05 57.24
C ILE NE 61 -31.81 -85.32 58.32
N GLN NE 62 -31.22 -84.26 58.85
CA GLN NE 62 -31.89 -83.31 59.73
C GLN NE 62 -31.97 -81.98 59.03
N THR NE 63 -33.19 -81.46 58.89
CA THR NE 63 -33.44 -80.12 58.37
C THR NE 63 -34.14 -79.31 59.44
N SER NE 64 -34.57 -78.11 59.06
CA SER NE 64 -35.37 -77.30 59.96
C SER NE 64 -36.76 -77.90 60.16
N HIS NE 65 -37.28 -78.58 59.15
CA HIS NE 65 -38.61 -79.18 59.23
C HIS NE 65 -38.63 -80.49 60.00
N GLY NE 66 -37.47 -81.01 60.38
CA GLY NE 66 -37.43 -82.24 61.12
C GLY NE 66 -36.40 -83.18 60.52
N VAL NE 67 -36.56 -84.47 60.79
CA VAL NE 67 -35.62 -85.48 60.34
C VAL NE 67 -36.31 -86.37 59.31
N ILE NE 68 -35.47 -87.06 58.53
CA ILE NE 68 -35.95 -87.95 57.48
C ILE NE 68 -34.83 -88.94 57.19
N GLU NE 69 -35.18 -90.05 56.56
CA GLU NE 69 -34.22 -91.12 56.31
C GLU NE 69 -34.25 -91.54 54.85
N SER NE 70 -33.27 -91.09 54.08
CA SER NE 70 -33.19 -91.47 52.69
C SER NE 70 -32.62 -92.87 52.57
N GLU NE 71 -33.08 -93.58 51.55
CA GLU NE 71 -32.58 -94.94 51.30
C GLU NE 71 -32.08 -95.12 49.89
N ASP OE 6 -26.54 -70.33 62.56
CA ASP OE 6 -25.41 -69.75 61.84
C ASP OE 6 -24.10 -70.45 62.15
N PHE OE 7 -24.06 -71.25 63.21
CA PHE OE 7 -22.82 -71.85 63.65
C PHE OE 7 -23.09 -73.22 64.25
N VAL OE 8 -22.06 -74.06 64.22
CA VAL OE 8 -22.13 -75.43 64.71
C VAL OE 8 -21.08 -75.62 65.78
N VAL OE 9 -21.29 -76.62 66.64
CA VAL OE 9 -20.40 -76.92 67.74
C VAL OE 9 -19.98 -78.37 67.63
N ILE OE 10 -18.69 -78.62 67.47
CA ILE OE 10 -18.17 -79.96 67.26
C ILE OE 10 -17.25 -80.30 68.43
N LYS OE 11 -17.64 -81.28 69.22
CA LYS OE 11 -16.79 -81.78 70.30
C LYS OE 11 -16.13 -83.05 69.80
N ALA OE 12 -14.80 -83.04 69.71
CA ALA OE 12 -14.11 -84.21 69.19
C ALA OE 12 -13.95 -85.25 70.29
N LEU OE 13 -14.70 -86.34 70.17
CA LEU OE 13 -14.69 -87.39 71.17
C LEU OE 13 -13.51 -88.35 71.00
N GLU OE 14 -12.78 -88.27 69.89
CA GLU OE 14 -11.61 -89.11 69.69
C GLU OE 14 -10.56 -88.27 68.97
N ASP OE 15 -9.35 -88.79 68.94
CA ASP OE 15 -8.25 -88.04 68.35
C ASP OE 15 -8.34 -88.03 66.83
N GLY OE 16 -7.70 -87.03 66.23
CA GLY OE 16 -7.60 -86.96 64.79
C GLY OE 16 -8.90 -86.71 64.05
N VAL OE 17 -9.84 -86.00 64.65
CA VAL OE 17 -11.09 -85.74 63.96
C VAL OE 17 -10.88 -84.62 62.95
N ASN OE 18 -11.21 -84.90 61.70
CA ASN OE 18 -10.99 -83.94 60.62
C ASN OE 18 -12.26 -83.13 60.40
N VAL OE 19 -12.08 -81.86 60.11
CA VAL OE 19 -13.18 -80.96 59.76
C VAL OE 19 -12.79 -80.26 58.47
N ILE OE 20 -13.58 -80.44 57.43
CA ILE OE 20 -13.22 -79.99 56.08
C ILE OE 20 -14.11 -78.83 55.70
N GLY OE 21 -13.50 -77.70 55.36
CA GLY OE 21 -14.24 -76.53 54.94
C GLY OE 21 -13.84 -75.28 55.71
N SER OE 33 -8.93 -77.45 55.73
CA SER OE 33 -8.99 -78.62 56.60
C SER OE 33 -8.41 -78.32 57.97
N GLU OE 34 -9.03 -78.85 59.01
CA GLU OE 34 -8.56 -78.69 60.39
C GLU OE 34 -8.60 -80.05 61.08
N CYS OE 35 -7.72 -80.24 62.05
CA CYS OE 35 -7.67 -81.47 62.82
C CYS OE 35 -7.88 -81.16 64.29
N LEU OE 36 -8.63 -82.02 64.98
CA LEU OE 36 -8.91 -81.85 66.39
C LEU OE 36 -8.49 -83.09 67.15
N ASP OE 37 -8.02 -82.89 68.38
CA ASP OE 37 -7.71 -83.97 69.29
C ASP OE 37 -8.88 -84.22 70.22
N LYS OE 38 -8.73 -85.24 71.07
CA LYS OE 38 -9.82 -85.65 71.94
C LYS OE 38 -10.05 -84.62 73.04
N GLY OE 39 -11.30 -84.19 73.18
CA GLY OE 39 -11.68 -83.26 74.20
C GLY OE 39 -11.78 -81.83 73.73
N GLU OE 40 -11.24 -81.50 72.56
CA GLU OE 40 -11.36 -80.15 72.06
C GLU OE 40 -12.75 -79.92 71.51
N VAL OE 41 -13.11 -78.65 71.40
CA VAL OE 41 -14.40 -78.22 70.89
C VAL OE 41 -14.17 -77.09 69.92
N LEU OE 42 -14.68 -77.24 68.70
CA LEU OE 42 -14.58 -76.22 67.68
C LEU OE 42 -15.96 -75.65 67.41
N ILE OE 43 -16.09 -74.33 67.54
CA ILE OE 43 -17.32 -73.63 67.21
C ILE OE 43 -17.08 -72.93 65.88
N ALA OE 44 -17.82 -73.34 64.86
CA ALA OE 44 -17.54 -72.90 63.50
C ALA OE 44 -18.74 -72.16 62.93
N GLN OE 45 -18.50 -70.97 62.42
CA GLN OE 45 -19.52 -70.19 61.75
C GLN OE 45 -19.40 -70.38 60.24
N PHE OE 46 -20.51 -70.18 59.54
CA PHE OE 46 -20.51 -70.30 58.10
C PHE OE 46 -20.18 -68.95 57.46
N THR OE 47 -19.09 -68.93 56.70
CA THR OE 47 -18.72 -67.75 55.94
C THR OE 47 -19.37 -67.84 54.58
N GLU OE 48 -18.96 -66.94 53.69
CA GLU OE 48 -19.33 -67.08 52.29
C GLU OE 48 -18.57 -68.25 51.66
N HIS OE 49 -17.30 -68.38 51.99
CA HIS OE 49 -16.47 -69.47 51.47
C HIS OE 49 -16.88 -70.83 51.99
N THR OE 50 -16.92 -71.00 53.31
CA THR OE 50 -17.29 -72.26 53.94
C THR OE 50 -18.80 -72.42 53.80
N SER OE 51 -19.23 -73.11 52.75
CA SER OE 51 -20.62 -73.39 52.53
C SER OE 51 -20.98 -74.83 52.81
N ALA OE 52 -20.01 -75.67 53.15
CA ALA OE 52 -20.25 -77.06 53.48
C ALA OE 52 -19.15 -77.53 54.41
N ILE OE 53 -19.54 -78.31 55.41
CA ILE OE 53 -18.62 -78.79 56.43
C ILE OE 53 -18.78 -80.30 56.53
N LYS OE 54 -17.69 -81.02 56.35
CA LYS OE 54 -17.68 -82.47 56.45
C LYS OE 54 -16.89 -82.87 57.68
N VAL OE 55 -17.42 -83.82 58.44
CA VAL OE 55 -16.82 -84.24 59.70
C VAL OE 55 -16.53 -85.72 59.63
N ARG OE 56 -15.29 -86.10 59.88
CA ARG OE 56 -14.88 -87.51 59.91
C ARG OE 56 -14.61 -87.91 61.35
N GLY OE 57 -14.56 -89.20 61.58
CA GLY OE 57 -14.22 -89.73 62.89
C GLY OE 57 -15.34 -89.56 63.89
N LYS OE 58 -15.05 -89.96 65.12
CA LYS OE 58 -16.04 -89.93 66.18
C LYS OE 58 -16.09 -88.53 66.78
N ALA OE 59 -17.23 -87.86 66.60
CA ALA OE 59 -17.40 -86.51 67.11
C ALA OE 59 -18.86 -86.30 67.46
N TYR OE 60 -19.11 -85.28 68.28
CA TYR OE 60 -20.44 -84.98 68.78
C TYR OE 60 -20.80 -83.56 68.35
N ILE OE 61 -21.81 -83.43 67.49
CA ILE OE 61 -22.11 -82.17 66.84
C ILE OE 61 -23.43 -81.64 67.38
N GLN OE 62 -23.45 -80.36 67.72
CA GLN OE 62 -24.66 -79.64 68.05
C GLN OE 62 -24.89 -78.57 66.99
N THR OE 63 -26.05 -78.61 66.36
CA THR OE 63 -26.47 -77.58 65.42
C THR OE 63 -27.74 -76.95 65.94
N SER OE 64 -28.34 -76.09 65.11
CA SER OE 64 -29.65 -75.53 65.45
C SER OE 64 -30.74 -76.58 65.39
N HIS OE 65 -30.59 -77.57 64.52
CA HIS OE 65 -31.58 -78.62 64.36
C HIS OE 65 -31.50 -79.69 65.44
N GLY OE 66 -30.48 -79.65 66.29
CA GLY OE 66 -30.34 -80.63 67.33
C GLY OE 66 -28.93 -81.16 67.38
N VAL OE 67 -28.77 -82.35 67.95
CA VAL OE 67 -27.47 -82.97 68.11
C VAL OE 67 -27.38 -84.21 67.24
N ILE OE 68 -26.16 -84.63 66.98
CA ILE OE 68 -25.88 -85.79 66.15
C ILE OE 68 -24.49 -86.29 66.51
N GLU OE 69 -24.20 -87.54 66.15
CA GLU OE 69 -22.94 -88.17 66.53
C GLU OE 69 -22.28 -88.79 65.32
N SER OE 70 -21.27 -88.12 64.79
CA SER OE 70 -20.54 -88.65 63.65
C SER OE 70 -19.56 -89.73 64.12
N GLU OE 71 -19.34 -90.72 63.27
CA GLU OE 71 -18.40 -91.78 63.60
C GLU OE 71 -17.35 -91.97 62.51
N ASP PE 6 -25.12 -65.29 68.36
CA ASP PE 6 -24.04 -64.43 67.90
C ASP PE 6 -22.81 -64.50 68.79
N PHE PE 7 -22.96 -65.05 69.99
CA PHE PE 7 -21.87 -65.05 70.95
C PHE PE 7 -21.92 -66.31 71.80
N VAL PE 8 -20.76 -66.67 72.33
CA VAL PE 8 -20.59 -67.86 73.14
C VAL PE 8 -20.04 -67.46 74.50
N VAL PE 9 -20.26 -68.33 75.48
CA VAL PE 9 -19.83 -68.08 76.86
C VAL PE 9 -18.98 -69.26 77.30
N ILE PE 10 -17.72 -68.99 77.63
CA ILE PE 10 -16.77 -70.04 78.00
C ILE PE 10 -16.34 -69.81 79.43
N LYS PE 11 -16.68 -70.74 80.32
CA LYS PE 11 -16.23 -70.70 81.69
C LYS PE 11 -15.06 -71.66 81.83
N ALA PE 12 -13.88 -71.14 82.14
CA ALA PE 12 -12.72 -72.00 82.23
C ALA PE 12 -12.69 -72.72 83.56
N LEU PE 13 -12.96 -74.03 83.54
CA LEU PE 13 -13.01 -74.83 84.74
C LEU PE 13 -11.64 -75.26 85.24
N GLU PE 14 -10.59 -75.06 84.44
CA GLU PE 14 -9.24 -75.38 84.86
C GLU PE 14 -8.31 -74.33 84.29
N ASP PE 15 -7.08 -74.32 84.80
CA ASP PE 15 -6.14 -73.29 84.40
C ASP PE 15 -5.61 -73.55 83.00
N GLY PE 16 -5.14 -72.48 82.37
CA GLY PE 16 -4.50 -72.58 81.08
C GLY PE 16 -5.39 -72.98 79.93
N VAL PE 17 -6.67 -72.62 79.97
CA VAL PE 17 -7.56 -72.97 78.87
C VAL PE 17 -7.32 -72.02 77.71
N ASN PE 18 -7.02 -72.58 76.55
CA ASN PE 18 -6.70 -71.80 75.37
C ASN PE 18 -7.95 -71.59 74.55
N VAL PE 19 -8.09 -70.40 73.97
CA VAL PE 19 -9.17 -70.08 73.06
C VAL PE 19 -8.54 -69.49 71.82
N ILE PE 20 -8.75 -70.11 70.67
CA ILE PE 20 -8.04 -69.76 69.45
C ILE PE 20 -9.02 -69.11 68.48
N GLY PE 21 -8.70 -67.90 68.05
CA GLY PE 21 -9.55 -67.19 67.11
C GLY PE 21 -9.88 -65.78 67.57
N SER PE 33 -4.99 -65.82 69.76
CA SER PE 33 -5.02 -66.76 70.86
C SER PE 33 -5.16 -66.06 72.20
N GLU PE 34 -5.95 -66.65 73.09
CA GLU PE 34 -6.14 -66.11 74.44
C GLU PE 34 -6.02 -67.25 75.44
N CYS PE 35 -5.59 -66.93 76.65
CA CYS PE 35 -5.48 -67.92 77.71
C CYS PE 35 -6.34 -67.50 78.89
N LEU PE 36 -6.98 -68.48 79.52
CA LEU PE 36 -7.85 -68.23 80.66
C LEU PE 36 -7.40 -69.07 81.84
N ASP PE 37 -7.55 -68.53 83.03
CA ASP PE 37 -7.31 -69.25 84.27
C ASP PE 37 -8.61 -69.79 84.82
N LYS PE 38 -8.50 -70.54 85.91
CA LYS PE 38 -9.66 -71.21 86.49
C LYS PE 38 -10.61 -70.21 87.11
N GLY PE 39 -11.88 -70.29 86.72
CA GLY PE 39 -12.92 -69.45 87.26
C GLY PE 39 -13.26 -68.25 86.39
N GLU PE 40 -12.43 -67.93 85.42
CA GLU PE 40 -12.75 -66.81 84.54
C GLU PE 40 -13.81 -67.24 83.53
N VAL PE 41 -14.47 -66.24 82.96
CA VAL PE 41 -15.52 -66.44 81.97
C VAL PE 41 -15.28 -65.47 80.83
N LEU PE 42 -15.18 -65.99 79.62
CA LEU PE 42 -15.01 -65.17 78.43
C LEU PE 42 -16.28 -65.23 77.60
N ILE PE 43 -16.84 -64.06 77.30
CA ILE PE 43 -17.99 -63.96 76.41
C ILE PE 43 -17.46 -63.44 75.09
N ALA PE 44 -17.57 -64.25 74.04
CA ALA PE 44 -16.93 -63.94 72.77
C ALA PE 44 -17.96 -63.83 71.67
N GLN PE 45 -17.93 -62.72 70.95
CA GLN PE 45 -18.78 -62.52 69.80
C GLN PE 45 -18.02 -62.86 68.52
N PHE PE 46 -18.76 -63.22 67.49
CA PHE PE 46 -18.15 -63.54 66.20
C PHE PE 46 -18.02 -62.30 65.35
N THR PE 47 -16.79 -61.94 65.01
CA THR PE 47 -16.53 -60.84 64.10
C THR PE 47 -16.52 -61.38 62.69
N GLU PE 48 -16.09 -60.54 61.75
CA GLU PE 48 -15.80 -61.02 60.41
C GLU PE 48 -14.55 -61.87 60.41
N HIS PE 49 -13.53 -61.45 61.15
CA HIS PE 49 -12.27 -62.17 61.25
C HIS PE 49 -12.42 -63.49 61.98
N THR PE 50 -12.93 -63.47 63.21
CA THR PE 50 -13.10 -64.67 64.01
C THR PE 50 -14.30 -65.42 63.46
N SER PE 51 -14.04 -66.37 62.58
CA SER PE 51 -15.07 -67.21 62.01
C SER PE 51 -15.04 -68.62 62.56
N ALA PE 52 -14.08 -68.94 63.42
CA ALA PE 52 -13.98 -70.25 64.03
C ALA PE 52 -13.26 -70.12 65.36
N ILE PE 53 -13.76 -70.82 66.35
CA ILE PE 53 -13.22 -70.75 67.71
C ILE PE 53 -12.92 -72.17 68.18
N LYS PE 54 -11.69 -72.42 68.57
CA LYS PE 54 -11.26 -73.72 69.07
C LYS PE 54 -10.95 -73.59 70.55
N VAL PE 55 -11.41 -74.55 71.34
CA VAL PE 55 -11.27 -74.50 72.79
C VAL PE 55 -10.53 -75.75 73.24
N ARG PE 56 -9.43 -75.56 73.97
CA ARG PE 56 -8.67 -76.67 74.52
C ARG PE 56 -8.88 -76.71 76.02
N GLY PE 57 -8.52 -77.84 76.62
CA GLY PE 57 -8.59 -77.98 78.06
C GLY PE 57 -10.01 -78.12 78.57
N LYS PE 58 -10.12 -78.20 79.88
CA LYS PE 58 -11.42 -78.40 80.51
C LYS PE 58 -12.13 -77.07 80.64
N ALA PE 59 -13.25 -76.93 79.95
CA ALA PE 59 -14.01 -75.69 79.96
C ALA PE 59 -15.49 -76.03 79.76
N TYR PE 60 -16.34 -75.09 80.13
CA TYR PE 60 -17.78 -75.26 80.07
C TYR PE 60 -18.36 -74.18 79.17
N ILE PE 61 -18.93 -74.58 78.04
CA ILE PE 61 -19.33 -73.66 77.00
C ILE PE 61 -20.84 -73.62 76.92
N GLN PE 62 -21.39 -72.41 76.86
CA GLN PE 62 -22.79 -72.19 76.56
C GLN PE 62 -22.89 -71.46 75.23
N THR PE 63 -23.64 -72.05 74.30
CA THR PE 63 -23.94 -71.43 73.03
C THR PE 63 -25.45 -71.28 72.92
N SER PE 64 -25.90 -70.86 71.73
CA SER PE 64 -27.33 -70.81 71.47
C SER PE 64 -27.92 -72.20 71.38
N HIS PE 65 -27.14 -73.17 70.91
CA HIS PE 65 -27.61 -74.54 70.75
C HIS PE 65 -27.63 -75.31 72.06
N GLY PE 66 -27.11 -74.75 73.14
CA GLY PE 66 -27.10 -75.43 74.41
C GLY PE 66 -25.73 -75.35 75.04
N VAL PE 67 -25.46 -76.29 75.95
CA VAL PE 67 -24.21 -76.31 76.69
C VAL PE 67 -23.41 -77.53 76.27
N ILE PE 68 -22.11 -77.46 76.55
CA ILE PE 68 -21.17 -78.53 76.20
C ILE PE 68 -19.96 -78.39 77.11
N GLU PE 69 -19.18 -79.44 77.24
CA GLU PE 69 -18.06 -79.47 78.15
C GLU PE 69 -16.80 -79.95 77.44
N SER PE 70 -15.93 -79.02 77.08
CA SER PE 70 -14.68 -79.39 76.45
C SER PE 70 -13.70 -79.90 77.48
N GLU PE 71 -12.85 -80.84 77.06
CA GLU PE 71 -11.85 -81.39 77.96
C GLU PE 71 -10.45 -81.32 77.36
N ASP QE 6 -27.69 -59.17 72.91
CA ASP QE 6 -26.85 -58.02 72.60
C ASP QE 6 -26.11 -57.47 73.81
N PHE QE 7 -26.54 -57.87 75.01
CA PHE QE 7 -25.97 -57.31 76.22
C PHE QE 7 -25.95 -58.35 77.32
N VAL QE 8 -25.04 -58.15 78.26
CA VAL QE 8 -24.84 -59.07 79.38
C VAL QE 8 -25.02 -58.31 80.68
N VAL QE 9 -25.33 -59.04 81.74
CA VAL QE 9 -25.57 -58.46 83.06
C VAL QE 9 -24.63 -59.14 84.05
N ILE QE 10 -23.76 -58.35 84.66
CA ILE QE 10 -22.75 -58.88 85.58
C ILE QE 10 -23.01 -58.31 86.96
N LYS QE 11 -23.36 -59.17 87.91
CA LYS QE 11 -23.51 -58.76 89.30
C LYS QE 11 -22.25 -59.16 90.03
N ALA QE 12 -21.52 -58.18 90.55
CA ALA QE 12 -20.28 -58.50 91.24
C ALA QE 12 -20.55 -58.96 92.65
N LEU QE 13 -20.35 -60.25 92.90
CA LEU QE 13 -20.61 -60.84 94.20
C LEU QE 13 -19.49 -60.63 95.18
N GLU QE 14 -18.34 -60.14 94.74
CA GLU QE 14 -17.22 -59.84 95.64
C GLU QE 14 -16.53 -58.60 95.13
N ASP QE 15 -15.68 -58.03 95.96
CA ASP QE 15 -15.03 -56.79 95.62
C ASP QE 15 -13.94 -56.99 94.57
N GLY QE 16 -13.62 -55.92 93.86
CA GLY QE 16 -12.53 -55.94 92.91
C GLY QE 16 -12.73 -56.81 91.70
N VAL QE 17 -13.97 -56.98 91.23
CA VAL QE 17 -14.20 -57.80 90.05
C VAL QE 17 -13.84 -57.00 88.82
N ASN QE 18 -12.94 -57.55 88.00
CA ASN QE 18 -12.45 -56.87 86.82
C ASN QE 18 -13.28 -57.29 85.62
N VAL QE 19 -13.55 -56.34 84.73
CA VAL QE 19 -14.23 -56.59 83.47
C VAL QE 19 -13.38 -55.98 82.38
N ILE QE 20 -12.92 -56.78 81.44
CA ILE QE 20 -11.95 -56.35 80.45
C ILE QE 20 -12.62 -56.28 79.09
N GLY QE 21 -12.56 -55.11 78.46
CA GLY QE 21 -13.14 -54.93 77.15
C GLY QE 21 -14.06 -53.72 77.08
N SER QE 33 -10.68 -51.52 80.61
CA SER QE 33 -10.83 -52.25 81.87
C SER QE 33 -11.70 -51.48 82.85
N GLU QE 34 -12.55 -52.20 83.57
CA GLU QE 34 -13.41 -51.61 84.60
C GLU QE 34 -13.34 -52.46 85.85
N CYS QE 35 -13.54 -51.83 87.00
CA CYS QE 35 -13.54 -52.55 88.28
C CYS QE 35 -14.88 -52.34 88.97
N LEU QE 36 -15.38 -53.40 89.60
CA LEU QE 36 -16.65 -53.36 90.30
C LEU QE 36 -16.46 -53.79 91.74
N ASP QE 37 -17.23 -53.19 92.63
CA ASP QE 37 -17.26 -53.58 94.03
C ASP QE 37 -18.43 -54.53 94.27
N LYS QE 38 -18.53 -55.01 95.50
CA LYS QE 38 -19.55 -56.00 95.84
C LYS QE 38 -20.94 -55.38 95.85
N GLY QE 39 -21.85 -56.00 95.12
CA GLY QE 39 -23.22 -55.56 95.05
C GLY QE 39 -23.56 -54.73 93.84
N GLU QE 40 -22.56 -54.24 93.13
CA GLU QE 40 -22.85 -53.48 91.92
C GLU QE 40 -23.24 -54.41 90.79
N VAL QE 41 -23.89 -53.84 89.78
CA VAL QE 41 -24.35 -54.57 88.61
C VAL QE 41 -24.01 -53.74 87.39
N LEU QE 42 -23.30 -54.35 86.45
CA LEU QE 42 -22.93 -53.69 85.21
C LEU QE 42 -23.68 -54.37 84.07
N ILE QE 43 -24.41 -53.58 83.30
CA ILE QE 43 -25.09 -54.06 82.11
C ILE QE 43 -24.29 -53.55 80.93
N ALA QE 44 -23.72 -54.47 80.16
CA ALA QE 44 -22.77 -54.10 79.12
C ALA QE 44 -23.27 -54.57 77.77
N GLN QE 45 -23.30 -53.64 76.82
CA GLN QE 45 -23.65 -53.95 75.45
C GLN QE 45 -22.39 -54.14 74.62
N PHE QE 46 -22.51 -54.91 73.54
CA PHE QE 46 -21.38 -55.12 72.66
C PHE QE 46 -21.33 -54.05 71.57
N THR QE 47 -20.25 -53.29 71.55
CA THR QE 47 -20.02 -52.32 70.51
C THR QE 47 -19.29 -52.99 69.36
N GLU QE 48 -18.82 -52.18 68.42
CA GLU QE 48 -17.89 -52.69 67.43
C GLU QE 48 -16.53 -52.97 68.04
N HIS QE 49 -16.08 -52.08 68.92
CA HIS QE 49 -14.80 -52.23 69.61
C HIS QE 49 -14.79 -53.39 70.58
N THR QE 50 -15.72 -53.40 71.54
CA THR QE 50 -15.81 -54.45 72.54
C THR QE 50 -16.39 -55.69 71.87
N SER QE 51 -15.51 -56.57 71.40
CA SER QE 51 -15.92 -57.82 70.79
C SER QE 51 -15.66 -59.01 71.69
N ALA QE 52 -15.06 -58.80 72.85
CA ALA QE 52 -14.80 -59.87 73.80
C ALA QE 52 -14.75 -59.29 75.20
N ILE QE 53 -15.33 -59.99 76.15
CA ILE QE 53 -15.42 -59.53 77.52
C ILE QE 53 -14.91 -60.64 78.43
N LYS QE 54 -13.91 -60.32 79.23
CA LYS QE 54 -13.33 -61.27 80.17
C LYS QE 54 -13.67 -60.82 81.58
N VAL QE 55 -14.08 -61.77 82.41
CA VAL QE 55 -14.55 -61.48 83.76
C VAL QE 55 -13.69 -62.26 84.74
N ARG QE 56 -13.08 -61.56 85.69
CA ARG QE 56 -12.28 -62.18 86.74
C ARG QE 56 -13.03 -62.11 88.06
N GLY QE 57 -12.61 -62.90 89.02
CA GLY QE 57 -13.18 -62.87 90.35
C GLY QE 57 -14.57 -63.49 90.40
N LYS QE 58 -15.15 -63.43 91.58
CA LYS QE 58 -16.46 -64.03 91.81
C LYS QE 58 -17.54 -63.08 91.34
N ALA QE 59 -18.28 -63.49 90.31
CA ALA QE 59 -19.35 -62.67 89.76
C ALA QE 59 -20.42 -63.58 89.21
N TYR QE 60 -21.61 -63.01 89.03
CA TYR QE 60 -22.77 -63.75 88.57
C TYR QE 60 -23.27 -63.12 87.28
N ILE QE 61 -23.18 -63.85 86.18
CA ILE QE 61 -23.42 -63.32 84.85
C ILE QE 61 -24.71 -63.89 84.30
N GLN QE 62 -25.55 -63.02 83.74
CA GLN QE 62 -26.71 -63.41 82.97
C GLN QE 62 -26.50 -62.97 81.54
N THR QE 63 -26.60 -63.91 80.61
CA THR QE 63 -26.57 -63.64 79.19
C THR QE 63 -27.87 -64.11 78.58
N SER QE 64 -27.93 -64.08 77.25
CA SER QE 64 -29.08 -64.63 76.56
C SER QE 64 -29.11 -66.14 76.66
N HIS QE 65 -27.95 -66.78 76.74
CA HIS QE 65 -27.86 -68.23 76.83
C HIS QE 65 -28.15 -68.76 78.21
N GLY QE 66 -28.30 -67.89 79.21
CA GLY QE 66 -28.56 -68.34 80.56
C GLY QE 66 -27.65 -67.64 81.54
N VAL QE 67 -27.48 -68.26 82.69
CA VAL QE 67 -26.68 -67.68 83.77
C VAL QE 67 -25.43 -68.53 83.97
N ILE QE 68 -24.44 -67.93 84.61
CA ILE QE 68 -23.17 -68.58 84.88
C ILE QE 68 -22.52 -67.84 86.05
N GLU QE 69 -21.56 -68.49 86.69
CA GLU QE 69 -20.94 -67.94 87.88
C GLU QE 69 -19.42 -67.98 87.76
N SER QE 70 -18.82 -66.84 87.46
CA SER QE 70 -17.38 -66.76 87.36
C SER QE 70 -16.77 -66.70 88.75
N GLU QE 71 -15.57 -67.28 88.88
CA GLU QE 71 -14.89 -67.26 90.17
C GLU QE 71 -13.46 -66.72 90.04
N ASP RE 6 -33.61 -54.22 74.55
CA ASP RE 6 -33.13 -52.89 74.18
C ASP RE 6 -33.13 -51.92 75.35
N PHE RE 7 -33.82 -52.27 76.43
CA PHE RE 7 -33.97 -51.35 77.55
C PHE RE 7 -34.04 -52.12 78.86
N VAL RE 8 -33.66 -51.43 79.93
CA VAL RE 8 -33.63 -52.00 81.26
C VAL RE 8 -34.53 -51.19 82.18
N VAL RE 9 -34.96 -51.81 83.27
CA VAL RE 9 -35.86 -51.19 84.23
C VAL RE 9 -35.21 -51.27 85.60
N ILE RE 10 -34.93 -50.12 86.20
CA ILE RE 10 -34.23 -50.06 87.49
C ILE RE 10 -35.16 -49.44 88.51
N LYS RE 11 -35.56 -50.21 89.51
CA LYS RE 11 -36.34 -49.69 90.62
C LYS RE 11 -35.41 -49.43 91.79
N ALA RE 12 -35.28 -48.18 92.20
CA ALA RE 12 -34.36 -47.87 93.27
C ALA RE 12 -34.99 -48.18 94.62
N LEU RE 13 -34.51 -49.24 95.25
CA LEU RE 13 -35.05 -49.68 96.54
C LEU RE 13 -34.51 -48.88 97.71
N GLU RE 14 -33.49 -48.06 97.50
CA GLU RE 14 -32.96 -47.20 98.57
C GLU RE 14 -32.56 -45.88 97.95
N ASP RE 15 -32.30 -44.91 98.82
CA ASP RE 15 -32.01 -43.57 98.34
C ASP RE 15 -30.61 -43.50 97.77
N GLY RE 16 -30.40 -42.51 96.91
CA GLY RE 16 -29.08 -42.22 96.37
C GLY RE 16 -28.51 -43.28 95.45
N VAL RE 17 -29.37 -44.00 94.71
CA VAL RE 17 -28.85 -45.02 93.80
C VAL RE 17 -28.32 -44.33 92.55
N ASN RE 18 -27.06 -44.60 92.22
CA ASN RE 18 -26.39 -43.97 91.10
C ASN RE 18 -26.53 -44.86 89.88
N VAL RE 19 -26.72 -44.24 88.72
CA VAL RE 19 -26.75 -44.94 87.44
C VAL RE 19 -25.80 -44.21 86.51
N ILE RE 20 -24.78 -44.90 86.04
CA ILE RE 20 -23.70 -44.28 85.29
C ILE RE 20 -23.79 -44.68 83.83
N GLY RE 21 -23.86 -43.69 82.95
CA GLY RE 21 -23.93 -43.96 81.53
C GLY RE 21 -25.08 -43.24 80.85
N SER RE 33 -24.18 -39.37 84.44
CA SER RE 33 -24.56 -39.91 85.75
C SER RE 33 -25.93 -39.40 86.17
N GLU RE 34 -26.72 -40.28 86.79
CA GLU RE 34 -28.04 -39.93 87.30
C GLU RE 34 -28.19 -40.48 88.71
N CYS RE 35 -29.00 -39.81 89.52
CA CYS RE 35 -29.25 -40.26 90.88
C CYS RE 35 -30.75 -40.51 91.05
N LEU RE 36 -31.09 -41.56 91.78
CA LEU RE 36 -32.48 -41.93 92.04
C LEU RE 36 -32.72 -42.02 93.53
N ASP RE 37 -33.92 -41.64 93.94
CA ASP RE 37 -34.35 -41.80 95.31
C ASP RE 37 -35.17 -43.08 95.46
N LYS RE 38 -35.58 -43.37 96.69
CA LYS RE 38 -36.27 -44.61 96.98
C LYS RE 38 -37.68 -44.60 96.40
N GLY RE 39 -37.99 -45.64 95.63
CA GLY RE 39 -39.29 -45.80 95.05
C GLY RE 39 -39.39 -45.36 93.61
N GLU RE 40 -38.41 -44.63 93.10
CA GLU RE 40 -38.44 -44.24 91.71
C GLU RE 40 -38.06 -45.41 90.82
N VAL RE 41 -38.42 -45.31 89.56
CA VAL RE 41 -38.14 -46.34 88.55
C VAL RE 41 -37.64 -45.64 87.31
N LEU RE 42 -36.47 -46.05 86.83
CA LEU RE 42 -35.89 -45.50 85.63
C LEU RE 42 -35.89 -46.58 84.55
N ILE RE 43 -36.49 -46.27 83.42
CA ILE RE 43 -36.47 -47.15 82.26
C ILE RE 43 -35.49 -46.56 81.27
N ALA RE 44 -34.41 -47.28 81.01
CA ALA RE 44 -33.30 -46.73 80.24
C ALA RE 44 -33.08 -47.56 78.98
N GLN RE 45 -33.04 -46.88 77.85
CA GLN RE 45 -32.72 -47.50 76.58
C GLN RE 45 -31.25 -47.30 76.26
N PHE RE 46 -30.70 -48.20 75.45
CA PHE RE 46 -29.31 -48.09 75.04
C PHE RE 46 -29.20 -47.26 73.77
N THR RE 47 -28.49 -46.16 73.85
CA THR RE 47 -28.20 -45.33 72.70
C THR RE 47 -26.91 -45.84 72.06
N GLU RE 48 -26.40 -45.05 71.11
CA GLU RE 48 -25.06 -45.30 70.61
C GLU RE 48 -24.02 -44.93 71.67
N HIS RE 49 -24.24 -43.81 72.34
CA HIS RE 49 -23.35 -43.34 73.40
C HIS RE 49 -23.35 -44.24 74.62
N THR RE 50 -24.51 -44.46 75.21
CA THR RE 50 -24.64 -45.30 76.40
C THR RE 50 -24.49 -46.74 75.96
N SER RE 51 -23.27 -47.26 76.05
CA SER RE 51 -23.00 -48.65 75.72
C SER RE 51 -22.75 -49.49 76.95
N ALA RE 52 -22.73 -48.88 78.14
CA ALA RE 52 -22.52 -49.61 79.38
C ALA RE 52 -23.20 -48.84 80.50
N ILE RE 53 -23.85 -49.57 81.40
CA ILE RE 53 -24.60 -48.97 82.49
C ILE RE 53 -24.15 -49.63 83.79
N LYS RE 54 -23.68 -48.84 84.73
CA LYS RE 54 -23.24 -49.31 86.03
C LYS RE 54 -24.21 -48.84 87.08
N VAL RE 55 -24.59 -49.73 87.99
CA VAL RE 55 -25.59 -49.44 89.00
C VAL RE 55 -24.98 -49.66 90.37
N ARG RE 56 -25.03 -48.63 91.22
CA ARG RE 56 -24.54 -48.73 92.59
C ARG RE 56 -25.72 -48.76 93.54
N GLY RE 57 -25.46 -49.16 94.77
CA GLY RE 57 -26.47 -49.15 95.81
C GLY RE 57 -27.50 -50.25 95.62
N LYS RE 58 -28.48 -50.25 96.51
CA LYS RE 58 -29.51 -51.28 96.50
C LYS RE 58 -30.58 -50.92 95.48
N ALA RE 59 -30.70 -51.74 94.44
CA ALA RE 59 -31.67 -51.51 93.39
C ALA RE 59 -32.11 -52.85 92.82
N TYR RE 60 -33.25 -52.83 92.14
CA TYR RE 60 -33.86 -54.02 91.58
C TYR RE 60 -34.00 -53.85 90.08
N ILE RE 61 -33.27 -54.65 89.32
CA ILE RE 61 -33.14 -54.45 87.88
C ILE RE 61 -33.86 -55.56 87.15
N GLN RE 62 -34.65 -55.19 86.16
CA GLN RE 62 -35.25 -56.12 85.23
C GLN RE 62 -34.67 -55.87 83.84
N THR RE 63 -34.09 -56.90 83.25
CA THR RE 63 -33.61 -56.86 81.88
C THR RE 63 -34.37 -57.90 81.07
N SER RE 64 -33.92 -58.09 79.83
CA SER RE 64 -34.49 -59.15 79.01
C SER RE 64 -34.07 -60.53 79.52
N HIS RE 65 -32.89 -60.63 80.12
CA HIS RE 65 -32.38 -61.89 80.64
C HIS RE 65 -33.00 -62.27 81.97
N GLY RE 66 -33.78 -61.40 82.59
CA GLY RE 66 -34.38 -61.69 83.87
C GLY RE 66 -34.18 -60.55 84.82
N VAL RE 67 -34.27 -60.87 86.12
CA VAL RE 67 -34.17 -59.87 87.16
C VAL RE 67 -32.89 -60.11 87.96
N ILE RE 68 -32.48 -59.07 88.67
CA ILE RE 68 -31.26 -59.12 89.47
C ILE RE 68 -31.37 -58.01 90.52
N GLU RE 69 -30.58 -58.11 91.58
CA GLU RE 69 -30.67 -57.19 92.69
C GLU RE 69 -29.30 -56.65 93.05
N SER RE 70 -29.02 -55.43 92.62
CA SER RE 70 -27.75 -54.80 92.94
C SER RE 70 -27.77 -54.29 94.37
N GLU RE 71 -26.60 -54.32 95.01
CA GLU RE 71 -26.49 -53.83 96.38
C GLU RE 71 -25.38 -52.80 96.53
N ASP SE 6 -41.07 -51.44 72.63
CA ASP SE 6 -40.92 -50.09 72.11
C ASP SE 6 -41.68 -49.06 72.92
N PHE SE 7 -42.59 -49.51 73.78
CA PHE SE 7 -43.44 -48.59 74.50
C PHE SE 7 -43.78 -49.16 75.87
N VAL SE 8 -44.09 -48.25 76.79
CA VAL SE 8 -44.40 -48.59 78.17
C VAL SE 8 -45.80 -48.08 78.51
N VAL SE 9 -46.40 -48.68 79.52
CA VAL SE 9 -47.75 -48.34 79.95
C VAL SE 9 -47.70 -47.98 81.43
N ILE SE 10 -48.06 -46.75 81.78
CA ILE SE 10 -47.98 -46.27 83.14
C ILE SE 10 -49.37 -45.93 83.61
N LYS SE 11 -49.87 -46.67 84.60
CA LYS SE 11 -51.15 -46.35 85.22
C LYS SE 11 -50.87 -45.62 86.52
N ALA SE 12 -51.31 -44.37 86.60
CA ALA SE 12 -51.03 -43.59 87.80
C ALA SE 12 -52.01 -43.95 88.91
N LEU SE 13 -51.52 -44.65 89.91
CA LEU SE 13 -52.34 -45.10 91.03
C LEU SE 13 -52.59 -44.01 92.07
N GLU SE 14 -51.89 -42.90 91.99
CA GLU SE 14 -52.10 -41.79 92.91
C GLU SE 14 -51.93 -40.49 92.13
N ASP SE 15 -52.36 -39.40 92.75
CA ASP SE 15 -52.32 -38.12 92.05
C ASP SE 15 -50.91 -37.58 91.97
N GLY SE 16 -50.69 -36.70 90.99
CA GLY SE 16 -49.43 -36.01 90.85
C GLY SE 16 -48.26 -36.87 90.46
N VAL SE 17 -48.48 -37.95 89.71
CA VAL SE 17 -47.36 -38.79 89.30
C VAL SE 17 -46.62 -38.12 88.17
N ASN SE 18 -45.32 -37.92 88.35
CA ASN SE 18 -44.50 -37.23 87.36
C ASN SE 18 -43.85 -38.25 86.44
N VAL SE 19 -43.76 -37.90 85.17
CA VAL SE 19 -43.07 -38.71 84.17
C VAL SE 19 -42.10 -37.79 83.44
N ILE SE 20 -40.82 -38.09 83.51
CA ILE SE 20 -39.79 -37.20 83.02
C ILE SE 20 -39.17 -37.79 81.76
N GLY SE 21 -39.19 -37.03 80.68
CA GLY SE 21 -38.62 -37.47 79.43
C GLY SE 21 -39.56 -37.34 78.26
N SER SE 33 -41.40 -33.01 80.82
CA SER SE 33 -42.08 -33.47 82.02
C SER SE 33 -43.58 -33.49 81.83
N GLU SE 34 -44.23 -34.52 82.37
CA GLU SE 34 -45.68 -34.64 82.33
C GLU SE 34 -46.19 -35.03 83.70
N CYS SE 35 -47.43 -34.63 84.01
CA CYS SE 35 -48.05 -34.98 85.29
C CYS SE 35 -49.33 -35.75 85.04
N LEU SE 36 -49.58 -36.75 85.86
CA LEU SE 36 -50.77 -37.59 85.74
C LEU SE 36 -51.53 -37.58 87.05
N ASP SE 37 -52.85 -37.65 86.94
CA ASP SE 37 -53.73 -37.79 88.09
C ASP SE 37 -54.08 -39.25 88.30
N LYS SE 38 -54.83 -39.51 89.37
CA LYS SE 38 -55.16 -40.88 89.73
C LYS SE 38 -56.14 -41.48 88.74
N GLY SE 39 -55.80 -42.66 88.22
CA GLY SE 39 -56.65 -43.37 87.31
C GLY SE 39 -56.29 -43.20 85.85
N GLU SE 40 -55.49 -42.21 85.51
CA GLU SE 40 -55.08 -42.04 84.14
C GLU SE 40 -54.04 -43.08 83.75
N VAL SE 41 -53.88 -43.28 82.45
CA VAL SE 41 -52.93 -44.24 81.90
C VAL SE 41 -52.22 -43.56 80.74
N LEU SE 42 -50.90 -43.54 80.79
CA LEU SE 42 -50.09 -42.97 79.73
C LEU SE 42 -49.34 -44.08 79.04
N ILE SE 43 -49.51 -44.18 77.73
CA ILE SE 43 -48.77 -45.12 76.91
C ILE SE 43 -47.71 -44.33 76.17
N ALA SE 44 -46.45 -44.61 76.46
CA ALA SE 44 -45.36 -43.77 75.97
C ALA SE 44 -44.42 -44.59 75.11
N GLN SE 45 -44.15 -44.10 73.91
CA GLN SE 45 -43.18 -44.71 73.02
C GLN SE 45 -41.84 -44.00 73.15
N PHE SE 46 -40.77 -44.72 72.83
CA PHE SE 46 -39.44 -44.13 72.86
C PHE SE 46 -39.10 -43.49 71.52
N THR SE 47 -38.86 -42.19 71.55
CA THR SE 47 -38.41 -41.47 70.37
C THR SE 47 -36.90 -41.52 70.33
N GLU SE 48 -36.32 -40.72 69.43
CA GLU SE 48 -34.89 -40.49 69.47
C GLU SE 48 -34.52 -39.62 70.66
N HIS SE 49 -35.33 -38.60 70.91
CA HIS SE 49 -35.12 -37.69 72.04
C HIS SE 49 -35.31 -38.36 73.38
N THR SE 50 -36.48 -38.93 73.62
CA THR SE 50 -36.79 -39.60 74.87
C THR SE 50 -36.04 -40.93 74.90
N SER SE 51 -34.87 -40.92 75.49
CA SER SE 51 -34.07 -42.12 75.65
C SER SE 51 -34.08 -42.65 77.07
N ALA SE 52 -34.72 -41.93 78.00
CA ALA SE 52 -34.80 -42.37 79.38
C ALA SE 52 -36.06 -41.78 79.99
N ILE SE 53 -36.74 -42.59 80.79
CA ILE SE 53 -38.00 -42.19 81.39
C ILE SE 53 -37.92 -42.47 82.88
N LYS SE 54 -38.14 -41.43 83.69
CA LYS SE 54 -38.12 -41.54 85.13
C LYS SE 54 -39.53 -41.35 85.66
N VAL SE 55 -39.93 -42.19 86.59
CA VAL SE 55 -41.28 -42.19 87.12
C VAL SE 55 -41.22 -41.98 88.62
N ARG SE 56 -41.92 -40.96 89.12
CA ARG SE 56 -42.00 -40.68 90.54
C ARG SE 56 -43.38 -41.04 91.05
N GLY SE 57 -43.52 -41.17 92.36
CA GLY SE 57 -44.80 -41.41 92.97
C GLY SE 57 -45.27 -42.83 92.76
N LYS SE 58 -46.48 -43.10 93.25
CA LYS SE 58 -47.04 -44.44 93.18
C LYS SE 58 -47.68 -44.65 91.81
N ALA SE 59 -47.12 -45.58 91.05
CA ALA SE 59 -47.62 -45.86 89.72
C ALA SE 59 -47.36 -47.33 89.40
N TYR SE 60 -48.09 -47.84 88.41
CA TYR SE 60 -48.02 -49.23 88.03
C TYR SE 60 -47.61 -49.31 86.56
N ILE SE 61 -46.44 -49.87 86.31
CA ILE SE 61 -45.81 -49.81 84.99
C ILE SE 61 -45.81 -51.20 84.38
N GLN SE 62 -46.22 -51.29 83.13
CA GLN SE 62 -46.09 -52.49 82.32
C GLN SE 62 -45.12 -52.20 81.19
N THR SE 63 -44.07 -53.01 81.10
CA THR SE 63 -43.12 -52.95 80.00
C THR SE 63 -43.13 -54.29 79.29
N SER SE 64 -42.21 -54.45 78.34
CA SER SE 64 -42.04 -55.74 77.69
C SER SE 64 -41.46 -56.77 78.65
N HIS SE 65 -40.64 -56.34 79.60
CA HIS SE 65 -40.01 -57.23 80.56
C HIS SE 65 -40.94 -57.65 81.68
N GLY SE 66 -42.13 -57.07 81.77
CA GLY SE 66 -43.07 -57.42 82.81
C GLY SE 66 -43.63 -56.18 83.45
N VAL SE 67 -44.12 -56.34 84.69
CA VAL SE 67 -44.75 -55.25 85.41
C VAL SE 67 -43.88 -54.89 86.61
N ILE SE 68 -44.12 -53.68 87.12
CA ILE SE 68 -43.37 -53.16 88.25
C ILE SE 68 -44.22 -52.07 88.89
N GLU SE 69 -43.91 -51.72 90.13
CA GLU SE 69 -44.71 -50.76 90.88
C GLU SE 69 -43.83 -49.70 91.50
N SER SE 70 -43.80 -48.53 90.88
CA SER SE 70 -43.03 -47.43 91.42
C SER SE 70 -43.77 -46.79 92.59
N GLU SE 71 -43.00 -46.29 93.54
CA GLU SE 71 -43.59 -45.63 94.70
C GLU SE 71 -43.01 -44.24 94.92
N ASP TE 6 -47.39 -52.53 67.96
CA ASP TE 6 -47.46 -51.34 67.14
C ASP TE 6 -48.75 -50.57 67.34
N PHE TE 7 -49.74 -51.20 67.96
CA PHE TE 7 -51.05 -50.58 68.08
C PHE TE 7 -51.72 -51.02 69.38
N VAL TE 8 -52.63 -50.17 69.85
CA VAL TE 8 -53.34 -50.38 71.10
C VAL TE 8 -54.83 -50.42 70.83
N VAL TE 9 -55.57 -51.04 71.73
CA VAL TE 9 -57.02 -51.19 71.60
C VAL TE 9 -57.67 -50.63 72.85
N ILE TE 10 -58.49 -49.60 72.69
CA ILE TE 10 -59.11 -48.91 73.81
C ILE TE 10 -60.62 -49.07 73.70
N LYS TE 11 -61.20 -49.77 74.66
CA LYS TE 11 -62.66 -49.90 74.74
C LYS TE 11 -63.15 -48.91 75.77
N ALA TE 12 -63.96 -47.95 75.35
CA ALA TE 12 -64.42 -46.94 76.29
C ALA TE 12 -65.60 -47.48 77.10
N LEU TE 13 -65.36 -47.76 78.37
CA LEU TE 13 -66.38 -48.31 79.25
C LEU TE 13 -67.33 -47.27 79.80
N GLU TE 14 -67.04 -45.99 79.61
CA GLU TE 14 -67.93 -44.92 80.04
C GLU TE 14 -67.87 -43.81 79.02
N ASP TE 15 -68.82 -42.89 79.12
CA ASP TE 15 -68.91 -41.83 78.13
C ASP TE 15 -67.81 -40.79 78.34
N GLY TE 16 -67.51 -40.08 77.26
CA GLY TE 16 -66.57 -38.97 77.32
C GLY TE 16 -65.14 -39.34 77.59
N VAL TE 17 -64.71 -40.52 77.15
CA VAL TE 17 -63.32 -40.91 77.38
C VAL TE 17 -62.43 -40.19 76.38
N ASN TE 18 -61.44 -39.48 76.88
CA ASN TE 18 -60.56 -38.68 76.05
C ASN TE 18 -59.32 -39.49 75.71
N VAL TE 19 -58.84 -39.35 74.49
CA VAL TE 19 -57.60 -39.97 74.05
C VAL TE 19 -56.76 -38.86 73.41
N ILE TE 20 -55.58 -38.62 73.95
CA ILE TE 20 -54.77 -37.48 73.57
C ILE TE 20 -53.55 -37.97 72.80
N GLY TE 21 -53.39 -37.47 71.59
CA GLY TE 21 -52.24 -37.83 70.76
C GLY TE 21 -52.64 -38.28 69.38
N SER TE 33 -56.58 -34.67 69.85
CA SER TE 33 -57.50 -35.17 70.87
C SER TE 33 -58.72 -35.81 70.24
N GLU TE 34 -59.18 -36.91 70.82
CA GLU TE 34 -60.38 -37.60 70.37
C GLU TE 34 -61.25 -37.94 71.57
N CYS TE 35 -62.56 -38.02 71.35
CA CYS TE 35 -63.50 -38.36 72.41
C CYS TE 35 -64.27 -39.61 72.01
N LEU TE 36 -64.51 -40.49 72.98
CA LEU TE 36 -65.22 -41.73 72.75
C LEU TE 36 -66.41 -41.82 73.69
N ASP TE 37 -67.49 -42.42 73.21
CA ASP TE 37 -68.66 -42.70 74.02
C ASP TE 37 -68.60 -44.14 74.52
N LYS TE 38 -69.58 -44.50 75.34
CA LYS TE 38 -69.59 -45.82 75.96
C LYS TE 38 -69.86 -46.91 74.94
N GLY TE 39 -69.00 -47.92 74.92
CA GLY TE 39 -69.16 -49.05 74.05
C GLY TE 39 -68.33 -48.98 72.78
N GLU TE 40 -67.79 -47.81 72.44
CA GLU TE 40 -66.96 -47.72 71.26
C GLU TE 40 -65.58 -48.31 71.55
N VAL TE 41 -64.87 -48.64 70.48
CA VAL TE 41 -63.54 -49.22 70.55
C VAL TE 41 -62.67 -48.51 69.53
N LEU TE 42 -61.55 -47.96 69.98
CA LEU TE 42 -60.61 -47.30 69.10
C LEU TE 42 -59.34 -48.12 69.03
N ILE TE 43 -58.94 -48.48 67.82
CA ILE TE 43 -57.68 -49.16 67.59
C ILE TE 43 -56.72 -48.15 67.01
N ALA TE 44 -55.66 -47.86 67.75
CA ALA TE 44 -54.77 -46.75 67.41
C ALA TE 44 -53.37 -47.26 67.16
N GLN TE 45 -52.82 -46.90 66.02
CA GLN TE 45 -51.44 -47.20 65.69
C GLN TE 45 -50.55 -46.01 66.01
N PHE TE 46 -49.28 -46.30 66.25
CA PHE TE 46 -48.32 -45.23 66.52
C PHE TE 46 -47.69 -44.73 65.24
N THR TE 47 -47.90 -43.46 64.95
CA THR TE 47 -47.25 -42.82 63.81
C THR TE 47 -45.91 -42.27 64.26
N GLU TE 48 -45.30 -41.47 63.38
CA GLU TE 48 -44.15 -40.69 63.80
C GLU TE 48 -44.58 -39.56 64.74
N HIS TE 49 -45.68 -38.91 64.41
CA HIS TE 49 -46.22 -37.83 65.23
C HIS TE 49 -46.73 -38.30 66.59
N THR TE 50 -47.65 -39.24 66.60
CA THR TE 50 -48.22 -39.78 67.84
C THR TE 50 -47.18 -40.67 68.48
N SER TE 51 -46.39 -40.11 69.39
CA SER TE 51 -45.39 -40.85 70.13
C SER TE 51 -45.80 -41.10 71.57
N ALA TE 52 -46.94 -40.57 71.99
CA ALA TE 52 -47.42 -40.77 73.35
C ALA TE 52 -48.93 -40.65 73.33
N ILE TE 53 -49.59 -41.51 74.07
CA ILE TE 53 -51.05 -41.55 74.12
C ILE TE 53 -51.48 -41.53 75.57
N LYS TE 54 -52.31 -40.55 75.93
CA LYS TE 54 -52.82 -40.41 77.27
C LYS TE 54 -54.31 -40.71 77.26
N VAL TE 55 -54.77 -41.48 78.23
CA VAL TE 55 -56.16 -41.94 78.28
C VAL TE 55 -56.76 -41.48 79.60
N ARG TE 56 -57.87 -40.76 79.54
CA ARG TE 56 -58.59 -40.31 80.71
C ARG TE 56 -59.88 -41.11 80.85
N GLY TE 57 -60.48 -41.06 82.03
CA GLY TE 57 -61.76 -41.70 82.25
C GLY TE 57 -61.64 -43.21 82.34
N LYS TE 58 -62.80 -43.84 82.49
CA LYS TE 58 -62.85 -45.29 82.64
C LYS TE 58 -62.80 -45.95 81.27
N ALA TE 59 -61.72 -46.68 81.02
CA ALA TE 59 -61.54 -47.35 79.75
C ALA TE 59 -60.74 -48.63 79.97
N TYR TE 60 -60.82 -49.53 79.00
CA TYR TE 60 -60.18 -50.83 79.08
C TYR TE 60 -59.22 -50.97 77.91
N ILE TE 61 -57.92 -51.05 78.21
CA ILE TE 61 -56.89 -50.96 77.19
C ILE TE 61 -56.22 -52.32 77.05
N GLN TE 62 -56.05 -52.76 75.81
CA GLN TE 62 -55.24 -53.91 75.48
C GLN TE 62 -54.05 -53.45 74.67
N THR TE 63 -52.85 -53.78 75.15
CA THR TE 63 -51.62 -53.54 74.43
C THR TE 63 -50.93 -54.87 74.18
N SER TE 64 -49.70 -54.79 73.66
CA SER TE 64 -48.90 -56.00 73.50
C SER TE 64 -48.46 -56.55 74.85
N HIS TE 65 -48.27 -55.68 75.83
CA HIS TE 65 -47.83 -56.09 77.16
C HIS TE 65 -48.95 -56.66 78.01
N GLY TE 66 -50.19 -56.59 77.55
CA GLY TE 66 -51.31 -57.12 78.30
C GLY TE 66 -52.43 -56.11 78.35
N VAL TE 67 -53.29 -56.25 79.35
CA VAL TE 67 -54.46 -55.40 79.50
C VAL TE 67 -54.29 -54.54 80.74
N ILE TE 68 -55.07 -53.46 80.77
CA ILE TE 68 -55.03 -52.51 81.87
C ILE TE 68 -56.35 -51.76 81.86
N GLU TE 69 -56.69 -51.12 82.99
CA GLU TE 69 -57.98 -50.46 83.13
C GLU TE 69 -57.78 -49.05 83.65
N SER TE 70 -57.87 -48.07 82.76
CA SER TE 70 -57.76 -46.69 83.17
C SER TE 70 -59.05 -46.22 83.81
N GLU TE 71 -58.93 -45.31 84.77
CA GLU TE 71 -60.10 -44.76 85.43
C GLU TE 71 -60.11 -43.24 85.41
N ASP UE 6 -50.85 -56.47 62.01
CA ASP UE 6 -50.97 -55.51 60.92
C ASP UE 6 -52.41 -55.29 60.48
N PHE UE 7 -53.32 -56.18 60.90
CA PHE UE 7 -54.68 -56.11 60.42
C PHE UE 7 -55.64 -56.59 61.51
N VAL UE 8 -56.87 -56.11 61.42
CA VAL UE 8 -57.91 -56.43 62.38
C VAL UE 8 -59.09 -57.07 61.66
N VAL UE 9 -59.89 -57.81 62.41
CA VAL UE 9 -61.04 -58.52 61.87
C VAL UE 9 -62.27 -58.10 62.65
N ILE UE 10 -63.24 -57.50 61.97
CA ILE UE 10 -64.44 -56.98 62.60
C ILE UE 10 -65.64 -57.72 62.07
N LYS UE 11 -66.31 -58.47 62.94
CA LYS UE 11 -67.55 -59.14 62.57
C LYS UE 11 -68.70 -58.31 63.10
N ALA UE 12 -69.53 -57.79 62.19
CA ALA UE 12 -70.61 -56.93 62.64
C ALA UE 12 -71.78 -57.77 63.14
N LEU UE 13 -71.99 -57.78 64.44
CA LEU UE 13 -73.04 -58.57 65.06
C LEU UE 13 -74.41 -57.91 64.97
N GLU UE 14 -74.48 -56.65 64.57
CA GLU UE 14 -75.76 -55.97 64.40
C GLU UE 14 -75.65 -55.06 63.19
N ASP UE 15 -76.80 -54.58 62.73
CA ASP UE 15 -76.82 -53.77 61.52
C ASP UE 15 -76.27 -52.37 61.79
N GLY UE 16 -75.81 -51.74 60.71
CA GLY UE 16 -75.37 -50.36 60.77
C GLY UE 16 -74.12 -50.12 61.58
N VAL UE 17 -73.21 -51.07 61.64
CA VAL UE 17 -71.98 -50.86 62.39
C VAL UE 17 -71.04 -49.98 61.58
N ASN UE 18 -70.61 -48.88 62.17
CA ASN UE 18 -69.76 -47.92 61.48
C ASN UE 18 -68.30 -48.23 61.79
N VAL UE 19 -67.46 -48.06 60.78
CA VAL UE 19 -66.01 -48.20 60.94
C VAL UE 19 -65.39 -46.95 60.34
N ILE UE 20 -64.66 -46.20 61.15
CA ILE UE 20 -64.16 -44.89 60.76
C ILE UE 20 -62.65 -44.97 60.58
N GLY UE 21 -62.18 -44.59 59.40
CA GLY UE 21 -60.75 -44.59 59.12
C GLY UE 21 -60.42 -45.33 57.84
N SER UE 33 -65.13 -43.51 56.06
CA SER UE 33 -66.17 -44.20 56.82
C SER UE 33 -66.77 -45.34 56.02
N GLU UE 34 -67.06 -46.45 56.70
CA GLU UE 34 -67.70 -47.60 56.08
C GLU UE 34 -68.82 -48.09 56.98
N CYS UE 35 -69.84 -48.69 56.39
CA CYS UE 35 -70.96 -49.24 57.15
C CYS UE 35 -71.08 -50.73 56.86
N LEU UE 36 -71.39 -51.50 57.90
CA LEU UE 36 -71.53 -52.94 57.78
C LEU UE 36 -72.90 -53.36 58.29
N ASP UE 37 -73.46 -54.39 57.65
CA ASP UE 37 -74.70 -55.00 58.10
C ASP UE 37 -74.40 -56.22 58.95
N LYS UE 38 -75.46 -56.83 59.47
CA LYS UE 38 -75.30 -57.95 60.38
C LYS UE 38 -74.79 -59.18 59.65
N GLY UE 39 -73.73 -59.77 60.18
CA GLY UE 39 -73.16 -60.97 59.63
C GLY UE 39 -71.97 -60.75 58.73
N GLU UE 40 -71.73 -59.53 58.29
CA GLU UE 40 -70.57 -59.26 57.46
C GLU UE 40 -69.31 -59.22 58.32
N VAL UE 41 -68.17 -59.39 57.66
CA VAL UE 41 -66.87 -59.39 58.31
C VAL UE 41 -65.94 -58.55 57.47
N LEU UE 42 -65.32 -57.55 58.08
CA LEU UE 42 -64.37 -56.69 57.41
C LEU UE 42 -62.99 -56.96 57.98
N ILE UE 43 -62.05 -57.28 57.11
CA ILE UE 43 -60.66 -57.46 57.47
C ILE UE 43 -59.91 -56.22 56.99
N ALA UE 44 -59.38 -55.44 57.93
CA ALA UE 44 -58.83 -54.15 57.60
C ALA UE 44 -57.35 -54.09 57.97
N GLN UE 45 -56.53 -53.69 57.01
CA GLN UE 45 -55.12 -53.48 57.24
C GLN UE 45 -54.85 -52.00 57.49
N PHE UE 46 -53.77 -51.73 58.20
CA PHE UE 46 -53.38 -50.36 58.47
C PHE UE 46 -52.48 -49.82 57.38
N THR UE 47 -52.94 -48.77 56.71
CA THR UE 47 -52.14 -48.10 55.70
C THR UE 47 -51.33 -47.01 56.40
N GLU UE 48 -50.71 -46.15 55.59
CA GLU UE 48 -50.12 -44.94 56.14
C GLU UE 48 -51.21 -43.97 56.56
N HIS UE 49 -52.25 -43.84 55.73
CA HIS UE 49 -53.37 -42.95 56.02
C HIS UE 49 -54.19 -43.41 57.21
N THR UE 50 -54.71 -44.62 57.18
CA THR UE 50 -55.52 -45.17 58.26
C THR UE 50 -54.59 -45.50 59.41
N SER UE 51 -54.44 -44.56 60.34
CA SER UE 51 -53.64 -44.77 61.53
C SER UE 51 -54.48 -44.97 62.77
N ALA UE 52 -55.80 -44.87 62.66
CA ALA UE 52 -56.70 -45.06 63.78
C ALA UE 52 -58.04 -45.54 63.25
N ILE UE 53 -58.64 -46.50 63.95
CA ILE UE 53 -59.89 -47.10 63.54
C ILE UE 53 -60.84 -47.06 64.71
N LYS UE 54 -62.00 -46.44 64.51
CA LYS UE 54 -63.03 -46.34 65.53
C LYS UE 54 -64.21 -47.19 65.12
N VAL UE 55 -64.75 -47.95 66.06
CA VAL UE 55 -65.83 -48.90 65.78
C VAL UE 55 -67.02 -48.55 66.68
N ARG UE 56 -68.17 -48.33 66.05
CA ARG UE 56 -69.40 -48.06 66.78
C ARG UE 56 -70.32 -49.26 66.70
N GLY UE 57 -71.31 -49.30 67.56
CA GLY UE 57 -72.30 -50.34 67.53
C GLY UE 57 -71.77 -51.66 68.04
N LYS UE 58 -72.63 -52.68 67.98
CA LYS UE 58 -72.29 -54.00 68.48
C LYS UE 58 -71.49 -54.75 67.43
N ALA UE 59 -70.23 -55.04 67.74
CA ALA UE 59 -69.36 -55.74 66.81
C ALA UE 59 -68.37 -56.57 67.62
N TYR UE 60 -67.77 -57.54 66.94
CA TYR UE 60 -66.84 -58.48 67.57
C TYR UE 60 -65.50 -58.38 66.84
N ILE UE 61 -64.48 -57.91 67.55
CA ILE UE 61 -63.21 -57.55 66.94
C ILE UE 61 -62.15 -58.56 67.38
N GLN UE 62 -61.37 -59.04 66.43
CA GLN UE 62 -60.19 -59.83 66.70
C GLN UE 62 -58.98 -59.05 66.21
N THR UE 63 -58.03 -58.82 67.12
CA THR UE 63 -56.76 -58.20 66.80
C THR UE 63 -55.65 -59.19 67.14
N SER UE 64 -54.41 -58.71 67.05
CA SER UE 64 -53.29 -59.52 67.47
C SER UE 64 -53.27 -59.68 68.98
N HIS UE 65 -53.75 -58.68 69.72
CA HIS UE 65 -53.77 -58.72 71.17
C HIS UE 65 -54.89 -59.57 71.73
N GLY UE 66 -55.81 -60.05 70.90
CA GLY UE 66 -56.91 -60.86 71.37
C GLY UE 66 -58.20 -60.37 70.78
N VAL UE 67 -59.31 -60.71 71.46
CA VAL UE 67 -60.64 -60.37 70.99
C VAL UE 67 -61.25 -59.36 71.95
N ILE UE 68 -62.27 -58.67 71.45
CA ILE UE 68 -62.98 -57.64 72.20
C ILE UE 68 -64.35 -57.47 71.57
N GLU UE 69 -65.28 -56.89 72.31
CA GLU UE 69 -66.66 -56.75 71.87
C GLU UE 69 -67.13 -55.33 72.02
N SER UE 70 -67.17 -54.59 70.92
CA SER UE 70 -67.65 -53.23 70.96
C SER UE 70 -69.17 -53.22 71.01
N GLU UE 71 -69.73 -52.22 71.68
CA GLU UE 71 -71.18 -52.09 71.77
C GLU UE 71 -71.65 -50.71 71.34
N ASP VE 6 -50.16 -62.13 56.52
CA ASP VE 6 -50.14 -61.47 55.22
C ASP VE 6 -51.28 -61.91 54.32
N PHE VE 7 -51.95 -63.01 54.66
CA PHE VE 7 -52.96 -63.57 53.79
C PHE VE 7 -54.07 -64.21 54.62
N VAL VE 8 -55.25 -64.29 54.02
CA VAL VE 8 -56.42 -64.84 54.67
C VAL VE 8 -56.94 -65.99 53.83
N VAL VE 9 -57.70 -66.87 54.47
CA VAL VE 9 -58.26 -68.06 53.84
C VAL VE 9 -59.77 -68.05 54.04
N ILE VE 10 -60.53 -67.99 52.95
CA ILE VE 10 -61.97 -67.89 53.01
C ILE VE 10 -62.56 -69.13 52.37
N LYS VE 11 -63.25 -69.95 53.15
CA LYS VE 11 -63.96 -71.11 52.64
C LYS VE 11 -65.43 -70.72 52.51
N ALA VE 12 -65.95 -70.72 51.29
CA ALA VE 12 -67.33 -70.32 51.11
C ALA VE 12 -68.28 -71.46 51.44
N LEU VE 13 -68.97 -71.35 52.57
CA LEU VE 13 -69.87 -72.38 53.03
C LEU VE 13 -71.23 -72.35 52.33
N GLU VE 14 -71.52 -71.31 51.58
CA GLU VE 14 -72.77 -71.23 50.83
C GLU VE 14 -72.49 -70.54 49.52
N ASP VE 15 -73.44 -70.63 48.60
CA ASP VE 15 -73.24 -70.10 47.27
C ASP VE 15 -73.31 -68.58 47.27
N GLY VE 16 -72.69 -67.98 46.26
CA GLY VE 16 -72.77 -66.56 46.05
C GLY VE 16 -72.09 -65.71 47.09
N VAL VE 17 -71.02 -66.21 47.72
CA VAL VE 17 -70.32 -65.41 48.71
C VAL VE 17 -69.46 -64.36 48.01
N ASN VE 18 -69.67 -63.10 48.36
CA ASN VE 18 -68.96 -61.99 47.72
C ASN VE 18 -67.74 -61.65 48.53
N VAL VE 19 -66.65 -61.32 47.85
CA VAL VE 19 -65.43 -60.84 48.47
C VAL VE 19 -65.04 -59.55 47.77
N ILE VE 20 -64.96 -58.47 48.51
CA ILE VE 20 -64.79 -57.13 47.93
C ILE VE 20 -63.40 -56.63 48.26
N GLY VE 21 -62.64 -56.29 47.22
CA GLY VE 21 -61.30 -55.77 47.40
C GLY VE 21 -60.27 -56.49 46.57
N SER VE 33 -64.21 -56.99 42.96
CA SER VE 33 -65.19 -57.91 43.53
C SER VE 33 -65.04 -59.30 42.95
N GLU VE 34 -65.21 -60.31 43.80
CA GLU VE 34 -65.15 -61.71 43.37
C GLU VE 34 -66.32 -62.46 43.99
N CYS VE 35 -66.78 -63.51 43.31
CA CYS VE 35 -67.87 -64.32 43.80
C CYS VE 35 -67.40 -65.76 43.94
N LEU VE 36 -67.84 -66.44 45.00
CA LEU VE 36 -67.46 -67.82 45.28
C LEU VE 36 -68.71 -68.66 45.42
N ASP VE 37 -68.62 -69.91 44.98
CA ASP VE 37 -69.67 -70.89 45.17
C ASP VE 37 -69.37 -71.74 46.39
N LYS VE 38 -70.29 -72.64 46.71
CA LYS VE 38 -70.17 -73.45 47.91
C LYS VE 38 -69.06 -74.48 47.76
N GLY VE 39 -68.16 -74.49 48.74
CA GLY VE 39 -67.07 -75.44 48.76
C GLY VE 39 -65.76 -74.91 48.25
N GLU VE 40 -65.76 -73.77 47.57
CA GLU VE 40 -64.52 -73.20 47.10
C GLU VE 40 -63.79 -72.53 48.26
N VAL VE 41 -62.49 -72.33 48.07
CA VAL VE 41 -61.62 -71.71 49.06
C VAL VE 41 -60.75 -70.71 48.33
N LEU VE 42 -60.78 -69.46 48.80
CA LEU VE 42 -59.96 -68.40 48.24
C LEU VE 42 -58.90 -68.01 49.25
N ILE VE 43 -57.64 -68.06 48.84
CA ILE VE 43 -56.53 -67.61 49.66
C ILE VE 43 -56.09 -66.27 49.10
N ALA VE 44 -56.23 -65.22 49.89
CA ALA VE 44 -56.04 -63.87 49.39
C ALA VE 44 -54.94 -63.18 50.16
N GLN VE 45 -53.97 -62.64 49.42
CA GLN VE 45 -52.91 -61.85 50.01
C GLN VE 45 -53.23 -60.37 49.90
N PHE VE 46 -52.66 -59.58 50.80
CA PHE VE 46 -52.87 -58.14 50.77
C PHE VE 46 -51.83 -57.46 49.89
N THR VE 47 -52.28 -56.80 48.85
CA THR VE 47 -51.41 -56.02 47.99
C THR VE 47 -51.33 -54.62 48.55
N GLU VE 48 -50.74 -53.71 47.77
CA GLU VE 48 -50.83 -52.29 48.10
C GLU VE 48 -52.24 -51.78 47.85
N HIS VE 49 -52.85 -52.21 46.75
CA HIS VE 49 -54.21 -51.81 46.40
C HIS VE 49 -55.25 -52.37 47.36
N THR VE 50 -55.30 -53.68 47.53
CA THR VE 50 -56.25 -54.33 48.41
C THR VE 50 -55.80 -54.09 49.85
N SER VE 51 -56.34 -53.04 50.46
CA SER VE 51 -56.06 -52.72 51.85
C SER VE 51 -57.21 -53.05 52.76
N ALA VE 52 -58.34 -53.50 52.23
CA ALA VE 52 -59.49 -53.86 53.03
C ALA VE 52 -60.29 -54.91 52.27
N ILE VE 53 -60.78 -55.91 52.99
CA ILE VE 53 -61.51 -57.01 52.39
C ILE VE 53 -62.81 -57.18 53.16
N LYS VE 54 -63.93 -57.10 52.44
CA LYS VE 54 -65.24 -57.27 53.03
C LYS VE 54 -65.83 -58.58 52.53
N VAL VE 55 -66.44 -59.34 53.43
CA VAL VE 55 -66.96 -60.66 53.12
C VAL VE 55 -68.44 -60.68 53.46
N ARG VE 56 -69.28 -61.04 52.48
CA ARG VE 56 -70.71 -61.17 52.68
C ARG VE 56 -71.09 -62.63 52.66
N GLY VE 57 -72.28 -62.94 53.16
CA GLY VE 57 -72.80 -64.28 53.11
C GLY VE 57 -72.12 -65.19 54.12
N LYS VE 58 -72.52 -66.46 54.09
CA LYS VE 58 -72.00 -67.43 55.04
C LYS VE 58 -70.67 -67.96 54.55
N ALA VE 59 -69.61 -67.67 55.30
CA ALA VE 59 -68.27 -68.10 54.95
C ALA VE 59 -67.47 -68.33 56.21
N TYR VE 60 -66.39 -69.08 56.07
CA TYR VE 60 -65.53 -69.46 57.19
C TYR VE 60 -64.12 -68.94 56.92
N ILE VE 61 -63.67 -68.00 57.74
CA ILE VE 61 -62.44 -67.27 57.48
C ILE VE 61 -61.39 -67.68 58.49
N GLN VE 62 -60.19 -67.96 58.02
CA GLN VE 62 -59.01 -68.16 58.85
C GLN VE 62 -58.03 -67.05 58.57
N THR VE 63 -57.65 -66.33 59.61
CA THR VE 63 -56.60 -65.31 59.53
C THR VE 63 -55.49 -65.71 60.47
N SER VE 64 -54.52 -64.80 60.63
CA SER VE 64 -53.46 -65.01 61.60
C SER VE 64 -53.99 -64.93 63.02
N HIS VE 65 -55.01 -64.10 63.24
CA HIS VE 65 -55.59 -63.93 64.56
C HIS VE 65 -56.52 -65.05 64.98
N GLY VE 66 -56.83 -65.97 64.07
CA GLY VE 66 -57.71 -67.07 64.39
C GLY VE 66 -58.76 -67.24 63.32
N VAL VE 67 -59.86 -67.88 63.69
CA VAL VE 67 -60.93 -68.17 62.76
C VAL VE 67 -62.16 -67.35 63.14
N ILE VE 68 -63.06 -67.22 62.17
CA ILE VE 68 -64.29 -66.46 62.34
C ILE VE 68 -65.27 -66.95 61.29
N GLU VE 69 -66.56 -66.67 61.51
CA GLU VE 69 -67.61 -67.17 60.64
C GLU VE 69 -68.54 -66.05 60.23
N SER VE 70 -68.36 -65.56 59.01
CA SER VE 70 -69.23 -64.51 58.50
C SER VE 70 -70.56 -65.11 58.06
N GLU VE 71 -71.61 -64.32 58.21
CA GLU VE 71 -72.94 -64.77 57.81
C GLU VE 71 -73.62 -63.77 56.87
N ASP WE 6 -45.54 -67.99 53.25
CA ASP WE 6 -45.23 -67.56 51.89
C ASP WE 6 -45.75 -68.51 50.83
N PHE WE 7 -46.11 -69.73 51.23
CA PHE WE 7 -46.50 -70.74 50.27
C PHE WE 7 -47.56 -71.65 50.87
N VAL WE 8 -48.35 -72.25 49.98
CA VAL WE 8 -49.45 -73.13 50.35
C VAL WE 8 -49.21 -74.49 49.74
N VAL WE 9 -49.85 -75.51 50.32
CA VAL WE 9 -49.71 -76.88 49.88
C VAL WE 9 -51.11 -77.43 49.61
N ILE WE 10 -51.38 -77.82 48.37
CA ILE WE 10 -52.69 -78.28 47.95
C ILE WE 10 -52.57 -79.72 47.51
N LYS WE 11 -53.22 -80.63 48.24
CA LYS WE 11 -53.28 -82.03 47.85
C LYS WE 11 -54.63 -82.26 47.20
N ALA WE 12 -54.63 -82.62 45.92
CA ALA WE 12 -55.89 -82.81 45.23
C ALA WE 12 -56.47 -84.18 45.55
N LEU WE 13 -57.54 -84.20 46.33
CA LEU WE 13 -58.17 -85.43 46.76
C LEU WE 13 -59.10 -86.02 45.70
N GLU WE 14 -59.41 -85.28 44.65
CA GLU WE 14 -60.24 -85.79 43.57
C GLU WE 14 -59.71 -85.22 42.27
N ASP WE 15 -60.18 -85.78 41.17
CA ASP WE 15 -59.66 -85.40 39.86
C ASP WE 15 -60.21 -84.04 39.45
N GLY WE 16 -59.48 -83.38 38.56
CA GLY WE 16 -59.92 -82.13 37.98
C GLY WE 16 -59.98 -80.96 38.92
N VAL WE 17 -59.12 -80.92 39.93
CA VAL WE 17 -59.14 -79.79 40.85
C VAL WE 17 -58.45 -78.61 40.20
N ASN WE 18 -59.16 -77.49 40.13
CA ASN WE 18 -58.66 -76.29 39.47
C ASN WE 18 -58.00 -75.39 40.50
N VAL WE 19 -56.91 -74.75 40.11
CA VAL WE 19 -56.22 -73.77 40.93
C VAL WE 19 -56.02 -72.54 40.06
N ILE WE 20 -56.58 -71.41 40.48
CA ILE WE 20 -56.63 -70.21 39.66
C ILE WE 20 -55.70 -69.17 40.24
N GLY WE 21 -54.76 -68.70 39.44
CA GLY WE 21 -53.82 -67.68 39.87
C GLY WE 21 -52.38 -68.06 39.60
N SER WE 33 -54.31 -70.51 35.25
CA SER WE 33 -55.08 -71.65 35.71
C SER WE 33 -54.30 -72.95 35.58
N GLU WE 34 -54.44 -73.82 36.56
CA GLU WE 34 -53.79 -75.12 36.56
C GLU WE 34 -54.82 -76.19 36.96
N CYS WE 35 -54.62 -77.41 36.47
CA CYS WE 35 -55.50 -78.51 36.81
C CYS WE 35 -54.69 -79.62 37.45
N LEU WE 36 -55.26 -80.27 38.47
CA LEU WE 36 -54.60 -81.34 39.18
C LEU WE 36 -55.48 -82.58 39.17
N ASP WE 37 -54.84 -83.74 39.11
CA ASP WE 37 -55.52 -85.02 39.22
C ASP WE 37 -55.44 -85.52 40.65
N LYS WE 38 -56.09 -86.65 40.90
CA LYS WE 38 -56.18 -87.19 42.25
C LYS WE 38 -54.83 -87.71 42.72
N GLY WE 39 -54.40 -87.26 43.89
CA GLY WE 39 -53.17 -87.70 44.49
C GLY WE 39 -52.00 -86.77 44.27
N GLU WE 40 -52.11 -85.83 43.35
CA GLU WE 40 -51.03 -84.88 43.15
C GLU WE 40 -51.03 -83.84 44.26
N VAL WE 41 -49.89 -83.18 44.42
CA VAL WE 41 -49.70 -82.15 45.43
C VAL WE 41 -48.99 -80.98 44.76
N LEU WE 42 -49.58 -79.80 44.86
CA LEU WE 42 -48.99 -78.60 44.32
C LEU WE 42 -48.57 -77.69 45.48
N ILE WE 43 -47.30 -77.31 45.49
CA ILE WE 43 -46.79 -76.36 46.46
C ILE WE 43 -46.60 -75.04 45.73
N ALA WE 44 -47.36 -74.03 46.12
CA ALA WE 44 -47.43 -72.79 45.38
C ALA WE 44 -46.97 -71.63 46.24
N GLN WE 45 -46.03 -70.86 45.72
CA GLN WE 45 -45.57 -69.65 46.37
C GLN WE 45 -46.29 -68.44 45.79
N PHE WE 46 -46.36 -67.38 46.58
CA PHE WE 46 -46.98 -66.15 46.11
C PHE WE 46 -45.97 -65.24 45.46
N THR WE 47 -46.19 -64.95 44.18
CA THR WE 47 -45.35 -64.02 43.46
C THR WE 47 -45.93 -62.63 43.63
N GLU WE 48 -45.40 -61.67 42.86
CA GLU WE 48 -46.05 -60.38 42.77
C GLU WE 48 -47.35 -60.48 41.98
N HIS WE 49 -47.34 -61.25 40.90
CA HIS WE 49 -48.51 -61.47 40.07
C HIS WE 49 -49.61 -62.25 40.78
N THR WE 50 -49.29 -63.44 41.26
CA THR WE 50 -50.25 -64.29 41.95
C THR WE 50 -50.48 -63.71 43.33
N SER WE 51 -51.50 -62.87 43.46
CA SER WE 51 -51.87 -62.29 44.73
C SER WE 51 -53.13 -62.92 45.33
N ALA WE 52 -53.76 -63.84 44.60
CA ALA WE 52 -54.95 -64.51 45.09
C ALA WE 52 -55.04 -65.86 44.41
N ILE WE 53 -55.42 -66.88 45.19
CA ILE WE 53 -55.49 -68.25 44.71
C ILE WE 53 -56.86 -68.80 45.06
N LYS WE 54 -57.58 -69.26 44.05
CA LYS WE 54 -58.90 -69.85 44.23
C LYS WE 54 -58.82 -71.33 43.93
N VAL WE 55 -59.43 -72.14 44.78
CA VAL WE 55 -59.36 -73.59 44.67
C VAL WE 55 -60.77 -74.13 44.55
N ARG WE 56 -61.02 -74.91 43.49
CA ARG WE 56 -62.30 -75.56 43.27
C ARG WE 56 -62.17 -77.05 43.54
N GLY WE 57 -63.29 -77.71 43.70
CA GLY WE 57 -63.30 -79.16 43.85
C GLY WE 57 -62.81 -79.58 45.23
N LYS WE 58 -62.74 -80.89 45.39
CA LYS WE 58 -62.35 -81.46 46.67
C LYS WE 58 -60.83 -81.49 46.77
N ALA WE 59 -60.28 -80.73 47.71
CA ALA WE 59 -58.85 -80.64 47.89
C ALA WE 59 -58.55 -80.38 49.35
N TYR WE 60 -57.31 -80.66 49.75
CA TYR WE 60 -56.88 -80.53 51.12
C TYR WE 60 -55.71 -79.56 51.17
N ILE WE 61 -55.92 -78.42 51.82
CA ILE WE 61 -54.97 -77.31 51.76
C ILE WE 61 -54.32 -77.14 53.12
N GLN WE 62 -52.99 -76.99 53.11
CA GLN WE 62 -52.23 -76.62 54.28
C GLN WE 62 -51.61 -75.26 54.03
N THR WE 63 -51.90 -74.31 54.92
CA THR WE 63 -51.28 -73.00 54.90
C THR WE 63 -50.52 -72.80 56.19
N SER WE 64 -50.04 -71.58 56.40
CA SER WE 64 -49.41 -71.24 57.66
C SER WE 64 -50.43 -71.17 58.78
N HIS WE 65 -51.66 -70.79 58.46
CA HIS WE 65 -52.72 -70.67 59.45
C HIS WE 65 -53.32 -72.01 59.84
N GLY WE 66 -52.97 -73.09 59.16
CA GLY WE 66 -53.51 -74.39 59.48
C GLY WE 66 -53.97 -75.09 58.22
N VAL WE 67 -54.87 -76.05 58.39
CA VAL WE 67 -55.36 -76.85 57.29
C VAL WE 67 -56.83 -76.53 57.05
N ILE WE 68 -57.29 -76.88 55.86
CA ILE WE 68 -58.67 -76.64 55.46
C ILE WE 68 -58.99 -77.61 54.32
N GLU WE 69 -60.27 -77.82 54.06
CA GLU WE 69 -60.70 -78.80 53.08
C GLU WE 69 -61.71 -78.19 52.13
N SER WE 70 -61.24 -77.83 50.93
CA SER WE 70 -62.14 -77.28 49.94
C SER WE 70 -62.95 -78.39 49.29
N GLU WE 71 -64.18 -78.06 48.90
CA GLU WE 71 -65.04 -79.03 48.24
C GLU WE 71 -65.59 -78.51 46.92
N ASP XE 6 -38.57 -71.90 53.55
CA ASP XE 6 -37.88 -71.57 52.31
C ASP XE 6 -37.60 -72.78 51.45
N PHE XE 7 -37.71 -73.97 52.02
CA PHE XE 7 -37.34 -75.18 51.29
C PHE XE 7 -38.23 -76.34 51.72
N VAL XE 8 -38.36 -77.31 50.83
CA VAL XE 8 -39.19 -78.48 51.04
C VAL XE 8 -38.33 -79.73 50.93
N VAL XE 9 -38.82 -80.81 51.53
CA VAL XE 9 -38.11 -82.08 51.54
C VAL XE 9 -39.03 -83.15 50.98
N ILE XE 10 -38.62 -83.77 49.88
CA ILE XE 10 -39.45 -84.75 49.19
C ILE XE 10 -38.74 -86.08 49.23
N LYS XE 11 -39.31 -87.06 49.91
CA LYS XE 11 -38.78 -88.42 49.91
C LYS XE 11 -39.61 -89.24 48.94
N ALA XE 12 -38.97 -89.74 47.89
CA ALA XE 12 -39.71 -90.49 46.89
C ALA XE 12 -39.93 -91.92 47.36
N LEU XE 13 -41.17 -92.23 47.71
CA LEU XE 13 -41.52 -93.55 48.22
C LEU XE 13 -41.71 -94.59 47.12
N GLU XE 14 -41.76 -94.16 45.87
CA GLU XE 14 -41.88 -95.09 44.75
C GLU XE 14 -41.06 -94.55 43.60
N ASP XE 15 -40.83 -95.40 42.60
CA ASP XE 15 -39.98 -95.02 41.50
C ASP XE 15 -40.68 -94.04 40.57
N GLY XE 16 -39.87 -93.28 39.83
CA GLY XE 16 -40.40 -92.39 38.82
C GLY XE 16 -41.19 -91.21 39.33
N VAL XE 17 -40.88 -90.70 40.52
CA VAL XE 17 -41.61 -89.57 41.03
C VAL XE 17 -41.12 -88.30 40.35
N ASN XE 18 -42.03 -87.56 39.75
CA ASN XE 18 -41.69 -86.36 38.99
C ASN XE 18 -41.82 -85.15 39.89
N VAL XE 19 -40.91 -84.20 39.73
CA VAL XE 19 -40.96 -82.93 40.44
C VAL XE 19 -40.79 -81.84 39.39
N ILE XE 20 -41.79 -80.98 39.27
CA ILE XE 20 -41.86 -80.01 38.18
C ILE XE 20 -41.61 -78.62 38.74
N GLY XE 21 -40.61 -77.93 38.20
CA GLY XE 21 -40.29 -76.59 38.63
C GLY XE 21 -38.82 -76.41 38.97
N SER XE 33 -37.95 -79.97 35.07
CA SER XE 33 -38.46 -81.26 35.52
C SER XE 33 -37.35 -82.15 36.03
N GLU XE 34 -37.62 -82.87 37.11
CA GLU XE 34 -36.66 -83.82 37.68
C GLU XE 34 -37.38 -85.12 37.99
N CYS XE 35 -36.65 -86.23 37.95
CA CYS XE 35 -37.21 -87.54 38.25
C CYS XE 35 -36.44 -88.15 39.42
N LEU XE 36 -37.16 -88.82 40.31
CA LEU XE 36 -36.56 -89.45 41.48
C LEU XE 36 -36.93 -90.93 41.50
N ASP XE 37 -36.01 -91.74 41.98
CA ASP XE 37 -36.26 -93.16 42.20
C ASP XE 37 -36.63 -93.39 43.66
N LYS XE 38 -36.95 -94.64 43.98
CA LYS XE 38 -37.42 -94.99 45.31
C LYS XE 38 -36.29 -94.89 46.33
N GLY XE 39 -36.55 -94.16 47.40
CA GLY XE 39 -35.60 -94.01 48.47
C GLY XE 39 -34.78 -92.73 48.42
N GLU XE 40 -34.78 -92.03 47.29
CA GLU XE 40 -34.05 -90.78 47.21
C GLU XE 40 -34.82 -89.69 47.93
N VAL XE 41 -34.11 -88.63 48.28
CA VAL XE 41 -34.68 -87.48 48.97
C VAL XE 41 -34.14 -86.23 48.29
N LEU XE 42 -35.04 -85.36 47.87
CA LEU XE 42 -34.67 -84.10 47.24
C LEU XE 42 -35.06 -82.97 48.17
N ILE XE 43 -34.09 -82.12 48.50
CA ILE XE 43 -34.33 -80.93 49.30
C ILE XE 43 -34.27 -79.75 48.33
N ALA XE 44 -35.39 -79.07 48.17
CA ALA XE 44 -35.52 -78.06 47.14
C ALA XE 44 -35.83 -76.70 47.75
N GLN XE 45 -35.03 -75.71 47.38
CA GLN XE 45 -35.28 -74.34 47.80
C GLN XE 45 -36.01 -73.59 46.70
N PHE XE 46 -36.73 -72.55 47.10
CA PHE XE 46 -37.44 -71.73 46.14
C PHE XE 46 -36.56 -70.60 45.64
N THR XE 47 -36.32 -70.58 44.34
CA THR XE 47 -35.58 -69.50 43.71
C THR XE 47 -36.57 -68.44 43.29
N GLU XE 48 -36.09 -67.47 42.51
CA GLU XE 48 -36.99 -66.54 41.86
C GLU XE 48 -37.76 -67.25 40.74
N HIS XE 49 -37.07 -68.09 39.98
CA HIS XE 49 -37.67 -68.84 38.89
C HIS XE 49 -38.67 -69.88 39.37
N THR XE 50 -38.24 -70.78 40.24
CA THR XE 50 -39.10 -71.84 40.78
C THR XE 50 -40.03 -71.20 41.79
N SER XE 51 -41.22 -70.83 41.34
CA SER XE 51 -42.24 -70.26 42.20
C SER XE 51 -43.37 -71.24 42.48
N ALA XE 52 -43.34 -72.42 41.87
CA ALA XE 52 -44.37 -73.43 42.08
C ALA XE 52 -43.75 -74.78 41.83
N ILE XE 53 -44.10 -75.75 42.67
CA ILE XE 53 -43.55 -77.09 42.59
C ILE XE 53 -44.70 -78.07 42.60
N LYS XE 54 -44.77 -78.91 41.56
CA LYS XE 54 -45.80 -79.93 41.44
C LYS XE 54 -45.16 -81.29 41.61
N VAL XE 55 -45.80 -82.16 42.39
CA VAL XE 55 -45.25 -83.47 42.72
C VAL XE 55 -46.24 -84.52 42.27
N ARG XE 56 -45.79 -85.46 41.45
CA ARG XE 56 -46.61 -86.58 41.00
C ARG XE 56 -46.15 -87.85 41.68
N GLY XE 57 -46.98 -88.87 41.63
CA GLY XE 57 -46.63 -90.18 42.17
C GLY XE 57 -46.63 -90.19 43.68
N LYS XE 58 -46.26 -91.35 44.22
CA LYS XE 58 -46.26 -91.54 45.67
C LYS XE 58 -44.99 -90.97 46.27
N ALA XE 59 -45.14 -89.93 47.09
CA ALA XE 59 -44.00 -89.29 47.71
C ALA XE 59 -44.43 -88.74 49.05
N TYR XE 60 -43.44 -88.47 49.91
CA TYR XE 60 -43.68 -88.00 51.26
C TYR XE 60 -42.98 -86.65 51.42
N ILE XE 61 -43.77 -85.60 51.62
CA ILE XE 61 -43.28 -84.23 51.59
C ILE XE 61 -43.31 -83.65 52.98
N GLN XE 62 -42.22 -83.01 53.38
CA GLN XE 62 -42.15 -82.22 54.60
C GLN XE 62 -41.93 -80.77 54.20
N THR XE 63 -42.82 -79.90 54.64
CA THR XE 63 -42.68 -78.46 54.48
C THR XE 63 -42.63 -77.81 55.85
N SER XE 64 -42.66 -76.48 55.86
CA SER XE 64 -42.74 -75.77 57.12
C SER XE 64 -44.10 -75.94 57.77
N HIS XE 65 -45.15 -76.11 56.96
CA HIS XE 65 -46.51 -76.28 57.47
C HIS XE 65 -46.78 -77.69 57.98
N GLY XE 66 -45.86 -78.62 57.78
CA GLY XE 66 -46.06 -79.98 58.24
C GLY XE 66 -45.73 -80.95 57.14
N VAL XE 67 -46.29 -82.16 57.26
CA VAL XE 67 -46.02 -83.23 56.31
C VAL XE 67 -47.28 -83.53 55.53
N ILE XE 68 -47.09 -84.19 54.38
CA ILE XE 68 -48.17 -84.55 53.50
C ILE XE 68 -47.69 -85.71 52.63
N GLU XE 69 -48.62 -86.43 52.02
CA GLU XE 69 -48.29 -87.62 51.25
C GLU XE 69 -48.95 -87.57 49.89
N SER XE 70 -48.17 -87.23 48.88
CA SER XE 70 -48.69 -87.20 47.53
C SER XE 70 -48.79 -88.61 46.97
N GLU XE 71 -49.79 -88.83 46.12
CA GLU XE 71 -49.96 -90.14 45.50
C GLU XE 71 -50.05 -90.05 43.99
N ASP YE 6 -27.38 -90.75 -23.24
CA ASP YE 6 -27.79 -89.52 -22.57
C ASP YE 6 -29.20 -89.62 -21.99
N PHE YE 7 -29.95 -90.62 -22.40
CA PHE YE 7 -31.34 -90.72 -21.98
C PHE YE 7 -31.75 -92.18 -21.86
N VAL YE 8 -32.76 -92.40 -21.03
CA VAL YE 8 -33.27 -93.74 -20.74
C VAL YE 8 -34.74 -93.79 -21.10
N VAL YE 9 -35.24 -95.00 -21.33
CA VAL YE 9 -36.62 -95.22 -21.72
C VAL YE 9 -37.23 -96.21 -20.74
N ILE YE 10 -38.26 -95.79 -20.02
CA ILE YE 10 -38.89 -96.59 -18.99
C ILE YE 10 -40.32 -96.86 -19.39
N LYS YE 11 -40.65 -98.12 -19.65
CA LYS YE 11 -42.02 -98.53 -19.93
C LYS YE 11 -42.61 -99.12 -18.65
N ALA YE 12 -43.64 -98.48 -18.10
CA ALA YE 12 -44.20 -98.96 -16.86
C ALA YE 12 -45.13 -100.13 -17.12
N LEU YE 13 -44.70 -101.32 -16.75
CA LEU YE 13 -45.47 -102.53 -16.97
C LEU YE 13 -46.56 -102.75 -15.94
N GLU YE 14 -46.57 -101.98 -14.85
CA GLU YE 14 -47.61 -102.08 -13.84
C GLU YE 14 -47.90 -100.68 -13.33
N ASP YE 15 -49.01 -100.55 -12.60
CA ASP YE 15 -49.43 -99.24 -12.14
C ASP YE 15 -48.56 -98.76 -10.99
N GLY YE 16 -48.53 -97.44 -10.81
CA GLY YE 16 -47.85 -96.84 -9.68
C GLY YE 16 -46.35 -96.96 -9.70
N VAL YE 17 -45.72 -97.00 -10.87
CA VAL YE 17 -44.27 -97.10 -10.91
C VAL YE 17 -43.67 -95.74 -10.62
N ASN YE 18 -42.81 -95.68 -9.62
CA ASN YE 18 -42.20 -94.44 -9.18
C ASN YE 18 -40.86 -94.25 -9.88
N VAL YE 19 -40.56 -93.02 -10.25
CA VAL YE 19 -39.27 -92.65 -10.83
C VAL YE 19 -38.77 -91.45 -10.04
N ILE YE 20 -37.61 -91.60 -9.41
CA ILE YE 20 -37.11 -90.61 -8.48
C ILE YE 20 -35.90 -89.92 -9.09
N GLY YE 21 -35.97 -88.59 -9.18
CA GLY YE 21 -34.88 -87.81 -9.73
C GLY YE 21 -35.33 -86.85 -10.81
N SER YE 33 -39.86 -86.47 -7.97
CA SER YE 33 -40.54 -87.75 -8.07
C SER YE 33 -41.67 -87.71 -9.10
N GLU YE 34 -41.81 -88.80 -9.85
CA GLU YE 34 -42.88 -88.93 -10.83
C GLU YE 34 -43.53 -90.30 -10.70
N CYS YE 35 -44.80 -90.40 -11.04
CA CYS YE 35 -45.52 -91.65 -10.99
C CYS YE 35 -46.05 -92.00 -12.37
N LEU YE 36 -45.99 -93.27 -12.73
CA LEU YE 36 -46.46 -93.74 -14.03
C LEU YE 36 -47.49 -94.84 -13.83
N ASP YE 37 -48.46 -94.87 -14.73
CA ASP YE 37 -49.45 -95.95 -14.77
C ASP YE 37 -49.03 -96.99 -15.79
N LYS YE 38 -49.83 -98.06 -15.87
CA LYS YE 38 -49.49 -99.18 -16.73
C LYS YE 38 -49.64 -98.81 -18.20
N GLY YE 39 -48.59 -99.05 -18.98
CA GLY YE 39 -48.60 -98.80 -20.39
C GLY YE 39 -47.95 -97.49 -20.80
N GLU YE 40 -47.71 -96.60 -19.86
CA GLU YE 40 -47.04 -95.35 -20.19
C GLU YE 40 -45.55 -95.59 -20.39
N VAL YE 41 -44.91 -94.66 -21.08
CA VAL YE 41 -43.49 -94.72 -21.37
C VAL YE 41 -42.90 -93.34 -21.11
N LEU YE 42 -41.89 -93.29 -20.26
CA LEU YE 42 -41.20 -92.04 -19.95
C LEU YE 42 -39.81 -92.09 -20.53
N ILE YE 43 -39.47 -91.10 -21.35
CA ILE YE 43 -38.13 -90.96 -21.89
C ILE YE 43 -37.47 -89.82 -21.11
N ALA YE 44 -36.42 -90.14 -20.38
CA ALA YE 44 -35.84 -89.18 -19.45
C ALA YE 44 -34.39 -88.92 -19.81
N GLN YE 45 -34.05 -87.64 -19.95
CA GLN YE 45 -32.68 -87.23 -20.17
C GLN YE 45 -32.04 -86.82 -18.86
N PHE YE 46 -30.71 -86.91 -18.81
CA PHE YE 46 -29.98 -86.50 -17.62
C PHE YE 46 -29.61 -85.04 -17.70
N THR YE 47 -30.11 -84.27 -16.73
CA THR YE 47 -29.76 -82.87 -16.62
C THR YE 47 -28.52 -82.76 -15.73
N GLU YE 48 -28.19 -81.54 -15.35
CA GLU YE 48 -27.19 -81.35 -14.32
C GLU YE 48 -27.72 -81.76 -12.96
N HIS YE 49 -28.99 -81.41 -12.69
CA HIS YE 49 -29.64 -81.76 -11.44
C HIS YE 49 -29.88 -83.26 -11.29
N THR YE 50 -30.58 -83.87 -12.25
CA THR YE 50 -30.89 -85.29 -12.23
C THR YE 50 -29.61 -86.04 -12.57
N SER YE 51 -28.87 -86.44 -11.55
CA SER YE 51 -27.66 -87.23 -11.73
C SER YE 51 -27.85 -88.68 -11.34
N ALA YE 52 -29.02 -89.04 -10.84
CA ALA YE 52 -29.30 -90.42 -10.45
C ALA YE 52 -30.79 -90.64 -10.56
N ILE YE 53 -31.17 -91.80 -11.07
CA ILE YE 53 -32.57 -92.14 -11.28
C ILE YE 53 -32.85 -93.50 -10.65
N LYS YE 54 -33.80 -93.55 -9.75
CA LYS YE 54 -34.19 -94.77 -9.08
C LYS YE 54 -35.57 -95.17 -9.55
N VAL YE 55 -35.75 -96.45 -9.85
CA VAL YE 55 -37.00 -96.96 -10.41
C VAL YE 55 -37.53 -98.04 -9.49
N ARG YE 56 -38.77 -97.88 -9.04
CA ARG YE 56 -39.43 -98.87 -8.20
C ARG YE 56 -40.51 -99.58 -9.01
N GLY YE 57 -40.96 -100.71 -8.52
CA GLY YE 57 -42.05 -101.43 -9.15
C GLY YE 57 -41.61 -102.13 -10.42
N LYS YE 58 -42.59 -102.76 -11.06
CA LYS YE 58 -42.32 -103.53 -12.27
C LYS YE 58 -42.27 -102.60 -13.47
N ALA YE 59 -41.10 -102.49 -14.08
CA ALA YE 59 -40.92 -101.62 -15.23
C ALA YE 59 -39.86 -102.22 -16.13
N TYR YE 60 -39.85 -101.77 -17.38
CA TYR YE 60 -38.95 -102.27 -18.40
C TYR YE 60 -38.12 -101.12 -18.93
N ILE YE 61 -36.81 -101.16 -18.68
CA ILE YE 61 -35.93 -100.04 -18.93
C ILE YE 61 -35.01 -100.37 -20.09
N GLN YE 62 -34.88 -99.43 -21.02
CA GLN YE 62 -33.89 -99.49 -22.08
C GLN YE 62 -32.92 -98.34 -21.88
N THR YE 63 -31.64 -98.67 -21.78
CA THR YE 63 -30.57 -97.69 -21.73
C THR YE 63 -29.66 -97.91 -22.92
N SER YE 64 -28.54 -97.19 -22.92
CA SER YE 64 -27.52 -97.42 -23.94
C SER YE 64 -26.83 -98.76 -23.75
N HIS YE 65 -26.71 -99.22 -22.51
CA HIS YE 65 -26.06 -100.47 -22.19
C HIS YE 65 -26.93 -101.68 -22.46
N GLY YE 66 -28.20 -101.49 -22.78
CA GLY YE 66 -29.09 -102.59 -23.04
C GLY YE 66 -30.39 -102.42 -22.30
N VAL YE 67 -31.08 -103.53 -22.08
CA VAL YE 67 -32.38 -103.51 -21.43
C VAL YE 67 -32.26 -104.21 -20.08
N ILE YE 68 -33.24 -103.92 -19.22
CA ILE YE 68 -33.29 -104.47 -17.87
C ILE YE 68 -34.73 -104.39 -17.41
N GLU YE 69 -35.07 -105.17 -16.38
CA GLU YE 69 -36.44 -105.26 -15.91
C GLU YE 69 -36.49 -105.07 -14.40
N SER YE 70 -36.89 -103.89 -13.97
CA SER YE 70 -37.01 -103.62 -12.55
C SER YE 70 -38.30 -104.23 -12.02
N GLU YE 71 -38.27 -104.66 -10.77
CA GLU YE 71 -39.44 -105.24 -10.14
C GLU YE 71 -39.78 -104.56 -8.81
N ASP ZE 6 -30.52 -87.96 -29.89
CA ASP ZE 6 -30.95 -86.61 -29.56
C ASP ZE 6 -32.44 -86.40 -29.78
N PHE ZE 7 -33.09 -87.32 -30.49
CA PHE ZE 7 -34.49 -87.14 -30.83
C PHE ZE 7 -35.19 -88.48 -30.88
N VAL ZE 8 -36.51 -88.43 -30.68
CA VAL ZE 8 -37.35 -89.61 -30.63
C VAL ZE 8 -38.43 -89.49 -31.70
N VAL ZE 9 -38.98 -90.62 -32.11
CA VAL ZE 9 -40.01 -90.68 -33.14
C VAL ZE 9 -41.21 -91.42 -32.58
N ILE ZE 10 -42.34 -90.74 -32.51
CA ILE ZE 10 -43.55 -91.29 -31.91
C ILE ZE 10 -44.62 -91.39 -32.98
N LYS ZE 11 -45.02 -92.59 -33.32
CA LYS ZE 11 -46.13 -92.81 -34.24
C LYS ZE 11 -47.37 -93.12 -33.43
N ALA ZE 12 -48.37 -92.27 -33.51
CA ALA ZE 12 -49.56 -92.49 -32.70
C ALA ZE 12 -50.46 -93.51 -33.37
N LEU ZE 13 -50.53 -94.70 -32.79
CA LEU ZE 13 -51.32 -95.80 -33.34
C LEU ZE 13 -52.80 -95.69 -32.99
N GLU ZE 14 -53.17 -94.80 -32.10
CA GLU ZE 14 -54.58 -94.60 -31.75
C GLU ZE 14 -54.79 -93.12 -31.50
N ASP ZE 15 -56.05 -92.72 -31.45
CA ASP ZE 15 -56.37 -91.31 -31.31
C ASP ZE 15 -56.11 -90.83 -29.90
N GLY ZE 16 -55.91 -89.52 -29.77
CA GLY ZE 16 -55.77 -88.89 -28.48
C GLY ZE 16 -54.52 -89.25 -27.72
N VAL ZE 17 -53.41 -89.54 -28.41
CA VAL ZE 17 -52.19 -89.87 -27.70
C VAL ZE 17 -51.54 -88.60 -27.19
N ASN ZE 18 -51.29 -88.55 -25.89
CA ASN ZE 18 -50.75 -87.37 -25.25
C ASN ZE 18 -49.23 -87.49 -25.17
N VAL ZE 19 -48.54 -86.38 -25.37
CA VAL ZE 19 -47.10 -86.30 -25.23
C VAL ZE 19 -46.81 -85.11 -24.33
N ILE ZE 20 -46.17 -85.35 -23.19
CA ILE ZE 20 -46.01 -84.34 -22.16
C ILE ZE 20 -44.55 -83.93 -22.10
N GLY ZE 21 -44.30 -82.63 -22.26
CA GLY ZE 21 -42.95 -82.11 -22.20
C GLY ZE 21 -42.59 -81.25 -23.40
N SER ZE 33 -47.75 -79.79 -23.27
CA SER ZE 33 -48.53 -80.95 -23.66
C SER ZE 33 -48.97 -80.87 -25.12
N GLU ZE 34 -48.95 -82.01 -25.81
CA GLU ZE 34 -49.39 -82.09 -27.19
C GLU ZE 34 -50.28 -83.31 -27.36
N CYS ZE 35 -51.21 -83.24 -28.31
CA CYS ZE 35 -52.09 -84.36 -28.58
C CYS ZE 35 -51.93 -84.79 -30.03
N LEU ZE 36 -51.96 -86.09 -30.27
CA LEU ZE 36 -51.81 -86.65 -31.60
C LEU ZE 36 -53.00 -87.53 -31.92
N ASP ZE 37 -53.39 -87.54 -33.19
CA ASP ZE 37 -54.42 -88.43 -33.69
C ASP ZE 37 -53.78 -89.66 -34.32
N LYS ZE 38 -54.63 -90.59 -34.76
CA LYS ZE 38 -54.14 -91.85 -35.30
C LYS ZE 38 -53.48 -91.65 -36.64
N GLY ZE 39 -52.25 -92.16 -36.76
CA GLY ZE 39 -51.51 -92.10 -37.99
C GLY ZE 39 -50.49 -90.98 -38.05
N GLU ZE 40 -50.57 -90.01 -37.15
CA GLU ZE 40 -49.58 -88.95 -37.15
C GLU ZE 40 -48.28 -89.45 -36.55
N VAL ZE 41 -47.21 -88.72 -36.84
CA VAL ZE 41 -45.88 -89.05 -36.36
C VAL ZE 41 -45.23 -87.75 -35.88
N LEU ZE 42 -44.78 -87.74 -34.64
CA LEU ZE 42 -44.10 -86.60 -34.06
C LEU ZE 42 -42.65 -86.94 -33.85
N ILE ZE 43 -41.76 -86.14 -34.41
CA ILE ZE 43 -40.33 -86.28 -34.20
C ILE ZE 43 -39.92 -85.17 -33.25
N ALA ZE 44 -39.46 -85.55 -32.06
CA ALA ZE 44 -39.23 -84.59 -31.00
C ALA ZE 44 -37.77 -84.61 -30.57
N GLN ZE 45 -37.16 -83.43 -30.57
CA GLN ZE 45 -35.81 -83.27 -30.07
C GLN ZE 45 -35.82 -82.80 -28.63
N PHE ZE 46 -34.75 -83.09 -27.92
CA PHE ZE 46 -34.63 -82.65 -26.53
C PHE ZE 46 -33.98 -81.29 -26.45
N THR ZE 47 -34.73 -80.33 -25.90
CA THR ZE 47 -34.19 -79.00 -25.66
C THR ZE 47 -33.57 -78.98 -24.28
N GLU ZE 48 -33.23 -77.78 -23.83
CA GLU ZE 48 -32.85 -77.62 -22.43
C GLU ZE 48 -34.07 -77.76 -21.53
N HIS ZE 49 -35.19 -77.18 -21.94
CA HIS ZE 49 -36.44 -77.26 -21.20
C HIS ZE 49 -37.01 -78.66 -21.15
N THR ZE 50 -37.26 -79.26 -22.30
CA THR ZE 50 -37.82 -80.61 -22.39
C THR ZE 50 -36.72 -81.59 -22.01
N SER ZE 51 -36.68 -81.97 -20.74
CA SER ZE 51 -35.73 -82.95 -20.26
C SER ZE 51 -36.37 -84.30 -19.97
N ALA ZE 52 -37.69 -84.39 -20.11
CA ALA ZE 52 -38.40 -85.64 -19.88
C ALA ZE 52 -39.66 -85.64 -20.73
N ILE ZE 53 -39.96 -86.78 -21.33
CA ILE ZE 53 -41.10 -86.92 -22.21
C ILE ZE 53 -41.91 -88.12 -21.77
N LYS ZE 54 -43.19 -87.89 -21.48
CA LYS ZE 54 -44.09 -88.95 -21.05
C LYS ZE 54 -45.12 -89.18 -22.16
N VAL ZE 55 -45.38 -90.45 -22.46
CA VAL ZE 55 -46.26 -90.82 -23.56
C VAL ZE 55 -47.39 -91.68 -23.00
N ARG ZE 56 -48.62 -91.26 -23.25
CA ARG ZE 56 -49.80 -92.01 -22.84
C ARG ZE 56 -50.44 -92.64 -24.06
N GLY ZE 57 -51.31 -93.62 -23.83
CA GLY ZE 57 -52.06 -94.23 -24.90
C GLY ZE 57 -51.21 -95.16 -25.74
N LYS ZE 58 -51.84 -95.70 -26.77
CA LYS ZE 58 -51.17 -96.66 -27.65
C LYS ZE 58 -50.35 -95.91 -28.69
N ALA ZE 59 -49.04 -96.07 -28.63
CA ALA ZE 59 -48.14 -95.40 -29.54
C ALA ZE 59 -46.92 -96.28 -29.77
N TYR ZE 60 -46.21 -96.00 -30.85
CA TYR ZE 60 -45.04 -96.77 -31.24
C TYR ZE 60 -43.84 -95.84 -31.30
N ILE ZE 61 -42.87 -96.06 -30.42
CA ILE ZE 61 -41.77 -95.13 -30.23
C ILE ZE 61 -40.49 -95.75 -30.75
N GLN ZE 62 -39.74 -94.98 -31.52
CA GLN ZE 62 -38.38 -95.32 -31.92
C GLN ZE 62 -37.43 -94.33 -31.29
N THR ZE 63 -36.46 -94.85 -30.54
CA THR ZE 63 -35.38 -94.05 -29.98
C THR ZE 63 -34.06 -94.58 -30.53
N SER ZE 64 -32.97 -94.05 -29.99
CA SER ZE 64 -31.66 -94.56 -30.34
C SER ZE 64 -31.44 -95.95 -29.78
N HIS ZE 65 -32.05 -96.25 -28.63
CA HIS ZE 65 -31.90 -97.55 -27.99
C HIS ZE 65 -32.76 -98.63 -28.62
N GLY ZE 66 -33.63 -98.28 -29.55
CA GLY ZE 66 -34.48 -99.25 -30.19
C GLY ZE 66 -35.91 -98.77 -30.22
N VAL ZE 67 -36.83 -99.73 -30.35
CA VAL ZE 67 -38.25 -99.42 -30.46
C VAL ZE 67 -38.96 -99.94 -29.21
N ILE ZE 68 -40.15 -99.39 -28.98
CA ILE ZE 68 -40.96 -99.74 -27.83
C ILE ZE 68 -42.40 -99.38 -28.16
N GLU ZE 69 -43.35 -99.95 -27.43
CA GLU ZE 69 -44.76 -99.76 -27.72
C GLU ZE 69 -45.51 -99.37 -26.46
N SER ZE 70 -45.82 -98.08 -26.33
CA SER ZE 70 -46.57 -97.62 -25.18
C SER ZE 70 -48.04 -97.94 -25.37
N GLU ZE 71 -48.72 -98.20 -24.25
CA GLU ZE 71 -50.15 -98.50 -24.29
C GLU ZE 71 -50.94 -97.60 -23.36
N ASP AF 6 -29.22 -85.51 -37.32
CA ASP AF 6 -29.48 -84.08 -37.34
C ASP AF 6 -30.59 -83.69 -38.30
N PHE AF 7 -30.97 -84.60 -39.19
CA PHE AF 7 -31.94 -84.27 -40.22
C PHE AF 7 -32.77 -85.49 -40.56
N VAL AF 8 -33.98 -85.23 -41.06
CA VAL AF 8 -34.94 -86.26 -41.40
C VAL AF 8 -35.29 -86.13 -42.88
N VAL AF 9 -35.78 -87.22 -43.46
CA VAL AF 9 -36.14 -87.27 -44.86
C VAL AF 9 -37.58 -87.74 -44.97
N ILE AF 10 -38.44 -86.91 -45.53
CA ILE AF 10 -39.87 -87.19 -45.61
C ILE AF 10 -40.25 -87.28 -47.07
N LYS AF 11 -40.66 -88.46 -47.52
CA LYS AF 11 -41.18 -88.64 -48.87
C LYS AF 11 -42.69 -88.65 -48.79
N ALA AF 12 -43.34 -87.68 -49.42
CA ALA AF 12 -44.79 -87.61 -49.34
C ALA AF 12 -45.42 -88.57 -50.33
N LEU AF 13 -46.00 -89.65 -49.80
CA LEU AF 13 -46.60 -90.68 -50.62
C LEU AF 13 -48.00 -90.32 -51.10
N GLU AF 14 -48.59 -89.26 -50.57
CA GLU AF 14 -49.91 -88.82 -51.01
C GLU AF 14 -49.92 -87.29 -50.98
N ASP AF 15 -50.93 -86.72 -51.61
CA ASP AF 15 -50.99 -85.27 -51.72
C ASP AF 15 -51.38 -84.64 -50.39
N GLY AF 16 -51.02 -83.36 -50.25
CA GLY AF 16 -51.42 -82.58 -49.10
C GLY AF 16 -50.81 -83.01 -47.78
N VAL AF 17 -49.60 -83.55 -47.79
CA VAL AF 17 -48.99 -83.95 -46.54
C VAL AF 17 -48.44 -82.72 -45.83
N ASN AF 18 -48.86 -82.53 -44.59
CA ASN AF 18 -48.49 -81.35 -43.82
C ASN AF 18 -47.28 -81.68 -42.97
N VAL AF 19 -46.38 -80.72 -42.84
CA VAL AF 19 -45.21 -80.83 -41.97
C VAL AF 19 -45.18 -79.57 -41.12
N ILE AF 20 -45.26 -79.74 -39.80
CA ILE AF 20 -45.43 -78.63 -38.89
C ILE AF 20 -44.15 -78.43 -38.10
N GLY AF 21 -43.60 -77.23 -38.17
CA GLY AF 21 -42.39 -76.91 -37.44
C GLY AF 21 -41.33 -76.28 -38.33
N SER AF 33 -45.45 -74.08 -40.95
CA SER AF 33 -46.14 -75.16 -41.64
C SER AF 33 -45.78 -75.23 -43.10
N GLU AF 34 -45.63 -76.44 -43.63
CA GLU AF 34 -45.34 -76.66 -45.04
C GLU AF 34 -46.25 -77.75 -45.58
N CYS AF 35 -46.55 -77.68 -46.87
CA CYS AF 35 -47.38 -78.70 -47.51
C CYS AF 35 -46.60 -79.34 -48.64
N LEU AF 36 -46.77 -80.64 -48.80
CA LEU AF 36 -46.09 -81.41 -49.84
C LEU AF 36 -47.11 -82.15 -50.69
N ASP AF 37 -46.80 -82.27 -51.97
CA ASP AF 37 -47.60 -83.07 -52.89
C ASP AF 37 -46.99 -84.45 -53.04
N LYS AF 38 -47.66 -85.31 -53.80
CA LYS AF 38 -47.24 -86.69 -53.95
C LYS AF 38 -45.96 -86.78 -54.76
N GLY AF 39 -44.97 -87.47 -54.21
CA GLY AF 39 -43.71 -87.70 -54.88
C GLY AF 39 -42.61 -86.75 -54.46
N GLU AF 40 -42.93 -85.67 -53.78
CA GLU AF 40 -41.89 -84.77 -53.32
C GLU AF 40 -41.19 -85.36 -52.10
N VAL AF 41 -40.00 -84.85 -51.84
CA VAL AF 41 -39.16 -85.28 -50.73
C VAL AF 41 -38.61 -84.05 -50.06
N LEU AF 42 -38.85 -83.93 -48.76
CA LEU AF 42 -38.34 -82.82 -47.97
C LEU AF 42 -37.28 -83.34 -47.01
N ILE AF 43 -36.09 -82.76 -47.08
CA ILE AF 43 -35.02 -83.07 -46.15
C ILE AF 43 -34.93 -81.92 -45.18
N ALA AF 44 -35.21 -82.18 -43.91
CA ALA AF 44 -35.36 -81.11 -42.93
C ALA AF 44 -34.34 -81.28 -41.81
N GLN AF 45 -33.59 -80.22 -41.54
CA GLN AF 45 -32.66 -80.19 -40.43
C GLN AF 45 -33.31 -79.52 -39.23
N PHE AF 46 -32.81 -79.85 -38.05
CA PHE AF 46 -33.32 -79.25 -36.83
C PHE AF 46 -32.55 -77.99 -36.49
N THR AF 47 -33.25 -76.86 -36.46
CA THR AF 47 -32.67 -75.60 -36.05
C THR AF 47 -32.82 -75.48 -34.54
N GLU AF 48 -32.52 -74.29 -34.03
CA GLU AF 48 -32.86 -73.99 -32.65
C GLU AF 48 -34.37 -73.82 -32.50
N HIS AF 49 -35.00 -73.15 -33.46
CA HIS AF 49 -36.44 -72.94 -33.47
C HIS AF 49 -37.23 -74.22 -33.65
N THR AF 50 -36.98 -74.95 -34.73
CA THR AF 50 -37.67 -76.19 -35.03
C THR AF 50 -37.13 -77.26 -34.10
N SER AF 51 -37.80 -77.45 -32.97
CA SER AF 51 -37.43 -78.48 -32.02
C SER AF 51 -38.38 -79.67 -32.04
N ALA AF 52 -39.44 -79.60 -32.83
CA ALA AF 52 -40.40 -80.69 -32.95
C ALA AF 52 -41.04 -80.62 -34.32
N ILE AF 53 -41.22 -81.79 -34.93
CA ILE AF 53 -41.77 -81.88 -36.27
C ILE AF 53 -42.92 -82.87 -36.25
N LYS AF 54 -44.10 -82.42 -36.67
CA LYS AF 54 -45.28 -83.27 -36.73
C LYS AF 54 -45.63 -83.50 -38.18
N VAL AF 55 -45.96 -84.74 -38.52
CA VAL AF 55 -46.23 -85.15 -39.89
C VAL AF 55 -47.62 -85.74 -39.96
N ARG AF 56 -48.46 -85.19 -40.83
CA ARG AF 56 -49.81 -85.70 -41.05
C ARG AF 56 -49.87 -86.40 -42.39
N GLY AF 57 -50.90 -87.19 -42.60
CA GLY AF 57 -51.13 -87.84 -43.87
C GLY AF 57 -50.17 -88.98 -44.11
N LYS AF 58 -50.30 -89.57 -45.29
CA LYS AF 58 -49.48 -90.73 -45.64
C LYS AF 58 -48.13 -90.27 -46.15
N ALA AF 59 -47.08 -90.60 -45.40
CA ALA AF 59 -45.73 -90.21 -45.76
C ALA AF 59 -44.76 -91.27 -45.27
N TYR AF 60 -43.56 -91.25 -45.84
CA TYR AF 60 -42.55 -92.24 -45.55
C TYR AF 60 -41.30 -91.51 -45.02
N ILE AF 61 -40.97 -91.74 -43.77
CA ILE AF 61 -39.96 -90.95 -43.07
C ILE AF 61 -38.74 -91.83 -42.82
N GLN AF 62 -37.56 -91.29 -43.13
CA GLN AF 62 -36.29 -91.88 -42.76
C GLN AF 62 -35.61 -90.95 -41.78
N THR AF 63 -35.26 -91.50 -40.62
CA THR AF 63 -34.48 -90.80 -39.62
C THR AF 63 -33.19 -91.57 -39.38
N SER AF 64 -32.44 -91.13 -38.37
CA SER AF 64 -31.25 -91.88 -37.97
C SER AF 64 -31.63 -93.18 -37.31
N HIS AF 65 -32.76 -93.23 -36.64
CA HIS AF 65 -33.22 -94.43 -35.95
C HIS AF 65 -33.84 -95.46 -36.87
N GLY AF 66 -34.04 -95.12 -38.15
CA GLY AF 66 -34.64 -96.04 -39.08
C GLY AF 66 -35.73 -95.37 -39.86
N VAL AF 67 -36.63 -96.19 -40.41
CA VAL AF 67 -37.72 -95.71 -41.23
C VAL AF 67 -39.04 -95.92 -40.52
N ILE AF 68 -40.05 -95.18 -40.96
CA ILE AF 68 -41.38 -95.25 -40.38
C ILE AF 68 -42.35 -94.73 -41.43
N GLU AF 69 -43.64 -95.06 -41.26
CA GLU AF 69 -44.65 -94.71 -42.24
C GLU AF 69 -45.84 -94.04 -41.57
N SER AF 70 -45.90 -92.72 -41.68
CA SER AF 70 -47.01 -91.98 -41.11
C SER AF 70 -48.23 -92.12 -42.01
N GLU AF 71 -49.40 -92.11 -41.40
CA GLU AF 71 -50.65 -92.21 -42.16
C GLU AF 71 -51.61 -91.09 -41.81
N ASP BF 6 -23.95 -84.44 -43.24
CA ASP BF 6 -23.86 -83.00 -43.46
C ASP BF 6 -24.25 -82.59 -44.87
N PHE BF 7 -24.32 -83.55 -45.78
CA PHE BF 7 -24.58 -83.22 -47.18
C PHE BF 7 -25.37 -84.34 -47.83
N VAL BF 8 -26.08 -83.95 -48.89
CA VAL BF 8 -26.94 -84.87 -49.63
C VAL BF 8 -26.49 -84.90 -51.08
N VAL BF 9 -26.85 -85.97 -51.77
CA VAL BF 9 -26.47 -86.17 -53.17
C VAL BF 9 -27.74 -86.41 -53.97
N ILE BF 10 -28.02 -85.54 -54.93
CA ILE BF 10 -29.25 -85.61 -55.72
C ILE BF 10 -28.87 -85.85 -57.17
N LYS BF 11 -29.25 -86.99 -57.70
CA LYS BF 11 -29.06 -87.29 -59.11
C LYS BF 11 -30.38 -87.05 -59.82
N ALA BF 12 -30.40 -86.09 -60.74
CA ALA BF 12 -31.66 -85.78 -61.41
C ALA BF 12 -31.92 -86.77 -62.53
N LEU BF 13 -32.88 -87.66 -62.32
CA LEU BF 13 -33.21 -88.68 -63.29
C LEU BF 13 -34.08 -88.18 -64.43
N GLU BF 14 -34.62 -86.97 -64.32
CA GLU BF 14 -35.42 -86.39 -65.40
C GLU BF 14 -35.13 -84.91 -65.45
N ASP BF 15 -35.56 -84.27 -66.52
CA ASP BF 15 -35.25 -82.86 -66.72
C ASP BF 15 -36.10 -81.99 -65.81
N GLY BF 16 -35.59 -80.78 -65.56
CA GLY BF 16 -36.33 -79.80 -64.81
C GLY BF 16 -36.55 -80.11 -63.36
N VAL BF 17 -35.63 -80.84 -62.72
CA VAL BF 17 -35.82 -81.14 -61.31
C VAL BF 17 -35.44 -79.92 -60.48
N ASN BF 18 -36.38 -79.48 -59.64
CA ASN BF 18 -36.19 -78.28 -58.84
C ASN BF 18 -35.64 -78.67 -57.48
N VAL BF 19 -34.74 -77.85 -56.95
CA VAL BF 19 -34.20 -78.02 -55.61
C VAL BF 19 -34.34 -76.68 -54.91
N ILE BF 20 -35.08 -76.64 -53.81
CA ILE BF 20 -35.45 -75.39 -53.17
C ILE BF 20 -34.70 -75.28 -51.85
N GLY BF 21 -33.96 -74.20 -51.68
CA GLY BF 21 -33.22 -73.97 -50.46
C GLY BF 21 -31.76 -73.65 -50.70
N SER BF 33 -33.49 -71.24 -55.16
CA SER BF 33 -33.97 -72.29 -56.06
C SER BF 33 -32.96 -72.62 -57.13
N GLU BF 34 -32.83 -73.91 -57.44
CA GLU BF 34 -31.93 -74.38 -58.49
C GLU BF 34 -32.67 -75.38 -59.37
N CYS BF 35 -32.27 -75.46 -60.63
CA CYS BF 35 -32.87 -76.40 -61.57
C CYS BF 35 -31.80 -77.32 -62.11
N LEU BF 36 -32.13 -78.60 -62.28
CA LEU BF 36 -31.21 -79.60 -62.78
C LEU BF 36 -31.81 -80.28 -63.99
N ASP BF 37 -30.96 -80.64 -64.94
CA ASP BF 37 -31.34 -81.42 -66.09
C ASP BF 37 -31.05 -82.90 -65.84
N LYS BF 38 -31.41 -83.73 -66.81
CA LYS BF 38 -31.28 -85.17 -66.65
C LYS BF 38 -29.82 -85.58 -66.70
N GLY BF 39 -29.40 -86.34 -65.69
CA GLY BF 39 -28.06 -86.85 -65.61
C GLY BF 39 -27.12 -86.04 -64.75
N GLU BF 40 -27.51 -84.83 -64.37
CA GLU BF 40 -26.66 -84.05 -63.49
C GLU BF 40 -26.79 -84.56 -62.05
N VAL BF 41 -25.80 -84.21 -61.24
CA VAL BF 41 -25.74 -84.61 -59.84
C VAL BF 41 -25.34 -83.38 -59.03
N LEU BF 42 -26.15 -83.05 -58.05
CA LEU BF 42 -25.87 -81.93 -57.17
C LEU BF 42 -25.55 -82.46 -55.78
N ILE BF 43 -24.39 -82.09 -55.25
CA ILE BF 43 -24.01 -82.43 -53.89
C ILE BF 43 -24.17 -81.17 -53.07
N ALA BF 44 -25.08 -81.20 -52.10
CA ALA BF 44 -25.47 -80.00 -51.38
C ALA BF 44 -25.18 -80.16 -49.91
N GLN BF 45 -24.47 -79.20 -49.34
CA GLN BF 45 -24.21 -79.15 -47.92
C GLN BF 45 -25.21 -78.22 -47.24
N PHE BF 46 -25.44 -78.46 -45.96
CA PHE BF 46 -26.34 -77.61 -45.20
C PHE BF 46 -25.59 -76.45 -44.57
N THR BF 47 -25.97 -75.23 -44.96
CA THR BF 47 -25.41 -74.04 -44.35
C THR BF 47 -26.25 -73.68 -43.15
N GLU BF 48 -26.00 -72.49 -42.61
CA GLU BF 48 -26.90 -71.92 -41.62
C GLU BF 48 -28.21 -71.51 -42.27
N HIS BF 49 -28.14 -70.89 -43.44
CA HIS BF 49 -29.31 -70.46 -44.18
C HIS BF 49 -30.15 -71.61 -44.69
N THR BF 50 -29.56 -72.52 -45.46
CA THR BF 50 -30.26 -73.67 -46.01
C THR BF 50 -30.49 -74.66 -44.88
N SER BF 51 -31.64 -74.58 -44.25
CA SER BF 51 -32.02 -75.51 -43.19
C SER BF 51 -33.06 -76.51 -43.65
N ALA BF 52 -33.55 -76.39 -44.87
CA ALA BF 52 -34.53 -77.32 -45.40
C ALA BF 52 -34.39 -77.36 -46.91
N ILE BF 53 -34.49 -78.55 -47.47
CA ILE BF 53 -34.32 -78.76 -48.90
C ILE BF 53 -35.51 -79.54 -49.43
N LYS BF 54 -36.20 -78.99 -50.40
CA LYS BF 54 -37.35 -79.62 -51.02
C LYS BF 54 -36.99 -80.01 -52.44
N VAL BF 55 -37.36 -81.23 -52.84
CA VAL BF 55 -37.00 -81.77 -54.13
C VAL BF 55 -38.27 -82.13 -54.88
N ARG BF 56 -38.43 -81.60 -56.08
CA ARG BF 56 -39.56 -81.92 -56.93
C ARG BF 56 -39.10 -82.78 -58.09
N GLY BF 57 -40.05 -83.42 -58.75
CA GLY BF 57 -39.75 -84.20 -59.93
C GLY BF 57 -39.06 -85.52 -59.59
N LYS BF 58 -38.72 -86.25 -60.64
CA LYS BF 58 -38.10 -87.55 -60.48
C LYS BF 58 -36.62 -87.39 -60.25
N ALA BF 59 -36.16 -87.77 -59.06
CA ALA BF 59 -34.76 -87.65 -58.69
C ALA BF 59 -34.40 -88.77 -57.73
N TYR BF 60 -33.10 -89.03 -57.61
CA TYR BF 60 -32.59 -90.11 -56.79
C TYR BF 60 -31.65 -89.51 -55.75
N ILE BF 61 -32.04 -89.61 -54.48
CA ILE BF 61 -31.36 -88.90 -53.41
C ILE BF 61 -30.63 -89.91 -52.53
N GLN BF 62 -29.38 -89.62 -52.22
CA GLN BF 62 -28.60 -90.34 -51.23
C GLN BF 62 -28.31 -89.41 -50.08
N THR BF 63 -28.70 -89.82 -48.87
CA THR BF 63 -28.38 -89.11 -47.65
C THR BF 63 -27.58 -90.03 -46.76
N SER BF 64 -27.34 -89.57 -45.53
CA SER BF 64 -26.69 -90.43 -44.55
C SER BF 64 -27.61 -91.55 -44.10
N HIS BF 65 -28.91 -91.32 -44.10
CA HIS BF 65 -29.88 -92.32 -43.69
C HIS BF 65 -30.16 -93.36 -44.75
N GLY BF 66 -29.65 -93.18 -45.97
CA GLY BF 66 -29.88 -94.13 -47.03
C GLY BF 66 -30.29 -93.41 -48.29
N VAL BF 67 -30.95 -94.16 -49.18
CA VAL BF 67 -31.36 -93.63 -50.47
C VAL BF 67 -32.88 -93.52 -50.51
N ILE BF 68 -33.36 -92.71 -51.44
CA ILE BF 68 -34.78 -92.48 -51.63
C ILE BF 68 -34.99 -91.98 -53.04
N GLU BF 69 -36.21 -92.06 -53.53
CA GLU BF 69 -36.52 -91.70 -54.91
C GLU BF 69 -37.70 -90.76 -54.97
N SER BF 70 -37.43 -89.48 -55.15
CA SER BF 70 -38.50 -88.50 -55.28
C SER BF 70 -39.12 -88.57 -56.66
N GLU BF 71 -40.41 -88.30 -56.73
CA GLU BF 71 -41.11 -88.30 -58.02
C GLU BF 71 -41.86 -87.00 -58.26
N ASP CF 6 -16.51 -85.14 -45.76
CA ASP CF 6 -16.02 -83.78 -45.96
C ASP CF 6 -15.58 -83.51 -47.38
N PHE CF 7 -15.40 -84.57 -48.17
CA PHE CF 7 -14.87 -84.42 -49.52
C PHE CF 7 -15.46 -85.47 -50.44
N VAL CF 8 -15.47 -85.13 -51.72
CA VAL CF 8 -16.02 -85.98 -52.76
C VAL CF 8 -14.94 -86.30 -53.79
N VAL CF 9 -15.13 -87.39 -54.51
CA VAL CF 9 -14.18 -87.84 -55.52
C VAL CF 9 -14.92 -87.99 -56.83
N ILE CF 10 -14.51 -87.23 -57.84
CA ILE CF 10 -15.17 -87.22 -59.13
C ILE CF 10 -14.20 -87.72 -60.19
N LYS CF 11 -14.50 -88.86 -60.78
CA LYS CF 11 -13.72 -89.37 -61.89
C LYS CF 11 -14.44 -89.03 -63.19
N ALA CF 12 -13.82 -88.22 -64.03
CA ALA CF 12 -14.49 -87.80 -65.25
C ALA CF 12 -14.37 -88.89 -66.31
N LEU CF 13 -15.48 -89.58 -66.58
CA LEU CF 13 -15.50 -90.66 -67.54
C LEU CF 13 -15.58 -90.20 -68.99
N GLU CF 14 -15.84 -88.91 -69.22
CA GLU CF 14 -15.87 -88.38 -70.57
C GLU CF 14 -15.28 -86.98 -70.53
N ASP CF 15 -14.99 -86.44 -71.71
CA ASP CF 15 -14.33 -85.15 -71.77
C ASP CF 15 -15.30 -84.02 -71.45
N GLY CF 16 -14.74 -82.89 -71.03
CA GLY CF 16 -15.52 -81.70 -70.81
C GLY CF 16 -16.49 -81.76 -69.65
N VAL CF 17 -16.17 -82.52 -68.61
CA VAL CF 17 -17.07 -82.59 -67.46
C VAL CF 17 -16.91 -81.35 -66.62
N ASN CF 18 -18.01 -80.64 -66.38
CA ASN CF 18 -17.99 -79.39 -65.65
C ASN CF 18 -18.28 -79.66 -64.18
N VAL CF 19 -17.59 -78.94 -63.31
CA VAL CF 19 -17.83 -78.99 -61.88
C VAL CF 19 -17.99 -77.55 -61.40
N ILE CF 20 -19.15 -77.24 -60.83
CA ILE CF 20 -19.50 -75.87 -60.51
C ILE CF 20 -19.49 -75.69 -59.01
N GLY CF 21 -18.71 -74.73 -58.53
CA GLY CF 21 -18.63 -74.45 -57.11
C GLY CF 21 -17.20 -74.42 -56.60
N SER CF 33 -16.00 -72.43 -61.42
CA SER CF 33 -16.20 -73.50 -62.39
C SER CF 33 -14.88 -74.14 -62.79
N GLU CF 34 -14.88 -75.46 -62.94
CA GLU CF 34 -13.72 -76.21 -63.37
C GLU CF 34 -14.13 -77.19 -64.46
N CYS CF 35 -13.19 -77.52 -65.34
CA CYS CF 35 -13.45 -78.48 -66.41
C CYS CF 35 -12.46 -79.63 -66.29
N LEU CF 36 -12.95 -80.84 -66.55
CA LEU CF 36 -12.13 -82.04 -66.47
C LEU CF 36 -12.20 -82.79 -67.80
N ASP CF 37 -11.08 -83.42 -68.16
CA ASP CF 37 -11.02 -84.29 -69.32
C ASP CF 37 -11.19 -85.73 -68.90
N LYS CF 38 -11.22 -86.62 -69.87
CA LYS CF 38 -11.49 -88.03 -69.61
C LYS CF 38 -10.31 -88.68 -68.89
N GLY CF 39 -10.61 -89.33 -67.77
CA GLY CF 39 -9.61 -90.04 -67.01
C GLY CF 39 -9.08 -89.29 -65.82
N GLU CF 40 -9.33 -87.98 -65.74
CA GLU CF 40 -8.88 -87.23 -64.59
C GLU CF 40 -9.79 -87.50 -63.40
N VAL CF 41 -9.27 -87.20 -62.21
CA VAL CF 41 -9.99 -87.39 -60.97
C VAL CF 41 -9.78 -86.16 -60.12
N LEU CF 42 -10.87 -85.55 -59.70
CA LEU CF 42 -10.83 -84.37 -58.84
C LEU CF 42 -11.35 -84.75 -57.46
N ILE CF 43 -10.55 -84.50 -56.44
CA ILE CF 43 -10.95 -84.70 -55.05
C ILE CF 43 -11.22 -83.32 -54.48
N ALA CF 44 -12.47 -83.07 -54.11
CA ALA CF 44 -12.89 -81.73 -53.74
C ALA CF 44 -13.40 -81.71 -52.31
N GLN CF 45 -12.87 -80.82 -51.51
CA GLN CF 45 -13.34 -80.60 -50.15
C GLN CF 45 -14.31 -79.44 -50.11
N PHE CF 46 -15.19 -79.45 -49.12
CA PHE CF 46 -16.14 -78.35 -48.95
C PHE CF 46 -15.56 -77.26 -48.08
N THR CF 47 -15.43 -76.07 -48.65
CA THR CF 47 -15.00 -74.91 -47.91
C THR CF 47 -16.22 -74.24 -47.30
N GLU CF 48 -16.02 -73.04 -46.77
CA GLU CF 48 -17.15 -72.21 -46.39
C GLU CF 48 -17.85 -71.68 -47.63
N HIS CF 49 -17.08 -71.27 -48.64
CA HIS CF 49 -17.62 -70.76 -49.88
C HIS CF 49 -18.34 -71.83 -50.70
N THR CF 50 -17.65 -72.91 -51.02
CA THR CF 50 -18.22 -74.00 -51.80
C THR CF 50 -19.17 -74.77 -50.90
N SER CF 51 -20.45 -74.41 -50.94
CA SER CF 51 -21.47 -75.11 -50.18
C SER CF 51 -22.35 -75.98 -51.06
N ALA CF 52 -22.14 -75.97 -52.36
CA ALA CF 52 -22.92 -76.78 -53.28
C ALA CF 52 -22.06 -77.06 -54.50
N ILE CF 53 -22.13 -78.30 -54.99
CA ILE CF 53 -21.34 -78.72 -56.13
C ILE CF 53 -22.26 -79.37 -57.14
N LYS CF 54 -22.25 -78.85 -58.36
CA LYS CF 54 -23.06 -79.38 -59.45
C LYS CF 54 -22.14 -80.03 -60.46
N VAL CF 55 -22.52 -81.21 -60.94
CA VAL CF 55 -21.70 -81.98 -61.86
C VAL CF 55 -22.49 -82.24 -63.12
N ARG CF 56 -21.93 -81.87 -64.26
CA ARG CF 56 -22.55 -82.11 -65.56
C ARG CF 56 -21.78 -83.20 -66.28
N GLY CF 57 -22.40 -83.77 -67.31
CA GLY CF 57 -21.73 -84.75 -68.14
C GLY CF 57 -21.59 -86.09 -67.45
N LYS CF 58 -20.94 -87.01 -68.14
CA LYS CF 58 -20.77 -88.36 -67.64
C LYS CF 58 -19.60 -88.41 -66.69
N ALA CF 59 -19.87 -88.68 -65.42
CA ALA CF 59 -18.83 -88.75 -64.41
C ALA CF 59 -19.24 -89.76 -63.34
N TYR CF 60 -18.26 -90.21 -62.58
CA TYR CF 60 -18.44 -91.22 -61.56
C TYR CF 60 -18.03 -90.64 -60.22
N ILE CF 61 -18.99 -90.49 -59.31
CA ILE CF 61 -18.79 -89.75 -58.07
C ILE CF 61 -18.81 -90.73 -56.91
N GLN CF 62 -17.84 -90.60 -56.01
CA GLN CF 62 -17.81 -91.29 -54.74
C GLN CF 62 -17.93 -90.26 -53.63
N THR CF 63 -18.94 -90.43 -52.78
CA THR CF 63 -19.10 -89.60 -51.60
C THR CF 63 -19.06 -90.51 -50.38
N SER CF 64 -19.36 -89.93 -49.22
CA SER CF 64 -19.47 -90.73 -48.01
C SER CF 64 -20.70 -91.62 -48.05
N HIS CF 65 -21.76 -91.18 -48.71
CA HIS CF 65 -23.00 -91.93 -48.80
C HIS CF 65 -22.93 -93.05 -49.82
N GLY CF 66 -21.87 -93.14 -50.60
CA GLY CF 66 -21.75 -94.18 -51.60
C GLY CF 66 -21.33 -93.60 -52.93
N VAL CF 67 -21.62 -94.34 -54.00
CA VAL CF 67 -21.22 -93.94 -55.33
C VAL CF 67 -22.46 -93.61 -56.14
N ILE CF 68 -22.25 -92.87 -57.23
CA ILE CF 68 -23.32 -92.44 -58.11
C ILE CF 68 -22.69 -92.11 -59.46
N GLU CF 69 -23.51 -92.07 -60.50
CA GLU CF 69 -23.03 -91.87 -61.86
C GLU CF 69 -23.80 -90.77 -62.55
N SER CF 70 -23.21 -89.59 -62.62
CA SER CF 70 -23.85 -88.48 -63.31
C SER CF 70 -23.71 -88.64 -64.81
N GLU CF 71 -24.72 -88.18 -65.54
CA GLU CF 71 -24.69 -88.25 -67.00
C GLU CF 71 -24.93 -86.89 -67.64
N ASP DF 6 -8.84 -87.19 -44.03
CA ASP DF 6 -8.06 -85.95 -44.03
C ASP DF 6 -6.95 -85.97 -45.05
N PHE DF 7 -6.61 -87.15 -45.57
CA PHE DF 7 -5.48 -87.28 -46.47
C PHE DF 7 -5.74 -88.36 -47.50
N VAL DF 8 -5.06 -88.23 -48.63
CA VAL DF 8 -5.19 -89.14 -49.75
C VAL DF 8 -3.84 -89.76 -50.07
N VAL DF 9 -3.87 -90.90 -50.73
CA VAL DF 9 -2.66 -91.64 -51.08
C VAL DF 9 -2.67 -91.88 -52.57
N ILE DF 10 -1.68 -91.35 -53.28
CA ILE DF 10 -1.61 -91.44 -54.74
C ILE DF 10 -0.38 -92.22 -55.12
N LYS DF 11 -0.56 -93.38 -55.72
CA LYS DF 11 0.54 -94.17 -56.24
C LYS DF 11 0.62 -93.92 -57.73
N ALA DF 12 1.72 -93.35 -58.20
CA ALA DF 12 1.82 -93.04 -59.61
C ALA DF 12 2.22 -94.28 -60.39
N LEU DF 13 1.28 -94.83 -61.15
CA LEU DF 13 1.51 -96.04 -61.92
C LEU DF 13 2.23 -95.79 -63.23
N GLU DF 14 2.39 -94.53 -63.64
CA GLU DF 14 3.12 -94.20 -64.85
C GLU DF 14 3.87 -92.92 -64.60
N ASP DF 15 4.80 -92.62 -65.50
CA ASP DF 15 5.64 -91.45 -65.32
C ASP DF 15 4.89 -90.17 -65.60
N GLY DF 16 5.38 -89.08 -65.02
CA GLY DF 16 4.85 -87.76 -65.29
C GLY DF 16 3.45 -87.51 -64.78
N VAL DF 17 3.05 -88.15 -63.68
CA VAL DF 17 1.72 -87.91 -63.15
C VAL DF 17 1.70 -86.58 -62.41
N ASN DF 18 0.79 -85.71 -62.81
CA ASN DF 18 0.70 -84.37 -62.24
C ASN DF 18 -0.31 -84.38 -61.11
N VAL DF 19 -0.01 -83.63 -60.05
CA VAL DF 19 -0.92 -83.43 -58.94
C VAL DF 19 -1.01 -81.93 -58.70
N ILE DF 20 -2.21 -81.38 -58.82
CA ILE DF 20 -2.40 -79.94 -58.81
C ILE DF 20 -3.09 -79.54 -57.52
N GLY DF 21 -2.47 -78.63 -56.77
CA GLY DF 21 -3.03 -78.15 -55.53
C GLY DF 21 -2.06 -78.24 -54.36
N SER DF 33 1.71 -77.19 -58.03
CA SER DF 33 1.80 -78.36 -58.90
C SER DF 33 2.98 -79.24 -58.53
N GLU DF 34 2.79 -80.55 -58.59
CA GLU DF 34 3.85 -81.51 -58.32
C GLU DF 34 3.84 -82.59 -59.41
N CYS DF 35 5.00 -83.17 -59.68
CA CYS DF 35 5.11 -84.23 -60.66
C CYS DF 35 5.66 -85.48 -59.99
N LEU DF 36 5.14 -86.64 -60.38
CA LEU DF 36 5.56 -87.92 -59.83
C LEU DF 36 6.00 -88.84 -60.95
N ASP DF 37 7.00 -89.66 -60.67
CA ASP DF 37 7.45 -90.69 -61.58
C ASP DF 37 6.80 -92.02 -61.21
N LYS DF 38 7.09 -93.04 -62.02
CA LYS DF 38 6.45 -94.34 -61.83
C LYS DF 38 6.98 -95.03 -60.58
N GLY DF 39 6.06 -95.46 -59.73
CA GLY DF 39 6.39 -96.17 -58.53
C GLY DF 39 6.41 -95.32 -57.28
N GLU DF 40 6.42 -94.01 -57.41
CA GLU DF 40 6.39 -93.15 -56.25
C GLU DF 40 4.99 -93.11 -55.66
N VAL DF 41 4.91 -92.71 -54.40
CA VAL DF 41 3.66 -92.61 -53.67
C VAL DF 41 3.66 -91.30 -52.92
N LEU DF 42 2.64 -90.49 -53.14
CA LEU DF 42 2.50 -89.21 -52.46
C LEU DF 42 1.32 -89.30 -51.51
N ILE DF 43 1.55 -89.01 -50.24
CA ILE DF 43 0.49 -88.94 -49.23
C ILE DF 43 0.26 -87.47 -48.97
N ALA DF 44 -0.93 -86.99 -49.30
CA ALA DF 44 -1.21 -85.56 -49.27
C ALA DF 44 -2.34 -85.26 -48.31
N GLN DF 45 -2.10 -84.33 -47.39
CA GLN DF 45 -3.11 -83.86 -46.48
C GLN DF 45 -3.73 -82.57 -47.02
N PHE DF 46 -4.96 -82.30 -46.59
CA PHE DF 46 -5.64 -81.08 -46.99
C PHE DF 46 -5.35 -79.96 -46.02
N THR DF 47 -4.73 -78.90 -46.53
CA THR DF 47 -4.49 -77.71 -45.73
C THR DF 47 -5.69 -76.79 -45.88
N GLU DF 48 -5.55 -75.56 -45.39
CA GLU DF 48 -6.53 -74.53 -45.69
C GLU DF 48 -6.43 -74.11 -47.14
N HIS DF 49 -5.20 -73.96 -47.63
CA HIS DF 49 -4.96 -73.58 -49.02
C HIS DF 49 -5.38 -74.65 -50.02
N THR DF 50 -4.85 -75.85 -49.88
CA THR DF 50 -5.18 -76.96 -50.78
C THR DF 50 -6.57 -77.45 -50.43
N SER DF 51 -7.57 -76.92 -51.14
CA SER DF 51 -8.94 -77.34 -50.96
C SER DF 51 -9.44 -78.21 -52.10
N ALA DF 52 -8.63 -78.42 -53.13
CA ALA DF 52 -9.00 -79.26 -54.25
C ALA DF 52 -7.74 -79.83 -54.86
N ILE DF 53 -7.80 -81.11 -55.23
CA ILE DF 53 -6.65 -81.81 -55.78
C ILE DF 53 -7.07 -82.47 -57.08
N LYS DF 54 -6.37 -82.15 -58.15
CA LYS DF 54 -6.64 -82.72 -59.46
C LYS DF 54 -5.49 -83.64 -59.85
N VAL DF 55 -5.81 -84.80 -60.37
CA VAL DF 55 -4.81 -85.82 -60.69
C VAL DF 55 -4.94 -86.16 -62.16
N ARG DF 56 -3.83 -86.04 -62.89
CA ARG DF 56 -3.78 -86.39 -64.30
C ARG DF 56 -2.98 -87.66 -64.47
N GLY DF 57 -3.12 -88.30 -65.63
CA GLY DF 57 -2.34 -89.48 -65.95
C GLY DF 57 -2.83 -90.69 -65.19
N LYS DF 58 -2.11 -91.80 -65.41
CA LYS DF 58 -2.48 -93.07 -64.81
C LYS DF 58 -1.95 -93.13 -63.39
N ALA DF 59 -2.85 -93.18 -62.43
CA ALA DF 59 -2.47 -93.23 -61.02
C ALA DF 59 -3.53 -93.99 -60.25
N TYR DF 60 -3.15 -94.45 -59.07
CA TYR DF 60 -4.01 -95.27 -58.22
C TYR DF 60 -4.20 -94.56 -56.89
N ILE DF 61 -5.43 -94.13 -56.61
CA ILE DF 61 -5.70 -93.26 -55.48
C ILE DF 61 -6.49 -94.03 -54.44
N GLN DF 62 -6.06 -93.90 -53.18
CA GLN DF 62 -6.81 -94.39 -52.03
C GLN DF 62 -7.24 -93.19 -51.21
N THR DF 63 -8.54 -93.08 -50.97
CA THR DF 63 -9.09 -92.08 -50.08
C THR DF 63 -9.82 -92.79 -48.95
N SER DF 64 -10.52 -92.00 -48.14
CA SER DF 64 -11.37 -92.59 -47.11
C SER DF 64 -12.57 -93.28 -47.71
N HIS DF 65 -13.06 -92.81 -48.85
CA HIS DF 65 -14.22 -93.38 -49.49
C HIS DF 65 -13.90 -94.66 -50.27
N GLY DF 66 -12.62 -95.00 -50.41
CA GLY DF 66 -12.24 -96.19 -51.14
C GLY DF 66 -11.13 -95.88 -52.10
N VAL DF 67 -11.00 -96.72 -53.12
CA VAL DF 67 -9.94 -96.59 -54.10
C VAL DF 67 -10.54 -96.22 -55.44
N ILE DF 68 -9.68 -95.69 -56.31
CA ILE DF 68 -10.08 -95.25 -57.64
C ILE DF 68 -8.83 -95.23 -58.51
N GLU DF 69 -9.01 -95.23 -59.82
CA GLU DF 69 -7.90 -95.31 -60.75
C GLU DF 69 -8.00 -94.23 -61.81
N SER DF 70 -7.23 -93.16 -61.65
CA SER DF 70 -7.22 -92.10 -62.62
C SER DF 70 -6.41 -92.50 -63.84
N GLU DF 71 -6.82 -92.02 -65.00
CA GLU DF 71 -6.10 -92.32 -66.23
C GLU DF 71 -5.72 -91.05 -67.00
N ASP EF 6 -4.01 -90.09 -38.56
CA ASP EF 6 -3.11 -89.00 -38.22
C ASP EF 6 -1.65 -89.34 -38.51
N PHE EF 7 -1.35 -90.61 -38.74
CA PHE EF 7 0.03 -91.02 -38.91
C PHE EF 7 0.11 -92.18 -39.87
N VAL EF 8 1.28 -92.32 -40.49
CA VAL EF 8 1.53 -93.34 -41.49
C VAL EF 8 2.71 -94.19 -41.03
N VAL EF 9 2.80 -95.40 -41.56
CA VAL EF 9 3.85 -96.35 -41.21
C VAL EF 9 4.53 -96.79 -42.48
N ILE EF 10 5.83 -96.52 -42.60
CA ILE EF 10 6.59 -96.81 -43.80
C ILE EF 10 7.67 -97.81 -43.46
N LYS EF 11 7.58 -99.01 -44.01
CA LYS EF 11 8.62 -100.01 -43.87
C LYS EF 11 9.48 -99.99 -45.11
N ALA EF 12 10.75 -99.66 -44.96
CA ALA EF 12 11.60 -99.56 -46.13
C ALA EF 12 12.10 -100.95 -46.54
N LEU EF 13 11.57 -101.45 -47.65
CA LEU EF 13 11.90 -102.77 -48.14
C LEU EF 13 13.22 -102.82 -48.89
N GLU EF 14 13.80 -101.66 -49.22
CA GLU EF 14 15.09 -101.63 -49.89
C GLU EF 14 15.86 -100.44 -49.34
N ASP EF 15 17.15 -100.40 -49.64
CA ASP EF 15 18.00 -99.37 -49.08
C ASP EF 15 17.76 -98.03 -49.77
N GLY EF 16 18.10 -96.96 -49.07
CA GLY EF 16 18.05 -95.62 -49.63
C GLY EF 16 16.67 -95.11 -49.92
N VAL EF 17 15.66 -95.52 -49.16
CA VAL EF 17 14.31 -95.01 -49.41
C VAL EF 17 14.19 -93.61 -48.85
N ASN EF 18 13.80 -92.68 -49.70
CA ASN EF 18 13.70 -91.27 -49.31
C ASN EF 18 12.28 -90.97 -48.88
N VAL EF 19 12.15 -90.13 -47.85
CA VAL EF 19 10.87 -89.66 -47.37
C VAL EF 19 10.97 -88.14 -47.28
N ILE EF 20 10.14 -87.44 -48.01
CA ILE EF 20 10.25 -85.99 -48.16
C ILE EF 20 9.11 -85.32 -47.43
N GLY EF 21 9.45 -84.43 -46.51
CA GLY EF 21 8.43 -83.70 -45.75
C GLY EF 21 8.66 -83.78 -44.26
N SER EF 33 13.87 -83.82 -45.49
CA SER EF 33 14.15 -85.10 -46.14
C SER EF 33 14.79 -86.08 -45.17
N GLU EF 34 14.40 -87.35 -45.27
CA GLU EF 34 14.97 -88.41 -44.45
C GLU EF 34 15.28 -89.60 -45.34
N CYS EF 35 16.28 -90.38 -44.94
CA CYS EF 35 16.65 -91.58 -45.69
C CYS EF 35 16.54 -92.79 -44.78
N LEU EF 36 16.06 -93.90 -45.34
CA LEU EF 36 15.89 -95.14 -44.59
C LEU EF 36 16.64 -96.26 -45.28
N ASP EF 37 17.17 -97.17 -44.49
CA ASP EF 37 17.80 -98.38 -45.00
C ASP EF 37 16.81 -99.53 -44.96
N LYS EF 38 17.25 -100.68 -45.46
CA LYS EF 38 16.36 -101.83 -45.57
C LYS EF 38 16.04 -102.41 -44.22
N GLY EF 39 14.75 -102.59 -43.95
CA GLY EF 39 14.29 -103.16 -42.71
C GLY EF 39 13.85 -102.17 -41.67
N GLU EF 40 14.19 -100.90 -41.84
CA GLU EF 40 13.75 -99.90 -40.88
C GLU EF 40 12.28 -99.56 -41.11
N VAL EF 41 11.66 -98.99 -40.09
CA VAL EF 41 10.27 -98.60 -40.12
C VAL EF 41 10.16 -97.21 -39.53
N LEU EF 42 9.57 -96.30 -40.28
CA LEU EF 42 9.36 -94.94 -39.82
C LEU EF 42 7.87 -94.71 -39.62
N ILE EF 43 7.50 -94.29 -38.42
CA ILE EF 43 6.11 -93.93 -38.12
C ILE EF 43 6.07 -92.41 -38.07
N ALA EF 44 5.32 -91.81 -38.99
CA ALA EF 44 5.36 -90.37 -39.17
C ALA EF 44 3.99 -89.77 -38.94
N GLN EF 45 3.93 -88.78 -38.07
CA GLN EF 45 2.71 -88.03 -37.84
C GLN EF 45 2.70 -86.75 -38.67
N PHE EF 46 1.51 -86.25 -38.96
CA PHE EF 46 1.39 -85.02 -39.69
C PHE EF 46 1.37 -83.82 -38.76
N THR EF 47 2.34 -82.94 -38.92
CA THR EF 47 2.38 -81.70 -38.17
C THR EF 47 1.63 -80.64 -38.95
N GLU EF 48 1.76 -79.40 -38.50
CA GLU EF 48 1.28 -78.28 -39.31
C GLU EF 48 2.18 -78.09 -40.51
N HIS EF 49 3.50 -78.19 -40.31
CA HIS EF 49 4.46 -78.05 -41.38
C HIS EF 49 4.39 -79.16 -42.41
N THR EF 50 4.53 -80.40 -41.98
CA THR EF 50 4.49 -81.57 -42.86
C THR EF 50 3.05 -81.78 -43.26
N SER EF 51 2.66 -81.22 -44.41
CA SER EF 51 1.33 -81.39 -44.95
C SER EF 51 1.30 -82.32 -46.14
N ALA EF 52 2.46 -82.80 -46.59
CA ALA EF 52 2.55 -83.71 -47.72
C ALA EF 52 3.80 -84.55 -47.55
N ILE EF 53 3.68 -85.84 -47.86
CA ILE EF 53 4.79 -86.78 -47.70
C ILE EF 53 4.95 -87.54 -49.00
N LYS EF 54 6.14 -87.48 -49.57
CA LYS EF 54 6.46 -88.18 -50.81
C LYS EF 54 7.43 -89.29 -50.50
N VAL EF 55 7.19 -90.46 -51.07
CA VAL EF 55 7.98 -91.65 -50.78
C VAL EF 55 8.57 -92.16 -52.09
N ARG EF 56 9.88 -92.31 -52.14
CA ARG EF 56 10.57 -92.87 -53.31
C ARG EF 56 11.06 -94.26 -52.99
N GLY EF 57 11.40 -95.01 -54.02
CA GLY EF 57 11.98 -96.32 -53.85
C GLY EF 57 10.95 -97.35 -53.41
N LYS EF 58 11.45 -98.56 -53.18
CA LYS EF 58 10.58 -99.66 -52.80
C LYS EF 58 10.30 -99.61 -51.31
N ALA EF 59 9.05 -99.39 -50.94
CA ALA EF 59 8.66 -99.30 -49.55
C ALA EF 59 7.22 -99.79 -49.40
N TYR EF 60 6.86 -100.13 -48.18
CA TYR EF 60 5.56 -100.68 -47.87
C TYR EF 60 4.87 -99.78 -46.86
N ILE EF 61 3.77 -99.14 -47.27
CA ILE EF 61 3.15 -98.09 -46.49
C ILE EF 61 1.82 -98.58 -45.97
N GLN EF 62 1.58 -98.35 -44.68
CA GLN EF 62 0.28 -98.55 -44.06
C GLN EF 62 -0.26 -97.21 -43.62
N THR EF 63 -1.45 -96.87 -44.10
CA THR EF 63 -2.18 -95.69 -43.67
C THR EF 63 -3.49 -96.11 -43.06
N SER EF 64 -4.33 -95.12 -42.75
CA SER EF 64 -5.67 -95.43 -42.28
C SER EF 64 -6.52 -96.02 -43.39
N HIS EF 65 -6.28 -95.63 -44.63
CA HIS EF 65 -7.04 -96.12 -45.77
C HIS EF 65 -6.63 -97.51 -46.22
N GLY EF 66 -5.56 -98.06 -45.66
CA GLY EF 66 -5.11 -99.38 -46.03
C GLY EF 66 -3.62 -99.38 -46.30
N VAL EF 67 -3.18 -100.37 -47.06
CA VAL EF 67 -1.76 -100.54 -47.36
C VAL EF 67 -1.52 -100.26 -48.83
N ILE EF 68 -0.26 -99.99 -49.15
CA ILE EF 68 0.16 -99.68 -50.51
C ILE EF 68 1.65 -99.97 -50.61
N GLU EF 69 2.16 -100.12 -51.82
CA GLU EF 69 3.54 -100.49 -52.04
C GLU EF 69 4.19 -99.56 -53.04
N SER EF 70 4.98 -98.62 -52.55
CA SER EF 70 5.69 -97.71 -53.43
C SER EF 70 6.89 -98.39 -54.03
N GLU EF 71 7.23 -98.01 -55.25
CA GLU EF 71 8.39 -98.59 -55.92
C GLU EF 71 9.34 -97.51 -56.43
N ASP FF 6 -3.07 -92.91 -31.17
CA ASP FF 6 -2.25 -91.91 -30.47
C ASP FF 6 -0.94 -92.48 -29.96
N PHE FF 7 -0.83 -93.80 -29.92
CA PHE FF 7 0.35 -94.43 -29.34
C PHE FF 7 0.66 -95.73 -30.05
N VAL FF 8 1.93 -96.12 -29.98
CA VAL FF 8 2.43 -97.32 -30.64
C VAL FF 8 3.04 -98.23 -29.60
N VAL FF 9 3.13 -99.51 -29.93
CA VAL FF 9 3.66 -100.53 -29.03
C VAL FF 9 4.79 -101.25 -29.76
N ILE FF 10 5.99 -101.18 -29.20
CA ILE FF 10 7.17 -101.76 -29.84
C ILE FF 10 7.72 -102.84 -28.93
N LYS FF 11 7.68 -104.09 -29.37
CA LYS FF 11 8.29 -105.19 -28.66
C LYS FF 11 9.64 -105.48 -29.29
N ALA FF 12 10.71 -105.31 -28.53
CA ALA FF 12 12.03 -105.52 -29.10
C ALA FF 12 12.36 -107.00 -29.12
N LEU FF 13 12.37 -107.58 -30.32
CA LEU FF 13 12.64 -109.00 -30.48
C LEU FF 13 14.11 -109.34 -30.45
N GLU FF 14 14.99 -108.35 -30.51
CA GLU FF 14 16.42 -108.59 -30.42
C GLU FF 14 17.03 -107.45 -29.63
N ASP FF 15 18.29 -107.65 -29.23
CA ASP FF 15 18.95 -106.66 -28.39
C ASP FF 15 19.34 -105.43 -29.18
N GLY FF 16 19.50 -104.32 -28.47
CA GLY FF 16 20.00 -103.10 -29.07
C GLY FF 16 19.06 -102.44 -30.06
N VAL FF 17 17.75 -102.58 -29.89
CA VAL FF 17 16.84 -101.94 -30.82
C VAL FF 17 16.73 -100.46 -30.49
N ASN FF 18 17.00 -99.63 -31.48
CA ASN FF 18 17.01 -98.18 -31.28
C ASN FF 18 15.64 -97.62 -31.63
N VAL FF 19 15.20 -96.63 -30.88
CA VAL FF 19 13.97 -95.90 -31.16
C VAL FF 19 14.31 -94.43 -31.11
N ILE FF 20 14.11 -93.73 -32.21
CA ILE FF 20 14.56 -92.36 -32.37
C ILE FF 20 13.37 -91.43 -32.37
N GLY FF 21 13.38 -90.47 -31.46
CA GLY FF 21 12.30 -89.50 -31.39
C GLY FF 21 11.73 -89.36 -29.98
N SER FF 33 16.75 -90.32 -28.37
CA SER FF 33 17.05 -91.71 -28.71
C SER FF 33 16.93 -92.62 -27.49
N GLU FF 34 16.40 -93.81 -27.70
CA GLU FF 34 16.26 -94.81 -26.63
C GLU FF 34 16.73 -96.16 -27.16
N CYS FF 35 17.23 -97.00 -26.27
CA CYS FF 35 17.67 -98.33 -26.64
C CYS FF 35 16.90 -99.37 -25.84
N LEU FF 36 16.54 -100.47 -26.49
CA LEU FF 36 15.79 -101.54 -25.87
C LEU FF 36 16.54 -102.85 -26.01
N ASP FF 37 16.42 -103.70 -25.00
CA ASP FF 37 16.97 -105.04 -25.04
C ASP FF 37 15.88 -106.03 -25.44
N LYS FF 38 16.26 -107.29 -25.58
CA LYS FF 38 15.35 -108.31 -26.06
C LYS FF 38 14.29 -108.62 -25.02
N GLY FF 39 13.03 -108.57 -25.43
CA GLY FF 39 11.92 -108.89 -24.58
C GLY FF 39 11.24 -107.69 -23.96
N GLU FF 40 11.86 -106.52 -24.01
CA GLU FF 40 11.21 -105.33 -23.49
C GLU FF 40 10.14 -104.84 -24.45
N VAL FF 41 9.24 -104.03 -23.93
CA VAL FF 41 8.13 -103.46 -24.69
C VAL FF 41 8.03 -102.00 -24.32
N LEU FF 42 8.08 -101.13 -25.32
CA LEU FF 42 7.94 -99.71 -25.13
C LEU FF 42 6.62 -99.25 -25.72
N ILE FF 43 5.80 -98.60 -24.92
CA ILE FF 43 4.55 -98.00 -25.38
C ILE FF 43 4.79 -96.51 -25.45
N ALA FF 44 4.73 -95.96 -26.66
CA ALA FF 44 5.13 -94.58 -26.88
C ALA FF 44 3.98 -93.76 -27.43
N GLN FF 45 3.69 -92.65 -26.78
CA GLN FF 45 2.69 -91.71 -27.24
C GLN FF 45 3.35 -90.59 -28.03
N PHE FF 46 2.57 -89.98 -28.92
CA PHE FF 46 3.08 -88.86 -29.70
C PHE FF 46 2.84 -87.55 -28.98
N THR FF 47 3.93 -86.86 -28.67
CA THR FF 47 3.83 -85.53 -28.08
C THR FF 47 3.79 -84.51 -29.20
N GLU FF 48 3.92 -83.24 -28.83
CA GLU FF 48 4.13 -82.21 -29.84
C GLU FF 48 5.53 -82.32 -30.43
N HIS FF 49 6.52 -82.58 -29.57
CA HIS FF 49 7.90 -82.74 -30.01
C HIS FF 49 8.11 -83.98 -30.85
N THR FF 50 7.78 -85.14 -30.33
CA THR FF 50 7.94 -86.41 -31.04
C THR FF 50 6.87 -86.48 -32.12
N SER FF 51 7.22 -86.05 -33.32
CA SER FF 51 6.32 -86.12 -34.46
C SER FF 51 6.70 -87.22 -35.44
N ALA FF 52 7.81 -87.90 -35.20
CA ALA FF 52 8.26 -88.99 -36.07
C ALA FF 52 9.07 -89.96 -35.23
N ILE FF 53 8.87 -91.24 -35.47
CA ILE FF 53 9.54 -92.29 -34.72
C ILE FF 53 10.16 -93.26 -35.70
N LYS FF 54 11.47 -93.46 -35.59
CA LYS FF 54 12.20 -94.37 -36.45
C LYS FF 54 12.67 -95.55 -35.62
N VAL FF 55 12.50 -96.75 -36.15
CA VAL FF 55 12.81 -97.98 -35.43
C VAL FF 55 13.84 -98.77 -36.23
N ARG FF 56 14.95 -99.10 -35.59
CA ARG FF 56 15.99 -99.91 -36.20
C ARG FF 56 15.98 -101.30 -35.59
N GLY FF 57 16.63 -102.24 -36.25
CA GLY FF 57 16.77 -103.59 -35.73
C GLY FF 57 15.48 -104.37 -35.81
N LYS FF 58 15.54 -105.58 -35.29
CA LYS FF 58 14.40 -106.49 -35.34
C LYS FF 58 13.45 -106.18 -34.21
N ALA FF 59 12.26 -105.72 -34.55
CA ALA FF 59 11.26 -105.36 -33.55
C ALA FF 59 9.88 -105.62 -34.13
N TYR FF 60 8.89 -105.71 -33.25
CA TYR FF 60 7.52 -106.03 -33.61
C TYR FF 60 6.64 -104.89 -33.15
N ILE FF 61 6.03 -104.19 -34.10
CA ILE FF 61 5.32 -102.94 -33.81
C ILE FF 61 3.83 -103.16 -34.01
N GLN FF 62 3.04 -102.70 -33.04
CA GLN FF 62 1.60 -102.63 -33.17
C GLN FF 62 1.19 -101.17 -33.15
N THR FF 63 0.48 -100.75 -34.19
CA THR FF 63 -0.10 -99.41 -34.26
C THR FF 63 -1.61 -99.55 -34.37
N SER FF 64 -2.28 -98.43 -34.61
CA SER FF 64 -3.70 -98.47 -34.87
C SER FF 64 -4.00 -99.09 -36.22
N HIS FF 65 -3.11 -98.94 -37.18
CA HIS FF 65 -3.29 -99.48 -38.52
C HIS FF 65 -3.00 -100.98 -38.60
N GLY FF 66 -2.47 -101.58 -37.54
CA GLY FF 66 -2.17 -102.99 -37.56
C GLY FF 66 -0.78 -103.24 -37.02
N VAL FF 67 -0.22 -104.38 -37.40
CA VAL FF 67 1.09 -104.79 -36.91
C VAL FF 67 2.07 -104.77 -38.07
N ILE FF 68 3.35 -104.74 -37.72
CA ILE FF 68 4.44 -104.70 -38.69
C ILE FF 68 5.69 -105.21 -37.99
N GLU FF 69 6.68 -105.62 -38.78
CA GLU FF 69 7.89 -106.20 -38.22
C GLU FF 69 9.12 -105.54 -38.81
N SER FF 70 9.73 -104.65 -38.04
CA SER FF 70 10.95 -103.99 -38.49
C SER FF 70 12.13 -104.92 -38.34
N GLU FF 71 13.10 -104.79 -39.25
CA GLU FF 71 14.30 -105.61 -39.20
C GLU FF 71 15.57 -104.77 -39.22
N ASP GF 6 -6.22 -94.56 -24.30
CA ASP GF 6 -5.67 -93.62 -23.34
C ASP GF 6 -4.94 -94.31 -22.19
N PHE GF 7 -5.15 -95.61 -22.04
CA PHE GF 7 -4.59 -96.31 -20.90
C PHE GF 7 -4.24 -97.74 -21.29
N VAL GF 8 -3.30 -98.31 -20.56
CA VAL GF 8 -2.79 -99.66 -20.80
C VAL GF 8 -3.00 -100.50 -19.55
N VAL GF 9 -3.04 -101.81 -19.74
CA VAL GF 9 -3.25 -102.75 -18.65
C VAL GF 9 -2.10 -103.75 -18.64
N ILE GF 10 -1.35 -103.79 -17.56
CA ILE GF 10 -0.17 -104.63 -17.46
C ILE GF 10 -0.39 -105.64 -16.35
N LYS GF 11 -0.46 -106.91 -16.69
CA LYS GF 11 -0.54 -107.98 -15.71
C LYS GF 11 0.84 -108.57 -15.55
N ALA GF 12 1.40 -108.47 -14.35
CA ALA GF 12 2.75 -108.97 -14.15
C ALA GF 12 2.73 -110.47 -13.92
N LEU GF 13 3.19 -111.22 -14.91
CA LEU GF 13 3.20 -112.67 -14.85
C LEU GF 13 4.35 -113.23 -14.05
N GLU GF 14 5.33 -112.41 -13.68
CA GLU GF 14 6.44 -112.85 -12.86
C GLU GF 14 6.81 -111.73 -11.91
N ASP GF 15 7.63 -112.06 -10.92
CA ASP GF 15 7.97 -111.08 -9.90
C ASP GF 15 8.96 -110.06 -10.43
N GLY GF 16 8.98 -108.90 -9.80
CA GLY GF 16 9.95 -107.87 -10.11
C GLY GF 16 9.80 -107.23 -11.46
N VAL GF 17 8.59 -107.13 -11.99
CA VAL GF 17 8.41 -106.50 -13.29
C VAL GF 17 8.47 -104.99 -13.13
N ASN GF 18 9.37 -104.36 -13.87
CA ASN GF 18 9.59 -102.92 -13.76
C ASN GF 18 8.74 -102.22 -14.80
N VAL GF 19 8.20 -101.07 -14.43
CA VAL GF 19 7.46 -100.20 -15.34
C VAL GF 19 8.04 -98.80 -15.19
N ILE GF 20 8.56 -98.25 -16.27
CA ILE GF 20 9.32 -97.02 -16.24
C ILE GF 20 8.51 -95.92 -16.90
N GLY GF 21 8.27 -94.85 -16.16
CA GLY GF 21 7.52 -93.71 -16.69
C GLY GF 21 6.39 -93.29 -15.79
N SER GF 33 9.60 -94.78 -11.77
CA SER GF 33 9.72 -96.23 -11.84
C SER GF 33 8.82 -96.92 -10.83
N GLU GF 34 8.22 -98.03 -11.22
CA GLU GF 34 7.37 -98.82 -10.34
C GLU GF 34 7.73 -100.29 -10.49
N CYS GF 35 7.53 -101.06 -9.43
CA CYS GF 35 7.81 -102.49 -9.45
C CYS GF 35 6.53 -103.26 -9.13
N LEU GF 36 6.33 -104.36 -9.82
CA LEU GF 36 5.15 -105.20 -9.63
C LEU GF 36 5.57 -106.62 -9.30
N ASP GF 37 4.79 -107.28 -8.46
CA ASP GF 37 4.98 -108.69 -8.15
C ASP GF 37 4.06 -109.53 -9.00
N LYS GF 38 4.18 -110.85 -8.86
CA LYS GF 38 3.43 -111.77 -9.70
C LYS GF 38 1.96 -111.75 -9.34
N GLY GF 39 1.12 -111.55 -10.36
CA GLY GF 39 -0.31 -111.56 -10.18
C GLY GF 39 -0.94 -110.19 -10.07
N GLU GF 40 -0.14 -109.15 -9.85
CA GLU GF 40 -0.70 -107.82 -9.78
C GLU GF 40 -1.01 -107.31 -11.18
N VAL GF 41 -1.86 -106.30 -11.24
CA VAL GF 41 -2.29 -105.68 -12.49
C VAL GF 41 -2.24 -104.17 -12.29
N LEU GF 42 -1.51 -103.49 -13.17
CA LEU GF 42 -1.43 -102.04 -13.13
C LEU GF 42 -2.13 -101.49 -14.35
N ILE GF 43 -3.09 -100.59 -14.11
CA ILE GF 43 -3.78 -99.88 -15.17
C ILE GF 43 -3.22 -98.47 -15.19
N ALA GF 44 -2.56 -98.10 -16.27
CA ALA GF 44 -1.81 -96.85 -16.32
C ALA GF 44 -2.35 -95.97 -17.42
N GLN GF 45 -2.67 -94.73 -17.06
CA GLN GF 45 -3.08 -93.73 -18.02
C GLN GF 45 -1.90 -92.85 -18.41
N PHE GF 46 -1.97 -92.27 -19.59
CA PHE GF 46 -0.92 -91.38 -20.05
C PHE GF 46 -1.20 -89.95 -19.62
N THR GF 47 -0.29 -89.39 -18.83
CA THR GF 47 -0.38 -88.00 -18.43
C THR GF 47 0.35 -87.16 -19.46
N GLU GF 48 0.55 -85.89 -19.14
CA GLU GF 48 1.45 -85.07 -19.93
C GLU GF 48 2.90 -85.49 -19.70
N HIS GF 49 3.25 -85.77 -18.46
CA HIS GF 49 4.59 -86.21 -18.10
C HIS GF 49 4.93 -87.57 -18.65
N THR GF 50 4.13 -88.60 -18.33
CA THR GF 50 4.36 -89.95 -18.79
C THR GF 50 3.97 -90.02 -20.26
N SER GF 51 4.96 -89.83 -21.13
CA SER GF 51 4.76 -89.92 -22.57
C SER GF 51 5.33 -91.19 -23.15
N ALA GF 52 6.00 -92.01 -22.34
CA ALA GF 52 6.56 -93.26 -22.81
C ALA GF 52 6.64 -94.22 -21.63
N ILE GF 53 6.31 -95.48 -21.88
CA ILE GF 53 6.27 -96.50 -20.84
C ILE GF 53 7.08 -97.69 -21.31
N LYS GF 54 8.08 -98.07 -20.53
CA LYS GF 54 8.93 -99.21 -20.84
C LYS GF 54 8.65 -100.31 -19.84
N VAL GF 55 8.53 -101.54 -20.33
CA VAL GF 55 8.16 -102.67 -19.50
C VAL GF 55 9.25 -103.73 -19.61
N ARG GF 56 9.80 -104.14 -18.47
CA ARG GF 56 10.81 -105.18 -18.42
C ARG GF 56 10.20 -106.44 -17.84
N GLY GF 57 10.88 -107.57 -18.03
CA GLY GF 57 10.45 -108.82 -17.44
C GLY GF 57 9.24 -109.40 -18.15
N LYS GF 58 8.77 -110.52 -17.61
CA LYS GF 58 7.65 -111.22 -18.21
C LYS GF 58 6.34 -110.59 -17.73
N ALA GF 59 5.61 -110.01 -18.67
CA ALA GF 59 4.35 -109.35 -18.37
C ALA GF 59 3.42 -109.47 -19.55
N TYR GF 60 2.14 -109.28 -19.30
CA TYR GF 60 1.10 -109.42 -20.31
C TYR GF 60 0.36 -108.10 -20.43
N ILE GF 61 0.48 -107.45 -21.58
CA ILE GF 61 0.00 -106.08 -21.76
C ILE GF 61 -1.19 -106.08 -22.69
N GLN GF 62 -2.24 -105.37 -22.30
CA GLN GF 62 -3.38 -105.09 -23.15
C GLN GF 62 -3.42 -103.59 -23.41
N THR GF 63 -3.41 -103.22 -24.69
CA THR GF 63 -3.57 -101.85 -25.11
C THR GF 63 -4.81 -101.76 -25.99
N SER GF 64 -5.02 -100.58 -26.58
CA SER GF 64 -6.10 -100.43 -27.54
C SER GF 64 -5.81 -101.20 -28.82
N HIS GF 65 -4.55 -101.34 -29.18
CA HIS GF 65 -4.16 -102.04 -30.40
C HIS GF 65 -4.19 -103.55 -30.26
N GLY GF 66 -4.39 -104.07 -29.05
CA GLY GF 66 -4.44 -105.49 -28.84
C GLY GF 66 -3.59 -105.87 -27.65
N VAL GF 67 -3.17 -107.14 -27.62
CA VAL GF 67 -2.40 -107.67 -26.52
C VAL GF 67 -0.99 -107.99 -27.00
N ILE GF 68 -0.08 -108.10 -26.03
CA ILE GF 68 1.31 -108.39 -26.31
C ILE GF 68 1.91 -108.97 -25.03
N GLU GF 69 3.06 -109.64 -25.17
CA GLU GF 69 3.67 -110.34 -24.05
C GLU GF 69 5.14 -109.96 -23.94
N SER GF 70 5.46 -109.09 -23.01
CA SER GF 70 6.84 -108.70 -22.80
C SER GF 70 7.57 -109.78 -22.02
N GLU GF 71 8.85 -109.93 -22.31
CA GLU GF 71 9.66 -110.92 -21.59
C GLU GF 71 10.92 -110.30 -21.00
N ASP HF 6 -13.08 -94.79 -19.65
CA ASP HF 6 -12.87 -93.81 -18.59
C ASP HF 6 -12.93 -94.43 -17.20
N PHE HF 7 -13.44 -95.64 -17.11
CA PHE HF 7 -13.65 -96.27 -15.81
C PHE HF 7 -13.45 -97.76 -15.90
N VAL HF 8 -13.10 -98.36 -14.76
CA VAL HF 8 -12.83 -99.79 -14.67
C VAL HF 8 -13.78 -100.40 -13.64
N VAL HF 9 -13.98 -101.70 -13.75
CA VAL HF 9 -14.87 -102.44 -12.86
C VAL HF 9 -14.09 -103.58 -12.24
N ILE HF 10 -13.96 -103.58 -10.92
CA ILE HF 10 -13.17 -104.57 -10.21
C ILE HF 10 -14.10 -105.36 -9.30
N LYS HF 11 -14.25 -106.64 -9.58
CA LYS HF 11 -15.00 -107.53 -8.71
C LYS HF 11 -14.02 -108.30 -7.85
N ALA HF 12 -14.09 -108.10 -6.53
CA ALA HF 12 -13.13 -108.77 -5.67
C ALA HF 12 -13.55 -110.20 -5.41
N LEU HF 13 -12.84 -111.15 -6.00
CA LEU HF 13 -13.16 -112.56 -5.87
C LEU HF 13 -12.67 -113.17 -4.57
N GLU HF 14 -11.83 -112.46 -3.81
CA GLU HF 14 -11.36 -112.95 -2.53
C GLU HF 14 -11.27 -111.77 -1.59
N ASP HF 15 -11.11 -112.07 -0.30
CA ASP HF 15 -11.10 -111.02 0.69
C ASP HF 15 -9.79 -110.25 0.66
N GLY HF 16 -9.83 -109.02 1.17
CA GLY HF 16 -8.65 -108.21 1.33
C GLY HF 16 -8.01 -107.75 0.05
N VAL HF 17 -8.78 -107.56 -1.02
CA VAL HF 17 -8.19 -107.10 -2.27
C VAL HF 17 -7.90 -105.61 -2.17
N ASN HF 18 -6.65 -105.23 -2.41
CA ASN HF 18 -6.22 -103.84 -2.29
C ASN HF 18 -6.32 -103.17 -3.64
N VAL HF 19 -6.72 -101.91 -3.64
CA VAL HF 19 -6.75 -101.08 -4.84
C VAL HF 19 -6.04 -99.79 -4.49
N ILE HF 20 -4.96 -99.49 -5.21
CA ILE HF 20 -4.08 -98.38 -4.86
C ILE HF 20 -4.24 -97.28 -5.90
N GLY HF 21 -4.58 -96.09 -5.43
CA GLY HF 21 -4.73 -94.95 -6.31
C GLY HF 21 -6.05 -94.23 -6.11
N SER HF 33 -5.50 -95.60 -0.97
CA SER HF 33 -5.66 -97.04 -0.89
C SER HF 33 -7.06 -97.43 -0.41
N GLU HF 34 -7.61 -98.49 -1.00
CA GLU HF 34 -8.91 -99.00 -0.62
C GLU HF 34 -8.83 -100.52 -0.48
N CYS HF 35 -9.66 -101.08 0.38
CA CYS HF 35 -9.70 -102.52 0.57
C CYS HF 35 -11.10 -103.03 0.26
N LEU HF 36 -11.18 -104.19 -0.38
CA LEU HF 36 -12.45 -104.80 -0.76
C LEU HF 36 -12.53 -106.21 -0.18
N ASP HF 37 -13.74 -106.61 0.19
CA ASP HF 37 -14.00 -107.97 0.62
C ASP HF 37 -14.56 -108.78 -0.53
N LYS HF 38 -14.78 -110.06 -0.28
CA LYS HF 38 -15.22 -110.97 -1.33
C LYS HF 38 -16.65 -110.68 -1.75
N GLY HF 39 -16.85 -110.51 -3.05
CA GLY HF 39 -18.15 -110.27 -3.60
C GLY HF 39 -18.47 -108.81 -3.88
N GLU HF 40 -17.68 -107.90 -3.35
CA GLU HF 40 -17.91 -106.50 -3.64
C GLU HF 40 -17.41 -106.15 -5.03
N VAL HF 41 -17.92 -105.04 -5.56
CA VAL HF 41 -17.55 -104.56 -6.88
C VAL HF 41 -17.31 -103.06 -6.77
N LEU HF 42 -16.14 -102.63 -7.20
CA LEU HF 42 -15.78 -101.22 -7.20
C LEU HF 42 -15.70 -100.74 -8.63
N ILE HF 43 -16.45 -99.70 -8.95
CA ILE HF 43 -16.38 -99.05 -10.25
C ILE HF 43 -15.62 -97.76 -10.06
N ALA HF 44 -14.46 -97.65 -10.70
CA ALA HF 44 -13.55 -96.55 -10.43
C ALA HF 44 -13.30 -95.76 -11.70
N GLN HF 45 -13.49 -94.45 -11.60
CA GLN HF 45 -13.20 -93.54 -12.70
C GLN HF 45 -11.82 -92.93 -12.49
N PHE HF 46 -11.20 -92.51 -13.60
CA PHE HF 46 -9.91 -91.87 -13.51
C PHE HF 46 -10.06 -90.36 -13.36
N THR HF 47 -9.54 -89.84 -12.25
CA THR HF 47 -9.53 -88.41 -12.01
C THR HF 47 -8.24 -87.85 -12.59
N GLU HF 48 -7.97 -86.59 -12.28
CA GLU HF 48 -6.64 -86.03 -12.56
C GLU HF 48 -5.60 -86.64 -11.64
N HIS HF 49 -5.95 -86.78 -10.36
CA HIS HF 49 -5.06 -87.36 -9.37
C HIS HF 49 -4.78 -88.84 -9.62
N THR HF 50 -5.82 -89.66 -9.68
CA THR HF 50 -5.69 -91.09 -9.90
C THR HF 50 -5.33 -91.30 -11.35
N SER HF 51 -4.04 -91.41 -11.64
CA SER HF 51 -3.55 -91.67 -12.98
C SER HF 51 -3.04 -93.09 -13.13
N ALA HF 52 -3.02 -93.87 -12.06
CA ALA HF 52 -2.57 -95.25 -12.13
C ALA HF 52 -3.26 -96.02 -11.01
N ILE HF 53 -3.67 -97.24 -11.33
CA ILE HF 53 -4.40 -98.07 -10.39
C ILE HF 53 -3.72 -99.44 -10.35
N LYS HF 54 -3.32 -99.85 -9.15
CA LYS HF 54 -2.68 -101.14 -8.94
C LYS HF 54 -3.61 -102.02 -8.15
N VAL HF 55 -3.74 -103.28 -8.57
CA VAL HF 55 -4.68 -104.22 -7.97
C VAL HF 55 -3.90 -105.42 -7.48
N ARG HF 56 -4.05 -105.75 -6.20
CA ARG HF 56 -3.42 -106.91 -5.60
C ARG HF 56 -4.48 -107.97 -5.34
N GLY HF 57 -4.04 -109.20 -5.12
CA GLY HF 57 -4.93 -110.28 -4.75
C GLY HF 57 -5.76 -110.75 -5.93
N LYS HF 58 -6.64 -111.69 -5.63
CA LYS HF 58 -7.47 -112.30 -6.67
C LYS HF 58 -8.67 -111.43 -6.94
N ALA HF 59 -8.74 -110.88 -8.14
CA ALA HF 59 -9.84 -110.00 -8.52
C ALA HF 59 -10.10 -110.15 -10.01
N TYR HF 60 -11.28 -109.73 -10.44
CA TYR HF 60 -11.71 -109.85 -11.82
C TYR HF 60 -12.02 -108.46 -12.35
N ILE HF 61 -11.24 -108.01 -13.32
CA ILE HF 61 -11.28 -106.63 -13.79
C ILE HF 61 -11.87 -106.59 -15.18
N GLN HF 62 -12.81 -105.68 -15.40
CA GLN HF 62 -13.32 -105.34 -16.72
C GLN HF 62 -12.93 -103.91 -17.04
N THR HF 63 -12.24 -103.74 -18.16
CA THR HF 63 -11.91 -102.42 -18.68
C THR HF 63 -12.53 -102.29 -20.05
N SER HF 64 -12.18 -101.19 -20.74
CA SER HF 64 -12.63 -101.02 -22.10
C SER HF 64 -11.93 -101.99 -23.04
N HIS HF 65 -10.70 -102.37 -22.72
CA HIS HF 65 -9.93 -103.30 -23.55
C HIS HF 65 -10.33 -104.75 -23.36
N GLY HF 66 -11.19 -105.04 -22.39
CA GLY HF 66 -11.62 -106.40 -22.16
C GLY HF 66 -11.53 -106.73 -20.69
N VAL HF 67 -11.44 -108.02 -20.39
CA VAL HF 67 -11.41 -108.51 -19.02
C VAL HF 67 -10.05 -109.10 -18.73
N ILE HF 68 -9.75 -109.20 -17.44
CA ILE HF 68 -8.47 -109.74 -16.98
C ILE HF 68 -8.68 -110.22 -15.55
N GLU HF 69 -7.78 -111.07 -15.07
CA GLU HF 69 -7.92 -111.68 -13.75
C GLU HF 69 -6.63 -111.52 -12.95
N SER HF 70 -6.62 -110.58 -12.03
CA SER HF 70 -5.46 -110.38 -11.18
C SER HF 70 -5.43 -111.43 -10.10
N GLU HF 71 -4.23 -111.82 -9.70
CA GLU HF 71 -4.07 -112.81 -8.63
C GLU HF 71 -3.16 -112.31 -7.53
N ASP IF 6 -20.99 -93.35 -19.46
CA ASP IF 6 -21.17 -92.25 -18.51
C ASP IF 6 -22.03 -92.63 -17.33
N PHE IF 7 -22.74 -93.75 -17.42
CA PHE IF 7 -23.68 -94.12 -16.37
C PHE IF 7 -23.75 -95.63 -16.24
N VAL IF 8 -24.14 -96.07 -15.05
CA VAL IF 8 -24.23 -97.48 -14.73
C VAL IF 8 -25.65 -97.80 -14.29
N VAL IF 9 -26.02 -99.08 -14.39
CA VAL IF 9 -27.35 -99.54 -14.06
C VAL IF 9 -27.22 -100.66 -13.03
N ILE IF 10 -27.77 -100.46 -11.85
CA ILE IF 10 -27.64 -101.42 -10.75
C ILE IF 10 -29.02 -101.94 -10.41
N LYS IF 11 -29.26 -103.22 -10.62
CA LYS IF 11 -30.50 -103.86 -10.22
C LYS IF 11 -30.24 -104.60 -8.92
N ALA IF 12 -30.92 -104.18 -7.86
CA ALA IF 12 -30.67 -104.81 -6.56
C ALA IF 12 -31.43 -106.12 -6.46
N LEU IF 13 -30.70 -107.23 -6.53
CA LEU IF 13 -31.31 -108.55 -6.48
C LEU IF 13 -31.65 -109.00 -5.07
N GLU IF 14 -31.19 -108.30 -4.05
CA GLU IF 14 -31.53 -108.63 -2.67
C GLU IF 14 -31.70 -107.33 -1.91
N ASP IF 15 -32.26 -107.44 -0.71
CA ASP IF 15 -32.56 -106.25 0.07
C ASP IF 15 -31.29 -105.66 0.67
N GLY IF 16 -31.36 -104.37 0.99
CA GLY IF 16 -30.29 -103.70 1.68
C GLY IF 16 -29.01 -103.54 0.89
N VAL IF 17 -29.10 -103.41 -0.43
CA VAL IF 17 -27.88 -103.24 -1.21
C VAL IF 17 -27.41 -101.80 -1.10
N ASN IF 18 -26.17 -101.62 -0.68
CA ASN IF 18 -25.60 -100.31 -0.45
C ASN IF 18 -24.88 -99.84 -1.70
N VAL IF 19 -24.98 -98.56 -2.01
CA VAL IF 19 -24.26 -97.94 -3.10
C VAL IF 19 -23.58 -96.70 -2.53
N ILE IF 20 -22.26 -96.65 -2.60
CA ILE IF 20 -21.47 -95.63 -1.93
C ILE IF 20 -20.89 -94.69 -2.98
N GLY IF 21 -21.18 -93.41 -2.84
CA GLY IF 21 -20.65 -92.41 -3.76
C GLY IF 21 -21.74 -91.51 -4.33
N SER IF 33 -24.11 -92.10 0.44
CA SER IF 33 -24.56 -93.49 0.53
C SER IF 33 -26.04 -93.61 0.24
N GLU IF 34 -26.41 -94.67 -0.47
CA GLU IF 34 -27.80 -94.96 -0.78
C GLU IF 34 -28.09 -96.43 -0.52
N CYS IF 35 -29.33 -96.74 -0.18
CA CYS IF 35 -29.72 -98.12 0.07
C CYS IF 35 -30.85 -98.50 -0.89
N LEU IF 36 -30.81 -99.73 -1.39
CA LEU IF 36 -31.82 -100.22 -2.33
C LEU IF 36 -32.42 -101.50 -1.78
N ASP IF 37 -33.71 -101.69 -2.05
CA ASP IF 37 -34.41 -102.92 -1.72
C ASP IF 37 -34.45 -103.83 -2.94
N LYS IF 38 -35.01 -105.02 -2.74
CA LYS IF 38 -35.02 -106.02 -3.80
C LYS IF 38 -35.96 -105.62 -4.92
N GLY IF 39 -35.45 -105.64 -6.15
CA GLY IF 39 -36.23 -105.34 -7.32
C GLY IF 39 -36.09 -103.92 -7.82
N GLU IF 40 -35.51 -103.03 -7.03
CA GLU IF 40 -35.31 -101.67 -7.49
C GLU IF 40 -34.12 -101.62 -8.45
N VAL IF 41 -34.06 -100.56 -9.24
CA VAL IF 41 -33.01 -100.34 -10.21
C VAL IF 41 -32.58 -98.89 -10.10
N LEU IF 42 -31.29 -98.67 -9.88
CA LEU IF 42 -30.73 -97.34 -9.81
C LEU IF 42 -29.85 -97.11 -11.01
N ILE IF 43 -30.13 -96.03 -11.76
CA ILE IF 43 -29.31 -95.62 -12.87
C ILE IF 43 -28.51 -94.41 -12.41
N ALA IF 44 -27.19 -94.56 -12.35
CA ALA IF 44 -26.35 -93.55 -11.73
C ALA IF 44 -25.35 -93.01 -12.73
N GLN IF 45 -25.32 -91.69 -12.86
CA GLN IF 45 -24.35 -91.01 -13.69
C GLN IF 45 -23.18 -90.54 -12.85
N PHE IF 46 -22.02 -90.39 -13.50
CA PHE IF 46 -20.84 -89.90 -12.79
C PHE IF 46 -20.77 -88.39 -12.85
N THR IF 47 -20.79 -87.76 -11.68
CA THR IF 47 -20.63 -86.33 -11.58
C THR IF 47 -19.14 -86.03 -11.44
N GLU IF 48 -18.83 -84.78 -11.13
CA GLU IF 48 -17.47 -84.45 -10.72
C GLU IF 48 -17.16 -85.01 -9.35
N HIS IF 49 -18.13 -84.91 -8.43
CA HIS IF 49 -17.98 -85.43 -7.08
C HIS IF 49 -17.90 -86.95 -7.04
N THR IF 50 -18.90 -87.64 -7.57
CA THR IF 50 -18.94 -89.09 -7.58
C THR IF 50 -17.95 -89.58 -8.62
N SER IF 51 -16.74 -89.87 -8.18
CA SER IF 51 -15.70 -90.40 -9.05
C SER IF 51 -15.46 -91.88 -8.81
N ALA IF 52 -16.12 -92.48 -7.84
CA ALA IF 52 -15.97 -93.90 -7.54
C ALA IF 52 -17.26 -94.39 -6.91
N ILE IF 53 -17.68 -95.58 -7.31
CA ILE IF 53 -18.93 -96.17 -6.83
C ILE IF 53 -18.63 -97.57 -6.33
N LYS IF 54 -18.96 -97.84 -5.07
CA LYS IF 54 -18.76 -99.14 -4.47
C LYS IF 54 -20.12 -99.77 -4.23
N VAL IF 55 -20.25 -101.05 -4.55
CA VAL IF 55 -21.52 -101.76 -4.46
C VAL IF 55 -21.33 -102.96 -3.55
N ARG IF 56 -22.16 -103.06 -2.51
CA ARG IF 56 -22.15 -104.18 -1.60
C ARG IF 56 -23.38 -105.03 -1.84
N GLY IF 57 -23.34 -106.26 -1.32
CA GLY IF 57 -24.48 -107.15 -1.41
C GLY IF 57 -24.69 -107.70 -2.81
N LYS IF 58 -25.75 -108.48 -2.94
CA LYS IF 58 -26.05 -109.13 -4.21
C LYS IF 58 -26.77 -108.16 -5.13
N ALA IF 59 -26.12 -107.81 -6.23
CA ALA IF 59 -26.69 -106.88 -7.19
C ALA IF 59 -26.18 -107.24 -8.58
N TYR IF 60 -26.90 -106.74 -9.58
CA TYR IF 60 -26.60 -107.03 -10.98
C TYR IF 60 -26.33 -105.72 -11.69
N ILE IF 61 -25.09 -105.53 -12.15
CA ILE IF 61 -24.64 -104.24 -12.66
C ILE IF 61 -24.44 -104.35 -14.16
N GLN IF 62 -24.94 -103.37 -14.90
CA GLN IF 62 -24.66 -103.20 -16.31
C GLN IF 62 -23.89 -101.90 -16.48
N THR IF 63 -22.72 -101.99 -17.09
CA THR IF 63 -21.92 -100.83 -17.46
C THR IF 63 -21.74 -100.83 -18.97
N SER IF 64 -20.90 -99.91 -19.44
CA SER IF 64 -20.56 -99.90 -20.85
C SER IF 64 -19.68 -101.10 -21.22
N HIS IF 65 -18.87 -101.57 -20.28
CA HIS IF 65 -17.98 -102.69 -20.52
C HIS IF 65 -18.69 -104.04 -20.45
N GLY IF 66 -19.96 -104.06 -20.06
CA GLY IF 66 -20.69 -105.31 -19.97
C GLY IF 66 -21.41 -105.41 -18.65
N VAL IF 67 -21.73 -106.64 -18.27
CA VAL IF 67 -22.48 -106.90 -17.05
C VAL IF 67 -21.58 -107.60 -16.05
N ILE IF 68 -22.00 -107.53 -14.79
CA ILE IF 68 -21.26 -108.15 -13.69
C ILE IF 68 -22.23 -108.35 -12.54
N GLU IF 69 -21.88 -109.22 -11.60
CA GLU IF 69 -22.77 -109.59 -10.51
C GLU IF 69 -22.05 -109.48 -9.18
N SER IF 70 -22.32 -108.40 -8.46
CA SER IF 70 -21.73 -108.21 -7.15
C SER IF 70 -22.45 -109.07 -6.13
N GLU IF 71 -21.70 -109.54 -5.13
CA GLU IF 71 -22.29 -110.35 -4.07
C GLU IF 71 -21.97 -109.80 -2.70
N ASP JF 6 9.22 -94.86 21.90
CA ASP JF 6 8.68 -93.91 20.94
C ASP JF 6 7.94 -94.58 19.80
N PHE JF 7 8.13 -95.89 19.64
CA PHE JF 7 7.56 -96.59 18.50
C PHE JF 7 7.20 -98.01 18.89
N VAL JF 8 6.25 -98.57 18.15
CA VAL JF 8 5.73 -99.91 18.40
C VAL JF 8 5.93 -100.74 17.14
N VAL JF 9 5.96 -102.07 17.33
CA VAL JF 9 6.17 -103.01 16.23
C VAL JF 9 5.01 -103.99 16.23
N ILE JF 10 4.25 -104.01 15.13
CA ILE JF 10 3.06 -104.85 15.04
C ILE JF 10 3.26 -105.85 13.92
N LYS JF 11 3.33 -107.13 14.27
CA LYS JF 11 3.40 -108.20 13.28
C LYS JF 11 2.01 -108.78 13.11
N ALA JF 12 1.45 -108.65 11.92
CA ALA JF 12 0.09 -109.14 11.72
C ALA JF 12 0.10 -110.64 11.49
N LEU JF 13 -0.37 -111.39 12.48
CA LEU JF 13 -0.38 -112.84 12.41
C LEU JF 13 -1.54 -113.40 11.61
N GLU JF 14 -2.52 -112.56 11.25
CA GLU JF 14 -3.64 -113.00 10.43
C GLU JF 14 -3.99 -111.86 9.48
N ASP JF 15 -4.81 -112.18 8.50
CA ASP JF 15 -5.15 -111.20 7.48
C ASP JF 15 -6.13 -110.17 8.02
N GLY JF 16 -6.14 -109.00 7.39
CA GLY JF 16 -7.11 -107.97 7.70
C GLY JF 16 -6.94 -107.34 9.06
N VAL JF 17 -5.72 -107.26 9.58
CA VAL JF 17 -5.54 -106.63 10.89
C VAL JF 17 -5.59 -105.12 10.73
N ASN JF 18 -6.48 -104.48 11.48
CA ASN JF 18 -6.69 -103.05 11.39
C ASN JF 18 -5.84 -102.34 12.42
N VAL JF 19 -5.28 -101.20 12.04
CA VAL JF 19 -4.53 -100.34 12.96
C VAL JF 19 -5.10 -98.94 12.81
N ILE JF 20 -5.62 -98.40 13.91
CA ILE JF 20 -6.37 -97.15 13.88
C ILE JF 20 -5.54 -96.07 14.53
N GLY JF 21 -5.30 -94.98 13.81
CA GLY JF 21 -4.54 -93.87 14.34
C GLY JF 21 -3.40 -93.45 13.43
N SER JF 33 -6.64 -94.90 9.42
CA SER JF 33 -6.77 -96.34 9.48
C SER JF 33 -5.87 -97.03 8.46
N GLU JF 34 -5.29 -98.15 8.86
CA GLU JF 34 -4.45 -98.94 7.97
C GLU JF 34 -4.83 -100.41 8.11
N CYS JF 35 -4.63 -101.18 7.05
CA CYS JF 35 -4.91 -102.60 7.06
C CYS JF 35 -3.65 -103.38 6.74
N LEU JF 36 -3.45 -104.49 7.41
CA LEU JF 36 -2.28 -105.35 7.22
C LEU JF 36 -2.72 -106.76 6.88
N ASP JF 37 -1.95 -107.42 6.04
CA ASP JF 37 -2.15 -108.82 5.73
C ASP JF 37 -1.23 -109.68 6.58
N LYS JF 38 -1.36 -110.99 6.43
CA LYS JF 38 -0.62 -111.92 7.26
C LYS JF 38 0.86 -111.91 6.90
N GLY JF 39 1.70 -111.73 7.91
CA GLY JF 39 3.13 -111.75 7.73
C GLY JF 39 3.77 -110.38 7.63
N GLU JF 40 2.97 -109.34 7.40
CA GLU JF 40 3.53 -108.01 7.34
C GLU JF 40 3.86 -107.51 8.74
N VAL JF 41 4.72 -106.50 8.81
CA VAL JF 41 5.15 -105.90 10.06
C VAL JF 41 5.13 -104.39 9.87
N LEU JF 42 4.41 -103.70 10.75
CA LEU JF 42 4.33 -102.26 10.71
C LEU JF 42 5.05 -101.70 11.94
N ILE JF 43 6.01 -100.82 11.70
CA ILE JF 43 6.71 -100.13 12.77
C ILE JF 43 6.17 -98.71 12.79
N ALA JF 44 5.50 -98.34 13.87
CA ALA JF 44 4.78 -97.08 13.93
C ALA JF 44 5.31 -96.20 15.03
N GLN JF 45 5.65 -94.97 14.68
CA GLN JF 45 6.07 -93.98 15.64
C GLN JF 45 4.89 -93.09 16.03
N PHE JF 46 4.98 -92.51 17.22
CA PHE JF 46 3.93 -91.61 17.68
C PHE JF 46 4.23 -90.19 17.26
N THR JF 47 3.32 -89.62 16.47
CA THR JF 47 3.42 -88.22 16.07
C THR JF 47 2.69 -87.39 17.12
N GLU JF 48 2.51 -86.11 16.79
CA GLU JF 48 1.61 -85.28 17.59
C GLU JF 48 0.16 -85.69 17.37
N HIS JF 49 -0.19 -85.97 16.12
CA HIS JF 49 -1.54 -86.39 15.77
C HIS JF 49 -1.89 -87.75 16.32
N THR JF 50 -1.10 -88.78 15.99
CA THR JF 50 -1.34 -90.14 16.44
C THR JF 50 -0.95 -90.21 17.92
N SER JF 51 -1.93 -90.02 18.78
CA SER JF 51 -1.73 -90.12 20.22
C SER JF 51 -2.31 -91.40 20.81
N ALA JF 52 -2.99 -92.20 19.99
CA ALA JF 52 -3.56 -93.46 20.45
C ALA JF 52 -3.64 -94.40 19.27
N ILE JF 53 -3.32 -95.66 19.52
CA ILE JF 53 -3.30 -96.68 18.47
C ILE JF 53 -4.12 -97.86 18.94
N LYS JF 54 -5.13 -98.23 18.16
CA LYS JF 54 -5.98 -99.36 18.46
C LYS JF 54 -5.72 -100.47 17.46
N VAL JF 55 -5.60 -101.70 17.94
CA VAL JF 55 -5.25 -102.83 17.11
C VAL JF 55 -6.35 -103.87 17.22
N ARG JF 56 -6.90 -104.28 16.08
CA ARG JF 56 -7.92 -105.32 16.03
C ARG JF 56 -7.33 -106.57 15.44
N GLY JF 57 -8.01 -107.70 15.62
CA GLY JF 57 -7.60 -108.94 15.04
C GLY JF 57 -6.38 -109.54 15.74
N LYS JF 58 -5.92 -110.66 15.19
CA LYS JF 58 -4.80 -111.37 15.78
C LYS JF 58 -3.50 -110.76 15.31
N ALA JF 59 -2.76 -110.18 16.25
CA ALA JF 59 -1.49 -109.54 15.94
C ALA JF 59 -0.56 -109.67 17.13
N TYR JF 60 0.73 -109.48 16.87
CA TYR JF 60 1.76 -109.63 17.87
C TYR JF 60 2.51 -108.32 17.99
N ILE JF 61 2.41 -107.68 19.15
CA ILE JF 61 2.88 -106.31 19.34
C ILE JF 61 4.09 -106.33 20.26
N GLN JF 62 5.13 -105.63 19.88
CA GLN JF 62 6.28 -105.36 20.72
C GLN JF 62 6.33 -103.86 20.99
N THR JF 63 6.33 -103.50 22.27
CA THR JF 63 6.51 -102.12 22.69
C THR JF 63 7.76 -102.05 23.57
N SER JF 64 7.97 -100.88 24.16
CA SER JF 64 9.06 -100.75 25.13
C SER JF 64 8.77 -101.52 26.40
N HIS JF 65 7.50 -101.65 26.77
CA HIS JF 65 7.10 -102.35 27.98
C HIS JF 65 7.13 -103.86 27.83
N GLY JF 66 7.33 -104.36 26.62
CA GLY JF 66 7.35 -105.79 26.40
C GLY JF 66 6.50 -106.16 25.22
N VAL JF 67 6.07 -107.42 25.18
CA VAL JF 67 5.29 -107.95 24.08
C VAL JF 67 3.88 -108.26 24.56
N ILE JF 68 2.97 -108.36 23.60
CA ILE JF 68 1.57 -108.63 23.88
C ILE JF 68 0.96 -109.20 22.60
N GLU JF 69 -0.18 -109.87 22.74
CA GLU JF 69 -0.81 -110.54 21.62
C GLU JF 69 -2.27 -110.17 21.52
N SER JF 70 -2.59 -109.27 20.59
CA SER JF 70 -3.98 -108.88 20.39
C SER JF 70 -4.71 -109.95 19.60
N GLU JF 71 -5.99 -110.10 19.89
CA GLU JF 71 -6.81 -111.07 19.17
C GLU JF 71 -8.07 -110.44 18.59
N ASP KF 6 15.93 -94.87 17.39
CA ASP KF 6 15.72 -93.89 16.34
C ASP KF 6 15.79 -94.49 14.94
N PHE KF 7 16.30 -95.71 14.83
CA PHE KF 7 16.52 -96.31 13.53
C PHE KF 7 16.32 -97.82 13.62
N VAL KF 8 15.98 -98.41 12.48
CA VAL KF 8 15.72 -99.83 12.36
C VAL KF 8 16.67 -100.43 11.33
N VAL KF 9 16.88 -101.73 11.43
CA VAL KF 9 17.78 -102.45 10.54
C VAL KF 9 17.00 -103.60 9.91
N ILE KF 10 16.88 -103.58 8.58
CA ILE KF 10 16.10 -104.58 7.86
C ILE KF 10 17.02 -105.35 6.95
N LYS KF 11 17.19 -106.64 7.22
CA LYS KF 11 17.95 -107.52 6.35
C LYS KF 11 16.97 -108.29 5.48
N ALA KF 12 17.04 -108.08 4.17
CA ALA KF 12 16.08 -108.73 3.30
C ALA KF 12 16.52 -110.16 3.01
N LEU KF 13 15.81 -111.12 3.60
CA LEU KF 13 16.13 -112.53 3.46
C LEU KF 13 15.64 -113.13 2.15
N GLU KF 14 14.81 -112.42 1.40
CA GLU KF 14 14.34 -112.90 0.11
C GLU KF 14 14.25 -111.71 -0.82
N ASP KF 15 14.10 -112.00 -2.11
CA ASP KF 15 14.09 -110.94 -3.10
C ASP KF 15 12.78 -110.18 -3.07
N GLY KF 16 12.82 -108.94 -3.56
CA GLY KF 16 11.63 -108.13 -3.72
C GLY KF 16 10.98 -107.69 -2.44
N VAL KF 17 11.75 -107.50 -1.37
CA VAL KF 17 11.14 -107.05 -0.12
C VAL KF 17 10.86 -105.56 -0.21
N ASN KF 18 9.61 -105.20 0.04
CA ASN KF 18 9.17 -103.81 -0.08
C ASN KF 18 9.25 -103.15 1.28
N VAL KF 19 9.66 -101.89 1.29
CA VAL KF 19 9.68 -101.07 2.50
C VAL KF 19 8.96 -99.78 2.16
N ILE KF 20 7.89 -99.48 2.88
CA ILE KF 20 7.00 -98.38 2.53
C ILE KF 20 7.15 -97.28 3.58
N GLY KF 21 7.49 -96.09 3.13
CA GLY KF 21 7.63 -94.95 4.02
C GLY KF 21 8.95 -94.23 3.83
N SER KF 33 8.43 -95.55 -1.34
CA SER KF 33 8.60 -97.00 -1.42
C SER KF 33 9.99 -97.38 -1.90
N GLU KF 34 10.54 -98.43 -1.31
CA GLU KF 34 11.85 -98.95 -1.70
C GLU KF 34 11.77 -100.46 -1.85
N CYS KF 35 12.61 -101.01 -2.71
CA CYS KF 35 12.66 -102.46 -2.90
C CYS KF 35 14.06 -102.96 -2.60
N LEU KF 36 14.15 -104.13 -1.96
CA LEU KF 36 15.42 -104.73 -1.60
C LEU KF 36 15.50 -106.13 -2.17
N ASP KF 37 16.70 -106.52 -2.55
CA ASP KF 37 16.98 -107.88 -2.99
C ASP KF 37 17.53 -108.70 -1.84
N LYS KF 38 17.77 -109.98 -2.11
CA LYS KF 38 18.20 -110.89 -1.06
C LYS KF 38 19.63 -110.60 -0.63
N GLY KF 39 19.83 -110.44 0.67
CA GLY KF 39 21.13 -110.21 1.23
C GLY KF 39 21.43 -108.75 1.52
N GLU KF 40 20.64 -107.83 1.00
CA GLU KF 40 20.87 -106.43 1.29
C GLU KF 40 20.36 -106.10 2.68
N VAL KF 41 20.86 -104.99 3.23
CA VAL KF 41 20.50 -104.52 4.55
C VAL KF 41 20.24 -103.03 4.46
N LEU KF 42 19.07 -102.60 4.88
CA LEU KF 42 18.71 -101.19 4.90
C LEU KF 42 18.61 -100.72 6.34
N ILE KF 43 19.36 -99.68 6.66
CA ILE KF 43 19.30 -99.04 7.97
C ILE KF 43 18.52 -97.75 7.78
N ALA KF 44 17.36 -97.65 8.42
CA ALA KF 44 16.44 -96.55 8.15
C ALA KF 44 16.19 -95.77 9.43
N GLN KF 45 16.38 -94.46 9.35
CA GLN KF 45 16.06 -93.57 10.45
C GLN KF 45 14.69 -92.96 10.24
N PHE KF 46 14.06 -92.55 11.34
CA PHE KF 46 12.77 -91.90 11.26
C PHE KF 46 12.91 -90.40 11.12
N THR KF 47 12.41 -89.88 10.01
CA THR KF 47 12.38 -88.44 9.79
C THR KF 47 11.09 -87.90 10.37
N GLU KF 48 10.82 -86.63 10.06
CA GLU KF 48 9.49 -86.08 10.35
C GLU KF 48 8.46 -86.68 9.41
N HIS KF 49 8.81 -86.82 8.14
CA HIS KF 49 7.92 -87.39 7.13
C HIS KF 49 7.65 -88.87 7.37
N THR KF 50 8.69 -89.69 7.42
CA THR KF 50 8.56 -91.13 7.64
C THR KF 50 8.20 -91.35 9.09
N SER KF 51 6.91 -91.45 9.36
CA SER KF 51 6.42 -91.73 10.70
C SER KF 51 5.91 -93.15 10.85
N ALA KF 52 5.89 -93.92 9.77
CA ALA KF 52 5.45 -95.31 9.81
C ALA KF 52 6.14 -96.06 8.70
N ILE KF 53 6.57 -97.29 9.01
CA ILE KF 53 7.30 -98.12 8.07
C ILE KF 53 6.63 -99.48 8.00
N LYS KF 54 6.23 -99.88 6.81
CA LYS KF 54 5.59 -101.17 6.58
C LYS KF 54 6.54 -102.05 5.80
N VAL KF 55 6.67 -103.30 6.20
CA VAL KF 55 7.61 -104.24 5.60
C VAL KF 55 6.84 -105.44 5.09
N ARG KF 56 6.99 -105.75 3.82
CA ARG KF 56 6.37 -106.91 3.20
C ARG KF 56 7.43 -107.96 2.93
N GLY KF 57 7.00 -109.19 2.70
CA GLY KF 57 7.90 -110.26 2.32
C GLY KF 57 8.72 -110.75 3.50
N LYS KF 58 9.60 -111.69 3.21
CA LYS KF 58 10.43 -112.31 4.23
C LYS KF 58 11.64 -111.41 4.52
N ALA KF 59 11.69 -110.88 5.73
CA ALA KF 59 12.79 -110.00 6.12
C ALA KF 59 13.03 -110.16 7.61
N TYR KF 60 14.22 -109.74 8.04
CA TYR KF 60 14.65 -109.87 9.42
C TYR KF 60 14.95 -108.49 9.96
N ILE KF 61 14.17 -108.05 10.95
CA ILE KF 61 14.19 -106.68 11.41
C ILE KF 61 14.78 -106.64 12.81
N GLN KF 62 15.72 -105.72 13.04
CA GLN KF 62 16.22 -105.40 14.36
C GLN KF 62 15.82 -103.98 14.70
N THR KF 63 15.12 -103.82 15.82
CA THR KF 63 14.79 -102.50 16.35
C THR KF 63 15.41 -102.38 17.73
N SER KF 64 15.06 -101.28 18.42
CA SER KF 64 15.49 -101.13 19.79
C SER KF 64 14.80 -102.12 20.71
N HIS KF 65 13.57 -102.50 20.38
CA HIS KF 65 12.80 -103.41 21.20
C HIS KF 65 13.21 -104.87 21.00
N GLY KF 66 14.07 -105.15 20.03
CA GLY KF 66 14.50 -106.51 19.79
C GLY KF 66 14.42 -106.82 18.31
N VAL KF 67 14.34 -108.12 18.01
CA VAL KF 67 14.32 -108.59 16.64
C VAL KF 67 12.95 -109.19 16.33
N ILE KF 68 12.65 -109.28 15.04
CA ILE KF 68 11.39 -109.82 14.56
C ILE KF 68 11.60 -110.28 13.13
N GLU KF 69 10.71 -111.13 12.65
CA GLU KF 69 10.85 -111.73 11.32
C GLU KF 69 9.57 -111.57 10.53
N SER KF 70 9.56 -110.62 9.61
CA SER KF 70 8.40 -110.42 8.76
C SER KF 70 8.38 -111.46 7.67
N GLU KF 71 7.18 -111.85 7.26
CA GLU KF 71 7.02 -112.83 6.18
C GLU KF 71 6.11 -112.33 5.08
N ASP LF 6 23.70 -93.48 16.98
CA ASP LF 6 23.88 -92.37 16.04
C ASP LF 6 24.75 -92.75 14.85
N PHE LF 7 25.47 -93.86 14.95
CA PHE LF 7 26.42 -94.22 13.91
C PHE LF 7 26.51 -95.73 13.78
N VAL LF 8 26.90 -96.17 12.60
CA VAL LF 8 27.00 -97.58 12.26
C VAL LF 8 28.43 -97.89 11.85
N VAL LF 9 28.81 -99.16 11.95
CA VAL LF 9 30.15 -99.61 11.62
C VAL LF 9 30.04 -100.74 10.60
N ILE LF 10 30.59 -100.53 9.42
CA ILE LF 10 30.48 -101.49 8.33
C ILE LF 10 31.88 -101.99 7.99
N LYS LF 11 32.12 -103.28 8.21
CA LYS LF 11 33.36 -103.91 7.81
C LYS LF 11 33.13 -104.64 6.51
N ALA LF 12 33.80 -104.23 5.45
CA ALA LF 12 33.56 -104.86 4.16
C ALA LF 12 34.34 -106.16 4.06
N LEU LF 13 33.63 -107.28 4.12
CA LEU LF 13 34.24 -108.60 4.08
C LEU LF 13 34.59 -109.05 2.67
N GLU LF 14 34.14 -108.34 1.65
CA GLU LF 14 34.49 -108.67 0.27
C GLU LF 14 34.66 -107.37 -0.49
N ASP LF 15 35.23 -107.47 -1.68
CA ASP LF 15 35.53 -106.29 -2.46
C ASP LF 15 34.26 -105.71 -3.07
N GLY LF 16 34.32 -104.41 -3.38
CA GLY LF 16 33.25 -103.75 -4.08
C GLY LF 16 31.96 -103.60 -3.31
N VAL LF 17 32.03 -103.47 -1.98
CA VAL LF 17 30.81 -103.31 -1.21
C VAL LF 17 30.33 -101.88 -1.33
N ASN LF 18 29.09 -101.71 -1.76
CA ASN LF 18 28.52 -100.39 -1.99
C ASN LF 18 27.78 -99.94 -0.75
N VAL LF 19 27.87 -98.66 -0.45
CA VAL LF 19 27.13 -98.03 0.64
C VAL LF 19 26.45 -96.80 0.07
N ILE LF 20 25.13 -96.77 0.13
CA ILE LF 20 24.34 -95.75 -0.54
C ILE LF 20 23.74 -94.82 0.49
N GLY LF 21 24.02 -93.53 0.36
CA GLY LF 21 23.48 -92.54 1.27
C GLY LF 21 24.55 -91.64 1.85
N SER LF 33 26.97 -92.20 -2.90
CA SER LF 33 27.43 -93.58 -2.98
C SER LF 33 28.91 -93.70 -2.68
N GLU LF 34 29.28 -94.76 -1.96
CA GLU LF 34 30.67 -95.03 -1.64
C GLU LF 34 30.97 -96.50 -1.91
N CYS LF 35 32.21 -96.81 -2.23
CA CYS LF 35 32.63 -98.18 -2.47
C CYS LF 35 33.75 -98.55 -1.51
N LEU LF 36 33.71 -99.77 -1.01
CA LEU LF 36 34.72 -100.26 -0.07
C LEU LF 36 35.34 -101.54 -0.61
N ASP LF 37 36.62 -101.72 -0.33
CA ASP LF 37 37.34 -102.94 -0.66
C ASP LF 37 37.37 -103.85 0.56
N LYS LF 38 37.94 -105.03 0.37
CA LYS LF 38 37.95 -106.04 1.43
C LYS LF 38 38.89 -105.63 2.56
N GLY LF 39 38.36 -105.65 3.78
CA GLY LF 39 39.13 -105.34 4.96
C GLY LF 39 38.97 -103.93 5.46
N GLU LF 40 38.40 -103.04 4.65
CA GLU LF 40 38.18 -101.68 5.12
C GLU LF 40 36.98 -101.64 6.06
N VAL LF 41 36.91 -100.58 6.85
CA VAL LF 41 35.85 -100.36 7.82
C VAL LF 41 35.41 -98.92 7.70
N LEU LF 42 34.12 -98.72 7.48
CA LEU LF 42 33.54 -97.39 7.40
C LEU LF 42 32.65 -97.16 8.60
N ILE LF 43 32.92 -96.09 9.34
CA ILE LF 43 32.08 -95.68 10.45
C ILE LF 43 31.28 -94.48 9.98
N ALA LF 44 29.97 -94.64 9.92
CA ALA LF 44 29.12 -93.64 9.29
C ALA LF 44 28.12 -93.10 10.29
N GLN LF 45 28.07 -91.78 10.41
CA GLN LF 45 27.08 -91.12 11.24
C GLN LF 45 25.91 -90.64 10.38
N PHE LF 46 24.75 -90.51 11.02
CA PHE LF 46 23.58 -90.02 10.31
C PHE LF 46 23.50 -88.51 10.37
N THR LF 47 23.52 -87.90 9.20
CA THR LF 47 23.34 -86.46 9.09
C THR LF 47 21.86 -86.17 8.94
N GLU LF 48 21.54 -84.92 8.62
CA GLU LF 48 20.18 -84.59 8.21
C GLU LF 48 19.90 -85.16 6.84
N HIS LF 49 20.86 -85.06 5.92
CA HIS LF 49 20.73 -85.58 4.58
C HIS LF 49 20.66 -87.09 4.53
N THR LF 50 21.66 -87.78 5.07
CA THR LF 50 21.72 -89.23 5.08
C THR LF 50 20.72 -89.72 6.11
N SER LF 51 19.51 -90.03 5.67
CA SER LF 51 18.48 -90.57 6.52
C SER LF 51 18.24 -92.05 6.29
N ALA LF 52 18.92 -92.65 5.31
CA ALA LF 52 18.78 -94.06 5.03
C ALA LF 52 20.07 -94.54 4.40
N ILE LF 53 20.50 -95.73 4.79
CA ILE LF 53 21.75 -96.31 4.32
C ILE LF 53 21.48 -97.71 3.83
N LYS LF 54 21.82 -97.98 2.57
CA LYS LF 54 21.64 -99.28 1.96
C LYS LF 54 23.00 -99.91 1.73
N VAL LF 55 23.14 -101.18 2.06
CA VAL LF 55 24.41 -101.88 1.99
C VAL LF 55 24.25 -103.08 1.07
N ARG LF 56 25.09 -103.17 0.04
CA ARG LF 56 25.09 -104.29 -0.87
C ARG LF 56 26.32 -105.15 -0.62
N GLY LF 57 26.30 -106.37 -1.14
CA GLY LF 57 27.44 -107.24 -1.04
C GLY LF 57 27.64 -107.80 0.35
N LYS LF 58 28.71 -108.56 0.50
CA LYS LF 58 29.00 -109.22 1.77
C LYS LF 58 29.70 -108.24 2.69
N ALA LF 59 29.05 -107.90 3.79
CA ALA LF 59 29.60 -106.96 4.75
C ALA LF 59 29.09 -107.32 6.13
N TYR LF 60 29.78 -106.82 7.14
CA TYR LF 60 29.48 -107.10 8.54
C TYR LF 60 29.19 -105.80 9.26
N ILE LF 61 27.96 -105.62 9.71
CA ILE LF 61 27.49 -104.34 10.21
C ILE LF 61 27.27 -104.45 11.71
N GLN LF 62 27.76 -103.47 12.45
CA GLN LF 62 27.47 -103.29 13.86
C GLN LF 62 26.70 -102.00 14.03
N THR LF 63 25.52 -102.10 14.62
CA THR LF 63 24.71 -100.95 14.98
C THR LF 63 24.52 -100.94 16.49
N SER LF 64 23.67 -100.03 16.96
CA SER LF 64 23.30 -100.03 18.37
C SER LF 64 22.44 -101.23 18.72
N HIS LF 65 21.64 -101.71 17.78
CA HIS LF 65 20.76 -102.84 18.01
C HIS LF 65 21.47 -104.18 17.96
N GLY LF 66 22.74 -104.20 17.57
CA GLY LF 66 23.49 -105.43 17.49
C GLY LF 66 24.22 -105.52 16.17
N VAL LF 67 24.55 -106.76 15.79
CA VAL LF 67 25.31 -107.01 14.58
C VAL LF 67 24.43 -107.72 13.57
N ILE LF 68 24.85 -107.65 12.31
CA ILE LF 68 24.13 -108.26 11.21
C ILE LF 68 25.11 -108.47 10.07
N GLU LF 69 24.77 -109.34 9.13
CA GLU LF 69 25.67 -109.70 8.05
C GLU LF 69 24.97 -109.59 6.71
N SER LF 70 25.24 -108.50 5.99
CA SER LF 70 24.65 -108.33 4.68
C SER LF 70 25.38 -109.19 3.66
N GLU LF 71 24.64 -109.66 2.66
CA GLU LF 71 25.25 -110.46 1.61
C GLU LF 71 24.94 -109.92 0.22
N ASP MF 6 30.20 -90.83 20.78
CA ASP MF 6 30.56 -89.60 20.11
C ASP MF 6 31.96 -89.65 19.50
N PHE MF 7 32.76 -90.64 19.89
CA PHE MF 7 34.14 -90.69 19.45
C PHE MF 7 34.58 -92.15 19.31
N VAL MF 8 35.58 -92.34 18.47
CA VAL MF 8 36.13 -93.66 18.16
C VAL MF 8 37.61 -93.68 18.50
N VAL MF 9 38.13 -94.87 18.72
CA VAL MF 9 39.53 -95.06 19.08
C VAL MF 9 40.15 -96.03 18.09
N ILE MF 10 41.15 -95.57 17.35
CA ILE MF 10 41.79 -96.37 16.31
C ILE MF 10 43.23 -96.60 16.68
N LYS MF 11 43.60 -97.85 16.94
CA LYS MF 11 44.98 -98.21 17.18
C LYS MF 11 45.55 -98.79 15.90
N ALA MF 12 46.56 -98.12 15.34
CA ALA MF 12 47.10 -98.58 14.08
C ALA MF 12 48.08 -99.72 14.32
N LEU MF 13 47.68 -100.94 13.96
CA LEU MF 13 48.49 -102.12 14.17
C LEU MF 13 49.56 -102.30 13.11
N GLU MF 14 49.53 -101.54 12.03
CA GLU MF 14 50.55 -101.61 11.00
C GLU MF 14 50.79 -100.20 10.48
N ASP MF 15 51.88 -100.04 9.74
CA ASP MF 15 52.25 -98.73 9.26
C ASP MF 15 51.35 -98.27 8.13
N GLY MF 16 51.29 -96.95 7.95
CA GLY MF 16 50.57 -96.37 6.84
C GLY MF 16 49.07 -96.52 6.89
N VAL MF 17 48.47 -96.58 8.06
CA VAL MF 17 47.02 -96.73 8.13
C VAL MF 17 46.38 -95.39 7.86
N ASN MF 18 45.49 -95.35 6.87
CA ASN MF 18 44.85 -94.12 6.45
C ASN MF 18 43.53 -93.97 7.17
N VAL MF 19 43.19 -92.74 7.55
CA VAL MF 19 41.91 -92.41 8.15
C VAL MF 19 41.35 -91.23 7.37
N ILE MF 20 40.19 -91.41 6.76
CA ILE MF 20 39.64 -90.43 5.83
C ILE MF 20 38.43 -89.77 6.48
N GLY MF 21 38.47 -88.44 6.56
CA GLY MF 21 37.37 -87.69 7.14
C GLY MF 21 37.81 -86.73 8.22
N SER MF 33 42.28 -86.22 5.29
CA SER MF 33 42.99 -87.49 5.37
C SER MF 33 44.12 -87.42 6.37
N GLU MF 34 44.32 -88.49 7.13
CA GLU MF 34 45.41 -88.59 8.09
C GLU MF 34 46.09 -89.95 7.94
N CYS MF 35 47.37 -90.01 8.26
CA CYS MF 35 48.12 -91.25 8.19
C CYS MF 35 48.69 -91.58 9.57
N LEU MF 36 48.67 -92.85 9.93
CA LEU MF 36 49.18 -93.31 11.21
C LEU MF 36 50.23 -94.38 10.99
N ASP MF 37 51.22 -94.40 11.87
CA ASP MF 37 52.24 -95.43 11.89
C ASP MF 37 51.87 -96.49 12.92
N LYS MF 38 52.70 -97.53 12.98
CA LYS MF 38 52.40 -98.67 13.85
C LYS MF 38 52.57 -98.28 15.32
N GLY MF 39 51.54 -98.56 16.11
CA GLY MF 39 51.56 -98.31 17.52
C GLY MF 39 50.89 -97.02 17.95
N GLU MF 40 50.61 -96.12 17.01
CA GLU MF 40 49.91 -94.91 17.37
C GLU MF 40 48.44 -95.19 17.59
N VAL MF 41 47.79 -94.27 18.29
CA VAL MF 41 46.37 -94.36 18.60
C VAL MF 41 45.75 -93.00 18.35
N LEU MF 42 44.72 -92.97 17.53
CA LEU MF 42 43.99 -91.76 17.22
C LEU MF 42 42.60 -91.84 17.83
N ILE MF 43 42.26 -90.86 18.66
CA ILE MF 43 40.93 -90.75 19.22
C ILE MF 43 40.22 -89.63 18.48
N ALA MF 44 39.16 -89.98 17.75
CA ALA MF 44 38.54 -89.04 16.83
C ALA MF 44 37.09 -88.82 17.23
N GLN MF 45 36.72 -87.55 17.36
CA GLN MF 45 35.34 -87.18 17.62
C GLN MF 45 34.67 -86.78 16.32
N PHE MF 46 33.34 -86.91 16.30
CA PHE MF 46 32.58 -86.53 15.12
C PHE MF 46 32.17 -85.06 15.20
N THR MF 47 32.63 -84.29 14.23
CA THR MF 47 32.24 -82.89 14.11
C THR MF 47 30.98 -82.82 13.26
N GLU MF 48 30.61 -81.61 12.89
CA GLU MF 48 29.58 -81.44 11.87
C GLU MF 48 30.12 -81.85 10.51
N HIS MF 49 31.35 -81.46 10.20
CA HIS MF 49 31.99 -81.80 8.95
C HIS MF 49 32.27 -83.28 8.80
N THR MF 50 33.01 -83.86 9.74
CA THR MF 50 33.35 -85.28 9.71
C THR MF 50 32.11 -86.07 10.07
N SER MF 51 31.35 -86.49 9.06
CA SER MF 51 30.17 -87.31 9.27
C SER MF 51 30.38 -88.76 8.87
N ALA MF 52 31.55 -89.09 8.35
CA ALA MF 52 31.87 -90.46 7.96
C ALA MF 52 33.37 -90.63 8.03
N ILE MF 53 33.80 -91.79 8.54
CA ILE MF 53 35.21 -92.08 8.73
C ILE MF 53 35.50 -93.43 8.09
N LYS MF 54 36.44 -93.45 7.17
CA LYS MF 54 36.85 -94.67 6.49
C LYS MF 54 38.25 -95.03 6.94
N VAL MF 55 38.47 -96.31 7.23
CA VAL MF 55 39.74 -96.78 7.77
C VAL MF 55 40.29 -97.85 6.83
N ARG MF 56 41.51 -97.65 6.37
CA ARG MF 56 42.19 -98.63 5.51
C ARG MF 56 43.29 -99.31 6.30
N GLY MF 57 43.78 -100.42 5.80
CA GLY MF 57 44.89 -101.11 6.41
C GLY MF 57 44.50 -101.83 7.69
N LYS MF 58 45.49 -102.43 8.31
CA LYS MF 58 45.27 -103.21 9.53
C LYS MF 58 45.22 -102.28 10.73
N ALA MF 59 44.06 -102.20 11.36
CA ALA MF 59 43.87 -101.34 12.51
C ALA MF 59 42.85 -101.96 13.44
N TYR MF 60 42.85 -101.51 14.68
CA TYR MF 60 41.99 -102.04 15.72
C TYR MF 60 41.13 -100.91 16.26
N ILE MF 61 39.82 -100.99 16.04
CA ILE MF 61 38.92 -99.89 16.30
C ILE MF 61 38.03 -100.24 17.49
N GLN MF 62 37.90 -99.31 18.42
CA GLN MF 62 36.93 -99.39 19.50
C GLN MF 62 35.92 -98.27 19.31
N THR MF 63 34.64 -98.64 19.25
CA THR MF 63 33.54 -97.69 19.21
C THR MF 63 32.65 -97.94 20.42
N SER MF 64 31.52 -97.25 20.44
CA SER MF 64 30.53 -97.50 21.48
C SER MF 64 29.88 -98.86 21.29
N HIS MF 65 29.75 -99.32 20.06
CA HIS MF 65 29.11 -100.59 19.75
C HIS MF 65 30.03 -101.78 20.00
N GLY MF 66 31.31 -101.55 20.30
CA GLY MF 66 32.23 -102.63 20.55
C GLY MF 66 33.50 -102.42 19.77
N VAL MF 67 34.23 -103.52 19.54
CA VAL MF 67 35.51 -103.47 18.87
C VAL MF 67 35.39 -104.15 17.52
N ILE MF 68 36.34 -103.84 16.64
CA ILE MF 68 36.38 -104.39 15.29
C ILE MF 68 37.81 -104.28 14.79
N GLU MF 69 38.14 -105.05 13.77
CA GLU MF 69 39.50 -105.10 13.26
C GLU MF 69 39.53 -104.91 11.76
N SER MF 70 39.89 -103.71 11.32
CA SER MF 70 39.98 -103.43 9.90
C SER MF 70 41.27 -104.01 9.35
N GLU MF 71 41.22 -104.44 8.10
CA GLU MF 71 42.41 -104.99 7.45
C GLU MF 71 42.70 -104.31 6.12
N ASP NF 6 33.49 -88.11 27.31
CA ASP NF 6 33.88 -86.73 27.03
C ASP NF 6 35.37 -86.50 27.24
N PHE NF 7 36.05 -87.43 27.91
CA PHE NF 7 37.44 -87.22 28.25
C PHE NF 7 38.18 -88.55 28.26
N VAL NF 8 39.49 -88.46 28.05
CA VAL NF 8 40.36 -89.62 27.98
C VAL NF 8 41.44 -89.50 29.05
N VAL NF 9 42.02 -90.63 29.42
CA VAL NF 9 43.05 -90.69 30.44
C VAL NF 9 44.26 -91.38 29.85
N ILE NF 10 45.38 -90.68 29.80
CA ILE NF 10 46.60 -91.20 29.18
C ILE NF 10 47.68 -91.29 30.24
N LYS NF 11 48.11 -92.50 30.55
CA LYS NF 11 49.23 -92.71 31.46
C LYS NF 11 50.47 -92.98 30.63
N ALA NF 12 51.45 -92.10 30.72
CA ALA NF 12 52.64 -92.27 29.91
C ALA NF 12 53.58 -93.29 30.54
N LEU NF 13 53.66 -94.47 29.94
CA LEU NF 13 54.48 -95.55 30.45
C LEU NF 13 55.95 -95.41 30.09
N GLU NF 14 56.31 -94.48 29.22
CA GLU NF 14 57.70 -94.24 28.87
C GLU NF 14 57.87 -92.75 28.66
N ASP NF 15 59.13 -92.32 28.61
CA ASP NF 15 59.42 -90.91 28.50
C ASP NF 15 59.13 -90.39 27.11
N GLY NF 16 58.90 -89.08 27.01
CA GLY NF 16 58.74 -88.43 25.74
C GLY NF 16 57.49 -88.79 24.98
N VAL NF 17 56.40 -89.13 25.66
CA VAL NF 17 55.18 -89.48 24.95
C VAL NF 17 54.49 -88.21 24.47
N ASN NF 18 54.25 -88.13 23.18
CA ASN NF 18 53.66 -86.93 22.57
C ASN NF 18 52.16 -87.10 22.50
N VAL NF 19 51.44 -86.00 22.74
CA VAL NF 19 50.00 -85.96 22.60
C VAL NF 19 49.68 -84.75 21.74
N ILE NF 20 49.03 -84.97 20.59
CA ILE NF 20 48.85 -83.94 19.59
C ILE NF 20 47.37 -83.56 19.55
N GLY NF 21 47.09 -82.28 19.74
CA GLY NF 21 45.73 -81.79 19.70
C GLY NF 21 45.37 -80.97 20.92
N SER NF 33 50.48 -79.39 20.81
CA SER NF 33 51.30 -80.54 21.16
C SER NF 33 51.74 -80.48 22.61
N GLU NF 34 51.75 -81.64 23.28
CA GLU NF 34 52.20 -81.74 24.66
C GLU NF 34 53.12 -82.95 24.78
N CYS NF 35 54.05 -82.88 25.72
CA CYS NF 35 54.97 -83.98 25.97
C CYS NF 35 54.82 -84.46 27.41
N LEU NF 36 54.88 -85.77 27.62
CA LEU NF 36 54.75 -86.36 28.94
C LEU NF 36 55.96 -87.22 29.23
N ASP NF 37 56.37 -87.25 30.49
CA ASP NF 37 57.41 -88.13 30.96
C ASP NF 37 56.81 -89.38 31.57
N LYS NF 38 57.68 -90.30 31.97
CA LYS NF 38 57.23 -91.59 32.49
C LYS NF 38 56.55 -91.44 33.84
N GLY NF 39 55.35 -91.98 33.96
CA GLY NF 39 54.61 -91.97 35.18
C GLY NF 39 53.57 -90.87 35.29
N GLU NF 40 53.62 -89.88 34.41
CA GLU NF 40 52.62 -88.85 34.44
C GLU NF 40 51.32 -89.35 33.83
N VAL NF 41 50.23 -88.66 34.15
CA VAL NF 41 48.90 -89.00 33.67
C VAL NF 41 48.23 -87.72 33.23
N LEU NF 42 47.77 -87.69 31.98
CA LEU NF 42 47.06 -86.54 31.44
C LEU NF 42 45.61 -86.92 31.23
N ILE NF 43 44.71 -86.14 31.82
CA ILE NF 43 43.28 -86.31 31.61
C ILE NF 43 42.84 -85.19 30.69
N ALA NF 44 42.39 -85.55 29.49
CA ALA NF 44 42.13 -84.56 28.45
C ALA NF 44 40.67 -84.61 28.04
N GLN NF 45 40.03 -83.45 28.06
CA GLN NF 45 38.66 -83.30 27.59
C GLN NF 45 38.67 -82.80 26.14
N PHE NF 46 37.59 -83.10 25.43
CA PHE NF 46 37.46 -82.63 24.07
C PHE NF 46 36.78 -81.27 24.02
N THR NF 47 37.50 -80.29 23.50
CA THR NF 47 36.93 -78.96 23.29
C THR NF 47 36.30 -78.92 21.92
N GLU NF 48 35.93 -77.72 21.49
CA GLU NF 48 35.54 -77.53 20.10
C GLU NF 48 36.75 -77.62 19.19
N HIS NF 49 37.87 -77.03 19.61
CA HIS NF 49 39.11 -77.06 18.86
C HIS NF 49 39.71 -78.45 18.76
N THR NF 50 39.98 -79.08 19.91
CA THR NF 50 40.57 -80.41 19.96
C THR NF 50 39.50 -81.41 19.57
N SER NF 51 39.46 -81.75 18.28
CA SER NF 51 38.52 -82.74 17.78
C SER NF 51 39.19 -84.06 17.45
N ALA NF 52 40.51 -84.15 17.59
CA ALA NF 52 41.25 -85.37 17.33
C ALA NF 52 42.51 -85.36 18.16
N ILE NF 53 42.84 -86.51 18.73
CA ILE NF 53 43.99 -86.64 19.61
C ILE NF 53 44.83 -87.81 19.12
N LYS NF 54 46.10 -87.55 18.83
CA LYS NF 54 47.03 -88.57 18.38
C LYS NF 54 48.05 -88.81 19.48
N VAL NF 55 48.35 -90.07 19.74
CA VAL NF 55 49.24 -90.46 20.83
C VAL NF 55 50.39 -91.27 20.24
N ARG NF 56 51.61 -90.84 20.50
CA ARG NF 56 52.80 -91.55 20.06
C ARG NF 56 53.47 -92.19 21.26
N GLY NF 57 54.36 -93.14 21.00
CA GLY NF 57 55.14 -93.77 22.05
C GLY NF 57 54.31 -94.73 22.88
N LYS NF 58 54.96 -95.28 23.89
CA LYS NF 58 54.32 -96.27 24.73
C LYS NF 58 53.49 -95.57 25.81
N ALA NF 59 52.17 -95.76 25.74
CA ALA NF 59 51.27 -95.14 26.69
C ALA NF 59 50.06 -96.04 26.89
N TYR NF 60 49.35 -95.81 27.98
CA TYR NF 60 48.21 -96.61 28.37
C TYR NF 60 46.99 -95.71 28.47
N ILE NF 61 46.02 -95.93 27.58
CA ILE NF 61 44.90 -95.02 27.42
C ILE NF 61 43.64 -95.69 27.92
N GLN NF 62 42.87 -94.96 28.71
CA GLN NF 62 41.52 -95.34 29.12
C GLN NF 62 40.54 -94.35 28.52
N THR NF 63 39.58 -94.88 27.76
CA THR NF 63 38.48 -94.08 27.23
C THR NF 63 37.18 -94.65 27.78
N SER NF 64 36.07 -94.13 27.25
CA SER NF 64 34.77 -94.69 27.59
C SER NF 64 34.58 -96.07 27.00
N HIS NF 65 35.19 -96.32 25.85
CA HIS NF 65 35.07 -97.61 25.17
C HIS NF 65 35.96 -98.68 25.77
N GLY NF 66 36.83 -98.34 26.71
CA GLY NF 66 37.70 -99.32 27.32
C GLY NF 66 39.13 -98.81 27.35
N VAL NF 67 40.06 -99.74 27.45
CA VAL NF 67 41.47 -99.40 27.55
C VAL NF 67 42.19 -99.87 26.29
N ILE NF 68 43.36 -99.29 26.07
CA ILE NF 68 44.18 -99.59 24.91
C ILE NF 68 45.61 -99.21 25.24
N GLU NF 69 46.56 -99.74 24.48
CA GLU NF 69 47.98 -99.53 24.77
C GLU NF 69 48.71 -99.08 23.52
N SER NF 70 48.98 -97.80 23.41
CA SER NF 70 49.72 -97.28 22.29
C SER NF 70 51.20 -97.57 22.44
N GLU NF 71 51.87 -97.79 21.32
CA GLU NF 71 53.30 -98.06 21.35
C GLU NF 71 54.08 -97.12 20.43
N ASP OF 6 32.21 -85.73 35.05
CA ASP OF 6 32.43 -84.29 35.08
C ASP OF 6 33.56 -83.90 36.00
N PHE OF 7 33.98 -84.81 36.87
CA PHE OF 7 34.98 -84.46 37.88
C PHE OF 7 35.85 -85.68 38.18
N VAL OF 8 37.05 -85.38 38.65
CA VAL OF 8 38.05 -86.41 38.96
C VAL OF 8 38.45 -86.29 40.41
N VAL OF 9 38.97 -87.37 40.97
CA VAL OF 9 39.37 -87.43 42.36
C VAL OF 9 40.83 -87.88 42.42
N ILE OF 10 41.68 -87.02 42.97
CA ILE OF 10 43.12 -87.28 43.01
C ILE OF 10 43.55 -87.38 44.46
N LYS OF 11 44.00 -88.56 44.87
CA LYS OF 11 44.55 -88.74 46.21
C LYS OF 11 46.06 -88.73 46.09
N ALA OF 12 46.70 -87.74 46.72
CA ALA OF 12 48.14 -87.64 46.59
C ALA OF 12 48.82 -88.61 47.54
N LEU OF 13 49.41 -89.66 46.99
CA LEU OF 13 50.07 -90.70 47.78
C LEU OF 13 51.47 -90.31 48.22
N GLU OF 14 52.02 -89.22 47.69
CA GLU OF 14 53.34 -88.75 48.10
C GLU OF 14 53.32 -87.24 48.10
N ASP OF 15 54.34 -86.64 48.69
CA ASP OF 15 54.37 -85.21 48.83
C ASP OF 15 54.71 -84.54 47.50
N GLY OF 16 54.31 -83.28 47.38
CA GLY OF 16 54.66 -82.47 46.23
C GLY OF 16 54.02 -82.89 44.93
N VAL OF 17 52.83 -83.46 44.96
CA VAL OF 17 52.18 -83.86 43.73
C VAL OF 17 51.59 -82.63 43.04
N ASN OF 18 51.99 -82.41 41.80
CA ASN OF 18 51.56 -81.23 41.05
C ASN OF 18 50.32 -81.58 40.24
N VAL OF 19 49.41 -80.65 40.14
CA VAL OF 19 48.22 -80.76 39.30
C VAL OF 19 48.14 -79.50 38.47
N ILE OF 20 48.18 -79.65 37.15
CA ILE OF 20 48.31 -78.52 36.24
C ILE OF 20 47.00 -78.33 35.50
N GLY OF 21 46.42 -77.14 35.60
CA GLY OF 21 45.19 -76.84 34.91
C GLY OF 21 44.14 -76.25 35.84
N SER OF 33 48.28 -74.00 38.37
CA SER OF 33 49.03 -75.08 39.02
C SER OF 33 48.70 -75.16 40.50
N GLU OF 34 48.60 -76.38 41.01
CA GLU OF 34 48.34 -76.63 42.43
C GLU OF 34 49.29 -77.70 42.93
N CYS OF 35 49.62 -77.65 44.21
CA CYS OF 35 50.50 -78.64 44.81
C CYS OF 35 49.76 -79.32 45.96
N LEU OF 36 49.96 -80.63 46.09
CA LEU OF 36 49.33 -81.42 47.14
C LEU OF 36 50.38 -82.14 47.94
N ASP OF 37 50.12 -82.30 49.24
CA ASP OF 37 50.97 -83.09 50.12
C ASP OF 37 50.38 -84.49 50.26
N LYS OF 38 51.10 -85.33 51.00
CA LYS OF 38 50.71 -86.72 51.14
C LYS OF 38 49.45 -86.86 51.99
N GLY OF 39 48.47 -87.56 51.46
CA GLY OF 39 47.24 -87.82 52.16
C GLY OF 39 46.10 -86.90 51.79
N GLU OF 40 46.38 -85.80 51.10
CA GLU OF 40 45.31 -84.91 50.69
C GLU OF 40 44.59 -85.51 49.49
N VAL OF 41 43.37 -85.02 49.26
CA VAL OF 41 42.52 -85.46 48.16
C VAL OF 41 41.93 -84.22 47.52
N LEU OF 42 42.12 -84.09 46.22
CA LEU OF 42 41.57 -82.98 45.47
C LEU OF 42 40.49 -83.51 44.54
N ILE OF 43 39.29 -82.95 44.64
CA ILE OF 43 38.20 -83.27 43.74
C ILE OF 43 38.06 -82.11 42.78
N ALA OF 44 38.30 -82.35 41.51
CA ALA OF 44 38.40 -81.27 40.53
C ALA OF 44 37.36 -81.44 39.45
N GLN OF 45 36.58 -80.40 39.21
CA GLN OF 45 35.62 -80.37 38.13
C GLN OF 45 36.22 -79.67 36.92
N PHE OF 46 35.69 -80.00 35.75
CA PHE OF 46 36.16 -79.38 34.52
C PHE OF 46 35.35 -78.13 34.22
N THR OF 47 36.03 -76.99 34.18
CA THR OF 47 35.41 -75.73 33.80
C THR OF 47 35.51 -75.58 32.29
N GLU OF 48 35.18 -74.40 31.81
CA GLU OF 48 35.48 -74.06 30.43
C GLU OF 48 36.97 -73.87 30.24
N HIS OF 49 37.61 -73.20 31.20
CA HIS OF 49 39.04 -72.96 31.15
C HIS OF 49 39.86 -74.23 31.30
N THR OF 50 39.66 -74.96 32.38
CA THR OF 50 40.38 -76.20 32.64
C THR OF 50 39.84 -77.27 31.71
N SER OF 51 40.49 -77.43 30.56
CA SER OF 51 40.11 -78.46 29.60
C SER OF 51 41.09 -79.62 29.58
N ALA OF 52 42.16 -79.54 30.36
CA ALA OF 52 43.15 -80.61 30.42
C ALA OF 52 43.82 -80.55 31.77
N ILE OF 53 44.05 -81.71 32.36
CA ILE OF 53 44.64 -81.81 33.69
C ILE OF 53 45.81 -82.78 33.62
N LYS OF 54 46.99 -82.32 34.02
CA LYS OF 54 48.18 -83.13 34.02
C LYS OF 54 48.59 -83.38 35.47
N VAL OF 55 48.95 -84.62 35.78
CA VAL OF 55 49.26 -85.02 37.14
C VAL OF 55 50.68 -85.59 37.16
N ARG OF 56 51.52 -85.04 38.02
CA ARG OF 56 52.89 -85.52 38.19
C ARG OF 56 53.01 -86.23 39.52
N GLY OF 57 54.06 -87.01 39.69
CA GLY OF 57 54.34 -87.67 40.95
C GLY OF 57 53.41 -88.83 41.19
N LYS OF 58 53.58 -89.44 42.36
CA LYS OF 58 52.81 -90.62 42.72
C LYS OF 58 51.45 -90.19 43.27
N ALA OF 59 50.39 -90.54 42.55
CA ALA OF 59 49.05 -90.18 42.95
C ALA OF 59 48.09 -91.25 42.48
N TYR OF 60 46.90 -91.27 43.08
CA TYR OF 60 45.89 -92.27 42.80
C TYR OF 60 44.63 -91.56 42.33
N ILE OF 61 44.26 -91.79 41.07
CA ILE OF 61 43.22 -91.02 40.42
C ILE OF 61 42.01 -91.91 40.19
N GLN OF 62 40.83 -91.40 40.54
CA GLN OF 62 39.57 -92.01 40.19
C GLN OF 62 38.82 -91.10 39.25
N THR OF 63 38.46 -91.63 38.08
CA THR OF 63 37.64 -90.92 37.12
C THR OF 63 36.36 -91.72 36.91
N SER OF 64 35.57 -91.29 35.93
CA SER OF 64 34.39 -92.06 35.56
C SER OF 64 34.77 -93.36 34.87
N HIS OF 65 35.90 -93.37 34.15
CA HIS OF 65 36.35 -94.54 33.43
C HIS OF 65 37.02 -95.56 34.33
N GLY OF 66 37.25 -95.24 35.60
CA GLY OF 66 37.89 -96.16 36.51
C GLY OF 66 39.00 -95.47 37.27
N VAL OF 67 39.92 -96.29 37.77
CA VAL OF 67 41.03 -95.78 38.58
C VAL OF 67 42.33 -95.96 37.82
N ILE OF 68 43.33 -95.21 38.25
CA ILE OF 68 44.66 -95.24 37.63
C ILE OF 68 45.64 -94.71 38.66
N GLU OF 69 46.92 -95.01 38.45
CA GLU OF 69 47.96 -94.66 39.41
C GLU OF 69 49.11 -93.95 38.71
N SER OF 70 49.15 -92.63 38.84
CA SER OF 70 50.24 -91.86 38.25
C SER OF 70 51.47 -91.98 39.11
N GLU OF 71 52.63 -91.94 38.46
CA GLU OF 71 53.90 -92.02 39.19
C GLU OF 71 54.83 -90.87 38.83
N ASP PF 6 27.07 -84.92 41.03
CA ASP PF 6 26.96 -83.48 41.26
C ASP PF 6 27.37 -83.08 42.67
N PHE PF 7 27.47 -84.05 43.57
CA PHE PF 7 27.74 -83.74 44.96
C PHE PF 7 28.58 -84.85 45.59
N VAL PF 8 29.30 -84.47 46.64
CA VAL PF 8 30.19 -85.38 47.35
C VAL PF 8 29.77 -85.43 48.82
N VAL PF 9 30.16 -86.51 49.48
CA VAL PF 9 29.82 -86.74 50.88
C VAL PF 9 31.10 -86.97 51.66
N ILE PF 10 31.39 -86.11 52.62
CA ILE PF 10 32.62 -86.17 53.38
C ILE PF 10 32.28 -86.43 54.83
N LYS PF 11 32.69 -87.58 55.35
CA LYS PF 11 32.53 -87.90 56.76
C LYS PF 11 33.85 -87.64 57.45
N ALA PF 12 33.88 -86.70 58.38
CA ALA PF 12 35.15 -86.37 59.02
C ALA PF 12 35.44 -87.37 60.13
N LEU PF 13 36.43 -88.24 59.89
CA LEU PF 13 36.79 -89.28 60.84
C LEU PF 13 37.68 -88.77 61.96
N GLU PF 14 38.19 -87.56 61.87
CA GLU PF 14 39.00 -86.98 62.93
C GLU PF 14 38.68 -85.49 63.01
N ASP PF 15 39.13 -84.87 64.08
CA ASP PF 15 38.80 -83.47 64.31
C ASP PF 15 39.60 -82.56 63.40
N GLY PF 16 39.08 -81.37 63.17
CA GLY PF 16 39.77 -80.36 62.42
C GLY PF 16 39.98 -80.65 60.95
N VAL PF 17 39.07 -81.38 60.33
CA VAL PF 17 39.22 -81.66 58.90
C VAL PF 17 38.81 -80.44 58.11
N ASN PF 18 39.72 -79.96 57.26
CA ASN PF 18 39.50 -78.76 56.48
C ASN PF 18 38.94 -79.14 55.12
N VAL PF 19 38.01 -78.33 54.62
CA VAL PF 19 37.45 -78.49 53.29
C VAL PF 19 37.55 -77.14 52.60
N ILE PF 20 38.27 -77.07 51.50
CA ILE PF 20 38.60 -75.80 50.87
C ILE PF 20 37.82 -75.69 49.56
N GLY PF 21 37.06 -74.62 49.42
CA GLY PF 21 36.29 -74.38 48.21
C GLY PF 21 34.82 -74.10 48.49
N SER PF 33 36.61 -71.72 52.96
CA SER PF 33 37.13 -72.77 53.82
C SER PF 33 36.14 -73.14 54.91
N GLU PF 34 36.03 -74.43 55.21
CA GLU PF 34 35.17 -74.92 56.27
C GLU PF 34 35.94 -75.93 57.12
N CYS PF 35 35.56 -76.03 58.39
CA CYS PF 35 36.21 -76.98 59.30
C CYS PF 35 35.15 -77.93 59.85
N LEU PF 36 35.51 -79.20 59.99
CA LEU PF 36 34.62 -80.22 60.50
C LEU PF 36 35.25 -80.91 61.68
N ASP PF 37 34.43 -81.30 62.64
CA ASP PF 37 34.85 -82.09 63.77
C ASP PF 37 34.57 -83.56 63.51
N LYS PF 38 34.98 -84.40 64.46
CA LYS PF 38 34.86 -85.85 64.29
C LYS PF 38 33.41 -86.29 64.35
N GLY PF 39 32.98 -87.03 63.34
CA GLY PF 39 31.65 -87.56 63.29
C GLY PF 39 30.68 -86.76 62.44
N GLU PF 40 31.03 -85.54 62.07
CA GLU PF 40 30.17 -84.76 61.21
C GLU PF 40 30.27 -85.24 59.78
N VAL PF 41 29.26 -84.90 58.99
CA VAL PF 41 29.18 -85.28 57.59
C VAL PF 41 28.74 -84.05 56.81
N LEU PF 42 29.53 -83.69 55.81
CA LEU PF 42 29.22 -82.56 54.94
C LEU PF 42 28.88 -83.08 53.56
N ILE PF 43 27.71 -82.72 53.06
CA ILE PF 43 27.30 -83.05 51.70
C ILE PF 43 27.42 -81.78 50.89
N ALA PF 44 28.32 -81.78 49.91
CA ALA PF 44 28.67 -80.56 49.21
C ALA PF 44 28.36 -80.70 47.73
N GLN PF 45 27.61 -79.75 47.19
CA GLN PF 45 27.33 -79.69 45.77
C GLN PF 45 28.30 -78.72 45.09
N PHE PF 46 28.52 -78.95 43.80
CA PHE PF 46 29.38 -78.06 43.04
C PHE PF 46 28.59 -76.91 42.44
N THR PF 47 28.97 -75.71 42.83
CA THR PF 47 28.37 -74.50 42.27
C THR PF 47 29.19 -74.11 41.05
N GLU PF 48 28.90 -72.91 40.54
CA GLU PF 48 29.78 -72.33 39.53
C GLU PF 48 31.09 -71.89 40.16
N HIS PF 49 31.02 -71.30 41.35
CA HIS PF 49 32.20 -70.86 42.07
C HIS PF 49 33.07 -72.00 42.55
N THR PF 50 32.51 -72.93 43.31
CA THR PF 50 33.25 -74.07 43.83
C THR PF 50 33.46 -75.05 42.68
N SER PF 51 34.61 -74.94 42.03
CA SER PF 51 34.99 -75.84 40.96
C SER PF 51 36.06 -76.83 41.37
N ALA PF 52 36.57 -76.73 42.59
CA ALA PF 52 37.57 -77.64 43.09
C ALA PF 52 37.46 -77.70 44.60
N ILE PF 53 37.58 -78.90 45.15
CA ILE PF 53 37.45 -79.13 46.58
C ILE PF 53 38.65 -79.90 47.07
N LYS PF 54 39.36 -79.34 48.03
CA LYS PF 54 40.54 -79.98 48.62
C LYS PF 54 40.21 -80.39 50.04
N VAL PF 55 40.60 -81.60 50.41
CA VAL PF 55 40.28 -82.17 51.71
C VAL PF 55 41.57 -82.53 52.42
N ARG PF 56 41.75 -82.00 53.63
CA ARG PF 56 42.90 -82.31 54.45
C ARG PF 56 42.48 -83.20 55.60
N GLY PF 57 43.44 -83.83 56.24
CA GLY PF 57 43.19 -84.64 57.41
C GLY PF 57 42.51 -85.95 57.07
N LYS PF 58 42.20 -86.70 58.12
CA LYS PF 58 41.61 -88.02 57.95
C LYS PF 58 40.11 -87.88 57.74
N ALA PF 59 39.64 -88.25 56.56
CA ALA PF 59 38.23 -88.15 56.23
C ALA PF 59 37.88 -89.27 55.25
N TYR PF 60 36.58 -89.55 55.16
CA TYR PF 60 36.07 -90.63 54.32
C TYR PF 60 35.10 -90.03 53.31
N ILE PF 61 35.46 -90.10 52.03
CA ILE PF 61 34.75 -89.39 50.99
C ILE PF 61 34.02 -90.39 50.11
N GLN PF 62 32.75 -90.11 49.82
CA GLN PF 62 31.97 -90.85 48.84
C GLN PF 62 31.64 -89.89 47.70
N THR PF 63 32.02 -90.28 46.49
CA THR PF 63 31.66 -89.56 45.29
C THR PF 63 30.86 -90.49 44.40
N SER PF 64 30.58 -90.02 43.18
CA SER PF 64 29.94 -90.87 42.20
C SER PF 64 30.86 -91.98 41.72
N HIS PF 65 32.16 -91.72 41.69
CA HIS PF 65 33.14 -92.70 41.25
C HIS PF 65 33.47 -93.74 42.30
N GLY PF 66 32.97 -93.60 43.52
CA GLY PF 66 33.24 -94.55 44.56
C GLY PF 66 33.66 -93.85 45.83
N VAL PF 67 34.35 -94.58 46.69
CA VAL PF 67 34.78 -94.07 47.98
C VAL PF 67 36.29 -93.94 48.00
N ILE PF 68 36.77 -93.13 48.93
CA ILE PF 68 38.20 -92.88 49.09
C ILE PF 68 38.41 -92.39 50.51
N GLU PF 69 39.66 -92.46 50.97
CA GLU PF 69 39.98 -92.12 52.36
C GLU PF 69 41.16 -91.16 52.40
N SER PF 70 40.86 -89.88 52.61
CA SER PF 70 41.92 -88.89 52.72
C SER PF 70 42.55 -88.97 54.09
N GLU PF 71 43.86 -88.67 54.15
CA GLU PF 71 44.57 -88.68 55.41
C GLU PF 71 45.31 -87.37 55.67
N ASP QF 6 19.60 -85.61 43.47
CA ASP QF 6 19.13 -84.25 43.69
C ASP QF 6 18.70 -84.00 45.13
N PHE QF 7 18.52 -85.06 45.90
CA PHE QF 7 18.00 -84.92 47.25
C PHE QF 7 18.59 -85.99 48.16
N VAL QF 8 18.62 -85.68 49.45
CA VAL QF 8 19.18 -86.55 50.47
C VAL QF 8 18.11 -86.87 51.49
N VAL QF 9 18.30 -87.97 52.21
CA VAL QF 9 17.35 -88.43 53.21
C VAL QF 9 18.10 -88.61 54.52
N ILE QF 10 17.71 -87.85 55.55
CA ILE QF 10 18.38 -87.87 56.82
C ILE QF 10 17.42 -88.37 57.89
N LYS QF 11 17.71 -89.53 58.47
CA LYS QF 11 16.93 -90.04 59.58
C LYS QF 11 17.68 -89.73 60.86
N ALA QF 12 17.07 -88.93 61.73
CA ALA QF 12 17.76 -88.54 62.95
C ALA QF 12 17.64 -89.64 63.99
N LEU QF 13 18.74 -90.34 64.24
CA LEU QF 13 18.77 -91.44 65.18
C LEU QF 13 18.87 -90.99 66.63
N GLU QF 14 19.14 -89.72 66.88
CA GLU QF 14 19.19 -89.20 68.24
C GLU QF 14 18.62 -87.80 68.21
N ASP QF 15 18.35 -87.27 69.40
CA ASP QF 15 17.71 -85.98 69.51
C ASP QF 15 18.69 -84.86 69.19
N GLY QF 16 18.14 -83.71 68.80
CA GLY QF 16 18.94 -82.52 68.57
C GLY QF 16 19.89 -82.58 67.40
N VAL QF 17 19.55 -83.33 66.35
CA VAL QF 17 20.45 -83.39 65.20
C VAL QF 17 20.28 -82.13 64.38
N ASN QF 18 21.39 -81.44 64.14
CA ASN QF 18 21.37 -80.17 63.42
C ASN QF 18 21.64 -80.42 61.95
N VAL QF 19 20.96 -79.68 61.09
CA VAL QF 19 21.18 -79.71 59.65
C VAL QF 19 21.35 -78.28 59.21
N ILE QF 20 22.51 -77.97 58.63
CA ILE QF 20 22.89 -76.60 58.32
C ILE QF 20 22.85 -76.40 56.82
N GLY QF 21 22.08 -75.42 56.37
CA GLY QF 21 21.99 -75.12 54.95
C GLY QF 21 20.55 -75.06 54.46
N SER QF 33 19.43 -73.12 59.32
CA SER QF 33 19.63 -74.21 60.27
C SER QF 33 18.31 -74.84 60.68
N GLU QF 34 18.30 -76.16 60.81
CA GLU QF 34 17.12 -76.90 61.24
C GLU QF 34 17.53 -77.91 62.31
N CYS QF 35 16.61 -78.24 63.20
CA CYS QF 35 16.86 -79.21 64.25
C CYS QF 35 15.86 -80.35 64.13
N LEU QF 36 16.33 -81.57 64.36
CA LEU QF 36 15.49 -82.76 64.28
C LEU QF 36 15.56 -83.52 65.58
N ASP QF 37 14.45 -84.14 65.95
CA ASP QF 37 14.39 -85.03 67.11
C ASP QF 37 14.54 -86.47 66.65
N LYS QF 38 14.56 -87.38 67.62
CA LYS QF 38 14.81 -88.78 67.33
C LYS QF 38 13.61 -89.41 66.62
N GLY QF 39 13.89 -90.06 65.49
CA GLY QF 39 12.88 -90.74 64.73
C GLY QF 39 12.35 -89.95 63.55
N GLU QF 40 12.61 -88.65 63.49
CA GLU QF 40 12.15 -87.88 62.36
C GLU QF 40 13.04 -88.14 61.16
N VAL QF 41 12.52 -87.82 59.98
CA VAL QF 41 13.21 -88.01 58.71
C VAL QF 41 13.02 -86.75 57.88
N LEU QF 42 14.12 -86.15 57.45
CA LEU QF 42 14.08 -84.96 56.62
C LEU QF 42 14.57 -85.33 55.23
N ILE QF 43 13.76 -85.05 54.23
CA ILE QF 43 14.15 -85.23 52.84
C ILE QF 43 14.43 -83.85 52.28
N ALA QF 44 15.68 -83.61 51.90
CA ALA QF 44 16.11 -82.27 51.54
C ALA QF 44 16.62 -82.24 50.11
N GLN QF 45 16.08 -81.32 49.33
CA GLN QF 45 16.53 -81.10 47.96
C GLN QF 45 17.53 -79.94 47.93
N PHE QF 46 18.38 -79.95 46.93
CA PHE QF 46 19.34 -78.88 46.77
C PHE QF 46 18.77 -77.75 45.91
N THR QF 47 18.68 -76.57 46.50
CA THR QF 47 18.25 -75.39 45.78
C THR QF 47 19.47 -74.74 45.18
N GLU QF 48 19.27 -73.52 44.66
CA GLU QF 48 20.42 -72.70 44.28
C GLU QF 48 21.14 -72.20 45.52
N HIS QF 49 20.39 -71.79 46.54
CA HIS QF 49 20.95 -71.31 47.78
C HIS QF 49 21.66 -72.40 48.58
N THR QF 50 20.96 -73.48 48.89
CA THR QF 50 21.53 -74.59 49.65
C THR QF 50 22.45 -75.36 48.73
N SER QF 51 23.74 -75.01 48.76
CA SER QF 51 24.75 -75.70 47.98
C SER QF 51 25.63 -76.61 48.83
N ALA QF 52 25.43 -76.61 50.15
CA ALA QF 52 26.19 -77.45 51.04
C ALA QF 52 25.36 -77.73 52.27
N ILE QF 53 25.41 -78.98 52.73
CA ILE QF 53 24.62 -79.41 53.87
C ILE QF 53 25.55 -80.09 54.87
N LYS QF 54 25.56 -79.59 56.09
CA LYS QF 54 26.38 -80.14 57.15
C LYS QF 54 25.46 -80.79 58.19
N VAL QF 55 25.83 -81.98 58.64
CA VAL QF 55 25.01 -82.76 59.55
C VAL QF 55 25.82 -83.05 60.80
N ARG QF 56 25.27 -82.68 61.96
CA ARG QF 56 25.91 -82.96 63.24
C ARG QF 56 25.13 -84.05 63.96
N GLY QF 57 25.74 -84.63 64.97
CA GLY QF 57 25.08 -85.62 65.79
C GLY QF 57 24.92 -86.94 65.08
N LYS QF 58 24.26 -87.86 65.78
CA LYS QF 58 24.07 -89.21 65.25
C LYS QF 58 22.88 -89.23 64.31
N ALA QF 59 23.13 -89.48 63.03
CA ALA QF 59 22.09 -89.52 62.03
C ALA QF 59 22.47 -90.52 60.95
N TYR QF 60 21.47 -90.94 60.19
CA TYR QF 60 21.63 -91.94 59.15
C TYR QF 60 21.22 -91.34 57.82
N ILE QF 61 22.17 -91.19 56.91
CA ILE QF 61 21.96 -90.44 55.68
C ILE QF 61 21.96 -91.40 54.51
N GLN QF 62 20.96 -91.24 53.63
CA GLN QF 62 20.92 -91.91 52.34
C GLN QF 62 21.04 -90.86 51.26
N THR QF 63 22.03 -91.03 50.39
CA THR QF 63 22.20 -90.20 49.21
C THR QF 63 22.13 -91.08 47.98
N SER QF 64 22.42 -90.49 46.83
CA SER QF 64 22.50 -91.27 45.60
C SER QF 64 23.72 -92.18 45.62
N HIS QF 65 24.80 -91.76 46.27
CA HIS QF 65 26.02 -92.53 46.34
C HIS QF 65 25.96 -93.67 47.35
N GLY QF 66 24.90 -93.75 48.14
CA GLY QF 66 24.78 -94.80 49.12
C GLY QF 66 24.38 -94.24 50.46
N VAL QF 67 24.67 -95.00 51.51
CA VAL QF 67 24.30 -94.62 52.86
C VAL QF 67 25.55 -94.31 53.66
N ILE QF 68 25.37 -93.58 54.75
CA ILE QF 68 26.45 -93.18 55.64
C ILE QF 68 25.85 -92.87 56.99
N GLU QF 69 26.68 -92.85 58.03
CA GLU QF 69 26.21 -92.67 59.39
C GLU QF 69 27.00 -91.58 60.09
N SER QF 70 26.43 -90.39 60.20
CA SER QF 70 27.09 -89.31 60.88
C SER QF 70 26.97 -89.48 62.39
N GLU QF 71 27.99 -89.04 63.11
CA GLU QF 71 27.97 -89.13 64.56
C GLU QF 71 28.24 -87.80 65.22
N ASP RF 6 12.12 -87.82 41.71
CA ASP RF 6 11.34 -86.59 41.72
C ASP RF 6 10.22 -86.61 42.76
N PHE RF 7 9.90 -87.79 43.27
CA PHE RF 7 8.76 -87.91 44.17
C PHE RF 7 9.03 -89.00 45.20
N VAL RF 8 8.35 -88.88 46.34
CA VAL RF 8 8.50 -89.79 47.46
C VAL RF 8 7.15 -90.41 47.77
N VAL RF 9 7.18 -91.56 48.43
CA VAL RF 9 5.97 -92.30 48.79
C VAL RF 9 5.99 -92.54 50.29
N ILE RF 10 5.00 -92.01 51.00
CA ILE RF 10 4.95 -92.11 52.45
C ILE RF 10 3.72 -92.88 52.84
N LYS RF 11 3.91 -94.05 53.44
CA LYS RF 11 2.80 -94.84 53.97
C LYS RF 11 2.74 -94.60 55.46
N ALA RF 12 1.64 -94.03 55.93
CA ALA RF 12 1.54 -93.72 57.35
C ALA RF 12 1.14 -94.97 58.13
N LEU RF 13 2.09 -95.51 58.88
CA LEU RF 13 1.87 -96.72 59.65
C LEU RF 13 1.15 -96.47 60.96
N GLU RF 14 1.00 -95.22 61.38
CA GLU RF 14 0.27 -94.90 62.59
C GLU RF 14 -0.48 -93.61 62.35
N ASP RF 15 -1.40 -93.30 63.26
CA ASP RF 15 -2.25 -92.15 63.08
C ASP RF 15 -1.49 -90.86 63.36
N GLY RF 16 -1.99 -89.77 62.79
CA GLY RF 16 -1.45 -88.45 63.06
C GLY RF 16 -0.06 -88.21 62.53
N VAL RF 17 0.32 -88.83 61.43
CA VAL RF 17 1.66 -88.60 60.89
C VAL RF 17 1.68 -87.27 60.16
N ASN RF 18 2.59 -86.40 60.55
CA ASN RF 18 2.68 -85.05 60.00
C ASN RF 18 3.69 -85.06 58.85
N VAL RF 19 3.38 -84.30 57.81
CA VAL RF 19 4.28 -84.11 56.68
C VAL RF 19 4.37 -82.61 56.46
N ILE RF 20 5.57 -82.05 56.56
CA ILE RF 20 5.75 -80.61 56.55
C ILE RF 20 6.43 -80.21 55.25
N GLY RF 21 5.81 -79.31 54.52
CA GLY RF 21 6.36 -78.83 53.27
C GLY RF 21 5.39 -78.91 52.12
N SER RF 33 1.64 -77.87 55.81
CA SER RF 33 1.55 -79.04 56.67
C SER RF 33 0.37 -79.92 56.31
N GLU RF 34 0.57 -81.23 56.36
CA GLU RF 34 -0.50 -82.19 56.10
C GLU RF 34 -0.48 -83.26 57.18
N CYS RF 35 -1.64 -83.85 57.45
CA CYS RF 35 -1.74 -84.91 58.44
C CYS RF 35 -2.30 -86.16 57.78
N LEU RF 36 -1.77 -87.32 58.15
CA LEU RF 36 -2.20 -88.60 57.60
C LEU RF 36 -2.63 -89.52 58.72
N ASP RF 37 -3.63 -90.34 58.44
CA ASP RF 37 -4.07 -91.38 59.36
C ASP RF 37 -3.44 -92.71 58.98
N LYS RF 38 -3.71 -93.72 59.78
CA LYS RF 38 -3.08 -95.02 59.60
C LYS RF 38 -3.61 -95.71 58.35
N GLY RF 39 -2.69 -96.13 57.48
CA GLY RF 39 -3.03 -96.85 56.29
C GLY RF 39 -3.06 -96.00 55.04
N GLU RF 40 -3.07 -94.68 55.17
CA GLU RF 40 -3.05 -93.83 54.01
C GLU RF 40 -1.65 -93.78 53.42
N VAL RF 41 -1.58 -93.38 52.15
CA VAL RF 41 -0.33 -93.28 51.42
C VAL RF 41 -0.34 -91.96 50.67
N LEU RF 42 0.68 -91.15 50.89
CA LEU RF 42 0.83 -89.87 50.21
C LEU RF 42 2.00 -89.96 49.25
N ILE RF 43 1.75 -89.67 47.98
CA ILE RF 43 2.80 -89.59 46.98
C ILE RF 43 3.04 -88.12 46.71
N ALA RF 44 4.24 -87.64 47.03
CA ALA RF 44 4.51 -86.21 47.01
C ALA RF 44 5.63 -85.91 46.04
N GLN RF 45 5.39 -84.99 45.13
CA GLN RF 45 6.40 -84.50 44.21
C GLN RF 45 7.02 -83.22 44.75
N PHE RF 46 8.25 -82.96 44.32
CA PHE RF 46 8.92 -81.73 44.72
C PHE RF 46 8.63 -80.60 43.75
N THR RF 47 8.02 -79.54 44.26
CA THR RF 47 7.78 -78.35 43.47
C THR RF 47 8.98 -77.43 43.62
N GLU RF 48 8.82 -76.21 43.13
CA GLU RF 48 9.80 -75.18 43.42
C GLU RF 48 9.72 -74.76 44.88
N HIS RF 49 8.49 -74.62 45.38
CA HIS RF 49 8.26 -74.23 46.77
C HIS RF 49 8.68 -75.30 47.75
N THR RF 50 8.15 -76.51 47.63
CA THR RF 50 8.48 -77.62 48.51
C THR RF 50 9.88 -78.11 48.15
N SER RF 51 10.88 -77.58 48.86
CA SER RF 51 12.26 -77.99 48.67
C SER RF 51 12.76 -78.87 49.81
N ALA RF 52 11.95 -79.08 50.83
CA ALA RF 52 12.33 -79.92 51.96
C ALA RF 52 11.07 -80.50 52.57
N ILE RF 53 11.13 -81.77 52.94
CA ILE RF 53 9.99 -82.48 53.50
C ILE RF 53 10.42 -83.14 54.79
N LYS RF 54 9.73 -82.82 55.87
CA LYS RF 54 10.00 -83.39 57.18
C LYS RF 54 8.85 -84.31 57.56
N VAL RF 55 9.18 -85.48 58.09
CA VAL RF 55 8.18 -86.50 58.41
C VAL RF 55 8.31 -86.84 59.89
N ARG RF 56 7.21 -86.72 60.61
CA ARG RF 56 7.16 -87.08 62.02
C ARG RF 56 6.37 -88.35 62.20
N GLY RF 57 6.51 -88.99 63.35
CA GLY RF 57 5.74 -90.17 63.67
C GLY RF 57 6.22 -91.39 62.91
N LYS RF 58 5.51 -92.49 63.13
CA LYS RF 58 5.87 -93.76 62.52
C LYS RF 58 5.34 -93.82 61.11
N ALA RF 59 6.23 -93.86 60.13
CA ALA RF 59 5.84 -93.90 58.73
C ALA RF 59 6.90 -94.67 57.95
N TYR RF 60 6.52 -95.12 56.77
CA TYR RF 60 7.37 -95.94 55.93
C TYR RF 60 7.55 -95.22 54.59
N ILE RF 61 8.78 -94.80 54.30
CA ILE RF 61 9.05 -93.92 53.17
C ILE RF 61 9.83 -94.69 52.12
N GLN RF 62 9.39 -94.56 50.87
CA GLN RF 62 10.13 -95.04 49.72
C GLN RF 62 10.55 -93.84 48.89
N THR RF 63 11.85 -93.74 48.64
CA THR RF 63 12.41 -92.73 47.76
C THR RF 63 13.13 -93.44 46.62
N SER RF 64 13.82 -92.65 45.81
CA SER RF 64 14.66 -93.23 44.76
C SER RF 64 15.87 -93.93 45.36
N HIS RF 65 16.37 -93.45 46.50
CA HIS RF 65 17.52 -94.04 47.15
C HIS RF 65 17.20 -95.30 47.91
N GLY RF 66 15.94 -95.65 48.06
CA GLY RF 66 15.56 -96.84 48.78
C GLY RF 66 14.44 -96.54 49.76
N VAL RF 67 14.33 -97.38 50.78
CA VAL RF 67 13.27 -97.26 51.76
C VAL RF 67 13.88 -96.89 53.10
N ILE RF 68 13.02 -96.35 53.98
CA ILE RF 68 13.43 -95.92 55.30
C ILE RF 68 12.19 -95.90 56.17
N GLU RF 69 12.38 -95.91 57.49
CA GLU RF 69 11.27 -95.98 58.43
C GLU RF 69 11.38 -94.91 59.49
N SER RF 70 10.60 -93.84 59.34
CA SER RF 70 10.61 -92.78 60.31
C SER RF 70 9.80 -93.19 61.53
N GLU RF 71 10.21 -92.71 62.70
CA GLU RF 71 9.50 -93.01 63.93
C GLU RF 71 9.13 -91.75 64.70
N ASP SF 6 6.93 -90.31 36.23
CA ASP SF 6 6.01 -89.22 35.94
C ASP SF 6 4.56 -89.56 36.24
N PHE SF 7 4.27 -90.84 36.43
CA PHE SF 7 2.89 -91.27 36.61
C PHE SF 7 2.83 -92.46 37.55
N VAL SF 8 1.67 -92.62 38.18
CA VAL SF 8 1.44 -93.68 39.14
C VAL SF 8 0.26 -94.52 38.68
N VAL SF 9 0.19 -95.74 39.17
CA VAL SF 9 -0.86 -96.69 38.80
C VAL SF 9 -1.53 -97.17 40.08
N ILE SF 10 -2.83 -96.90 40.22
CA ILE SF 10 -3.56 -97.24 41.43
C ILE SF 10 -4.65 -98.24 41.07
N LYS SF 11 -4.54 -99.45 41.59
CA LYS SF 11 -5.58 -100.46 41.42
C LYS SF 11 -6.41 -100.48 42.69
N ALA SF 12 -7.69 -100.14 42.56
CA ALA SF 12 -8.53 -100.09 43.75
C ALA SF 12 -9.00 -101.49 44.13
N LEU SF 13 -8.45 -102.03 45.21
CA LEU SF 13 -8.78 -103.37 45.67
C LEU SF 13 -10.08 -103.44 46.44
N GLU SF 14 -10.65 -102.30 46.81
CA GLU SF 14 -11.94 -102.29 47.50
C GLU SF 14 -12.72 -101.08 47.00
N ASP SF 15 -14.00 -101.07 47.33
CA ASP SF 15 -14.88 -100.02 46.83
C ASP SF 15 -14.62 -98.71 47.56
N GLY SF 16 -14.98 -97.61 46.90
CA GLY SF 16 -14.92 -96.30 47.50
C GLY SF 16 -13.53 -95.78 47.79
N VAL SF 17 -12.54 -96.16 46.99
CA VAL SF 17 -11.19 -95.67 47.23
C VAL SF 17 -11.08 -94.24 46.71
N ASN SF 18 -10.68 -93.33 47.59
CA ASN SF 18 -10.59 -91.92 47.25
C ASN SF 18 -9.18 -91.60 46.79
N VAL SF 19 -9.07 -90.73 45.79
CA VAL SF 19 -7.80 -90.23 45.31
C VAL SF 19 -7.92 -88.71 45.27
N ILE SF 20 -7.07 -88.03 46.02
CA ILE SF 20 -7.19 -86.59 46.21
C ILE SF 20 -6.06 -85.89 45.48
N GLY SF 21 -6.41 -84.97 44.60
CA GLY SF 21 -5.42 -84.22 43.85
C GLY SF 21 -5.66 -84.24 42.36
N SER SF 33 -10.86 -84.34 43.67
CA SER SF 33 -11.12 -85.63 44.29
C SER SF 33 -11.77 -86.59 43.30
N GLU SF 34 -11.37 -87.86 43.35
CA GLU SF 34 -11.95 -88.90 42.51
C GLU SF 34 -12.25 -90.12 43.35
N CYS SF 35 -13.24 -90.89 42.96
CA CYS SF 35 -13.60 -92.11 43.67
C CYS SF 35 -13.50 -93.30 42.72
N LEU SF 36 -13.02 -94.42 43.22
CA LEU SF 36 -12.85 -95.64 42.44
C LEU SF 36 -13.59 -96.78 43.10
N ASP SF 37 -14.13 -97.67 42.30
CA ASP SF 37 -14.74 -98.89 42.77
C ASP SF 37 -13.75 -100.04 42.67
N LYS SF 38 -14.17 -101.21 43.15
CA LYS SF 38 -13.28 -102.36 43.21
C LYS SF 38 -12.98 -102.90 41.82
N GLY SF 39 -11.70 -103.05 41.52
CA GLY SF 39 -11.26 -103.59 40.27
C GLY SF 39 -10.85 -102.55 39.25
N GLU SF 40 -11.18 -101.29 39.46
CA GLU SF 40 -10.76 -100.26 38.54
C GLU SF 40 -9.30 -99.93 38.75
N VAL SF 41 -8.69 -99.32 37.73
CA VAL SF 41 -7.30 -98.93 37.75
C VAL SF 41 -7.21 -97.52 37.21
N LEU SF 42 -6.61 -96.62 37.97
CA LEU SF 42 -6.41 -95.25 37.57
C LEU SF 42 -4.92 -95.01 37.34
N ILE SF 43 -4.56 -94.55 36.15
CA ILE SF 43 -3.20 -94.16 35.84
C ILE SF 43 -3.16 -92.65 35.84
N ALA SF 44 -2.40 -92.08 36.76
CA ALA SF 44 -2.44 -90.65 36.99
C ALA SF 44 -1.08 -90.04 36.75
N GLN SF 45 -1.03 -89.01 35.92
CA GLN SF 45 0.18 -88.26 35.69
C GLN SF 45 0.19 -87.00 36.56
N PHE SF 46 1.39 -86.50 36.84
CA PHE SF 46 1.52 -85.29 37.63
C PHE SF 46 1.52 -84.07 36.73
N THR SF 47 0.54 -83.20 36.94
CA THR SF 47 0.49 -81.94 36.22
C THR SF 47 1.25 -80.90 37.03
N GLU SF 48 1.12 -79.64 36.62
CA GLU SF 48 1.60 -78.56 37.46
C GLU SF 48 0.72 -78.40 38.69
N HIS SF 49 -0.60 -78.50 38.51
CA HIS SF 49 -1.55 -78.40 39.59
C HIS SF 49 -1.45 -79.54 40.58
N THR SF 50 -1.59 -80.78 40.11
CA THR SF 50 -1.53 -81.96 40.95
C THR SF 50 -0.08 -82.19 41.33
N SER SF 51 0.33 -81.66 42.48
CA SER SF 51 1.67 -81.85 43.00
C SER SF 51 1.71 -82.82 44.16
N ALA SF 52 0.56 -83.31 44.61
CA ALA SF 52 0.51 -84.27 45.70
C ALA SF 52 -0.75 -85.10 45.53
N ILE SF 53 -0.63 -86.40 45.79
CA ILE SF 53 -1.73 -87.33 45.62
C ILE SF 53 -1.86 -88.14 46.89
N LYS SF 54 -3.04 -88.11 47.50
CA LYS SF 54 -3.34 -88.84 48.71
C LYS SF 54 -4.31 -89.96 48.39
N VAL SF 55 -4.06 -91.14 48.91
CA VAL SF 55 -4.85 -92.33 48.60
C VAL SF 55 -5.40 -92.88 49.91
N ARG SF 56 -6.72 -93.04 49.97
CA ARG SF 56 -7.38 -93.63 51.13
C ARG SF 56 -7.88 -95.01 50.77
N GLY SF 57 -8.20 -95.80 51.79
CA GLY SF 57 -8.78 -97.11 51.58
C GLY SF 57 -7.75 -98.11 51.08
N LYS SF 58 -8.25 -99.32 50.83
CA LYS SF 58 -7.37 -100.40 50.40
C LYS SF 58 -7.14 -100.30 48.90
N ALA SF 59 -5.89 -100.06 48.53
CA ALA SF 59 -5.52 -99.93 47.12
C ALA SF 59 -4.09 -100.41 46.94
N TYR SF 60 -3.74 -100.70 45.70
CA TYR SF 60 -2.44 -101.24 45.35
C TYR SF 60 -1.78 -100.30 44.36
N ILE SF 61 -0.68 -99.68 44.77
CA ILE SF 61 -0.08 -98.59 44.01
C ILE SF 61 1.25 -99.07 43.45
N GLN SF 62 1.47 -98.78 42.17
CA GLN SF 62 2.76 -98.97 41.52
C GLN SF 62 3.29 -97.61 41.12
N THR SF 63 4.49 -97.28 41.58
CA THR SF 63 5.19 -96.08 41.18
C THR SF 63 6.49 -96.48 40.53
N SER SF 64 7.33 -95.48 40.25
CA SER SF 64 8.66 -95.76 39.74
C SER SF 64 9.55 -96.39 40.81
N HIS SF 65 9.31 -96.04 42.07
CA HIS SF 65 10.10 -96.56 43.18
C HIS SF 65 9.70 -97.97 43.58
N GLY SF 66 8.62 -98.50 43.04
CA GLY SF 66 8.19 -99.84 43.37
C GLY SF 66 6.70 -99.85 43.66
N VAL SF 67 6.27 -100.86 44.40
CA VAL SF 67 4.87 -101.05 44.72
C VAL SF 67 4.65 -100.83 46.20
N ILE SF 68 3.40 -100.56 46.55
CA ILE SF 68 2.99 -100.31 47.93
C ILE SF 68 1.51 -100.60 48.03
N GLU SF 69 1.03 -100.80 49.26
CA GLU SF 69 -0.35 -101.18 49.48
C GLU SF 69 -0.99 -100.28 50.53
N SER SF 70 -1.78 -99.33 50.08
CA SER SF 70 -2.49 -98.45 51.00
C SER SF 70 -3.68 -99.16 51.59
N GLU SF 71 -4.00 -98.83 52.84
CA GLU SF 71 -5.15 -99.43 53.51
C GLU SF 71 -6.09 -98.37 54.08
N ASP TF 6 5.99 -93.09 28.77
CA ASP TF 6 5.17 -92.09 28.10
C ASP TF 6 3.85 -92.66 27.58
N PHE TF 7 3.74 -93.98 27.54
CA PHE TF 7 2.57 -94.61 26.96
C PHE TF 7 2.26 -95.91 27.67
N VAL TF 8 0.99 -96.30 27.61
CA VAL TF 8 0.49 -97.50 28.26
C VAL TF 8 -0.11 -98.41 27.21
N VAL TF 9 -0.20 -99.70 27.54
CA VAL TF 9 -0.73 -100.71 26.64
C VAL TF 9 -1.85 -101.45 27.35
N ILE TF 10 -3.07 -101.37 26.81
CA ILE TF 10 -4.23 -101.96 27.45
C ILE TF 10 -4.78 -103.03 26.54
N LYS TF 11 -4.74 -104.28 26.98
CA LYS TF 11 -5.35 -105.39 26.25
C LYS TF 11 -6.69 -105.68 26.90
N ALA TF 12 -7.77 -105.50 26.14
CA ALA TF 12 -9.09 -105.72 26.72
C ALA TF 12 -9.42 -107.20 26.73
N LEU TF 13 -9.41 -107.80 27.92
CA LEU TF 13 -9.67 -109.22 28.08
C LEU TF 13 -11.14 -109.56 28.06
N GLU TF 14 -12.03 -108.58 28.12
CA GLU TF 14 -13.45 -108.82 28.05
C GLU TF 14 -14.09 -107.68 27.27
N ASP TF 15 -15.33 -107.87 26.89
CA ASP TF 15 -16.00 -106.89 26.05
C ASP TF 15 -16.39 -105.67 26.87
N GLY TF 16 -16.57 -104.55 26.16
CA GLY TF 16 -17.05 -103.33 26.76
C GLY TF 16 -16.13 -102.68 27.76
N VAL TF 17 -14.81 -102.81 27.58
CA VAL TF 17 -13.88 -102.18 28.51
C VAL TF 17 -13.80 -100.70 28.19
N ASN TF 18 -14.06 -99.86 29.18
CA ASN TF 18 -14.07 -98.42 29.00
C ASN TF 18 -12.71 -97.85 29.35
N VAL TF 19 -12.27 -96.86 28.59
CA VAL TF 19 -11.04 -96.13 28.86
C VAL TF 19 -11.39 -94.65 28.83
N ILE TF 20 -11.17 -93.96 29.95
CA ILE TF 20 -11.64 -92.60 30.12
C ILE TF 20 -10.44 -91.67 30.11
N GLY TF 21 -10.45 -90.69 29.22
CA GLY TF 21 -9.38 -89.72 29.12
C GLY TF 21 -8.83 -89.58 27.72
N SER TF 33 -13.86 -90.54 26.15
CA SER TF 33 -14.15 -91.93 26.47
C SER TF 33 -14.04 -92.82 25.25
N GLU TF 34 -13.49 -94.02 25.44
CA GLU TF 34 -13.37 -95.00 24.37
C GLU TF 34 -13.83 -96.37 24.89
N CYS TF 35 -14.33 -97.20 24.00
CA CYS TF 35 -14.77 -98.54 24.37
C CYS TF 35 -13.99 -99.56 23.55
N LEU TF 36 -13.63 -100.66 24.19
CA LEU TF 36 -12.88 -101.73 23.55
C LEU TF 36 -13.62 -103.04 23.69
N ASP TF 37 -13.52 -103.89 22.67
CA ASP TF 37 -14.05 -105.24 22.71
C ASP TF 37 -12.96 -106.22 23.10
N LYS TF 38 -13.35 -107.48 23.22
CA LYS TF 38 -12.41 -108.50 23.69
C LYS TF 38 -11.37 -108.81 22.63
N GLY TF 39 -10.10 -108.75 23.03
CA GLY TF 39 -9.00 -109.05 22.17
C GLY TF 39 -8.32 -107.85 21.56
N GLU TF 40 -8.95 -106.68 21.62
CA GLU TF 40 -8.31 -105.49 21.10
C GLU TF 40 -7.23 -105.01 22.06
N VAL TF 41 -6.33 -104.19 21.53
CA VAL TF 41 -5.23 -103.63 22.30
C VAL TF 41 -5.13 -102.15 21.95
N LEU TF 42 -5.18 -101.30 22.95
CA LEU TF 42 -5.05 -99.87 22.76
C LEU TF 42 -3.73 -99.41 23.35
N ILE TF 43 -2.91 -98.76 22.55
CA ILE TF 43 -1.66 -98.16 23.00
C ILE TF 43 -1.90 -96.66 23.09
N ALA TF 44 -1.83 -96.12 24.30
CA ALA TF 44 -2.24 -94.75 24.53
C ALA TF 44 -1.07 -93.94 25.08
N GLN TF 45 -0.80 -92.81 24.43
CA GLN TF 45 0.20 -91.88 24.90
C GLN TF 45 -0.46 -90.76 25.70
N PHE TF 46 0.33 -90.16 26.59
CA PHE TF 46 -0.18 -89.05 27.38
C PHE TF 46 0.05 -87.72 26.67
N THR TF 47 -1.03 -87.04 26.38
CA THR TF 47 -0.96 -85.71 25.79
C THR TF 47 -0.90 -84.70 26.93
N GLU TF 48 -1.04 -83.42 26.56
CA GLU TF 48 -1.25 -82.40 27.58
C GLU TF 48 -2.64 -82.52 28.18
N HIS TF 49 -3.64 -82.77 27.33
CA HIS TF 49 -5.02 -82.94 27.77
C HIS TF 49 -5.23 -84.19 28.61
N THR TF 50 -4.89 -85.35 28.07
CA THR TF 50 -5.05 -86.62 28.78
C THR TF 50 -3.96 -86.69 29.85
N SER TF 51 -4.30 -86.28 31.06
CA SER TF 51 -3.39 -86.35 32.19
C SER TF 51 -3.77 -87.45 33.16
N ALA TF 52 -4.88 -88.15 32.93
CA ALA TF 52 -5.30 -89.24 33.78
C ALA TF 52 -6.13 -90.20 32.95
N ILE TF 53 -5.91 -91.49 33.18
CA ILE TF 53 -6.59 -92.53 32.43
C ILE TF 53 -7.20 -93.52 33.41
N LYS TF 54 -8.51 -93.71 33.30
CA LYS TF 54 -9.24 -94.63 34.16
C LYS TF 54 -9.70 -95.81 33.32
N VAL TF 55 -9.53 -97.02 33.84
CA VAL TF 55 -9.83 -98.24 33.12
C VAL TF 55 -10.85 -99.04 33.92
N ARG TF 56 -11.98 -99.37 33.29
CA ARG TF 56 -13.01 -100.18 33.90
C ARG TF 56 -13.00 -101.57 33.27
N GLY TF 57 -13.64 -102.51 33.93
CA GLY TF 57 -13.78 -103.85 33.40
C GLY TF 57 -12.49 -104.64 33.46
N LYS TF 58 -12.55 -105.85 32.94
CA LYS TF 58 -11.41 -106.75 32.97
C LYS TF 58 -10.47 -106.42 31.83
N ALA TF 59 -9.26 -105.97 32.17
CA ALA TF 59 -8.28 -105.60 31.17
C ALA TF 59 -6.89 -105.86 31.74
N TYR TF 60 -5.92 -105.94 30.84
CA TYR TF 60 -4.55 -106.26 31.20
C TYR TF 60 -3.66 -105.11 30.74
N ILE TF 61 -3.05 -104.41 31.68
CA ILE TF 61 -2.35 -103.16 31.40
C ILE TF 61 -0.86 -103.38 31.59
N GLN TF 62 -0.07 -102.91 30.63
CA GLN TF 62 1.37 -102.83 30.73
C GLN TF 62 1.77 -101.37 30.73
N THR TF 63 2.49 -100.95 31.76
CA THR TF 63 3.07 -99.63 31.84
C THR TF 63 4.57 -99.76 31.94
N SER TF 64 5.24 -98.63 32.18
CA SER TF 64 6.67 -98.67 32.43
C SER TF 64 6.99 -99.31 33.77
N HIS TF 65 6.09 -99.16 34.74
CA HIS TF 65 6.29 -99.72 36.07
C HIS TF 65 6.00 -101.20 36.14
N GLY TF 66 5.47 -101.80 35.09
CA GLY TF 66 5.17 -103.21 35.10
C GLY TF 66 3.79 -103.46 34.57
N VAL TF 67 3.22 -104.61 34.93
CA VAL TF 67 1.91 -105.01 34.46
C VAL TF 67 0.94 -105.02 35.63
N ILE TF 68 -0.34 -104.99 35.28
CA ILE TF 68 -1.43 -104.96 36.27
C ILE TF 68 -2.68 -105.46 35.57
N GLU TF 69 -3.66 -105.88 36.35
CA GLU TF 69 -4.88 -106.47 35.82
C GLU TF 69 -6.11 -105.81 36.42
N SER TF 70 -6.72 -104.92 35.66
CA SER TF 70 -7.93 -104.26 36.12
C SER TF 70 -9.13 -105.20 35.98
N GLU TF 71 -10.07 -105.07 36.89
CA GLU TF 71 -11.28 -105.89 36.84
C GLU TF 71 -12.54 -105.06 36.88
N ASP UF 6 22.01 -31.36 89.85
CA ASP UF 6 21.13 -30.49 89.08
C ASP UF 6 20.13 -29.74 89.94
N PHE UF 7 19.96 -30.17 91.19
CA PHE UF 7 18.94 -29.60 92.04
C PHE UF 7 19.40 -29.60 93.49
N VAL UF 8 18.82 -28.68 94.26
CA VAL UF 8 19.16 -28.50 95.67
C VAL UF 8 17.90 -28.67 96.50
N VAL UF 9 18.10 -28.99 97.77
CA VAL UF 9 17.00 -29.21 98.69
C VAL UF 9 17.19 -28.30 99.90
N ILE UF 10 16.24 -27.41 100.13
CA ILE UF 10 16.34 -26.41 101.19
C ILE UF 10 15.22 -26.65 102.18
N LYS UF 11 15.57 -27.03 103.40
CA LYS UF 11 14.60 -27.16 104.47
C LYS UF 11 14.66 -25.92 105.33
N ALA UF 12 13.57 -25.17 105.37
CA ALA UF 12 13.59 -23.92 106.13
C ALA UF 12 13.38 -24.20 107.61
N LEU UF 13 14.44 -24.05 108.39
CA LEU UF 13 14.40 -24.33 109.82
C LEU UF 13 13.80 -23.19 110.63
N GLU UF 14 13.58 -22.03 110.03
CA GLU UF 14 12.96 -20.92 110.72
C GLU UF 14 12.07 -20.19 109.72
N ASP UF 15 11.22 -19.31 110.24
CA ASP UF 15 10.26 -18.64 109.39
C ASP UF 15 10.93 -17.56 108.56
N GLY UF 16 10.28 -17.21 107.45
CA GLY UF 16 10.74 -16.12 106.61
C GLY UF 16 12.04 -16.35 105.89
N VAL UF 17 12.37 -17.59 105.54
CA VAL UF 17 13.62 -17.83 104.84
C VAL UF 17 13.45 -17.45 103.38
N ASN UF 18 14.32 -16.57 102.90
CA ASN UF 18 14.24 -16.07 101.54
C ASN UF 18 15.12 -16.90 100.63
N VAL UF 19 14.65 -17.15 99.42
CA VAL UF 19 15.41 -17.83 98.39
C VAL UF 19 15.35 -16.97 97.14
N ILE UF 20 16.49 -16.53 96.65
CA ILE UF 20 16.56 -15.54 95.59
C ILE UF 20 17.07 -16.21 94.33
N GLY UF 21 16.29 -16.12 93.26
CA GLY UF 21 16.69 -16.70 91.99
C GLY UF 21 15.61 -17.59 91.38
N SER UF 33 12.18 -14.15 93.64
CA SER UF 33 12.27 -14.32 95.08
C SER UF 33 11.13 -15.17 95.63
N GLU UF 34 11.45 -16.04 96.58
CA GLU UF 34 10.45 -16.88 97.24
C GLU UF 34 10.67 -16.83 98.74
N CYS UF 35 9.59 -17.02 99.50
CA CYS UF 35 9.69 -17.04 100.95
C CYS UF 35 9.18 -18.37 101.47
N LEU UF 36 9.83 -18.89 102.49
CA LEU UF 36 9.46 -20.16 103.10
C LEU UF 36 9.23 -19.99 104.59
N ASP UF 37 8.28 -20.74 105.11
CA ASP UF 37 8.02 -20.78 106.54
C ASP UF 37 8.74 -21.97 107.16
N LYS UF 38 8.62 -22.09 108.48
CA LYS UF 38 9.34 -23.12 109.20
C LYS UF 38 8.75 -24.50 108.92
N GLY UF 39 9.61 -25.43 108.52
CA GLY UF 39 9.22 -26.79 108.26
C GLY UF 39 8.99 -27.11 106.80
N GLU UF 40 8.88 -26.10 105.95
CA GLU UF 40 8.72 -26.36 104.53
C GLU UF 40 10.04 -26.77 103.92
N VAL UF 41 9.95 -27.42 102.76
CA VAL UF 41 11.11 -27.90 102.02
C VAL UF 41 10.90 -27.54 100.56
N LEU UF 42 11.87 -26.83 99.99
CA LEU UF 42 11.84 -26.46 98.59
C LEU UF 42 12.92 -27.22 97.85
N ILE UF 43 12.52 -27.93 96.81
CA ILE UF 43 13.46 -28.62 95.94
C ILE UF 43 13.54 -27.82 94.66
N ALA UF 44 14.72 -27.27 94.38
CA ALA UF 44 14.86 -26.31 93.29
C ALA UF 44 15.85 -26.82 92.27
N GLN UF 45 15.43 -26.83 91.01
CA GLN UF 45 16.30 -27.19 89.92
C GLN UF 45 16.87 -25.93 89.26
N PHE UF 46 18.01 -26.07 88.63
CA PHE UF 46 18.62 -24.95 87.93
C PHE UF 46 18.13 -24.87 86.49
N THR UF 47 17.49 -23.76 86.16
CA THR UF 47 17.07 -23.51 84.80
C THR UF 47 18.19 -22.80 84.07
N GLU UF 48 17.88 -22.31 82.87
CA GLU UF 48 18.81 -21.39 82.20
C GLU UF 48 18.82 -20.05 82.91
N HIS UF 49 17.65 -19.57 83.30
CA HIS UF 49 17.51 -18.30 84.01
C HIS UF 49 18.13 -18.32 85.39
N THR UF 50 17.70 -19.24 86.24
CA THR UF 50 18.20 -19.36 87.59
C THR UF 50 19.59 -19.97 87.53
N SER UF 51 20.61 -19.12 87.50
CA SER UF 51 22.00 -19.56 87.49
C SER UF 51 22.69 -19.33 88.82
N ALA UF 52 22.00 -18.72 89.79
CA ALA UF 52 22.57 -18.49 91.10
C ALA UF 52 21.42 -18.43 92.10
N ILE UF 53 21.63 -19.03 93.26
CA ILE UF 53 20.62 -19.10 94.29
C ILE UF 53 21.22 -18.63 95.60
N LYS UF 54 20.62 -17.61 96.20
CA LYS UF 54 21.07 -17.06 97.46
C LYS UF 54 20.05 -17.40 98.54
N VAL UF 55 20.53 -17.83 99.69
CA VAL UF 55 19.66 -18.28 100.78
C VAL UF 55 19.96 -17.44 102.01
N ARG UF 56 18.93 -16.82 102.57
CA ARG UF 56 19.05 -16.03 103.78
C ARG UF 56 18.39 -16.79 104.93
N GLY UF 57 18.71 -16.39 106.15
CA GLY UF 57 18.08 -16.95 107.32
C GLY UF 57 18.58 -18.35 107.63
N LYS UF 58 17.99 -18.93 108.66
CA LYS UF 58 18.40 -20.25 109.11
C LYS UF 58 17.73 -21.31 108.26
N ALA UF 59 18.52 -22.06 107.51
CA ALA UF 59 18.01 -23.10 106.64
C ALA UF 59 19.04 -24.21 106.53
N TYR UF 60 18.58 -25.38 106.11
CA TYR UF 60 19.41 -26.57 105.99
C TYR UF 60 19.39 -27.04 104.55
N ILE UF 61 20.55 -26.98 103.89
CA ILE UF 61 20.63 -27.20 102.46
C ILE UF 61 21.36 -28.50 102.19
N GLN UF 62 20.80 -29.31 101.30
CA GLN UF 62 21.45 -30.49 100.77
C GLN UF 62 21.69 -30.28 99.29
N THR UF 63 22.94 -30.39 98.87
CA THR UF 63 23.32 -30.35 97.47
C THR UF 63 23.98 -31.67 97.11
N SER UF 64 24.52 -31.73 95.90
CA SER UF 64 25.30 -32.89 95.50
C SER UF 64 26.62 -32.97 96.26
N HIS UF 65 27.17 -31.82 96.62
CA HIS UF 65 28.45 -31.77 97.32
C HIS UF 65 28.31 -32.07 98.81
N GLY UF 66 27.10 -32.19 99.32
CA GLY UF 66 26.90 -32.48 100.73
C GLY UF 66 25.87 -31.54 101.31
N VAL UF 67 25.92 -31.39 102.63
CA VAL UF 67 24.96 -30.57 103.35
C VAL UF 67 25.66 -29.35 103.91
N ILE UF 68 24.85 -28.34 104.23
CA ILE UF 68 25.35 -27.08 104.77
C ILE UF 68 24.21 -26.41 105.51
N GLU UF 69 24.53 -25.47 106.39
CA GLU UF 69 23.53 -24.83 107.23
C GLU UF 69 23.65 -23.32 107.16
N SER UF 70 22.78 -22.70 106.39
CA SER UF 70 22.79 -21.25 106.28
C SER UF 70 22.14 -20.63 107.51
N GLU UF 71 22.63 -19.46 107.91
CA GLU UF 71 22.07 -18.76 109.05
C GLU UF 71 21.67 -17.33 108.72
N ASP VF 6 16.47 -37.30 88.86
CA ASP VF 6 15.45 -36.75 87.99
C ASP VF 6 14.07 -36.73 88.63
N PHE VF 7 13.91 -37.46 89.73
CA PHE VF 7 12.59 -37.59 90.34
C PHE VF 7 12.73 -37.73 91.85
N VAL VF 8 11.66 -37.35 92.54
CA VAL VF 8 11.61 -37.36 93.99
C VAL VF 8 10.46 -38.25 94.44
N VAL VF 9 10.54 -38.73 95.68
CA VAL VF 9 9.54 -39.61 96.25
C VAL VF 9 9.05 -39.00 97.54
N ILE VF 10 7.77 -38.69 97.61
CA ILE VF 10 7.18 -38.02 98.78
C ILE VF 10 6.15 -38.94 99.39
N LYS VF 11 6.41 -39.39 100.61
CA LYS VF 11 5.45 -40.19 101.36
C LYS VF 11 4.75 -39.26 102.34
N ALA VF 12 3.44 -39.09 102.18
CA ALA VF 12 2.73 -38.18 103.06
C ALA VF 12 2.42 -38.84 104.39
N LEU VF 13 3.11 -38.43 105.44
CA LEU VF 13 2.95 -39.01 106.76
C LEU VF 13 1.74 -38.46 107.50
N GLU VF 14 1.12 -37.41 107.00
CA GLU VF 14 -0.08 -36.86 107.63
C GLU VF 14 -1.01 -36.40 106.52
N ASP VF 15 -2.24 -36.11 106.90
CA ASP VF 15 -3.24 -35.75 105.91
C ASP VF 15 -3.03 -34.33 105.41
N GLY VF 16 -3.55 -34.05 104.22
CA GLY VF 16 -3.53 -32.72 103.67
C GLY VF 16 -2.16 -32.18 103.31
N VAL VF 17 -1.23 -33.05 102.91
CA VAL VF 17 0.09 -32.56 102.54
C VAL VF 17 0.03 -31.97 101.14
N ASN VF 18 0.44 -30.72 101.01
CA ASN VF 18 0.38 -30.00 99.75
C ASN VF 18 1.70 -30.14 99.02
N VAL VF 19 1.63 -30.28 97.71
CA VAL VF 19 2.81 -30.32 96.85
C VAL VF 19 2.56 -29.31 95.73
N ILE VF 20 3.43 -28.31 95.63
CA ILE VF 20 3.21 -27.19 94.73
C ILE VF 20 4.19 -27.27 93.59
N GLY VF 21 3.68 -27.28 92.36
CA GLY VF 21 4.52 -27.33 91.19
C GLY VF 21 4.13 -28.44 90.23
N SER VF 33 -0.88 -27.43 91.86
CA SER VF 33 -0.96 -27.87 93.26
C SER VF 33 -1.64 -29.23 93.37
N GLU VF 34 -1.14 -30.07 94.27
CA GLU VF 34 -1.71 -31.38 94.53
C GLU VF 34 -1.82 -31.58 96.04
N CYS VF 35 -2.79 -32.39 96.46
CA CYS VF 35 -2.97 -32.70 97.86
C CYS VF 35 -2.87 -34.19 98.08
N LEU VF 36 -2.24 -34.60 99.17
CA LEU VF 36 -2.05 -36.01 99.49
C LEU VF 36 -2.62 -36.29 100.87
N ASP VF 37 -3.16 -37.48 101.05
CA ASP VF 37 -3.63 -37.95 102.34
C ASP VF 37 -2.55 -38.83 102.98
N LYS VF 38 -2.84 -39.26 104.20
CA LYS VF 38 -1.86 -40.02 104.96
C LYS VF 38 -1.66 -41.40 104.37
N GLY VF 39 -0.40 -41.76 104.11
CA GLY VF 39 -0.05 -43.05 103.60
C GLY VF 39 0.17 -43.10 102.11
N GLU VF 40 -0.25 -42.07 101.38
CA GLU VF 40 -0.01 -42.06 99.95
C GLU VF 40 1.44 -41.70 99.67
N VAL VF 41 1.88 -42.04 98.46
CA VAL VF 41 3.24 -41.79 98.01
C VAL VF 41 3.16 -41.23 96.59
N LEU VF 42 3.75 -40.06 96.39
CA LEU VF 42 3.81 -39.43 95.09
C LEU VF 42 5.23 -39.45 94.57
N ILE VF 43 5.42 -40.02 93.39
CA ILE VF 43 6.71 -40.02 92.72
C ILE VF 43 6.63 -38.99 91.62
N ALA VF 44 7.42 -37.93 91.73
CA ALA VF 44 7.29 -36.79 90.83
C ALA VF 44 8.58 -36.57 90.06
N GLN VF 45 8.45 -36.48 88.74
CA GLN VF 45 9.57 -36.15 87.88
C GLN VF 45 9.56 -34.67 87.56
N PHE VF 46 10.74 -34.15 87.24
CA PHE VF 46 10.85 -32.74 86.86
C PHE VF 46 10.65 -32.57 85.37
N THR VF 47 9.64 -31.80 85.00
CA THR VF 47 9.40 -31.46 83.61
C THR VF 47 10.16 -30.19 83.31
N GLU VF 48 9.88 -29.61 82.14
CA GLU VF 48 10.36 -28.28 81.85
C GLU VF 48 9.61 -27.25 82.68
N HIS VF 49 8.29 -27.43 82.80
CA HIS VF 49 7.44 -26.54 83.58
C HIS VF 49 7.73 -26.61 85.08
N THR VF 50 7.65 -27.79 85.66
CA THR VF 50 7.89 -27.98 87.09
C THR VF 50 9.39 -27.89 87.31
N SER VF 51 9.87 -26.70 87.66
CA SER VF 51 11.26 -26.48 87.97
C SER VF 51 11.51 -26.30 89.45
N ALA VF 52 10.46 -26.28 90.27
CA ALA VF 52 10.59 -26.13 91.70
C ALA VF 52 9.40 -26.80 92.35
N ILE VF 53 9.66 -27.50 93.46
CA ILE VF 53 8.62 -28.23 94.17
C ILE VF 53 8.69 -27.85 95.63
N LYS VF 54 7.57 -27.37 96.16
CA LYS VF 54 7.46 -26.98 97.55
C LYS VF 54 6.56 -27.95 98.27
N VAL VF 55 6.96 -28.38 99.46
CA VAL VF 55 6.24 -29.40 100.21
C VAL VF 55 5.87 -28.82 101.57
N ARG VF 56 4.58 -28.85 101.90
CA ARG VF 56 4.10 -28.39 103.19
C ARG VF 56 3.68 -29.59 104.02
N GLY VF 57 3.53 -29.38 105.32
CA GLY VF 57 3.06 -30.41 106.20
C GLY VF 57 4.09 -31.48 106.47
N LYS VF 58 3.68 -32.48 107.23
CA LYS VF 58 4.59 -33.56 107.62
C LYS VF 58 4.67 -34.59 106.50
N ALA VF 59 5.84 -34.71 105.91
CA ALA VF 59 6.06 -35.65 104.82
C ALA VF 59 7.49 -36.14 104.86
N TYR VF 60 7.73 -37.26 104.19
CA TYR VF 60 9.03 -37.91 104.17
C TYR VF 60 9.50 -38.01 102.73
N ILE VF 61 10.58 -37.30 102.42
CA ILE VF 61 11.02 -37.13 101.04
C ILE VF 61 12.31 -37.89 100.82
N GLN VF 62 12.37 -38.63 99.73
CA GLN VF 62 13.60 -39.26 99.26
C GLN VF 62 13.97 -38.64 97.93
N THR VF 63 15.18 -38.10 97.85
CA THR VF 63 15.73 -37.58 96.62
C THR VF 63 17.00 -38.36 96.30
N SER VF 64 17.72 -37.90 95.27
CA SER VF 64 19.01 -38.49 94.97
C SER VF 64 20.04 -38.16 96.03
N HIS VF 65 19.91 -36.99 96.65
CA HIS VF 65 20.85 -36.55 97.67
C HIS VF 65 20.61 -37.20 99.03
N GLY VF 66 19.52 -37.96 99.18
CA GLY VF 66 19.24 -38.61 100.44
C GLY VF 66 17.80 -38.38 100.83
N VAL VF 67 17.54 -38.52 102.12
CA VAL VF 67 16.19 -38.39 102.65
C VAL VF 67 16.10 -37.14 103.52
N ILE VF 68 14.88 -36.69 103.73
CA ILE VF 68 14.61 -35.49 104.53
C ILE VF 68 13.16 -35.59 105.01
N GLU VF 69 12.84 -34.82 106.04
CA GLU VF 69 11.51 -34.89 106.65
C GLU VF 69 10.92 -33.50 106.79
N SER VF 70 10.01 -33.16 105.90
CA SER VF 70 9.34 -31.88 105.96
C SER VF 70 8.27 -31.90 107.04
N GLU VF 71 8.06 -30.76 107.68
CA GLU VF 71 7.03 -30.65 108.71
C GLU VF 71 6.08 -29.51 108.46
N ASP WF 6 14.88 -44.18 85.92
CA ASP WF 6 13.91 -43.96 84.87
C ASP WF 6 12.60 -44.70 85.11
N PHE WF 7 12.61 -45.65 86.04
CA PHE WF 7 11.44 -46.49 86.25
C PHE WF 7 11.34 -46.88 87.71
N VAL WF 8 10.11 -47.18 88.12
CA VAL WF 8 9.80 -47.54 89.50
C VAL WF 8 9.16 -48.92 89.52
N VAL WF 9 9.24 -49.58 90.67
CA VAL WF 9 8.71 -50.92 90.85
C VAL WF 9 7.74 -50.90 92.02
N ILE WF 10 6.48 -51.22 91.78
CA ILE WF 10 5.44 -51.16 92.80
C ILE WF 10 4.90 -52.56 93.01
N LYS WF 11 5.11 -53.10 94.20
CA LYS WF 11 4.53 -54.39 94.57
C LYS WF 11 3.30 -54.11 95.42
N ALA WF 12 2.13 -54.52 94.93
CA ALA WF 12 0.91 -54.23 95.66
C ALA WF 12 0.72 -55.25 96.77
N LEU WF 13 0.91 -54.81 98.02
CA LEU WF 13 0.81 -55.68 99.17
C LEU WF 13 -0.62 -55.92 99.61
N GLU WF 14 -1.58 -55.16 99.08
CA GLU WF 14 -2.98 -55.37 99.40
C GLU WF 14 -3.79 -55.12 98.14
N ASP WF 15 -5.06 -55.52 98.19
CA ASP WF 15 -5.90 -55.43 97.01
C ASP WF 15 -6.32 -53.99 96.76
N GLY WF 16 -6.66 -53.71 95.50
CA GLY WF 16 -7.20 -52.43 95.12
C GLY WF 16 -6.22 -51.27 95.20
N VAL WF 17 -4.94 -51.52 94.99
CA VAL WF 17 -3.97 -50.42 95.04
C VAL WF 17 -4.06 -49.62 93.76
N ASN WF 18 -4.28 -48.32 93.88
CA ASN WF 18 -4.45 -47.45 92.73
C ASN WF 18 -3.12 -46.82 92.37
N VAL WF 19 -2.86 -46.68 91.08
CA VAL WF 19 -1.68 -46.00 90.58
C VAL WF 19 -2.16 -44.99 89.55
N ILE WF 20 -1.89 -43.72 89.80
CA ILE WF 20 -2.46 -42.63 89.01
C ILE WF 20 -1.36 -42.00 88.16
N GLY WF 21 -1.56 -41.97 86.85
CA GLY WF 21 -0.60 -41.38 85.96
C GLY WF 21 -0.22 -42.29 84.81
N SER WF 33 -5.28 -44.02 85.12
CA SER WF 33 -5.41 -44.76 86.38
C SER WF 33 -5.34 -46.26 86.16
N GLU WF 34 -4.67 -46.96 87.07
CA GLU WF 34 -4.57 -48.41 87.02
C GLU WF 34 -4.85 -48.98 88.41
N CYS WF 35 -5.36 -50.19 88.46
CA CYS WF 35 -5.63 -50.86 89.72
C CYS WF 35 -4.86 -52.16 89.79
N LEU WF 36 -4.33 -52.48 90.97
CA LEU WF 36 -3.56 -53.69 91.19
C LEU WF 36 -4.16 -54.48 92.32
N ASP WF 37 -4.08 -55.80 92.20
CA ASP WF 37 -4.48 -56.72 93.27
C ASP WF 37 -3.27 -57.14 94.07
N LYS WF 38 -3.52 -57.91 95.12
CA LYS WF 38 -2.46 -58.30 96.03
C LYS WF 38 -1.50 -59.28 95.38
N GLY WF 39 -0.22 -58.97 95.44
CA GLY WF 39 0.82 -59.82 94.91
C GLY WF 39 1.31 -59.43 93.53
N GLU WF 40 0.59 -58.57 92.83
CA GLU WF 40 1.05 -58.12 91.53
C GLU WF 40 2.17 -57.11 91.69
N VAL WF 41 2.93 -56.93 90.62
CA VAL WF 41 4.05 -56.00 90.58
C VAL WF 41 3.98 -55.24 89.28
N LEU WF 42 3.96 -53.92 89.37
CA LEU WF 42 3.94 -53.07 88.20
C LEU WF 42 5.27 -52.33 88.09
N ILE WF 43 5.93 -52.47 86.95
CA ILE WF 43 7.16 -51.75 86.66
C ILE WF 43 6.80 -50.64 85.70
N ALA WF 44 6.93 -49.39 86.13
CA ALA WF 44 6.43 -48.27 85.37
C ALA WF 44 7.56 -47.33 85.00
N GLN WF 45 7.66 -47.01 83.72
CA GLN WF 45 8.62 -46.04 83.23
C GLN WF 45 7.96 -44.68 83.07
N PHE WF 46 8.76 -43.63 83.15
CA PHE WF 46 8.26 -42.28 82.97
C PHE WF 46 8.28 -41.88 81.51
N THR WF 47 7.11 -41.59 80.96
CA THR WF 47 7.00 -41.10 79.60
C THR WF 47 7.09 -39.58 79.65
N GLU WF 48 6.79 -38.95 78.52
CA GLU WF 48 6.59 -37.51 78.51
C GLU WF 48 5.30 -37.14 79.21
N HIS WF 49 4.24 -37.91 78.95
CA HIS WF 49 2.94 -37.69 79.56
C HIS WF 49 2.95 -37.95 81.06
N THR WF 50 3.33 -39.15 81.47
CA THR WF 50 3.36 -39.52 82.88
C THR WF 50 4.56 -38.83 83.52
N SER WF 51 4.32 -37.66 84.11
CA SER WF 51 5.35 -36.92 84.80
C SER WF 51 5.18 -36.98 86.31
N ALA WF 52 4.12 -37.61 86.80
CA ALA WF 52 3.89 -37.74 88.23
C ALA WF 52 3.08 -39.00 88.46
N ILE WF 53 3.43 -39.74 89.51
CA ILE WF 53 2.77 -41.00 89.82
C ILE WF 53 2.36 -40.96 91.28
N LYS WF 54 1.08 -41.16 91.54
CA LYS WF 54 0.54 -41.18 92.89
C LYS WF 54 0.10 -42.60 93.21
N VAL WF 55 0.43 -43.06 94.41
CA VAL WF 55 0.17 -44.42 94.83
C VAL WF 55 -0.68 -44.39 96.09
N ARG WF 56 -1.83 -45.07 96.05
CA ARG WF 56 -2.70 -45.17 97.20
C ARG WF 56 -2.63 -46.58 97.75
N GLY WF 57 -3.12 -46.76 98.99
CA GLY WF 57 -3.19 -48.07 99.59
C GLY WF 57 -1.82 -48.58 100.01
N LYS WF 58 -1.83 -49.80 100.52
CA LYS WF 58 -0.61 -50.42 101.02
C LYS WF 58 0.16 -51.02 99.87
N ALA WF 59 1.34 -50.48 99.61
CA ALA WF 59 2.18 -50.96 98.52
C ALA WF 59 3.64 -50.76 98.90
N TYR WF 60 4.51 -51.47 98.21
CA TYR WF 60 5.94 -51.45 98.47
C TYR WF 60 6.66 -50.99 97.22
N ILE WF 61 7.30 -49.83 97.28
CA ILE WF 61 7.84 -49.18 96.10
C ILE WF 61 9.37 -49.21 96.17
N GLN WF 62 9.99 -49.59 95.06
CA GLN WF 62 11.43 -49.48 94.87
C GLN WF 62 11.69 -48.48 93.77
N THR WF 63 12.47 -47.45 94.08
CA THR WF 63 12.92 -46.48 93.11
C THR WF 63 14.44 -46.52 93.06
N SER WF 64 15.03 -45.57 92.33
CA SER WF 64 16.47 -45.44 92.32
C SER WF 64 16.99 -44.92 93.66
N HIS WF 65 16.19 -44.11 94.35
CA HIS WF 65 16.58 -43.54 95.63
C HIS WF 65 16.44 -44.52 96.79
N GLY WF 66 15.86 -45.69 96.56
CA GLY WF 66 15.69 -46.66 97.61
C GLY WF 66 14.28 -47.20 97.62
N VAL WF 67 13.88 -47.72 98.77
CA VAL WF 67 12.57 -48.32 98.92
C VAL WF 67 11.73 -47.48 99.86
N ILE WF 68 10.42 -47.68 99.78
CA ILE WF 68 9.46 -46.95 100.59
C ILE WF 68 8.18 -47.77 100.65
N GLU WF 69 7.34 -47.49 101.62
CA GLU WF 69 6.13 -48.27 101.84
C GLU WF 69 4.92 -47.37 101.96
N SER WF 70 4.14 -47.28 100.89
CA SER WF 70 2.93 -46.48 100.92
C SER WF 70 1.83 -47.22 101.65
N GLU WF 71 0.97 -46.45 102.33
CA GLU WF 71 -0.15 -47.05 103.04
C GLU WF 71 -1.48 -46.42 102.66
N ASP XF 6 17.60 -50.97 81.85
CA ASP XF 6 16.85 -50.98 80.61
C ASP XF 6 16.03 -52.24 80.41
N PHE XF 7 16.31 -53.27 81.21
CA PHE XF 7 15.66 -54.56 81.02
C PHE XF 7 15.47 -55.25 82.35
N VAL XF 8 14.48 -56.13 82.39
CA VAL XF 8 14.12 -56.88 83.58
C VAL XF 8 14.22 -58.36 83.29
N VAL XF 9 14.38 -59.16 84.35
CA VAL XF 9 14.51 -60.60 84.24
C VAL XF 9 13.46 -61.24 85.11
N ILE XF 10 12.56 -62.02 84.50
CA ILE XF 10 11.45 -62.63 85.21
C ILE XF 10 11.59 -64.13 85.13
N LYS XF 11 11.81 -64.77 86.27
CA LYS XF 11 11.84 -66.23 86.34
C LYS XF 11 10.49 -66.70 86.85
N ALA XF 12 9.77 -67.46 86.03
CA ALA XF 12 8.44 -67.89 86.44
C ALA XF 12 8.54 -69.10 87.35
N LEU XF 13 8.27 -68.89 88.64
CA LEU XF 13 8.37 -69.96 89.62
C LEU XF 13 7.16 -70.87 89.64
N GLU XF 14 6.08 -70.52 88.95
CA GLU XF 14 4.91 -71.37 88.87
C GLU XF 14 4.34 -71.23 87.47
N ASP XF 15 3.43 -72.15 87.14
CA ASP XF 15 2.88 -72.17 85.79
C ASP XF 15 1.89 -71.04 85.57
N GLY XF 16 1.71 -70.68 84.31
CA GLY XF 16 0.71 -69.70 83.93
C GLY XF 16 0.99 -68.28 84.39
N VAL XF 17 2.26 -67.89 84.50
CA VAL XF 17 2.56 -66.54 84.92
C VAL XF 17 2.36 -65.60 83.74
N ASN XF 18 1.52 -64.58 83.94
CA ASN XF 18 1.19 -63.65 82.87
C ASN XF 18 2.11 -62.44 82.95
N VAL XF 19 2.51 -61.93 81.80
CA VAL XF 19 3.30 -60.72 81.70
C VAL XF 19 2.60 -59.82 80.70
N ILE XF 20 2.19 -58.64 81.13
CA ILE XF 20 1.35 -57.76 80.32
C ILE XF 20 2.16 -56.56 79.88
N GLY XF 21 2.22 -56.34 78.58
CA GLY XF 21 2.93 -55.21 78.03
C GLY XF 21 3.92 -55.61 76.94
N SER XF 33 0.31 -59.38 75.71
CA SER XF 33 0.31 -60.34 76.81
C SER XF 33 1.11 -61.58 76.46
N GLU XF 34 1.84 -62.10 77.44
CA GLU XF 34 2.62 -63.32 77.28
C GLU XF 34 2.39 -64.23 78.47
N CYS XF 35 2.51 -65.53 78.26
CA CYS XF 35 2.34 -66.50 79.34
C CYS XF 35 3.62 -67.32 79.48
N LEU XF 36 4.00 -67.62 80.72
CA LEU XF 36 5.20 -68.39 81.00
C LEU XF 36 4.83 -69.59 81.86
N ASP XF 37 5.55 -70.69 81.63
CA ASP XF 37 5.42 -71.88 82.44
C ASP XF 37 6.51 -71.90 83.51
N LYS XF 38 6.47 -72.91 84.36
CA LYS XF 38 7.39 -72.99 85.48
C LYS XF 38 8.80 -73.31 85.01
N GLY XF 39 9.75 -72.49 85.44
CA GLY XF 39 11.13 -72.67 85.12
C GLY XF 39 11.64 -71.82 83.98
N GLU XF 40 10.74 -71.23 83.21
CA GLU XF 40 11.18 -70.35 82.13
C GLU XF 40 11.64 -69.02 82.68
N VAL XF 41 12.42 -68.31 81.87
CA VAL XF 41 12.95 -67.01 82.23
C VAL XF 41 12.79 -66.09 81.04
N LEU XF 42 12.12 -64.96 81.25
CA LEU XF 42 11.93 -63.97 80.21
C LEU XF 42 12.75 -62.73 80.54
N ILE XF 43 13.60 -62.32 79.61
CA ILE XF 43 14.37 -61.10 79.73
C ILE XF 43 13.72 -60.08 78.82
N ALA XF 44 13.17 -59.02 79.40
CA ALA XF 44 12.35 -58.09 78.65
C ALA XF 44 12.96 -56.69 78.70
N GLN XF 45 13.14 -56.10 77.52
CA GLN XF 45 13.60 -54.73 77.41
C GLN XF 45 12.42 -53.80 77.22
N PHE XF 46 12.60 -52.55 77.61
CA PHE XF 46 11.56 -51.56 77.44
C PHE XF 46 11.68 -50.87 76.09
N THR XF 47 10.63 -51.01 75.28
CA THR XF 47 10.57 -50.33 74.00
C THR XF 47 9.91 -48.97 74.23
N GLU XF 48 9.58 -48.30 73.12
CA GLU XF 48 8.74 -47.13 73.21
C GLU XF 48 7.31 -47.52 73.57
N HIS XF 49 6.82 -48.60 72.96
CA HIS XF 49 5.47 -49.10 73.22
C HIS XF 49 5.31 -49.64 74.64
N THR XF 50 6.13 -50.61 75.01
CA THR XF 50 6.07 -51.23 76.34
C THR XF 50 6.65 -50.23 77.33
N SER XF 51 5.78 -49.43 77.94
CA SER XF 51 6.18 -48.49 78.96
C SER XF 51 5.78 -48.94 80.36
N ALA XF 52 5.08 -50.06 80.48
CA ALA XF 52 4.66 -50.57 81.77
C ALA XF 52 4.50 -52.08 81.65
N ILE XF 53 4.96 -52.80 82.68
CA ILE XF 53 4.93 -54.25 82.68
C ILE XF 53 4.27 -54.71 83.97
N LYS XF 54 3.21 -55.49 83.85
CA LYS XF 54 2.50 -56.02 84.99
C LYS XF 54 2.73 -57.52 85.05
N VAL XF 55 3.01 -58.04 86.24
CA VAL XF 55 3.34 -59.44 86.43
C VAL XF 55 2.36 -60.04 87.41
N ARG XF 56 1.69 -61.12 87.00
CA ARG XF 56 0.76 -61.84 87.86
C ARG XF 56 1.38 -63.16 88.27
N GLY XF 57 0.82 -63.79 89.30
CA GLY XF 57 1.26 -65.09 89.72
C GLY XF 57 2.60 -65.05 90.44
N LYS XF 58 3.06 -66.23 90.80
CA LYS XF 58 4.31 -66.35 91.55
C LYS XF 58 5.48 -66.30 90.60
N ALA XF 59 6.29 -65.26 90.71
CA ALA XF 59 7.45 -65.09 89.85
C ALA XF 59 8.54 -64.35 90.62
N TYR XF 60 9.76 -64.46 90.11
CA TYR XF 60 10.92 -63.87 90.76
C TYR XF 60 11.58 -62.90 89.80
N ILE XF 61 11.57 -61.62 90.14
CA ILE XF 61 11.95 -60.56 89.22
C ILE XF 61 13.26 -59.96 89.69
N GLN XF 62 14.19 -59.78 88.76
CA GLN XF 62 15.41 -59.01 88.98
C GLN XF 62 15.37 -57.79 88.08
N THR XF 63 15.50 -56.63 88.70
CA THR XF 63 15.62 -55.37 87.99
C THR XF 63 16.96 -54.73 88.35
N SER XF 64 17.15 -53.50 87.89
CA SER XF 64 18.34 -52.75 88.29
C SER XF 64 18.28 -52.36 89.76
N HIS XF 65 17.09 -52.14 90.29
CA HIS XF 65 16.91 -51.74 91.68
C HIS XF 65 17.03 -52.91 92.65
N GLY XF 66 17.13 -54.14 92.16
CA GLY XF 66 17.24 -55.29 93.02
C GLY XF 66 16.27 -56.36 92.60
N VAL XF 67 15.95 -57.25 93.54
CA VAL XF 67 15.08 -58.38 93.27
C VAL XF 67 13.77 -58.19 94.03
N ILE XF 68 12.76 -58.92 93.58
CA ILE XF 68 11.43 -58.87 94.18
C ILE XF 68 10.71 -60.15 93.81
N GLU XF 69 9.65 -60.47 94.54
CA GLU XF 69 8.95 -61.73 94.36
C GLU XF 69 7.45 -61.49 94.23
N SER XF 70 6.95 -61.52 93.02
CA SER XF 70 5.53 -61.34 92.79
C SER XF 70 4.79 -62.62 93.14
N GLU XF 71 3.56 -62.47 93.62
CA GLU XF 71 2.74 -63.63 93.96
C GLU XF 71 1.38 -63.58 93.29
N ASP YF 6 23.76 -54.46 78.14
CA ASP YF 6 23.40 -54.54 76.73
C ASP YF 6 23.36 -55.96 76.21
N PHE YF 7 23.92 -56.91 76.95
CA PHE YF 7 24.04 -58.27 76.48
C PHE YF 7 23.93 -59.24 77.64
N VAL YF 8 23.51 -60.47 77.31
CA VAL YF 8 23.31 -61.52 78.29
C VAL YF 8 24.18 -62.70 77.91
N VAL YF 9 24.46 -63.55 78.91
CA VAL YF 9 25.30 -64.72 78.72
C VAL YF 9 24.53 -65.95 79.19
N ILE YF 10 24.28 -66.88 78.29
CA ILE YF 10 23.47 -68.06 78.60
C ILE YF 10 24.35 -69.29 78.42
N LYS YF 11 24.59 -69.99 79.52
CA LYS YF 11 25.31 -71.25 79.48
C LYS YF 11 24.29 -72.38 79.54
N ALA YF 12 24.21 -73.18 78.48
CA ALA YF 12 23.22 -74.23 78.46
C ALA YF 12 23.69 -75.43 79.26
N LEU YF 13 23.09 -75.65 80.41
CA LEU YF 13 23.47 -76.74 81.30
C LEU YF 13 22.89 -78.07 80.90
N GLU YF 14 21.95 -78.10 79.96
CA GLU YF 14 21.39 -79.34 79.46
C GLU YF 14 21.13 -79.19 77.97
N ASP YF 15 20.87 -80.31 77.32
CA ASP YF 15 20.71 -80.29 75.87
C ASP YF 15 19.38 -79.70 75.48
N GLY YF 16 19.31 -79.21 74.24
CA GLY YF 16 18.07 -78.72 73.68
C GLY YF 16 17.52 -77.46 74.31
N VAL YF 17 18.38 -76.58 74.83
CA VAL YF 17 17.89 -75.35 75.43
C VAL YF 17 17.53 -74.37 74.32
N ASN YF 18 16.28 -73.89 74.35
CA ASN YF 18 15.77 -73.01 73.32
C ASN YF 18 15.95 -71.57 73.76
N VAL YF 19 16.29 -70.70 72.82
CA VAL YF 19 16.39 -69.27 73.05
C VAL YF 19 15.58 -68.59 71.97
N ILE YF 20 14.56 -67.83 72.36
CA ILE YF 20 13.60 -67.28 71.42
C ILE YF 20 13.80 -65.78 71.33
N GLY YF 21 14.03 -65.29 70.12
CA GLY YF 21 14.20 -63.87 69.90
C GLY YF 21 15.46 -63.55 69.11
N SER YF 33 14.50 -68.17 66.59
CA SER YF 33 14.72 -69.25 67.55
C SER YF 33 16.08 -69.90 67.35
N GLU YF 34 16.74 -70.23 68.46
CA GLU YF 34 18.03 -70.91 68.42
C GLU YF 34 18.01 -72.06 69.42
N CYS YF 35 18.79 -73.09 69.14
CA CYS YF 35 18.90 -74.23 70.04
C CYS YF 35 20.34 -74.41 70.47
N LEU YF 36 20.54 -74.76 71.74
CA LEU YF 36 21.87 -74.97 72.29
C LEU YF 36 21.97 -76.35 72.90
N ASP YF 37 23.15 -76.95 72.79
CA ASP YF 37 23.45 -78.21 73.43
C ASP YF 37 24.15 -77.96 74.76
N LYS YF 38 24.42 -79.05 75.48
CA LYS YF 38 24.99 -78.95 76.82
C LYS YF 38 26.44 -78.49 76.74
N GLY YF 39 26.76 -77.44 77.50
CA GLY YF 39 28.10 -76.92 77.57
C GLY YF 39 28.36 -75.72 76.70
N GLU YF 40 27.47 -75.43 75.75
CA GLU YF 40 27.66 -74.26 74.92
C GLU YF 40 27.28 -73.01 75.70
N VAL YF 41 27.77 -71.86 75.21
CA VAL YF 41 27.52 -70.56 75.82
C VAL YF 41 27.17 -69.60 74.70
N LEU YF 42 26.03 -68.95 74.81
CA LEU YF 42 25.60 -67.95 73.85
C LEU YF 42 25.63 -66.59 74.50
N ILE YF 43 26.36 -65.66 73.90
CA ILE YF 43 26.38 -64.28 74.34
C ILE YF 43 25.53 -63.48 73.36
N ALA YF 44 24.44 -62.92 73.85
CA ALA YF 44 23.44 -62.31 72.97
C ALA YF 44 23.28 -60.84 73.30
N GLN YF 45 23.39 -60.00 72.29
CA GLN YF 45 23.15 -58.58 72.43
C GLN YF 45 21.73 -58.26 71.99
N PHE YF 46 21.20 -57.16 72.52
CA PHE YF 46 19.86 -56.72 72.14
C PHE YF 46 19.93 -55.79 70.94
N THR YF 47 19.28 -56.21 69.85
CA THR YF 47 19.16 -55.38 68.67
C THR YF 47 17.91 -54.53 68.81
N GLU YF 48 17.55 -53.87 67.72
CA GLU YF 48 16.24 -53.24 67.65
C GLU YF 48 15.13 -54.29 67.55
N HIS YF 49 15.37 -55.31 66.74
CA HIS YF 49 14.42 -56.40 66.56
C HIS YF 49 14.24 -57.25 67.82
N THR YF 50 15.32 -57.81 68.33
CA THR YF 50 15.29 -58.65 69.52
C THR YF 50 15.09 -57.74 70.73
N SER YF 51 13.83 -57.57 71.12
CA SER YF 51 13.49 -56.77 72.29
C SER YF 51 13.07 -57.63 73.47
N ALA YF 52 12.99 -58.95 73.29
CA ALA YF 52 12.62 -59.85 74.36
C ALA YF 52 13.24 -61.21 74.07
N ILE YF 53 13.75 -61.84 75.12
CA ILE YF 53 14.43 -63.12 74.99
C ILE YF 53 13.82 -64.08 76.00
N LYS YF 54 13.33 -65.21 75.51
CA LYS YF 54 12.74 -66.24 76.35
C LYS YF 54 13.64 -67.45 76.35
N VAL YF 55 13.87 -68.03 77.52
CA VAL YF 55 14.80 -69.14 77.68
C VAL YF 55 14.04 -70.31 78.28
N ARG YF 56 14.08 -71.45 77.61
CA ARG YF 56 13.46 -72.68 78.10
C ARG YF 56 14.54 -73.64 78.56
N GLY YF 57 14.15 -74.64 79.33
CA GLY YF 57 15.06 -75.68 79.75
C GLY YF 57 16.02 -75.20 80.82
N LYS YF 58 16.92 -76.10 81.20
CA LYS YF 58 17.87 -75.81 82.26
C LYS YF 58 19.05 -75.04 81.69
N ALA YF 59 19.21 -73.80 82.13
CA ALA YF 59 20.29 -72.95 81.65
C ALA YF 59 20.69 -71.99 82.76
N TYR YF 60 21.88 -71.43 82.63
CA TYR YF 60 22.45 -70.55 83.63
C TYR YF 60 22.74 -69.21 82.98
N ILE YF 61 22.03 -68.17 83.41
CA ILE YF 61 22.04 -66.87 82.73
C ILE YF 61 22.76 -65.87 83.61
N GLN YF 62 23.66 -65.10 83.01
CA GLN YF 62 24.28 -63.94 83.63
C GLN YF 62 23.85 -62.71 82.87
N THR YF 63 23.26 -61.76 83.59
CA THR YF 63 22.90 -60.46 83.05
C THR YF 63 23.65 -59.40 83.84
N SER YF 64 23.32 -58.13 83.56
CA SER YF 64 23.88 -57.05 84.34
C SER YF 64 23.33 -57.03 85.76
N HIS YF 65 22.10 -57.49 85.94
CA HIS YF 65 21.45 -57.51 87.24
C HIS YF 65 21.92 -58.68 88.11
N GLY YF 66 22.69 -59.60 87.56
CA GLY YF 66 23.16 -60.74 88.32
C GLY YF 66 22.95 -62.02 87.55
N VAL YF 67 22.91 -63.13 88.28
CA VAL YF 67 22.77 -64.44 87.68
C VAL YF 67 21.41 -65.02 88.05
N ILE YF 68 21.00 -66.01 87.26
CA ILE YF 68 19.72 -66.67 87.45
C ILE YF 68 19.82 -68.04 86.79
N GLU YF 69 18.92 -68.95 87.16
CA GLU YF 69 18.97 -70.31 86.67
C GLU YF 69 17.60 -70.74 86.15
N SER YF 70 17.45 -70.73 84.83
CA SER YF 70 16.20 -71.17 84.22
C SER YF 70 16.13 -72.69 84.23
N GLU YF 71 14.91 -73.20 84.35
CA GLU YF 71 14.71 -74.64 84.33
C GLU YF 71 13.67 -75.06 83.31
N ASP ZF 6 31.48 -53.86 75.77
CA ASP ZF 6 31.44 -53.80 74.32
C ASP ZF 6 32.18 -54.96 73.66
N PHE ZF 7 32.99 -55.67 74.43
CA PHE ZF 7 33.82 -56.72 73.87
C PHE ZF 7 34.00 -57.85 74.86
N VAL ZF 8 34.27 -59.03 74.33
CA VAL ZF 8 34.44 -60.24 75.11
C VAL ZF 8 35.82 -60.83 74.85
N VAL ZF 9 36.30 -61.63 75.79
CA VAL ZF 9 37.61 -62.25 75.71
C VAL ZF 9 37.44 -63.75 75.85
N ILE ZF 10 37.84 -64.49 74.83
CA ILE ZF 10 37.65 -65.94 74.81
C ILE ZF 10 39.02 -66.59 74.74
N LYS ZF 11 39.38 -67.32 75.79
CA LYS ZF 11 40.61 -68.10 75.79
C LYS ZF 11 40.26 -69.54 75.49
N ALA ZF 12 40.76 -70.06 74.38
CA ALA ZF 12 40.41 -71.42 74.00
C ALA ZF 12 41.25 -72.42 74.77
N LEU ZF 13 40.64 -73.10 75.73
CA LEU ZF 13 41.33 -74.07 76.56
C LEU ZF 13 41.54 -75.42 75.90
N GLU ZF 14 40.90 -75.65 74.75
CA GLU ZF 14 41.10 -76.89 74.02
C GLU ZF 14 41.06 -76.57 72.54
N ASP ZF 15 41.49 -77.52 71.73
CA ASP ZF 15 41.59 -77.30 70.30
C ASP ZF 15 40.22 -77.28 69.65
N GLY ZF 16 40.15 -76.64 68.49
CA GLY ZF 16 38.94 -76.64 67.69
C GLY ZF 16 37.76 -75.91 68.29
N VAL ZF 17 38.00 -74.87 69.08
CA VAL ZF 17 36.88 -74.14 69.65
C VAL ZF 17 36.28 -73.22 68.60
N ASN ZF 18 34.98 -73.37 68.36
CA ASN ZF 18 34.29 -72.62 67.33
C ASN ZF 18 33.68 -71.37 67.94
N VAL ZF 19 33.73 -70.26 67.20
CA VAL ZF 19 33.09 -69.02 67.59
C VAL ZF 19 32.25 -68.56 66.41
N ILE ZF 20 30.95 -68.43 66.61
CA ILE ZF 20 30.01 -68.20 65.53
C ILE ZF 20 29.48 -66.77 65.64
N GLY ZF 21 29.65 -66.00 64.58
CA GLY ZF 21 29.16 -64.64 64.55
C GLY ZF 21 30.23 -63.64 64.13
N SER ZF 33 32.04 -67.59 61.00
CA SER ZF 33 32.58 -68.62 61.88
C SER ZF 33 34.10 -68.54 61.96
N GLU ZF 34 34.64 -68.76 63.15
CA GLU ZF 34 36.08 -68.78 63.37
C GLU ZF 34 36.44 -69.99 64.22
N CYS ZF 35 37.66 -70.50 64.05
CA CYS ZF 35 38.13 -71.63 64.82
C CYS ZF 35 39.39 -71.23 65.58
N LEU ZF 36 39.52 -71.70 66.81
CA LEU ZF 36 40.65 -71.41 67.65
C LEU ZF 36 41.30 -72.69 68.12
N ASP ZF 37 42.62 -72.66 68.26
CA ASP ZF 37 43.37 -73.77 68.83
C ASP ZF 37 43.63 -73.51 70.31
N LYS ZF 38 44.26 -74.48 70.96
CA LYS ZF 38 44.48 -74.40 72.39
C LYS ZF 38 45.51 -73.34 72.73
N GLY ZF 39 45.16 -72.44 73.64
CA GLY ZF 39 46.05 -71.41 74.09
C GLY ZF 39 45.85 -70.07 73.43
N GLU ZF 40 45.11 -70.02 72.34
CA GLU ZF 40 44.86 -68.74 71.69
C GLU ZF 40 43.80 -67.98 72.46
N VAL ZF 41 43.75 -66.67 72.24
CA VAL ZF 41 42.81 -65.78 72.88
C VAL ZF 41 42.25 -64.85 71.82
N LEU ZF 42 40.93 -64.81 71.70
CA LEU ZF 42 40.26 -63.94 70.77
C LEU ZF 42 39.50 -62.87 71.54
N ILE ZF 43 39.79 -61.61 71.22
CA ILE ZF 43 39.08 -60.48 71.79
C ILE ZF 43 38.14 -59.97 70.72
N ALA ZF 44 36.84 -60.07 70.97
CA ALA ZF 44 35.85 -59.80 69.95
C ALA ZF 44 34.95 -58.67 70.37
N GLN ZF 45 34.81 -57.67 69.50
CA GLN ZF 45 33.90 -56.56 69.72
C GLN ZF 45 32.60 -56.82 68.97
N PHE ZF 46 31.53 -56.21 69.46
CA PHE ZF 46 30.24 -56.34 68.80
C PHE ZF 46 30.05 -55.26 67.75
N THR ZF 47 29.88 -55.69 66.51
CA THR ZF 47 29.58 -54.78 65.43
C THR ZF 47 28.08 -54.63 65.33
N GLU ZF 48 27.63 -53.98 64.25
CA GLU ZF 48 26.21 -54.01 63.93
C GLU ZF 48 25.79 -55.38 63.46
N HIS ZF 49 26.62 -56.01 62.63
CA HIS ZF 49 26.35 -57.35 62.12
C HIS ZF 49 26.39 -58.42 63.20
N THR ZF 50 27.50 -58.53 63.91
CA THR ZF 50 27.66 -59.52 64.97
C THR ZF 50 26.85 -59.07 66.17
N SER ZF 51 25.61 -59.55 66.25
CA SER ZF 51 24.74 -59.24 67.37
C SER ZF 51 24.59 -60.42 68.32
N ALA ZF 52 25.18 -61.56 68.00
CA ALA ZF 52 25.11 -62.74 68.85
C ALA ZF 52 26.34 -63.59 68.59
N ILE ZF 53 26.91 -64.13 69.66
CA ILE ZF 53 28.12 -64.92 69.58
C ILE ZF 53 27.88 -66.23 70.31
N LYS ZF 54 28.08 -67.33 69.61
CA LYS ZF 54 27.92 -68.66 70.17
C LYS ZF 54 29.29 -69.32 70.27
N VAL ZF 55 29.55 -69.96 71.40
CA VAL ZF 55 30.85 -70.55 71.67
C VAL ZF 55 30.66 -72.03 71.95
N ARG ZF 56 31.37 -72.87 71.21
CA ARG ZF 56 31.33 -74.31 71.40
C ARG ZF 56 32.64 -74.77 72.01
N GLY ZF 57 32.65 -75.98 72.56
CA GLY ZF 57 33.86 -76.56 73.09
C GLY ZF 57 34.27 -75.93 74.41
N LYS ZF 58 35.40 -76.40 74.91
CA LYS ZF 58 35.90 -75.93 76.20
C LYS ZF 58 36.64 -74.62 76.01
N ALA ZF 59 36.12 -73.56 76.60
CA ALA ZF 59 36.71 -72.24 76.49
C ALA ZF 59 36.41 -71.45 77.75
N TYR ZF 60 37.19 -70.41 77.97
CA TYR ZF 60 37.10 -69.59 79.16
C TYR ZF 60 36.81 -68.16 78.73
N ILE ZF 61 35.63 -67.65 79.09
CA ILE ZF 61 35.14 -66.39 78.56
C ILE ZF 61 35.13 -65.36 79.68
N GLN ZF 62 35.64 -64.17 79.40
CA GLN ZF 62 35.52 -63.01 80.26
C GLN ZF 62 34.68 -61.97 79.55
N THR ZF 63 33.59 -61.55 80.19
CA THR ZF 63 32.76 -60.46 79.71
C THR ZF 63 32.77 -59.36 80.75
N SER ZF 64 31.92 -58.36 80.53
CA SER ZF 64 31.75 -57.31 81.53
C SER ZF 64 31.02 -57.83 82.76
N HIS ZF 65 30.14 -58.82 82.58
CA HIS ZF 65 29.38 -59.39 83.68
C HIS ZF 65 30.18 -60.38 84.51
N GLY ZF 66 31.39 -60.72 84.09
CA GLY ZF 66 32.20 -61.66 84.83
C GLY ZF 66 32.77 -62.71 83.91
N VAL ZF 67 33.13 -63.85 84.49
CA VAL ZF 67 33.75 -64.94 83.75
C VAL ZF 67 32.80 -66.12 83.71
N ILE ZF 68 33.05 -67.01 82.76
CA ILE ZF 68 32.24 -68.20 82.55
C ILE ZF 68 33.08 -69.21 81.81
N GLU ZF 69 32.68 -70.48 81.84
CA GLU ZF 69 33.46 -71.55 81.25
C GLU ZF 69 32.58 -72.41 80.37
N SER ZF 70 32.67 -72.22 79.06
CA SER ZF 70 31.91 -73.02 78.13
C SER ZF 70 32.57 -74.38 77.96
N GLU ZF 71 31.74 -75.40 77.73
CA GLU ZF 71 32.26 -76.74 77.52
C GLU ZF 71 31.74 -77.36 76.24
N ASP AG 6 37.93 -49.51 75.63
CA ASP AG 6 38.17 -49.13 74.23
C ASP AG 6 39.48 -49.66 73.70
N PHE AG 7 40.37 -50.09 74.58
CA PHE AG 7 41.70 -50.50 74.16
C PHE AG 7 42.21 -51.62 75.05
N VAL AG 8 43.13 -52.41 74.48
CA VAL AG 8 43.71 -53.56 75.15
C VAL AG 8 45.22 -53.37 75.23
N VAL AG 9 45.83 -54.07 76.17
CA VAL AG 9 47.27 -53.99 76.40
C VAL AG 9 47.84 -55.40 76.33
N ILE AG 10 48.75 -55.64 75.39
CA ILE AG 10 49.30 -56.96 75.16
C ILE AG 10 50.80 -56.90 75.42
N LYS AG 11 51.26 -57.60 76.44
CA LYS AG 11 52.68 -57.73 76.71
C LYS AG 11 53.15 -59.06 76.17
N ALA AG 12 54.05 -59.04 75.20
CA ALA AG 12 54.48 -60.28 74.59
C ALA AG 12 55.55 -60.94 75.46
N LEU AG 13 55.18 -62.02 76.12
CA LEU AG 13 56.07 -62.73 77.02
C LEU AG 13 57.04 -63.66 76.29
N GLU AG 14 56.85 -63.89 75.00
CA GLU AG 14 57.76 -64.71 74.23
C GLU AG 14 57.86 -64.10 72.84
N ASP AG 15 58.85 -64.56 72.09
CA ASP AG 15 59.10 -63.99 70.78
C ASP AG 15 58.07 -64.45 69.78
N GLY AG 16 57.91 -63.66 68.71
CA GLY AG 16 57.04 -64.02 67.62
C GLY AG 16 55.57 -64.05 67.92
N VAL AG 17 55.10 -63.23 68.85
CA VAL AG 17 53.68 -63.23 69.17
C VAL AG 17 52.93 -62.46 68.09
N ASN AG 18 51.95 -63.12 67.49
CA ASN AG 18 51.19 -62.54 66.39
C ASN AG 18 49.94 -61.87 66.93
N VAL AG 19 49.58 -60.74 66.36
CA VAL AG 19 48.35 -60.03 66.68
C VAL AG 19 47.64 -59.74 65.36
N ILE AG 20 46.44 -60.26 65.20
CA ILE AG 20 45.74 -60.23 63.93
C ILE AG 20 44.57 -59.26 64.04
N GLY AG 21 44.54 -58.28 63.15
CA GLY AG 21 43.46 -57.31 63.13
C GLY AG 21 43.95 -55.88 63.13
N SER AG 33 48.05 -57.77 60.24
CA SER AG 33 48.84 -58.62 61.13
C SER AG 33 50.08 -57.89 61.63
N GLU AG 34 50.42 -58.11 62.91
CA GLU AG 34 51.60 -57.53 63.52
C GLU AG 34 52.33 -58.60 64.29
N CYS AG 35 53.65 -58.46 64.42
CA CYS AG 35 54.46 -59.39 65.18
C CYS AG 35 55.18 -58.67 66.29
N LEU AG 36 55.28 -59.29 67.45
CA LEU AG 36 55.94 -58.72 68.61
C LEU AG 36 57.03 -59.65 69.11
N ASP AG 37 58.10 -59.06 69.61
CA ASP AG 37 59.17 -59.82 70.25
C ASP AG 37 58.97 -59.80 71.76
N LYS AG 38 59.85 -60.51 72.45
CA LYS AG 38 59.72 -60.67 73.89
C LYS AG 38 60.02 -59.37 74.62
N GLY AG 39 59.10 -58.96 75.47
CA GLY AG 39 59.25 -57.78 76.27
C GLY AG 39 58.55 -56.55 75.73
N GLU AG 40 58.13 -56.59 74.47
CA GLU AG 40 57.40 -55.45 73.93
C GLU AG 40 55.97 -55.45 74.44
N VAL AG 41 55.34 -54.27 74.35
CA VAL AG 41 53.97 -54.08 74.80
C VAL AG 41 53.25 -53.28 73.72
N LEU AG 42 52.14 -53.81 73.25
CA LEU AG 42 51.32 -53.15 72.25
C LEU AG 42 50.01 -52.73 72.89
N ILE AG 43 49.69 -51.45 72.80
CA ILE AG 43 48.42 -50.92 73.27
C ILE AG 43 47.58 -50.66 72.03
N ALA AG 44 46.48 -51.37 71.90
CA ALA AG 44 45.71 -51.36 70.67
C ALA AG 44 44.30 -50.87 70.94
N GLN AG 45 43.87 -49.88 70.18
CA GLN AG 45 42.51 -49.39 70.24
C GLN AG 45 41.68 -50.02 69.13
N PHE AG 46 40.37 -50.08 69.36
CA PHE AG 46 39.47 -50.62 68.36
C PHE AG 46 38.98 -49.53 67.43
N THR AG 47 39.29 -49.70 66.15
CA THR AG 47 38.80 -48.80 65.12
C THR AG 47 37.47 -49.32 64.62
N GLU AG 48 36.99 -48.72 63.54
CA GLU AG 48 35.85 -49.30 62.84
C GLU AG 48 36.26 -50.57 62.12
N HIS AG 49 37.44 -50.56 61.50
CA HIS AG 49 37.97 -51.71 60.79
C HIS AG 49 38.32 -52.87 61.72
N THR AG 50 39.18 -52.63 62.70
CA THR AG 50 39.60 -53.65 63.65
C THR AG 50 38.44 -53.90 64.61
N SER AG 51 37.62 -54.89 64.29
CA SER AG 51 36.51 -55.27 65.15
C SER AG 51 36.77 -56.57 65.89
N ALA AG 52 37.89 -57.22 65.63
CA ALA AG 52 38.24 -58.47 66.30
C ALA AG 52 39.76 -58.59 66.30
N ILE AG 53 40.30 -59.05 67.43
CA ILE AG 53 41.74 -59.16 67.62
C ILE AG 53 42.03 -60.56 68.10
N LYS AG 54 42.88 -61.28 67.37
CA LYS AG 54 43.28 -62.63 67.72
C LYS AG 54 44.75 -62.61 68.13
N VAL AG 55 45.06 -63.30 69.21
CA VAL AG 55 46.41 -63.28 69.78
C VAL AG 55 46.92 -64.71 69.83
N ARG AG 56 48.07 -64.96 69.24
CA ARG AG 56 48.72 -66.26 69.26
C ARG AG 56 49.93 -66.21 70.17
N GLY AG 57 50.43 -67.38 70.56
CA GLY AG 57 51.64 -67.46 71.35
C GLY AG 57 51.41 -67.03 72.78
N LYS AG 58 52.51 -67.03 73.54
CA LYS AG 58 52.45 -66.71 74.95
C LYS AG 58 52.48 -65.20 75.12
N ALA AG 59 51.39 -64.65 75.63
CA ALA AG 59 51.28 -63.21 75.84
C ALA AG 59 50.38 -62.96 77.04
N TYR AG 60 50.50 -61.76 77.58
CA TYR AG 60 49.77 -61.36 78.78
C TYR AG 60 48.90 -60.15 78.45
N ILE AG 61 47.59 -60.32 78.49
CA ILE AG 61 46.66 -59.33 78.00
C ILE AG 61 45.92 -58.70 79.17
N GLN AG 62 45.83 -57.38 79.16
CA GLN AG 62 44.98 -56.63 80.08
C GLN AG 62 43.90 -55.95 79.27
N THR AG 63 42.64 -56.21 79.62
CA THR AG 63 41.50 -55.53 79.04
C THR AG 63 40.75 -54.82 80.15
N SER AG 64 39.59 -54.28 79.81
CA SER AG 64 38.73 -53.68 80.82
C SER AG 64 38.14 -54.74 81.74
N HIS AG 65 37.91 -55.94 81.23
CA HIS AG 65 37.32 -57.02 82.00
C HIS AG 65 38.33 -57.71 82.91
N GLY AG 66 39.61 -57.38 82.80
CA GLY AG 66 40.61 -57.99 83.64
C GLY AG 66 41.79 -58.43 82.81
N VAL AG 67 42.54 -59.38 83.35
CA VAL AG 67 43.75 -59.87 82.70
C VAL AG 67 43.53 -61.32 82.27
N ILE AG 68 44.36 -61.76 81.34
CA ILE AG 68 44.29 -63.11 80.80
C ILE AG 68 45.65 -63.42 80.21
N GLU AG 69 45.93 -64.71 80.00
CA GLU AG 69 47.23 -65.16 79.54
C GLU AG 69 47.09 -66.10 78.36
N SER AG 70 47.33 -65.59 77.17
CA SER AG 70 47.25 -66.41 75.98
C SER AG 70 48.52 -67.26 75.86
N GLU AG 71 48.36 -68.45 75.30
CA GLU AG 71 49.50 -69.34 75.11
C GLU AG 71 49.61 -69.82 73.67
N ASP BG 6 41.61 -42.82 77.81
CA ASP BG 6 41.88 -42.12 76.57
C ASP BG 6 43.36 -41.86 76.34
N PHE BG 7 44.17 -42.02 77.38
CA PHE BG 7 45.58 -41.68 77.28
C PHE BG 7 46.40 -42.60 78.16
N VAL BG 8 47.67 -42.75 77.79
CA VAL BG 8 48.61 -43.62 78.48
C VAL BG 8 49.78 -42.80 78.95
N VAL BG 9 50.48 -43.31 79.97
CA VAL BG 9 51.62 -42.65 80.56
C VAL BG 9 52.81 -43.59 80.52
N ILE BG 10 53.86 -43.21 79.81
CA ILE BG 10 55.03 -44.05 79.62
C ILE BG 10 56.23 -43.38 80.26
N LYS BG 11 56.78 -43.98 81.30
CA LYS BG 11 58.01 -43.50 81.92
C LYS BG 11 59.16 -44.34 81.39
N ALA BG 12 60.09 -43.72 80.69
CA ALA BG 12 61.18 -44.48 80.12
C ALA BG 12 62.25 -44.74 81.16
N LEU BG 13 62.35 -45.99 81.60
CA LEU BG 13 63.29 -46.37 82.63
C LEU BG 13 64.69 -46.59 82.10
N GLU BG 14 64.88 -46.62 80.79
CA GLU BG 14 66.21 -46.77 80.21
C GLU BG 14 66.25 -45.91 78.95
N ASP BG 15 67.47 -45.71 78.45
CA ASP BG 15 67.63 -44.84 77.30
C ASP BG 15 67.15 -45.50 76.02
N GLY BG 16 66.83 -44.68 75.04
CA GLY BG 16 66.47 -45.16 73.72
C GLY BG 16 65.17 -45.92 73.64
N VAL BG 17 64.19 -45.60 74.49
CA VAL BG 17 62.92 -46.31 74.42
C VAL BG 17 62.11 -45.77 73.26
N ASN BG 18 61.70 -46.67 72.37
CA ASN BG 18 60.97 -46.28 71.17
C ASN BG 18 59.48 -46.38 71.43
N VAL BG 19 58.73 -45.44 70.88
CA VAL BG 19 57.27 -45.44 70.94
C VAL BG 19 56.77 -45.25 69.52
N ILE BG 20 56.02 -46.21 69.01
CA ILE BG 20 55.64 -46.25 67.60
C ILE BG 20 54.16 -45.96 67.49
N GLY BG 21 53.81 -44.94 66.72
CA GLY BG 21 52.42 -44.59 66.51
C GLY BG 21 52.14 -43.11 66.77
N SER BG 33 57.09 -42.32 64.88
CA SER BG 33 58.02 -42.88 65.85
C SER BG 33 58.62 -41.79 66.72
N GLU BG 34 58.79 -42.09 68.01
CA GLU BG 34 59.41 -41.16 68.95
C GLU BG 34 60.41 -41.93 69.80
N CYS BG 35 61.44 -41.22 70.27
CA CYS BG 35 62.45 -41.83 71.11
C CYS BG 35 62.51 -41.08 72.44
N LEU BG 36 62.68 -41.82 73.53
CA LEU BG 36 62.75 -41.25 74.87
C LEU BG 36 64.04 -41.68 75.53
N ASP BG 37 64.59 -40.78 76.35
CA ASP BG 37 65.75 -41.08 77.18
C ASP BG 37 65.30 -41.46 78.58
N LYS BG 38 66.28 -41.81 79.41
CA LYS BG 38 65.97 -42.30 80.75
C LYS BG 38 65.46 -41.18 81.64
N GLY BG 39 64.32 -41.42 82.26
CA GLY BG 39 63.72 -40.47 83.17
C GLY BG 39 62.64 -39.62 82.57
N GLU BG 40 62.51 -39.59 81.25
CA GLU BG 40 61.44 -38.83 80.64
C GLU BG 40 60.12 -39.56 80.77
N VAL BG 41 59.03 -38.82 80.63
CA VAL BG 41 57.68 -39.36 80.73
C VAL BG 41 56.88 -38.78 79.58
N LEU BG 42 56.27 -39.65 78.78
CA LEU BG 42 55.43 -39.25 77.68
C LEU BG 42 54.00 -39.60 77.99
N ILE BG 43 53.12 -38.61 77.94
CA ILE BG 43 51.68 -38.82 78.11
C ILE BG 43 51.06 -38.73 76.72
N ALA BG 44 50.50 -39.83 76.25
CA ALA BG 44 50.06 -39.91 74.86
C ALA BG 44 48.57 -40.19 74.81
N GLN BG 45 47.85 -39.36 74.06
CA GLN BG 45 46.44 -39.56 73.82
C GLN BG 45 46.24 -40.26 72.48
N PHE BG 46 45.11 -40.95 72.36
CA PHE BG 46 44.79 -41.64 71.11
C PHE BG 46 44.02 -40.72 70.19
N THR BG 47 44.59 -40.46 69.02
CA THR BG 47 43.93 -39.70 67.99
C THR BG 47 43.14 -40.65 67.12
N GLU BG 48 42.63 -40.14 66.00
CA GLU BG 48 42.08 -41.01 64.98
C GLU BG 48 43.18 -41.79 64.28
N HIS BG 49 44.29 -41.12 63.99
CA HIS BG 49 45.43 -41.74 63.34
C HIS BG 49 46.12 -42.77 64.22
N THR BG 50 46.56 -42.37 65.41
CA THR BG 50 47.24 -43.26 66.34
C THR BG 50 46.20 -44.19 66.95
N SER BG 51 46.04 -45.36 66.35
CA SER BG 51 45.12 -46.37 66.85
C SER BG 51 45.84 -47.53 67.51
N ALA BG 52 47.17 -47.53 67.49
CA ALA BG 52 47.95 -48.58 68.12
C ALA BG 52 49.30 -48.01 68.51
N ILE BG 53 49.78 -48.39 69.68
CA ILE BG 53 51.03 -47.88 70.22
C ILE BG 53 51.88 -49.06 70.64
N LYS BG 54 53.08 -49.14 70.09
CA LYS BG 54 54.02 -50.21 70.41
C LYS BG 54 55.18 -49.61 71.19
N VAL BG 55 55.59 -50.27 72.26
CA VAL BG 55 56.63 -49.77 73.14
C VAL BG 55 57.76 -50.80 73.19
N ARG BG 56 58.97 -50.36 72.89
CA ARG BG 56 60.15 -51.22 72.96
C ARG BG 56 60.99 -50.80 74.15
N GLY BG 57 61.91 -51.66 74.55
CA GLY BG 57 62.84 -51.34 75.62
C GLY BG 57 62.19 -51.37 76.98
N LYS BG 58 62.98 -51.02 77.98
CA LYS BG 58 62.51 -51.05 79.36
C LYS BG 58 61.77 -49.76 79.67
N ALA BG 59 60.47 -49.88 79.93
CA ALA BG 59 59.64 -48.73 80.23
C ALA BG 59 58.55 -49.15 81.18
N TYR BG 60 57.94 -48.17 81.84
CA TYR BG 60 56.91 -48.38 82.83
C TYR BG 60 55.65 -47.66 82.39
N ILE BG 61 54.60 -48.41 82.09
CA ILE BG 61 53.40 -47.88 81.46
C ILE BG 61 52.26 -47.91 82.45
N GLN BG 62 51.54 -46.79 82.55
CA GLN BG 62 50.29 -46.72 83.27
C GLN BG 62 49.18 -46.44 82.27
N THR BG 63 48.17 -47.32 82.28
CA THR BG 63 46.97 -47.13 81.48
C THR BG 63 45.78 -47.06 82.42
N SER BG 64 44.59 -47.06 81.84
CA SER BG 64 43.37 -47.12 82.64
C SER BG 64 43.21 -48.49 83.28
N HIS BG 65 43.70 -49.54 82.62
CA HIS BG 65 43.58 -50.90 83.12
C HIS BG 65 44.61 -51.22 84.20
N GLY BG 66 45.57 -50.34 84.45
CA GLY BG 66 46.56 -50.58 85.46
C GLY BG 66 47.94 -50.27 84.92
N VAL BG 67 48.95 -50.86 85.55
CA VAL BG 67 50.33 -50.62 85.19
C VAL BG 67 50.93 -51.88 84.60
N ILE BG 68 52.03 -51.70 83.87
CA ILE BG 68 52.72 -52.79 83.21
C ILE BG 68 54.15 -52.34 82.97
N GLU BG 69 55.05 -53.28 82.73
CA GLU BG 69 56.46 -52.99 82.58
C GLU BG 69 57.02 -53.64 81.33
N SER BG 70 57.18 -52.85 80.28
CA SER BG 70 57.75 -53.35 79.05
C SER BG 70 59.25 -53.50 79.18
N GLU BG 71 59.80 -54.48 78.50
CA GLU BG 71 61.25 -54.71 78.53
C GLU BG 71 61.84 -54.77 77.13
N ASP CG 6 41.01 -35.77 81.27
CA ASP CG 6 41.13 -34.77 80.22
C ASP CG 6 42.31 -33.84 80.43
N PHE CG 7 42.89 -33.84 81.63
CA PHE CG 7 43.94 -32.90 81.95
C PHE CG 7 44.93 -33.53 82.93
N VAL CG 8 46.14 -33.01 82.91
CA VAL CG 8 47.23 -33.50 83.73
C VAL CG 8 47.75 -32.36 84.59
N VAL CG 9 48.40 -32.71 85.69
CA VAL CG 9 48.94 -31.75 86.64
C VAL CG 9 50.42 -32.04 86.83
N ILE CG 10 51.27 -31.08 86.48
CA ILE CG 10 52.71 -31.26 86.53
C ILE CG 10 53.29 -30.27 87.52
N LYS CG 11 53.85 -30.78 88.61
CA LYS CG 11 54.54 -29.95 89.59
C LYS CG 11 56.03 -30.06 89.31
N ALA CG 12 56.66 -28.94 88.95
CA ALA CG 12 58.07 -29.00 88.62
C ALA CG 12 58.91 -28.97 89.89
N LEU CG 13 59.50 -30.12 90.21
CA LEU CG 13 60.31 -30.25 91.42
C LEU CG 13 61.72 -29.70 91.27
N GLU CG 14 62.13 -29.36 90.06
CA GLU CG 14 63.45 -28.76 89.85
C GLU CG 14 63.32 -27.73 88.74
N ASP CG 15 64.35 -26.91 88.61
CA ASP CG 15 64.29 -25.82 87.64
C ASP CG 15 64.45 -26.34 86.23
N GLY CG 16 63.96 -25.56 85.27
CA GLY CG 16 64.13 -25.85 83.86
C GLY CG 16 63.41 -27.07 83.36
N VAL CG 17 62.26 -27.41 83.94
CA VAL CG 17 61.53 -28.58 83.46
C VAL CG 17 60.80 -28.22 82.18
N ASN CG 18 61.05 -28.99 81.13
CA ASN CG 18 60.48 -28.72 79.82
C ASN CG 18 59.20 -29.52 79.66
N VAL CG 19 58.20 -28.93 79.02
CA VAL CG 19 56.96 -29.60 78.69
C VAL CG 19 56.71 -29.34 77.21
N ILE CG 20 56.63 -30.41 76.42
CA ILE CG 20 56.59 -30.30 74.97
C ILE CG 20 55.21 -30.68 74.49
N GLY CG 21 54.57 -29.79 73.76
CA GLY CG 21 53.24 -30.05 73.22
C GLY CG 21 52.25 -28.96 73.53
N SER CG 33 56.45 -25.65 73.13
CA SER CG 33 57.32 -25.93 74.27
C SER CG 33 57.15 -24.91 75.37
N GLU CG 34 57.18 -25.36 76.62
CA GLU CG 34 57.08 -24.50 77.78
C GLU CG 34 58.15 -24.88 78.79
N CYS CG 35 58.59 -23.93 79.59
CA CYS CG 35 59.59 -24.18 80.61
C CYS CG 35 59.02 -23.79 81.97
N LEU CG 36 59.32 -24.60 82.99
CA LEU CG 36 58.85 -24.36 84.34
C LEU CG 36 60.03 -24.29 85.30
N ASP CG 37 59.90 -23.45 86.31
CA ASP CG 37 60.88 -23.37 87.38
C ASP CG 37 60.42 -24.20 88.57
N LYS CG 38 61.26 -24.26 89.59
CA LYS CG 38 60.98 -25.10 90.74
C LYS CG 38 59.83 -24.55 91.56
N GLY CG 39 58.84 -25.41 91.83
CA GLY CG 39 57.70 -25.05 92.63
C GLY CG 39 56.48 -24.66 91.86
N GLU CG 40 56.61 -24.40 90.56
CA GLU CG 40 55.45 -24.08 89.76
C GLU CG 40 54.65 -25.34 89.46
N VAL CG 41 53.39 -25.15 89.09
CA VAL CG 41 52.48 -26.24 88.77
C VAL CG 41 51.73 -25.84 87.50
N LEU CG 42 51.80 -26.70 86.50
CA LEU CG 42 51.09 -26.49 85.26
C LEU CG 42 49.97 -27.51 85.13
N ILE CG 43 48.76 -27.02 84.94
CA ILE CG 43 47.61 -27.88 84.69
C ILE CG 43 47.30 -27.77 83.21
N ALA CG 44 47.44 -28.88 82.49
CA ALA CG 44 47.36 -28.85 81.04
C ALA CG 44 46.24 -29.74 80.55
N GLN CG 45 45.37 -29.18 79.72
CA GLN CG 45 44.31 -29.92 79.08
C GLN CG 45 44.74 -30.34 77.68
N PHE CG 46 44.13 -31.42 77.19
CA PHE CG 46 44.42 -31.89 75.85
C PHE CG 46 43.50 -31.23 74.84
N THR CG 47 44.10 -30.50 73.90
CA THR CG 47 43.35 -29.91 72.81
C THR CG 47 43.30 -30.91 71.67
N GLU CG 48 42.83 -30.43 70.52
CA GLU CG 48 42.98 -31.23 69.29
C GLU CG 48 44.43 -31.26 68.86
N HIS CG 49 45.11 -30.12 68.94
CA HIS CG 49 46.51 -30.01 68.57
C HIS CG 49 47.43 -30.79 69.49
N THR CG 50 47.38 -30.50 70.78
CA THR CG 50 48.22 -31.17 71.78
C THR CG 50 47.67 -32.57 71.99
N SER CG 51 48.21 -33.53 71.25
CA SER CG 51 47.82 -34.92 71.38
C SER CG 51 48.87 -35.75 72.10
N ALA CG 52 50.01 -35.16 72.44
CA ALA CG 52 51.07 -35.86 73.14
C ALA CG 52 51.86 -34.84 73.94
N ILE CG 53 52.22 -35.22 75.15
CA ILE CG 53 52.95 -34.34 76.06
C ILE CG 53 54.17 -35.07 76.58
N LYS CG 54 55.34 -34.49 76.37
CA LYS CG 54 56.60 -35.06 76.83
C LYS CG 54 57.15 -34.20 77.94
N VAL CG 55 57.62 -34.82 79.00
CA VAL CG 55 58.09 -34.12 80.18
C VAL CG 55 59.54 -34.52 80.45
N ARG CG 56 60.42 -33.53 80.53
CA ARG CG 56 61.83 -33.77 80.83
C ARG CG 56 62.12 -33.28 82.24
N GLY CG 57 63.24 -33.71 82.79
CA GLY CG 57 63.67 -33.25 84.08
C GLY CG 57 62.87 -33.85 85.21
N LYS CG 58 63.19 -33.42 86.43
CA LYS CG 58 62.54 -33.94 87.62
C LYS CG 58 61.21 -33.23 87.83
N ALA CG 59 60.12 -33.96 87.72
CA ALA CG 59 58.80 -33.40 87.89
C ALA CG 59 57.88 -34.46 88.46
N TYR CG 60 56.76 -34.01 89.02
CA TYR CG 60 55.80 -34.88 89.68
C TYR CG 60 54.46 -34.71 88.99
N ILE CG 61 53.99 -35.77 88.35
CA ILE CG 61 52.82 -35.69 87.46
C ILE CG 61 51.68 -36.45 88.10
N GLN CG 62 50.50 -35.83 88.11
CA GLN CG 62 49.25 -36.47 88.47
C GLN CG 62 48.36 -36.52 87.24
N THR CG 63 47.93 -37.72 86.88
CA THR CG 63 46.97 -37.92 85.82
C THR CG 63 45.74 -38.60 86.40
N SER CG 64 44.83 -39.00 85.52
CA SER CG 64 43.68 -39.77 85.96
C SER CG 64 44.09 -41.17 86.39
N HIS CG 65 45.13 -41.72 85.78
CA HIS CG 65 45.60 -43.06 86.09
C HIS CG 65 46.42 -43.12 87.37
N GLY CG 66 46.75 -41.98 87.96
CA GLY CG 66 47.54 -41.97 89.17
C GLY CG 66 48.66 -40.97 89.07
N VAL CG 67 49.69 -41.17 89.88
CA VAL CG 67 50.82 -40.25 89.94
C VAL CG 67 52.05 -40.96 89.41
N ILE CG 68 53.04 -40.16 89.02
CA ILE CG 68 54.29 -40.66 88.47
C ILE CG 68 55.33 -39.56 88.68
N GLU CG 69 56.61 -39.94 88.60
CA GLU CG 69 57.70 -39.02 88.86
C GLU CG 69 58.72 -39.07 87.75
N SER CG 70 58.69 -38.08 86.87
CA SER CG 70 59.65 -38.00 85.79
C SER CG 70 60.98 -37.48 86.31
N GLU CG 71 62.06 -37.95 85.71
CA GLU CG 71 63.39 -37.51 86.11
C GLU CG 71 64.20 -37.00 84.92
N ASP DG 6 36.46 -30.43 85.31
CA ASP DG 6 36.31 -29.29 84.42
C ASP DG 6 36.85 -28.01 85.02
N PHE DG 7 37.10 -28.00 86.31
CA PHE DG 7 37.51 -26.77 86.99
C PHE DG 7 38.45 -27.09 88.13
N VAL DG 8 39.26 -26.10 88.47
CA VAL DG 8 40.27 -26.21 89.52
C VAL DG 8 40.01 -25.16 90.57
N VAL DG 9 40.52 -25.40 91.78
CA VAL DG 9 40.33 -24.50 92.91
C VAL DG 9 41.71 -24.15 93.46
N ILE DG 10 42.05 -22.87 93.43
CA ILE DG 10 43.37 -22.40 93.85
C ILE DG 10 43.20 -21.49 95.04
N LYS DG 11 43.70 -21.91 96.20
CA LYS DG 11 43.73 -21.07 97.38
C LYS DG 11 45.10 -20.46 97.51
N ALA DG 12 45.19 -19.14 97.42
CA ALA DG 12 46.49 -18.49 97.48
C ALA DG 12 46.95 -18.36 98.92
N LEU DG 13 47.94 -19.17 99.29
CA LEU DG 13 48.46 -19.18 100.66
C LEU DG 13 49.44 -18.05 100.94
N GLU DG 14 49.87 -17.33 99.92
CA GLU DG 14 50.76 -16.20 100.11
C GLU DG 14 50.39 -15.13 99.10
N ASP DG 15 50.91 -13.93 99.31
CA ASP DG 15 50.54 -12.81 98.46
C ASP DG 15 51.20 -12.92 97.10
N GLY DG 16 50.59 -12.26 96.12
CA GLY DG 16 51.17 -12.16 94.79
C GLY DG 16 51.21 -13.45 94.01
N VAL DG 17 50.28 -14.36 94.23
CA VAL DG 17 50.30 -15.61 93.48
C VAL DG 17 49.74 -15.36 92.08
N ASN DG 18 50.53 -15.72 91.08
CA ASN DG 18 50.17 -15.47 89.69
C ASN DG 18 49.49 -16.71 89.12
N VAL DG 19 48.47 -16.49 88.30
CA VAL DG 19 47.79 -17.55 87.59
C VAL DG 19 47.74 -17.14 86.13
N ILE DG 20 48.33 -17.95 85.26
CA ILE DG 20 48.53 -17.59 83.87
C ILE DG 20 47.63 -18.44 82.99
N GLY DG 21 46.79 -17.78 82.20
CA GLY DG 21 45.89 -18.49 81.31
C GLY DG 21 44.46 -18.02 81.44
N SER DG 33 46.59 -13.22 82.46
CA SER DG 33 47.25 -13.31 83.76
C SER DG 33 46.39 -12.69 84.86
N GLU DG 34 46.39 -13.33 86.02
CA GLU DG 34 45.67 -12.84 87.18
C GLU DG 34 46.57 -12.92 88.41
N CYS DG 35 46.35 -12.04 89.37
CA CYS DG 35 47.12 -12.03 90.60
C CYS DG 35 46.18 -12.20 91.78
N LEU DG 36 46.62 -12.98 92.77
CA LEU DG 36 45.83 -13.25 93.96
C LEU DG 36 46.63 -12.86 95.20
N ASP DG 37 45.92 -12.37 96.21
CA ASP DG 37 46.50 -12.09 97.50
C ASP DG 37 46.26 -13.26 98.45
N LYS DG 38 46.81 -13.15 99.65
CA LYS DG 38 46.75 -14.23 100.62
C LYS DG 38 45.34 -14.42 101.14
N GLY DG 39 44.83 -15.64 101.07
CA GLY DG 39 43.53 -15.97 101.57
C GLY DG 39 42.45 -16.03 100.52
N GLU DG 40 42.70 -15.49 99.33
CA GLU DG 40 41.70 -15.55 98.28
C GLU DG 40 41.67 -16.94 97.67
N VAL DG 41 40.57 -17.26 97.01
CA VAL DG 41 40.36 -18.54 96.36
C VAL DG 41 39.79 -18.27 94.98
N LEU DG 42 40.43 -18.80 93.96
CA LEU DG 42 39.98 -18.67 92.59
C LEU DG 42 39.52 -20.03 92.10
N ILE DG 43 38.29 -20.09 91.62
CA ILE DG 43 37.75 -21.30 91.00
C ILE DG 43 37.72 -21.05 89.51
N ALA DG 44 38.51 -21.81 88.76
CA ALA DG 44 38.72 -21.54 87.35
C ALA DG 44 38.27 -22.71 86.51
N GLN DG 45 37.42 -22.44 85.53
CA GLN DG 45 36.99 -23.43 84.57
C GLN DG 45 37.83 -23.34 83.30
N PHE DG 46 37.91 -24.45 82.58
CA PHE DG 46 38.65 -24.46 81.33
C PHE DG 46 37.75 -24.09 80.17
N THR DG 47 38.10 -23.01 79.50
CA THR DG 47 37.39 -22.59 78.30
C THR DG 47 38.05 -23.27 77.11
N GLU DG 48 37.65 -22.83 75.90
CA GLU DG 48 38.39 -23.22 74.72
C GLU DG 48 39.74 -22.53 74.67
N HIS DG 49 39.77 -21.24 75.03
CA HIS DG 49 40.99 -20.46 75.06
C HIS DG 49 41.97 -20.93 76.12
N THR DG 50 41.54 -20.96 77.38
CA THR DG 50 42.38 -21.38 78.50
C THR DG 50 42.52 -22.88 78.43
N SER DG 51 43.58 -23.35 77.79
CA SER DG 51 43.88 -24.77 77.70
C SER DG 51 45.03 -25.18 78.59
N ALA DG 52 45.67 -24.23 79.27
CA ALA DG 52 46.76 -24.53 80.17
C ALA DG 52 46.81 -23.44 81.23
N ILE DG 53 47.06 -23.86 82.47
CA ILE DG 53 47.08 -22.94 83.60
C ILE DG 53 48.38 -23.16 84.37
N LYS DG 54 49.16 -22.10 84.53
CA LYS DG 54 50.41 -22.15 85.25
C LYS DG 54 50.26 -21.36 86.54
N VAL DG 55 50.75 -21.92 87.64
CA VAL DG 55 50.59 -21.32 88.95
C VAL DG 55 51.97 -21.10 89.55
N ARG DG 56 52.25 -19.86 89.95
CA ARG DG 56 53.50 -19.52 90.60
C ARG DG 56 53.26 -19.24 92.07
N GLY DG 57 54.31 -19.24 92.86
CA GLY DG 57 54.22 -18.90 94.26
C GLY DG 57 53.57 -20.00 95.08
N LYS DG 58 53.41 -19.72 96.36
CA LYS DG 58 52.87 -20.70 97.29
C LYS DG 58 51.36 -20.69 97.20
N ALA DG 59 50.77 -21.79 96.74
CA ALA DG 59 49.34 -21.91 96.61
C ALA DG 59 48.93 -23.35 96.81
N TYR DG 60 47.66 -23.55 97.09
CA TYR DG 60 47.10 -24.87 97.40
C TYR DG 60 46.01 -25.17 96.39
N ILE DG 61 46.23 -26.18 95.56
CA ILE DG 61 45.38 -26.44 94.41
C ILE DG 61 44.61 -27.73 94.64
N GLN DG 62 43.31 -27.70 94.39
CA GLN DG 62 42.46 -28.88 94.36
C GLN DG 62 41.97 -29.06 92.94
N THR DG 63 42.23 -30.24 92.37
CA THR DG 63 41.70 -30.63 91.08
C THR DG 63 40.86 -31.87 91.25
N SER DG 64 40.43 -32.45 90.13
CA SER DG 64 39.72 -33.72 90.18
C SER DG 64 40.65 -34.85 90.59
N HIS DG 65 41.92 -34.76 90.24
CA HIS DG 65 42.89 -35.79 90.55
C HIS DG 65 43.38 -35.73 91.98
N GLY DG 66 43.01 -34.71 92.74
CA GLY DG 66 43.43 -34.59 94.11
C GLY DG 66 43.95 -33.20 94.39
N VAL DG 67 44.77 -33.10 95.43
CA VAL DG 67 45.31 -31.81 95.87
C VAL DG 67 46.81 -31.79 95.63
N ILE DG 68 47.34 -30.58 95.59
CA ILE DG 68 48.77 -30.36 95.35
C ILE DG 68 49.12 -28.99 95.91
N GLU DG 69 50.40 -28.75 96.14
CA GLU DG 69 50.85 -27.52 96.77
C GLU DG 69 51.98 -26.89 95.96
N SER DG 70 51.65 -25.87 95.20
CA SER DG 70 52.66 -25.17 94.43
C SER DG 70 53.44 -24.23 95.32
N GLU DG 71 54.72 -24.06 95.00
CA GLU DG 71 55.58 -23.16 95.76
C GLU DG 71 56.27 -22.14 94.88
N ASP EG 6 29.32 -28.95 88.47
CA ASP EG 6 28.77 -27.86 87.69
C ASP EG 6 28.48 -26.63 88.52
N PHE EG 7 28.48 -26.77 89.84
CA PHE EG 7 28.09 -25.66 90.70
C PHE EG 7 28.86 -25.74 92.02
N VAL EG 8 29.00 -24.57 92.64
CA VAL EG 8 29.74 -24.43 93.88
C VAL EG 8 28.82 -23.86 94.94
N VAL EG 9 29.18 -24.08 96.20
CA VAL EG 9 28.39 -23.63 97.34
C VAL EG 9 29.28 -22.80 98.24
N ILE EG 10 28.95 -21.54 98.43
CA ILE EG 10 29.76 -20.61 99.21
C ILE EG 10 28.97 -20.15 100.41
N LYS EG 11 29.41 -20.51 101.60
CA LYS EG 11 28.81 -20.03 102.83
C LYS EG 11 29.65 -18.89 103.35
N ALA EG 12 29.08 -17.70 103.43
CA ALA EG 12 29.86 -16.56 103.86
C ALA EG 12 29.95 -16.52 105.38
N LEU EG 13 31.12 -16.84 105.91
CA LEU EG 13 31.34 -16.89 107.35
C LEU EG 13 31.56 -15.52 107.97
N GLU EG 14 31.75 -14.48 107.17
CA GLU EG 14 31.91 -13.13 107.69
C GLU EG 14 31.22 -12.18 106.72
N ASP EG 15 31.04 -10.95 107.18
CA ASP EG 15 30.31 -9.98 106.37
C ASP EG 15 31.15 -9.49 105.22
N GLY EG 16 30.47 -8.99 104.19
CA GLY EG 16 31.13 -8.36 103.06
C GLY EG 16 31.94 -9.29 102.19
N VAL EG 17 31.56 -10.56 102.08
CA VAL EG 17 32.32 -11.46 101.24
C VAL EG 17 31.96 -11.21 99.79
N ASN EG 18 32.98 -10.95 98.96
CA ASN EG 18 32.78 -10.62 97.57
C ASN EG 18 32.91 -11.88 96.73
N VAL EG 19 32.07 -11.99 95.71
CA VAL EG 19 32.13 -13.08 94.74
C VAL EG 19 32.14 -12.44 93.37
N ILE EG 20 33.19 -12.69 92.59
CA ILE EG 20 33.41 -12.00 91.34
C ILE EG 20 33.20 -12.97 90.20
N GLY EG 21 32.30 -12.62 89.28
CA GLY EG 21 32.04 -13.45 88.13
C GLY EG 21 30.57 -13.75 87.95
N SER EG 33 29.81 -8.84 89.93
CA SER EG 33 30.20 -8.87 91.34
C SER EG 33 28.99 -8.98 92.25
N GLU EG 34 29.11 -9.77 93.31
CA GLU EG 34 28.05 -9.93 94.30
C GLU EG 34 28.66 -9.83 95.69
N CYS EG 35 27.86 -9.37 96.65
CA CYS EG 35 28.32 -9.27 98.03
C CYS EG 35 27.41 -10.10 98.92
N LEU EG 36 27.99 -10.77 99.90
CA LEU EG 36 27.26 -11.61 100.84
C LEU EG 36 27.54 -11.17 102.26
N ASP EG 37 26.53 -11.29 103.11
CA ASP EG 37 26.67 -11.04 104.54
C ASP EG 37 26.89 -12.35 105.27
N LYS EG 38 27.10 -12.25 106.57
CA LYS EG 38 27.43 -13.41 107.37
C LYS EG 38 26.22 -14.34 107.52
N GLY EG 39 26.43 -15.61 107.20
CA GLY EG 39 25.41 -16.61 107.32
C GLY EG 39 24.68 -16.94 106.04
N GLU EG 40 24.83 -16.11 105.02
CA GLU EG 40 24.19 -16.41 103.75
C GLU EG 40 24.96 -17.50 103.02
N VAL EG 41 24.28 -18.13 102.07
CA VAL EG 41 24.86 -19.21 101.27
C VAL EG 41 24.46 -18.95 99.83
N LEU EG 42 25.45 -18.89 98.95
CA LEU EG 42 25.22 -18.71 97.52
C LEU EG 42 25.60 -19.99 96.79
N ILE EG 43 24.66 -20.52 96.03
CA ILE EG 43 24.91 -21.67 95.19
C ILE EG 43 25.01 -21.16 93.76
N ALA EG 44 26.18 -21.31 93.16
CA ALA EG 44 26.46 -20.68 91.88
C ALA EG 44 26.79 -21.72 90.85
N GLN EG 45 26.10 -21.67 89.71
CA GLN EG 45 26.40 -22.52 88.58
C GLN EG 45 27.26 -21.79 87.58
N PHE EG 46 28.01 -22.56 86.79
CA PHE EG 46 28.86 -21.97 85.77
C PHE EG 46 28.10 -21.82 84.46
N THR EG 47 27.97 -20.58 84.00
CA THR EG 47 27.36 -20.32 82.72
C THR EG 47 28.45 -20.34 81.66
N GLU EG 48 28.10 -19.90 80.46
CA GLU EG 48 29.11 -19.64 79.45
C GLU EG 48 29.93 -18.41 79.81
N HIS EG 49 29.25 -17.37 80.30
CA HIS EG 49 29.90 -16.14 80.71
C HIS EG 49 30.79 -16.31 81.93
N THR EG 50 30.23 -16.79 83.02
CA THR EG 50 30.96 -17.00 84.26
C THR EG 50 31.85 -18.22 84.09
N SER EG 51 33.09 -17.98 83.68
CA SER EG 51 34.06 -19.05 83.53
C SER EG 51 35.10 -19.06 84.63
N ALA EG 52 35.05 -18.08 85.54
CA ALA EG 52 35.99 -18.01 86.65
C ALA EG 52 35.31 -17.28 87.80
N ILE EG 53 35.52 -17.77 89.00
CA ILE EG 53 34.90 -17.21 90.19
C ILE EG 53 35.98 -16.96 91.23
N LYS EG 54 36.09 -15.72 91.67
CA LYS EG 54 37.05 -15.33 92.68
C LYS EG 54 36.32 -14.99 93.97
N VAL EG 55 36.83 -15.46 95.09
CA VAL EG 55 36.18 -15.31 96.38
C VAL EG 55 37.14 -14.59 97.32
N ARG EG 56 36.69 -13.48 97.90
CA ARG EG 56 37.48 -12.74 98.87
C ARG EG 56 36.88 -12.92 100.25
N GLY EG 57 37.65 -12.60 101.27
CA GLY EG 57 37.17 -12.64 102.63
C GLY EG 57 37.03 -14.06 103.15
N LYS EG 58 36.54 -14.16 104.37
CA LYS EG 58 36.42 -15.45 105.04
C LYS EG 58 35.14 -16.12 104.58
N ALA EG 59 35.28 -17.24 103.89
CA ALA EG 59 34.13 -17.98 103.39
C ALA EG 59 34.48 -19.46 103.34
N TYR EG 60 33.44 -20.28 103.29
CA TYR EG 60 33.58 -21.73 103.30
C TYR EG 60 32.97 -22.30 102.03
N ILE EG 61 33.79 -22.89 101.18
CA ILE EG 61 33.39 -23.27 99.84
C ILE EG 61 33.34 -24.79 99.75
N GLN EG 62 32.26 -25.30 99.19
CA GLN EG 62 32.14 -26.71 98.83
C GLN EG 62 32.05 -26.80 97.32
N THR EG 63 32.95 -27.58 96.73
CA THR EG 63 32.91 -27.89 95.30
C THR EG 63 32.78 -29.39 95.14
N SER EG 64 32.90 -29.84 93.90
CA SER EG 64 32.92 -31.28 93.64
C SER EG 64 34.21 -31.91 94.15
N HIS EG 65 35.30 -31.16 94.14
CA HIS EG 65 36.59 -31.66 94.58
C HIS EG 65 36.73 -31.69 96.08
N GLY EG 66 35.78 -31.14 96.83
CA GLY EG 66 35.85 -31.13 98.27
C GLY EG 66 35.56 -29.74 98.80
N VAL EG 67 36.02 -29.49 100.02
CA VAL EG 67 35.77 -28.23 100.70
C VAL EG 67 37.07 -27.47 100.83
N ILE EG 68 36.93 -26.16 101.05
CA ILE EG 68 38.07 -25.26 101.20
C ILE EG 68 37.59 -24.04 101.96
N GLU EG 69 38.53 -23.29 102.53
CA GLU EG 69 38.19 -22.15 103.37
C GLU EG 69 38.97 -20.92 102.93
N SER EG 70 38.30 -20.02 102.21
CA SER EG 70 38.94 -18.79 101.78
C SER EG 70 39.00 -17.81 102.93
N GLU EG 71 40.05 -17.00 102.96
CA GLU EG 71 40.19 -15.99 103.99
C GLU EG 71 40.42 -14.60 103.42
N ASP FG 6 74.94 -24.44 -57.93
CA ASP FG 6 73.99 -24.93 -56.94
C ASP FG 6 74.18 -26.41 -56.63
N PHE FG 7 74.93 -27.11 -57.47
CA PHE FG 7 75.05 -28.55 -57.31
C PHE FG 7 76.43 -29.00 -57.76
N VAL FG 8 76.85 -30.14 -57.21
CA VAL FG 8 78.16 -30.71 -57.48
C VAL FG 8 77.97 -32.11 -58.03
N VAL FG 9 79.00 -32.60 -58.74
CA VAL FG 9 78.97 -33.90 -59.38
C VAL FG 9 80.19 -34.68 -58.91
N ILE FG 10 79.95 -35.81 -58.23
CA ILE FG 10 81.02 -36.61 -57.65
C ILE FG 10 81.02 -37.97 -58.32
N LYS FG 11 82.08 -38.27 -59.05
CA LYS FG 11 82.26 -39.60 -59.63
C LYS FG 11 83.21 -40.38 -58.74
N ALA FG 12 82.72 -41.47 -58.16
CA ALA FG 12 83.55 -42.22 -57.25
C ALA FG 12 84.48 -43.14 -58.03
N LEU FG 13 85.77 -42.79 -58.05
CA LEU FG 13 86.77 -43.56 -58.78
C LEU FG 13 87.23 -44.80 -58.05
N GLU FG 14 86.89 -44.95 -56.78
CA GLU FG 14 87.25 -46.15 -56.02
C GLU FG 14 86.09 -46.48 -55.10
N ASP FG 15 86.14 -47.67 -54.54
CA ASP FG 15 85.04 -48.15 -53.71
C ASP FG 15 85.05 -47.46 -52.35
N GLY FG 16 83.88 -47.42 -51.72
CA GLY FG 16 83.75 -46.92 -50.38
C GLY FG 16 83.98 -45.44 -50.22
N VAL FG 17 83.66 -44.63 -51.23
CA VAL FG 17 83.85 -43.20 -51.11
C VAL FG 17 82.72 -42.61 -50.28
N ASN FG 18 83.08 -41.91 -49.20
CA ASN FG 18 82.10 -41.36 -48.28
C ASN FG 18 81.79 -39.93 -48.68
N VAL FG 19 80.53 -39.55 -48.54
CA VAL FG 19 80.09 -38.18 -48.77
C VAL FG 19 79.28 -37.78 -47.55
N ILE FG 20 79.71 -36.73 -46.85
CA ILE FG 20 79.15 -36.36 -45.57
C ILE FG 20 78.37 -35.06 -45.73
N GLY FG 21 77.10 -35.09 -45.35
CA GLY FG 21 76.26 -33.92 -45.44
C GLY FG 21 74.96 -34.17 -46.18
N SER FG 33 75.24 -39.08 -44.04
CA SER FG 33 76.36 -39.76 -44.67
C SER FG 33 75.88 -40.70 -45.76
N GLU FG 34 76.63 -40.76 -46.87
CA GLU FG 34 76.33 -41.66 -47.97
C GLU FG 34 77.61 -42.35 -48.41
N CYS FG 35 77.48 -43.55 -48.95
CA CYS FG 35 78.63 -44.29 -49.45
C CYS FG 35 78.43 -44.61 -50.92
N LEU FG 36 79.50 -44.53 -51.68
CA LEU FG 36 79.47 -44.79 -53.11
C LEU FG 36 80.48 -45.86 -53.46
N ASP FG 37 80.15 -46.69 -54.45
CA ASP FG 37 81.05 -47.68 -55.00
C ASP FG 37 81.72 -47.13 -56.25
N LYS FG 38 82.63 -47.92 -56.81
CA LYS FG 38 83.40 -47.48 -57.95
C LYS FG 38 82.54 -47.38 -59.20
N GLY FG 39 82.59 -46.24 -59.86
CA GLY FG 39 81.87 -46.01 -61.07
C GLY FG 39 80.55 -45.27 -60.91
N GLU FG 40 80.05 -45.17 -59.69
CA GLU FG 40 78.82 -44.43 -59.47
C GLU FG 40 79.09 -42.94 -59.54
N VAL FG 41 78.03 -42.17 -59.75
CA VAL FG 41 78.09 -40.72 -59.83
C VAL FG 41 76.94 -40.16 -59.03
N LEU FG 42 77.25 -39.29 -58.08
CA LEU FG 42 76.24 -38.64 -57.27
C LEU FG 42 76.20 -37.16 -57.63
N ILE FG 43 75.02 -36.68 -57.99
CA ILE FG 43 74.79 -35.27 -58.25
C ILE FG 43 74.05 -34.72 -57.05
N ALA FG 44 74.68 -33.80 -56.33
CA ALA FG 44 74.14 -33.36 -55.05
C ALA FG 44 73.88 -31.86 -55.09
N GLN FG 45 72.66 -31.48 -54.73
CA GLN FG 45 72.30 -30.08 -54.60
C GLN FG 45 72.42 -29.64 -53.15
N PHE FG 46 72.62 -28.35 -52.95
CA PHE FG 46 72.70 -27.80 -51.60
C PHE FG 46 71.33 -27.39 -51.10
N THR FG 47 70.91 -28.02 -50.02
CA THR FG 47 69.66 -27.65 -49.36
C THR FG 47 69.96 -26.58 -48.34
N GLU FG 48 68.97 -26.27 -47.51
CA GLU FG 48 69.22 -25.44 -46.34
C GLU FG 48 70.03 -26.21 -45.31
N HIS FG 49 69.71 -27.48 -45.11
CA HIS FG 49 70.42 -28.34 -44.17
C HIS FG 49 71.84 -28.62 -44.60
N THR FG 50 72.03 -29.18 -45.78
CA THR FG 50 73.34 -29.52 -46.30
C THR FG 50 74.03 -28.22 -46.72
N SER FG 51 74.82 -27.66 -45.80
CA SER FG 51 75.58 -26.45 -46.08
C SER FG 51 77.06 -26.73 -46.25
N ALA FG 52 77.48 -27.97 -46.07
CA ALA FG 52 78.88 -28.34 -46.23
C ALA FG 52 78.94 -29.81 -46.63
N ILE FG 53 79.82 -30.13 -47.56
CA ILE FG 53 79.95 -31.48 -48.07
C ILE FG 53 81.42 -31.88 -48.00
N LYS FG 54 81.70 -32.96 -47.31
CA LYS FG 54 83.05 -33.49 -47.18
C LYS FG 54 83.16 -34.78 -47.95
N VAL FG 55 84.25 -34.94 -48.70
CA VAL FG 55 84.44 -36.09 -49.57
C VAL FG 55 85.73 -36.79 -49.16
N ARG FG 56 85.64 -38.08 -48.87
CA ARG FG 56 86.79 -38.89 -48.54
C ARG FG 56 87.10 -39.84 -49.68
N GLY FG 57 88.30 -40.40 -49.68
CA GLY FG 57 88.68 -41.38 -50.67
C GLY FG 57 88.93 -40.76 -52.03
N LYS FG 58 89.23 -41.63 -52.99
CA LYS FG 58 89.56 -41.19 -54.33
C LYS FG 58 88.28 -40.94 -55.11
N ALA FG 59 88.05 -39.69 -55.48
CA ALA FG 59 86.85 -39.31 -56.21
C ALA FG 59 87.18 -38.13 -57.12
N TYR FG 60 86.33 -37.91 -58.11
CA TYR FG 60 86.53 -36.88 -59.10
C TYR FG 60 85.33 -35.94 -59.07
N ILE FG 61 85.55 -34.69 -58.68
CA ILE FG 61 84.48 -33.76 -58.39
C ILE FG 61 84.46 -32.67 -59.45
N GLN FG 62 83.27 -32.39 -59.96
CA GLN FG 62 83.04 -31.24 -60.83
C GLN FG 62 82.11 -30.28 -60.10
N THR FG 63 82.55 -29.05 -59.95
CA THR FG 63 81.73 -27.98 -59.41
C THR FG 63 81.59 -26.89 -60.45
N SER FG 64 81.00 -25.77 -60.05
CA SER FG 64 80.95 -24.61 -60.94
C SER FG 64 82.31 -24.00 -61.12
N HIS FG 65 83.17 -24.09 -60.11
CA HIS FG 65 84.52 -23.51 -60.18
C HIS FG 65 85.49 -24.36 -60.97
N GLY FG 66 85.10 -25.56 -61.38
CA GLY FG 66 85.97 -26.42 -62.14
C GLY FG 66 85.97 -27.82 -61.56
N VAL FG 67 87.03 -28.55 -61.85
CA VAL FG 67 87.15 -29.94 -61.42
C VAL FG 67 88.26 -30.06 -60.40
N ILE FG 68 88.21 -31.15 -59.64
CA ILE FG 68 89.20 -31.42 -58.59
C ILE FG 68 89.18 -32.92 -58.33
N GLU FG 69 90.22 -33.42 -57.70
CA GLU FG 69 90.37 -34.85 -57.49
C GLU FG 69 90.71 -35.14 -56.04
N SER FG 70 89.71 -35.58 -55.28
CA SER FG 70 89.94 -35.92 -53.88
C SER FG 70 90.59 -37.29 -53.79
N GLU FG 71 91.43 -37.45 -52.77
CA GLU FG 71 92.10 -38.73 -52.56
C GLU FG 71 91.89 -39.25 -51.14
N ASP GG 6 69.47 -26.44 -63.38
CA ASP GG 6 68.30 -26.91 -62.67
C ASP GG 6 67.94 -28.35 -63.00
N PHE GG 7 68.50 -28.89 -64.07
CA PHE GG 7 68.12 -30.21 -64.52
C PHE GG 7 69.31 -30.92 -65.15
N VAL GG 8 69.25 -32.25 -65.13
CA VAL GG 8 70.31 -33.10 -65.63
C VAL GG 8 69.75 -33.99 -66.73
N VAL GG 9 70.63 -34.48 -67.58
CA VAL GG 9 70.25 -35.34 -68.70
C VAL GG 9 71.06 -36.62 -68.62
N ILE GG 10 70.37 -37.75 -68.47
CA ILE GG 10 71.04 -39.04 -68.28
C ILE GG 10 70.67 -39.93 -69.45
N LYS GG 11 71.65 -40.29 -70.27
CA LYS GG 11 71.45 -41.24 -71.35
C LYS GG 11 71.96 -42.60 -70.88
N ALA GG 12 71.06 -43.57 -70.80
CA ALA GG 12 71.47 -44.88 -70.29
C ALA GG 12 72.13 -45.67 -71.41
N LEU GG 13 73.44 -45.84 -71.30
CA LEU GG 13 74.22 -46.54 -72.31
C LEU GG 13 74.15 -48.06 -72.16
N GLU GG 14 73.60 -48.56 -71.06
CA GLU GG 14 73.45 -50.00 -70.88
C GLU GG 14 72.14 -50.23 -70.15
N ASP GG 15 71.70 -51.48 -70.14
CA ASP GG 15 70.41 -51.80 -69.55
C ASP GG 15 70.48 -51.75 -68.03
N GLY GG 16 69.32 -51.56 -67.42
CA GLY GG 16 69.19 -51.61 -65.98
C GLY GG 16 69.87 -50.50 -65.23
N VAL GG 17 69.98 -49.31 -65.82
CA VAL GG 17 70.62 -48.21 -65.11
C VAL GG 17 69.65 -47.64 -64.09
N ASN GG 18 70.08 -47.60 -62.83
CA ASN GG 18 69.24 -47.14 -61.74
C ASN GG 18 69.47 -45.66 -61.50
N VAL GG 19 68.41 -44.94 -61.19
CA VAL GG 19 68.48 -43.53 -60.83
C VAL GG 19 67.70 -43.37 -59.53
N ILE GG 20 68.37 -42.92 -58.48
CA ILE GG 20 67.80 -42.91 -57.14
C ILE GG 20 67.53 -41.47 -56.74
N GLY GG 21 66.29 -41.18 -56.39
CA GLY GG 21 65.92 -39.85 -55.95
C GLY GG 21 64.72 -39.31 -56.69
N SER GG 33 63.04 -44.40 -56.79
CA SER GG 33 63.95 -45.13 -57.68
C SER GG 33 63.33 -45.34 -59.05
N GLU GG 34 64.15 -45.22 -60.08
CA GLU GG 34 63.71 -45.44 -61.46
C GLU GG 34 64.73 -46.30 -62.17
N CYS GG 35 64.28 -47.08 -63.15
CA CYS GG 35 65.17 -47.93 -63.93
C CYS GG 35 65.06 -47.54 -65.40
N LEU GG 36 66.20 -47.54 -66.09
CA LEU GG 36 66.27 -47.20 -67.50
C LEU GG 36 66.90 -48.34 -68.28
N ASP GG 37 66.43 -48.53 -69.51
CA ASP GG 37 67.01 -49.47 -70.44
C ASP GG 37 67.98 -48.76 -71.37
N LYS GG 38 68.64 -49.54 -72.22
CA LYS GG 38 69.66 -48.98 -73.10
C LYS GG 38 69.04 -48.12 -74.18
N GLY GG 39 69.56 -46.89 -74.30
CA GLY GG 39 69.12 -45.96 -75.30
C GLY GG 39 68.12 -44.95 -74.82
N GLU GG 40 67.53 -45.15 -73.65
CA GLU GG 40 66.60 -44.16 -73.13
C GLU GG 40 67.36 -42.98 -72.57
N VAL GG 41 66.65 -41.86 -72.43
CA VAL GG 41 67.21 -40.62 -71.91
C VAL GG 41 66.22 -40.05 -70.92
N LEU GG 42 66.68 -39.79 -69.71
CA LEU GG 42 65.85 -39.20 -68.67
C LEU GG 42 66.35 -37.80 -68.39
N ILE GG 43 65.45 -36.83 -68.50
CA ILE GG 43 65.75 -35.44 -68.15
C ILE GG 43 65.09 -35.18 -66.81
N ALA GG 44 65.88 -34.92 -65.79
CA ALA GG 44 65.38 -34.84 -64.43
C ALA GG 44 65.63 -33.47 -63.85
N GLN GG 45 64.58 -32.85 -63.32
CA GLN GG 45 64.69 -31.59 -62.63
C GLN GG 45 64.76 -31.83 -61.12
N PHE GG 46 65.36 -30.88 -60.42
CA PHE GG 46 65.44 -30.98 -58.97
C PHE GG 46 64.23 -30.33 -58.31
N THR GG 47 63.48 -31.14 -57.57
CA THR GG 47 62.36 -30.63 -56.80
C THR GG 47 62.87 -30.23 -55.43
N GLU GG 48 61.93 -29.95 -54.52
CA GLU GG 48 62.30 -29.80 -53.13
C GLU GG 48 62.67 -31.14 -52.52
N HIS GG 49 61.91 -32.18 -52.86
CA HIS GG 49 62.17 -33.52 -52.37
C HIS GG 49 63.45 -34.12 -52.91
N THR GG 50 63.60 -34.19 -54.22
CA THR GG 50 64.78 -34.74 -54.86
C THR GG 50 65.90 -33.73 -54.71
N SER GG 51 66.71 -33.89 -53.67
CA SER GG 51 67.86 -33.03 -53.44
C SER GG 51 69.17 -33.73 -53.74
N ALA GG 52 69.13 -35.01 -54.10
CA ALA GG 52 70.33 -35.75 -54.43
C ALA GG 52 69.94 -36.87 -55.39
N ILE GG 53 70.78 -37.09 -56.39
CA ILE GG 53 70.52 -38.07 -57.42
C ILE GG 53 71.75 -38.97 -57.56
N LYS GG 54 71.55 -40.27 -57.39
CA LYS GG 54 72.62 -41.24 -57.50
C LYS GG 54 72.39 -42.07 -58.74
N VAL GG 55 73.45 -42.30 -59.52
CA VAL GG 55 73.35 -43.01 -60.79
C VAL GG 55 74.27 -44.21 -60.74
N ARG GG 56 73.71 -45.40 -61.00
CA ARG GG 56 74.48 -46.63 -61.06
C ARG GG 56 74.59 -47.08 -62.50
N GLY GG 57 75.53 -47.98 -62.75
CA GLY GG 57 75.68 -48.57 -64.07
C GLY GG 57 76.30 -47.60 -65.06
N LYS GG 58 76.40 -48.08 -66.30
CA LYS GG 58 77.03 -47.29 -67.34
C LYS GG 58 76.02 -46.31 -67.92
N ALA GG 59 76.29 -45.03 -67.74
CA ALA GG 59 75.39 -43.99 -68.22
C ALA GG 59 76.21 -42.76 -68.56
N TYR GG 60 75.62 -41.88 -69.36
CA TYR GG 60 76.27 -40.68 -69.85
C TYR GG 60 75.46 -39.47 -69.40
N ILE GG 61 76.04 -38.65 -68.53
CA ILE GG 61 75.32 -37.58 -67.86
C ILE GG 61 75.80 -36.25 -68.38
N GLN GG 62 74.86 -35.37 -68.70
CA GLN GG 62 75.13 -33.97 -69.01
C GLN GG 62 74.49 -33.12 -67.94
N THR GG 63 75.29 -32.28 -67.30
CA THR GG 63 74.81 -31.30 -66.35
C THR GG 63 75.19 -29.92 -66.85
N SER GG 64 74.96 -28.92 -66.00
CA SER GG 64 75.41 -27.56 -66.32
C SER GG 64 76.93 -27.46 -66.27
N HIS GG 65 77.56 -28.24 -65.41
CA HIS GG 65 79.01 -28.21 -65.26
C HIS GG 65 79.75 -28.97 -66.35
N GLY GG 66 79.03 -29.69 -67.21
CA GLY GG 66 79.66 -30.43 -68.27
C GLY GG 66 79.11 -31.84 -68.33
N VAL GG 67 79.89 -32.74 -68.92
CA VAL GG 67 79.48 -34.12 -69.10
C VAL GG 67 80.34 -35.01 -68.24
N ILE GG 68 79.84 -36.22 -68.00
CA ILE GG 68 80.52 -37.22 -67.18
C ILE GG 68 79.97 -38.57 -67.56
N GLU GG 69 80.70 -39.63 -67.22
CA GLU GG 69 80.33 -40.97 -67.62
C GLU GG 69 80.36 -41.91 -66.42
N SER GG 70 79.19 -42.22 -65.89
CA SER GG 70 79.09 -43.13 -64.77
C SER GG 70 79.24 -44.57 -65.26
N GLU GG 71 79.84 -45.41 -64.42
CA GLU GG 71 80.00 -46.82 -64.77
C GLU GG 71 79.45 -47.74 -63.69
N ASP HG 6 64.83 -24.11 -69.24
CA ASP HG 6 63.47 -24.33 -68.77
C ASP HG 6 62.69 -25.28 -69.67
N PHE HG 7 63.19 -25.52 -70.87
CA PHE HG 7 62.44 -26.31 -71.84
C PHE HG 7 63.39 -27.11 -72.71
N VAL HG 8 62.87 -28.20 -73.25
CA VAL HG 8 63.63 -29.13 -74.08
C VAL HG 8 62.96 -29.24 -75.44
N VAL HG 9 63.73 -29.65 -76.43
CA VAL HG 9 63.25 -29.78 -77.80
C VAL HG 9 63.55 -31.20 -78.26
N ILE HG 10 62.50 -31.95 -78.59
CA ILE HG 10 62.63 -33.34 -78.99
C ILE HG 10 62.16 -33.49 -80.42
N LYS HG 11 63.07 -33.85 -81.31
CA LYS HG 11 62.72 -34.15 -82.69
C LYS HG 11 62.63 -35.66 -82.83
N ALA HG 12 61.46 -36.17 -83.16
CA ALA HG 12 61.31 -37.61 -83.25
C ALA HG 12 61.81 -38.10 -84.60
N LEU HG 13 62.96 -38.78 -84.60
CA LEU HG 13 63.58 -39.26 -85.81
C LEU HG 13 62.96 -40.56 -86.32
N GLU HG 14 62.12 -41.21 -85.52
CA GLU HG 14 61.45 -42.42 -85.96
C GLU HG 14 60.04 -42.41 -85.37
N ASP HG 15 59.20 -43.30 -85.88
CA ASP HG 15 57.81 -43.31 -85.48
C ASP HG 15 57.66 -43.90 -84.07
N GLY HG 16 56.56 -43.53 -83.43
CA GLY HG 16 56.21 -44.09 -82.14
C GLY HG 16 57.12 -43.71 -81.00
N VAL HG 17 57.71 -42.52 -81.03
CA VAL HG 17 58.58 -42.12 -79.93
C VAL HG 17 57.73 -41.67 -78.75
N ASN HG 18 57.95 -42.29 -77.61
CA ASN HG 18 57.16 -42.02 -76.41
C ASN HG 18 57.86 -40.96 -75.58
N VAL HG 19 57.09 -40.07 -74.99
CA VAL HG 19 57.58 -39.06 -74.07
C VAL HG 19 56.72 -39.15 -72.82
N ILE HG 20 57.35 -39.43 -71.69
CA ILE HG 20 56.62 -39.72 -70.46
C ILE HG 20 56.81 -38.57 -69.48
N GLY HG 21 55.71 -38.01 -69.03
CA GLY HG 21 55.76 -36.92 -68.07
C GLY HG 21 54.94 -35.71 -68.51
N SER HG 33 51.65 -39.32 -70.72
CA SER HG 33 52.35 -39.92 -71.83
C SER HG 33 51.92 -39.32 -73.16
N GLU HG 34 52.88 -39.12 -74.06
CA GLU HG 34 52.60 -38.60 -75.39
C GLU HG 34 53.36 -39.44 -76.42
N CYS HG 35 52.81 -39.53 -77.62
CA CYS HG 35 53.46 -40.28 -78.69
C CYS HG 35 53.72 -39.34 -79.87
N LEU HG 36 54.87 -39.50 -80.51
CA LEU HG 36 55.26 -38.68 -81.64
C LEU HG 36 55.57 -39.56 -82.83
N ASP HG 37 55.26 -39.07 -84.03
CA ASP HG 37 55.61 -39.74 -85.27
C ASP HG 37 56.89 -39.13 -85.82
N LYS HG 38 57.36 -39.69 -86.93
CA LYS HG 38 58.63 -39.28 -87.51
C LYS HG 38 58.52 -37.90 -88.12
N GLY HG 39 59.44 -37.02 -87.72
CA GLY HG 39 59.50 -35.68 -88.24
C GLY HG 39 58.87 -34.63 -87.36
N GLU HG 40 58.07 -35.04 -86.39
CA GLU HG 40 57.48 -34.06 -85.48
C GLU HG 40 58.51 -33.58 -84.48
N VAL HG 41 58.22 -32.43 -83.88
CA VAL HG 41 59.08 -31.80 -82.90
C VAL HG 41 58.22 -31.33 -81.76
N LEU HG 42 58.55 -31.76 -80.55
CA LEU HG 42 57.84 -31.37 -79.35
C LEU HG 42 58.74 -30.48 -78.51
N ILE HG 43 58.26 -29.29 -78.19
CA ILE HG 43 58.97 -28.38 -77.29
C ILE HG 43 58.24 -28.42 -75.97
N ALA HG 44 58.92 -28.91 -74.93
CA ALA HG 44 58.28 -29.19 -73.67
C ALA HG 44 58.90 -28.37 -72.56
N GLN HG 45 58.07 -27.65 -71.82
CA GLN HG 45 58.50 -26.91 -70.66
C GLN HG 45 58.25 -27.72 -69.39
N PHE HG 46 59.03 -27.42 -68.36
CA PHE HG 46 58.86 -28.11 -67.09
C PHE HG 46 57.86 -27.37 -66.21
N THR HG 47 56.78 -28.05 -65.87
CA THR HG 47 55.80 -27.51 -64.95
C THR HG 47 56.21 -27.90 -63.53
N GLU HG 48 55.29 -27.66 -62.59
CA GLU HG 48 55.48 -28.21 -61.26
C GLU HG 48 55.26 -29.71 -61.28
N HIS HG 49 54.25 -30.17 -62.01
CA HIS HG 49 53.94 -31.59 -62.13
C HIS HG 49 55.01 -32.36 -62.88
N THR HG 50 55.31 -31.96 -64.11
CA THR HG 50 56.32 -32.62 -64.93
C THR HG 50 57.69 -32.26 -64.39
N SER HG 51 58.21 -33.10 -63.51
CA SER HG 51 59.54 -32.91 -62.96
C SER HG 51 60.56 -33.88 -63.54
N ALA HG 52 60.14 -34.79 -64.40
CA ALA HG 52 61.04 -35.74 -65.02
C ALA HG 52 60.44 -36.16 -66.36
N ILE HG 53 61.28 -36.26 -67.36
CA ILE HG 53 60.86 -36.59 -68.71
C ILE HG 53 61.70 -37.75 -69.22
N LYS HG 54 61.05 -38.84 -69.61
CA LYS HG 54 61.71 -40.01 -70.13
C LYS HG 54 61.40 -40.13 -71.61
N VAL HG 55 62.40 -40.42 -72.41
CA VAL HG 55 62.27 -40.48 -73.87
C VAL HG 55 62.69 -41.87 -74.34
N ARG HG 56 61.80 -42.54 -75.06
CA ARG HG 56 62.09 -43.84 -75.64
C ARG HG 56 62.27 -43.70 -77.13
N GLY HG 57 62.84 -44.72 -77.76
CA GLY HG 57 62.98 -44.75 -79.20
C GLY HG 57 64.04 -43.79 -79.69
N LYS HG 58 64.17 -43.73 -81.01
CA LYS HG 58 65.18 -42.91 -81.64
C LYS HG 58 64.67 -41.47 -81.75
N ALA HG 59 65.33 -40.56 -81.05
CA ALA HG 59 64.94 -39.17 -81.04
C ALA HG 59 66.17 -38.32 -80.84
N TYR HG 60 66.05 -37.04 -81.19
CA TYR HG 60 67.15 -36.09 -81.13
C TYR HG 60 66.75 -34.95 -80.21
N ILE HG 61 67.44 -34.81 -79.09
CA ILE HG 61 67.04 -33.91 -78.02
C ILE HG 61 68.03 -32.76 -77.94
N GLN HG 62 67.50 -31.55 -77.86
CA GLN HG 62 68.28 -30.36 -77.56
C GLN HG 62 67.84 -29.82 -76.22
N THR HG 63 68.77 -29.68 -75.30
CA THR HG 63 68.53 -29.05 -74.01
C THR HG 63 69.44 -27.83 -73.89
N SER HG 64 69.45 -27.23 -72.70
CA SER HG 64 70.38 -26.15 -72.44
C SER HG 64 71.80 -26.65 -72.36
N HIS HG 65 71.99 -27.88 -71.91
CA HIS HG 65 73.32 -28.47 -71.77
C HIS HG 65 73.90 -28.95 -73.09
N GLY HG 66 73.12 -28.94 -74.16
CA GLY HG 66 73.60 -29.39 -75.45
C GLY HG 66 72.62 -30.35 -76.08
N VAL HG 67 73.12 -31.17 -77.00
CA VAL HG 67 72.28 -32.09 -77.74
C VAL HG 67 72.64 -33.51 -77.35
N ILE HG 68 71.72 -34.43 -77.62
CA ILE HG 68 71.88 -35.84 -77.30
C ILE HG 68 70.95 -36.62 -78.22
N GLU HG 69 71.21 -37.92 -78.35
CA GLU HG 69 70.46 -38.75 -79.28
C GLU HG 69 69.98 -40.01 -78.58
N SER HG 70 68.71 -40.03 -78.22
CA SER HG 70 68.14 -41.21 -77.58
C SER HG 70 67.85 -42.27 -78.63
N GLU HG 71 67.98 -43.53 -78.23
CA GLU HG 71 67.70 -44.63 -79.14
C GLU HG 71 66.71 -45.62 -78.55
N ASP IG 6 61.99 -18.07 -73.57
CA ASP IG 6 60.58 -17.96 -73.23
C ASP IG 6 59.67 -18.13 -74.44
N PHE IG 7 60.23 -18.04 -75.64
CA PHE IG 7 59.42 -18.07 -76.85
C PHE IG 7 60.18 -18.75 -77.97
N VAL IG 8 59.41 -19.27 -78.92
CA VAL IG 8 59.96 -20.00 -80.06
C VAL IG 8 59.49 -19.33 -81.34
N VAL IG 9 60.23 -19.56 -82.41
CA VAL IG 9 59.94 -18.97 -83.71
C VAL IG 9 59.82 -20.09 -84.72
N ILE IG 10 58.65 -20.22 -85.34
CA ILE IG 10 58.37 -21.31 -86.28
C ILE IG 10 58.09 -20.71 -87.64
N LYS IG 11 58.96 -20.98 -88.60
CA LYS IG 11 58.74 -20.57 -89.98
C LYS IG 11 58.20 -21.76 -90.75
N ALA IG 12 56.98 -21.65 -91.25
CA ALA IG 12 56.39 -22.78 -91.94
C ALA IG 12 56.89 -22.85 -93.37
N LEU IG 13 57.74 -23.83 -93.65
CA LEU IG 13 58.35 -23.99 -94.96
C LEU IG 13 57.43 -24.68 -95.96
N GLU IG 14 56.31 -25.25 -95.50
CA GLU IG 14 55.35 -25.86 -96.40
C GLU IG 14 53.96 -25.58 -95.87
N ASP IG 15 52.96 -25.84 -96.71
CA ASP IG 15 51.60 -25.52 -96.34
C ASP IG 15 51.06 -26.49 -95.30
N GLY IG 16 50.05 -26.04 -94.56
CA GLY IG 16 49.36 -26.90 -93.63
C GLY IG 16 50.16 -27.35 -92.44
N VAL IG 17 51.11 -26.54 -91.97
CA VAL IG 17 51.89 -26.94 -90.81
C VAL IG 17 51.07 -26.72 -89.55
N ASN IG 18 50.91 -27.77 -88.76
CA ASN IG 18 50.08 -27.73 -87.56
C ASN IG 18 50.96 -27.41 -86.37
N VAL IG 19 50.43 -26.60 -85.45
CA VAL IG 19 51.08 -26.29 -84.19
C VAL IG 19 50.07 -26.54 -83.09
N ILE IG 20 50.39 -27.45 -82.18
CA ILE IG 20 49.44 -27.92 -81.19
C ILE IG 20 49.84 -27.39 -79.82
N GLY IG 21 48.93 -26.69 -79.17
CA GLY IG 21 49.19 -26.16 -77.85
C GLY IG 21 48.88 -24.68 -77.74
N SER IG 33 44.96 -25.70 -81.24
CA SER IG 33 45.60 -26.03 -82.51
C SER IG 33 45.57 -24.85 -83.47
N GLU IG 34 46.67 -24.67 -84.21
CA GLU IG 34 46.76 -23.61 -85.21
C GLU IG 34 47.35 -24.19 -86.48
N CYS IG 35 47.00 -23.59 -87.61
CA CYS IG 35 47.51 -24.03 -88.90
C CYS IG 35 48.24 -22.88 -89.57
N LEU IG 36 49.35 -23.17 -90.23
CA LEU IG 36 50.14 -22.17 -90.91
C LEU IG 36 50.33 -22.57 -92.37
N ASP IG 37 50.37 -21.56 -93.24
CA ASP IG 37 50.67 -21.77 -94.65
C ASP IG 37 52.14 -21.50 -94.89
N LYS IG 38 52.56 -21.71 -96.15
CA LYS IG 38 53.97 -21.58 -96.50
C LYS IG 38 54.41 -20.13 -96.46
N GLY IG 39 55.49 -19.87 -95.74
CA GLY IG 39 56.06 -18.55 -95.65
C GLY IG 39 55.67 -17.77 -94.43
N GLU IG 40 54.65 -18.22 -93.70
CA GLU IG 40 54.28 -17.54 -92.48
C GLU IG 40 55.26 -17.88 -91.36
N VAL IG 41 55.27 -17.03 -90.34
CA VAL IG 41 56.14 -17.20 -89.18
C VAL IG 41 55.31 -16.94 -87.95
N LEU IG 42 55.30 -17.90 -87.03
CA LEU IG 42 54.58 -17.77 -85.78
C LEU IG 42 55.59 -17.67 -84.64
N ILE IG 43 55.49 -16.62 -83.86
CA ILE IG 43 56.31 -16.45 -82.66
C ILE IG 43 55.42 -16.75 -81.47
N ALA IG 44 55.75 -17.81 -80.73
CA ALA IG 44 54.86 -18.31 -79.70
C ALA IG 44 55.55 -18.27 -78.35
N GLN IG 45 54.89 -17.65 -77.38
CA GLN IG 45 55.37 -17.63 -76.01
C GLN IG 45 54.69 -18.73 -75.20
N PHE IG 46 55.36 -19.17 -74.15
CA PHE IG 46 54.79 -20.18 -73.27
C PHE IG 46 53.98 -19.54 -72.17
N THR IG 47 52.69 -19.87 -72.14
CA THR IG 47 51.81 -19.42 -71.08
C THR IG 47 51.85 -20.45 -69.96
N GLU IG 48 50.95 -20.29 -68.99
CA GLU IG 48 50.74 -21.35 -68.02
C GLU IG 48 50.06 -22.54 -68.66
N HIS IG 49 49.07 -22.28 -69.52
CA HIS IG 49 48.35 -23.32 -70.22
C HIS IG 49 49.20 -24.06 -71.22
N THR IG 50 49.79 -23.36 -72.18
CA THR IG 50 50.63 -23.95 -73.20
C THR IG 50 51.95 -24.34 -72.55
N SER IG 51 52.05 -25.59 -72.12
CA SER IG 51 53.26 -26.12 -71.53
C SER IG 51 54.00 -27.07 -72.47
N ALA IG 52 53.43 -27.36 -73.63
CA ALA IG 52 54.05 -28.24 -74.60
C ALA IG 52 53.56 -27.85 -75.98
N ILE IG 53 54.46 -27.86 -76.95
CA ILE IG 53 54.15 -27.45 -78.30
C ILE IG 53 54.64 -28.54 -79.24
N LYS IG 54 53.74 -29.07 -80.06
CA LYS IG 54 54.06 -30.10 -81.03
C LYS IG 54 53.94 -29.51 -82.42
N VAL IG 55 54.90 -29.81 -83.27
CA VAL IG 55 54.97 -29.24 -84.60
C VAL IG 55 54.99 -30.38 -85.62
N ARG IG 56 54.05 -30.36 -86.56
CA ARG IG 56 53.99 -31.33 -87.63
C ARG IG 56 54.40 -30.69 -88.93
N GLY IG 57 54.72 -31.51 -89.92
CA GLY IG 57 55.04 -31.02 -91.24
C GLY IG 57 56.42 -30.39 -91.29
N LYS IG 58 56.74 -29.87 -92.47
CA LYS IG 58 58.05 -29.27 -92.70
C LYS IG 58 58.06 -27.84 -92.20
N ALA IG 59 58.86 -27.59 -91.18
CA ALA IG 59 58.95 -26.26 -90.59
C ALA IG 59 60.35 -26.05 -90.05
N TYR IG 60 60.71 -24.79 -89.84
CA TYR IG 60 62.02 -24.40 -89.39
C TYR IG 60 61.89 -23.65 -88.07
N ILE IG 61 62.40 -24.23 -87.00
CA ILE IG 61 62.17 -23.73 -85.65
C ILE IG 61 63.44 -23.14 -85.10
N GLN IG 62 63.35 -21.96 -84.52
CA GLN IG 62 64.42 -21.35 -83.74
C GLN IG 62 63.97 -21.25 -82.30
N THR IG 63 64.76 -21.82 -81.40
CA THR IG 63 64.54 -21.70 -79.97
C THR IG 63 65.77 -21.04 -79.36
N SER IG 64 65.80 -21.01 -78.03
CA SER IG 64 66.98 -20.51 -77.34
C SER IG 64 68.14 -21.48 -77.48
N HIS IG 65 67.86 -22.78 -77.58
CA HIS IG 65 68.88 -23.79 -77.71
C HIS IG 65 69.46 -23.90 -79.11
N GLY IG 66 68.90 -23.19 -80.08
CA GLY IG 66 69.39 -23.24 -81.43
C GLY IG 66 68.25 -23.45 -82.40
N VAL IG 67 68.58 -23.96 -83.58
CA VAL IG 67 67.62 -24.16 -84.64
C VAL IG 67 67.43 -25.65 -84.88
N ILE IG 68 66.32 -25.98 -85.51
CA ILE IG 68 65.96 -27.37 -85.82
C ILE IG 68 64.98 -27.35 -86.96
N GLU IG 69 64.82 -28.48 -87.64
CA GLU IG 69 63.98 -28.56 -88.82
C GLU IG 69 63.02 -29.73 -88.71
N SER IG 70 61.78 -29.45 -88.39
CA SER IG 70 60.77 -30.49 -88.31
C SER IG 70 60.31 -30.88 -89.70
N GLU IG 71 59.96 -32.15 -89.87
CA GLU IG 71 59.48 -32.63 -91.15
C GLU IG 71 58.15 -33.35 -91.02
N ASP JG 6 62.28 -10.32 -75.11
CA ASP JG 6 60.98 -9.80 -74.73
C ASP JG 6 60.25 -9.13 -75.88
N PHE JG 7 60.96 -8.81 -76.96
CA PHE JG 7 60.37 -8.06 -78.05
C PHE JG 7 60.98 -8.49 -79.37
N VAL JG 8 60.22 -8.28 -80.43
CA VAL JG 8 60.61 -8.66 -81.78
C VAL JG 8 60.60 -7.43 -82.67
N VAL JG 9 61.35 -7.49 -83.76
CA VAL JG 9 61.48 -6.39 -84.70
C VAL JG 9 61.11 -6.89 -86.08
N ILE JG 10 60.06 -6.31 -86.66
CA ILE JG 10 59.54 -6.76 -87.95
C ILE JG 10 59.70 -5.62 -88.94
N LYS JG 11 60.53 -5.81 -89.96
CA LYS JG 11 60.66 -4.85 -91.05
C LYS JG 11 59.85 -5.35 -92.22
N ALA JG 12 58.83 -4.59 -92.60
CA ALA JG 12 57.97 -5.05 -93.69
C ALA JG 12 58.62 -4.75 -95.03
N LEU JG 13 59.08 -5.80 -95.70
CA LEU JG 13 59.75 -5.67 -96.98
C LEU JG 13 58.80 -5.51 -98.15
N GLU JG 14 57.50 -5.71 -97.93
CA GLU JG 14 56.52 -5.51 -98.99
C GLU JG 14 55.26 -4.94 -98.36
N ASP JG 15 54.37 -4.45 -99.20
CA ASP JG 15 53.18 -3.79 -98.69
C ASP JG 15 52.18 -4.80 -98.15
N GLY JG 16 51.31 -4.32 -97.26
CA GLY JG 16 50.23 -5.12 -96.74
C GLY JG 16 50.64 -6.26 -95.85
N VAL JG 17 51.74 -6.13 -95.12
CA VAL JG 17 52.15 -7.21 -94.24
C VAL JG 17 51.30 -7.20 -92.99
N ASN JG 18 50.66 -8.31 -92.69
CA ASN JG 18 49.76 -8.41 -91.56
C ASN JG 18 50.50 -8.94 -90.35
N VAL JG 19 50.19 -8.41 -89.18
CA VAL JG 19 50.73 -8.89 -87.92
C VAL JG 19 49.55 -9.13 -86.99
N ILE JG 20 49.39 -10.36 -86.54
CA ILE JG 20 48.20 -10.77 -85.80
C ILE JG 20 48.58 -11.02 -84.35
N GLY JG 21 47.89 -10.32 -83.44
CA GLY JG 21 48.14 -10.48 -82.03
C GLY JG 21 48.38 -9.16 -81.32
N SER JG 33 44.89 -7.16 -84.84
CA SER JG 33 45.53 -7.19 -86.15
C SER JG 33 46.07 -5.83 -86.55
N GLU JG 34 47.24 -5.81 -87.16
CA GLU JG 34 47.86 -4.59 -87.65
C GLU JG 34 48.37 -4.80 -89.07
N CYS JG 35 48.42 -3.74 -89.85
CA CYS JG 35 48.92 -3.81 -91.21
C CYS JG 35 50.09 -2.87 -91.37
N LEU JG 36 51.10 -3.30 -92.13
CA LEU JG 36 52.30 -2.50 -92.36
C LEU JG 36 52.53 -2.35 -93.85
N ASP JG 37 53.05 -1.19 -94.24
CA ASP JG 37 53.45 -0.93 -95.61
C ASP JG 37 54.94 -1.19 -95.76
N LYS JG 38 55.42 -1.04 -97.00
CA LYS JG 38 56.81 -1.36 -97.30
C LYS JG 38 57.74 -0.32 -96.69
N GLY JG 39 58.73 -0.79 -95.95
CA GLY JG 39 59.72 0.04 -95.34
C GLY JG 39 59.48 0.38 -93.90
N GLU JG 40 58.27 0.13 -93.39
CA GLU JG 40 58.01 0.37 -91.98
C GLU JG 40 58.63 -0.73 -91.13
N VAL JG 41 58.81 -0.42 -89.85
CA VAL JG 41 59.38 -1.33 -88.88
C VAL JG 41 58.54 -1.27 -87.63
N LEU JG 42 58.06 -2.42 -87.19
CA LEU JG 42 57.28 -2.52 -85.97
C LEU JG 42 58.08 -3.26 -84.93
N ILE JG 43 58.25 -2.64 -83.77
CA ILE JG 43 58.91 -3.27 -82.63
C ILE JG 43 57.82 -3.64 -81.65
N ALA JG 44 57.63 -4.92 -81.42
CA ALA JG 44 56.49 -5.40 -80.65
C ALA JG 44 56.95 -6.15 -79.42
N GLN JG 45 56.43 -5.76 -78.27
CA GLN JG 45 56.68 -6.44 -77.02
C GLN JG 45 55.55 -7.41 -76.72
N PHE JG 46 55.86 -8.44 -75.94
CA PHE JG 46 54.84 -9.40 -75.55
C PHE JG 46 54.17 -8.97 -74.26
N THR JG 47 52.86 -8.76 -74.34
CA THR JG 47 52.07 -8.45 -73.16
C THR JG 47 51.58 -9.76 -72.55
N GLU JG 48 50.66 -9.64 -71.60
CA GLU JG 48 49.96 -10.82 -71.13
C GLU JG 48 48.98 -11.31 -72.19
N HIS JG 49 48.28 -10.37 -72.84
CA HIS JG 49 47.33 -10.69 -73.89
C HIS JG 49 47.99 -11.27 -75.13
N THR JG 50 48.94 -10.54 -75.72
CA THR JG 50 49.64 -10.98 -76.92
C THR JG 50 50.62 -12.06 -76.52
N SER JG 51 50.19 -13.31 -76.63
CA SER JG 51 51.04 -14.46 -76.33
C SER JG 51 51.49 -15.17 -77.59
N ALA JG 52 51.03 -14.75 -78.76
CA ALA JG 52 51.42 -15.36 -80.02
C ALA JG 52 51.29 -14.31 -81.11
N ILE JG 53 52.26 -14.30 -82.01
CA ILE JG 53 52.31 -13.32 -83.09
C ILE JG 53 52.50 -14.05 -84.40
N LYS JG 54 51.59 -13.84 -85.33
CA LYS JG 54 51.64 -14.46 -86.64
C LYS JG 54 51.93 -13.39 -87.67
N VAL JG 55 52.84 -13.68 -88.59
CA VAL JG 55 53.30 -12.72 -89.59
C VAL JG 55 53.04 -13.29 -90.97
N ARG JG 56 52.31 -12.55 -91.79
CA ARG JG 56 52.05 -12.94 -93.17
C ARG JG 56 52.85 -12.06 -94.10
N GLY JG 57 52.98 -12.49 -95.35
CA GLY JG 57 53.63 -11.70 -96.37
C GLY JG 57 55.14 -11.68 -96.18
N LYS JG 58 55.79 -10.92 -97.07
CA LYS JG 58 57.24 -10.85 -97.06
C LYS JG 58 57.69 -9.85 -96.02
N ALA JG 59 58.39 -10.33 -95.00
CA ALA JG 59 58.87 -9.48 -93.92
C ALA JG 59 60.16 -10.06 -93.38
N TYR JG 60 60.91 -9.21 -92.68
CA TYR JG 60 62.22 -9.58 -92.14
C TYR JG 60 62.18 -9.40 -90.63
N ILE JG 61 62.30 -10.49 -89.89
CA ILE JG 61 62.07 -10.50 -88.46
C ILE JG 61 63.39 -10.72 -87.75
N GLN JG 62 63.64 -9.90 -86.73
CA GLN JG 62 64.74 -10.11 -85.80
C GLN JG 62 64.17 -10.40 -84.43
N THR JG 63 64.56 -11.54 -83.87
CA THR JG 63 64.21 -11.90 -82.50
C THR JG 63 65.49 -12.07 -81.70
N SER JG 64 65.34 -12.55 -80.47
CA SER JG 64 66.52 -12.86 -79.66
C SER JG 64 67.25 -14.07 -80.21
N HIS JG 65 66.53 -15.00 -80.83
CA HIS JG 65 67.13 -16.21 -81.38
C HIS JG 65 67.82 -15.98 -82.72
N GLY JG 66 67.68 -14.80 -83.30
CA GLY JG 66 68.31 -14.52 -84.57
C GLY JG 66 67.33 -13.87 -85.51
N VAL JG 67 67.61 -13.98 -86.81
CA VAL JG 67 66.79 -13.37 -87.83
C VAL JG 67 66.11 -14.45 -88.65
N ILE JG 68 65.06 -14.05 -89.34
CA ILE JG 68 64.27 -14.96 -90.18
C ILE JG 68 63.53 -14.11 -91.20
N GLU JG 69 63.06 -14.75 -92.26
CA GLU JG 69 62.43 -14.04 -93.37
C GLU JG 69 61.11 -14.69 -93.72
N SER JG 70 60.02 -14.09 -93.28
CA SER JG 70 58.70 -14.60 -93.60
C SER JG 70 58.33 -14.21 -95.02
N GLU JG 71 57.57 -15.08 -95.68
CA GLU JG 71 57.12 -14.80 -97.04
C GLU JG 71 55.61 -14.93 -97.18
N ASP KG 6 65.29 -2.96 -73.14
CA ASP KG 6 64.18 -2.19 -72.58
C ASP KG 6 63.91 -0.92 -73.37
N PHE KG 7 64.84 -0.51 -74.23
CA PHE KG 7 64.71 0.76 -74.93
C PHE KG 7 65.34 0.66 -76.30
N VAL KG 8 64.87 1.52 -77.20
CA VAL KG 8 65.31 1.55 -78.58
C VAL KG 8 65.85 2.94 -78.89
N VAL KG 9 66.69 3.02 -79.91
CA VAL KG 9 67.33 4.26 -80.32
C VAL KG 9 67.01 4.49 -81.79
N ILE KG 10 66.33 5.59 -82.11
CA ILE KG 10 65.91 5.87 -83.46
C ILE KG 10 66.58 7.15 -83.92
N LYS KG 11 67.44 7.06 -84.91
CA LYS KG 11 68.05 8.24 -85.51
C LYS KG 11 67.30 8.56 -86.79
N ALA KG 12 66.67 9.72 -86.85
CA ALA KG 12 65.89 10.04 -88.03
C ALA KG 12 66.79 10.56 -89.14
N LEU KG 13 66.98 9.75 -90.16
CA LEU KG 13 67.84 10.10 -91.27
C LEU KG 13 67.19 11.02 -92.28
N GLU KG 14 65.89 11.24 -92.19
CA GLU KG 14 65.20 12.16 -93.07
C GLU KG 14 64.12 12.87 -92.27
N ASP KG 15 63.58 13.93 -92.86
CA ASP KG 15 62.62 14.75 -92.14
C ASP KG 15 61.27 14.04 -92.05
N GLY KG 16 60.49 14.44 -91.05
CA GLY KG 16 59.13 13.96 -90.91
C GLY KG 16 58.99 12.50 -90.56
N VAL KG 17 59.95 11.93 -89.82
CA VAL KG 17 59.84 10.53 -89.45
C VAL KG 17 58.86 10.40 -88.30
N ASN KG 18 57.84 9.57 -88.49
CA ASN KG 18 56.80 9.39 -87.50
C ASN KG 18 57.14 8.21 -86.61
N VAL KG 19 56.83 8.33 -85.32
CA VAL KG 19 56.99 7.26 -84.36
C VAL KG 19 55.66 7.15 -83.62
N ILE KG 20 55.03 5.98 -83.70
CA ILE KG 20 53.68 5.79 -83.20
C ILE KG 20 53.73 4.91 -81.97
N GLY KG 21 53.18 5.41 -80.86
CA GLY KG 21 53.15 4.65 -79.63
C GLY KG 21 53.69 5.43 -78.45
N SER KG 33 51.65 9.74 -80.88
CA SER KG 33 52.44 9.96 -82.10
C SER KG 33 53.46 11.07 -81.89
N GLU KG 34 54.65 10.88 -82.45
CA GLU KG 34 55.71 11.88 -82.39
C GLU KG 34 56.33 12.04 -83.77
N CYS KG 35 56.84 13.22 -84.06
CA CYS KG 35 57.49 13.48 -85.34
C CYS KG 35 58.93 13.93 -85.09
N LEU KG 36 59.84 13.47 -85.94
CA LEU KG 36 61.25 13.80 -85.82
C LEU KG 36 61.74 14.40 -87.13
N ASP KG 37 62.67 15.34 -87.01
CA ASP KG 37 63.34 15.93 -88.16
C ASP KG 37 64.67 15.23 -88.39
N LYS KG 38 65.35 15.63 -89.46
CA LYS KG 38 66.59 14.97 -89.85
C LYS KG 38 67.70 15.28 -88.87
N GLY KG 39 68.36 14.23 -88.38
CA GLY KG 39 69.47 14.37 -87.47
C GLY KG 39 69.11 14.19 -86.02
N GLU KG 40 67.84 14.24 -85.67
CA GLU KG 40 67.46 14.02 -84.29
C GLU KG 40 67.54 12.53 -83.95
N VAL KG 41 67.61 12.26 -82.64
CA VAL KG 41 67.69 10.91 -82.13
C VAL KG 41 66.74 10.80 -80.96
N LEU KG 42 65.84 9.83 -81.03
CA LEU KG 42 64.89 9.57 -79.95
C LEU KG 42 65.23 8.25 -79.29
N ILE KG 43 65.43 8.29 -77.99
CA ILE KG 43 65.65 7.09 -77.19
C ILE KG 43 64.36 6.82 -76.45
N ALA KG 44 63.72 5.69 -76.76
CA ALA KG 44 62.38 5.42 -76.26
C ALA KG 44 62.38 4.16 -75.43
N GLN KG 45 61.85 4.25 -74.22
CA GLN KG 45 61.66 3.10 -73.36
C GLN KG 45 60.23 2.58 -73.48
N PHE KG 46 60.07 1.30 -73.18
CA PHE KG 46 58.74 0.71 -73.22
C PHE KG 46 58.05 0.83 -71.87
N THR KG 47 56.92 1.52 -71.86
CA THR KG 47 56.10 1.64 -70.67
C THR KG 47 55.13 0.48 -70.65
N GLU KG 48 54.16 0.55 -69.73
CA GLU KG 48 53.04 -0.37 -69.78
C GLU KG 48 52.13 -0.03 -70.96
N HIS KG 49 51.90 1.26 -71.18
CA HIS KG 49 51.06 1.73 -72.28
C HIS KG 49 51.68 1.46 -73.64
N THR KG 50 52.89 1.96 -73.87
CA THR KG 50 53.59 1.77 -75.14
C THR KG 50 54.08 0.34 -75.21
N SER KG 51 53.27 -0.53 -75.81
CA SER KG 51 53.64 -1.92 -76.01
C SER KG 51 54.02 -2.22 -77.44
N ALA KG 52 53.90 -1.25 -78.34
CA ALA KG 52 54.26 -1.45 -79.73
C ALA KG 52 54.66 -0.10 -80.31
N ILE KG 53 55.71 -0.11 -81.12
CA ILE KG 53 56.25 1.10 -81.71
C ILE KG 53 56.38 0.90 -83.21
N LYS KG 54 55.73 1.76 -83.98
CA LYS KG 54 55.79 1.71 -85.44
C LYS KG 54 56.57 2.90 -85.95
N VAL KG 55 57.46 2.66 -86.90
CA VAL KG 55 58.36 3.69 -87.42
C VAL KG 55 58.14 3.81 -88.91
N ARG KG 56 57.84 5.02 -89.37
CA ARG KG 56 57.67 5.30 -90.78
C ARG KG 56 58.86 6.10 -91.28
N GLY KG 57 59.03 6.16 -92.59
CA GLY KG 57 60.06 6.96 -93.20
C GLY KG 57 61.44 6.36 -93.02
N LYS KG 58 62.42 7.10 -93.50
CA LYS KG 58 63.81 6.63 -93.46
C LYS KG 58 64.40 6.93 -92.09
N ALA KG 59 64.72 5.88 -91.35
CA ALA KG 59 65.29 6.04 -90.03
C ALA KG 59 66.22 4.86 -89.75
N TYR KG 60 67.09 5.04 -88.76
CA TYR KG 60 68.10 4.06 -88.41
C TYR KG 60 67.90 3.66 -86.96
N ILE KG 61 67.53 2.40 -86.73
CA ILE KG 61 67.08 1.95 -85.41
C ILE KG 61 68.13 1.02 -84.84
N GLN KG 62 68.49 1.22 -83.59
CA GLN KG 62 69.30 0.31 -82.81
C GLN KG 62 68.45 -0.24 -81.68
N THR KG 63 68.35 -1.57 -81.62
CA THR KG 63 67.70 -2.26 -80.52
C THR KG 63 68.71 -3.16 -79.84
N SER KG 64 68.23 -3.99 -78.91
CA SER KG 64 69.08 -4.98 -78.29
C SER KG 64 69.46 -6.07 -79.28
N HIS KG 65 68.57 -6.37 -80.23
CA HIS KG 65 68.81 -7.41 -81.21
C HIS KG 65 69.74 -6.97 -82.33
N GLY KG 66 70.09 -5.70 -82.40
CA GLY KG 66 70.96 -5.21 -83.43
C GLY KG 66 70.40 -3.95 -84.05
N VAL KG 67 70.84 -3.66 -85.27
CA VAL KG 67 70.44 -2.46 -85.97
C VAL KG 67 69.57 -2.83 -87.17
N ILE KG 68 68.82 -1.85 -87.65
CA ILE KG 68 67.92 -2.02 -88.77
C ILE KG 68 67.67 -0.65 -89.37
N GLU KG 69 67.20 -0.62 -90.62
CA GLU KG 69 67.00 0.63 -91.34
C GLU KG 69 65.61 0.70 -91.93
N SER KG 70 64.73 1.44 -91.29
CA SER KG 70 63.38 1.60 -91.81
C SER KG 70 63.38 2.60 -92.95
N GLU KG 71 62.49 2.39 -93.91
CA GLU KG 71 62.38 3.30 -95.04
C GLU KG 71 60.95 3.79 -95.24
N ASP LG 6 70.21 1.01 -68.53
CA ASP LG 6 69.36 1.85 -67.69
C ASP LG 6 69.66 3.33 -67.87
N PHE LG 7 70.79 3.66 -68.48
CA PHE LG 7 71.20 5.05 -68.59
C PHE LG 7 71.96 5.27 -69.89
N VAL LG 8 71.94 6.52 -70.33
CA VAL LG 8 72.57 6.94 -71.58
C VAL LG 8 73.59 8.01 -71.28
N VAL LG 9 74.54 8.18 -72.19
CA VAL LG 9 75.61 9.15 -72.04
C VAL LG 9 75.62 10.03 -73.29
N ILE LG 10 75.40 11.33 -73.10
CA ILE LG 10 75.30 12.27 -74.21
C ILE LG 10 76.43 13.27 -74.09
N LYS LG 11 77.34 13.27 -75.04
CA LYS LG 11 78.40 14.26 -75.10
C LYS LG 11 78.00 15.31 -76.13
N ALA LG 12 77.83 16.55 -75.68
CA ALA LG 12 77.38 17.58 -76.60
C ALA LG 12 78.55 18.12 -77.40
N LEU LG 13 78.60 17.77 -78.68
CA LEU LG 13 79.69 18.18 -79.55
C LEU LG 13 79.55 19.59 -80.08
N GLU LG 14 78.39 20.22 -79.88
CA GLU LG 14 78.20 21.60 -80.29
C GLU LG 14 77.33 22.28 -79.25
N ASP LG 15 77.27 23.61 -79.33
CA ASP LG 15 76.55 24.37 -78.32
C ASP LG 15 75.05 24.24 -78.52
N GLY LG 16 74.31 24.48 -77.43
CA GLY LG 16 72.87 24.52 -77.50
C GLY LG 16 72.19 23.20 -77.79
N VAL LG 17 72.77 22.08 -77.37
CA VAL LG 17 72.14 20.79 -77.61
C VAL LG 17 71.02 20.59 -76.61
N ASN LG 18 69.82 20.34 -77.13
CA ASN LG 18 68.64 20.20 -76.29
C ASN LG 18 68.42 18.73 -75.97
N VAL LG 19 67.99 18.45 -74.76
CA VAL LG 19 67.63 17.11 -74.32
C VAL LG 19 66.26 17.21 -73.69
N ILE LG 20 65.28 16.49 -74.24
CA ILE LG 20 63.89 16.65 -73.86
C ILE LG 20 63.45 15.40 -73.10
N GLY LG 21 62.96 15.58 -71.89
CA GLY LG 21 62.48 14.48 -71.08
C GLY LG 21 63.09 14.46 -69.69
N SER LG 33 63.02 19.80 -70.08
CA SER LG 33 64.00 20.17 -71.09
C SER LG 33 65.30 20.64 -70.46
N GLU LG 34 66.43 20.27 -71.05
CA GLU LG 34 67.74 20.69 -70.59
C GLU LG 34 68.57 21.14 -71.79
N CYS LG 35 69.50 22.06 -71.56
CA CYS LG 35 70.37 22.53 -72.60
C CYS LG 35 71.82 22.27 -72.22
N LEU LG 36 72.63 21.89 -73.20
CA LEU LG 36 74.04 21.59 -72.97
C LEU LG 36 74.89 22.43 -73.91
N ASP LG 37 76.05 22.83 -73.42
CA ASP LG 37 77.05 23.52 -74.23
C ASP LG 37 78.07 22.53 -74.75
N LYS LG 38 79.00 23.04 -75.55
CA LYS LG 38 79.98 22.17 -76.20
C LYS LG 38 80.98 21.64 -75.19
N GLY LG 39 81.15 20.32 -75.19
CA GLY LG 39 82.10 19.67 -74.34
C GLY LG 39 81.51 19.08 -73.07
N GLU LG 40 80.28 19.45 -72.73
CA GLU LG 40 79.65 18.86 -71.56
C GLU LG 40 79.18 17.46 -71.87
N VAL LG 41 78.95 16.68 -70.81
CA VAL LG 41 78.49 15.30 -70.91
C VAL LG 41 77.40 15.12 -69.88
N LEU LG 42 76.25 14.66 -70.33
CA LEU LG 42 75.11 14.38 -69.46
C LEU LG 42 74.89 12.88 -69.41
N ILE LG 43 74.89 12.33 -68.21
CA ILE LG 43 74.57 10.92 -68.00
C ILE LG 43 73.17 10.87 -67.42
N ALA LG 44 72.24 10.29 -68.17
CA ALA LG 44 70.83 10.36 -67.81
C ALA LG 44 70.27 8.98 -67.59
N GLN LG 45 69.63 8.78 -66.45
CA GLN LG 45 68.94 7.54 -66.14
C GLN LG 45 67.46 7.68 -66.45
N PHE LG 46 66.82 6.54 -66.72
CA PHE LG 46 65.39 6.55 -66.98
C PHE LG 46 64.60 6.38 -65.70
N THR LG 47 63.79 7.39 -65.39
CA THR LG 47 62.89 7.32 -64.24
C THR LG 47 61.59 6.70 -64.71
N GLU LG 48 60.58 6.75 -63.83
CA GLU LG 48 59.23 6.42 -64.25
C GLU LG 48 58.67 7.50 -65.16
N HIS LG 49 58.93 8.77 -64.82
CA HIS LG 49 58.48 9.90 -65.61
C HIS LG 49 59.16 9.98 -66.96
N THR LG 50 60.48 10.05 -66.99
CA THR LG 50 61.25 10.13 -68.23
C THR LG 50 61.22 8.77 -68.89
N SER LG 51 60.27 8.58 -69.79
CA SER LG 51 60.17 7.35 -70.55
C SER LG 51 60.62 7.51 -71.99
N ALA LG 52 60.98 8.72 -72.40
CA ALA LG 52 61.45 8.97 -73.75
C ALA LG 52 62.37 10.19 -73.72
N ILE LG 53 63.45 10.11 -74.47
CA ILE LG 53 64.46 11.17 -74.49
C ILE LG 53 64.72 11.53 -75.95
N LYS LG 54 64.53 12.80 -76.28
CA LYS LG 54 64.77 13.30 -77.61
C LYS LG 54 65.99 14.21 -77.58
N VAL LG 55 66.87 14.06 -78.56
CA VAL LG 55 68.13 14.79 -78.61
C VAL LG 55 68.18 15.56 -79.92
N ARG LG 56 68.38 16.87 -79.83
CA ARG LG 56 68.53 17.72 -80.99
C ARG LG 56 69.98 18.16 -81.13
N GLY LG 57 70.34 18.66 -82.30
CA GLY LG 57 71.67 19.19 -82.52
C GLY LG 57 72.71 18.10 -82.62
N LYS LG 58 73.96 18.54 -82.77
CA LYS LG 58 75.07 17.62 -82.94
C LYS LG 58 75.53 17.11 -81.58
N ALA LG 59 75.36 15.82 -81.35
CA ALA LG 59 75.75 15.21 -80.09
C ALA LG 59 76.17 13.77 -80.34
N TYR LG 60 76.89 13.22 -79.38
CA TYR LG 60 77.44 11.87 -79.48
C TYR LG 60 76.89 11.04 -78.33
N ILE LG 61 76.10 10.03 -78.64
CA ILE LG 61 75.35 9.29 -77.64
C ILE LG 61 75.91 7.89 -77.52
N GLN LG 62 76.12 7.45 -76.29
CA GLN LG 62 76.46 6.07 -75.99
C GLN LG 62 75.31 5.47 -75.18
N THR LG 63 74.76 4.38 -75.68
CA THR LG 63 73.76 3.61 -74.96
C THR LG 63 74.29 2.21 -74.74
N SER LG 64 73.42 1.33 -74.24
CA SER LG 64 73.79 -0.07 -74.10
C SER LG 64 73.91 -0.74 -75.46
N HIS LG 65 73.12 -0.30 -76.43
CA HIS LG 65 73.13 -0.87 -77.77
C HIS LG 65 74.30 -0.40 -78.61
N GLY LG 66 75.07 0.56 -78.14
CA GLY LG 66 76.20 1.06 -78.90
C GLY LG 66 76.20 2.57 -78.92
N VAL LG 67 76.88 3.13 -79.91
CA VAL LG 67 77.03 4.57 -80.03
C VAL LG 67 76.26 5.04 -81.26
N ILE LG 68 75.98 6.33 -81.27
CA ILE LG 68 75.25 6.97 -82.36
C ILE LG 68 75.57 8.45 -82.33
N GLU LG 69 75.32 9.14 -83.43
CA GLU LG 69 75.67 10.55 -83.56
C GLU LG 69 74.49 11.35 -84.06
N SER LG 70 73.83 12.06 -83.15
CA SER LG 70 72.71 12.90 -83.54
C SER LG 70 73.23 14.19 -84.16
N GLU LG 71 72.46 14.71 -85.11
CA GLU LG 71 72.83 15.96 -85.76
C GLU LG 71 71.71 16.99 -85.71
N ASP MG 6 75.50 0.82 -62.54
CA ASP MG 6 74.87 1.53 -61.43
C ASP MG 6 75.68 2.74 -60.97
N PHE MG 7 76.93 2.82 -61.39
CA PHE MG 7 77.81 3.88 -60.91
C PHE MG 7 78.79 4.28 -62.00
N VAL MG 8 79.27 5.51 -61.90
CA VAL MG 8 80.20 6.10 -62.85
C VAL MG 8 81.46 6.52 -62.14
N VAL MG 9 82.55 6.63 -62.89
CA VAL MG 9 83.85 7.00 -62.35
C VAL MG 9 84.36 8.21 -63.12
N ILE MG 10 84.57 9.32 -62.41
CA ILE MG 10 84.98 10.56 -63.03
C ILE MG 10 86.34 10.94 -62.50
N LYS MG 11 87.34 10.95 -63.38
CA LYS MG 11 88.67 11.43 -63.01
C LYS MG 11 88.82 12.85 -63.51
N ALA MG 12 89.00 13.79 -62.60
CA ALA MG 12 89.09 15.19 -63.02
C ALA MG 12 90.49 15.50 -63.52
N LEU MG 13 90.62 15.67 -64.82
CA LEU MG 13 91.91 15.93 -65.45
C LEU MG 13 92.34 17.38 -65.34
N GLU MG 14 91.46 18.27 -64.91
CA GLU MG 14 91.82 19.66 -64.72
C GLU MG 14 91.07 20.17 -63.50
N ASP MG 15 91.49 21.35 -63.03
CA ASP MG 15 90.91 21.88 -61.80
C ASP MG 15 89.51 22.41 -62.04
N GLY MG 16 88.74 22.48 -60.97
CA GLY MG 16 87.42 23.09 -61.01
C GLY MG 16 86.40 22.34 -61.82
N VAL MG 17 86.49 21.01 -61.90
CA VAL MG 17 85.49 20.26 -62.66
C VAL MG 17 84.23 20.13 -61.84
N ASN MG 18 83.12 20.57 -62.41
CA ASN MG 18 81.83 20.57 -61.71
C ASN MG 18 81.08 19.29 -62.04
N VAL MG 19 80.40 18.76 -61.05
CA VAL MG 19 79.53 17.59 -61.21
C VAL MG 19 78.20 17.95 -60.60
N ILE MG 20 77.14 17.93 -61.39
CA ILE MG 20 75.83 18.43 -60.99
C ILE MG 20 74.89 17.25 -60.82
N GLY MG 21 74.30 17.15 -59.64
CA GLY MG 21 73.35 16.09 -59.37
C GLY MG 21 73.68 15.31 -58.11
N SER MG 33 75.50 20.00 -56.26
CA SER MG 33 76.69 20.32 -57.02
C SER MG 33 77.96 20.00 -56.24
N GLU MG 34 78.97 19.48 -56.93
CA GLU MG 34 80.26 19.16 -56.33
C GLU MG 34 81.37 19.68 -57.23
N CYS MG 35 82.50 20.02 -56.64
CA CYS MG 35 83.65 20.49 -57.39
C CYS MG 35 84.83 19.59 -57.14
N LEU MG 36 85.62 19.32 -58.18
CA LEU MG 36 86.78 18.45 -58.09
C LEU MG 36 88.00 19.20 -58.59
N ASP MG 37 89.15 18.91 -57.97
CA ASP MG 37 90.42 19.42 -58.41
C ASP MG 37 91.12 18.40 -59.28
N LYS MG 38 92.29 18.79 -59.82
CA LYS MG 38 93.00 17.94 -60.75
C LYS MG 38 93.59 16.72 -60.04
N GLY MG 39 93.30 15.54 -60.58
CA GLY MG 39 93.81 14.30 -60.06
C GLY MG 39 92.85 13.55 -59.16
N GLU MG 40 91.79 14.19 -58.70
CA GLU MG 40 90.82 13.50 -57.88
C GLU MG 40 89.95 12.61 -58.75
N VAL MG 41 89.31 11.64 -58.10
CA VAL MG 41 88.44 10.68 -58.76
C VAL MG 41 87.18 10.55 -57.91
N LEU MG 42 86.03 10.76 -58.52
CA LEU MG 42 84.76 10.62 -57.84
C LEU MG 42 84.03 9.43 -58.42
N ILE MG 43 83.64 8.50 -57.56
CA ILE MG 43 82.84 7.35 -57.94
C ILE MG 43 81.43 7.63 -57.45
N ALA MG 44 80.49 7.77 -58.37
CA ALA MG 44 79.15 8.22 -58.03
C ALA MG 44 78.12 7.17 -58.40
N GLN MG 45 77.29 6.81 -57.44
CA GLN MG 45 76.17 5.91 -57.68
C GLN MG 45 74.90 6.71 -57.91
N PHE MG 46 73.96 6.09 -58.62
CA PHE MG 46 72.68 6.74 -58.87
C PHE MG 46 71.69 6.40 -57.77
N THR MG 47 71.22 7.43 -57.09
CA THR MG 47 70.19 7.28 -56.08
C THR MG 47 68.84 7.43 -56.77
N GLU MG 48 67.79 7.52 -55.94
CA GLU MG 48 66.50 7.91 -56.47
C GLU MG 48 66.50 9.38 -56.87
N HIS MG 49 67.10 10.22 -56.04
CA HIS MG 49 67.20 11.65 -56.29
C HIS MG 49 68.07 11.97 -57.49
N THR MG 50 69.33 11.53 -57.48
CA THR MG 50 70.27 11.78 -58.56
C THR MG 50 69.88 10.90 -59.73
N SER MG 51 69.08 11.44 -60.64
CA SER MG 51 68.69 10.72 -61.84
C SER MG 51 69.40 11.24 -63.08
N ALA MG 52 70.20 12.28 -62.95
CA ALA MG 52 70.94 12.83 -64.08
C ALA MG 52 72.19 13.50 -63.54
N ILE MG 53 73.30 13.31 -64.25
CA ILE MG 53 74.59 13.84 -63.83
C ILE MG 53 75.20 14.59 -65.00
N LYS MG 54 75.51 15.86 -64.78
CA LYS MG 54 76.12 16.70 -65.80
C LYS MG 54 77.55 17.00 -65.39
N VAL MG 55 78.47 16.91 -66.33
CA VAL MG 55 79.90 17.07 -66.07
C VAL MG 55 80.42 18.20 -66.94
N ARG MG 56 81.04 19.19 -66.31
CA ARG MG 56 81.65 20.30 -67.03
C ARG MG 56 83.16 20.18 -66.95
N GLY MG 57 83.86 20.90 -67.82
CA GLY MG 57 85.30 20.93 -67.79
C GLY MG 57 85.92 19.66 -68.33
N LYS MG 58 87.24 19.62 -68.27
CA LYS MG 58 87.98 18.49 -68.80
C LYS MG 58 88.01 17.37 -67.76
N ALA MG 59 87.39 16.25 -68.09
CA ALA MG 59 87.34 15.12 -67.19
C ALA MG 59 87.27 13.83 -68.01
N TYR MG 60 87.60 12.73 -67.36
CA TYR MG 60 87.66 11.43 -68.00
C TYR MG 60 86.69 10.50 -67.29
N ILE MG 61 85.67 10.06 -67.99
CA ILE MG 61 84.55 9.34 -67.39
C ILE MG 61 84.57 7.90 -67.86
N GLN MG 62 84.43 6.97 -66.92
CA GLN MG 62 84.22 5.57 -67.20
C GLN MG 62 82.82 5.19 -66.72
N THR MG 63 82.02 4.65 -67.63
CA THR MG 63 80.72 4.12 -67.30
C THR MG 63 80.68 2.64 -67.67
N SER MG 64 79.50 2.05 -67.58
CA SER MG 64 79.35 0.67 -68.03
C SER MG 64 79.44 0.57 -69.54
N HIS MG 65 79.03 1.61 -70.25
CA HIS MG 65 79.05 1.63 -71.71
C HIS MG 65 80.43 1.90 -72.27
N GLY MG 66 81.41 2.25 -71.45
CA GLY MG 66 82.73 2.52 -71.91
C GLY MG 66 83.26 3.81 -71.31
N VAL MG 67 84.23 4.41 -71.98
CA VAL MG 67 84.87 5.61 -71.51
C VAL MG 67 84.54 6.77 -72.43
N ILE MG 68 84.72 7.98 -71.91
CA ILE MG 68 84.42 9.20 -72.66
C ILE MG 68 85.23 10.31 -72.00
N GLU MG 69 85.40 11.42 -72.74
CA GLU MG 69 86.24 12.51 -72.27
C GLU MG 69 85.50 13.83 -72.40
N SER MG 70 84.98 14.33 -71.29
CA SER MG 70 84.30 15.61 -71.30
C SER MG 70 85.30 16.75 -71.34
N GLU MG 71 84.92 17.83 -71.98
CA GLU MG 71 85.80 19.00 -72.05
C GLU MG 71 85.11 20.27 -71.60
N ASP NG 6 79.50 -3.52 -56.96
CA ASP NG 6 79.00 -3.11 -55.66
C ASP NG 6 80.09 -2.56 -54.76
N PHE NG 7 81.35 -2.79 -55.12
CA PHE NG 7 82.45 -2.40 -54.25
C PHE NG 7 83.65 -2.00 -55.10
N VAL NG 8 84.50 -1.17 -54.49
CA VAL NG 8 85.69 -0.64 -55.14
C VAL NG 8 86.90 -1.03 -54.33
N VAL NG 9 88.06 -1.03 -54.98
CA VAL NG 9 89.33 -1.41 -54.35
C VAL NG 9 90.31 -0.27 -54.56
N ILE NG 10 90.79 0.32 -53.46
CA ILE NG 10 91.67 1.47 -53.53
C ILE NG 10 93.00 1.09 -52.90
N LYS NG 11 94.05 1.08 -53.69
CA LYS NG 11 95.40 0.84 -53.19
C LYS NG 11 96.08 2.18 -53.07
N ALA NG 12 96.45 2.57 -51.84
CA ALA NG 12 97.05 3.87 -51.65
C ALA NG 12 98.53 3.82 -52.00
N LEU NG 13 98.90 4.42 -53.12
CA LEU NG 13 100.27 4.42 -53.59
C LEU NG 13 101.15 5.45 -52.90
N GLU NG 14 100.57 6.36 -52.13
CA GLU NG 14 101.34 7.34 -51.39
C GLU NG 14 100.65 7.56 -50.05
N ASP NG 15 101.36 8.22 -49.15
CA ASP NG 15 100.84 8.40 -47.80
C ASP NG 15 99.74 9.46 -47.79
N GLY NG 16 98.89 9.38 -46.76
CA GLY NG 16 97.88 10.39 -46.54
C GLY NG 16 96.79 10.45 -47.58
N VAL NG 17 96.44 9.32 -48.20
CA VAL NG 17 95.37 9.34 -49.19
C VAL NG 17 94.03 9.38 -48.48
N ASN NG 18 93.22 10.37 -48.81
CA ASN NG 18 91.93 10.57 -48.16
C ASN NG 18 90.85 9.89 -48.97
N VAL NG 19 89.89 9.29 -48.28
CA VAL NG 19 88.71 8.70 -48.90
C VAL NG 19 87.50 9.25 -48.17
N ILE NG 20 86.62 9.93 -48.90
CA ILE NG 20 85.53 10.67 -48.31
C ILE NG 20 84.22 9.96 -48.63
N GLY NG 21 83.47 9.62 -47.59
CA GLY NG 21 82.20 8.96 -47.77
C GLY NG 21 82.07 7.70 -46.94
N SER NG 33 85.08 10.29 -43.34
CA SER NG 33 86.41 10.42 -43.92
C SER NG 33 87.36 9.38 -43.35
N GLU NG 34 88.23 8.83 -44.21
CA GLU NG 34 89.24 7.87 -43.81
C GLU NG 34 90.57 8.26 -44.43
N CYS NG 35 91.66 7.90 -43.76
CA CYS NG 35 92.99 8.18 -44.27
C CYS NG 35 93.75 6.87 -44.42
N LEU NG 36 94.53 6.77 -45.49
CA LEU NG 36 95.32 5.58 -45.78
C LEU NG 36 96.78 5.95 -45.94
N ASP NG 37 97.65 5.05 -45.52
CA ASP NG 37 99.08 5.19 -45.72
C ASP NG 37 99.51 4.40 -46.95
N LYS NG 38 100.79 4.51 -47.27
CA LYS NG 38 101.31 3.89 -48.49
C LYS NG 38 101.34 2.38 -48.36
N GLY NG 39 100.75 1.70 -49.34
CA GLY NG 39 100.74 0.25 -49.37
C GLY NG 39 99.48 -0.38 -48.85
N GLU NG 40 98.64 0.37 -48.16
CA GLU NG 40 97.38 -0.18 -47.69
C GLU NG 40 96.39 -0.28 -48.83
N VAL NG 41 95.38 -1.12 -48.64
CA VAL NG 41 94.33 -1.35 -49.61
C VAL NG 41 93.00 -1.34 -48.89
N LEU NG 42 92.09 -0.50 -49.34
CA LEU NG 42 90.76 -0.41 -48.76
C LEU NG 42 89.75 -0.94 -49.77
N ILE NG 43 88.96 -1.92 -49.37
CA ILE NG 43 87.88 -2.44 -50.18
C ILE NG 43 86.59 -1.89 -49.60
N ALA NG 44 85.89 -1.07 -50.38
CA ALA NG 44 84.76 -0.33 -49.85
C ALA NG 44 83.50 -0.70 -50.62
N GLN NG 45 82.46 -1.07 -49.89
CA GLN NG 45 81.16 -1.34 -50.46
C GLN NG 45 80.27 -0.11 -50.32
N PHE NG 46 79.29 0.00 -51.22
CA PHE NG 46 78.35 1.10 -51.16
C PHE NG 46 77.16 0.76 -50.28
N THR NG 47 76.98 1.54 -49.23
CA THR NG 47 75.83 1.39 -48.36
C THR NG 47 74.71 2.27 -48.91
N GLU NG 48 73.65 2.42 -48.11
CA GLU NG 48 72.65 3.43 -48.42
C GLU NG 48 73.21 4.82 -48.17
N HIS NG 49 73.94 4.99 -47.08
CA HIS NG 49 74.54 6.26 -46.72
C HIS NG 49 75.63 6.68 -47.68
N THR NG 50 76.66 5.85 -47.87
CA THR NG 50 77.77 6.14 -48.76
C THR NG 50 77.27 5.98 -50.19
N SER NG 51 76.83 7.07 -50.79
CA SER NG 51 76.40 7.09 -52.17
C SER NG 51 77.40 7.75 -53.10
N ALA NG 52 78.48 8.28 -52.56
CA ALA NG 52 79.52 8.91 -53.36
C ALA NG 52 80.83 8.81 -52.62
N ILE NG 53 81.90 8.52 -53.35
CA ILE NG 53 83.22 8.34 -52.77
C ILE NG 53 84.20 9.20 -53.53
N LYS NG 54 84.89 10.08 -52.82
CA LYS NG 54 85.88 10.97 -53.40
C LYS NG 54 87.26 10.54 -52.92
N VAL NG 55 88.21 10.49 -53.83
CA VAL NG 55 89.56 10.01 -53.54
C VAL NG 55 90.55 11.11 -53.87
N ARG NG 56 91.38 11.48 -52.91
CA ARG NG 56 92.42 12.47 -53.10
C ARG NG 56 93.77 11.79 -53.11
N GLY NG 57 94.78 12.48 -53.60
CA GLY NG 57 96.13 11.98 -53.58
C GLY NG 57 96.35 10.88 -54.60
N LYS NG 58 97.57 10.33 -54.58
CA LYS NG 58 97.95 9.32 -55.54
C LYS NG 58 97.47 7.95 -55.06
N ALA NG 59 96.54 7.36 -55.81
CA ALA NG 59 95.97 6.07 -55.45
C ALA NG 59 95.61 5.33 -56.72
N TYR NG 60 95.45 4.02 -56.60
CA TYR NG 60 95.16 3.15 -57.72
C TYR NG 60 93.85 2.43 -57.45
N ILE NG 61 92.83 2.72 -58.25
CA ILE NG 61 91.48 2.27 -57.99
C ILE NG 61 91.08 1.23 -59.01
N GLN NG 62 90.50 0.13 -58.53
CA GLN NG 62 89.86 -0.86 -59.36
C GLN NG 62 88.37 -0.86 -59.07
N THR NG 63 87.57 -0.67 -60.11
CA THR NG 63 86.13 -0.78 -60.02
C THR NG 63 85.66 -1.87 -60.96
N SER NG 64 84.35 -1.99 -61.11
CA SER NG 64 83.80 -2.91 -62.08
C SER NG 64 84.07 -2.44 -63.50
N HIS NG 65 84.13 -1.14 -63.71
CA HIS NG 65 84.36 -0.57 -65.03
C HIS NG 65 85.82 -0.62 -65.45
N GLY NG 66 86.72 -1.00 -64.57
CA GLY NG 66 88.12 -1.08 -64.90
C GLY NG 66 88.95 -0.41 -63.82
N VAL NG 67 90.16 0.00 -64.20
CA VAL NG 67 91.10 0.60 -63.28
C VAL NG 67 91.30 2.06 -63.64
N ILE NG 68 91.80 2.82 -62.67
CA ILE NG 68 92.05 4.25 -62.83
C ILE NG 68 93.08 4.64 -61.80
N GLU NG 69 93.72 5.79 -62.01
CA GLU NG 69 94.80 6.24 -61.14
C GLU NG 69 94.57 7.68 -60.71
N SER NG 70 94.10 7.86 -59.49
CA SER NG 70 93.89 9.19 -58.96
C SER NG 70 95.22 9.80 -58.54
N GLU NG 71 95.33 11.11 -58.68
CA GLU NG 71 96.55 11.81 -58.27
C GLU NG 71 96.26 12.97 -57.32
N ASP OG 6 80.50 -10.83 -54.06
CA ASP OG 6 79.96 -10.78 -52.71
C ASP OG 6 81.01 -11.05 -51.64
N PHE OG 7 82.15 -11.60 -52.04
CA PHE OG 7 83.15 -12.01 -51.07
C PHE OG 7 84.55 -11.83 -51.65
N VAL OG 8 85.51 -11.67 -50.75
CA VAL OG 8 86.90 -11.44 -51.11
C VAL OG 8 87.75 -12.54 -50.49
N VAL OG 9 88.93 -12.75 -51.07
CA VAL OG 9 89.85 -13.78 -50.63
C VAL OG 9 91.19 -13.13 -50.33
N ILE OG 10 91.64 -13.20 -49.09
CA ILE OG 10 92.87 -12.55 -48.66
C ILE OG 10 93.85 -13.61 -48.21
N LYS OG 11 94.96 -13.75 -48.93
CA LYS OG 11 96.02 -14.65 -48.53
C LYS OG 11 97.11 -13.81 -47.85
N ALA OG 12 97.36 -14.09 -46.58
CA ALA OG 12 98.34 -13.28 -45.86
C ALA OG 12 99.74 -13.77 -46.17
N LEU OG 13 100.48 -12.98 -46.95
CA LEU OG 13 101.83 -13.34 -47.35
C LEU OG 13 102.87 -13.07 -46.29
N GLU OG 14 102.52 -12.35 -45.22
CA GLU OG 14 103.44 -12.09 -44.13
C GLU OG 14 102.66 -12.12 -42.84
N ASP OG 15 103.38 -12.18 -41.72
CA ASP OG 15 102.72 -12.31 -40.44
C ASP OG 15 102.08 -11.00 -40.02
N GLY OG 16 101.10 -11.11 -39.13
CA GLY OG 16 100.47 -9.95 -38.54
C GLY OG 16 99.65 -9.10 -39.48
N VAL OG 17 99.05 -9.70 -40.52
CA VAL OG 17 98.24 -8.90 -41.43
C VAL OG 17 96.90 -8.62 -40.79
N ASN OG 18 96.55 -7.34 -40.70
CA ASN OG 18 95.32 -6.91 -40.05
C ASN OG 18 94.23 -6.78 -41.10
N VAL OG 19 93.01 -7.16 -40.72
CA VAL OG 19 91.83 -7.00 -41.56
C VAL OG 19 90.78 -6.32 -40.70
N ILE OG 20 90.33 -5.15 -41.10
CA ILE OG 20 89.46 -4.31 -40.27
C ILE OG 20 88.08 -4.29 -40.88
N GLY OG 21 87.09 -4.67 -40.09
CA GLY OG 21 85.71 -4.67 -40.54
C GLY OG 21 85.01 -5.99 -40.30
N SER OG 33 88.06 -6.28 -35.91
CA SER OG 33 89.44 -6.47 -36.35
C SER OG 33 89.86 -7.93 -36.24
N GLU OG 34 90.62 -8.40 -37.23
CA GLU OG 34 91.15 -9.76 -37.23
C GLU OG 34 92.62 -9.72 -37.62
N CYS OG 35 93.38 -10.69 -37.13
CA CYS OG 35 94.80 -10.78 -37.45
C CYS OG 35 95.08 -12.12 -38.11
N LEU OG 36 95.94 -12.12 -39.11
CA LEU OG 36 96.30 -13.32 -39.84
C LEU OG 36 97.81 -13.51 -39.81
N ASP OG 37 98.24 -14.76 -39.77
CA ASP OG 37 99.64 -15.11 -39.87
C ASP OG 37 99.98 -15.50 -41.30
N LYS OG 38 101.25 -15.78 -41.54
CA LYS OG 38 101.72 -16.06 -42.88
C LYS OG 38 101.21 -17.41 -43.38
N GLY OG 39 100.60 -17.40 -44.56
CA GLY OG 39 100.10 -18.59 -45.17
C GLY OG 39 98.62 -18.83 -44.97
N GLU OG 40 97.98 -18.13 -44.06
CA GLU OG 40 96.56 -18.30 -43.88
C GLU OG 40 95.80 -17.57 -44.98
N VAL OG 41 94.54 -17.97 -45.16
CA VAL OG 41 93.67 -17.40 -46.17
C VAL OG 41 92.32 -17.15 -45.52
N LEU OG 42 91.85 -15.92 -45.62
CA LEU OG 42 90.55 -15.55 -45.08
C LEU OG 42 89.62 -15.23 -46.24
N ILE OG 43 88.49 -15.91 -46.28
CA ILE OG 43 87.44 -15.64 -47.26
C ILE OG 43 86.34 -14.88 -46.53
N ALA OG 44 86.11 -13.64 -46.92
CA ALA OG 44 85.24 -12.76 -46.16
C ALA OG 44 84.08 -12.31 -47.04
N GLN OG 45 82.86 -12.49 -46.53
CA GLN OG 45 81.67 -12.01 -47.20
C GLN OG 45 81.25 -10.67 -46.60
N PHE OG 46 80.53 -9.88 -47.39
CA PHE OG 46 80.04 -8.61 -46.91
C PHE OG 46 78.68 -8.76 -46.27
N THR OG 47 78.59 -8.42 -44.99
CA THR OG 47 77.33 -8.41 -44.28
C THR OG 47 76.69 -7.04 -44.45
N GLU OG 48 75.64 -6.80 -43.68
CA GLU OG 48 75.11 -5.45 -43.57
C GLU OG 48 76.05 -4.57 -42.77
N HIS OG 49 76.60 -5.11 -41.69
CA HIS OG 49 77.53 -4.40 -40.83
C HIS OG 49 78.86 -4.11 -41.53
N THR OG 50 79.54 -5.14 -42.01
CA THR OG 50 80.81 -4.99 -42.68
C THR OG 50 80.55 -4.42 -44.06
N SER OG 51 80.63 -3.10 -44.18
CA SER OG 51 80.47 -2.41 -45.45
C SER OG 51 81.78 -1.90 -46.00
N ALA OG 52 82.88 -2.06 -45.28
CA ALA OG 52 84.19 -1.63 -45.74
C ALA OG 52 85.24 -2.50 -45.07
N ILE OG 53 86.25 -2.88 -45.84
CA ILE OG 53 87.30 -3.76 -45.36
C ILE OG 53 88.64 -3.12 -45.68
N LYS OG 54 89.46 -2.91 -44.65
CA LYS OG 54 90.78 -2.33 -44.81
C LYS OG 54 91.81 -3.40 -44.51
N VAL OG 55 92.84 -3.47 -45.35
CA VAL OG 55 93.86 -4.51 -45.25
C VAL OG 55 95.22 -3.84 -45.09
N ARG OG 56 95.94 -4.19 -44.04
CA ARG OG 56 97.28 -3.68 -43.80
C ARG OG 56 98.28 -4.78 -44.05
N GLY OG 57 99.54 -4.40 -44.20
CA GLY OG 57 100.61 -5.36 -44.36
C GLY OG 57 100.61 -6.00 -45.73
N LYS OG 58 101.55 -6.93 -45.91
CA LYS OG 58 101.71 -7.59 -47.20
C LYS OG 58 100.71 -8.72 -47.31
N ALA OG 59 99.79 -8.59 -48.26
CA ALA OG 59 98.75 -9.61 -48.47
C ALA OG 59 98.38 -9.63 -49.94
N TYR OG 60 97.76 -10.72 -50.35
CA TYR OG 60 97.39 -10.94 -51.74
C TYR OG 60 95.88 -11.14 -51.80
N ILE OG 61 95.19 -10.21 -52.45
CA ILE OG 61 93.73 -10.16 -52.41
C ILE OG 61 93.18 -10.52 -53.77
N GLN OG 62 92.18 -11.40 -53.79
CA GLN OG 62 91.40 -11.69 -54.98
C GLN OG 62 89.98 -11.23 -54.73
N THR OG 63 89.48 -10.38 -55.62
CA THR OG 63 88.09 -9.94 -55.61
C THR OG 63 87.45 -10.34 -56.92
N SER OG 64 86.23 -9.87 -57.13
CA SER OG 64 85.57 -10.10 -58.40
C SER OG 64 86.22 -9.28 -59.51
N HIS OG 65 86.77 -8.12 -59.17
CA HIS OG 65 87.41 -7.24 -60.15
C HIS OG 65 88.80 -7.69 -60.52
N GLY OG 66 89.35 -8.69 -59.84
CA GLY OG 66 90.68 -9.17 -60.15
C GLY OG 66 91.49 -9.32 -58.89
N VAL OG 67 92.81 -9.31 -59.04
CA VAL OG 67 93.72 -9.49 -57.93
C VAL OG 67 94.48 -8.21 -57.67
N ILE OG 68 95.02 -8.11 -56.47
CA ILE OG 68 95.77 -6.94 -56.04
C ILE OG 68 96.69 -7.37 -54.90
N GLU OG 69 97.71 -6.56 -54.62
CA GLU OG 69 98.71 -6.92 -53.63
C GLU OG 69 98.92 -5.77 -52.66
N SER OG 70 98.34 -5.89 -51.47
CA SER OG 70 98.52 -4.88 -50.45
C SER OG 70 99.88 -5.03 -49.80
N GLU OG 71 100.46 -3.91 -49.39
CA GLU OG 71 101.75 -3.94 -48.71
C GLU OG 71 101.72 -3.20 -47.39
N ASP PG 6 79.00 -18.56 -54.34
CA ASP PG 6 78.28 -18.86 -53.11
C ASP PG 6 78.98 -19.91 -52.27
N PHE PG 7 79.94 -20.62 -52.84
CA PHE PG 7 80.58 -21.72 -52.14
C PHE PG 7 82.03 -21.84 -52.57
N VAL PG 8 82.83 -22.43 -51.69
CA VAL PG 8 84.26 -22.61 -51.90
C VAL PG 8 84.60 -24.07 -51.81
N VAL PG 9 85.72 -24.45 -52.41
CA VAL PG 9 86.18 -25.84 -52.45
C VAL PG 9 87.58 -25.89 -51.89
N ILE PG 10 87.77 -26.62 -50.80
CA ILE PG 10 89.05 -26.70 -50.11
C ILE PG 10 89.54 -28.13 -50.17
N LYS PG 11 90.66 -28.34 -50.86
CA LYS PG 11 91.30 -29.65 -50.89
C LYS PG 11 92.46 -29.62 -49.91
N ALA PG 12 92.40 -30.44 -48.88
CA ALA PG 12 93.45 -30.42 -47.87
C ALA PG 12 94.64 -31.22 -48.35
N LEU PG 13 95.71 -30.52 -48.69
CA LEU PG 13 96.92 -31.14 -49.20
C LEU PG 13 97.81 -31.72 -48.11
N GLU PG 14 97.53 -31.42 -46.85
CA GLU PG 14 98.29 -31.98 -45.74
C GLU PG 14 97.33 -32.25 -44.61
N ASP PG 15 97.80 -33.00 -43.62
CA ASP PG 15 96.93 -33.40 -42.52
C ASP PG 15 96.69 -32.24 -41.57
N GLY PG 16 95.58 -32.33 -40.84
CA GLY PG 16 95.27 -31.37 -39.81
C GLY PG 16 94.95 -29.98 -40.29
N VAL PG 17 94.36 -29.84 -41.49
CA VAL PG 17 94.02 -28.52 -41.97
C VAL PG 17 92.76 -28.04 -41.29
N ASN PG 18 92.83 -26.88 -40.65
CA ASN PG 18 91.71 -26.34 -39.89
C ASN PG 18 90.91 -25.40 -40.78
N VAL PG 19 89.60 -25.44 -40.62
CA VAL PG 19 88.69 -24.53 -41.31
C VAL PG 19 87.78 -23.94 -40.25
N ILE PG 20 87.81 -22.62 -40.10
CA ILE PG 20 87.14 -21.93 -39.01
C ILE PG 20 85.95 -21.16 -39.56
N GLY PG 21 84.77 -21.45 -39.02
CA GLY PG 21 83.56 -20.77 -39.44
C GLY PG 21 82.44 -21.72 -39.82
N SER PG 33 84.46 -24.85 -35.96
CA SER PG 33 85.75 -25.33 -36.43
C SER PG 33 85.66 -26.75 -36.96
N GLU PG 34 86.38 -27.02 -38.05
CA GLU PG 34 86.44 -28.35 -38.63
C GLU PG 34 87.89 -28.70 -38.95
N CYS PG 35 88.20 -29.98 -38.93
CA CYS PG 35 89.53 -30.45 -39.25
C CYS PG 35 89.48 -31.40 -40.42
N LEU PG 36 90.45 -31.31 -41.32
CA LEU PG 36 90.53 -32.16 -42.50
C LEU PG 36 91.86 -32.87 -42.53
N ASP PG 37 91.85 -34.10 -43.04
CA ASP PG 37 93.06 -34.86 -43.28
C ASP PG 37 93.49 -34.72 -44.72
N LYS PG 38 94.62 -35.33 -45.05
CA LYS PG 38 95.20 -35.19 -46.38
C LYS PG 38 94.37 -35.93 -47.42
N GLY PG 39 94.00 -35.23 -48.48
CA GLY PG 39 93.25 -35.80 -49.56
C GLY PG 39 91.77 -35.55 -49.51
N GLU PG 40 91.25 -35.09 -48.37
CA GLU PG 40 89.84 -34.78 -48.30
C GLU PG 40 89.55 -33.46 -48.99
N VAL PG 41 88.29 -33.26 -49.33
CA VAL PG 41 87.82 -32.06 -50.00
C VAL PG 41 86.54 -31.62 -49.32
N LEU PG 42 86.51 -30.38 -48.87
CA LEU PG 42 85.32 -29.80 -48.24
C LEU PG 42 84.75 -28.73 -49.15
N ILE PG 43 83.48 -28.88 -49.50
CA ILE PG 43 82.76 -27.87 -50.26
C ILE PG 43 81.87 -27.14 -49.29
N ALA PG 44 82.11 -25.85 -49.10
CA ALA PG 44 81.45 -25.11 -48.05
C ALA PG 44 80.66 -23.95 -48.64
N GLN PG 45 79.40 -23.86 -48.28
CA GLN PG 45 78.54 -22.76 -48.67
C GLN PG 45 78.49 -21.73 -47.55
N PHE PG 46 78.20 -20.48 -47.93
CA PHE PG 46 78.08 -19.42 -46.95
C PHE PG 46 76.65 -19.31 -46.45
N THR PG 47 76.47 -19.52 -45.14
CA THR PG 47 75.17 -19.34 -44.53
C THR PG 47 75.06 -17.89 -44.07
N GLU PG 48 74.02 -17.62 -43.29
CA GLU PG 48 73.94 -16.33 -42.61
C GLU PG 48 74.98 -16.27 -41.49
N HIS PG 49 75.13 -17.36 -40.76
CA HIS PG 49 76.08 -17.45 -39.67
C HIS PG 49 77.53 -17.41 -40.14
N THR PG 50 77.91 -18.32 -41.03
CA THR PG 50 79.26 -18.39 -41.56
C THR PG 50 79.44 -17.25 -42.55
N SER PG 51 79.95 -16.13 -42.07
CA SER PG 51 80.23 -14.98 -42.91
C SER PG 51 81.72 -14.80 -43.18
N ALA PG 52 82.57 -15.63 -42.58
CA ALA PG 52 84.01 -15.55 -42.79
C ALA PG 52 84.59 -16.94 -42.56
N ILE PG 53 85.53 -17.32 -43.41
CA ILE PG 53 86.15 -18.63 -43.36
C ILE PG 53 87.65 -18.45 -43.35
N LYS PG 54 88.32 -18.98 -42.33
CA LYS PG 54 89.76 -18.91 -42.20
C LYS PG 54 90.33 -20.31 -42.40
N VAL PG 55 91.40 -20.41 -43.17
CA VAL PG 55 92.00 -21.68 -43.52
C VAL PG 55 93.45 -21.68 -43.07
N ARG PG 56 93.83 -22.67 -42.27
CA ARG PG 56 95.20 -22.82 -41.82
C ARG PG 56 95.83 -24.00 -42.52
N GLY PG 57 97.16 -24.08 -42.47
CA GLY PG 57 97.87 -25.21 -43.03
C GLY PG 57 97.89 -25.20 -44.55
N LYS PG 58 98.48 -26.24 -45.10
CA LYS PG 58 98.64 -26.33 -46.55
C LYS PG 58 97.37 -26.88 -47.16
N ALA PG 59 96.70 -26.05 -47.96
CA ALA PG 59 95.46 -26.44 -48.60
C ALA PG 59 95.35 -25.73 -49.93
N TYR PG 60 94.49 -26.25 -50.80
CA TYR PG 60 94.30 -25.74 -52.13
C TYR PG 60 92.84 -25.32 -52.30
N ILE PG 61 92.60 -24.03 -52.48
CA ILE PG 61 91.26 -23.48 -52.43
C ILE PG 61 90.86 -23.03 -53.82
N GLN PG 62 89.65 -23.39 -54.23
CA GLN PG 62 89.02 -22.87 -55.44
C GLN PG 62 87.80 -22.07 -55.03
N THR PG 63 87.77 -20.81 -55.45
CA THR PG 63 86.62 -19.95 -55.27
C THR PG 63 86.11 -19.53 -56.63
N SER PG 64 85.14 -18.60 -56.62
CA SER PG 64 84.68 -18.03 -57.88
C SER PG 64 85.74 -17.14 -58.50
N HIS PG 65 86.56 -16.50 -57.68
CA HIS PG 65 87.60 -15.60 -58.17
C HIS PG 65 88.82 -16.33 -58.69
N GLY PG 66 88.90 -17.64 -58.52
CA GLY PG 66 90.03 -18.41 -58.98
C GLY PG 66 90.52 -19.34 -57.91
N VAL PG 67 91.78 -19.74 -58.03
CA VAL PG 67 92.39 -20.69 -57.10
C VAL PG 67 93.46 -19.98 -56.30
N ILE PG 68 93.81 -20.58 -55.17
CA ILE PG 68 94.81 -20.05 -54.26
C ILE PG 68 95.33 -21.20 -53.42
N GLU PG 69 96.50 -21.02 -52.80
CA GLU PG 69 97.14 -22.08 -52.06
C GLU PG 69 97.55 -21.59 -50.68
N SER PG 70 96.77 -21.95 -49.67
CA SER PG 70 97.09 -21.57 -48.31
C SER PG 70 98.20 -22.46 -47.77
N GLU PG 71 99.03 -21.90 -46.91
CA GLU PG 71 100.12 -22.67 -46.30
C GLU PG 71 100.10 -22.58 -44.79
N ASP QG 6 8.02 -36.06 -90.50
CA ASP QG 6 7.97 -34.84 -89.70
C ASP QG 6 8.09 -33.59 -90.55
N PHE QG 7 8.51 -33.74 -91.80
CA PHE QG 7 8.76 -32.57 -92.64
C PHE QG 7 8.44 -32.90 -94.09
N VAL QG 8 8.13 -31.85 -94.84
CA VAL QG 8 7.76 -31.95 -96.24
C VAL QG 8 8.72 -31.13 -97.08
N VAL QG 9 8.81 -31.47 -98.36
CA VAL QG 9 9.72 -30.79 -99.29
C VAL QG 9 8.89 -30.31 -100.46
N ILE QG 10 8.87 -28.99 -100.68
CA ILE QG 10 8.06 -28.38 -101.72
C ILE QG 10 8.98 -27.70 -102.71
N LYS QG 11 9.01 -28.20 -103.94
CA LYS QG 11 9.76 -27.55 -105.01
C LYS QG 11 8.79 -26.75 -105.85
N ALA QG 12 8.96 -25.43 -105.87
CA ALA QG 12 8.03 -24.60 -106.61
C ALA QG 12 8.36 -24.61 -108.09
N LEU QG 13 7.53 -25.28 -108.88
CA LEU QG 13 7.74 -25.42 -110.30
C LEU QG 13 7.30 -24.20 -111.09
N GLU QG 14 6.59 -23.26 -110.47
CA GLU QG 14 6.19 -22.03 -111.14
C GLU QG 14 6.26 -20.91 -110.12
N ASP QG 15 6.17 -19.68 -110.63
CA ASP QG 15 6.33 -18.53 -109.76
C ASP QG 15 5.09 -18.31 -108.91
N GLY QG 16 5.28 -17.62 -107.80
CA GLY QG 16 4.18 -17.23 -106.94
C GLY QG 16 3.47 -18.35 -106.24
N VAL QG 17 4.17 -19.44 -105.91
CA VAL QG 17 3.52 -20.54 -105.21
C VAL QG 17 3.36 -20.18 -103.74
N ASN QG 18 2.14 -20.23 -103.26
CA ASN QG 18 1.83 -19.85 -101.88
C ASN QG 18 1.87 -21.08 -101.00
N VAL QG 19 2.37 -20.91 -99.79
CA VAL QG 19 2.38 -21.96 -98.77
C VAL QG 19 1.80 -21.34 -97.51
N ILE QG 20 0.70 -21.90 -97.01
CA ILE QG 20 -0.06 -21.31 -95.93
C ILE QG 20 0.12 -22.15 -94.68
N GLY QG 21 0.57 -21.53 -93.61
CA GLY QG 21 0.76 -22.23 -92.35
C GLY QG 21 2.14 -22.04 -91.77
N SER QG 33 1.89 -17.15 -93.95
CA SER QG 33 1.93 -17.32 -95.39
C SER QG 33 3.32 -17.05 -95.94
N GLU QG 34 3.75 -17.85 -96.92
CA GLU QG 34 5.03 -17.66 -97.58
C GLU QG 34 4.84 -17.78 -99.08
N CYS QG 35 5.68 -17.10 -99.84
CA CYS QG 35 5.62 -17.15 -101.29
C CYS QG 35 6.95 -17.67 -101.84
N LEU QG 36 6.88 -18.48 -102.87
CA LEU QG 36 8.07 -19.06 -103.49
C LEU QG 36 8.07 -18.74 -104.98
N ASP QG 37 9.26 -18.54 -105.51
CA ASP QG 37 9.46 -18.36 -106.94
C ASP QG 37 9.85 -19.68 -107.59
N LYS QG 38 9.99 -19.66 -108.91
CA LYS QG 38 10.27 -20.88 -109.65
C LYS QG 38 11.68 -21.37 -109.39
N GLY QG 39 11.80 -22.65 -109.01
CA GLY QG 39 13.06 -23.27 -108.77
C GLY QG 39 13.47 -23.34 -107.32
N GLU QG 40 12.81 -22.59 -106.44
CA GLU QG 40 13.13 -22.66 -105.03
C GLU QG 40 12.55 -23.93 -104.44
N VAL QG 41 13.09 -24.31 -103.28
CA VAL QG 41 12.68 -25.51 -102.56
C VAL QG 41 12.56 -25.13 -101.09
N LEU QG 42 11.40 -25.38 -100.51
CA LEU QG 42 11.16 -25.13 -99.11
C LEU QG 42 11.00 -26.45 -98.38
N ILE QG 43 11.81 -26.65 -97.36
CA ILE QG 43 11.69 -27.82 -96.49
C ILE QG 43 11.05 -27.36 -95.21
N ALA QG 44 9.86 -27.85 -94.91
CA ALA QG 44 9.07 -27.34 -93.82
C ALA QG 44 8.78 -28.43 -92.81
N GLN QG 45 9.09 -28.15 -91.55
CA GLN QG 45 8.77 -29.04 -90.46
C GLN QG 45 7.47 -28.62 -89.79
N PHE QG 46 6.81 -29.57 -89.16
CA PHE QG 46 5.58 -29.27 -88.45
C PHE QG 46 5.87 -28.88 -87.01
N THR QG 47 5.48 -27.67 -86.65
CA THR QG 47 5.60 -27.21 -85.29
C THR QG 47 4.32 -27.57 -84.55
N GLU QG 48 4.18 -27.03 -83.34
CA GLU QG 48 2.89 -27.11 -82.66
C GLU QG 48 1.87 -26.19 -83.34
N HIS QG 49 2.31 -25.00 -83.72
CA HIS QG 49 1.45 -24.04 -84.40
C HIS QG 49 1.04 -24.49 -85.79
N THR QG 50 2.00 -24.77 -86.65
CA THR QG 50 1.73 -25.21 -88.02
C THR QG 50 1.25 -26.65 -87.96
N SER QG 51 -0.07 -26.83 -87.93
CA SER QG 51 -0.68 -28.14 -87.93
C SER QG 51 -1.32 -28.48 -89.26
N ALA QG 52 -1.31 -27.55 -90.21
CA ALA QG 52 -1.88 -27.79 -91.52
C ALA QG 52 -1.16 -26.90 -92.52
N ILE QG 53 -0.87 -27.44 -93.69
CA ILE QG 53 -0.15 -26.71 -94.73
C ILE QG 53 -0.93 -26.83 -96.02
N LYS QG 54 -1.27 -25.69 -96.60
CA LYS QG 54 -1.99 -25.63 -97.86
C LYS QG 54 -1.06 -25.08 -98.93
N VAL QG 55 -1.08 -25.71 -100.09
CA VAL QG 55 -0.18 -25.36 -101.19
C VAL QG 55 -1.01 -25.00 -102.40
N ARG QG 56 -0.79 -23.81 -102.94
CA ARG QG 56 -1.46 -23.36 -104.16
C ARG QG 56 -0.47 -23.36 -105.31
N GLY QG 57 -0.99 -23.30 -106.51
CA GLY QG 57 -0.15 -23.19 -107.70
C GLY QG 57 0.53 -24.51 -108.03
N LYS QG 58 1.35 -24.45 -109.07
CA LYS QG 58 2.05 -25.64 -109.55
C LYS QG 58 3.29 -25.87 -108.71
N ALA QG 59 3.31 -26.97 -107.98
CA ALA QG 59 4.44 -27.31 -107.12
C ALA QG 59 4.56 -28.82 -107.04
N TYR QG 60 5.74 -29.27 -106.63
CA TYR QG 60 6.05 -30.68 -106.54
C TYR QG 60 6.44 -31.01 -105.11
N ILE QG 61 5.62 -31.82 -104.45
CA ILE QG 61 5.74 -32.06 -103.02
C ILE QG 61 6.21 -33.48 -102.78
N GLN QG 62 7.20 -33.62 -101.91
CA GLN QG 62 7.63 -34.91 -101.40
C GLN QG 62 7.34 -34.96 -99.91
N THR QG 63 6.58 -35.98 -99.50
CA THR QG 63 6.30 -36.24 -98.11
C THR QG 63 6.84 -37.63 -97.77
N SER QG 64 6.53 -38.09 -96.56
CA SER QG 64 6.87 -39.45 -96.19
C SER QG 64 6.03 -40.46 -96.94
N HIS QG 65 4.80 -40.10 -97.29
CA HIS QG 65 3.90 -40.99 -98.00
C HIS QG 65 4.20 -41.07 -99.49
N GLY QG 66 5.10 -40.26 -100.00
CA GLY QG 66 5.43 -40.28 -101.41
C GLY QG 66 5.43 -38.88 -101.98
N VAL QG 67 5.26 -38.79 -103.28
CA VAL QG 67 5.30 -37.52 -103.99
C VAL QG 67 3.92 -37.21 -104.54
N ILE QG 68 3.71 -35.93 -104.84
CA ILE QG 68 2.45 -35.44 -105.36
C ILE QG 68 2.72 -34.14 -106.07
N GLU QG 69 1.79 -33.72 -106.93
CA GLU QG 69 1.99 -32.54 -107.76
C GLU QG 69 0.79 -31.62 -107.67
N SER QG 70 0.93 -30.55 -106.88
CA SER QG 70 -0.15 -29.59 -106.75
C SER QG 70 -0.18 -28.68 -107.97
N GLU QG 71 -1.38 -28.25 -108.34
CA GLU QG 71 -1.53 -27.34 -109.47
C GLU QG 71 -2.31 -26.10 -109.11
N ASP RG 6 16.02 -35.89 -89.51
CA ASP RG 6 16.30 -34.77 -88.63
C ASP RG 6 17.20 -33.74 -89.27
N PHE RG 7 17.85 -34.08 -90.37
CA PHE RG 7 18.83 -33.19 -90.98
C PHE RG 7 18.82 -33.36 -92.48
N VAL RG 8 19.25 -32.30 -93.17
CA VAL RG 8 19.30 -32.26 -94.62
C VAL RG 8 20.72 -31.99 -95.06
N VAL RG 9 21.02 -32.36 -96.31
CA VAL RG 9 22.35 -32.20 -96.88
C VAL RG 9 22.21 -31.41 -98.17
N ILE RG 10 22.84 -30.24 -98.23
CA ILE RG 10 22.73 -29.36 -99.38
C ILE RG 10 24.09 -29.20 -100.00
N LYS RG 11 24.26 -29.67 -101.23
CA LYS RG 11 25.48 -29.47 -101.98
C LYS RG 11 25.26 -28.33 -102.95
N ALA RG 12 26.01 -27.25 -102.78
CA ALA RG 12 25.80 -26.09 -103.63
C ALA RG 12 26.51 -26.29 -104.96
N LEU RG 13 25.72 -26.52 -106.01
CA LEU RG 13 26.26 -26.76 -107.34
C LEU RG 13 26.65 -25.50 -108.08
N GLU RG 14 26.29 -24.33 -107.56
CA GLU RG 14 26.68 -23.07 -108.17
C GLU RG 14 26.96 -22.07 -107.05
N ASP RG 15 27.58 -20.97 -107.41
CA ASP RG 15 27.99 -20.00 -106.42
C ASP RG 15 26.79 -19.21 -105.90
N GLY RG 16 26.94 -18.66 -104.70
CA GLY RG 16 25.93 -17.79 -104.14
C GLY RG 16 24.62 -18.44 -103.77
N VAL RG 17 24.64 -19.72 -103.40
CA VAL RG 17 23.40 -20.38 -103.02
C VAL RG 17 23.00 -19.95 -101.62
N ASN RG 18 21.79 -19.43 -101.48
CA ASN RG 18 21.32 -18.91 -100.21
C ASN RG 18 20.54 -20.00 -99.49
N VAL RG 19 20.69 -20.06 -98.18
CA VAL RG 19 19.94 -20.97 -97.33
C VAL RG 19 19.37 -20.13 -96.21
N ILE RG 20 18.05 -20.11 -96.09
CA ILE RG 20 17.35 -19.20 -95.19
C ILE RG 20 16.76 -20.00 -94.04
N GLY RG 21 17.11 -19.65 -92.81
CA GLY RG 21 16.59 -20.31 -91.64
C GLY RG 21 17.69 -20.77 -90.70
N SER RG 33 20.29 -16.37 -92.29
CA SER RG 33 20.66 -16.58 -93.69
C SER RG 33 22.13 -16.98 -93.81
N GLU RG 34 22.41 -17.91 -94.72
CA GLU RG 34 23.76 -18.36 -95.00
C GLU RG 34 23.98 -18.40 -96.50
N CYS RG 35 25.22 -18.21 -96.92
CA CYS RG 35 25.56 -18.25 -98.34
C CYS RG 35 26.61 -19.33 -98.57
N LEU RG 36 26.48 -20.06 -99.67
CA LEU RG 36 27.41 -21.13 -100.01
C LEU RG 36 27.99 -20.89 -101.40
N ASP RG 37 29.24 -21.26 -101.57
CA ASP RG 37 29.90 -21.23 -102.87
C ASP RG 37 29.83 -22.59 -103.52
N LYS RG 38 30.33 -22.67 -104.75
CA LYS RG 38 30.24 -23.89 -105.53
C LYS RG 38 31.14 -24.98 -104.95
N GLY RG 39 30.56 -26.14 -104.71
CA GLY RG 39 31.29 -27.28 -104.22
C GLY RG 39 31.18 -27.50 -102.73
N GLU RG 40 30.70 -26.51 -101.98
CA GLU RG 40 30.53 -26.69 -100.55
C GLU RG 40 29.30 -27.54 -100.28
N VAL RG 41 29.25 -28.11 -99.08
CA VAL RG 41 28.16 -28.95 -98.63
C VAL RG 41 27.81 -28.53 -97.22
N LEU RG 42 26.54 -28.21 -97.00
CA LEU RG 42 26.05 -27.83 -95.68
C LEU RG 42 25.12 -28.92 -95.18
N ILE RG 43 25.42 -29.45 -94.01
CA ILE RG 43 24.55 -30.42 -93.35
C ILE RG 43 23.85 -29.68 -92.22
N ALA RG 44 22.53 -29.56 -92.33
CA ALA RG 44 21.77 -28.70 -91.43
C ALA RG 44 20.75 -29.52 -90.66
N GLN RG 45 20.77 -29.38 -89.34
CA GLN RG 45 19.79 -30.01 -88.48
C GLN RG 45 18.69 -29.01 -88.13
N PHE RG 46 17.52 -29.55 -87.81
CA PHE RG 46 16.40 -28.71 -87.43
C PHE RG 46 16.41 -28.46 -85.93
N THR RG 47 16.52 -27.19 -85.55
CA THR RG 47 16.43 -26.80 -84.16
C THR RG 47 14.98 -26.52 -83.83
N GLU RG 48 14.74 -25.94 -82.66
CA GLU RG 48 13.43 -25.41 -82.36
C GLU RG 48 13.18 -24.14 -83.18
N HIS RG 49 14.19 -23.30 -83.29
CA HIS RG 49 14.09 -22.05 -84.06
C HIS RG 49 13.94 -22.30 -85.54
N THR RG 50 14.87 -23.02 -86.15
CA THR RG 50 14.85 -23.31 -87.58
C THR RG 50 13.77 -24.36 -87.82
N SER RG 51 12.56 -23.91 -88.14
CA SER RG 51 11.47 -24.80 -88.46
C SER RG 51 11.16 -24.83 -89.94
N ALA RG 52 11.84 -24.03 -90.74
CA ALA RG 52 11.64 -24.01 -92.18
C ALA RG 52 12.93 -23.57 -92.85
N ILE RG 53 13.27 -24.21 -93.95
CA ILE RG 53 14.51 -23.93 -94.66
C ILE RG 53 14.18 -23.70 -96.12
N LYS RG 54 14.56 -22.54 -96.64
CA LYS RG 54 14.33 -22.19 -98.03
C LYS RG 54 15.66 -22.15 -98.75
N VAL RG 55 15.72 -22.73 -99.94
CA VAL RG 55 16.95 -22.86 -100.70
C VAL RG 55 16.76 -22.18 -102.05
N ARG RG 56 17.64 -21.25 -102.38
CA ARG RG 56 17.62 -20.56 -103.65
C ARG RG 56 18.78 -21.04 -104.50
N GLY RG 57 18.72 -20.77 -105.80
CA GLY RG 57 19.80 -21.10 -106.69
C GLY RG 57 19.90 -22.58 -106.97
N LYS RG 58 20.92 -22.93 -107.74
CA LYS RG 58 21.11 -24.32 -108.15
C LYS RG 58 21.82 -25.09 -107.05
N ALA RG 59 21.13 -26.05 -106.47
CA ALA RG 59 21.70 -26.85 -105.39
C ALA RG 59 21.10 -28.24 -105.44
N TYR RG 60 21.77 -29.18 -104.78
CA TYR RG 60 21.39 -30.58 -104.79
C TYR RG 60 21.14 -31.02 -103.35
N ILE RG 61 19.90 -31.35 -103.03
CA ILE RG 61 19.49 -31.58 -101.66
C ILE RG 61 19.19 -33.05 -101.46
N GLN RG 62 19.71 -33.61 -100.38
CA GLN RG 62 19.34 -34.94 -99.92
C GLN RG 62 18.65 -34.82 -98.58
N THR RG 63 17.43 -35.35 -98.51
CA THR RG 63 16.68 -35.44 -97.27
C THR RG 63 16.42 -36.91 -96.97
N SER RG 64 15.60 -37.14 -95.95
CA SER RG 64 15.17 -38.49 -95.65
C SER RG 64 14.22 -39.02 -96.71
N HIS RG 65 13.44 -38.14 -97.33
CA HIS RG 65 12.49 -38.53 -98.36
C HIS RG 65 13.13 -38.78 -99.71
N GLY RG 66 14.41 -38.47 -99.86
CA GLY RG 66 15.08 -38.68 -101.12
C GLY RG 66 15.88 -37.45 -101.50
N VAL RG 67 16.15 -37.33 -102.80
CA VAL RG 67 16.95 -36.23 -103.32
C VAL RG 67 16.08 -35.33 -104.17
N ILE RG 68 16.56 -34.11 -104.37
CA ILE RG 68 15.85 -33.10 -105.15
C ILE RG 68 16.88 -32.10 -105.62
N GLU RG 69 16.53 -31.31 -106.63
CA GLU RG 69 17.46 -30.38 -107.25
C GLU RG 69 16.83 -29.00 -107.36
N SER RG 70 17.19 -28.10 -106.46
CA SER RG 70 16.68 -26.75 -106.51
C SER RG 70 17.42 -25.96 -107.59
N GLU RG 71 16.70 -25.03 -108.20
CA GLU RG 71 17.31 -24.19 -109.23
C GLU RG 71 17.09 -22.70 -108.95
N ASP SG 6 22.39 -39.43 -86.62
CA ASP SG 6 22.91 -38.58 -85.55
C ASP SG 6 24.32 -38.12 -85.80
N PHE SG 7 25.01 -38.74 -86.74
CA PHE SG 7 26.42 -38.44 -86.96
C PHE SG 7 26.77 -38.60 -88.44
N VAL SG 8 27.81 -37.89 -88.84
CA VAL SG 8 28.27 -37.88 -90.22
C VAL SG 8 29.71 -38.34 -90.26
N VAL SG 9 30.14 -38.82 -91.43
CA VAL SG 9 31.49 -39.32 -91.62
C VAL SG 9 32.12 -38.58 -92.79
N ILE SG 10 33.20 -37.87 -92.54
CA ILE SG 10 33.84 -37.04 -93.55
C ILE SG 10 35.24 -37.57 -93.79
N LYS SG 11 35.50 -38.08 -94.99
CA LYS SG 11 36.83 -38.50 -95.38
C LYS SG 11 37.45 -37.39 -96.21
N ALA SG 12 38.54 -36.81 -95.73
CA ALA SG 12 39.14 -35.70 -96.46
C ALA SG 12 40.02 -36.23 -97.58
N LEU SG 13 39.54 -36.07 -98.82
CA LEU SG 13 40.25 -36.55 -99.98
C LEU SG 13 41.38 -35.64 -100.43
N GLU SG 14 41.48 -34.44 -99.87
CA GLU SG 14 42.57 -33.53 -100.20
C GLU SG 14 42.95 -32.79 -98.92
N ASP SG 15 44.09 -32.12 -98.98
CA ASP SG 15 44.60 -31.45 -97.79
C ASP SG 15 43.81 -30.18 -97.51
N GLY SG 16 43.86 -29.76 -96.24
CA GLY SG 16 43.26 -28.51 -95.83
C GLY SG 16 41.76 -28.44 -95.91
N VAL SG 17 41.07 -29.56 -95.71
CA VAL SG 17 39.62 -29.54 -95.75
C VAL SG 17 39.08 -28.97 -94.44
N ASN SG 18 38.28 -27.92 -94.55
CA ASN SG 18 37.75 -27.23 -93.38
C ASN SG 18 36.40 -27.79 -93.02
N VAL SG 19 36.14 -27.91 -91.73
CA VAL SG 19 34.84 -28.33 -91.22
C VAL SG 19 34.43 -27.31 -90.17
N ILE SG 20 33.30 -26.65 -90.40
CA ILE SG 20 32.88 -25.51 -89.58
C ILE SG 20 31.69 -25.91 -88.74
N GLY SG 21 31.82 -25.77 -87.42
CA GLY SG 21 30.73 -26.10 -86.52
C GLY SG 21 31.17 -27.01 -85.40
N SER SG 33 35.85 -24.43 -85.71
CA SER SG 33 36.46 -24.80 -86.97
C SER SG 33 37.53 -25.86 -86.79
N GLU SG 34 37.59 -26.81 -87.71
CA GLU SG 34 38.60 -27.86 -87.68
C GLU SG 34 39.19 -28.01 -89.08
N CYS SG 35 40.43 -28.46 -89.15
CA CYS SG 35 41.10 -28.68 -90.43
C CYS SG 35 41.54 -30.14 -90.52
N LEU SG 36 41.40 -30.72 -91.70
CA LEU SG 36 41.78 -32.11 -91.94
C LEU SG 36 42.76 -32.18 -93.09
N ASP SG 37 43.69 -33.12 -93.00
CA ASP SG 37 44.62 -33.42 -94.07
C ASP SG 37 44.12 -34.59 -94.89
N LYS SG 38 44.85 -34.91 -95.95
CA LYS SG 38 44.41 -35.95 -96.87
C LYS SG 38 44.50 -37.32 -96.24
N GLY SG 39 43.40 -38.06 -96.30
CA GLY SG 39 43.35 -39.40 -95.79
C GLY SG 39 42.75 -39.53 -94.41
N GLU SG 40 42.59 -38.42 -93.70
CA GLU SG 40 41.96 -38.49 -92.39
C GLU SG 40 40.45 -38.63 -92.54
N VAL SG 41 39.82 -39.10 -91.47
CA VAL SG 41 38.38 -39.31 -91.42
C VAL SG 41 37.88 -38.76 -90.10
N LEU SG 42 36.91 -37.86 -90.17
CA LEU SG 42 36.31 -37.28 -88.98
C LEU SG 42 34.87 -37.78 -88.87
N ILE SG 43 34.54 -38.37 -87.74
CA ILE SG 43 33.19 -38.79 -87.45
C ILE SG 43 32.61 -37.80 -86.46
N ALA SG 44 31.60 -37.06 -86.87
CA ALA SG 44 31.10 -35.94 -86.09
C ALA SG 44 29.66 -36.15 -85.71
N GLN SG 45 29.36 -36.03 -84.42
CA GLN SG 45 28.00 -36.10 -83.92
C GLN SG 45 27.45 -34.69 -83.74
N PHE SG 46 26.13 -34.59 -83.79
CA PHE SG 46 25.48 -33.30 -83.59
C PHE SG 46 25.17 -33.07 -82.12
N THR SG 47 25.75 -32.02 -81.57
CA THR SG 47 25.47 -31.62 -80.21
C THR SG 47 24.29 -30.66 -80.23
N GLU SG 48 24.04 -30.04 -79.08
CA GLU SG 48 23.09 -28.93 -79.06
C GLU SG 48 23.69 -27.71 -79.74
N HIS SG 49 24.98 -27.45 -79.48
CA HIS SG 49 25.68 -26.34 -80.09
C HIS SG 49 25.86 -26.49 -81.59
N THR SG 50 26.49 -27.57 -82.03
CA THR SG 50 26.72 -27.83 -83.44
C THR SG 50 25.40 -28.24 -84.07
N SER SG 51 24.69 -27.26 -84.63
CA SER SG 51 23.44 -27.51 -85.32
C SER SG 51 23.59 -27.41 -86.83
N ALA SG 52 24.76 -27.05 -87.33
CA ALA SG 52 25.00 -26.94 -88.75
C ALA SG 52 26.48 -27.18 -89.00
N ILE SG 53 26.78 -27.92 -90.07
CA ILE SG 53 28.15 -28.28 -90.40
C ILE SG 53 28.39 -27.93 -91.86
N LYS SG 54 29.39 -27.10 -92.10
CA LYS SG 54 29.75 -26.70 -93.45
C LYS SG 54 31.10 -27.32 -93.80
N VAL SG 55 31.20 -27.86 -95.01
CA VAL SG 55 32.39 -28.57 -95.45
C VAL SG 55 32.92 -27.91 -96.71
N ARG SG 56 34.19 -27.51 -96.67
CA ARG SG 56 34.86 -26.91 -97.82
C ARG SG 56 35.85 -27.90 -98.39
N GLY SG 57 36.28 -27.65 -99.62
CA GLY SG 57 37.30 -28.46 -100.25
C GLY SG 57 36.76 -29.81 -100.69
N LYS SG 58 37.67 -30.63 -101.22
CA LYS SG 58 37.30 -31.93 -101.74
C LYS SG 58 37.23 -32.94 -100.59
N ALA SG 59 36.04 -33.45 -100.33
CA ALA SG 59 35.84 -34.40 -99.26
C ALA SG 59 34.71 -35.34 -99.64
N TYR SG 60 34.65 -36.48 -98.97
CA TYR SG 60 33.67 -37.52 -99.24
C TYR SG 60 32.87 -37.77 -97.98
N ILE SG 61 31.57 -37.45 -98.03
CA ILE SG 61 30.73 -37.43 -96.84
C ILE SG 61 29.74 -38.58 -96.92
N GLN SG 62 29.61 -39.32 -95.82
CA GLN SG 62 28.57 -40.30 -95.64
C GLN SG 62 27.65 -39.84 -94.52
N THR SG 63 26.36 -39.73 -94.82
CA THR SG 63 25.35 -39.43 -93.83
C THR SG 63 24.36 -40.58 -93.80
N SER SG 64 23.27 -40.38 -93.05
CA SER SG 64 22.20 -41.36 -93.04
C SER SG 64 21.46 -41.38 -94.37
N HIS SG 65 21.39 -40.24 -95.05
CA HIS SG 65 20.69 -40.12 -96.31
C HIS SG 65 21.50 -40.66 -97.49
N GLY SG 66 22.76 -41.02 -97.28
CA GLY SG 66 23.58 -41.53 -98.34
C GLY SG 66 24.92 -40.84 -98.36
N VAL SG 67 25.57 -40.88 -99.51
CA VAL SG 67 26.91 -40.31 -99.67
C VAL SG 67 26.83 -39.11 -100.59
N ILE SG 68 27.87 -38.28 -100.51
CA ILE SG 68 27.95 -37.06 -101.30
C ILE SG 68 29.43 -36.68 -101.36
N GLU SG 69 29.78 -35.83 -102.33
CA GLU SG 69 31.16 -35.47 -102.55
C GLU SG 69 31.31 -33.96 -102.66
N SER SG 70 31.78 -33.34 -101.58
CA SER SG 70 32.00 -31.91 -101.59
C SER SG 70 33.28 -31.58 -102.33
N GLU SG 71 33.29 -30.42 -102.98
CA GLU SG 71 34.47 -29.99 -103.71
C GLU SG 71 34.90 -28.59 -103.30
N ASP TG 6 25.45 -45.68 -82.82
CA ASP TG 6 25.96 -45.15 -81.56
C ASP TG 6 27.45 -45.40 -81.38
N PHE TG 7 28.02 -46.29 -82.19
CA PHE TG 7 29.40 -46.68 -82.00
C PHE TG 7 30.04 -47.00 -83.35
N VAL TG 8 31.36 -46.86 -83.38
CA VAL TG 8 32.14 -47.08 -84.59
C VAL TG 8 33.18 -48.17 -84.31
N VAL TG 9 33.65 -48.80 -85.37
CA VAL TG 9 34.62 -49.87 -85.29
C VAL TG 9 35.82 -49.52 -86.16
N ILE TG 10 36.99 -49.38 -85.56
CA ILE TG 10 38.19 -48.97 -86.26
C ILE TG 10 39.21 -50.09 -86.20
N LYS TG 11 39.53 -50.67 -87.34
CA LYS TG 11 40.58 -51.67 -87.43
C LYS TG 11 41.83 -50.99 -87.94
N ALA TG 12 42.88 -50.98 -87.12
CA ALA TG 12 44.10 -50.28 -87.53
C ALA TG 12 44.92 -51.17 -88.45
N LEU TG 13 44.94 -50.82 -89.73
CA LEU TG 13 45.65 -51.58 -90.73
C LEU TG 13 47.15 -51.31 -90.76
N GLU TG 14 47.61 -50.28 -90.05
CA GLU TG 14 49.04 -49.99 -89.97
C GLU TG 14 49.33 -49.50 -88.56
N ASP TG 15 50.62 -49.44 -88.24
CA ASP TG 15 51.01 -49.08 -86.90
C ASP TG 15 50.83 -47.58 -86.66
N GLY TG 16 50.70 -47.22 -85.38
CA GLY TG 16 50.65 -45.83 -84.99
C GLY TG 16 49.42 -45.08 -85.43
N VAL TG 17 48.28 -45.75 -85.55
CA VAL TG 17 47.07 -45.04 -85.96
C VAL TG 17 46.51 -44.27 -84.78
N ASN TG 18 46.33 -42.97 -84.94
CA ASN TG 18 45.87 -42.11 -83.87
C ASN TG 18 44.36 -41.97 -83.95
N VAL TG 19 43.71 -41.94 -82.79
CA VAL TG 19 42.29 -41.71 -82.68
C VAL TG 19 42.10 -40.60 -81.66
N ILE TG 20 41.50 -39.50 -82.08
CA ILE TG 20 41.44 -38.29 -81.27
C ILE TG 20 40.00 -38.08 -80.81
N GLY TG 21 39.80 -37.99 -79.50
CA GLY TG 21 38.49 -37.76 -78.95
C GLY TG 21 38.12 -38.77 -77.87
N SER TG 33 43.34 -38.67 -76.66
CA SER TG 33 44.06 -39.30 -77.76
C SER TG 33 44.42 -40.74 -77.44
N GLU TG 34 44.31 -41.62 -78.43
CA GLU TG 34 44.68 -43.02 -78.28
C GLU TG 34 45.51 -43.43 -79.49
N CYS TG 35 46.39 -44.42 -79.29
CA CYS TG 35 47.21 -44.93 -80.38
C CYS TG 35 46.96 -46.43 -80.53
N LEU TG 36 46.92 -46.88 -81.77
CA LEU TG 36 46.67 -48.29 -82.07
C LEU TG 36 47.81 -48.83 -82.93
N ASP TG 37 48.13 -50.09 -82.72
CA ASP TG 37 49.09 -50.80 -83.56
C ASP TG 37 48.37 -51.60 -84.62
N LYS TG 38 49.15 -52.24 -85.49
CA LYS TG 38 48.58 -52.97 -86.62
C LYS TG 38 47.86 -54.21 -86.15
N GLY TG 39 46.61 -54.36 -86.58
CA GLY TG 39 45.81 -55.51 -86.27
C GLY TG 39 44.86 -55.32 -85.12
N GLU TG 40 45.02 -54.28 -84.33
CA GLU TG 40 44.09 -54.02 -83.25
C GLU TG 40 42.79 -53.45 -83.80
N VAL TG 41 41.74 -53.55 -82.99
CA VAL TG 41 40.42 -53.06 -83.34
C VAL TG 41 39.86 -52.33 -82.13
N LEU TG 42 39.46 -51.09 -82.32
CA LEU TG 42 38.88 -50.29 -81.28
C LEU TG 42 37.41 -50.05 -81.60
N ILE TG 43 36.53 -50.42 -80.67
CA ILE TG 43 35.12 -50.15 -80.79
C ILE TG 43 34.80 -49.00 -79.85
N ALA TG 44 34.38 -47.87 -80.41
CA ALA TG 44 34.25 -46.65 -79.65
C ALA TG 44 32.82 -46.16 -79.68
N GLN TG 45 32.27 -45.90 -78.51
CA GLN TG 45 30.94 -45.33 -78.39
C GLN TG 45 31.05 -43.82 -78.18
N PHE TG 46 30.00 -43.11 -78.56
CA PHE TG 46 29.96 -41.67 -78.38
C PHE TG 46 29.40 -41.31 -77.01
N THR TG 47 30.20 -40.64 -76.20
CA THR TG 47 29.75 -40.15 -74.92
C THR TG 47 29.19 -38.74 -75.12
N GLU TG 48 28.93 -38.06 -74.01
CA GLU TG 48 28.63 -36.65 -74.08
C GLU TG 48 29.88 -35.85 -74.43
N HIS TG 49 31.01 -36.22 -73.83
CA HIS TG 49 32.28 -35.57 -74.10
C HIS TG 49 32.79 -35.80 -75.51
N THR TG 50 32.95 -37.06 -75.90
CA THR TG 50 33.44 -37.41 -77.22
C THR TG 50 32.32 -37.16 -78.22
N SER TG 51 32.31 -35.97 -78.82
CA SER TG 51 31.34 -35.61 -79.83
C SER TG 51 31.93 -35.60 -81.22
N ALA TG 52 33.23 -35.84 -81.36
CA ALA TG 52 33.88 -35.87 -82.65
C ALA TG 52 35.10 -36.77 -82.55
N ILE TG 53 35.31 -37.58 -83.58
CA ILE TG 53 36.41 -38.53 -83.60
C ILE TG 53 37.18 -38.35 -84.89
N LYS TG 54 38.48 -38.10 -84.77
CA LYS TG 54 39.35 -37.91 -85.92
C LYS TG 54 40.30 -39.09 -86.00
N VAL TG 55 40.49 -39.62 -87.18
CA VAL TG 55 41.30 -40.83 -87.39
C VAL TG 55 42.41 -40.49 -88.38
N ARG TG 56 43.65 -40.73 -87.98
CA ARG TG 56 44.81 -40.52 -88.83
C ARG TG 56 45.37 -41.86 -89.26
N GLY TG 57 46.20 -41.86 -90.30
CA GLY TG 57 46.87 -43.07 -90.74
C GLY TG 57 45.93 -44.00 -91.46
N LYS TG 58 46.49 -45.15 -91.84
CA LYS TG 58 45.73 -46.14 -92.60
C LYS TG 58 44.91 -46.99 -91.65
N ALA TG 59 43.59 -46.88 -91.75
CA ALA TG 59 42.68 -47.62 -90.90
C ALA TG 59 41.40 -47.92 -91.67
N TYR TG 60 40.66 -48.90 -91.17
CA TYR TG 60 39.44 -49.36 -91.82
C TYR TG 60 38.29 -49.20 -90.85
N ILE TG 61 37.35 -48.32 -91.17
CA ILE TG 61 36.30 -47.90 -90.25
C ILE TG 61 34.97 -48.45 -90.72
N GLN TG 62 34.22 -49.02 -89.79
CA GLN TG 62 32.83 -49.41 -90.01
C GLN TG 62 31.96 -48.57 -89.11
N THR TG 63 31.00 -47.87 -89.71
CA THR TG 63 29.99 -47.12 -88.98
C THR TG 63 28.63 -47.68 -89.35
N SER TG 64 27.59 -46.99 -88.88
CA SER TG 64 26.24 -47.36 -89.26
C SER TG 64 25.98 -47.04 -90.73
N HIS TG 65 26.62 -46.01 -91.25
CA HIS TG 65 26.44 -45.59 -92.64
C HIS TG 65 27.21 -46.46 -93.62
N GLY TG 66 28.07 -47.35 -93.15
CA GLY TG 66 28.83 -48.21 -94.02
C GLY TG 66 30.28 -48.22 -93.60
N VAL TG 67 31.14 -48.56 -94.56
CA VAL TG 67 32.57 -48.69 -94.30
C VAL TG 67 33.31 -47.60 -95.04
N ILE TG 68 34.54 -47.34 -94.60
CA ILE TG 68 35.38 -46.32 -95.19
C ILE TG 68 36.82 -46.66 -94.83
N GLU TG 69 37.77 -46.09 -95.56
CA GLU TG 69 39.18 -46.41 -95.38
C GLU TG 69 40.00 -45.14 -95.25
N SER TG 70 40.37 -44.82 -94.02
CA SER TG 70 41.20 -43.64 -93.79
C SER TG 70 42.65 -43.96 -94.14
N GLU TG 71 43.36 -42.94 -94.62
CA GLU TG 71 44.77 -43.12 -94.96
C GLU TG 71 45.65 -42.08 -94.29
N ASP UG 6 24.14 -52.58 -79.14
CA ASP UG 6 24.44 -52.37 -77.74
C ASP UG 6 25.52 -53.30 -77.22
N PHE UG 7 25.82 -54.35 -77.96
CA PHE UG 7 26.75 -55.37 -77.48
C PHE UG 7 27.53 -55.95 -78.65
N VAL UG 8 28.72 -56.46 -78.33
CA VAL UG 8 29.62 -57.05 -79.30
C VAL UG 8 29.90 -58.49 -78.92
N VAL UG 9 30.32 -59.26 -79.90
CA VAL UG 9 30.61 -60.68 -79.72
C VAL UG 9 32.03 -60.95 -80.20
N ILE UG 10 32.90 -61.40 -79.30
CA ILE UG 10 34.30 -61.61 -79.60
C ILE UG 10 34.61 -63.08 -79.43
N LYS UG 11 34.96 -63.75 -80.52
CA LYS UG 11 35.40 -65.13 -80.48
C LYS UG 11 36.92 -65.15 -80.54
N ALA UG 12 37.56 -65.64 -79.49
CA ALA UG 12 39.01 -65.61 -79.47
C ALA UG 12 39.56 -66.79 -80.27
N LEU UG 13 40.13 -66.50 -81.43
CA LEU UG 13 40.66 -67.51 -82.31
C LEU UG 13 42.05 -67.99 -81.91
N GLU UG 14 42.70 -67.32 -80.97
CA GLU UG 14 44.00 -67.75 -80.48
C GLU UG 14 44.06 -67.46 -79.00
N ASP UG 15 45.06 -68.03 -78.34
CA ASP UG 15 45.16 -67.90 -76.90
C ASP UG 15 45.64 -66.50 -76.51
N GLY UG 16 45.32 -66.12 -75.28
CA GLY UG 16 45.80 -64.88 -74.72
C GLY UG 16 45.25 -63.62 -75.35
N VAL UG 17 44.02 -63.66 -75.86
CA VAL UG 17 43.46 -62.46 -76.47
C VAL UG 17 42.99 -61.52 -75.36
N ASN UG 18 43.49 -60.29 -75.39
CA ASN UG 18 43.19 -59.31 -74.37
C ASN UG 18 42.01 -58.47 -74.81
N VAL UG 19 41.15 -58.12 -73.87
CA VAL UG 19 40.03 -57.23 -74.09
C VAL UG 19 40.08 -56.17 -73.01
N ILE UG 20 40.22 -54.91 -73.41
CA ILE UG 20 40.47 -53.82 -72.48
C ILE UG 20 39.24 -52.94 -72.39
N GLY UG 21 38.72 -52.76 -71.18
CA GLY UG 21 37.56 -51.93 -70.96
C GLY UG 21 36.48 -52.63 -70.16
N SER UG 33 40.53 -55.07 -67.64
CA SER UG 33 41.16 -55.96 -68.60
C SER UG 33 40.71 -57.40 -68.40
N GLU UG 34 40.50 -58.12 -69.49
CA GLU UG 34 40.13 -59.52 -69.46
C GLU UG 34 40.98 -60.30 -70.46
N CYS UG 35 41.21 -61.57 -70.17
CA CYS UG 35 41.98 -62.42 -71.08
C CYS UG 35 41.12 -63.60 -71.50
N LEU UG 36 41.24 -63.99 -72.76
CA LEU UG 36 40.48 -65.11 -73.32
C LEU UG 36 41.43 -66.12 -73.92
N ASP UG 37 41.06 -67.40 -73.81
CA ASP UG 37 41.78 -68.48 -74.45
C ASP UG 37 41.12 -68.83 -75.77
N LYS UG 38 41.73 -69.77 -76.49
CA LYS UG 38 41.26 -70.12 -77.82
C LYS UG 38 39.93 -70.87 -77.74
N GLY UG 39 38.95 -70.40 -78.50
CA GLY UG 39 37.66 -71.03 -78.57
C GLY UG 39 36.60 -70.39 -77.69
N GLU UG 40 37.00 -69.55 -76.75
CA GLU UG 40 36.01 -68.88 -75.92
C GLU UG 40 35.35 -67.75 -76.69
N VAL UG 41 34.18 -67.34 -76.20
CA VAL UG 41 33.41 -66.27 -76.81
C VAL UG 41 32.93 -65.36 -75.70
N LEU UG 42 33.23 -64.08 -75.81
CA LEU UG 42 32.80 -63.08 -74.85
C LEU UG 42 31.77 -62.18 -75.50
N ILE UG 43 30.60 -62.07 -74.89
CA ILE UG 43 29.56 -61.15 -75.33
C ILE UG 43 29.56 -60.00 -74.36
N ALA UG 44 29.89 -58.81 -74.85
CA ALA UG 44 30.13 -57.67 -73.98
C ALA UG 44 29.17 -56.55 -74.31
N GLN UG 45 28.47 -56.05 -73.30
CA GLN UG 45 27.59 -54.91 -73.44
C GLN UG 45 28.32 -53.64 -73.00
N PHE UG 46 27.88 -52.51 -73.54
CA PHE UG 46 28.46 -51.24 -73.16
C PHE UG 46 27.75 -50.64 -71.96
N THR UG 47 28.50 -50.45 -70.88
CA THR UG 47 27.97 -49.80 -69.70
C THR UG 47 28.20 -48.30 -69.84
N GLU UG 48 27.96 -47.58 -68.76
CA GLU UG 48 28.39 -46.19 -68.70
C GLU UG 48 29.91 -46.10 -68.60
N HIS UG 49 30.50 -46.96 -67.79
CA HIS UG 49 31.94 -47.01 -67.61
C HIS UG 49 32.68 -47.46 -68.87
N THR UG 50 32.36 -48.63 -69.38
CA THR UG 50 32.99 -49.18 -70.57
C THR UG 50 32.46 -48.42 -71.77
N SER UG 51 33.18 -47.38 -72.17
CA SER UG 51 32.83 -46.60 -73.34
C SER UG 51 33.74 -46.88 -74.52
N ALA UG 52 34.77 -47.71 -74.35
CA ALA UG 52 35.68 -48.05 -75.42
C ALA UG 52 36.25 -49.43 -75.13
N ILE UG 53 36.36 -50.24 -76.17
CA ILE UG 53 36.84 -51.61 -76.05
C ILE UG 53 37.96 -51.82 -77.05
N LYS UG 54 39.12 -52.22 -76.57
CA LYS UG 54 40.28 -52.49 -77.41
C LYS UG 54 40.54 -53.98 -77.40
N VAL UG 55 40.81 -54.55 -78.58
CA VAL UG 55 41.00 -55.98 -78.73
C VAL UG 55 42.37 -56.22 -79.34
N ARG UG 56 43.18 -57.03 -78.67
CA ARG UG 56 44.49 -57.41 -79.16
C ARG UG 56 44.46 -58.86 -79.61
N GLY UG 57 45.47 -59.25 -80.38
CA GLY UG 57 45.60 -60.63 -80.80
C GLY UG 57 44.60 -61.01 -81.86
N LYS UG 58 44.65 -62.28 -82.25
CA LYS UG 58 43.79 -62.78 -83.31
C LYS UG 58 42.42 -63.12 -82.73
N ALA UG 59 41.40 -62.40 -83.16
CA ALA UG 59 40.04 -62.60 -82.68
C ALA UG 59 39.07 -62.25 -83.79
N TYR UG 60 37.85 -62.75 -83.65
CA TYR UG 60 36.81 -62.57 -84.65
C TYR UG 60 35.63 -61.87 -83.99
N ILE UG 61 35.35 -60.64 -84.43
CA ILE UG 61 34.40 -59.77 -83.75
C ILE UG 61 33.16 -59.62 -84.62
N GLN UG 62 31.99 -59.75 -84.01
CA GLN UG 62 30.73 -59.42 -84.64
C GLN UG 62 30.11 -58.26 -83.88
N THR UG 63 29.81 -57.18 -84.60
CA THR UG 63 29.10 -56.04 -84.06
C THR UG 63 27.80 -55.87 -84.84
N SER UG 64 27.11 -54.76 -84.57
CA SER UG 64 25.93 -54.44 -85.34
C SER UG 64 26.29 -54.03 -86.76
N HIS UG 65 27.46 -53.43 -86.95
CA HIS UG 65 27.91 -52.99 -88.26
C HIS UG 65 28.45 -54.12 -89.12
N GLY UG 66 28.61 -55.32 -88.57
CA GLY UG 66 29.11 -56.43 -89.33
C GLY UG 66 30.19 -57.14 -88.57
N VAL UG 67 31.04 -57.87 -89.30
CA VAL UG 67 32.09 -58.66 -88.69
C VAL UG 67 33.44 -58.07 -89.06
N ILE UG 68 34.46 -58.44 -88.28
CA ILE UG 68 35.81 -57.95 -88.48
C ILE UG 68 36.75 -58.94 -87.81
N GLU UG 69 38.02 -58.90 -88.19
CA GLU UG 69 38.99 -59.86 -87.70
C GLU UG 69 40.23 -59.15 -87.18
N SER UG 70 40.34 -59.04 -85.87
CA SER UG 70 41.50 -58.41 -85.27
C SER UG 70 42.67 -59.38 -85.27
N GLU UG 71 43.87 -58.85 -85.41
CA GLU UG 71 45.07 -59.68 -85.39
C GLU UG 71 46.09 -59.19 -84.37
N ASP VG 6 18.54 -58.07 -76.85
CA ASP VG 6 18.52 -58.02 -75.39
C ASP VG 6 18.87 -59.35 -74.75
N PHE VG 7 18.86 -60.43 -75.53
CA PHE VG 7 19.07 -61.75 -74.96
C PHE VG 7 19.79 -62.64 -75.97
N VAL VG 8 20.47 -63.64 -75.45
CA VAL VG 8 21.26 -64.58 -76.25
C VAL VG 8 20.74 -65.98 -75.99
N VAL VG 9 21.02 -66.87 -76.94
CA VAL VG 9 20.58 -68.26 -76.87
C VAL VG 9 21.79 -69.15 -77.01
N ILE VG 10 22.09 -69.94 -75.99
CA ILE VG 10 23.28 -70.79 -75.98
C ILE VG 10 22.83 -72.25 -75.93
N LYS VG 11 23.12 -73.00 -76.97
CA LYS VG 11 22.86 -74.43 -77.00
C LYS VG 11 24.17 -75.14 -76.70
N ALA VG 12 24.21 -75.87 -75.59
CA ALA VG 12 25.46 -76.53 -75.22
C ALA VG 12 25.61 -77.83 -76.00
N LEU VG 13 26.54 -77.83 -76.95
CA LEU VG 13 26.77 -78.98 -77.80
C LEU VG 13 27.62 -80.05 -77.14
N GLU VG 14 28.23 -79.76 -76.00
CA GLU VG 14 29.01 -80.75 -75.27
C GLU VG 14 28.80 -80.50 -73.79
N ASP VG 15 29.23 -81.48 -72.99
CA ASP VG 15 28.99 -81.41 -71.56
C ASP VG 15 29.91 -80.39 -70.90
N GLY VG 16 29.48 -79.90 -69.74
CA GLY VG 16 30.31 -79.03 -68.93
C GLY VG 16 30.56 -77.66 -69.53
N VAL VG 17 29.64 -77.12 -70.31
CA VAL VG 17 29.85 -75.80 -70.88
C VAL VG 17 29.59 -74.75 -69.82
N ASN VG 18 30.56 -73.89 -69.57
CA ASN VG 18 30.48 -72.88 -68.53
C ASN VG 18 29.97 -71.58 -69.14
N VAL VG 19 29.13 -70.88 -68.39
CA VAL VG 19 28.64 -69.56 -68.77
C VAL VG 19 28.87 -68.65 -67.58
N ILE VG 20 29.66 -67.60 -67.78
CA ILE VG 20 30.12 -66.75 -66.69
C ILE VG 20 29.43 -65.40 -66.79
N GLY VG 21 28.75 -65.00 -65.72
CA GLY VG 21 28.08 -63.72 -65.68
C GLY VG 21 26.62 -63.84 -65.26
N SER VG 33 28.31 -67.87 -62.17
CA SER VG 33 28.71 -68.96 -63.06
C SER VG 33 27.62 -70.03 -63.14
N GLU VG 34 27.42 -70.56 -64.34
CA GLU VG 34 26.46 -71.64 -64.56
C GLU VG 34 27.10 -72.72 -65.42
N CYS VG 35 26.65 -73.95 -65.25
CA CYS VG 35 27.16 -75.06 -66.03
C CYS VG 35 26.02 -75.72 -66.79
N LEU VG 36 26.28 -76.12 -68.03
CA LEU VG 36 25.28 -76.75 -68.87
C LEU VG 36 25.80 -78.10 -69.36
N ASP VG 37 24.89 -79.05 -69.50
CA ASP VG 37 25.20 -80.34 -70.08
C ASP VG 37 24.82 -80.35 -71.55
N LYS VG 38 25.12 -81.46 -72.21
CA LYS VG 38 24.90 -81.56 -73.65
C LYS VG 38 23.42 -81.60 -73.98
N GLY VG 39 23.00 -80.73 -74.88
CA GLY VG 39 21.64 -80.68 -75.34
C GLY VG 39 20.78 -79.64 -74.67
N GLU VG 40 21.25 -79.07 -73.56
CA GLU VG 40 20.48 -78.02 -72.91
C GLU VG 40 20.63 -76.72 -73.68
N VAL VG 41 19.70 -75.80 -73.44
CA VAL VG 41 19.67 -74.49 -74.07
C VAL VG 41 19.37 -73.47 -73.00
N LEU VG 42 20.24 -72.47 -72.89
CA LEU VG 42 20.05 -71.40 -71.94
C LEU VG 42 19.76 -70.12 -72.71
N ILE VG 43 18.65 -69.48 -72.38
CA ILE VG 43 18.29 -68.18 -72.94
C ILE VG 43 18.55 -67.15 -71.87
N ALA VG 44 19.50 -66.25 -72.11
CA ALA VG 44 19.98 -65.35 -71.07
C ALA VG 44 19.75 -63.92 -71.49
N GLN VG 45 19.11 -63.16 -70.61
CA GLN VG 45 18.91 -61.73 -70.82
C GLN VG 45 19.98 -60.95 -70.07
N PHE VG 46 20.25 -59.74 -70.54
CA PHE VG 46 21.22 -58.89 -69.89
C PHE VG 46 20.55 -58.03 -68.84
N THR VG 47 20.99 -58.20 -67.59
CA THR VG 47 20.51 -57.37 -66.50
C THR VG 47 21.42 -56.16 -66.39
N GLU VG 48 21.26 -55.40 -65.32
CA GLU VG 48 22.23 -54.37 -64.99
C GLU VG 48 23.54 -55.00 -64.53
N HIS VG 49 23.44 -56.04 -63.71
CA HIS VG 49 24.61 -56.74 -63.19
C HIS VG 49 25.37 -57.49 -64.28
N THR VG 50 24.70 -58.38 -65.00
CA THR VG 50 25.32 -59.16 -66.06
C THR VG 50 25.52 -58.24 -67.25
N SER VG 51 26.72 -57.67 -67.34
CA SER VG 51 27.08 -56.80 -68.46
C SER VG 51 28.05 -57.48 -69.42
N ALA VG 52 28.50 -58.69 -69.10
CA ALA VG 52 29.41 -59.42 -69.96
C ALA VG 52 29.19 -60.91 -69.71
N ILE VG 53 29.21 -61.68 -70.79
CA ILE VG 53 28.98 -63.12 -70.72
C ILE VG 53 30.10 -63.83 -71.45
N LYS VG 54 30.79 -64.72 -70.75
CA LYS VG 54 31.86 -65.50 -71.33
C LYS VG 54 31.43 -66.94 -71.44
N VAL VG 55 31.72 -67.56 -72.57
CA VAL VG 55 31.28 -68.92 -72.86
C VAL VG 55 32.50 -69.78 -73.14
N ARG VG 56 32.65 -70.87 -72.40
CA ARG VG 56 33.73 -71.81 -72.61
C ARG VG 56 33.17 -73.08 -73.23
N GLY VG 57 34.06 -73.91 -73.78
CA GLY VG 57 33.67 -75.19 -74.32
C GLY VG 57 32.93 -75.05 -75.63
N LYS VG 58 32.50 -76.21 -76.14
CA LYS VG 58 31.82 -76.25 -77.43
C LYS VG 58 30.36 -75.92 -77.24
N ALA VG 59 29.92 -74.80 -77.81
CA ALA VG 59 28.55 -74.36 -77.70
C ALA VG 59 28.18 -73.59 -78.96
N TYR VG 60 26.87 -73.46 -79.17
CA TYR VG 60 26.33 -72.82 -80.36
C TYR VG 60 25.47 -71.65 -79.92
N ILE VG 61 25.90 -70.43 -80.26
CA ILE VG 61 25.29 -69.22 -79.73
C ILE VG 61 24.54 -68.51 -80.85
N GLN VG 62 23.32 -68.08 -80.56
CA GLN VG 62 22.55 -67.21 -81.41
C GLN VG 62 22.36 -65.89 -80.69
N THR VG 63 22.78 -64.80 -81.32
CA THR VG 63 22.53 -63.45 -80.83
C THR VG 63 21.72 -62.70 -81.88
N SER VG 64 21.55 -61.40 -81.64
CA SER VG 64 20.89 -60.57 -82.63
C SER VG 64 21.76 -60.38 -83.85
N HIS VG 65 23.08 -60.39 -83.68
CA HIS VG 65 24.01 -60.21 -84.78
C HIS VG 65 24.20 -61.46 -85.62
N GLY VG 66 23.65 -62.59 -85.20
CA GLY VG 66 23.77 -63.82 -85.96
C GLY VG 66 24.18 -64.96 -85.04
N VAL VG 67 24.76 -65.98 -85.64
CA VAL VG 67 25.15 -67.18 -84.90
C VAL VG 67 26.67 -67.28 -84.87
N ILE VG 68 27.15 -68.07 -83.91
CA ILE VG 68 28.59 -68.28 -83.72
C ILE VG 68 28.76 -69.59 -82.98
N GLU VG 69 29.96 -70.14 -83.03
CA GLU VG 69 30.23 -71.45 -82.45
C GLU VG 69 31.46 -71.39 -81.57
N SER VG 70 31.26 -71.34 -80.26
CA SER VG 70 32.36 -71.33 -79.33
C SER VG 70 32.92 -72.73 -79.17
N GLU VG 71 34.23 -72.81 -78.94
CA GLU VG 71 34.87 -74.10 -78.75
C GLU VG 71 35.69 -74.15 -77.47
N ASP WG 6 10.94 -60.27 -76.70
CA ASP WG 6 10.54 -60.21 -75.31
C ASP WG 6 10.06 -61.54 -74.77
N PHE WG 7 9.76 -62.48 -75.66
CA PHE WG 7 9.18 -63.74 -75.24
C PHE WG 7 9.65 -64.87 -76.15
N VAL WG 8 9.61 -66.08 -75.60
CA VAL WG 8 10.06 -67.28 -76.29
C VAL WG 8 8.92 -68.27 -76.35
N VAL WG 9 9.01 -69.19 -77.31
CA VAL WG 9 7.98 -70.19 -77.53
C VAL WG 9 8.64 -71.56 -77.48
N ILE WG 10 8.23 -72.40 -76.54
CA ILE WG 10 8.83 -73.70 -76.34
C ILE WG 10 7.78 -74.77 -76.59
N LYS WG 11 7.97 -75.57 -77.62
CA LYS WG 11 7.10 -76.70 -77.89
C LYS WG 11 7.79 -77.96 -77.37
N ALA WG 12 7.18 -78.61 -76.40
CA ALA WG 12 7.82 -79.78 -75.82
C ALA WG 12 7.58 -81.00 -76.69
N LEU WG 13 8.62 -81.45 -77.37
CA LEU WG 13 8.53 -82.58 -78.28
C LEU WG 13 8.57 -83.93 -77.57
N GLU WG 14 8.89 -83.95 -76.28
CA GLU WG 14 8.89 -85.18 -75.52
C GLU WG 14 8.41 -84.87 -74.12
N ASP WG 15 8.09 -85.92 -73.37
CA ASP WG 15 7.51 -85.73 -72.05
C ASP WG 15 8.58 -85.28 -71.06
N GLY WG 16 8.12 -84.65 -69.99
CA GLY WG 16 8.98 -84.26 -68.90
C GLY WG 16 9.99 -83.19 -69.21
N VAL WG 17 9.68 -82.27 -70.13
CA VAL WG 17 10.63 -81.22 -70.44
C VAL WG 17 10.59 -80.16 -69.35
N ASN WG 18 11.75 -79.88 -68.77
CA ASN WG 18 11.85 -78.94 -67.67
C ASN WG 18 12.17 -77.56 -68.20
N VAL WG 19 11.59 -76.54 -67.60
CA VAL WG 19 11.88 -75.15 -67.92
C VAL WG 19 12.17 -74.45 -66.61
N ILE WG 20 13.37 -73.90 -66.46
CA ILE WG 20 13.83 -73.37 -65.18
C ILE WG 20 13.91 -71.87 -65.27
N GLY WG 21 13.22 -71.18 -64.37
CA GLY WG 21 13.23 -69.74 -64.34
C GLY WG 21 11.83 -69.14 -64.31
N SER WG 33 10.53 -73.47 -61.44
CA SER WG 33 10.60 -74.62 -62.34
C SER WG 33 9.23 -75.04 -62.83
N GLU WG 34 9.14 -75.42 -64.11
CA GLU WG 34 7.91 -75.90 -64.70
C GLU WG 34 8.20 -77.16 -65.49
N CYS WG 35 7.20 -78.03 -65.61
CA CYS WG 35 7.34 -79.26 -66.38
C CYS WG 35 6.29 -79.29 -67.48
N LEU WG 36 6.68 -79.78 -68.65
CA LEU WG 36 5.78 -79.86 -69.80
C LEU WG 36 5.74 -81.29 -70.30
N ASP WG 37 4.57 -81.68 -70.79
CA ASP WG 37 4.39 -82.98 -71.44
C ASP WG 37 4.49 -82.80 -72.95
N LYS WG 38 4.42 -83.93 -73.66
CA LYS WG 38 4.59 -83.92 -75.10
C LYS WG 38 3.42 -83.27 -75.79
N GLY WG 39 3.73 -82.30 -76.65
CA GLY WG 39 2.72 -81.61 -77.43
C GLY WG 39 2.30 -80.28 -76.86
N GLU WG 40 2.64 -79.99 -75.60
CA GLU WG 40 2.30 -78.70 -75.04
C GLU WG 40 3.23 -77.63 -75.56
N VAL WG 41 2.81 -76.38 -75.45
CA VAL WG 41 3.56 -75.23 -75.90
C VAL WG 41 3.48 -74.18 -74.81
N LEU WG 42 4.63 -73.71 -74.35
CA LEU WG 42 4.71 -72.67 -73.35
C LEU WG 42 5.27 -71.41 -73.99
N ILE WG 43 4.53 -70.32 -73.87
CA ILE WG 43 4.99 -69.01 -74.33
C ILE WG 43 5.38 -68.22 -73.10
N ALA WG 44 6.65 -67.89 -72.98
CA ALA WG 44 7.18 -67.32 -71.75
C ALA WG 44 7.77 -65.95 -72.02
N GLN WG 45 7.33 -64.97 -71.24
CA GLN WG 45 7.87 -63.63 -71.30
C GLN WG 45 8.93 -63.45 -70.21
N PHE WG 46 9.84 -62.51 -70.44
CA PHE WG 46 10.87 -62.23 -69.46
C PHE WG 46 10.41 -61.15 -68.51
N THR WG 47 10.34 -61.50 -67.22
CA THR WG 47 10.01 -60.54 -66.19
C THR WG 47 11.31 -59.91 -65.70
N GLU WG 48 11.21 -59.17 -64.61
CA GLU WG 48 12.41 -58.73 -63.92
C GLU WG 48 13.09 -59.89 -63.22
N HIS WG 49 12.30 -60.76 -62.60
CA HIS WG 49 12.82 -61.93 -61.91
C HIS WG 49 13.42 -62.95 -62.86
N THR WG 50 12.64 -63.42 -63.83
CA THR WG 50 13.11 -64.41 -64.80
C THR WG 50 14.04 -63.71 -65.77
N SER WG 51 15.33 -63.77 -65.47
CA SER WG 51 16.35 -63.20 -66.34
C SER WG 51 17.13 -64.26 -67.11
N ALA WG 52 16.85 -65.53 -66.85
CA ALA WG 52 17.52 -66.62 -67.55
C ALA WG 52 16.60 -67.82 -67.55
N ILE WG 53 16.56 -68.51 -68.68
CA ILE WG 53 15.68 -69.65 -68.87
C ILE WG 53 16.50 -70.82 -69.37
N LYS WG 54 16.48 -71.93 -68.66
CA LYS WG 54 17.19 -73.13 -69.03
C LYS WG 54 16.19 -74.20 -69.44
N VAL WG 55 16.47 -74.89 -70.53
CA VAL WG 55 15.55 -75.87 -71.09
C VAL WG 55 16.27 -77.20 -71.17
N ARG WG 56 15.68 -78.23 -70.56
CA ARG WG 56 16.22 -79.58 -70.62
C ARG WG 56 15.34 -80.44 -71.52
N GLY WG 57 15.86 -81.58 -71.93
CA GLY WG 57 15.10 -82.53 -72.71
C GLY WG 57 14.91 -82.06 -74.14
N LYS WG 58 14.16 -82.87 -74.89
CA LYS WG 58 13.93 -82.60 -76.30
C LYS WG 58 12.79 -81.59 -76.44
N ALA WG 59 13.11 -80.41 -76.95
CA ALA WG 59 12.12 -79.36 -77.13
C ALA WG 59 12.52 -78.52 -78.32
N TYR WG 60 11.54 -77.78 -78.84
CA TYR WG 60 11.71 -76.96 -80.04
C TYR WG 60 11.40 -75.52 -79.68
N ILE WG 61 12.41 -74.66 -79.74
CA ILE WG 61 12.32 -73.31 -79.23
C ILE WG 61 12.33 -72.33 -80.39
N GLN WG 62 11.41 -71.38 -80.36
CA GLN WG 62 11.41 -70.23 -81.27
C GLN WG 62 11.64 -68.98 -80.45
N THR WG 63 12.68 -68.23 -80.81
CA THR WG 63 12.95 -66.93 -80.22
C THR WG 63 12.91 -65.89 -81.32
N SER WG 64 13.30 -64.66 -80.97
CA SER WG 64 13.41 -63.62 -81.98
C SER WG 64 14.58 -63.87 -82.92
N HIS WG 65 15.64 -64.52 -82.42
CA HIS WG 65 16.82 -64.82 -83.21
C HIS WG 65 16.63 -66.01 -84.15
N GLY WG 66 15.53 -66.73 -84.03
CA GLY WG 66 15.29 -67.88 -84.87
C GLY WG 66 14.85 -69.05 -84.04
N VAL WG 67 15.03 -70.25 -84.59
CA VAL WG 67 14.60 -71.48 -83.96
C VAL WG 67 15.82 -72.28 -83.56
N ILE WG 68 15.60 -73.21 -82.63
CA ILE WG 68 16.66 -74.07 -82.11
C ILE WG 68 15.99 -75.30 -81.52
N GLU WG 69 16.75 -76.37 -81.34
CA GLU WG 69 16.22 -77.64 -80.88
C GLU WG 69 17.03 -78.17 -79.72
N SER WG 70 16.51 -78.02 -78.51
CA SER WG 70 17.19 -78.54 -77.35
C SER WG 70 16.97 -80.03 -77.24
N GLU WG 71 17.97 -80.73 -76.71
CA GLU WG 71 17.86 -82.17 -76.52
C GLU WG 71 18.16 -82.60 -75.10
N ASP XG 6 3.46 -58.32 -78.57
CA ASP XG 6 2.76 -58.08 -77.30
C ASP XG 6 1.59 -59.01 -77.10
N PHE XG 7 1.16 -59.70 -78.14
CA PHE XG 7 -0.04 -60.52 -78.06
C PHE XG 7 0.09 -61.73 -78.97
N VAL XG 8 -0.64 -62.78 -78.61
CA VAL XG 8 -0.62 -64.05 -79.33
C VAL XG 8 -2.02 -64.37 -79.81
N VAL XG 9 -2.11 -65.21 -80.83
CA VAL XG 9 -3.38 -65.60 -81.42
C VAL XG 9 -3.46 -67.11 -81.41
N ILE XG 10 -4.45 -67.65 -80.71
CA ILE XG 10 -4.60 -69.09 -80.55
C ILE XG 10 -5.91 -69.52 -81.19
N LYS XG 11 -5.83 -70.31 -82.24
CA LYS XG 11 -7.02 -70.89 -82.86
C LYS XG 11 -7.15 -72.31 -82.38
N ALA XG 12 -8.24 -72.60 -81.67
CA ALA XG 12 -8.40 -73.94 -81.13
C ALA XG 12 -8.92 -74.88 -82.19
N LEU XG 13 -8.05 -75.78 -82.66
CA LEU XG 13 -8.41 -76.72 -83.71
C LEU XG 13 -9.19 -77.93 -83.20
N GLU XG 14 -9.27 -78.12 -81.89
CA GLU XG 14 -10.05 -79.20 -81.32
C GLU XG 14 -10.71 -78.70 -80.04
N ASP XG 15 -11.66 -79.47 -79.55
CA ASP XG 15 -12.42 -79.04 -78.39
C ASP XG 15 -11.59 -79.16 -77.12
N GLY XG 16 -11.98 -78.38 -76.12
CA GLY XG 16 -11.38 -78.47 -74.80
C GLY XG 16 -9.94 -78.01 -74.73
N VAL XG 17 -9.53 -77.06 -75.56
CA VAL XG 17 -8.15 -76.59 -75.49
C VAL XG 17 -8.00 -75.64 -74.31
N ASN XG 18 -7.06 -75.95 -73.43
CA ASN XG 18 -6.85 -75.18 -72.21
C ASN XG 18 -5.79 -74.13 -72.47
N VAL XG 19 -5.98 -72.96 -71.89
CA VAL XG 19 -4.99 -71.88 -71.93
C VAL XG 19 -4.79 -71.41 -70.50
N ILE XG 20 -3.57 -71.50 -69.99
CA ILE XG 20 -3.29 -71.27 -68.59
C ILE XG 20 -2.50 -69.98 -68.46
N GLY XG 21 -3.03 -69.05 -67.66
CA GLY XG 21 -2.37 -67.79 -67.43
C GLY XG 21 -3.28 -66.60 -67.65
N SER XG 33 -7.16 -69.79 -65.80
CA SER XG 33 -7.37 -70.83 -66.79
C SER XG 33 -8.59 -70.54 -67.66
N GLU XG 34 -8.49 -70.83 -68.94
CA GLU XG 34 -9.59 -70.65 -69.88
C GLU XG 34 -9.71 -71.89 -70.76
N CYS XG 35 -10.92 -72.18 -71.21
CA CYS XG 35 -11.15 -73.31 -72.09
C CYS XG 35 -11.75 -72.83 -73.41
N LEU XG 36 -11.33 -73.44 -74.51
CA LEU XG 36 -11.80 -73.07 -75.83
C LEU XG 36 -12.36 -74.30 -76.53
N ASP XG 37 -13.40 -74.08 -77.33
CA ASP XG 37 -13.96 -75.13 -78.17
C ASP XG 37 -13.39 -75.03 -79.58
N LYS XG 38 -13.77 -75.96 -80.42
CA LYS XG 38 -13.22 -76.04 -81.77
C LYS XG 38 -13.72 -74.89 -82.63
N GLY XG 39 -12.78 -74.18 -83.25
CA GLY XG 39 -13.10 -73.09 -84.13
C GLY XG 39 -13.00 -71.73 -83.50
N GLU XG 40 -12.93 -71.64 -82.19
CA GLU XG 40 -12.78 -70.35 -81.55
C GLU XG 40 -11.34 -69.87 -81.68
N VAL XG 41 -11.17 -68.56 -81.50
CA VAL XG 41 -9.88 -67.91 -81.59
C VAL XG 41 -9.75 -66.94 -80.42
N LEU XG 42 -8.69 -67.10 -79.65
CA LEU XG 42 -8.43 -66.22 -78.52
C LEU XG 42 -7.20 -65.39 -78.83
N ILE XG 43 -7.35 -64.07 -78.75
CA ILE XG 43 -6.25 -63.14 -78.89
C ILE XG 43 -5.89 -62.65 -77.50
N ALA XG 44 -4.69 -62.98 -77.05
CA ALA XG 44 -4.32 -62.73 -75.67
C ALA XG 44 -3.13 -61.80 -75.59
N GLN XG 45 -3.25 -60.74 -74.82
CA GLN XG 45 -2.16 -59.82 -74.56
C GLN XG 45 -1.49 -60.18 -73.24
N PHE XG 46 -0.22 -59.80 -73.12
CA PHE XG 46 0.51 -60.05 -71.88
C PHE XG 46 0.34 -58.88 -70.93
N THR XG 47 -0.22 -59.17 -69.76
CA THR XG 47 -0.34 -58.18 -68.71
C THR XG 47 0.91 -58.24 -67.85
N GLU XG 48 0.86 -57.55 -66.71
CA GLU XG 48 1.90 -57.75 -65.71
C GLU XG 48 1.74 -59.10 -65.04
N HIS XG 49 0.51 -59.48 -64.74
CA HIS XG 49 0.21 -60.76 -64.12
C HIS XG 49 0.51 -61.95 -65.03
N THR XG 50 -0.09 -61.98 -66.21
CA THR XG 50 0.11 -63.06 -67.17
C THR XG 50 1.49 -62.89 -67.78
N SER XG 51 2.48 -63.57 -67.20
CA SER XG 51 3.83 -63.55 -67.72
C SER XG 51 4.21 -64.84 -68.41
N ALA XG 52 3.33 -65.83 -68.41
CA ALA XG 52 3.58 -67.10 -69.05
C ALA XG 52 2.25 -67.71 -69.45
N ILE XG 53 2.21 -68.30 -70.65
CA ILE XG 53 0.99 -68.88 -71.18
C ILE XG 53 1.29 -70.28 -71.64
N LYS XG 54 0.56 -71.25 -71.11
CA LYS XG 54 0.71 -72.65 -71.46
C LYS XG 54 -0.51 -73.10 -72.23
N VAL XG 55 -0.29 -73.83 -73.31
CA VAL XG 55 -1.36 -74.25 -74.21
C VAL XG 55 -1.36 -75.76 -74.29
N ARG XG 56 -2.49 -76.38 -73.99
CA ARG XG 56 -2.64 -77.83 -74.11
C ARG XG 56 -3.53 -78.15 -75.29
N GLY XG 57 -3.50 -79.41 -75.72
CA GLY XG 57 -4.36 -79.87 -76.78
C GLY XG 57 -3.92 -79.36 -78.15
N LYS XG 58 -4.71 -79.70 -79.15
CA LYS XG 58 -4.39 -79.34 -80.52
C LYS XG 58 -4.86 -77.92 -80.79
N ALA XG 59 -3.90 -77.03 -81.05
CA ALA XG 59 -4.20 -75.63 -81.31
C ALA XG 59 -3.16 -75.08 -82.26
N TYR XG 60 -3.51 -73.95 -82.88
CA TYR XG 60 -2.66 -73.32 -83.87
C TYR XG 60 -2.35 -71.90 -83.41
N ILE XG 61 -1.09 -71.62 -83.11
CA ILE XG 61 -0.69 -70.40 -82.45
C ILE XG 61 0.10 -69.54 -83.43
N GLN XG 62 -0.25 -68.26 -83.49
CA GLN XG 62 0.52 -67.25 -84.20
C GLN XG 62 1.07 -66.27 -83.18
N THR XG 63 2.39 -66.10 -83.19
CA THR XG 63 3.06 -65.11 -82.39
C THR XG 63 3.81 -64.16 -83.30
N SER XG 64 4.60 -63.27 -82.71
CA SER XG 64 5.45 -62.41 -83.50
C SER XG 64 6.58 -63.19 -84.16
N HIS XG 65 7.03 -64.26 -83.53
CA HIS XG 65 8.12 -65.07 -84.05
C HIS XG 65 7.66 -66.03 -85.15
N GLY XG 66 6.37 -66.13 -85.40
CA GLY XG 66 5.87 -67.02 -86.43
C GLY XG 66 4.73 -67.85 -85.90
N VAL XG 67 4.49 -68.98 -86.55
CA VAL XG 67 3.38 -69.86 -86.21
C VAL XG 67 3.93 -71.16 -85.64
N ILE XG 68 3.06 -71.87 -84.92
CA ILE XG 68 3.41 -73.13 -84.29
C ILE XG 68 2.13 -73.90 -84.06
N GLU XG 69 2.24 -75.21 -83.85
CA GLU XG 69 1.08 -76.06 -83.71
C GLU XG 69 1.20 -76.93 -82.47
N SER XG 70 0.50 -76.54 -81.42
CA SER XG 70 0.51 -77.34 -80.19
C SER XG 70 -0.40 -78.55 -80.34
N GLU XG 71 -0.02 -79.64 -79.70
CA GLU XG 71 -0.83 -80.85 -79.74
C GLU XG 71 -1.15 -81.37 -78.35
N ASP YG 6 -1.53 -53.03 -82.13
CA ASP YG 6 -2.36 -52.48 -81.06
C ASP YG 6 -3.84 -52.76 -81.27
N PHE YG 7 -4.22 -53.16 -82.47
CA PHE YG 7 -5.62 -53.33 -82.79
C PHE YG 7 -5.81 -54.46 -83.78
N VAL YG 8 -7.00 -55.05 -83.76
CA VAL YG 8 -7.36 -56.17 -84.60
C VAL YG 8 -8.56 -55.79 -85.45
N VAL YG 9 -8.73 -56.50 -86.56
CA VAL YG 9 -9.81 -56.26 -87.50
C VAL YG 9 -10.58 -57.55 -87.70
N ILE YG 10 -11.85 -57.56 -87.35
CA ILE YG 10 -12.67 -58.76 -87.41
C ILE YG 10 -13.79 -58.52 -88.40
N LYS YG 11 -13.79 -59.26 -89.50
CA LYS YG 11 -14.88 -59.22 -90.47
C LYS YG 11 -15.78 -60.41 -90.21
N ALA YG 12 -17.03 -60.15 -89.84
CA ALA YG 12 -17.92 -61.25 -89.52
C ALA YG 12 -18.50 -61.84 -90.79
N LEU YG 13 -18.04 -63.04 -91.14
CA LEU YG 13 -18.47 -63.71 -92.35
C LEU YG 13 -19.81 -64.41 -92.21
N GLU YG 14 -20.34 -64.52 -91.00
CA GLU YG 14 -21.65 -65.11 -90.78
C GLU YG 14 -22.33 -64.35 -89.67
N ASP YG 15 -23.63 -64.58 -89.52
CA ASP YG 15 -24.41 -63.84 -88.54
C ASP YG 15 -24.12 -64.33 -87.14
N GLY YG 16 -24.37 -63.45 -86.17
CA GLY YG 16 -24.27 -63.80 -84.77
C GLY YG 16 -22.87 -64.07 -84.28
N VAL YG 17 -21.85 -63.42 -84.85
CA VAL YG 17 -20.50 -63.65 -84.38
C VAL YG 17 -20.27 -62.89 -83.09
N ASN YG 18 -19.86 -63.60 -82.05
CA ASN YG 18 -19.68 -63.01 -80.74
C ASN YG 18 -18.23 -62.59 -80.58
N VAL YG 19 -18.02 -61.46 -79.92
CA VAL YG 19 -16.69 -60.97 -79.59
C VAL YG 19 -16.70 -60.63 -78.10
N ILE YG 20 -15.86 -61.29 -77.33
CA ILE YG 20 -15.90 -61.21 -75.88
C ILE YG 20 -14.69 -60.44 -75.38
N GLY YG 21 -14.95 -59.37 -74.64
CA GLY YG 21 -13.87 -58.56 -74.09
C GLY YG 21 -14.04 -57.09 -74.39
N SER YG 33 -19.29 -58.06 -73.98
CA SER YG 33 -19.66 -58.89 -75.12
C SER YG 33 -20.32 -58.06 -76.21
N GLU YG 34 -20.00 -58.38 -77.47
CA GLU YG 34 -20.60 -57.70 -78.61
C GLU YG 34 -21.01 -58.75 -79.64
N CYS YG 35 -22.03 -58.44 -80.43
CA CYS YG 35 -22.50 -59.34 -81.46
C CYS YG 35 -22.42 -58.64 -82.81
N LEU YG 36 -22.02 -59.38 -83.84
CA LEU YG 36 -21.90 -58.84 -85.19
C LEU YG 36 -22.73 -59.67 -86.14
N ASP YG 37 -23.28 -59.00 -87.15
CA ASP YG 37 -24.00 -59.66 -88.23
C ASP YG 37 -23.07 -59.85 -89.41
N LYS YG 38 -23.59 -60.50 -90.45
CA LYS YG 38 -22.77 -60.84 -91.61
C LYS YG 38 -22.43 -59.59 -92.41
N GLY YG 39 -21.14 -59.41 -92.69
CA GLY YG 39 -20.67 -58.31 -93.47
C GLY YG 39 -20.14 -57.15 -92.68
N GLU YG 40 -20.42 -57.09 -91.39
CA GLU YG 40 -19.88 -56.03 -90.57
C GLU YG 40 -18.41 -56.27 -90.28
N VAL YG 41 -17.72 -55.19 -89.90
CA VAL YG 41 -16.31 -55.23 -89.58
C VAL YG 41 -16.09 -54.43 -88.31
N LEU YG 42 -15.49 -55.06 -87.32
CA LEU YG 42 -15.17 -54.41 -86.06
C LEU YG 42 -13.67 -54.25 -85.94
N ILE YG 43 -13.23 -53.01 -85.73
CA ILE YG 43 -11.83 -52.72 -85.48
C ILE YG 43 -11.70 -52.44 -84.00
N ALA YG 44 -10.95 -53.29 -83.30
CA ALA YG 44 -10.92 -53.24 -81.85
C ALA YG 44 -9.51 -52.99 -81.36
N GLN YG 45 -9.36 -51.98 -80.51
CA GLN YG 45 -8.08 -51.69 -79.87
C GLN YG 45 -8.05 -52.30 -78.48
N PHE YG 46 -6.84 -52.56 -78.01
CA PHE YG 46 -6.67 -53.11 -76.67
C PHE YG 46 -6.56 -52.00 -75.65
N THR YG 47 -7.49 -51.98 -74.70
CA THR YG 47 -7.44 -51.04 -73.60
C THR YG 47 -6.66 -51.69 -72.47
N GLU YG 48 -6.69 -51.05 -71.30
CA GLU YG 48 -6.19 -51.69 -70.11
C GLU YG 48 -7.12 -52.82 -69.67
N HIS YG 49 -8.42 -52.57 -69.74
CA HIS YG 49 -9.43 -53.55 -69.39
C HIS YG 49 -9.46 -54.74 -70.33
N THR YG 50 -9.65 -54.50 -71.62
CA THR YG 50 -9.70 -55.55 -72.62
C THR YG 50 -8.28 -56.06 -72.84
N SER YG 51 -7.92 -57.12 -72.13
CA SER YG 51 -6.61 -57.74 -72.28
C SER YG 51 -6.69 -59.06 -73.01
N ALA YG 52 -7.89 -59.53 -73.36
CA ALA YG 52 -8.07 -60.77 -74.08
C ALA YG 52 -9.36 -60.68 -74.87
N ILE YG 53 -9.33 -61.19 -76.09
CA ILE YG 53 -10.47 -61.12 -76.99
C ILE YG 53 -10.73 -62.52 -77.53
N LYS YG 54 -11.93 -63.02 -77.32
CA LYS YG 54 -12.33 -64.33 -77.80
C LYS YG 54 -13.37 -64.16 -78.91
N VAL YG 55 -13.21 -64.91 -79.98
CA VAL YG 55 -14.06 -64.79 -81.16
C VAL YG 55 -14.70 -66.13 -81.43
N ARG YG 56 -16.03 -66.14 -81.51
CA ARG YG 56 -16.78 -67.34 -81.83
C ARG YG 56 -17.34 -67.21 -83.23
N GLY YG 57 -17.77 -68.33 -83.80
CA GLY YG 57 -18.40 -68.34 -85.09
C GLY YG 57 -17.43 -68.11 -86.22
N LYS YG 58 -17.97 -68.05 -87.43
CA LYS YG 58 -17.15 -67.89 -88.62
C LYS YG 58 -16.82 -66.42 -88.81
N ALA YG 59 -15.54 -66.09 -88.71
CA ALA YG 59 -15.09 -64.72 -88.86
C ALA YG 59 -13.69 -64.71 -89.43
N TYR YG 60 -13.29 -63.58 -89.98
CA TYR YG 60 -12.01 -63.42 -90.65
C TYR YG 60 -11.24 -62.31 -89.95
N ILE YG 61 -10.14 -62.66 -89.31
CA ILE YG 61 -9.42 -61.76 -88.41
C ILE YG 61 -8.09 -61.38 -89.05
N GLN YG 62 -7.79 -60.09 -89.03
CA GLN YG 62 -6.49 -59.57 -89.40
C GLN YG 62 -5.85 -58.96 -88.16
N THR YG 63 -4.67 -59.43 -87.82
CA THR YG 63 -3.87 -58.86 -86.75
C THR YG 63 -2.56 -58.38 -87.33
N SER YG 64 -1.65 -57.97 -86.44
CA SER YG 64 -0.30 -57.60 -86.88
C SER YG 64 0.48 -58.83 -87.33
N HIS YG 65 0.19 -59.98 -86.74
CA HIS YG 65 0.88 -61.22 -87.08
C HIS YG 65 0.38 -61.86 -88.37
N GLY YG 66 -0.69 -61.34 -88.95
CA GLY YG 66 -1.22 -61.90 -90.16
C GLY YG 66 -2.72 -62.09 -90.05
N VAL YG 67 -3.25 -62.98 -90.87
CA VAL YG 67 -4.68 -63.23 -90.93
C VAL YG 67 -4.97 -64.62 -90.42
N ILE YG 68 -6.22 -64.84 -90.04
CA ILE YG 68 -6.67 -66.12 -89.51
C ILE YG 68 -8.18 -66.18 -89.69
N GLU YG 69 -8.73 -67.38 -89.63
CA GLU YG 69 -10.15 -67.60 -89.89
C GLU YG 69 -10.79 -68.41 -88.79
N SER YG 70 -11.50 -67.74 -87.90
CA SER YG 70 -12.19 -68.43 -86.82
C SER YG 70 -13.46 -69.07 -87.35
N GLU YG 71 -13.82 -70.21 -86.77
CA GLU YG 71 -15.04 -70.90 -87.17
C GLU YG 71 -15.94 -71.20 -85.98
N ASP ZG 6 -2.28 -46.06 -85.94
CA ASP ZG 6 -3.01 -45.18 -85.05
C ASP ZG 6 -4.33 -44.72 -85.63
N PHE ZG 7 -4.52 -44.89 -86.94
CA PHE ZG 7 -5.70 -44.36 -87.60
C PHE ZG 7 -6.11 -45.27 -88.74
N VAL ZG 8 -7.39 -45.22 -89.08
CA VAL ZG 8 -7.98 -46.03 -90.12
C VAL ZG 8 -8.60 -45.14 -91.17
N VAL ZG 9 -8.76 -45.68 -92.38
CA VAL ZG 9 -9.32 -44.93 -93.51
C VAL ZG 9 -10.50 -45.71 -94.05
N ILE ZG 10 -11.68 -45.10 -94.01
CA ILE ZG 10 -12.91 -45.77 -94.42
C ILE ZG 10 -13.48 -45.03 -95.61
N LYS ZG 11 -13.52 -45.68 -96.77
CA LYS ZG 11 -14.17 -45.13 -97.95
C LYS ZG 11 -15.54 -45.74 -98.07
N ALA ZG 12 -16.58 -44.92 -97.98
CA ALA ZG 12 -17.93 -45.46 -98.03
C ALA ZG 12 -18.34 -45.71 -99.46
N LEU ZG 13 -18.41 -46.98 -99.85
CA LEU ZG 13 -18.76 -47.36 -101.20
C LEU ZG 13 -20.25 -47.33 -101.48
N GLU ZG 14 -21.07 -47.18 -100.44
CA GLU ZG 14 -22.52 -47.07 -100.63
C GLU ZG 14 -23.05 -46.08 -99.62
N ASP ZG 15 -24.29 -45.66 -99.81
CA ASP ZG 15 -24.86 -44.64 -98.97
C ASP ZG 15 -25.23 -45.20 -97.60
N GLY ZG 16 -25.30 -44.30 -96.62
CA GLY ZG 16 -25.75 -44.67 -95.30
C GLY ZG 16 -24.82 -45.58 -94.52
N VAL ZG 17 -23.52 -45.49 -94.75
CA VAL ZG 17 -22.60 -46.34 -94.01
C VAL ZG 17 -22.41 -45.77 -92.61
N ASN ZG 18 -22.67 -46.59 -91.60
CA ASN ZG 18 -22.59 -46.16 -90.22
C ASN ZG 18 -21.22 -46.48 -89.67
N VAL ZG 19 -20.70 -45.58 -88.83
CA VAL ZG 19 -19.44 -45.79 -88.13
C VAL ZG 19 -19.71 -45.49 -86.66
N ILE ZG 20 -19.50 -46.47 -85.81
CA ILE ZG 20 -19.89 -46.38 -84.40
C ILE ZG 20 -18.64 -46.28 -83.55
N GLY ZG 21 -18.57 -45.22 -82.75
CA GLY ZG 21 -17.44 -45.02 -81.86
C GLY ZG 21 -16.82 -43.65 -81.99
N SER ZG 33 -21.83 -42.00 -82.98
CA SER ZG 33 -22.21 -42.54 -84.28
C SER ZG 33 -22.09 -41.50 -85.37
N GLU ZG 34 -21.62 -41.93 -86.54
CA GLU ZG 34 -21.51 -41.06 -87.71
C GLU ZG 34 -22.06 -41.78 -88.93
N CYS ZG 35 -22.57 -41.01 -89.89
CA CYS ZG 35 -23.09 -41.59 -91.11
C CYS ZG 35 -22.34 -41.01 -92.30
N LEU ZG 36 -22.08 -41.85 -93.29
CA LEU ZG 36 -21.35 -41.44 -94.49
C LEU ZG 36 -22.18 -41.77 -95.72
N ASP ZG 37 -22.07 -40.92 -96.73
CA ASP ZG 37 -22.68 -41.16 -98.02
C ASP ZG 37 -21.66 -41.77 -98.97
N LYS ZG 38 -22.12 -42.10 -100.17
CA LYS ZG 38 -21.27 -42.78 -101.14
C LYS ZG 38 -20.20 -41.85 -101.67
N GLY ZG 39 -18.95 -42.30 -101.60
CA GLY ZG 39 -17.83 -41.56 -102.11
C GLY ZG 39 -17.06 -40.79 -101.07
N GLU ZG 40 -17.62 -40.61 -99.87
CA GLU ZG 40 -16.89 -39.94 -98.83
C GLU ZG 40 -15.84 -40.85 -98.23
N VAL ZG 41 -14.87 -40.24 -97.56
CA VAL ZG 41 -13.77 -40.95 -96.92
C VAL ZG 41 -13.57 -40.34 -95.54
N LEU ZG 42 -13.62 -41.18 -94.52
CA LEU ZG 42 -13.40 -40.76 -93.16
C LEU ZG 42 -12.08 -41.33 -92.67
N ILE ZG 43 -11.20 -40.46 -92.20
CA ILE ZG 43 -9.94 -40.88 -91.59
C ILE ZG 43 -10.10 -40.68 -90.09
N ALA ZG 44 -10.05 -41.78 -89.35
CA ALA ZG 44 -10.40 -41.76 -87.94
C ALA ZG 44 -9.22 -42.21 -87.10
N GLN ZG 45 -8.86 -41.39 -86.12
CA GLN ZG 45 -7.82 -41.75 -85.17
C GLN ZG 45 -8.45 -42.31 -83.90
N PHE ZG 46 -7.68 -43.11 -83.19
CA PHE ZG 46 -8.16 -43.67 -81.94
C PHE ZG 46 -7.81 -42.76 -80.78
N THR ZG 47 -8.85 -42.29 -80.09
CA THR ZG 47 -8.67 -41.49 -78.88
C THR ZG 47 -8.61 -42.43 -77.69
N GLU ZG 48 -8.66 -41.85 -76.51
CA GLU ZG 48 -8.87 -42.65 -75.31
C GLU ZG 48 -10.29 -43.19 -75.26
N HIS ZG 49 -11.26 -42.35 -75.61
CA HIS ZG 49 -12.65 -42.74 -75.63
C HIS ZG 49 -12.97 -43.77 -76.70
N THR ZG 50 -12.67 -43.46 -77.95
CA THR ZG 50 -12.92 -44.37 -79.06
C THR ZG 50 -11.90 -45.49 -79.02
N SER ZG 51 -12.27 -46.59 -78.37
CA SER ZG 51 -11.42 -47.76 -78.28
C SER ZG 51 -11.90 -48.89 -79.17
N ALA ZG 52 -13.02 -48.72 -79.85
CA ALA ZG 52 -13.55 -49.74 -80.75
C ALA ZG 52 -14.39 -49.03 -81.81
N ILE ZG 53 -14.26 -49.50 -83.04
CA ILE ZG 53 -14.96 -48.89 -84.17
C ILE ZG 53 -15.67 -50.00 -84.93
N LYS ZG 54 -16.98 -49.86 -85.09
CA LYS ZG 54 -17.79 -50.82 -85.80
C LYS ZG 54 -18.28 -50.19 -87.09
N VAL ZG 55 -18.20 -50.92 -88.19
CA VAL ZG 55 -18.54 -50.41 -89.51
C VAL ZG 55 -19.64 -51.27 -90.10
N ARG ZG 56 -20.74 -50.65 -90.49
CA ARG ZG 56 -21.85 -51.34 -91.14
C ARG ZG 56 -21.88 -50.97 -92.61
N GLY ZG 57 -22.61 -51.75 -93.39
CA GLY ZG 57 -22.80 -51.45 -94.80
C GLY ZG 57 -21.56 -51.72 -95.61
N LYS ZG 58 -21.66 -51.41 -96.90
CA LYS ZG 58 -20.57 -51.66 -97.83
C LYS ZG 58 -19.57 -50.53 -97.75
N ALA ZG 59 -18.36 -50.84 -97.30
CA ALA ZG 59 -17.31 -49.86 -97.16
C ALA ZG 59 -15.97 -50.53 -97.38
N TYR ZG 60 -14.96 -49.71 -97.67
CA TYR ZG 60 -13.62 -50.18 -97.97
C TYR ZG 60 -12.65 -49.58 -96.98
N ILE ZG 61 -12.05 -50.42 -96.14
CA ILE ZG 61 -11.28 -49.97 -95.00
C ILE ZG 61 -9.81 -50.27 -95.25
N GLN ZG 62 -8.95 -49.28 -94.99
CA GLN ZG 62 -7.52 -49.44 -94.97
C GLN ZG 62 -7.04 -49.20 -93.55
N THR ZG 63 -6.34 -50.18 -93.00
CA THR ZG 63 -5.69 -50.07 -91.70
C THR ZG 63 -4.20 -50.27 -91.89
N SER ZG 64 -3.49 -50.34 -90.77
CA SER ZG 64 -2.07 -50.67 -90.82
C SER ZG 64 -1.85 -52.12 -91.23
N HIS ZG 65 -2.77 -53.00 -90.88
CA HIS ZG 65 -2.67 -54.42 -91.19
C HIS ZG 65 -3.04 -54.73 -92.63
N GLY ZG 66 -3.55 -53.77 -93.38
CA GLY ZG 66 -3.93 -54.00 -94.75
C GLY ZG 66 -5.31 -53.45 -95.03
N VAL ZG 67 -5.94 -53.98 -96.06
CA VAL ZG 67 -7.26 -53.52 -96.49
C VAL ZG 67 -8.28 -54.62 -96.24
N ILE ZG 68 -9.55 -54.21 -96.19
CA ILE ZG 68 -10.66 -55.11 -95.95
C ILE ZG 68 -11.91 -54.45 -96.50
N GLU ZG 69 -12.95 -55.24 -96.73
CA GLU ZG 69 -14.17 -54.74 -97.36
C GLU ZG 69 -15.39 -55.16 -96.54
N SER ZG 70 -15.92 -54.23 -95.77
CA SER ZG 70 -17.11 -54.50 -94.99
C SER ZG 70 -18.34 -54.46 -95.88
N GLU ZG 71 -19.32 -55.29 -95.55
CA GLU ZG 71 -20.56 -55.31 -96.31
C GLU ZG 71 -21.79 -55.14 -95.43
N ASP AH 6 1.30 -39.76 -88.95
CA ASP AH 6 0.84 -38.62 -88.16
C ASP AH 6 0.12 -37.58 -88.99
N PHE AH 7 0.24 -37.65 -90.31
CA PHE AH 7 -0.32 -36.63 -91.17
C PHE AH 7 -0.78 -37.25 -92.48
N VAL AH 8 -1.73 -36.57 -93.11
CA VAL AH 8 -2.33 -37.01 -94.36
C VAL AH 8 -2.13 -35.94 -95.42
N VAL AH 9 -2.19 -36.34 -96.68
CA VAL AH 9 -1.99 -35.44 -97.81
C VAL AH 9 -3.20 -35.55 -98.71
N ILE AH 10 -3.92 -34.44 -98.89
CA ILE AH 10 -5.15 -34.43 -99.68
C ILE AH 10 -4.96 -33.52 -100.87
N LYS AH 11 -4.98 -34.09 -102.07
CA LYS AH 11 -4.93 -33.30 -103.29
C LYS AH 11 -6.34 -33.17 -103.82
N ALA AH 12 -6.85 -31.94 -103.89
CA ALA AH 12 -8.21 -31.76 -104.33
C ALA AH 12 -8.28 -31.80 -105.84
N LEU AH 13 -8.84 -32.88 -106.39
CA LEU AH 13 -8.94 -33.06 -107.82
C LEU AH 13 -10.10 -32.31 -108.45
N GLU AH 14 -11.01 -31.76 -107.65
CA GLU AH 14 -12.11 -30.96 -108.16
C GLU AH 14 -12.36 -29.83 -107.20
N ASP AH 15 -13.16 -28.86 -107.64
CA ASP AH 15 -13.39 -27.67 -106.84
C ASP AH 15 -14.32 -27.98 -105.68
N GLY AH 16 -14.24 -27.15 -104.65
CA GLY AH 16 -15.15 -27.23 -103.53
C GLY AH 16 -15.02 -28.47 -102.67
N VAL AH 17 -13.82 -29.02 -102.56
CA VAL AH 17 -13.65 -30.21 -101.72
C VAL AH 17 -13.61 -29.79 -100.27
N ASN AH 18 -14.49 -30.37 -99.46
CA ASN AH 18 -14.60 -30.01 -98.05
C ASN AH 18 -13.76 -30.96 -97.23
N VAL AH 19 -13.12 -30.42 -96.20
CA VAL AH 19 -12.36 -31.20 -95.23
C VAL AH 19 -12.85 -30.79 -93.84
N ILE AH 20 -13.37 -31.73 -93.09
CA ILE AH 20 -14.04 -31.45 -91.83
C ILE AH 20 -13.18 -31.96 -90.69
N GLY AH 21 -12.85 -31.06 -89.77
CA GLY AH 21 -12.05 -31.43 -88.62
C GLY AH 21 -10.85 -30.53 -88.42
N SER AH 33 -13.99 -26.67 -90.39
CA SER AH 33 -14.21 -26.96 -91.80
C SER AH 33 -13.32 -26.13 -92.70
N GLU AH 34 -12.81 -26.75 -93.76
CA GLU AH 34 -11.99 -26.06 -94.74
C GLU AH 34 -12.46 -26.42 -96.14
N CYS AH 35 -12.26 -25.52 -97.09
CA CYS AH 35 -12.63 -25.78 -98.47
C CYS AH 35 -11.40 -25.65 -99.36
N LEU AH 36 -11.29 -26.53 -100.35
CA LEU AH 36 -10.17 -26.54 -101.28
C LEU AH 36 -10.68 -26.45 -102.70
N ASP AH 37 -9.91 -25.77 -103.55
CA ASP AH 37 -10.18 -25.69 -104.96
C ASP AH 37 -9.35 -26.74 -105.70
N LYS AH 38 -9.56 -26.81 -107.01
CA LYS AH 38 -8.91 -27.83 -107.81
C LYS AH 38 -7.41 -27.55 -107.95
N GLY AH 39 -6.60 -28.56 -107.63
CA GLY AH 39 -5.18 -28.46 -107.75
C GLY AH 39 -4.46 -28.15 -106.46
N GLU AH 40 -5.17 -27.71 -105.43
CA GLU AH 40 -4.53 -27.44 -104.16
C GLU AH 40 -4.24 -28.75 -103.44
N VAL AH 41 -3.32 -28.68 -102.49
CA VAL AH 41 -2.91 -29.83 -101.69
C VAL AH 41 -2.84 -29.38 -100.25
N LEU AH 42 -3.56 -30.08 -99.38
CA LEU AH 42 -3.54 -29.79 -97.95
C LEU AH 42 -2.85 -30.93 -97.23
N ILE AH 43 -1.83 -30.60 -96.46
CA ILE AH 43 -1.14 -31.56 -95.61
C ILE AH 43 -1.59 -31.31 -94.20
N ALA AH 44 -2.28 -32.27 -93.60
CA ALA AH 44 -2.93 -32.07 -92.33
C ALA AH 44 -2.39 -33.03 -91.28
N GLN AH 45 -1.97 -32.48 -90.16
CA GLN AH 45 -1.53 -33.29 -89.03
C GLN AH 45 -2.66 -33.45 -88.03
N PHE AH 46 -2.60 -34.53 -87.25
CA PHE AH 46 -3.61 -34.76 -86.24
C PHE AH 46 -3.21 -34.12 -84.93
N THR AH 47 -4.04 -33.19 -84.46
CA THR AH 47 -3.85 -32.57 -83.17
C THR AH 47 -4.57 -33.41 -82.12
N GLU AH 48 -4.67 -32.86 -80.92
CA GLU AH 48 -5.54 -33.46 -79.91
C GLU AH 48 -6.99 -33.23 -80.29
N HIS AH 49 -7.32 -32.03 -80.76
CA HIS AH 49 -8.67 -31.69 -81.16
C HIS AH 49 -9.13 -32.45 -82.39
N THR AH 50 -8.39 -32.34 -83.50
CA THR AH 50 -8.73 -33.01 -84.74
C THR AH 50 -8.41 -34.49 -84.57
N SER AH 51 -9.41 -35.27 -84.18
CA SER AH 51 -9.27 -36.70 -84.04
C SER AH 51 -9.96 -37.47 -85.16
N ALA AH 52 -10.64 -36.78 -86.06
CA ALA AH 52 -11.31 -37.41 -87.18
C ALA AH 52 -11.40 -36.42 -88.31
N ILE AH 53 -11.16 -36.89 -89.53
CA ILE AH 53 -11.16 -36.05 -90.71
C ILE AH 53 -12.06 -36.67 -91.75
N LYS AH 54 -13.06 -35.92 -92.20
CA LYS AH 54 -13.98 -36.37 -93.22
C LYS AH 54 -13.74 -35.58 -94.49
N VAL AH 55 -13.72 -36.28 -95.62
CA VAL AH 55 -13.40 -35.68 -96.90
C VAL AH 55 -14.57 -35.91 -97.85
N ARG AH 56 -15.09 -34.84 -98.42
CA ARG AH 56 -16.17 -34.91 -99.39
C ARG AH 56 -15.62 -34.58 -100.77
N GLY AH 57 -16.38 -34.93 -101.80
CA GLY AH 57 -16.01 -34.58 -103.16
C GLY AH 57 -14.87 -35.44 -103.68
N LYS AH 58 -14.46 -35.12 -104.90
CA LYS AH 58 -13.41 -35.89 -105.56
C LYS AH 58 -12.05 -35.38 -105.10
N ALA AH 59 -11.31 -36.24 -104.41
CA ALA AH 59 -10.01 -35.89 -103.89
C ALA AH 59 -9.14 -37.13 -103.86
N TYR AH 60 -7.83 -36.91 -103.79
CA TYR AH 60 -6.85 -37.99 -103.81
C TYR AH 60 -6.02 -37.91 -102.54
N ILE AH 61 -6.14 -38.93 -101.69
CA ILE AH 61 -5.59 -38.90 -100.35
C ILE AH 61 -4.43 -39.88 -100.26
N GLN AH 62 -3.33 -39.42 -99.69
CA GLN AH 62 -2.21 -40.27 -99.33
C GLN AH 62 -2.08 -40.28 -97.81
N THR AH 63 -2.12 -41.47 -97.23
CA THR AH 63 -1.87 -41.66 -95.81
C THR AH 63 -0.66 -42.57 -95.65
N SER AH 64 -0.40 -42.97 -94.41
CA SER AH 64 0.65 -43.94 -94.16
C SER AH 64 0.26 -45.32 -94.68
N HIS AH 65 -1.03 -45.63 -94.67
CA HIS AH 65 -1.51 -46.93 -95.12
C HIS AH 65 -1.58 -47.04 -96.64
N GLY AH 66 -1.36 -45.96 -97.36
CA GLY AH 66 -1.41 -46.00 -98.81
C GLY AH 66 -2.23 -44.85 -99.33
N VAL AH 67 -2.73 -45.01 -100.55
CA VAL AH 67 -3.49 -43.98 -101.22
C VAL AH 67 -4.93 -44.43 -101.37
N ILE AH 68 -5.81 -43.46 -101.60
CA ILE AH 68 -7.24 -43.70 -101.75
C ILE AH 68 -7.82 -42.52 -102.51
N GLU AH 69 -9.00 -42.71 -103.07
CA GLU AH 69 -9.62 -41.69 -103.92
C GLU AH 69 -11.06 -41.45 -103.48
N SER AH 70 -11.29 -40.37 -102.75
CA SER AH 70 -12.63 -40.03 -102.33
C SER AH 70 -13.39 -39.40 -103.48
N GLU AH 71 -14.70 -39.64 -103.51
CA GLU AH 71 -15.54 -39.07 -104.56
C GLU AH 71 -16.73 -38.31 -103.98
N ASP BH 6 -70.84 67.13 -2.39
CA ASP BH 6 -70.01 66.32 -1.51
C ASP BH 6 -70.31 66.53 -0.04
N PHE BH 7 -71.02 67.60 0.28
CA PHE BH 7 -71.25 67.95 1.68
C PHE BH 7 -72.62 68.61 1.84
N VAL BH 8 -73.15 68.50 3.04
CA VAL BH 8 -74.46 69.03 3.39
C VAL BH 8 -74.31 70.02 4.53
N VAL BH 9 -75.30 70.90 4.65
CA VAL BH 9 -75.29 71.94 5.67
C VAL BH 9 -76.59 71.83 6.47
N ILE BH 10 -76.47 71.57 7.76
CA ILE BH 10 -77.64 71.35 8.61
C ILE BH 10 -77.67 72.44 9.67
N LYS BH 11 -78.69 73.29 9.63
CA LYS BH 11 -78.89 74.30 10.65
C LYS BH 11 -79.95 73.79 11.61
N ALA BH 12 -79.59 73.58 12.87
CA ALA BH 12 -80.54 73.03 13.81
C ALA BH 12 -81.45 74.13 14.33
N LEU BH 13 -82.71 74.10 13.89
CA LEU BH 13 -83.68 75.12 14.27
C LEU BH 13 -84.30 74.87 15.64
N GLU BH 14 -84.06 73.71 16.24
CA GLU BH 14 -84.55 73.44 17.57
C GLU BH 14 -83.50 72.60 18.30
N ASP BH 15 -83.68 72.49 19.61
CA ASP BH 15 -82.67 71.80 20.42
C ASP BH 15 -82.76 70.30 20.22
N GLY BH 16 -81.65 69.62 20.51
CA GLY BH 16 -81.60 68.18 20.49
C GLY BH 16 -81.76 67.55 19.13
N VAL BH 17 -81.31 68.20 18.06
CA VAL BH 17 -81.41 67.61 16.74
C VAL BH 17 -80.33 66.57 16.57
N ASN BH 18 -80.74 65.35 16.24
CA ASN BH 18 -79.81 64.23 16.11
C ASN BH 18 -79.38 64.10 14.66
N VAL BH 19 -78.12 63.77 14.45
CA VAL BH 19 -77.57 63.49 13.14
C VAL BH 19 -76.84 62.16 13.22
N ILE BH 20 -77.28 61.18 12.44
CA ILE BH 20 -76.80 59.82 12.57
C ILE BH 20 -75.94 59.48 11.36
N GLY BH 21 -74.71 59.06 11.62
CA GLY BH 21 -73.80 58.69 10.57
C GLY BH 21 -72.46 59.38 10.66
N SER BH 33 -73.21 59.06 15.96
CA SER BH 33 -74.31 59.96 16.29
C SER BH 33 -73.80 61.27 16.86
N GLU BH 34 -74.45 62.37 16.48
CA GLU BH 34 -74.11 63.70 16.98
C GLU BH 34 -75.40 64.42 17.38
N CYS BH 35 -75.29 65.32 18.34
CA CYS BH 35 -76.44 66.11 18.77
C CYS BH 35 -76.13 67.59 18.60
N LEU BH 36 -77.13 68.34 18.17
CA LEU BH 36 -76.99 69.77 17.94
C LEU BH 36 -78.03 70.52 18.74
N ASP BH 37 -77.66 71.71 19.22
CA ASP BH 37 -78.57 72.61 19.89
C ASP BH 37 -79.09 73.64 18.90
N LYS BH 38 -79.99 74.49 19.38
CA LYS BH 38 -80.65 75.47 18.52
C LYS BH 38 -79.68 76.54 18.09
N GLY BH 39 -79.60 76.78 16.79
CA GLY BH 39 -78.75 77.81 16.24
C GLY BH 39 -77.42 77.32 15.72
N GLU BH 40 -77.02 76.11 16.07
CA GLU BH 40 -75.78 75.59 15.54
C GLU BH 40 -75.95 75.14 14.09
N VAL BH 41 -74.83 75.03 13.40
CA VAL BH 41 -74.79 74.63 12.00
C VAL BH 41 -73.68 73.61 11.84
N LEU BH 42 -74.02 72.44 11.31
CA LEU BH 42 -73.05 71.40 11.06
C LEU BH 42 -72.88 71.23 9.56
N ILE BH 43 -71.65 71.34 9.10
CA ILE BH 43 -71.32 71.10 7.70
C ILE BH 43 -70.64 69.73 7.64
N ALA BH 44 -71.28 68.78 6.97
CA ALA BH 44 -70.84 67.40 7.01
C ALA BH 44 -70.47 66.92 5.62
N GLN BH 45 -69.28 66.37 5.49
CA GLN BH 45 -68.84 65.75 4.24
C GLN BH 45 -69.06 64.25 4.31
N PHE BH 46 -69.20 63.64 3.14
CA PHE BH 46 -69.36 62.20 3.07
C PHE BH 46 -68.01 61.51 2.97
N THR BH 47 -67.72 60.67 3.95
CA THR BH 47 -66.52 59.86 3.94
C THR BH 47 -66.84 58.55 3.23
N GLU BH 48 -65.91 57.61 3.33
CA GLU BH 48 -66.20 56.24 2.91
C GLU BH 48 -67.15 55.59 3.90
N HIS BH 49 -66.91 55.81 5.19
CA HIS BH 49 -67.75 55.26 6.24
C HIS BH 49 -69.16 55.84 6.25
N THR BH 50 -69.27 57.15 6.37
CA THR BH 50 -70.56 57.84 6.39
C THR BH 50 -71.12 57.83 4.98
N SER BH 51 -71.95 56.83 4.69
CA SER BH 51 -72.61 56.72 3.41
C SER BH 51 -74.08 57.07 3.48
N ALA BH 52 -74.60 57.34 4.66
CA ALA BH 52 -76.00 57.71 4.84
C ALA BH 52 -76.11 58.57 6.09
N ILE BH 53 -76.93 59.62 5.99
CA ILE BH 53 -77.10 60.57 7.08
C ILE BH 53 -78.58 60.72 7.34
N LYS BH 54 -78.99 60.46 8.58
CA LYS BH 54 -80.38 60.58 9.00
C LYS BH 54 -80.50 61.76 9.95
N VAL BH 55 -81.52 62.58 9.76
CA VAL BH 55 -81.70 63.80 10.53
C VAL BH 55 -83.06 63.74 11.21
N ARG BH 56 -83.08 63.89 12.53
CA ARG BH 56 -84.31 63.91 13.30
C ARG BH 56 -84.57 65.33 13.78
N GLY BH 57 -85.80 65.60 14.20
CA GLY BH 57 -86.15 66.88 14.77
C GLY BH 57 -86.24 67.97 13.71
N LYS BH 58 -86.51 69.18 14.18
CA LYS BH 58 -86.70 70.31 13.30
C LYS BH 58 -85.34 70.88 12.91
N ALA BH 59 -85.01 70.78 11.63
CA ALA BH 59 -83.73 71.27 11.13
C ALA BH 59 -83.91 71.74 9.70
N TYR BH 60 -82.97 72.55 9.23
CA TYR BH 60 -83.02 73.14 7.91
C TYR BH 60 -81.77 72.72 7.15
N ILE BH 61 -81.95 71.95 6.09
CA ILE BH 61 -80.85 71.29 5.40
C ILE BH 61 -80.68 71.92 4.03
N GLN BH 62 -79.44 72.24 3.69
CA GLN BH 62 -79.05 72.64 2.34
C GLN BH 62 -78.13 71.59 1.78
N THR BH 63 -78.51 71.05 0.61
CA THR BH 63 -77.68 70.13 -0.13
C THR BH 63 -77.39 70.74 -1.49
N SER BH 64 -76.77 69.94 -2.36
CA SER BH 64 -76.56 70.38 -3.74
C SER BH 64 -77.87 70.42 -4.49
N HIS BH 65 -78.83 69.56 -4.15
CA HIS BH 65 -80.11 69.51 -4.82
C HIS BH 65 -81.07 70.60 -4.38
N GLY BH 66 -80.72 71.36 -3.35
CA GLY BH 66 -81.58 72.42 -2.87
C GLY BH 66 -81.70 72.35 -1.37
N VAL BH 67 -82.79 72.94 -0.85
CA VAL BH 67 -83.01 73.01 0.57
C VAL BH 67 -84.22 72.15 0.93
N ILE BH 68 -84.30 71.81 2.22
CA ILE BH 68 -85.38 70.97 2.73
C ILE BH 68 -85.47 71.24 4.23
N GLU BH 69 -86.61 70.88 4.82
CA GLU BH 69 -86.85 71.17 6.23
C GLU BH 69 -87.33 69.93 6.95
N SER BH 70 -86.42 69.30 7.69
CA SER BH 70 -86.79 68.13 8.46
C SER BH 70 -87.54 68.54 9.72
N GLU BH 71 -88.46 67.69 10.14
CA GLU BH 71 -89.22 67.97 11.36
C GLU BH 71 -89.17 66.80 12.34
N ASP CH 6 -65.13 72.74 -1.78
CA ASP CH 6 -64.04 72.15 -1.01
C ASP CH 6 -63.75 72.93 0.27
N PHE CH 7 -64.25 74.14 0.38
CA PHE CH 7 -63.92 74.99 1.51
C PHE CH 7 -65.10 75.88 1.87
N VAL CH 8 -65.13 76.30 3.13
CA VAL CH 8 -66.19 77.13 3.66
C VAL CH 8 -65.59 78.41 4.21
N VAL CH 9 -66.43 79.44 4.31
CA VAL CH 9 -66.01 80.76 4.78
C VAL CH 9 -66.90 81.15 5.94
N ILE CH 10 -66.31 81.35 7.11
CA ILE CH 10 -67.06 81.64 8.32
C ILE CH 10 -66.65 83.02 8.81
N LYS CH 11 -67.58 83.96 8.79
CA LYS CH 11 -67.35 85.28 9.35
C LYS CH 11 -67.97 85.33 10.73
N ALA CH 12 -67.16 85.53 11.75
CA ALA CH 12 -67.69 85.51 13.11
C ALA CH 12 -68.30 86.86 13.44
N LEU CH 13 -69.63 86.89 13.51
CA LEU CH 13 -70.36 88.12 13.78
C LEU CH 13 -70.40 88.49 15.26
N GLU CH 14 -69.97 87.59 16.14
CA GLU CH 14 -69.92 87.89 17.56
C GLU CH 14 -68.69 87.20 18.13
N ASP CH 15 -68.35 87.58 19.36
CA ASP CH 15 -67.13 87.06 19.97
C ASP CH 15 -67.32 85.62 20.42
N GLY CH 16 -66.19 84.91 20.54
CA GLY CH 16 -66.20 83.58 21.07
C GLY CH 16 -66.87 82.53 20.21
N VAL CH 17 -66.85 82.69 18.89
CA VAL CH 17 -67.47 81.70 18.03
C VAL CH 17 -66.56 80.49 17.92
N ASN CH 18 -67.09 79.32 18.25
CA ASN CH 18 -66.31 78.10 18.25
C ASN CH 18 -66.47 77.39 16.91
N VAL CH 19 -65.40 76.80 16.43
CA VAL CH 19 -65.41 75.99 15.22
C VAL CH 19 -64.74 74.67 15.56
N ILE CH 20 -65.46 73.57 15.43
CA ILE CH 20 -65.01 72.27 15.91
C ILE CH 20 -64.68 71.40 14.71
N GLY CH 21 -63.45 70.89 14.66
CA GLY CH 21 -63.03 70.02 13.59
C GLY CH 21 -61.74 70.47 12.93
N SER CH 33 -60.40 72.17 17.83
CA SER CH 33 -61.26 73.29 18.15
C SER CH 33 -60.54 74.62 17.95
N GLU CH 34 -61.27 75.60 17.42
CA GLU CH 34 -60.73 76.95 17.22
C GLU CH 34 -61.75 77.97 17.72
N CYS CH 35 -61.26 79.12 18.15
CA CYS CH 35 -62.13 80.19 18.62
C CYS CH 35 -61.88 81.43 17.78
N LEU CH 36 -62.96 82.15 17.47
CA LEU CH 36 -62.88 83.37 16.66
C LEU CH 36 -63.52 84.51 17.42
N ASP CH 37 -62.97 85.70 17.23
CA ASP CH 37 -63.53 86.93 17.78
C ASP CH 37 -64.37 87.62 16.71
N LYS CH 38 -65.00 88.73 17.11
CA LYS CH 38 -65.92 89.42 16.22
C LYS CH 38 -65.16 90.11 15.10
N GLY CH 39 -65.59 89.85 13.86
CA GLY CH 39 -65.00 90.46 12.69
C GLY CH 39 -63.99 89.61 11.98
N GLU CH 40 -63.51 88.55 12.61
CA GLU CH 40 -62.57 87.67 11.93
C GLU CH 40 -63.29 86.78 10.93
N VAL CH 41 -62.54 86.24 9.99
CA VAL CH 41 -63.05 85.37 8.94
C VAL CH 41 -62.11 84.19 8.82
N LEU CH 42 -62.65 82.99 8.94
CA LEU CH 42 -61.88 81.77 8.80
C LEU CH 42 -62.31 81.07 7.52
N ILE CH 43 -61.35 80.79 6.65
CA ILE CH 43 -61.59 80.02 5.45
C ILE CH 43 -61.02 78.63 5.69
N ALA CH 44 -61.89 77.63 5.71
CA ALA CH 44 -61.48 76.29 6.13
C ALA CH 44 -61.71 75.30 5.01
N GLN CH 45 -60.66 74.54 4.70
CA GLN CH 45 -60.75 73.47 3.73
C GLN CH 45 -60.96 72.14 4.44
N PHE CH 46 -61.55 71.19 3.72
CA PHE CH 46 -61.76 69.87 4.29
C PHE CH 46 -60.57 68.97 4.00
N THR CH 47 -59.94 68.50 5.07
CA THR CH 47 -58.85 67.54 4.95
C THR CH 47 -59.45 66.15 4.97
N GLU CH 48 -58.57 65.15 5.08
CA GLU CH 48 -59.04 63.80 5.37
C GLU CH 48 -59.54 63.70 6.80
N HIS CH 49 -58.83 64.32 7.73
CA HIS CH 49 -59.20 64.32 9.14
C HIS CH 49 -60.47 65.10 9.41
N THR CH 50 -60.51 66.37 9.03
CA THR CH 50 -61.68 67.22 9.23
C THR CH 50 -62.74 66.81 8.23
N SER CH 51 -63.63 65.93 8.66
CA SER CH 51 -64.75 65.48 7.83
C SER CH 51 -66.07 66.08 8.27
N ALA CH 52 -66.08 66.84 9.36
CA ALA CH 52 -67.29 67.48 9.85
C ALA CH 52 -66.90 68.73 10.61
N ILE CH 53 -67.66 69.80 10.42
CA ILE CH 53 -67.38 71.08 11.03
C ILE CH 53 -68.65 71.57 11.72
N LYS CH 54 -68.55 71.83 13.01
CA LYS CH 54 -69.66 72.33 13.79
C LYS CH 54 -69.38 73.76 14.20
N VAL CH 55 -70.38 74.63 14.07
CA VAL CH 55 -70.23 76.05 14.32
C VAL CH 55 -71.22 76.46 15.40
N ARG CH 56 -70.71 77.06 16.47
CA ARG CH 56 -71.56 77.58 17.54
C ARG CH 56 -71.58 79.09 17.49
N GLY CH 57 -72.54 79.69 18.17
CA GLY CH 57 -72.62 81.13 18.28
C GLY CH 57 -73.09 81.77 16.99
N LYS CH 58 -73.12 83.10 17.01
CA LYS CH 58 -73.62 83.87 15.88
C LYS CH 58 -72.50 84.02 14.85
N ALA CH 59 -72.70 83.43 13.68
CA ALA CH 59 -71.71 83.49 12.62
C ALA CH 59 -72.41 83.44 11.28
N TYR CH 60 -71.71 83.87 10.25
CA TYR CH 60 -72.25 83.96 8.90
C TYR CH 60 -71.40 83.09 7.98
N ILE CH 61 -72.00 82.03 7.45
CA ILE CH 61 -71.26 81.01 6.73
C ILE CH 61 -71.61 81.08 5.25
N GLN CH 62 -70.59 81.03 4.40
CA GLN CH 62 -70.75 80.87 2.97
C GLN CH 62 -70.15 79.54 2.57
N THR CH 63 -70.95 78.70 1.93
CA THR CH 63 -70.50 77.45 1.36
C THR CH 63 -70.75 77.49 -0.14
N SER CH 64 -70.52 76.34 -0.78
CA SER CH 64 -70.85 76.22 -2.19
C SER CH 64 -72.35 76.22 -2.41
N HIS CH 65 -73.12 75.71 -1.45
CA HIS CH 65 -74.56 75.63 -1.55
C HIS CH 65 -75.25 76.96 -1.26
N GLY CH 66 -74.52 77.97 -0.81
CA GLY CH 66 -75.10 79.25 -0.51
C GLY CH 66 -74.64 79.74 0.84
N VAL CH 67 -75.42 80.64 1.43
CA VAL CH 67 -75.08 81.25 2.70
C VAL CH 67 -76.07 80.79 3.75
N ILE CH 68 -75.66 80.94 5.01
CA ILE CH 68 -76.47 80.54 6.15
C ILE CH 68 -75.98 81.32 7.35
N GLU CH 69 -76.79 81.39 8.39
CA GLU CH 69 -76.48 82.20 9.57
C GLU CH 69 -76.66 81.39 10.84
N SER CH 70 -75.56 80.92 11.40
CA SER CH 70 -75.62 80.16 12.64
C SER CH 70 -75.81 81.11 13.81
N GLU CH 71 -76.53 80.64 14.83
CA GLU CH 71 -76.75 81.45 16.02
C GLU CH 71 -76.35 80.71 17.29
N ASP DH 6 -59.86 77.13 -5.49
CA ASP DH 6 -58.56 76.68 -5.01
C ASP DH 6 -57.76 77.80 -4.35
N PHE DH 7 -58.18 79.04 -4.55
CA PHE DH 7 -57.41 80.17 -4.06
C PHE DH 7 -58.33 81.32 -3.67
N VAL DH 8 -57.85 82.15 -2.77
CA VAL DH 8 -58.59 83.29 -2.24
C VAL DH 8 -57.81 84.56 -2.52
N VAL DH 9 -58.53 85.67 -2.53
CA VAL DH 9 -57.95 86.99 -2.81
C VAL DH 9 -58.29 87.91 -1.65
N ILE DH 10 -57.27 88.41 -0.97
CA ILE DH 10 -57.46 89.24 0.21
C ILE DH 10 -56.87 90.62 -0.08
N LYS DH 11 -57.72 91.63 -0.11
CA LYS DH 11 -57.28 93.01 -0.24
C LYS DH 11 -57.29 93.65 1.13
N ALA DH 12 -56.12 94.05 1.61
CA ALA DH 12 -56.05 94.61 2.95
C ALA DH 12 -56.48 96.07 2.93
N LEU DH 13 -57.65 96.35 3.47
CA LEU DH 13 -58.21 97.69 3.48
C LEU DH 13 -57.64 98.56 4.59
N GLU DH 14 -56.91 97.98 5.53
CA GLU DH 14 -56.27 98.75 6.59
C GLU DH 14 -54.92 98.12 6.88
N ASP DH 15 -54.10 98.85 7.63
CA ASP DH 15 -52.75 98.39 7.90
C ASP DH 15 -52.75 97.26 8.91
N GLY DH 16 -51.69 96.47 8.87
CA GLY DH 16 -51.48 95.41 9.85
C GLY DH 16 -52.45 94.27 9.79
N VAL DH 17 -52.97 93.94 8.61
CA VAL DH 17 -53.90 92.83 8.51
C VAL DH 17 -53.12 91.52 8.55
N ASN DH 18 -53.47 90.65 9.48
CA ASN DH 18 -52.77 89.39 9.68
C ASN DH 18 -53.47 88.30 8.90
N VAL DH 19 -52.69 87.40 8.32
CA VAL DH 19 -53.20 86.23 7.64
C VAL DH 19 -52.45 85.03 8.20
N ILE DH 20 -53.18 84.09 8.77
CA ILE DH 20 -52.58 82.99 9.52
C ILE DH 20 -52.76 81.70 8.74
N GLY DH 21 -51.68 81.02 8.44
CA GLY DH 21 -51.73 79.77 7.72
C GLY DH 21 -50.81 79.73 6.52
N SER DH 33 -47.59 82.82 9.48
CA SER DH 33 -48.24 84.11 9.63
C SER DH 33 -47.65 85.14 8.67
N GLU DH 34 -48.52 85.97 8.10
CA GLU DH 34 -48.10 87.05 7.21
C GLU DH 34 -48.82 88.33 7.60
N CYS DH 35 -48.19 89.46 7.33
CA CYS DH 35 -48.78 90.76 7.62
C CYS DH 35 -48.89 91.56 6.34
N LEU DH 36 -49.99 92.29 6.18
CA LEU DH 36 -50.24 93.11 5.01
C LEU DH 36 -50.50 94.54 5.43
N ASP DH 37 -50.07 95.48 4.59
CA ASP DH 37 -50.36 96.89 4.78
C ASP DH 37 -51.55 97.28 3.92
N LYS DH 38 -51.95 98.54 4.05
CA LYS DH 38 -53.15 99.02 3.36
C LYS DH 38 -52.91 99.12 1.87
N GLY DH 39 -53.79 98.51 1.09
CA GLY DH 39 -53.74 98.56 -0.34
C GLY DH 39 -53.10 97.36 -0.98
N GLU DH 40 -52.41 96.52 -0.21
CA GLU DH 40 -51.84 95.32 -0.79
C GLU DH 40 -52.92 94.27 -1.01
N VAL DH 41 -52.61 93.31 -1.87
CA VAL DH 41 -53.51 92.22 -2.21
C VAL DH 41 -52.71 90.93 -2.20
N LEU DH 42 -53.16 89.96 -1.43
CA LEU DH 42 -52.53 88.66 -1.36
C LEU DH 42 -53.44 87.63 -1.99
N ILE DH 43 -52.93 86.91 -2.97
CA ILE DH 43 -53.64 85.80 -3.60
C ILE DH 43 -53.03 84.53 -3.06
N ALA DH 44 -53.82 83.75 -2.32
CA ALA DH 44 -53.29 82.62 -1.59
C ALA DH 44 -53.96 81.33 -2.06
N GLN DH 45 -53.14 80.36 -2.41
CA GLN DH 45 -53.62 79.04 -2.77
C GLN DH 45 -53.54 78.11 -1.58
N PHE DH 46 -54.38 77.07 -1.58
CA PHE DH 46 -54.35 76.09 -0.51
C PHE DH 46 -53.38 74.96 -0.84
N THR DH 47 -52.37 74.81 0.02
CA THR DH 47 -51.44 73.70 -0.11
C THR DH 47 -51.98 72.53 0.68
N GLU DH 48 -51.15 71.51 0.84
CA GLU DH 48 -51.47 70.44 1.79
C GLU DH 48 -51.34 70.95 3.22
N HIS DH 49 -50.31 71.73 3.49
CA HIS DH 49 -50.08 72.30 4.81
C HIS DH 49 -51.14 73.33 5.20
N THR DH 50 -51.31 74.37 4.39
CA THR DH 50 -52.28 75.41 4.66
C THR DH 50 -53.66 74.86 4.38
N SER DH 51 -54.31 74.34 5.42
CA SER DH 51 -55.67 73.83 5.30
C SER DH 51 -56.69 74.76 5.93
N ALA DH 52 -56.26 75.85 6.55
CA ALA DH 52 -57.15 76.81 7.16
C ALA DH 52 -56.48 78.17 7.17
N ILE DH 53 -57.25 79.20 6.87
CA ILE DH 53 -56.73 80.55 6.77
C ILE DH 53 -57.61 81.46 7.63
N LYS DH 54 -56.99 82.15 8.57
CA LYS DH 54 -57.68 83.07 9.46
C LYS DH 54 -57.26 84.48 9.13
N VAL DH 55 -58.22 85.40 9.04
CA VAL DH 55 -57.96 86.77 8.63
C VAL DH 55 -58.43 87.70 9.74
N ARG DH 56 -57.53 88.55 10.22
CA ARG DH 56 -57.85 89.54 11.24
C ARG DH 56 -57.89 90.92 10.60
N GLY DH 57 -58.48 91.87 11.30
CA GLY DH 57 -58.50 93.24 10.84
C GLY DH 57 -59.45 93.46 9.69
N LYS DH 58 -59.46 94.69 9.20
CA LYS DH 58 -60.37 95.07 8.12
C LYS DH 58 -59.76 94.67 6.79
N ALA DH 59 -60.42 93.74 6.11
CA ALA DH 59 -59.94 93.24 4.83
C ALA DH 59 -61.14 92.84 3.97
N TYR DH 60 -60.90 92.75 2.68
CA TYR DH 60 -61.94 92.43 1.71
C TYR DH 60 -61.55 91.17 0.97
N ILE DH 61 -62.32 90.10 1.16
CA ILE DH 61 -61.95 88.78 0.68
C ILE DH 61 -62.87 88.38 -0.45
N GLN DH 62 -62.28 87.87 -1.53
CA GLN DH 62 -63.01 87.24 -2.61
C GLN DH 62 -62.63 85.77 -2.65
N THR DH 63 -63.64 84.91 -2.56
CA THR DH 63 -63.46 83.47 -2.72
C THR DH 63 -64.30 83.01 -3.89
N SER DH 64 -64.36 81.69 -4.07
CA SER DH 64 -65.23 81.14 -5.09
C SER DH 64 -66.70 81.31 -4.72
N HIS DH 65 -67.01 81.31 -3.43
CA HIS DH 65 -68.38 81.44 -2.95
C HIS DH 65 -68.87 82.87 -2.98
N GLY DH 66 -68.00 83.84 -3.25
CA GLY DH 66 -68.41 85.23 -3.30
C GLY DH 66 -67.44 86.08 -2.52
N VAL DH 67 -67.91 87.25 -2.09
CA VAL DH 67 -67.07 88.20 -1.39
C VAL DH 67 -67.55 88.33 0.05
N ILE DH 68 -66.67 88.84 0.89
CA ILE DH 68 -66.95 89.01 2.31
C ILE DH 68 -66.00 90.08 2.83
N GLU DH 69 -66.32 90.66 3.98
CA GLU DH 69 -65.55 91.76 4.53
C GLU DH 69 -65.22 91.50 5.98
N SER DH 70 -63.98 91.08 6.24
CA SER DH 70 -63.54 90.85 7.60
C SER DH 70 -63.23 92.17 8.28
N GLU DH 71 -63.47 92.22 9.58
CA GLU DH 71 -63.19 93.42 10.35
C GLU DH 71 -62.30 93.14 11.56
N ASP EH 6 -56.39 79.18 -12.45
CA ASP EH 6 -55.02 78.73 -12.32
C ASP EH 6 -54.00 79.84 -12.46
N PHE EH 7 -54.43 80.99 -12.97
CA PHE EH 7 -53.51 82.07 -13.25
C PHE EH 7 -54.19 83.41 -13.05
N VAL EH 8 -53.38 84.42 -12.78
CA VAL EH 8 -53.84 85.78 -12.50
C VAL EH 8 -53.21 86.72 -13.50
N VAL EH 9 -53.85 87.87 -13.70
CA VAL EH 9 -53.39 88.88 -14.64
C VAL EH 9 -53.25 90.19 -13.90
N ILE EH 10 -52.02 90.72 -13.86
CA ILE EH 10 -51.72 91.94 -13.11
C ILE EH 10 -51.28 93.00 -14.09
N LYS EH 11 -52.05 94.07 -14.22
CA LYS EH 11 -51.67 95.22 -15.02
C LYS EH 11 -51.13 96.29 -14.09
N ALA EH 12 -49.86 96.63 -14.24
CA ALA EH 12 -49.28 97.60 -13.34
C ALA EH 12 -49.63 99.02 -13.78
N LEU EH 13 -50.52 99.66 -13.02
CA LEU EH 13 -50.99 100.99 -13.34
C LEU EH 13 -50.03 102.10 -12.93
N GLU EH 14 -49.00 101.76 -12.16
CA GLU EH 14 -47.98 102.74 -11.77
C GLU EH 14 -46.64 102.04 -11.74
N ASP EH 15 -45.59 102.84 -11.67
CA ASP EH 15 -44.25 102.28 -11.72
C ASP EH 15 -43.88 101.59 -10.43
N GLY EH 16 -42.92 100.67 -10.52
CA GLY EH 16 -42.38 100.02 -9.35
C GLY EH 16 -43.32 99.10 -8.62
N VAL EH 17 -44.26 98.46 -9.32
CA VAL EH 17 -45.17 97.55 -8.65
C VAL EH 17 -44.47 96.24 -8.38
N ASN EH 18 -44.46 95.82 -7.13
CA ASN EH 18 -43.76 94.61 -6.71
C ASN EH 18 -44.72 93.45 -6.71
N VAL EH 19 -44.24 92.29 -7.13
CA VAL EH 19 -45.01 91.06 -7.09
C VAL EH 19 -44.12 90.01 -6.41
N ILE EH 20 -44.59 89.48 -5.29
CA ILE EH 20 -43.77 88.63 -4.43
C ILE EH 20 -44.28 87.20 -4.54
N GLY EH 21 -43.40 86.28 -4.90
CA GLY EH 21 -43.75 84.88 -5.01
C GLY EH 21 -43.37 84.27 -6.34
N SER EH 33 -39.18 87.62 -6.13
CA SER EH 33 -39.70 88.98 -6.29
C SER EH 33 -39.52 89.48 -7.71
N GLU EH 34 -40.52 90.20 -8.22
CA GLU EH 34 -40.45 90.81 -9.54
C GLU EH 34 -40.93 92.24 -9.45
N CYS EH 35 -40.43 93.09 -10.34
CA CYS EH 35 -40.84 94.49 -10.38
C CYS EH 35 -41.42 94.80 -11.76
N LEU EH 36 -42.48 95.60 -11.78
CA LEU EH 36 -43.14 95.98 -13.02
C LEU EH 36 -43.20 97.49 -13.13
N ASP EH 37 -43.10 97.98 -14.35
CA ASP EH 37 -43.26 99.40 -14.64
C ASP EH 37 -44.68 99.66 -15.11
N LYS EH 38 -44.98 100.94 -15.35
CA LYS EH 38 -46.34 101.33 -15.70
C LYS EH 38 -46.70 100.87 -17.11
N GLY EH 39 -47.83 100.18 -17.22
CA GLY EH 39 -48.32 99.71 -18.49
C GLY EH 39 -48.01 98.26 -18.79
N GLU EH 40 -47.09 97.65 -18.04
CA GLU EH 40 -46.80 96.25 -18.27
C GLU EH 40 -47.91 95.38 -17.68
N VAL EH 41 -47.97 94.15 -18.15
CA VAL EH 41 -48.96 93.18 -17.71
C VAL EH 41 -48.24 91.86 -17.48
N LEU EH 42 -48.38 91.32 -16.28
CA LEU EH 42 -47.81 90.03 -15.94
C LEU EH 42 -48.91 89.01 -15.76
N ILE EH 43 -48.82 87.91 -16.50
CA ILE EH 43 -49.74 86.80 -16.36
C ILE EH 43 -48.99 85.71 -15.61
N ALA EH 44 -49.46 85.39 -14.41
CA ALA EH 44 -48.72 84.50 -13.52
C ALA EH 44 -49.53 83.27 -13.20
N GLN EH 45 -48.94 82.10 -13.41
CA GLN EH 45 -49.55 80.84 -13.03
C GLN EH 45 -49.02 80.39 -11.68
N PHE EH 46 -49.82 79.59 -10.99
CA PHE EH 46 -49.40 79.05 -9.71
C PHE EH 46 -48.66 77.74 -9.89
N THR EH 47 -47.41 77.72 -9.45
CA THR EH 47 -46.62 76.50 -9.45
C THR EH 47 -46.84 75.79 -8.13
N GLU EH 48 -46.03 74.77 -7.89
CA GLU EH 48 -45.98 74.17 -6.56
C GLU EH 48 -45.31 75.12 -5.58
N HIS EH 49 -44.22 75.76 -6.01
CA HIS EH 49 -43.50 76.71 -5.18
C HIS EH 49 -44.30 77.96 -4.88
N THR EH 50 -44.75 78.67 -5.91
CA THR EH 50 -45.52 79.89 -5.75
C THR EH 50 -46.92 79.51 -5.29
N SER EH 51 -47.13 79.51 -3.99
CA SER EH 51 -48.43 79.22 -3.41
C SER EH 51 -49.12 80.47 -2.87
N ALA EH 52 -48.46 81.62 -2.93
CA ALA EH 52 -49.03 82.86 -2.45
C ALA EH 52 -48.38 84.00 -3.21
N ILE EH 53 -49.18 84.98 -3.61
CA ILE EH 53 -48.72 86.12 -4.39
C ILE EH 53 -49.17 87.39 -3.71
N LYS EH 54 -48.23 88.25 -3.38
CA LYS EH 54 -48.51 89.52 -2.74
C LYS EH 54 -48.21 90.64 -3.73
N VAL EH 55 -49.11 91.62 -3.81
CA VAL EH 55 -49.00 92.69 -4.78
C VAL EH 55 -48.99 94.02 -4.04
N ARG EH 56 -47.97 94.83 -4.28
CA ARG EH 56 -47.85 96.14 -3.68
C ARG EH 56 -48.10 97.19 -4.74
N GLY EH 57 -48.35 98.42 -4.31
CA GLY EH 57 -48.52 99.53 -5.22
C GLY EH 57 -49.84 99.47 -5.96
N LYS EH 58 -50.02 100.44 -6.86
CA LYS EH 58 -51.25 100.56 -7.60
C LYS EH 58 -51.22 99.62 -8.80
N ALA EH 59 -52.11 98.63 -8.78
CA ALA EH 59 -52.17 97.65 -9.87
C ALA EH 59 -53.61 97.19 -10.01
N TYR EH 60 -53.89 96.61 -11.16
CA TYR EH 60 -55.23 96.15 -11.52
C TYR EH 60 -55.18 94.66 -11.79
N ILE EH 61 -55.83 93.87 -10.96
CA ILE EH 61 -55.70 92.43 -10.97
C ILE EH 61 -57.00 91.81 -11.47
N GLN EH 62 -56.88 90.86 -12.39
CA GLN EH 62 -57.98 90.02 -12.82
C GLN EH 62 -57.68 88.59 -12.41
N THR EH 63 -58.59 88.00 -11.65
CA THR EH 63 -58.52 86.59 -11.29
C THR EH 63 -59.75 85.89 -11.83
N SER EH 64 -59.91 84.63 -11.44
CA SER EH 64 -61.12 83.90 -11.80
C SER EH 64 -62.32 84.44 -11.03
N HIS EH 65 -62.10 84.93 -9.82
CA HIS EH 65 -63.18 85.46 -8.99
C HIS EH 65 -63.62 86.85 -9.40
N GLY EH 66 -62.91 87.50 -10.32
CA GLY EH 66 -63.27 88.83 -10.74
C GLY EH 66 -62.06 89.73 -10.75
N VAL EH 67 -62.31 91.03 -10.68
CA VAL EH 67 -61.24 92.02 -10.74
C VAL EH 67 -61.14 92.72 -9.39
N ILE EH 68 -59.97 93.34 -9.18
CA ILE EH 68 -59.69 94.05 -7.94
C ILE EH 68 -58.59 95.05 -8.24
N GLU EH 69 -58.44 96.04 -7.37
CA GLU EH 69 -57.49 97.13 -7.58
C GLU EH 69 -56.62 97.34 -6.36
N SER EH 70 -55.40 96.83 -6.41
CA SER EH 70 -54.47 97.02 -5.32
C SER EH 70 -53.89 98.43 -5.35
N GLU EH 71 -53.61 98.97 -4.17
CA GLU EH 71 -53.03 100.30 -4.08
C GLU EH 71 -51.76 100.32 -3.24
N ASP FH 6 -56.02 77.95 -20.15
CA ASP FH 6 -54.71 77.34 -20.40
C ASP FH 6 -53.85 78.15 -21.34
N PHE FH 7 -54.45 79.11 -22.05
CA PHE FH 7 -53.72 79.85 -23.06
C PHE FH 7 -54.24 81.28 -23.14
N VAL FH 8 -53.38 82.16 -23.61
CA VAL FH 8 -53.68 83.58 -23.73
C VAL FH 8 -53.53 84.00 -25.18
N VAL FH 9 -54.17 85.10 -25.54
CA VAL FH 9 -54.16 85.63 -26.89
C VAL FH 9 -53.69 87.07 -26.84
N ILE FH 10 -52.57 87.37 -27.49
CA ILE FH 10 -51.98 88.69 -27.45
C ILE FH 10 -51.97 89.26 -28.86
N LYS FH 11 -52.72 90.33 -29.07
CA LYS FH 11 -52.71 91.04 -30.33
C LYS FH 11 -51.82 92.26 -30.17
N ALA FH 12 -50.73 92.32 -30.93
CA ALA FH 12 -49.81 93.42 -30.78
C ALA FH 12 -50.31 94.64 -31.55
N LEU FH 13 -50.79 95.64 -30.82
CA LEU FH 13 -51.34 96.84 -31.42
C LEU FH 13 -50.28 97.83 -31.88
N GLU FH 14 -49.02 97.63 -31.50
CA GLU FH 14 -47.95 98.49 -31.95
C GLU FH 14 -46.72 97.62 -32.17
N ASP FH 15 -45.73 98.20 -32.84
CA ASP FH 15 -44.54 97.44 -33.19
C ASP FH 15 -43.66 97.20 -31.99
N GLY FH 16 -42.84 96.15 -32.07
CA GLY FH 16 -41.86 95.86 -31.05
C GLY FH 16 -42.41 95.43 -29.72
N VAL FH 17 -43.56 94.76 -29.70
CA VAL FH 17 -44.11 94.31 -28.43
C VAL FH 17 -43.37 93.07 -27.97
N ASN FH 18 -42.83 93.13 -26.76
CA ASN FH 18 -42.03 92.04 -26.22
C ASN FH 18 -42.91 91.12 -25.40
N VAL FH 19 -42.66 89.83 -25.49
CA VAL FH 19 -43.34 88.83 -24.67
C VAL FH 19 -42.26 87.96 -24.04
N ILE FH 20 -42.21 87.93 -22.72
CA ILE FH 20 -41.12 87.30 -22.00
C ILE FH 20 -41.62 86.04 -21.34
N GLY FH 21 -40.99 84.92 -21.63
CA GLY FH 21 -41.37 83.65 -21.04
C GLY FH 21 -41.59 82.56 -22.08
N SER FH 33 -37.68 85.00 -24.82
CA SER FH 33 -38.22 86.29 -25.26
C SER FH 33 -38.64 86.24 -26.72
N GLU FH 34 -39.76 86.89 -27.03
CA GLU FH 34 -40.26 86.97 -28.40
C GLU FH 34 -40.65 88.41 -28.70
N CYS FH 35 -40.57 88.80 -29.96
CA CYS FH 35 -40.95 90.14 -30.37
C CYS FH 35 -42.05 90.05 -31.42
N LEU FH 36 -43.01 90.96 -31.35
CA LEU FH 36 -44.14 90.99 -32.27
C LEU FH 36 -44.23 92.36 -32.92
N ASP FH 37 -44.64 92.38 -34.18
CA ASP FH 37 -44.91 93.60 -34.90
C ASP FH 37 -46.39 93.92 -34.84
N LYS FH 38 -46.76 95.07 -35.41
CA LYS FH 38 -48.13 95.54 -35.35
C LYS FH 38 -49.05 94.68 -36.19
N GLY FH 39 -50.13 94.20 -35.59
CA GLY FH 39 -51.11 93.42 -36.27
C GLY FH 39 -50.97 91.92 -36.09
N GLU FH 40 -49.83 91.47 -35.58
CA GLU FH 40 -49.67 90.04 -35.33
C GLU FH 40 -50.43 89.64 -34.08
N VAL FH 41 -50.70 88.34 -33.97
CA VAL FH 41 -51.41 87.77 -32.84
C VAL FH 41 -50.68 86.51 -32.42
N LEU FH 42 -50.30 86.44 -31.16
CA LEU FH 42 -49.63 85.29 -30.60
C LEU FH 42 -50.57 84.60 -29.62
N ILE FH 43 -50.81 83.31 -29.84
CA ILE FH 43 -51.59 82.49 -28.94
C ILE FH 43 -50.61 81.62 -28.19
N ALA FH 44 -50.52 81.82 -26.88
CA ALA FH 44 -49.48 81.18 -26.08
C ALA FH 44 -50.09 80.30 -25.02
N GLN FH 45 -49.65 79.05 -24.97
CA GLN FH 45 -50.05 78.12 -23.94
C GLN FH 45 -49.00 78.08 -22.84
N PHE FH 46 -49.44 77.71 -21.64
CA PHE FH 46 -48.53 77.60 -20.52
C PHE FH 46 -47.94 76.20 -20.45
N THR FH 47 -46.61 76.12 -20.55
CA THR FH 47 -45.91 74.86 -20.40
C THR FH 47 -45.56 74.70 -18.93
N GLU FH 48 -44.73 73.70 -18.65
CA GLU FH 48 -44.13 73.61 -17.33
C GLU FH 48 -43.10 74.70 -17.13
N HIS FH 49 -42.29 74.97 -18.16
CA HIS FH 49 -41.28 76.01 -18.12
C HIS FH 49 -41.86 77.41 -18.04
N THR FH 50 -42.70 77.77 -18.99
CA THR FH 50 -43.32 79.09 -19.05
C THR FH 50 -44.40 79.13 -17.97
N SER FH 51 -44.03 79.63 -16.79
CA SER FH 51 -44.97 79.78 -15.69
C SER FH 51 -45.36 81.22 -15.46
N ALA FH 52 -44.77 82.16 -16.21
CA ALA FH 52 -45.09 83.57 -16.07
C ALA FH 52 -44.81 84.24 -17.40
N ILE FH 53 -45.69 85.15 -17.79
CA ILE FH 53 -45.60 85.84 -19.07
C ILE FH 53 -45.71 87.33 -18.82
N LYS FH 54 -44.70 88.08 -19.24
CA LYS FH 54 -44.69 89.52 -19.09
C LYS FH 54 -44.83 90.16 -20.47
N VAL FH 55 -45.67 91.18 -20.56
CA VAL FH 55 -45.98 91.82 -21.83
C VAL FH 55 -45.64 93.30 -21.72
N ARG FH 56 -44.79 93.79 -22.64
CA ARG FH 56 -44.43 95.19 -22.69
C ARG FH 56 -45.10 95.84 -23.88
N GLY FH 57 -45.15 97.16 -23.90
CA GLY FH 57 -45.68 97.90 -25.03
C GLY FH 57 -47.19 97.81 -25.11
N LYS FH 58 -47.71 98.42 -26.17
CA LYS FH 58 -49.15 98.48 -26.36
C LYS FH 58 -49.63 97.19 -27.01
N ALA FH 59 -50.44 96.43 -26.28
CA ALA FH 59 -50.96 95.18 -26.77
C ALA FH 59 -52.32 94.93 -26.16
N TYR FH 60 -53.08 94.04 -26.79
CA TYR FH 60 -54.45 93.73 -26.38
C TYR FH 60 -54.52 92.25 -26.06
N ILE FH 61 -54.77 91.92 -24.79
CA ILE FH 61 -54.66 90.57 -24.30
C ILE FH 61 -56.06 90.04 -23.97
N GLN FH 62 -56.35 88.83 -24.42
CA GLN FH 62 -57.54 88.09 -24.03
C GLN FH 62 -57.09 86.86 -23.26
N THR FH 63 -57.60 86.73 -22.03
CA THR FH 63 -57.39 85.55 -21.22
C THR FH 63 -58.74 84.93 -20.91
N SER FH 64 -58.73 83.92 -20.05
CA SER FH 64 -59.98 83.34 -19.58
C SER FH 64 -60.74 84.30 -18.70
N HIS FH 65 -60.03 85.15 -17.96
CA HIS FH 65 -60.65 86.10 -17.05
C HIS FH 65 -61.21 87.32 -17.76
N GLY FH 66 -60.95 87.47 -19.04
CA GLY FH 66 -61.45 88.61 -19.79
C GLY FH 66 -60.35 89.23 -20.61
N VAL FH 67 -60.53 90.50 -20.96
CA VAL FH 67 -59.59 91.21 -21.80
C VAL FH 67 -58.92 92.31 -20.98
N ILE FH 68 -57.78 92.75 -21.49
CA ILE FH 68 -56.98 93.79 -20.83
C ILE FH 68 -56.10 94.43 -21.91
N GLU FH 69 -55.59 95.61 -21.61
CA GLU FH 69 -54.82 96.38 -22.59
C GLU FH 69 -53.51 96.85 -21.98
N SER FH 70 -52.42 96.16 -22.31
CA SER FH 70 -51.12 96.56 -21.82
C SER FH 70 -50.60 97.74 -22.62
N GLU FH 71 -49.85 98.61 -21.95
CA GLU FH 71 -49.27 99.77 -22.62
C GLU FH 71 -47.76 99.85 -22.42
N ASP GH 6 -58.79 73.94 -26.63
CA ASP GH 6 -57.68 73.10 -27.07
C ASP GH 6 -57.25 73.39 -28.49
N PHE GH 7 -58.07 74.12 -29.25
CA PHE GH 7 -57.79 74.33 -30.65
C PHE GH 7 -58.31 75.70 -31.08
N VAL GH 8 -57.69 76.22 -32.13
CA VAL GH 8 -58.02 77.54 -32.67
C VAL GH 8 -58.42 77.39 -34.13
N VAL GH 9 -59.17 78.37 -34.62
CA VAL GH 9 -59.66 78.38 -35.99
C VAL GH 9 -59.22 79.66 -36.65
N ILE GH 10 -58.43 79.55 -37.72
CA ILE GH 10 -57.86 80.71 -38.40
C ILE GH 10 -58.40 80.74 -39.81
N LYS GH 11 -59.18 81.75 -40.14
CA LYS GH 11 -59.65 81.95 -41.51
C LYS GH 11 -58.78 83.01 -42.15
N ALA GH 12 -58.05 82.63 -43.20
CA ALA GH 12 -57.15 83.58 -43.82
C ALA GH 12 -57.91 84.51 -44.76
N LEU GH 13 -58.08 85.76 -44.36
CA LEU GH 13 -58.82 86.74 -45.13
C LEU GH 13 -58.01 87.34 -46.28
N GLU GH 14 -56.71 87.10 -46.32
CA GLU GH 14 -55.88 87.58 -47.41
C GLU GH 14 -54.83 86.52 -47.71
N ASP GH 15 -54.16 86.69 -48.84
CA ASP GH 15 -53.20 85.69 -49.27
C ASP GH 15 -51.93 85.77 -48.45
N GLY GH 16 -51.19 84.66 -48.42
CA GLY GH 16 -49.90 84.61 -47.78
C GLY GH 16 -49.91 84.75 -46.29
N VAL GH 17 -50.96 84.31 -45.60
CA VAL GH 17 -50.98 84.43 -44.15
C VAL GH 17 -50.12 83.34 -43.55
N ASN GH 18 -49.16 83.75 -42.73
CA ASN GH 18 -48.21 82.81 -42.13
C ASN GH 18 -48.71 82.39 -40.77
N VAL GH 19 -48.51 81.12 -40.43
CA VAL GH 19 -48.83 80.58 -39.12
C VAL GH 19 -47.58 79.86 -38.63
N ILE GH 20 -47.03 80.28 -37.51
CA ILE GH 20 -45.75 79.81 -37.04
C ILE GH 20 -45.96 78.95 -35.80
N GLY GH 21 -45.48 77.72 -35.86
CA GLY GH 21 -45.60 76.81 -34.74
C GLY GH 21 -46.20 75.47 -35.12
N SER GH 33 -43.63 76.20 -39.77
CA SER GH 33 -44.30 77.30 -40.46
C SER GH 33 -45.25 76.79 -41.53
N GLU GH 34 -46.40 77.44 -41.66
CA GLU GH 34 -47.38 77.11 -42.67
C GLU GH 34 -47.86 78.39 -43.34
N CYS GH 35 -48.27 78.30 -44.61
CA CYS GH 35 -48.78 79.43 -45.33
C CYS GH 35 -50.20 79.13 -45.81
N LEU GH 36 -51.07 80.14 -45.75
CA LEU GH 36 -52.45 80.00 -46.15
C LEU GH 36 -52.79 81.04 -47.20
N ASP GH 37 -53.65 80.67 -48.14
CA ASP GH 37 -54.17 81.59 -49.13
C ASP GH 37 -55.53 82.11 -48.69
N LYS GH 38 -56.08 83.03 -49.48
CA LYS GH 38 -57.33 83.68 -49.12
C LYS GH 38 -58.49 82.72 -49.20
N GLY GH 39 -59.26 82.64 -48.11
CA GLY GH 39 -60.43 81.81 -48.05
C GLY GH 39 -60.23 80.48 -47.37
N GLU GH 40 -58.98 80.07 -47.16
CA GLU GH 40 -58.74 78.82 -46.47
C GLU GH 40 -58.96 79.01 -44.97
N VAL GH 41 -59.16 77.87 -44.29
CA VAL GH 41 -59.39 77.85 -42.85
C VAL GH 41 -58.54 76.74 -42.27
N LEU GH 42 -57.71 77.07 -41.30
CA LEU GH 42 -56.88 76.11 -40.61
C LEU GH 42 -57.37 75.95 -39.19
N ILE GH 43 -57.68 74.71 -38.81
CA ILE GH 43 -58.05 74.39 -37.44
C ILE GH 43 -56.86 73.71 -36.81
N ALA GH 44 -56.28 74.34 -35.79
CA ALA GH 44 -55.01 73.89 -35.24
C ALA GH 44 -55.17 73.54 -33.78
N GLN GH 45 -54.74 72.34 -33.42
CA GLN GH 45 -54.72 71.91 -32.04
C GLN GH 45 -53.32 72.12 -31.45
N PHE GH 46 -53.28 72.25 -30.13
CA PHE GH 46 -52.00 72.42 -29.45
C PHE GH 46 -51.43 71.07 -29.06
N THR GH 47 -50.25 70.77 -29.60
CA THR GH 47 -49.53 69.56 -29.23
C THR GH 47 -48.64 69.88 -28.04
N GLU GH 48 -47.76 68.94 -27.71
CA GLU GH 48 -46.71 69.24 -26.76
C GLU GH 48 -45.68 70.18 -27.36
N HIS GH 49 -45.33 69.94 -28.63
CA HIS GH 49 -44.38 70.77 -29.35
C HIS GH 49 -44.90 72.17 -29.60
N THR GH 50 -46.04 72.29 -30.27
CA THR GH 50 -46.64 73.59 -30.60
C THR GH 50 -47.22 74.16 -29.32
N SER GH 51 -46.44 74.97 -28.63
CA SER GH 51 -46.89 75.65 -27.41
C SER GH 51 -47.17 77.12 -27.64
N ALA GH 52 -46.91 77.63 -28.84
CA ALA GH 52 -47.16 79.02 -29.15
C ALA GH 52 -47.40 79.14 -30.64
N ILE GH 53 -48.37 79.96 -31.01
CA ILE GH 53 -48.77 80.13 -32.39
C ILE GH 53 -48.79 81.61 -32.71
N LYS GH 54 -48.02 82.02 -33.72
CA LYS GH 54 -47.96 83.40 -34.14
C LYS GH 54 -48.60 83.52 -35.51
N VAL GH 55 -49.43 84.55 -35.69
CA VAL GH 55 -50.20 84.74 -36.91
C VAL GH 55 -49.84 86.09 -37.50
N ARG GH 56 -49.42 86.10 -38.76
CA ARG GH 56 -49.11 87.33 -39.47
C ARG GH 56 -50.18 87.58 -40.51
N GLY GH 57 -50.24 88.81 -41.00
CA GLY GH 57 -51.14 89.17 -42.07
C GLY GH 57 -52.58 89.28 -41.58
N LYS GH 58 -53.46 89.54 -42.53
CA LYS GH 58 -54.87 89.73 -42.21
C LYS GH 58 -55.56 88.38 -42.09
N ALA GH 59 -56.03 88.05 -40.90
CA ALA GH 59 -56.69 86.79 -40.66
C ALA GH 59 -57.72 86.98 -39.56
N TYR GH 60 -58.65 86.04 -39.49
CA TYR GH 60 -59.75 86.09 -38.54
C TYR GH 60 -59.71 84.85 -37.67
N ILE GH 61 -59.46 85.03 -36.38
CA ILE GH 61 -59.17 83.92 -35.48
C ILE GH 61 -60.33 83.76 -34.51
N GLN GH 62 -60.76 82.52 -34.33
CA GLN GH 62 -61.71 82.15 -33.30
C GLN GH 62 -61.00 81.23 -32.32
N THR GH 63 -61.01 81.60 -31.05
CA THR GH 63 -60.50 80.78 -29.97
C THR GH 63 -61.64 80.50 -29.00
N SER GH 64 -61.29 79.88 -27.88
CA SER GH 64 -62.27 79.68 -26.83
C SER GH 64 -62.63 80.99 -26.15
N HIS GH 65 -61.71 81.94 -26.10
CA HIS GH 65 -61.93 83.23 -25.46
C HIS GH 65 -62.72 84.19 -26.35
N GLY GH 66 -62.98 83.84 -27.59
CA GLY GH 66 -63.72 84.70 -28.49
C GLY GH 66 -63.02 84.81 -29.81
N VAL GH 67 -63.33 85.89 -30.53
CA VAL GH 67 -62.77 86.12 -31.86
C VAL GH 67 -61.84 87.32 -31.81
N ILE GH 68 -60.98 87.40 -32.82
CA ILE GH 68 -60.01 88.46 -32.94
C ILE GH 68 -59.60 88.56 -34.40
N GLU GH 69 -59.02 89.69 -34.79
CA GLU GH 69 -58.68 89.94 -36.18
C GLU GH 69 -57.24 90.40 -36.31
N SER GH 70 -56.36 89.49 -36.71
CA SER GH 70 -54.96 89.85 -36.91
C SER GH 70 -54.80 90.59 -38.22
N GLU GH 71 -53.85 91.51 -38.24
CA GLU GH 71 -53.57 92.26 -39.46
C GLU GH 71 -52.10 92.20 -39.85
N ASP HH 6 -63.84 68.48 -29.43
CA ASP HH 6 -63.03 67.36 -29.88
C ASP HH 6 -63.21 67.06 -31.36
N PHE HH 7 -64.27 67.61 -31.96
CA PHE HH 7 -64.59 67.28 -33.34
C PHE HH 7 -65.21 68.49 -34.03
N VAL HH 8 -65.09 68.50 -35.35
CA VAL HH 8 -65.57 69.58 -36.20
C VAL HH 8 -66.55 69.02 -37.20
N VAL HH 9 -67.42 69.89 -37.71
CA VAL HH 9 -68.44 69.50 -38.68
C VAL HH 9 -68.29 70.39 -39.91
N ILE HH 10 -68.01 69.77 -41.06
CA ILE HH 10 -67.76 70.50 -42.29
C ILE HH 10 -68.84 70.13 -43.30
N LYS HH 11 -69.66 71.10 -43.67
CA LYS HH 11 -70.65 70.90 -44.72
C LYS HH 11 -70.10 71.50 -46.00
N ALA HH 12 -69.89 70.66 -47.01
CA ALA HH 12 -69.31 71.16 -48.24
C ALA HH 12 -70.38 71.83 -49.10
N LEU HH 13 -70.33 73.15 -49.18
CA LEU HH 13 -71.31 73.92 -49.93
C LEU HH 13 -71.04 73.93 -51.43
N GLU HH 14 -69.88 73.47 -51.87
CA GLU HH 14 -69.57 73.39 -53.28
C GLU HH 14 -68.76 72.13 -53.52
N ASP HH 15 -68.62 71.77 -54.79
CA ASP HH 15 -67.95 70.53 -55.12
C ASP HH 15 -66.45 70.65 -54.94
N GLY HH 16 -65.79 69.50 -54.76
CA GLY HH 16 -64.36 69.45 -54.70
C GLY HH 16 -63.73 70.11 -53.50
N VAL HH 17 -64.41 70.12 -52.36
CA VAL HH 17 -63.83 70.73 -51.16
C VAL HH 17 -62.81 69.77 -50.56
N ASN HH 18 -61.59 70.26 -50.39
CA ASN HH 18 -60.50 69.44 -49.89
C ASN HH 18 -60.39 69.61 -48.39
N VAL HH 19 -60.10 68.52 -47.69
CA VAL HH 19 -59.85 68.54 -46.26
C VAL HH 19 -58.53 67.80 -46.03
N ILE HH 20 -57.55 68.49 -45.47
CA ILE HH 20 -56.20 67.98 -45.37
C ILE HH 20 -55.90 67.65 -43.91
N GLY HH 21 -55.50 66.41 -43.66
CA GLY HH 21 -55.17 65.99 -42.32
C GLY HH 21 -55.89 64.72 -41.90
N SER HH 33 -55.50 63.34 -47.06
CA SER HH 33 -56.36 64.24 -47.83
C SER HH 33 -57.68 63.57 -48.17
N GLU HH 34 -58.76 64.33 -48.10
CA GLU HH 34 -60.09 63.85 -48.46
C GLU HH 34 -60.77 64.89 -49.33
N CYS HH 35 -61.67 64.42 -50.20
CA CYS HH 35 -62.42 65.33 -51.06
C CYS HH 35 -63.91 65.14 -50.81
N LEU HH 36 -64.65 66.25 -50.83
CA LEU HH 36 -66.08 66.23 -50.59
C LEU HH 36 -66.80 66.88 -51.75
N ASP HH 37 -67.99 66.37 -52.07
CA ASP HH 37 -68.85 66.97 -53.06
C ASP HH 37 -69.89 67.86 -52.37
N LYS HH 38 -70.70 68.51 -53.18
CA LYS HH 38 -71.68 69.47 -52.66
C LYS HH 38 -72.79 68.76 -51.91
N GLY HH 39 -73.03 69.20 -50.69
CA GLY HH 39 -74.09 68.66 -49.87
C GLY HH 39 -73.65 67.63 -48.86
N GLU HH 40 -72.44 67.10 -49.00
CA GLU HH 40 -71.95 66.15 -48.02
C GLU HH 40 -71.53 66.87 -46.75
N VAL HH 41 -71.45 66.11 -45.67
CA VAL HH 41 -71.05 66.62 -44.37
C VAL HH 41 -70.07 65.64 -43.76
N LEU HH 42 -68.90 66.13 -43.38
CA LEU HH 42 -67.88 65.32 -42.75
C LEU HH 42 -67.74 65.76 -41.30
N ILE HH 43 -67.88 64.80 -40.38
CA ILE HH 43 -67.66 65.05 -38.97
C ILE HH 43 -66.32 64.42 -38.62
N ALA HH 44 -65.36 65.25 -38.23
CA ALA HH 44 -63.99 64.80 -38.08
C ALA HH 44 -63.53 65.00 -36.64
N GLN HH 45 -63.01 63.95 -36.04
CA GLN HH 45 -62.43 64.02 -34.73
C GLN HH 45 -60.92 64.17 -34.82
N PHE HH 46 -60.31 64.74 -33.79
CA PHE HH 46 -58.87 64.90 -33.76
C PHE HH 46 -58.21 63.69 -33.13
N THR HH 47 -57.37 63.02 -33.91
CA THR HH 47 -56.60 61.90 -33.41
C THR HH 47 -55.28 62.45 -32.86
N GLU HH 48 -54.36 61.53 -32.55
CA GLU HH 48 -53.00 61.95 -32.26
C GLU HH 48 -52.30 62.42 -33.53
N HIS HH 49 -52.52 61.70 -34.63
CA HIS HH 49 -51.94 62.05 -35.92
C HIS HH 49 -52.49 63.34 -36.49
N THR HH 50 -53.80 63.44 -36.66
CA THR HH 50 -54.44 64.62 -37.20
C THR HH 50 -54.44 65.69 -36.12
N SER HH 51 -53.42 66.54 -36.16
CA SER HH 51 -53.31 67.66 -35.23
C SER HH 51 -53.63 68.99 -35.88
N ALA HH 52 -53.88 69.01 -37.19
CA ALA HH 52 -54.21 70.22 -37.90
C ALA HH 52 -55.05 69.86 -39.10
N ILE HH 53 -56.07 70.67 -39.37
CA ILE HH 53 -57.00 70.42 -40.46
C ILE HH 53 -57.12 71.68 -41.28
N LYS HH 54 -56.84 71.57 -42.56
CA LYS HH 54 -56.92 72.69 -43.50
C LYS HH 54 -58.08 72.44 -44.44
N VAL HH 55 -58.88 73.47 -44.68
CA VAL HH 55 -60.09 73.36 -45.49
C VAL HH 55 -59.98 74.34 -46.65
N ARG HH 56 -60.11 73.84 -47.87
CA ARG HH 56 -60.11 74.68 -49.06
C ARG HH 56 -61.51 74.75 -49.63
N GLY HH 57 -61.74 75.73 -50.50
CA GLY HH 57 -63.01 75.84 -51.19
C GLY HH 57 -64.10 76.36 -50.28
N LYS HH 58 -65.30 76.45 -50.84
CA LYS HH 58 -66.44 76.99 -50.12
C LYS HH 58 -67.05 75.89 -49.24
N ALA HH 59 -66.97 76.09 -47.94
CA ALA HH 59 -67.51 75.13 -46.99
C ALA HH 59 -67.98 75.86 -45.75
N TYR HH 60 -68.82 75.18 -44.97
CA TYR HH 60 -69.43 75.75 -43.79
C TYR HH 60 -69.04 74.90 -42.59
N ILE HH 61 -68.28 75.47 -41.67
CA ILE HH 61 -67.66 74.72 -40.59
C ILE HH 61 -68.32 75.10 -39.28
N GLN HH 62 -68.66 74.10 -38.48
CA GLN HH 62 -69.09 74.28 -37.10
C GLN HH 62 -68.07 73.64 -36.19
N THR HH 63 -67.53 74.43 -35.27
CA THR HH 63 -66.64 73.94 -34.24
C THR HH 63 -67.27 74.22 -32.88
N SER HH 64 -66.49 73.98 -31.82
CA SER HH 64 -66.95 74.33 -30.49
C SER HH 64 -66.99 75.83 -30.30
N HIS HH 65 -66.09 76.55 -30.96
CA HIS HH 65 -66.02 78.00 -30.85
C HIS HH 65 -67.07 78.72 -31.66
N GLY HH 66 -67.84 78.02 -32.48
CA GLY HH 66 -68.86 78.64 -33.29
C GLY HH 66 -68.77 78.16 -34.71
N VAL HH 67 -69.33 78.97 -35.62
CA VAL HH 67 -69.38 78.62 -37.03
C VAL HH 67 -68.49 79.58 -37.81
N ILE HH 68 -68.13 79.15 -39.01
CA ILE HH 68 -67.27 79.92 -39.89
C ILE HH 68 -67.51 79.42 -41.31
N GLU HH 69 -67.12 80.23 -42.29
CA GLU HH 69 -67.39 79.91 -43.69
C GLU HH 69 -66.12 80.04 -44.52
N SER HH 70 -65.51 78.91 -44.84
CA SER HH 70 -64.31 78.93 -45.66
C SER HH 70 -64.69 79.13 -47.12
N GLU HH 71 -63.82 79.80 -47.86
CA GLU HH 71 -64.06 80.03 -49.28
C GLU HH 71 -62.89 79.57 -50.13
N ASP IH 6 -69.52 63.35 -27.68
CA ASP IH 6 -68.95 62.04 -27.92
C ASP IH 6 -69.72 61.25 -28.98
N PHE IH 7 -70.92 61.69 -29.31
CA PHE IH 7 -71.76 60.94 -30.22
C PHE IH 7 -72.62 61.88 -31.04
N VAL IH 8 -73.03 61.40 -32.20
CA VAL IH 8 -73.83 62.16 -33.16
C VAL IH 8 -75.13 61.41 -33.43
N VAL IH 9 -76.13 62.15 -33.87
CA VAL IH 9 -77.45 61.60 -34.16
C VAL IH 9 -77.81 61.94 -35.59
N ILE IH 10 -78.01 60.92 -36.42
CA ILE IH 10 -78.28 61.12 -37.84
C ILE IH 10 -79.66 60.57 -38.14
N LYS IH 11 -80.58 61.44 -38.53
CA LYS IH 11 -81.91 61.02 -38.96
C LYS IH 11 -81.91 61.02 -40.48
N ALA IH 12 -82.11 59.86 -41.08
CA ALA IH 12 -82.08 59.79 -42.54
C ALA IH 12 -83.41 60.24 -43.11
N LEU IH 13 -83.42 61.42 -43.72
CA LEU IH 13 -84.63 61.99 -44.28
C LEU IH 13 -84.98 61.42 -45.66
N GLU IH 14 -84.08 60.67 -46.27
CA GLU IH 14 -84.36 60.04 -47.55
C GLU IH 14 -83.70 58.68 -47.56
N ASP IH 15 -84.08 57.86 -48.53
CA ASP IH 15 -83.57 56.50 -48.58
C ASP IH 15 -82.13 56.46 -49.05
N GLY IH 16 -81.45 55.38 -48.68
CA GLY IH 16 -80.09 55.14 -49.14
C GLY IH 16 -79.05 56.09 -48.62
N VAL IH 17 -79.22 56.62 -47.41
CA VAL IH 17 -78.22 57.53 -46.87
C VAL IH 17 -77.04 56.72 -46.37
N ASN IH 18 -75.86 57.05 -46.86
CA ASN IH 18 -74.65 56.31 -46.52
C ASN IH 18 -73.95 57.01 -45.36
N VAL IH 19 -73.38 56.21 -44.47
CA VAL IH 19 -72.58 56.70 -43.35
C VAL IH 19 -71.28 55.93 -43.36
N ILE IH 20 -70.17 56.62 -43.52
CA ILE IH 20 -68.88 55.99 -43.74
C ILE IH 20 -68.01 56.17 -42.51
N GLY IH 21 -67.54 55.07 -41.95
CA GLY IH 21 -66.69 55.11 -40.78
C GLY IH 21 -67.18 54.21 -39.66
N SER IH 33 -68.84 51.00 -43.62
CA SER IH 33 -69.95 51.67 -44.28
C SER IH 33 -71.30 51.13 -43.83
N GLU IH 34 -72.27 52.01 -43.66
CA GLU IH 34 -73.62 51.63 -43.28
C GLU IH 34 -74.61 52.37 -44.17
N CYS IH 35 -75.78 51.76 -44.39
CA CYS IH 35 -76.82 52.38 -45.19
C CYS IH 35 -78.08 52.52 -44.34
N LEU IH 36 -78.78 53.64 -44.51
CA LEU IH 36 -80.00 53.92 -43.78
C LEU IH 36 -81.14 54.21 -44.74
N ASP IH 37 -82.34 53.79 -44.37
CA ASP IH 37 -83.54 54.11 -45.12
C ASP IH 37 -84.22 55.32 -44.50
N LYS IH 38 -85.30 55.75 -45.14
CA LYS IH 38 -86.00 56.96 -44.72
C LYS IH 38 -86.71 56.75 -43.39
N GLY IH 39 -86.45 57.63 -42.43
CA GLY IH 39 -87.09 57.58 -41.15
C GLY IH 39 -86.27 56.94 -40.06
N GLU IH 40 -85.21 56.22 -40.42
CA GLU IH 40 -84.36 55.63 -39.40
C GLU IH 40 -83.47 56.70 -38.77
N VAL IH 41 -82.95 56.37 -37.59
CA VAL IH 41 -82.08 57.26 -36.83
C VAL IH 41 -80.92 56.43 -36.31
N LEU IH 42 -79.71 56.86 -36.62
CA LEU IH 42 -78.51 56.20 -36.15
C LEU IH 42 -77.80 57.10 -35.16
N ILE IH 43 -77.56 56.58 -33.96
CA ILE IH 43 -76.80 57.27 -32.94
C ILE IH 43 -75.42 56.63 -32.91
N ALA IH 44 -74.40 57.39 -33.26
CA ALA IH 44 -73.07 56.84 -33.46
C ALA IH 44 -72.09 57.48 -32.51
N GLN IH 45 -71.36 56.66 -31.79
CA GLN IH 45 -70.29 57.12 -30.91
C GLN IH 45 -68.95 56.99 -31.62
N PHE IH 46 -67.99 57.81 -31.20
CA PHE IH 46 -66.66 57.75 -31.77
C PHE IH 46 -65.78 56.77 -31.01
N THR IH 47 -65.32 55.75 -31.72
CA THR IH 47 -64.39 54.79 -31.14
C THR IH 47 -62.98 55.30 -31.39
N GLU IH 48 -62.00 54.44 -31.12
CA GLU IH 48 -60.64 54.74 -31.54
C GLU IH 48 -60.51 54.60 -33.04
N HIS IH 49 -61.14 53.57 -33.62
CA HIS IH 49 -61.12 53.35 -35.05
C HIS IH 49 -61.87 54.41 -35.84
N THR IH 50 -63.15 54.62 -35.53
CA THR IH 50 -63.97 55.60 -36.21
C THR IH 50 -63.54 56.98 -35.72
N SER IH 51 -62.64 57.61 -36.46
CA SER IH 51 -62.19 58.95 -36.15
C SER IH 51 -62.75 59.99 -37.10
N ALA IH 52 -63.50 59.57 -38.11
CA ALA IH 52 -64.10 60.49 -39.07
C ALA IH 52 -65.35 59.83 -39.62
N ILE IH 53 -66.39 60.62 -39.79
CA ILE IH 53 -67.68 60.13 -40.25
C ILE IH 53 -68.14 61.01 -41.40
N LYS IH 54 -68.39 60.40 -42.55
CA LYS IH 54 -68.85 61.10 -43.73
C LYS IH 54 -70.28 60.71 -44.00
N VAL IH 55 -71.13 61.69 -44.31
CA VAL IH 55 -72.56 61.47 -44.51
C VAL IH 55 -72.93 61.93 -45.90
N ARG IH 56 -73.54 61.05 -46.68
CA ARG IH 56 -74.02 61.38 -48.01
C ARG IH 56 -75.54 61.45 -48.00
N GLY IH 57 -76.10 62.06 -49.03
CA GLY IH 57 -77.54 62.10 -49.18
C GLY IH 57 -78.19 63.07 -48.22
N LYS IH 58 -79.52 63.12 -48.27
CA LYS IH 58 -80.28 64.04 -47.45
C LYS IH 58 -80.47 63.45 -46.07
N ALA IH 59 -79.88 64.09 -45.06
CA ALA IH 59 -79.98 63.62 -43.70
C ALA IH 59 -79.93 64.82 -42.76
N TYR IH 60 -80.39 64.60 -41.53
CA TYR IH 60 -80.48 65.65 -40.53
C TYR IH 60 -79.64 65.24 -39.32
N ILE IH 61 -78.57 65.98 -39.07
CA ILE IH 61 -77.56 65.59 -38.09
C ILE IH 61 -77.64 66.52 -36.89
N GLN IH 62 -77.63 65.94 -35.70
CA GLN IH 62 -77.48 66.66 -34.45
C GLN IH 62 -76.17 66.25 -33.82
N THR IH 63 -75.32 67.24 -33.55
CA THR IH 63 -74.08 67.04 -32.82
C THR IH 63 -74.12 67.88 -31.55
N SER IH 64 -72.99 67.92 -30.85
CA SER IH 64 -72.88 68.80 -29.70
C SER IH 64 -72.85 70.26 -30.12
N HIS IH 65 -72.32 70.55 -31.29
CA HIS IH 65 -72.20 71.92 -31.78
C HIS IH 65 -73.52 72.43 -32.35
N GLY IH 66 -74.53 71.60 -32.49
CA GLY IH 66 -75.80 72.02 -33.03
C GLY IH 66 -76.29 71.06 -34.07
N VAL IH 67 -77.16 71.55 -34.95
CA VAL IH 67 -77.78 70.73 -35.98
C VAL IH 67 -77.27 71.20 -37.34
N ILE IH 68 -77.42 70.31 -38.32
CA ILE IH 68 -76.99 70.58 -39.68
C ILE IH 68 -77.77 69.64 -40.59
N GLU IH 69 -77.82 69.97 -41.88
CA GLU IH 69 -78.62 69.21 -42.84
C GLU IH 69 -77.78 68.84 -44.06
N SER IH 70 -77.34 67.60 -44.10
CA SER IH 70 -76.57 67.14 -45.25
C SER IH 70 -77.50 66.85 -46.41
N GLU IH 71 -77.00 67.07 -47.62
CA GLU IH 71 -77.80 66.80 -48.82
C GLU IH 71 -77.06 65.90 -49.80
N ASP JH 6 -74.33 59.94 -22.17
CA ASP JH 6 -73.91 58.55 -22.07
C ASP JH 6 -75.04 57.58 -22.38
N PHE JH 7 -76.28 58.06 -22.40
CA PHE JH 7 -77.41 57.18 -22.57
C PHE JH 7 -78.52 57.90 -23.33
N VAL JH 8 -79.36 57.10 -23.98
CA VAL JH 8 -80.46 57.59 -24.80
C VAL JH 8 -81.76 57.02 -24.27
N VAL JH 9 -82.85 57.70 -24.59
CA VAL JH 9 -84.19 57.32 -24.14
C VAL JH 9 -85.08 57.18 -25.35
N ILE JH 10 -85.60 55.97 -25.59
CA ILE JH 10 -86.40 55.68 -26.77
C ILE JH 10 -87.80 55.30 -26.31
N LYS JH 11 -88.78 56.11 -26.65
CA LYS JH 11 -90.18 55.79 -26.38
C LYS JH 11 -90.78 55.26 -27.67
N ALA JH 12 -91.22 54.00 -27.65
CA ALA JH 12 -91.75 53.41 -28.86
C ALA JH 12 -93.20 53.83 -29.05
N LEU JH 13 -93.43 54.70 -30.03
CA LEU JH 13 -94.77 55.23 -30.31
C LEU JH 13 -95.63 54.28 -31.12
N GLU JH 14 -95.05 53.21 -31.67
CA GLU JH 14 -95.82 52.22 -32.40
C GLU JH 14 -95.23 50.85 -32.11
N ASP JH 15 -95.97 49.82 -32.48
CA ASP JH 15 -95.55 48.46 -32.17
C ASP JH 15 -94.39 48.03 -33.05
N GLY JH 16 -93.64 47.05 -32.57
CA GLY JH 16 -92.58 46.45 -33.35
C GLY JH 16 -91.40 47.33 -33.65
N VAL JH 17 -91.08 48.29 -32.77
CA VAL JH 17 -89.94 49.15 -33.02
C VAL JH 17 -88.65 48.39 -32.71
N ASN JH 18 -87.76 48.32 -33.68
CA ASN JH 18 -86.52 47.57 -33.53
C ASN JH 18 -85.42 48.51 -33.07
N VAL JH 19 -84.55 48.01 -32.20
CA VAL JH 19 -83.38 48.73 -31.74
C VAL JH 19 -82.20 47.79 -31.92
N ILE JH 20 -81.23 48.20 -32.71
CA ILE JH 20 -80.13 47.33 -33.12
C ILE JH 20 -78.85 47.80 -32.45
N GLY JH 21 -78.21 46.89 -31.71
CA GLY JH 21 -76.97 47.21 -31.04
C GLY JH 21 -76.98 46.86 -29.57
N SER JH 33 -80.11 42.78 -31.06
CA SER JH 33 -81.38 43.34 -31.50
C SER JH 33 -82.44 43.22 -30.41
N GLU JH 34 -83.27 44.25 -30.27
CA GLU JH 34 -84.36 44.26 -29.31
C GLU JH 34 -85.61 44.78 -30.00
N CYS JH 35 -86.77 44.33 -29.53
CA CYS JH 35 -88.04 44.79 -30.08
C CYS JH 35 -88.87 45.42 -28.97
N LEU JH 36 -89.56 46.51 -29.30
CA LEU JH 36 -90.39 47.22 -28.35
C LEU JH 36 -91.81 47.33 -28.88
N ASP JH 37 -92.77 47.28 -27.97
CA ASP JH 37 -94.17 47.50 -28.30
C ASP JH 37 -94.54 48.95 -28.01
N LYS JH 38 -95.79 49.29 -28.33
CA LYS JH 38 -96.24 50.67 -28.19
C LYS JH 38 -96.38 51.06 -26.73
N GLY JH 39 -95.76 52.17 -26.37
CA GLY JH 39 -95.84 52.70 -25.03
C GLY JH 39 -94.66 52.36 -24.15
N GLU JH 40 -93.84 51.40 -24.56
CA GLU JH 40 -92.67 51.08 -23.76
C GLU JH 40 -91.59 52.13 -23.96
N VAL JH 41 -90.66 52.18 -23.03
CA VAL JH 41 -89.54 53.12 -23.04
C VAL JH 41 -88.28 52.35 -22.69
N LEU JH 42 -87.28 52.44 -23.55
CA LEU JH 42 -86.00 51.80 -23.32
C LEU JH 42 -84.95 52.87 -23.09
N ILE JH 43 -84.27 52.78 -21.96
CA ILE JH 43 -83.15 53.67 -21.65
C ILE JH 43 -81.88 52.86 -21.85
N ALA JH 44 -81.07 53.27 -22.82
CA ALA JH 44 -79.94 52.47 -23.24
C ALA JH 44 -78.65 53.24 -23.05
N GLN JH 45 -77.70 52.62 -22.36
CA GLN JH 45 -76.38 53.17 -22.19
C GLN JH 45 -75.43 52.58 -23.22
N PHE JH 46 -74.37 53.33 -23.52
CA PHE JH 46 -73.36 52.86 -24.46
C PHE JH 46 -72.28 52.09 -23.74
N THR JH 47 -72.14 50.82 -24.10
CA THR JH 47 -71.07 50.00 -23.58
C THR JH 47 -69.85 50.14 -24.48
N GLU JH 48 -68.86 49.29 -24.27
CA GLU JH 48 -67.77 49.19 -25.23
C GLU JH 48 -68.26 48.50 -26.50
N HIS JH 49 -69.07 47.46 -26.36
CA HIS JH 49 -69.62 46.73 -27.48
C HIS JH 49 -70.60 47.55 -28.30
N THR JH 50 -71.64 48.06 -27.67
CA THR JH 50 -72.66 48.86 -28.34
C THR JH 50 -72.06 50.23 -28.62
N SER JH 51 -71.51 50.40 -29.82
CA SER JH 51 -70.96 51.67 -30.24
C SER JH 51 -71.84 52.37 -31.26
N ALA JH 52 -72.93 51.75 -31.68
CA ALA JH 52 -73.85 52.35 -32.63
C ALA JH 52 -75.23 51.75 -32.41
N ILE JH 53 -76.25 52.59 -32.47
CA ILE JH 53 -77.61 52.18 -32.22
C ILE JH 53 -78.47 52.66 -33.38
N LYS JH 54 -79.17 51.73 -34.01
CA LYS JH 54 -80.05 52.03 -35.12
C LYS JH 54 -81.48 51.80 -34.68
N VAL JH 55 -82.36 52.73 -35.03
CA VAL JH 55 -83.76 52.69 -34.60
C VAL JH 55 -84.64 52.68 -35.83
N ARG JH 56 -85.52 51.69 -35.92
CA ARG JH 56 -86.48 51.59 -37.01
C ARG JH 56 -87.87 51.91 -36.48
N GLY JH 57 -88.79 52.19 -37.39
CA GLY JH 57 -90.17 52.42 -37.03
C GLY JH 57 -90.37 53.77 -36.36
N LYS JH 58 -91.62 54.00 -35.95
CA LYS JH 58 -91.98 55.26 -35.35
C LYS JH 58 -91.63 55.24 -33.87
N ALA JH 59 -90.69 56.10 -33.49
CA ALA JH 59 -90.24 56.18 -32.11
C ALA JH 59 -89.81 57.60 -31.80
N TYR JH 60 -89.75 57.91 -30.51
CA TYR JH 60 -89.42 59.25 -30.04
C TYR JH 60 -88.18 59.17 -29.16
N ILE JH 61 -87.09 59.77 -29.62
CA ILE JH 61 -85.79 59.59 -29.00
C ILE JH 61 -85.38 60.89 -28.31
N GLN JH 62 -84.91 60.78 -27.08
CA GLN JH 62 -84.28 61.87 -26.36
C GLN JH 62 -82.82 61.50 -26.13
N THR JH 63 -81.92 62.37 -26.59
CA THR JH 63 -80.50 62.23 -26.34
C THR JH 63 -80.04 63.47 -25.58
N SER JH 64 -78.72 63.57 -25.41
CA SER JH 64 -78.16 64.78 -24.81
C SER JH 64 -78.28 65.97 -25.76
N HIS JH 65 -78.24 65.72 -27.06
CA HIS JH 65 -78.33 66.78 -28.05
C HIS JH 65 -79.74 67.28 -28.28
N GLY JH 66 -80.74 66.62 -27.70
CA GLY JH 66 -82.11 67.03 -27.87
C GLY JH 66 -82.98 65.85 -28.20
N VAL JH 67 -84.13 66.14 -28.82
CA VAL JH 67 -85.10 65.10 -29.16
C VAL JH 67 -85.17 64.97 -30.66
N ILE JH 68 -85.70 63.83 -31.09
CA ILE JH 68 -85.84 63.51 -32.51
C ILE JH 68 -86.92 62.46 -32.63
N GLU JH 69 -87.48 62.30 -33.83
CA GLU JH 69 -88.59 61.40 -34.06
C GLU JH 69 -88.31 60.49 -35.24
N SER JH 70 -87.93 59.25 -34.97
CA SER JH 70 -87.68 58.29 -36.02
C SER JH 70 -88.99 57.76 -36.56
N GLU JH 71 -89.01 57.46 -37.85
CA GLU JH 71 -90.21 56.91 -38.48
C GLU JH 71 -89.92 55.61 -39.22
N ASP KH 6 -76.18 59.41 -14.41
CA ASP KH 6 -75.76 58.08 -13.97
C ASP KH 6 -76.91 57.25 -13.44
N PHE KH 7 -78.05 57.88 -13.17
CA PHE KH 7 -79.15 57.18 -12.55
C PHE KH 7 -80.47 57.75 -13.04
N VAL KH 8 -81.50 56.91 -12.96
CA VAL KH 8 -82.84 57.27 -13.43
C VAL KH 8 -83.81 57.12 -12.27
N VAL KH 9 -84.94 57.81 -12.36
CA VAL KH 9 -85.97 57.80 -11.33
C VAL KH 9 -87.28 57.39 -11.97
N ILE KH 10 -87.85 56.27 -11.52
CA ILE KH 10 -89.06 55.73 -12.10
C ILE KH 10 -90.15 55.73 -11.04
N LYS KH 11 -91.19 56.52 -11.25
CA LYS KH 11 -92.35 56.53 -10.37
C LYS KH 11 -93.43 55.69 -11.02
N ALA KH 12 -93.81 54.59 -10.37
CA ALA KH 12 -94.81 53.72 -10.98
C ALA KH 12 -96.20 54.26 -10.75
N LEU KH 13 -96.82 54.78 -11.80
CA LEU KH 13 -98.14 55.37 -11.73
C LEU KH 13 -99.26 54.35 -11.73
N GLU KH 14 -98.96 53.09 -12.01
CA GLU KH 14 -99.97 52.03 -11.97
C GLU KH 14 -99.30 50.78 -11.44
N ASP KH 15 -100.13 49.80 -11.09
CA ASP KH 15 -99.61 48.58 -10.48
C ASP KH 15 -98.93 47.70 -11.52
N GLY KH 16 -98.04 46.85 -11.03
CA GLY KH 16 -97.39 45.86 -11.88
C GLY KH 16 -96.44 46.41 -12.91
N VAL KH 17 -95.79 47.53 -12.63
CA VAL KH 17 -94.85 48.07 -13.61
C VAL KH 17 -93.56 47.30 -13.55
N ASN KH 18 -93.14 46.76 -14.69
CA ASN KH 18 -91.95 45.92 -14.77
C ASN KH 18 -90.76 46.78 -15.15
N VAL KH 19 -89.62 46.48 -14.56
CA VAL KH 19 -88.35 47.13 -14.88
C VAL KH 19 -87.34 46.02 -15.13
N ILE KH 20 -86.79 45.98 -16.33
CA ILE KH 20 -85.95 44.86 -16.77
C ILE KH 20 -84.51 45.34 -16.87
N GLY KH 21 -83.63 44.65 -16.15
CA GLY KH 21 -82.22 44.99 -16.18
C GLY KH 21 -81.62 45.16 -14.80
N SER KH 33 -85.08 41.33 -13.35
CA SER KH 33 -86.42 41.90 -13.44
C SER KH 33 -86.94 42.32 -12.07
N GLU KH 34 -87.64 43.45 -12.02
CA GLU KH 34 -88.24 43.95 -10.79
C GLU KH 34 -89.66 44.39 -11.09
N CYS KH 35 -90.53 44.31 -10.09
CA CYS KH 35 -91.91 44.75 -10.23
C CYS KH 35 -92.21 45.83 -9.21
N LEU KH 36 -92.98 46.83 -9.62
CA LEU KH 36 -93.34 47.95 -8.77
C LEU KH 36 -94.85 48.08 -8.72
N ASP KH 37 -95.35 48.49 -7.56
CA ASP KH 37 -96.77 48.79 -7.38
C ASP KH 37 -96.98 50.29 -7.53
N LYS KH 38 -98.26 50.69 -7.45
CA LYS KH 38 -98.62 52.08 -7.69
C LYS KH 38 -98.14 52.96 -6.54
N GLY KH 39 -97.42 54.03 -6.88
CA GLY KH 39 -96.95 54.98 -5.91
C GLY KH 39 -95.51 54.78 -5.49
N GLU KH 40 -94.92 53.63 -5.79
CA GLU KH 40 -93.52 53.42 -5.46
C GLU KH 40 -92.63 54.17 -6.43
N VAL KH 41 -91.39 54.39 -6.01
CA VAL KH 41 -90.39 55.09 -6.79
C VAL KH 41 -89.10 54.31 -6.70
N LEU KH 42 -88.54 53.94 -7.84
CA LEU KH 42 -87.28 53.23 -7.90
C LEU KH 42 -86.22 54.14 -8.50
N ILE KH 43 -85.14 54.34 -7.77
CA ILE KH 43 -83.99 55.10 -8.26
C ILE KH 43 -82.93 54.09 -8.63
N ALA KH 44 -82.57 54.02 -9.90
CA ALA KH 44 -81.72 52.96 -10.40
C ALA KH 44 -80.46 53.54 -11.02
N GLN KH 45 -79.31 53.06 -10.56
CA GLN KH 45 -78.04 53.44 -11.13
C GLN KH 45 -77.60 52.39 -12.16
N PHE KH 46 -76.76 52.82 -13.09
CA PHE KH 46 -76.23 51.91 -14.09
C PHE KH 46 -74.94 51.27 -13.62
N THR KH 47 -74.96 49.95 -13.51
CA THR KH 47 -73.77 49.19 -13.16
C THR KH 47 -73.05 48.85 -14.45
N GLU KH 48 -72.04 47.98 -14.33
CA GLU KH 48 -71.45 47.38 -15.52
C GLU KH 48 -72.41 46.39 -16.16
N HIS KH 49 -73.09 45.60 -15.33
CA HIS KH 49 -74.05 44.62 -15.81
C HIS KH 49 -75.28 45.26 -16.44
N THR KH 50 -75.98 46.11 -15.69
CA THR KH 50 -77.18 46.78 -16.16
C THR KH 50 -76.75 47.87 -17.13
N SER KH 51 -76.75 47.53 -18.42
CA SER KH 51 -76.42 48.48 -19.46
C SER KH 51 -77.64 48.92 -20.25
N ALA KH 52 -78.81 48.36 -19.95
CA ALA KH 52 -80.04 48.73 -20.62
C ALA KH 52 -81.20 48.47 -19.68
N ILE KH 53 -82.16 49.39 -19.66
CA ILE KH 53 -83.31 49.30 -18.77
C ILE KH 53 -84.56 49.48 -19.60
N LYS KH 54 -85.45 48.50 -19.54
CA LYS KH 54 -86.71 48.54 -20.24
C LYS KH 54 -87.85 48.69 -19.24
N VAL KH 55 -88.79 49.57 -19.54
CA VAL KH 55 -89.88 49.89 -18.62
C VAL KH 55 -91.19 49.61 -19.32
N ARG KH 56 -92.03 48.78 -18.70
CA ARG KH 56 -93.35 48.47 -19.22
C ARG KH 56 -94.40 49.15 -18.36
N GLY KH 57 -95.61 49.25 -18.88
CA GLY KH 57 -96.72 49.79 -18.13
C GLY KH 57 -96.63 51.30 -17.98
N LYS KH 58 -97.60 51.84 -17.25
CA LYS KH 58 -97.69 53.28 -17.06
C LYS KH 58 -96.75 53.71 -15.95
N ALA KH 59 -95.74 54.49 -16.30
CA ALA KH 59 -94.76 54.96 -15.33
C ALA KH 59 -94.24 56.32 -15.77
N TYR KH 60 -93.67 57.03 -14.82
CA TYR KH 60 -93.18 58.39 -15.04
C TYR KH 60 -91.69 58.42 -14.74
N ILE KH 61 -90.88 58.66 -15.76
CA ILE KH 61 -89.43 58.51 -15.67
C ILE KH 61 -88.78 59.88 -15.74
N GLN KH 62 -87.84 60.12 -14.83
CA GLN KH 62 -86.97 61.28 -14.88
C GLN KH 62 -85.55 60.80 -15.10
N THR KH 63 -84.92 61.31 -16.16
CA THR KH 63 -83.52 61.07 -16.43
C THR KH 63 -82.79 62.39 -16.43
N SER KH 64 -81.52 62.35 -16.83
CA SER KH 64 -80.76 63.58 -16.99
C SER KH 64 -81.25 64.39 -18.17
N HIS KH 65 -81.76 63.71 -19.20
CA HIS KH 65 -82.25 64.37 -20.40
C HIS KH 65 -83.64 64.97 -20.24
N GLY KH 66 -84.31 64.71 -19.11
CA GLY KH 66 -85.63 65.24 -18.89
C GLY KH 66 -86.55 64.16 -18.40
N VAL KH 67 -87.85 64.39 -18.59
CA VAL KH 67 -88.88 63.47 -18.12
C VAL KH 67 -89.56 62.85 -19.32
N ILE KH 68 -90.22 61.72 -19.05
CA ILE KH 68 -90.93 60.96 -20.08
C ILE KH 68 -91.97 60.10 -19.37
N GLU KH 69 -92.97 59.64 -20.13
CA GLU KH 69 -94.06 58.90 -19.55
C GLU KH 69 -94.30 57.61 -20.33
N SER KH 70 -93.84 56.50 -19.78
CA SER KH 70 -94.04 55.21 -20.41
C SER KH 70 -95.46 54.73 -20.17
N GLU KH 71 -96.02 54.01 -21.14
CA GLU KH 71 -97.36 53.47 -21.00
C GLU KH 71 -97.41 51.97 -21.26
N ASP LH 6 -74.88 62.21 -6.85
CA ASP LH 6 -74.31 61.10 -6.09
C ASP LH 6 -75.17 60.70 -4.91
N PHE LH 7 -76.11 61.56 -4.53
CA PHE LH 7 -76.91 61.31 -3.33
C PHE LH 7 -78.32 61.84 -3.51
N VAL LH 8 -79.24 61.26 -2.76
CA VAL LH 8 -80.65 61.61 -2.81
C VAL LH 8 -81.10 62.04 -1.44
N VAL LH 9 -82.19 62.81 -1.40
CA VAL LH 9 -82.75 63.34 -0.17
C VAL LH 9 -84.20 62.92 -0.08
N ILE LH 10 -84.55 62.15 0.94
CA ILE LH 10 -85.89 61.62 1.10
C ILE LH 10 -86.49 62.17 2.37
N LYS LH 11 -87.55 62.97 2.24
CA LYS LH 11 -88.29 63.47 3.39
C LYS LH 11 -89.52 62.62 3.55
N ALA LH 12 -89.62 61.92 4.67
CA ALA LH 12 -90.76 61.04 4.86
C ALA LH 12 -91.98 61.83 5.33
N LEU LH 13 -92.95 61.99 4.45
CA LEU LH 13 -94.15 62.76 4.73
C LEU LH 13 -95.17 61.99 5.54
N GLU LH 14 -95.00 60.68 5.70
CA GLU LH 14 -95.90 59.88 6.51
C GLU LH 14 -95.08 58.83 7.23
N ASP LH 15 -95.71 58.19 8.21
CA ASP LH 15 -94.99 57.23 9.03
C ASP LH 15 -94.74 55.94 8.27
N GLY LH 16 -93.73 55.21 8.71
CA GLY LH 16 -93.45 53.89 8.18
C GLY LH 16 -92.97 53.87 6.75
N VAL LH 17 -92.26 54.90 6.29
CA VAL LH 17 -91.77 54.89 4.93
C VAL LH 17 -90.54 54.00 4.84
N ASN LH 18 -90.59 53.02 3.94
CA ASN LH 18 -89.51 52.06 3.80
C ASN LH 18 -88.56 52.53 2.72
N VAL LH 19 -87.27 52.30 2.94
CA VAL LH 19 -86.24 52.59 1.96
C VAL LH 19 -85.39 51.34 1.84
N ILE LH 20 -85.33 50.76 0.65
CA ILE LH 20 -84.72 49.46 0.43
C ILE LH 20 -83.43 49.64 -0.34
N GLY LH 21 -82.33 49.15 0.22
CA GLY LH 21 -81.04 49.24 -0.42
C GLY LH 21 -79.97 49.83 0.47
N SER LH 33 -82.59 47.38 4.45
CA SER LH 33 -83.86 48.07 4.61
C SER LH 33 -83.83 49.03 5.78
N GLU LH 34 -84.46 50.19 5.61
CA GLU LH 34 -84.56 51.20 6.66
C GLU LH 34 -86.00 51.70 6.73
N CYS LH 35 -86.40 52.13 7.92
CA CYS LH 35 -87.74 52.67 8.10
C CYS LH 35 -87.64 54.10 8.62
N LEU LH 36 -88.52 54.97 8.15
CA LEU LH 36 -88.53 56.37 8.55
C LEU LH 36 -89.91 56.73 9.07
N ASP LH 37 -89.95 57.61 10.06
CA ASP LH 37 -91.18 58.17 10.58
C ASP LH 37 -91.46 59.51 9.93
N LYS LH 38 -92.60 60.09 10.27
CA LYS LH 38 -93.02 61.34 9.65
C LYS LH 38 -92.16 62.49 10.09
N GLY LH 39 -91.63 63.24 9.13
CA GLY LH 39 -90.83 64.41 9.39
C GLY LH 39 -89.34 64.17 9.33
N GLU LH 40 -88.90 62.92 9.33
CA GLU LH 40 -87.49 62.65 9.21
C GLU LH 40 -87.03 62.83 7.78
N VAL LH 41 -85.73 63.01 7.61
CA VAL LH 41 -85.11 63.21 6.31
C VAL LH 41 -83.86 62.34 6.26
N LEU LH 42 -83.78 61.50 5.23
CA LEU LH 42 -82.63 60.64 5.03
C LEU LH 42 -81.89 61.10 3.79
N ILE LH 43 -80.60 61.38 3.94
CA ILE LH 43 -79.74 61.73 2.83
C ILE LH 43 -78.88 60.51 2.55
N ALA LH 44 -79.05 59.91 1.37
CA ALA LH 44 -78.43 58.63 1.08
C ALA LH 44 -77.51 58.76 -0.11
N GLN LH 45 -76.28 58.31 0.06
CA GLN LH 45 -75.31 58.25 -1.02
C GLN LH 45 -75.28 56.85 -1.62
N PHE LH 46 -74.87 56.77 -2.88
CA PHE LH 46 -74.76 55.48 -3.53
C PHE LH 46 -73.38 54.88 -3.33
N THR LH 47 -73.35 53.72 -2.70
CA THR LH 47 -72.11 52.98 -2.52
C THR LH 47 -71.92 52.07 -3.73
N GLU LH 48 -70.95 51.18 -3.62
CA GLU LH 48 -70.84 50.10 -4.59
C GLU LH 48 -71.97 49.10 -4.41
N HIS LH 49 -72.27 48.77 -3.15
CA HIS LH 49 -73.35 47.84 -2.82
C HIS LH 49 -74.72 48.37 -3.17
N THR LH 50 -75.09 49.54 -2.63
CA THR LH 50 -76.38 50.15 -2.89
C THR LH 50 -76.37 50.72 -4.30
N SER LH 51 -76.84 49.92 -5.25
CA SER LH 51 -76.94 50.35 -6.63
C SER LH 51 -78.37 50.64 -7.05
N ALA LH 52 -79.34 50.41 -6.16
CA ALA LH 52 -80.74 50.69 -6.45
C ALA LH 52 -81.45 50.96 -5.14
N ILE LH 53 -82.33 51.95 -5.17
CA ILE LH 53 -83.06 52.38 -3.98
C ILE LH 53 -84.54 52.41 -4.30
N LYS LH 54 -85.33 51.68 -3.55
CA LYS LH 54 -86.76 51.63 -3.72
C LYS LH 54 -87.42 52.31 -2.53
N VAL LH 55 -88.42 53.14 -2.81
CA VAL LH 55 -89.09 53.94 -1.78
C VAL LH 55 -90.57 53.62 -1.80
N ARG LH 56 -91.09 53.22 -0.65
CA ARG LH 56 -92.52 52.93 -0.50
C ARG LH 56 -93.16 54.04 0.32
N GLY LH 57 -94.48 54.10 0.26
CA GLY LH 57 -95.23 55.04 1.07
C GLY LH 57 -95.10 56.46 0.56
N LYS LH 58 -95.71 57.38 1.29
CA LYS LH 58 -95.74 58.78 0.90
C LYS LH 58 -94.45 59.45 1.35
N ALA LH 59 -93.65 59.89 0.38
CA ALA LH 59 -92.39 60.53 0.67
C ALA LH 59 -92.09 61.54 -0.42
N TYR LH 60 -91.19 62.47 -0.12
CA TYR LH 60 -90.83 63.55 -1.02
C TYR LH 60 -89.34 63.47 -1.30
N ILE LH 61 -88.98 63.19 -2.55
CA ILE LH 61 -87.60 62.88 -2.91
C ILE LH 61 -87.03 64.01 -3.74
N GLN LH 62 -85.83 64.43 -3.40
CA GLN LH 62 -85.04 65.34 -4.21
C GLN LH 62 -83.82 64.62 -4.71
N THR LH 63 -83.63 64.59 -6.03
CA THR LH 63 -82.45 64.06 -6.65
C THR LH 63 -81.78 65.17 -7.44
N SER LH 64 -80.75 64.80 -8.20
CA SER LH 64 -80.12 65.74 -9.10
C SER LH 64 -81.04 66.11 -10.26
N HIS LH 65 -81.89 65.18 -10.68
CA HIS LH 65 -82.80 65.41 -11.79
C HIS LH 65 -84.02 66.22 -11.40
N GLY LH 66 -84.21 66.50 -10.11
CA GLY LH 66 -85.35 67.27 -9.67
C GLY LH 66 -86.02 66.60 -8.50
N VAL LH 67 -87.29 66.93 -8.30
CA VAL LH 67 -88.06 66.41 -7.18
C VAL LH 67 -89.14 65.49 -7.69
N ILE LH 68 -89.64 64.65 -6.79
CA ILE LH 68 -90.69 63.69 -7.10
C ILE LH 68 -91.37 63.32 -5.80
N GLU LH 69 -92.57 62.76 -5.90
CA GLU LH 69 -93.38 62.45 -4.73
C GLU LH 69 -93.87 61.02 -4.79
N SER LH 70 -93.23 60.15 -4.03
CA SER LH 70 -93.65 58.76 -3.98
C SER LH 70 -94.87 58.62 -3.09
N GLU LH 71 -95.74 57.68 -3.42
CA GLU LH 71 -96.94 57.44 -2.63
C GLU LH 71 -97.06 55.98 -2.22
N ASP MH 6 -94.89 16.22 -16.84
CA ASP MH 6 -93.61 16.84 -16.58
C ASP MH 6 -93.69 18.35 -16.53
N PHE MH 7 -94.79 18.92 -17.01
CA PHE MH 7 -94.90 20.36 -17.11
C PHE MH 7 -96.34 20.79 -16.91
N VAL MH 8 -96.50 22.04 -16.47
CA VAL MH 8 -97.80 22.62 -16.18
C VAL MH 8 -97.99 23.85 -17.03
N VAL MH 9 -99.25 24.23 -17.23
CA VAL MH 9 -99.61 25.39 -18.04
C VAL MH 9 -100.47 26.31 -17.20
N ILE MH 10 -100.00 27.53 -16.98
CA ILE MH 10 -100.69 28.50 -16.13
C ILE MH 10 -101.09 29.68 -16.97
N LYS MH 11 -102.39 29.90 -17.13
CA LYS MH 11 -102.90 31.08 -17.81
C LYS MH 11 -103.33 32.08 -16.75
N ALA MH 12 -102.67 33.24 -16.72
CA ALA MH 12 -103.00 34.22 -15.70
C ALA MH 12 -104.24 35.00 -16.09
N LEU MH 13 -105.35 34.72 -15.40
CA LEU MH 13 -106.62 35.37 -15.69
C LEU MH 13 -106.73 36.77 -15.10
N GLU MH 14 -105.82 37.16 -14.22
CA GLU MH 14 -105.82 38.49 -13.66
C GLU MH 14 -104.38 38.94 -13.51
N ASP MH 15 -104.21 40.23 -13.25
CA ASP MH 15 -102.87 40.80 -13.19
C ASP MH 15 -102.17 40.40 -11.90
N GLY MH 16 -100.84 40.44 -11.93
CA GLY MH 16 -100.04 40.22 -10.75
C GLY MH 16 -100.08 38.81 -10.20
N VAL MH 17 -100.26 37.80 -11.05
CA VAL MH 17 -100.29 36.44 -10.55
C VAL MH 17 -98.86 35.98 -10.28
N ASN MH 18 -98.61 35.54 -9.06
CA ASN MH 18 -97.27 35.13 -8.64
C ASN MH 18 -97.13 33.63 -8.84
N VAL MH 19 -95.94 33.21 -9.26
CA VAL MH 19 -95.60 31.80 -9.39
C VAL MH 19 -94.27 31.61 -8.67
N ILE MH 20 -94.25 30.77 -7.66
CA ILE MH 20 -93.12 30.63 -6.77
C ILE MH 20 -92.45 29.29 -7.02
N GLY MH 21 -91.16 29.32 -7.34
CA GLY MH 21 -90.41 28.10 -7.57
C GLY MH 21 -89.65 28.13 -8.88
N SER MH 33 -89.11 33.38 -7.96
CA SER MH 33 -90.43 33.97 -8.09
C SER MH 33 -90.60 34.65 -9.44
N GLU MH 34 -91.80 34.52 -10.01
CA GLU MH 34 -92.13 35.16 -11.28
C GLU MH 34 -93.49 35.81 -11.17
N CYS MH 35 -93.72 36.87 -11.92
CA CYS MH 35 -94.99 37.57 -11.94
C CYS MH 35 -95.56 37.56 -13.34
N LEU MH 36 -96.87 37.38 -13.45
CA LEU MH 36 -97.56 37.34 -14.73
C LEU MH 36 -98.66 38.37 -14.75
N ASP MH 37 -98.90 38.95 -15.92
CA ASP MH 37 -100.01 39.86 -16.14
C ASP MH 37 -101.17 39.11 -16.76
N LYS MH 38 -102.28 39.82 -16.95
CA LYS MH 38 -103.50 39.19 -17.45
C LYS MH 38 -103.35 38.80 -18.90
N GLY MH 39 -103.65 37.54 -19.20
CA GLY MH 39 -103.61 37.03 -20.54
C GLY MH 39 -102.35 36.28 -20.89
N GLU MH 40 -101.31 36.39 -20.09
CA GLU MH 40 -100.10 35.64 -20.36
C GLU MH 40 -100.28 34.18 -19.97
N VAL MH 41 -99.42 33.34 -20.52
CA VAL MH 41 -99.44 31.91 -20.26
C VAL MH 41 -98.01 31.46 -20.03
N LEU MH 42 -97.77 30.82 -18.90
CA LEU MH 42 -96.46 30.29 -18.56
C LEU MH 42 -96.51 28.78 -18.59
N ILE MH 43 -95.64 28.17 -19.38
CA ILE MH 43 -95.50 26.73 -19.42
C ILE MH 43 -94.23 26.39 -18.66
N ALA MH 44 -94.37 25.67 -17.55
CA ALA MH 44 -93.26 25.47 -16.64
C ALA MH 44 -92.97 23.99 -16.49
N GLN MH 45 -91.72 23.62 -16.70
CA GLN MH 45 -91.27 22.26 -16.48
C GLN MH 45 -90.62 22.14 -15.11
N PHE MH 46 -90.63 20.92 -14.58
CA PHE MH 46 -90.02 20.67 -13.29
C PHE MH 46 -88.55 20.30 -13.45
N THR MH 47 -87.69 21.11 -12.87
CA THR MH 47 -86.26 20.81 -12.85
C THR MH 47 -85.97 19.98 -11.61
N GLU MH 48 -84.68 19.81 -11.34
CA GLU MH 48 -84.28 19.25 -10.06
C GLU MH 48 -84.51 20.25 -8.94
N HIS MH 49 -84.20 21.52 -9.19
CA HIS MH 49 -84.40 22.59 -8.23
C HIS MH 49 -85.87 22.86 -7.95
N THR MH 50 -86.64 23.18 -8.97
CA THR MH 50 -88.07 23.47 -8.83
C THR MH 50 -88.79 22.16 -8.58
N SER MH 51 -89.00 21.83 -7.31
CA SER MH 51 -89.72 20.65 -6.92
C SER MH 51 -91.11 20.96 -6.40
N ALA MH 52 -91.46 22.24 -6.29
CA ALA MH 52 -92.78 22.65 -5.81
C ALA MH 52 -93.10 24.00 -6.42
N ILE MH 53 -94.34 24.17 -6.84
CA ILE MH 53 -94.79 25.39 -7.48
C ILE MH 53 -96.05 25.88 -6.79
N LYS MH 54 -96.01 27.09 -6.29
CA LYS MH 54 -97.15 27.71 -5.62
C LYS MH 54 -97.69 28.83 -6.49
N VAL MH 55 -99.01 28.88 -6.62
CA VAL MH 55 -99.66 29.85 -7.50
C VAL MH 55 -100.63 30.68 -6.67
N ARG MH 56 -100.47 32.00 -6.73
CA ARG MH 56 -101.36 32.92 -6.04
C ARG MH 56 -102.23 33.61 -7.06
N GLY MH 57 -103.31 34.23 -6.58
CA GLY MH 57 -104.17 35.01 -7.44
C GLY MH 57 -105.03 34.15 -8.34
N LYS MH 58 -105.81 34.82 -9.19
CA LYS MH 58 -106.73 34.13 -10.07
C LYS MH 58 -105.98 33.65 -11.31
N ALA MH 59 -105.90 32.35 -11.47
CA ALA MH 59 -105.20 31.75 -12.60
C ALA MH 59 -105.86 30.43 -12.96
N TYR MH 60 -105.60 29.98 -14.17
CA TYR MH 60 -106.21 28.77 -14.71
C TYR MH 60 -105.10 27.79 -15.08
N ILE MH 61 -105.03 26.67 -14.38
CA ILE MH 61 -103.91 25.76 -14.46
C ILE MH 61 -104.35 24.48 -15.15
N GLN MH 62 -103.56 24.02 -16.11
CA GLN MH 62 -103.72 22.72 -16.73
C GLN MH 62 -102.51 21.88 -16.38
N THR MH 63 -102.74 20.72 -15.77
CA THR MH 63 -101.71 19.75 -15.49
C THR MH 63 -102.05 18.46 -16.23
N SER MH 64 -101.27 17.41 -15.95
CA SER MH 64 -101.59 16.10 -16.49
C SER MH 64 -102.85 15.53 -15.84
N HIS MH 65 -103.10 15.87 -14.59
CA HIS MH 65 -104.27 15.38 -13.87
C HIS MH 65 -105.55 16.09 -14.23
N GLY MH 66 -105.47 17.16 -15.01
CA GLY MH 66 -106.66 17.90 -15.39
C GLY MH 66 -106.44 19.37 -15.19
N VAL MH 67 -107.55 20.10 -15.07
CA VAL MH 67 -107.51 21.55 -14.94
C VAL MH 67 -107.98 21.93 -13.55
N ILE MH 68 -107.63 23.16 -13.16
CA ILE MH 68 -107.98 23.69 -11.85
C ILE MH 68 -107.92 25.20 -11.94
N GLU MH 69 -108.55 25.89 -11.00
CA GLU MH 69 -108.64 27.34 -11.04
C GLU MH 69 -108.24 27.93 -9.70
N SER MH 70 -107.02 28.46 -9.64
CA SER MH 70 -106.55 29.10 -8.42
C SER MH 70 -107.15 30.48 -8.30
N GLU MH 71 -107.39 30.90 -7.06
CA GLU MH 71 -107.93 32.23 -6.81
C GLU MH 71 -107.09 33.03 -5.83
N ASP NH 6 -93.14 16.73 -24.76
CA ASP NH 6 -91.79 17.26 -24.82
C ASP NH 6 -91.71 18.58 -25.56
N PHE NH 7 -92.75 18.93 -26.29
CA PHE NH 7 -92.71 20.11 -27.13
C PHE NH 7 -94.09 20.76 -27.21
N VAL NH 8 -94.10 22.05 -27.48
CA VAL NH 8 -95.32 22.85 -27.57
C VAL NH 8 -95.40 23.48 -28.95
N VAL NH 9 -96.61 23.83 -29.34
CA VAL NH 9 -96.88 24.43 -30.65
C VAL NH 9 -97.60 25.75 -30.43
N ILE NH 10 -96.99 26.84 -30.86
CA ILE NH 10 -97.54 28.18 -30.64
C ILE NH 10 -97.84 28.80 -31.99
N LYS NH 11 -99.11 29.05 -32.27
CA LYS NH 11 -99.51 29.75 -33.47
C LYS NH 11 -99.79 31.20 -33.09
N ALA NH 12 -99.02 32.12 -33.65
CA ALA NH 12 -99.20 33.51 -33.28
C ALA NH 12 -100.36 34.12 -34.05
N LEU NH 13 -101.46 34.36 -33.36
CA LEU NH 13 -102.66 34.91 -33.97
C LEU NH 13 -102.61 36.41 -34.18
N GLU NH 14 -101.62 37.09 -33.62
CA GLU NH 14 -101.46 38.53 -33.82
C GLU NH 14 -99.98 38.82 -33.89
N ASP NH 15 -99.65 40.03 -34.33
CA ASP NH 15 -98.26 40.39 -34.54
C ASP NH 15 -97.58 40.64 -33.21
N GLY NH 16 -96.25 40.52 -33.22
CA GLY NH 16 -95.43 40.84 -32.07
C GLY NH 16 -95.60 39.94 -30.88
N VAL NH 17 -95.93 38.66 -31.09
CA VAL NH 17 -96.08 37.76 -29.96
C VAL NH 17 -94.71 37.34 -29.45
N ASN NH 18 -94.46 37.57 -28.16
CA ASN NH 18 -93.17 37.30 -27.56
C ASN NH 18 -93.19 35.91 -26.96
N VAL NH 19 -92.07 35.20 -27.07
CA VAL NH 19 -91.89 33.90 -26.45
C VAL NH 19 -90.56 33.96 -25.71
N ILE NH 20 -90.60 33.76 -24.39
CA ILE NH 20 -89.45 33.98 -23.53
C ILE NH 20 -88.95 32.63 -23.03
N GLY NH 21 -87.68 32.36 -23.29
CA GLY NH 21 -87.07 31.12 -22.84
C GLY NH 21 -86.36 30.37 -23.96
N SER NH 33 -85.22 35.25 -25.85
CA SER NH 33 -86.47 35.84 -26.31
C SER NH 33 -86.62 35.74 -27.82
N GLU NH 34 -87.83 35.47 -28.28
CA GLU NH 34 -88.14 35.39 -29.70
C GLU NH 34 -89.42 36.15 -29.98
N CYS NH 35 -89.55 36.69 -31.18
CA CYS NH 35 -90.74 37.41 -31.58
C CYS NH 35 -91.36 36.75 -32.79
N LEU NH 36 -92.69 36.68 -32.83
CA LEU NH 36 -93.42 36.06 -33.93
C LEU NH 36 -94.41 37.06 -34.50
N ASP NH 37 -94.61 36.97 -35.81
CA ASP NH 37 -95.62 37.76 -36.49
C ASP NH 37 -96.89 36.92 -36.68
N LYS NH 38 -97.92 37.55 -37.23
CA LYS NH 38 -99.21 36.90 -37.36
C LYS NH 38 -99.16 35.80 -38.41
N GLY NH 39 -99.60 34.61 -38.02
CA GLY NH 39 -99.67 33.47 -38.90
C GLY NH 39 -98.50 32.52 -38.79
N GLU NH 40 -97.44 32.92 -38.13
CA GLU NH 40 -96.32 32.00 -37.94
C GLU NH 40 -96.65 30.99 -36.86
N VAL NH 41 -95.91 29.89 -36.87
CA VAL NH 41 -96.08 28.80 -35.90
C VAL NH 41 -94.69 28.39 -35.44
N LEU NH 42 -94.49 28.40 -34.13
CA LEU NH 42 -93.23 27.98 -33.55
C LEU NH 42 -93.45 26.68 -32.78
N ILE NH 43 -92.67 25.66 -33.12
CA ILE NH 43 -92.70 24.40 -32.41
C ILE NH 43 -91.44 24.36 -31.54
N ALA NH 44 -91.62 24.35 -30.24
CA ALA NH 44 -90.51 24.52 -29.32
C ALA NH 44 -90.38 23.31 -28.42
N GLN NH 45 -89.18 22.74 -28.38
CA GLN NH 45 -88.87 21.65 -27.48
C GLN NH 45 -88.20 22.19 -26.22
N PHE NH 46 -88.32 21.43 -25.13
CA PHE NH 46 -87.69 21.82 -23.88
C PHE NH 46 -86.28 21.25 -23.79
N THR NH 47 -85.31 22.15 -23.69
CA THR NH 47 -83.93 21.74 -23.49
C THR NH 47 -83.69 21.64 -21.99
N GLU NH 48 -82.41 21.49 -21.63
CA GLU NH 48 -82.03 21.63 -20.24
C GLU NH 48 -82.12 23.09 -19.80
N HIS NH 49 -81.67 23.99 -20.67
CA HIS NH 49 -81.73 25.42 -20.39
C HIS NH 49 -83.15 25.97 -20.33
N THR NH 50 -83.92 25.79 -21.40
CA THR NH 50 -85.29 26.27 -21.47
C THR NH 50 -86.14 25.37 -20.59
N SER NH 51 -86.33 25.77 -19.34
CA SER NH 51 -87.18 25.05 -18.41
C SER NH 51 -88.50 25.73 -18.17
N ALA NH 52 -88.71 26.91 -18.74
CA ALA NH 52 -89.95 27.64 -18.58
C ALA NH 52 -90.15 28.52 -19.80
N ILE NH 53 -91.38 28.59 -20.28
CA ILE NH 53 -91.71 29.34 -21.49
C ILE NH 53 -92.89 30.26 -21.17
N LYS NH 54 -92.71 31.54 -21.38
CA LYS NH 54 -93.74 32.54 -21.14
C LYS NH 54 -94.18 33.10 -22.48
N VAL NH 55 -95.49 33.23 -22.66
CA VAL NH 55 -96.07 33.66 -23.92
C VAL NH 55 -96.90 34.90 -23.68
N ARG NH 56 -96.61 35.98 -24.39
CA ARG NH 56 -97.37 37.21 -24.30
C ARG NH 56 -98.20 37.38 -25.57
N GLY NH 57 -99.18 38.26 -25.51
CA GLY NH 57 -99.99 38.59 -26.66
C GLY NH 57 -100.96 37.48 -27.01
N LYS NH 58 -101.69 37.70 -28.10
CA LYS NH 58 -102.71 36.77 -28.52
C LYS NH 58 -102.07 35.64 -29.32
N ALA NH 59 -102.13 34.43 -28.78
CA ALA NH 59 -101.55 33.27 -29.43
C ALA NH 59 -102.36 32.04 -29.06
N TYR NH 60 -102.20 30.99 -29.86
CA TYR NH 60 -102.95 29.75 -29.70
C TYR NH 60 -101.96 28.62 -29.49
N ILE NH 61 -102.00 28.02 -28.31
CA ILE NH 61 -100.98 27.07 -27.89
C ILE NH 61 -101.58 25.68 -27.83
N GLN NH 62 -100.88 24.71 -28.40
CA GLN NH 62 -101.20 23.30 -28.25
C GLN NH 62 -100.07 22.64 -27.48
N THR NH 63 -100.42 21.98 -26.38
CA THR NH 63 -99.48 21.19 -25.61
C THR NH 63 -99.98 19.75 -25.57
N SER NH 64 -99.33 18.92 -24.77
CA SER NH 64 -99.80 17.57 -24.57
C SER NH 64 -101.08 17.56 -23.76
N HIS NH 65 -101.26 18.52 -22.87
CA HIS NH 65 -102.44 18.60 -22.02
C HIS NH 65 -103.65 19.17 -22.74
N GLY NH 66 -103.49 19.66 -23.96
CA GLY NH 66 -104.59 20.22 -24.69
C GLY NH 66 -104.21 21.55 -25.29
N VAL NH 67 -105.23 22.36 -25.58
CA VAL NH 67 -105.04 23.65 -26.21
C VAL NH 67 -105.41 24.74 -25.23
N ILE NH 68 -104.92 25.95 -25.52
CA ILE NH 68 -105.15 27.11 -24.69
C ILE NH 68 -104.93 28.35 -25.55
N GLU NH 69 -105.45 29.48 -25.11
CA GLU NH 69 -105.39 30.71 -25.90
C GLU NH 69 -104.88 31.86 -25.05
N SER NH 70 -103.61 32.20 -25.23
CA SER NH 70 -103.03 33.32 -24.51
C SER NH 70 -103.47 34.62 -25.14
N GLU NH 71 -103.61 35.65 -24.29
CA GLU NH 71 -104.01 36.97 -24.79
C GLU NH 71 -103.04 38.05 -24.33
N ASP OH 6 -91.89 13.06 -31.50
CA ASP OH 6 -90.49 13.30 -31.82
C ASP OH 6 -90.30 14.00 -33.15
N PHE OH 7 -91.34 14.04 -33.97
CA PHE OH 7 -91.21 14.58 -35.32
C PHE OH 7 -92.51 15.23 -35.74
N VAL OH 8 -92.38 16.17 -36.67
CA VAL OH 8 -93.50 16.95 -37.18
C VAL OH 8 -93.60 16.76 -38.68
N VAL OH 9 -94.79 17.00 -39.23
CA VAL OH 9 -95.05 16.83 -40.65
C VAL OH 9 -95.61 18.15 -41.18
N ILE OH 10 -94.90 18.76 -42.13
CA ILE OH 10 -95.28 20.06 -42.66
C ILE OH 10 -95.58 19.90 -44.13
N LYS OH 11 -96.83 20.12 -44.52
CA LYS OH 11 -97.22 20.12 -45.91
C LYS OH 11 -97.31 21.55 -46.38
N ALA OH 12 -96.48 21.93 -47.33
CA ALA OH 12 -96.46 23.32 -47.78
C ALA OH 12 -97.60 23.56 -48.76
N LEU OH 13 -98.62 24.28 -48.33
CA LEU OH 13 -99.78 24.55 -49.15
C LEU OH 13 -99.57 25.69 -50.14
N GLU OH 14 -98.48 26.44 -50.01
CA GLU OH 14 -98.17 27.50 -50.95
C GLU OH 14 -96.67 27.53 -51.15
N ASP OH 15 -96.24 28.26 -52.17
CA ASP OH 15 -94.83 28.28 -52.51
C ASP OH 15 -94.03 29.11 -51.52
N GLY OH 16 -92.74 28.83 -51.45
CA GLY OH 16 -91.83 29.61 -50.63
C GLY OH 16 -92.04 29.52 -49.15
N VAL OH 17 -92.51 28.37 -48.65
CA VAL OH 17 -92.70 28.24 -47.21
C VAL OH 17 -91.36 27.99 -46.54
N ASN OH 18 -91.01 28.83 -45.58
CA ASN OH 18 -89.72 28.76 -44.91
C ASN OH 18 -89.87 27.93 -43.64
N VAL OH 19 -88.85 27.13 -43.35
CA VAL OH 19 -88.78 26.35 -42.12
C VAL OH 19 -87.41 26.64 -41.51
N ILE OH 20 -87.40 27.17 -40.30
CA ILE OH 20 -86.19 27.67 -39.67
C ILE OH 20 -85.81 26.75 -38.53
N GLY OH 21 -84.59 26.22 -38.58
CA GLY OH 21 -84.11 25.34 -37.53
C GLY OH 21 -83.56 24.03 -38.06
N SER OH 33 -81.98 26.95 -42.26
CA SER OH 33 -83.18 27.36 -42.98
C SER OH 33 -83.42 26.49 -44.21
N GLU OH 34 -84.69 26.17 -44.46
CA GLU OH 34 -85.08 25.38 -45.62
C GLU OH 34 -86.28 26.05 -46.28
N CYS OH 35 -86.42 25.86 -47.58
CA CYS OH 35 -87.54 26.41 -48.32
C CYS OH 35 -88.29 25.27 -49.01
N LEU OH 36 -89.62 25.37 -49.02
CA LEU OH 36 -90.47 24.36 -49.61
C LEU OH 36 -91.38 25.01 -50.65
N ASP OH 37 -91.67 24.28 -51.71
CA ASP OH 37 -92.63 24.69 -52.72
C ASP OH 37 -93.98 24.06 -52.43
N LYS OH 38 -94.97 24.42 -53.26
CA LYS OH 38 -96.33 23.97 -53.03
C LYS OH 38 -96.46 22.48 -53.32
N GLY OH 39 -97.02 21.76 -52.36
CA GLY OH 39 -97.26 20.34 -52.51
C GLY OH 39 -96.22 19.46 -51.88
N GLU OH 40 -95.07 20.01 -51.52
CA GLU OH 40 -94.06 19.21 -50.86
C GLU OH 40 -94.43 18.98 -49.40
N VAL OH 41 -93.82 17.95 -48.81
CA VAL OH 41 -94.06 17.59 -47.43
C VAL OH 41 -92.71 17.31 -46.79
N LEU OH 42 -92.42 17.98 -45.69
CA LEU OH 42 -91.20 17.79 -44.95
C LEU OH 42 -91.52 17.14 -43.61
N ILE OH 43 -90.88 16.01 -43.35
CA ILE OH 43 -91.00 15.33 -42.06
C ILE OH 43 -89.72 15.60 -41.30
N ALA OH 44 -89.82 16.31 -40.19
CA ALA OH 44 -88.66 16.80 -39.49
C ALA OH 44 -88.61 16.26 -38.08
N GLN OH 45 -87.48 15.66 -37.72
CA GLN OH 45 -87.24 15.18 -36.38
C GLN OH 45 -86.45 16.22 -35.59
N PHE OH 46 -86.59 16.17 -34.28
CA PHE OH 46 -85.86 17.08 -33.42
C PHE OH 46 -84.52 16.48 -33.03
N THR OH 47 -83.44 17.16 -33.40
CA THR OH 47 -82.10 16.76 -33.00
C THR OH 47 -81.79 17.44 -31.68
N GLU OH 48 -80.52 17.35 -31.29
CA GLU OH 48 -80.04 18.16 -30.17
C GLU OH 48 -79.94 19.62 -30.59
N HIS OH 49 -79.45 19.86 -31.81
CA HIS OH 49 -79.32 21.21 -32.35
C HIS OH 49 -80.66 21.88 -32.60
N THR OH 50 -81.51 21.26 -33.41
CA THR OH 50 -82.82 21.79 -33.74
C THR OH 50 -83.72 21.62 -32.53
N SER OH 51 -83.79 22.65 -31.69
CA SER OH 51 -84.65 22.64 -30.53
C SER OH 51 -85.88 23.52 -30.71
N ALA OH 52 -85.98 24.22 -31.83
CA ALA OH 52 -87.12 25.07 -32.11
C ALA OH 52 -87.28 25.19 -33.61
N ILE OH 53 -88.53 25.14 -34.07
CA ILE OH 53 -88.84 25.18 -35.49
C ILE OH 53 -89.88 26.25 -35.73
N LYS OH 54 -89.56 27.20 -36.60
CA LYS OH 54 -90.47 28.28 -36.94
C LYS OH 54 -90.92 28.09 -38.37
N VAL OH 55 -92.21 28.27 -38.62
CA VAL OH 55 -92.81 28.03 -39.92
C VAL OH 55 -93.48 29.32 -40.38
N ARG OH 56 -93.11 29.79 -41.56
CA ARG OH 56 -93.71 30.97 -42.17
C ARG OH 56 -94.59 30.54 -43.33
N GLY OH 57 -95.46 31.44 -43.77
CA GLY OH 57 -96.29 31.19 -44.93
C GLY OH 57 -97.41 30.21 -44.64
N LYS OH 58 -98.16 29.90 -45.68
CA LYS OH 58 -99.30 29.02 -45.56
C LYS OH 58 -98.84 27.58 -45.61
N ALA OH 59 -99.01 26.86 -44.50
CA ALA OH 59 -98.60 25.47 -44.42
C ALA OH 59 -99.53 24.74 -43.47
N TYR OH 60 -99.53 23.42 -43.58
CA TYR OH 60 -100.41 22.56 -42.79
C TYR OH 60 -99.55 21.61 -41.99
N ILE OH 61 -99.58 21.73 -40.67
CA ILE OH 61 -98.65 21.03 -39.79
C ILE OH 61 -99.42 19.99 -39.00
N GLN OH 62 -98.86 18.78 -38.95
CA GLN OH 62 -99.33 17.72 -38.07
C GLN OH 62 -98.24 17.43 -37.06
N THR OH 63 -98.59 17.52 -35.78
CA THR OH 63 -97.72 17.14 -34.69
C THR OH 63 -98.38 16.04 -33.90
N SER OH 64 -97.76 15.68 -32.77
CA SER OH 64 -98.39 14.71 -31.87
C SER OH 64 -99.62 15.30 -31.20
N HIS OH 65 -99.63 16.61 -30.96
CA HIS OH 65 -100.74 17.27 -30.31
C HIS OH 65 -101.92 17.53 -31.23
N GLY OH 66 -101.77 17.27 -32.54
CA GLY OH 66 -102.84 17.47 -33.47
C GLY OH 66 -102.35 18.23 -34.67
N VAL OH 67 -103.28 18.87 -35.37
CA VAL OH 67 -102.98 19.59 -36.60
C VAL OH 67 -103.17 21.09 -36.36
N ILE OH 68 -102.55 21.86 -37.24
CA ILE OH 68 -102.61 23.32 -37.16
C ILE OH 68 -102.30 23.86 -38.56
N GLU OH 69 -102.66 25.11 -38.80
CA GLU OH 69 -102.50 25.71 -40.12
C GLU OH 69 -101.81 27.05 -40.02
N SER OH 70 -100.53 27.08 -40.33
CA SER OH 70 -99.79 28.32 -40.31
C SER OH 70 -100.10 29.14 -41.55
N GLU OH 71 -100.09 30.46 -41.39
CA GLU OH 71 -100.34 31.34 -42.53
C GLU OH 71 -99.24 32.38 -42.71
N ASP PH 6 -91.14 5.97 -35.30
CA ASP PH 6 -89.73 5.84 -35.68
C ASP PH 6 -89.54 5.72 -37.18
N PHE PH 7 -90.62 5.44 -37.91
CA PHE PH 7 -90.50 5.19 -39.34
C PHE PH 7 -91.75 5.68 -40.06
N VAL PH 8 -91.57 5.98 -41.34
CA VAL PH 8 -92.63 6.50 -42.20
C VAL PH 8 -92.80 5.57 -43.38
N VAL PH 9 -93.99 5.64 -43.98
CA VAL PH 9 -94.34 4.80 -45.11
C VAL PH 9 -94.79 5.68 -46.25
N ILE PH 10 -94.06 5.64 -47.37
CA ILE PH 10 -94.33 6.50 -48.51
C ILE PH 10 -94.73 5.63 -49.69
N LYS PH 11 -95.96 5.77 -50.14
CA LYS PH 11 -96.42 5.09 -51.34
C LYS PH 11 -96.38 6.08 -52.49
N ALA PH 12 -95.56 5.81 -53.49
CA ALA PH 12 -95.43 6.75 -54.59
C ALA PH 12 -96.57 6.57 -55.58
N LEU PH 13 -97.50 7.52 -55.58
CA LEU PH 13 -98.67 7.48 -56.44
C LEU PH 13 -98.38 7.90 -57.87
N GLU PH 14 -97.21 8.47 -58.15
CA GLU PH 14 -96.84 8.85 -59.49
C GLU PH 14 -95.36 8.60 -59.66
N ASP PH 15 -94.90 8.63 -60.90
CA ASP PH 15 -93.52 8.31 -61.20
C ASP PH 15 -92.59 9.44 -60.77
N GLY PH 16 -91.33 9.09 -60.55
CA GLY PH 16 -90.31 10.06 -60.25
C GLY PH 16 -90.44 10.77 -58.93
N VAL PH 17 -91.01 10.12 -57.91
CA VAL PH 17 -91.14 10.78 -56.62
C VAL PH 17 -89.80 10.76 -55.91
N ASN PH 18 -89.32 11.93 -55.53
CA ASN PH 18 -88.02 12.07 -54.90
C ASN PH 18 -88.18 12.03 -53.39
N VAL PH 19 -87.24 11.40 -52.71
CA VAL PH 19 -87.18 11.36 -51.26
C VAL PH 19 -85.78 11.76 -50.87
N ILE PH 20 -85.64 12.84 -50.10
CA ILE PH 20 -84.35 13.44 -49.82
C ILE PH 20 -84.01 13.21 -48.35
N GLY PH 21 -82.87 12.59 -48.10
CA GLY PH 21 -82.42 12.34 -46.75
C GLY PH 21 -82.04 10.89 -46.52
N SER PH 33 -80.38 11.00 -51.61
CA SER PH 33 -81.56 11.12 -52.45
C SER PH 33 -81.96 9.77 -53.04
N GLU PH 34 -83.26 9.52 -53.10
CA GLU PH 34 -83.79 8.30 -53.69
C GLU PH 34 -84.95 8.65 -54.62
N CYS PH 35 -85.17 7.84 -55.63
CA CYS PH 35 -86.27 8.05 -56.56
C CYS PH 35 -87.18 6.82 -56.56
N LEU PH 36 -88.48 7.06 -56.64
CA LEU PH 36 -89.46 5.98 -56.63
C LEU PH 36 -90.35 6.11 -57.87
N ASP PH 37 -90.76 4.96 -58.39
CA ASP PH 37 -91.72 4.91 -59.48
C ASP PH 37 -93.11 4.68 -58.93
N LYS PH 38 -94.09 4.66 -59.82
CA LYS PH 38 -95.49 4.56 -59.41
C LYS PH 38 -95.79 3.17 -58.89
N GLY PH 39 -96.38 3.11 -57.69
CA GLY PH 39 -96.78 1.88 -57.09
C GLY PH 39 -95.79 1.33 -56.07
N GLU PH 40 -94.57 1.84 -56.05
CA GLU PH 40 -93.62 1.39 -55.05
C GLU PH 40 -93.94 1.99 -53.69
N VAL PH 41 -93.42 1.36 -52.65
CA VAL PH 41 -93.62 1.79 -51.28
C VAL PH 41 -92.27 1.73 -50.57
N LEU PH 42 -91.87 2.84 -49.99
CA LEU PH 42 -90.63 2.92 -49.24
C LEU PH 42 -90.95 3.10 -47.77
N ILE PH 43 -90.43 2.21 -46.93
CA ILE PH 43 -90.55 2.31 -45.49
C ILE PH 43 -89.21 2.78 -44.97
N ALA PH 44 -89.19 3.98 -44.39
CA ALA PH 44 -87.93 4.62 -44.04
C ALA PH 44 -87.88 4.88 -42.55
N GLN PH 45 -86.80 4.43 -41.92
CA GLN PH 45 -86.55 4.69 -40.52
C GLN PH 45 -85.60 5.89 -40.37
N PHE PH 46 -85.69 6.54 -39.23
CA PHE PH 46 -84.81 7.68 -38.96
C PHE PH 46 -83.53 7.22 -38.30
N THR PH 47 -82.42 7.47 -38.95
CA THR PH 47 -81.11 7.18 -38.39
C THR PH 47 -80.65 8.41 -37.62
N GLU PH 48 -79.39 8.38 -37.21
CA GLU PH 48 -78.77 9.60 -36.69
C GLU PH 48 -78.54 10.60 -37.80
N HIS PH 49 -78.09 10.13 -38.96
CA HIS PH 49 -77.84 10.97 -40.12
C HIS PH 49 -79.11 11.56 -40.70
N THR PH 50 -80.07 10.71 -41.08
CA THR PH 50 -81.33 11.15 -41.66
C THR PH 50 -82.18 11.73 -40.54
N SER PH 51 -82.10 13.05 -40.36
CA SER PH 51 -82.89 13.75 -39.37
C SER PH 51 -84.03 14.53 -40.00
N ALA PH 52 -84.11 14.56 -41.33
CA ALA PH 52 -85.17 15.27 -42.03
C ALA PH 52 -85.40 14.60 -43.37
N ILE PH 53 -86.66 14.48 -43.75
CA ILE PH 53 -87.04 13.81 -44.98
C ILE PH 53 -87.97 14.72 -45.75
N LYS PH 54 -87.59 15.04 -46.98
CA LYS PH 54 -88.39 15.87 -47.85
C LYS PH 54 -88.94 15.03 -48.98
N VAL PH 55 -90.22 15.21 -49.30
CA VAL PH 55 -90.90 14.40 -50.29
C VAL PH 55 -91.45 15.31 -51.36
N ARG PH 56 -91.10 15.06 -52.62
CA ARG PH 56 -91.60 15.82 -53.75
C ARG PH 56 -92.58 14.96 -54.53
N GLY PH 57 -93.37 15.60 -55.38
CA GLY PH 57 -94.28 14.88 -56.25
C GLY PH 57 -95.48 14.33 -55.51
N LYS PH 58 -96.31 13.62 -56.25
CA LYS PH 58 -97.54 13.07 -55.69
C LYS PH 58 -97.23 11.75 -54.98
N ALA PH 59 -97.42 11.74 -53.67
CA ALA PH 59 -97.16 10.56 -52.87
C ALA PH 59 -98.10 10.54 -51.69
N TYR PH 60 -98.25 9.36 -51.09
CA TYR PH 60 -99.17 9.15 -49.99
C TYR PH 60 -98.38 8.65 -48.79
N ILE PH 61 -98.32 9.46 -47.73
CA ILE PH 61 -97.44 9.21 -46.61
C ILE PH 61 -98.26 8.81 -45.40
N GLN PH 62 -97.84 7.76 -44.72
CA GLN PH 62 -98.37 7.37 -43.43
C GLN PH 62 -97.27 7.53 -42.39
N THR PH 63 -97.55 8.31 -41.36
CA THR PH 63 -96.65 8.45 -40.22
C THR PH 63 -97.40 7.99 -38.97
N SER PH 64 -96.76 8.21 -37.82
CA SER PH 64 -97.44 7.93 -36.56
C SER PH 64 -98.56 8.92 -36.29
N HIS PH 65 -98.41 10.15 -36.78
CA HIS PH 65 -99.43 11.18 -36.58
C HIS PH 65 -100.62 11.04 -37.51
N GLY PH 66 -100.56 10.14 -38.49
CA GLY PH 66 -101.65 9.96 -39.40
C GLY PH 66 -101.14 9.91 -40.82
N VAL PH 67 -102.04 10.21 -41.76
CA VAL PH 67 -101.72 10.14 -43.18
C VAL PH 67 -101.74 11.55 -43.76
N ILE PH 68 -101.09 11.68 -44.91
CA ILE PH 68 -100.99 12.97 -45.61
C ILE PH 68 -100.69 12.67 -47.06
N GLU PH 69 -100.94 13.64 -47.93
CA GLU PH 69 -100.79 13.45 -49.37
C GLU PH 69 -99.96 14.56 -49.97
N SER PH 70 -98.69 14.27 -50.25
CA SER PH 70 -97.82 15.24 -50.86
C SER PH 70 -98.11 15.33 -52.35
N GLU PH 71 -97.95 16.52 -52.90
CA GLU PH 71 -98.18 16.72 -54.33
C GLU PH 71 -96.97 17.37 -55.02
N ASP QH 6 -91.75 -1.88 -34.82
CA ASP QH 6 -90.40 -2.38 -35.02
C ASP QH 6 -90.29 -3.31 -36.22
N PHE QH 7 -91.42 -3.78 -36.73
CA PHE QH 7 -91.40 -4.77 -37.79
C PHE QH 7 -92.59 -4.58 -38.71
N VAL QH 8 -92.43 -5.04 -39.95
CA VAL QH 8 -93.44 -4.92 -40.98
C VAL QH 8 -93.80 -6.30 -41.49
N VAL QH 9 -94.99 -6.42 -42.07
CA VAL QH 9 -95.50 -7.68 -42.59
C VAL QH 9 -95.86 -7.48 -44.05
N ILE QH 10 -95.21 -8.22 -44.94
CA ILE QH 10 -95.41 -8.07 -46.37
C ILE QH 10 -95.96 -9.38 -46.92
N LYS QH 11 -97.19 -9.34 -47.42
CA LYS QH 11 -97.78 -10.49 -48.08
C LYS QH 11 -97.67 -10.27 -49.57
N ALA QH 12 -96.93 -11.15 -50.25
CA ALA QH 12 -96.72 -10.96 -51.68
C ALA QH 12 -97.92 -11.48 -52.46
N LEU QH 13 -98.71 -10.57 -53.00
CA LEU QH 13 -99.92 -10.92 -53.74
C LEU QH 13 -99.64 -11.37 -55.16
N GLU QH 14 -98.42 -11.18 -55.65
CA GLU QH 14 -98.05 -11.63 -56.99
C GLU QH 14 -96.63 -12.14 -56.94
N ASP QH 15 -96.23 -12.83 -58.01
CA ASP QH 15 -94.91 -13.43 -58.02
C ASP QH 15 -93.83 -12.38 -58.24
N GLY QH 16 -92.62 -12.72 -57.82
CA GLY QH 16 -91.46 -11.89 -58.06
C GLY QH 16 -91.44 -10.56 -57.33
N VAL QH 17 -92.04 -10.49 -56.14
CA VAL QH 17 -92.04 -9.24 -55.41
C VAL QH 17 -90.69 -9.05 -54.75
N ASN QH 18 -90.04 -7.93 -55.03
CA ASN QH 18 -88.71 -7.65 -54.53
C ASN QH 18 -88.81 -6.86 -53.25
N VAL QH 19 -87.93 -7.15 -52.29
CA VAL QH 19 -87.82 -6.41 -51.05
C VAL QH 19 -86.36 -6.05 -50.88
N ILE QH 20 -86.06 -4.76 -50.82
CA ILE QH 20 -84.69 -4.27 -50.85
C ILE QH 20 -84.32 -3.73 -49.48
N GLY QH 21 -83.25 -4.26 -48.91
CA GLY QH 21 -82.79 -3.81 -47.60
C GLY QH 21 -82.58 -4.95 -46.63
N SER QH 33 -81.13 -7.79 -50.93
CA SER QH 33 -82.33 -7.98 -51.74
C SER QH 33 -82.93 -9.37 -51.54
N GLU QH 34 -84.25 -9.45 -51.50
CA GLU QH 34 -84.95 -10.72 -51.36
C GLU QH 34 -86.10 -10.75 -52.37
N CYS QH 35 -86.46 -11.95 -52.80
CA CYS QH 35 -87.56 -12.13 -53.73
C CYS QH 35 -88.62 -13.03 -53.11
N LEU QH 36 -89.88 -12.71 -53.34
CA LEU QH 36 -91.00 -13.47 -52.80
C LEU QH 36 -91.90 -13.91 -53.93
N ASP QH 37 -92.49 -15.09 -53.78
CA ASP QH 37 -93.49 -15.60 -54.70
C ASP QH 37 -94.88 -15.31 -54.16
N LYS QH 38 -95.89 -15.66 -54.94
CA LYS QH 38 -97.26 -15.35 -54.59
C LYS QH 38 -97.73 -16.20 -53.41
N GLY QH 39 -98.26 -15.54 -52.39
CA GLY QH 39 -98.78 -16.19 -51.23
C GLY QH 39 -97.85 -16.24 -50.04
N GLU QH 40 -96.56 -15.94 -50.25
CA GLU QH 40 -95.64 -15.92 -49.14
C GLU QH 40 -95.83 -14.65 -48.32
N VAL QH 41 -95.35 -14.69 -47.09
CA VAL QH 41 -95.43 -13.57 -46.17
C VAL QH 41 -94.08 -13.42 -45.50
N LEU QH 42 -93.51 -12.24 -45.59
CA LEU QH 42 -92.24 -11.93 -44.95
C LEU QH 42 -92.47 -10.95 -43.82
N ILE QH 43 -92.02 -11.32 -42.62
CA ILE QH 43 -92.08 -10.45 -41.46
C ILE QH 43 -90.67 -9.95 -41.23
N ALA QH 44 -90.46 -8.65 -41.37
CA ALA QH 44 -89.12 -8.09 -41.38
C ALA QH 44 -88.97 -7.09 -40.25
N GLN QH 45 -87.93 -7.27 -39.45
CA GLN QH 45 -87.59 -6.33 -38.40
C GLN QH 45 -86.50 -5.38 -38.88
N PHE QH 46 -86.45 -4.21 -38.27
CA PHE QH 46 -85.43 -3.24 -38.62
C PHE QH 46 -84.19 -3.44 -37.77
N THR QH 47 -83.08 -3.73 -38.43
CA THR QH 47 -81.79 -3.83 -37.75
C THR QH 47 -81.15 -2.46 -37.73
N GLU QH 48 -79.88 -2.42 -37.33
CA GLU QH 48 -79.10 -1.21 -37.52
C GLU QH 48 -78.79 -0.99 -38.99
N HIS QH 49 -78.45 -2.07 -39.70
CA HIS QH 49 -78.15 -2.01 -41.12
C HIS QH 49 -79.35 -1.67 -41.97
N THR QH 50 -80.42 -2.45 -41.87
CA THR QH 50 -81.64 -2.24 -42.63
C THR QH 50 -82.36 -1.04 -42.03
N SER QH 51 -82.10 0.14 -42.58
CA SER QH 51 -82.77 1.36 -42.14
C SER QH 51 -83.81 1.83 -43.13
N ALA QH 52 -83.95 1.16 -44.27
CA ALA QH 52 -84.93 1.52 -45.28
C ALA QH 52 -85.30 0.28 -46.06
N ILE QH 53 -86.58 0.13 -46.35
CA ILE QH 53 -87.09 -1.03 -47.05
C ILE QH 53 -87.94 -0.57 -48.22
N LYS QH 54 -87.57 -1.00 -49.41
CA LYS QH 54 -88.30 -0.66 -50.63
C LYS QH 54 -89.00 -1.90 -51.15
N VAL QH 55 -90.25 -1.76 -51.55
CA VAL QH 55 -91.08 -2.87 -51.99
C VAL QH 55 -91.56 -2.60 -53.40
N ARG QH 56 -91.27 -3.53 -54.31
CA ARG QH 56 -91.73 -3.44 -55.68
C ARG QH 56 -92.84 -4.44 -55.92
N GLY QH 57 -93.58 -4.26 -57.00
CA GLY QH 57 -94.61 -5.20 -57.38
C GLY QH 57 -95.84 -5.11 -56.51
N LYS QH 58 -96.78 -5.99 -56.78
CA LYS QH 58 -98.05 -6.00 -56.06
C LYS QH 58 -97.88 -6.75 -54.75
N ALA QH 59 -98.02 -6.04 -53.63
CA ALA QH 59 -97.87 -6.63 -52.32
C ALA QH 59 -98.76 -5.89 -51.35
N TYR QH 60 -99.03 -6.53 -50.21
CA TYR QH 60 -99.93 -6.01 -49.20
C TYR QH 60 -99.15 -5.89 -47.89
N ILE QH 61 -98.96 -4.66 -47.42
CA ILE QH 61 -98.06 -4.38 -46.32
C ILE QH 61 -98.88 -3.96 -45.11
N GLN QH 62 -98.56 -4.54 -43.96
CA GLN QH 62 -99.09 -4.10 -42.67
C GLN QH 62 -97.93 -3.57 -41.85
N THR QH 63 -98.06 -2.32 -41.40
CA THR QH 63 -97.11 -1.71 -40.49
C THR QH 63 -97.85 -1.33 -39.22
N SER QH 64 -97.15 -0.62 -38.34
CA SER QH 64 -97.79 -0.09 -37.14
C SER QH 64 -98.78 1.02 -37.49
N HIS QH 65 -98.50 1.77 -38.55
CA HIS QH 65 -99.36 2.87 -38.96
C HIS QH 65 -100.59 2.42 -39.72
N GLY QH 66 -100.70 1.13 -40.05
CA GLY QH 66 -101.83 0.64 -40.77
C GLY QH 66 -101.40 -0.22 -41.93
N VAL QH 67 -102.29 -0.37 -42.90
CA VAL QH 67 -102.04 -1.21 -44.06
C VAL QH 67 -101.91 -0.35 -45.30
N ILE QH 68 -101.29 -0.93 -46.32
CA ILE QH 68 -101.06 -0.24 -47.59
C ILE QH 68 -100.86 -1.31 -48.66
N GLU QH 69 -101.01 -0.93 -49.92
CA GLU QH 69 -100.96 -1.87 -51.02
C GLU QH 69 -100.00 -1.38 -52.10
N SER QH 70 -98.80 -1.93 -52.13
CA SER QH 70 -97.84 -1.56 -53.14
C SER QH 70 -98.18 -2.24 -54.47
N GLU QH 71 -97.90 -1.56 -55.56
CA GLU QH 71 -98.15 -2.13 -56.88
C GLU QH 71 -96.91 -2.10 -57.76
N ASP RH 6 -93.01 -8.33 -30.28
CA ASP RH 6 -91.73 -9.02 -30.20
C ASP RH 6 -91.80 -10.44 -30.74
N PHE RH 7 -93.00 -10.97 -30.92
CA PHE RH 7 -93.15 -12.36 -31.32
C PHE RH 7 -94.39 -12.52 -32.19
N VAL RH 8 -94.36 -13.57 -33.01
CA VAL RH 8 -95.43 -13.87 -33.95
C VAL RH 8 -95.95 -15.26 -33.67
N VAL RH 9 -97.19 -15.51 -34.10
CA VAL RH 9 -97.85 -16.78 -33.88
C VAL RH 9 -98.30 -17.32 -35.23
N ILE RH 10 -97.78 -18.49 -35.61
CA ILE RH 10 -98.07 -19.08 -36.91
C ILE RH 10 -98.79 -20.39 -36.71
N LYS RH 11 -100.04 -20.47 -37.13
CA LYS RH 11 -100.79 -21.71 -37.11
C LYS RH 11 -100.75 -22.31 -38.50
N ALA RH 12 -100.16 -23.50 -38.62
CA ALA RH 12 -100.03 -24.09 -39.94
C ALA RH 12 -101.32 -24.79 -40.32
N LEU RH 13 -102.05 -24.21 -41.26
CA LEU RH 13 -103.33 -24.72 -41.71
C LEU RH 13 -103.20 -25.87 -42.70
N GLU RH 14 -102.01 -26.13 -43.22
CA GLU RH 14 -101.79 -27.24 -44.12
C GLU RH 14 -100.41 -27.81 -43.82
N ASP RH 15 -100.16 -29.00 -44.37
CA ASP RH 15 -98.92 -29.69 -44.08
C ASP RH 15 -97.75 -29.04 -44.82
N GLY RH 16 -96.55 -29.27 -44.28
CA GLY RH 16 -95.34 -28.83 -44.92
C GLY RH 16 -95.14 -27.33 -44.99
N VAL RH 17 -95.65 -26.58 -44.02
CA VAL RH 17 -95.45 -25.15 -44.04
C VAL RH 17 -94.05 -24.81 -43.58
N ASN RH 18 -93.31 -24.09 -44.41
CA ASN RH 18 -91.93 -23.76 -44.13
C ASN RH 18 -91.86 -22.41 -43.44
N VAL RH 19 -90.95 -22.28 -42.48
CA VAL RH 19 -90.68 -21.03 -41.80
C VAL RH 19 -89.17 -20.82 -41.85
N ILE RH 20 -88.74 -19.73 -42.47
CA ILE RH 20 -87.33 -19.50 -42.75
C ILE RH 20 -86.82 -18.38 -41.87
N GLY RH 21 -85.78 -18.67 -41.10
CA GLY RH 21 -85.18 -17.68 -40.23
C GLY RH 21 -85.04 -18.16 -38.80
N SER RH 33 -84.18 -22.96 -41.01
CA SER RH 33 -85.45 -23.40 -41.59
C SER RH 33 -86.16 -24.40 -40.70
N GLU RH 34 -87.48 -24.28 -40.61
CA GLU RH 34 -88.31 -25.19 -39.84
C GLU RH 34 -89.51 -25.60 -40.68
N CYS RH 35 -90.03 -26.80 -40.42
CA CYS RH 35 -91.20 -27.29 -41.12
C CYS RH 35 -92.30 -27.60 -40.12
N LEU RH 36 -93.54 -27.29 -40.47
CA LEU RH 36 -94.69 -27.51 -39.61
C LEU RH 36 -95.71 -28.35 -40.35
N ASP RH 37 -96.40 -29.21 -39.60
CA ASP RH 37 -97.52 -29.99 -40.12
C ASP RH 37 -98.82 -29.29 -39.80
N LYS RH 38 -99.92 -29.87 -40.28
CA LYS RH 38 -101.23 -29.26 -40.14
C LYS RH 38 -101.69 -29.30 -38.69
N GLY RH 39 -102.08 -28.15 -38.17
CA GLY RH 39 -102.59 -28.04 -36.82
C GLY RH 39 -101.58 -27.58 -35.80
N GLU RH 40 -100.30 -27.61 -36.13
CA GLU RH 40 -99.30 -27.13 -35.19
C GLU RH 40 -99.30 -25.61 -35.16
N VAL RH 41 -98.74 -25.07 -34.09
CA VAL RH 41 -98.65 -23.63 -33.88
C VAL RH 41 -97.24 -23.34 -33.39
N LEU RH 42 -96.55 -22.44 -34.08
CA LEU RH 42 -95.22 -22.02 -33.70
C LEU RH 42 -95.28 -20.57 -33.24
N ILE RH 43 -94.80 -20.33 -32.02
CA ILE RH 43 -94.67 -18.97 -31.50
C ILE RH 43 -93.21 -18.62 -31.56
N ALA RH 44 -92.88 -17.61 -32.36
CA ALA RH 44 -91.49 -17.31 -32.66
C ALA RH 44 -91.15 -15.89 -32.22
N GLN RH 45 -90.09 -15.76 -31.44
CA GLN RH 45 -89.59 -14.47 -31.03
C GLN RH 45 -88.44 -14.05 -31.94
N PHE RH 46 -88.23 -12.74 -32.03
CA PHE RH 46 -87.13 -12.23 -32.84
C PHE RH 46 -85.86 -12.11 -32.01
N THR RH 47 -84.84 -12.83 -32.42
CA THR RH 47 -83.53 -12.74 -31.79
C THR RH 47 -82.75 -11.64 -32.50
N GLU RH 48 -81.45 -11.57 -32.19
CA GLU RH 48 -80.56 -10.73 -32.98
C GLU RH 48 -80.33 -11.35 -34.35
N HIS RH 49 -80.15 -12.67 -34.40
CA HIS RH 49 -79.95 -13.39 -35.64
C HIS RH 49 -81.17 -13.38 -36.53
N THR RH 50 -82.30 -13.86 -36.04
CA THR RH 50 -83.54 -13.91 -36.81
C THR RH 50 -84.09 -12.50 -36.90
N SER RH 51 -83.75 -11.82 -37.99
CA SER RH 51 -84.25 -10.48 -38.24
C SER RH 51 -85.30 -10.46 -39.34
N ALA RH 52 -85.58 -11.60 -39.96
CA ALA RH 52 -86.59 -11.68 -41.01
C ALA RH 52 -87.13 -13.10 -41.02
N ILE RH 53 -88.45 -13.21 -41.19
CA ILE RH 53 -89.12 -14.50 -41.18
C ILE RH 53 -89.99 -14.59 -42.42
N LYS RH 54 -89.76 -15.63 -43.22
CA LYS RH 54 -90.52 -15.88 -44.42
C LYS RH 54 -91.38 -17.11 -44.23
N VAL RH 55 -92.63 -17.03 -44.64
CA VAL RH 55 -93.60 -18.10 -44.43
C VAL RH 55 -94.14 -18.54 -45.77
N ARG RH 56 -94.03 -19.83 -46.07
CA ARG RH 56 -94.56 -20.40 -47.29
C ARG RH 56 -95.79 -21.24 -46.96
N GLY RH 57 -96.57 -21.56 -47.98
CA GLY RH 57 -97.72 -22.42 -47.81
C GLY RH 57 -98.86 -21.74 -47.10
N LYS RH 58 -99.92 -22.50 -46.87
CA LYS RH 58 -101.12 -21.98 -46.26
C LYS RH 58 -100.95 -21.96 -44.74
N ALA RH 59 -100.93 -20.77 -44.17
CA ALA RH 59 -100.76 -20.61 -42.73
C ALA RH 59 -101.50 -19.37 -42.28
N TYR RH 60 -101.76 -19.30 -40.99
CA TYR RH 60 -102.52 -18.22 -40.38
C TYR RH 60 -101.65 -17.54 -39.34
N ILE RH 61 -101.30 -16.29 -39.57
CA ILE RH 61 -100.31 -15.59 -38.78
C ILE RH 61 -100.99 -14.51 -37.96
N GLN RH 62 -100.66 -14.43 -36.68
CA GLN RH 62 -101.04 -13.35 -35.81
C GLN RH 62 -99.78 -12.61 -35.38
N THR RH 63 -99.76 -11.31 -35.65
CA THR RH 63 -98.69 -10.44 -35.19
C THR RH 63 -99.29 -9.37 -34.29
N SER RH 64 -98.46 -8.40 -33.91
CA SER RH 64 -98.97 -7.26 -33.16
C SER RH 64 -99.85 -6.37 -34.03
N HIS RH 65 -99.57 -6.32 -35.33
CA HIS RH 65 -100.33 -5.49 -36.26
C HIS RH 65 -101.65 -6.12 -36.66
N GLY RH 66 -101.91 -7.35 -36.28
CA GLY RH 66 -103.15 -8.01 -36.63
C GLY RH 66 -102.89 -9.39 -37.17
N VAL RH 67 -103.85 -9.90 -37.94
CA VAL RH 67 -103.76 -11.24 -38.48
C VAL RH 67 -103.63 -11.16 -39.99
N ILE RH 68 -103.15 -12.26 -40.57
CA ILE RH 68 -102.93 -12.37 -42.00
C ILE RH 68 -102.92 -13.84 -42.35
N GLU RH 69 -103.12 -14.15 -43.63
CA GLU RH 69 -103.23 -15.53 -44.08
C GLU RH 69 -102.31 -15.78 -45.27
N SER RH 70 -101.18 -16.41 -45.01
CA SER RH 70 -100.26 -16.75 -46.07
C SER RH 70 -100.76 -17.95 -46.84
N GLU RH 71 -100.47 -17.99 -48.14
CA GLU RH 71 -100.88 -19.11 -48.97
C GLU RH 71 -99.70 -19.70 -49.74
N ASP SH 6 -94.64 -11.09 -22.97
CA ASP SH 6 -93.45 -11.81 -22.50
C ASP SH 6 -93.73 -13.27 -22.21
N PHE SH 7 -95.00 -13.65 -22.11
CA PHE SH 7 -95.35 -15.00 -21.71
C PHE SH 7 -96.63 -15.42 -22.39
N VAL SH 8 -96.79 -16.74 -22.53
CA VAL SH 8 -97.93 -17.34 -23.19
C VAL SH 8 -98.63 -18.28 -22.22
N VAL SH 9 -99.90 -18.55 -22.49
CA VAL SH 9 -100.72 -19.41 -21.64
C VAL SH 9 -101.30 -20.51 -22.51
N ILE SH 10 -100.96 -21.76 -22.19
CA ILE SH 10 -101.38 -22.90 -22.99
C ILE SH 10 -102.26 -23.79 -22.13
N LYS SH 11 -103.52 -23.92 -22.50
CA LYS SH 11 -104.43 -24.83 -21.82
C LYS SH 11 -104.54 -26.08 -22.67
N ALA SH 12 -104.10 -27.22 -22.14
CA ALA SH 12 -104.13 -28.44 -22.93
C ALA SH 12 -105.52 -29.05 -22.92
N LEU SH 13 -106.21 -28.95 -24.05
CA LEU SH 13 -107.58 -29.45 -24.18
C LEU SH 13 -107.64 -30.95 -24.40
N GLU SH 14 -106.53 -31.61 -24.68
CA GLU SH 14 -106.50 -33.05 -24.84
C GLU SH 14 -105.20 -33.57 -24.25
N ASP SH 15 -105.13 -34.88 -24.07
CA ASP SH 15 -103.97 -35.47 -23.43
C ASP SH 15 -102.77 -35.48 -24.37
N GLY SH 16 -101.59 -35.55 -23.76
CA GLY SH 16 -100.36 -35.69 -24.51
C GLY SH 16 -99.97 -34.50 -25.36
N VAL SH 17 -100.33 -33.29 -24.94
CA VAL SH 17 -99.95 -32.11 -25.72
C VAL SH 17 -98.49 -31.79 -25.47
N ASN SH 18 -97.71 -31.72 -26.54
CA ASN SH 18 -96.28 -31.49 -26.44
C ASN SH 18 -96.00 -30.01 -26.59
N VAL SH 19 -95.04 -29.51 -25.81
CA VAL SH 19 -94.57 -28.14 -25.90
C VAL SH 19 -93.06 -28.20 -26.02
N ILE SH 20 -92.52 -27.68 -27.11
CA ILE SH 20 -91.11 -27.83 -27.44
C ILE SH 20 -90.42 -26.50 -27.27
N GLY SH 21 -89.37 -26.47 -26.44
CA GLY SH 21 -88.61 -25.26 -26.21
C GLY SH 21 -88.45 -24.93 -24.75
N SER SH 33 -88.35 -30.23 -24.04
CA SER SH 33 -89.69 -30.73 -24.33
C SER SH 33 -90.48 -31.00 -23.05
N GLU SH 34 -91.76 -30.67 -23.09
CA GLU SH 34 -92.66 -30.92 -21.97
C GLU SH 34 -93.95 -31.53 -22.48
N CYS SH 35 -94.60 -32.33 -21.64
CA CYS SH 35 -95.86 -32.95 -22.01
C CYS SH 35 -96.94 -32.53 -21.02
N LEU SH 36 -98.14 -32.28 -21.52
CA LEU SH 36 -99.26 -31.86 -20.70
C LEU SH 36 -100.43 -32.81 -20.90
N ASP SH 37 -101.19 -33.04 -19.83
CA ASP SH 37 -102.41 -33.81 -19.89
C ASP SH 37 -103.60 -32.88 -20.02
N LYS SH 38 -104.79 -33.47 -20.15
CA LYS SH 38 -106.00 -32.69 -20.39
C LYS SH 38 -106.39 -31.91 -19.14
N GLY SH 39 -106.59 -30.61 -19.32
CA GLY SH 39 -107.02 -29.75 -18.26
C GLY SH 39 -105.91 -28.95 -17.61
N GLU SH 40 -104.66 -29.32 -17.85
CA GLU SH 40 -103.56 -28.56 -17.28
C GLU SH 40 -103.36 -27.28 -18.07
N VAL SH 41 -102.68 -26.33 -17.43
CA VAL SH 41 -102.38 -25.03 -18.01
C VAL SH 41 -100.93 -24.70 -17.73
N LEU SH 42 -100.18 -24.42 -18.77
CA LEU SH 42 -98.78 -24.05 -18.64
C LEU SH 42 -98.62 -22.59 -19.02
N ILE SH 43 -98.05 -21.80 -18.11
CA ILE SH 43 -97.73 -20.41 -18.37
C ILE SH 43 -96.23 -20.35 -18.58
N ALA SH 44 -95.82 -19.97 -19.79
CA ALA SH 44 -94.42 -20.07 -20.17
C ALA SH 44 -93.88 -18.70 -20.54
N GLN SH 45 -92.78 -18.33 -19.92
CA GLN SH 45 -92.08 -17.10 -20.25
C GLN SH 45 -90.93 -17.38 -21.21
N PHE SH 46 -90.56 -16.37 -21.98
CA PHE SH 46 -89.45 -16.52 -22.91
C PHE SH 46 -88.14 -16.16 -22.24
N THR SH 47 -87.24 -17.12 -22.18
CA THR SH 47 -85.89 -16.89 -21.67
C THR SH 47 -85.01 -16.45 -22.83
N GLU SH 48 -83.71 -16.40 -22.57
CA GLU SH 48 -82.76 -16.24 -23.65
C GLU SH 48 -82.67 -17.51 -24.48
N HIS SH 49 -82.67 -18.66 -23.81
CA HIS SH 49 -82.63 -19.96 -24.48
C HIS SH 49 -83.88 -20.27 -25.28
N THR SH 50 -85.04 -20.24 -24.63
CA THR SH 50 -86.31 -20.53 -25.28
C THR SH 50 -86.68 -19.32 -26.12
N SER SH 51 -86.32 -19.37 -27.40
CA SER SH 51 -86.65 -18.32 -28.35
C SER SH 51 -87.75 -18.73 -29.31
N ALA SH 52 -88.21 -19.98 -29.24
CA ALA SH 52 -89.26 -20.46 -30.10
C ALA SH 52 -89.99 -21.59 -29.37
N ILE SH 53 -91.32 -21.59 -29.49
CA ILE SH 53 -92.15 -22.57 -28.81
C ILE SH 53 -93.08 -23.19 -29.83
N LYS SH 54 -93.03 -24.51 -29.94
CA LYS SH 54 -93.88 -25.25 -30.86
C LYS SH 54 -94.88 -26.05 -30.06
N VAL SH 55 -96.14 -26.04 -30.48
CA VAL SH 55 -97.22 -26.69 -29.76
C VAL SH 55 -97.89 -27.70 -30.68
N ARG SH 56 -97.95 -28.94 -30.23
CA ARG SH 56 -98.63 -30.00 -30.97
C ARG SH 56 -99.93 -30.36 -30.29
N GLY SH 57 -100.80 -31.05 -31.00
CA GLY SH 57 -102.04 -31.53 -30.43
C GLY SH 57 -103.05 -30.42 -30.21
N LYS SH 58 -104.18 -30.80 -29.64
CA LYS SH 58 -105.27 -29.86 -29.43
C LYS SH 58 -105.02 -29.08 -28.16
N ALA SH 59 -104.81 -27.78 -28.30
CA ALA SH 59 -104.54 -26.90 -27.17
C ALA SH 59 -105.10 -25.53 -27.47
N TYR SH 60 -105.28 -24.75 -26.41
CA TYR SH 60 -105.86 -23.42 -26.50
C TYR SH 60 -104.86 -22.41 -25.95
N ILE SH 61 -104.36 -21.54 -26.81
CA ILE SH 61 -103.24 -20.66 -26.48
C ILE SH 61 -103.73 -19.23 -26.38
N GLN SH 62 -103.33 -18.55 -25.33
CA GLN SH 62 -103.53 -17.11 -25.18
C GLN SH 62 -102.17 -16.44 -25.18
N THR SH 63 -101.98 -15.50 -26.10
CA THR SH 63 -100.79 -14.67 -26.14
C THR SH 63 -101.20 -13.23 -25.97
N SER SH 64 -100.23 -12.32 -26.14
CA SER SH 64 -100.55 -10.90 -26.13
C SER SH 64 -101.35 -10.51 -27.37
N HIS SH 65 -101.13 -11.19 -28.49
CA HIS SH 65 -101.82 -10.88 -29.73
C HIS SH 65 -103.24 -11.43 -29.77
N GLY SH 66 -103.63 -12.23 -28.79
CA GLY SH 66 -104.97 -12.80 -28.77
C GLY SH 66 -104.91 -14.28 -28.49
N VAL SH 67 -105.97 -14.97 -28.89
CA VAL SH 67 -106.09 -16.40 -28.62
C VAL SH 67 -106.02 -17.16 -29.94
N ILE SH 68 -105.72 -18.45 -29.84
CA ILE SH 68 -105.59 -19.32 -31.00
C ILE SH 68 -105.79 -20.74 -30.51
N GLU SH 69 -106.09 -21.65 -31.43
CA GLU SH 69 -106.41 -23.02 -31.08
C GLU SH 69 -105.59 -23.99 -31.93
N SER SH 70 -104.54 -24.55 -31.34
CA SER SH 70 -103.72 -25.51 -32.04
C SER SH 70 -104.42 -26.86 -32.06
N GLU SH 71 -104.20 -27.61 -33.13
CA GLU SH 71 -104.78 -28.94 -33.24
C GLU SH 71 -103.74 -30.00 -33.55
N ASP TH 6 -96.50 -9.45 -15.46
CA ASP TH 6 -95.37 -9.95 -14.68
C ASP TH 6 -95.78 -10.99 -13.66
N PHE TH 7 -97.07 -11.10 -13.38
CA PHE TH 7 -97.54 -11.99 -12.33
C PHE TH 7 -98.90 -12.55 -12.68
N VAL TH 8 -99.20 -13.70 -12.10
CA VAL TH 8 -100.44 -14.42 -12.34
C VAL TH 8 -101.16 -14.62 -11.02
N VAL TH 9 -102.47 -14.83 -11.10
CA VAL TH 9 -103.31 -15.01 -9.93
C VAL TH 9 -104.06 -16.32 -10.08
N ILE TH 10 -103.84 -17.25 -9.16
CA ILE TH 10 -104.42 -18.58 -9.23
C ILE TH 10 -105.33 -18.77 -8.03
N LYS TH 11 -106.62 -18.91 -8.27
CA LYS TH 11 -107.58 -19.22 -7.21
C LYS TH 11 -107.86 -20.71 -7.27
N ALA TH 12 -107.53 -21.43 -6.21
CA ALA TH 12 -107.73 -22.87 -6.24
C ALA TH 12 -109.17 -23.20 -5.91
N LEU TH 13 -109.92 -23.64 -6.92
CA LEU TH 13 -111.33 -23.95 -6.76
C LEU TH 13 -111.56 -25.33 -6.16
N GLU TH 14 -110.54 -26.16 -6.04
CA GLU TH 14 -110.68 -27.46 -5.41
C GLU TH 14 -109.40 -27.74 -4.64
N ASP TH 15 -109.46 -28.76 -3.79
CA ASP TH 15 -108.33 -29.06 -2.93
C ASP TH 15 -107.20 -29.70 -3.71
N GLY TH 16 -106.00 -29.59 -3.16
CA GLY TH 16 -104.84 -30.25 -3.72
C GLY TH 16 -104.38 -29.75 -5.06
N VAL TH 17 -104.58 -28.46 -5.36
CA VAL TH 17 -104.14 -27.94 -6.64
C VAL TH 17 -102.64 -27.71 -6.60
N ASN TH 18 -101.92 -28.31 -7.54
CA ASN TH 18 -100.47 -28.24 -7.58
C ASN TH 18 -100.05 -27.09 -8.48
N VAL TH 19 -99.00 -26.40 -8.09
CA VAL TH 19 -98.39 -25.34 -8.90
C VAL TH 19 -96.90 -25.64 -8.95
N ILE TH 20 -96.38 -25.84 -10.16
CA ILE TH 20 -95.02 -26.31 -10.35
C ILE TH 20 -94.18 -25.19 -10.92
N GLY TH 21 -93.09 -24.86 -10.22
CA GLY TH 21 -92.20 -23.81 -10.67
C GLY TH 21 -91.90 -22.78 -9.62
N SER TH 33 -92.32 -26.88 -6.18
CA SER TH 33 -93.71 -27.30 -6.17
C SER TH 33 -94.45 -26.74 -4.96
N GLU TH 34 -95.69 -26.33 -5.16
CA GLU TH 34 -96.54 -25.83 -4.08
C GLU TH 34 -97.92 -26.47 -4.20
N CYS TH 35 -98.59 -26.62 -3.06
CA CYS TH 35 -99.93 -27.17 -3.04
C CYS TH 35 -100.89 -26.17 -2.43
N LEU TH 36 -102.09 -26.08 -2.99
CA LEU TH 36 -103.12 -25.16 -2.52
C LEU TH 36 -104.39 -25.92 -2.18
N ASP TH 37 -105.09 -25.45 -1.16
CA ASP TH 37 -106.39 -25.99 -0.81
C ASP TH 37 -107.48 -25.12 -1.41
N LYS TH 38 -108.73 -25.55 -1.21
CA LYS TH 38 -109.86 -24.87 -1.82
C LYS TH 38 -110.10 -23.51 -1.19
N GLY TH 39 -110.17 -22.49 -2.03
CA GLY TH 39 -110.44 -21.15 -1.60
C GLY TH 39 -109.21 -20.28 -1.46
N GLU TH 40 -108.03 -20.87 -1.46
CA GLU TH 40 -106.82 -20.06 -1.39
C GLU TH 40 -106.53 -19.42 -2.73
N VAL TH 41 -105.72 -18.37 -2.70
CA VAL TH 41 -105.33 -17.62 -3.89
C VAL TH 41 -103.83 -17.37 -3.80
N LEU TH 42 -103.11 -17.78 -4.84
CA LEU TH 42 -101.69 -17.56 -4.92
C LEU TH 42 -101.40 -16.56 -6.01
N ILE TH 43 -100.70 -15.48 -5.66
CA ILE TH 43 -100.25 -14.49 -6.63
C ILE TH 43 -98.77 -14.73 -6.84
N ALA TH 44 -98.39 -15.11 -8.05
CA ALA TH 44 -97.04 -15.55 -8.32
C ALA TH 44 -96.39 -14.66 -9.36
N GLN TH 45 -95.20 -14.15 -9.04
CA GLN TH 45 -94.42 -13.38 -9.97
C GLN TH 45 -93.37 -14.28 -10.63
N PHE TH 46 -92.94 -13.86 -11.82
CA PHE TH 46 -91.92 -14.62 -12.52
C PHE TH 46 -90.53 -14.12 -12.15
N THR TH 47 -89.73 -15.02 -11.58
CA THR TH 47 -88.34 -14.70 -11.27
C THR TH 47 -87.50 -15.05 -12.48
N GLU TH 48 -86.18 -15.03 -12.28
CA GLU TH 48 -85.29 -15.59 -13.29
C GLU TH 48 -85.40 -17.11 -13.31
N HIS TH 49 -85.47 -17.72 -12.13
CA HIS TH 49 -85.60 -19.17 -12.01
C HIS TH 49 -86.92 -19.69 -12.53
N THR TH 50 -88.04 -19.20 -11.99
CA THR TH 50 -89.36 -19.61 -12.39
C THR TH 50 -89.66 -19.01 -13.75
N SER TH 51 -89.38 -19.77 -14.81
CA SER TH 51 -89.66 -19.34 -16.16
C SER TH 51 -90.85 -20.07 -16.76
N ALA TH 52 -91.43 -21.02 -16.05
CA ALA TH 52 -92.59 -21.75 -16.52
C ALA TH 52 -93.39 -22.22 -15.31
N ILE TH 53 -94.70 -22.12 -15.40
CA ILE TH 53 -95.60 -22.49 -14.31
C ILE TH 53 -96.65 -23.43 -14.85
N LYS TH 54 -96.74 -24.60 -14.25
CA LYS TH 54 -97.72 -25.61 -14.63
C LYS TH 54 -98.75 -25.74 -13.52
N VAL TH 55 -100.01 -25.80 -13.89
CA VAL TH 55 -101.11 -25.83 -12.94
C VAL TH 55 -101.93 -27.08 -13.18
N ARG TH 56 -102.11 -27.90 -12.14
CA ARG TH 56 -102.93 -29.09 -12.22
C ARG TH 56 -104.21 -28.87 -11.44
N GLY TH 57 -105.19 -29.72 -11.68
CA GLY TH 57 -106.44 -29.68 -10.94
C GLY TH 57 -107.31 -28.52 -11.36
N LYS TH 58 -108.44 -28.39 -10.66
CA LYS TH 58 -109.41 -27.36 -10.98
C LYS TH 58 -109.00 -26.05 -10.32
N ALA TH 59 -108.67 -25.06 -11.15
CA ALA TH 59 -108.25 -23.76 -10.64
C ALA TH 59 -108.67 -22.69 -11.62
N TYR TH 60 -108.70 -21.45 -11.15
CA TYR TH 60 -109.14 -20.31 -11.93
C TYR TH 60 -108.02 -19.30 -12.00
N ILE TH 61 -107.48 -19.08 -13.19
CA ILE TH 61 -106.26 -18.31 -13.37
C ILE TH 61 -106.59 -17.00 -14.05
N GLN TH 62 -106.05 -15.91 -13.52
CA GLN TH 62 -106.09 -14.60 -14.15
C GLN TH 62 -104.67 -14.20 -14.51
N THR TH 63 -104.44 -13.92 -15.79
CA THR TH 63 -103.17 -13.39 -16.27
C THR TH 63 -103.42 -12.04 -16.89
N SER TH 64 -102.38 -11.49 -17.52
CA SER TH 64 -102.55 -10.25 -18.26
C SER TH 64 -103.37 -10.46 -19.51
N HIS TH 65 -103.30 -11.65 -20.10
CA HIS TH 65 -104.03 -11.97 -21.32
C HIS TH 65 -105.50 -12.28 -21.06
N GLY TH 66 -105.92 -12.39 -19.82
CA GLY TH 66 -107.29 -12.70 -19.50
C GLY TH 66 -107.38 -13.80 -18.47
N VAL TH 67 -108.52 -14.46 -18.44
CA VAL TH 67 -108.78 -15.51 -17.47
C VAL TH 67 -108.86 -16.85 -18.18
N ILE TH 68 -108.69 -17.91 -17.40
CA ILE TH 68 -108.73 -19.28 -17.92
C ILE TH 68 -109.05 -20.19 -16.74
N GLU TH 69 -109.50 -21.40 -17.04
CA GLU TH 69 -109.93 -22.34 -16.02
C GLU TH 69 -109.28 -23.69 -16.22
N SER TH 70 -108.25 -23.97 -15.43
CA SER TH 70 -107.58 -25.26 -15.52
C SER TH 70 -108.42 -26.32 -14.81
N GLU TH 71 -108.35 -27.54 -15.32
CA GLU TH 71 -109.08 -28.65 -14.71
C GLU TH 71 -108.17 -29.83 -14.41
N ASP UH 6 -97.46 -3.74 -9.77
CA ASP UH 6 -96.36 -3.89 -8.82
C ASP UH 6 -96.83 -4.19 -7.41
N PHE UH 7 -98.11 -3.97 -7.14
CA PHE UH 7 -98.61 -4.11 -5.79
C PHE UH 7 -100.05 -4.61 -5.82
N VAL UH 8 -100.44 -5.24 -4.72
CA VAL UH 8 -101.77 -5.83 -4.57
C VAL UH 8 -102.44 -5.22 -3.35
N VAL UH 9 -103.76 -5.28 -3.33
CA VAL UH 9 -104.56 -4.71 -2.26
C VAL UH 9 -105.46 -5.82 -1.71
N ILE UH 10 -105.30 -6.14 -0.43
CA ILE UH 10 -106.03 -7.23 0.19
C ILE UH 10 -106.89 -6.65 1.30
N LYS UH 11 -108.21 -6.74 1.15
CA LYS UH 11 -109.13 -6.33 2.19
C LYS UH 11 -109.59 -7.58 2.91
N ALA UH 12 -109.28 -7.68 4.19
CA ALA UH 12 -109.64 -8.89 4.93
C ALA UH 12 -111.10 -8.82 5.36
N LEU UH 13 -111.93 -9.63 4.72
CA LEU UH 13 -113.37 -9.64 4.99
C LEU UH 13 -113.73 -10.45 6.23
N GLU UH 14 -112.80 -11.22 6.78
CA GLU UH 14 -113.05 -11.98 7.99
C GLU UH 14 -111.78 -11.97 8.81
N ASP UH 15 -111.90 -12.39 10.07
CA ASP UH 15 -110.78 -12.33 10.98
C ASP UH 15 -109.76 -13.42 10.67
N GLY UH 16 -108.52 -13.19 11.10
CA GLY UH 16 -107.48 -14.18 10.98
C GLY UH 16 -107.04 -14.51 9.58
N VAL UH 17 -107.11 -13.55 8.65
CA VAL UH 17 -106.68 -13.83 7.29
C VAL UH 17 -105.16 -13.80 7.23
N ASN UH 18 -104.57 -14.88 6.76
CA ASN UH 18 -103.12 -15.02 6.71
C ASN UH 18 -102.62 -14.58 5.35
N VAL UH 19 -101.47 -13.92 5.33
CA VAL UH 19 -100.79 -13.52 4.10
C VAL UH 19 -99.36 -13.99 4.22
N ILE UH 20 -98.92 -14.84 3.32
CA ILE UH 20 -97.64 -15.51 3.42
C ILE UH 20 -96.71 -14.96 2.36
N GLY UH 21 -95.55 -14.45 2.80
CA GLY UH 21 -94.57 -13.91 1.88
C GLY UH 21 -94.11 -12.53 2.25
N SER UH 33 -94.80 -14.16 7.31
CA SER UH 33 -96.24 -14.32 7.52
C SER UH 33 -96.84 -13.14 8.26
N GLU UH 34 -98.04 -12.74 7.85
CA GLU UH 34 -98.76 -11.65 8.49
C GLU UH 34 -100.21 -12.08 8.71
N CYS UH 35 -100.84 -11.54 9.74
CA CYS UH 35 -102.24 -11.83 10.02
C CYS UH 35 -103.04 -10.55 10.00
N LEU UH 36 -104.25 -10.61 9.47
CA LEU UH 36 -105.13 -9.46 9.37
C LEU UH 36 -106.46 -9.78 10.03
N ASP UH 37 -107.06 -8.76 10.64
CA ASP UH 37 -108.39 -8.87 11.22
C ASP UH 37 -109.41 -8.32 10.22
N LYS UH 38 -110.68 -8.42 10.61
CA LYS UH 38 -111.76 -8.03 9.71
C LYS UH 38 -111.81 -6.52 9.53
N GLY UH 39 -111.81 -6.09 8.28
CA GLY UH 39 -111.90 -4.68 7.95
C GLY UH 39 -110.57 -4.04 7.63
N GLU UH 40 -109.46 -4.68 7.95
CA GLU UH 40 -108.18 -4.10 7.62
C GLU UH 40 -107.89 -4.29 6.14
N VAL UH 41 -106.96 -3.49 5.63
CA VAL UH 41 -106.55 -3.53 4.23
C VAL UH 41 -105.04 -3.46 4.20
N LEU UH 42 -104.42 -4.42 3.54
CA LEU UH 42 -102.98 -4.47 3.37
C LEU UH 42 -102.64 -4.22 1.92
N ILE UH 43 -101.80 -3.22 1.67
CA ILE UH 43 -101.30 -2.94 0.34
C ILE UH 43 -99.87 -3.43 0.30
N ALA UH 44 -99.60 -4.42 -0.53
CA ALA UH 44 -98.31 -5.11 -0.50
C ALA UH 44 -97.62 -4.97 -1.85
N GLN UH 45 -96.38 -4.53 -1.81
CA GLN UH 45 -95.55 -4.45 -3.00
C GLN UH 45 -94.65 -5.68 -3.08
N PHE UH 46 -94.24 -6.01 -4.30
CA PHE UH 46 -93.34 -7.14 -4.49
C PHE UH 46 -91.89 -6.69 -4.41
N THR UH 47 -91.17 -7.25 -3.45
CA THR UH 47 -89.75 -7.00 -3.32
C THR UH 47 -89.01 -8.02 -4.16
N GLU UH 48 -87.69 -8.07 -3.99
CA GLU UH 48 -86.92 -9.18 -4.53
C GLU UH 48 -87.19 -10.46 -3.76
N HIS UH 49 -87.27 -10.35 -2.44
CA HIS UH 49 -87.56 -11.49 -1.58
C HIS UH 49 -88.97 -12.04 -1.77
N THR UH 50 -89.98 -11.20 -1.59
CA THR UH 50 -91.38 -11.61 -1.73
C THR UH 50 -91.66 -11.77 -3.21
N SER UH 51 -91.53 -12.99 -3.71
CA SER UH 51 -91.83 -13.30 -5.09
C SER UH 51 -93.12 -14.08 -5.24
N ALA UH 52 -93.77 -14.43 -4.14
CA ALA UH 52 -95.03 -15.15 -4.19
C ALA UH 52 -95.80 -14.83 -2.92
N ILE UH 53 -97.10 -14.64 -3.07
CA ILE UH 53 -97.97 -14.26 -1.97
C ILE UH 53 -99.16 -15.21 -1.94
N LYS UH 54 -99.36 -15.88 -0.81
CA LYS UH 54 -100.45 -16.81 -0.64
C LYS UH 54 -101.43 -16.22 0.36
N VAL UH 55 -102.71 -16.30 0.06
CA VAL UH 55 -103.76 -15.69 0.87
C VAL UH 55 -104.73 -16.78 1.30
N ARG UH 56 -104.95 -16.90 2.61
CA ARG UH 56 -105.89 -17.85 3.16
C ARG UH 56 -107.10 -17.10 3.68
N GLY UH 57 -108.18 -17.82 3.92
CA GLY UH 57 -109.37 -17.25 4.50
C GLY UH 57 -110.13 -16.37 3.52
N LYS UH 58 -111.20 -15.77 4.03
CA LYS UH 58 -112.06 -14.94 3.20
C LYS UH 58 -111.47 -13.55 3.09
N ALA UH 59 -111.08 -13.18 1.88
CA ALA UH 59 -110.48 -11.87 1.64
C ALA UH 59 -110.84 -11.43 0.23
N TYR UH 60 -110.70 -10.13 -0.01
CA TYR UH 60 -111.06 -9.52 -1.28
C TYR UH 60 -109.81 -8.83 -1.84
N ILE UH 61 -109.32 -9.34 -2.97
CA ILE UH 61 -108.03 -8.93 -3.51
C ILE UH 61 -108.25 -8.13 -4.78
N GLN UH 62 -107.56 -7.00 -4.89
CA GLN UH 62 -107.49 -6.23 -6.11
C GLN UH 62 -106.06 -6.25 -6.60
N THR UH 63 -105.86 -6.70 -7.83
CA THR UH 63 -104.57 -6.66 -8.49
C THR UH 63 -104.70 -5.80 -9.74
N SER UH 64 -103.63 -5.80 -10.55
CA SER UH 64 -103.70 -5.12 -11.83
C SER UH 64 -104.61 -5.85 -12.80
N HIS UH 65 -104.70 -7.17 -12.68
CA HIS UH 65 -105.52 -7.97 -13.56
C HIS UH 65 -106.99 -7.93 -13.20
N GLY UH 66 -107.36 -7.32 -12.09
CA GLY UH 66 -108.74 -7.24 -11.69
C GLY UH 66 -108.89 -7.63 -10.23
N VAL UH 67 -110.11 -8.04 -9.87
CA VAL UH 67 -110.43 -8.38 -8.50
C VAL UH 67 -110.71 -9.87 -8.41
N ILE UH 68 -110.61 -10.39 -7.19
CA ILE UH 68 -110.84 -11.80 -6.92
C ILE UH 68 -111.19 -11.93 -5.44
N GLU UH 69 -111.79 -13.06 -5.08
CA GLU UH 69 -112.27 -13.26 -3.72
C GLU UH 69 -111.79 -14.59 -3.18
N SER UH 70 -110.77 -14.55 -2.33
CA SER UH 70 -110.25 -15.76 -1.72
C SER UH 70 -111.16 -16.18 -0.58
N GLU UH 71 -111.26 -17.48 -0.38
CA GLU UH 71 -112.07 -18.02 0.71
C GLU UH 71 -111.29 -18.97 1.60
N ASP VH 6 -97.17 4.11 -7.99
CA ASP VH 6 -96.04 4.31 -7.08
C ASP VH 6 -96.46 4.86 -5.73
N PHE VH 7 -97.70 5.36 -5.63
CA PHE VH 7 -98.14 6.01 -4.41
C PHE VH 7 -99.63 5.76 -4.20
N VAL VH 8 -100.03 5.84 -2.94
CA VAL VH 8 -101.41 5.61 -2.52
C VAL VH 8 -101.93 6.85 -1.82
N VAL VH 9 -103.26 6.98 -1.79
CA VAL VH 9 -103.92 8.13 -1.19
C VAL VH 9 -104.91 7.60 -0.16
N ILE VH 10 -104.71 7.98 1.10
CA ILE VH 10 -105.54 7.48 2.20
C ILE VH 10 -106.26 8.65 2.82
N LYS VH 11 -107.58 8.68 2.72
CA LYS VH 11 -108.39 9.69 3.38
C LYS VH 11 -108.96 9.07 4.64
N ALA VH 12 -108.59 9.61 5.79
CA ALA VH 12 -109.06 9.02 7.04
C ALA VH 12 -110.47 9.49 7.35
N LEU VH 13 -111.43 8.59 7.20
CA LEU VH 13 -112.83 8.91 7.43
C LEU VH 13 -113.23 8.92 8.90
N GLU VH 14 -112.36 8.43 9.78
CA GLU VH 14 -112.64 8.46 11.20
C GLU VH 14 -111.33 8.72 11.93
N ASP VH 15 -111.44 9.03 13.21
CA ASP VH 15 -110.27 9.41 13.97
C ASP VH 15 -109.41 8.19 14.29
N GLY VH 16 -108.13 8.45 14.56
CA GLY VH 16 -107.22 7.41 14.99
C GLY VH 16 -106.90 6.35 13.98
N VAL VH 17 -106.91 6.69 12.69
CA VAL VH 17 -106.59 5.69 11.68
C VAL VH 17 -105.08 5.48 11.65
N ASN VH 18 -104.66 4.24 11.82
CA ASN VH 18 -103.24 3.90 11.87
C ASN VH 18 -102.76 3.51 10.48
N VAL VH 19 -101.55 3.91 10.14
CA VAL VH 19 -100.90 3.51 8.90
C VAL VH 19 -99.52 2.99 9.28
N ILE VH 20 -99.24 1.74 8.96
CA ILE VH 20 -98.04 1.06 9.42
C ILE VH 20 -97.11 0.85 8.24
N GLY VH 21 -95.89 1.35 8.36
CA GLY VH 21 -94.90 1.19 7.31
C GLY VH 21 -94.26 2.50 6.91
N SER VH 33 -94.86 3.85 12.07
CA SER VH 33 -96.29 4.00 12.31
C SER VH 33 -96.70 5.47 12.30
N GLU VH 34 -97.87 5.75 11.73
CA GLU VH 34 -98.42 7.10 11.69
C GLU VH 34 -99.89 7.05 12.08
N CYS VH 35 -100.39 8.13 12.66
CA CYS VH 35 -101.79 8.21 13.05
C CYS VH 35 -102.44 9.39 12.34
N LEU VH 36 -103.67 9.21 11.90
CA LEU VH 36 -104.42 10.25 11.19
C LEU VH 36 -105.73 10.50 11.91
N ASP VH 37 -106.16 11.76 11.89
CA ASP VH 37 -107.47 12.14 12.40
C ASP VH 37 -108.46 12.22 11.25
N LYS VH 38 -109.71 12.50 11.61
CA LYS VH 38 -110.79 12.51 10.63
C LYS VH 38 -110.66 13.70 9.69
N GLY VH 39 -110.68 13.42 8.38
CA GLY VH 39 -110.62 14.43 7.37
C GLY VH 39 -109.24 14.65 6.78
N GLU VH 40 -108.20 14.12 7.42
CA GLU VH 40 -106.88 14.25 6.85
C GLU VH 40 -106.69 13.29 5.70
N VAL VH 41 -105.70 13.58 4.86
CA VAL VH 41 -105.38 12.77 3.70
C VAL VH 41 -103.87 12.61 3.65
N LEU VH 42 -103.42 11.36 3.61
CA LEU VH 42 -102.01 11.05 3.51
C LEU VH 42 -101.72 10.46 2.15
N ILE VH 43 -100.78 11.07 1.43
CA ILE VH 43 -100.32 10.55 0.15
C ILE VH 43 -98.96 9.92 0.40
N ALA VH 44 -98.86 8.61 0.22
CA ALA VH 44 -97.67 7.87 0.61
C ALA VH 44 -97.05 7.20 -0.58
N GLN VH 45 -95.76 7.43 -0.77
CA GLN VH 45 -94.99 6.77 -1.80
C GLN VH 45 -94.26 5.57 -1.22
N PHE VH 46 -93.95 4.60 -2.07
CA PHE VH 46 -93.21 3.43 -1.64
C PHE VH 46 -91.72 3.66 -1.79
N THR VH 47 -91.01 3.59 -0.65
CA THR VH 47 -89.56 3.68 -0.66
C THR VH 47 -89.00 2.28 -0.82
N GLU VH 48 -87.70 2.16 -0.63
CA GLU VH 48 -87.09 0.84 -0.51
C GLU VH 48 -87.48 0.20 0.81
N HIS VH 49 -87.48 0.98 1.89
CA HIS VH 49 -87.86 0.50 3.21
C HIS VH 49 -89.32 0.13 3.32
N THR VH 50 -90.21 1.07 3.02
CA THR VH 50 -91.65 0.84 3.09
C THR VH 50 -92.04 -0.03 1.89
N SER VH 51 -92.08 -1.33 2.12
CA SER VH 51 -92.49 -2.28 1.10
C SER VH 51 -93.88 -2.84 1.35
N ALA VH 52 -94.50 -2.48 2.47
CA ALA VH 52 -95.84 -2.95 2.78
C ALA VH 52 -96.50 -1.91 3.68
N ILE VH 53 -97.78 -1.66 3.43
CA ILE VH 53 -98.53 -0.65 4.17
C ILE VH 53 -99.81 -1.28 4.66
N LYS VH 54 -100.03 -1.24 5.96
CA LYS VH 54 -101.23 -1.78 6.58
C LYS VH 54 -102.06 -0.63 7.12
N VAL VH 55 -103.36 -0.69 6.88
CA VAL VH 55 -104.28 0.38 7.24
C VAL VH 55 -105.35 -0.18 8.16
N ARG VH 56 -105.50 0.43 9.33
CA ARG VH 56 -106.53 0.04 10.28
C ARG VH 56 -107.61 1.10 10.32
N GLY VH 57 -108.76 0.76 10.87
CA GLY VH 57 -109.84 1.70 11.05
C GLY VH 57 -110.53 2.04 9.75
N LYS VH 58 -111.48 2.94 9.85
CA LYS VH 58 -112.29 3.33 8.69
C LYS VH 58 -111.54 4.37 7.88
N ALA VH 59 -111.17 4.00 6.66
CA ALA VH 59 -110.44 4.90 5.78
C ALA VH 59 -110.81 4.59 4.34
N TYR VH 60 -110.53 5.54 3.47
CA TYR VH 60 -110.87 5.44 2.06
C TYR VH 60 -109.60 5.56 1.24
N ILE VH 61 -109.24 4.49 0.55
CA ILE VH 61 -107.94 4.38 -0.11
C ILE VH 61 -108.13 4.41 -1.61
N GLN VH 62 -107.32 5.23 -2.28
CA GLN VH 62 -107.21 5.23 -3.73
C GLN VH 62 -105.82 4.77 -4.10
N THR VH 63 -105.75 3.73 -4.92
CA THR VH 63 -104.51 3.24 -5.48
C THR VH 63 -104.60 3.33 -7.00
N SER VH 64 -103.58 2.78 -7.66
CA SER VH 64 -103.63 2.69 -9.12
C SER VH 64 -104.67 1.69 -9.57
N HIS VH 65 -104.92 0.65 -8.79
CA HIS VH 65 -105.89 -0.38 -9.12
C HIS VH 65 -107.32 0.04 -8.87
N GLY VH 66 -107.54 1.19 -8.24
CA GLY VH 66 -108.88 1.64 -7.96
C GLY VH 66 -109.00 2.09 -6.53
N VAL VH 67 -110.23 2.09 -6.03
CA VAL VH 67 -110.51 2.56 -4.68
C VAL VH 67 -110.97 1.38 -3.84
N ILE VH 68 -110.87 1.57 -2.52
CA ILE VH 68 -111.25 0.56 -1.56
C ILE VH 68 -111.54 1.26 -0.24
N GLU VH 69 -112.24 0.58 0.65
CA GLU VH 69 -112.68 1.18 1.91
C GLU VH 69 -112.32 0.28 3.08
N SER VH 70 -111.26 0.61 3.79
CA SER VH 70 -110.86 -0.16 4.95
C SER VH 70 -111.75 0.19 6.13
N GLU VH 71 -111.99 -0.79 6.99
CA GLU VH 71 -112.81 -0.56 8.17
C GLU VH 71 -112.10 -1.00 9.45
N ASP WH 6 -96.30 11.51 -10.76
CA ASP WH 6 -95.09 12.02 -10.12
C ASP WH 6 -95.35 13.26 -9.27
N PHE WH 7 -96.51 13.88 -9.44
CA PHE WH 7 -96.79 15.13 -8.75
C PHE WH 7 -98.28 15.23 -8.44
N VAL WH 8 -98.58 16.02 -7.41
CA VAL WH 8 -99.94 16.21 -6.92
C VAL WH 8 -100.28 17.69 -6.99
N VAL WH 9 -101.56 17.98 -7.03
CA VAL WH 9 -102.07 19.35 -7.12
C VAL WH 9 -103.02 19.58 -5.96
N ILE WH 10 -102.70 20.52 -5.10
CA ILE WH 10 -103.50 20.80 -3.91
C ILE WH 10 -104.03 22.21 -3.99
N LYS WH 11 -105.35 22.33 -4.09
CA LYS WH 11 -106.00 23.64 -4.06
C LYS WH 11 -106.54 23.86 -2.66
N ALA WH 12 -106.03 24.88 -1.97
CA ALA WH 12 -106.46 25.10 -0.60
C ALA WH 12 -107.78 25.84 -0.59
N LEU WH 13 -108.85 25.13 -0.23
CA LEU WH 13 -110.19 25.70 -0.19
C LEU WH 13 -110.47 26.53 1.05
N GLU WH 14 -109.60 26.47 2.04
CA GLU WH 14 -109.76 27.28 3.25
C GLU WH 14 -108.38 27.72 3.70
N ASP WH 15 -108.36 28.69 4.62
CA ASP WH 15 -107.10 29.25 5.06
C ASP WH 15 -106.36 28.29 5.97
N GLY WH 16 -105.05 28.48 6.05
CA GLY WH 16 -104.22 27.72 6.97
C GLY WH 16 -104.09 26.25 6.67
N VAL WH 17 -104.15 25.85 5.40
CA VAL WH 17 -104.01 24.44 5.08
C VAL WH 17 -102.55 24.06 5.15
N ASN WH 18 -102.24 23.04 5.96
CA ASN WH 18 -100.87 22.61 6.17
C ASN WH 18 -100.54 21.49 5.21
N VAL WH 19 -99.32 21.48 4.70
CA VAL WH 19 -98.81 20.42 3.85
C VAL WH 19 -97.46 20.00 4.44
N ILE WH 20 -97.35 18.74 4.83
CA ILE WH 20 -96.20 18.26 5.58
C ILE WH 20 -95.38 17.35 4.69
N GLY WH 21 -94.10 17.67 4.52
CA GLY WH 21 -93.21 16.87 3.71
C GLY WH 21 -92.47 17.67 2.67
N SER WH 33 -92.55 21.61 6.31
CA SER WH 33 -93.93 22.03 6.44
C SER WH 33 -94.18 23.32 5.66
N GLU WH 34 -95.36 23.40 5.03
CA GLU WH 34 -95.77 24.59 4.29
C GLU WH 34 -97.20 24.93 4.65
N CYS WH 35 -97.54 26.21 4.57
CA CYS WH 35 -98.89 26.66 4.85
C CYS WH 35 -99.46 27.36 3.64
N LEU WH 36 -100.74 27.13 3.37
CA LEU WH 36 -101.42 27.73 2.22
C LEU WH 36 -102.65 28.49 2.70
N ASP WH 37 -102.95 29.59 2.02
CA ASP WH 37 -104.16 30.35 2.25
C ASP WH 37 -105.22 29.94 1.25
N LYS WH 38 -106.41 30.52 1.41
CA LYS WH 38 -107.55 30.15 0.58
C LYS WH 38 -107.36 30.63 -0.84
N GLY WH 39 -107.51 29.70 -1.80
CA GLY WH 39 -107.42 30.02 -3.20
C GLY WH 39 -106.07 29.71 -3.82
N GLU WH 40 -105.05 29.47 -3.01
CA GLU WH 40 -103.76 29.11 -3.58
C GLU WH 40 -103.77 27.67 -4.04
N VAL WH 41 -102.82 27.34 -4.90
CA VAL WH 41 -102.66 26.01 -5.47
C VAL WH 41 -101.20 25.65 -5.42
N LEU WH 42 -100.88 24.53 -4.80
CA LEU WH 42 -99.51 24.04 -4.72
C LEU WH 42 -99.39 22.79 -5.56
N ILE WH 43 -98.45 22.80 -6.50
CA ILE WH 43 -98.14 21.62 -7.30
C ILE WH 43 -96.84 21.06 -6.77
N ALA WH 44 -96.89 19.84 -6.23
CA ALA WH 44 -95.76 19.30 -5.50
C ALA WH 44 -95.30 18.01 -6.16
N GLN WH 45 -94.02 17.94 -6.45
CA GLN WH 45 -93.40 16.73 -6.98
C GLN WH 45 -92.75 15.95 -5.85
N PHE WH 46 -92.61 14.64 -6.06
CA PHE WH 46 -91.97 13.80 -5.07
C PHE WH 46 -90.47 13.72 -5.32
N THR WH 47 -89.71 14.17 -4.34
CA THR WH 47 -88.26 14.06 -4.40
C THR WH 47 -87.86 12.73 -3.79
N GLU WH 48 -86.55 12.57 -3.57
CA GLU WH 48 -86.09 11.44 -2.76
C GLU WH 48 -86.45 11.65 -1.31
N HIS WH 49 -86.28 12.88 -0.81
CA HIS WH 49 -86.60 13.22 0.56
C HIS WH 49 -88.09 13.16 0.85
N THR WH 50 -88.90 13.89 0.11
CA THR WH 50 -90.34 13.92 0.30
C THR WH 50 -90.90 12.61 -0.24
N SER WH 51 -91.07 11.63 0.64
CA SER WH 51 -91.65 10.36 0.29
C SER WH 51 -93.07 10.20 0.81
N ALA WH 52 -93.57 11.16 1.57
CA ALA WH 52 -94.91 11.12 2.10
C ALA WH 52 -95.40 12.55 2.30
N ILE WH 53 -96.66 12.79 1.96
CA ILE WH 53 -97.24 14.12 2.05
C ILE WH 53 -98.55 14.01 2.81
N LYS WH 54 -98.66 14.77 3.90
CA LYS WH 54 -99.86 14.79 4.72
C LYS WH 54 -100.52 16.15 4.55
N VAL WH 55 -101.84 16.13 4.40
CA VAL WH 55 -102.61 17.34 4.14
C VAL WH 55 -103.66 17.50 5.22
N ARG WH 56 -103.66 18.65 5.89
CA ARG WH 56 -104.65 18.95 6.91
C ARG WH 56 -105.60 20.00 6.38
N GLY WH 57 -106.74 20.15 7.05
CA GLY WH 57 -107.70 21.18 6.70
C GLY WH 57 -108.45 20.86 5.42
N LYS WH 58 -109.30 21.80 5.03
CA LYS WH 58 -110.13 21.61 3.85
C LYS WH 58 -109.35 21.95 2.60
N ALA WH 59 -109.11 20.96 1.76
CA ALA WH 59 -108.36 21.15 0.54
C ALA WH 59 -108.85 20.18 -0.51
N TYR WH 60 -108.55 20.48 -1.76
CA TYR WH 60 -109.01 19.70 -2.90
C TYR WH 60 -107.78 19.20 -3.67
N ILE WH 61 -107.59 17.89 -3.68
CA ILE WH 61 -106.36 17.29 -4.18
C ILE WH 61 -106.66 16.55 -5.47
N GLN WH 62 -105.82 16.77 -6.47
CA GLN WH 62 -105.82 16.00 -7.70
C GLN WH 62 -104.51 15.23 -7.78
N THR WH 63 -104.62 13.91 -7.92
CA THR WH 63 -103.47 13.05 -8.14
C THR WH 63 -103.66 12.33 -9.47
N SER WH 64 -102.77 11.39 -9.75
CA SER WH 64 -102.94 10.56 -10.93
C SER WH 64 -104.11 9.61 -10.77
N HIS WH 65 -104.40 9.18 -9.55
CA HIS WH 65 -105.50 8.26 -9.28
C HIS WH 65 -106.86 8.93 -9.28
N GLY WH 66 -106.91 10.25 -9.36
CA GLY WH 66 -108.17 10.96 -9.36
C GLY WH 66 -108.13 12.11 -8.38
N VAL WH 67 -109.32 12.53 -7.95
CA VAL WH 67 -109.45 13.67 -7.06
C VAL WH 67 -109.96 13.19 -5.71
N ILE WH 68 -109.75 14.03 -4.70
CA ILE WH 68 -110.15 13.73 -3.34
C ILE WH 68 -110.26 15.06 -2.60
N GLU WH 69 -110.98 15.05 -1.48
CA GLU WH 69 -111.25 16.27 -0.73
C GLU WH 69 -110.91 16.09 0.74
N SER WH 70 -109.76 16.61 1.14
CA SER WH 70 -109.36 16.53 2.54
C SER WH 70 -110.12 17.56 3.36
N GLU WH 71 -110.41 17.21 4.60
CA GLU WH 71 -111.10 18.14 5.49
C GLU WH 71 -110.35 18.35 6.79
N ASP XH 6 -66.01 49.19 52.89
CA ASP XH 6 -65.70 47.91 52.26
C ASP XH 6 -66.78 46.88 52.46
N PHE XH 7 -67.70 47.12 53.39
CA PHE XH 7 -68.70 46.13 53.74
C PHE XH 7 -70.00 46.81 54.14
N VAL XH 8 -71.09 46.08 53.97
CA VAL XH 8 -72.43 46.57 54.26
C VAL XH 8 -73.07 45.65 55.29
N VAL XH 9 -74.07 46.19 55.99
CA VAL XH 9 -74.78 45.46 57.04
C VAL XH 9 -76.26 45.49 56.71
N ILE XH 10 -76.85 44.32 56.51
CA ILE XH 10 -78.24 44.21 56.12
C ILE XH 10 -79.00 43.48 57.21
N LYS XH 11 -79.94 44.17 57.87
CA LYS XH 11 -80.81 43.54 58.84
C LYS XH 11 -82.14 43.27 58.18
N ALA XH 12 -82.50 41.99 58.08
CA ALA XH 12 -83.74 41.66 57.39
C ALA XH 12 -84.92 41.85 58.32
N LEU XH 13 -85.70 42.89 58.06
CA LEU XH 13 -86.86 43.22 58.89
C LEU XH 13 -88.09 42.38 58.58
N GLU XH 14 -88.06 41.61 57.49
CA GLU XH 14 -89.17 40.73 57.17
C GLU XH 14 -88.59 39.46 56.57
N ASP XH 15 -89.44 38.44 56.45
CA ASP XH 15 -88.97 37.16 55.99
C ASP XH 15 -88.73 37.17 54.48
N GLY XH 16 -87.88 36.25 54.03
CA GLY XH 16 -87.64 36.07 52.62
C GLY XH 16 -86.93 37.21 51.93
N VAL XH 17 -86.06 37.93 52.63
CA VAL XH 17 -85.34 39.02 51.98
C VAL XH 17 -84.21 38.45 51.14
N ASN XH 18 -84.20 38.79 49.87
CA ASN XH 18 -83.21 38.26 48.93
C ASN XH 18 -82.04 39.21 48.85
N VAL XH 19 -80.84 38.66 48.74
CA VAL XH 19 -79.63 39.44 48.53
C VAL XH 19 -78.90 38.80 47.35
N ILE XH 20 -78.69 39.57 46.30
CA ILE XH 20 -78.18 39.04 45.04
C ILE XH 20 -76.76 39.54 44.83
N GLY XH 21 -75.84 38.60 44.65
CA GLY XH 21 -74.45 38.95 44.42
C GLY XH 21 -73.50 38.23 45.35
N SER XH 33 -77.00 34.19 45.04
CA SER XH 33 -78.21 34.62 45.74
C SER XH 33 -78.29 34.03 47.13
N GLU XH 34 -78.75 34.83 48.09
CA GLU XH 34 -78.93 34.39 49.46
C GLU XH 34 -80.30 34.85 49.96
N CYS XH 35 -80.87 34.10 50.89
CA CYS XH 35 -82.16 34.45 51.47
C CYS XH 35 -82.02 34.61 52.97
N LEU XH 36 -82.70 35.60 53.52
CA LEU XH 36 -82.66 35.89 54.95
C LEU XH 36 -84.07 35.88 55.52
N ASP XH 37 -84.17 35.42 56.76
CA ASP XH 37 -85.42 35.48 57.50
C ASP XH 37 -85.44 36.71 58.39
N LYS XH 38 -86.56 36.90 59.08
CA LYS XH 38 -86.76 38.09 59.89
C LYS XH 38 -85.87 38.05 61.13
N GLY XH 39 -85.11 39.12 61.33
CA GLY XH 39 -84.25 39.26 62.48
C GLY XH 39 -82.81 38.91 62.22
N GLU XH 40 -82.50 38.26 61.12
CA GLU XH 40 -81.12 37.96 60.81
C GLU XH 40 -80.41 39.20 60.31
N VAL XH 41 -79.08 39.16 60.38
CA VAL XH 41 -78.23 40.26 59.94
C VAL XH 41 -77.09 39.66 59.14
N LEU XH 42 -76.91 40.15 57.93
CA LEU XH 42 -75.83 39.71 57.06
C LEU XH 42 -74.85 40.84 56.88
N ILE XH 43 -73.58 40.58 57.20
CA ILE XH 43 -72.51 41.53 56.98
C ILE XH 43 -71.74 41.05 55.77
N ALA XH 44 -71.76 41.83 54.70
CA ALA XH 44 -71.23 41.39 53.42
C ALA XH 44 -70.11 42.29 52.97
N GLN XH 45 -68.98 41.70 52.65
CA GLN XH 45 -67.85 42.41 52.09
C GLN XH 45 -67.85 42.29 50.57
N PHE XH 46 -67.24 43.27 49.91
CA PHE XH 46 -67.13 43.23 48.46
C PHE XH 46 -65.88 42.51 48.02
N THR XH 47 -66.07 41.42 47.28
CA THR XH 47 -64.97 40.69 46.70
C THR XH 47 -64.67 41.28 45.33
N GLU XH 48 -63.81 40.60 44.59
CA GLU XH 48 -63.65 40.94 43.17
C GLU XH 48 -64.89 40.54 42.38
N HIS XH 49 -65.43 39.36 42.68
CA HIS XH 49 -66.63 38.87 42.02
C HIS XH 49 -67.87 39.69 42.34
N THR XH 50 -68.20 39.82 43.62
CA THR XH 50 -69.37 40.58 44.06
C THR XH 50 -69.05 42.06 43.90
N SER XH 51 -69.44 42.62 42.76
CA SER XH 51 -69.25 44.04 42.50
C SER XH 51 -70.55 44.81 42.57
N ALA XH 52 -71.67 44.14 42.79
CA ALA XH 52 -72.97 44.79 42.90
C ALA XH 52 -73.86 43.93 43.76
N ILE XH 53 -74.63 44.57 44.63
CA ILE XH 53 -75.50 43.87 45.56
C ILE XH 53 -76.89 44.47 45.46
N LYS XH 54 -77.87 43.62 45.16
CA LYS XH 54 -79.26 44.04 45.05
C LYS XH 54 -80.04 43.46 46.21
N VAL XH 55 -80.89 44.27 46.82
CA VAL XH 55 -81.63 43.88 48.01
C VAL XH 55 -83.12 44.04 47.73
N ARG XH 56 -83.88 42.96 47.90
CA ARG XH 56 -85.31 42.99 47.73
C ARG XH 56 -85.98 42.91 49.09
N GLY XH 57 -87.27 43.25 49.14
CA GLY XH 57 -88.04 43.13 50.35
C GLY XH 57 -87.69 44.19 51.38
N LYS XH 58 -88.33 44.08 52.53
CA LYS XH 58 -88.14 45.07 53.59
C LYS XH 58 -86.90 44.73 54.38
N ALA XH 59 -85.90 45.60 54.32
CA ALA XH 59 -84.65 45.39 55.01
C ALA XH 59 -84.06 46.74 55.40
N TYR XH 60 -83.14 46.72 56.35
CA TYR XH 60 -82.53 47.92 56.89
C TYR XH 60 -81.02 47.83 56.68
N ILE XH 61 -80.49 48.71 55.85
CA ILE XH 61 -79.11 48.61 55.39
C ILE XH 61 -78.30 49.73 56.00
N GLN XH 62 -77.13 49.39 56.53
CA GLN XH 62 -76.13 50.35 56.96
C GLN XH 62 -74.91 50.20 56.07
N THR XH 63 -74.51 51.30 55.44
CA THR XH 63 -73.28 51.36 54.67
C THR XH 63 -72.38 52.42 55.28
N SER XH 64 -71.28 52.71 54.58
CA SER XH 64 -70.41 53.79 55.01
C SER XH 64 -71.08 55.14 54.81
N HIS XH 65 -71.93 55.26 53.79
CA HIS XH 65 -72.60 56.51 53.48
C HIS XH 65 -73.79 56.78 54.39
N GLY XH 66 -74.17 55.84 55.23
CA GLY XH 66 -75.29 56.02 56.13
C GLY XH 66 -76.21 54.84 56.09
N VAL XH 67 -77.46 55.07 56.48
CA VAL XH 67 -78.45 54.01 56.55
C VAL XH 67 -79.53 54.26 55.50
N ILE XH 68 -80.25 53.19 55.19
CA ILE XH 68 -81.31 53.23 54.18
C ILE XH 68 -82.25 52.08 54.47
N GLU XH 69 -83.47 52.15 53.93
CA GLU XH 69 -84.48 51.14 54.21
C GLU XH 69 -85.11 50.65 52.91
N SER XH 70 -84.69 49.46 52.48
CA SER XH 70 -85.25 48.88 51.28
C SER XH 70 -86.61 48.28 51.59
N GLU XH 71 -87.50 48.32 50.60
CA GLU XH 71 -88.83 47.75 50.77
C GLU XH 71 -89.18 46.77 49.66
N ASP YH 6 -62.31 46.34 59.29
CA ASP YH 6 -61.76 45.04 58.93
C ASP YH 6 -62.34 43.92 59.79
N PHE YH 7 -62.97 44.27 60.90
CA PHE YH 7 -63.43 43.25 61.85
C PHE YH 7 -64.71 43.71 62.51
N VAL YH 8 -65.48 42.73 62.97
CA VAL YH 8 -66.76 42.97 63.61
C VAL YH 8 -66.74 42.37 65.01
N VAL YH 9 -67.62 42.88 65.87
CA VAL YH 9 -67.70 42.43 67.26
C VAL YH 9 -69.13 42.00 67.53
N ILE YH 10 -69.31 40.73 67.87
CA ILE YH 10 -70.65 40.16 68.08
C ILE YH 10 -70.76 39.72 69.53
N LYS YH 11 -71.64 40.35 70.28
CA LYS YH 11 -71.93 39.95 71.64
C LYS YH 11 -73.21 39.14 71.62
N ALA YH 12 -73.14 37.87 72.00
CA ALA YH 12 -74.32 37.03 71.94
C ALA YH 12 -75.18 37.27 73.17
N LEU YH 13 -76.32 37.93 72.97
CA LEU YH 13 -77.23 38.26 74.05
C LEU YH 13 -78.13 37.10 74.46
N GLU YH 14 -78.15 36.02 73.69
CA GLU YH 14 -78.94 34.85 74.04
C GLU YH 14 -78.15 33.62 73.62
N ASP YH 15 -78.59 32.46 74.10
CA ASP YH 15 -77.87 31.24 73.83
C ASP YH 15 -78.08 30.78 72.40
N GLY YH 16 -77.13 29.98 71.91
CA GLY YH 16 -77.26 29.36 70.61
C GLY YH 16 -77.20 30.30 69.44
N VAL YH 17 -76.47 31.42 69.55
CA VAL YH 17 -76.38 32.33 68.42
C VAL YH 17 -75.41 31.78 67.39
N ASN YH 18 -75.88 31.63 66.16
CA ASN YH 18 -75.08 31.05 65.09
C ASN YH 18 -74.39 32.16 64.33
N VAL YH 19 -73.15 31.90 63.92
CA VAL YH 19 -72.39 32.80 63.07
C VAL YH 19 -71.86 31.98 61.91
N ILE YH 20 -72.23 32.34 60.69
CA ILE YH 20 -71.95 31.53 59.52
C ILE YH 20 -70.92 32.23 58.67
N GLY YH 21 -69.81 31.55 58.40
CA GLY YH 21 -68.75 32.10 57.58
C GLY YH 21 -67.40 31.99 58.23
N SER YH 33 -69.23 27.42 60.31
CA SER YH 33 -70.26 27.77 61.28
C SER YH 33 -69.73 27.73 62.71
N GLU YH 34 -70.15 28.68 63.53
CA GLU YH 34 -69.77 28.73 64.93
C GLU YH 34 -71.02 29.01 65.77
N CYS YH 35 -71.01 28.53 67.01
CA CYS YH 35 -72.12 28.76 67.92
C CYS YH 35 -71.61 29.48 69.16
N LEU YH 36 -72.41 30.41 69.66
CA LEU YH 36 -72.07 31.19 70.84
C LEU YH 36 -73.16 31.07 71.89
N ASP YH 37 -72.76 31.07 73.14
CA ASP YH 37 -73.68 31.09 74.26
C ASP YH 37 -73.86 32.52 74.75
N LYS YH 38 -74.75 32.68 75.73
CA LYS YH 38 -75.09 34.00 76.22
C LYS YH 38 -73.93 34.62 77.00
N GLY YH 39 -73.57 35.84 76.61
CA GLY YH 39 -72.52 36.57 77.27
C GLY YH 39 -71.18 36.51 76.59
N GLU YH 40 -70.99 35.59 75.66
CA GLU YH 40 -69.73 35.52 74.94
C GLU YH 40 -69.67 36.64 73.91
N VAL YH 41 -68.44 36.93 73.47
CA VAL YH 41 -68.18 37.96 72.49
C VAL YH 41 -67.18 37.41 71.49
N LEU YH 42 -67.54 37.45 70.22
CA LEU YH 42 -66.67 36.99 69.15
C LEU YH 42 -66.22 38.18 68.33
N ILE YH 43 -64.92 38.36 68.20
CA ILE YH 43 -64.35 39.38 67.35
C ILE YH 43 -63.84 38.69 66.10
N ALA YH 44 -64.42 39.02 64.95
CA ALA YH 44 -64.16 38.27 63.74
C ALA YH 44 -63.59 39.19 62.68
N GLN YH 45 -62.46 38.79 62.11
CA GLN YH 45 -61.85 39.50 61.01
C GLN YH 45 -62.25 38.85 59.68
N PHE YH 46 -62.22 39.64 58.62
CA PHE YH 46 -62.53 39.11 57.31
C PHE YH 46 -61.28 38.59 56.62
N THR YH 47 -61.29 37.30 56.31
CA THR YH 47 -60.21 36.68 55.56
C THR YH 47 -60.53 36.81 54.08
N GLU YH 48 -59.74 36.11 53.27
CA GLU YH 48 -60.11 35.95 51.86
C GLU YH 48 -61.31 35.02 51.74
N HIS YH 49 -61.31 33.94 52.50
CA HIS YH 49 -62.40 32.97 52.49
C HIS YH 49 -63.70 33.54 53.04
N THR YH 50 -63.69 34.04 54.27
CA THR YH 50 -64.86 34.61 54.91
C THR YH 50 -65.14 35.96 54.27
N SER YH 51 -65.99 35.97 53.26
CA SER YH 51 -66.38 37.21 52.59
C SER YH 51 -67.79 37.63 52.95
N ALA YH 52 -68.51 36.84 53.74
CA ALA YH 52 -69.85 37.16 54.17
C ALA YH 52 -70.12 36.48 55.50
N ILE YH 53 -70.78 37.20 56.39
CA ILE YH 53 -71.05 36.70 57.74
C ILE YH 53 -72.54 36.88 58.01
N LYS YH 54 -73.20 35.79 58.34
CA LYS YH 54 -74.63 35.80 58.66
C LYS YH 54 -74.79 35.51 60.13
N VAL YH 55 -75.66 36.27 60.80
CA VAL YH 55 -75.85 36.16 62.24
C VAL YH 55 -77.32 35.85 62.50
N ARG YH 56 -77.58 34.78 63.23
CA ARG YH 56 -78.93 34.40 63.62
C ARG YH 56 -79.12 34.66 65.10
N GLY YH 57 -80.37 34.69 65.54
CA GLY YH 57 -80.68 34.83 66.94
C GLY YH 57 -80.44 36.24 67.44
N LYS YH 58 -80.65 36.42 68.74
CA LYS YH 58 -80.51 37.72 69.36
C LYS YH 58 -79.05 37.99 69.68
N ALA YH 59 -78.48 39.00 69.02
CA ALA YH 59 -77.09 39.35 69.21
C ALA YH 59 -76.93 40.83 68.99
N TYR YH 60 -75.82 41.37 69.50
CA TYR YH 60 -75.53 42.79 69.43
C TYR YH 60 -74.21 42.98 68.70
N ILE YH 61 -74.27 43.61 67.54
CA ILE YH 61 -73.13 43.68 66.63
C ILE YH 61 -72.61 45.10 66.58
N GLN YH 62 -71.30 45.25 66.69
CA GLN YH 62 -70.62 46.50 66.45
C GLN YH 62 -69.72 46.34 65.23
N THR YH 63 -69.92 47.19 64.24
CA THR YH 63 -69.07 47.26 63.07
C THR YH 63 -68.44 48.64 63.00
N SER YH 64 -67.76 48.91 61.89
CA SER YH 64 -67.23 50.25 61.67
C SER YH 64 -68.34 51.24 61.39
N HIS YH 65 -69.43 50.78 60.78
CA HIS YH 65 -70.56 51.64 60.45
C HIS YH 65 -71.45 51.95 61.64
N GLY YH 66 -71.23 51.30 62.78
CA GLY YH 66 -72.04 51.53 63.95
C GLY YH 66 -72.48 50.23 64.56
N VAL YH 67 -73.56 50.29 65.32
CA VAL YH 67 -74.07 49.12 66.04
C VAL YH 67 -75.41 48.72 65.44
N ILE YH 68 -75.79 47.47 65.71
CA ILE YH 68 -77.03 46.91 65.21
C ILE YH 68 -77.39 45.74 66.11
N GLU YH 69 -78.66 45.34 66.08
CA GLU YH 69 -79.16 44.29 66.97
C GLU YH 69 -79.91 43.23 66.19
N SER YH 70 -79.25 42.11 65.94
CA SER YH 70 -79.89 41.02 65.25
C SER YH 70 -80.82 40.27 66.18
N GLU YH 71 -81.91 39.74 65.63
CA GLU YH 71 -82.85 38.98 66.43
C GLU YH 71 -83.14 37.61 65.83
N ASP ZH 6 -56.63 47.21 64.44
CA ASP ZH 6 -55.77 46.05 64.27
C ASP ZH 6 -55.61 45.23 65.52
N PHE ZH 7 -56.00 45.79 66.67
CA PHE ZH 7 -55.77 45.11 67.93
C PHE ZH 7 -56.90 45.44 68.91
N VAL ZH 8 -57.09 44.53 69.86
CA VAL ZH 8 -58.14 44.65 70.86
C VAL ZH 8 -57.51 44.64 72.24
N VAL ZH 9 -58.23 45.18 73.21
CA VAL ZH 9 -57.76 45.28 74.59
C VAL ZH 9 -58.79 44.62 75.49
N ILE ZH 10 -58.39 43.56 76.19
CA ILE ZH 10 -59.30 42.79 77.03
C ILE ZH 10 -58.83 42.90 78.47
N LYS ZH 11 -59.64 43.53 79.31
CA LYS ZH 11 -59.37 43.59 80.74
C LYS ZH 11 -60.22 42.53 81.43
N ALA ZH 12 -59.57 41.56 82.05
CA ALA ZH 12 -60.32 40.48 82.67
C ALA ZH 12 -60.84 40.92 84.03
N LEU ZH 13 -62.14 41.15 84.12
CA LEU ZH 13 -62.77 41.61 85.35
C LEU ZH 13 -63.02 40.50 86.35
N GLU ZH 14 -62.86 39.24 85.96
CA GLU ZH 14 -63.02 38.12 86.87
C GLU ZH 14 -61.99 37.07 86.50
N ASP ZH 15 -61.82 36.10 87.39
CA ASP ZH 15 -60.80 35.09 87.19
C ASP ZH 15 -61.21 34.09 86.13
N GLY ZH 16 -60.22 33.45 85.53
CA GLY ZH 16 -60.45 32.38 84.58
C GLY ZH 16 -61.08 32.80 83.28
N VAL ZH 17 -60.81 34.02 82.81
CA VAL ZH 17 -61.39 34.45 81.54
C VAL ZH 17 -60.61 33.83 80.40
N ASN ZH 18 -61.31 33.12 79.52
CA ASN ZH 18 -60.68 32.41 78.42
C ASN ZH 18 -60.68 33.29 77.19
N VAL ZH 19 -59.61 33.23 76.42
CA VAL ZH 19 -59.51 33.92 75.14
C VAL ZH 19 -59.05 32.90 74.12
N ILE ZH 20 -59.85 32.67 73.09
CA ILE ZH 20 -59.63 31.59 72.15
C ILE ZH 20 -59.20 32.16 70.82
N GLY ZH 21 -58.05 31.73 70.33
CA GLY ZH 21 -57.54 32.20 69.05
C GLY ZH 21 -56.12 32.70 69.13
N SER ZH 33 -55.47 28.91 72.86
CA SER ZH 33 -56.25 29.32 74.03
C SER ZH 33 -55.37 29.95 75.10
N GLU ZH 34 -55.87 30.99 75.74
CA GLU ZH 34 -55.17 31.65 76.83
C GLU ZH 34 -56.13 31.88 77.98
N CYS ZH 35 -55.60 31.92 79.20
CA CYS ZH 35 -56.42 32.18 80.38
C CYS ZH 35 -55.90 33.40 81.09
N LEU ZH 36 -56.82 34.22 81.61
CA LEU ZH 36 -56.47 35.44 82.32
C LEU ZH 36 -57.10 35.43 83.70
N ASP ZH 37 -56.40 36.01 84.66
CA ASP ZH 37 -56.91 36.20 86.00
C ASP ZH 37 -57.47 37.61 86.14
N LYS ZH 38 -58.04 37.89 87.31
CA LYS ZH 38 -58.69 39.16 87.54
C LYS ZH 38 -57.69 40.30 87.62
N GLY ZH 39 -57.92 41.33 86.83
CA GLY ZH 39 -57.08 42.50 86.83
C GLY ZH 39 -56.05 42.54 85.72
N GLU ZH 40 -55.81 41.42 85.06
CA GLU ZH 40 -54.87 41.43 83.95
C GLU ZH 40 -55.51 42.05 82.72
N VAL ZH 41 -54.65 42.47 81.79
CA VAL ZH 41 -55.08 43.10 80.56
C VAL ZH 41 -54.26 42.48 79.43
N LEU ZH 42 -54.95 41.96 78.43
CA LEU ZH 42 -54.30 41.38 77.27
C LEU ZH 42 -54.57 42.26 76.06
N ILE ZH 43 -53.52 42.70 75.39
CA ILE ZH 43 -53.63 43.45 74.16
C ILE ZH 43 -53.26 42.51 73.03
N ALA ZH 44 -54.22 42.22 72.17
CA ALA ZH 44 -54.05 41.18 71.17
C ALA ZH 44 -54.18 41.75 69.77
N GLN ZH 45 -53.19 41.48 68.94
CA GLN ZH 45 -53.22 41.86 67.55
C GLN ZH 45 -53.69 40.69 66.70
N PHE ZH 46 -54.25 41.00 65.53
CA PHE ZH 46 -54.70 39.97 64.62
C PHE ZH 46 -53.59 39.57 63.67
N THR ZH 47 -53.21 38.30 63.73
CA THR ZH 47 -52.23 37.76 62.81
C THR ZH 47 -52.97 37.23 61.59
N GLU ZH 48 -52.24 36.51 60.74
CA GLU ZH 48 -52.89 35.75 59.68
C GLU ZH 48 -53.64 34.56 60.26
N HIS ZH 49 -53.03 33.88 61.22
CA HIS ZH 49 -53.65 32.75 61.89
C HIS ZH 49 -54.85 33.12 62.72
N THR ZH 50 -54.69 34.02 63.67
CA THR ZH 50 -55.76 34.46 64.55
C THR ZH 50 -56.68 35.36 63.74
N SER ZH 51 -57.72 34.78 63.17
CA SER ZH 51 -58.72 35.53 62.42
C SER ZH 51 -60.03 35.68 63.18
N ALA ZH 52 -60.14 35.07 64.35
CA ALA ZH 52 -61.34 35.18 65.16
C ALA ZH 52 -60.95 35.00 66.61
N ILE ZH 53 -61.55 35.80 67.48
CA ILE ZH 53 -61.24 35.77 68.91
C ILE ZH 53 -62.54 35.65 69.67
N LYS ZH 54 -62.65 34.63 70.50
CA LYS ZH 54 -63.82 34.40 71.32
C LYS ZH 54 -63.45 34.63 72.78
N VAL ZH 55 -64.31 35.33 73.50
CA VAL ZH 55 -64.05 35.71 74.88
C VAL ZH 55 -65.17 35.17 75.75
N ARG ZH 56 -64.80 34.40 76.78
CA ARG ZH 56 -65.75 33.87 77.73
C ARG ZH 56 -65.59 34.60 79.06
N GLY ZH 57 -66.59 34.46 79.91
CA GLY ZH 57 -66.52 35.03 81.25
C GLY ZH 57 -66.70 36.54 81.23
N LYS ZH 58 -66.59 37.11 82.42
CA LYS ZH 58 -66.78 38.55 82.58
C LYS ZH 58 -65.50 39.28 82.23
N ALA ZH 59 -65.55 40.08 81.18
CA ALA ZH 59 -64.40 40.82 80.73
C ALA ZH 59 -64.85 42.11 80.08
N TYR ZH 60 -63.94 43.06 79.97
CA TYR ZH 60 -64.23 44.39 79.44
C TYR ZH 60 -63.33 44.62 78.23
N ILE ZH 61 -63.93 44.74 77.06
CA ILE ZH 61 -63.20 44.76 75.80
C ILE ZH 61 -63.28 46.14 75.19
N GLN ZH 62 -62.15 46.65 74.75
CA GLN ZH 62 -62.07 47.86 73.95
C GLN ZH 62 -61.55 47.49 72.57
N THR ZH 63 -62.32 47.84 71.55
CA THR ZH 63 -61.91 47.69 70.17
C THR ZH 63 -61.90 49.05 69.51
N SER ZH 64 -61.69 49.06 68.20
CA SER ZH 64 -61.78 50.31 67.45
C SER ZH 64 -63.22 50.81 67.37
N HIS ZH 65 -64.18 49.89 67.38
CA HIS ZH 65 -65.59 50.25 67.29
C HIS ZH 65 -66.16 50.73 68.60
N GLY ZH 66 -65.42 50.63 69.70
CA GLY ZH 66 -65.90 51.06 70.99
C GLY ZH 66 -65.63 50.00 72.03
N VAL ZH 67 -66.40 50.06 73.11
CA VAL ZH 67 -66.22 49.16 74.24
C VAL ZH 67 -67.42 48.24 74.33
N ILE ZH 68 -67.22 47.13 75.03
CA ILE ZH 68 -68.26 46.11 75.21
C ILE ZH 68 -67.89 45.31 76.45
N GLU ZH 69 -68.87 44.61 77.01
CA GLU ZH 69 -68.68 43.88 78.26
C GLU ZH 69 -69.16 42.45 78.13
N SER ZH 70 -68.24 41.53 77.95
CA SER ZH 70 -68.59 40.13 77.86
C SER ZH 70 -68.88 39.56 79.23
N GLU ZH 71 -69.80 38.62 79.29
CA GLU ZH 71 -70.14 37.99 80.57
C GLU ZH 71 -70.04 36.46 80.49
N ASP AI 6 -50.05 51.25 66.76
CA ASP AI 6 -48.92 50.34 66.60
C ASP AI 6 -48.17 50.08 67.88
N PHE AI 7 -48.39 50.91 68.89
CA PHE AI 7 -47.61 50.82 70.12
C PHE AI 7 -48.48 51.21 71.32
N VAL AI 8 -48.08 50.70 72.47
CA VAL AI 8 -48.80 50.92 73.72
C VAL AI 8 -47.85 51.56 74.72
N VAL AI 9 -48.43 52.24 75.71
CA VAL AI 9 -47.66 52.92 76.74
C VAL AI 9 -48.13 52.43 78.09
N ILE AI 10 -47.22 51.83 78.85
CA ILE AI 10 -47.55 51.22 80.13
C ILE AI 10 -46.78 51.95 81.22
N LYS AI 11 -47.50 52.63 82.11
CA LYS AI 11 -46.89 53.27 83.26
C LYS AI 11 -47.11 52.37 84.46
N ALA AI 12 -46.03 51.87 85.04
CA ALA AI 12 -46.18 50.96 86.16
C ALA AI 12 -46.43 51.72 87.45
N LEU AI 13 -47.65 51.66 87.94
CA LEU AI 13 -48.04 52.38 89.14
C LEU AI 13 -47.62 51.68 90.42
N GLU AI 14 -47.17 50.43 90.34
CA GLU AI 14 -46.68 49.72 91.52
C GLU AI 14 -45.49 48.87 91.10
N ASP AI 15 -44.77 48.37 92.08
CA ASP AI 15 -43.56 47.63 91.80
C ASP AI 15 -43.88 46.24 91.26
N GLY AI 16 -42.93 45.67 90.54
CA GLY AI 16 -43.04 44.31 90.07
C GLY AI 16 -44.10 44.06 89.01
N VAL AI 17 -44.40 45.06 88.18
CA VAL AI 17 -45.39 44.85 87.15
C VAL AI 17 -44.78 44.06 86.00
N ASN AI 18 -45.42 42.94 85.67
CA ASN AI 18 -44.91 42.04 84.64
C ASN AI 18 -45.54 42.39 83.32
N VAL AI 19 -44.77 42.30 82.25
CA VAL AI 19 -45.25 42.48 80.89
C VAL AI 19 -44.75 41.29 80.08
N ILE AI 20 -45.69 40.53 79.52
CA ILE AI 20 -45.37 39.26 78.89
C ILE AI 20 -45.54 39.40 77.39
N GLY AI 21 -44.49 39.09 76.64
CA GLY AI 21 -44.53 39.16 75.20
C GLY AI 21 -43.40 39.98 74.61
N SER AI 33 -40.52 38.06 78.71
CA SER AI 33 -41.05 38.67 79.92
C SER AI 33 -40.18 39.83 80.39
N GLU AI 34 -40.81 40.89 80.87
CA GLU AI 34 -40.11 42.05 81.40
C GLU AI 34 -40.75 42.46 82.73
N CYS AI 35 -39.96 43.05 83.61
CA CYS AI 35 -40.46 43.52 84.90
C CYS AI 35 -40.22 45.01 85.02
N LEU AI 36 -41.18 45.73 85.59
CA LEU AI 36 -41.09 47.16 85.77
C LEU AI 36 -41.29 47.51 87.24
N ASP AI 37 -40.58 48.54 87.68
CA ASP AI 37 -40.76 49.09 89.01
C ASP AI 37 -41.69 50.28 88.97
N LYS AI 38 -41.98 50.82 90.15
CA LYS AI 38 -42.95 51.91 90.26
C LYS AI 38 -42.41 53.19 89.66
N GLY AI 39 -43.18 53.79 88.76
CA GLY AI 39 -42.82 55.03 88.14
C GLY AI 39 -42.20 54.90 86.77
N GLU AI 40 -41.78 53.71 86.38
CA GLU AI 40 -41.24 53.52 85.05
C GLU AI 40 -42.35 53.49 84.02
N VAL AI 41 -41.98 53.74 82.77
CA VAL AI 41 -42.91 53.75 81.65
C VAL AI 41 -42.26 52.97 80.51
N LEU AI 42 -42.98 51.98 80.01
CA LEU AI 42 -42.51 51.19 78.89
C LEU AI 42 -43.38 51.48 77.69
N ILE AI 43 -42.76 51.87 76.59
CA ILE AI 43 -43.44 52.08 75.33
C ILE AI 43 -43.09 50.90 74.44
N ALA AI 44 -44.10 50.11 74.10
CA ALA AI 44 -43.86 48.84 73.42
C ALA AI 44 -44.54 48.82 72.08
N GLN AI 45 -43.78 48.49 71.03
CA GLN AI 45 -44.32 48.33 69.70
C GLN AI 45 -44.57 46.86 69.43
N PHE AI 46 -45.50 46.59 68.52
CA PHE AI 46 -45.80 45.21 68.14
C PHE AI 46 -44.92 44.77 66.99
N THR AI 47 -44.12 43.73 67.24
CA THR AI 47 -43.31 43.14 66.20
C THR AI 47 -44.12 42.04 65.53
N GLU AI 48 -43.45 41.25 64.70
CA GLU AI 48 -44.07 40.04 64.19
C GLU AI 48 -44.19 39.00 65.30
N HIS AI 49 -43.15 38.88 66.12
CA HIS AI 49 -43.14 37.95 67.23
C HIS AI 49 -44.13 38.30 68.32
N THR AI 50 -44.02 39.51 68.87
CA THR AI 50 -44.91 39.97 69.92
C THR AI 50 -46.26 40.28 69.30
N SER AI 51 -47.16 39.31 69.33
CA SER AI 51 -48.50 39.49 68.83
C SER AI 51 -49.53 39.60 69.93
N ALA AI 52 -49.12 39.45 71.19
CA ALA AI 52 -50.02 39.56 72.32
C ALA AI 52 -49.21 40.02 73.53
N ILE AI 53 -49.79 40.92 74.31
CA ILE AI 53 -49.12 41.48 75.47
C ILE AI 53 -50.04 41.36 76.66
N LYS AI 54 -49.57 40.71 77.71
CA LYS AI 54 -50.33 40.52 78.93
C LYS AI 54 -49.68 41.35 80.03
N VAL AI 55 -50.50 42.04 80.81
CA VAL AI 55 -50.02 42.96 81.84
C VAL AI 55 -50.61 42.53 83.17
N ARG AI 56 -49.74 42.28 84.15
CA ARG AI 56 -50.15 41.93 85.50
C ARG AI 56 -49.91 43.11 86.43
N GLY AI 57 -50.52 43.07 87.59
CA GLY AI 57 -50.31 44.08 88.60
C GLY AI 57 -50.97 45.40 88.26
N LYS AI 58 -50.75 46.37 89.12
CA LYS AI 58 -51.37 47.68 88.96
C LYS AI 58 -50.55 48.51 87.98
N ALA AI 59 -51.16 48.83 86.85
CA ALA AI 59 -50.49 49.61 85.82
C ALA AI 59 -51.51 50.43 85.07
N TYR AI 60 -51.04 51.46 84.38
CA TYR AI 60 -51.89 52.40 83.66
C TYR AI 60 -51.49 52.38 82.20
N ILE AI 61 -52.39 51.92 81.34
CA ILE AI 61 -52.07 51.65 79.95
C ILE AI 61 -52.79 52.65 79.07
N GLN AI 62 -52.05 53.22 78.12
CA GLN AI 62 -52.61 54.03 77.05
C GLN AI 62 -52.39 53.32 75.74
N THR AI 63 -53.47 53.09 75.01
CA THR AI 63 -53.42 52.53 73.67
C THR AI 63 -54.05 53.54 72.72
N SER AI 64 -54.22 53.11 71.46
CA SER AI 64 -54.92 53.94 70.50
C SER AI 64 -56.41 54.04 70.83
N HIS AI 65 -56.96 52.99 71.43
CA HIS AI 65 -58.38 52.95 71.77
C HIS AI 65 -58.71 53.73 73.03
N GLY AI 66 -57.70 54.21 73.75
CA GLY AI 66 -57.93 54.96 74.97
C GLY AI 66 -57.05 54.46 76.08
N VAL AI 67 -57.47 54.72 77.31
CA VAL AI 67 -56.71 54.36 78.49
C VAL AI 67 -57.45 53.28 79.26
N ILE AI 68 -56.71 52.58 80.10
CA ILE AI 68 -57.25 51.49 80.92
C ILE AI 68 -56.32 51.30 82.11
N GLU AI 69 -56.81 50.64 83.14
CA GLU AI 69 -56.05 50.50 84.38
C GLU AI 69 -56.04 49.03 84.82
N SER AI 70 -54.93 48.35 84.57
CA SER AI 70 -54.81 46.97 84.98
C SER AI 70 -54.51 46.91 86.47
N GLU AI 71 -55.00 45.85 87.11
CA GLU AI 71 -54.75 45.67 88.54
C GLU AI 71 -54.17 44.29 88.84
N ASP BI 6 -45.20 57.48 65.39
CA ASP BI 6 -43.92 56.90 65.01
C ASP BI 6 -42.79 57.34 65.93
N PHE BI 7 -43.03 58.38 66.73
CA PHE BI 7 -41.97 58.94 67.55
C PHE BI 7 -42.54 59.47 68.86
N VAL BI 8 -41.69 59.52 69.87
CA VAL BI 8 -42.06 59.97 71.20
C VAL BI 8 -41.19 61.14 71.59
N VAL BI 9 -41.67 61.95 72.54
CA VAL BI 9 -40.98 63.14 73.00
C VAL BI 9 -40.81 63.03 74.51
N ILE BI 10 -39.57 63.01 74.98
CA ILE BI 10 -39.29 62.83 76.40
C ILE BI 10 -38.58 64.08 76.90
N LYS BI 11 -39.23 64.80 77.80
CA LYS BI 11 -38.61 65.95 78.46
C LYS BI 11 -38.13 65.50 79.83
N ALA BI 12 -36.82 65.56 80.05
CA ALA BI 12 -36.30 65.08 81.32
C ALA BI 12 -36.45 66.15 82.39
N LEU BI 13 -37.37 65.94 83.31
CA LEU BI 13 -37.66 66.90 84.37
C LEU BI 13 -36.67 66.83 85.51
N GLU BI 14 -35.81 65.82 85.56
CA GLU BI 14 -34.79 65.72 86.59
C GLU BI 14 -33.54 65.14 85.96
N ASP BI 15 -32.44 65.23 86.69
CA ASP BI 15 -31.17 64.80 86.14
C ASP BI 15 -31.08 63.28 86.12
N GLY BI 16 -30.22 62.78 85.25
CA GLY BI 16 -29.93 61.36 85.18
C GLY BI 16 -31.07 60.49 84.70
N VAL BI 17 -31.94 61.00 83.83
CA VAL BI 17 -33.03 60.18 83.34
C VAL BI 17 -32.51 59.23 82.27
N ASN BI 18 -32.73 57.94 82.48
CA ASN BI 18 -32.22 56.92 81.58
C ASN BI 18 -33.30 56.58 80.55
N VAL BI 19 -32.86 56.34 79.32
CA VAL BI 19 -33.73 55.89 78.24
C VAL BI 19 -33.08 54.68 77.62
N ILE BI 20 -33.76 53.55 77.64
CA ILE BI 20 -33.19 52.28 77.26
C ILE BI 20 -33.81 51.82 75.95
N GLY BI 21 -32.96 51.58 74.95
CA GLY BI 21 -33.43 51.12 73.66
C GLY BI 21 -32.90 51.95 72.52
N SER BI 33 -28.50 52.47 75.53
CA SER BI 33 -28.86 53.29 76.67
C SER BI 33 -28.40 54.72 76.49
N GLU BI 34 -29.23 55.68 76.91
CA GLU BI 34 -28.90 57.09 76.85
C GLU BI 34 -29.24 57.74 78.18
N CYS BI 35 -28.53 58.80 78.53
CA CYS BI 35 -28.79 59.54 79.76
C CYS BI 35 -29.11 60.98 79.42
N LEU BI 36 -30.07 61.56 80.13
CA LEU BI 36 -30.48 62.93 79.93
C LEU BI 36 -30.38 63.71 81.23
N ASP BI 37 -30.02 64.98 81.12
CA ASP BI 37 -30.01 65.89 82.24
C ASP BI 37 -31.31 66.68 82.28
N LYS BI 38 -31.44 67.51 83.32
CA LYS BI 38 -32.67 68.26 83.53
C LYS BI 38 -32.84 69.34 82.48
N GLY BI 39 -34.00 69.35 81.84
CA GLY BI 39 -34.33 70.34 80.86
C GLY BI 39 -34.11 69.92 79.42
N GLU BI 40 -33.39 68.82 79.20
CA GLU BI 40 -33.21 68.35 77.84
C GLU BI 40 -34.47 67.65 77.35
N VAL BI 41 -34.58 67.53 76.04
CA VAL BI 41 -35.71 66.90 75.38
C VAL BI 41 -35.17 65.98 74.31
N LEU BI 42 -35.56 64.71 74.36
CA LEU BI 42 -35.16 63.74 73.37
C LEU BI 42 -36.38 63.34 72.56
N ILE BI 43 -36.28 63.48 71.24
CA ILE BI 43 -37.32 63.03 70.33
C ILE BI 43 -36.81 61.76 69.67
N ALA BI 44 -37.48 60.65 69.93
CA ALA BI 44 -36.98 59.35 69.54
C ALA BI 44 -37.95 58.67 68.60
N GLN BI 45 -37.45 58.22 67.47
CA GLN BI 45 -38.23 57.46 66.51
C GLN BI 45 -37.97 55.97 66.71
N PHE BI 46 -38.94 55.15 66.31
CA PHE BI 46 -38.80 53.72 66.41
C PHE BI 46 -38.16 53.15 65.16
N THR BI 47 -37.00 52.53 65.32
CA THR BI 47 -36.34 51.85 64.22
C THR BI 47 -36.84 50.42 64.18
N GLU BI 48 -36.18 49.60 63.36
CA GLU BI 48 -36.41 48.16 63.44
C GLU BI 48 -35.81 47.59 64.71
N HIS BI 49 -34.62 48.05 65.08
CA HIS BI 49 -33.94 47.61 66.29
C HIS BI 49 -34.65 48.04 67.56
N THR BI 50 -34.87 49.34 67.72
CA THR BI 50 -35.53 49.89 68.90
C THR BI 50 -37.02 49.58 68.78
N SER BI 51 -37.44 48.47 69.38
CA SER BI 51 -38.83 48.09 69.40
C SER BI 51 -39.47 48.29 70.76
N ALA BI 52 -38.70 48.72 71.75
CA ALA BI 52 -39.23 48.97 73.09
C ALA BI 52 -38.35 50.01 73.75
N ILE BI 53 -38.98 50.94 74.46
CA ILE BI 53 -38.29 52.05 75.11
C ILE BI 53 -38.73 52.09 76.56
N LYS BI 54 -37.77 52.01 77.47
CA LYS BI 54 -38.03 52.07 78.89
C LYS BI 54 -37.47 53.37 79.44
N VAL BI 55 -38.24 54.05 80.28
CA VAL BI 55 -37.88 55.35 80.81
C VAL BI 55 -37.85 55.27 82.32
N ARG BI 56 -36.73 55.64 82.91
CA ARG BI 56 -36.59 55.69 84.36
C ARG BI 56 -36.56 57.14 84.83
N GLY BI 57 -36.77 57.35 86.12
CA GLY BI 57 -36.68 58.67 86.70
C GLY BI 57 -37.86 59.54 86.33
N LYS BI 58 -37.79 60.78 86.79
CA LYS BI 58 -38.88 61.72 86.58
C LYS BI 58 -38.74 62.35 85.20
N ALA BI 59 -39.71 62.08 84.33
CA ALA BI 59 -39.69 62.59 82.97
C ALA BI 59 -41.12 62.78 82.51
N TYR BI 60 -41.28 63.59 81.47
CA TYR BI 60 -42.57 63.94 80.93
C TYR BI 60 -42.63 63.52 79.47
N ILE BI 61 -43.49 62.56 79.16
CA ILE BI 61 -43.49 61.91 77.86
C ILE BI 61 -44.74 62.32 77.10
N GLN BI 62 -44.57 62.69 75.83
CA GLN BI 62 -45.67 62.89 74.91
C GLN BI 62 -45.57 61.85 73.81
N THR BI 63 -46.64 61.08 73.64
CA THR BI 63 -46.76 60.13 72.55
C THR BI 63 -47.96 60.53 71.70
N SER BI 64 -48.29 59.66 70.74
CA SER BI 64 -49.49 59.88 69.95
C SER BI 64 -50.75 59.67 70.79
N HIS BI 65 -50.68 58.79 71.79
CA HIS BI 65 -51.83 58.49 72.64
C HIS BI 65 -52.05 59.55 73.70
N GLY BI 66 -51.15 60.50 73.86
CA GLY BI 66 -51.30 61.53 74.86
C GLY BI 66 -50.03 61.71 75.63
N VAL BI 67 -50.15 62.27 76.83
CA VAL BI 67 -49.00 62.57 77.68
C VAL BI 67 -49.05 61.67 78.90
N ILE BI 68 -47.89 61.54 79.54
CA ILE BI 68 -47.74 60.70 80.73
C ILE BI 68 -46.51 61.21 81.47
N GLU BI 69 -46.41 60.86 82.75
CA GLU BI 69 -45.34 61.35 83.60
C GLU BI 69 -44.66 60.21 84.33
N SER BI 70 -43.49 59.81 83.85
CA SER BI 70 -42.75 58.74 84.49
C SER BI 70 -42.04 59.29 85.72
N GLU BI 71 -41.90 58.45 86.74
CA GLU BI 71 -41.22 58.84 87.96
C GLU BI 71 -40.10 57.88 88.33
N ASP CI 6 -43.46 63.76 60.75
CA ASP CI 6 -42.20 63.42 60.11
C ASP CI 6 -41.09 64.41 60.41
N PHE CI 7 -41.45 65.58 60.93
CA PHE CI 7 -40.47 66.63 61.13
C PHE CI 7 -40.83 67.46 62.36
N VAL CI 8 -39.82 68.08 62.93
CA VAL CI 8 -39.96 68.88 64.14
C VAL CI 8 -39.47 70.29 63.85
N VAL CI 9 -39.94 71.23 64.67
CA VAL CI 9 -39.60 72.64 64.50
C VAL CI 9 -39.03 73.14 65.83
N ILE CI 10 -37.77 73.59 65.81
CA ILE CI 10 -37.09 74.01 67.01
C ILE CI 10 -36.75 75.49 66.87
N LYS CI 11 -37.34 76.32 67.72
CA LYS CI 11 -37.01 77.73 67.77
C LYS CI 11 -36.06 77.95 68.94
N ALA CI 12 -34.84 78.38 68.65
CA ALA CI 12 -33.87 78.55 69.72
C ALA CI 12 -34.10 79.87 70.44
N LEU CI 13 -34.62 79.79 71.66
CA LEU CI 13 -34.93 80.97 72.44
C LEU CI 13 -33.71 81.58 73.13
N GLU CI 14 -32.58 80.89 73.13
CA GLU CI 14 -31.35 81.42 73.71
C GLU CI 14 -30.19 80.95 72.85
N ASP CI 15 -29.04 81.57 73.07
CA ASP CI 15 -27.88 81.27 72.24
C ASP CI 15 -27.29 79.92 72.60
N GLY CI 16 -26.57 79.35 71.64
CA GLY CI 16 -25.84 78.12 71.86
C GLY CI 16 -26.69 76.90 72.07
N VAL CI 17 -27.87 76.83 71.47
CA VAL CI 17 -28.71 75.66 71.66
C VAL CI 17 -28.19 74.53 70.77
N ASN CI 18 -27.89 73.39 71.38
CA ASN CI 18 -27.32 72.26 70.66
C ASN CI 18 -28.44 71.33 70.22
N VAL CI 19 -28.29 70.77 69.02
CA VAL CI 19 -29.21 69.77 68.51
C VAL CI 19 -28.36 68.60 68.03
N ILE CI 20 -28.59 67.43 68.61
CA ILE CI 20 -27.71 66.28 68.40
C ILE CI 20 -28.46 65.25 67.56
N GLY CI 21 -27.88 64.86 66.44
CA GLY CI 21 -28.48 63.86 65.58
C GLY CI 21 -28.59 64.32 64.14
N SER CI 33 -24.01 66.93 65.11
CA SER CI 33 -24.32 68.01 66.03
C SER CI 33 -24.45 69.34 65.31
N GLU CI 34 -25.41 70.15 65.74
CA GLU CI 34 -25.62 71.48 65.18
C GLU CI 34 -25.81 72.47 66.33
N CYS CI 35 -25.44 73.72 66.09
CA CYS CI 35 -25.61 74.77 67.09
C CYS CI 35 -26.48 75.87 66.52
N LEU CI 36 -27.36 76.43 67.35
CA LEU CI 36 -28.26 77.49 66.94
C LEU CI 36 -28.09 78.69 67.86
N ASP CI 37 -28.24 79.88 67.30
CA ASP CI 37 -28.24 81.11 68.06
C ASP CI 37 -29.67 81.53 68.34
N LYS CI 38 -29.81 82.62 69.10
CA LYS CI 38 -31.13 83.07 69.54
C LYS CI 38 -31.92 83.63 68.37
N GLY CI 39 -33.14 83.12 68.21
CA GLY CI 39 -34.03 83.59 67.18
C GLY CI 39 -34.07 82.72 65.94
N GLU CI 40 -33.11 81.83 65.78
CA GLU CI 40 -33.13 80.95 64.63
C GLU CI 40 -34.16 79.85 64.83
N VAL CI 41 -34.56 79.22 63.73
CA VAL CI 41 -35.53 78.14 63.72
C VAL CI 41 -35.00 77.06 62.81
N LEU CI 42 -34.90 75.84 63.34
CA LEU CI 42 -34.47 74.70 62.57
C LEU CI 42 -35.65 73.75 62.39
N ILE CI 43 -35.95 73.43 61.14
CA ILE CI 43 -36.97 72.44 60.81
C ILE CI 43 -36.24 71.18 60.39
N ALA CI 44 -36.40 70.11 61.17
CA ALA CI 44 -35.60 68.92 60.98
C ALA CI 44 -36.49 67.72 60.69
N GLN CI 45 -36.19 67.03 59.60
CA GLN CI 45 -36.87 65.81 59.24
C GLN CI 45 -36.08 64.60 59.72
N PHE CI 46 -36.78 63.50 59.93
CA PHE CI 46 -36.11 62.27 60.35
C PHE CI 46 -35.68 61.46 59.15
N THR CI 47 -34.38 61.22 59.05
CA THR CI 47 -33.84 60.37 58.01
C THR CI 47 -33.80 58.95 58.54
N GLU CI 48 -33.14 58.08 57.79
CA GLU CI 48 -32.83 56.76 58.32
C GLU CI 48 -31.76 56.84 59.40
N HIS CI 49 -30.75 57.68 59.16
CA HIS CI 49 -29.67 57.89 60.12
C HIS CI 49 -30.13 58.58 61.40
N THR CI 50 -30.72 59.75 61.28
CA THR CI 50 -31.21 60.52 62.42
C THR CI 50 -32.47 59.84 62.93
N SER CI 51 -32.31 58.96 63.92
CA SER CI 51 -33.42 58.29 64.55
C SER CI 51 -33.72 58.83 65.93
N ALA CI 52 -32.92 59.75 66.43
CA ALA CI 52 -33.12 60.35 67.74
C ALA CI 52 -32.51 61.74 67.73
N ILE CI 53 -33.22 62.67 68.35
CA ILE CI 53 -32.80 64.07 68.38
C ILE CI 53 -32.84 64.54 69.82
N LYS CI 54 -31.70 65.03 70.31
CA LYS CI 54 -31.58 65.54 71.66
C LYS CI 54 -31.38 67.05 71.59
N VAL CI 55 -32.09 67.78 72.44
CA VAL CI 55 -32.08 69.24 72.43
C VAL CI 55 -31.63 69.72 73.80
N ARG CI 56 -30.60 70.55 73.83
CA ARG CI 56 -30.10 71.14 75.06
C ARG CI 56 -30.45 72.62 75.07
N GLY CI 57 -30.37 73.23 76.24
CA GLY CI 57 -30.59 74.66 76.37
C GLY CI 57 -32.05 75.03 76.24
N LYS CI 58 -32.30 76.33 76.29
CA LYS CI 58 -33.66 76.84 76.25
C LYS CI 58 -34.12 76.92 74.80
N ALA CI 59 -35.12 76.13 74.45
CA ALA CI 59 -35.64 76.10 73.10
C ALA CI 59 -37.12 75.77 73.15
N TYR CI 60 -37.81 76.08 72.06
CA TYR CI 60 -39.25 75.90 71.95
C TYR CI 60 -39.53 74.97 70.78
N ILE CI 61 -40.05 73.78 71.07
CA ILE CI 61 -40.17 72.71 70.08
C ILE CI 61 -41.64 72.50 69.75
N GLN CI 62 -41.94 72.42 68.47
CA GLN CI 62 -43.24 72.01 67.97
C GLN CI 62 -43.09 70.68 67.24
N THR CI 63 -43.84 69.68 67.67
CA THR CI 63 -43.90 68.41 67.00
C THR CI 63 -45.34 68.16 66.56
N SER CI 64 -45.59 66.95 66.07
CA SER CI 64 -46.96 66.57 65.75
C SER CI 64 -47.79 66.39 67.00
N HIS CI 65 -47.17 65.98 68.10
CA HIS CI 65 -47.87 65.75 69.35
C HIS CI 65 -48.16 67.03 70.11
N GLY CI 66 -47.63 68.17 69.66
CA GLY CI 66 -47.87 69.42 70.33
C GLY CI 66 -46.57 70.17 70.52
N VAL CI 67 -46.57 71.09 71.49
CA VAL CI 67 -45.42 71.93 71.74
C VAL CI 67 -44.83 71.56 73.09
N ILE CI 68 -43.57 71.96 73.28
CA ILE CI 68 -42.83 71.67 74.50
C ILE CI 68 -41.71 72.70 74.60
N GLU CI 69 -41.16 72.86 75.79
CA GLU CI 69 -40.14 73.88 76.03
C GLU CI 69 -38.94 73.28 76.74
N SER CI 70 -37.88 73.01 76.00
CA SER CI 70 -36.67 72.48 76.58
C SER CI 70 -35.90 73.58 77.29
N GLU CI 71 -35.22 73.23 78.36
CA GLU CI 71 -34.42 74.20 79.09
C GLU CI 71 -32.98 73.74 79.28
N ASP DI 6 -45.36 67.97 54.19
CA ASP DI 6 -44.30 67.76 53.22
C ASP DI 6 -43.60 69.05 52.83
N PHE DI 7 -44.21 70.19 53.15
CA PHE DI 7 -43.67 71.47 52.71
C PHE DI 7 -43.95 72.54 53.75
N VAL DI 8 -43.11 73.57 53.73
CA VAL DI 8 -43.19 74.68 54.66
C VAL DI 8 -43.36 75.97 53.89
N VAL DI 9 -43.90 76.99 54.56
CA VAL DI 9 -44.16 78.29 53.96
C VAL DI 9 -43.47 79.34 54.80
N ILE DI 10 -42.53 80.07 54.20
CA ILE DI 10 -41.73 81.05 54.91
C ILE DI 10 -42.01 82.42 54.32
N LYS DI 11 -42.61 83.30 55.09
CA LYS DI 11 -42.82 84.69 54.67
C LYS DI 11 -41.74 85.54 55.31
N ALA DI 12 -40.89 86.14 54.48
CA ALA DI 12 -39.79 86.92 55.04
C ALA DI 12 -40.29 88.30 55.44
N LEU DI 13 -40.38 88.53 56.75
CA LEU DI 13 -40.86 89.79 57.29
C LEU DI 13 -39.82 90.88 57.29
N GLU DI 14 -38.55 90.56 57.03
CA GLU DI 14 -37.51 91.57 56.96
C GLU DI 14 -36.55 91.15 55.86
N ASP DI 15 -35.68 92.08 55.48
CA ASP DI 15 -34.78 91.83 54.37
C ASP DI 15 -33.65 90.89 54.78
N GLY DI 16 -33.07 90.23 53.78
CA GLY DI 16 -31.92 89.40 54.00
C GLY DI 16 -32.16 88.14 54.81
N VAL DI 17 -33.36 87.57 54.74
CA VAL DI 17 -33.62 86.35 55.50
C VAL DI 17 -32.99 85.18 54.78
N ASN DI 18 -32.14 84.43 55.48
CA ASN DI 18 -31.41 83.32 54.90
C ASN DI 18 -32.18 82.04 55.15
N VAL DI 19 -32.18 81.15 54.17
CA VAL DI 19 -32.77 79.83 54.28
C VAL DI 19 -31.72 78.84 53.82
N ILE DI 20 -31.32 77.92 54.70
CA ILE DI 20 -30.19 77.04 54.45
C ILE DI 20 -30.70 75.63 54.25
N GLY DI 21 -30.36 75.04 53.12
CA GLY DI 21 -30.76 73.68 52.81
C GLY DI 21 -31.43 73.55 51.45
N SER DI 33 -28.06 77.44 49.96
CA SER DI 33 -28.47 78.66 50.65
C SER DI 33 -29.27 79.57 49.73
N GLU DI 34 -30.30 80.20 50.28
CA GLU DI 34 -31.13 81.14 49.55
C GLU DI 34 -31.35 82.38 50.41
N CYS DI 35 -31.55 83.52 49.75
CA CYS DI 35 -31.80 84.77 50.46
C CYS DI 35 -33.14 85.33 50.01
N LEU DI 36 -33.89 85.89 50.95
CA LEU DI 36 -35.20 86.47 50.67
C LEU DI 36 -35.23 87.91 51.15
N ASP DI 37 -35.96 88.75 50.42
CA ASP DI 37 -36.20 90.11 50.80
C ASP DI 37 -37.54 90.22 51.50
N LYS DI 38 -37.85 91.43 51.96
CA LYS DI 38 -39.07 91.64 52.74
C LYS DI 38 -40.30 91.53 51.87
N GLY DI 39 -41.25 90.69 52.30
CA GLY DI 39 -42.50 90.52 51.62
C GLY DI 39 -42.55 89.30 50.73
N GLU DI 40 -41.41 88.69 50.43
CA GLU DI 40 -41.43 87.48 49.63
C GLU DI 40 -41.88 86.30 50.46
N VAL DI 41 -42.31 85.25 49.77
CA VAL DI 41 -42.78 84.02 50.40
C VAL DI 41 -42.17 82.85 49.65
N LEU DI 42 -41.50 81.98 50.36
CA LEU DI 42 -40.89 80.79 49.79
C LEU DI 42 -41.64 79.57 50.29
N ILE DI 43 -42.13 78.76 49.38
CA ILE DI 43 -42.77 77.50 49.71
C ILE DI 43 -41.78 76.40 49.36
N ALA DI 44 -41.31 75.68 50.37
CA ALA DI 44 -40.22 74.74 50.19
C ALA DI 44 -40.66 73.33 50.54
N GLN DI 45 -40.43 72.41 49.61
CA GLN DI 45 -40.69 71.00 49.85
C GLN DI 45 -39.41 70.29 50.27
N PHE DI 46 -39.56 69.20 50.99
CA PHE DI 46 -38.41 68.41 51.41
C PHE DI 46 -38.06 67.37 50.37
N THR DI 47 -36.85 67.47 49.84
CA THR DI 47 -36.34 66.48 48.90
C THR DI 47 -35.64 65.40 49.71
N GLU DI 48 -34.93 64.52 48.99
CA GLU DI 48 -34.03 63.60 49.67
C GLU DI 48 -32.81 64.34 50.21
N HIS DI 49 -32.29 65.28 49.42
CA HIS DI 49 -31.14 66.07 49.82
C HIS DI 49 -31.45 67.02 50.96
N THR DI 50 -32.44 67.88 50.80
CA THR DI 50 -32.83 68.85 51.82
C THR DI 50 -33.56 68.10 52.92
N SER DI 51 -32.82 67.70 53.94
CA SER DI 51 -33.39 67.01 55.09
C SER DI 51 -33.46 67.91 56.32
N ALA DI 52 -32.96 69.13 56.23
CA ALA DI 52 -32.99 70.06 57.34
C ALA DI 52 -32.97 71.47 56.77
N ILE DI 53 -33.76 72.35 57.36
CA ILE DI 53 -33.90 73.72 56.91
C ILE DI 53 -33.71 74.64 58.09
N LYS DI 54 -32.75 75.55 57.98
CA LYS DI 54 -32.45 76.52 59.02
C LYS DI 54 -32.84 77.90 58.52
N VAL DI 55 -33.50 78.67 59.38
CA VAL DI 55 -34.03 79.97 59.01
C VAL DI 55 -33.44 81.01 59.94
N ARG DI 56 -32.80 82.03 59.38
CA ARG DI 56 -32.25 83.13 60.15
C ARG DI 56 -33.10 84.38 59.94
N GLY DI 57 -32.92 85.36 60.82
CA GLY DI 57 -33.60 86.63 60.67
C GLY DI 57 -35.08 86.53 61.01
N LYS DI 58 -35.75 87.65 60.85
CA LYS DI 58 -37.17 87.74 61.20
C LYS DI 58 -38.00 87.19 60.06
N ALA DI 59 -38.70 86.09 60.31
CA ALA DI 59 -39.53 85.46 59.30
C ALA DI 59 -40.71 84.78 59.99
N TYR DI 60 -41.73 84.50 59.21
CA TYR DI 60 -42.97 83.92 59.70
C TYR DI 60 -43.20 82.60 58.98
N ILE DI 61 -43.16 81.49 59.72
CA ILE DI 61 -43.14 80.16 59.14
C ILE DI 61 -44.46 79.47 59.45
N GLN DI 62 -45.05 78.86 58.44
CA GLN DI 62 -46.20 77.98 58.59
C GLN DI 62 -45.78 76.58 58.19
N THR DI 63 -45.95 75.63 59.10
CA THR DI 63 -45.73 74.22 58.83
C THR DI 63 -47.04 73.48 59.04
N SER DI 64 -46.95 72.15 58.99
CA SER DI 64 -48.11 71.33 59.31
C SER DI 64 -48.44 71.40 60.79
N HIS DI 65 -47.43 71.57 61.64
CA HIS DI 65 -47.63 71.63 63.08
C HIS DI 65 -48.14 72.98 63.56
N GLY DI 66 -48.22 73.97 62.69
CA GLY DI 66 -48.70 75.28 63.07
C GLY DI 66 -47.77 76.36 62.56
N VAL DI 67 -47.83 77.51 63.21
CA VAL DI 67 -47.06 78.67 62.80
C VAL DI 67 -46.02 78.96 63.87
N ILE DI 68 -45.00 79.71 63.47
CA ILE DI 68 -43.90 80.09 64.34
C ILE DI 68 -43.24 81.33 63.76
N GLU DI 69 -42.49 82.05 64.58
CA GLU DI 69 -41.89 83.31 64.16
C GLU DI 69 -40.41 83.33 64.49
N SER DI 70 -39.58 83.11 63.49
CA SER DI 70 -38.15 83.16 63.68
C SER DI 70 -37.67 84.59 63.75
N GLU DI 71 -36.64 84.84 64.54
CA GLU DI 71 -36.08 86.18 64.66
C GLU DI 71 -34.57 86.20 64.39
N ASP EI 6 -50.37 68.98 48.09
CA ASP EI 6 -49.58 68.71 46.90
C ASP EI 6 -49.52 69.89 45.94
N PHE EI 7 -50.40 70.87 46.14
CA PHE EI 7 -50.48 71.99 45.21
C PHE EI 7 -50.86 73.25 45.94
N VAL EI 8 -50.48 74.38 45.35
CA VAL EI 8 -50.72 75.70 45.92
C VAL EI 8 -51.55 76.52 44.93
N VAL EI 9 -52.22 77.54 45.45
CA VAL EI 9 -53.07 78.41 44.65
C VAL EI 9 -52.62 79.85 44.86
N ILE EI 10 -52.19 80.50 43.80
CA ILE EI 10 -51.66 81.85 43.87
C ILE EI 10 -52.55 82.78 43.07
N LYS EI 11 -53.21 83.70 43.74
CA LYS EI 11 -54.00 84.72 43.07
C LYS EI 11 -53.17 86.00 43.01
N ALA EI 12 -52.85 86.45 41.81
CA ALA EI 12 -52.01 87.62 41.70
C ALA EI 12 -52.84 88.89 41.86
N LEU EI 13 -52.67 89.55 42.99
CA LEU EI 13 -53.43 90.75 43.32
C LEU EI 13 -52.89 92.00 42.65
N GLU EI 14 -51.70 91.94 42.05
CA GLU EI 14 -51.14 93.07 41.32
C GLU EI 14 -50.41 92.54 40.11
N ASP EI 15 -50.07 93.44 39.21
CA ASP EI 15 -49.45 93.03 37.96
C ASP EI 15 -48.00 92.63 38.17
N GLY EI 16 -47.50 91.81 37.25
CA GLY EI 16 -46.10 91.44 37.25
C GLY EI 16 -45.66 90.57 38.39
N VAL EI 17 -46.54 89.73 38.93
CA VAL EI 17 -46.14 88.86 40.02
C VAL EI 17 -45.33 87.69 39.47
N ASN EI 18 -44.12 87.52 39.99
CA ASN EI 18 -43.22 86.49 39.51
C ASN EI 18 -43.38 85.24 40.36
N VAL EI 19 -43.31 84.08 39.73
CA VAL EI 19 -43.33 82.79 40.40
C VAL EI 19 -42.15 82.01 39.88
N ILE EI 20 -41.24 81.63 40.77
CA ILE EI 20 -39.97 81.03 40.38
C ILE EI 20 -39.97 79.56 40.76
N GLY EI 21 -39.74 78.70 39.78
CA GLY EI 21 -39.69 77.27 40.03
C GLY EI 21 -40.59 76.48 39.09
N SER EI 33 -39.34 80.24 35.49
CA SER EI 33 -39.98 81.48 35.92
C SER EI 33 -41.25 81.75 35.15
N GLU EI 34 -42.27 82.25 35.84
CA GLU EI 34 -43.54 82.61 35.23
C GLU EI 34 -43.96 83.98 35.73
N CYS EI 35 -44.72 84.70 34.92
CA CYS EI 35 -45.22 86.01 35.30
C CYS EI 35 -46.74 86.02 35.24
N LEU EI 36 -47.37 86.68 36.20
CA LEU EI 36 -48.82 86.76 36.27
C LEU EI 36 -49.26 88.21 36.31
N ASP EI 37 -50.40 88.49 35.69
CA ASP EI 37 -51.02 89.81 35.75
C ASP EI 37 -52.08 89.82 36.83
N LYS EI 38 -52.68 90.99 37.03
CA LYS EI 38 -53.65 91.16 38.10
C LYS EI 38 -54.94 90.42 37.81
N GLY EI 39 -55.37 89.60 38.76
CA GLY EI 39 -56.59 88.87 38.65
C GLY EI 39 -56.44 87.44 38.21
N GLU EI 40 -55.27 87.07 37.70
CA GLU EI 40 -55.05 85.69 37.31
C GLU EI 40 -54.81 84.83 38.54
N VAL EI 41 -55.00 83.53 38.37
CA VAL EI 41 -54.82 82.55 39.43
C VAL EI 41 -54.05 81.38 38.85
N LEU EI 42 -52.93 81.04 39.48
CA LEU EI 42 -52.11 79.92 39.08
C LEU EI 42 -52.21 78.83 40.13
N ILE EI 43 -52.59 77.63 39.71
CA ILE EI 43 -52.63 76.47 40.57
C ILE EI 43 -51.42 75.62 40.20
N ALA EI 44 -50.49 75.46 41.13
CA ALA EI 44 -49.21 74.84 40.82
C ALA EI 44 -49.02 73.60 41.67
N GLN EI 45 -48.71 72.49 41.03
CA GLN EI 45 -48.37 71.26 41.71
C GLN EI 45 -46.86 71.11 41.81
N PHE EI 46 -46.41 70.35 42.80
CA PHE EI 46 -45.00 70.11 42.97
C PHE EI 46 -44.57 68.87 42.20
N THR EI 47 -43.65 69.07 41.26
CA THR EI 47 -43.07 67.97 40.52
C THR EI 47 -41.85 67.48 41.27
N GLU EI 48 -41.08 66.61 40.61
CA GLU EI 48 -39.77 66.27 41.14
C GLU EI 48 -38.81 67.44 40.97
N HIS EI 49 -38.88 68.12 39.84
CA HIS EI 49 -38.03 69.27 39.55
C HIS EI 49 -38.37 70.46 40.43
N THR EI 50 -39.61 70.93 40.41
CA THR EI 50 -40.05 72.06 41.20
C THR EI 50 -40.15 71.62 42.65
N SER EI 51 -39.08 71.83 43.40
CA SER EI 51 -39.06 71.51 44.82
C SER EI 51 -39.13 72.75 45.70
N ALA EI 52 -39.13 73.94 45.10
CA ALA EI 52 -39.23 75.17 45.85
C ALA EI 52 -39.86 76.22 44.96
N ILE EI 53 -40.74 77.02 45.54
CA ILE EI 53 -41.47 78.04 44.80
C ILE EI 53 -41.33 79.36 45.54
N LYS EI 54 -40.82 80.37 44.84
CA LYS EI 54 -40.64 81.70 45.40
C LYS EI 54 -41.62 82.64 44.74
N VAL EI 55 -42.27 83.48 45.53
CA VAL EI 55 -43.31 84.38 45.04
C VAL EI 55 -42.92 85.80 45.38
N ARG EI 56 -42.86 86.66 44.36
CA ARG EI 56 -42.57 88.07 44.55
C ARG EI 56 -43.83 88.88 44.34
N GLY EI 57 -43.81 90.13 44.79
CA GLY EI 57 -44.91 91.03 44.56
C GLY EI 57 -46.11 90.71 45.43
N LYS EI 58 -47.17 91.47 45.23
CA LYS EI 58 -48.38 91.32 46.01
C LYS EI 58 -49.23 90.19 45.45
N ALA EI 59 -49.39 89.13 46.23
CA ALA EI 59 -50.16 87.98 45.81
C ALA EI 59 -50.79 87.33 47.02
N TYR EI 60 -51.81 86.53 46.77
CA TYR EI 60 -52.58 85.88 47.82
C TYR EI 60 -52.50 84.38 47.62
N ILE EI 61 -51.87 83.69 48.56
CA ILE EI 61 -51.53 82.27 48.39
C ILE EI 61 -52.38 81.44 49.34
N GLN EI 62 -52.95 80.37 48.82
CA GLN EI 62 -53.61 79.34 49.61
C GLN EI 62 -52.83 78.06 49.48
N THR EI 63 -52.42 77.51 50.61
CA THR EI 63 -51.77 76.20 50.67
C THR EI 63 -52.63 75.29 51.53
N SER EI 64 -52.08 74.11 51.82
CA SER EI 64 -52.75 73.21 52.74
C SER EI 64 -52.69 73.73 54.17
N HIS EI 65 -51.63 74.45 54.50
CA HIS EI 65 -51.46 75.01 55.84
C HIS EI 65 -52.29 76.24 56.09
N GLY EI 66 -52.93 76.80 55.07
CA GLY EI 66 -53.75 77.98 55.24
C GLY EI 66 -53.43 78.98 54.16
N VAL EI 67 -53.74 80.25 54.45
CA VAL EI 67 -53.55 81.33 53.49
C VAL EI 67 -52.46 82.25 53.99
N ILE EI 68 -51.92 83.03 53.05
CA ILE EI 68 -50.85 83.97 53.33
C ILE EI 68 -50.86 85.02 52.25
N GLU EI 69 -50.23 86.16 52.50
CA GLU EI 69 -50.26 87.28 51.57
C GLU EI 69 -48.86 87.80 51.33
N SER EI 70 -48.29 87.43 50.19
CA SER EI 70 -46.96 87.92 49.83
C SER EI 70 -47.05 89.34 49.33
N GLU EI 71 -46.00 90.11 49.60
CA GLU EI 71 -45.96 91.50 49.14
C GLU EI 71 -44.69 91.80 48.36
N ASP FI 6 -56.79 66.47 44.03
CA ASP FI 6 -56.31 65.99 42.74
C ASP FI 6 -56.94 66.73 41.57
N PHE FI 7 -58.02 67.48 41.82
CA PHE FI 7 -58.74 68.11 40.74
C PHE FI 7 -59.33 69.44 41.22
N VAL FI 8 -59.55 70.33 40.26
CA VAL FI 8 -60.07 71.66 40.51
C VAL FI 8 -61.37 71.85 39.74
N VAL FI 9 -62.19 72.78 40.20
CA VAL FI 9 -63.47 73.07 39.59
C VAL FI 9 -63.52 74.55 39.25
N ILE FI 10 -63.66 74.86 37.97
CA ILE FI 10 -63.63 76.24 37.50
C ILE FI 10 -64.98 76.56 36.88
N LYS FI 11 -65.72 77.48 37.49
CA LYS FI 11 -66.97 77.96 36.93
C LYS FI 11 -66.69 79.29 36.25
N ALA FI 12 -66.90 79.34 34.94
CA ALA FI 12 -66.59 80.57 34.22
C ALA FI 12 -67.73 81.56 34.36
N LEU FI 13 -67.51 82.61 35.14
CA LEU FI 13 -68.52 83.62 35.41
C LEU FI 13 -68.65 84.64 34.29
N GLU FI 14 -67.74 84.65 33.32
CA GLU FI 14 -67.84 85.54 32.18
C GLU FI 14 -67.33 84.80 30.96
N ASP FI 15 -67.59 85.39 29.80
CA ASP FI 15 -67.24 84.72 28.55
C ASP FI 15 -65.74 84.79 28.31
N GLY FI 16 -65.26 83.85 27.50
CA GLY FI 16 -63.88 83.85 27.07
C GLY FI 16 -62.86 83.59 28.15
N VAL FI 17 -63.21 82.80 29.16
CA VAL FI 17 -62.24 82.52 30.22
C VAL FI 17 -61.26 81.46 29.72
N ASN FI 18 -59.97 81.79 29.77
CA ASN FI 18 -58.93 80.91 29.27
C ASN FI 18 -58.41 80.05 30.40
N VAL FI 19 -58.11 78.79 30.09
CA VAL FI 19 -57.49 77.87 31.03
C VAL FI 19 -56.30 77.27 30.32
N ILE FI 20 -55.10 77.46 30.87
CA ILE FI 20 -53.87 77.09 30.20
C ILE FI 20 -53.24 75.91 30.91
N GLY FI 21 -53.00 74.84 30.17
CA GLY FI 21 -52.39 73.65 30.73
C GLY FI 21 -53.17 72.39 30.44
N SER FI 33 -54.38 74.78 25.80
CA SER FI 33 -55.27 75.90 26.11
C SER FI 33 -56.71 75.55 25.83
N GLU FI 34 -57.61 76.01 26.71
CA GLU FI 34 -59.04 75.80 26.55
C GLU FI 34 -59.76 77.11 26.81
N CYS FI 35 -60.92 77.29 26.18
CA CYS FI 35 -61.73 78.48 26.38
C CYS FI 35 -63.10 78.09 26.88
N LEU FI 36 -63.64 78.87 27.82
CA LEU FI 36 -64.94 78.62 28.40
C LEU FI 36 -65.82 79.83 28.23
N ASP FI 37 -67.11 79.59 28.04
CA ASP FI 37 -68.12 80.64 28.00
C ASP FI 37 -68.77 80.78 29.35
N LYS FI 38 -69.67 81.76 29.46
CA LYS FI 38 -70.30 82.07 30.73
C LYS FI 38 -71.27 80.98 31.15
N GLY FI 39 -71.10 80.48 32.36
CA GLY FI 39 -71.97 79.47 32.91
C GLY FI 39 -71.44 78.06 32.82
N GLU FI 40 -70.42 77.83 32.03
CA GLU FI 40 -69.84 76.50 31.94
C GLU FI 40 -68.99 76.23 33.16
N VAL FI 41 -68.74 74.95 33.41
CA VAL FI 41 -67.94 74.49 34.54
C VAL FI 41 -66.99 73.43 34.03
N LEU FI 42 -65.70 73.62 34.26
CA LEU FI 42 -64.69 72.66 33.87
C LEU FI 42 -64.11 72.03 35.13
N ILE FI 43 -64.14 70.71 35.20
CA ILE FI 43 -63.52 69.97 36.28
C ILE FI 43 -62.25 69.35 35.71
N ALA FI 44 -61.10 69.78 36.23
CA ALA FI 44 -59.83 69.42 35.64
C ALA FI 44 -58.98 68.66 36.63
N GLN FI 45 -58.48 67.50 36.22
CA GLN FI 45 -57.57 66.72 37.01
C GLN FI 45 -56.13 66.99 36.57
N PHE FI 46 -55.20 66.78 37.48
CA PHE FI 46 -53.80 66.96 37.17
C PHE FI 46 -53.19 65.68 36.63
N THR FI 47 -52.70 65.74 35.40
CA THR FI 47 -52.00 64.63 34.80
C THR FI 47 -50.53 64.75 35.13
N GLU FI 48 -49.71 63.92 34.48
CA GLU FI 48 -48.28 64.12 34.54
C GLU FI 48 -47.88 65.36 33.74
N HIS FI 49 -48.49 65.53 32.57
CA HIS FI 49 -48.23 66.68 31.71
C HIS FI 49 -48.70 67.99 32.32
N THR FI 50 -49.97 68.09 32.65
CA THR FI 50 -50.54 69.29 33.23
C THR FI 50 -50.08 69.39 34.68
N SER FI 51 -48.99 70.11 34.89
CA SER FI 51 -48.47 70.33 36.22
C SER FI 51 -48.72 71.75 36.72
N ALA FI 52 -49.31 72.60 35.90
CA ALA FI 52 -49.62 73.96 36.28
C ALA FI 52 -50.80 74.43 35.46
N ILE FI 53 -51.71 75.14 36.10
CA ILE FI 53 -52.93 75.62 35.46
C ILE FI 53 -53.07 77.11 35.73
N LYS FI 54 -53.16 77.89 34.67
CA LYS FI 54 -53.31 79.33 34.76
C LYS FI 54 -54.71 79.70 34.29
N VAL FI 55 -55.37 80.58 35.04
CA VAL FI 55 -56.75 80.97 34.76
C VAL FI 55 -56.80 82.47 34.54
N ARG FI 56 -57.33 82.89 33.41
CA ARG FI 56 -57.51 84.30 33.11
C ARG FI 56 -59.00 84.65 33.18
N GLY FI 57 -59.29 85.94 33.27
CA GLY FI 57 -60.66 86.40 33.25
C GLY FI 57 -61.38 86.12 34.55
N LYS FI 58 -62.65 86.48 34.57
CA LYS FI 58 -63.45 86.34 35.77
C LYS FI 58 -63.97 84.91 35.87
N ALA FI 59 -63.52 84.19 36.89
CA ALA FI 59 -63.93 82.81 37.10
C ALA FI 59 -63.93 82.51 38.59
N TYR FI 60 -64.63 81.45 38.95
CA TYR FI 60 -64.80 81.06 40.34
C TYR FI 60 -64.24 79.65 40.51
N ILE FI 61 -63.18 79.51 41.29
CA ILE FI 61 -62.43 78.27 41.37
C ILE FI 61 -62.63 77.65 42.73
N GLN FI 62 -62.91 76.36 42.75
CA GLN FI 62 -62.93 75.56 43.97
C GLN FI 62 -61.81 74.54 43.89
N THR FI 63 -60.93 74.56 44.88
CA THR FI 63 -59.88 73.56 45.02
C THR FI 63 -60.07 72.84 46.35
N SER FI 64 -59.10 72.00 46.69
CA SER FI 64 -59.12 71.36 48.00
C SER FI 64 -58.86 72.36 49.11
N HIS FI 65 -58.07 73.40 48.83
CA HIS FI 65 -57.74 74.41 49.82
C HIS FI 65 -58.85 75.42 50.05
N GLY FI 66 -59.91 75.38 49.24
CA GLY FI 66 -61.01 76.32 49.39
C GLY FI 66 -61.37 76.91 48.06
N VAL FI 67 -62.02 78.08 48.10
CA VAL FI 67 -62.50 78.75 46.91
C VAL FI 67 -61.71 80.02 46.71
N ILE FI 68 -61.76 80.52 45.47
CA ILE FI 68 -61.05 81.74 45.09
C ILE FI 68 -61.73 82.29 43.85
N GLU FI 69 -61.50 83.56 43.56
CA GLU FI 69 -62.18 84.23 42.46
C GLU FI 69 -61.17 84.95 41.58
N SER FI 70 -60.85 84.35 40.44
CA SER FI 70 -59.94 84.98 39.51
C SER FI 70 -60.65 86.07 38.73
N GLU FI 71 -59.92 87.11 38.37
CA GLU FI 71 -60.49 88.21 37.60
C GLU FI 71 -59.67 88.51 36.35
N ASP GI 6 -62.50 60.83 43.74
CA ASP GI 6 -62.23 60.05 42.54
C ASP GI 6 -63.35 60.12 41.53
N PHE GI 7 -64.52 60.59 41.95
CA PHE GI 7 -65.68 60.58 41.07
C PHE GI 7 -66.58 61.77 41.37
N VAL GI 8 -67.34 62.16 40.36
CA VAL GI 8 -68.24 63.31 40.43
C VAL GI 8 -69.66 62.85 40.16
N VAL GI 9 -70.62 63.64 40.62
CA VAL GI 9 -72.04 63.33 40.46
C VAL GI 9 -72.71 64.52 39.79
N ILE GI 10 -73.27 64.29 38.61
CA ILE GI 10 -73.89 65.36 37.83
C ILE GI 10 -75.36 65.07 37.67
N LYS GI 11 -76.20 65.91 38.25
CA LYS GI 11 -77.64 65.81 38.06
C LYS GI 11 -78.06 66.82 37.01
N ALA GI 12 -78.58 66.35 35.89
CA ALA GI 12 -78.94 67.26 34.82
C ALA GI 12 -80.29 67.89 35.11
N LEU GI 13 -80.28 69.18 35.46
CA LEU GI 13 -81.50 69.90 35.80
C LEU GI 13 -82.27 70.37 34.58
N GLU GI 14 -81.70 70.28 33.40
CA GLU GI 14 -82.41 70.65 32.17
C GLU GI 14 -81.98 69.69 31.08
N ASP GI 15 -82.73 69.71 29.99
CA ASP GI 15 -82.47 68.76 28.91
C ASP GI 15 -81.22 69.14 28.14
N GLY GI 16 -80.64 68.13 27.48
CA GLY GI 16 -79.51 68.36 26.59
C GLY GI 16 -78.23 68.77 27.28
N VAL GI 17 -78.00 68.35 28.51
CA VAL GI 17 -76.77 68.73 29.18
C VAL GI 17 -75.62 67.87 28.66
N ASN GI 18 -74.58 68.53 28.16
CA ASN GI 18 -73.45 67.83 27.56
C ASN GI 18 -72.38 67.61 28.61
N VAL GI 19 -71.72 66.46 28.55
CA VAL GI 19 -70.59 66.15 29.40
C VAL GI 19 -69.48 65.67 28.49
N ILE GI 20 -68.35 66.36 28.52
CA ILE GI 20 -67.28 66.12 27.56
C ILE GI 20 -66.10 65.49 28.29
N GLY GI 21 -65.67 64.33 27.81
CA GLY GI 21 -64.54 63.63 28.40
C GLY GI 21 -64.85 62.18 28.73
N SER GI 33 -67.98 62.34 24.38
CA SER GI 33 -69.11 63.21 24.69
C SER GI 33 -70.35 62.41 25.06
N GLU GI 34 -71.09 62.89 26.03
CA GLU GI 34 -72.34 62.26 26.46
C GLU GI 34 -73.41 63.34 26.62
N CYS GI 35 -74.67 62.96 26.42
CA CYS GI 35 -75.78 63.88 26.58
C CYS GI 35 -76.73 63.35 27.63
N LEU GI 36 -77.27 64.23 28.46
CA LEU GI 36 -78.19 63.87 29.51
C LEU GI 36 -79.48 64.65 29.37
N ASP GI 37 -80.59 64.02 29.71
CA ASP GI 37 -81.89 64.68 29.76
C ASP GI 37 -82.19 65.11 31.18
N LYS GI 38 -83.32 65.79 31.34
CA LYS GI 38 -83.69 66.35 32.63
C LYS GI 38 -84.05 65.27 33.63
N GLY GI 39 -83.41 65.30 34.79
CA GLY GI 39 -83.68 64.38 35.85
C GLY GI 39 -82.71 63.22 35.94
N GLU GI 40 -81.91 63.00 34.91
CA GLU GI 40 -80.92 61.94 34.97
C GLU GI 40 -79.74 62.36 35.84
N VAL GI 41 -79.00 61.37 36.30
CA VAL GI 41 -77.83 61.59 37.14
C VAL GI 41 -76.71 60.70 36.63
N LEU GI 42 -75.57 61.30 36.33
CA LEU GI 42 -74.40 60.58 35.86
C LEU GI 42 -73.34 60.62 36.93
N ILE GI 43 -72.86 59.46 37.35
CA ILE GI 43 -71.76 59.35 38.28
C ILE GI 43 -70.54 58.94 37.48
N ALA GI 44 -69.55 59.82 37.43
CA ALA GI 44 -68.42 59.61 36.53
C ALA GI 44 -67.12 59.53 37.32
N GLN GI 45 -66.37 58.48 37.06
CA GLN GI 45 -65.05 58.31 37.66
C GLN GI 45 -63.99 58.77 36.67
N PHE GI 46 -62.84 59.16 37.22
CA PHE GI 46 -61.73 59.59 36.39
C PHE GI 46 -60.84 58.41 36.02
N THR GI 47 -60.74 58.15 34.72
CA THR GI 47 -59.85 57.12 34.22
C THR GI 47 -58.49 57.76 33.95
N GLU GI 48 -57.63 57.00 33.29
CA GLU GI 48 -56.40 57.59 32.79
C GLU GI 48 -56.69 58.51 31.61
N HIS GI 49 -57.60 58.08 30.73
CA HIS GI 49 -58.00 58.88 29.58
C HIS GI 49 -58.75 60.13 29.95
N THR GI 50 -59.86 60.00 30.68
CA THR GI 50 -60.67 61.13 31.09
C THR GI 50 -59.92 61.85 32.21
N SER GI 51 -59.16 62.88 31.83
CA SER GI 51 -58.44 63.69 32.78
C SER GI 51 -59.06 65.07 32.97
N ALA GI 52 -60.11 65.38 32.20
CA ALA GI 52 -60.80 66.65 32.32
C ALA GI 52 -62.23 66.45 31.88
N ILE GI 53 -63.15 67.08 32.60
CA ILE GI 53 -64.58 66.95 32.34
C ILE GI 53 -65.18 68.34 32.24
N LYS GI 54 -65.82 68.63 31.12
CA LYS GI 54 -66.46 69.91 30.90
C LYS GI 54 -67.97 69.70 30.88
N VAL GI 55 -68.70 70.58 31.55
CA VAL GI 55 -70.14 70.44 31.70
C VAL GI 55 -70.80 71.70 31.15
N ARG GI 56 -71.72 71.53 30.21
CA ARG GI 56 -72.48 72.63 29.64
C ARG GI 56 -73.90 72.57 30.14
N GLY GI 57 -74.62 73.67 30.00
CA GLY GI 57 -76.03 73.71 30.35
C GLY GI 57 -76.24 73.74 31.86
N LYS GI 58 -77.51 73.73 32.23
CA LYS GI 58 -77.88 73.81 33.64
C LYS GI 58 -77.79 72.44 34.27
N ALA GI 59 -76.86 72.29 35.21
CA ALA GI 59 -76.66 71.01 35.89
C ALA GI 59 -76.19 71.29 37.31
N TYR GI 60 -76.32 70.28 38.15
CA TYR GI 60 -75.98 70.38 39.56
C TYR GI 60 -74.93 69.33 39.88
N ILE GI 61 -73.73 69.77 40.23
CA ILE GI 61 -72.58 68.90 40.36
C ILE GI 61 -72.19 68.79 41.81
N GLN GI 62 -71.95 67.56 42.26
CA GLN GI 62 -71.37 67.27 43.56
C GLN GI 62 -70.01 66.63 43.35
N THR GI 63 -68.98 67.25 43.93
CA THR GI 63 -67.64 66.69 43.93
C THR GI 63 -67.22 66.47 45.37
N SER GI 64 -65.95 66.10 45.55
CA SER GI 64 -65.40 66.00 46.90
C SER GI 64 -65.26 67.36 47.55
N HIS GI 65 -65.02 68.40 46.76
CA HIS GI 65 -64.84 69.74 47.27
C HIS GI 65 -66.16 70.42 47.61
N GLY GI 66 -67.29 69.83 47.27
CA GLY GI 66 -68.57 70.42 47.56
C GLY GI 66 -69.46 70.37 46.34
N VAL GI 67 -70.45 71.26 46.31
CA VAL GI 67 -71.42 71.30 45.25
C VAL GI 67 -71.24 72.58 44.45
N ILE GI 68 -71.78 72.57 43.23
CA ILE GI 68 -71.69 73.70 42.32
C ILE GI 68 -72.82 73.57 41.32
N GLU GI 69 -73.15 74.66 40.64
CA GLU GI 69 -74.28 74.69 39.72
C GLU GI 69 -73.86 75.28 38.39
N SER GI 70 -73.65 74.42 37.41
CA SER GI 70 -73.29 74.90 36.08
C SER GI 70 -74.53 75.39 35.36
N GLU GI 71 -74.34 76.40 34.51
CA GLU GI 71 -75.45 76.94 33.74
C GLU GI 71 -75.15 76.97 32.25
N ASP HI 6 -65.99 54.53 46.89
CA ASP HI 6 -65.78 53.44 45.95
C ASP HI 6 -67.08 52.84 45.43
N PHE HI 7 -68.19 53.13 46.11
CA PHE HI 7 -69.45 52.51 45.77
C PHE HI 7 -70.61 53.46 46.03
N VAL HI 8 -71.70 53.23 45.30
CA VAL HI 8 -72.89 54.06 45.37
C VAL HI 8 -74.07 53.21 45.78
N VAL HI 9 -75.09 53.85 46.32
CA VAL HI 9 -76.30 53.17 46.79
C VAL HI 9 -77.49 53.80 46.12
N ILE HI 10 -78.23 53.01 45.34
CA ILE HI 10 -79.36 53.51 44.56
C ILE HI 10 -80.62 52.83 45.06
N LYS HI 11 -81.53 53.60 45.63
CA LYS HI 11 -82.82 53.09 46.04
C LYS HI 11 -83.84 53.49 44.97
N ALA HI 12 -84.43 52.49 44.32
CA ALA HI 12 -85.36 52.81 43.25
C ALA HI 12 -86.72 53.16 43.81
N LEU HI 13 -87.08 54.43 43.75
CA LEU HI 13 -88.33 54.92 44.29
C LEU HI 13 -89.52 54.67 43.38
N GLU HI 14 -89.28 54.26 42.14
CA GLU HI 14 -90.36 53.95 41.21
C GLU HI 14 -89.93 52.77 40.36
N ASP HI 15 -90.88 52.19 39.66
CA ASP HI 15 -90.60 50.98 38.90
C ASP HI 15 -89.81 51.32 37.64
N GLY HI 16 -89.10 50.31 37.12
CA GLY HI 16 -88.40 50.44 35.87
C GLY HI 16 -87.23 51.38 35.87
N VAL HI 17 -86.54 51.54 37.00
CA VAL HI 17 -85.39 52.44 37.03
C VAL HI 17 -84.21 51.76 36.38
N ASN HI 18 -83.63 52.39 35.38
CA ASN HI 18 -82.52 51.82 34.62
C ASN HI 18 -81.21 52.30 35.22
N VAL HI 19 -80.22 51.41 35.25
CA VAL HI 19 -78.88 51.73 35.68
C VAL HI 19 -77.93 51.22 34.61
N ILE HI 20 -77.17 52.11 34.00
CA ILE HI 20 -76.36 51.79 32.83
C ILE HI 20 -74.90 51.79 33.22
N GLY HI 21 -74.23 50.67 32.97
CA GLY HI 21 -72.82 50.56 33.27
C GLY HI 21 -72.49 49.33 34.09
N SER HI 33 -76.47 47.01 31.36
CA SER HI 33 -77.72 47.64 31.80
C SER HI 33 -78.45 46.77 32.81
N GLU HI 34 -79.04 47.41 33.82
CA GLU HI 34 -79.82 46.71 34.83
C GLU HI 34 -81.12 47.46 35.06
N CYS HI 35 -82.16 46.75 35.46
CA CYS HI 35 -83.45 47.36 35.75
C CYS HI 35 -83.84 47.06 37.19
N LEU HI 36 -84.43 48.05 37.85
CA LEU HI 36 -84.86 47.90 39.24
C LEU HI 36 -86.33 48.23 39.36
N ASP HI 37 -87.00 47.54 40.26
CA ASP HI 37 -88.39 47.83 40.59
C ASP HI 37 -88.46 48.70 41.83
N LYS HI 38 -89.67 49.09 42.20
CA LYS HI 38 -89.85 50.00 43.31
C LYS HI 38 -89.53 49.34 44.64
N GLY HI 39 -88.68 49.98 45.43
CA GLY HI 39 -88.31 49.49 46.73
C GLY HI 39 -87.01 48.74 46.77
N GLU HI 40 -86.46 48.34 45.63
CA GLU HI 40 -85.19 47.65 45.62
C GLU HI 40 -84.06 48.66 45.84
N VAL HI 41 -82.91 48.14 46.25
CA VAL HI 41 -81.72 48.93 46.50
C VAL HI 41 -80.54 48.21 45.88
N LEU HI 42 -79.81 48.91 45.03
CA LEU HI 42 -78.63 48.37 44.39
C LEU HI 42 -77.41 49.08 44.93
N ILE HI 43 -76.46 48.33 45.45
CA ILE HI 43 -75.18 48.86 45.91
C ILE HI 43 -74.16 48.48 44.86
N ALA HI 44 -73.58 49.47 44.20
CA ALA HI 44 -72.74 49.22 43.05
C ALA HI 44 -71.34 49.76 43.29
N GLN HI 45 -70.35 48.91 43.09
CA GLN HI 45 -68.96 49.30 43.16
C GLN HI 45 -68.42 49.60 41.77
N PHE HI 46 -67.39 50.43 41.72
CA PHE HI 46 -66.77 50.76 40.45
C PHE HI 46 -65.65 49.78 40.13
N THR HI 47 -65.81 49.08 39.02
CA THR HI 47 -64.77 48.18 38.54
C THR HI 47 -63.84 48.97 37.63
N GLU HI 48 -62.96 48.25 36.94
CA GLU HI 48 -62.21 48.87 35.86
C GLU HI 48 -63.11 49.15 34.67
N HIS HI 49 -63.99 48.21 34.35
CA HIS HI 49 -64.93 48.37 33.25
C HIS HI 49 -65.97 49.45 33.51
N THR HI 50 -66.71 49.35 34.59
CA THR HI 50 -67.74 50.32 34.94
C THR HI 50 -67.04 51.58 35.43
N SER HI 51 -66.82 52.53 34.53
CA SER HI 51 -66.22 53.80 34.87
C SER HI 51 -67.23 54.93 34.87
N ALA HI 52 -68.47 54.67 34.51
CA ALA HI 52 -69.51 55.68 34.49
C ALA HI 52 -70.85 54.99 34.69
N ILE HI 53 -71.71 55.60 35.49
CA ILE HI 53 -73.01 55.03 35.81
C ILE HI 53 -74.07 56.09 35.57
N LYS HI 54 -75.03 55.77 34.73
CA LYS HI 54 -76.13 56.66 34.40
C LYS HI 54 -77.41 56.09 34.99
N VAL HI 55 -78.21 56.96 35.61
CA VAL HI 55 -79.42 56.56 36.31
C VAL HI 55 -80.59 57.30 35.71
N ARG HI 56 -81.60 56.55 35.27
CA ARG HI 56 -82.82 57.13 34.73
C ARG HI 56 -83.95 56.93 35.72
N GLY HI 57 -85.03 57.67 35.54
CA GLY HI 57 -86.22 57.51 36.36
C GLY HI 57 -86.02 58.07 37.75
N LYS HI 58 -87.05 57.90 38.57
CA LYS HI 58 -87.06 58.43 39.92
C LYS HI 58 -86.31 57.47 40.84
N ALA HI 59 -85.19 57.93 41.38
CA ALA HI 59 -84.38 57.11 42.26
C ALA HI 59 -83.68 58.02 43.26
N TYR HI 60 -83.22 57.42 44.35
CA TYR HI 60 -82.59 58.14 45.45
C TYR HI 60 -81.19 57.58 45.63
N ILE HI 61 -80.17 58.41 45.38
CA ILE HI 61 -78.80 57.95 45.31
C ILE HI 61 -78.03 58.52 46.49
N GLN HI 62 -77.26 57.65 47.15
CA GLN HI 62 -76.31 58.05 48.16
C GLN HI 62 -74.90 57.73 47.65
N THR HI 63 -74.05 58.74 47.61
CA THR HI 63 -72.65 58.57 47.28
C THR HI 63 -71.82 59.04 48.46
N SER HI 64 -70.50 59.09 48.25
CA SER HI 64 -69.62 59.65 49.27
C SER HI 64 -69.82 61.15 49.40
N HIS HI 65 -70.17 61.83 48.31
CA HIS HI 65 -70.37 63.27 48.32
C HIS HI 65 -71.70 63.69 48.91
N GLY HI 66 -72.59 62.75 49.20
CA GLY HI 66 -73.87 63.08 49.75
C GLY HI 66 -74.97 62.35 49.03
N VAL HI 67 -76.19 62.88 49.12
CA VAL HI 67 -77.36 62.27 48.52
C VAL HI 67 -77.86 63.14 47.38
N ILE HI 68 -78.64 62.53 46.50
CA ILE HI 68 -79.21 63.21 45.35
C ILE HI 68 -80.44 62.41 44.91
N GLU HI 69 -81.30 63.05 44.12
CA GLU HI 69 -82.56 62.44 43.73
C GLU HI 69 -82.75 62.55 42.23
N SER HI 70 -82.49 61.46 41.52
CA SER HI 70 -82.69 61.45 40.08
C SER HI 70 -84.17 61.31 39.75
N GLU HI 71 -84.58 61.92 38.65
CA GLU HI 71 -85.97 61.84 38.22
C GLU HI 71 -86.10 61.37 36.79
N ASP II 6 85.96 -40.85 22.08
CA ASP II 6 85.32 -39.71 21.43
C ASP II 6 86.31 -38.71 20.85
N PHE II 7 87.57 -38.83 21.24
CA PHE II 7 88.56 -37.84 20.83
C PHE II 7 89.92 -38.51 20.67
N VAL II 8 90.75 -37.89 19.85
CA VAL II 8 92.08 -38.38 19.53
C VAL II 8 93.10 -37.33 19.90
N VAL II 9 94.34 -37.77 20.11
CA VAL II 9 95.43 -36.89 20.50
C VAL II 9 96.56 -37.07 19.50
N ILE II 10 96.93 -36.00 18.80
CA ILE II 10 97.94 -36.06 17.76
C ILE II 10 99.10 -35.17 18.16
N LYS II 11 100.25 -35.76 18.40
CA LYS II 11 101.47 -35.01 18.67
C LYS II 11 102.27 -34.95 17.38
N ALA II 12 102.48 -33.75 16.86
CA ALA II 12 103.20 -33.62 15.60
C ALA II 12 104.70 -33.70 15.85
N LEU II 13 105.30 -34.82 15.44
CA LEU II 13 106.72 -35.05 15.65
C LEU II 13 107.59 -34.35 14.61
N GLU II 14 107.00 -33.82 13.55
CA GLU II 14 107.76 -33.08 12.54
C GLU II 14 106.90 -31.93 12.06
N ASP II 15 107.53 -31.02 11.35
CA ASP II 15 106.83 -29.82 10.91
C ASP II 15 105.87 -30.13 9.77
N GLY II 16 104.87 -29.27 9.62
CA GLY II 16 103.95 -29.36 8.50
C GLY II 16 103.04 -30.57 8.50
N VAL II 17 102.68 -31.08 9.67
CA VAL II 17 101.79 -32.23 9.70
C VAL II 17 100.36 -31.77 9.43
N ASN II 18 99.73 -32.36 8.43
CA ASN II 18 98.39 -31.98 8.02
C ASN II 18 97.38 -32.86 8.72
N VAL II 19 96.26 -32.27 9.11
CA VAL II 19 95.14 -32.99 9.69
C VAL II 19 93.90 -32.58 8.92
N ILE II 20 93.23 -33.53 8.29
CA ILE II 20 92.14 -33.23 7.36
C ILE II 20 90.84 -33.67 7.99
N GLY II 21 89.89 -32.74 8.11
CA GLY II 21 88.59 -33.05 8.66
C GLY II 21 88.19 -32.10 9.77
N SER II 33 90.88 -28.42 6.96
CA SER II 33 92.30 -28.76 7.03
C SER II 33 93.02 -27.91 8.06
N GLU II 34 93.94 -28.54 8.80
CA GLU II 34 94.75 -27.83 9.78
C GLU II 34 96.21 -28.26 9.62
N CYS II 35 97.13 -27.38 9.97
CA CYS II 35 98.54 -27.68 9.90
C CYS II 35 99.16 -27.53 11.28
N LEU II 36 100.09 -28.43 11.61
CA LEU II 36 100.76 -28.41 12.89
C LEU II 36 102.27 -28.37 12.68
N ASP II 37 102.96 -27.68 13.59
CA ASP II 37 104.41 -27.66 13.60
C ASP II 37 104.92 -28.68 14.60
N LYS II 38 106.25 -28.80 14.66
CA LYS II 38 106.87 -29.81 15.50
C LYS II 38 106.72 -29.48 16.97
N GLY II 39 106.21 -30.45 17.74
CA GLY II 39 106.04 -30.29 19.16
C GLY II 39 104.64 -29.91 19.59
N GLU II 40 103.80 -29.48 18.67
CA GLU II 40 102.43 -29.16 19.03
C GLU II 40 101.63 -30.44 19.21
N VAL II 41 100.50 -30.31 19.92
CA VAL II 41 99.61 -31.42 20.19
C VAL II 41 98.20 -30.93 19.96
N LEU II 42 97.47 -31.64 19.11
CA LEU II 42 96.08 -31.32 18.82
C LEU II 42 95.19 -32.41 19.39
N ILE II 43 94.24 -32.01 20.23
CA ILE II 43 93.25 -32.93 20.76
C ILE II 43 91.95 -32.65 20.03
N ALA II 44 91.48 -33.64 19.26
CA ALA II 44 90.37 -33.42 18.36
C ALA II 44 89.21 -34.33 18.72
N GLN II 45 88.04 -33.75 18.87
CA GLN II 45 86.82 -34.49 19.11
C GLN II 45 86.06 -34.68 17.80
N PHE II 46 85.26 -35.73 17.74
CA PHE II 46 84.45 -35.99 16.56
C PHE II 46 83.11 -35.29 16.66
N THR II 47 82.86 -34.39 15.72
CA THR II 47 81.57 -33.73 15.62
C THR II 47 80.67 -34.57 14.74
N GLU II 48 79.52 -33.99 14.38
CA GLU II 48 78.70 -34.59 13.34
C GLU II 48 79.36 -34.44 11.99
N HIS II 49 79.93 -33.26 11.72
CA HIS II 49 80.61 -32.98 10.47
C HIS II 49 81.89 -33.79 10.30
N THR II 50 82.81 -33.69 11.24
CA THR II 50 84.08 -34.41 11.19
C THR II 50 83.80 -35.86 11.52
N SER II 51 83.59 -36.67 10.47
CA SER II 51 83.38 -38.09 10.64
C SER II 51 84.58 -38.92 10.22
N ALA II 52 85.64 -38.27 9.71
CA ALA II 52 86.84 -38.97 9.30
C ALA II 52 88.01 -38.00 9.41
N ILE II 53 89.13 -38.49 9.90
CA ILE II 53 90.31 -37.68 10.12
C ILE II 53 91.49 -38.37 9.46
N LYS II 54 92.16 -37.67 8.55
CA LYS II 54 93.33 -38.19 7.86
C LYS II 54 94.55 -37.42 8.33
N VAL II 55 95.63 -38.14 8.60
CA VAL II 55 96.85 -37.56 9.16
C VAL II 55 97.99 -37.87 8.22
N ARG II 56 98.69 -36.82 7.78
CA ARG II 56 99.86 -36.97 6.93
C ARG II 56 101.11 -36.65 7.73
N GLY II 57 102.26 -37.06 7.21
CA GLY II 57 103.53 -36.74 7.83
C GLY II 57 103.78 -37.55 9.09
N LYS II 58 104.90 -37.25 9.72
CA LYS II 58 105.31 -37.98 10.91
C LYS II 58 104.60 -37.42 12.13
N ALA II 59 103.74 -38.23 12.74
CA ALA II 59 102.99 -37.81 13.90
C ALA II 59 102.74 -39.02 14.79
N TYR II 60 102.42 -38.74 16.04
CA TYR II 60 102.21 -39.78 17.05
C TYR II 60 100.80 -39.65 17.60
N ILE II 61 99.96 -40.64 17.34
CA ILE II 61 98.53 -40.56 17.61
C ILE II 61 98.18 -41.49 18.76
N GLN II 62 97.42 -40.97 19.71
CA GLN II 62 96.81 -41.77 20.76
C GLN II 62 95.31 -41.73 20.59
N THR II 63 94.70 -42.90 20.47
CA THR II 63 93.26 -43.05 20.43
C THR II 63 92.82 -43.90 21.61
N SER II 64 91.54 -44.26 21.62
CA SER II 64 91.05 -45.19 22.64
C SER II 64 91.59 -46.59 22.41
N HIS II 65 91.83 -46.95 21.16
CA HIS II 65 92.33 -48.28 20.81
C HIS II 65 93.82 -48.44 21.06
N GLY II 66 94.53 -47.36 21.39
CA GLY II 66 95.95 -47.43 21.64
C GLY II 66 96.67 -46.33 20.90
N VAL II 67 97.96 -46.56 20.66
CA VAL II 67 98.80 -45.56 20.02
C VAL II 67 99.22 -46.08 18.66
N ILE II 68 99.65 -45.14 17.80
CA ILE II 68 100.08 -45.45 16.45
C ILE II 68 100.98 -44.32 15.99
N GLU II 69 101.76 -44.56 14.96
CA GLU II 69 102.75 -43.59 14.48
C GLU II 69 102.62 -43.40 12.98
N SER II 70 101.98 -42.31 12.58
CA SER II 70 101.86 -42.01 11.16
C SER II 70 103.15 -41.45 10.63
N GLU II 71 103.44 -41.74 9.37
CA GLU II 71 104.65 -41.23 8.74
C GLU II 71 104.35 -40.50 7.43
N ASP JI 6 85.93 -36.68 28.85
CA ASP JI 6 85.21 -35.45 28.54
C ASP JI 6 86.05 -34.21 28.75
N PHE JI 7 87.18 -34.34 29.44
CA PHE JI 7 87.98 -33.18 29.79
C PHE JI 7 89.44 -33.55 29.82
N VAL JI 8 90.28 -32.54 29.62
CA VAL JI 8 91.73 -32.70 29.58
C VAL JI 8 92.35 -31.82 30.63
N VAL JI 9 93.57 -32.17 31.03
CA VAL JI 9 94.30 -31.45 32.07
C VAL JI 9 95.65 -31.03 31.50
N ILE JI 10 95.91 -29.73 31.43
CA ILE JI 10 97.12 -29.21 30.83
C ILE JI 10 97.91 -28.47 31.89
N LYS JI 11 99.09 -28.98 32.22
CA LYS JI 11 99.99 -28.30 33.15
C LYS JI 11 101.04 -27.58 32.33
N ALA JI 12 101.08 -26.27 32.41
CA ALA JI 12 102.03 -25.52 31.60
C ALA JI 12 103.39 -25.53 32.25
N LEU JI 13 104.33 -26.28 31.67
CA LEU JI 13 105.67 -26.42 32.20
C LEU JI 13 106.57 -25.25 31.86
N GLU JI 14 106.15 -24.37 30.96
CA GLU JI 14 106.94 -23.18 30.63
C GLU JI 14 105.97 -22.04 30.39
N ASP JI 15 106.51 -20.84 30.34
CA ASP JI 15 105.68 -19.65 30.21
C ASP JI 15 105.13 -19.52 28.80
N GLY JI 16 104.02 -18.80 28.69
CA GLY JI 16 103.45 -18.48 27.40
C GLY JI 16 102.87 -19.65 26.63
N VAL JI 17 102.36 -20.67 27.33
CA VAL JI 17 101.79 -21.80 26.62
C VAL JI 17 100.41 -21.43 26.11
N ASN JI 18 100.19 -21.58 24.81
CA ASN JI 18 98.94 -21.19 24.18
C ASN JI 18 98.03 -22.39 24.11
N VAL JI 19 96.73 -22.17 24.33
CA VAL JI 19 95.71 -23.19 24.18
C VAL JI 19 94.63 -22.61 23.29
N ILE JI 20 94.37 -23.24 22.16
CA ILE JI 20 93.50 -22.69 21.14
C ILE JI 20 92.22 -23.49 21.09
N GLY JI 21 91.09 -22.82 21.26
CA GLY JI 21 89.80 -23.49 21.19
C GLY JI 21 88.93 -23.18 22.40
N SER JI 33 91.28 -18.37 22.29
CA SER JI 33 92.67 -18.55 22.66
C SER JI 33 92.91 -18.18 24.12
N GLU JI 34 93.75 -18.95 24.80
CA GLU JI 34 94.12 -18.69 26.18
C GLU JI 34 95.62 -18.84 26.33
N CYS JI 35 96.20 -18.11 27.28
CA CYS JI 35 97.62 -18.19 27.54
C CYS JI 35 97.84 -18.61 29.00
N LEU JI 36 98.84 -19.45 29.22
CA LEU JI 36 99.17 -19.95 30.55
C LEU JI 36 100.62 -19.66 30.86
N ASP JI 37 100.89 -19.38 32.13
CA ASP JI 37 102.25 -19.20 32.61
C ASP JI 37 102.74 -20.49 33.24
N LYS JI 38 103.99 -20.49 33.67
CA LYS JI 38 104.62 -21.70 34.19
C LYS JI 38 104.03 -22.06 35.54
N GLY JI 39 103.60 -23.32 35.66
CA GLY JI 39 103.07 -23.84 36.89
C GLY JI 39 101.57 -23.85 36.96
N GLU JI 40 100.88 -23.15 36.07
CA GLU JI 40 99.44 -23.17 36.07
C GLU JI 40 98.93 -24.47 35.48
N VAL JI 41 97.68 -24.79 35.77
CA VAL JI 41 97.03 -25.99 35.29
C VAL JI 41 95.64 -25.61 34.83
N LEU JI 42 95.32 -25.93 33.58
CA LEU JI 42 94.01 -25.68 33.02
C LEU JI 42 93.29 -26.99 32.81
N ILE JI 43 92.10 -27.11 33.38
CA ILE JI 43 91.25 -28.27 33.16
C ILE JI 43 90.15 -27.84 32.22
N ALA JI 44 90.11 -28.43 31.04
CA ALA JI 44 89.24 -27.96 29.98
C ALA JI 44 88.27 -29.05 29.56
N GLN JI 45 86.99 -28.72 29.55
CA GLN JI 45 85.97 -29.62 29.07
C GLN JI 45 85.62 -29.28 27.63
N PHE JI 46 85.11 -30.28 26.90
CA PHE JI 46 84.70 -30.07 25.53
C PHE JI 46 83.24 -29.63 25.47
N THR JI 47 83.02 -28.44 24.93
CA THR JI 47 81.68 -27.95 24.70
C THR JI 47 81.24 -28.40 23.32
N GLU JI 48 80.11 -27.85 22.87
CA GLU JI 48 79.73 -28.02 21.47
C GLU JI 48 80.63 -27.20 20.58
N HIS JI 49 80.96 -25.97 20.99
CA HIS JI 49 81.84 -25.09 20.24
C HIS JI 49 83.26 -25.60 20.18
N THR JI 50 83.89 -25.82 21.34
CA THR JI 50 85.27 -26.30 21.41
C THR JI 50 85.27 -27.78 21.03
N SER JI 51 85.51 -28.06 19.74
CA SER JI 51 85.60 -29.41 19.26
C SER JI 51 87.03 -29.83 18.95
N ALA JI 52 87.99 -28.92 19.09
CA ALA JI 52 89.39 -29.22 18.86
C ALA JI 52 90.23 -28.28 19.70
N ILE JI 53 91.29 -28.82 20.29
CA ILE JI 53 92.16 -28.07 21.17
C ILE JI 53 93.59 -28.25 20.71
N LYS JI 54 94.27 -27.16 20.43
CA LYS JI 54 95.66 -27.19 19.99
C LYS JI 54 96.51 -26.58 21.09
N VAL JI 55 97.64 -27.22 21.38
CA VAL JI 55 98.52 -26.83 22.47
C VAL JI 55 99.89 -26.55 21.91
N ARG JI 56 100.41 -25.35 22.16
CA ARG JI 56 101.75 -24.98 21.74
C ARG JI 56 102.66 -24.93 22.96
N GLY JI 57 103.96 -24.93 22.72
CA GLY JI 57 104.93 -24.77 23.78
C GLY JI 57 105.06 -26.03 24.62
N LYS JI 58 105.89 -25.94 25.64
CA LYS JI 58 106.17 -27.07 26.51
C LYS JI 58 105.07 -27.20 27.55
N ALA JI 59 104.31 -28.28 27.49
CA ALA JI 59 103.23 -28.51 28.42
C ALA JI 59 103.06 -30.01 28.63
N TYR JI 60 102.39 -30.35 29.71
CA TYR JI 60 102.19 -31.74 30.11
C TYR JI 60 100.69 -32.02 30.18
N ILE JI 61 100.21 -32.88 29.30
CA ILE JI 61 98.78 -33.08 29.11
C ILE JI 61 98.39 -34.45 29.63
N GLN JI 62 97.32 -34.50 30.40
CA GLN JI 62 96.68 -35.74 30.82
C GLN JI 62 95.30 -35.79 30.19
N THR JI 63 95.03 -36.85 29.44
CA THR JI 63 93.71 -37.12 28.89
C THR JI 63 93.23 -38.45 29.42
N SER JI 64 92.11 -38.91 28.89
CA SER JI 64 91.61 -40.23 29.24
C SER JI 64 92.51 -41.33 28.66
N HIS JI 65 93.12 -41.07 27.52
CA HIS JI 65 93.99 -42.04 26.86
C HIS JI 65 95.37 -42.12 27.48
N GLY JI 66 95.70 -41.24 28.41
CA GLY JI 66 97.00 -41.26 29.05
C GLY JI 66 97.60 -39.88 29.08
N VAL JI 67 98.91 -39.83 29.20
CA VAL JI 67 99.63 -38.57 29.31
C VAL JI 67 100.48 -38.38 28.06
N ILE JI 68 100.86 -37.12 27.83
CA ILE JI 68 101.66 -36.74 26.68
C ILE JI 68 102.35 -35.43 27.01
N GLU JI 69 103.41 -35.10 26.27
CA GLU JI 69 104.21 -33.93 26.56
C GLU JI 69 104.40 -33.09 25.30
N SER JI 70 103.65 -32.01 25.19
CA SER JI 70 103.80 -31.13 24.04
C SER JI 70 105.02 -30.26 24.22
N GLU JI 71 105.66 -29.92 23.11
CA GLU JI 71 106.83 -29.05 23.14
C GLU JI 71 106.69 -27.86 22.21
N ASP KI 6 83.49 -36.10 36.18
CA ASP KI 6 82.59 -34.97 36.22
C ASP KI 6 83.04 -33.88 37.18
N PHE KI 7 83.96 -34.20 38.08
CA PHE KI 7 84.36 -33.28 39.11
C PHE KI 7 85.84 -33.46 39.44
N VAL KI 8 86.43 -32.40 39.95
CA VAL KI 8 87.85 -32.36 40.31
C VAL KI 8 87.98 -32.02 41.78
N VAL KI 9 89.12 -32.38 42.36
CA VAL KI 9 89.40 -32.16 43.77
C VAL KI 9 90.71 -31.39 43.87
N ILE KI 10 90.65 -30.19 44.44
CA ILE KI 10 91.81 -29.33 44.54
C ILE KI 10 92.13 -29.11 46.00
N LYS KI 11 93.28 -29.58 46.44
CA LYS KI 11 93.76 -29.33 47.79
C LYS KI 11 94.78 -28.21 47.73
N ALA KI 12 94.47 -27.09 48.37
CA ALA KI 12 95.38 -25.95 48.29
C ALA KI 12 96.53 -26.13 49.27
N LEU KI 13 97.71 -26.40 48.75
CA LEU KI 13 98.89 -26.63 49.57
C LEU KI 13 99.55 -25.36 50.06
N GLU KI 14 99.15 -24.21 49.54
CA GLU KI 14 99.68 -22.94 49.99
C GLU KI 14 98.55 -21.91 49.97
N ASP KI 15 98.80 -20.78 50.60
CA ASP KI 15 97.75 -19.78 50.73
C ASP KI 15 97.53 -19.05 49.41
N GLY KI 16 96.34 -18.48 49.27
CA GLY KI 16 96.01 -17.66 48.13
C GLY KI 16 95.93 -18.38 46.81
N VAL KI 17 95.53 -19.65 46.80
CA VAL KI 17 95.43 -20.36 45.55
C VAL KI 17 94.15 -19.95 44.84
N ASN KI 18 94.28 -19.48 43.60
CA ASN KI 18 93.15 -18.98 42.84
C ASN KI 18 92.59 -20.10 41.98
N VAL KI 19 91.28 -20.14 41.85
CA VAL KI 19 90.58 -21.07 40.98
C VAL KI 19 89.62 -20.26 40.13
N ILE KI 20 89.80 -20.30 38.82
CA ILE KI 20 89.08 -19.42 37.91
C ILE KI 20 88.08 -20.24 37.12
N GLY KI 21 86.82 -19.85 37.19
CA GLY KI 21 85.77 -20.54 36.46
C GLY KI 21 84.60 -20.93 37.34
N SER KI 33 85.69 -16.41 40.00
CA SER KI 33 86.96 -16.61 40.68
C SER KI 33 86.77 -16.95 42.16
N GLU KI 34 87.58 -17.86 42.67
CA GLU KI 34 87.55 -18.25 44.07
C GLU KI 34 88.97 -18.28 44.61
N CYS KI 35 89.12 -18.04 45.91
CA CYS KI 35 90.43 -18.08 46.55
C CYS KI 35 90.39 -19.11 47.67
N LEU KI 36 91.49 -19.85 47.81
CA LEU KI 36 91.60 -20.88 48.85
C LEU KI 36 92.83 -20.62 49.69
N ASP KI 37 92.73 -20.93 50.97
CA ASP KI 37 93.85 -20.88 51.89
C ASP KI 37 94.48 -22.26 52.03
N LYS KI 38 95.57 -22.31 52.79
CA LYS KI 38 96.33 -23.55 52.92
C LYS KI 38 95.55 -24.58 53.73
N GLY KI 39 95.41 -25.78 53.17
CA GLY KI 39 94.75 -26.86 53.83
C GLY KI 39 93.31 -27.07 53.41
N GLU KI 40 92.70 -26.10 52.74
CA GLU KI 40 91.35 -26.28 52.28
C GLU KI 40 91.32 -27.18 51.05
N VAL KI 41 90.15 -27.74 50.78
CA VAL KI 41 89.92 -28.63 49.66
C VAL KI 41 88.63 -28.22 48.99
N LEU KI 42 88.69 -27.95 47.70
CA LEU KI 42 87.53 -27.60 46.92
C LEU KI 42 87.22 -28.72 45.95
N ILE KI 43 85.99 -29.22 46.01
CA ILE KI 43 85.51 -30.23 45.07
C ILE KI 43 84.59 -29.52 44.11
N ALA KI 44 84.96 -29.48 42.84
CA ALA KI 44 84.27 -28.65 41.86
C ALA KI 44 83.72 -29.51 40.75
N GLN KI 45 82.43 -29.36 40.47
CA GLN KI 45 81.79 -30.03 39.36
C GLN KI 45 81.71 -29.09 38.17
N PHE KI 46 81.64 -29.67 36.98
CA PHE KI 46 81.52 -28.87 35.77
C PHE KI 46 80.06 -28.62 35.43
N THR KI 47 79.69 -27.34 35.41
CA THR KI 47 78.36 -26.95 35.00
C THR KI 47 78.36 -26.73 33.49
N GLU KI 48 77.27 -26.16 32.99
CA GLU KI 48 77.27 -25.69 31.62
C GLU KI 48 78.15 -24.45 31.48
N HIS KI 49 78.06 -23.55 32.45
CA HIS KI 49 78.86 -22.33 32.47
C HIS KI 49 80.34 -22.60 32.64
N THR KI 50 80.72 -23.27 33.73
CA THR KI 50 82.11 -23.58 34.02
C THR KI 50 82.55 -24.69 33.07
N SER KI 51 83.14 -24.30 31.95
CA SER KI 51 83.67 -25.24 30.98
C SER KI 51 85.18 -25.32 31.00
N ALA KI 52 85.83 -24.49 31.81
CA ALA KI 52 87.28 -24.49 31.92
C ALA KI 52 87.66 -23.98 33.29
N ILE KI 53 88.65 -24.61 33.90
CA ILE KI 53 89.08 -24.29 35.25
C ILE KI 53 90.59 -24.09 35.23
N LYS KI 54 91.04 -22.92 35.66
CA LYS KI 54 92.44 -22.59 35.71
C LYS KI 54 92.86 -22.49 37.17
N VAL KI 55 94.01 -23.07 37.50
CA VAL KI 55 94.48 -23.15 38.87
C VAL KI 55 95.86 -22.50 38.94
N ARG KI 56 96.00 -21.52 39.83
CA ARG KI 56 97.28 -20.85 40.05
C ARG KI 56 97.84 -21.28 41.39
N GLY KI 57 99.12 -21.02 41.59
CA GLY KI 57 99.76 -21.31 42.87
C GLY KI 57 99.98 -22.79 43.09
N LYS KI 58 100.51 -23.10 44.27
CA LYS KI 58 100.83 -24.47 44.61
C LYS KI 58 99.59 -25.18 45.10
N ALA KI 59 99.15 -26.18 44.35
CA ALA KI 59 97.96 -26.94 44.71
C ALA KI 59 98.11 -28.36 44.20
N TYR KI 60 97.31 -29.26 44.77
CA TYR KI 60 97.36 -30.67 44.46
C TYR KI 60 96.01 -31.10 43.93
N ILE KI 61 95.95 -31.50 42.66
CA ILE KI 61 94.69 -31.73 41.97
C ILE KI 61 94.53 -33.22 41.71
N GLN KI 62 93.35 -33.74 42.01
CA GLN KI 62 92.95 -35.08 41.63
C GLN KI 62 91.80 -34.98 40.64
N THR KI 63 91.97 -35.57 39.48
CA THR KI 63 90.92 -35.69 38.48
C THR KI 63 90.65 -37.17 38.23
N SER KI 64 89.82 -37.43 37.22
CA SER KI 64 89.60 -38.80 36.80
C SER KI 64 90.84 -39.39 36.14
N HIS KI 65 91.62 -38.56 35.47
CA HIS KI 65 92.82 -39.01 34.77
C HIS KI 65 94.00 -39.24 35.70
N GLY KI 66 93.88 -38.87 36.97
CA GLY KI 66 94.96 -39.04 37.90
C GLY KI 66 95.19 -37.78 38.70
N VAL KI 67 96.41 -37.66 39.24
CA VAL KI 67 96.76 -36.53 40.08
C VAL KI 67 97.80 -35.69 39.37
N ILE KI 68 97.91 -34.45 39.84
CA ILE KI 68 98.85 -33.48 39.26
C ILE KI 68 99.10 -32.43 40.31
N GLU KI 69 100.19 -31.67 40.16
CA GLU KI 69 100.60 -30.69 41.15
C GLU KI 69 100.89 -29.35 40.49
N SER KI 70 99.94 -28.43 40.61
CA SER KI 70 100.14 -27.10 40.05
C SER KI 70 101.03 -26.29 40.95
N GLU KI 71 101.81 -25.40 40.36
CA GLU KI 71 102.71 -24.55 41.13
C GLU KI 71 102.51 -23.07 40.79
N ASP LI 6 79.22 -39.38 42.29
CA ASP LI 6 78.10 -38.46 42.51
C ASP LI 6 78.07 -37.90 43.92
N PHE LI 7 78.82 -38.50 44.84
CA PHE LI 7 78.76 -38.09 46.23
C PHE LI 7 80.12 -38.27 46.88
N VAL LI 8 80.33 -37.49 47.94
CA VAL LI 8 81.58 -37.48 48.68
C VAL LI 8 81.30 -37.83 50.13
N VAL LI 9 82.33 -38.30 50.82
CA VAL LI 9 82.23 -38.71 52.22
C VAL LI 9 83.27 -37.95 53.01
N ILE LI 10 82.83 -37.16 53.98
CA ILE LI 10 83.71 -36.30 54.76
C ILE LI 10 83.64 -36.74 56.21
N LYS LI 11 84.74 -37.25 56.75
CA LYS LI 11 84.83 -37.59 58.15
C LYS LI 11 85.55 -36.46 58.86
N ALA LI 12 84.87 -35.79 59.78
CA ALA LI 12 85.49 -34.66 60.44
C ALA LI 12 86.39 -35.14 61.57
N LEU LI 13 87.70 -35.04 61.36
CA LEU LI 13 88.69 -35.50 62.32
C LEU LI 13 88.91 -34.52 63.47
N GLU LI 14 88.39 -33.30 63.36
CA GLU LI 14 88.51 -32.32 64.44
C GLU LI 14 87.21 -31.53 64.49
N ASP LI 15 87.05 -30.78 65.57
CA ASP LI 15 85.81 -30.06 65.77
C ASP LI 15 85.73 -28.84 64.87
N GLY LI 16 84.50 -28.38 64.62
CA GLY LI 16 84.28 -27.17 63.87
C GLY LI 16 84.65 -27.22 62.42
N VAL LI 17 84.56 -28.39 61.77
CA VAL LI 17 84.90 -28.46 60.36
C VAL LI 17 83.76 -27.90 59.54
N ASN LI 18 84.06 -26.91 58.70
CA ASN LI 18 83.05 -26.24 57.91
C ASN LI 18 82.96 -26.90 56.54
N VAL LI 19 81.76 -27.01 56.02
CA VAL LI 19 81.51 -27.51 54.67
C VAL LI 19 80.61 -26.49 53.99
N ILE LI 20 81.08 -25.93 52.88
CA ILE LI 20 80.41 -24.81 52.24
C ILE LI 20 79.82 -25.27 50.92
N GLY LI 21 78.51 -25.08 50.76
CA GLY LI 21 77.84 -25.47 49.54
C GLY LI 21 76.62 -26.33 49.79
N SER LI 33 76.05 -23.43 54.25
CA SER LI 33 77.14 -23.79 55.14
C SER LI 33 76.70 -24.76 56.22
N GLU LI 34 77.56 -25.73 56.53
CA GLU LI 34 77.29 -26.71 57.58
C GLU LI 34 78.53 -26.84 58.45
N CYS LI 35 78.33 -27.19 59.71
CA CYS LI 35 79.42 -27.40 60.64
C CYS LI 35 79.38 -28.82 61.18
N LEU LI 36 80.54 -29.43 61.35
CA LEU LI 36 80.65 -30.79 61.84
C LEU LI 36 81.57 -30.82 63.06
N ASP LI 37 81.25 -31.69 64.00
CA ASP LI 37 82.10 -31.94 65.15
C ASP LI 37 82.97 -33.16 64.90
N LYS LI 38 83.84 -33.45 65.86
CA LYS LI 38 84.80 -34.54 65.70
C LYS LI 38 84.11 -35.88 65.75
N GLY LI 39 84.38 -36.70 64.73
CA GLY LI 39 83.85 -38.03 64.66
C GLY LI 39 82.61 -38.17 63.79
N GLU LI 40 81.99 -37.07 63.42
CA GLU LI 40 80.83 -37.16 62.54
C GLU LI 40 81.29 -37.40 61.10
N VAL LI 41 80.36 -37.90 60.29
CA VAL LI 41 80.61 -38.20 58.89
C VAL LI 41 79.43 -37.66 58.08
N LEU LI 42 79.73 -36.83 57.10
CA LEU LI 42 78.72 -36.29 56.22
C LEU LI 42 78.89 -36.87 54.83
N ILE LI 43 77.83 -37.47 54.32
CA ILE LI 43 77.81 -37.99 52.95
C ILE LI 43 77.00 -37.01 52.13
N ALA LI 44 77.63 -36.35 51.17
CA ALA LI 44 77.01 -35.26 50.45
C ALA LI 44 76.93 -35.57 48.98
N GLN LI 45 75.74 -35.44 48.42
CA GLN LI 45 75.53 -35.59 46.99
C GLN LI 45 75.52 -34.23 46.31
N PHE LI 46 75.85 -34.22 45.04
CA PHE LI 46 75.82 -32.98 44.27
C PHE LI 46 74.47 -32.75 43.65
N THR LI 47 73.83 -31.64 44.03
CA THR LI 47 72.57 -31.24 43.44
C THR LI 47 72.87 -30.37 42.23
N GLU LI 48 71.83 -29.74 41.70
CA GLU LI 48 72.03 -28.70 40.71
C GLU LI 48 72.61 -27.46 41.36
N HIS LI 49 72.12 -27.11 42.54
CA HIS LI 49 72.60 -25.95 43.29
C HIS LI 49 74.02 -26.12 43.78
N THR LI 50 74.28 -27.16 44.55
CA THR LI 50 75.60 -27.44 45.09
C THR LI 50 76.48 -27.94 43.97
N SER LI 51 77.22 -27.03 43.33
CA SER LI 51 78.14 -27.38 42.28
C SER LI 51 79.59 -27.29 42.72
N ALA LI 52 79.84 -26.86 43.95
CA ALA LI 52 81.19 -26.77 44.47
C ALA LI 52 81.12 -26.91 45.99
N ILE LI 53 82.07 -27.65 46.54
CA ILE LI 53 82.10 -27.91 47.97
C ILE LI 53 83.49 -27.57 48.49
N LYS LI 54 83.55 -26.69 49.46
CA LYS LI 54 84.80 -26.27 50.08
C LYS LI 54 84.85 -26.81 51.50
N VAL LI 55 85.99 -27.37 51.90
CA VAL LI 55 86.15 -28.00 53.19
C VAL LI 55 87.28 -27.32 53.93
N ARG LI 56 87.01 -26.84 55.13
CA ARG LI 56 88.01 -26.22 55.98
C ARG LI 56 88.33 -27.15 57.14
N GLY LI 57 89.45 -26.90 57.80
CA GLY LI 57 89.83 -27.64 58.98
C GLY LI 57 90.32 -29.04 58.63
N LYS LI 58 90.62 -29.79 59.68
CA LYS LI 58 91.17 -31.13 59.51
C LYS LI 58 90.03 -32.11 59.28
N ALA LI 59 90.00 -32.70 58.09
CA ALA LI 59 88.96 -33.65 57.73
C ALA LI 59 89.54 -34.67 56.76
N TYR LI 60 88.85 -35.80 56.64
CA TYR LI 60 89.29 -36.90 55.82
C TYR LI 60 88.21 -37.19 54.78
N ILE LI 61 88.54 -36.97 53.51
CA ILE LI 61 87.55 -36.99 52.44
C ILE LI 61 87.79 -38.20 51.57
N GLN LI 62 86.73 -38.92 51.25
CA GLN LI 62 86.73 -39.98 50.26
C GLN LI 62 85.84 -39.56 49.10
N THR LI 63 86.41 -39.54 47.90
CA THR LI 63 85.66 -39.30 46.68
C THR LI 63 85.80 -40.51 45.79
N SER LI 64 85.29 -40.38 44.55
CA SER LI 64 85.48 -41.43 43.58
C SER LI 64 86.92 -41.52 43.13
N HIS LI 65 87.64 -40.41 43.13
CA HIS LI 65 89.03 -40.36 42.71
C HIS LI 65 89.99 -40.87 43.78
N GLY LI 66 89.51 -41.13 44.99
CA GLY LI 66 90.37 -41.61 46.04
C GLY LI 66 90.12 -40.82 47.31
N VAL LI 67 91.12 -40.84 48.19
CA VAL LI 67 91.01 -40.18 49.49
C VAL LI 67 91.97 -39.01 49.53
N ILE LI 68 91.70 -38.10 50.46
CA ILE LI 68 92.50 -36.89 50.64
C ILE LI 68 92.27 -36.41 52.06
N GLU LI 69 93.17 -35.57 52.55
CA GLU LI 69 93.12 -35.10 53.93
C GLU LI 69 93.24 -33.59 53.99
N SER LI 70 92.11 -32.92 54.18
CA SER LI 70 92.11 -31.48 54.30
C SER LI 70 92.59 -31.07 55.69
N GLU LI 71 93.26 -29.93 55.76
CA GLU LI 71 93.74 -29.43 57.04
C GLU LI 71 93.30 -27.99 57.29
N ASP MI 6 74.77 -45.41 44.64
CA ASP MI 6 73.44 -44.86 44.84
C ASP MI 6 72.93 -45.02 46.26
N PHE MI 7 73.57 -45.88 47.05
CA PHE MI 7 73.08 -46.18 48.38
C PHE MI 7 74.25 -46.46 49.31
N VAL MI 8 74.00 -46.26 50.60
CA VAL MI 8 75.00 -46.44 51.64
C VAL MI 8 74.49 -47.45 52.64
N VAL MI 9 75.41 -48.07 53.38
CA VAL MI 9 75.09 -49.09 54.37
C VAL MI 9 75.68 -48.66 55.69
N ILE MI 10 74.83 -48.46 56.70
CA ILE MI 10 75.26 -47.98 58.00
C ILE MI 10 74.96 -49.04 59.03
N LYS MI 11 76.00 -49.61 59.63
CA LYS MI 11 75.83 -50.54 60.73
C LYS MI 11 76.06 -49.79 62.03
N ALA MI 12 75.03 -49.72 62.86
CA ALA MI 12 75.17 -48.96 64.09
C ALA MI 12 75.88 -49.80 65.15
N LEU MI 13 77.12 -49.45 65.45
CA LEU MI 13 77.93 -50.18 66.40
C LEU MI 13 77.63 -49.83 67.84
N GLU MI 14 76.85 -48.77 68.09
CA GLU MI 14 76.47 -48.40 69.43
C GLU MI 14 75.03 -47.88 69.38
N ASP MI 15 74.44 -47.75 70.56
CA ASP MI 15 73.04 -47.36 70.63
C ASP MI 15 72.88 -45.89 70.32
N GLY MI 16 71.67 -45.52 69.90
CA GLY MI 16 71.32 -44.14 69.68
C GLY MI 16 72.04 -43.45 68.53
N VAL MI 17 72.40 -44.19 67.48
CA VAL MI 17 73.07 -43.56 66.36
C VAL MI 17 72.04 -42.82 65.51
N ASN MI 18 72.28 -41.53 65.31
CA ASN MI 18 71.35 -40.69 64.57
C ASN MI 18 71.76 -40.64 63.11
N VAL MI 19 70.77 -40.64 62.22
CA VAL MI 19 70.98 -40.48 60.79
C VAL MI 19 70.04 -39.38 60.33
N ILE MI 20 70.60 -38.31 59.78
CA ILE MI 20 69.85 -37.12 59.47
C ILE MI 20 69.72 -36.98 57.95
N GLY MI 21 68.48 -36.91 57.47
CA GLY MI 21 68.24 -36.76 56.06
C GLY MI 21 67.26 -37.77 55.51
N SER MI 33 64.93 -37.37 60.32
CA SER MI 33 65.84 -37.96 61.29
C SER MI 33 65.42 -39.38 61.66
N GLU MI 34 66.39 -40.26 61.82
CA GLU MI 34 66.14 -41.65 62.23
C GLU MI 34 67.12 -42.02 63.32
N CYS MI 35 66.73 -42.93 64.19
CA CYS MI 35 67.60 -43.42 65.25
C CYS MI 35 67.78 -44.92 65.13
N LEU MI 36 68.99 -45.38 65.39
CA LEU MI 36 69.31 -46.81 65.30
C LEU MI 36 69.90 -47.28 66.61
N ASP MI 37 69.60 -48.53 66.96
CA ASP MI 37 70.18 -49.18 68.12
C ASP MI 37 71.37 -50.02 67.68
N LYS MI 38 72.03 -50.62 68.68
CA LYS MI 38 73.26 -51.37 68.41
C LYS MI 38 72.94 -52.67 67.67
N GLY MI 39 73.63 -52.88 66.56
CA GLY MI 39 73.49 -54.08 65.78
C GLY MI 39 72.58 -53.95 64.58
N GLU MI 40 71.79 -52.88 64.50
CA GLU MI 40 70.95 -52.68 63.34
C GLU MI 40 71.77 -52.18 62.17
N VAL MI 41 71.22 -52.35 60.98
CA VAL MI 41 71.86 -51.94 59.74
C VAL MI 41 70.81 -51.24 58.89
N LEU MI 42 71.11 -50.01 58.49
CA LEU MI 42 70.23 -49.24 57.63
C LEU MI 42 70.87 -49.10 56.27
N ILE MI 43 70.14 -49.50 55.23
CA ILE MI 43 70.58 -49.32 53.85
C ILE MI 43 69.76 -48.18 53.28
N ALA MI 44 70.43 -47.09 52.94
CA ALA MI 44 69.73 -45.86 52.57
C ALA MI 44 70.09 -45.46 51.16
N GLN MI 45 69.07 -45.23 50.34
CA GLN MI 45 69.24 -44.73 48.99
C GLN MI 45 69.04 -43.22 48.97
N PHE MI 46 69.66 -42.57 47.99
CA PHE MI 46 69.51 -41.13 47.84
C PHE MI 46 68.31 -40.80 46.97
N THR MI 47 67.35 -40.09 47.53
CA THR MI 47 66.20 -39.62 46.79
C THR MI 47 66.55 -38.25 46.21
N GLU MI 48 65.54 -37.58 45.67
CA GLU MI 48 65.70 -36.18 45.31
C GLU MI 48 65.77 -35.32 46.56
N HIS MI 49 64.93 -35.62 47.55
CA HIS MI 49 64.91 -34.90 48.82
C HIS MI 49 66.18 -35.10 49.63
N THR MI 50 66.51 -36.35 49.95
CA THR MI 50 67.69 -36.68 50.73
C THR MI 50 68.90 -36.49 49.84
N SER MI 51 69.51 -35.31 49.91
CA SER MI 51 70.72 -35.01 49.16
C SER MI 51 71.95 -34.97 50.06
N ALA MI 52 71.79 -35.14 51.36
CA ALA MI 52 72.91 -35.14 52.29
C ALA MI 52 72.52 -35.97 53.50
N ILE MI 53 73.46 -36.76 53.98
CA ILE MI 53 73.23 -37.66 55.10
C ILE MI 53 74.32 -37.43 56.13
N LYS MI 54 73.92 -37.10 57.35
CA LYS MI 54 74.85 -36.88 58.44
C LYS MI 54 74.69 -38.00 59.45
N VAL MI 55 75.81 -38.53 59.93
CA VAL MI 55 75.81 -39.68 60.84
C VAL MI 55 76.53 -39.28 62.11
N ARG MI 56 75.86 -39.45 63.25
CA ARG MI 56 76.44 -39.18 64.55
C ARG MI 56 76.72 -40.50 65.26
N GLY MI 57 77.54 -40.44 66.30
CA GLY MI 57 77.81 -41.60 67.12
C GLY MI 57 78.70 -42.61 66.42
N LYS MI 58 78.93 -43.72 67.10
CA LYS MI 58 79.82 -44.75 66.59
C LYS MI 58 79.05 -45.64 65.61
N ALA MI 59 79.47 -45.60 64.35
CA ALA MI 59 78.82 -46.40 63.31
C ALA MI 59 79.84 -46.77 62.27
N TYR MI 60 79.51 -47.78 61.48
CA TYR MI 60 80.40 -48.32 60.47
C TYR MI 60 79.71 -48.22 59.11
N ILE MI 61 80.25 -47.40 58.23
CA ILE MI 61 79.58 -47.04 56.99
C ILE MI 61 80.32 -47.66 55.83
N GLN MI 62 79.59 -48.28 54.92
CA GLN MI 62 80.09 -48.75 53.64
C GLN MI 62 79.42 -47.94 52.54
N THR MI 63 80.23 -47.30 51.70
CA THR MI 63 79.76 -46.62 50.52
C THR MI 63 80.40 -47.24 49.31
N SER MI 64 80.18 -46.62 48.15
CA SER MI 64 80.86 -47.06 46.93
C SER MI 64 82.35 -46.76 46.99
N HIS MI 65 82.74 -45.69 47.68
CA HIS MI 65 84.14 -45.29 47.79
C HIS MI 65 84.91 -46.12 48.80
N GLY MI 66 84.24 -46.97 49.57
CA GLY MI 66 84.91 -47.77 50.56
C GLY MI 66 84.19 -47.71 51.88
N VAL MI 67 84.91 -48.00 52.95
CA VAL MI 67 84.35 -48.04 54.29
C VAL MI 67 84.93 -46.92 55.12
N ILE MI 68 84.23 -46.59 56.19
CA ILE MI 68 84.63 -45.52 57.10
C ILE MI 68 83.95 -45.78 58.44
N GLU MI 69 84.47 -45.16 59.49
CA GLU MI 69 83.98 -45.41 60.84
C GLU MI 69 83.69 -44.10 61.55
N SER MI 70 82.42 -43.73 61.62
CA SER MI 70 82.03 -42.52 62.31
C SER MI 70 82.04 -42.75 63.81
N GLU MI 71 82.37 -41.70 64.55
CA GLU MI 71 82.38 -41.80 66.01
C GLU MI 71 81.55 -40.71 66.66
N ASP NI 6 71.06 -52.47 42.78
CA ASP NI 6 69.63 -52.20 42.80
C ASP NI 6 68.88 -53.04 43.81
N PHE NI 7 69.53 -54.10 44.32
CA PHE NI 7 68.84 -55.03 45.20
C PHE NI 7 69.82 -55.59 46.22
N VAL NI 8 69.27 -56.02 47.35
CA VAL NI 8 70.04 -56.56 48.46
C VAL NI 8 69.56 -57.97 48.76
N VAL NI 9 70.42 -58.74 49.40
CA VAL NI 9 70.14 -60.13 49.74
C VAL NI 9 70.33 -60.31 51.22
N ILE NI 10 69.27 -60.68 51.93
CA ILE NI 10 69.29 -60.81 53.38
C ILE NI 10 69.02 -62.26 53.75
N LYS NI 11 70.00 -62.92 54.34
CA LYS NI 11 69.82 -64.27 54.85
C LYS NI 11 69.61 -64.18 56.34
N ALA NI 12 68.44 -64.60 56.79
CA ALA NI 12 68.14 -64.49 58.22
C ALA NI 12 68.78 -65.64 58.98
N LEU NI 13 69.82 -65.34 59.73
CA LEU NI 13 70.55 -66.33 60.49
C LEU NI 13 69.88 -66.71 61.79
N GLU NI 14 68.87 -65.97 62.21
CA GLU NI 14 68.13 -66.31 63.43
C GLU NI 14 66.67 -65.98 63.19
N ASP NI 15 65.82 -66.46 64.08
CA ASP NI 15 64.39 -66.30 63.91
C ASP NI 15 63.96 -64.87 64.20
N GLY NI 16 62.83 -64.48 63.64
CA GLY NI 16 62.24 -63.19 63.93
C GLY NI 16 63.00 -61.98 63.44
N VAL NI 17 63.73 -62.12 62.33
CA VAL NI 17 64.46 -60.97 61.81
C VAL NI 17 63.50 -60.04 61.09
N ASN NI 18 63.49 -58.78 61.51
CA ASN NI 18 62.57 -57.80 60.97
C ASN NI 18 63.26 -57.05 59.84
N VAL NI 19 62.50 -56.74 58.79
CA VAL NI 19 62.97 -55.92 57.68
C VAL NI 19 61.93 -54.84 57.47
N ILE NI 20 62.33 -53.59 57.60
CA ILE NI 20 61.41 -52.46 57.60
C ILE NI 20 61.58 -51.67 56.33
N GLY NI 21 60.50 -51.50 55.59
CA GLY NI 21 60.53 -50.74 54.35
C GLY NI 21 59.93 -51.50 53.18
N SER NI 33 56.61 -53.59 56.83
CA SER NI 33 57.41 -54.47 57.68
C SER NI 33 57.24 -55.93 57.29
N GLU NI 34 58.33 -56.68 57.34
CA GLU NI 34 58.31 -58.11 57.05
C GLU NI 34 59.11 -58.85 58.11
N CYS NI 35 58.75 -60.09 58.37
CA CYS NI 35 59.45 -60.91 59.34
C CYS NI 35 59.99 -62.16 58.66
N LEU NI 36 61.19 -62.57 59.04
CA LEU NI 36 61.84 -63.74 58.46
C LEU NI 36 62.22 -64.70 59.57
N ASP NI 37 62.14 -65.99 59.27
CA ASP NI 37 62.60 -67.04 60.17
C ASP NI 37 64.01 -67.46 59.78
N LYS NI 38 64.56 -68.38 60.58
CA LYS NI 38 65.94 -68.79 60.38
C LYS NI 38 66.09 -69.63 59.12
N GLY NI 39 67.03 -69.23 58.27
CA GLY NI 39 67.32 -69.95 57.06
C GLY NI 39 66.68 -69.38 55.81
N GLU NI 40 65.71 -68.49 55.97
CA GLU NI 40 65.09 -67.87 54.81
C GLU NI 40 66.02 -66.80 54.24
N VAL NI 41 65.78 -66.45 52.98
CA VAL NI 41 66.55 -65.45 52.27
C VAL NI 41 65.59 -64.55 51.52
N LEU NI 42 65.68 -63.26 51.77
CA LEU NI 42 64.86 -62.27 51.10
C LEU NI 42 65.72 -61.45 50.17
N ILE NI 43 65.34 -61.41 48.89
CA ILE NI 43 66.00 -60.58 47.90
C ILE NI 43 65.09 -59.39 47.65
N ALA NI 44 65.55 -58.20 48.00
CA ALA NI 44 64.69 -57.03 47.99
C ALA NI 44 65.25 -55.98 47.04
N GLN NI 45 64.39 -55.51 46.14
CA GLN NI 45 64.74 -54.43 45.23
C GLN NI 45 64.22 -53.11 45.79
N PHE NI 46 64.85 -52.02 45.38
CA PHE NI 46 64.43 -50.70 45.81
C PHE NI 46 63.41 -50.13 44.84
N THR NI 47 62.21 -49.86 45.36
CA THR NI 47 61.17 -49.22 44.58
C THR NI 47 61.31 -47.72 44.75
N GLU NI 48 60.31 -46.98 44.26
CA GLU NI 48 60.23 -45.57 44.58
C GLU NI 48 59.86 -45.38 46.05
N HIS NI 49 58.92 -46.18 46.53
CA HIS NI 49 58.47 -46.13 47.92
C HIS NI 49 59.55 -46.55 48.90
N THR NI 50 60.07 -47.76 48.75
CA THR NI 50 61.10 -48.29 49.63
C THR NI 50 62.41 -47.60 49.30
N SER NI 51 62.71 -46.52 50.01
CA SER NI 51 63.95 -45.79 49.84
C SER NI 51 64.93 -46.03 50.98
N ALA NI 52 64.53 -46.79 51.99
CA ALA NI 52 65.40 -47.10 53.11
C ALA NI 52 64.96 -48.43 53.70
N ILE NI 53 65.93 -49.25 54.06
CA ILE NI 53 65.67 -50.58 54.59
C ILE NI 53 66.45 -50.74 55.88
N LYS NI 54 65.74 -51.06 56.96
CA LYS NI 54 66.35 -51.26 58.27
C LYS NI 54 66.24 -52.73 58.62
N VAL NI 55 67.31 -53.30 59.14
CA VAL NI 55 67.38 -54.73 59.43
C VAL NI 55 67.71 -54.89 60.91
N ARG NI 56 66.87 -55.63 61.63
CA ARG NI 56 67.10 -55.93 63.04
C ARG NI 56 67.49 -57.38 63.18
N GLY NI 57 68.05 -57.73 64.33
CA GLY NI 57 68.38 -59.11 64.63
C GLY NI 57 69.61 -59.58 63.87
N LYS NI 58 69.93 -60.84 64.06
CA LYS NI 58 71.11 -61.43 63.44
C LYS NI 58 70.79 -61.84 62.02
N ALA NI 59 71.43 -61.20 61.06
CA ALA NI 59 71.20 -61.48 59.66
C ALA NI 59 72.49 -61.23 58.89
N TYR NI 60 72.56 -61.80 57.69
CA TYR NI 60 73.73 -61.71 56.85
C TYR NI 60 73.34 -61.07 55.53
N ILE NI 61 73.87 -59.88 55.26
CA ILE NI 61 73.42 -59.06 54.14
C ILE NI 61 74.50 -59.01 53.10
N GLN NI 62 74.12 -59.21 51.84
CA GLN NI 62 74.97 -58.98 50.69
C GLN NI 62 74.39 -57.84 49.88
N THR NI 63 75.19 -56.80 49.66
CA THR NI 63 74.84 -55.70 48.79
C THR NI 63 75.85 -55.63 47.66
N SER NI 64 75.75 -54.57 46.86
CA SER NI 64 76.74 -54.34 45.83
C SER NI 64 78.08 -53.94 46.43
N HIS NI 65 78.07 -53.28 47.58
CA HIS NI 65 79.29 -52.83 48.23
C HIS NI 65 80.00 -53.94 48.99
N GLY NI 66 79.39 -55.11 49.11
CA GLY NI 66 80.00 -56.21 49.82
C GLY NI 66 79.02 -56.83 50.79
N VAL NI 67 79.55 -57.51 51.79
CA VAL NI 67 78.74 -58.22 52.76
C VAL NI 67 78.87 -57.54 54.11
N ILE NI 68 77.90 -57.83 54.98
CA ILE NI 68 77.86 -57.25 56.31
C ILE NI 68 76.99 -58.16 57.17
N GLU NI 69 77.12 -58.05 58.49
CA GLU NI 69 76.42 -58.94 59.40
C GLU NI 69 75.71 -58.13 60.47
N SER NI 70 74.41 -57.97 60.33
CA SER NI 70 73.61 -57.27 61.32
C SER NI 70 73.37 -58.15 62.52
N GLU NI 71 73.29 -57.55 63.69
CA GLU NI 71 73.03 -58.30 64.91
C GLU NI 71 71.85 -57.72 65.69
N ASP OI 6 69.86 -57.95 37.16
CA ASP OI 6 68.44 -57.89 36.84
C ASP OI 6 67.71 -59.19 37.12
N PHE OI 7 68.45 -60.27 37.31
CA PHE OI 7 67.82 -61.57 37.48
C PHE OI 7 68.64 -62.43 38.43
N VAL OI 8 67.97 -63.40 39.04
CA VAL OI 8 68.57 -64.29 40.01
C VAL OI 8 68.39 -65.73 39.53
N VAL OI 9 69.24 -66.61 40.03
CA VAL OI 9 69.22 -68.03 39.65
C VAL OI 9 69.11 -68.85 40.92
N ILE OI 10 68.03 -69.62 41.03
CA ILE OI 10 67.75 -70.40 42.23
C ILE OI 10 67.77 -71.87 41.86
N LYS OI 11 68.72 -72.62 42.39
CA LYS OI 11 68.75 -74.06 42.22
C LYS OI 11 68.19 -74.70 43.46
N ALA OI 12 67.07 -75.41 43.32
CA ALA OI 12 66.44 -76.01 44.48
C ALA OI 12 67.15 -77.30 44.86
N LEU OI 13 67.89 -77.27 45.96
CA LEU OI 13 68.65 -78.42 46.42
C LEU OI 13 67.80 -79.43 47.18
N GLU OI 14 66.57 -79.10 47.52
CA GLU OI 14 65.68 -80.03 48.19
C GLU OI 14 64.27 -79.79 47.66
N ASP OI 15 63.38 -80.73 47.96
CA ASP OI 15 62.03 -80.64 47.43
C ASP OI 15 61.22 -79.59 48.15
N GLY OI 16 60.18 -79.10 47.46
CA GLY OI 16 59.25 -78.17 48.06
C GLY OI 16 59.79 -76.81 48.37
N VAL OI 17 60.77 -76.32 47.59
CA VAL OI 17 61.31 -75.00 47.86
C VAL OI 17 60.35 -73.95 47.33
N ASN OI 18 59.93 -73.04 48.19
CA ASN OI 18 58.96 -72.02 47.84
C ASN OI 18 59.68 -70.76 47.41
N VAL OI 19 59.13 -70.09 46.41
CA VAL OI 19 59.64 -68.81 45.94
C VAL OI 19 58.44 -67.87 45.88
N ILE OI 20 58.50 -66.78 46.64
CA ILE OI 20 57.36 -65.90 46.82
C ILE OI 20 57.62 -64.59 46.10
N GLY OI 21 56.72 -64.22 45.20
CA GLY OI 21 56.85 -62.98 44.46
C GLY OI 21 56.74 -63.16 42.96
N SER OI 33 53.27 -67.06 44.17
CA SER OI 33 54.03 -68.14 44.80
C SER OI 33 54.32 -69.26 43.81
N GLU OI 34 55.51 -69.83 43.88
CA GLU OI 34 55.91 -70.94 43.04
C GLU OI 34 56.60 -72.00 43.90
N CYS OI 35 56.49 -73.25 43.49
CA CYS OI 35 57.13 -74.35 44.21
C CYS OI 35 58.10 -75.07 43.27
N LEU OI 36 59.24 -75.47 43.80
CA LEU OI 36 60.27 -76.16 43.03
C LEU OI 36 60.60 -77.48 43.70
N ASP OI 37 60.90 -78.48 42.88
CA ASP OI 37 61.38 -79.77 43.36
C ASP OI 37 62.90 -79.81 43.30
N LYS OI 38 63.46 -80.92 43.78
CA LYS OI 38 64.91 -81.04 43.87
C LYS OI 38 65.53 -81.17 42.49
N GLY OI 39 66.52 -80.32 42.23
CA GLY OI 39 67.25 -80.36 40.99
C GLY OI 39 66.79 -79.34 39.96
N GLU OI 40 65.62 -78.74 40.15
CA GLU OI 40 65.16 -77.73 39.22
C GLU OI 40 65.91 -76.42 39.46
N VAL OI 41 65.90 -75.56 38.46
CA VAL OI 41 66.55 -74.26 38.50
C VAL OI 41 65.59 -73.24 37.94
N LEU OI 42 65.31 -72.20 38.71
CA LEU OI 42 64.45 -71.12 38.28
C LEU OI 42 65.29 -69.86 38.09
N ILE OI 43 65.21 -69.28 36.90
CA ILE OI 43 65.86 -68.02 36.61
C ILE OI 43 64.78 -66.96 36.59
N ALA OI 44 64.84 -66.02 37.53
CA ALA OI 44 63.75 -65.09 37.74
C ALA OI 44 64.23 -63.66 37.53
N GLN OI 45 63.53 -62.93 36.69
CA GLN OI 45 63.79 -61.52 36.47
C GLN OI 45 62.86 -60.67 37.32
N PHE OI 46 63.30 -59.46 37.62
CA PHE OI 46 62.48 -58.55 38.40
C PHE OI 46 61.60 -57.71 37.48
N THR OI 47 60.30 -57.85 37.67
CA THR OI 47 59.34 -57.04 36.94
C THR OI 47 59.08 -55.77 37.74
N GLU OI 48 58.06 -55.01 37.32
CA GLU OI 48 57.58 -53.93 38.15
C GLU OI 48 56.84 -54.49 39.37
N HIS OI 49 56.03 -55.52 39.15
CA HIS OI 49 55.28 -56.16 40.23
C HIS OI 49 56.17 -56.87 41.22
N THR OI 50 56.99 -57.80 40.76
CA THR OI 50 57.89 -58.57 41.63
C THR OI 50 59.03 -57.65 42.03
N SER OI 51 58.89 -57.01 43.18
CA SER OI 51 59.92 -56.15 43.72
C SER OI 51 60.64 -56.78 44.90
N ALA OI 52 60.22 -57.97 45.33
CA ALA OI 52 60.86 -58.66 46.43
C ALA OI 52 60.63 -60.14 46.25
N ILE OI 53 61.67 -60.94 46.53
CA ILE OI 53 61.61 -62.37 46.35
C ILE OI 53 62.08 -63.04 47.63
N LYS OI 54 61.25 -63.89 48.20
CA LYS OI 54 61.57 -64.60 49.42
C LYS OI 54 61.72 -66.07 49.08
N VAL OI 55 62.76 -66.70 49.63
CA VAL OI 55 63.10 -68.08 49.32
C VAL OI 55 63.11 -68.87 50.61
N ARG OI 56 62.33 -69.95 50.66
CA ARG OI 56 62.29 -70.84 51.81
C ARG OI 56 62.98 -72.14 51.45
N GLY OI 57 63.32 -72.92 52.47
CA GLY OI 57 63.91 -74.22 52.27
C GLY OI 57 65.35 -74.15 51.80
N LYS OI 58 65.91 -75.32 51.55
CA LYS OI 58 67.30 -75.42 51.15
C LYS OI 58 67.43 -75.16 49.66
N ALA OI 59 68.10 -74.07 49.31
CA ALA OI 59 68.29 -73.70 47.92
C ALA OI 59 69.61 -72.97 47.76
N TYR OI 60 70.08 -72.91 46.54
CA TYR OI 60 71.37 -72.31 46.21
C TYR OI 60 71.15 -71.18 45.23
N ILE OI 61 71.42 -69.96 45.65
CA ILE OI 61 71.05 -68.77 44.90
C ILE OI 61 72.31 -68.11 44.36
N GLN OI 62 72.28 -67.75 43.09
CA GLN OI 62 73.30 -66.92 42.47
C GLN OI 62 72.66 -65.60 42.05
N THR OI 63 73.22 -64.50 42.54
CA THR OI 63 72.82 -63.16 42.15
C THR OI 63 74.01 -62.47 41.52
N SER OI 64 73.85 -61.18 41.25
CA SER OI 64 74.97 -60.39 40.77
C SER OI 64 76.00 -60.17 41.86
N HIS OI 65 75.57 -60.12 43.12
CA HIS OI 65 76.46 -59.89 44.25
C HIS OI 65 77.21 -61.14 44.66
N GLY OI 66 76.89 -62.30 44.09
CA GLY OI 66 77.57 -63.52 44.44
C GLY OI 66 76.56 -64.63 44.69
N VAL OI 67 77.01 -65.64 45.44
CA VAL OI 67 76.19 -66.80 45.72
C VAL OI 67 75.84 -66.81 47.20
N ILE OI 68 74.79 -67.57 47.53
CA ILE OI 68 74.30 -67.70 48.89
C ILE OI 68 73.51 -68.99 48.98
N GLU OI 69 73.30 -69.48 50.19
CA GLU OI 69 72.65 -70.77 50.39
C GLU OI 69 71.53 -70.64 51.42
N SER OI 70 70.30 -70.58 50.94
CA SER OI 70 69.16 -70.49 51.84
C SER OI 70 68.86 -71.86 52.41
N GLU OI 71 68.37 -71.88 53.65
CA GLU OI 71 68.02 -73.13 54.30
C GLU OI 71 66.60 -73.12 54.83
N ASP PI 6 71.30 -60.52 29.77
CA ASP PI 6 70.02 -60.46 29.09
C ASP PI 6 69.57 -61.80 28.56
N PHE PI 7 70.48 -62.77 28.50
CA PHE PI 7 70.16 -64.06 27.90
C PHE PI 7 70.92 -65.16 28.60
N VAL PI 8 70.37 -66.37 28.51
CA VAL PI 8 70.92 -67.55 29.15
C VAL PI 8 71.20 -68.59 28.09
N VAL PI 9 72.10 -69.52 28.41
CA VAL PI 9 72.50 -70.58 27.49
C VAL PI 9 72.29 -71.91 28.19
N ILE PI 10 71.43 -72.75 27.63
CA ILE PI 10 71.08 -74.03 28.24
C ILE PI 10 71.52 -75.15 27.32
N LYS PI 11 72.47 -75.95 27.75
CA LYS PI 11 72.88 -77.13 27.01
C LYS PI 11 72.21 -78.34 27.62
N ALA PI 12 71.36 -79.02 26.86
CA ALA PI 12 70.63 -80.15 27.42
C ALA PI 12 71.52 -81.39 27.41
N LEU PI 13 71.96 -81.79 28.60
CA LEU PI 13 72.85 -82.93 28.74
C LEU PI 13 72.11 -84.27 28.70
N GLU PI 14 70.79 -84.25 28.76
CA GLU PI 14 70.01 -85.49 28.66
C GLU PI 14 68.75 -85.18 27.87
N ASP PI 15 68.05 -86.23 27.47
CA ASP PI 15 66.88 -86.06 26.64
C ASP PI 15 65.71 -85.54 27.45
N GLY PI 16 64.76 -84.91 26.75
CA GLY PI 16 63.53 -84.47 27.36
C GLY PI 16 63.66 -83.35 28.36
N VAL PI 17 64.64 -82.47 28.21
CA VAL PI 17 64.78 -81.37 29.15
C VAL PI 17 63.74 -80.31 28.83
N ASN PI 18 62.94 -79.96 29.83
CA ASN PI 18 61.87 -79.00 29.66
C ASN PI 18 62.35 -77.62 30.04
N VAL PI 19 61.91 -76.62 29.29
CA VAL PI 19 62.19 -75.21 29.59
C VAL PI 19 60.86 -74.49 29.57
N ILE PI 20 60.48 -73.89 30.68
CA ILE PI 20 59.15 -73.32 30.85
C ILE PI 20 59.26 -71.81 30.87
N GLY PI 21 58.54 -71.15 29.97
CA GLY PI 21 58.53 -69.70 29.92
C GLY PI 21 58.81 -69.17 28.52
N SER PI 33 56.16 -73.53 26.86
CA SER PI 33 56.99 -74.69 27.18
C SER PI 33 57.74 -75.18 25.95
N GLU PI 34 59.00 -75.58 26.13
CA GLU PI 34 59.82 -76.13 25.07
C GLU PI 34 60.51 -77.38 25.57
N CYS PI 35 60.81 -78.30 24.66
CA CYS PI 35 61.51 -79.53 25.01
C CYS PI 35 62.79 -79.62 24.21
N LEU PI 36 63.85 -80.11 24.85
CA LEU PI 36 65.15 -80.24 24.21
C LEU PI 36 65.63 -81.68 24.33
N ASP PI 37 66.34 -82.14 23.31
CA ASP PI 37 66.97 -83.44 23.33
C ASP PI 37 68.43 -83.30 23.72
N LYS PI 38 69.12 -84.43 23.84
CA LYS PI 38 70.49 -84.44 24.32
C LYS PI 38 71.43 -83.84 23.27
N GLY PI 39 72.23 -82.86 23.70
CA GLY PI 39 73.20 -82.24 22.85
C GLY PI 39 72.76 -80.92 22.26
N GLU PI 40 71.47 -80.60 22.32
CA GLU PI 40 71.02 -79.32 21.81
C GLU PI 40 71.37 -78.22 22.79
N VAL PI 41 71.37 -76.99 22.28
CA VAL PI 41 71.68 -75.80 23.07
C VAL PI 41 70.66 -74.75 22.72
N LEU PI 42 69.98 -74.22 23.73
CA LEU PI 42 69.01 -73.16 23.55
C LEU PI 42 69.55 -71.88 24.17
N ILE PI 43 69.61 -70.82 23.37
CA ILE PI 43 69.99 -69.51 23.86
C ILE PI 43 68.73 -68.69 23.95
N ALA PI 44 68.36 -68.29 25.16
CA ALA PI 44 67.06 -67.68 25.41
C ALA PI 44 67.24 -66.29 25.96
N GLN PI 45 66.59 -65.33 25.34
CA GLN PI 45 66.56 -63.96 25.82
C GLN PI 45 65.28 -63.71 26.62
N PHE PI 46 65.35 -62.74 27.53
CA PHE PI 46 64.19 -62.39 28.31
C PHE PI 46 63.37 -61.32 27.61
N THR PI 47 62.13 -61.66 27.30
CA THR PI 47 61.20 -60.70 26.74
C THR PI 47 60.47 -60.00 27.87
N GLU PI 48 59.44 -59.25 27.52
CA GLU PI 48 58.53 -58.74 28.54
C GLU PI 48 57.68 -59.86 29.12
N HIS PI 49 57.21 -60.76 28.25
CA HIS PI 49 56.41 -61.90 28.66
C HIS PI 49 57.20 -62.90 29.50
N THR PI 50 58.29 -63.42 28.96
CA THR PI 50 59.12 -64.40 29.65
C THR PI 50 59.89 -63.66 30.73
N SER PI 51 59.35 -63.65 31.94
CA SER PI 51 60.01 -63.04 33.09
C SER PI 51 60.57 -64.08 34.04
N ALA PI 52 60.35 -65.36 33.79
CA ALA PI 52 60.87 -66.42 34.64
C ALA PI 52 61.04 -67.67 33.78
N ILE PI 53 62.14 -68.37 34.00
CA ILE PI 53 62.47 -69.56 33.24
C ILE PI 53 62.78 -70.68 34.20
N LYS PI 54 62.05 -71.79 34.07
CA LYS PI 54 62.25 -72.96 34.91
C LYS PI 54 62.82 -74.08 34.06
N VAL PI 55 63.83 -74.76 34.58
CA VAL PI 55 64.54 -75.80 33.85
C VAL PI 55 64.44 -77.10 34.62
N ARG PI 56 63.95 -78.15 33.97
CA ARG PI 56 63.86 -79.47 34.57
C ARG PI 56 64.89 -80.38 33.94
N GLY PI 57 65.17 -81.49 34.58
CA GLY PI 57 66.07 -82.49 34.04
C GLY PI 57 67.52 -82.06 34.12
N LYS PI 58 68.38 -82.90 33.57
CA LYS PI 58 69.82 -82.66 33.63
C LYS PI 58 70.20 -81.71 32.50
N ALA PI 59 70.67 -80.53 32.85
CA ALA PI 59 71.06 -79.53 31.88
C ALA PI 59 72.18 -78.68 32.47
N TYR PI 60 72.90 -78.00 31.58
CA TYR PI 60 74.04 -77.20 31.96
C TYR PI 60 73.79 -75.76 31.51
N ILE PI 61 73.67 -74.85 32.48
CA ILE PI 61 73.21 -73.50 32.21
C ILE PI 61 74.36 -72.54 32.42
N GLN PI 62 74.55 -71.63 31.48
CA GLN PI 62 75.45 -70.50 31.60
C GLN PI 62 74.64 -69.22 31.61
N THR PI 63 74.80 -68.42 32.66
CA THR PI 63 74.20 -67.12 32.75
C THR PI 63 75.31 -66.08 32.88
N SER PI 64 74.92 -64.84 33.14
CA SER PI 64 75.90 -63.80 33.41
C SER PI 64 76.57 -64.02 34.75
N HIS PI 65 75.86 -64.60 35.70
CA HIS PI 65 76.40 -64.85 37.03
C HIS PI 65 77.31 -66.05 37.10
N GLY PI 66 77.41 -66.83 36.03
CA GLY PI 66 78.26 -68.00 36.02
C GLY PI 66 77.52 -69.19 35.48
N VAL PI 67 77.99 -70.38 35.82
CA VAL PI 67 77.42 -71.62 35.32
C VAL PI 67 76.77 -72.36 36.47
N ILE PI 68 75.88 -73.28 36.12
CA ILE PI 68 75.14 -74.09 37.08
C ILE PI 68 74.68 -75.35 36.36
N GLU PI 69 74.32 -76.37 37.12
CA GLU PI 69 73.95 -77.65 36.56
C GLU PI 69 72.64 -78.14 37.15
N SER PI 70 71.56 -77.99 36.39
CA SER PI 70 70.27 -78.46 36.84
C SER PI 70 70.17 -79.96 36.67
N GLU PI 71 69.44 -80.60 37.57
CA GLU PI 71 69.25 -82.05 37.49
C GLU PI 71 67.78 -82.43 37.51
N ASP QI 6 74.82 -59.07 22.69
CA ASP QI 6 73.75 -58.84 21.74
C ASP QI 6 73.75 -59.82 20.59
N PHE QI 7 74.85 -60.56 20.42
CA PHE QI 7 74.99 -61.45 19.29
C PHE QI 7 75.81 -62.67 19.67
N VAL QI 8 75.58 -63.75 18.93
CA VAL QI 8 76.24 -65.02 19.16
C VAL QI 8 76.98 -65.43 17.90
N VAL QI 9 77.98 -66.29 18.07
CA VAL QI 9 78.81 -66.77 16.98
C VAL QI 9 78.77 -68.29 16.97
N ILE QI 10 78.28 -68.87 15.88
CA ILE QI 10 78.10 -70.31 15.78
C ILE QI 10 78.99 -70.82 14.66
N LYS QI 11 79.98 -71.63 15.00
CA LYS QI 11 80.81 -72.28 14.00
C LYS QI 11 80.31 -73.70 13.83
N ALA QI 12 79.84 -74.04 12.64
CA ALA QI 12 79.30 -75.37 12.44
C ALA QI 12 80.42 -76.37 12.19
N LEU QI 13 80.67 -77.22 13.18
CA LEU QI 13 81.72 -78.21 13.11
C LEU QI 13 81.36 -79.43 12.30
N GLU QI 14 80.09 -79.60 11.95
CA GLU QI 14 79.66 -80.72 11.12
C GLU QI 14 78.57 -80.22 10.19
N ASP QI 15 78.26 -81.04 9.19
CA ASP QI 15 77.31 -80.62 8.19
C ASP QI 15 75.88 -80.67 8.73
N GLY QI 16 75.01 -79.89 8.10
CA GLY QI 16 73.60 -79.91 8.42
C GLY QI 16 73.23 -79.38 9.78
N VAL QI 17 73.99 -78.42 10.31
CA VAL QI 17 73.66 -77.87 11.61
C VAL QI 17 72.50 -76.89 11.46
N ASN QI 18 71.43 -77.13 12.22
CA ASN QI 18 70.22 -76.33 12.12
C ASN QI 18 70.28 -75.22 13.17
N VAL QI 19 69.79 -74.05 12.79
CA VAL QI 19 69.67 -72.92 13.71
C VAL QI 19 68.25 -72.41 13.58
N ILE QI 20 67.49 -72.42 14.67
CA ILE QI 20 66.07 -72.14 14.64
C ILE QI 20 65.81 -70.81 15.31
N GLY QI 21 65.17 -69.90 14.58
CA GLY QI 21 64.85 -68.60 15.12
C GLY QI 21 65.30 -67.46 14.23
N SER QI 33 64.20 -70.82 10.19
CA SER QI 33 65.19 -71.89 10.25
C SER QI 33 66.29 -71.69 9.23
N GLU QI 34 67.52 -72.00 9.61
CA GLU QI 34 68.67 -71.90 8.72
C GLU QI 34 69.51 -73.17 8.86
N CYS QI 35 70.21 -73.52 7.79
CA CYS QI 35 71.07 -74.70 7.81
C CYS QI 35 72.50 -74.27 7.47
N LEU QI 36 73.46 -74.88 8.15
CA LEU QI 36 74.88 -74.58 7.95
C LEU QI 36 75.63 -75.85 7.61
N ASP QI 37 76.64 -75.71 6.76
CA ASP QI 37 77.54 -76.80 6.44
C ASP QI 37 78.79 -76.70 7.29
N LYS QI 38 79.68 -77.67 7.14
CA LYS QI 38 80.86 -77.75 7.97
C LYS QI 38 81.85 -76.64 7.60
N GLY QI 39 82.28 -75.89 8.61
CA GLY QI 39 83.25 -74.85 8.45
C GLY QI 39 82.67 -73.46 8.34
N GLU QI 40 81.36 -73.35 8.12
CA GLU QI 40 80.75 -72.03 8.08
C GLU QI 40 80.60 -71.47 9.47
N VAL QI 41 80.43 -70.15 9.54
CA VAL QI 41 80.26 -69.43 10.79
C VAL QI 41 79.13 -68.44 10.61
N LEU QI 42 78.14 -68.52 11.49
CA LEU QI 42 77.01 -67.61 11.47
C LEU QI 42 77.09 -66.71 12.70
N ILE QI 43 77.08 -65.41 12.46
CA ILE QI 43 77.03 -64.42 13.53
C ILE QI 43 75.61 -63.87 13.56
N ALA QI 44 74.90 -64.13 14.65
CA ALA QI 44 73.48 -63.83 14.70
C ALA QI 44 73.18 -62.84 15.81
N GLN QI 45 72.49 -61.77 15.46
CA GLN QI 45 72.04 -60.79 16.43
C GLN QI 45 70.60 -61.08 16.83
N PHE QI 46 70.22 -60.62 18.02
CA PHE QI 46 68.86 -60.80 18.48
C PHE QI 46 67.99 -59.62 18.06
N THR QI 47 66.97 -59.92 17.28
CA THR QI 47 65.99 -58.91 16.90
C THR QI 47 64.89 -58.89 17.93
N GLU QI 48 63.82 -58.18 17.62
CA GLU QI 48 62.61 -58.28 18.42
C GLU QI 48 61.94 -59.64 18.20
N HIS QI 49 61.90 -60.08 16.94
CA HIS QI 49 61.32 -61.36 16.59
C HIS QI 49 62.10 -62.55 17.13
N THR QI 50 63.38 -62.64 16.80
CA THR QI 50 64.24 -63.72 17.24
C THR QI 50 64.55 -63.49 18.71
N SER QI 51 63.76 -64.10 19.59
CA SER QI 51 63.97 -64.02 21.02
C SER QI 51 64.52 -65.30 21.60
N ALA QI 52 64.68 -66.35 20.79
CA ALA QI 52 65.21 -67.61 21.24
C ALA QI 52 65.86 -68.30 20.05
N ILE QI 53 67.01 -68.91 20.29
CA ILE QI 53 67.78 -69.57 19.24
C ILE QI 53 68.11 -70.98 19.71
N LYS QI 54 67.71 -71.97 18.93
CA LYS QI 54 67.98 -73.36 19.22
C LYS QI 54 68.97 -73.89 18.21
N VAL QI 55 69.97 -74.64 18.69
CA VAL QI 55 71.05 -75.13 17.85
C VAL QI 55 71.08 -76.65 17.96
N ARG QI 56 71.00 -77.33 16.82
CA ARG QI 56 71.10 -78.78 16.75
C ARG QI 56 72.43 -79.18 16.16
N GLY QI 57 72.80 -80.43 16.34
CA GLY QI 57 74.01 -80.96 15.75
C GLY QI 57 75.26 -80.45 16.44
N LYS QI 58 76.40 -80.86 15.90
CA LYS QI 58 77.69 -80.53 16.48
C LYS QI 58 78.09 -79.14 16.01
N ALA QI 59 78.18 -78.20 16.96
CA ALA QI 59 78.53 -76.82 16.65
C ALA QI 59 79.26 -76.23 17.84
N TYR QI 60 79.99 -75.15 17.59
CA TYR QI 60 80.80 -74.49 18.59
C TYR QI 60 80.32 -73.04 18.72
N ILE QI 61 79.77 -72.70 19.87
CA ILE QI 61 79.08 -71.43 20.07
C ILE QI 61 79.91 -70.55 20.99
N GLN QI 62 80.08 -69.30 20.61
CA GLN QI 62 80.64 -68.27 21.46
C GLN QI 62 79.57 -67.24 21.74
N THR QI 63 79.30 -66.99 23.01
CA THR QI 63 78.41 -65.94 23.45
C THR QI 63 79.19 -64.97 24.32
N SER QI 64 78.47 -64.04 24.93
CA SER QI 64 79.10 -63.14 25.89
C SER QI 64 79.48 -63.87 27.16
N HIS QI 65 78.72 -64.90 27.53
CA HIS QI 65 78.98 -65.67 28.73
C HIS QI 65 80.11 -66.67 28.58
N GLY QI 66 80.63 -66.85 27.37
CA GLY QI 66 81.71 -67.80 27.14
C GLY QI 66 81.41 -68.67 25.96
N VAL QI 67 82.05 -69.83 25.92
CA VAL QI 67 81.91 -70.76 24.81
C VAL QI 67 81.21 -72.01 25.28
N ILE QI 68 80.67 -72.75 24.32
CA ILE QI 68 79.94 -73.98 24.60
C ILE QI 68 79.95 -74.81 23.33
N GLU QI 69 79.68 -76.10 23.46
CA GLU QI 69 79.75 -77.02 22.33
C GLU QI 69 78.49 -77.85 22.23
N SER QI 70 77.62 -77.48 21.31
CA SER QI 70 76.40 -78.24 21.11
C SER QI 70 76.69 -79.51 20.31
N GLU QI 71 75.95 -80.56 20.60
CA GLU QI 71 76.12 -81.82 19.88
C GLU QI 71 74.82 -82.32 19.29
N ASP RI 6 79.21 -53.92 18.31
CA ASP RI 6 78.36 -53.41 17.25
C ASP RI 6 78.86 -53.76 15.86
N PHE RI 7 80.11 -54.20 15.76
CA PHE RI 7 80.70 -54.44 14.46
C PHE RI 7 81.68 -55.60 14.54
N VAL RI 8 81.89 -56.24 13.39
CA VAL RI 8 82.76 -57.39 13.27
C VAL RI 8 83.85 -57.09 12.25
N VAL RI 9 84.95 -57.82 12.35
CA VAL RI 9 86.10 -57.63 11.47
C VAL RI 9 86.42 -58.97 10.83
N ILE RI 10 86.34 -59.04 9.51
CA ILE RI 10 86.54 -60.28 8.78
C ILE RI 10 87.75 -60.12 7.88
N LYS RI 11 88.80 -60.87 8.14
CA LYS RI 11 89.96 -60.90 7.27
C LYS RI 11 89.88 -62.13 6.40
N ALA RI 12 89.78 -61.93 5.09
CA ALA RI 12 89.63 -63.07 4.20
C ALA RI 12 90.98 -63.72 3.93
N LEU RI 13 91.19 -64.89 4.51
CA LEU RI 13 92.46 -65.60 4.37
C LEU RI 13 92.57 -66.36 3.06
N GLU RI 14 91.49 -66.48 2.30
CA GLU RI 14 91.55 -67.14 1.00
C GLU RI 14 90.60 -66.40 0.07
N ASP RI 15 90.72 -66.70 -1.22
CA ASP RI 15 89.94 -65.99 -2.21
C ASP RI 15 88.48 -66.44 -2.19
N GLY RI 16 87.61 -65.57 -2.69
CA GLY RI 16 86.22 -65.91 -2.85
C GLY RI 16 85.44 -66.10 -1.57
N VAL RI 17 85.81 -65.40 -0.49
CA VAL RI 17 85.07 -65.56 0.75
C VAL RI 17 83.78 -64.77 0.67
N ASN RI 18 82.67 -65.45 0.89
CA ASN RI 18 81.34 -64.83 0.77
C ASN RI 18 80.91 -64.33 2.14
N VAL RI 19 80.24 -63.18 2.16
CA VAL RI 19 79.66 -62.62 3.35
C VAL RI 19 78.21 -62.28 3.02
N ILE RI 20 77.26 -62.87 3.72
CA ILE RI 20 75.86 -62.78 3.38
C ILE RI 20 75.15 -61.95 4.42
N GLY RI 21 74.49 -60.88 3.97
CA GLY RI 21 73.74 -60.01 4.87
C GLY RI 21 74.10 -58.55 4.69
N SER RI 33 74.76 -59.80 -0.48
CA SER RI 33 75.94 -60.65 -0.56
C SER RI 33 77.15 -59.87 -1.03
N GLU RI 34 78.31 -60.18 -0.45
CA GLU RI 34 79.57 -59.55 -0.82
C GLU RI 34 80.63 -60.64 -0.97
N CYS RI 35 81.61 -60.39 -1.82
CA CYS RI 35 82.71 -61.32 -2.02
C CYS RI 35 84.03 -60.63 -1.70
N LEU RI 36 84.94 -61.35 -1.06
CA LEU RI 36 86.24 -60.83 -0.69
C LEU RI 36 87.34 -61.72 -1.27
N ASP RI 37 88.45 -61.09 -1.63
CA ASP RI 37 89.64 -61.79 -2.08
C ASP RI 37 90.60 -61.94 -0.92
N LYS RI 38 91.71 -62.63 -1.18
CA LYS RI 38 92.67 -62.94 -0.13
C LYS RI 38 93.42 -61.69 0.30
N GLY RI 39 93.42 -61.44 1.60
CA GLY RI 39 94.12 -60.33 2.18
C GLY RI 39 93.26 -59.12 2.47
N GLU RI 40 92.04 -59.08 1.94
CA GLU RI 40 91.16 -57.97 2.24
C GLU RI 40 90.57 -58.13 3.64
N VAL RI 41 90.08 -57.02 4.17
CA VAL RI 41 89.48 -56.97 5.51
C VAL RI 41 88.21 -56.16 5.40
N LEU RI 42 87.10 -56.74 5.83
CA LEU RI 42 85.81 -56.06 5.83
C LEU RI 42 85.39 -55.82 7.27
N ILE RI 43 85.13 -54.56 7.60
CA ILE RI 43 84.61 -54.19 8.91
C ILE RI 43 83.14 -53.89 8.72
N ALA RI 44 82.28 -54.69 9.35
CA ALA RI 44 80.85 -54.62 9.08
C ALA RI 44 80.10 -54.30 10.34
N GLN RI 45 79.25 -53.27 10.27
CA GLN RI 45 78.38 -52.90 11.37
C GLN RI 45 77.00 -53.50 11.15
N PHE RI 46 76.28 -53.70 12.25
CA PHE RI 46 74.92 -54.22 12.16
C PHE RI 46 73.91 -53.10 12.01
N THR RI 47 73.19 -53.11 10.91
CA THR RI 47 72.12 -52.17 10.68
C THR RI 47 70.84 -52.76 11.26
N GLU RI 48 69.72 -52.10 10.94
CA GLU RI 48 68.43 -52.71 11.22
C GLU RI 48 68.17 -53.87 10.28
N HIS RI 49 68.52 -53.69 9.00
CA HIS RI 49 68.34 -54.73 8.00
C HIS RI 49 69.25 -55.93 8.22
N THR RI 50 70.56 -55.70 8.28
CA THR RI 50 71.53 -56.77 8.50
C THR RI 50 71.44 -57.20 9.95
N SER RI 51 70.65 -58.23 10.21
CA SER RI 51 70.52 -58.78 11.55
C SER RI 51 71.22 -60.12 11.69
N ALA RI 52 71.79 -60.65 10.61
CA ALA RI 52 72.51 -61.91 10.64
C ALA RI 52 73.54 -61.90 9.54
N ILE RI 53 74.73 -62.41 9.85
CA ILE RI 53 75.84 -62.42 8.91
C ILE RI 53 76.39 -63.84 8.84
N LYS RI 54 76.42 -64.40 7.64
CA LYS RI 54 76.95 -65.73 7.41
C LYS RI 54 78.24 -65.62 6.63
N VAL RI 55 79.25 -66.38 7.03
CA VAL RI 55 80.57 -66.31 6.44
C VAL RI 55 80.95 -67.68 5.93
N ARG RI 56 81.29 -67.77 4.65
CA ARG RI 56 81.73 -69.01 4.03
C ARG RI 56 83.22 -68.94 3.76
N GLY RI 57 83.84 -70.09 3.53
CA GLY RI 57 85.24 -70.13 3.17
C GLY RI 57 86.15 -69.86 4.34
N LYS RI 58 87.44 -69.84 4.06
CA LYS RI 58 88.44 -69.66 5.09
C LYS RI 58 88.60 -68.17 5.38
N ALA RI 59 88.24 -67.77 6.60
CA ALA RI 59 88.33 -66.39 7.00
C ALA RI 59 88.60 -66.32 8.49
N TYR RI 60 89.08 -65.16 8.93
CA TYR RI 60 89.46 -64.94 10.31
C TYR RI 60 88.65 -63.78 10.87
N ILE RI 61 87.79 -64.07 11.84
CA ILE RI 61 86.79 -63.12 12.31
C ILE RI 61 87.15 -62.68 13.71
N GLN RI 62 87.10 -61.38 13.95
CA GLN RI 62 87.20 -60.80 15.27
C GLN RI 62 85.88 -60.13 15.60
N THR RI 63 85.29 -60.54 16.72
CA THR RI 63 84.09 -59.91 17.26
C THR RI 63 84.40 -59.37 18.63
N SER RI 64 83.36 -58.91 19.32
CA SER RI 64 83.53 -58.48 20.70
C SER RI 64 83.78 -59.67 21.61
N HIS RI 65 83.24 -60.83 21.28
CA HIS RI 65 83.39 -62.03 22.09
C HIS RI 65 84.74 -62.70 21.89
N GLY RI 66 85.54 -62.25 20.93
CA GLY RI 66 86.83 -62.85 20.69
C GLY RI 66 87.02 -63.12 19.21
N VAL RI 67 87.92 -64.05 18.91
CA VAL RI 67 88.26 -64.37 17.53
C VAL RI 67 87.79 -65.78 17.22
N ILE RI 68 87.66 -66.05 15.93
CA ILE RI 68 87.20 -67.35 15.43
C ILE RI 68 87.70 -67.49 14.00
N GLU RI 69 87.73 -68.72 13.51
CA GLU RI 69 88.26 -69.00 12.19
C GLU RI 69 87.29 -69.84 11.38
N SER RI 70 86.59 -69.20 10.46
CA SER RI 70 85.66 -69.91 9.61
C SER RI 70 86.42 -70.63 8.51
N GLU RI 71 85.89 -71.78 8.09
CA GLU RI 71 86.53 -72.53 7.01
C GLU RI 71 85.54 -72.86 5.90
N ASP SI 6 83.37 -47.20 18.16
CA ASP SI 6 82.67 -46.33 17.23
C ASP SI 6 83.53 -45.93 16.03
N PHE SI 7 84.84 -46.15 16.12
CA PHE SI 7 85.74 -45.69 15.08
C PHE SI 7 86.91 -46.65 14.95
N VAL SI 8 87.50 -46.64 13.75
CA VAL SI 8 88.61 -47.52 13.42
C VAL SI 8 89.80 -46.67 13.00
N VAL SI 9 90.99 -47.24 13.10
CA VAL SI 9 92.23 -46.56 12.76
C VAL SI 9 92.97 -47.40 11.74
N ILE SI 10 93.20 -46.84 10.55
CA ILE SI 10 93.83 -47.57 9.46
C ILE SI 10 95.13 -46.88 9.11
N LYS SI 11 96.25 -47.57 9.32
CA LYS SI 11 97.55 -47.07 8.92
C LYS SI 11 97.92 -47.74 7.61
N ALA SI 12 98.07 -46.97 6.55
CA ALA SI 12 98.37 -47.56 5.27
C ALA SI 12 99.85 -47.86 5.15
N LEU SI 13 100.19 -49.14 5.21
CA LEU SI 13 101.58 -49.58 5.16
C LEU SI 13 102.15 -49.62 3.75
N GLU SI 14 101.31 -49.47 2.73
CA GLU SI 14 101.78 -49.43 1.35
C GLU SI 14 100.93 -48.44 0.59
N ASP SI 15 101.39 -48.08 -0.60
CA ASP SI 15 100.71 -47.05 -1.37
C ASP SI 15 99.42 -47.60 -1.98
N GLY SI 16 98.50 -46.68 -2.28
CA GLY SI 16 97.28 -47.03 -2.98
C GLY SI 16 96.31 -47.88 -2.20
N VAL SI 17 96.27 -47.74 -0.87
CA VAL SI 17 95.33 -48.53 -0.09
C VAL SI 17 93.96 -47.92 -0.21
N ASN SI 18 92.99 -48.73 -0.63
CA ASN SI 18 91.63 -48.26 -0.86
C ASN SI 18 90.80 -48.50 0.39
N VAL SI 19 89.92 -47.57 0.70
CA VAL SI 19 88.97 -47.70 1.80
C VAL SI 19 87.60 -47.38 1.23
N ILE SI 20 86.68 -48.32 1.29
CA ILE SI 20 85.39 -48.22 0.63
C ILE SI 20 84.31 -48.03 1.67
N GLY SI 21 83.54 -46.96 1.54
CA GLY SI 21 82.45 -46.69 2.45
C GLY SI 21 82.51 -45.29 3.04
N SER SI 33 84.53 -43.88 -1.71
CA SER SI 33 85.86 -44.48 -1.81
C SER SI 33 86.95 -43.46 -1.51
N GLU SI 34 87.98 -43.90 -0.80
CA GLU SI 34 89.13 -43.06 -0.48
C GLU SI 34 90.41 -43.83 -0.75
N CYS SI 35 91.47 -43.11 -1.08
CA CYS SI 35 92.76 -43.73 -1.33
C CYS SI 35 93.79 -43.16 -0.38
N LEU SI 36 94.68 -44.01 0.12
CA LEU SI 36 95.72 -43.61 1.05
C LEU SI 36 97.09 -44.00 0.50
N ASP SI 37 98.08 -43.17 0.79
CA ASP SI 37 99.46 -43.47 0.45
C ASP SI 37 100.17 -44.05 1.67
N LYS SI 38 101.42 -44.44 1.47
CA LYS SI 38 102.18 -45.10 2.52
C LYS SI 38 102.51 -44.14 3.64
N GLY SI 39 102.18 -44.55 4.87
CA GLY SI 39 102.48 -43.77 6.05
C GLY SI 39 101.32 -42.94 6.56
N GLU SI 40 100.28 -42.76 5.76
CA GLU SI 40 99.13 -42.02 6.23
C GLU SI 40 98.30 -42.87 7.18
N VAL SI 41 97.47 -42.20 7.97
CA VAL SI 41 96.60 -42.85 8.94
C VAL SI 41 95.24 -42.21 8.83
N LEU SI 42 94.22 -43.02 8.62
CA LEU SI 42 92.85 -42.55 8.54
C LEU SI 42 92.08 -43.05 9.75
N ILE SI 43 91.48 -42.13 10.50
CA ILE SI 43 90.62 -42.48 11.61
C ILE SI 43 89.19 -42.27 11.14
N ALA SI 44 88.42 -43.33 11.08
CA ALA SI 44 87.10 -43.29 10.46
C ALA SI 44 86.04 -43.67 11.47
N GLN SI 45 85.02 -42.82 11.59
CA GLN SI 45 83.87 -43.10 12.43
C GLN SI 45 82.74 -43.65 11.57
N PHE SI 46 81.85 -44.41 12.22
CA PHE SI 46 80.70 -44.95 11.51
C PHE SI 46 79.53 -43.99 11.58
N THR SI 47 79.08 -43.55 10.41
CA THR SI 47 77.90 -42.72 10.31
C THR SI 47 76.70 -43.62 10.17
N GLU SI 48 75.56 -43.01 9.86
CA GLU SI 48 74.40 -43.80 9.45
C GLU SI 48 74.62 -44.39 8.06
N HIS SI 49 75.19 -43.60 7.16
CA HIS SI 49 75.47 -44.05 5.81
C HIS SI 49 76.54 -45.12 5.75
N THR SI 50 77.72 -44.84 6.28
CA THR SI 50 78.84 -45.78 6.29
C THR SI 50 78.53 -46.85 7.32
N SER SI 51 77.94 -47.95 6.87
CA SER SI 51 77.65 -49.08 7.74
C SER SI 51 78.59 -50.25 7.49
N ALA SI 52 79.48 -50.14 6.51
CA ALA SI 52 80.43 -51.20 6.21
C ALA SI 52 81.65 -50.57 5.58
N ILE SI 53 82.83 -51.06 5.97
CA ILE SI 53 84.09 -50.52 5.50
C ILE SI 53 84.94 -51.67 4.99
N LYS SI 54 85.36 -51.59 3.74
CA LYS SI 54 86.20 -52.60 3.12
C LYS SI 54 87.57 -52.01 2.88
N VAL SI 55 88.61 -52.77 3.20
CA VAL SI 55 89.98 -52.31 3.12
C VAL SI 55 90.76 -53.24 2.19
N ARG SI 56 91.38 -52.67 1.17
CA ARG SI 56 92.21 -53.42 0.24
C ARG SI 56 93.66 -53.10 0.49
N GLY SI 57 94.56 -53.93 -0.03
CA GLY SI 57 95.98 -53.67 0.05
C GLY SI 57 96.52 -53.91 1.45
N LYS SI 58 97.81 -53.64 1.59
CA LYS SI 58 98.50 -53.86 2.85
C LYS SI 58 98.26 -52.68 3.79
N ALA SI 59 97.56 -52.94 4.89
CA ALA SI 59 97.25 -51.90 5.86
C ALA SI 59 97.17 -52.52 7.24
N TYR SI 60 97.28 -51.68 8.25
CA TYR SI 60 97.29 -52.10 9.63
C TYR SI 60 96.14 -51.43 10.36
N ILE SI 61 95.17 -52.22 10.81
CA ILE SI 61 93.92 -51.71 11.33
C ILE SI 61 93.86 -51.95 12.83
N GLN SI 62 93.47 -50.92 13.57
CA GLN SI 62 93.14 -51.03 14.98
C GLN SI 62 91.67 -50.73 15.16
N THR SI 63 90.95 -51.67 15.76
CA THR SI 63 89.56 -51.48 16.13
C THR SI 63 89.43 -51.64 17.63
N SER SI 64 88.19 -51.64 18.11
CA SER SI 64 87.95 -51.92 19.51
C SER SI 64 88.26 -53.36 19.87
N HIS SI 65 88.08 -54.27 18.92
CA HIS SI 65 88.31 -55.68 19.15
C HIS SI 65 89.79 -56.07 19.09
N GLY SI 66 90.65 -55.14 18.69
CA GLY SI 66 92.07 -55.43 18.60
C GLY SI 66 92.63 -54.93 17.30
N VAL SI 67 93.75 -55.52 16.89
CA VAL SI 67 94.45 -55.12 15.68
C VAL SI 67 94.37 -56.26 14.67
N ILE SI 68 94.60 -55.90 13.42
CA ILE SI 68 94.55 -56.84 12.31
C ILE SI 68 95.37 -56.25 11.17
N GLU SI 69 95.78 -57.09 10.23
CA GLU SI 69 96.64 -56.66 9.13
C GLU SI 69 96.08 -57.10 7.79
N SER SI 70 95.46 -56.18 7.09
CA SER SI 70 94.92 -56.48 5.78
C SER SI 70 96.04 -56.52 4.75
N GLU SI 71 95.89 -57.37 3.75
CA GLU SI 71 96.88 -57.47 2.69
C GLU SI 71 96.27 -57.33 1.31
N ASP TI 6 64.10 -70.05 -23.30
CA ASP TI 6 63.77 -69.01 -22.33
C ASP TI 6 64.77 -68.92 -21.19
N PHE TI 7 65.61 -69.94 -21.04
CA PHE TI 7 66.53 -70.00 -19.92
C PHE TI 7 67.82 -70.68 -20.32
N VAL TI 8 68.88 -70.35 -19.59
CA VAL TI 8 70.21 -70.87 -19.84
C VAL TI 8 70.71 -71.58 -18.59
N VAL TI 9 71.68 -72.47 -18.79
CA VAL TI 9 72.25 -73.26 -17.71
C VAL TI 9 73.75 -73.05 -17.71
N ILE TI 10 74.29 -72.51 -16.63
CA ILE TI 10 75.71 -72.19 -16.53
C ILE TI 10 76.32 -73.03 -15.43
N LYS TI 11 77.22 -73.93 -15.79
CA LYS TI 11 77.98 -74.70 -14.81
C LYS TI 11 79.34 -74.06 -14.65
N ALA TI 12 79.63 -73.57 -13.45
CA ALA TI 12 80.90 -72.88 -13.25
C ALA TI 12 82.02 -73.89 -13.03
N LEU TI 13 82.88 -74.04 -14.03
CA LEU TI 13 83.97 -75.00 -13.99
C LEU TI 13 85.16 -74.50 -13.18
N GLU TI 14 85.20 -73.23 -12.81
CA GLU TI 14 86.27 -72.69 -11.99
C GLU TI 14 85.67 -71.67 -11.05
N ASP TI 15 86.47 -71.29 -10.06
CA ASP TI 15 85.96 -70.38 -9.03
C ASP TI 15 85.86 -68.96 -9.57
N GLY TI 16 85.00 -68.18 -8.91
CA GLY TI 16 84.86 -66.78 -9.22
C GLY TI 16 84.29 -66.46 -10.57
N VAL TI 17 83.40 -67.30 -11.10
CA VAL TI 17 82.80 -67.02 -12.39
C VAL TI 17 81.72 -65.96 -12.22
N ASN TI 18 81.83 -64.88 -12.96
CA ASN TI 18 80.90 -63.76 -12.85
C ASN TI 18 79.81 -63.92 -13.88
N VAL TI 19 78.58 -63.57 -13.49
CA VAL TI 19 77.44 -63.55 -14.40
C VAL TI 19 76.78 -62.19 -14.24
N ILE TI 20 76.70 -61.43 -15.33
CA ILE TI 20 76.29 -60.05 -15.28
C ILE TI 20 74.91 -59.93 -15.93
N GLY TI 21 73.96 -59.40 -15.19
CA GLY TI 21 72.62 -59.21 -15.71
C GLY TI 21 71.55 -59.78 -14.81
N SER TI 33 74.82 -58.37 -10.80
CA SER TI 33 75.98 -59.24 -10.88
C SER TI 33 75.91 -60.36 -9.86
N GLU TI 34 76.34 -61.55 -10.27
CA GLU TI 34 76.38 -62.72 -9.40
C GLU TI 34 77.72 -63.42 -9.54
N CYS TI 35 78.16 -64.09 -8.49
CA CYS TI 35 79.42 -64.82 -8.53
C CYS TI 35 79.15 -66.28 -8.20
N LEU TI 36 79.85 -67.17 -8.90
CA LEU TI 36 79.69 -68.61 -8.71
C LEU TI 36 81.04 -69.23 -8.40
N ASP TI 37 81.02 -70.25 -7.56
CA ASP TI 37 82.20 -71.04 -7.26
C ASP TI 37 82.22 -72.29 -8.12
N LYS TI 38 83.30 -73.07 -7.99
CA LYS TI 38 83.48 -74.25 -8.83
C LYS TI 38 82.49 -75.34 -8.46
N GLY TI 39 81.79 -75.84 -9.48
CA GLY TI 39 80.84 -76.91 -9.30
C GLY TI 39 79.41 -76.47 -9.18
N GLU TI 40 79.16 -75.19 -8.95
CA GLU TI 40 77.79 -74.72 -8.88
C GLU TI 40 77.20 -74.61 -10.27
N VAL TI 41 75.87 -74.58 -10.32
CA VAL TI 41 75.13 -74.49 -11.56
C VAL TI 41 74.02 -73.46 -11.36
N LEU TI 42 73.98 -72.47 -12.23
CA LEU TI 42 72.96 -71.44 -12.18
C LEU TI 42 72.06 -71.59 -13.39
N ILE TI 43 70.76 -71.73 -13.15
CA ILE TI 43 69.77 -71.76 -14.22
C ILE TI 43 69.08 -70.42 -14.22
N ALA TI 44 69.23 -69.67 -15.30
CA ALA TI 44 68.79 -68.29 -15.34
C ALA TI 44 67.77 -68.09 -16.44
N GLN TI 45 66.63 -67.52 -16.06
CA GLN TI 45 65.60 -67.16 -17.03
C GLN TI 45 65.73 -65.69 -17.41
N PHE TI 46 65.22 -65.36 -18.59
CA PHE TI 46 65.25 -63.98 -19.04
C PHE TI 46 64.00 -63.25 -18.60
N THR TI 47 64.19 -62.20 -17.81
CA THR TI 47 63.09 -61.34 -17.40
C THR TI 47 62.94 -60.24 -18.43
N GLU TI 48 62.12 -59.25 -18.09
CA GLU TI 48 62.09 -58.03 -18.88
C GLU TI 48 63.37 -57.22 -18.66
N HIS TI 49 63.82 -57.15 -17.41
CA HIS TI 49 65.03 -56.44 -17.06
C HIS TI 49 66.29 -57.08 -17.62
N THR TI 50 66.52 -58.35 -17.32
CA THR TI 50 67.69 -59.08 -17.78
C THR TI 50 67.47 -59.40 -19.25
N SER TI 51 67.98 -58.54 -20.12
CA SER TI 51 67.90 -58.76 -21.56
C SER TI 51 69.24 -59.17 -22.15
N ALA TI 52 70.29 -59.21 -21.35
CA ALA TI 52 71.61 -59.61 -21.82
C ALA TI 52 72.37 -60.19 -20.65
N ILE TI 53 73.10 -61.27 -20.91
CA ILE TI 53 73.85 -61.97 -19.88
C ILE TI 53 75.28 -62.15 -20.35
N LYS TI 54 76.22 -61.66 -19.58
CA LYS TI 54 77.64 -61.77 -19.89
C LYS TI 54 78.28 -62.72 -18.90
N VAL TI 55 79.12 -63.62 -19.39
CA VAL TI 55 79.74 -64.65 -18.58
C VAL TI 55 81.25 -64.52 -18.69
N ARG TI 56 81.92 -64.39 -17.57
CA ARG TI 56 83.38 -64.32 -17.53
C ARG TI 56 83.92 -65.62 -16.94
N GLY TI 57 85.21 -65.85 -17.14
CA GLY TI 57 85.87 -67.00 -16.56
C GLY TI 57 85.50 -68.29 -17.27
N LYS TI 58 86.03 -69.39 -16.74
CA LYS TI 58 85.81 -70.69 -17.34
C LYS TI 58 84.49 -71.25 -16.86
N ALA TI 59 83.55 -71.42 -17.79
CA ALA TI 59 82.23 -71.93 -17.47
C ALA TI 59 81.70 -72.70 -18.67
N TYR TI 60 80.70 -73.53 -18.41
CA TYR TI 60 80.11 -74.41 -19.41
C TYR TI 60 78.63 -74.08 -19.53
N ILE TI 61 78.22 -73.56 -20.67
CA ILE TI 61 76.89 -73.01 -20.85
C ILE TI 61 76.08 -73.91 -21.77
N GLN TI 62 74.86 -74.22 -21.37
CA GLN TI 62 73.89 -74.88 -22.22
C GLN TI 62 72.74 -73.92 -22.48
N THR TI 63 72.46 -73.67 -23.74
CA THR TI 63 71.32 -72.88 -24.16
C THR TI 63 70.43 -73.76 -25.03
N SER TI 64 69.41 -73.12 -25.62
CA SER TI 64 68.58 -73.83 -26.58
C SER TI 64 69.33 -74.13 -27.86
N HIS TI 65 70.27 -73.27 -28.23
CA HIS TI 65 71.04 -73.43 -29.45
C HIS TI 65 72.16 -74.45 -29.31
N GLY TI 66 72.42 -74.96 -28.12
CA GLY TI 66 73.45 -75.93 -27.91
C GLY TI 66 74.31 -75.55 -26.73
N VAL TI 67 75.53 -76.07 -26.71
CA VAL TI 67 76.45 -75.85 -25.61
C VAL TI 67 77.62 -75.01 -26.09
N ILE TI 68 78.31 -74.40 -25.14
CA ILE TI 68 79.46 -73.55 -25.41
C ILE TI 68 80.29 -73.48 -24.14
N GLU TI 69 81.55 -73.07 -24.28
CA GLU TI 69 82.48 -73.07 -23.17
C GLU TI 69 83.17 -71.73 -23.07
N SER TI 70 82.74 -70.90 -22.13
CA SER TI 70 83.37 -69.61 -21.91
C SER TI 70 84.66 -69.79 -21.15
N GLU TI 71 85.62 -68.93 -21.43
CA GLU TI 71 86.90 -68.97 -20.72
C GLU TI 71 87.28 -67.63 -20.13
N ASP UI 6 59.74 -75.06 -18.98
CA ASP UI 6 59.15 -74.26 -17.92
C ASP UI 6 59.56 -74.73 -16.53
N PHE UI 7 60.12 -75.93 -16.44
CA PHE UI 7 60.43 -76.50 -15.13
C PHE UI 7 61.67 -77.36 -15.23
N VAL UI 8 62.34 -77.51 -14.10
CA VAL UI 8 63.57 -78.27 -13.99
C VAL UI 8 63.39 -79.37 -12.96
N VAL UI 9 64.22 -80.41 -13.07
CA VAL UI 9 64.15 -81.57 -12.20
C VAL UI 9 65.51 -81.77 -11.56
N ILE UI 10 65.59 -81.67 -10.24
CA ILE UI 10 66.85 -81.76 -9.52
C ILE UI 10 66.81 -82.98 -8.62
N LYS UI 11 67.66 -83.96 -8.90
CA LYS UI 11 67.80 -85.12 -8.03
C LYS UI 11 69.03 -84.91 -7.16
N ALA UI 12 68.84 -84.83 -5.86
CA ALA UI 12 69.96 -84.57 -4.98
C ALA UI 12 70.74 -85.86 -4.71
N LEU UI 13 71.92 -85.96 -5.30
CA LEU UI 13 72.75 -87.14 -5.17
C LEU UI 13 73.53 -87.20 -3.87
N GLU UI 14 73.56 -86.11 -3.11
CA GLU UI 14 74.23 -86.09 -1.82
C GLU UI 14 73.41 -85.23 -0.87
N ASP UI 15 73.73 -85.33 0.41
CA ASP UI 15 72.96 -84.61 1.41
C ASP UI 15 73.27 -83.13 1.39
N GLY UI 16 72.31 -82.34 1.89
CA GLY UI 16 72.51 -80.92 2.06
C GLY UI 16 72.62 -80.13 0.78
N VAL UI 17 71.96 -80.55 -0.29
CA VAL UI 17 72.03 -79.81 -1.54
C VAL UI 17 71.12 -78.60 -1.44
N ASN UI 18 71.68 -77.41 -1.67
CA ASN UI 18 70.94 -76.17 -1.54
C ASN UI 18 70.39 -75.78 -2.90
N VAL UI 19 69.18 -75.22 -2.91
CA VAL UI 19 68.56 -74.70 -4.11
C VAL UI 19 68.07 -73.29 -3.76
N ILE UI 20 68.59 -72.29 -4.46
CA ILE UI 20 68.36 -70.90 -4.12
C ILE UI 20 67.43 -70.27 -5.15
N GLY UI 21 66.33 -69.71 -4.69
CA GLY UI 21 65.38 -69.06 -5.58
C GLY UI 21 63.97 -69.56 -5.39
N SER UI 33 65.31 -70.10 -0.24
CA SER UI 33 66.28 -71.19 -0.16
C SER UI 33 65.62 -72.47 0.31
N GLU UI 34 66.04 -73.59 -0.28
CA GLU UI 34 65.54 -74.91 0.10
C GLU UI 34 66.71 -75.86 0.23
N CYS UI 35 66.56 -76.87 1.09
CA CYS UI 35 67.60 -77.87 1.28
C CYS UI 35 67.04 -79.25 0.95
N LEU UI 36 67.85 -80.09 0.32
CA LEU UI 36 67.45 -81.43 -0.06
C LEU UI 36 68.44 -82.44 0.50
N ASP UI 37 67.91 -83.60 0.88
CA ASP UI 37 68.74 -84.71 1.31
C ASP UI 37 68.98 -85.66 0.14
N LYS UI 38 69.77 -86.70 0.40
CA LYS UI 38 70.16 -87.63 -0.65
C LYS UI 38 68.98 -88.48 -1.08
N GLY UI 39 68.73 -88.51 -2.38
CA GLY UI 39 67.68 -89.31 -2.95
C GLY UI 39 66.40 -88.57 -3.23
N GLU UI 40 66.24 -87.36 -2.70
CA GLU UI 40 65.04 -86.59 -2.99
C GLU UI 40 65.15 -85.99 -4.38
N VAL UI 41 63.98 -85.61 -4.91
CA VAL UI 41 63.88 -85.01 -6.23
C VAL UI 41 62.93 -83.83 -6.12
N LEU UI 42 63.40 -82.66 -6.54
CA LEU UI 42 62.60 -81.46 -6.55
C LEU UI 42 62.31 -81.06 -7.98
N ILE UI 43 61.03 -80.91 -8.30
CA ILE UI 43 60.60 -80.42 -9.60
C ILE UI 43 60.16 -78.99 -9.40
N ALA UI 44 60.87 -78.06 -10.03
CA ALA UI 44 60.67 -76.64 -9.76
C ALA UI 44 60.26 -75.92 -11.03
N GLN UI 45 59.16 -75.19 -10.94
CA GLN UI 45 58.70 -74.34 -12.04
C GLN UI 45 59.17 -72.92 -11.82
N PHE UI 46 59.28 -72.18 -12.91
CA PHE UI 46 59.67 -70.78 -12.82
C PHE UI 46 58.46 -69.88 -12.67
N THR UI 47 58.41 -69.16 -11.56
CA THR UI 47 57.36 -68.18 -11.33
C THR UI 47 57.82 -66.85 -11.90
N GLU UI 48 57.07 -65.80 -11.58
CA GLU UI 48 57.54 -64.46 -11.86
C GLU UI 48 58.68 -64.09 -10.92
N HIS UI 49 58.56 -64.45 -9.65
CA HIS UI 49 59.57 -64.19 -8.65
C HIS UI 49 60.85 -64.97 -8.89
N THR UI 50 60.76 -66.30 -8.96
CA THR UI 50 61.91 -67.15 -9.17
C THR UI 50 62.33 -67.03 -10.63
N SER UI 51 63.26 -66.13 -10.90
CA SER UI 51 63.80 -65.95 -12.23
C SER UI 51 65.20 -66.52 -12.39
N ALA UI 52 65.77 -67.04 -11.32
CA ALA UI 52 67.10 -67.63 -11.37
C ALA UI 52 67.20 -68.67 -10.26
N ILE UI 53 67.83 -69.79 -10.58
CA ILE UI 53 67.95 -70.90 -9.64
C ILE UI 53 69.40 -71.31 -9.59
N LYS UI 54 69.98 -71.29 -8.39
CA LYS UI 54 71.36 -71.69 -8.18
C LYS UI 54 71.39 -72.98 -7.40
N VAL UI 55 72.23 -73.91 -7.81
CA VAL UI 55 72.29 -75.24 -7.22
C VAL UI 55 73.71 -75.49 -6.72
N ARG UI 56 73.83 -75.82 -5.44
CA ARG UI 56 75.11 -76.15 -4.84
C ARG UI 56 75.18 -77.63 -4.58
N GLY UI 57 76.39 -78.14 -4.35
CA GLY UI 57 76.58 -79.52 -3.98
C GLY UI 57 76.39 -80.45 -5.17
N LYS UI 58 76.50 -81.74 -4.88
CA LYS UI 58 76.40 -82.75 -5.92
C LYS UI 58 74.93 -83.05 -6.20
N ALA UI 59 74.49 -82.73 -7.41
CA ALA UI 59 73.11 -82.95 -7.80
C ALA UI 59 73.05 -83.23 -9.29
N TYR UI 60 71.95 -83.82 -9.73
CA TYR UI 60 71.76 -84.22 -11.11
C TYR UI 60 70.53 -83.51 -11.65
N ILE UI 61 70.73 -82.63 -12.62
CA ILE UI 61 69.68 -81.73 -13.07
C ILE UI 61 69.26 -82.13 -14.48
N GLN UI 62 67.95 -82.20 -14.71
CA GLN UI 62 67.38 -82.35 -16.02
C GLN UI 62 66.58 -81.10 -16.34
N THR UI 63 66.92 -80.47 -17.46
CA THR UI 63 66.18 -79.34 -17.99
C THR UI 63 65.66 -79.70 -19.37
N SER UI 64 65.09 -78.70 -20.05
CA SER UI 64 64.67 -78.91 -21.42
C SER UI 64 65.87 -79.04 -22.35
N HIS UI 65 66.98 -78.39 -22.03
CA HIS UI 65 68.18 -78.43 -22.84
C HIS UI 65 68.98 -79.71 -22.65
N GLY UI 66 68.62 -80.55 -21.69
CA GLY UI 66 69.34 -81.77 -21.45
C GLY UI 66 69.63 -81.94 -19.98
N VAL UI 67 70.65 -82.75 -19.69
CA VAL UI 67 71.01 -83.05 -18.31
C VAL UI 67 72.37 -82.45 -18.02
N ILE UI 68 72.64 -82.30 -16.72
CA ILE UI 68 73.89 -81.73 -16.24
C ILE UI 68 74.09 -82.20 -14.82
N GLU UI 69 75.33 -82.11 -14.32
CA GLU UI 69 75.68 -82.63 -13.01
C GLU UI 69 76.42 -81.58 -12.21
N SER UI 70 75.72 -80.94 -11.28
CA SER UI 70 76.34 -79.95 -10.43
C SER UI 70 77.15 -80.64 -9.33
N GLU UI 71 78.24 -80.01 -8.92
CA GLU UI 71 79.06 -80.56 -7.86
C GLU UI 71 79.31 -79.56 -6.75
N ASP VI 6 53.70 -79.83 -18.50
CA ASP VI 6 52.79 -79.21 -17.56
C ASP VI 6 52.47 -80.11 -16.37
N PHE VI 7 52.79 -81.39 -16.48
CA PHE VI 7 52.41 -82.34 -15.45
C PHE VI 7 53.45 -83.44 -15.34
N VAL VI 8 53.52 -84.05 -14.16
CA VAL VI 8 54.47 -85.09 -13.84
C VAL VI 8 53.73 -86.34 -13.43
N VAL VI 9 54.39 -87.48 -13.56
CA VAL VI 9 53.81 -88.78 -13.23
C VAL VI 9 54.71 -89.47 -12.21
N ILE VI 10 54.19 -89.75 -11.03
CA ILE VI 10 54.98 -90.33 -9.95
C ILE VI 10 54.40 -91.70 -9.62
N LYS VI 11 55.16 -92.75 -9.86
CA LYS VI 11 54.77 -94.08 -9.46
C LYS VI 11 55.48 -94.43 -8.17
N ALA VI 12 54.73 -94.64 -7.10
CA ALA VI 12 55.36 -94.92 -5.82
C ALA VI 12 55.79 -96.38 -5.74
N LEU VI 13 57.08 -96.62 -5.81
CA LEU VI 13 57.63 -97.97 -5.78
C LEU VI 13 57.72 -98.55 -4.39
N GLU VI 14 57.53 -97.73 -3.35
CA GLU VI 14 57.54 -98.23 -1.98
C GLU VI 14 56.49 -97.47 -1.20
N ASP VI 15 56.18 -97.97 -0.01
CA ASP VI 15 55.11 -97.37 0.78
C ASP VI 15 55.57 -96.06 1.40
N GLY VI 16 54.59 -95.22 1.73
CA GLY VI 16 54.85 -93.98 2.44
C GLY VI 16 55.61 -92.94 1.66
N VAL VI 17 55.46 -92.90 0.33
CA VAL VI 17 56.17 -91.89 -0.44
C VAL VI 17 55.46 -90.55 -0.30
N ASN VI 18 56.19 -89.54 0.13
CA ASN VI 18 55.62 -88.23 0.39
C ASN VI 18 55.78 -87.36 -0.85
N VAL VI 19 54.78 -86.55 -1.14
CA VAL VI 19 54.82 -85.58 -2.23
C VAL VI 19 54.41 -84.25 -1.64
N ILE VI 20 55.28 -83.25 -1.70
CA ILE VI 20 55.08 -81.99 -1.01
C ILE VI 20 54.80 -80.91 -2.03
N GLY VI 21 53.68 -80.24 -1.89
CA GLY VI 21 53.32 -79.16 -2.79
C GLY VI 21 51.92 -79.31 -3.35
N SER VI 33 50.72 -81.49 1.38
CA SER VI 33 51.42 -82.77 1.45
C SER VI 33 50.49 -83.93 1.15
N GLU VI 34 50.99 -84.92 0.42
CA GLU VI 34 50.23 -86.12 0.10
C GLU VI 34 51.11 -87.35 0.34
N CYS VI 35 50.48 -88.47 0.66
CA CYS VI 35 51.20 -89.71 0.89
C CYS VI 35 50.69 -90.77 -0.07
N LEU VI 36 51.60 -91.59 -0.59
CA LEU VI 36 51.27 -92.63 -1.53
C LEU VI 36 51.77 -93.98 -1.01
N ASP VI 37 51.02 -95.03 -1.30
CA ASP VI 37 51.43 -96.38 -0.99
C ASP VI 37 52.05 -97.02 -2.22
N LYS VI 38 52.53 -98.25 -2.04
CA LYS VI 38 53.24 -98.94 -3.10
C LYS VI 38 52.30 -99.33 -4.22
N GLY VI 39 52.66 -98.96 -5.44
CA GLY VI 39 51.89 -99.29 -6.62
C GLY VI 39 50.97 -98.20 -7.11
N GLU VI 40 50.71 -97.19 -6.30
CA GLU VI 40 49.88 -96.09 -6.75
C GLU VI 40 50.67 -95.18 -7.69
N VAL VI 41 49.92 -94.40 -8.46
CA VAL VI 41 50.49 -93.48 -9.42
C VAL VI 41 49.74 -92.16 -9.30
N LEU VI 42 50.48 -91.08 -9.07
CA LEU VI 42 49.91 -89.76 -8.97
C LEU VI 42 50.33 -88.94 -10.17
N ILE VI 43 49.37 -88.40 -10.90
CA ILE VI 43 49.63 -87.50 -12.01
C ILE VI 43 49.31 -86.10 -11.53
N ALA VI 44 50.33 -85.25 -11.45
CA ALA VI 44 50.18 -83.95 -10.82
C ALA VI 44 50.46 -82.84 -11.81
N GLN VI 45 49.54 -81.90 -11.92
CA GLN VI 45 49.72 -80.72 -12.74
C GLN VI 45 50.19 -79.56 -11.88
N PHE VI 46 50.87 -78.60 -12.51
CA PHE VI 46 51.34 -77.43 -11.81
C PHE VI 46 50.29 -76.33 -11.84
N THR VI 47 49.83 -75.93 -10.66
CA THR VI 47 48.91 -74.83 -10.54
C THR VI 47 49.72 -73.55 -10.38
N GLU VI 48 49.03 -72.46 -10.05
CA GLU VI 48 49.72 -71.25 -9.64
C GLU VI 48 50.35 -71.44 -8.27
N HIS VI 49 49.62 -72.09 -7.36
CA HIS VI 49 50.11 -72.35 -6.01
C HIS VI 49 51.26 -73.34 -5.98
N THR VI 50 51.06 -74.53 -6.53
CA THR VI 50 52.08 -75.57 -6.57
C THR VI 50 53.12 -75.17 -7.61
N SER VI 51 54.17 -74.51 -7.15
CA SER VI 51 55.27 -74.12 -8.03
C SER VI 51 56.51 -74.96 -7.81
N ALA VI 52 56.49 -75.87 -6.84
CA ALA VI 52 57.61 -76.74 -6.57
C ALA VI 52 57.09 -78.02 -5.94
N ILE VI 53 57.65 -79.15 -6.35
CA ILE VI 53 57.22 -80.45 -5.89
C ILE VI 53 58.44 -81.21 -5.41
N LYS VI 54 58.40 -81.65 -4.16
CA LYS VI 54 59.49 -82.43 -3.57
C LYS VI 54 59.01 -83.84 -3.34
N VAL VI 55 59.85 -84.81 -3.69
CA VAL VI 55 59.48 -86.22 -3.61
C VAL VI 55 60.48 -86.93 -2.72
N ARG VI 56 59.97 -87.61 -1.69
CA ARG VI 56 60.81 -88.39 -0.78
C ARG VI 56 60.58 -89.87 -1.05
N GLY VI 57 61.48 -90.70 -0.55
CA GLY VI 57 61.34 -92.13 -0.65
C GLY VI 57 61.60 -92.64 -2.06
N LYS VI 58 61.42 -93.94 -2.21
CA LYS VI 58 61.68 -94.59 -3.49
C LYS VI 58 60.49 -94.44 -4.40
N ALA VI 59 60.67 -93.71 -5.49
CA ALA VI 59 59.60 -93.46 -6.45
C ALA VI 59 60.20 -93.32 -7.83
N TYR VI 60 59.35 -93.48 -8.84
CA TYR VI 60 59.76 -93.44 -10.23
C TYR VI 60 58.99 -92.33 -10.93
N ILE VI 61 59.71 -91.31 -11.38
CA ILE VI 61 59.08 -90.08 -11.87
C ILE VI 61 59.31 -89.98 -13.37
N GLN VI 62 58.24 -89.66 -14.09
CA GLN VI 62 58.31 -89.32 -15.50
C GLN VI 62 57.89 -87.87 -15.66
N THR VI 63 58.77 -87.08 -16.26
CA THR VI 63 58.47 -85.70 -16.60
C THR VI 63 58.60 -85.54 -18.11
N SER VI 64 58.51 -84.30 -18.57
CA SER VI 64 58.73 -84.02 -19.98
C SER VI 64 60.19 -84.21 -20.35
N HIS VI 65 61.11 -83.97 -19.41
CA HIS VI 65 62.53 -84.10 -19.66
C HIS VI 65 63.02 -85.53 -19.62
N GLY VI 66 62.17 -86.48 -19.22
CA GLY VI 66 62.56 -87.86 -19.17
C GLY VI 66 62.14 -88.48 -17.85
N VAL VI 67 62.80 -89.56 -17.48
CA VAL VI 67 62.48 -90.29 -16.27
C VAL VI 67 63.61 -90.14 -15.27
N ILE VI 68 63.30 -90.42 -14.01
CA ILE VI 68 64.24 -90.31 -12.91
C ILE VI 68 63.72 -91.18 -11.78
N GLU VI 69 64.60 -91.53 -10.85
CA GLU VI 69 64.26 -92.45 -9.78
C GLU VI 69 64.68 -91.87 -8.43
N SER VI 70 63.71 -91.33 -7.70
CA SER VI 70 63.99 -90.79 -6.39
C SER VI 70 64.12 -91.92 -5.37
N GLU VI 71 64.98 -91.72 -4.39
CA GLU VI 71 65.17 -92.72 -3.34
C GLU VI 71 64.99 -92.13 -1.95
N ASP WI 6 46.95 -83.12 -22.26
CA ASP WI 6 45.79 -82.59 -21.57
C ASP WI 6 44.92 -83.69 -20.97
N PHE WI 7 45.14 -84.92 -21.39
CA PHE WI 7 44.27 -86.02 -20.96
C PHE WI 7 45.06 -87.30 -20.84
N VAL WI 8 44.55 -88.20 -20.02
CA VAL WI 8 45.20 -89.48 -19.74
C VAL WI 8 44.22 -90.60 -20.09
N VAL WI 9 44.78 -91.78 -20.34
CA VAL WI 9 43.99 -92.95 -20.71
C VAL WI 9 44.32 -94.07 -19.75
N ILE WI 10 43.31 -94.54 -19.02
CA ILE WI 10 43.51 -95.56 -17.99
C ILE WI 10 42.71 -96.79 -18.39
N LYS WI 11 43.41 -97.88 -18.66
CA LYS WI 11 42.77 -99.17 -18.93
C LYS WI 11 42.83 -99.99 -17.66
N ALA WI 12 41.67 -100.32 -17.09
CA ALA WI 12 41.67 -101.06 -15.85
C ALA WI 12 41.88 -102.54 -16.12
N LEU WI 13 43.06 -103.04 -15.77
CA LEU WI 13 43.42 -104.43 -16.01
C LEU WI 13 42.84 -105.38 -14.97
N GLU WI 14 42.31 -104.86 -13.87
CA GLU WI 14 41.68 -105.70 -12.86
C GLU WI 14 40.47 -104.96 -12.32
N ASP WI 15 39.65 -105.69 -11.58
CA ASP WI 15 38.40 -105.11 -11.09
C ASP WI 15 38.67 -104.15 -9.95
N GLY WI 16 37.72 -103.23 -9.74
CA GLY WI 16 37.76 -102.33 -8.61
C GLY WI 16 38.87 -101.31 -8.65
N VAL WI 17 39.31 -100.88 -9.82
CA VAL WI 17 40.36 -99.88 -9.88
C VAL WI 17 39.78 -98.52 -9.57
N ASN WI 18 40.34 -97.84 -8.57
CA ASN WI 18 39.85 -96.56 -8.13
C ASN WI 18 40.61 -95.45 -8.83
N VAL WI 19 39.90 -94.39 -9.19
CA VAL WI 19 40.49 -93.18 -9.77
C VAL WI 19 39.98 -92.01 -8.97
N ILE WI 20 40.89 -91.26 -8.35
CA ILE WI 20 40.52 -90.23 -7.40
C ILE WI 20 40.81 -88.86 -8.02
N GLY WI 21 39.79 -88.02 -8.09
CA GLY WI 21 39.94 -86.69 -8.63
C GLY WI 21 38.93 -86.36 -9.70
N SER WI 33 35.62 -89.43 -6.81
CA SER WI 33 36.10 -90.81 -6.92
C SER WI 33 35.29 -91.60 -7.93
N GLU WI 34 35.96 -92.44 -8.70
CA GLU WI 34 35.31 -93.31 -9.68
C GLU WI 34 35.89 -94.71 -9.56
N CYS WI 35 35.08 -95.71 -9.90
CA CYS WI 35 35.52 -97.10 -9.85
C CYS WI 35 35.38 -97.71 -11.24
N LEU WI 36 36.35 -98.54 -11.62
CA LEU WI 36 36.36 -99.19 -12.92
C LEU WI 36 36.46 -100.69 -12.73
N ASP WI 37 35.81 -101.43 -13.61
CA ASP WI 37 35.93 -102.88 -13.66
C ASP WI 37 36.95 -103.28 -14.71
N LYS WI 38 37.20 -104.58 -14.79
CA LYS WI 38 38.24 -105.09 -15.68
C LYS WI 38 37.83 -104.94 -17.14
N GLY WI 39 38.72 -104.34 -17.92
CA GLY WI 39 38.49 -104.17 -19.34
C GLY WI 39 37.98 -102.81 -19.74
N GLU WI 40 37.50 -102.02 -18.78
CA GLU WI 40 37.03 -100.68 -19.10
C GLU WI 40 38.22 -99.75 -19.32
N VAL WI 41 37.96 -98.65 -19.99
CA VAL WI 41 38.96 -97.63 -20.30
C VAL WI 41 38.35 -96.28 -20.01
N LEU WI 42 39.01 -95.49 -19.18
CA LEU WI 42 38.57 -94.15 -18.86
C LEU WI 42 39.55 -93.16 -19.45
N ILE WI 43 39.04 -92.24 -20.25
CA ILE WI 43 39.83 -91.15 -20.81
C ILE WI 43 39.46 -89.90 -20.03
N ALA WI 44 40.42 -89.35 -19.30
CA ALA WI 44 40.13 -88.28 -18.36
C ALA WI 44 40.91 -87.04 -18.73
N GLN WI 45 40.22 -85.92 -18.86
CA GLN WI 45 40.83 -84.63 -19.09
C GLN WI 45 41.00 -83.89 -17.77
N PHE WI 46 41.96 -82.97 -17.74
CA PHE WI 46 42.19 -82.17 -16.55
C PHE WI 46 41.36 -80.90 -16.60
N THR WI 47 40.47 -80.74 -15.62
CA THR WI 47 39.69 -79.54 -15.48
C THR WI 47 40.47 -78.56 -14.61
N GLU WI 48 39.81 -77.48 -14.21
CA GLU WI 48 40.36 -76.63 -13.18
C GLU WI 48 40.32 -77.32 -11.83
N HIS WI 49 39.21 -78.00 -11.54
CA HIS WI 49 39.05 -78.73 -10.29
C HIS WI 49 39.98 -79.92 -10.17
N THR WI 50 39.94 -80.83 -11.13
CA THR WI 50 40.78 -82.02 -11.12
C THR WI 50 42.19 -81.60 -11.49
N SER WI 51 43.00 -81.34 -10.49
CA SER WI 51 44.39 -80.98 -10.69
C SER WI 51 45.34 -82.11 -10.32
N ALA WI 52 44.83 -83.22 -9.81
CA ALA WI 52 45.64 -84.36 -9.45
C ALA WI 52 44.79 -85.61 -9.54
N ILE WI 53 45.38 -86.67 -10.07
CA ILE WI 53 44.67 -87.93 -10.28
C ILE WI 53 45.49 -89.04 -9.67
N LYS WI 54 44.89 -89.78 -8.75
CA LYS WI 54 45.53 -90.91 -8.10
C LYS WI 54 44.88 -92.20 -8.57
N VAL WI 55 45.69 -93.19 -8.88
CA VAL WI 55 45.21 -94.46 -9.43
C VAL WI 55 45.66 -95.58 -8.52
N ARG WI 56 44.71 -96.39 -8.07
CA ARG WI 56 44.99 -97.54 -7.24
C ARG WI 56 44.77 -98.81 -8.06
N GLY WI 57 45.30 -99.92 -7.57
CA GLY WI 57 45.08 -101.20 -8.20
C GLY WI 57 45.87 -101.35 -9.48
N LYS WI 58 45.66 -102.49 -10.13
CA LYS WI 58 46.39 -102.81 -11.36
C LYS WI 58 45.71 -102.14 -12.54
N ALA WI 59 46.41 -101.20 -13.16
CA ALA WI 59 45.88 -100.48 -14.30
C ALA WI 59 47.02 -100.11 -15.22
N TYR WI 60 46.68 -99.78 -16.46
CA TYR WI 60 47.64 -99.47 -17.49
C TYR WI 60 47.35 -98.06 -18.01
N ILE WI 61 48.28 -97.13 -17.78
CA ILE WI 61 48.04 -95.72 -18.02
C ILE WI 61 48.89 -95.27 -19.19
N GLN WI 62 48.27 -94.54 -20.11
CA GLN WI 62 48.96 -93.84 -21.18
C GLN WI 62 48.79 -92.35 -20.97
N THR WI 63 49.90 -91.64 -20.89
CA THR WI 63 49.91 -90.19 -20.82
C THR WI 63 50.68 -89.66 -22.02
N SER WI 64 50.91 -88.35 -22.03
CA SER WI 64 51.75 -87.76 -23.06
C SER WI 64 53.20 -88.16 -22.89
N HIS WI 65 53.63 -88.39 -21.66
CA HIS WI 65 55.01 -88.76 -21.38
C HIS WI 65 55.30 -90.23 -21.66
N GLY WI 66 54.29 -91.03 -21.96
CA GLY WI 66 54.49 -92.43 -22.24
C GLY WI 66 53.49 -93.27 -21.47
N VAL WI 67 53.84 -94.53 -21.27
CA VAL WI 67 52.96 -95.47 -20.60
C VAL WI 67 53.57 -95.86 -19.26
N ILE WI 68 52.71 -96.39 -18.39
CA ILE WI 68 53.10 -96.81 -17.05
C ILE WI 68 52.07 -97.81 -16.57
N GLU WI 69 52.43 -98.59 -15.55
CA GLU WI 69 51.58 -99.66 -15.07
C GLU WI 69 51.43 -99.58 -13.56
N SER WI 70 50.30 -99.06 -13.11
CA SER WI 70 50.04 -98.98 -11.69
C SER WI 70 49.63 -100.34 -11.15
N GLU WI 71 49.99 -100.61 -9.91
CA GLU WI 71 49.62 -101.87 -9.28
C GLU WI 71 48.92 -101.67 -7.95
N ASP XI 6 42.77 -83.49 -29.02
CA ASP XI 6 41.49 -82.86 -28.72
C ASP XI 6 40.32 -83.81 -28.91
N PHE XI 7 40.55 -84.93 -29.60
CA PHE XI 7 39.47 -85.83 -29.94
C PHE XI 7 39.96 -87.27 -29.96
N VAL XI 8 39.04 -88.19 -29.75
CA VAL XI 8 39.32 -89.61 -29.69
C VAL XI 8 38.49 -90.32 -30.74
N VAL XI 9 38.94 -91.51 -31.14
CA VAL XI 9 38.29 -92.31 -32.16
C VAL XI 9 38.01 -93.68 -31.58
N ILE XI 10 36.73 -94.05 -31.51
CA ILE XI 10 36.31 -95.31 -30.89
C ILE XI 10 35.65 -96.16 -31.96
N LYS XI 11 36.26 -97.29 -32.28
CA LYS XI 11 35.66 -98.26 -33.19
C LYS XI 11 35.05 -99.36 -32.36
N ALA XI 12 33.73 -99.52 -32.44
CA ALA XI 12 33.08 -100.52 -31.62
C ALA XI 12 33.21 -101.89 -32.26
N LEU XI 13 34.04 -102.74 -31.67
CA LEU XI 13 34.29 -104.07 -32.20
C LEU XI 13 33.21 -105.08 -31.85
N GLU XI 14 32.30 -104.72 -30.96
CA GLU XI 14 31.19 -105.61 -30.60
C GLU XI 14 29.96 -104.75 -30.37
N ASP XI 15 28.81 -105.40 -30.30
CA ASP XI 15 27.56 -104.67 -30.18
C ASP XI 15 27.38 -104.13 -28.77
N GLY XI 16 26.56 -103.08 -28.67
CA GLY XI 16 26.20 -102.53 -27.38
C GLY XI 16 27.32 -101.85 -26.63
N VAL XI 17 28.29 -101.26 -27.32
CA VAL XI 17 29.37 -100.58 -26.62
C VAL XI 17 28.87 -99.23 -26.13
N ASN XI 18 29.01 -98.99 -24.83
CA ASN XI 18 28.51 -97.78 -24.20
C ASN XI 18 29.63 -96.76 -24.15
N VAL XI 19 29.30 -95.50 -24.37
CA VAL XI 19 30.23 -94.38 -24.23
C VAL XI 19 29.55 -93.35 -23.36
N ILE XI 20 30.16 -93.03 -22.22
CA ILE XI 20 29.54 -92.21 -21.20
C ILE XI 20 30.24 -90.86 -21.16
N GLY XI 21 29.46 -89.79 -21.33
CA GLY XI 21 30.00 -88.45 -21.29
C GLY XI 21 29.61 -87.62 -22.49
N SER XI 33 25.03 -90.39 -22.35
CA SER XI 33 25.34 -91.76 -22.72
C SER XI 33 24.97 -92.04 -24.17
N GLU XI 34 25.83 -92.80 -24.84
CA GLU XI 34 25.59 -93.21 -26.23
C GLU XI 34 25.88 -94.70 -26.37
N CYS XI 35 25.19 -95.34 -27.31
CA CYS XI 35 25.40 -96.75 -27.56
C CYS XI 35 25.83 -96.95 -29.01
N LEU XI 36 26.76 -97.87 -29.23
CA LEU XI 36 27.28 -98.16 -30.57
C LEU XI 36 27.11 -99.63 -30.87
N ASP XI 37 26.85 -99.94 -32.13
CA ASP XI 37 26.79 -101.31 -32.61
C ASP XI 37 28.13 -101.69 -33.23
N LYS XI 38 28.23 -102.95 -33.65
CA LYS XI 38 29.48 -103.46 -34.17
C LYS XI 38 29.80 -102.85 -35.53
N GLY XI 39 31.00 -102.32 -35.65
CA GLY XI 39 31.48 -101.75 -36.89
C GLY XI 39 31.35 -100.25 -36.97
N GLU XI 40 30.59 -99.63 -36.09
CA GLU XI 40 30.49 -98.19 -36.11
C GLU XI 40 31.74 -97.56 -35.50
N VAL XI 41 31.94 -96.28 -35.82
CA VAL XI 41 33.09 -95.52 -35.35
C VAL XI 41 32.59 -94.18 -34.89
N LEU XI 42 32.89 -93.82 -33.65
CA LEU XI 42 32.51 -92.53 -33.10
C LEU XI 42 33.76 -91.69 -32.89
N ILE XI 43 33.77 -90.51 -33.47
CA ILE XI 43 34.86 -89.56 -33.26
C ILE XI 43 34.33 -88.49 -32.32
N ALA XI 44 34.91 -88.39 -31.15
CA ALA XI 44 34.37 -87.56 -30.09
C ALA XI 44 35.37 -86.50 -29.69
N GLN XI 45 34.93 -85.25 -29.69
CA GLN XI 45 35.74 -84.14 -29.21
C GLN XI 45 35.38 -83.81 -27.77
N PHE XI 46 36.33 -83.22 -27.07
CA PHE XI 46 36.09 -82.82 -25.69
C PHE XI 46 35.53 -81.41 -25.63
N THR XI 47 34.32 -81.28 -25.09
CA THR XI 47 33.71 -79.99 -24.87
C THR XI 47 34.12 -79.50 -23.49
N GLU XI 48 33.48 -78.42 -23.05
CA GLU XI 48 33.61 -78.01 -21.66
C GLU XI 48 32.89 -78.99 -20.75
N HIS XI 49 31.70 -79.42 -21.16
CA HIS XI 49 30.90 -80.37 -20.40
C HIS XI 49 31.53 -81.74 -20.32
N THR XI 50 31.81 -82.36 -21.48
CA THR XI 50 32.40 -83.68 -21.54
C THR XI 50 33.87 -83.55 -21.17
N SER XI 51 34.17 -83.76 -19.89
CA SER XI 51 35.54 -83.73 -19.40
C SER XI 51 36.08 -85.11 -19.09
N ALA XI 52 35.26 -86.15 -19.22
CA ALA XI 52 35.68 -87.52 -18.98
C ALA XI 52 34.82 -88.44 -19.81
N ILE XI 53 35.45 -89.45 -20.39
CA ILE XI 53 34.78 -90.39 -21.27
C ILE XI 53 35.09 -91.80 -20.80
N LYS XI 54 34.06 -92.57 -20.51
CA LYS XI 54 34.21 -93.95 -20.06
C LYS XI 54 33.68 -94.86 -21.15
N VAL XI 55 34.42 -95.92 -21.44
CA VAL XI 55 34.10 -96.84 -22.52
C VAL XI 55 33.95 -98.24 -21.94
N ARG XI 56 32.81 -98.86 -22.19
CA ARG XI 56 32.55 -100.23 -21.77
C ARG XI 56 32.57 -101.15 -22.97
N GLY XI 57 32.69 -102.44 -22.72
CA GLY XI 57 32.63 -103.42 -23.78
C GLY XI 57 33.89 -103.45 -24.62
N LYS XI 58 33.85 -104.29 -25.64
CA LYS XI 58 35.01 -104.47 -26.51
C LYS XI 58 35.03 -103.38 -27.56
N ALA XI 59 36.04 -102.52 -27.51
CA ALA XI 59 36.17 -101.42 -28.45
C ALA XI 59 37.64 -101.13 -28.66
N TYR XI 60 37.93 -100.44 -29.75
CA TYR XI 60 39.29 -100.13 -30.16
C TYR XI 60 39.43 -98.61 -30.24
N ILE XI 61 40.26 -98.04 -29.37
CA ILE XI 61 40.32 -96.60 -29.19
C ILE XI 61 41.65 -96.10 -29.71
N GLN XI 62 41.61 -95.02 -30.50
CA GLN XI 62 42.79 -94.29 -30.91
C GLN XI 62 42.71 -92.90 -30.30
N THR XI 63 43.75 -92.54 -29.56
CA THR XI 63 43.90 -91.20 -29.01
C THR XI 63 45.18 -90.59 -29.56
N SER XI 64 45.54 -89.42 -29.03
CA SER XI 64 46.82 -88.83 -29.39
C SER XI 64 47.98 -89.62 -28.81
N HIS XI 65 47.79 -90.24 -27.66
CA HIS XI 65 48.83 -91.01 -27.00
C HIS XI 65 49.04 -92.38 -27.62
N GLY XI 66 48.18 -92.80 -28.55
CA GLY XI 66 48.32 -94.09 -29.17
C GLY XI 66 46.99 -94.82 -29.19
N VAL XI 67 47.05 -96.13 -29.30
CA VAL XI 67 45.87 -96.96 -29.40
C VAL XI 67 45.76 -97.82 -28.14
N ILE XI 68 44.54 -98.30 -27.90
CA ILE XI 68 44.24 -99.12 -26.74
C ILE XI 68 42.99 -99.93 -27.07
N GLU XI 69 42.76 -101.01 -26.33
CA GLU XI 69 41.66 -101.91 -26.60
C GLU XI 69 40.86 -102.17 -25.33
N SER XI 70 39.71 -101.52 -25.22
CA SER XI 70 38.85 -101.73 -24.08
C SER XI 70 38.09 -103.03 -24.24
N GLU XI 71 37.82 -103.68 -23.12
CA GLU XI 71 37.05 -104.93 -23.15
C GLU XI 71 35.85 -104.89 -22.21
N ASP YI 6 41.91 -80.82 -36.65
CA ASP YI 6 40.69 -80.04 -36.65
C ASP YI 6 39.63 -80.59 -37.58
N PHE YI 7 40.01 -81.50 -38.48
CA PHE YI 7 39.08 -81.99 -39.47
C PHE YI 7 39.40 -83.45 -39.80
N VAL YI 8 38.37 -84.14 -40.28
CA VAL YI 8 38.46 -85.56 -40.61
C VAL YI 8 38.08 -85.74 -42.07
N VAL YI 9 38.54 -86.85 -42.65
CA VAL YI 9 38.30 -87.17 -44.04
C VAL YI 9 37.65 -88.54 -44.13
N ILE YI 10 36.44 -88.60 -44.65
CA ILE YI 10 35.68 -89.84 -44.71
C ILE YI 10 35.44 -90.19 -46.16
N LYS YI 11 36.01 -91.30 -46.61
CA LYS YI 11 35.76 -91.82 -47.94
C LYS YI 11 34.75 -92.93 -47.84
N ALA YI 12 33.58 -92.74 -48.44
CA ALA YI 12 32.53 -93.75 -48.32
C ALA YI 12 32.79 -94.89 -49.31
N LEU YI 13 33.19 -96.03 -48.78
CA LEU YI 13 33.51 -97.20 -49.59
C LEU YI 13 32.28 -97.97 -50.03
N GLU YI 14 31.11 -97.68 -49.48
CA GLU YI 14 29.88 -98.33 -49.89
C GLU YI 14 28.77 -97.30 -49.85
N ASP YI 15 27.63 -97.65 -50.43
CA ASP YI 15 26.54 -96.71 -50.55
C ASP YI 15 25.83 -96.54 -49.21
N GLY YI 16 25.16 -95.40 -49.06
CA GLY YI 16 24.34 -95.15 -47.89
C GLY YI 16 25.10 -94.98 -46.59
N VAL YI 17 26.32 -94.47 -46.64
CA VAL YI 17 27.07 -94.27 -45.40
C VAL YI 17 26.56 -93.03 -44.69
N ASN YI 18 26.14 -93.20 -43.45
CA ASN YI 18 25.56 -92.12 -42.67
C ASN YI 18 26.65 -91.44 -41.85
N VAL YI 19 26.57 -90.12 -41.74
CA VAL YI 19 27.46 -89.34 -40.89
C VAL YI 19 26.59 -88.46 -40.04
N ILE YI 20 26.69 -88.61 -38.72
CA ILE YI 20 25.77 -87.97 -37.79
C ILE YI 20 26.52 -86.88 -37.03
N GLY YI 21 26.01 -85.66 -37.10
CA GLY YI 21 26.62 -84.54 -36.41
C GLY YI 21 26.88 -83.35 -37.31
N SER YI 33 22.40 -84.89 -39.82
CA SER YI 33 22.70 -86.14 -40.49
C SER YI 33 22.96 -85.94 -41.98
N GLU YI 34 23.93 -86.67 -42.51
CA GLU YI 34 24.26 -86.61 -43.93
C GLU YI 34 24.43 -88.03 -44.46
N CYS YI 35 24.16 -88.22 -45.75
CA CYS YI 35 24.31 -89.52 -46.37
C CYS YI 35 25.28 -89.41 -47.53
N LEU YI 36 26.12 -90.43 -47.69
CA LEU YI 36 27.12 -90.47 -48.75
C LEU YI 36 26.95 -91.72 -49.57
N ASP YI 37 27.22 -91.60 -50.88
CA ASP YI 37 27.24 -92.74 -51.78
C ASP YI 37 28.66 -93.24 -51.94
N LYS YI 38 28.80 -94.33 -52.71
CA LYS YI 38 30.09 -94.97 -52.87
C LYS YI 38 31.02 -94.11 -53.71
N GLY YI 39 32.21 -93.85 -53.19
CA GLY YI 39 33.22 -93.10 -53.89
C GLY YI 39 33.30 -91.64 -53.50
N GLU YI 40 32.30 -91.13 -52.80
CA GLU YI 40 32.37 -89.75 -52.35
C GLU YI 40 33.30 -89.62 -51.16
N VAL YI 41 33.75 -88.40 -50.92
CA VAL YI 41 34.66 -88.08 -49.82
C VAL YI 41 34.15 -86.82 -49.15
N LEU YI 42 33.92 -86.90 -47.85
CA LEU YI 42 33.49 -85.76 -47.07
C LEU YI 42 34.61 -85.33 -46.14
N ILE YI 43 34.99 -84.07 -46.23
CA ILE YI 43 35.98 -83.49 -45.33
C ILE YI 43 35.21 -82.62 -44.34
N ALA YI 44 35.24 -82.98 -43.07
CA ALA YI 44 34.38 -82.36 -42.08
C ALA YI 44 35.23 -81.72 -40.99
N GLN YI 45 34.96 -80.45 -40.73
CA GLN YI 45 35.61 -79.73 -39.65
C GLN YI 45 34.70 -79.73 -38.43
N PHE YI 46 35.31 -79.59 -37.25
CA PHE YI 46 34.54 -79.53 -36.02
C PHE YI 46 34.17 -78.09 -35.69
N THR YI 47 32.86 -77.85 -35.63
CA THR YI 47 32.35 -76.55 -35.22
C THR YI 47 32.19 -76.56 -33.71
N GLU YI 48 31.54 -75.52 -33.20
CA GLU YI 48 31.11 -75.55 -31.80
C GLU YI 48 29.96 -76.53 -31.63
N HIS YI 49 29.02 -76.54 -32.57
CA HIS YI 49 27.89 -77.45 -32.53
C HIS YI 49 28.28 -78.90 -32.71
N THR YI 50 28.96 -79.23 -33.81
CA THR YI 50 29.39 -80.59 -34.10
C THR YI 50 30.55 -80.91 -33.19
N SER YI 51 30.26 -81.52 -32.04
CA SER YI 51 31.28 -81.94 -31.10
C SER YI 51 31.49 -83.45 -31.12
N ALA YI 52 30.70 -84.18 -31.89
CA ALA YI 52 30.84 -85.63 -31.99
C ALA YI 52 30.33 -86.07 -33.34
N ILE YI 53 31.03 -87.00 -33.96
CA ILE YI 53 30.70 -87.48 -35.29
C ILE YI 53 30.64 -89.00 -35.25
N LYS YI 54 29.50 -89.56 -35.63
CA LYS YI 54 29.31 -90.99 -35.67
C LYS YI 54 29.20 -91.44 -37.12
N VAL YI 55 29.89 -92.52 -37.46
CA VAL YI 55 29.96 -93.00 -38.83
C VAL YI 55 29.44 -94.43 -38.86
N ARG YI 56 28.44 -94.68 -39.71
CA ARG YI 56 27.89 -96.01 -39.91
C ARG YI 56 28.33 -96.55 -41.26
N GLY YI 57 28.19 -97.85 -41.44
CA GLY YI 57 28.48 -98.47 -42.71
C GLY YI 57 29.97 -98.56 -42.99
N LYS YI 58 30.30 -99.07 -44.16
CA LYS YI 58 31.68 -99.28 -44.54
C LYS YI 58 32.26 -97.97 -45.08
N ALA YI 59 33.24 -97.43 -44.36
CA ALA YI 59 33.87 -96.17 -44.75
C ALA YI 59 35.32 -96.19 -44.29
N TYR YI 60 36.11 -95.32 -44.89
CA TYR YI 60 37.53 -95.24 -44.63
C TYR YI 60 37.85 -93.83 -44.13
N ILE YI 61 38.29 -93.73 -42.87
CA ILE YI 61 38.41 -92.45 -42.20
C ILE YI 61 39.89 -92.15 -41.98
N GLN YI 62 40.29 -90.94 -42.31
CA GLN YI 62 41.61 -90.41 -41.98
C GLN YI 62 41.42 -89.25 -41.00
N THR YI 63 42.08 -89.36 -39.85
CA THR YI 63 42.12 -88.30 -38.87
C THR YI 63 43.57 -87.89 -38.66
N SER YI 64 43.79 -87.02 -37.67
CA SER YI 64 45.15 -86.67 -37.30
C SER YI 64 45.87 -87.83 -36.65
N HIS YI 65 45.13 -88.69 -35.94
CA HIS YI 65 45.71 -89.83 -35.25
C HIS YI 65 46.01 -90.99 -36.17
N GLY YI 66 45.60 -90.93 -37.43
CA GLY YI 66 45.85 -92.00 -38.37
C GLY YI 66 44.59 -92.36 -39.12
N VAL YI 67 44.57 -93.57 -39.64
CA VAL YI 67 43.45 -94.04 -40.45
C VAL YI 67 42.73 -95.15 -39.69
N ILE YI 68 41.49 -95.39 -40.12
CA ILE YI 68 40.63 -96.39 -39.51
C ILE YI 68 39.57 -96.76 -40.53
N GLU YI 69 38.94 -97.91 -40.33
CA GLU YI 69 37.96 -98.43 -41.29
C GLU YI 69 36.68 -98.82 -40.59
N SER YI 70 35.67 -97.97 -40.68
CA SER YI 70 34.38 -98.28 -40.08
C SER YI 70 33.63 -99.27 -40.96
N GLU YI 71 32.83 -100.12 -40.31
CA GLU YI 71 32.04 -101.09 -41.05
C GLU YI 71 30.57 -101.02 -40.67
N ASP ZI 6 44.68 -76.25 -42.43
CA ASP ZI 6 43.68 -75.22 -42.64
C ASP ZI 6 43.10 -75.23 -44.04
N PHE ZI 7 43.75 -75.96 -44.96
CA PHE ZI 7 43.33 -75.93 -46.35
C PHE ZI 7 43.60 -77.28 -46.99
N VAL ZI 8 42.83 -77.56 -48.04
CA VAL ZI 8 42.90 -78.82 -48.77
C VAL ZI 8 43.22 -78.52 -50.23
N VAL ZI 9 43.76 -79.53 -50.91
CA VAL ZI 9 44.15 -79.41 -52.31
C VAL ZI 9 43.46 -80.51 -53.09
N ILE ZI 10 42.62 -80.13 -54.04
CA ILE ZI 10 41.84 -81.09 -54.81
C ILE ZI 10 42.25 -80.99 -56.27
N LYS ZI 11 42.83 -82.06 -56.79
CA LYS ZI 11 43.17 -82.14 -58.22
C LYS ZI 11 42.09 -82.95 -58.90
N ALA ZI 12 41.36 -82.34 -59.82
CA ALA ZI 12 40.27 -83.05 -60.46
C ALA ZI 12 40.81 -83.92 -61.59
N LEU ZI 13 40.80 -85.23 -61.37
CA LEU ZI 13 41.32 -86.19 -62.33
C LEU ZI 13 40.35 -86.49 -63.45
N GLU ZI 14 39.11 -86.07 -63.34
CA GLU ZI 14 38.13 -86.27 -64.40
C GLU ZI 14 37.23 -85.05 -64.46
N ASP ZI 15 36.47 -84.95 -65.54
CA ASP ZI 15 35.65 -83.77 -65.74
C ASP ZI 15 34.44 -83.78 -64.82
N GLY ZI 16 33.91 -82.58 -64.58
CA GLY ZI 16 32.68 -82.44 -63.82
C GLY ZI 16 32.77 -82.80 -62.36
N VAL ZI 17 33.94 -82.61 -61.73
CA VAL ZI 17 34.04 -82.93 -60.32
C VAL ZI 17 33.41 -81.82 -59.50
N ASN ZI 18 32.46 -82.19 -58.66
CA ASN ZI 18 31.71 -81.23 -57.86
C ASN ZI 18 32.38 -81.08 -56.50
N VAL ZI 19 32.40 -79.86 -55.99
CA VAL ZI 19 32.90 -79.56 -54.65
C VAL ZI 19 31.83 -78.73 -53.97
N ILE ZI 20 31.30 -79.24 -52.85
CA ILE ZI 20 30.14 -78.65 -52.20
C ILE ZI 20 30.58 -78.02 -50.90
N GLY ZI 21 30.30 -76.73 -50.75
CA GLY ZI 21 30.64 -76.01 -49.53
C GLY ZI 21 31.41 -74.73 -49.80
N SER ZI 33 28.42 -74.42 -54.24
CA SER ZI 33 28.85 -75.50 -55.12
C SER ZI 33 29.79 -75.00 -56.21
N GLU ZI 34 30.81 -75.78 -56.53
CA GLU ZI 34 31.75 -75.45 -57.59
C GLU ZI 34 31.97 -76.68 -58.46
N CYS ZI 35 32.30 -76.46 -59.72
CA CYS ZI 35 32.57 -77.56 -60.65
C CYS ZI 35 33.98 -77.41 -61.20
N LEU ZI 36 34.68 -78.52 -61.35
CA LEU ZI 36 36.04 -78.53 -61.87
C LEU ZI 36 36.12 -79.45 -63.07
N ASP ZI 37 36.97 -79.08 -64.03
CA ASP ZI 37 37.26 -79.92 -65.18
C ASP ZI 37 38.55 -80.69 -64.93
N LYS ZI 38 38.89 -81.55 -65.88
CA LYS ZI 38 40.04 -82.42 -65.73
C LYS ZI 38 41.34 -81.64 -65.79
N GLY ZI 39 42.18 -81.83 -64.79
CA GLY ZI 39 43.47 -81.19 -64.72
C GLY ZI 39 43.53 -79.95 -63.86
N GLU ZI 40 42.38 -79.40 -63.49
CA GLU ZI 40 42.39 -78.24 -62.62
C GLU ZI 40 42.68 -78.66 -61.19
N VAL ZI 41 43.11 -77.68 -60.39
CA VAL ZI 41 43.45 -77.89 -58.99
C VAL ZI 41 42.83 -76.76 -58.20
N LEU ZI 42 42.04 -77.10 -57.20
CA LEU ZI 42 41.42 -76.13 -56.32
C LEU ZI 42 42.04 -76.24 -54.94
N ILE ZI 43 42.56 -75.13 -54.43
CA ILE ZI 43 43.07 -75.06 -53.08
C ILE ZI 43 42.05 -74.32 -52.25
N ALA ZI 44 41.46 -75.00 -51.28
CA ALA ZI 44 40.32 -74.45 -50.56
C ALA ZI 44 40.64 -74.34 -49.08
N GLN ZI 45 40.43 -73.15 -48.53
CA GLN ZI 45 40.58 -72.91 -47.11
C GLN ZI 45 39.22 -73.00 -46.43
N PHE ZI 46 39.25 -73.31 -45.14
CA PHE ZI 46 38.03 -73.38 -44.37
C PHE ZI 46 37.70 -72.03 -43.75
N THR ZI 47 36.54 -71.50 -44.14
CA THR ZI 47 36.05 -70.26 -43.55
C THR ZI 47 35.22 -70.62 -42.33
N GLU ZI 48 34.52 -69.61 -41.80
CA GLU ZI 48 33.50 -69.89 -40.79
C GLU ZI 48 32.30 -70.57 -41.42
N HIS ZI 49 31.90 -70.11 -42.60
CA HIS ZI 49 30.78 -70.68 -43.33
C HIS ZI 49 31.05 -72.09 -43.82
N THR ZI 50 32.11 -72.29 -44.60
CA THR ZI 50 32.47 -73.59 -45.14
C THR ZI 50 33.05 -74.42 -43.99
N SER ZI 51 32.20 -75.20 -43.35
CA SER ZI 51 32.63 -76.09 -42.28
C SER ZI 51 32.66 -77.54 -42.71
N ALA ZI 52 32.24 -77.84 -43.94
CA ALA ZI 52 32.24 -79.20 -44.45
C ALA ZI 52 32.35 -79.13 -45.96
N ILE ZI 53 33.15 -80.03 -46.52
CA ILE ZI 53 33.42 -80.05 -47.96
C ILE ZI 53 33.17 -81.47 -48.45
N LYS ZI 54 32.28 -81.61 -49.42
CA LYS ZI 54 31.97 -82.89 -50.02
C LYS ZI 54 32.49 -82.91 -51.44
N VAL ZI 55 33.13 -84.01 -51.84
CA VAL ZI 55 33.76 -84.14 -53.14
C VAL ZI 55 33.16 -85.33 -53.85
N ARG ZI 56 32.64 -85.10 -55.05
CA ARG ZI 56 32.09 -86.15 -55.88
C ARG ZI 56 33.04 -86.42 -57.05
N GLY ZI 57 32.85 -87.56 -57.70
CA GLY ZI 57 33.62 -87.89 -58.88
C GLY ZI 57 35.05 -88.27 -58.54
N LYS ZI 58 35.81 -88.52 -59.60
CA LYS ZI 58 37.19 -88.96 -59.45
C LYS ZI 58 38.09 -87.76 -59.23
N ALA ZI 59 38.69 -87.67 -58.05
CA ALA ZI 59 39.55 -86.57 -57.71
C ALA ZI 59 40.62 -87.04 -56.74
N TYR ZI 60 41.69 -86.27 -56.65
CA TYR ZI 60 42.85 -86.62 -55.83
C TYR ZI 60 43.05 -85.51 -54.80
N ILE ZI 61 42.87 -85.85 -53.52
CA ILE ZI 61 42.83 -84.85 -52.47
C ILE ZI 61 44.07 -84.99 -51.60
N GLN ZI 62 44.71 -83.86 -51.31
CA GLN ZI 62 45.77 -83.78 -50.32
C GLN ZI 62 45.29 -82.92 -49.17
N THR ZI 63 45.33 -83.46 -47.97
CA THR ZI 63 45.05 -82.73 -46.76
C THR ZI 63 46.27 -82.76 -45.86
N SER ZI 64 46.12 -82.26 -44.65
CA SER ZI 64 47.19 -82.35 -43.66
C SER ZI 64 47.40 -83.79 -43.22
N HIS ZI 65 46.34 -84.58 -43.19
CA HIS ZI 65 46.41 -85.97 -42.76
C HIS ZI 65 46.97 -86.90 -43.82
N GLY ZI 66 47.19 -86.41 -45.04
CA GLY ZI 66 47.71 -87.24 -46.09
C GLY ZI 66 46.90 -87.07 -47.36
N VAL ZI 67 46.98 -88.07 -48.23
CA VAL ZI 67 46.31 -88.03 -49.52
C VAL ZI 67 45.21 -89.07 -49.53
N ILE ZI 68 44.27 -88.88 -50.46
CA ILE ZI 68 43.14 -89.77 -50.62
C ILE ZI 68 42.61 -89.59 -52.04
N GLU ZI 69 41.84 -90.56 -52.51
CA GLU ZI 69 41.35 -90.55 -53.89
C GLU ZI 69 39.86 -90.79 -53.93
N SER ZI 70 39.11 -89.71 -54.13
CA SER ZI 70 37.67 -89.83 -54.23
C SER ZI 70 37.29 -90.35 -55.60
N GLU ZI 71 36.20 -91.12 -55.66
CA GLU ZI 71 35.71 -91.64 -56.93
C GLU ZI 71 34.25 -91.31 -57.17
N ASP AJ 6 50.18 -71.33 -44.89
CA ASP AJ 6 49.49 -70.06 -45.09
C ASP AJ 6 49.58 -69.57 -46.53
N PHE AJ 7 50.49 -70.13 -47.30
CA PHE AJ 7 50.73 -69.63 -48.65
C PHE AJ 7 51.12 -70.77 -49.56
N VAL AJ 8 50.87 -70.57 -50.85
CA VAL AJ 8 51.13 -71.56 -51.89
C VAL AJ 8 52.09 -70.96 -52.91
N VAL AJ 9 52.77 -71.83 -53.64
CA VAL AJ 9 53.75 -71.41 -54.64
C VAL AJ 9 53.37 -72.07 -55.96
N ILE AJ 10 53.07 -71.27 -56.96
CA ILE AJ 10 52.62 -71.76 -58.26
C ILE AJ 10 53.63 -71.37 -59.31
N LYS AJ 11 54.29 -72.35 -59.91
CA LYS AJ 11 55.20 -72.11 -61.02
C LYS AJ 11 54.46 -72.43 -62.31
N ALA AJ 12 54.27 -71.43 -63.16
CA ALA AJ 12 53.52 -71.67 -64.38
C ALA AJ 12 54.40 -72.31 -65.43
N LEU AJ 13 54.19 -73.59 -65.70
CA LEU AJ 13 54.98 -74.34 -66.65
C LEU AJ 13 54.58 -74.09 -68.09
N GLU AJ 14 53.45 -73.43 -68.33
CA GLU AJ 14 53.03 -73.11 -69.68
C GLU AJ 14 52.37 -71.74 -69.65
N ASP AJ 15 52.16 -71.18 -70.83
CA ASP AJ 15 51.62 -69.83 -70.91
C ASP AJ 15 50.13 -69.81 -70.59
N GLY AJ 16 49.65 -68.64 -70.17
CA GLY AJ 16 48.25 -68.44 -69.95
C GLY AJ 16 47.66 -69.20 -68.78
N VAL AJ 17 48.43 -69.46 -67.74
CA VAL AJ 17 47.89 -70.18 -66.60
C VAL AJ 17 47.06 -69.22 -65.75
N ASN AJ 18 45.81 -69.59 -65.51
CA ASN AJ 18 44.89 -68.74 -64.79
C ASN AJ 18 44.90 -69.12 -63.32
N VAL AJ 19 44.81 -68.13 -62.45
CA VAL AJ 19 44.69 -68.33 -61.02
C VAL AJ 19 43.51 -67.51 -60.55
N ILE AJ 20 42.51 -68.16 -59.98
CA ILE AJ 20 41.23 -67.52 -59.66
C ILE AJ 20 41.11 -67.39 -58.15
N GLY AJ 21 40.91 -66.16 -57.68
CA GLY AJ 21 40.75 -65.92 -56.27
C GLY AJ 21 41.67 -64.82 -55.76
N SER AJ 33 40.97 -62.63 -60.59
CA SER AJ 33 41.65 -63.48 -61.55
C SER AJ 33 43.00 -62.92 -61.95
N GLU AJ 34 43.98 -63.81 -62.11
CA GLU AJ 34 45.32 -63.43 -62.53
C GLU AJ 34 45.79 -64.38 -63.63
N CYS AJ 35 46.65 -63.90 -64.51
CA CYS AJ 35 47.20 -64.74 -65.57
C CYS AJ 35 48.71 -64.76 -65.46
N LEU AJ 36 49.31 -65.92 -65.71
CA LEU AJ 36 50.74 -66.09 -65.63
C LEU AJ 36 51.26 -66.65 -66.94
N ASP AJ 37 52.47 -66.23 -67.31
CA ASP AJ 37 53.16 -66.76 -68.47
C ASP AJ 37 54.14 -67.85 -68.04
N LYS AJ 38 54.78 -68.46 -69.02
CA LYS AJ 38 55.66 -69.59 -68.74
C LYS AJ 38 56.92 -69.13 -68.04
N GLY AJ 39 57.22 -69.79 -66.91
CA GLY AJ 39 58.41 -69.50 -66.16
C GLY AJ 39 58.19 -68.60 -64.97
N GLU AJ 40 57.06 -67.92 -64.89
CA GLU AJ 40 56.78 -67.08 -63.74
C GLU AJ 40 56.39 -67.93 -62.54
N VAL AJ 41 56.51 -67.34 -61.37
CA VAL AJ 41 56.18 -67.99 -60.11
C VAL AJ 41 55.39 -67.02 -59.27
N LEU AJ 42 54.20 -67.43 -58.84
CA LEU AJ 42 53.35 -66.62 -57.99
C LEU AJ 42 53.29 -67.26 -56.61
N ILE AJ 43 53.64 -66.48 -55.59
CA ILE AJ 43 53.52 -66.91 -54.20
C ILE AJ 43 52.31 -66.20 -53.63
N ALA AJ 44 51.29 -66.96 -53.26
CA ALA AJ 44 50.01 -66.39 -52.89
C ALA AJ 44 49.66 -66.77 -51.47
N GLN AJ 45 49.34 -65.77 -50.66
CA GLN AJ 45 48.88 -65.97 -49.31
C GLN AJ 45 47.35 -65.93 -49.27
N PHE AJ 46 46.79 -66.58 -48.26
CA PHE AJ 46 45.34 -66.58 -48.10
C PHE AJ 46 44.90 -65.42 -47.23
N THR AJ 47 44.09 -64.54 -47.81
CA THR AJ 47 43.50 -63.44 -47.07
C THR AJ 47 42.19 -63.91 -46.46
N GLU AJ 48 41.42 -62.97 -45.94
CA GLU AJ 48 40.05 -63.26 -45.56
C GLU AJ 48 39.19 -63.46 -46.79
N HIS AJ 49 39.39 -62.60 -47.81
CA HIS AJ 49 38.65 -62.68 -49.05
C HIS AJ 49 38.98 -63.93 -49.85
N THR AJ 50 40.25 -64.13 -50.18
CA THR AJ 50 40.68 -65.29 -50.96
C THR AJ 50 40.64 -66.50 -50.04
N SER AJ 51 39.53 -67.22 -50.09
CA SER AJ 51 39.36 -68.44 -49.32
C SER AJ 51 39.44 -69.69 -50.18
N ALA AJ 52 39.57 -69.53 -51.49
CA ALA AJ 52 39.67 -70.66 -52.41
C ALA AJ 52 40.44 -70.20 -53.63
N ILE AJ 53 41.32 -71.07 -54.11
CA ILE AJ 53 42.18 -70.76 -55.25
C ILE AJ 53 42.06 -71.89 -56.26
N LYS AJ 54 41.67 -71.55 -57.48
CA LYS AJ 54 41.53 -72.51 -58.56
C LYS AJ 54 42.62 -72.26 -59.59
N VAL AJ 55 43.25 -73.32 -60.06
CA VAL AJ 55 44.38 -73.22 -60.97
C VAL AJ 55 44.05 -73.99 -62.23
N ARG AJ 56 44.14 -73.33 -63.38
CA ARG AJ 56 43.92 -73.96 -64.67
C ARG AJ 56 45.24 -74.11 -65.39
N GLY AJ 57 45.25 -74.94 -66.42
CA GLY AJ 57 46.44 -75.11 -67.25
C GLY AJ 57 47.53 -75.88 -66.55
N LYS AJ 58 48.65 -76.00 -67.24
CA LYS AJ 58 49.78 -76.77 -66.73
C LYS AJ 58 50.59 -75.91 -65.78
N ALA AJ 59 50.62 -76.29 -64.52
CA ALA AJ 59 51.35 -75.55 -63.51
C ALA AJ 59 51.84 -76.52 -62.45
N TYR AJ 60 52.83 -76.07 -61.68
CA TYR AJ 60 53.46 -76.88 -60.66
C TYR AJ 60 53.31 -76.18 -59.32
N ILE AJ 61 52.56 -76.80 -58.40
CA ILE AJ 61 52.14 -76.16 -57.18
C ILE AJ 61 52.86 -76.80 -56.01
N GLN AJ 62 53.40 -75.99 -55.12
CA GLN AJ 62 53.94 -76.42 -53.84
C GLN AJ 62 53.08 -75.81 -52.74
N THR AJ 63 52.54 -76.68 -51.88
CA THR AJ 63 51.82 -76.26 -50.70
C THR AJ 63 52.53 -76.82 -49.47
N SER AJ 64 51.90 -76.64 -48.31
CA SER AJ 64 52.43 -77.25 -47.11
C SER AJ 64 52.29 -78.76 -47.13
N HIS AJ 65 51.25 -79.27 -47.80
CA HIS AJ 65 50.99 -80.69 -47.87
C HIS AJ 65 51.88 -81.40 -48.90
N GLY AJ 66 52.65 -80.66 -49.68
CA GLY AJ 66 53.50 -81.26 -50.68
C GLY AJ 66 53.35 -80.57 -52.01
N VAL AJ 67 53.71 -81.28 -53.07
CA VAL AJ 67 53.68 -80.73 -54.42
C VAL AJ 67 52.60 -81.45 -55.22
N ILE AJ 68 52.19 -80.80 -56.30
CA ILE AJ 68 51.16 -81.32 -57.19
C ILE AJ 68 51.33 -80.65 -58.53
N GLU AJ 69 50.76 -81.24 -59.58
CA GLU AJ 69 50.93 -80.75 -60.94
C GLU AJ 69 49.59 -80.60 -61.62
N SER AJ 70 49.10 -79.38 -61.71
CA SER AJ 70 47.83 -79.13 -62.39
C SER AJ 70 48.06 -79.15 -63.89
N GLU AJ 71 47.04 -79.59 -64.62
CA GLU AJ 71 47.11 -79.62 -66.08
C GLU AJ 71 45.93 -78.91 -66.72
N ASP BJ 6 56.72 -67.01 -43.14
CA ASP BJ 6 56.33 -65.61 -43.14
C ASP BJ 6 57.09 -64.79 -44.16
N PHE BJ 7 58.19 -65.33 -44.68
CA PHE BJ 7 59.04 -64.57 -45.58
C PHE BJ 7 59.67 -65.49 -46.61
N VAL BJ 8 60.02 -64.88 -47.74
CA VAL BJ 8 60.61 -65.60 -48.87
C VAL BJ 8 61.97 -65.00 -49.18
N VAL BJ 9 62.80 -65.79 -49.85
CA VAL BJ 9 64.16 -65.39 -50.20
C VAL BJ 9 64.33 -65.55 -51.70
N ILE BJ 10 64.59 -64.46 -52.40
CA ILE BJ 10 64.70 -64.46 -53.85
C ILE BJ 10 66.11 -64.08 -54.24
N LYS BJ 11 66.85 -65.00 -54.84
CA LYS BJ 11 68.17 -64.69 -55.37
C LYS BJ 11 68.04 -64.47 -56.87
N ALA BJ 12 68.35 -63.27 -57.32
CA ALA BJ 12 68.19 -62.98 -58.74
C ALA BJ 12 69.38 -63.51 -59.53
N LEU BJ 13 69.15 -64.58 -60.28
CA LEU BJ 13 70.19 -65.21 -61.06
C LEU BJ 13 70.49 -64.51 -62.36
N GLU BJ 14 69.66 -63.55 -62.76
CA GLU BJ 14 69.91 -62.78 -63.98
C GLU BJ 14 69.46 -61.35 -63.72
N ASP BJ 15 69.86 -60.46 -64.62
CA ASP BJ 15 69.56 -59.05 -64.42
C ASP BJ 15 68.11 -58.75 -64.70
N GLY BJ 16 67.63 -57.66 -64.12
CA GLY BJ 16 66.29 -57.18 -64.39
C GLY BJ 16 65.17 -58.04 -63.88
N VAL BJ 17 65.38 -58.76 -62.77
CA VAL BJ 17 64.31 -59.59 -62.25
C VAL BJ 17 63.32 -58.73 -61.51
N ASN BJ 18 62.05 -58.82 -61.90
CA ASN BJ 18 61.00 -57.98 -61.33
C ASN BJ 18 60.33 -58.73 -60.21
N VAL BJ 19 59.97 -58.02 -59.15
CA VAL BJ 19 59.22 -58.57 -58.02
C VAL BJ 19 58.06 -57.62 -57.78
N ILE BJ 20 56.84 -58.14 -57.90
CA ILE BJ 20 55.64 -57.31 -57.88
C ILE BJ 20 54.89 -57.56 -56.59
N GLY BJ 21 54.64 -56.50 -55.84
CA GLY BJ 21 53.91 -56.59 -54.60
C GLY BJ 21 54.62 -55.94 -53.44
N SER BJ 33 56.37 -52.43 -57.09
CA SER BJ 33 57.29 -53.15 -57.96
C SER BJ 33 58.74 -52.86 -57.60
N GLU BJ 34 59.58 -53.88 -57.66
CA GLU BJ 34 61.01 -53.74 -57.40
C GLU BJ 34 61.79 -54.46 -58.48
N CYS BJ 35 63.00 -53.99 -58.75
CA CYS BJ 35 63.86 -54.62 -59.74
C CYS BJ 35 65.16 -55.06 -59.08
N LEU BJ 36 65.67 -56.22 -59.48
CA LEU BJ 36 66.89 -56.76 -58.92
C LEU BJ 36 67.87 -57.05 -60.05
N ASP BJ 37 69.16 -56.86 -59.76
CA ASP BJ 37 70.23 -57.22 -60.69
C ASP BJ 37 70.78 -58.59 -60.32
N LYS BJ 38 71.72 -59.06 -61.13
CA LYS BJ 38 72.26 -60.40 -60.95
C LYS BJ 38 73.12 -60.49 -59.71
N GLY BJ 39 72.83 -61.46 -58.85
CA GLY BJ 39 73.57 -61.70 -57.65
C GLY BJ 39 72.96 -61.11 -56.40
N GLU BJ 40 71.99 -60.23 -56.54
CA GLU BJ 40 71.34 -59.68 -55.35
C GLU BJ 40 70.38 -60.69 -54.78
N VAL BJ 41 70.02 -60.49 -53.52
CA VAL BJ 41 69.10 -61.36 -52.79
C VAL BJ 41 68.15 -60.47 -52.03
N LEU BJ 42 66.86 -60.68 -52.25
CA LEU BJ 42 65.81 -59.94 -51.56
C LEU BJ 42 65.09 -60.87 -50.62
N ILE BJ 43 65.03 -60.51 -49.35
CA ILE BJ 43 64.28 -61.25 -48.35
C ILE BJ 43 63.03 -60.43 -48.07
N ALA BJ 44 61.87 -60.99 -48.40
CA ALA BJ 44 60.62 -60.25 -48.36
C ALA BJ 44 59.65 -60.89 -47.41
N GLN BJ 45 59.12 -60.08 -46.49
CA GLN BJ 45 58.09 -60.52 -45.57
C GLN BJ 45 56.72 -60.12 -46.10
N PHE BJ 46 55.70 -60.85 -45.68
CA PHE BJ 46 54.35 -60.53 -46.08
C PHE BJ 46 53.70 -59.56 -45.10
N THR BJ 47 53.33 -58.39 -45.61
CA THR BJ 47 52.61 -57.43 -44.80
C THR BJ 47 51.12 -57.70 -44.95
N GLU BJ 48 50.31 -56.76 -44.45
CA GLU BJ 48 48.89 -56.80 -44.75
C GLU BJ 48 48.64 -56.44 -46.20
N HIS BJ 49 49.35 -55.42 -46.69
CA HIS BJ 49 49.24 -54.98 -48.07
C HIS BJ 49 49.73 -56.01 -49.07
N THR BJ 50 50.99 -56.43 -48.94
CA THR BJ 50 51.58 -57.41 -49.84
C THR BJ 50 51.02 -58.77 -49.51
N SER BJ 51 49.95 -59.16 -50.21
CA SER BJ 51 49.33 -60.46 -50.04
C SER BJ 51 49.64 -61.40 -51.18
N ALA BJ 52 50.35 -60.94 -52.20
CA ALA BJ 52 50.72 -61.77 -53.33
C ALA BJ 52 51.99 -61.21 -53.94
N ILE BJ 53 52.88 -62.11 -54.32
CA ILE BJ 53 54.18 -61.73 -54.87
C ILE BJ 53 54.38 -62.48 -56.17
N LYS BJ 54 54.62 -61.75 -57.25
CA LYS BJ 54 54.85 -62.32 -58.55
C LYS BJ 54 56.31 -62.08 -58.94
N VAL BJ 55 56.95 -63.11 -59.48
CA VAL BJ 55 58.37 -63.05 -59.80
C VAL BJ 55 58.54 -63.36 -61.28
N ARG BJ 56 59.19 -62.45 -62.00
CA ARG BJ 56 59.49 -62.65 -63.40
C ARG BJ 56 60.97 -62.91 -63.58
N GLY BJ 57 61.35 -63.43 -64.74
CA GLY BJ 57 62.74 -63.65 -65.07
C GLY BJ 57 63.32 -64.83 -64.32
N LYS BJ 58 64.61 -65.04 -64.54
CA LYS BJ 58 65.31 -66.17 -63.93
C LYS BJ 58 65.72 -65.82 -62.52
N ALA BJ 59 65.15 -66.52 -61.55
CA ALA BJ 59 65.43 -66.28 -60.15
C ALA BJ 59 65.29 -67.58 -59.38
N TYR BJ 60 65.89 -67.62 -58.21
CA TYR BJ 60 65.92 -68.80 -57.36
C TYR BJ 60 65.28 -68.47 -56.03
N ILE BJ 61 64.14 -69.09 -55.75
CA ILE BJ 61 63.30 -68.72 -54.62
C ILE BJ 61 63.35 -69.82 -53.58
N GLN BJ 62 63.54 -69.42 -52.32
CA GLN BJ 62 63.40 -70.31 -51.17
C GLN BJ 62 62.23 -69.82 -50.34
N THR BJ 63 61.28 -70.72 -50.10
CA THR BJ 63 60.16 -70.47 -49.22
C THR BJ 63 60.20 -71.48 -48.09
N SER BJ 64 59.15 -71.48 -47.28
CA SER BJ 64 59.02 -72.50 -46.25
C SER BJ 64 58.73 -73.86 -46.85
N HIS BJ 65 58.04 -73.89 -47.99
CA HIS BJ 65 57.69 -75.15 -48.64
C HIS BJ 65 58.85 -75.75 -49.43
N GLY BJ 66 59.96 -75.04 -49.56
CA GLY BJ 66 61.09 -75.55 -50.30
C GLY BJ 66 61.61 -74.51 -51.26
N VAL BJ 67 62.32 -74.99 -52.28
CA VAL BJ 67 62.94 -74.10 -53.26
C VAL BJ 67 62.26 -74.29 -54.60
N ILE BJ 68 62.44 -73.29 -55.47
CA ILE BJ 68 61.84 -73.29 -56.80
C ILE BJ 68 62.66 -72.34 -57.65
N GLU BJ 69 62.54 -72.47 -58.97
CA GLU BJ 69 63.34 -71.70 -59.89
C GLU BJ 69 62.47 -71.05 -60.95
N SER BJ 70 62.20 -69.76 -60.79
CA SER BJ 70 61.41 -69.04 -61.76
C SER BJ 70 62.25 -68.70 -62.97
N GLU BJ 71 61.62 -68.67 -64.14
CA GLU BJ 71 62.32 -68.34 -65.36
C GLU BJ 71 61.64 -67.21 -66.13
N ASP CJ 6 62.18 -65.05 -37.56
CA ASP CJ 6 61.97 -63.65 -37.25
C ASP CJ 6 63.19 -62.80 -37.57
N PHE CJ 7 64.35 -63.43 -37.78
CA PHE CJ 7 65.57 -62.69 -37.97
C PHE CJ 7 66.50 -63.44 -38.91
N VAL CJ 8 67.37 -62.68 -39.55
CA VAL CJ 8 68.32 -63.20 -40.53
C VAL CJ 8 69.73 -62.88 -40.08
N VAL CJ 9 70.69 -63.65 -40.58
CA VAL CJ 9 72.09 -63.50 -40.23
C VAL CJ 9 72.88 -63.31 -41.51
N ILE CJ 10 73.55 -62.17 -41.66
CA ILE CJ 10 74.28 -61.84 -42.87
C ILE CJ 10 75.75 -61.70 -42.53
N LYS CJ 11 76.58 -62.59 -43.06
CA LYS CJ 11 78.02 -62.49 -42.90
C LYS CJ 11 78.58 -61.88 -44.17
N ALA CJ 12 79.19 -60.70 -44.05
CA ALA CJ 12 79.70 -60.04 -45.24
C ALA CJ 12 81.05 -60.62 -45.63
N LEU CJ 13 81.07 -61.38 -46.71
CA LEU CJ 13 82.28 -62.03 -47.18
C LEU CJ 13 83.20 -61.11 -47.97
N GLU CJ 14 82.73 -59.91 -48.32
CA GLU CJ 14 83.57 -58.94 -49.01
C GLU CJ 14 83.21 -57.56 -48.51
N ASP CJ 15 84.04 -56.59 -48.84
CA ASP CJ 15 83.84 -55.24 -48.33
C ASP CJ 15 82.69 -54.55 -49.04
N GLY CJ 16 82.13 -53.56 -48.37
CA GLY CJ 16 81.10 -52.73 -48.96
C GLY CJ 16 79.79 -53.42 -49.23
N VAL CJ 17 79.41 -54.40 -48.43
CA VAL CJ 17 78.14 -55.08 -48.67
C VAL CJ 17 77.01 -54.21 -48.14
N ASN CJ 18 76.05 -53.90 -49.00
CA ASN CJ 18 74.96 -53.02 -48.65
C ASN CJ 18 73.77 -53.86 -48.17
N VAL CJ 19 73.07 -53.36 -47.17
CA VAL CJ 19 71.85 -53.98 -46.68
C VAL CJ 19 70.80 -52.89 -46.61
N ILE CJ 20 69.71 -53.05 -47.35
CA ILE CJ 20 68.72 -52.00 -47.54
C ILE CJ 20 67.45 -52.38 -46.79
N GLY CJ 21 67.01 -51.51 -45.89
CA GLY CJ 21 65.81 -51.75 -45.14
C GLY CJ 21 65.99 -51.59 -43.65
N SER CJ 33 69.52 -47.79 -44.98
CA SER CJ 33 70.67 -48.45 -45.61
C SER CJ 33 71.82 -48.61 -44.63
N GLU CJ 34 72.49 -49.75 -44.69
CA GLU CJ 34 73.67 -50.03 -43.86
C GLU CJ 34 74.77 -50.61 -44.74
N CYS CJ 35 76.01 -50.39 -44.35
CA CYS CJ 35 77.16 -50.92 -45.07
C CYS CJ 35 77.98 -51.80 -44.13
N LEU CJ 36 78.48 -52.91 -44.65
CA LEU CJ 36 79.28 -53.85 -43.88
C LEU CJ 36 80.61 -54.07 -44.57
N ASP CJ 37 81.65 -54.25 -43.76
CA ASP CJ 37 82.97 -54.61 -44.25
C ASP CJ 37 83.16 -56.12 -44.17
N LYS CJ 38 84.31 -56.58 -44.66
CA LYS CJ 38 84.57 -58.01 -44.73
C LYS CJ 38 84.78 -58.60 -43.35
N GLY CJ 39 84.04 -59.66 -43.06
CA GLY CJ 39 84.16 -60.36 -41.80
C GLY CJ 39 83.12 -59.98 -40.77
N GLU CJ 40 82.41 -58.89 -40.97
CA GLU CJ 40 81.37 -58.51 -40.03
C GLU CJ 40 80.14 -59.38 -40.23
N VAL CJ 41 79.29 -59.43 -39.22
CA VAL CJ 41 78.07 -60.21 -39.23
C VAL CJ 41 76.96 -59.34 -38.66
N LEU CJ 42 75.90 -59.19 -39.42
CA LEU CJ 42 74.74 -58.42 -38.99
C LEU CJ 42 73.58 -59.37 -38.76
N ILE CJ 43 73.00 -59.32 -37.57
CA ILE CJ 43 71.81 -60.09 -37.24
C ILE CJ 43 70.65 -59.11 -37.22
N ALA CJ 44 69.72 -59.29 -38.14
CA ALA CJ 44 68.67 -58.29 -38.35
C ALA CJ 44 67.31 -58.91 -38.11
N GLN CJ 45 66.52 -58.27 -37.26
CA GLN CJ 45 65.15 -58.67 -37.02
C GLN CJ 45 64.21 -57.83 -37.87
N PHE CJ 46 63.04 -58.39 -38.15
CA PHE CJ 46 62.03 -57.68 -38.92
C PHE CJ 46 61.13 -56.86 -38.01
N THR CJ 47 61.14 -55.55 -38.20
CA THR CJ 47 60.24 -54.67 -37.48
C THR CJ 47 58.95 -54.55 -38.26
N GLU CJ 48 58.11 -53.61 -37.85
CA GLU CJ 48 56.97 -53.24 -38.67
C GLU CJ 48 57.43 -52.46 -39.89
N HIS CJ 49 58.38 -51.56 -39.72
CA HIS CJ 49 58.94 -50.77 -40.81
C HIS CJ 49 59.71 -51.60 -41.81
N THR CJ 50 60.73 -52.32 -41.36
CA THR CJ 50 61.56 -53.15 -42.20
C THR CJ 50 60.75 -54.39 -42.58
N SER CJ 51 60.08 -54.33 -43.73
CA SER CJ 51 59.32 -55.45 -44.23
C SER CJ 51 60.00 -56.12 -45.41
N ALA CJ 52 61.13 -55.59 -45.87
CA ALA CJ 52 61.87 -56.18 -46.98
C ALA CJ 52 63.32 -55.80 -46.83
N ILE CJ 53 64.21 -56.76 -47.09
CA ILE CJ 53 65.64 -56.57 -46.95
C ILE CJ 53 66.32 -57.00 -48.23
N LYS CJ 54 67.07 -56.09 -48.83
CA LYS CJ 54 67.80 -56.36 -50.05
C LYS CJ 54 69.29 -56.37 -49.73
N VAL CJ 55 70.00 -57.36 -50.27
CA VAL CJ 55 71.41 -57.55 -49.99
C VAL CJ 55 72.18 -57.51 -51.29
N ARG CJ 56 73.17 -56.63 -51.37
CA ARG CJ 56 74.04 -56.53 -52.53
C ARG CJ 56 75.41 -57.09 -52.20
N GLY CJ 57 76.20 -57.36 -53.22
CA GLY CJ 57 77.56 -57.81 -53.03
C GLY CJ 57 77.63 -59.25 -52.55
N LYS CJ 58 78.85 -59.69 -52.29
CA LYS CJ 58 79.09 -61.06 -51.88
C LYS CJ 58 78.87 -61.18 -50.38
N ALA CJ 59 77.86 -61.95 -50.01
CA ALA CJ 59 77.52 -62.15 -48.59
C ALA CJ 59 76.93 -63.53 -48.42
N TYR CJ 60 76.93 -63.99 -47.18
CA TYR CJ 60 76.47 -65.32 -46.83
C TYR CJ 60 75.33 -65.20 -45.83
N ILE CJ 61 74.14 -65.59 -46.23
CA ILE CJ 61 72.93 -65.32 -45.45
C ILE CJ 61 72.40 -66.63 -44.90
N GLN CJ 62 72.06 -66.62 -43.61
CA GLN CJ 62 71.34 -67.70 -42.97
C GLN CJ 62 69.98 -67.18 -42.55
N THR CJ 63 68.93 -67.86 -43.00
CA THR CJ 63 67.57 -67.58 -42.59
C THR CJ 63 67.00 -68.83 -41.93
N SER CJ 64 65.71 -68.78 -41.64
CA SER CJ 64 65.03 -69.97 -41.13
C SER CJ 64 64.90 -71.03 -42.21
N HIS CJ 65 64.78 -70.62 -43.47
CA HIS CJ 65 64.64 -71.54 -44.58
C HIS CJ 65 65.94 -72.19 -45.00
N GLY CJ 66 67.07 -71.75 -44.46
CA GLY CJ 66 68.35 -72.31 -44.81
C GLY CJ 66 69.35 -71.22 -45.11
N VAL CJ 67 70.38 -71.56 -45.86
CA VAL CJ 67 71.45 -70.64 -46.18
C VAL CJ 67 71.41 -70.31 -47.66
N ILE CJ 68 72.06 -69.21 -48.01
CA ILE CJ 68 72.11 -68.73 -49.39
C ILE CJ 68 73.33 -67.82 -49.50
N GLU CJ 69 73.78 -67.58 -50.72
CA GLU CJ 69 74.99 -66.81 -50.96
C GLU CJ 69 74.73 -65.73 -52.00
N SER CJ 70 74.56 -64.51 -51.54
CA SER CJ 70 74.36 -63.40 -52.45
C SER CJ 70 75.68 -62.97 -53.06
N GLU CJ 71 75.63 -62.50 -54.30
CA GLU CJ 71 76.83 -62.05 -54.98
C GLU CJ 71 76.68 -60.63 -55.53
N ASP DJ 6 64.88 -66.26 -30.34
CA ASP DJ 6 64.71 -65.00 -29.64
C ASP DJ 6 66.01 -64.41 -29.13
N PHE DJ 7 67.06 -65.21 -29.09
CA PHE DJ 7 68.31 -64.76 -28.51
C PHE DJ 7 69.48 -65.40 -29.23
N VAL DJ 8 70.62 -64.72 -29.15
CA VAL DJ 8 71.85 -65.15 -29.82
C VAL DJ 8 72.94 -65.31 -28.77
N VAL DJ 9 73.95 -66.11 -29.12
CA VAL DJ 9 75.05 -66.40 -28.22
C VAL DJ 9 76.35 -66.05 -28.93
N ILE DJ 10 77.11 -65.11 -28.39
CA ILE DJ 10 78.32 -64.62 -29.01
C ILE DJ 10 79.50 -64.95 -28.10
N LYS DJ 11 80.39 -65.81 -28.55
CA LYS DJ 11 81.62 -66.10 -27.84
C LYS DJ 11 82.74 -65.30 -28.47
N ALA DJ 12 83.32 -64.39 -27.70
CA ALA DJ 12 84.37 -63.55 -28.26
C ALA DJ 12 85.69 -64.29 -28.30
N LEU DJ 13 86.13 -64.68 -29.49
CA LEU DJ 13 87.36 -65.44 -29.66
C LEU DJ 13 88.60 -64.57 -29.63
N GLU DJ 14 88.45 -63.25 -29.67
CA GLU DJ 14 89.60 -62.35 -29.59
C GLU DJ 14 89.17 -61.13 -28.78
N ASP DJ 15 90.15 -60.34 -28.39
CA ASP DJ 15 89.87 -59.20 -27.53
C ASP DJ 15 89.21 -58.08 -28.32
N GLY DJ 16 88.50 -57.21 -27.60
CA GLY DJ 16 87.92 -56.03 -28.19
C GLY DJ 16 86.81 -56.26 -29.18
N VAL DJ 17 86.04 -57.34 -29.02
CA VAL DJ 17 84.95 -57.58 -29.95
C VAL DJ 17 83.79 -56.67 -29.62
N ASN DJ 18 83.34 -55.90 -30.59
CA ASN DJ 18 82.27 -54.92 -30.39
C ASN DJ 18 80.95 -55.55 -30.76
N VAL DJ 19 79.92 -55.22 -29.99
CA VAL DJ 19 78.55 -55.64 -30.27
C VAL DJ 19 77.68 -54.40 -30.22
N ILE DJ 20 77.03 -54.08 -31.33
CA ILE DJ 20 76.32 -52.82 -31.48
C ILE DJ 20 74.82 -53.08 -31.48
N GLY DJ 21 74.11 -52.44 -30.57
CA GLY DJ 21 72.68 -52.59 -30.48
C GLY DJ 21 72.20 -52.93 -29.07
N SER DJ 33 76.28 -49.86 -27.45
CA SER DJ 33 77.50 -50.56 -27.79
C SER DJ 33 78.10 -51.26 -26.58
N GLU DJ 34 78.63 -52.46 -26.80
CA GLU DJ 34 79.28 -53.24 -25.74
C GLU DJ 34 80.59 -53.80 -26.27
N CYS DJ 35 81.55 -53.99 -25.38
CA CYS DJ 35 82.84 -54.56 -25.76
C CYS DJ 35 83.08 -55.83 -24.97
N LEU DJ 36 83.66 -56.84 -25.62
CA LEU DJ 36 83.95 -58.12 -25.00
C LEU DJ 36 85.42 -58.44 -25.15
N ASP DJ 37 85.97 -59.10 -24.15
CA ASP DJ 37 87.33 -59.60 -24.18
C ASP DJ 37 87.33 -61.07 -24.59
N LYS DJ 38 88.53 -61.61 -24.74
CA LYS DJ 38 88.67 -62.99 -25.23
C LYS DJ 38 88.19 -63.99 -24.19
N GLY DJ 39 87.30 -64.88 -24.61
CA GLY DJ 39 86.79 -65.92 -23.76
C GLY DJ 39 85.45 -65.63 -23.14
N GLU DJ 40 84.99 -64.38 -23.19
CA GLU DJ 40 83.69 -64.07 -22.65
C GLU DJ 40 82.60 -64.52 -23.62
N VAL DJ 41 81.39 -64.66 -23.10
CA VAL DJ 41 80.24 -65.09 -23.87
C VAL DJ 41 79.08 -64.18 -23.49
N LEU DJ 42 78.47 -63.56 -24.49
CA LEU DJ 42 77.31 -62.70 -24.28
C LEU DJ 42 76.09 -63.37 -24.88
N ILE DJ 43 75.06 -63.55 -24.08
CA ILE DJ 43 73.78 -64.06 -24.54
C ILE DJ 43 72.83 -62.89 -24.62
N ALA DJ 44 72.38 -62.55 -25.81
CA ALA DJ 44 71.63 -61.33 -26.03
C ALA DJ 44 70.26 -61.64 -26.57
N GLN DJ 45 69.24 -61.11 -25.92
CA GLN DJ 45 67.87 -61.22 -26.39
C GLN DJ 45 67.48 -59.97 -27.17
N PHE DJ 46 66.51 -60.13 -28.06
CA PHE DJ 46 66.02 -59.00 -28.83
C PHE DJ 46 64.88 -58.30 -28.11
N THR DJ 47 65.09 -57.03 -27.79
CA THR DJ 47 64.06 -56.21 -27.20
C THR DJ 47 63.27 -55.56 -28.32
N GLU DJ 48 62.41 -54.61 -27.94
CA GLU DJ 48 61.79 -53.75 -28.94
C GLU DJ 48 62.81 -52.79 -29.52
N HIS DJ 49 63.67 -52.23 -28.67
CA HIS DJ 49 64.71 -51.32 -29.09
C HIS DJ 49 65.78 -51.98 -29.94
N THR DJ 50 66.42 -53.02 -29.43
CA THR DJ 50 67.46 -53.74 -30.14
C THR DJ 50 66.80 -54.58 -31.23
N SER DJ 51 66.71 -54.02 -32.42
CA SER DJ 51 66.16 -54.73 -33.57
C SER DJ 51 67.23 -55.17 -34.55
N ALA DJ 52 68.48 -54.81 -34.31
CA ALA DJ 52 69.58 -55.22 -35.17
C ALA DJ 52 70.85 -55.26 -34.35
N ILE DJ 53 71.67 -56.27 -34.59
CA ILE DJ 53 72.89 -56.48 -33.84
C ILE DJ 53 74.03 -56.66 -34.83
N LYS DJ 54 75.05 -55.83 -34.70
CA LYS DJ 54 76.22 -55.89 -35.56
C LYS DJ 54 77.41 -56.35 -34.73
N VAL DJ 55 78.19 -57.28 -35.28
CA VAL DJ 55 79.31 -57.88 -34.56
C VAL DJ 55 80.57 -57.63 -35.36
N ARG DJ 56 81.57 -57.05 -34.72
CA ARG DJ 56 82.87 -56.81 -35.33
C ARG DJ 56 83.89 -57.75 -34.72
N GLY DJ 57 85.02 -57.90 -35.39
CA GLY DJ 57 86.12 -58.69 -34.87
C GLY DJ 57 85.83 -60.18 -34.96
N LYS DJ 58 86.78 -60.95 -34.44
CA LYS DJ 58 86.68 -62.40 -34.51
C LYS DJ 58 85.81 -62.90 -33.36
N ALA DJ 59 84.67 -63.49 -33.71
CA ALA DJ 59 83.73 -64.00 -32.72
C ALA DJ 59 83.00 -65.18 -33.31
N TYR DJ 60 82.41 -65.98 -32.43
CA TYR DJ 60 81.72 -67.20 -32.80
C TYR DJ 60 80.28 -67.11 -32.34
N ILE DJ 61 79.35 -67.07 -33.28
CA ILE DJ 61 77.95 -66.76 -33.00
C ILE DJ 61 77.12 -68.02 -33.20
N GLN DJ 62 76.25 -68.29 -32.24
CA GLN DJ 62 75.23 -69.31 -32.37
C GLN DJ 62 73.87 -68.64 -32.35
N THR DJ 63 73.07 -68.87 -33.39
CA THR DJ 63 71.70 -68.41 -33.46
C THR DJ 63 70.80 -69.63 -33.58
N SER DJ 64 69.51 -69.36 -33.81
CA SER DJ 64 68.58 -70.45 -34.08
C SER DJ 64 68.85 -71.08 -35.43
N HIS DJ 65 69.33 -70.31 -36.38
CA HIS DJ 65 69.61 -70.81 -37.73
C HIS DJ 65 70.91 -71.58 -37.82
N GLY DJ 66 71.71 -71.61 -36.76
CA GLY DJ 66 72.96 -72.32 -36.78
C GLY DJ 66 74.08 -71.46 -36.24
N VAL DJ 67 75.30 -71.81 -36.62
CA VAL DJ 67 76.48 -71.12 -36.13
C VAL DJ 67 77.14 -70.38 -37.28
N ILE DJ 68 77.97 -69.40 -36.92
CA ILE DJ 68 78.67 -68.58 -37.89
C ILE DJ 68 79.87 -67.98 -37.19
N GLU DJ 69 80.85 -67.52 -37.96
CA GLU DJ 69 82.10 -67.02 -37.41
C GLU DJ 69 82.43 -65.66 -38.00
N SER DJ 70 82.18 -64.62 -37.22
CA SER DJ 70 82.51 -63.27 -37.67
C SER DJ 70 84.00 -63.01 -37.51
N GLU DJ 71 84.54 -62.20 -38.41
CA GLU DJ 71 85.95 -61.87 -38.36
C GLU DJ 71 86.19 -60.36 -38.37
AU AU EJ . 33.68 85.74 -50.15
AU AU FJ . 30.96 74.11 -68.18
AU AU GJ . 16.00 63.02 -83.27
AU AU HJ . -4.63 58.48 -87.86
AU AU IJ . -27.99 60.41 -81.96
AU AU JJ . -42.28 68.81 -68.33
AU AU KJ . -46.48 81.72 -48.46
AU AU LJ . -37.96 93.03 -32.38
AU AU MJ . -18.27 101.43 -21.43
AU AU NJ . 3.26 102.60 -21.65
AU AU OJ . 32.81 98.91 12.04
AU AU PJ . 30.08 95.32 33.19
AU AU QJ . 36.88 83.56 52.97
AU AU RJ . 50.66 69.30 61.40
AU AU SJ . 69.21 54.32 58.20
AU AU TJ . 83.86 46.69 44.47
AU AU UJ . 92.64 46.23 22.10
AU AU VJ . 90.81 53.80 2.02
AU AU WJ . 79.20 67.89 -13.57
AU AU XJ . 63.26 81.98 -16.48
AU AU YJ . 50.39 -9.11 91.59
AU AU ZJ . 63.79 -22.03 80.78
AU AU AK . 80.61 -24.45 63.76
AU AU BK . 92.44 -14.46 48.84
AU AU CK . 98.39 5.91 37.75
AU AU DK . 95.40 27.22 36.59
AU AU EK . 53.30 50.22 75.61
AU AU FK . 44.13 35.43 88.39
AU AU GK . -103.29 7.75 17.26
AU AU HK . -103.53 -13.61 14.08
AU AU IK . -97.09 -35.56 21.49
AU AU JK . -87.17 -46.95 36.80
AU AU KK . -75.01 -47.30 57.55
AU AU LK . -66.96 -35.62 73.73
AU AU MK . -63.36 -13.97 83.59
AU AU NK . -66.53 7.23 81.81
AU AU OK . -75.29 25.66 69.03
AU AU PK . -85.89 31.63 51.31
AU AU QK . 14.29 91.49 50.81
AU AU RK . -6.19 89.05 56.95
AU AU SK . -22.28 76.46 69.64
AU AU TK . -25.67 59.98 83.00
AU AU UK . -16.61 41.42 95.42
AU AU VK . 1.01 30.28 100.58
AU AU WK . -58.67 -80.16 34.04
AU AU XK . -71.85 -64.90 41.44
AU AU YK . -100.99 -31.43 -1.87
AU AU ZK . -96.43 -37.51 -22.02
AU AU AL . -84.44 -52.12 -36.77
AU AU BL . -70.72 -68.63 -38.31
AU AU CL . -56.46 -84.58 -27.28
AU AU DL . -49.38 -92.26 -8.39
AU AU EL . -39.72 41.29 88.68
AU AU FL . -56.85 29.21 83.98
AU AU GL . -48.40 -32.04 88.57
AU AU HL . -28.39 -37.62 94.60
AU AU IL . -6.16 -30.84 100.50
AU AU JL . 7.29 -14.15 103.71
AU AU KL . -27.50 -42.02 -92.05
AU AU LL . -26.86 -60.90 -81.60
AU AU ML . -36.06 -75.29 -64.70
AU AU NL . -51.47 -77.71 -49.71
AU AU OL . -91.07 -30.33 -44.40
AU AU PL . -87.08 -14.10 -57.91
AU AU QL . -73.45 -4.82 -75.21
AU AU RL . -56.43 -7.73 -88.06
AU AU SL . -23.89 21.01 -100.14
AU AU TL . -20.22 41.60 -94.62
AU AU UL . 38.65 55.41 -81.17
AU AU VL . 52.20 38.93 -83.34
AU AU WL . 55.60 15.72 -88.72
AU AU XL . 46.27 -2.69 -94.78
AU AU YL . 26.33 -14.59 -100.87
AU AU ZL . 5.09 -13.41 -103.90
AU AU AM . -38.38 97.87 -8.78
AU AU BM . -46.87 93.94 10.49
AU AU CM . -43.46 89.92 34.00
AU AU DM . -29.10 88.53 50.04
AU AU EM . -85.81 9.76 -60.68
AU AU FM . -87.09 29.43 -51.95
AU AU GM . -77.76 51.35 -49.52
AU AU HM . -62.22 65.00 -55.67
AU AU IM . 98.35 -9.55 -34.76
AU AU JM . 96.06 10.63 -41.93
AU AU KM . 92.91 33.87 -36.96
AU AU LM . 91.20 48.66 -21.48
AU AU MM . 100.75 -15.08 26.33
AU AU NM . 101.49 -25.20 7.39
AU AU OM . 84.83 24.81 -57.75
AU AU PM . 70.70 26.99 -73.89
AU AU QM . -17.14 -92.46 46.45
AU AU RM . -4.55 -84.73 62.23
AU AU SM . -1.41 -68.95 79.92
AU AU TM . -9.99 -52.44 91.08
AU AU UM . -13.00 -77.32 -70.84
AU AU VM . 6.76 -83.58 -64.68
AU AU WM . 20.88 -92.25 -47.41
AU AU XM . 22.02 -99.70 -27.19
AU AU YM . 10.84 -104.58 -6.50
AU AU ZM . -7.92 -104.68 4.13
AU AU AN . 34.42 -99.82 -6.56
AU AU BN . 51.04 -92.20 4.89
AU AU CN . 59.55 -83.57 25.56
AU AU DN . 54.82 -77.97 45.87
AU AU EN . 38.38 -75.78 63.24
AU AU FN . 17.75 -78.36 68.66
AU AU GN . 57.96 -61.81 63.41
AU AU HN . 66.54 -43.07 69.75
AU AU IN . 79.83 -48.52 -47.84
AU AU JN . 65.54 -52.40 -63.45
AU AU KN . 51.51 -43.88 -80.94
AU AU LN . 45.10 -26.51 -91.76
AU AU MN . 45.87 -64.59 -69.84
AU AU NN . 30.14 -78.19 -64.54
AU AU ON . -78.03 65.96 23.15
AU AU PN . -62.89 81.30 22.94
AU AU QN . -91.14 41.93 -31.91
AU AU RN . -95.48 42.02 -10.80
AU AU SN . 70.50 -78.15 4.85
AU AU TN . 83.05 -64.03 -5.61
#